data_6XA1
#
_entry.id   6XA1
#
_cell.length_a   1.00
_cell.length_b   1.00
_cell.length_c   1.00
_cell.angle_alpha   90.00
_cell.angle_beta   90.00
_cell.angle_gamma   90.00
#
_symmetry.space_group_name_H-M   'P 1'
#
loop_
_entity.id
_entity.type
_entity.pdbx_description
1 polymer '60S ribosomal protein L8'
2 polymer '60S ribosomal protein L3'
3 polymer '28S rRNA'
4 polymer '5S rRNA'
5 polymer '5.8S rRNA'
6 polymer '60S ribosomal protein L4'
7 polymer '60S ribosomal protein L5'
8 polymer '60S ribosomal protein L6'
9 polymer '60S ribosomal protein L7'
10 polymer '60S ribosomal protein L7a'
11 polymer '60S ribosomal protein L9'
12 polymer '60S ribosomal protein L10-like'
13 polymer '60S ribosomal protein L11'
14 polymer '60S ribosomal protein L13'
15 polymer '60S ribosomal protein L14'
16 polymer '60S ribosomal protein L15'
17 polymer '60S ribosomal protein L13a'
18 polymer '60S ribosomal protein L17'
19 polymer '60S ribosomal protein L18'
20 polymer '60S ribosomal protein L19'
21 polymer '60S ribosomal protein L18a'
22 polymer '60S ribosomal protein L21'
23 polymer 'Heparin-binding protein HBp15'
24 polymer '60S ribosomal protein L23'
25 polymer '60S ribosomal protein L24'
26 polymer '60S ribosomal protein L23a'
27 polymer '60S ribosomal protein L26'
28 polymer '60S ribosomal protein L27'
29 polymer '60S ribosomal protein L27a'
30 polymer '60S ribosomal protein L29'
31 polymer '60S ribosomal protein L30'
32 polymer '60S ribosomal protein L31'
33 polymer '60S ribosomal protein L32'
34 polymer '60S ribosomal protein L35a'
35 polymer '60S ribosomal protein L34'
36 polymer '60S ribosomal protein L35'
37 polymer '60S ribosomal protein L36'
38 polymer '60S ribosomal protein L37'
39 polymer '60S ribosomal protein L38'
40 polymer '60S ribosomal protein L39'
41 polymer '60S ribosomal protein L40'
42 polymer '60S ribosomal protein L41'
43 polymer '60S ribosomal protein L36a'
44 polymer '60S ribosomal protein L37a'
45 polymer '60S ribosomal protein L28'
46 polymer '18S rRNA'
47 polymer '40S ribosomal protein SA'
48 polymer '40S ribosomal protein S3a'
49 polymer '40S ribosomal protein S3'
50 polymer '40S ribosomal protein S4, X isoform'
51 polymer '40S ribosomal protein S5'
52 polymer '40S ribosomal protein S7'
53 polymer '40S ribosomal protein S8'
54 polymer '40S ribosomal protein S10'
55 polymer '40S ribosomal protein S11'
56 polymer '40S ribosomal protein S15'
57 polymer '40S ribosomal protein S16'
58 polymer '40S ribosomal protein S17'
59 polymer '40S ribosomal protein S18'
60 polymer '40S ribosomal protein S19'
61 polymer '40S ribosomal protein S20'
62 polymer '40S ribosomal protein S21'
63 polymer '40S ribosomal protein S23'
64 polymer '40S ribosomal protein S26'
65 polymer '40S ribosomal protein S28'
66 polymer '40S ribosomal protein S29'
67 polymer 'Receptor of activated protein C kinase 1'
68 polymer '40S ribosomal protein S2'
69 polymer '40S ribosomal protein S6'
70 polymer '40S ribosomal protein S9'
71 polymer '40S ribosomal protein S12'
72 polymer '40S ribosomal protein S13'
73 polymer '40S ribosomal protein S14'
74 polymer '40S ribosomal protein S15a'
75 polymer '40S ribosomal protein S24'
76 polymer '40S ribosomal protein S25'
77 polymer '40S ribosomal protein S27'
78 polymer '40S ribosomal protein S30'
79 polymer '40S ribosomal protein S27a'
80 polymer P-tRNA
81 polymer 'Eukaryotic peptide chain release factor subunit 1'
82 polymer mRNA
83 polymer 'Stalled Nascent chain'
84 non-polymer 'MAGNESIUM ION'
85 non-polymer N-(3-chloropyridin-2-yl)-N-[(3R)-piperidin-3-yl]-4-(3H-[1,2,3]triazolo[4,5-b]pyridin-3-yl)benzamide
86 non-polymer 'ZINC ION'
87 non-polymer 'POTASSIUM ION'
#
loop_
_entity_poly.entity_id
_entity_poly.type
_entity_poly.pdbx_seq_one_letter_code
_entity_poly.pdbx_strand_id
1 'polypeptide(L)'
;GRVIRGQRKGAGSVFRAHVKHRKGAARLRAVDFAERHGYIKGIVKDIIHDPGRGAPLAKVVFRDPYRFKKRTELFIAAEG
IHTGQFVYCGKKAQLNIGNVLPVGTMPEGTIVCCLEEKPGDRGKLARASGNYATVISHNPETKKTRVKLPSGSKKVISSA
NRAVVGVVAGGGRIDKPILKAGRAYHKYKAKRNCWPRVRGVAMNPVEHPFGGGNHQHIGKPSTIRRDAPAGRKVGLIAAR
RTGRLRGT
;
LA
2 'polypeptide(L)'
;SHRKFSAPRHGSLGFLPRKRSSRHRGKVKSFPKDDPSKPVHLTAFLGYKAGMTHIVREVDRPGSKVNKKEVVEAVTIVET
PPMVVVGIVGYVETPRGLRTFKTVFAEHISDECKRRFYKNWHKSKKKAFTKYCKKWQDEDGKKQLEKDFSSMKKYCQVIR
VIAHTQMRLLPLRQKKAHLMEIQVNGGTVAEKLDWARERLEQQVPVNQVFGQDEMIDVIGVTKGKGYKGVTSRWHTKKLP
RKTHRGLRKVACIGAWHPARVAFSVARAGQKGYHHRTEINKKIYKIGQGYLIKDGKLIKNNASTDYDLSDKSINPLGGFV
HYGEVTNDFVMLKGCVVGTKKRVLTLRKSLLVQTKRRALEKIDLKFIDTTSKFGHGRFQTMEEKKAFMGPLKKDRI
;
LB
3 'polyribonucleotide'
;CGCGACCUCAGAUCAGACGUGGCGACCCGCUGAAUUUAAGCAUAUUAGUCAGCGGAGGAGAAGAAACUAACCAGGAUUCC
CUCAGUAACGGCGAGUGAACAGGGAAGAGCCCAGCGCCGAAUCCCCGCCCCGGGGGCGCGGGACAUGUGGCGUACGGAAG
ACCCGCUCCCCGGGGGGCCCAAGUCCUUCUGAUCGAGGCCCCGUGGACGGUGUGAGGCCGGUAGCGGCCCCCGGGCCCGG
GUCUUCCCGGAGUCGGGUUGCUUGGGAAUGCAGCCCAAAGCGGGUGGUAAACUCCAUCUAAGGCUAAAUACCGGCACGAG
ACCGAUAGUCAACAAGUACCGUAA(OMG)GGAAAGUUGAAAAGAACUUUGAAG(A2M)G(A2M)GAGUUCAAGAGGGCGU
GAAACCGUUAAGAGGUAAACGGGUGGGGUCCGCGCAGUCCGCCCGGAGGAUUCAACCCGGCGGCGGGUCCGGCCGGGCGG
AUCUGGGACCGUCCCCGGCCGCCGCCGGGCGCAUUUCCACCGCGGCGGUGCGCCGCGACCGGCUCCGGGACGGCUGGGAA
GGCCCGGCGGGGAAGGUGGCUCGGCCGAGUGUUACAGCCCCCCCGGCAGCAGCACUCGCCGAAUCCCGGGGCCGAGGGAG
CGAGACCCGUCGCCGCGCUCUCCCCCCUGGGGGGGCCGGGCCACCCCUCCCACGGCGCGACCGCUGGGGCGGACUGUUCC
CAGUGCGCCCCGGGCGGGUCGCGCCGUCGGGCCCGGGGGGCCACGCGCGCGUCCCGGGACGGCGGAGCGAGCGCACGGGG
UCGGCGGCGACGUCGGCUACCCACCCGACCC(OMG)UCUUG(1MA)AAC(A2M)CGGACCAAGGAGU(OMC)UAACACGU
GCGCGAGUCGGGGGCUCGCACGAAAGCCGCCGUGGCGCAAUGAAGGUGAAGGCCGGCCGAGGUGGGAUCCCGAGGCCUCU
CCAGUCCGCCGAGGGCGCACCACCGGCCCGUCUCGCCCGCCGCGCCGGGGAGGUGGAGCACGAGCGCACGUGUUAG
(2MG)ACCC(OMG)A(A2M)AGAUGGUGA(A2M)C(PSU)AUGCCUGGGCAGGGCGAAGCCAGAGGAAACUCUGGUGGAG
GUCCG(PSU)AGCGGUCCUGACGUGCAAAUCGGUCGUCCGACCUGGGUAUAG(OMG)GGCGAAAGACUAAUCGAACCAUC
UAGUAGCUGGUUCCCUCCGAAGUUUCCC(PSU)CAGGA(PSU)AGCUGGCGCUCUCGCAGACCCGACGCCCGCCACGCAG
UUUUAUCCGGUAAAGCGAA(PSU)GAUUAGAGGUCUUGGUCAACCUA(PSU)(PSU)CUCAAACUU(PSU)AAAUGGGUA
AGAAGCCCGGCUCGCUGGCGUGGAGCCGGGCGUGGAAUGCGAGUGCCUAGUGGGCCAC(PSU)U(PSU)UGGUAAGC
(A2M)GAACUGGCGCUGCGGGAUGAACCGAACGCCGGGUUAAGGCGCCCGAUGCCGACGCUCAUCAGACCCCAGAAAAGG
UGUUGGUUGAUAUAGACAGCAGGACGGUGGCCAUGGAAGUCGGAAUCCGCUAAGGAGUGUGUAACAACUCACCUGCCGAA
UCAACUAGCCCUGAAAAUGGAUGGCGCUGGAGCGUCGGGCCCAUACCCGGCCGUCGCCGGCAGUCGAGAGUGGACGGGAG
CGGCGGGCCGGAGCCCCGCGGACGCUACGCCGCGACGAGUAGGAGGGCCGCUGCGGUGAGCCUUGAAGCCUAGGGCGCGG
GCCCGGGUGGAGCCGCCGCAGGUGCAGAU(OMC)UUGGUGGUAGU(A2M)(OMG)(OMC)AAAUAUUCAAACGAGAACUU
UGAAGGCCGAAGUGG(A2M)GAAGGGUUCCAUG(PSU)GAACAG(OMC)A(OMG)UUGAACAUGGGUCAGUCGGUCCUGA
GAGAUGGGCGAGCGCCGUUCCGAAGGGACGGGCGAUGGCCUCCGUUGCCCUCGGCCGA(PSU)CGAAAGGGAGUCGGGUU
CAGAUCCCCGAAUCCGGAGUGGCGGAGAUGGGCGCCGCGAGGCGUCCAGUGCGGUAACGCGACCGAUCCCGGAGAAGCCG
GCGGGAGCCCCGGGGAGAGUUCUCUU(PSU)UCUUUGUGAAGGGCAGGGCGCCCUGGAAUGGGUUCGCCCCGAGAGAGGG
GCCCGUGCCUUGGAAAGCGUCGCGGUUCCGGCGGCGUCCGGUGAGCUCUCGCUGGCCCUUGAAAAUCCGGGGGAGAGGGU
GUAAAUCUCGCGCCGGGCCGUACCC(A2M)UAUCCGCAGCAGGUCU(OMC)CAAGGUGAAC(A2M)GCCUCUGG(OMC)A
UGUUGGAACAA(OMU)GUAGGUAAGGGAAGUCGGCAAGC(OMC)GGAUCCGUAACUUC(OMG)GGAUAAGGAUUGGCUCU
AAGGGCUGGGUCGGUCGCGGCCGGCGCCUAGCAGCCGACUUAGAACUGGUGCGGACCAGG(OMG)GAAUCCGAC(PSU)G
(PSU)UUAAUUAAAACAAAGCAUCGCGAAGGCCCGCGGCGGGUGUUGACGCGAUGUGAUU(PSU)CUGCC(OMC)AGUGC
UCUGAAUG(PSU)CA(A2M)AGUGA(A2M)GAAAU(PSU)CAA(PSU)GAAGCGCGG(OMG)UAAACGGCGGGAG(PSU)
A(A2M)C(PSU)A(PSU)GAC(PSU)C(PSU)CUUAAGGUAGC(5MC)AA(A2M)UGCCUC(OMG)UCAUCUAAUUAGUG
A(OMC)GCGCAUGAA(UY1)GGAUGA(A2M)CGAG(A2M)UUCCCACUGU(OMC)CC(PSU)ACCUAC(PSU)A(PSU)C
CAGCGAAACCAC(A2M)G(OMC)CAAGGGAACGGGCUUGG(OMC)GGAAUCAGCGG(OMG)GAAAGAAGACCCUGUUGAG
C(PSU)UGAC(OMU)CUAGUCUGGCACGGUGAAGAGACUUUUUUCACUGACCCGGUGAGGCGGGGGGGCGAGCUCUCGCU
UCUGGCGCCAAGCGCCCGGCGCCGGGCGCGACCCGCUCCGGGGACAGUGCCAGGUGGGGAGUUUGACUG(OMG)GGCGGU
ACACCUGUCAAACGGUA(6MZ)CGCAGG(OMU)(OMG)UCCUAAGGCGAGCUCAGGGAGGACAGAAACCUCCCGUGGAGC
AGAAGGGCAAAAGCUCGCUUGA(PSU)CU(PSU)GA(PSU)UUUCAG(OMU)ACGAA(PSU)ACAGACCGUGAAAGCGGG
GCCUCACGAUCCUUCUGACCUU(PSU)UGGGUUU(PSU)AAGCAGGA(OMG)GUGUCAGAAAAGUUACCACAG(OMG)GA
UAACUGGC(PSU)UGUGGCGGCCAAGCGU(PSU)CA(PSU)AGCGACG(PSU)CGCUUUUUGA(PSU)CCUU(5MC)GAU
GUCGG(OMC)(PSU)CUUCCUAUCAUUG(PSU)GAAGCAGAAUUCACCAAGCGUU(OMG)GAU(OMU)(OMG)(PSU)UC
ACCCACUAAUAGGGAACG(PSU)G(A2M)GCUGGG(UR3)U(PSU)AGA(OMC)CGUCGUGAGACAGGU(PSU)AGUUUU
ACCCUACUGAUG(A2M)UGUG(PSU)UG(PSU)UGCCAUGGUAAUCCUGCUCAGUACGAGAGGAACCGCAG(OMG)U
(OMU)CA(OMG)ACAU(PSU)UGGUGUA(PSU)(OMG)UGCUUGGCUGAGGAGCCAAUGGGGCGAAGCUACCA(PSU)CU
GUGGGAUUAUGAC(PSU)GAACGCCUCUAAGUCAGAAUCCCGCCCAGGCGGAACGAUACAGCGCCGCGGAGCCUCGGUUG
GCCUCGGAUAGCCGGUCCCGGGUCCGGUGCGGAGUGCCCUUCGUCCUGGGAAACGGGGCGCGGCCGGAGAGGCGGCCGCC
CCCUCGCCCGUCACGCACCGCACGUUCGUGGGGAACCUGGCGCUAAACCA(PSU)UCGUAGACGACCUGCUUCUGGGUCG
GGG(PSU)UUCGUACG(PSU)AGCAGAGCAGCUCCCUCGCUGCGAUCUAUUGAAAGUCAGCCCUCGACACAAGGGUUUGU
;
L5
4 'polyribonucleotide'
;GUCUACGGCCAUACCACCCUGAACGCGCCCGAUCUCGUCUGAUCUCGGAAGCUAAGCAGGGUCGGGCCUGGUUAGUACUU
GGAUGGGAGACCGCCUGGGAAUACCGGGUGCUGUAGGCUU
;
L7
5 'polyribonucleotide'
;GACUCUUAGCGGUGGAUCACUCGGCUCGUGCGUCGAUGAAGAACGCAGCUAGC(PSU)GCGAGAAUUAAUG(PSU)GAAU
U(OMG)CAGGACACAUUGAUCAUCGACACUUCGAACGCACUUGCGGCCCCGGGUUCCUCCCGGGGCUACGCCUGUCUGAG
CGUCGCU
;
L8
6 'polypeptide(L)'
;MACARPLISVYSEKGESSGKNVTLPAVFKAPIRPDIVNFVHTNLRKNNRQPYAVSELAGHQTSAESWGTGRAVARIPRVR
GGGTHRSGQGAFGNMCRGGRMFAPTKTWRRWHRRVNTTQKRYAICSALAASALPALVMSKGHRIEEVPELPLVVEDKVEG
YKKTKEAVLLLKKLKAWNDIKKVYASQRMRAGKGKMRNRRRIQRRGPCIIYNEDNGIIKAFRNIPGITLLNVSKLNILKL
APGGHVGRFCIWTESAFRKLDELYGTWRKAASLKSNYNLPMHKMINTDLSRILKSPEIQRALRAPRKKIHRRVLKKNPLK
NLRIMLKLNPYA(MLZ)TMRRNTILRQARNHKLRVDKAAAAA
;
LC
7 'polypeptide(L)'
;GFVKVVKNKAYFKRYQVKFRRRREGKTDYYARKRLVIQDKNKYNTPKYRMIVRVTNRDIICQIAYARIEGDMIVCAAYAH
ELPKYGVKVGLTNYAAAYCTGLLLARRLLNRFGMDKIYEGQVEVTGDEYNVESIDGQPGAFTCYLDAGLARTTTGNKVFG
ALKGAVDGGLSIPHSTKRFPGYDSESKEFNAEVHRKHIMGQNVADYMRYLMEEDEDAYKKQFSQYIKNSVTPDMMEEMYK
KAHAAIRENPVYEKKPKKEVKKKRWNRPKMSLAQKKDRVAQKKASFLRAQ
;
LD
8 'polypeptide(L)'
;PHCSRNPVLVRGIGRYSRSAMYSRKAMYKRKYSAAKSKVEKKKKEKVLATVTKPVGGDKNGGTRVVKLRKMPRYYPTEDV
PRKLLSHGKKPFSQHVRKLRASITPGTILIILTGRHRGKRVVFLKQLASGLLLVTGPLVLNRVPLRRTHQKFVIATSTKI
DISNVKIPKHLTDAYFKKKKLRKPRHQEGEIFDTEKEKYEITEQRKIDQKAVDSQILPKIKAIPQLQGYLRSVFALTNGI
YPHKLVF
;
LE
9 'polypeptide(L)'
;NFAELKIKRLRKKFAQKMLRKARRKLIYEKAKHYHKEYRQMYRTEIRMARMARKAGNFYVPAEPKLAFVIRIRGINGVSP
KVRKVLQLLRLRQIFNGTFVKLNKASINMLRIVEPYIAWGYPNLKSVNELIYKRGYGKINKKRIALTDNALIARSLGKYG
IICMEDLIHEIYTVGKRFKEANNFLWPFKLSSPRGGMKKKTTHFVEGGDAGNREDQINRLIRRMN
;
LF
10 'polypeptide(L)'
;KVVNPLFEKRPKNFGIGQDIQPKRDLTRFVKWPRYIRLQRQRAILYKRLKVPPAINQFTQALDRQTATQLLKLAHKYRPE
TKQEKKQRLLARAEKKAAGKGDVPTKRPPVLRAGVNTVTTLVENKKAQLVVIAHDVDPIELVVFLPALCRKMGVPYCIIK
GKARLGRLVHRKTCTTVAFTQVNSEDKGALAKLVEAIRTNYNDRYDEIRRHWGGNVLGPKSVARIAKLEKAKAKELATKL
G
;
LG
11 'polypeptide(L)'
;MKTILSNQTVDIPENVDITLKGRTVIVKGPRGTLRRDFNHINVELSLLGKKKKRLRVDKWWGNRKELATVRTICSHVQNM
IKGVTLGFRYKMRSVYAHFPINVVIQENGSLVEIRNFLGEKYIRRVRMRPGVACSVSQAQKDELILEGNDIELVSNSAAL
IQQATTVKNKDIRKFLDGIYVSEKGTVQQA
;
LH
12 'polypeptide(L)'
;GRRPARCYRYCKNKPYPKSRFCRGVPDAKIRIFDLGRKKAKVDEFPLGGHMVSDEYEQLSSEALEAARICANKYMVKSCG
RDGFHMRVRLHPFHVIRINKMLSCAGADRLQTGMRGAFGKPQGTVARVHIGQVIMSIRTKLQNEEHVIEALRRAKFKFPG
RQKIHISKKWGFTKFNADEFEDMVAKKCLIPDGCGVKYVPSHGPLDKWRVLHS
;
LI
13 'polypeptide(L)'
;QDQGEKENPMRELRIRKLCLNICVGESGDRLTRAAKVLEQLTGQTPVFSKARYTVRSFGIRRNEKIAVHCTVRGAKAEEI
LEKGLKVREYELRKNNFSDTGNFGFGIQEHIDLGIKYDPSIGIYGLDFYVVLGRPGFSIADKKRRTGCIGAKHRISKEEA
MRWFQQKYDGIILPGK
;
LJ
14 'polypeptide(L)'
;APSRNGMVLKPHFHKDWQRRVATWFNQPARKIRRRKARQAKARRIAPRPASGPIRPIVRCPTVRYHTKVRAGRGFSLEEL
RVAGIHKKVARTIGISVDPRRRNKSTESLQANVQRLKEYRSKLILFPRKPSAPKKGDSSAEELKLATQLTGPVMPVRNVY
KKEKARVITEEEKNFKAFASLRMARANARLFGIRAKRAKEAAEQ
;
LL
15 'polypeptide(L)'
;VFRRFVEVGRVAYVSFGPHAGKLVAIVDVIDQNRALVDGPCTQVRRQAMPFKCMQLTDFILKFPHSAHQKYVRQAWQKAD
INTKWAATRWAKKIEARERKAKMTDFDRFKVMKAKKMRNRIIKNEVKKLQKAALLKASP
;
LM
16 'polypeptide(L)'
;GAYKYIQELWRKKQSDVMRFLLRVRCWQYRQLSALHRAPRPTRPDKARRLGYKAKQGYVIYRIRVRRGGRKRPVPKGATY
GKPVHHGVNQLKFARSLQSVAEERAGRHCGALRVLNSYWVGEDSTYKFFEVILIDPFHKAIRRNPDTQWITKPVHKHREM
RGLTSAGRKSRGLGKGHKFHHTIGGSRRAAWRRRNTLQLHRYR
;
LN
17 'polypeptide(L)'
;EVQVLVLDGRGHLLGRLAAIVAKQVLLGRKVVVVRCEGINISGNFYRNKLKYLAFLRKRMNTNPSRGPYHFRAPSRIFWR
TVRGMLPHKTKRGQAALDRLKVFDGIPPPYDKKKRMVVPAALKVVRLKPTRKFAYLGRLAHEVGWKYQAVTATLEEKRKE
KAKIHYRKKKQLMRLRKQAEKNVEKKIDKYTEVLKTHGLLV
;
LO
18 'polypeptide(L)'
;VRYSLDPENPTKSCKSRGSNLRVHFKNTRETAQAIKGMHIRKATKYLKDVTLQKQCVPFRRYNGGVGRCAQAKQWGWTQG
RWPKKSAEFLLHMLKNAESNAELKGLDVDSLVIEHIQVNKAPKMRRRTYRAHGRINPYMSSPCHIEMILTEKE
;
LP
19 'polypeptide(L)'
;GVDIRHNKDRKVRRKEPKSQDIYLRLLVKLYRFLARRTNSTFNQVVLKRLFMSRTNRPPLSLSRMIRKMKLPGRENKTAV
VVGTITDDVRVQEVPKLKVCALRVTSRARSRILRAGGKILTFDQLALDSPKGCGTVLLSGPRKGREVYRHFGKAPGTPHS
HTKPYVRSKGRKFERARGRRASRGYKN
;
LQ
20 'polypeptide(L)'
;SMLRLQKRLASSVLRCGKKKVWLDPNETNEIANANSRQQIRKLIKDGLIIRKPVTVHSRARCRKNTLARRKGRHMGIGKR
KGTANARMPEKVTWMRRMRILRRLLRRYRESKKIDRHMYHSLYLKVKGNVFKNKRILMEHIHKLKADKARKKLLADQAEA
RRSKTKEARKRREERLQAKKEEIIKTL
;
LR
21 'polypeptide(L)'
;KASGTLREYKVVGRCLPTPKCHTPPLYRMRIFAPNHVVAKSRFWYFVSQLKKMKKSSGEIVYCGQVFEKSPLRVKNFGIW
LRYDSRSGTHNMYREYRDLTTAGAVTQCYRDMGARHRARAHSIQIMKVEEIAASKCRRPAVKQFHDSKIKFPLPHRVLRR
QHKPRFTTKRPNTFF
;
LS
22 'polypeptide(L)'
;TNTKGKRRGTRYMFSRPFRKHGVVPLATYMRIYKKGDIVDIKGMGTVQKGMPHKCYHGKTGRVYNVTQHAVGIVVNKQVK
GKILAKRINVRIEHIKHSKSRDSFLKRVKENDQKKKEAKEKGTWVQLKRQPAPPREAHFVRTNGKEPELLEPIPYEFMA
;
LT
23 'polypeptide(L)'
;QVLKFTLDCTHPVEDGIMDAANFEQFLQERIKVNGKAGNLGGGVVTIERSKSKITVTSEVPFSKRYLKYLTKKYLKKNNL
RDWLRVVANSKESYELRYFQI
;
LU
24 'polypeptide(L)'
;SGAKFRISLGLPVGAVINCADNTGAKNLYIISVKGIKGRLNRLPAAGVGDMVMATVKKGKPELRKKVHPAVVIRQRKSYR
RKDGVFLYFEDNAGVIVNNKGEMKGSAITGPVAKECADLWPRIASNAGSIA
;
LV
25 'polypeptide(L)'
;MKVELCSFSGYKIYPGHGRRYARTDGKVFQFLNAKCESAFLSKRNPRQINWTVLYRRKHKKGQSEEIQKKRTRRAVKFQR
AITGASLADIMAKRNQKPEVRKAQREQAIRAAKEAKKAKQASKK
;
LW
26 'polypeptide(L)'
;KKKIRTSPTFRRPKTLRLRRQPKYPRKSAPRRNKLDHYAIIKFPLTTESAMKKIEDNNTLVFIVDVKANKHQIKQAVKKL
YDIDVAKVNTLIRPDGEKKAYVRLAPDYDALDVANKIGII
;
LX
27 'polypeptide(L)'
;MKFNPFVTSDRSKNRKRHFNAPSHIRRKIMSSPLSKELRQKYNVRSMPIRKDDEVQVVRGHYKGQQIGKVVQVYRKKYVI
YIERVQREKANGTTVHVGIHPSKVVITRLKLDKDRKKILERKAKSRQVGKEKGK
;
LY
28 'polypeptide(L)'
;GKFMKPGKVVLVLAGRYSGRKAVIVKNIDDGTSDRPYSHALVAGIDRYPRKVTAAMGKKKIAKRSKIKSFVKVYNYNHLM
PTRYSVDIPLDKTVVNKDVFRDPALKRKARREAKVKFEERYKTGKNKWFFQKLRF
;
LZ
29 'polypeptide(L)'
;PSRLRKTRKLRGHVSHGHGRIGKHRKHPGGRGNAGGLHHHRINFDKYHPGYFGKVGMKHYHLKRNQSFCPTVNLDKLWTL
VSEQTRVNAAKNKTGAAPIIDVVRSGYYKVLGKGKLPKQPVIVKAKFFSRRAEEKIKSVGGACVLVA
;
La
30 'polypeptide(L)'
;AKSKNHTTHNQSRKWHRNGIKKPRSQRYESLKGVDPKFLRNMRFAKKHNKKGLKKMQANNAKAMSARAEAIKALVKPKEV
KPKIPKGASRKLDRLAYIAHPKLGKRARARIAKGLRLCRPK
;
Lb
31 'polypeptide(L)'
;KSLESINSRLQLVMKSGKYVLGYKQTLKMIRQGKAKLVILANNCPALRKSEIEYYAMLAKTGVHHYSGNNIELGTACGKY
YRVCTLAIIDPGDSDIIR
;
Lc
32 'polypeptide(L)'
;NEVVTREYTINIHKRIHGVGFKKRAPRALKEIRKFAMKEMGTPDVRIDTRLNKAVWAKGIRNVPYRIRVRLSRKRNEDED
SPNKLYTLVTYVPVTTFKNLQTVNVDE
;
Ld
33 'polypeptide(L)'
;AALRPLVKPKIVKKRTKKFIRHQSDRYVKIKRNWRKPRGIDNRVRRRFKGQILMPNIGYGSNKKTKHMLPSGFRKFLVHN
VKELEVLLMCNKSYCAEIAHNVSSKNRKAIVERAAQLAIRVTNPNARL
;
Le
34 'polypeptide(L)'
;SGRLWSKAIFAGYKRGLRNQREHTALLKIEGVYARDETEFYLGKRCAYVYKAKNNTVTPGGKPNKTRVIWGKVTRAHGNS
GMVRAKFRSNLPAKAIGHRIRVMLYPSRI
;
Lf
35 'polypeptide(L)'
;VQRLTYRRRLSYNTASNKTRLSRTPGNRIVYLYTKKVGKAPKSACGVCPGRLRGVRAVRPKVLMRLSKTKKHVSRAYGGS
MCAKCVRDRIKRAFLIEEQKIVVKVLKAQAQSQK
;
Lg
36 'polypeptide(L)'
;AKIKARDLRGKKKEELLKQLDDLKVELSQLRVAKVTGGAASKLSKIRVVRKSIARVLTVINQTQKENLRKFYKGKKYKPL
DLRPKKTRAMRRRLNKHEENLKTKKQQRKERLYPLRKYAVKA
;
Lh
37 'polypeptide(L)'
;ALRYPMAVGLNKGHKVTKNVSKPRHSRRRGRLTKHTKFVRDMIREVCGFAPYERRAMELLKVSKDKRALKFIKKRVGTHI
RAKRKREELSNVLAAMRKAAAK
;
Li
38 'polypeptide(L)'
;TKGTSSFGKRRNKTHTLCRRCGSKAYHLQKSTCGKCGYPAKRKRKYNWSAKAKRRNTTGTGRMRHLKIVYRRFRHGFREG
TTPKPK
;
Lj
39 'polypeptide(L)' PRKIEEIKDFLLTARRKDAKSVKIKKNKDNVKFKVRCSRYLYTLVITDKEKAEKLKQSLPPGLAVKELK Lk
40 'polypeptide(L)' SSHKTFRIKRFLAKKQKQNRPIPQWIRMKTGNKIRYNSKRRHWRRTKLGL Ll
41 'polypeptide(L)' IIEPSLRQLAQKYNCDKMICR(MLZ)CYARLHPRAVNCRKKKCGHTNNLRPKKKVK Lm
42 'polypeptide(L)' MRAKWRKKRMRRLKRKRRKMRQRS Ln
43 'polypeptide(L)'
;VNVPKTRRTFCKKCGKHQPHKVTQYKKGKDSLYAQGKRRYDRKQSGYGGQTKPIFRKKAKTTKKIVLRLECVEPNCRSKR
MLAIKRCKHFELGGDKKRKGQVIQF
;
Lo
44 'polypeptide(L)'
;AKRTKKVGIVGKYGTRYGASLRKMVKKIEISQHAKYTCSFCGKTKMKRRAVGIWHCGSCMKTVAGGAWTYNTTSAVTVKS
AIRRLKELKDQ
;
Lp
45 'polypeptide(L)'
;SAHLQWMVVRNCSSFLIKRNKQTYSTEPNNLKARNSFRYNGLIHRKTVGVEPAADGKGVVVVIKRRSGQRKPATSYVRTT
INKNARATLSSIRHMIRKNKYRPDLRMAAIRRASAILRSQKPVMV
;
Lr
46 'polyribonucleotide'
;UACCUGGUUGAUCCUGCCAGUAGCAU(A2M)UGCUUG(PSU)C(PSU)CAAAGAUUAAGCCAUGCAUGUCUAAGUACGCA
CGGCUACAGUGAAACUGCGAA(PSU)GGCUC(A2M)UUAAA(PSU)CAG(PSU)UAUGGU(OMU)CC(PSU)U(OMU)GG
UCGCUCGCACUUGGAUAACUGUGGUA(A2M)UUCUAG(A2M)GCUAA(OMU)A(OMC)AUGCCGACGGGCGCUGACCCCC
UUCGCGGGGGGGAUGCGUGCA(PSU)UUAUCAGUGGUGACUCUAGAUAACCUCGGGCCGAUCGCACGCCCUGGCGGCGAC
GACCCAUUCGAACGUCUGCCCUAUCAACUUUCGAUGGUAGUCGCCGUGCCUACCAUGGUGACCACGGG(PSU)GACGGGG
AAUCAGGGUUCGAU(OMU)CCGGAGA(OMG)GGAGCCUGAGAAACGGCUACCACAU(OMC)CAAGG(A2M)AGGCAGCAG
GCGCGC(A2M)AAUUACCCACUCCCGACCCGGGGA(OMG)GU(A2M)GUGA(OMC)GAAAAAUAACAAUACAGGACCUGU
AAUUGGAAUGAGUCCACU(PSU)UAA(A2M)UCCUUUAACGAGG(A2M)UCCAUUGGAG(OMG)GCAAGUC(PSU)GGUG
CCAGCAG(OMC)CGCGGUAAUUCCAGCUCCAAUA(OMG)CGUA(PSU)A(PSU)UAAAGUUGCUGCAGUU(A2M)AAAAG
CUCGUAGUU(OMG)GA(PSU)CUUUU(PSU)ACUUUGAAAAAA(PSU)(PSU)AGAGUG(PSU)UCAAAGCAGGCCCGCC
UGGAUACCGCAGCUAGGAA(PSU)AA(PSU)(OMG)GAAUAGGACCGCGUGAGGCCAUGAUUAAGAGGGACGGCCGGGGG
CAUUCGUAUUGCGCCGCUAGAGGUGAAAU(PSU)CUUGGACCGGCGCAAGACGGACCAGAGCGAAAGCAUU(PSU)GCCA
AGAAUGUUUUCAUUAAUCAAGA(A2M)CGAAAGUCGGAGG(PSU)(PSU)CGAAGACGAUCAGAUACCGUCGUAGUUCCG
ACCA(PSU)AAACGAUGCCGACCGGCGAUGCGGCGGCGUUAUUGACCCGCCGGGCAGC(PSU)UCCGGGAAACCAAAGUC
UUUGGGUUCCGGGGGGAGUA(PSU)GG(PSU)UGCAAAGCUGAAACUUAAAGGAAUUGACGGAAGGGCACCACCAGGAGU
GGAGCC(PSU)GCGGC(PSU)UAAUU(PSU)GAC(B8N)CAACACGGGAAACCUCACCCGGCCCGGACACGGACAGGA
(OMU)UGACAGAUUGAUAGCUCUUUCUCGAUUCCGUGGGUGG(OMU)G(OMG)UGCAUGGC(4AC)GUUCUUAGU(PSU)
GGUGGAGCGAUUUGUCUGG(PSU)UAAUUCCGAUAACGA(A2M)CGAGACU(OMC)UGGCAUGCUAACUAGUUACGCGAC
CCAGCGGUCGGCGUAACU(OMU)CU(PSU)AGAGGGACAAGUGGCGUUCAGCCACCCGAGAUUGAGCAAUAACA(OMG)G
UCUGUGAUGCCCUUAGAUGUCCGGGGCUGCACGCGCGCUACACUGACUGGCUCAGCGUGUCCUACGCCGGCAGGCGCGGG
UAACCCGUUGAACCCCAUUCGUGAUGGGGAUCGGGGAUUGCAAUUAU(PSU)CCCCAUGAACGAG(G7M)AAU(PSU)CC
CAGUAAGUGCGGGUCAUAAGCUUGCGUUGAUU(A2M)AGUCCCUGCCCUU(PSU)GUACACACCG(OMC)CCGUCGCUAC
UACCGAUUGGAUGGUUUAGUGAGGCCCUCGGAUCGGCCGCUGAGAAGACGGUCGAACU(OMU)GACUAUCUAGAGGAAGU
AAAAGUCGUA(6MZ)CAAGGUUUC(4AC)GUAGGUG(MA6)(MA6)CCUGCGGAAGGAUCAUUA
;
S2
47 'polypeptide(L)'
;SGALDVLQMKEEDVLKFLAAGTHLGGTNLDFQMEQYIYKRKSDGIYIINLKRTWEKLLLAARAIVAIENPADVSVISSRN
TGQRAVLKFAAATGATPIAGRFTPGTFTNQIQAAFREPRLLVVTDPRADHQPLTEASYVNLPTIALCNTDSPLRYVDIAI
PCNNKGAHSVGLMWWMLAREVLRMRGTISREHPWEVMPDLYFYRDPEEIEKEEQAA
;
SA
48 'polypeptide(L)'
;VDPFSKKDWYDVKAPAMFNIRNIGKTLVTRTQGTKIASDGLKGRVFEVSLADLQNDEVAFRKFKLITEDVQGKNCLTNFH
GMDLTRDKMCSMVKKWQTMIEAHVDVKTTDGYLLRLFCVGFTKKRNNQIRKTSYAQHQQVRQIRKKMMEIMTREVQTNDL
KEVVNKLIPDSIGKDIEKACQSIYPLHDVFVRKVKMLKKPKFELGKLMELH
;
SB
49 'polypeptide(L)'
;QISKKRKFVADGIFKAELNEFLTRELAEDGYSGVEVRVTPTRTEIIILATRTQNVLGEKGRRIRELTAVVQKRFGFPEGS
VELYAEKVATRGLCAIAQAESLRYKLLGGLAVRRACYGVLRFIMESGAKGCEVVVSGKLRGQRAKSMKFVDGLMIHSGDP
VNYYVDTAVRHVLLRQGVLGIKVKIMLPWDPTGKIGPKKPLPDHVSIVEPKDEILPTTPISEQK
;
SD
50 'polypeptide(L)'
;ARGPKKHLKRVAAPKHWMLDKLTGVFAPRPSTGPHKLRECLPLIIFLRNRLKYALTGDEVKKICMQRFIKIDGKVRTDIT
YPAGFMDVISIDKTGENFRLIYDTKGRFAVHRITPEEAKYKLCKVRKIFVGTKGIPHLVTHDARTIRYPDPLIKVNDTIQ
IDLETGKITDFIKFDTGNLCMVTGGANLGRIGVITNRERHPGSFDVVHVKDANGNSFATRLSNIFVIGKGNKPWISLPRG
KGIRLTIAEERDKRLAAK
;
SE
51 'polypeptide(L)'
;DIKLFGKWSTDDVQINDISLQDYIAVKEKYAKYLPHSAGRYAAKRFRKAQCPIVERLTNSMMMHGRNNGKKLMTVRIVKH
AFEIIHLLTGENPLQVLVNAIINSGPREDSTRIGRAGTVRRQAVDVSPLRRVNQAIWLLCTGAREAAFRNIKTIAECLAD
ELINAAKGSSNSYAIKKKDELERVAKSNR
;
SF
52 'polypeptide(L)'
;AKIVKPNGEKPDEFESGISQALLELEMNSDLKAQLRELNITAAKEIEVGGGRKAIIIFVPVPQLKSFQKIQVRLVRELEK
KFSGKHVVFIAQRRILPKPTRKSRTKNKQKRPRSRTLTAVHDAILEDLVFPSEIVGKRIRVKLDGSRLIKVHLDKAQQNN
VEHKVETFSGVYKKLTGKDVNFEFPEFQL
;
SH
53 'polypeptide(L)'
;GISRDNWHKRRKTGGKRKPYHKKRKYELGRPAANTKIGPRRIHTVRVRGGNKKYRALRLDVGNFSWGSECCTRKTRIIDV
VYNASNNELVRTKTLVKNCIVLIDSTPYRQWYESHYALPLGRKKGAKLTPEEEEILNKKRSKKIQKKYDERKKNAKISSL
LEEQFQQGKLLACIASRPGQCGRADGYVLEGKELEFYLRKIKARK
;
SI
54 'polypeptide(L)'
;MLMPKKNRIAIYELLFKEGVMVAKKDVHMPKHPELADKNVPNLHVMKAMQSLKSRGYVKEQFAWRHFYWYLTNEGIQYLR
DYLHLPPEIVPATLR
;
SK
55 'polypeptide(L)'
;ADIQTERAYQKQPTIFQNKKRVLLGETGKEKLPRYYKNIGLGFKTPKEAIEGTYIDKKCPFTGNVSIRGRILSGVVTKMK
MQRTIVIRRDYLHYIRKYNRFEKRHKNMSVHLSPCFRDVQIGDIVTVGECRPLSKTVRFNVLKVTKAAGT
;
SL
56 'polypeptide(L)'
;RKFTYRGVDLDQLLDMSYEQLMQLYSARQRRRLNRGLRRKQHSLLKRLRKAKKEAPPMEKPEVVKTHLRDMIILPEMVGS
MVGVYNGKTFNQVEIKPEMIGHYLGEFSITYKPVKHGRPGIGATHSSRFIP
;
SP
57 'polypeptide(L)'
;LQSVQVFGRKKTATAVAHCKRGNGLIKVNGRPLEMIEPRTLQYKLLEPVLLLGKERFAGVDIRVRVKGGGHVAQIYAIRQ
SISKALVAYYQKYVDEASKKEIKDILIQYDRTLLVADPRRCESKKFGGPGARARYQKSYR
;
SQ
58 'polypeptide(L)'
;GRVRTKTVKKAARVIIEKYYTRLGNDFHTNKRVCEEIAIIPSKKLRNKIAGYVTHLMKRIQRGPVRGISIKLQEEERERR
DNYVPEVSALDQEIIEVDPDTKEMLKLLDFGSLSNLQVTQPTVGMNFKTPR
;
SR
59 'polypeptide(L)'
;LVIPEKFQHILRVLNTNIDGRRKIAFAITAIKGVGRRYAHVVLRKADIDLTKRAGELTEDEVERVITIMQNPRQYKIPDW
FLNRQKDVKDGKYSQVLANGLDNKLREDLERLKKIRAHRGLRHFWGLRVRGQHTKTTGRRGRT
;
SS
60 'polypeptide(L)'
;PGVTVKDVNQQEFVRALAAFLKKSGKLKVPEWVDTVKLAKHKELAPYDENWFYTRAASTARHLYLRGGAGVGSMTKIYGG
RQRNGVMPSHFSRGSKSVARRVLQALEGLKMVEKDQDGGRKLTPQGQRDLDRIAGQVAAAN
;
ST
61 'polypeptide(L)'
;IHRIRITLTSRNVKSLEKVCADLIRGAKEKNLKVKGPVRMPTKTLRITTRKTPCGEGSKTWDRFQMRIHKRLIDLHSPSE
IVKQITSISIEPGVEVEVTI
;
SU
62 'polypeptide(L)'
;(ACE)MQNDAGEFVDLYVPRKCSASNRIIGAKDHASIQMNVAEVDKVTGRFNGQFKTYAICGAIRRMGESDDSILRLAKA
DGIVSKNF
;
SV
63 'polypeptide(L)'
;GKCRGLRTARKLRSHRRDQKWHDKQYKKAHLGTALKANPFGGASHAKGIVLEKVGVEAKQPNSAIRKCVRVQLIKNGKKI
TAFVPNDGCLNFIEENDEVLVAGFGRKGHAVGDIPGVRFKVVKVANVSLLALYKGKKER
;
SX
64 'polypeptide(L)'
;TKKRRNNGRAKKGRGHVQPIRCTNCARCVPKDKAIKKFVIRNIVEAAAVRDISEASVFDAYVLPKLYVKLHYCVSCAIHS
KVVRNRSREARKDRTPPPR
;
Sa
65 'polypeptide(L)' PIKLARVTKVLGRTGSQGQCTQVRVEFMDDTSRSIIRNVKGPVREGDVLTLLESEREARRL Sc
66 'polypeptide(L)' GHQQLYWSHPRKFGQGSRSCRVCSNRHGLIRKYGLNMCRQCFRQYAKDIGFIKLD Sd
67 'polypeptide(L)'
;TEQMTLRGTLKGHNGWVTQIATTPQFPDMILSASRDKTIIMWKLTRDETNYGIPQRALRGHSHFVSDVVISSDGQFALSG
SWDGTLRLWDLTTGTTTRRFVGHTKDVLSVAFSSDNRQIVSGSRDKTIKLWNTLGVCKYTVQDESHSEWVSCVRFSPNSS
NPIIVSCGWDKLVKVWNLANCKLKTNHIGHTGYLNTVTVSPDGSLCASGGKDGQAMLWDLNEGKHLYTLDGGDIINALCF
SPNRYWLCAATGPSIKIWDLEGKIIVDELKQEVISTSSKAEPPQCTSLAWSADGQTLFAGYTDNLVRVWQVTI
;
Sg
68 'polypeptide(L)'
;EWMPVTKLGRLVKDMKIKSLEEIYLFSLPIKESEIIDFFLGASLKDEVLKIMPVQKQTRAGQRTRFKAFVAIGDYNGHVG
LGVKCSKEVATAIRGAIILAKLSIVPVRRGYWGNKIGKPHTVPCKVTGRCGSVLVRLIPAPRGTGIVSAPVPKKLLMMAG
IDDCYTSARGCTATLGNFAKATFDAISKTYSYLTPDLWKETVFTKSPYQEFTDHLVKTHT
;
SC
69 'polypeptide(L)'
;MKLNISFPATGCQKLIEVDDERKLRTFYEKRMATEVAADALGEEWKGYVVRISGGNDKQGFPMKQGVLTHGRVRLLLSKG
HSCYRPRRTGERKRKSVRGCIVDANLSVLNLVIVKKGEKDIPGLTDTTVPRRLGPKRASRIRKLFNLSKEDDVRQYVVRK
PLNKEGKKPRTKAPKIQRLVTPRVLQHKRRRIALKKQRTKKNKEEAAEYAKLLAKRMKEAKEKRQEQI
;
SG
70 'polypeptide(L)'
;PVARSWVCRKTYVTPRRPFEKSRLDQELKLIGEYGLRNKREVWRVKFTLAKIRKAARELLTLDEKDPRRLFEGNALLRRL
VRIGVLDEGKMKLDYILGLKIEDFLERRLQTQVFKLGLAKSIHHARVLIRQRHIRVRKQVVNIPSFIVRLDSQKHIDFSL
RSPYGGGRPGRVKRKNAKKG
;
SJ
71 'polypeptide(L)'
;DVNTALQEVLKTALIHDGLARGIREAAKALDKRQAHLCVLASNCDEPMYVKLVEALCAEHQINLIKVDDNKKLGEWVGLC
KIDREGKPRKVVGCSCVVVKDYGKESQAKDVIEEYFKCKK
;
SM
72 'polypeptide(L)'
;GRMHAPGKGLSQSALPYRRSVPTWLKLTSDDVKEQIYKLAKKGLTPSQIGVILRDSHGVAQVRFVTGNKILRILKSKGLA
PDLPEDLYHLIKKAVAVRKHLERNRKDKDAKFRLILIESRIHRLARYYKTKRVLPPNWKYESSTASALVA
;
SN
73 'polypeptide(L)'
;LGPQVAEGENVFGVCHIFASFNDTFVHVTDLSGKETICRVTGGMKVKADRDESSPYAAMLAAQDVAQRCKELGITALHIK
LRATGGNRTKTPGPGAQSALRALARSGMKIGRIEDVTPIPS(IAS)STRRKGGRRGRRL
;
SO
74 'polypeptide(L)'
;VRMNVLADALKSINNAEKRGKRQVLIRPCSKVIVRFLTVMMKHGYIGEFEIIDDHRAGKIVVNLTGRLNKCGVISPRFDV
QLKDLEKWQNNLLPSRQFGFIVLTTSAGIMDHEEARRKHTGGKILGFFF
;
SW
75 'polypeptide(L)'
;TVTIRTRKFMTNRLLQRKQMVIDVLHPGKATVPKTEIREKLAKMYKTTPDVIFVFGFRTHFGGGKTTGFGMIYDSLDYAK
KNEPKHRLARHGLYEKKKTSRKQRKERKNRMKKVRGTAKANV
;
SY
76 'polypeptide(L)' KLNNLVLFDKATYDKLCKEVPNYKLITPAVVSERLKIRGSLARAALQELLSKGLIKLVSKHRAQVIYTRN SZ
77 'polypeptide(L)'
;PLAKDLLHPSPEEEKRKHKKKRLVQSPNSYFMDVKCPGCYKITTVFSHAQTVVLCVGCSTVLCQPTGGKARLTEGCSFRR
KQ
;
Sb
78 'polypeptide(L)' SLARAGKVRGQTPKVAKQEKKKKKTGRAKRRMQYNRRFVNVVPTFGKKKGPNAN Se
79 'polypeptide(L)' KKNKHKRKKVKLAVLKYYKVDENGKISRLRRECPSDECGAGVFMASHFDRHYCGKCCLTYCFN Sf
80 'polyribonucleotide'
;GUCUCUGU(1MG)(2MG)CGCAA(H2U)CGG(N)AGCGC(M2G)(PSU)(PSU)CGGCUGUU(UY4)ACCGAAAG(G7M)
(H2U)UGGUGGU(PSU)CG(1MA)GCCCACCCAGGGACGCCA
;
Bv
81 'polypeptide(L)'
;NVEIWKIKKLIKSLEAARGNGTSMISLIIPPKDQISRVAKMLADEFGTASNI(UXY)SRVNRLSVLGAITSVQQRLKLYN
KVPPNGLVVYCGTIVTEEGKEKKVNIDFEPFKPINTSLYLCDNKFHTEALTALLSDDSKFGFIVIDGSGALFGTLQGNTR
EVLHKFTVDLPKKHGRGG(MEQ)SALRFARLRMEKRHNYVRKVAETAVQLFISGDKVNVAGLVLAGSADFKTELSQSDMF
DQRLQSKVLKLVDISYGGENGFNQAIELSTEVLSNVKFIQEKKLIGRYFDEISQDTGKYCFGVEDTLKALEMGAVEILIV
YENLDIMRYVLHCQGTEEEKILYLTPEQEKDKSHFTDKETGQEHELIESMPLLEWFANNYKKFGATLEIVTDKSQEGSQF
VKGFGGIGGILRYRVDFQG
;
j
82 'polyribonucleotide' UCCAAACUAAUUU k
83 'polypeptide(L)' GLQIPAILGILGGILALLILILNPN NC
#
# COMPACT_ATOMS: atom_id res chain seq x y z
N GLY A 1 -4.58 -36.48 -0.82
CA GLY A 1 -3.21 -36.08 -0.60
C GLY A 1 -2.36 -37.29 -0.32
N ARG A 2 -1.08 -37.09 -0.09
CA ARG A 2 -0.25 -38.20 0.32
C ARG A 2 -0.02 -38.11 1.82
N VAL A 3 0.76 -39.04 2.34
CA VAL A 3 1.11 -39.07 3.75
C VAL A 3 2.08 -37.94 4.05
N ILE A 4 1.81 -37.18 5.11
CA ILE A 4 2.66 -36.04 5.44
C ILE A 4 3.89 -36.55 6.18
N ARG A 5 4.89 -35.68 6.36
CA ARG A 5 6.20 -36.11 6.85
C ARG A 5 6.14 -36.63 8.27
N GLY A 6 5.54 -35.85 9.17
CA GLY A 6 5.41 -36.25 10.55
C GLY A 6 4.57 -37.48 10.79
N GLN A 7 3.88 -37.94 9.77
CA GLN A 7 3.11 -39.15 9.81
C GLN A 7 3.92 -40.36 9.35
N ARG A 8 5.01 -40.15 8.64
CA ARG A 8 5.92 -41.21 8.26
C ARG A 8 6.96 -41.53 9.32
N LYS A 9 7.09 -40.70 10.35
CA LYS A 9 8.11 -40.94 11.35
C LYS A 9 7.75 -42.13 12.22
N GLY A 10 6.47 -42.44 12.35
CA GLY A 10 6.09 -43.56 13.15
C GLY A 10 6.31 -44.90 12.50
N ALA A 11 6.44 -44.94 11.19
CA ALA A 11 6.79 -46.19 10.51
C ALA A 11 8.19 -46.64 10.84
N GLY A 12 9.10 -45.70 11.03
CA GLY A 12 10.41 -45.96 11.56
C GLY A 12 11.40 -46.50 10.56
N SER A 13 11.18 -46.27 9.26
CA SER A 13 12.13 -46.73 8.27
C SER A 13 13.45 -46.00 8.35
N VAL A 14 13.48 -44.74 7.94
CA VAL A 14 14.71 -43.97 7.95
C VAL A 14 14.66 -42.94 9.04
N PHE A 15 13.79 -43.15 10.01
CA PHE A 15 13.64 -42.25 11.12
C PHE A 15 13.98 -42.90 12.43
N ARG A 16 14.44 -44.14 12.43
CA ARG A 16 14.71 -44.73 13.73
C ARG A 16 16.07 -44.29 14.22
N ALA A 17 16.32 -44.52 15.51
CA ALA A 17 17.47 -43.94 16.19
C ALA A 17 18.79 -44.52 15.69
N HIS A 18 19.83 -43.72 15.79
CA HIS A 18 21.18 -44.09 15.33
C HIS A 18 21.93 -44.67 16.52
N VAL A 19 21.82 -45.98 16.70
CA VAL A 19 22.25 -46.62 17.93
C VAL A 19 23.55 -47.40 17.74
N LYS A 20 24.34 -47.06 16.71
CA LYS A 20 25.48 -47.89 16.39
C LYS A 20 26.63 -47.69 17.36
N HIS A 21 26.97 -46.45 17.66
CA HIS A 21 28.10 -46.20 18.53
C HIS A 21 27.69 -45.83 19.93
N ARG A 22 26.41 -45.97 20.25
CA ARG A 22 25.95 -45.70 21.61
C ARG A 22 26.44 -46.78 22.55
N LYS A 23 26.74 -46.39 23.77
CA LYS A 23 27.60 -47.19 24.62
C LYS A 23 26.87 -48.10 25.58
N GLY A 24 25.56 -48.18 25.50
CA GLY A 24 24.80 -48.99 26.43
C GLY A 24 23.60 -48.25 26.95
N ALA A 25 22.61 -48.97 27.46
CA ALA A 25 21.47 -48.32 28.09
C ALA A 25 21.89 -47.83 29.47
N ALA A 26 21.89 -46.53 29.66
CA ALA A 26 22.36 -45.96 30.92
C ALA A 26 21.25 -46.01 31.95
N ARG A 27 21.50 -46.69 33.06
CA ARG A 27 20.49 -46.92 34.08
C ARG A 27 21.16 -47.44 35.34
N LEU A 28 20.43 -47.33 36.44
CA LEU A 28 20.85 -47.78 37.76
C LEU A 28 21.00 -49.29 37.80
N ARG A 29 21.59 -49.79 38.87
CA ARG A 29 21.59 -51.22 38.97
C ARG A 29 20.27 -51.70 39.57
N ALA A 30 19.99 -52.97 39.36
CA ALA A 30 18.74 -53.56 39.79
C ALA A 30 18.72 -53.71 41.30
N VAL A 31 17.56 -53.52 41.89
CA VAL A 31 17.44 -53.57 43.34
C VAL A 31 17.49 -55.02 43.79
N ASP A 32 18.25 -55.27 44.85
CA ASP A 32 18.47 -56.61 45.38
C ASP A 32 18.51 -56.49 46.89
N PHE A 33 19.02 -57.54 47.56
CA PHE A 33 19.07 -57.56 49.02
C PHE A 33 19.93 -56.45 49.56
N ALA A 34 21.16 -56.33 49.08
CA ALA A 34 22.13 -55.42 49.65
C ALA A 34 21.77 -53.96 49.47
N GLU A 35 20.83 -53.64 48.61
CA GLU A 35 20.42 -52.26 48.50
C GLU A 35 19.22 -51.90 49.35
N ARG A 36 18.37 -52.85 49.69
CA ARG A 36 17.25 -52.51 50.55
C ARG A 36 17.49 -52.88 52.01
N HIS A 37 18.71 -53.23 52.38
CA HIS A 37 18.99 -53.53 53.78
C HIS A 37 20.29 -52.89 54.24
N GLY A 38 21.15 -52.52 53.31
CA GLY A 38 22.46 -52.04 53.68
C GLY A 38 23.01 -51.05 52.69
N TYR A 39 24.25 -51.29 52.27
CA TYR A 39 24.83 -50.57 51.17
C TYR A 39 25.85 -51.47 50.49
N ILE A 40 25.96 -51.37 49.18
CA ILE A 40 27.05 -52.00 48.46
C ILE A 40 27.95 -50.88 47.96
N LYS A 41 29.23 -51.18 47.77
CA LYS A 41 30.22 -50.16 47.45
C LYS A 41 30.86 -50.49 46.12
N GLY A 42 30.76 -49.57 45.16
CA GLY A 42 31.36 -49.73 43.88
C GLY A 42 32.41 -48.67 43.64
N ILE A 43 33.12 -48.82 42.54
CA ILE A 43 34.17 -47.90 42.16
C ILE A 43 33.95 -47.49 40.73
N VAL A 44 33.96 -46.20 40.48
CA VAL A 44 33.88 -45.73 39.10
C VAL A 44 35.24 -45.87 38.44
N LYS A 45 35.25 -46.54 37.29
CA LYS A 45 36.44 -46.78 36.50
C LYS A 45 36.61 -45.81 35.35
N ASP A 46 35.53 -45.30 34.77
CA ASP A 46 35.70 -44.49 33.58
C ASP A 46 34.54 -43.54 33.41
N ILE A 47 34.83 -42.34 32.93
CA ILE A 47 33.83 -41.36 32.54
C ILE A 47 33.89 -41.27 31.04
N ILE A 48 32.84 -41.68 30.35
CA ILE A 48 32.90 -41.79 28.91
C ILE A 48 31.88 -40.88 28.25
N HIS A 49 32.08 -40.67 26.97
CA HIS A 49 31.17 -39.87 26.16
C HIS A 49 30.26 -40.80 25.38
N ASP A 50 28.99 -40.68 25.60
CA ASP A 50 28.04 -41.46 24.82
C ASP A 50 27.53 -40.63 23.65
N PRO A 51 27.63 -41.13 22.43
CA PRO A 51 27.26 -40.31 21.27
C PRO A 51 25.76 -40.03 21.22
N GLY A 52 25.42 -38.77 20.99
CA GLY A 52 24.04 -38.38 20.88
C GLY A 52 23.35 -38.12 22.19
N ARG A 53 24.07 -38.02 23.29
CA ARG A 53 23.44 -37.93 24.60
C ARG A 53 23.61 -36.57 25.28
N GLY A 54 24.81 -36.03 25.31
CA GLY A 54 25.01 -34.79 26.04
C GLY A 54 25.59 -34.97 27.42
N ALA A 55 24.88 -35.60 28.34
CA ALA A 55 25.47 -35.90 29.63
C ALA A 55 26.49 -37.01 29.47
N PRO A 56 27.56 -37.03 30.25
CA PRO A 56 28.48 -38.16 30.21
C PRO A 56 27.94 -39.35 30.98
N LEU A 57 28.64 -40.46 30.86
CA LEU A 57 28.30 -41.68 31.57
C LEU A 57 29.46 -42.14 32.42
N ALA A 58 29.16 -42.79 33.53
CA ALA A 58 30.18 -43.33 34.41
C ALA A 58 30.07 -44.84 34.43
N LYS A 59 31.21 -45.50 34.48
CA LYS A 59 31.27 -46.95 34.41
C LYS A 59 31.69 -47.44 35.80
N VAL A 60 30.72 -47.81 36.61
CA VAL A 60 30.96 -48.19 37.98
C VAL A 60 31.01 -49.71 38.06
N VAL A 61 32.05 -50.23 38.69
CA VAL A 61 32.21 -51.66 38.84
C VAL A 61 31.84 -52.05 40.26
N PHE A 62 30.85 -52.88 40.39
CA PHE A 62 30.42 -53.44 41.66
C PHE A 62 30.89 -54.87 41.79
N ARG A 63 30.91 -55.34 43.01
CA ARG A 63 31.34 -56.68 43.34
C ARG A 63 30.07 -57.48 43.59
N ASP A 64 29.94 -58.61 42.91
CA ASP A 64 28.69 -59.37 42.96
C ASP A 64 28.53 -60.05 44.31
N PRO A 65 27.35 -59.99 44.93
CA PRO A 65 27.20 -60.55 46.28
C PRO A 65 26.98 -62.04 46.29
N TYR A 66 26.78 -62.65 45.15
CA TYR A 66 26.37 -64.04 45.14
C TYR A 66 27.37 -64.96 44.51
N ARG A 67 28.07 -64.53 43.47
CA ARG A 67 29.14 -65.35 42.96
C ARG A 67 30.33 -64.48 42.66
N PHE A 68 31.49 -65.11 42.64
CA PHE A 68 32.76 -64.42 42.48
C PHE A 68 32.87 -63.95 41.05
N LYS A 69 32.64 -62.67 40.84
CA LYS A 69 32.47 -62.03 39.54
C LYS A 69 32.31 -60.54 39.81
N LYS A 70 32.73 -59.71 38.85
CA LYS A 70 32.52 -58.28 38.95
C LYS A 70 31.51 -57.83 37.92
N ARG A 71 30.64 -56.92 38.31
CA ARG A 71 29.55 -56.44 37.48
C ARG A 71 29.78 -54.98 37.13
N THR A 72 29.97 -54.68 35.86
CA THR A 72 30.08 -53.31 35.43
C THR A 72 28.70 -52.73 35.17
N GLU A 73 28.63 -51.41 35.08
CA GLU A 73 27.35 -50.73 35.19
C GLU A 73 27.50 -49.31 34.65
N LEU A 74 26.51 -48.85 33.90
CA LEU A 74 26.54 -47.50 33.34
C LEU A 74 25.57 -46.59 34.07
N PHE A 75 26.09 -45.69 34.88
CA PHE A 75 25.21 -44.67 35.43
C PHE A 75 25.25 -43.43 34.55
N ILE A 76 24.32 -42.53 34.80
CA ILE A 76 24.48 -41.14 34.41
C ILE A 76 25.52 -40.54 35.35
N ALA A 77 26.36 -39.66 34.83
CA ALA A 77 27.41 -39.07 35.65
C ALA A 77 26.85 -37.88 36.41
N ALA A 78 26.71 -38.02 37.72
CA ALA A 78 26.47 -36.86 38.56
C ALA A 78 27.67 -35.95 38.50
N GLU A 79 27.44 -34.65 38.57
CA GLU A 79 28.53 -33.72 38.32
C GLU A 79 29.42 -33.56 39.54
N GLY A 80 30.70 -33.73 39.34
CA GLY A 80 31.69 -33.59 40.40
C GLY A 80 32.38 -34.87 40.75
N ILE A 81 32.04 -35.96 40.13
CA ILE A 81 32.66 -37.23 40.45
C ILE A 81 33.80 -37.48 39.49
N HIS A 82 34.76 -38.27 39.94
CA HIS A 82 35.98 -38.52 39.20
C HIS A 82 36.22 -40.01 39.20
N THR A 83 37.19 -40.44 38.42
CA THR A 83 37.52 -41.85 38.41
C THR A 83 38.31 -42.26 39.63
N GLY A 84 38.05 -43.46 40.08
CA GLY A 84 38.65 -43.93 41.29
C GLY A 84 37.99 -43.47 42.55
N GLN A 85 36.78 -42.92 42.48
CA GLN A 85 36.10 -42.65 43.74
C GLN A 85 35.13 -43.78 44.03
N PHE A 86 34.72 -43.84 45.28
CA PHE A 86 33.88 -44.89 45.79
C PHE A 86 32.47 -44.36 45.90
N VAL A 87 31.53 -44.97 45.18
CA VAL A 87 30.12 -44.60 45.27
C VAL A 87 29.39 -45.77 45.91
N TYR A 88 28.43 -45.47 46.76
CA TYR A 88 27.85 -46.49 47.59
C TYR A 88 26.34 -46.45 47.36
N CYS A 89 25.81 -47.48 46.72
CA CYS A 89 24.38 -47.59 46.53
C CYS A 89 23.76 -48.27 47.74
N GLY A 90 22.44 -48.21 47.85
CA GLY A 90 21.72 -48.83 48.93
C GLY A 90 21.04 -47.80 49.81
N LYS A 91 20.41 -48.29 50.88
CA LYS A 91 19.66 -47.40 51.73
C LYS A 91 20.45 -46.90 52.93
N LYS A 92 21.50 -47.58 53.32
CA LYS A 92 22.33 -47.11 54.42
C LYS A 92 23.48 -46.25 53.96
N ALA A 93 23.50 -45.87 52.69
CA ALA A 93 24.54 -44.99 52.19
C ALA A 93 24.34 -43.60 52.76
N GLN A 94 25.42 -42.89 53.02
CA GLN A 94 25.18 -41.56 53.50
C GLN A 94 25.18 -40.57 52.35
N LEU A 95 24.72 -39.38 52.65
CA LEU A 95 24.27 -38.42 51.65
C LEU A 95 25.47 -37.72 51.04
N ASN A 96 25.93 -38.20 49.91
CA ASN A 96 27.06 -37.60 49.20
C ASN A 96 26.81 -37.61 47.71
N ILE A 97 27.59 -36.82 46.98
CA ILE A 97 27.40 -36.68 45.54
C ILE A 97 27.86 -37.96 44.87
N GLY A 98 26.97 -38.59 44.12
CA GLY A 98 27.26 -39.82 43.43
C GLY A 98 26.58 -41.02 44.04
N ASN A 99 26.13 -40.94 45.28
CA ASN A 99 25.52 -42.10 45.89
C ASN A 99 24.07 -42.26 45.46
N VAL A 100 23.65 -43.50 45.34
CA VAL A 100 22.26 -43.82 45.08
C VAL A 100 21.57 -44.06 46.41
N LEU A 101 20.52 -43.31 46.67
CA LEU A 101 19.72 -43.50 47.86
C LEU A 101 18.26 -43.63 47.51
N PRO A 102 17.49 -44.32 48.33
CA PRO A 102 16.03 -44.18 48.25
C PRO A 102 15.61 -42.82 48.70
N VAL A 103 14.66 -42.22 47.98
CA VAL A 103 14.28 -40.86 48.29
C VAL A 103 13.46 -40.73 49.55
N GLY A 104 13.02 -41.84 50.14
CA GLY A 104 12.34 -41.76 51.41
C GLY A 104 13.26 -41.43 52.56
N THR A 105 14.54 -41.73 52.42
CA THR A 105 15.52 -41.52 53.50
C THR A 105 16.36 -40.29 53.26
N MET A 106 15.81 -39.25 52.66
CA MET A 106 16.53 -38.05 52.36
C MET A 106 15.93 -36.85 53.07
N PRO A 107 16.72 -35.82 53.36
CA PRO A 107 16.14 -34.60 53.87
C PRO A 107 15.35 -33.90 52.79
N GLU A 108 14.43 -33.05 53.22
CA GLU A 108 13.68 -32.24 52.29
C GLU A 108 14.59 -31.17 51.69
N GLY A 109 14.54 -31.02 50.39
CA GLY A 109 15.39 -30.09 49.69
C GLY A 109 16.62 -30.70 49.09
N THR A 110 16.79 -32.02 49.19
CA THR A 110 17.91 -32.70 48.57
C THR A 110 17.78 -32.66 47.06
N ILE A 111 18.88 -32.32 46.38
CA ILE A 111 18.91 -32.22 44.94
C ILE A 111 19.35 -33.56 44.37
N VAL A 112 18.43 -34.28 43.74
CA VAL A 112 18.74 -35.60 43.20
C VAL A 112 18.66 -35.52 41.68
N CYS A 113 19.22 -36.52 41.01
CA CYS A 113 19.41 -36.35 39.58
C CYS A 113 18.97 -37.50 38.69
N CYS A 114 18.85 -38.71 39.16
CA CYS A 114 18.35 -39.75 38.26
C CYS A 114 17.25 -40.51 38.99
N LEU A 115 16.06 -39.92 39.03
CA LEU A 115 15.00 -40.53 39.80
C LEU A 115 14.40 -41.72 39.08
N GLU A 116 13.72 -42.54 39.86
CA GLU A 116 12.83 -43.56 39.37
C GLU A 116 11.42 -43.04 39.45
N GLU A 117 10.56 -43.48 38.54
CA GLU A 117 9.14 -43.17 38.70
C GLU A 117 8.48 -44.16 39.64
N LYS A 118 8.48 -45.40 39.26
CA LYS A 118 7.96 -46.48 40.04
C LYS A 118 9.10 -47.35 40.47
N PRO A 119 9.10 -47.85 41.71
CA PRO A 119 10.34 -48.32 42.33
C PRO A 119 10.88 -49.59 41.68
N GLY A 120 12.12 -49.51 41.24
CA GLY A 120 12.79 -50.63 40.60
C GLY A 120 13.00 -50.49 39.13
N ASP A 121 12.57 -49.41 38.50
CA ASP A 121 12.73 -49.33 37.05
C ASP A 121 14.03 -48.66 36.63
N ARG A 122 14.93 -48.45 37.59
CA ARG A 122 16.35 -48.22 37.36
C ARG A 122 16.64 -46.85 36.74
N GLY A 123 15.82 -45.86 37.08
CA GLY A 123 16.17 -44.48 36.85
C GLY A 123 15.59 -43.87 35.59
N LYS A 124 14.65 -42.95 35.71
CA LYS A 124 13.99 -42.41 34.53
C LYS A 124 13.77 -40.91 34.52
N LEU A 125 14.00 -40.18 35.59
CA LEU A 125 13.70 -38.75 35.62
C LEU A 125 14.99 -37.96 35.80
N ALA A 126 14.98 -36.71 35.32
CA ALA A 126 16.05 -35.73 35.46
C ALA A 126 17.36 -36.20 34.84
N ARG A 127 17.29 -37.05 33.83
CA ARG A 127 18.46 -37.71 33.31
C ARG A 127 19.24 -36.90 32.30
N ALA A 128 18.67 -35.84 31.75
CA ALA A 128 19.39 -35.14 30.71
C ALA A 128 20.24 -34.05 31.33
N SER A 129 21.27 -33.63 30.59
CA SER A 129 22.40 -32.89 31.14
C SER A 129 22.00 -31.57 31.75
N GLY A 130 22.52 -31.32 32.94
CA GLY A 130 22.22 -30.13 33.67
C GLY A 130 21.02 -30.23 34.60
N ASN A 131 20.14 -31.19 34.42
CA ASN A 131 18.87 -31.19 35.12
C ASN A 131 18.98 -31.83 36.49
N TYR A 132 17.96 -31.63 37.29
CA TYR A 132 17.92 -32.19 38.63
C TYR A 132 16.49 -32.21 39.11
N ALA A 133 16.28 -32.92 40.19
CA ALA A 133 15.00 -32.94 40.87
C ALA A 133 15.25 -32.65 42.32
N THR A 134 14.25 -32.12 43.00
CA THR A 134 14.37 -31.84 44.41
C THR A 134 13.20 -32.46 45.15
N VAL A 135 13.50 -33.03 46.32
CA VAL A 135 12.49 -33.65 47.15
C VAL A 135 11.87 -32.60 48.04
N ILE A 136 10.55 -32.52 48.01
CA ILE A 136 9.83 -31.45 48.67
C ILE A 136 9.40 -31.86 50.06
N SER A 137 8.72 -32.98 50.18
CA SER A 137 8.14 -33.39 51.45
C SER A 137 8.11 -34.89 51.51
N HIS A 138 7.67 -35.40 52.65
CA HIS A 138 7.48 -36.83 52.82
C HIS A 138 6.11 -37.07 53.41
N ASN A 139 5.74 -38.32 53.42
CA ASN A 139 4.52 -38.77 54.07
C ASN A 139 4.88 -40.13 54.61
N PRO A 140 5.19 -40.23 55.89
CA PRO A 140 5.65 -41.52 56.43
C PRO A 140 4.52 -42.54 56.51
N GLU A 141 3.32 -42.13 56.88
CA GLU A 141 2.17 -42.97 56.59
C GLU A 141 1.96 -42.92 55.09
N THR A 142 1.51 -44.04 54.52
CA THR A 142 1.26 -44.35 53.10
C THR A 142 2.52 -44.37 52.24
N LYS A 143 3.65 -43.94 52.80
CA LYS A 143 4.99 -44.05 52.25
C LYS A 143 5.11 -43.45 50.85
N LYS A 144 4.89 -42.14 50.78
CA LYS A 144 5.02 -41.40 49.53
C LYS A 144 5.90 -40.18 49.75
N THR A 145 6.15 -39.45 48.66
CA THR A 145 7.14 -38.39 48.63
C THR A 145 6.77 -37.48 47.46
N ARG A 146 6.73 -36.17 47.70
CA ARG A 146 6.43 -35.23 46.64
C ARG A 146 7.73 -34.63 46.16
N VAL A 147 7.90 -34.53 44.84
CA VAL A 147 9.15 -34.18 44.19
C VAL A 147 8.89 -33.14 43.13
N LYS A 148 9.69 -32.08 43.09
CA LYS A 148 9.63 -31.10 42.02
C LYS A 148 10.54 -31.52 40.86
N LEU A 149 9.96 -31.63 39.69
CA LEU A 149 10.60 -32.09 38.46
C LEU A 149 11.16 -30.90 37.68
N PRO A 150 12.08 -31.13 36.73
CA PRO A 150 12.66 -29.99 36.00
C PRO A 150 11.70 -29.17 35.17
N SER A 151 10.55 -29.72 34.78
CA SER A 151 9.52 -28.88 34.21
C SER A 151 8.88 -27.97 35.24
N GLY A 152 9.01 -28.28 36.52
CA GLY A 152 8.31 -27.56 37.54
C GLY A 152 7.05 -28.23 37.99
N SER A 153 6.66 -29.33 37.35
CA SER A 153 5.54 -30.11 37.84
C SER A 153 5.93 -30.81 39.12
N LYS A 154 4.96 -30.92 40.02
CA LYS A 154 5.15 -31.59 41.29
C LYS A 154 4.54 -32.97 41.16
N LYS A 155 5.28 -33.97 41.60
CA LYS A 155 4.84 -35.33 41.35
C LYS A 155 4.99 -36.13 42.62
N VAL A 156 3.93 -36.83 43.02
CA VAL A 156 3.98 -37.69 44.17
C VAL A 156 4.46 -39.06 43.73
N ILE A 157 5.54 -39.54 44.33
CA ILE A 157 6.11 -40.82 43.99
C ILE A 157 6.28 -41.63 45.26
N SER A 158 6.73 -42.87 45.13
CA SER A 158 6.92 -43.71 46.29
C SER A 158 8.21 -43.35 47.01
N SER A 159 8.29 -43.75 48.26
CA SER A 159 9.47 -43.48 49.06
C SER A 159 10.55 -44.54 48.89
N ALA A 160 10.30 -45.54 48.06
CA ALA A 160 11.31 -46.52 47.75
C ALA A 160 11.92 -46.33 46.38
N ASN A 161 11.56 -45.26 45.67
CA ASN A 161 12.29 -44.87 44.48
C ASN A 161 13.70 -44.48 44.84
N ARG A 162 14.66 -44.96 44.08
CA ARG A 162 16.04 -44.58 44.26
C ARG A 162 16.39 -43.41 43.36
N ALA A 163 17.50 -42.75 43.65
CA ALA A 163 17.95 -41.60 42.89
C ALA A 163 19.41 -41.36 43.22
N VAL A 164 20.12 -40.73 42.30
CA VAL A 164 21.52 -40.37 42.53
C VAL A 164 21.53 -38.95 43.08
N VAL A 165 22.38 -38.71 44.09
CA VAL A 165 22.47 -37.40 44.71
C VAL A 165 23.42 -36.52 43.92
N GLY A 166 22.95 -35.36 43.49
CA GLY A 166 23.74 -34.46 42.69
C GLY A 166 22.93 -33.88 41.55
N VAL A 167 23.61 -33.24 40.61
CA VAL A 167 23.03 -32.85 39.33
C VAL A 167 23.82 -33.57 38.26
N VAL A 168 23.25 -33.72 37.10
CA VAL A 168 23.94 -34.49 36.07
C VAL A 168 24.94 -33.59 35.36
N ALA A 169 26.04 -34.18 34.95
CA ALA A 169 27.15 -33.40 34.45
C ALA A 169 26.90 -32.90 33.05
N GLY A 170 27.80 -32.06 32.57
CA GLY A 170 27.63 -31.43 31.29
C GLY A 170 26.57 -30.36 31.30
N GLY A 171 26.54 -29.53 32.32
CA GLY A 171 25.50 -28.56 32.44
C GLY A 171 25.78 -27.29 31.68
N GLY A 172 24.72 -26.55 31.43
CA GLY A 172 24.84 -25.31 30.68
C GLY A 172 25.19 -25.52 29.23
N ARG A 173 24.81 -26.66 28.68
CA ARG A 173 25.21 -27.01 27.33
C ARG A 173 24.55 -26.15 26.29
N ILE A 174 23.28 -25.81 26.48
CA ILE A 174 22.55 -25.12 25.43
C ILE A 174 22.77 -23.62 25.47
N ASP A 175 23.65 -23.17 26.35
CA ASP A 175 24.01 -21.77 26.40
C ASP A 175 24.92 -21.36 25.26
N LYS A 176 25.60 -22.30 24.62
CA LYS A 176 26.40 -21.95 23.47
C LYS A 176 25.55 -21.97 22.21
N PRO A 177 25.46 -20.86 21.49
CA PRO A 177 24.83 -20.90 20.17
C PRO A 177 25.61 -21.80 19.23
N ILE A 178 24.89 -22.43 18.32
CA ILE A 178 25.50 -23.39 17.43
C ILE A 178 26.32 -22.69 16.36
N LEU A 179 25.82 -21.54 15.89
CA LEU A 179 26.33 -20.61 14.87
C LEU A 179 26.32 -21.09 13.44
N LYS A 180 26.21 -22.37 13.19
CA LYS A 180 26.47 -22.86 11.84
C LYS A 180 25.44 -23.90 11.51
N ALA A 181 25.01 -23.91 10.26
CA ALA A 181 24.14 -24.97 9.80
C ALA A 181 24.82 -26.32 9.90
N GLY A 182 26.09 -26.39 9.55
CA GLY A 182 26.77 -27.67 9.59
C GLY A 182 27.16 -28.11 10.97
N ARG A 183 27.21 -27.19 11.90
CA ARG A 183 27.46 -27.56 13.27
C ARG A 183 26.23 -28.23 13.86
N ALA A 184 25.06 -27.87 13.38
CA ALA A 184 23.81 -28.54 13.74
C ALA A 184 23.61 -29.83 13.00
N TYR A 185 24.23 -29.95 11.84
CA TYR A 185 24.16 -31.17 11.05
C TYR A 185 24.75 -32.34 11.78
N HIS A 186 25.93 -32.16 12.37
CA HIS A 186 26.59 -33.23 13.08
C HIS A 186 25.92 -33.58 14.38
N LYS A 187 25.23 -32.62 15.00
CA LYS A 187 24.48 -32.92 16.20
C LYS A 187 23.40 -33.96 15.96
N TYR A 188 22.64 -33.82 14.89
CA TYR A 188 21.56 -34.76 14.65
C TYR A 188 21.97 -35.98 13.86
N LYS A 189 23.14 -35.99 13.23
CA LYS A 189 23.63 -37.24 12.68
C LYS A 189 23.90 -38.25 13.77
N ALA A 190 24.31 -37.79 14.94
CA ALA A 190 24.50 -38.73 16.01
C ALA A 190 23.20 -39.12 16.70
N LYS A 191 22.10 -38.40 16.46
CA LYS A 191 20.85 -38.69 17.15
C LYS A 191 19.88 -39.50 16.31
N ARG A 192 19.35 -38.92 15.23
CA ARG A 192 18.33 -39.52 14.38
C ARG A 192 18.07 -38.54 13.24
N ASN A 193 17.39 -39.01 12.21
CA ASN A 193 17.14 -38.27 10.98
C ASN A 193 15.97 -37.33 11.16
N CYS A 194 16.25 -36.09 11.52
CA CYS A 194 15.19 -35.11 11.77
C CYS A 194 15.55 -33.70 11.36
N TRP A 195 16.67 -33.50 10.67
CA TRP A 195 17.17 -32.20 10.36
C TRP A 195 17.70 -32.29 8.95
N PRO A 196 17.44 -31.30 8.09
CA PRO A 196 16.70 -30.07 8.20
C PRO A 196 15.22 -30.27 8.31
N ARG A 197 14.47 -29.19 8.45
CA ARG A 197 13.03 -29.28 8.64
C ARG A 197 12.38 -28.29 7.70
N VAL A 198 11.72 -28.79 6.68
CA VAL A 198 11.03 -27.93 5.74
C VAL A 198 9.76 -27.42 6.38
N ARG A 199 9.47 -26.14 6.17
CA ARG A 199 8.25 -25.54 6.68
C ARG A 199 7.05 -26.10 5.96
N GLY A 200 5.95 -26.22 6.68
CA GLY A 200 4.75 -26.74 6.08
C GLY A 200 4.10 -25.78 5.12
N VAL A 201 4.40 -24.49 5.19
CA VAL A 201 3.82 -23.53 4.24
C VAL A 201 4.57 -23.49 2.94
N ALA A 202 5.74 -24.10 2.84
CA ALA A 202 6.46 -24.13 1.59
C ALA A 202 6.25 -25.41 0.82
N MET A 203 5.27 -26.21 1.18
CA MET A 203 4.96 -27.41 0.44
C MET A 203 3.74 -27.15 -0.42
N ASN A 204 3.25 -28.16 -1.04
CA ASN A 204 2.08 -28.22 -1.86
C ASN A 204 0.98 -28.91 -1.09
N PRO A 205 -0.29 -28.77 -1.47
CA PRO A 205 -1.35 -29.35 -0.64
C PRO A 205 -1.45 -30.87 -0.61
N VAL A 206 -0.65 -31.64 -1.35
CA VAL A 206 -0.64 -33.08 -1.08
C VAL A 206 0.09 -33.40 0.20
N GLU A 207 0.98 -32.55 0.62
CA GLU A 207 2.05 -32.94 1.52
C GLU A 207 1.85 -32.43 2.93
N HIS A 208 0.92 -31.50 3.14
CA HIS A 208 0.75 -30.84 4.44
C HIS A 208 -0.57 -30.13 4.39
N PRO A 209 -1.24 -29.94 5.51
CA PRO A 209 -2.45 -29.12 5.49
C PRO A 209 -2.18 -27.64 5.37
N PHE A 210 -0.94 -27.19 5.39
CA PHE A 210 -0.66 -25.77 5.28
C PHE A 210 -0.16 -25.37 3.91
N GLY A 211 0.16 -26.31 3.06
CA GLY A 211 0.77 -26.00 1.80
C GLY A 211 -0.21 -25.40 0.82
N GLY A 212 0.34 -24.83 -0.23
CA GLY A 212 -0.44 -24.27 -1.30
C GLY A 212 -0.62 -22.78 -1.15
N GLY A 213 -1.26 -22.21 -2.15
CA GLY A 213 -1.49 -20.79 -2.20
C GLY A 213 -0.55 -20.12 -3.16
N ASN A 214 -0.93 -18.93 -3.58
CA ASN A 214 0.00 -18.09 -4.32
C ASN A 214 0.81 -17.20 -3.42
N HIS A 215 0.52 -17.18 -2.14
CA HIS A 215 1.37 -16.60 -1.13
C HIS A 215 1.64 -17.67 -0.10
N GLN A 216 2.80 -17.61 0.51
CA GLN A 216 3.05 -18.54 1.61
C GLN A 216 2.31 -18.02 2.83
N HIS A 217 1.06 -18.44 2.95
CA HIS A 217 0.29 -18.12 4.12
C HIS A 217 -0.31 -19.42 4.59
N ILE A 218 -0.74 -19.46 5.83
CA ILE A 218 -1.34 -20.68 6.33
C ILE A 218 -2.77 -20.81 5.84
N GLY A 219 -3.63 -19.88 6.19
CA GLY A 219 -4.97 -19.88 5.65
C GLY A 219 -6.01 -20.56 6.51
N LYS A 220 -5.63 -21.04 7.67
CA LYS A 220 -6.51 -21.66 8.63
C LYS A 220 -5.84 -21.52 9.97
N PRO A 221 -6.58 -21.49 11.08
CA PRO A 221 -5.95 -21.31 12.39
C PRO A 221 -4.96 -22.44 12.67
N SER A 222 -3.75 -22.06 13.04
CA SER A 222 -2.70 -23.04 13.20
C SER A 222 -2.87 -23.87 14.45
N THR A 223 -3.64 -23.39 15.42
CA THR A 223 -3.99 -24.20 16.57
C THR A 223 -5.07 -25.18 16.16
N ILE A 224 -4.86 -26.45 16.44
CA ILE A 224 -5.75 -27.52 16.08
C ILE A 224 -6.08 -28.32 17.34
N ARG A 225 -7.27 -28.88 17.38
CA ARG A 225 -7.77 -29.56 18.56
C ARG A 225 -7.02 -30.84 18.82
N ARG A 226 -7.22 -31.37 20.04
CA ARG A 226 -6.50 -32.55 20.50
C ARG A 226 -6.82 -33.78 19.68
N ASP A 227 -8.07 -33.94 19.27
CA ASP A 227 -8.48 -35.18 18.63
C ASP A 227 -8.64 -35.05 17.12
N ALA A 228 -7.84 -34.24 16.49
CA ALA A 228 -7.77 -34.25 15.04
C ALA A 228 -7.15 -35.57 14.56
N PRO A 229 -7.51 -36.04 13.38
CA PRO A 229 -6.90 -37.26 12.85
C PRO A 229 -5.42 -37.08 12.61
N ALA A 230 -4.72 -38.20 12.66
CA ALA A 230 -3.31 -38.22 12.32
C ALA A 230 -3.14 -37.92 10.85
N GLY A 231 -2.44 -36.85 10.54
CA GLY A 231 -2.40 -36.30 9.20
C GLY A 231 -3.02 -34.93 9.11
N ARG A 232 -3.79 -34.54 10.10
CA ARG A 232 -4.23 -33.16 10.26
C ARG A 232 -3.57 -32.47 11.43
N LYS A 233 -3.23 -33.21 12.47
CA LYS A 233 -2.74 -32.65 13.71
C LYS A 233 -1.32 -32.11 13.50
N VAL A 234 -1.27 -30.90 12.96
CA VAL A 234 -0.04 -30.16 12.76
C VAL A 234 -0.28 -28.74 13.25
N GLY A 235 0.81 -28.03 13.47
CA GLY A 235 0.71 -26.68 13.97
C GLY A 235 0.78 -26.71 15.47
N LEU A 236 -0.04 -25.92 16.13
CA LEU A 236 0.03 -25.73 17.57
C LEU A 236 -1.02 -26.61 18.23
N ILE A 237 -0.60 -27.80 18.64
CA ILE A 237 -1.53 -28.87 19.00
C ILE A 237 -2.14 -28.57 20.34
N ALA A 238 -3.45 -28.28 20.34
CA ALA A 238 -4.28 -28.09 21.52
C ALA A 238 -3.73 -27.04 22.47
N ALA A 239 -3.47 -25.86 21.94
CA ALA A 239 -2.84 -24.82 22.72
C ALA A 239 -3.82 -24.19 23.67
N ARG A 240 -3.41 -24.04 24.93
CA ARG A 240 -4.23 -23.32 25.88
C ARG A 240 -4.24 -21.83 25.60
N ARG A 241 -3.20 -21.33 24.97
CA ARG A 241 -3.03 -19.92 24.65
C ARG A 241 -1.92 -19.82 23.63
N THR A 242 -1.87 -18.70 22.93
CA THR A 242 -0.78 -18.44 22.01
C THR A 242 -0.19 -17.09 22.34
N GLY A 243 0.81 -16.68 21.58
CA GLY A 243 1.21 -15.30 21.66
C GLY A 243 2.59 -15.10 22.22
N ARG A 244 2.92 -13.89 22.63
CA ARG A 244 4.27 -13.56 23.04
C ARG A 244 4.64 -14.16 24.39
N LEU A 245 3.65 -14.56 25.18
CA LEU A 245 3.83 -15.18 26.49
C LEU A 245 4.60 -14.27 27.43
N ARG A 246 3.88 -13.23 27.83
CA ARG A 246 3.98 -12.76 29.20
C ARG A 246 3.47 -13.93 30.02
N GLY A 247 4.04 -14.13 31.21
CA GLY A 247 3.38 -15.04 32.12
C GLY A 247 4.22 -15.43 33.32
N THR A 248 3.95 -16.62 33.83
CA THR A 248 4.68 -17.15 34.96
C THR A 248 4.73 -18.65 34.78
N SER B 1 2.83 -3.75 -44.44
CA SER B 1 2.92 -2.38 -43.99
C SER B 1 4.15 -1.77 -44.61
N HIS B 2 4.29 -0.46 -44.49
CA HIS B 2 5.35 0.25 -45.15
C HIS B 2 6.67 0.06 -44.41
N ARG B 3 7.76 0.25 -45.15
CA ARG B 3 9.05 0.44 -44.51
C ARG B 3 9.03 1.76 -43.76
N LYS B 4 9.48 1.74 -42.52
CA LYS B 4 9.42 2.95 -41.72
C LYS B 4 10.48 3.94 -42.18
N PHE B 5 11.68 3.46 -42.41
CA PHE B 5 12.79 4.28 -42.84
C PHE B 5 13.13 3.90 -44.26
N SER B 6 13.11 4.86 -45.16
CA SER B 6 13.40 4.61 -46.54
C SER B 6 14.89 4.68 -46.79
N ALA B 7 15.35 3.85 -47.71
CA ALA B 7 16.74 3.79 -48.10
C ALA B 7 16.76 3.62 -49.59
N PRO B 8 17.80 4.10 -50.26
CA PRO B 8 17.92 3.85 -51.70
C PRO B 8 18.19 2.39 -51.97
N ARG B 9 17.78 1.97 -53.15
CA ARG B 9 17.89 0.58 -53.55
C ARG B 9 19.33 0.21 -53.92
N HIS B 10 19.78 -0.96 -53.44
CA HIS B 10 21.13 -1.42 -53.74
C HIS B 10 21.27 -1.84 -55.18
N GLY B 11 22.38 -1.45 -55.80
CA GLY B 11 22.68 -1.90 -57.13
C GLY B 11 21.80 -1.27 -58.18
N SER B 12 22.13 -1.51 -59.44
CA SER B 12 21.39 -0.91 -60.53
C SER B 12 20.65 -2.00 -61.27
N LEU B 13 19.36 -1.80 -61.49
CA LEU B 13 18.63 -2.74 -62.34
C LEU B 13 18.96 -2.59 -63.81
N GLY B 14 19.70 -1.57 -64.20
CA GLY B 14 20.07 -1.36 -65.58
C GLY B 14 21.34 -2.05 -66.03
N PHE B 15 21.81 -3.03 -65.29
CA PHE B 15 23.00 -3.78 -65.65
C PHE B 15 22.75 -5.26 -65.53
N LEU B 16 21.60 -5.61 -65.18
CA LEU B 16 21.08 -6.95 -65.20
C LEU B 16 21.01 -7.46 -66.62
N PRO B 17 21.24 -8.75 -66.85
CA PRO B 17 21.68 -9.77 -65.90
C PRO B 17 23.16 -9.72 -65.60
N ARG B 18 23.53 -10.03 -64.37
CA ARG B 18 24.94 -10.05 -63.99
C ARG B 18 25.57 -11.40 -64.37
N LYS B 19 25.63 -11.65 -65.65
CA LYS B 19 26.21 -12.87 -66.17
C LYS B 19 27.62 -12.60 -66.66
N ARG B 20 28.36 -13.69 -66.86
CA ARG B 20 29.61 -13.62 -67.58
C ARG B 20 29.37 -13.14 -68.98
N SER B 21 30.30 -12.38 -69.50
CA SER B 21 30.17 -11.86 -70.83
C SER B 21 30.32 -12.98 -71.84
N SER B 22 29.52 -12.94 -72.89
CA SER B 22 29.60 -13.98 -73.89
C SER B 22 30.79 -13.78 -74.81
N ARG B 23 31.35 -12.60 -74.81
CA ARG B 23 32.49 -12.22 -75.60
C ARG B 23 33.64 -11.90 -74.66
N HIS B 24 34.79 -11.64 -75.25
CA HIS B 24 36.00 -11.38 -74.48
C HIS B 24 36.69 -10.15 -75.04
N ARG B 25 36.42 -9.83 -76.30
CA ARG B 25 37.08 -8.70 -76.90
C ARG B 25 36.49 -7.38 -76.40
N GLY B 26 35.17 -7.26 -76.39
CA GLY B 26 34.62 -5.96 -76.08
C GLY B 26 34.05 -5.33 -77.32
N LYS B 27 32.74 -5.18 -77.35
CA LYS B 27 32.01 -4.89 -78.56
C LYS B 27 31.56 -3.45 -78.60
N VAL B 28 31.89 -2.76 -79.70
CA VAL B 28 31.23 -1.50 -79.96
C VAL B 28 29.80 -1.80 -80.34
N LYS B 29 28.88 -1.23 -79.60
CA LYS B 29 27.47 -1.41 -79.89
C LYS B 29 26.88 -0.19 -80.55
N SER B 30 27.63 0.90 -80.60
CA SER B 30 27.16 2.16 -81.15
C SER B 30 28.38 2.95 -81.58
N PHE B 31 28.60 3.05 -82.87
CA PHE B 31 29.62 3.92 -83.42
C PHE B 31 29.11 5.33 -83.44
N PRO B 32 29.99 6.32 -83.59
CA PRO B 32 29.51 7.70 -83.75
C PRO B 32 28.65 7.91 -84.97
N LYS B 33 27.78 8.92 -84.87
CA LYS B 33 26.89 9.28 -85.94
C LYS B 33 27.67 9.86 -87.11
N ASP B 34 27.38 9.34 -88.30
CA ASP B 34 28.14 9.67 -89.48
C ASP B 34 27.56 10.93 -90.11
N ASP B 35 28.36 11.98 -90.20
CA ASP B 35 28.03 13.09 -91.07
C ASP B 35 29.07 13.23 -92.16
N PRO B 36 28.64 13.37 -93.41
CA PRO B 36 29.58 13.32 -94.53
C PRO B 36 30.34 14.61 -94.79
N SER B 37 30.07 15.67 -94.03
CA SER B 37 30.81 16.91 -94.20
C SER B 37 32.23 16.79 -93.69
N LYS B 38 32.48 15.86 -92.77
CA LYS B 38 33.78 15.65 -92.20
C LYS B 38 34.71 14.97 -93.21
N PRO B 39 36.01 14.96 -92.95
CA PRO B 39 36.90 14.05 -93.69
C PRO B 39 36.66 12.60 -93.31
N VAL B 40 37.36 11.73 -94.00
CA VAL B 40 37.20 10.29 -93.82
C VAL B 40 38.18 9.82 -92.76
N HIS B 41 37.69 9.05 -91.78
CA HIS B 41 38.50 8.70 -90.62
C HIS B 41 37.93 7.48 -89.93
N LEU B 42 38.80 6.73 -89.25
CA LEU B 42 38.37 5.61 -88.44
C LEU B 42 37.88 6.06 -87.08
N THR B 43 37.02 5.24 -86.46
CA THR B 43 36.34 5.63 -85.24
C THR B 43 36.76 4.85 -84.01
N ALA B 44 37.44 3.74 -84.15
CA ALA B 44 37.78 2.93 -83.00
C ALA B 44 39.19 2.44 -83.14
N PHE B 45 39.71 1.83 -82.07
CA PHE B 45 41.03 1.24 -82.10
C PHE B 45 41.09 0.21 -80.98
N LEU B 46 42.09 -0.64 -81.04
CA LEU B 46 42.15 -1.80 -80.16
C LEU B 46 43.53 -1.85 -79.53
N GLY B 47 43.61 -1.59 -78.23
CA GLY B 47 44.87 -1.67 -77.51
C GLY B 47 44.70 -2.54 -76.27
N TYR B 48 45.82 -2.78 -75.60
CA TYR B 48 45.84 -3.74 -74.50
C TYR B 48 46.24 -3.02 -73.24
N LYS B 49 45.64 -3.39 -72.11
CA LYS B 49 45.94 -2.71 -70.87
C LYS B 49 47.28 -3.17 -70.36
N ALA B 50 48.19 -2.24 -70.17
CA ALA B 50 49.53 -2.58 -69.72
C ALA B 50 49.69 -2.45 -68.22
N GLY B 51 49.18 -1.39 -67.63
CA GLY B 51 49.43 -1.12 -66.24
C GLY B 51 49.14 0.34 -65.97
N MET B 52 49.33 0.72 -64.72
CA MET B 52 49.07 2.08 -64.31
C MET B 52 50.31 2.71 -63.69
N THR B 53 50.42 4.02 -63.84
CA THR B 53 51.42 4.81 -63.15
C THR B 53 50.75 6.11 -62.75
N HIS B 54 51.53 7.11 -62.37
CA HIS B 54 50.94 8.40 -62.05
C HIS B 54 51.83 9.52 -62.55
N ILE B 55 51.22 10.67 -62.78
CA ILE B 55 51.87 11.78 -63.47
C ILE B 55 51.77 13.03 -62.62
N VAL B 56 52.50 14.07 -63.01
CA VAL B 56 52.37 15.40 -62.43
C VAL B 56 52.11 16.37 -63.57
N ARG B 57 51.16 17.26 -63.39
CA ARG B 57 50.92 18.29 -64.39
C ARG B 57 50.39 19.54 -63.72
N GLU B 58 50.43 20.65 -64.44
CA GLU B 58 49.93 21.91 -63.93
C GLU B 58 48.56 22.19 -64.54
N VAL B 59 47.63 22.63 -63.70
CA VAL B 59 46.23 22.73 -64.06
C VAL B 59 45.90 24.16 -64.46
N ASP B 60 45.18 24.32 -65.57
CA ASP B 60 44.58 25.59 -65.93
C ASP B 60 43.06 25.45 -65.82
N ARG B 61 42.56 25.64 -64.61
CA ARG B 61 41.13 25.84 -64.37
C ARG B 61 40.94 27.20 -63.73
N PRO B 62 40.60 28.22 -64.53
CA PRO B 62 40.45 29.58 -64.01
C PRO B 62 39.35 29.67 -62.97
N GLY B 63 39.72 30.08 -61.77
CA GLY B 63 38.78 30.21 -60.68
C GLY B 63 38.74 29.02 -59.75
N SER B 64 39.68 28.10 -59.85
CA SER B 64 39.67 26.88 -59.06
C SER B 64 40.76 26.92 -58.01
N LYS B 65 40.69 25.94 -57.12
CA LYS B 65 41.66 25.85 -56.05
C LYS B 65 42.98 25.30 -56.54
N VAL B 66 42.94 24.46 -57.57
CA VAL B 66 44.13 23.89 -58.15
C VAL B 66 44.63 24.69 -59.35
N ASN B 67 44.13 25.90 -59.55
CA ASN B 67 44.54 26.72 -60.67
C ASN B 67 46.01 27.12 -60.54
N LYS B 68 46.77 26.88 -61.61
CA LYS B 68 48.20 27.12 -61.70
C LYS B 68 48.98 26.37 -60.64
N LYS B 69 48.51 25.19 -60.26
CA LYS B 69 49.18 24.38 -59.26
C LYS B 69 49.41 22.99 -59.82
N GLU B 70 50.18 22.21 -59.08
CA GLU B 70 50.61 20.89 -59.52
C GLU B 70 49.73 19.84 -58.86
N VAL B 71 49.04 19.05 -59.67
CA VAL B 71 48.27 17.96 -59.13
C VAL B 71 48.91 16.67 -59.61
N VAL B 72 48.58 15.59 -58.92
CA VAL B 72 49.05 14.27 -59.26
C VAL B 72 47.85 13.48 -59.76
N GLU B 73 47.93 13.00 -60.98
CA GLU B 73 46.85 12.24 -61.57
C GLU B 73 47.31 10.81 -61.79
N ALA B 74 46.39 9.88 -61.63
CA ALA B 74 46.64 8.47 -61.87
C ALA B 74 46.28 8.12 -63.29
N VAL B 75 47.20 7.51 -64.02
CA VAL B 75 46.98 7.26 -65.43
C VAL B 75 47.02 5.76 -65.72
N THR B 76 46.59 5.40 -66.92
CA THR B 76 46.60 4.01 -67.37
C THR B 76 47.30 3.91 -68.72
N ILE B 77 48.30 3.05 -68.80
CA ILE B 77 48.99 2.82 -70.05
C ILE B 77 48.27 1.75 -70.83
N VAL B 78 47.90 2.07 -72.06
CA VAL B 78 47.28 1.13 -72.96
C VAL B 78 48.21 1.00 -74.15
N GLU B 79 48.70 -0.20 -74.41
CA GLU B 79 49.70 -0.39 -75.45
C GLU B 79 49.02 -0.68 -76.78
N THR B 80 49.32 0.14 -77.78
CA THR B 80 48.60 0.14 -79.05
C THR B 80 49.53 -0.01 -80.24
N PRO B 81 49.82 -1.24 -80.67
CA PRO B 81 50.54 -1.44 -81.92
C PRO B 81 49.65 -1.08 -83.09
N PRO B 82 50.21 -0.87 -84.28
CA PRO B 82 49.35 -0.50 -85.42
C PRO B 82 48.48 -1.66 -85.87
N MET B 83 47.22 -1.36 -86.16
CA MET B 83 46.32 -2.38 -86.64
C MET B 83 46.46 -2.54 -88.14
N VAL B 84 46.27 -3.76 -88.61
CA VAL B 84 46.42 -4.09 -90.02
C VAL B 84 45.03 -4.27 -90.60
N VAL B 85 44.71 -3.53 -91.66
CA VAL B 85 43.40 -3.57 -92.26
C VAL B 85 43.37 -4.65 -93.33
N VAL B 86 42.50 -5.65 -93.14
CA VAL B 86 42.45 -6.80 -94.03
C VAL B 86 41.10 -7.00 -94.68
N GLY B 87 40.11 -6.16 -94.42
CA GLY B 87 38.83 -6.44 -95.00
C GLY B 87 37.92 -5.23 -95.00
N ILE B 88 36.91 -5.28 -95.86
CA ILE B 88 35.86 -4.28 -95.95
C ILE B 88 34.53 -5.01 -95.93
N VAL B 89 33.57 -4.50 -95.17
CA VAL B 89 32.23 -5.05 -95.16
C VAL B 89 31.24 -3.89 -95.28
N GLY B 90 30.17 -4.10 -96.04
CA GLY B 90 29.21 -3.05 -96.30
C GLY B 90 27.86 -3.43 -95.74
N TYR B 91 27.17 -2.47 -95.17
CA TYR B 91 25.87 -2.73 -94.59
C TYR B 91 24.82 -1.94 -95.34
N VAL B 92 23.60 -2.46 -95.42
CA VAL B 92 22.52 -1.71 -96.01
C VAL B 92 21.45 -1.44 -94.97
N GLU B 93 20.79 -0.31 -95.11
CA GLU B 93 19.68 0.04 -94.24
C GLU B 93 18.46 -0.76 -94.63
N THR B 94 17.84 -1.41 -93.68
CA THR B 94 16.65 -2.20 -93.92
C THR B 94 15.57 -1.74 -92.96
N PRO B 95 14.31 -2.09 -93.22
CA PRO B 95 13.28 -1.89 -92.20
C PRO B 95 13.41 -2.81 -91.00
N ARG B 96 14.29 -3.80 -91.05
CA ARG B 96 14.55 -4.63 -89.89
C ARG B 96 15.94 -4.37 -89.31
N GLY B 97 16.49 -3.19 -89.53
CA GLY B 97 17.80 -2.92 -89.00
C GLY B 97 18.87 -2.63 -90.03
N LEU B 98 19.93 -3.41 -90.00
CA LEU B 98 21.08 -3.06 -90.81
C LEU B 98 21.82 -4.35 -91.16
N ARG B 99 21.41 -4.98 -92.24
CA ARG B 99 22.05 -6.25 -92.54
C ARG B 99 23.34 -6.02 -93.30
N THR B 100 24.22 -7.01 -93.21
CA THR B 100 25.50 -6.95 -93.89
C THR B 100 25.38 -7.38 -95.35
N PHE B 101 25.92 -6.58 -96.24
CA PHE B 101 25.64 -6.75 -97.65
C PHE B 101 26.67 -7.60 -98.37
N LYS B 102 27.95 -7.28 -98.23
CA LYS B 102 28.99 -7.93 -99.00
C LYS B 102 30.29 -7.73 -98.26
N THR B 103 31.14 -8.75 -98.23
CA THR B 103 32.39 -8.70 -97.53
C THR B 103 33.51 -9.02 -98.50
N VAL B 104 34.56 -8.19 -98.51
CA VAL B 104 35.73 -8.41 -99.34
C VAL B 104 36.96 -8.44 -98.46
N PHE B 105 37.79 -9.47 -98.62
CA PHE B 105 39.05 -9.56 -97.92
C PHE B 105 40.21 -9.24 -98.84
N ALA B 106 41.35 -9.00 -98.21
CA ALA B 106 42.54 -8.65 -98.94
C ALA B 106 43.18 -9.91 -99.51
N GLU B 107 44.25 -9.71 -100.26
CA GLU B 107 44.88 -10.85 -100.92
C GLU B 107 45.80 -11.59 -99.97
N HIS B 108 46.55 -10.87 -99.17
CA HIS B 108 47.52 -11.47 -98.26
C HIS B 108 47.09 -11.19 -96.83
N ILE B 109 46.49 -12.17 -96.21
CA ILE B 109 46.18 -12.12 -94.79
C ILE B 109 47.29 -12.87 -94.06
N SER B 110 47.83 -12.26 -93.01
CA SER B 110 48.96 -12.87 -92.34
C SER B 110 48.52 -14.01 -91.42
N ASP B 111 49.48 -14.83 -91.03
CA ASP B 111 49.20 -16.00 -90.21
C ASP B 111 48.71 -15.66 -88.82
N GLU B 112 49.08 -14.52 -88.26
CA GLU B 112 48.53 -14.16 -86.96
C GLU B 112 47.06 -13.81 -87.05
N CYS B 113 46.59 -13.37 -88.21
CA CYS B 113 45.16 -13.17 -88.39
C CYS B 113 44.48 -14.43 -88.84
N LYS B 114 45.15 -15.25 -89.66
CA LYS B 114 44.56 -16.53 -90.04
C LYS B 114 44.49 -17.50 -88.89
N ARG B 115 45.22 -17.23 -87.82
CA ARG B 115 45.16 -18.06 -86.64
C ARG B 115 43.84 -17.86 -85.90
N ARG B 116 43.16 -16.75 -86.14
CA ARG B 116 41.90 -16.44 -85.49
C ARG B 116 40.79 -17.37 -85.96
N PHE B 117 40.88 -17.88 -87.18
CA PHE B 117 39.79 -18.67 -87.72
C PHE B 117 39.79 -20.12 -87.25
N TYR B 118 40.77 -20.52 -86.46
CA TYR B 118 40.90 -21.90 -86.03
C TYR B 118 40.79 -22.01 -84.52
N LYS B 119 40.25 -23.13 -84.07
CA LYS B 119 40.32 -23.46 -82.65
C LYS B 119 41.61 -24.18 -82.29
N ASN B 120 42.16 -24.99 -83.19
CA ASN B 120 43.42 -25.68 -82.94
C ASN B 120 44.30 -25.45 -84.16
N TRP B 121 45.21 -24.47 -84.05
CA TRP B 121 46.15 -24.15 -85.11
C TRP B 121 47.14 -25.27 -85.35
N HIS B 122 47.47 -26.02 -84.30
CA HIS B 122 48.56 -26.97 -84.39
C HIS B 122 48.19 -28.21 -85.16
N LYS B 123 46.92 -28.59 -85.17
CA LYS B 123 46.50 -29.77 -85.90
C LYS B 123 45.94 -29.47 -87.27
N SER B 124 45.72 -28.22 -87.61
CA SER B 124 45.11 -27.88 -88.88
C SER B 124 46.12 -27.92 -90.01
N LYS B 125 45.61 -27.89 -91.23
CA LYS B 125 46.44 -27.82 -92.43
C LYS B 125 46.57 -26.41 -92.95
N LYS B 126 46.06 -25.43 -92.20
CA LYS B 126 46.25 -24.00 -92.46
C LYS B 126 45.65 -23.57 -93.80
N LYS B 127 44.41 -23.97 -94.04
CA LYS B 127 43.81 -23.86 -95.35
C LYS B 127 42.87 -22.68 -95.48
N ALA B 128 42.75 -21.82 -94.48
CA ALA B 128 41.76 -20.76 -94.52
C ALA B 128 42.16 -19.67 -95.51
N PHE B 129 41.17 -19.20 -96.29
CA PHE B 129 41.32 -18.20 -97.35
C PHE B 129 42.33 -18.61 -98.40
N THR B 130 42.46 -19.89 -98.69
CA THR B 130 43.40 -20.26 -99.73
C THR B 130 42.73 -20.35 -101.08
N LYS B 131 41.49 -20.82 -101.15
CA LYS B 131 40.75 -20.74 -102.39
C LYS B 131 40.22 -19.34 -102.63
N TYR B 132 40.20 -18.52 -101.59
CA TYR B 132 39.71 -17.16 -101.75
C TYR B 132 40.76 -16.26 -102.34
N CYS B 133 42.02 -16.41 -101.96
CA CYS B 133 43.03 -15.45 -102.36
C CYS B 133 43.36 -15.54 -103.84
N LYS B 134 43.04 -16.67 -104.47
CA LYS B 134 43.34 -16.86 -105.88
C LYS B 134 42.50 -15.99 -106.80
N LYS B 135 41.42 -15.41 -106.33
CA LYS B 135 40.64 -14.54 -107.19
C LYS B 135 41.13 -13.10 -107.18
N TRP B 136 42.19 -12.80 -106.45
CA TRP B 136 42.90 -11.56 -106.65
C TRP B 136 43.97 -11.67 -107.71
N GLN B 137 44.28 -12.87 -108.17
CA GLN B 137 45.25 -13.09 -109.21
C GLN B 137 44.61 -13.77 -110.41
N ASP B 138 43.32 -13.58 -110.57
CA ASP B 138 42.59 -14.28 -111.60
C ASP B 138 42.13 -13.22 -112.61
N GLU B 139 41.26 -13.61 -113.52
CA GLU B 139 40.56 -12.67 -114.38
C GLU B 139 39.06 -12.81 -114.24
N ASP B 140 38.55 -14.04 -114.26
CA ASP B 140 37.11 -14.25 -114.11
C ASP B 140 36.68 -14.02 -112.67
N GLY B 141 37.61 -14.18 -111.73
CA GLY B 141 37.34 -13.90 -110.33
C GLY B 141 37.73 -12.48 -109.98
N LYS B 142 38.66 -11.93 -110.74
CA LYS B 142 39.01 -10.51 -110.61
C LYS B 142 37.83 -9.62 -110.92
N LYS B 143 37.17 -9.85 -112.05
CA LYS B 143 35.99 -9.10 -112.43
C LYS B 143 34.84 -9.30 -111.46
N GLN B 144 34.83 -10.40 -110.71
CA GLN B 144 33.86 -10.54 -109.64
C GLN B 144 34.14 -9.57 -108.50
N LEU B 145 35.40 -9.22 -108.26
CA LEU B 145 35.73 -8.36 -107.13
C LEU B 145 35.27 -6.93 -107.35
N GLU B 146 35.54 -6.34 -108.51
CA GLU B 146 35.08 -4.97 -108.70
C GLU B 146 33.59 -4.87 -108.97
N LYS B 147 32.92 -5.95 -109.33
CA LYS B 147 31.46 -5.92 -109.25
C LYS B 147 31.00 -5.94 -107.81
N ASP B 148 31.77 -6.57 -106.92
CA ASP B 148 31.42 -6.55 -105.52
C ASP B 148 31.86 -5.28 -104.82
N PHE B 149 32.72 -4.47 -105.42
CA PHE B 149 32.94 -3.15 -104.85
C PHE B 149 31.92 -2.16 -105.33
N SER B 150 31.61 -2.19 -106.63
CA SER B 150 30.71 -1.20 -107.20
C SER B 150 29.27 -1.41 -106.77
N SER B 151 28.85 -2.66 -106.57
CA SER B 151 27.54 -2.88 -105.97
C SER B 151 27.53 -2.42 -104.53
N MET B 152 28.62 -2.67 -103.81
CA MET B 152 28.78 -2.12 -102.48
C MET B 152 28.89 -0.60 -102.50
N LYS B 153 29.30 -0.03 -103.63
CA LYS B 153 29.33 1.42 -103.76
C LYS B 153 27.94 1.99 -103.98
N LYS B 154 27.02 1.23 -104.56
CA LYS B 154 25.74 1.80 -104.95
C LYS B 154 24.59 1.36 -104.07
N TYR B 155 24.83 0.50 -103.10
CA TYR B 155 23.76 0.09 -102.20
C TYR B 155 24.06 0.40 -100.75
N CYS B 156 25.30 0.20 -100.31
CA CYS B 156 25.61 0.29 -98.90
C CYS B 156 25.60 1.72 -98.42
N GLN B 157 25.18 1.90 -97.18
CA GLN B 157 25.24 3.18 -96.51
C GLN B 157 26.29 3.23 -95.43
N VAL B 158 26.59 2.09 -94.83
CA VAL B 158 27.56 2.00 -93.75
C VAL B 158 28.73 1.18 -94.28
N ILE B 159 29.94 1.68 -94.08
CA ILE B 159 31.10 0.87 -94.41
C ILE B 159 31.88 0.65 -93.13
N ARG B 160 32.47 -0.52 -93.04
CA ARG B 160 33.23 -0.93 -91.87
C ARG B 160 34.45 -1.66 -92.37
N VAL B 161 35.58 -1.31 -91.90
CA VAL B 161 36.75 -2.04 -92.30
C VAL B 161 37.02 -3.13 -91.28
N ILE B 162 37.60 -4.21 -91.74
CA ILE B 162 37.94 -5.32 -90.89
C ILE B 162 39.43 -5.26 -90.65
N ALA B 163 39.83 -4.97 -89.43
CA ALA B 163 41.22 -4.78 -89.09
C ALA B 163 41.61 -5.75 -88.01
N HIS B 164 42.91 -5.97 -87.86
CA HIS B 164 43.37 -6.82 -86.78
C HIS B 164 44.63 -6.29 -86.17
N THR B 165 44.85 -6.66 -84.93
CA THR B 165 46.07 -6.33 -84.25
C THR B 165 47.17 -7.26 -84.71
N GLN B 166 48.38 -7.00 -84.26
CA GLN B 166 49.51 -7.84 -84.60
C GLN B 166 50.24 -8.24 -83.31
N MET B 167 49.97 -9.46 -82.88
CA MET B 167 50.31 -9.91 -81.54
C MET B 167 51.79 -10.20 -81.37
N ARG B 168 52.54 -10.30 -82.45
CA ARG B 168 53.95 -10.58 -82.34
C ARG B 168 54.77 -9.37 -81.91
N LEU B 169 54.16 -8.20 -81.77
CA LEU B 169 54.81 -7.03 -81.22
C LEU B 169 54.50 -6.86 -79.75
N LEU B 170 53.77 -7.77 -79.19
CA LEU B 170 53.34 -7.71 -77.81
C LEU B 170 54.06 -8.78 -77.01
N PRO B 171 54.28 -8.55 -75.73
CA PRO B 171 55.09 -9.50 -74.95
C PRO B 171 54.30 -10.67 -74.39
N LEU B 172 53.11 -10.89 -74.92
CA LEU B 172 52.13 -11.78 -74.36
C LEU B 172 52.32 -13.20 -74.88
N ARG B 173 51.66 -14.15 -74.22
CA ARG B 173 51.71 -15.53 -74.66
C ARG B 173 50.91 -15.74 -75.92
N GLN B 174 49.85 -14.97 -76.11
CA GLN B 174 48.93 -15.18 -77.20
C GLN B 174 49.56 -14.78 -78.53
N LYS B 175 49.32 -15.59 -79.55
CA LYS B 175 49.74 -15.28 -80.90
C LYS B 175 48.55 -15.01 -81.80
N LYS B 176 47.39 -15.55 -81.46
CA LYS B 176 46.15 -15.33 -82.17
C LYS B 176 45.72 -13.88 -82.06
N ALA B 177 45.56 -13.20 -83.20
CA ALA B 177 45.22 -11.79 -83.17
C ALA B 177 43.74 -11.60 -82.90
N HIS B 178 43.34 -10.35 -82.72
CA HIS B 178 41.96 -10.00 -82.49
C HIS B 178 41.43 -9.25 -83.70
N LEU B 179 40.37 -9.76 -84.30
CA LEU B 179 39.72 -9.06 -85.39
C LEU B 179 38.70 -8.06 -84.85
N MET B 180 38.41 -7.06 -85.66
CA MET B 180 37.47 -6.02 -85.27
C MET B 180 36.90 -5.40 -86.52
N GLU B 181 35.62 -5.03 -86.48
CA GLU B 181 35.04 -4.15 -87.47
C GLU B 181 35.07 -2.74 -86.92
N ILE B 182 35.73 -1.84 -87.63
CA ILE B 182 35.86 -0.45 -87.25
C ILE B 182 35.18 0.37 -88.34
N GLN B 183 34.15 1.14 -88.01
CA GLN B 183 33.46 1.76 -89.13
C GLN B 183 34.11 3.08 -89.48
N VAL B 184 33.84 3.52 -90.69
CA VAL B 184 34.49 4.66 -91.29
C VAL B 184 33.48 5.77 -91.39
N ASN B 185 33.69 6.86 -90.67
CA ASN B 185 32.79 7.99 -90.81
C ASN B 185 33.37 9.00 -91.77
N GLY B 186 32.51 9.94 -92.18
CA GLY B 186 32.93 11.03 -93.03
C GLY B 186 32.84 10.74 -94.51
N GLY B 187 32.50 11.74 -95.30
CA GLY B 187 32.44 11.59 -96.74
C GLY B 187 31.25 10.79 -97.22
N THR B 188 31.11 10.74 -98.53
CA THR B 188 30.12 9.86 -99.13
C THR B 188 30.62 8.43 -99.11
N VAL B 189 29.72 7.51 -99.47
CA VAL B 189 30.02 6.09 -99.43
C VAL B 189 31.09 5.74 -100.45
N ALA B 190 30.99 6.32 -101.65
CA ALA B 190 32.03 6.13 -102.65
C ALA B 190 33.35 6.75 -102.21
N GLU B 191 33.29 7.81 -101.42
CA GLU B 191 34.50 8.45 -100.93
C GLU B 191 35.15 7.64 -99.82
N LYS B 192 34.36 7.01 -98.96
CA LYS B 192 34.94 6.24 -97.89
C LYS B 192 35.26 4.82 -98.30
N LEU B 193 34.88 4.41 -99.50
CA LEU B 193 35.18 3.07 -99.98
C LEU B 193 36.57 2.99 -100.60
N ASP B 194 36.90 3.92 -101.51
CA ASP B 194 38.20 3.86 -102.12
C ASP B 194 39.30 4.38 -101.19
N TRP B 195 38.94 5.10 -100.14
CA TRP B 195 39.86 5.30 -99.04
C TRP B 195 40.25 3.98 -98.43
N ALA B 196 39.28 3.14 -98.16
CA ALA B 196 39.53 1.86 -97.51
C ALA B 196 40.22 0.87 -98.42
N ARG B 197 40.09 1.02 -99.74
CA ARG B 197 40.82 0.10 -100.61
C ARG B 197 42.29 0.45 -100.69
N GLU B 198 42.63 1.73 -100.52
CA GLU B 198 44.03 2.10 -100.41
C GLU B 198 44.64 1.59 -99.12
N ARG B 199 43.86 1.59 -98.04
CA ARG B 199 44.36 1.13 -96.75
C ARG B 199 44.43 -0.37 -96.65
N LEU B 200 43.97 -1.08 -97.67
CA LEU B 200 43.86 -2.52 -97.57
C LEU B 200 45.23 -3.15 -97.65
N GLU B 201 45.46 -4.13 -96.78
CA GLU B 201 46.69 -4.82 -96.41
C GLU B 201 47.67 -3.97 -95.60
N GLN B 202 47.37 -2.70 -95.34
CA GLN B 202 48.36 -1.83 -94.76
C GLN B 202 48.13 -1.64 -93.27
N GLN B 203 49.01 -0.85 -92.67
CA GLN B 203 49.01 -0.64 -91.24
C GLN B 203 48.42 0.71 -90.91
N VAL B 204 47.68 0.76 -89.81
CA VAL B 204 47.12 2.01 -89.33
C VAL B 204 47.69 2.33 -87.96
N PRO B 205 48.51 3.35 -87.83
CA PRO B 205 48.97 3.75 -86.50
C PRO B 205 47.88 4.44 -85.72
N VAL B 206 48.02 4.40 -84.39
CA VAL B 206 46.97 4.89 -83.50
C VAL B 206 46.88 6.41 -83.50
N ASN B 207 47.94 7.12 -83.83
CA ASN B 207 47.85 8.57 -83.88
C ASN B 207 47.17 9.09 -85.14
N GLN B 208 46.80 8.21 -86.06
CA GLN B 208 45.94 8.57 -87.16
C GLN B 208 44.48 8.33 -86.84
N VAL B 209 44.16 7.91 -85.63
CA VAL B 209 42.79 7.81 -85.16
C VAL B 209 42.51 8.80 -84.05
N PHE B 210 43.38 8.82 -83.04
CA PHE B 210 43.16 9.67 -81.89
C PHE B 210 44.16 10.81 -81.86
N GLY B 211 43.73 11.94 -81.29
CA GLY B 211 44.59 13.08 -81.11
C GLY B 211 44.98 13.21 -79.65
N GLN B 212 45.87 14.16 -79.41
CA GLN B 212 46.17 14.57 -78.05
C GLN B 212 44.93 15.16 -77.43
N ASP B 213 44.77 14.88 -76.14
CA ASP B 213 43.77 15.39 -75.17
C ASP B 213 42.36 15.58 -75.73
N GLU B 214 41.82 14.46 -76.17
CA GLU B 214 40.41 14.34 -76.46
C GLU B 214 39.83 13.24 -75.59
N MET B 215 38.53 13.33 -75.33
CA MET B 215 37.88 12.35 -74.48
C MET B 215 37.29 11.25 -75.32
N ILE B 216 37.61 10.01 -74.94
CA ILE B 216 37.22 8.82 -75.68
C ILE B 216 36.48 7.90 -74.74
N ASP B 217 35.86 6.88 -75.30
CA ASP B 217 35.16 5.86 -74.55
C ASP B 217 36.00 4.60 -74.56
N VAL B 218 35.94 3.84 -73.48
CA VAL B 218 36.71 2.62 -73.33
C VAL B 218 35.75 1.50 -73.07
N ILE B 219 35.80 0.49 -73.92
CA ILE B 219 34.90 -0.63 -73.86
C ILE B 219 35.73 -1.85 -73.51
N GLY B 220 35.21 -2.72 -72.67
CA GLY B 220 35.94 -3.93 -72.37
C GLY B 220 35.15 -4.81 -71.44
N VAL B 221 35.81 -5.85 -70.97
CA VAL B 221 35.24 -6.81 -70.04
C VAL B 221 35.95 -6.62 -68.70
N THR B 222 35.19 -6.47 -67.63
CA THR B 222 35.75 -6.21 -66.31
C THR B 222 36.51 -7.40 -65.78
N LYS B 223 37.13 -7.21 -64.63
CA LYS B 223 37.92 -8.24 -64.00
C LYS B 223 37.02 -9.25 -63.31
N GLY B 224 37.20 -10.53 -63.62
CA GLY B 224 36.31 -11.55 -63.15
C GLY B 224 36.60 -11.96 -61.73
N LYS B 225 35.55 -12.06 -60.92
CA LYS B 225 35.70 -12.39 -59.52
C LYS B 225 35.11 -13.73 -59.16
N GLY B 226 34.39 -14.37 -60.06
CA GLY B 226 33.83 -15.67 -59.78
C GLY B 226 32.49 -15.62 -59.10
N TYR B 227 32.17 -16.60 -58.28
CA TYR B 227 30.86 -16.72 -57.67
C TYR B 227 30.91 -15.99 -56.33
N LYS B 228 30.08 -14.99 -56.15
CA LYS B 228 30.09 -14.19 -54.95
C LYS B 228 28.69 -14.09 -54.38
N GLY B 229 28.62 -14.05 -53.07
CA GLY B 229 27.36 -13.87 -52.39
C GLY B 229 26.91 -12.44 -52.41
N VAL B 230 25.78 -12.18 -51.77
CA VAL B 230 25.08 -10.93 -51.99
C VAL B 230 25.77 -9.75 -51.33
N THR B 231 26.65 -9.99 -50.38
CA THR B 231 27.32 -8.88 -49.72
C THR B 231 28.42 -8.31 -50.61
N SER B 232 29.10 -9.15 -51.34
CA SER B 232 30.07 -8.61 -52.28
C SER B 232 29.42 -8.20 -53.59
N ARG B 233 28.50 -9.00 -54.10
CA ARG B 233 27.95 -8.77 -55.43
C ARG B 233 27.01 -7.58 -55.46
N TRP B 234 26.29 -7.34 -54.39
CA TRP B 234 25.30 -6.28 -54.36
C TRP B 234 25.46 -5.29 -53.24
N HIS B 235 26.42 -5.49 -52.33
CA HIS B 235 26.76 -4.56 -51.28
C HIS B 235 25.62 -4.34 -50.31
N THR B 236 25.01 -5.45 -49.91
CA THR B 236 23.97 -5.42 -48.92
C THR B 236 24.54 -5.38 -47.51
N LYS B 237 23.74 -4.88 -46.59
CA LYS B 237 24.12 -4.77 -45.19
C LYS B 237 24.27 -6.15 -44.60
N LYS B 238 25.36 -6.37 -43.88
CA LYS B 238 25.54 -7.63 -43.21
C LYS B 238 24.61 -7.73 -42.02
N LEU B 239 24.14 -8.92 -41.77
CA LEU B 239 23.28 -9.17 -40.65
C LEU B 239 24.13 -9.18 -39.38
N PRO B 240 23.52 -8.98 -38.18
CA PRO B 240 24.35 -8.90 -36.96
C PRO B 240 25.08 -10.17 -36.58
N ARG B 241 25.89 -10.10 -35.53
CA ARG B 241 26.78 -11.18 -35.15
C ARG B 241 25.99 -12.40 -34.68
N LYS B 242 24.85 -12.16 -34.05
CA LYS B 242 24.06 -13.23 -33.46
C LYS B 242 22.92 -13.66 -34.40
N THR B 243 23.28 -14.17 -35.56
CA THR B 243 22.31 -14.64 -36.52
C THR B 243 22.57 -16.12 -36.77
N HIS B 244 21.56 -16.95 -36.52
CA HIS B 244 21.66 -18.37 -36.79
C HIS B 244 21.60 -18.62 -38.28
N ARG B 245 22.36 -19.63 -38.72
CA ARG B 245 22.51 -20.02 -40.13
C ARG B 245 23.10 -18.91 -40.98
N GLY B 246 23.94 -18.06 -40.42
CA GLY B 246 24.77 -17.22 -41.23
C GLY B 246 24.26 -15.79 -41.35
N LEU B 247 25.15 -14.90 -41.76
CA LEU B 247 24.83 -13.48 -41.75
C LEU B 247 25.17 -12.73 -43.04
N ARG B 248 26.04 -13.22 -43.90
CA ARG B 248 26.33 -12.56 -45.17
C ARG B 248 25.22 -12.89 -46.16
N LYS B 249 24.03 -12.36 -45.90
CA LYS B 249 22.82 -12.71 -46.63
C LYS B 249 21.91 -11.51 -46.75
N VAL B 250 20.89 -11.67 -47.57
CA VAL B 250 19.74 -10.80 -47.62
C VAL B 250 18.62 -11.48 -46.86
N ALA B 251 18.08 -10.80 -45.85
CA ALA B 251 17.24 -11.49 -44.89
C ALA B 251 15.86 -11.80 -45.46
N CYS B 252 15.23 -10.86 -46.14
CA CYS B 252 13.93 -11.08 -46.76
C CYS B 252 14.05 -10.94 -48.26
N ILE B 253 13.55 -11.92 -49.00
CA ILE B 253 13.70 -11.90 -50.44
C ILE B 253 12.34 -11.70 -51.09
N GLY B 254 11.44 -11.05 -50.40
CA GLY B 254 10.12 -10.78 -50.94
C GLY B 254 9.03 -11.02 -49.93
N ALA B 255 7.89 -10.40 -50.18
CA ALA B 255 6.73 -10.53 -49.32
C ALA B 255 6.02 -11.85 -49.61
N TRP B 256 4.85 -12.08 -48.98
CA TRP B 256 4.04 -13.23 -49.34
C TRP B 256 3.51 -13.07 -50.75
N HIS B 257 2.76 -12.05 -50.98
CA HIS B 257 2.24 -11.83 -52.29
C HIS B 257 2.95 -10.67 -52.95
N PRO B 258 3.41 -10.81 -54.20
CA PRO B 258 3.32 -11.87 -55.22
C PRO B 258 4.03 -13.13 -54.79
N ALA B 259 3.46 -14.29 -55.05
CA ALA B 259 4.02 -15.51 -54.47
C ALA B 259 5.22 -16.02 -55.23
N ARG B 260 6.22 -15.15 -55.44
CA ARG B 260 7.33 -15.36 -56.34
C ARG B 260 8.44 -14.42 -55.92
N VAL B 261 9.67 -14.78 -56.25
CA VAL B 261 10.80 -13.90 -56.02
C VAL B 261 10.92 -12.99 -57.22
N ALA B 262 11.04 -11.69 -56.99
CA ALA B 262 11.15 -10.81 -58.13
C ALA B 262 12.57 -10.73 -58.62
N PHE B 263 12.73 -10.25 -59.84
CA PHE B 263 14.02 -10.15 -60.51
C PHE B 263 14.89 -9.05 -59.93
N SER B 264 14.32 -8.20 -59.08
CA SER B 264 15.00 -7.03 -58.56
C SER B 264 15.68 -7.28 -57.24
N VAL B 265 15.45 -8.41 -56.64
CA VAL B 265 16.06 -8.73 -55.36
C VAL B 265 17.47 -9.25 -55.60
N ALA B 266 18.40 -8.79 -54.76
CA ALA B 266 19.79 -9.25 -54.78
C ALA B 266 19.91 -10.73 -54.51
N ARG B 267 20.57 -11.45 -55.40
CA ARG B 267 20.80 -12.89 -55.27
C ARG B 267 22.28 -13.16 -55.45
N ALA B 268 22.71 -14.37 -55.10
CA ALA B 268 24.14 -14.66 -55.22
C ALA B 268 24.43 -15.12 -56.64
N GLY B 269 25.69 -15.09 -57.02
CA GLY B 269 26.03 -15.50 -58.36
C GLY B 269 27.33 -14.86 -58.83
N GLN B 270 27.43 -14.71 -60.13
CA GLN B 270 28.66 -14.29 -60.78
C GLN B 270 28.95 -12.83 -60.54
N LYS B 271 30.16 -12.52 -60.10
CA LYS B 271 30.61 -11.14 -59.99
C LYS B 271 31.80 -10.90 -60.89
N GLY B 272 31.77 -9.81 -61.62
CA GLY B 272 32.86 -9.50 -62.50
C GLY B 272 32.77 -10.26 -63.79
N TYR B 273 33.72 -9.95 -64.66
CA TYR B 273 33.79 -10.41 -66.04
C TYR B 273 32.50 -10.06 -66.78
N HIS B 274 32.07 -8.82 -66.61
CA HIS B 274 30.92 -8.28 -67.32
C HIS B 274 31.43 -7.25 -68.32
N HIS B 275 30.77 -7.17 -69.45
CA HIS B 275 31.09 -6.16 -70.44
C HIS B 275 30.63 -4.78 -69.97
N ARG B 276 31.51 -3.79 -69.98
CA ARG B 276 31.14 -2.46 -69.51
C ARG B 276 31.75 -1.41 -70.42
N THR B 277 31.03 -0.33 -70.61
CA THR B 277 31.42 0.76 -71.50
C THR B 277 31.45 2.03 -70.67
N GLU B 278 32.63 2.54 -70.39
CA GLU B 278 32.72 3.80 -69.69
C GLU B 278 33.33 4.87 -70.57
N ILE B 279 32.86 6.10 -70.35
CA ILE B 279 33.06 7.19 -71.29
C ILE B 279 33.88 8.26 -70.64
N ASN B 280 34.26 9.25 -71.45
CA ASN B 280 34.92 10.48 -71.04
C ASN B 280 36.21 10.22 -70.29
N LYS B 281 37.00 9.31 -70.83
CA LYS B 281 38.39 9.15 -70.42
C LYS B 281 39.24 10.06 -71.30
N LYS B 282 39.94 11.00 -70.70
CA LYS B 282 40.76 11.92 -71.45
C LYS B 282 42.12 11.31 -71.78
N ILE B 283 42.57 11.48 -73.02
CA ILE B 283 43.90 11.07 -73.41
C ILE B 283 44.93 12.05 -72.85
N TYR B 284 45.96 11.55 -72.20
CA TYR B 284 47.01 12.44 -71.74
C TYR B 284 48.24 12.45 -72.61
N LYS B 285 48.57 11.33 -73.23
CA LYS B 285 49.74 11.30 -74.09
C LYS B 285 49.53 10.19 -75.09
N ILE B 286 49.91 10.44 -76.33
CA ILE B 286 50.09 9.39 -77.32
C ILE B 286 51.58 9.17 -77.43
N GLY B 287 52.05 8.04 -76.89
CA GLY B 287 53.46 7.79 -76.81
C GLY B 287 53.99 7.03 -78.00
N GLN B 288 55.24 7.28 -78.31
CA GLN B 288 55.91 6.67 -79.43
C GLN B 288 56.69 5.45 -78.99
N GLY B 289 56.71 4.42 -79.83
CA GLY B 289 57.40 3.20 -79.49
C GLY B 289 58.90 3.32 -79.60
N TYR B 290 59.57 2.23 -79.21
CA TYR B 290 61.01 2.15 -79.38
C TYR B 290 61.31 2.07 -80.86
N LEU B 291 62.04 3.02 -81.38
CA LEU B 291 62.49 2.93 -82.75
C LEU B 291 64.00 2.95 -82.78
N ILE B 292 64.57 2.15 -83.66
CA ILE B 292 66.02 2.07 -83.85
C ILE B 292 66.38 3.09 -84.94
N LYS B 293 67.17 4.10 -84.57
CA LYS B 293 67.31 5.24 -85.46
C LYS B 293 68.73 5.39 -86.00
N ASP B 294 69.71 5.69 -85.17
CA ASP B 294 71.08 5.76 -85.66
C ASP B 294 71.86 4.56 -85.16
N GLY B 295 71.44 3.35 -85.51
CA GLY B 295 72.14 2.19 -84.96
C GLY B 295 71.83 1.81 -83.53
N LYS B 296 71.67 2.79 -82.64
CA LYS B 296 71.19 2.60 -81.29
C LYS B 296 69.82 3.26 -81.14
N LEU B 297 68.98 2.63 -80.32
CA LEU B 297 67.57 2.96 -80.29
C LEU B 297 67.30 4.15 -79.39
N ILE B 298 66.43 5.02 -79.83
CA ILE B 298 65.98 6.11 -78.98
C ILE B 298 64.79 5.63 -78.16
N LYS B 299 64.97 5.69 -76.85
CA LYS B 299 64.05 5.15 -75.85
C LYS B 299 63.87 6.25 -74.81
N ASN B 300 63.01 7.21 -75.10
CA ASN B 300 62.71 8.26 -74.15
C ASN B 300 61.26 8.68 -74.24
N ASN B 301 60.36 7.72 -74.35
CA ASN B 301 58.98 8.10 -74.54
C ASN B 301 58.24 8.44 -73.26
N ALA B 302 58.90 8.46 -72.11
CA ALA B 302 58.32 9.05 -70.91
C ALA B 302 58.98 10.35 -70.53
N SER B 303 59.78 10.91 -71.41
CA SER B 303 60.37 12.20 -71.14
C SER B 303 59.37 13.30 -71.39
N THR B 304 59.55 14.41 -70.69
CA THR B 304 58.79 15.61 -70.98
C THR B 304 59.77 16.70 -71.42
N ASP B 305 59.23 17.88 -71.65
CA ASP B 305 60.08 19.06 -71.81
C ASP B 305 60.45 19.70 -70.48
N TYR B 306 60.06 19.09 -69.37
CA TYR B 306 60.46 19.54 -68.06
C TYR B 306 61.36 18.55 -67.36
N ASP B 307 61.44 17.32 -67.84
CA ASP B 307 62.19 16.25 -67.20
C ASP B 307 63.48 15.93 -67.94
N LEU B 308 63.39 15.71 -69.26
CA LEU B 308 64.53 15.56 -70.17
C LEU B 308 65.40 14.36 -69.85
N SER B 309 64.88 13.45 -69.04
CA SER B 309 65.59 12.23 -68.73
C SER B 309 65.44 11.26 -69.89
N ASP B 310 66.37 10.34 -70.00
CA ASP B 310 66.32 9.39 -71.10
C ASP B 310 65.67 8.10 -70.62
N LYS B 311 64.40 8.21 -70.23
CA LYS B 311 63.71 7.07 -69.66
C LYS B 311 62.47 6.72 -70.48
N SER B 312 62.17 5.43 -70.52
CA SER B 312 60.99 4.94 -71.20
C SER B 312 59.81 4.96 -70.24
N ILE B 313 58.65 4.58 -70.75
CA ILE B 313 57.45 4.54 -69.93
C ILE B 313 57.46 3.34 -69.00
N ASN B 314 58.39 2.44 -69.20
CA ASN B 314 58.48 1.26 -68.40
C ASN B 314 59.02 1.59 -67.02
N PRO B 315 58.37 1.14 -65.96
CA PRO B 315 58.98 1.23 -64.65
C PRO B 315 60.15 0.26 -64.56
N LEU B 316 60.97 0.44 -63.52
CA LEU B 316 62.07 -0.48 -63.27
C LEU B 316 61.54 -1.86 -62.98
N GLY B 317 62.08 -2.86 -63.67
CA GLY B 317 61.59 -4.20 -63.53
C GLY B 317 60.42 -4.55 -64.42
N GLY B 318 59.92 -3.59 -65.19
CA GLY B 318 58.82 -3.85 -66.09
C GLY B 318 57.47 -3.70 -65.43
N PHE B 319 56.43 -3.69 -66.25
CA PHE B 319 55.07 -3.71 -65.74
C PHE B 319 54.74 -5.07 -65.17
N VAL B 320 54.11 -5.07 -64.01
CA VAL B 320 53.94 -6.29 -63.24
C VAL B 320 52.80 -7.08 -63.87
N HIS B 321 53.06 -8.37 -64.11
CA HIS B 321 52.24 -9.33 -64.84
C HIS B 321 52.02 -8.96 -66.29
N TYR B 322 52.71 -7.96 -66.82
CA TYR B 322 52.51 -7.62 -68.22
C TYR B 322 53.75 -7.87 -69.06
N GLY B 323 54.86 -7.25 -68.74
CA GLY B 323 55.98 -7.21 -69.66
C GLY B 323 56.43 -5.78 -69.84
N GLU B 324 56.97 -5.45 -70.99
CA GLU B 324 57.43 -4.11 -71.25
C GLU B 324 56.80 -3.60 -72.54
N VAL B 325 56.66 -2.30 -72.63
CA VAL B 325 55.93 -1.64 -73.70
C VAL B 325 56.98 -1.05 -74.64
N THR B 326 57.17 -1.73 -75.76
CA THR B 326 58.10 -1.29 -76.78
C THR B 326 57.40 -0.63 -77.96
N ASN B 327 56.08 -0.61 -77.96
CA ASN B 327 55.29 -0.11 -79.07
C ASN B 327 54.66 1.21 -78.68
N ASP B 328 53.82 1.74 -79.56
CA ASP B 328 53.13 2.98 -79.29
C ASP B 328 52.12 2.78 -78.17
N PHE B 329 51.90 3.83 -77.40
CA PHE B 329 50.97 3.66 -76.30
C PHE B 329 50.09 4.88 -76.18
N VAL B 330 49.03 4.71 -75.41
CA VAL B 330 48.07 5.75 -75.09
C VAL B 330 48.05 5.86 -73.57
N MET B 331 48.11 7.07 -73.06
CA MET B 331 48.06 7.32 -71.63
C MET B 331 46.73 7.98 -71.32
N LEU B 332 45.81 7.21 -70.75
CA LEU B 332 44.48 7.66 -70.38
C LEU B 332 44.43 8.10 -68.93
N LYS B 333 43.56 9.05 -68.62
CA LYS B 333 43.43 9.46 -67.23
C LYS B 333 42.48 8.53 -66.50
N GLY B 334 42.98 7.90 -65.45
CA GLY B 334 42.16 7.12 -64.56
C GLY B 334 42.27 5.63 -64.79
N CYS B 335 41.27 4.93 -64.31
CA CYS B 335 41.23 3.49 -64.38
C CYS B 335 40.28 3.03 -65.46
N VAL B 336 40.57 1.88 -66.06
CA VAL B 336 39.77 1.29 -67.11
C VAL B 336 39.47 -0.15 -66.71
N VAL B 337 38.47 -0.73 -67.36
CA VAL B 337 38.02 -2.07 -67.00
C VAL B 337 39.05 -3.13 -67.39
N GLY B 338 39.03 -4.24 -66.67
CA GLY B 338 39.75 -5.42 -67.05
C GLY B 338 41.05 -5.59 -66.30
N THR B 339 41.59 -6.79 -66.41
CA THR B 339 42.89 -7.10 -65.83
C THR B 339 44.00 -6.44 -66.65
N LYS B 340 45.24 -6.66 -66.24
CA LYS B 340 46.35 -6.44 -67.14
C LYS B 340 46.27 -7.46 -68.25
N LYS B 341 46.83 -7.08 -69.40
CA LYS B 341 46.80 -7.81 -70.67
C LYS B 341 45.39 -7.92 -71.24
N ARG B 342 44.42 -7.17 -70.75
CA ARG B 342 43.07 -7.23 -71.31
C ARG B 342 43.03 -6.43 -72.60
N VAL B 343 42.39 -6.97 -73.64
CA VAL B 343 42.18 -6.19 -74.84
C VAL B 343 41.07 -5.17 -74.59
N LEU B 344 41.38 -3.90 -74.82
CA LEU B 344 40.44 -2.82 -74.64
C LEU B 344 40.02 -2.30 -75.98
N THR B 345 38.74 -2.04 -76.13
CA THR B 345 38.24 -1.36 -77.30
C THR B 345 38.05 0.09 -76.92
N LEU B 346 38.67 0.98 -77.65
CA LEU B 346 38.60 2.39 -77.34
C LEU B 346 38.12 3.12 -78.58
N ARG B 347 36.96 3.72 -78.49
CA ARG B 347 36.35 4.40 -79.61
C ARG B 347 36.17 5.87 -79.30
N LYS B 348 36.04 6.66 -80.36
CA LYS B 348 35.72 8.07 -80.23
C LYS B 348 34.34 8.24 -79.60
N SER B 349 34.15 9.39 -78.96
CA SER B 349 32.96 9.52 -78.16
C SER B 349 31.75 9.88 -79.01
N LEU B 350 30.58 9.53 -78.49
CA LEU B 350 29.31 9.76 -79.16
C LEU B 350 28.75 11.14 -78.89
N LEU B 351 29.36 11.91 -78.01
CA LEU B 351 28.83 13.18 -77.56
C LEU B 351 29.61 14.31 -78.20
N VAL B 352 29.09 15.52 -78.05
CA VAL B 352 29.81 16.72 -78.43
C VAL B 352 30.39 17.32 -77.15
N GLN B 353 31.71 17.40 -77.10
CA GLN B 353 32.40 17.78 -75.88
C GLN B 353 32.41 19.30 -75.76
N THR B 354 31.61 19.83 -74.84
CA THR B 354 31.48 21.27 -74.68
C THR B 354 31.88 21.75 -73.30
N LYS B 355 32.14 20.87 -72.36
CA LYS B 355 32.50 21.30 -71.02
C LYS B 355 33.91 21.86 -71.02
N ARG B 356 34.22 22.58 -69.95
CA ARG B 356 35.54 23.17 -69.87
C ARG B 356 36.58 22.12 -69.50
N ARG B 357 36.16 21.09 -68.75
CA ARG B 357 37.07 20.02 -68.39
C ARG B 357 37.35 19.12 -69.60
N ALA B 358 36.40 18.99 -70.50
CA ALA B 358 36.62 18.16 -71.68
C ALA B 358 37.52 18.83 -72.70
N LEU B 359 37.63 20.16 -72.67
CA LEU B 359 38.42 20.90 -73.65
C LEU B 359 39.72 21.41 -73.07
N GLU B 360 40.21 20.81 -72.01
CA GLU B 360 41.41 21.31 -71.36
C GLU B 360 42.64 20.80 -72.11
N LYS B 361 43.47 21.73 -72.57
CA LYS B 361 44.77 21.36 -73.09
C LYS B 361 45.66 21.00 -71.92
N ILE B 362 46.23 19.81 -71.93
CA ILE B 362 47.07 19.39 -70.84
C ILE B 362 48.54 19.54 -71.25
N ASP B 363 49.41 19.46 -70.26
CA ASP B 363 50.85 19.55 -70.49
C ASP B 363 51.53 18.81 -69.36
N LEU B 364 52.06 17.63 -69.65
CA LEU B 364 52.64 16.79 -68.63
C LEU B 364 53.97 17.35 -68.16
N LYS B 365 54.28 17.09 -66.91
CA LYS B 365 55.45 17.64 -66.28
C LYS B 365 56.35 16.56 -65.69
N PHE B 366 55.80 15.46 -65.21
CA PHE B 366 56.61 14.37 -64.70
C PHE B 366 55.82 13.08 -64.85
N ILE B 367 56.49 12.01 -65.24
CA ILE B 367 55.89 10.68 -65.32
C ILE B 367 56.66 9.75 -64.42
N ASP B 368 55.97 9.16 -63.44
CA ASP B 368 56.61 8.27 -62.50
C ASP B 368 57.00 6.96 -63.17
N THR B 369 58.19 6.46 -62.84
CA THR B 369 58.69 5.19 -63.35
C THR B 369 59.33 4.38 -62.24
N THR B 370 58.94 4.61 -61.00
CA THR B 370 59.35 3.73 -59.92
C THR B 370 58.77 2.35 -60.12
N SER B 371 59.46 1.35 -59.58
CA SER B 371 59.04 -0.02 -59.70
C SER B 371 57.71 -0.24 -58.99
N LYS B 372 56.78 -0.85 -59.70
CA LYS B 372 55.47 -1.10 -59.12
C LYS B 372 55.42 -2.46 -58.45
N PHE B 373 56.52 -3.18 -58.49
CA PHE B 373 56.67 -4.49 -57.86
C PHE B 373 57.27 -4.30 -56.47
N GLY B 374 56.58 -3.54 -55.64
CA GLY B 374 57.05 -3.17 -54.32
C GLY B 374 57.09 -1.66 -54.20
N HIS B 375 57.66 -1.18 -53.11
CA HIS B 375 57.81 0.25 -52.93
C HIS B 375 59.08 0.67 -53.63
N GLY B 376 58.94 1.08 -54.89
CA GLY B 376 60.09 1.57 -55.61
C GLY B 376 60.51 2.94 -55.13
N ARG B 377 61.81 3.19 -55.20
CA ARG B 377 62.39 4.45 -54.76
C ARG B 377 63.09 5.20 -55.87
N PHE B 378 63.36 4.57 -57.00
CA PHE B 378 64.29 5.12 -57.97
C PHE B 378 63.68 5.14 -59.34
N GLN B 379 63.73 6.32 -59.97
CA GLN B 379 63.03 6.54 -61.22
C GLN B 379 63.72 5.83 -62.37
N THR B 380 65.04 5.77 -62.37
CA THR B 380 65.77 5.10 -63.44
C THR B 380 66.74 4.11 -62.85
N MET B 381 67.44 3.42 -63.73
CA MET B 381 68.49 2.50 -63.33
C MET B 381 69.77 3.25 -63.02
N GLU B 382 70.05 4.29 -63.81
CA GLU B 382 71.25 5.09 -63.63
C GLU B 382 71.16 5.99 -62.42
N GLU B 383 69.96 6.24 -61.91
CA GLU B 383 69.81 6.97 -60.66
C GLU B 383 70.13 6.09 -59.48
N LYS B 384 69.58 4.88 -59.48
CA LYS B 384 69.76 3.95 -58.38
C LYS B 384 71.22 3.55 -58.23
N LYS B 385 71.92 3.40 -59.34
CA LYS B 385 73.32 3.05 -59.27
C LYS B 385 74.17 4.21 -58.80
N ALA B 386 73.80 5.43 -59.17
CA ALA B 386 74.57 6.58 -58.75
C ALA B 386 74.33 6.96 -57.31
N PHE B 387 73.25 6.48 -56.69
CA PHE B 387 72.92 6.75 -55.31
C PHE B 387 73.49 5.68 -54.39
N MET B 388 73.24 4.42 -54.73
CA MET B 388 73.64 3.31 -53.88
C MET B 388 75.14 3.15 -53.86
N GLY B 389 75.81 3.35 -54.99
CA GLY B 389 77.23 3.18 -55.07
C GLY B 389 77.58 1.82 -55.61
N PRO B 390 78.88 1.49 -55.65
CA PRO B 390 79.29 0.16 -56.10
C PRO B 390 78.99 -0.91 -55.06
N LEU B 391 78.21 -1.90 -55.45
CA LEU B 391 77.82 -2.97 -54.55
C LEU B 391 78.90 -4.04 -54.51
N LYS B 392 78.63 -5.13 -53.81
CA LYS B 392 79.58 -6.23 -53.73
C LYS B 392 79.58 -7.05 -55.00
N LYS B 393 78.42 -7.27 -55.60
CA LYS B 393 78.35 -8.16 -56.75
C LYS B 393 78.82 -7.51 -58.04
N ASP B 394 79.13 -6.23 -58.03
CA ASP B 394 79.73 -5.60 -59.19
C ASP B 394 81.23 -5.79 -59.24
N ARG B 395 81.89 -5.67 -58.10
CA ARG B 395 83.35 -5.59 -58.04
C ARG B 395 84.03 -6.95 -58.14
N ILE B 396 83.31 -8.01 -58.53
CA ILE B 396 83.92 -9.31 -58.72
C ILE B 396 84.71 -9.39 -60.04
N MET F 1 -63.94 -90.79 -52.57
CA MET F 1 -63.51 -92.15 -52.86
C MET F 1 -63.13 -92.32 -54.34
N ALA F 2 -63.80 -91.57 -55.21
CA ALA F 2 -63.92 -91.89 -56.64
C ALA F 2 -62.60 -91.66 -57.38
N CYS F 3 -61.64 -92.55 -57.10
CA CYS F 3 -60.41 -92.63 -57.87
C CYS F 3 -60.00 -94.10 -57.77
N ALA F 4 -60.40 -94.89 -58.77
CA ALA F 4 -60.34 -96.34 -58.67
C ALA F 4 -58.90 -96.82 -58.69
N ARG F 5 -58.61 -97.82 -57.87
CA ARG F 5 -57.25 -98.26 -57.64
C ARG F 5 -56.99 -99.53 -58.41
N PRO F 6 -56.03 -99.55 -59.31
CA PRO F 6 -55.80 -100.74 -60.13
C PRO F 6 -55.23 -101.93 -59.39
N LEU F 7 -55.01 -103.00 -60.14
CA LEU F 7 -54.56 -104.28 -59.61
C LEU F 7 -53.19 -104.59 -60.17
N ILE F 8 -52.24 -104.91 -59.30
CA ILE F 8 -50.83 -104.89 -59.64
C ILE F 8 -50.23 -106.27 -59.45
N SER F 9 -49.47 -106.73 -60.44
CA SER F 9 -48.93 -108.07 -60.42
C SER F 9 -47.68 -108.17 -59.57
N VAL F 10 -47.54 -109.29 -58.90
CA VAL F 10 -46.36 -109.57 -58.09
C VAL F 10 -45.44 -110.45 -58.90
N TYR F 11 -44.24 -109.97 -59.17
CA TYR F 11 -43.30 -110.66 -60.03
C TYR F 11 -42.47 -111.65 -59.26
N SER F 12 -42.20 -112.80 -59.88
CA SER F 12 -41.38 -113.82 -59.28
C SER F 12 -39.92 -113.40 -59.32
N GLU F 13 -39.08 -114.17 -58.65
CA GLU F 13 -37.66 -113.84 -58.63
C GLU F 13 -36.98 -114.11 -59.96
N LYS F 14 -37.63 -114.86 -60.86
CA LYS F 14 -37.14 -115.04 -62.21
C LYS F 14 -37.61 -113.94 -63.15
N GLY F 15 -38.36 -112.97 -62.65
CA GLY F 15 -38.67 -111.79 -63.39
C GLY F 15 -40.05 -111.75 -63.99
N GLU F 16 -40.66 -112.90 -64.24
CA GLU F 16 -41.98 -112.90 -64.85
C GLU F 16 -43.05 -112.87 -63.77
N SER F 17 -44.27 -112.54 -64.19
CA SER F 17 -45.38 -112.45 -63.26
C SER F 17 -45.74 -113.84 -62.75
N SER F 18 -46.30 -113.87 -61.54
CA SER F 18 -46.45 -115.11 -60.81
C SER F 18 -47.91 -115.41 -60.47
N GLY F 19 -48.85 -114.68 -61.04
CA GLY F 19 -50.26 -114.93 -60.84
C GLY F 19 -50.89 -114.15 -59.71
N LYS F 20 -50.13 -113.81 -58.68
CA LYS F 20 -50.68 -113.07 -57.56
C LYS F 20 -50.93 -111.62 -57.96
N ASN F 21 -51.80 -110.96 -57.20
CA ASN F 21 -52.22 -109.60 -57.51
C ASN F 21 -52.57 -108.87 -56.24
N VAL F 22 -51.72 -108.00 -55.79
CA VAL F 22 -52.08 -107.07 -54.75
C VAL F 22 -52.79 -105.91 -55.41
N THR F 23 -53.81 -105.37 -54.76
CA THR F 23 -54.40 -104.13 -55.25
C THR F 23 -53.58 -102.95 -54.76
N LEU F 24 -53.53 -101.92 -55.56
CA LEU F 24 -52.68 -100.77 -55.29
C LEU F 24 -53.18 -100.02 -54.06
N PRO F 25 -52.35 -99.86 -53.04
CA PRO F 25 -52.80 -99.18 -51.82
C PRO F 25 -53.07 -97.72 -52.08
N ALA F 26 -53.90 -97.16 -51.20
CA ALA F 26 -54.40 -95.81 -51.36
C ALA F 26 -53.34 -94.75 -51.18
N VAL F 27 -52.14 -95.08 -50.71
CA VAL F 27 -51.14 -94.05 -50.52
C VAL F 27 -50.61 -93.56 -51.85
N PHE F 28 -50.76 -94.34 -52.91
CA PHE F 28 -50.26 -93.98 -54.21
C PHE F 28 -51.21 -93.09 -54.99
N LYS F 29 -52.36 -92.78 -54.42
CA LYS F 29 -53.26 -91.78 -54.97
C LYS F 29 -53.33 -90.55 -54.08
N ALA F 30 -52.42 -90.41 -53.12
CA ALA F 30 -52.31 -89.23 -52.30
C ALA F 30 -51.92 -88.01 -53.15
N PRO F 31 -52.12 -86.80 -52.66
CA PRO F 31 -51.67 -85.63 -53.40
C PRO F 31 -50.17 -85.55 -53.49
N ILE F 32 -49.67 -85.10 -54.62
CA ILE F 32 -48.24 -84.96 -54.83
C ILE F 32 -47.89 -83.49 -54.64
N ARG F 33 -47.19 -83.19 -53.56
CA ARG F 33 -46.93 -81.83 -53.13
C ARG F 33 -45.42 -81.66 -53.10
N PRO F 34 -44.80 -81.27 -54.21
CA PRO F 34 -43.33 -81.08 -54.19
C PRO F 34 -42.88 -79.93 -53.34
N ASP F 35 -43.75 -78.99 -52.98
CA ASP F 35 -43.33 -77.94 -52.06
C ASP F 35 -43.31 -78.41 -50.63
N ILE F 36 -44.19 -79.33 -50.26
CA ILE F 36 -44.10 -79.91 -48.93
C ILE F 36 -42.89 -80.81 -48.84
N VAL F 37 -42.59 -81.51 -49.93
CA VAL F 37 -41.43 -82.38 -49.96
C VAL F 37 -40.15 -81.57 -49.87
N ASN F 38 -40.12 -80.41 -50.52
CA ASN F 38 -38.92 -79.57 -50.42
C ASN F 38 -38.79 -78.98 -49.04
N PHE F 39 -39.90 -78.53 -48.47
CA PHE F 39 -39.86 -77.90 -47.15
C PHE F 39 -39.42 -78.88 -46.08
N VAL F 40 -39.95 -80.09 -46.14
CA VAL F 40 -39.64 -81.06 -45.10
C VAL F 40 -38.25 -81.61 -45.28
N HIS F 41 -37.81 -81.80 -46.52
CA HIS F 41 -36.45 -82.24 -46.75
C HIS F 41 -35.44 -81.16 -46.41
N THR F 42 -35.76 -79.89 -46.64
CA THR F 42 -34.87 -78.80 -46.23
C THR F 42 -34.69 -78.80 -44.73
N ASN F 43 -35.76 -79.06 -44.01
CA ASN F 43 -35.72 -78.92 -42.57
C ASN F 43 -35.37 -80.19 -41.85
N LEU F 44 -35.66 -81.34 -42.40
CA LEU F 44 -35.18 -82.54 -41.74
C LEU F 44 -33.74 -82.84 -42.07
N ARG F 45 -33.21 -82.33 -43.16
CA ARG F 45 -31.81 -82.61 -43.42
C ARG F 45 -30.90 -81.74 -42.57
N LYS F 46 -31.44 -80.78 -41.87
CA LYS F 46 -30.61 -80.02 -40.96
C LYS F 46 -30.30 -80.78 -39.69
N ASN F 47 -31.09 -81.79 -39.33
CA ASN F 47 -30.95 -82.36 -38.01
C ASN F 47 -29.82 -83.38 -37.89
N ASN F 48 -29.10 -83.70 -38.95
CA ASN F 48 -27.96 -84.59 -38.79
C ASN F 48 -26.64 -83.85 -38.70
N ARG F 49 -26.67 -82.54 -38.58
CA ARG F 49 -25.45 -81.77 -38.59
C ARG F 49 -24.77 -81.79 -37.24
N GLN F 50 -23.46 -81.73 -37.26
CA GLN F 50 -22.68 -81.52 -36.04
C GLN F 50 -22.28 -80.07 -35.93
N PRO F 51 -22.14 -79.52 -34.74
CA PRO F 51 -21.80 -78.12 -34.60
C PRO F 51 -20.36 -77.85 -35.02
N TYR F 52 -20.13 -76.64 -35.47
CA TYR F 52 -18.79 -76.15 -35.70
C TYR F 52 -18.71 -74.74 -35.14
N ALA F 53 -17.57 -74.41 -34.57
CA ALA F 53 -17.37 -73.12 -33.94
C ALA F 53 -15.89 -72.85 -33.89
N VAL F 54 -15.54 -71.58 -33.88
CA VAL F 54 -14.15 -71.20 -33.72
C VAL F 54 -13.87 -71.15 -32.22
N SER F 55 -12.59 -71.09 -31.86
CA SER F 55 -12.21 -71.13 -30.47
C SER F 55 -12.58 -69.82 -29.78
N GLU F 56 -13.03 -69.94 -28.53
CA GLU F 56 -13.49 -68.80 -27.75
C GLU F 56 -12.35 -67.86 -27.40
N LEU F 57 -11.13 -68.36 -27.42
CA LEU F 57 -9.97 -67.62 -27.02
C LEU F 57 -9.18 -67.10 -28.20
N ALA F 58 -9.55 -67.47 -29.42
CA ALA F 58 -8.76 -67.17 -30.60
C ALA F 58 -8.79 -65.68 -30.87
N GLY F 59 -7.61 -65.09 -30.99
CA GLY F 59 -7.50 -63.68 -31.19
C GLY F 59 -7.52 -62.84 -29.95
N HIS F 60 -7.64 -63.44 -28.77
CA HIS F 60 -7.65 -62.67 -27.55
C HIS F 60 -6.58 -63.05 -26.56
N GLN F 61 -5.76 -64.03 -26.85
CA GLN F 61 -4.71 -64.40 -25.92
C GLN F 61 -3.41 -63.68 -26.22
N THR F 62 -3.56 -62.36 -26.32
CA THR F 62 -2.46 -61.44 -26.47
C THR F 62 -2.76 -60.24 -25.59
N SER F 63 -1.72 -59.59 -25.14
CA SER F 63 -1.86 -58.36 -24.38
C SER F 63 -1.66 -57.23 -25.37
N ALA F 64 -2.64 -56.35 -25.49
CA ALA F 64 -2.55 -55.35 -26.53
C ALA F 64 -3.31 -54.12 -26.11
N GLU F 65 -2.71 -52.98 -26.41
CA GLU F 65 -3.26 -51.71 -26.02
C GLU F 65 -3.20 -50.81 -27.24
N SER F 66 -4.16 -49.91 -27.34
CA SER F 66 -4.02 -48.83 -28.30
C SER F 66 -2.90 -47.90 -27.89
N TRP F 67 -2.34 -47.19 -28.86
CA TRP F 67 -1.26 -46.29 -28.54
C TRP F 67 -1.71 -44.87 -28.29
N GLY F 68 -2.81 -44.44 -28.87
CA GLY F 68 -3.20 -43.06 -28.78
C GLY F 68 -2.95 -42.34 -30.09
N THR F 69 -2.86 -41.01 -30.01
CA THR F 69 -2.80 -40.17 -31.19
C THR F 69 -1.53 -39.34 -31.27
N GLY F 70 -0.57 -39.51 -30.39
CA GLY F 70 0.63 -38.74 -30.59
C GLY F 70 1.47 -39.37 -31.68
N ARG F 71 1.49 -40.68 -31.67
CA ARG F 71 2.10 -41.48 -32.70
C ARG F 71 1.30 -41.31 -33.99
N ALA F 72 1.98 -41.36 -35.13
CA ALA F 72 1.28 -41.16 -36.39
C ALA F 72 0.84 -42.46 -37.03
N VAL F 73 0.21 -43.33 -36.23
CA VAL F 73 -0.26 -44.62 -36.68
C VAL F 73 -1.74 -44.67 -36.37
N ALA F 74 -2.41 -45.68 -36.90
CA ALA F 74 -3.83 -45.83 -36.63
C ALA F 74 -4.08 -46.22 -35.18
N ARG F 75 -5.30 -45.99 -34.72
CA ARG F 75 -5.62 -46.15 -33.31
C ARG F 75 -6.04 -47.56 -32.96
N ILE F 76 -5.70 -48.55 -33.76
CA ILE F 76 -5.99 -49.95 -33.50
C ILE F 76 -5.13 -50.41 -32.33
N PRO F 77 -5.50 -51.43 -31.56
CA PRO F 77 -4.61 -51.91 -30.51
C PRO F 77 -3.41 -52.63 -31.07
N ARG F 78 -2.33 -52.60 -30.32
CA ARG F 78 -1.04 -53.06 -30.81
C ARG F 78 -0.38 -53.93 -29.76
N VAL F 79 0.30 -54.97 -30.23
CA VAL F 79 0.99 -55.91 -29.34
C VAL F 79 2.12 -55.21 -28.63
N ARG F 80 2.32 -55.53 -27.36
CA ARG F 80 3.22 -54.79 -26.51
C ARG F 80 4.57 -55.48 -26.41
N GLY F 81 5.52 -54.78 -25.79
CA GLY F 81 6.83 -55.33 -25.54
C GLY F 81 7.81 -54.84 -26.60
N GLY F 82 8.82 -55.66 -26.87
CA GLY F 82 9.76 -55.35 -27.93
C GLY F 82 10.41 -56.63 -28.37
N GLY F 83 11.28 -56.49 -29.37
CA GLY F 83 12.26 -57.50 -29.64
C GLY F 83 11.90 -58.52 -30.69
N THR F 84 10.65 -58.58 -31.09
CA THR F 84 10.22 -59.50 -32.13
C THR F 84 9.46 -58.72 -33.18
N HIS F 85 9.11 -59.40 -34.28
CA HIS F 85 8.32 -58.74 -35.31
C HIS F 85 6.93 -58.45 -34.85
N ARG F 86 6.47 -59.19 -33.87
CA ARG F 86 5.11 -59.06 -33.36
C ARG F 86 4.91 -57.75 -32.61
N SER F 87 5.96 -57.14 -32.08
CA SER F 87 5.79 -56.05 -31.14
C SER F 87 5.37 -54.77 -31.85
N GLY F 88 4.32 -54.16 -31.36
CA GLY F 88 3.82 -52.95 -31.96
C GLY F 88 3.11 -53.15 -33.27
N GLN F 89 2.45 -54.28 -33.46
CA GLN F 89 1.67 -54.47 -34.67
C GLN F 89 0.26 -54.86 -34.27
N GLY F 90 -0.70 -54.67 -35.18
CA GLY F 90 -2.08 -54.52 -34.78
C GLY F 90 -2.71 -55.82 -34.29
N ALA F 91 -3.73 -55.69 -33.45
CA ALA F 91 -4.29 -56.81 -32.72
C ALA F 91 -5.79 -56.64 -32.58
N PHE F 92 -6.44 -57.74 -32.21
CA PHE F 92 -7.82 -57.84 -31.71
C PHE F 92 -8.94 -57.52 -32.69
N GLY F 93 -8.66 -56.88 -33.81
CA GLY F 93 -9.70 -56.46 -34.71
C GLY F 93 -9.99 -57.54 -35.71
N ASN F 94 -11.09 -57.38 -36.43
CA ASN F 94 -11.32 -58.34 -37.49
C ASN F 94 -10.48 -58.05 -38.72
N MET F 95 -9.92 -56.86 -38.82
CA MET F 95 -9.11 -56.50 -39.97
C MET F 95 -7.64 -56.68 -39.73
N CYS F 96 -7.25 -57.07 -38.53
CA CYS F 96 -5.86 -57.28 -38.18
C CYS F 96 -5.47 -58.71 -38.50
N ARG F 97 -4.27 -58.87 -39.05
CA ARG F 97 -3.68 -60.17 -39.25
C ARG F 97 -3.48 -60.90 -37.93
N GLY F 98 -4.05 -62.07 -37.81
CA GLY F 98 -3.99 -62.79 -36.56
C GLY F 98 -4.95 -62.29 -35.51
N GLY F 99 -6.01 -61.60 -35.89
CA GLY F 99 -6.98 -61.10 -34.94
C GLY F 99 -8.18 -62.01 -34.79
N ARG F 100 -9.08 -61.59 -33.91
CA ARG F 100 -10.37 -62.24 -33.78
C ARG F 100 -11.16 -62.04 -35.06
N MET F 101 -11.96 -63.03 -35.43
CA MET F 101 -12.87 -62.81 -36.55
C MET F 101 -14.07 -62.01 -36.11
N PHE F 102 -14.82 -61.50 -37.08
CA PHE F 102 -16.05 -60.81 -36.77
C PHE F 102 -17.15 -61.79 -36.46
N ALA F 103 -17.81 -61.56 -35.32
CA ALA F 103 -18.91 -62.34 -34.79
C ALA F 103 -18.51 -63.80 -34.81
N PRO F 104 -17.65 -64.24 -33.89
CA PRO F 104 -17.15 -65.60 -33.96
C PRO F 104 -18.28 -66.60 -33.85
N THR F 105 -18.19 -67.62 -34.66
CA THR F 105 -19.21 -68.66 -34.70
C THR F 105 -19.32 -69.34 -33.35
N LYS F 106 -20.50 -69.28 -32.78
CA LYS F 106 -20.75 -69.87 -31.48
C LYS F 106 -21.22 -71.28 -31.68
N THR F 107 -21.18 -72.06 -30.63
CA THR F 107 -21.66 -73.42 -30.77
C THR F 107 -23.15 -73.53 -30.54
N TRP F 108 -23.79 -72.51 -29.98
CA TRP F 108 -25.22 -72.57 -29.81
C TRP F 108 -25.98 -71.87 -30.93
N ARG F 109 -25.58 -72.13 -32.15
CA ARG F 109 -26.41 -71.81 -33.28
C ARG F 109 -27.58 -72.79 -33.29
N ARG F 110 -28.70 -72.41 -33.88
CA ARG F 110 -29.83 -73.33 -33.84
C ARG F 110 -29.65 -74.28 -35.02
N TRP F 111 -29.03 -75.41 -34.74
CA TRP F 111 -28.67 -76.35 -35.80
C TRP F 111 -29.86 -77.15 -36.27
N HIS F 112 -30.80 -77.43 -35.38
CA HIS F 112 -31.83 -78.42 -35.58
C HIS F 112 -33.19 -77.77 -35.78
N ARG F 113 -33.98 -78.39 -36.63
CA ARG F 113 -35.33 -77.93 -36.94
C ARG F 113 -36.32 -79.01 -36.61
N ARG F 114 -37.46 -78.62 -36.06
CA ARG F 114 -38.55 -79.54 -35.86
C ARG F 114 -39.61 -79.26 -36.89
N VAL F 115 -40.21 -80.34 -37.39
CA VAL F 115 -41.30 -80.28 -38.35
C VAL F 115 -42.47 -80.95 -37.68
N ASN F 116 -43.69 -80.50 -37.98
CA ASN F 116 -44.87 -81.12 -37.42
C ASN F 116 -45.02 -82.53 -37.93
N THR F 117 -45.66 -83.36 -37.12
CA THR F 117 -45.78 -84.77 -37.46
C THR F 117 -46.71 -84.99 -38.64
N THR F 118 -47.78 -84.22 -38.75
CA THR F 118 -48.64 -84.33 -39.91
C THR F 118 -47.94 -83.84 -41.16
N GLN F 119 -47.06 -82.86 -41.04
CA GLN F 119 -46.31 -82.44 -42.21
C GLN F 119 -45.26 -83.45 -42.61
N LYS F 120 -44.68 -84.19 -41.66
CA LYS F 120 -43.71 -85.20 -42.05
C LYS F 120 -44.37 -86.42 -42.65
N ARG F 121 -45.59 -86.73 -42.25
CA ARG F 121 -46.29 -87.88 -42.79
C ARG F 121 -46.82 -87.62 -44.18
N TYR F 122 -47.15 -86.37 -44.46
CA TYR F 122 -47.65 -85.95 -45.75
C TYR F 122 -46.53 -85.74 -46.75
N ALA F 123 -45.31 -85.58 -46.29
CA ALA F 123 -44.22 -85.63 -47.23
C ALA F 123 -43.95 -87.06 -47.66
N ILE F 124 -44.22 -88.03 -46.79
CA ILE F 124 -44.04 -89.43 -47.18
C ILE F 124 -45.06 -89.85 -48.20
N CYS F 125 -46.33 -89.57 -47.94
CA CYS F 125 -47.41 -89.95 -48.84
C CYS F 125 -47.27 -89.28 -50.19
N SER F 126 -46.80 -88.05 -50.22
CA SER F 126 -46.55 -87.39 -51.49
C SER F 126 -45.34 -87.99 -52.19
N ALA F 127 -44.40 -88.56 -51.44
CA ALA F 127 -43.23 -89.18 -52.06
C ALA F 127 -43.52 -90.59 -52.53
N LEU F 128 -44.38 -91.33 -51.82
CA LEU F 128 -44.75 -92.65 -52.31
C LEU F 128 -45.64 -92.55 -53.52
N ALA F 129 -46.53 -91.58 -53.55
CA ALA F 129 -47.44 -91.46 -54.68
C ALA F 129 -46.75 -90.91 -55.91
N ALA F 130 -45.63 -90.22 -55.75
CA ALA F 130 -44.92 -89.73 -56.91
C ALA F 130 -44.06 -90.80 -57.55
N SER F 131 -43.83 -91.91 -56.87
CA SER F 131 -43.00 -92.97 -57.39
C SER F 131 -43.81 -94.07 -58.03
N ALA F 132 -45.12 -93.92 -58.13
CA ALA F 132 -45.93 -94.79 -58.96
C ALA F 132 -46.18 -94.22 -60.33
N LEU F 133 -45.60 -93.07 -60.65
CA LEU F 133 -45.78 -92.45 -61.94
C LEU F 133 -44.52 -92.57 -62.76
N PRO F 134 -44.55 -93.16 -63.95
CA PRO F 134 -43.32 -93.36 -64.72
C PRO F 134 -42.69 -92.08 -65.20
N ALA F 135 -43.45 -91.02 -65.38
CA ALA F 135 -42.87 -89.75 -65.80
C ALA F 135 -42.01 -89.14 -64.72
N LEU F 136 -42.48 -89.16 -63.48
CA LEU F 136 -41.72 -88.54 -62.40
C LEU F 136 -40.52 -89.37 -62.02
N VAL F 137 -40.59 -90.69 -62.17
CA VAL F 137 -39.44 -91.52 -61.86
C VAL F 137 -38.38 -91.37 -62.93
N MET F 138 -38.79 -91.30 -64.19
CA MET F 138 -37.79 -91.14 -65.25
C MET F 138 -37.19 -89.76 -65.25
N SER F 139 -37.96 -88.74 -64.85
CA SER F 139 -37.42 -87.40 -64.78
C SER F 139 -36.45 -87.25 -63.64
N LYS F 140 -36.48 -88.14 -62.69
CA LYS F 140 -35.44 -88.23 -61.69
C LYS F 140 -34.22 -88.97 -62.23
N GLY F 141 -34.31 -89.52 -63.42
CA GLY F 141 -33.13 -89.99 -64.12
C GLY F 141 -32.90 -91.46 -64.05
N HIS F 142 -33.88 -92.23 -63.63
CA HIS F 142 -33.70 -93.66 -63.49
C HIS F 142 -33.94 -94.37 -64.80
N ARG F 143 -33.36 -95.54 -64.93
CA ARG F 143 -33.39 -96.31 -66.16
C ARG F 143 -34.44 -97.39 -66.00
N ILE F 144 -35.69 -97.03 -66.21
CA ILE F 144 -36.79 -97.96 -66.04
C ILE F 144 -37.50 -98.24 -67.35
N GLU F 145 -36.82 -98.08 -68.47
CA GLU F 145 -37.47 -98.27 -69.76
C GLU F 145 -37.75 -99.73 -70.08
N GLU F 146 -37.20 -100.65 -69.30
CA GLU F 146 -37.48 -102.06 -69.44
C GLU F 146 -38.06 -102.68 -68.19
N VAL F 147 -38.35 -101.88 -67.17
CA VAL F 147 -39.01 -102.33 -65.94
C VAL F 147 -40.43 -102.76 -66.28
N PRO F 148 -40.89 -103.92 -65.80
CA PRO F 148 -42.18 -104.43 -66.25
C PRO F 148 -43.39 -103.67 -65.76
N GLU F 149 -43.32 -103.02 -64.60
CA GLU F 149 -44.50 -102.42 -63.99
C GLU F 149 -44.07 -101.51 -62.86
N LEU F 150 -44.74 -100.37 -62.72
CA LEU F 150 -44.57 -99.51 -61.57
C LEU F 150 -45.88 -99.45 -60.79
N PRO F 151 -45.87 -99.65 -59.48
CA PRO F 151 -44.79 -100.02 -58.57
C PRO F 151 -44.34 -101.44 -58.75
N LEU F 152 -43.04 -101.66 -58.67
CA LEU F 152 -42.48 -102.97 -58.93
C LEU F 152 -42.51 -103.79 -57.66
N VAL F 153 -43.22 -104.91 -57.67
CA VAL F 153 -43.39 -105.74 -56.50
C VAL F 153 -42.84 -107.12 -56.79
N VAL F 154 -41.87 -107.53 -55.99
CA VAL F 154 -41.29 -108.86 -56.09
C VAL F 154 -41.72 -109.61 -54.84
N GLU F 155 -41.58 -110.93 -54.87
CA GLU F 155 -42.22 -111.72 -53.84
C GLU F 155 -41.24 -112.12 -52.74
N ASP F 156 -41.78 -112.55 -51.61
CA ASP F 156 -41.09 -112.56 -50.32
C ASP F 156 -40.01 -113.63 -50.19
N LYS F 157 -39.73 -114.41 -51.23
CA LYS F 157 -38.52 -115.20 -51.27
C LYS F 157 -37.29 -114.32 -51.23
N VAL F 158 -37.40 -113.09 -51.73
CA VAL F 158 -36.28 -112.16 -51.83
C VAL F 158 -35.75 -111.80 -50.46
N GLU F 159 -36.62 -111.69 -49.47
CA GLU F 159 -36.21 -111.26 -48.14
C GLU F 159 -35.31 -112.24 -47.43
N GLY F 160 -35.22 -113.48 -47.89
CA GLY F 160 -34.31 -114.42 -47.29
C GLY F 160 -33.09 -114.71 -48.13
N TYR F 161 -32.73 -113.79 -49.02
CA TYR F 161 -31.49 -113.94 -49.77
C TYR F 161 -30.27 -113.83 -48.87
N LYS F 162 -29.18 -114.44 -49.29
CA LYS F 162 -27.96 -114.45 -48.51
C LYS F 162 -26.76 -113.88 -49.25
N LYS F 163 -26.55 -114.28 -50.49
CA LYS F 163 -25.35 -113.91 -51.21
C LYS F 163 -25.61 -112.77 -52.18
N THR F 164 -24.54 -112.08 -52.55
CA THR F 164 -24.66 -110.96 -53.47
C THR F 164 -24.81 -111.44 -54.90
N LYS F 165 -24.41 -112.67 -55.19
CA LYS F 165 -24.59 -113.24 -56.53
C LYS F 165 -26.06 -113.41 -56.86
N GLU F 166 -26.84 -113.95 -55.93
CA GLU F 166 -28.27 -114.11 -56.19
C GLU F 166 -29.01 -112.79 -56.09
N ALA F 167 -28.37 -111.79 -55.51
CA ALA F 167 -28.93 -110.46 -55.37
C ALA F 167 -28.85 -109.71 -56.68
N VAL F 168 -27.66 -109.70 -57.28
CA VAL F 168 -27.43 -109.06 -58.57
C VAL F 168 -28.23 -109.74 -59.66
N LEU F 169 -28.34 -111.07 -59.58
CA LEU F 169 -29.11 -111.81 -60.56
C LEU F 169 -30.60 -111.48 -60.48
N LEU F 170 -31.07 -111.07 -59.31
CA LEU F 170 -32.46 -110.61 -59.21
C LEU F 170 -32.66 -109.30 -59.95
N LEU F 171 -31.73 -108.36 -59.79
CA LEU F 171 -31.87 -107.07 -60.44
C LEU F 171 -31.71 -107.15 -61.95
N LYS F 172 -30.99 -108.14 -62.46
CA LYS F 172 -30.86 -108.27 -63.90
C LYS F 172 -32.14 -108.81 -64.50
N LYS F 173 -32.81 -109.73 -63.80
CA LYS F 173 -34.02 -110.33 -64.35
C LYS F 173 -35.20 -109.37 -64.31
N LEU F 174 -35.22 -108.47 -63.34
CA LEU F 174 -36.25 -107.45 -63.24
C LEU F 174 -35.90 -106.21 -64.03
N LYS F 175 -34.84 -106.26 -64.83
CA LYS F 175 -34.38 -105.19 -65.71
C LYS F 175 -34.01 -103.93 -64.94
N ALA F 176 -33.70 -104.06 -63.67
CA ALA F 176 -33.27 -102.95 -62.83
C ALA F 176 -31.77 -102.88 -62.72
N TRP F 177 -31.07 -103.38 -63.72
CA TRP F 177 -29.63 -103.43 -63.65
C TRP F 177 -28.96 -102.29 -64.39
N ASN F 178 -29.62 -101.75 -65.41
CA ASN F 178 -29.09 -100.57 -66.09
C ASN F 178 -29.10 -99.36 -65.16
N ASP F 179 -30.01 -99.34 -64.21
CA ASP F 179 -29.97 -98.32 -63.18
C ASP F 179 -28.75 -98.49 -62.28
N ILE F 180 -28.24 -99.69 -62.10
CA ILE F 180 -27.01 -99.82 -61.33
C ILE F 180 -25.82 -99.40 -62.16
N LYS F 181 -25.86 -99.64 -63.46
CA LYS F 181 -24.75 -99.21 -64.30
C LYS F 181 -24.70 -97.71 -64.46
N LYS F 182 -25.81 -97.00 -64.28
CA LYS F 182 -25.70 -95.55 -64.21
C LYS F 182 -25.04 -95.12 -62.90
N VAL F 183 -25.08 -95.95 -61.87
CA VAL F 183 -24.32 -95.61 -60.66
C VAL F 183 -22.83 -95.85 -60.88
N TYR F 184 -22.47 -96.97 -61.52
CA TYR F 184 -21.05 -97.22 -61.79
C TYR F 184 -20.45 -96.20 -62.76
N ALA F 185 -21.26 -95.68 -63.68
CA ALA F 185 -20.75 -94.68 -64.60
C ALA F 185 -20.52 -93.35 -63.93
N SER F 186 -21.21 -93.06 -62.84
CA SER F 186 -21.18 -91.75 -62.22
C SER F 186 -20.22 -91.66 -61.06
N GLN F 187 -19.37 -92.65 -60.85
CA GLN F 187 -18.43 -92.60 -59.74
C GLN F 187 -17.26 -91.70 -60.12
N ARG F 188 -17.16 -90.55 -59.47
CA ARG F 188 -16.07 -89.64 -59.72
C ARG F 188 -15.70 -88.94 -58.42
N MET F 189 -14.61 -88.17 -58.47
CA MET F 189 -14.22 -87.37 -57.34
C MET F 189 -15.11 -86.16 -57.19
N ARG F 190 -15.38 -85.80 -55.96
CA ARG F 190 -16.05 -84.54 -55.67
C ARG F 190 -15.09 -83.39 -55.99
N ALA F 191 -15.64 -82.29 -56.49
CA ALA F 191 -14.85 -81.08 -56.64
C ALA F 191 -14.83 -80.30 -55.35
N GLY F 192 -13.65 -79.89 -54.90
CA GLY F 192 -13.61 -78.92 -53.84
C GLY F 192 -12.87 -79.36 -52.60
N LYS F 193 -13.04 -78.61 -51.50
CA LYS F 193 -12.43 -78.95 -50.23
C LYS F 193 -13.10 -80.09 -49.52
N GLY F 194 -14.08 -80.76 -50.12
CA GLY F 194 -14.61 -81.94 -49.49
C GLY F 194 -13.64 -83.09 -49.48
N LYS F 195 -12.69 -83.09 -50.41
CA LYS F 195 -11.74 -84.18 -50.48
C LYS F 195 -10.79 -84.18 -49.30
N MET F 196 -10.57 -83.04 -48.67
CA MET F 196 -9.84 -83.03 -47.42
C MET F 196 -10.72 -83.38 -46.23
N ARG F 197 -12.02 -83.43 -46.41
CA ARG F 197 -12.95 -83.55 -45.29
C ARG F 197 -13.74 -84.84 -45.39
N ASN F 198 -13.07 -85.89 -45.87
CA ASN F 198 -13.54 -87.28 -45.90
C ASN F 198 -14.79 -87.45 -46.75
N ARG F 199 -14.97 -86.62 -47.75
CA ARG F 199 -16.11 -86.67 -48.64
C ARG F 199 -15.63 -86.73 -50.06
N ARG F 200 -14.67 -87.61 -50.30
CA ARG F 200 -13.89 -87.59 -51.53
C ARG F 200 -14.67 -88.10 -52.74
N ARG F 201 -15.37 -89.22 -52.60
CA ARG F 201 -16.05 -89.86 -53.73
C ARG F 201 -17.54 -89.57 -53.72
N ILE F 202 -18.10 -89.35 -54.92
CA ILE F 202 -19.53 -89.12 -55.08
C ILE F 202 -20.09 -90.07 -56.12
N GLN F 203 -21.38 -90.39 -55.99
CA GLN F 203 -22.03 -91.28 -56.94
C GLN F 203 -23.53 -91.06 -56.97
N ARG F 204 -24.14 -91.57 -58.03
CA ARG F 204 -25.57 -91.50 -58.30
C ARG F 204 -26.34 -92.32 -57.27
N ARG F 205 -27.58 -91.93 -57.02
CA ARG F 205 -28.49 -92.75 -56.25
C ARG F 205 -29.20 -93.75 -57.15
N GLY F 206 -29.29 -94.98 -56.70
CA GLY F 206 -29.93 -96.01 -57.48
C GLY F 206 -31.27 -96.38 -56.89
N PRO F 207 -31.64 -97.65 -57.02
CA PRO F 207 -32.96 -98.09 -56.56
C PRO F 207 -33.05 -98.19 -55.06
N CYS F 208 -34.28 -98.30 -54.58
CA CYS F 208 -34.59 -98.34 -53.16
C CYS F 208 -35.40 -99.60 -52.89
N ILE F 209 -34.75 -100.63 -52.35
CA ILE F 209 -35.43 -101.85 -51.97
C ILE F 209 -36.17 -101.63 -50.66
N ILE F 210 -37.46 -101.94 -50.64
CA ILE F 210 -38.29 -101.74 -49.45
C ILE F 210 -38.88 -103.07 -49.03
N TYR F 211 -38.59 -103.49 -47.81
CA TYR F 211 -38.92 -104.82 -47.31
C TYR F 211 -39.74 -104.72 -46.03
N ASN F 212 -40.37 -105.82 -45.67
CA ASN F 212 -41.13 -105.89 -44.43
C ASN F 212 -40.26 -106.35 -43.27
N GLU F 213 -39.67 -107.53 -43.37
CA GLU F 213 -38.80 -108.03 -42.32
C GLU F 213 -37.47 -108.45 -42.92
N ASP F 214 -36.43 -108.30 -42.14
CA ASP F 214 -35.09 -108.71 -42.54
C ASP F 214 -34.92 -110.18 -42.20
N ASN F 215 -34.63 -110.99 -43.20
CA ASN F 215 -34.24 -112.37 -42.99
C ASN F 215 -32.93 -112.65 -43.71
N GLY F 216 -32.23 -111.60 -44.09
CA GLY F 216 -31.00 -111.73 -44.83
C GLY F 216 -30.95 -110.72 -45.95
N ILE F 217 -32.00 -109.92 -46.09
CA ILE F 217 -32.12 -109.05 -47.25
C ILE F 217 -31.14 -107.89 -47.15
N ILE F 218 -30.76 -107.50 -45.94
CA ILE F 218 -29.83 -106.39 -45.79
C ILE F 218 -28.43 -106.83 -46.19
N LYS F 219 -27.95 -107.97 -45.67
CA LYS F 219 -26.63 -108.45 -46.02
C LYS F 219 -26.50 -108.79 -47.50
N ALA F 220 -27.58 -109.22 -48.14
CA ALA F 220 -27.48 -109.65 -49.52
C ALA F 220 -27.25 -108.48 -50.45
N PHE F 221 -27.86 -107.33 -50.18
CA PHE F 221 -27.51 -106.24 -51.06
C PHE F 221 -26.28 -105.51 -50.55
N ARG F 222 -26.42 -104.49 -49.71
CA ARG F 222 -25.43 -103.80 -48.86
C ARG F 222 -24.07 -103.44 -49.50
N ASN F 223 -23.77 -103.98 -50.65
CA ASN F 223 -22.47 -103.99 -51.26
C ASN F 223 -22.61 -103.59 -52.69
N ILE F 224 -23.82 -103.55 -53.19
CA ILE F 224 -24.10 -103.03 -54.52
C ILE F 224 -24.17 -101.51 -54.43
N PRO F 225 -23.44 -100.78 -55.28
CA PRO F 225 -23.37 -99.32 -55.14
C PRO F 225 -24.69 -98.64 -55.42
N GLY F 226 -25.09 -97.79 -54.49
CA GLY F 226 -26.30 -97.00 -54.63
C GLY F 226 -27.56 -97.80 -54.42
N ILE F 227 -27.63 -98.58 -53.36
CA ILE F 227 -28.84 -99.33 -53.03
C ILE F 227 -29.23 -98.96 -51.61
N THR F 228 -30.39 -98.36 -51.47
CA THR F 228 -30.93 -97.99 -50.17
C THR F 228 -31.91 -99.07 -49.77
N LEU F 229 -31.89 -99.43 -48.49
CA LEU F 229 -32.71 -100.48 -47.94
C LEU F 229 -33.56 -99.88 -46.84
N LEU F 230 -34.86 -99.81 -47.04
CA LEU F 230 -35.75 -99.22 -46.07
C LEU F 230 -36.66 -100.29 -45.52
N ASN F 231 -36.80 -100.31 -44.19
CA ASN F 231 -37.87 -101.08 -43.58
C ASN F 231 -39.16 -100.34 -43.82
N VAL F 232 -40.24 -101.09 -44.08
CA VAL F 232 -41.46 -100.44 -44.51
C VAL F 232 -42.14 -99.77 -43.33
N SER F 233 -41.90 -100.24 -42.12
CA SER F 233 -42.51 -99.61 -40.97
C SER F 233 -41.81 -98.33 -40.58
N LYS F 234 -40.62 -98.06 -41.11
CA LYS F 234 -39.84 -96.89 -40.76
C LYS F 234 -39.38 -96.24 -42.06
N LEU F 235 -40.26 -95.49 -42.69
CA LEU F 235 -39.91 -94.86 -43.96
C LEU F 235 -39.31 -93.50 -43.71
N ASN F 236 -38.53 -93.03 -44.67
CA ASN F 236 -37.68 -91.87 -44.44
C ASN F 236 -37.71 -90.94 -45.63
N ILE F 237 -38.05 -89.66 -45.40
CA ILE F 237 -38.12 -88.70 -46.48
C ILE F 237 -36.72 -88.34 -46.97
N LEU F 238 -35.69 -88.56 -46.18
CA LEU F 238 -34.36 -88.26 -46.66
C LEU F 238 -33.86 -89.28 -47.67
N LYS F 239 -34.51 -90.43 -47.75
CA LYS F 239 -34.09 -91.48 -48.64
C LYS F 239 -35.12 -91.80 -49.72
N LEU F 240 -36.37 -91.44 -49.54
CA LEU F 240 -37.37 -91.62 -50.58
C LEU F 240 -37.51 -90.41 -51.48
N ALA F 241 -36.88 -89.30 -51.16
CA ALA F 241 -36.82 -88.16 -52.06
C ALA F 241 -35.48 -87.47 -51.91
N PRO F 242 -34.43 -88.02 -52.53
CA PRO F 242 -33.11 -87.46 -52.32
C PRO F 242 -32.98 -86.12 -53.01
N GLY F 243 -32.32 -85.19 -52.33
CA GLY F 243 -32.20 -83.84 -52.81
C GLY F 243 -33.45 -83.01 -52.67
N GLY F 244 -34.52 -83.57 -52.11
CA GLY F 244 -35.76 -82.87 -52.01
C GLY F 244 -36.66 -83.02 -53.20
N HIS F 245 -36.26 -83.82 -54.19
CA HIS F 245 -37.00 -83.98 -55.41
C HIS F 245 -37.72 -85.31 -55.39
N VAL F 246 -38.99 -85.31 -55.76
CA VAL F 246 -39.77 -86.53 -55.66
C VAL F 246 -39.38 -87.51 -56.75
N GLY F 247 -39.64 -88.78 -56.50
CA GLY F 247 -39.57 -89.76 -57.55
C GLY F 247 -38.38 -90.69 -57.56
N ARG F 248 -37.96 -91.19 -56.41
CA ARG F 248 -36.97 -92.24 -56.39
C ARG F 248 -37.60 -93.54 -56.81
N PHE F 249 -36.92 -94.27 -57.67
CA PHE F 249 -37.38 -95.58 -58.10
C PHE F 249 -37.28 -96.59 -56.96
N CYS F 250 -38.41 -97.18 -56.58
CA CYS F 250 -38.51 -98.03 -55.42
C CYS F 250 -38.96 -99.42 -55.82
N ILE F 251 -38.39 -100.44 -55.18
CA ILE F 251 -38.71 -101.83 -55.46
C ILE F 251 -39.26 -102.44 -54.19
N TRP F 252 -40.47 -102.99 -54.25
CA TRP F 252 -41.20 -103.38 -53.07
C TRP F 252 -41.19 -104.89 -52.94
N THR F 253 -41.16 -105.38 -51.72
CA THR F 253 -41.47 -106.79 -51.54
C THR F 253 -42.96 -106.90 -51.31
N GLU F 254 -43.47 -108.11 -51.46
CA GLU F 254 -44.91 -108.30 -51.44
C GLU F 254 -45.47 -108.16 -50.04
N SER F 255 -44.70 -108.51 -49.02
CA SER F 255 -45.18 -108.29 -47.66
C SER F 255 -45.05 -106.85 -47.24
N ALA F 256 -44.09 -106.12 -47.79
CA ALA F 256 -44.03 -104.70 -47.50
C ALA F 256 -45.13 -103.95 -48.22
N PHE F 257 -45.52 -104.40 -49.40
CA PHE F 257 -46.43 -103.64 -50.23
C PHE F 257 -47.87 -103.74 -49.75
N ARG F 258 -48.25 -104.81 -49.08
CA ARG F 258 -49.61 -104.91 -48.59
C ARG F 258 -49.73 -104.48 -47.15
N LYS F 259 -48.67 -103.94 -46.54
CA LYS F 259 -48.78 -103.36 -45.22
C LYS F 259 -49.14 -101.89 -45.26
N LEU F 260 -48.92 -101.22 -46.40
CA LEU F 260 -49.16 -99.78 -46.55
C LEU F 260 -50.58 -99.35 -46.26
N ASP F 261 -51.56 -100.23 -46.43
CA ASP F 261 -52.93 -99.88 -46.09
C ASP F 261 -53.19 -99.90 -44.59
N GLU F 262 -52.28 -100.41 -43.80
CA GLU F 262 -52.38 -100.30 -42.36
C GLU F 262 -51.50 -99.18 -41.81
N LEU F 263 -50.45 -98.83 -42.53
CA LEU F 263 -49.64 -97.71 -42.10
C LEU F 263 -50.28 -96.38 -42.46
N TYR F 264 -51.09 -96.33 -43.50
CA TYR F 264 -51.61 -95.06 -43.95
C TYR F 264 -53.11 -95.04 -44.14
N GLY F 265 -53.74 -96.20 -44.28
CA GLY F 265 -55.16 -96.27 -44.45
C GLY F 265 -55.59 -95.95 -45.87
N THR F 266 -56.85 -96.22 -46.12
CA THR F 266 -57.55 -95.74 -47.28
C THR F 266 -58.09 -94.37 -46.89
N TRP F 267 -58.81 -93.70 -47.78
CA TRP F 267 -59.55 -92.56 -47.25
C TRP F 267 -60.79 -93.01 -46.50
N ARG F 268 -61.22 -94.24 -46.70
CA ARG F 268 -62.40 -94.72 -46.04
C ARG F 268 -62.09 -95.40 -44.71
N LYS F 269 -60.85 -95.73 -44.47
CA LYS F 269 -60.44 -96.43 -43.25
C LYS F 269 -59.16 -95.80 -42.74
N ALA F 270 -59.09 -95.56 -41.45
CA ALA F 270 -57.91 -94.89 -40.92
C ALA F 270 -56.76 -95.88 -40.76
N ALA F 271 -55.58 -95.33 -40.51
CA ALA F 271 -54.38 -96.13 -40.32
C ALA F 271 -54.49 -96.97 -39.07
N SER F 272 -54.08 -98.23 -39.16
CA SER F 272 -54.13 -99.11 -38.03
C SER F 272 -52.87 -99.06 -37.19
N LEU F 273 -51.77 -98.63 -37.78
CA LEU F 273 -50.50 -98.59 -37.09
C LEU F 273 -50.02 -97.16 -36.90
N LYS F 274 -50.90 -96.18 -37.01
CA LYS F 274 -50.55 -94.80 -36.68
C LYS F 274 -51.55 -94.09 -35.80
N SER F 275 -52.65 -94.72 -35.45
CA SER F 275 -53.37 -94.50 -34.19
C SER F 275 -54.11 -93.18 -34.02
N ASN F 276 -53.78 -92.15 -34.79
CA ASN F 276 -54.70 -91.08 -35.16
C ASN F 276 -54.15 -90.53 -36.47
N TYR F 277 -54.57 -91.14 -37.57
CA TYR F 277 -54.05 -90.66 -38.84
C TYR F 277 -54.97 -91.09 -39.94
N ASN F 278 -55.14 -90.22 -40.91
CA ASN F 278 -55.74 -90.61 -42.17
C ASN F 278 -55.09 -89.78 -43.25
N LEU F 279 -55.17 -90.28 -44.48
CA LEU F 279 -54.53 -89.68 -45.63
C LEU F 279 -55.03 -88.26 -45.86
N PRO F 280 -54.20 -87.42 -46.47
CA PRO F 280 -54.65 -86.09 -46.86
C PRO F 280 -55.65 -86.12 -47.99
N MET F 281 -56.37 -85.02 -48.12
CA MET F 281 -57.46 -84.89 -49.07
C MET F 281 -57.00 -84.08 -50.27
N HIS F 282 -57.80 -84.10 -51.32
CA HIS F 282 -57.45 -83.42 -52.55
C HIS F 282 -58.20 -82.10 -52.65
N LYS F 283 -57.46 -81.02 -52.87
CA LYS F 283 -58.10 -79.74 -53.16
C LYS F 283 -58.77 -79.76 -54.51
N MET F 284 -58.25 -80.55 -55.44
CA MET F 284 -58.72 -80.58 -56.80
C MET F 284 -58.83 -82.05 -57.18
N ILE F 285 -60.05 -82.55 -57.32
CA ILE F 285 -60.25 -83.98 -57.54
C ILE F 285 -59.77 -84.39 -58.92
N ASN F 286 -60.27 -83.73 -59.95
CA ASN F 286 -59.90 -84.02 -61.33
C ASN F 286 -58.85 -83.00 -61.75
N THR F 287 -57.60 -83.40 -61.77
CA THR F 287 -56.54 -82.49 -62.19
C THR F 287 -56.22 -82.64 -63.67
N ASP F 288 -57.25 -82.59 -64.51
CA ASP F 288 -57.06 -82.77 -65.95
C ASP F 288 -57.71 -81.58 -66.64
N LEU F 289 -56.93 -80.52 -66.81
CA LEU F 289 -57.44 -79.29 -67.39
C LEU F 289 -57.91 -79.48 -68.82
N SER F 290 -57.19 -80.28 -69.61
CA SER F 290 -57.58 -80.45 -71.00
C SER F 290 -58.87 -81.23 -71.15
N ARG F 291 -59.20 -82.09 -70.19
CA ARG F 291 -60.47 -82.80 -70.27
C ARG F 291 -61.59 -82.00 -69.64
N ILE F 292 -61.26 -81.15 -68.67
CA ILE F 292 -62.27 -80.26 -68.09
C ILE F 292 -62.62 -79.15 -69.07
N LEU F 293 -61.62 -78.48 -69.64
CA LEU F 293 -61.88 -77.32 -70.47
C LEU F 293 -62.53 -77.66 -71.80
N LYS F 294 -62.48 -78.92 -72.23
CA LYS F 294 -63.14 -79.30 -73.46
C LYS F 294 -64.44 -80.03 -73.20
N SER F 295 -64.90 -80.05 -71.95
CA SER F 295 -66.20 -80.62 -71.65
C SER F 295 -67.28 -79.76 -72.30
N PRO F 296 -68.37 -80.38 -72.79
CA PRO F 296 -69.36 -79.59 -73.51
C PRO F 296 -70.16 -78.66 -72.65
N GLU F 297 -70.26 -78.92 -71.35
CA GLU F 297 -71.03 -78.03 -70.49
C GLU F 297 -70.26 -76.76 -70.16
N ILE F 298 -68.94 -76.79 -70.22
CA ILE F 298 -68.19 -75.54 -70.17
C ILE F 298 -68.23 -74.84 -71.51
N GLN F 299 -68.10 -75.60 -72.60
CA GLN F 299 -68.08 -75.01 -73.93
C GLN F 299 -69.41 -74.40 -74.35
N ARG F 300 -70.50 -74.71 -73.66
CA ARG F 300 -71.74 -74.00 -73.93
C ARG F 300 -71.76 -72.62 -73.33
N ALA F 301 -70.93 -72.34 -72.34
CA ALA F 301 -71.03 -71.09 -71.60
C ALA F 301 -70.02 -70.04 -72.03
N LEU F 302 -69.10 -70.35 -72.94
CA LEU F 302 -68.05 -69.42 -73.27
C LEU F 302 -68.46 -68.49 -74.39
N ARG F 303 -67.94 -67.28 -74.35
CA ARG F 303 -68.04 -66.42 -75.52
C ARG F 303 -66.98 -66.84 -76.53
N ALA F 304 -67.22 -66.50 -77.78
CA ALA F 304 -66.35 -66.92 -78.86
C ALA F 304 -65.01 -66.21 -78.77
N PRO F 305 -63.93 -66.85 -79.21
CA PRO F 305 -62.61 -66.26 -79.06
C PRO F 305 -62.41 -65.04 -79.94
N ARG F 306 -61.61 -64.11 -79.44
CA ARG F 306 -61.26 -62.91 -80.18
C ARG F 306 -59.89 -63.10 -80.82
N LYS F 307 -59.85 -63.95 -81.84
CA LYS F 307 -58.58 -64.33 -82.42
C LYS F 307 -58.29 -63.48 -83.67
N LYS F 308 -58.03 -62.21 -83.44
CA LYS F 308 -57.54 -61.35 -84.52
C LYS F 308 -56.67 -60.26 -83.91
N ILE F 309 -55.47 -60.09 -84.46
CA ILE F 309 -54.51 -59.13 -83.96
C ILE F 309 -54.82 -57.78 -84.58
N HIS F 310 -55.21 -56.80 -83.78
CA HIS F 310 -55.36 -55.44 -84.25
C HIS F 310 -54.08 -54.69 -83.91
N ARG F 311 -53.24 -54.49 -84.90
CA ARG F 311 -52.01 -53.76 -84.66
C ARG F 311 -52.27 -52.27 -84.84
N ARG F 312 -51.23 -51.48 -84.66
CA ARG F 312 -51.38 -50.04 -84.68
C ARG F 312 -51.55 -49.55 -86.10
N VAL F 313 -52.60 -48.79 -86.35
CA VAL F 313 -52.79 -48.20 -87.66
C VAL F 313 -52.00 -46.91 -87.74
N LEU F 314 -51.18 -46.78 -88.78
CA LEU F 314 -50.39 -45.58 -88.98
C LEU F 314 -51.32 -44.41 -89.28
N LYS F 315 -51.20 -43.34 -88.52
CA LYS F 315 -52.10 -42.22 -88.71
C LYS F 315 -51.67 -41.42 -89.93
N LYS F 316 -52.51 -41.42 -90.94
CA LYS F 316 -52.27 -40.62 -92.13
C LYS F 316 -53.03 -39.32 -92.05
N ASN F 317 -52.53 -38.31 -92.76
CA ASN F 317 -53.08 -36.97 -92.66
C ASN F 317 -54.21 -36.85 -93.67
N PRO F 318 -55.46 -36.69 -93.25
CA PRO F 318 -56.52 -36.49 -94.22
C PRO F 318 -56.46 -35.12 -94.86
N LEU F 319 -55.73 -34.18 -94.27
CA LEU F 319 -55.53 -32.89 -94.90
C LEU F 319 -54.54 -32.95 -96.05
N LYS F 320 -53.86 -34.07 -96.25
CA LYS F 320 -52.97 -34.26 -97.37
C LYS F 320 -53.26 -35.50 -98.19
N ASN F 321 -53.94 -36.47 -97.62
CA ASN F 321 -54.20 -37.75 -98.25
C ASN F 321 -55.69 -37.85 -98.51
N LEU F 322 -56.07 -37.98 -99.77
CA LEU F 322 -57.45 -37.76 -100.17
C LEU F 322 -58.37 -38.88 -99.72
N ARG F 323 -57.95 -40.13 -99.86
CA ARG F 323 -58.85 -41.20 -99.51
C ARG F 323 -58.89 -41.48 -98.01
N ILE F 324 -57.96 -40.93 -97.25
CA ILE F 324 -58.14 -40.90 -95.81
C ILE F 324 -59.18 -39.85 -95.44
N MET F 325 -59.24 -38.74 -96.18
CA MET F 325 -60.28 -37.75 -95.94
C MET F 325 -61.65 -38.28 -96.32
N LEU F 326 -61.73 -39.04 -97.39
CA LEU F 326 -63.03 -39.55 -97.81
C LEU F 326 -63.51 -40.69 -96.94
N LYS F 327 -62.64 -41.33 -96.19
CA LYS F 327 -63.11 -42.37 -95.31
C LYS F 327 -63.74 -41.78 -94.07
N LEU F 328 -63.35 -40.57 -93.69
CA LEU F 328 -63.91 -39.85 -92.56
C LEU F 328 -65.02 -38.90 -92.97
N ASN F 329 -64.86 -38.25 -94.12
CA ASN F 329 -65.84 -37.31 -94.64
C ASN F 329 -66.06 -37.68 -96.10
N PRO F 330 -67.12 -38.41 -96.41
CA PRO F 330 -67.39 -38.68 -97.82
C PRO F 330 -67.82 -37.46 -98.59
N TYR F 331 -68.30 -36.43 -97.92
CA TYR F 331 -68.76 -35.24 -98.59
C TYR F 331 -67.64 -34.37 -99.10
N ALA F 332 -66.42 -34.57 -98.62
CA ALA F 332 -65.27 -33.81 -99.02
C ALA F 332 -64.92 -33.97 -100.49
N THR F 334 -67.30 -33.92 -102.76
CA THR F 334 -68.29 -33.15 -103.44
C THR F 334 -67.97 -31.68 -103.31
N MET F 335 -67.47 -31.28 -102.15
CA MET F 335 -66.91 -29.93 -102.02
C MET F 335 -65.74 -29.75 -102.94
N ARG F 336 -64.90 -30.77 -103.06
CA ARG F 336 -63.68 -30.62 -103.84
C ARG F 336 -63.98 -30.51 -105.32
N ARG F 337 -64.90 -31.33 -105.85
CA ARG F 337 -65.23 -31.16 -107.26
C ARG F 337 -66.01 -29.88 -107.48
N ASN F 338 -66.65 -29.34 -106.46
CA ASN F 338 -67.35 -28.09 -106.70
C ASN F 338 -66.42 -26.93 -106.66
N THR F 339 -65.34 -27.00 -105.89
CA THR F 339 -64.44 -25.87 -105.85
C THR F 339 -63.38 -25.93 -106.93
N ILE F 340 -63.09 -27.10 -107.49
CA ILE F 340 -62.17 -27.15 -108.62
C ILE F 340 -62.84 -26.66 -109.87
N LEU F 341 -64.10 -27.03 -110.08
CA LEU F 341 -64.86 -26.55 -111.22
C LEU F 341 -65.20 -25.08 -111.10
N ARG F 342 -65.45 -24.60 -109.89
CA ARG F 342 -65.78 -23.18 -109.72
C ARG F 342 -64.57 -22.31 -109.96
N GLN F 343 -63.39 -22.79 -109.61
CA GLN F 343 -62.20 -22.00 -109.86
C GLN F 343 -61.73 -22.06 -111.30
N ALA F 344 -62.10 -23.09 -112.04
CA ALA F 344 -61.80 -23.08 -113.46
C ALA F 344 -62.83 -22.31 -114.25
N ARG F 345 -64.04 -22.20 -113.72
CA ARG F 345 -65.07 -21.42 -114.40
C ARG F 345 -64.84 -19.94 -114.19
N ASN F 346 -64.36 -19.54 -113.02
CA ASN F 346 -64.03 -18.14 -112.82
C ASN F 346 -62.75 -17.75 -113.52
N HIS F 347 -61.82 -18.67 -113.66
CA HIS F 347 -60.57 -18.32 -114.32
C HIS F 347 -60.75 -18.17 -115.82
N LYS F 348 -61.63 -18.99 -116.40
CA LYS F 348 -61.95 -18.84 -117.81
C LYS F 348 -62.77 -17.59 -118.05
N LEU F 349 -63.45 -17.11 -117.02
CA LEU F 349 -64.27 -15.92 -117.12
C LEU F 349 -63.47 -14.64 -116.94
N ARG F 350 -62.25 -14.72 -116.42
CA ARG F 350 -61.41 -13.55 -116.26
C ARG F 350 -60.42 -13.39 -117.39
N VAL F 351 -60.14 -14.45 -118.16
CA VAL F 351 -59.42 -14.31 -119.40
C VAL F 351 -60.35 -14.04 -120.56
N ASP F 352 -61.63 -13.81 -120.30
CA ASP F 352 -62.50 -13.22 -121.30
C ASP F 352 -62.66 -11.73 -121.11
N LYS F 353 -62.57 -11.25 -119.87
CA LYS F 353 -62.49 -9.82 -119.65
C LYS F 353 -61.18 -9.25 -120.18
N ALA F 354 -60.08 -9.99 -120.01
CA ALA F 354 -58.81 -9.56 -120.54
C ALA F 354 -58.74 -9.66 -122.05
N ALA F 355 -59.41 -10.62 -122.64
CA ALA F 355 -59.44 -10.76 -124.08
C ALA F 355 -60.60 -10.01 -124.72
N ALA F 356 -61.21 -9.08 -124.00
CA ALA F 356 -62.16 -8.15 -124.59
C ALA F 356 -61.62 -6.74 -124.60
N ALA F 357 -61.06 -6.28 -123.49
CA ALA F 357 -60.44 -4.97 -123.39
C ALA F 357 -59.04 -4.91 -123.99
N ALA F 358 -58.65 -5.92 -124.77
CA ALA F 358 -57.43 -5.87 -125.55
C ALA F 358 -57.78 -5.78 -127.02
N GLY G 1 -69.54 33.35 -23.10
CA GLY G 1 -69.65 32.14 -22.33
C GLY G 1 -68.40 31.88 -21.51
N PHE G 2 -68.46 30.90 -20.62
CA PHE G 2 -67.31 30.55 -19.82
C PHE G 2 -67.11 29.05 -19.64
N VAL G 3 -68.16 28.26 -19.68
CA VAL G 3 -68.08 26.84 -19.39
C VAL G 3 -68.09 26.06 -20.69
N LYS G 4 -67.42 24.92 -20.66
CA LYS G 4 -67.45 24.00 -21.80
C LYS G 4 -68.83 23.37 -21.89
N VAL G 5 -69.45 23.48 -23.08
CA VAL G 5 -70.73 22.80 -23.28
C VAL G 5 -70.49 21.30 -23.36
N VAL G 6 -71.31 20.55 -22.64
CA VAL G 6 -71.16 19.11 -22.65
C VAL G 6 -71.94 18.49 -23.81
N LYS G 7 -73.06 19.09 -24.20
CA LYS G 7 -73.86 18.56 -25.29
C LYS G 7 -73.50 19.29 -26.58
N ASN G 8 -72.29 19.06 -27.03
CA ASN G 8 -71.80 19.65 -28.27
C ASN G 8 -72.10 18.69 -29.41
N LYS G 9 -71.47 18.92 -30.57
CA LYS G 9 -71.74 18.07 -31.71
C LYS G 9 -71.13 16.69 -31.53
N ALA G 10 -69.97 16.63 -30.89
CA ALA G 10 -69.32 15.35 -30.63
C ALA G 10 -70.00 14.58 -29.53
N TYR G 11 -70.86 15.21 -28.74
CA TYR G 11 -71.68 14.47 -27.80
C TYR G 11 -72.75 13.68 -28.51
N PHE G 12 -73.33 14.26 -29.56
CA PHE G 12 -74.40 13.59 -30.26
C PHE G 12 -73.92 12.62 -31.31
N LYS G 13 -72.68 12.74 -31.75
CA LYS G 13 -72.17 11.76 -32.68
C LYS G 13 -71.87 10.43 -32.00
N ARG G 14 -71.74 10.42 -30.68
CA ARG G 14 -71.38 9.21 -29.97
C ARG G 14 -72.47 8.74 -29.03
N TYR G 15 -73.65 9.32 -29.13
CA TYR G 15 -74.73 9.02 -28.20
C TYR G 15 -75.45 7.79 -28.72
N GLN G 16 -75.62 6.81 -27.88
CA GLN G 16 -76.46 5.67 -28.22
C GLN G 16 -77.74 5.78 -27.44
N VAL G 17 -78.87 5.78 -28.14
CA VAL G 17 -80.13 5.80 -27.44
C VAL G 17 -80.38 4.45 -26.80
N LYS G 18 -81.18 4.46 -25.75
CA LYS G 18 -81.66 3.21 -25.18
C LYS G 18 -82.83 2.75 -26.04
N PHE G 19 -83.48 1.67 -25.65
CA PHE G 19 -84.55 1.16 -26.49
C PHE G 19 -85.74 2.09 -26.45
N ARG G 20 -86.61 1.94 -27.44
CA ARG G 20 -87.70 2.89 -27.63
C ARG G 20 -88.66 2.82 -26.46
N ARG G 21 -88.79 1.64 -25.89
CA ARG G 21 -89.71 1.39 -24.83
C ARG G 21 -89.01 1.39 -23.48
N ARG G 22 -87.69 1.53 -23.48
CA ARG G 22 -86.93 1.84 -22.27
C ARG G 22 -86.97 3.32 -21.97
N ARG G 23 -86.69 4.16 -22.94
CA ARG G 23 -86.64 5.58 -22.70
C ARG G 23 -88.02 6.21 -22.63
N GLU G 24 -89.07 5.47 -22.90
CA GLU G 24 -90.39 5.88 -22.45
C GLU G 24 -90.63 5.50 -21.00
N GLY G 25 -89.82 4.60 -20.46
CA GLY G 25 -89.97 4.18 -19.09
C GLY G 25 -91.18 3.30 -18.90
N LYS G 26 -91.25 2.23 -19.68
CA LYS G 26 -92.41 1.35 -19.65
C LYS G 26 -92.02 -0.12 -19.51
N THR G 27 -90.83 -0.45 -19.96
CA THR G 27 -90.40 -1.84 -20.06
C THR G 27 -89.10 -2.00 -19.31
N ASP G 28 -89.00 -3.04 -18.50
CA ASP G 28 -87.73 -3.42 -17.92
C ASP G 28 -87.19 -4.59 -18.75
N TYR G 29 -86.18 -4.32 -19.56
CA TYR G 29 -85.63 -5.37 -20.41
C TYR G 29 -84.77 -6.36 -19.65
N TYR G 30 -84.38 -6.05 -18.44
CA TYR G 30 -83.73 -7.05 -17.60
C TYR G 30 -84.74 -8.09 -17.16
N ALA G 31 -85.90 -7.66 -16.72
CA ALA G 31 -86.91 -8.59 -16.25
C ALA G 31 -87.57 -9.31 -17.40
N ARG G 32 -87.81 -8.62 -18.50
CA ARG G 32 -88.47 -9.22 -19.64
C ARG G 32 -87.63 -10.34 -20.25
N LYS G 33 -86.30 -10.20 -20.22
CA LYS G 33 -85.40 -11.20 -20.77
C LYS G 33 -85.51 -12.52 -20.04
N ARG G 34 -85.88 -12.49 -18.78
CA ARG G 34 -86.03 -13.70 -18.00
C ARG G 34 -87.45 -14.19 -17.96
N LEU G 35 -88.38 -13.50 -18.60
CA LEU G 35 -89.80 -13.76 -18.39
C LEU G 35 -90.52 -14.22 -19.64
N VAL G 36 -90.14 -13.73 -20.82
CA VAL G 36 -90.82 -14.09 -22.05
C VAL G 36 -90.08 -15.15 -22.82
N ILE G 37 -88.98 -15.65 -22.30
CA ILE G 37 -88.06 -16.47 -23.07
C ILE G 37 -88.22 -17.93 -22.66
N GLN G 38 -88.44 -18.77 -23.64
CA GLN G 38 -88.60 -20.20 -23.43
C GLN G 38 -87.26 -20.88 -23.56
N ASP G 39 -87.09 -21.97 -22.80
CA ASP G 39 -85.97 -22.86 -22.98
C ASP G 39 -85.92 -23.38 -24.40
N LYS G 40 -84.72 -23.50 -24.94
CA LYS G 40 -84.60 -23.80 -26.35
C LYS G 40 -84.93 -25.23 -26.68
N ASN G 41 -85.01 -26.11 -25.68
CA ASN G 41 -85.45 -27.47 -25.94
C ASN G 41 -86.95 -27.67 -25.70
N LYS G 42 -87.69 -26.65 -25.30
CA LYS G 42 -89.15 -26.65 -25.39
C LYS G 42 -89.58 -25.75 -26.55
N TYR G 43 -89.45 -26.25 -27.77
CA TYR G 43 -89.04 -25.41 -28.89
C TYR G 43 -90.02 -24.31 -29.26
N ASN G 44 -91.15 -24.67 -29.85
CA ASN G 44 -92.20 -23.73 -30.21
C ASN G 44 -93.33 -23.69 -29.21
N THR G 45 -93.11 -24.20 -28.02
CA THR G 45 -94.09 -24.12 -26.97
C THR G 45 -94.24 -22.68 -26.53
N PRO G 46 -95.46 -22.19 -26.36
CA PRO G 46 -95.65 -20.84 -25.84
C PRO G 46 -95.23 -20.73 -24.39
N LYS G 47 -94.97 -19.52 -23.97
CA LYS G 47 -94.70 -19.24 -22.57
C LYS G 47 -95.58 -18.06 -22.20
N TYR G 48 -96.72 -18.35 -21.56
CA TYR G 48 -97.72 -17.34 -21.32
C TYR G 48 -97.39 -16.56 -20.07
N ARG G 49 -97.70 -15.28 -20.08
CA ARG G 49 -97.54 -14.48 -18.88
C ARG G 49 -98.79 -13.64 -18.72
N MET G 50 -99.21 -13.48 -17.47
CA MET G 50 -100.32 -12.61 -17.16
C MET G 50 -99.77 -11.22 -16.93
N ILE G 51 -100.34 -10.25 -17.63
CA ILE G 51 -99.85 -8.88 -17.60
C ILE G 51 -100.87 -8.07 -16.84
N VAL G 52 -100.50 -7.60 -15.67
CA VAL G 52 -101.39 -6.78 -14.85
C VAL G 52 -100.80 -5.38 -14.80
N ARG G 53 -101.51 -4.42 -15.36
CA ARG G 53 -101.07 -3.03 -15.34
C ARG G 53 -102.17 -2.15 -14.80
N VAL G 54 -101.80 -1.25 -13.89
CA VAL G 54 -102.75 -0.43 -13.17
C VAL G 54 -102.48 1.02 -13.54
N THR G 55 -103.43 1.64 -14.24
CA THR G 55 -103.37 3.06 -14.52
C THR G 55 -104.06 3.82 -13.40
N ASN G 56 -104.32 5.10 -13.60
CA ASN G 56 -104.98 5.86 -12.55
C ASN G 56 -106.46 5.64 -12.49
N ARG G 57 -107.09 5.17 -13.57
CA ARG G 57 -108.53 4.96 -13.57
C ARG G 57 -108.95 3.61 -14.11
N ASP G 58 -108.03 2.68 -14.34
CA ASP G 58 -108.39 1.42 -14.98
C ASP G 58 -107.37 0.37 -14.58
N ILE G 59 -107.75 -0.89 -14.67
CA ILE G 59 -106.86 -2.01 -14.43
C ILE G 59 -106.90 -2.91 -15.66
N ILE G 60 -105.82 -2.96 -16.40
CA ILE G 60 -105.70 -3.81 -17.58
C ILE G 60 -105.15 -5.15 -17.14
N CYS G 61 -105.80 -6.24 -17.56
CA CYS G 61 -105.26 -7.57 -17.32
C CYS G 61 -105.31 -8.38 -18.60
N GLN G 62 -104.18 -8.96 -18.99
CA GLN G 62 -104.15 -9.66 -20.27
C GLN G 62 -103.07 -10.73 -20.25
N ILE G 63 -103.33 -11.85 -20.92
CA ILE G 63 -102.36 -12.92 -21.07
C ILE G 63 -101.67 -12.76 -22.41
N ALA G 64 -100.34 -12.88 -22.42
CA ALA G 64 -99.59 -12.78 -23.67
C ALA G 64 -98.54 -13.87 -23.73
N TYR G 65 -98.24 -14.30 -24.94
CA TYR G 65 -97.03 -15.04 -25.21
C TYR G 65 -96.22 -14.29 -26.25
N ALA G 66 -94.91 -14.43 -26.17
CA ALA G 66 -94.01 -13.66 -26.99
C ALA G 66 -93.75 -14.30 -28.34
N ARG G 67 -93.67 -13.48 -29.36
CA ARG G 67 -93.24 -13.87 -30.69
C ARG G 67 -92.21 -12.87 -31.17
N ILE G 68 -91.56 -13.19 -32.29
CA ILE G 68 -90.56 -12.30 -32.84
C ILE G 68 -91.22 -11.04 -33.39
N GLU G 69 -92.44 -11.17 -33.90
CA GLU G 69 -93.19 -10.03 -34.41
C GLU G 69 -93.65 -9.08 -33.32
N GLY G 70 -93.77 -9.54 -32.09
CA GLY G 70 -94.32 -8.76 -31.02
C GLY G 70 -95.10 -9.70 -30.13
N ASP G 71 -95.61 -9.26 -29.01
CA ASP G 71 -96.37 -10.15 -28.15
C ASP G 71 -97.74 -10.39 -28.74
N MET G 72 -98.24 -11.61 -28.59
CA MET G 72 -99.55 -12.01 -29.08
C MET G 72 -100.47 -12.06 -27.88
N ILE G 73 -101.52 -11.25 -27.89
CA ILE G 73 -102.48 -11.26 -26.79
C ILE G 73 -103.52 -12.33 -27.09
N VAL G 74 -103.72 -13.25 -26.15
CA VAL G 74 -104.73 -14.27 -26.32
C VAL G 74 -106.05 -13.87 -25.69
N CYS G 75 -106.02 -13.34 -24.46
CA CYS G 75 -107.24 -12.89 -23.82
C CYS G 75 -106.94 -11.65 -23.01
N ALA G 76 -107.86 -10.69 -23.05
CA ALA G 76 -107.68 -9.47 -22.30
C ALA G 76 -108.98 -9.09 -21.65
N ALA G 77 -108.92 -8.68 -20.39
CA ALA G 77 -110.09 -8.28 -19.63
C ALA G 77 -109.80 -7.00 -18.88
N TYR G 78 -110.61 -5.99 -19.11
CA TYR G 78 -110.42 -4.66 -18.55
C TYR G 78 -111.30 -4.47 -17.32
N ALA G 79 -111.07 -3.38 -16.61
CA ALA G 79 -111.87 -3.10 -15.43
C ALA G 79 -112.92 -2.04 -15.67
N HIS G 80 -112.91 -1.37 -16.81
CA HIS G 80 -113.98 -0.45 -17.13
C HIS G 80 -115.18 -1.15 -17.75
N GLU G 81 -115.11 -2.45 -17.91
CA GLU G 81 -116.24 -3.23 -18.37
C GLU G 81 -116.94 -3.95 -17.25
N LEU G 82 -116.39 -3.85 -16.04
CA LEU G 82 -117.10 -4.28 -14.84
C LEU G 82 -118.45 -3.61 -14.53
N PRO G 83 -118.79 -2.39 -14.94
CA PRO G 83 -120.16 -1.92 -14.70
C PRO G 83 -121.22 -2.71 -15.46
N LYS G 84 -120.85 -3.48 -16.47
CA LYS G 84 -121.77 -4.40 -17.09
C LYS G 84 -122.16 -5.51 -16.12
N TYR G 85 -121.29 -5.84 -15.19
CA TYR G 85 -121.55 -6.89 -14.22
C TYR G 85 -122.08 -6.37 -12.91
N GLY G 86 -122.05 -5.06 -12.69
CA GLY G 86 -122.73 -4.51 -11.53
C GLY G 86 -121.85 -3.89 -10.49
N VAL G 87 -120.64 -3.50 -10.86
CA VAL G 87 -119.78 -2.70 -10.00
C VAL G 87 -119.62 -1.36 -10.69
N LYS G 88 -120.40 -0.37 -10.27
CA LYS G 88 -120.41 0.90 -10.98
C LYS G 88 -119.18 1.73 -10.68
N VAL G 89 -118.62 1.59 -9.48
CA VAL G 89 -117.65 2.53 -8.94
C VAL G 89 -116.57 1.81 -8.17
N GLY G 90 -115.53 2.55 -7.83
CA GLY G 90 -114.38 1.99 -7.16
C GLY G 90 -113.66 1.05 -8.10
N LEU G 91 -113.53 1.46 -9.35
CA LEU G 91 -113.07 0.57 -10.40
C LEU G 91 -111.55 0.48 -10.49
N THR G 92 -110.84 0.86 -9.43
CA THR G 92 -109.41 0.63 -9.36
C THR G 92 -108.97 0.28 -7.95
N ASN G 93 -109.88 -0.13 -7.08
CA ASN G 93 -109.47 -0.50 -5.74
C ASN G 93 -109.02 -1.95 -5.75
N TYR G 94 -108.82 -2.52 -4.57
CA TYR G 94 -108.34 -3.90 -4.52
C TYR G 94 -109.42 -4.88 -4.92
N ALA G 95 -110.68 -4.52 -4.68
CA ALA G 95 -111.77 -5.44 -4.96
C ALA G 95 -111.99 -5.59 -6.46
N ALA G 96 -111.86 -4.50 -7.21
CA ALA G 96 -112.00 -4.62 -8.65
C ALA G 96 -110.77 -5.20 -9.29
N ALA G 97 -109.65 -5.24 -8.58
CA ALA G 97 -108.51 -5.99 -9.07
C ALA G 97 -108.80 -7.47 -9.04
N TYR G 98 -109.47 -7.94 -7.99
CA TYR G 98 -109.90 -9.33 -7.93
C TYR G 98 -110.91 -9.63 -9.01
N CYS G 99 -111.86 -8.73 -9.22
CA CYS G 99 -112.90 -8.97 -10.21
C CYS G 99 -112.36 -8.96 -11.62
N THR G 100 -111.26 -8.25 -11.86
CA THR G 100 -110.70 -8.21 -13.19
C THR G 100 -109.87 -9.45 -13.46
N GLY G 101 -109.14 -9.91 -12.45
CA GLY G 101 -108.44 -11.17 -12.56
C GLY G 101 -109.36 -12.36 -12.65
N LEU G 102 -110.50 -12.30 -11.98
CA LEU G 102 -111.48 -13.36 -12.11
C LEU G 102 -112.13 -13.34 -13.47
N LEU G 103 -112.43 -12.14 -13.99
CA LEU G 103 -113.00 -12.03 -15.33
C LEU G 103 -112.02 -12.51 -16.38
N LEU G 104 -110.73 -12.24 -16.18
CA LEU G 104 -109.72 -12.65 -17.15
C LEU G 104 -109.61 -14.16 -17.21
N ALA G 105 -109.72 -14.83 -16.07
CA ALA G 105 -109.62 -16.28 -16.05
C ALA G 105 -110.83 -16.92 -16.70
N ARG G 106 -112.03 -16.49 -16.34
CA ARG G 106 -113.23 -17.17 -16.82
C ARG G 106 -113.47 -16.89 -18.29
N ARG G 107 -112.99 -15.75 -18.78
CA ARG G 107 -113.08 -15.47 -20.20
C ARG G 107 -112.12 -16.34 -20.99
N LEU G 108 -111.06 -16.81 -20.35
CA LEU G 108 -110.08 -17.65 -21.02
C LEU G 108 -110.45 -19.11 -21.02
N LEU G 109 -111.05 -19.60 -19.94
CA LEU G 109 -111.28 -21.02 -19.83
C LEU G 109 -112.44 -21.49 -20.70
N ASN G 110 -113.38 -20.62 -21.05
CA ASN G 110 -114.38 -21.05 -22.00
C ASN G 110 -113.99 -20.74 -23.42
N ARG G 111 -113.09 -19.78 -23.60
CA ARG G 111 -112.37 -19.62 -24.86
C ARG G 111 -111.69 -20.91 -25.26
N PHE G 112 -111.12 -21.61 -24.28
CA PHE G 112 -110.55 -22.92 -24.50
C PHE G 112 -111.55 -24.04 -24.28
N GLY G 113 -112.65 -23.78 -23.57
CA GLY G 113 -113.62 -24.81 -23.30
C GLY G 113 -113.38 -25.59 -22.03
N MET G 114 -112.42 -25.19 -21.22
CA MET G 114 -112.09 -25.89 -20.00
C MET G 114 -112.83 -25.33 -18.80
N ASP G 115 -113.87 -24.53 -19.04
CA ASP G 115 -114.43 -23.70 -17.99
C ASP G 115 -115.17 -24.51 -16.94
N LYS G 116 -115.85 -25.57 -17.35
CA LYS G 116 -116.49 -26.46 -16.40
C LYS G 116 -115.55 -27.52 -15.87
N ILE G 117 -114.42 -27.73 -16.52
CA ILE G 117 -113.43 -28.67 -16.02
C ILE G 117 -112.69 -28.09 -14.83
N TYR G 118 -112.24 -26.85 -14.96
CA TYR G 118 -111.55 -26.14 -13.89
C TYR G 118 -112.45 -25.01 -13.42
N GLU G 119 -113.07 -25.21 -12.27
CA GLU G 119 -114.02 -24.26 -11.74
C GLU G 119 -113.37 -23.23 -10.83
N GLY G 120 -112.26 -23.56 -10.21
CA GLY G 120 -111.61 -22.65 -9.29
C GLY G 120 -112.30 -22.65 -7.95
N GLN G 121 -111.82 -21.77 -7.07
CA GLN G 121 -112.35 -21.68 -5.71
C GLN G 121 -113.54 -20.73 -5.71
N VAL G 122 -114.75 -21.28 -5.70
CA VAL G 122 -115.95 -20.47 -5.89
C VAL G 122 -116.24 -19.62 -4.66
N GLU G 123 -116.27 -20.25 -3.48
CA GLU G 123 -116.48 -19.48 -2.27
C GLU G 123 -115.17 -18.83 -1.86
N VAL G 124 -115.18 -17.50 -1.77
CA VAL G 124 -113.96 -16.74 -1.56
C VAL G 124 -113.56 -16.88 -0.11
N THR G 125 -112.46 -17.60 0.14
CA THR G 125 -111.90 -17.66 1.47
C THR G 125 -110.80 -16.64 1.65
N GLY G 126 -110.03 -16.38 0.61
CA GLY G 126 -108.84 -15.58 0.74
C GLY G 126 -107.62 -16.37 1.11
N ASP G 127 -107.79 -17.67 1.36
CA ASP G 127 -106.69 -18.54 1.76
C ASP G 127 -105.92 -18.98 0.53
N GLU G 128 -104.80 -19.66 0.77
CA GLU G 128 -103.99 -20.20 -0.32
C GLU G 128 -104.77 -21.27 -1.07
N TYR G 129 -104.84 -21.13 -2.37
CA TYR G 129 -105.48 -22.10 -3.24
C TYR G 129 -104.61 -22.29 -4.46
N ASN G 130 -104.57 -23.51 -4.97
CA ASN G 130 -103.88 -23.80 -6.22
C ASN G 130 -104.70 -24.77 -7.04
N VAL G 131 -104.95 -24.42 -8.28
CA VAL G 131 -105.62 -25.32 -9.20
C VAL G 131 -104.64 -26.41 -9.60
N GLU G 132 -105.01 -27.66 -9.37
CA GLU G 132 -104.20 -28.79 -9.79
C GLU G 132 -104.90 -29.53 -10.93
N SER G 133 -104.11 -30.02 -11.88
CA SER G 133 -104.67 -30.63 -13.06
C SER G 133 -105.21 -32.01 -12.79
N ILE G 134 -106.27 -32.36 -13.50
CA ILE G 134 -106.98 -33.61 -13.34
C ILE G 134 -106.52 -34.55 -14.45
N ASP G 135 -106.20 -35.79 -14.09
CA ASP G 135 -105.79 -36.78 -15.09
C ASP G 135 -106.97 -37.15 -15.97
N GLY G 136 -106.73 -37.20 -17.27
CA GLY G 136 -107.78 -37.44 -18.22
C GLY G 136 -108.42 -36.20 -18.78
N GLN G 137 -108.13 -35.04 -18.22
CA GLN G 137 -108.62 -33.76 -18.68
C GLN G 137 -107.50 -33.02 -19.36
N PRO G 138 -107.79 -31.90 -20.02
CA PRO G 138 -106.71 -30.96 -20.35
C PRO G 138 -106.08 -30.41 -19.08
N GLY G 139 -104.80 -30.08 -19.17
CA GLY G 139 -104.12 -29.50 -18.04
C GLY G 139 -104.58 -28.10 -17.75
N ALA G 140 -104.31 -27.64 -16.53
CA ALA G 140 -104.65 -26.29 -16.16
C ALA G 140 -103.78 -25.32 -16.93
N PHE G 141 -104.35 -24.17 -17.25
CA PHE G 141 -103.64 -23.15 -18.00
C PHE G 141 -102.59 -22.54 -17.08
N THR G 142 -101.31 -22.82 -17.35
CA THR G 142 -100.24 -22.36 -16.49
C THR G 142 -99.70 -21.04 -17.01
N CYS G 143 -99.53 -20.07 -16.12
CA CYS G 143 -99.26 -18.70 -16.50
C CYS G 143 -98.40 -18.06 -15.43
N TYR G 144 -97.72 -16.98 -15.76
CA TYR G 144 -96.86 -16.32 -14.81
C TYR G 144 -97.24 -14.85 -14.72
N LEU G 145 -96.82 -14.22 -13.64
CA LEU G 145 -97.24 -12.86 -13.34
C LEU G 145 -96.20 -11.87 -13.84
N ASP G 146 -96.64 -10.88 -14.60
CA ASP G 146 -95.79 -9.77 -15.00
C ASP G 146 -96.30 -8.53 -14.28
N ALA G 147 -95.70 -8.23 -13.13
CA ALA G 147 -96.10 -7.07 -12.36
C ALA G 147 -95.61 -5.78 -13.02
N GLY G 148 -94.51 -5.84 -13.73
CA GLY G 148 -94.03 -4.69 -14.47
C GLY G 148 -93.01 -3.91 -13.68
N LEU G 149 -93.15 -2.60 -13.69
CA LEU G 149 -92.30 -1.73 -12.89
C LEU G 149 -92.86 -1.45 -11.52
N ALA G 150 -93.89 -2.18 -11.10
CA ALA G 150 -94.51 -1.92 -9.81
C ALA G 150 -93.62 -2.40 -8.68
N ARG G 151 -93.66 -1.67 -7.57
CA ARG G 151 -93.00 -2.12 -6.36
C ARG G 151 -93.88 -3.18 -5.74
N THR G 152 -93.41 -4.41 -5.73
CA THR G 152 -94.25 -5.53 -5.30
C THR G 152 -94.07 -5.73 -3.80
N THR G 153 -94.72 -4.86 -3.04
CA THR G 153 -94.75 -4.95 -1.60
C THR G 153 -96.09 -5.58 -1.22
N THR G 154 -96.19 -6.03 0.02
CA THR G 154 -97.37 -6.73 0.51
C THR G 154 -98.61 -5.84 0.45
N GLY G 155 -99.63 -6.29 -0.26
CA GLY G 155 -100.85 -5.54 -0.42
C GLY G 155 -100.97 -4.82 -1.73
N ASN G 156 -100.01 -5.00 -2.62
CA ASN G 156 -100.06 -4.38 -3.92
C ASN G 156 -101.18 -5.01 -4.74
N LYS G 157 -101.87 -4.17 -5.51
CA LYS G 157 -103.07 -4.59 -6.21
C LYS G 157 -102.82 -5.60 -7.31
N VAL G 158 -101.58 -5.75 -7.78
CA VAL G 158 -101.33 -6.74 -8.80
C VAL G 158 -101.42 -8.14 -8.25
N PHE G 159 -101.27 -8.30 -6.95
CA PHE G 159 -101.51 -9.61 -6.36
C PHE G 159 -102.97 -9.85 -6.09
N GLY G 160 -103.78 -8.79 -6.12
CA GLY G 160 -105.21 -8.99 -6.10
C GLY G 160 -105.72 -9.56 -7.40
N ALA G 161 -105.16 -9.12 -8.52
CA ALA G 161 -105.57 -9.67 -9.81
C ALA G 161 -105.01 -11.07 -9.99
N LEU G 162 -103.87 -11.36 -9.37
CA LEU G 162 -103.40 -12.74 -9.32
C LEU G 162 -104.37 -13.61 -8.54
N LYS G 163 -104.82 -13.14 -7.38
CA LYS G 163 -105.70 -13.93 -6.53
C LYS G 163 -107.05 -14.18 -7.18
N GLY G 164 -107.52 -13.21 -7.97
CA GLY G 164 -108.71 -13.43 -8.74
C GLY G 164 -108.52 -14.43 -9.85
N ALA G 165 -107.33 -14.45 -10.44
CA ALA G 165 -107.11 -15.38 -11.54
C ALA G 165 -106.86 -16.79 -11.07
N VAL G 166 -106.34 -16.95 -9.85
CA VAL G 166 -106.19 -18.30 -9.31
C VAL G 166 -107.53 -18.85 -8.92
N ASP G 167 -108.36 -18.03 -8.28
CA ASP G 167 -109.72 -18.44 -7.95
C ASP G 167 -110.57 -18.61 -9.18
N GLY G 168 -110.25 -17.92 -10.26
CA GLY G 168 -110.93 -18.17 -11.50
C GLY G 168 -110.53 -19.46 -12.17
N GLY G 169 -109.43 -20.05 -11.75
CA GLY G 169 -109.06 -21.35 -12.26
C GLY G 169 -107.72 -21.46 -12.94
N LEU G 170 -106.96 -20.37 -13.04
CA LEU G 170 -105.66 -20.44 -13.68
C LEU G 170 -104.61 -20.95 -12.71
N SER G 171 -103.53 -21.47 -13.25
CA SER G 171 -102.45 -22.05 -12.48
C SER G 171 -101.29 -21.08 -12.50
N ILE G 172 -101.16 -20.27 -11.46
CA ILE G 172 -100.14 -19.24 -11.40
C ILE G 172 -99.29 -19.52 -10.17
N PRO G 173 -97.99 -19.76 -10.32
CA PRO G 173 -97.14 -20.03 -9.15
C PRO G 173 -96.97 -18.77 -8.32
N HIS G 174 -97.41 -18.84 -7.09
CA HIS G 174 -97.40 -17.66 -6.24
C HIS G 174 -97.13 -18.10 -4.81
N SER G 175 -96.94 -17.12 -3.95
CA SER G 175 -96.88 -17.32 -2.52
C SER G 175 -97.87 -16.38 -1.86
N THR G 176 -98.19 -16.65 -0.60
CA THR G 176 -99.13 -15.80 0.12
C THR G 176 -98.45 -14.69 0.87
N LYS G 177 -97.19 -14.41 0.55
CA LYS G 177 -96.44 -13.46 1.35
C LYS G 177 -96.81 -12.02 0.99
N ARG G 178 -97.35 -11.80 -0.19
CA ARG G 178 -97.71 -10.45 -0.62
C ARG G 178 -99.19 -10.24 -0.73
N PHE G 179 -99.97 -11.12 -0.23
CA PHE G 179 -101.37 -10.84 -0.08
C PHE G 179 -101.54 -9.95 1.15
N PRO G 180 -102.58 -9.11 1.20
CA PRO G 180 -102.73 -8.17 2.32
C PRO G 180 -102.86 -8.78 3.70
N GLY G 181 -103.26 -10.03 3.84
CA GLY G 181 -103.41 -10.56 5.18
C GLY G 181 -102.17 -11.18 5.79
N TYR G 182 -101.00 -10.82 5.27
CA TYR G 182 -99.74 -11.36 5.73
C TYR G 182 -99.17 -10.45 6.82
N ASP G 183 -98.54 -11.04 7.81
CA ASP G 183 -98.02 -10.29 8.94
C ASP G 183 -96.51 -10.50 9.01
N SER G 184 -95.75 -9.44 8.73
CA SER G 184 -94.33 -9.59 8.46
C SER G 184 -93.53 -9.89 9.71
N GLU G 185 -93.89 -9.27 10.82
CA GLU G 185 -93.22 -9.50 12.09
C GLU G 185 -93.56 -10.87 12.69
N SER G 186 -94.58 -11.55 12.19
CA SER G 186 -94.86 -12.90 12.60
C SER G 186 -94.63 -13.94 11.52
N LYS G 187 -94.42 -13.50 10.27
CA LYS G 187 -94.35 -14.37 9.08
C LYS G 187 -95.58 -15.27 8.99
N GLU G 188 -96.74 -14.68 9.29
CA GLU G 188 -97.98 -15.41 9.43
C GLU G 188 -99.04 -14.78 8.54
N PHE G 189 -99.78 -15.62 7.84
CA PHE G 189 -100.83 -15.16 6.94
C PHE G 189 -102.18 -15.40 7.59
N ASN G 190 -103.07 -14.42 7.48
CA ASN G 190 -104.31 -14.48 8.21
C ASN G 190 -105.42 -15.15 7.42
N ALA G 191 -105.62 -14.76 6.17
CA ALA G 191 -106.71 -15.14 5.27
C ALA G 191 -108.07 -14.67 5.72
N GLU G 192 -108.15 -13.73 6.66
CA GLU G 192 -109.43 -13.10 6.95
C GLU G 192 -109.31 -11.61 6.76
N VAL G 193 -108.17 -11.06 7.14
CA VAL G 193 -107.79 -9.72 6.69
C VAL G 193 -107.74 -9.69 5.18
N HIS G 194 -107.18 -10.74 4.57
CA HIS G 194 -107.08 -10.75 3.11
C HIS G 194 -108.43 -10.94 2.47
N ARG G 195 -109.33 -11.67 3.12
CA ARG G 195 -110.66 -11.88 2.55
C ARG G 195 -111.45 -10.59 2.49
N LYS G 196 -111.27 -9.72 3.47
CA LYS G 196 -112.01 -8.47 3.47
C LYS G 196 -111.51 -7.47 2.45
N HIS G 197 -110.24 -7.56 2.02
CA HIS G 197 -109.79 -6.71 0.94
C HIS G 197 -110.43 -7.11 -0.39
N ILE G 198 -110.75 -8.40 -0.57
CA ILE G 198 -111.49 -8.77 -1.77
C ILE G 198 -112.89 -8.22 -1.72
N MET G 199 -113.50 -8.21 -0.56
CA MET G 199 -114.89 -7.80 -0.55
C MET G 199 -115.04 -6.29 -0.41
N GLY G 200 -113.95 -5.55 -0.37
CA GLY G 200 -114.04 -4.11 -0.31
C GLY G 200 -114.40 -3.61 1.06
N GLN G 201 -113.90 -4.27 2.09
CA GLN G 201 -114.25 -3.87 3.44
C GLN G 201 -113.30 -2.84 4.00
N ASN G 202 -112.10 -2.72 3.46
CA ASN G 202 -111.23 -1.61 3.82
C ASN G 202 -111.83 -0.29 3.38
N VAL G 203 -112.54 -0.28 2.25
CA VAL G 203 -113.21 0.93 1.81
C VAL G 203 -114.46 1.18 2.62
N ALA G 204 -115.21 0.11 2.91
CA ALA G 204 -116.46 0.22 3.67
C ALA G 204 -116.24 0.78 5.06
N ASP G 205 -115.11 0.46 5.68
CA ASP G 205 -114.83 1.00 7.00
C ASP G 205 -114.53 2.49 6.95
N TYR G 206 -113.76 2.91 5.95
CA TYR G 206 -113.41 4.32 5.79
C TYR G 206 -114.59 5.16 5.36
N MET G 207 -115.59 4.56 4.72
CA MET G 207 -116.80 5.30 4.44
C MET G 207 -117.60 5.52 5.73
N ARG G 208 -117.69 4.50 6.57
CA ARG G 208 -118.35 4.67 7.87
C ARG G 208 -117.56 5.56 8.80
N TYR G 209 -116.26 5.69 8.57
CA TYR G 209 -115.44 6.59 9.38
C TYR G 209 -115.64 8.04 9.01
N LEU G 210 -115.70 8.35 7.75
CA LEU G 210 -115.93 9.72 7.32
C LEU G 210 -117.36 10.18 7.51
N MET G 211 -118.30 9.24 7.65
CA MET G 211 -119.65 9.60 8.03
C MET G 211 -119.75 10.06 9.47
N GLU G 212 -119.03 9.41 10.38
CA GLU G 212 -119.21 9.69 11.79
C GLU G 212 -118.16 10.63 12.37
N GLU G 213 -117.27 11.16 11.57
CA GLU G 213 -116.44 12.22 12.14
C GLU G 213 -116.40 13.49 11.32
N ASP G 214 -116.42 13.41 9.99
CA ASP G 214 -116.30 14.60 9.17
C ASP G 214 -117.60 15.00 8.49
N GLU G 215 -118.16 14.10 7.66
CA GLU G 215 -119.42 14.18 6.93
C GLU G 215 -119.39 15.22 5.81
N ASP G 216 -118.38 16.07 5.76
CA ASP G 216 -118.18 16.98 4.66
C ASP G 216 -117.01 16.57 3.80
N ALA G 217 -115.99 15.95 4.39
CA ALA G 217 -114.99 15.22 3.64
C ALA G 217 -115.52 13.90 3.12
N TYR G 218 -116.60 13.39 3.70
CA TYR G 218 -117.25 12.19 3.16
C TYR G 218 -117.78 12.44 1.76
N LYS G 219 -118.41 13.60 1.55
CA LYS G 219 -118.87 13.94 0.22
C LYS G 219 -117.72 14.30 -0.70
N LYS G 220 -116.55 14.58 -0.16
CA LYS G 220 -115.38 14.90 -0.96
C LYS G 220 -114.62 13.65 -1.40
N GLN G 221 -114.43 12.71 -0.48
CA GLN G 221 -113.66 11.51 -0.76
C GLN G 221 -114.46 10.51 -1.58
N PHE G 222 -115.78 10.50 -1.44
CA PHE G 222 -116.64 9.49 -2.07
C PHE G 222 -117.80 10.14 -2.78
N SER G 223 -117.49 11.13 -3.61
CA SER G 223 -118.54 11.90 -4.29
C SER G 223 -119.30 11.09 -5.30
N GLN G 224 -118.66 10.08 -5.90
CA GLN G 224 -119.34 9.26 -6.89
C GLN G 224 -120.05 8.06 -6.30
N TYR G 225 -119.67 7.63 -5.10
CA TYR G 225 -120.43 6.55 -4.47
C TYR G 225 -121.79 7.05 -4.04
N ILE G 226 -121.87 8.31 -3.64
CA ILE G 226 -123.14 8.88 -3.22
C ILE G 226 -124.07 9.04 -4.40
N LYS G 227 -123.50 9.35 -5.57
CA LYS G 227 -124.32 9.54 -6.75
C LYS G 227 -124.89 8.22 -7.27
N ASN G 228 -124.15 7.13 -7.13
CA ASN G 228 -124.66 5.83 -7.48
C ASN G 228 -125.28 5.10 -6.31
N SER G 229 -125.33 5.75 -5.14
CA SER G 229 -125.99 5.25 -3.92
C SER G 229 -125.43 3.90 -3.50
N VAL G 230 -124.15 3.90 -3.18
CA VAL G 230 -123.46 2.70 -2.73
C VAL G 230 -123.22 2.87 -1.23
N THR G 231 -124.11 2.28 -0.45
CA THR G 231 -124.02 2.32 1.00
C THR G 231 -122.89 1.41 1.46
N PRO G 232 -122.19 1.74 2.56
CA PRO G 232 -121.19 0.80 3.09
C PRO G 232 -121.74 -0.55 3.50
N ASP G 233 -122.99 -0.61 3.91
CA ASP G 233 -123.55 -1.86 4.40
C ASP G 233 -124.21 -2.68 3.32
N MET G 234 -124.01 -2.32 2.05
CA MET G 234 -124.50 -3.12 0.94
C MET G 234 -123.38 -3.58 0.04
N MET G 235 -122.13 -3.42 0.46
CA MET G 235 -121.01 -3.52 -0.46
C MET G 235 -120.45 -4.92 -0.59
N GLU G 236 -120.38 -5.68 0.52
CA GLU G 236 -119.81 -7.02 0.49
C GLU G 236 -120.64 -7.96 -0.36
N GLU G 237 -121.95 -7.79 -0.31
CA GLU G 237 -122.82 -8.55 -1.19
C GLU G 237 -122.82 -8.00 -2.60
N MET G 238 -122.37 -6.77 -2.79
CA MET G 238 -122.40 -6.18 -4.11
C MET G 238 -121.29 -6.76 -4.96
N TYR G 239 -120.22 -7.23 -4.35
CA TYR G 239 -119.21 -7.97 -5.08
C TYR G 239 -119.55 -9.45 -5.20
N LYS G 240 -120.26 -10.02 -4.22
CA LYS G 240 -120.69 -11.41 -4.35
C LYS G 240 -121.68 -11.57 -5.48
N LYS G 241 -122.54 -10.59 -5.67
CA LYS G 241 -123.39 -10.58 -6.84
C LYS G 241 -122.56 -10.37 -8.10
N ALA G 242 -121.44 -9.67 -7.99
CA ALA G 242 -120.63 -9.42 -9.16
C ALA G 242 -119.83 -10.62 -9.58
N HIS G 243 -119.29 -11.39 -8.63
CA HIS G 243 -118.45 -12.52 -9.01
C HIS G 243 -119.26 -13.62 -9.69
N ALA G 244 -120.49 -13.83 -9.23
CA ALA G 244 -121.33 -14.83 -9.86
C ALA G 244 -121.79 -14.39 -11.22
N ALA G 245 -121.95 -13.09 -11.42
CA ALA G 245 -122.29 -12.58 -12.74
C ALA G 245 -121.13 -12.71 -13.70
N ILE G 246 -119.89 -12.71 -13.18
CA ILE G 246 -118.74 -13.02 -14.01
C ILE G 246 -118.78 -14.46 -14.46
N ARG G 247 -118.94 -15.38 -13.51
CA ARG G 247 -118.99 -16.80 -13.79
C ARG G 247 -120.22 -17.18 -14.60
N GLU G 248 -121.25 -16.35 -14.59
CA GLU G 248 -122.40 -16.58 -15.46
C GLU G 248 -122.04 -16.40 -16.92
N ASN G 249 -121.37 -15.30 -17.26
CA ASN G 249 -121.20 -14.90 -18.65
C ASN G 249 -119.91 -14.11 -18.77
N PRO G 250 -118.78 -14.77 -18.98
CA PRO G 250 -117.52 -14.06 -19.10
C PRO G 250 -117.16 -13.61 -20.50
N VAL G 251 -118.00 -13.90 -21.50
CA VAL G 251 -117.63 -13.68 -22.89
C VAL G 251 -117.71 -12.20 -23.21
N TYR G 252 -116.67 -11.68 -23.84
CA TYR G 252 -116.63 -10.28 -24.25
C TYR G 252 -117.15 -10.17 -25.67
N GLU G 253 -118.36 -9.64 -25.82
CA GLU G 253 -118.87 -9.25 -27.12
C GLU G 253 -118.74 -7.75 -27.26
N LYS G 254 -118.48 -7.29 -28.47
CA LYS G 254 -118.19 -5.89 -28.68
C LYS G 254 -119.00 -5.33 -29.83
N LYS G 255 -119.20 -4.03 -29.80
CA LYS G 255 -120.01 -3.33 -30.80
C LYS G 255 -119.11 -2.67 -31.82
N PRO G 256 -119.36 -2.85 -33.12
CA PRO G 256 -118.63 -2.08 -34.12
C PRO G 256 -119.29 -0.71 -34.35
N LYS G 257 -118.51 0.18 -34.97
CA LYS G 257 -119.04 1.47 -35.38
C LYS G 257 -118.43 1.81 -36.73
N LYS G 258 -119.24 2.41 -37.61
CA LYS G 258 -118.87 2.59 -39.00
C LYS G 258 -118.95 4.03 -39.48
N GLU G 259 -119.90 4.81 -38.99
CA GLU G 259 -120.34 6.03 -39.64
C GLU G 259 -119.40 7.22 -39.41
N VAL G 260 -118.11 7.00 -39.62
CA VAL G 260 -117.10 8.01 -39.35
C VAL G 260 -116.45 8.42 -40.66
N LYS G 261 -116.04 9.68 -40.73
CA LYS G 261 -115.42 10.24 -41.91
C LYS G 261 -113.90 10.26 -41.72
N LYS G 262 -113.19 10.97 -42.60
CA LYS G 262 -111.74 10.94 -42.68
C LYS G 262 -111.25 12.31 -42.22
N LYS G 263 -111.77 12.76 -41.07
CA LYS G 263 -111.46 14.10 -40.59
C LYS G 263 -110.07 14.09 -39.95
N ARG G 264 -109.16 14.88 -40.51
CA ARG G 264 -107.86 15.10 -39.91
C ARG G 264 -108.03 15.86 -38.61
N TRP G 265 -107.67 15.26 -37.49
CA TRP G 265 -107.67 16.00 -36.25
C TRP G 265 -106.29 16.55 -35.90
N ASN G 266 -105.28 16.21 -36.69
CA ASN G 266 -103.96 16.79 -36.53
C ASN G 266 -103.51 17.41 -37.84
N ARG G 267 -102.24 17.74 -37.95
CA ARG G 267 -101.76 18.52 -39.06
C ARG G 267 -100.70 17.73 -39.82
N PRO G 268 -100.74 17.71 -41.14
CA PRO G 268 -99.78 16.91 -41.92
C PRO G 268 -98.44 17.60 -42.05
N LYS G 269 -97.47 16.84 -42.55
CA LYS G 269 -96.13 17.37 -42.76
C LYS G 269 -96.09 18.32 -43.94
N MET G 270 -95.33 19.40 -43.80
CA MET G 270 -95.13 20.32 -44.90
C MET G 270 -94.21 19.70 -45.92
N SER G 271 -94.53 19.90 -47.20
CA SER G 271 -93.72 19.34 -48.26
C SER G 271 -92.40 20.10 -48.37
N LEU G 272 -91.50 19.56 -49.20
CA LEU G 272 -90.23 20.24 -49.45
C LEU G 272 -90.44 21.57 -50.15
N ALA G 273 -91.43 21.66 -51.03
CA ALA G 273 -91.68 22.89 -51.75
C ALA G 273 -92.22 23.98 -50.84
N GLN G 274 -93.11 23.62 -49.93
CA GLN G 274 -93.61 24.57 -48.94
C GLN G 274 -92.54 24.98 -47.96
N LYS G 275 -91.53 24.15 -47.72
CA LYS G 275 -90.53 24.52 -46.75
C LYS G 275 -89.53 25.51 -47.30
N LYS G 276 -89.15 25.38 -48.57
CA LYS G 276 -88.06 26.20 -49.06
C LYS G 276 -88.51 27.46 -49.77
N ASP G 277 -89.81 27.70 -49.90
CA ASP G 277 -90.20 29.06 -50.22
C ASP G 277 -90.52 29.86 -48.98
N ARG G 278 -90.87 29.17 -47.89
CA ARG G 278 -91.07 29.84 -46.62
C ARG G 278 -89.80 30.53 -46.16
N VAL G 279 -88.65 29.91 -46.38
CA VAL G 279 -87.41 30.62 -46.11
C VAL G 279 -87.18 31.69 -47.16
N ALA G 280 -87.66 31.49 -48.38
CA ALA G 280 -87.41 32.45 -49.44
C ALA G 280 -88.20 33.72 -49.24
N GLN G 281 -89.34 33.64 -48.59
CA GLN G 281 -90.08 34.83 -48.25
C GLN G 281 -89.81 35.31 -46.84
N LYS G 282 -89.00 34.58 -46.07
CA LYS G 282 -88.40 35.17 -44.88
C LYS G 282 -87.19 36.00 -45.26
N LYS G 283 -86.41 35.53 -46.22
CA LYS G 283 -85.25 36.30 -46.66
C LYS G 283 -85.68 37.51 -47.44
N ALA G 284 -86.82 37.43 -48.14
CA ALA G 284 -87.33 38.58 -48.86
C ALA G 284 -87.84 39.64 -47.89
N SER G 285 -88.67 39.24 -46.94
CA SER G 285 -89.24 40.19 -46.01
C SER G 285 -88.26 40.68 -44.97
N PHE G 286 -87.06 40.09 -44.91
CA PHE G 286 -86.01 40.68 -44.09
C PHE G 286 -85.34 41.82 -44.81
N LEU G 287 -85.02 41.65 -46.09
CA LEU G 287 -84.40 42.70 -46.87
C LEU G 287 -85.38 43.81 -47.20
N ARG G 288 -86.65 43.49 -47.36
CA ARG G 288 -87.68 44.49 -47.57
C ARG G 288 -87.93 45.33 -46.33
N ALA G 289 -87.55 44.85 -45.15
CA ALA G 289 -87.64 45.64 -43.93
C ALA G 289 -86.40 46.47 -43.70
N GLN G 290 -85.53 46.60 -44.70
CA GLN G 290 -84.41 47.53 -44.59
C GLN G 290 -83.96 47.99 -45.97
N PRO H 1 -66.58 -53.01 -124.42
CA PRO H 1 -65.59 -52.05 -123.92
C PRO H 1 -65.79 -50.64 -124.47
N HIS H 2 -65.93 -49.67 -123.58
CA HIS H 2 -66.05 -48.27 -123.92
C HIS H 2 -64.92 -47.55 -123.22
N CYS H 3 -64.80 -46.25 -123.45
CA CYS H 3 -63.85 -45.46 -122.68
C CYS H 3 -64.41 -45.21 -121.28
N SER H 4 -63.68 -44.40 -120.52
CA SER H 4 -64.01 -44.24 -119.12
C SER H 4 -65.24 -43.40 -118.86
N ARG H 5 -65.69 -42.60 -119.82
CA ARG H 5 -66.94 -41.84 -119.78
C ARG H 5 -66.97 -40.83 -118.61
N ASN H 6 -65.83 -40.57 -117.98
CA ASN H 6 -65.75 -39.75 -116.77
C ASN H 6 -64.39 -39.12 -116.77
N PRO H 7 -64.25 -37.92 -117.31
CA PRO H 7 -62.94 -37.30 -117.41
C PRO H 7 -62.43 -36.89 -116.05
N VAL H 8 -61.13 -36.84 -115.92
CA VAL H 8 -60.51 -36.48 -114.64
C VAL H 8 -60.41 -34.98 -114.52
N LEU H 9 -60.77 -34.46 -113.34
CA LEU H 9 -60.38 -33.09 -113.04
C LEU H 9 -58.94 -33.06 -112.57
N VAL H 10 -58.68 -33.65 -111.42
CA VAL H 10 -57.36 -33.94 -110.91
C VAL H 10 -57.33 -35.42 -110.61
N ARG H 11 -56.19 -35.92 -110.17
CA ARG H 11 -56.03 -37.35 -110.00
C ARG H 11 -56.88 -37.85 -108.83
N GLY H 12 -57.67 -38.87 -109.08
CA GLY H 12 -58.55 -39.41 -108.08
C GLY H 12 -59.85 -38.70 -107.91
N ILE H 13 -60.15 -37.70 -108.73
CA ILE H 13 -61.45 -37.05 -108.73
C ILE H 13 -61.93 -36.96 -110.17
N GLY H 14 -63.07 -37.59 -110.44
CA GLY H 14 -63.66 -37.49 -111.75
C GLY H 14 -64.44 -36.22 -111.87
N ARG H 15 -64.79 -35.86 -113.09
CA ARG H 15 -65.50 -34.61 -113.28
C ARG H 15 -66.97 -34.75 -112.94
N TYR H 16 -67.63 -35.78 -113.45
CA TYR H 16 -69.05 -35.93 -113.23
C TYR H 16 -69.33 -36.66 -111.94
N SER H 17 -70.40 -36.25 -111.27
CA SER H 17 -70.68 -36.67 -109.91
C SER H 17 -71.29 -38.06 -109.91
N ARG H 18 -71.81 -38.49 -108.77
CA ARG H 18 -72.21 -39.88 -108.62
C ARG H 18 -73.52 -40.16 -109.33
N SER H 19 -74.53 -39.32 -109.13
CA SER H 19 -75.79 -39.55 -109.82
C SER H 19 -75.73 -39.10 -111.26
N ALA H 20 -74.84 -38.16 -111.58
CA ALA H 20 -74.62 -37.80 -112.97
C ALA H 20 -74.02 -38.93 -113.76
N MET H 21 -73.26 -39.79 -113.10
CA MET H 21 -72.68 -40.95 -113.75
C MET H 21 -73.59 -42.15 -113.68
N TYR H 22 -74.62 -42.10 -112.85
CA TYR H 22 -75.68 -43.09 -112.96
C TYR H 22 -76.38 -42.98 -114.31
N SER H 23 -76.56 -41.77 -114.80
CA SER H 23 -77.36 -41.58 -115.99
C SER H 23 -76.53 -41.52 -117.26
N ARG H 24 -75.23 -41.30 -117.15
CA ARG H 24 -74.40 -41.38 -118.35
C ARG H 24 -74.14 -42.83 -118.73
N LYS H 25 -74.22 -43.74 -117.76
CA LYS H 25 -74.06 -45.16 -118.01
C LYS H 25 -75.36 -45.85 -118.34
N ALA H 26 -76.48 -45.12 -118.31
CA ALA H 26 -77.84 -45.64 -118.45
C ALA H 26 -78.12 -46.78 -117.49
N MET H 27 -77.74 -46.58 -116.23
CA MET H 27 -77.94 -47.62 -115.23
C MET H 27 -79.38 -47.76 -114.79
N TYR H 28 -80.24 -46.82 -115.18
CA TYR H 28 -81.66 -46.90 -114.86
C TYR H 28 -82.34 -48.03 -115.60
N LYS H 29 -81.81 -48.41 -116.76
CA LYS H 29 -82.37 -49.50 -117.52
C LYS H 29 -81.45 -50.71 -117.59
N ARG H 30 -80.19 -50.54 -117.28
CA ARG H 30 -79.23 -51.62 -117.35
C ARG H 30 -78.96 -52.18 -115.95
N LYS H 31 -79.92 -52.97 -115.47
CA LYS H 31 -79.81 -53.58 -114.15
C LYS H 31 -80.23 -55.03 -114.21
N TYR H 32 -79.71 -55.81 -113.25
CA TYR H 32 -79.62 -57.26 -113.36
C TYR H 32 -80.10 -57.91 -112.08
N SER H 33 -80.85 -59.00 -112.20
CA SER H 33 -81.64 -59.50 -111.08
C SER H 33 -80.91 -60.54 -110.25
N ALA H 34 -80.60 -61.69 -110.86
CA ALA H 34 -80.07 -62.83 -110.11
C ALA H 34 -79.18 -63.63 -111.06
N ALA H 35 -78.92 -64.88 -110.71
CA ALA H 35 -78.06 -65.76 -111.50
C ALA H 35 -78.71 -66.15 -112.82
N VAL H 47 -56.84 -77.14 -111.61
CA VAL H 47 -57.56 -78.02 -112.51
C VAL H 47 -56.78 -78.14 -113.83
N LEU H 48 -56.54 -79.38 -114.30
CA LEU H 48 -56.82 -80.62 -113.58
C LEU H 48 -55.55 -81.01 -112.83
N ALA H 49 -55.70 -81.71 -111.70
CA ALA H 49 -54.56 -81.98 -110.84
C ALA H 49 -54.00 -83.38 -111.02
N THR H 50 -54.87 -84.35 -111.26
CA THR H 50 -54.46 -85.73 -111.48
C THR H 50 -54.81 -86.13 -112.89
N VAL H 51 -53.89 -86.84 -113.55
CA VAL H 51 -54.18 -87.42 -114.85
C VAL H 51 -54.21 -88.93 -114.70
N THR H 52 -54.85 -89.57 -115.66
CA THR H 52 -54.82 -91.02 -115.77
C THR H 52 -53.85 -91.39 -116.88
N LYS H 53 -52.97 -92.33 -116.61
CA LYS H 53 -51.92 -92.62 -117.55
C LYS H 53 -51.88 -94.12 -117.79
N PRO H 54 -51.79 -94.58 -119.05
CA PRO H 54 -52.12 -95.98 -119.37
C PRO H 54 -51.13 -97.03 -118.90
N VAL H 55 -51.53 -98.28 -119.08
CA VAL H 55 -50.91 -99.42 -118.44
C VAL H 55 -49.60 -99.76 -119.14
N GLY H 56 -48.64 -100.29 -118.39
CA GLY H 56 -47.47 -100.88 -118.98
C GLY H 56 -47.53 -102.39 -118.88
N GLY H 57 -48.69 -102.95 -119.19
CA GLY H 57 -48.98 -104.35 -118.98
C GLY H 57 -48.18 -105.30 -119.87
N ASP H 58 -48.61 -106.57 -119.88
CA ASP H 58 -49.88 -107.06 -119.35
C ASP H 58 -49.73 -107.50 -117.90
N LYS H 59 -50.87 -107.70 -117.23
CA LYS H 59 -51.06 -107.98 -115.79
C LYS H 59 -50.26 -107.04 -114.87
N ASN H 60 -49.97 -105.82 -115.34
CA ASN H 60 -49.80 -104.65 -114.50
C ASN H 60 -51.10 -103.90 -114.41
N GLY H 61 -52.21 -104.64 -114.40
CA GLY H 61 -53.53 -104.21 -114.82
C GLY H 61 -54.07 -102.94 -114.25
N GLY H 62 -54.85 -102.24 -115.04
CA GLY H 62 -55.34 -100.95 -114.61
C GLY H 62 -54.36 -99.86 -114.94
N THR H 63 -54.88 -98.74 -115.43
CA THR H 63 -54.08 -97.56 -115.67
C THR H 63 -53.62 -96.95 -114.36
N ARG H 64 -52.52 -96.22 -114.40
CA ARG H 64 -52.06 -95.49 -113.23
C ARG H 64 -52.70 -94.12 -113.19
N VAL H 65 -53.32 -93.78 -112.06
CA VAL H 65 -53.67 -92.39 -111.80
C VAL H 65 -52.44 -91.74 -111.17
N VAL H 66 -51.85 -90.81 -111.89
CA VAL H 66 -50.65 -90.10 -111.45
C VAL H 66 -50.99 -88.63 -111.34
N LYS H 67 -50.64 -88.01 -110.22
CA LYS H 67 -50.75 -86.58 -110.14
C LYS H 67 -49.43 -85.94 -110.54
N LEU H 68 -49.53 -84.79 -111.19
CA LEU H 68 -48.46 -83.82 -111.17
C LEU H 68 -48.60 -83.04 -109.87
N ARG H 69 -47.62 -82.16 -109.60
CA ARG H 69 -47.49 -81.44 -108.32
C ARG H 69 -47.37 -82.42 -107.15
N LYS H 70 -46.25 -83.14 -107.10
CA LYS H 70 -46.06 -84.08 -106.02
C LYS H 70 -45.64 -83.38 -104.73
N MET H 71 -45.68 -84.12 -103.65
CA MET H 71 -45.43 -83.59 -102.32
C MET H 71 -43.94 -83.65 -101.99
N PRO H 72 -43.42 -82.75 -101.15
CA PRO H 72 -41.98 -82.51 -101.14
C PRO H 72 -41.21 -83.58 -100.40
N ARG H 73 -39.96 -83.75 -100.80
CA ARG H 73 -39.14 -84.82 -100.25
C ARG H 73 -38.48 -84.41 -98.95
N TYR H 74 -38.42 -83.13 -98.65
CA TYR H 74 -37.67 -82.64 -97.52
C TYR H 74 -38.23 -81.32 -97.07
N TYR H 75 -38.86 -81.30 -95.92
CA TYR H 75 -39.19 -80.00 -95.35
C TYR H 75 -37.98 -79.43 -94.65
N PRO H 76 -37.79 -78.12 -94.62
CA PRO H 76 -36.70 -77.56 -93.83
C PRO H 76 -36.99 -77.65 -92.34
N THR H 77 -36.00 -77.24 -91.56
CA THR H 77 -36.17 -77.31 -90.11
C THR H 77 -37.13 -76.24 -89.62
N GLU H 78 -36.99 -75.02 -90.13
CA GLU H 78 -37.87 -73.92 -89.76
C GLU H 78 -38.24 -73.15 -91.01
N ASP H 79 -39.39 -72.49 -90.95
CA ASP H 79 -39.84 -71.62 -92.02
C ASP H 79 -40.02 -70.20 -91.50
N VAL H 80 -40.28 -69.31 -92.44
CA VAL H 80 -40.43 -67.89 -92.20
C VAL H 80 -41.89 -67.55 -92.44
N PRO H 81 -42.55 -66.83 -91.52
CA PRO H 81 -43.94 -66.44 -91.77
C PRO H 81 -44.07 -65.45 -92.91
N ARG H 82 -45.19 -65.51 -93.60
CA ARG H 82 -45.35 -64.70 -94.79
C ARG H 82 -45.74 -63.28 -94.41
N LYS H 83 -45.63 -62.39 -95.38
CA LYS H 83 -45.76 -60.97 -95.12
C LYS H 83 -47.23 -60.55 -95.10
N LEU H 84 -47.46 -59.33 -94.64
CA LEU H 84 -48.76 -58.70 -94.80
C LEU H 84 -48.84 -58.09 -96.19
N LEU H 85 -49.93 -57.40 -96.50
CA LEU H 85 -50.15 -56.92 -97.86
C LEU H 85 -50.00 -55.40 -97.92
N SER H 86 -49.70 -54.89 -99.11
CA SER H 86 -49.08 -53.57 -99.21
C SER H 86 -49.86 -52.50 -99.94
N HIS H 87 -50.68 -52.84 -100.93
CA HIS H 87 -51.59 -51.93 -101.65
C HIS H 87 -50.86 -50.80 -102.38
N GLY H 88 -49.59 -50.96 -102.68
CA GLY H 88 -48.94 -50.02 -103.57
C GLY H 88 -47.86 -50.79 -104.28
N LYS H 89 -46.69 -50.19 -104.42
CA LYS H 89 -45.42 -50.91 -104.48
C LYS H 89 -45.34 -51.80 -105.71
N LYS H 90 -45.42 -51.16 -106.87
CA LYS H 90 -45.43 -51.85 -108.14
C LYS H 90 -44.02 -52.31 -108.47
N PRO H 91 -43.85 -53.19 -109.46
CA PRO H 91 -42.50 -53.50 -109.93
C PRO H 91 -41.93 -52.33 -110.72
N PHE H 92 -40.64 -52.41 -111.03
CA PHE H 92 -39.97 -51.32 -111.73
C PHE H 92 -40.47 -51.16 -113.16
N SER H 93 -40.96 -52.22 -113.77
CA SER H 93 -41.50 -52.14 -115.12
C SER H 93 -42.81 -51.39 -115.18
N GLN H 94 -43.46 -51.13 -114.06
CA GLN H 94 -44.74 -50.47 -114.05
C GLN H 94 -44.69 -49.10 -113.40
N HIS H 95 -43.51 -48.59 -113.09
CA HIS H 95 -43.41 -47.23 -112.59
C HIS H 95 -43.70 -46.26 -113.72
N VAL H 96 -44.38 -45.17 -113.38
CA VAL H 96 -44.60 -44.11 -114.34
C VAL H 96 -43.30 -43.36 -114.56
N ARG H 97 -42.96 -43.10 -115.80
CA ARG H 97 -41.71 -42.46 -116.14
C ARG H 97 -41.91 -40.95 -116.21
N LYS H 98 -41.00 -40.21 -115.58
CA LYS H 98 -41.04 -38.77 -115.57
C LYS H 98 -39.87 -38.23 -116.38
N LEU H 99 -40.10 -37.14 -117.09
CA LEU H 99 -39.06 -36.50 -117.87
C LEU H 99 -39.04 -35.03 -117.52
N ARG H 100 -37.84 -34.50 -117.31
CA ARG H 100 -37.71 -33.14 -116.83
C ARG H 100 -38.14 -32.16 -117.91
N ALA H 101 -38.83 -31.11 -117.51
CA ALA H 101 -39.50 -30.23 -118.46
C ALA H 101 -38.53 -29.45 -119.33
N SER H 102 -37.27 -29.33 -118.90
CA SER H 102 -36.24 -28.70 -119.70
C SER H 102 -35.89 -29.49 -120.94
N ILE H 103 -36.18 -30.79 -120.96
CA ILE H 103 -35.64 -31.71 -121.95
C ILE H 103 -36.74 -32.07 -122.94
N THR H 104 -36.64 -31.54 -124.14
CA THR H 104 -37.48 -31.88 -125.27
C THR H 104 -36.59 -32.55 -126.31
N PRO H 105 -37.15 -33.38 -127.22
CA PRO H 105 -36.28 -34.09 -128.18
C PRO H 105 -35.51 -33.20 -129.13
N GLY H 106 -34.20 -33.16 -128.96
CA GLY H 106 -33.40 -32.27 -129.78
C GLY H 106 -32.51 -31.37 -128.97
N THR H 107 -32.67 -31.38 -127.67
CA THR H 107 -31.88 -30.50 -126.83
C THR H 107 -30.47 -31.04 -126.70
N ILE H 108 -29.55 -30.17 -126.32
CA ILE H 108 -28.17 -30.57 -126.13
C ILE H 108 -27.94 -30.79 -124.65
N LEU H 109 -27.44 -31.96 -124.31
CA LEU H 109 -27.20 -32.34 -122.94
C LEU H 109 -25.71 -32.29 -122.66
N ILE H 110 -25.36 -31.98 -121.43
CA ILE H 110 -23.98 -32.06 -120.97
C ILE H 110 -23.91 -33.29 -120.08
N ILE H 111 -23.24 -34.33 -120.56
CA ILE H 111 -23.09 -35.54 -119.77
C ILE H 111 -22.13 -35.27 -118.63
N LEU H 112 -22.58 -35.54 -117.41
CA LEU H 112 -21.82 -35.18 -116.23
C LEU H 112 -21.06 -36.32 -115.59
N THR H 113 -21.22 -37.56 -116.02
CA THR H 113 -20.82 -38.59 -115.08
C THR H 113 -19.88 -39.67 -115.59
N GLY H 114 -20.01 -40.15 -116.82
CA GLY H 114 -19.39 -41.40 -117.20
C GLY H 114 -17.93 -41.27 -117.60
N ARG H 115 -17.55 -42.08 -118.57
CA ARG H 115 -16.31 -41.87 -119.30
C ARG H 115 -16.39 -40.62 -120.16
N HIS H 116 -17.59 -40.24 -120.56
CA HIS H 116 -17.81 -39.10 -121.43
C HIS H 116 -18.27 -37.89 -120.64
N ARG H 117 -17.67 -37.68 -119.46
CA ARG H 117 -17.88 -36.46 -118.69
C ARG H 117 -17.60 -35.23 -119.52
N GLY H 118 -18.48 -34.25 -119.43
CA GLY H 118 -18.24 -32.99 -120.07
C GLY H 118 -18.63 -32.93 -121.52
N LYS H 119 -19.01 -34.04 -122.14
CA LYS H 119 -19.34 -34.02 -123.55
C LYS H 119 -20.69 -33.36 -123.77
N ARG H 120 -20.88 -32.87 -124.98
CA ARG H 120 -22.11 -32.24 -125.40
C ARG H 120 -22.73 -33.14 -126.45
N VAL H 121 -23.85 -33.74 -126.11
CA VAL H 121 -24.51 -34.74 -126.90
C VAL H 121 -25.90 -34.23 -127.23
N VAL H 122 -26.56 -34.87 -128.19
CA VAL H 122 -27.88 -34.43 -128.60
C VAL H 122 -28.91 -35.50 -128.24
N PHE H 123 -29.97 -35.07 -127.58
CA PHE H 123 -30.98 -35.94 -126.99
C PHE H 123 -31.96 -36.44 -128.05
N LEU H 124 -32.02 -37.75 -128.20
CA LEU H 124 -33.00 -38.43 -129.04
C LEU H 124 -34.22 -38.78 -128.19
N LYS H 125 -34.98 -39.78 -128.62
CA LYS H 125 -36.09 -40.37 -127.88
C LYS H 125 -35.73 -40.73 -126.44
N GLN H 126 -36.72 -40.66 -125.54
CA GLN H 126 -36.60 -41.27 -124.22
C GLN H 126 -37.07 -42.72 -124.25
N LEU H 127 -36.30 -43.61 -123.65
CA LEU H 127 -36.60 -45.03 -123.71
C LEU H 127 -37.67 -45.42 -122.71
N ALA H 128 -37.95 -46.72 -122.63
CA ALA H 128 -39.07 -47.19 -121.84
C ALA H 128 -38.77 -47.25 -120.36
N SER H 129 -37.51 -47.49 -119.99
CA SER H 129 -37.12 -47.56 -118.60
C SER H 129 -36.66 -46.22 -118.05
N GLY H 130 -37.07 -45.12 -118.67
CA GLY H 130 -36.71 -43.81 -118.20
C GLY H 130 -35.37 -43.31 -118.66
N LEU H 131 -34.50 -44.18 -119.14
CA LEU H 131 -33.18 -43.75 -119.57
C LEU H 131 -33.30 -42.98 -120.87
N LEU H 132 -32.35 -42.09 -121.11
CA LEU H 132 -32.42 -41.22 -122.26
C LEU H 132 -31.57 -41.82 -123.36
N LEU H 133 -32.17 -42.11 -124.50
CA LEU H 133 -31.36 -42.49 -125.63
C LEU H 133 -30.73 -41.23 -126.19
N VAL H 134 -29.42 -41.19 -126.18
CA VAL H 134 -28.71 -40.00 -126.60
C VAL H 134 -27.71 -40.42 -127.64
N THR H 135 -27.44 -39.54 -128.58
CA THR H 135 -26.26 -39.70 -129.38
C THR H 135 -25.45 -38.42 -129.27
N GLY H 136 -24.15 -38.58 -129.15
CA GLY H 136 -23.28 -37.57 -129.67
C GLY H 136 -23.21 -38.01 -131.10
N PRO H 137 -23.07 -37.11 -132.00
CA PRO H 137 -22.66 -37.53 -133.33
C PRO H 137 -21.26 -38.06 -133.20
N LEU H 138 -21.11 -39.37 -133.39
CA LEU H 138 -19.84 -40.09 -133.24
C LEU H 138 -18.70 -39.47 -134.03
N VAL H 139 -19.02 -38.91 -135.19
CA VAL H 139 -18.04 -38.14 -135.96
C VAL H 139 -17.65 -36.84 -135.31
N LEU H 140 -18.36 -36.38 -134.27
CA LEU H 140 -18.00 -35.13 -133.62
C LEU H 140 -17.30 -35.32 -132.29
N ASN H 141 -17.87 -36.11 -131.38
CA ASN H 141 -17.28 -36.17 -130.06
C ASN H 141 -17.17 -37.58 -129.48
N ARG H 142 -17.28 -38.61 -130.32
CA ARG H 142 -17.00 -40.01 -129.99
C ARG H 142 -17.93 -40.60 -128.94
N VAL H 143 -19.07 -40.00 -128.68
CA VAL H 143 -20.11 -40.63 -127.88
C VAL H 143 -21.07 -41.33 -128.83
N PRO H 144 -21.15 -42.63 -128.82
CA PRO H 144 -22.04 -43.32 -129.74
C PRO H 144 -23.49 -43.27 -129.29
N LEU H 145 -24.38 -44.02 -129.92
CA LEU H 145 -25.71 -44.17 -129.36
C LEU H 145 -25.64 -44.89 -128.03
N ARG H 146 -25.87 -44.16 -126.96
CA ARG H 146 -25.85 -44.74 -125.64
C ARG H 146 -27.14 -44.41 -124.93
N ARG H 147 -27.34 -45.06 -123.80
CA ARG H 147 -28.28 -44.56 -122.83
C ARG H 147 -27.55 -43.63 -121.89
N THR H 148 -28.28 -42.73 -121.26
CA THR H 148 -27.74 -41.96 -120.16
C THR H 148 -28.88 -41.68 -119.20
N HIS H 149 -28.55 -41.34 -117.96
CA HIS H 149 -29.59 -41.16 -116.97
C HIS H 149 -30.00 -39.70 -116.95
N GLN H 150 -31.26 -39.47 -116.59
CA GLN H 150 -31.85 -38.14 -116.61
C GLN H 150 -31.20 -37.22 -115.59
N LYS H 151 -30.97 -37.67 -114.38
CA LYS H 151 -30.53 -36.75 -113.35
C LYS H 151 -29.02 -36.64 -113.28
N PHE H 152 -28.29 -37.16 -114.25
CA PHE H 152 -26.85 -36.97 -114.33
C PHE H 152 -26.49 -36.14 -115.55
N VAL H 153 -27.37 -35.22 -115.93
CA VAL H 153 -27.38 -34.58 -117.23
C VAL H 153 -27.89 -33.15 -117.07
N ILE H 154 -27.16 -32.19 -117.63
CA ILE H 154 -27.60 -30.80 -117.65
C ILE H 154 -28.22 -30.52 -119.01
N ALA H 155 -29.46 -30.07 -119.02
CA ALA H 155 -30.12 -29.68 -120.25
C ALA H 155 -29.76 -28.24 -120.55
N THR H 156 -29.13 -28.00 -121.70
CA THR H 156 -28.91 -26.65 -122.14
C THR H 156 -30.17 -26.14 -122.84
N SER H 157 -30.09 -24.92 -123.36
CA SER H 157 -31.24 -24.29 -123.98
C SER H 157 -31.17 -24.35 -125.50
N THR H 158 -30.23 -25.10 -126.04
CA THR H 158 -30.01 -25.14 -127.48
C THR H 158 -30.75 -26.33 -128.06
N LYS H 159 -31.47 -26.11 -129.14
CA LYS H 159 -32.40 -27.08 -129.70
C LYS H 159 -32.12 -27.34 -131.17
N ILE H 160 -32.28 -28.59 -131.58
CA ILE H 160 -32.27 -28.98 -132.98
C ILE H 160 -33.57 -29.71 -133.25
N ASP H 161 -34.24 -29.36 -134.34
CA ASP H 161 -35.54 -29.96 -134.65
C ASP H 161 -35.34 -31.39 -135.16
N ILE H 162 -35.60 -32.36 -134.29
CA ILE H 162 -35.51 -33.77 -134.65
C ILE H 162 -36.86 -34.31 -135.10
N SER H 163 -37.83 -33.42 -135.33
CA SER H 163 -38.98 -33.82 -136.12
C SER H 163 -38.52 -34.09 -137.55
N ASN H 164 -39.21 -35.04 -138.21
CA ASN H 164 -38.81 -35.59 -139.51
C ASN H 164 -37.41 -36.22 -139.41
N VAL H 165 -37.20 -37.00 -138.35
CA VAL H 165 -36.02 -37.84 -138.18
C VAL H 165 -36.51 -39.20 -137.71
N LYS H 166 -36.13 -40.24 -138.42
CA LYS H 166 -36.70 -41.56 -138.20
C LYS H 166 -35.75 -42.39 -137.35
N ILE H 167 -36.08 -42.53 -136.07
CA ILE H 167 -35.35 -43.40 -135.16
C ILE H 167 -35.80 -44.83 -135.44
N PRO H 168 -34.88 -45.79 -135.55
CA PRO H 168 -35.28 -47.18 -135.76
C PRO H 168 -36.00 -47.74 -134.54
N LYS H 169 -37.00 -48.58 -134.78
CA LYS H 169 -37.86 -49.05 -133.69
C LYS H 169 -37.32 -50.27 -132.98
N HIS H 170 -36.20 -50.82 -133.41
CA HIS H 170 -35.53 -51.87 -132.63
C HIS H 170 -34.46 -51.26 -131.71
N LEU H 171 -34.82 -50.18 -131.03
CA LEU H 171 -33.88 -49.51 -130.15
C LEU H 171 -34.49 -49.45 -128.78
N THR H 172 -34.88 -50.61 -128.28
CA THR H 172 -35.48 -50.72 -126.97
C THR H 172 -34.40 -50.64 -125.89
N ASP H 173 -34.80 -50.88 -124.65
CA ASP H 173 -33.83 -51.03 -123.58
C ASP H 173 -33.02 -52.29 -123.75
N ALA H 174 -33.59 -53.32 -124.36
CA ALA H 174 -32.89 -54.59 -124.51
C ALA H 174 -31.80 -54.52 -125.56
N TYR H 175 -31.81 -53.49 -126.41
CA TYR H 175 -30.77 -53.34 -127.41
C TYR H 175 -29.46 -52.92 -126.78
N PHE H 176 -29.50 -52.11 -125.72
CA PHE H 176 -28.31 -51.52 -125.14
C PHE H 176 -27.85 -52.21 -123.88
N LYS H 177 -28.59 -53.19 -123.39
CA LYS H 177 -28.24 -53.83 -122.13
C LYS H 177 -27.04 -54.73 -122.33
N LYS H 178 -26.14 -54.73 -121.36
CA LYS H 178 -24.86 -55.42 -121.47
C LYS H 178 -25.04 -56.93 -121.52
N LYS H 179 -23.97 -57.61 -121.90
CA LYS H 179 -24.01 -59.04 -122.16
C LYS H 179 -23.20 -59.81 -121.12
N LYS H 180 -23.64 -61.04 -120.85
CA LYS H 180 -23.05 -61.90 -119.83
C LYS H 180 -22.80 -63.29 -120.41
N LEU H 181 -21.70 -63.91 -119.96
CA LEU H 181 -21.35 -65.28 -120.32
C LEU H 181 -20.97 -66.15 -119.12
N ARG H 182 -20.25 -65.60 -118.15
CA ARG H 182 -19.60 -66.40 -117.13
C ARG H 182 -20.61 -66.96 -116.12
N LYS H 183 -20.38 -68.19 -115.63
CA LYS H 183 -19.22 -69.05 -115.92
C LYS H 183 -19.62 -70.52 -116.08
N PRO H 184 -19.85 -70.96 -117.32
CA PRO H 184 -20.28 -72.36 -117.54
C PRO H 184 -19.14 -73.34 -117.34
N ARG H 185 -19.34 -74.29 -116.43
CA ARG H 185 -18.46 -75.47 -116.24
C ARG H 185 -17.03 -75.10 -115.89
N HIS H 186 -16.86 -74.41 -114.76
CA HIS H 186 -15.55 -74.09 -114.22
C HIS H 186 -15.72 -73.83 -112.73
N GLN H 187 -14.93 -74.50 -111.91
CA GLN H 187 -15.17 -74.51 -110.47
C GLN H 187 -13.99 -74.09 -109.62
N GLU H 188 -12.75 -74.18 -110.13
CA GLU H 188 -11.58 -73.81 -109.35
C GLU H 188 -10.72 -72.84 -110.15
N GLY H 189 -10.17 -71.84 -109.46
CA GLY H 189 -9.39 -70.83 -110.15
C GLY H 189 -7.91 -71.16 -110.28
N GLU H 190 -7.56 -71.74 -111.41
CA GLU H 190 -6.19 -71.89 -111.89
C GLU H 190 -6.03 -71.37 -113.31
N ILE H 191 -7.01 -71.61 -114.17
CA ILE H 191 -6.94 -71.29 -115.59
C ILE H 191 -7.40 -69.85 -115.77
N PHE H 192 -6.46 -68.94 -116.03
CA PHE H 192 -6.81 -67.56 -116.26
C PHE H 192 -7.37 -67.40 -117.67
N ASP H 193 -8.36 -66.52 -117.81
CA ASP H 193 -9.15 -66.41 -119.04
C ASP H 193 -9.24 -64.93 -119.42
N THR H 194 -8.49 -64.56 -120.46
CA THR H 194 -8.45 -63.18 -120.92
C THR H 194 -9.49 -62.89 -121.99
N GLU H 195 -10.57 -63.68 -122.05
CA GLU H 195 -11.63 -63.48 -123.01
C GLU H 195 -12.88 -62.95 -122.32
N LYS H 196 -13.73 -62.33 -123.15
CA LYS H 196 -15.07 -61.79 -122.84
C LYS H 196 -14.99 -60.52 -121.98
N GLU H 197 -13.83 -60.20 -121.41
CA GLU H 197 -13.75 -58.88 -120.78
C GLU H 197 -13.41 -57.81 -121.80
N LYS H 198 -13.16 -58.18 -123.05
CA LYS H 198 -13.07 -57.21 -124.13
C LYS H 198 -14.41 -57.14 -124.84
N TYR H 199 -14.96 -55.93 -124.89
CA TYR H 199 -16.20 -55.66 -125.61
C TYR H 199 -15.86 -55.35 -127.05
N GLU H 200 -16.64 -55.91 -127.97
CA GLU H 200 -16.47 -55.65 -129.38
C GLU H 200 -17.75 -55.10 -129.98
N ILE H 201 -17.59 -54.16 -130.90
CA ILE H 201 -18.72 -53.51 -131.54
C ILE H 201 -19.29 -54.45 -132.59
N THR H 202 -20.59 -54.70 -132.52
CA THR H 202 -21.19 -55.53 -133.53
C THR H 202 -21.56 -54.69 -134.74
N GLU H 203 -21.81 -55.39 -135.86
CA GLU H 203 -22.16 -54.69 -137.09
C GLU H 203 -23.55 -54.09 -137.02
N GLN H 204 -24.45 -54.70 -136.24
CA GLN H 204 -25.75 -54.11 -136.03
C GLN H 204 -25.63 -52.82 -135.25
N ARG H 205 -24.74 -52.80 -134.26
CA ARG H 205 -24.52 -51.58 -133.48
C ARG H 205 -23.85 -50.51 -134.33
N LYS H 206 -23.06 -50.93 -135.30
CA LYS H 206 -22.22 -50.03 -136.06
C LYS H 206 -22.94 -49.39 -137.24
N ILE H 207 -24.05 -49.96 -137.71
CA ILE H 207 -24.78 -49.32 -138.80
C ILE H 207 -26.02 -48.57 -138.31
N ASP H 208 -26.48 -48.82 -137.09
CA ASP H 208 -27.53 -47.98 -136.54
C ASP H 208 -27.00 -46.60 -136.23
N GLN H 209 -25.73 -46.52 -135.85
CA GLN H 209 -25.06 -45.24 -135.70
C GLN H 209 -25.04 -44.48 -137.02
N LYS H 210 -24.75 -45.19 -138.10
CA LYS H 210 -24.65 -44.55 -139.40
C LYS H 210 -26.03 -44.19 -139.93
N ALA H 211 -27.07 -44.90 -139.50
CA ALA H 211 -28.42 -44.55 -139.93
C ALA H 211 -28.91 -43.29 -139.26
N VAL H 212 -28.41 -42.97 -138.08
CA VAL H 212 -28.89 -41.82 -137.34
C VAL H 212 -27.99 -40.61 -137.57
N ASP H 213 -26.67 -40.81 -137.65
CA ASP H 213 -25.79 -39.70 -138.00
C ASP H 213 -26.04 -39.17 -139.40
N SER H 214 -26.59 -39.99 -140.31
CA SER H 214 -26.82 -39.54 -141.67
C SER H 214 -27.89 -38.46 -141.74
N GLN H 215 -28.81 -38.44 -140.78
CA GLN H 215 -29.86 -37.45 -140.80
C GLN H 215 -29.86 -36.49 -139.63
N ILE H 216 -28.99 -36.67 -138.64
CA ILE H 216 -28.84 -35.63 -137.63
C ILE H 216 -27.86 -34.57 -138.09
N LEU H 217 -26.73 -35.00 -138.67
CA LEU H 217 -25.70 -34.08 -139.14
C LEU H 217 -26.13 -32.98 -140.11
N PRO H 218 -27.05 -33.18 -141.08
CA PRO H 218 -27.48 -32.02 -141.88
C PRO H 218 -28.17 -30.92 -141.10
N LYS H 219 -28.66 -31.21 -139.89
CA LYS H 219 -29.24 -30.16 -139.08
C LYS H 219 -28.27 -29.58 -138.08
N ILE H 220 -27.10 -30.18 -137.90
CA ILE H 220 -26.07 -29.53 -137.11
C ILE H 220 -25.22 -28.63 -137.97
N LYS H 221 -24.93 -29.06 -139.20
CA LYS H 221 -24.28 -28.19 -140.17
C LYS H 221 -25.19 -27.09 -140.67
N ALA H 222 -26.47 -27.10 -140.31
CA ALA H 222 -27.37 -26.04 -140.70
C ALA H 222 -27.06 -24.76 -139.94
N ILE H 223 -27.10 -24.81 -138.61
CA ILE H 223 -26.90 -23.58 -137.84
C ILE H 223 -25.40 -23.36 -137.64
N PRO H 224 -24.95 -22.11 -137.60
CA PRO H 224 -23.50 -21.87 -137.61
C PRO H 224 -22.83 -22.25 -136.31
N GLN H 225 -21.61 -22.77 -136.45
CA GLN H 225 -20.65 -23.20 -135.44
C GLN H 225 -21.24 -23.94 -134.26
N LEU H 226 -22.26 -24.74 -134.51
CA LEU H 226 -22.69 -25.73 -133.55
C LEU H 226 -21.75 -26.92 -133.52
N GLN H 227 -21.01 -27.16 -134.61
CA GLN H 227 -20.09 -28.29 -134.68
C GLN H 227 -19.01 -28.19 -133.64
N GLY H 228 -18.32 -27.06 -133.61
CA GLY H 228 -17.25 -26.86 -132.66
C GLY H 228 -17.75 -26.77 -131.24
N TYR H 229 -19.00 -26.34 -131.07
CA TYR H 229 -19.64 -26.45 -129.76
C TYR H 229 -19.83 -27.89 -129.36
N LEU H 230 -20.30 -28.72 -130.28
CA LEU H 230 -20.47 -30.13 -129.98
C LEU H 230 -19.18 -30.93 -129.99
N ARG H 231 -18.04 -30.30 -130.27
CA ARG H 231 -16.76 -30.97 -130.15
C ARG H 231 -16.01 -30.60 -128.88
N SER H 232 -16.37 -29.51 -128.23
CA SER H 232 -15.70 -29.10 -127.02
C SER H 232 -16.28 -29.82 -125.81
N VAL H 233 -15.59 -29.69 -124.68
CA VAL H 233 -16.05 -30.26 -123.42
C VAL H 233 -16.32 -29.13 -122.44
N PHE H 234 -17.19 -29.42 -121.50
CA PHE H 234 -17.59 -28.43 -120.53
C PHE H 234 -16.65 -28.44 -119.32
N ALA H 235 -16.45 -27.28 -118.74
CA ALA H 235 -15.47 -27.12 -117.69
C ALA H 235 -15.82 -25.89 -116.88
N LEU H 236 -15.38 -25.89 -115.64
CA LEU H 236 -15.50 -24.72 -114.79
C LEU H 236 -14.12 -24.07 -114.64
N THR H 237 -14.08 -22.77 -114.74
CA THR H 237 -12.83 -22.02 -114.62
C THR H 237 -12.92 -21.11 -113.40
N ASN H 238 -11.95 -20.20 -113.27
CA ASN H 238 -11.85 -19.35 -112.09
C ASN H 238 -12.96 -18.32 -111.99
N GLY H 239 -13.74 -18.14 -113.03
CA GLY H 239 -14.80 -17.16 -113.09
C GLY H 239 -16.10 -17.81 -112.66
N ILE H 240 -16.77 -18.41 -113.64
CA ILE H 240 -18.10 -19.01 -113.58
C ILE H 240 -18.41 -19.85 -112.36
N TYR H 241 -19.60 -19.66 -111.82
CA TYR H 241 -20.19 -20.46 -110.78
C TYR H 241 -21.50 -21.00 -111.34
N PRO H 242 -21.81 -22.27 -111.12
CA PRO H 242 -22.91 -22.89 -111.84
C PRO H 242 -24.28 -22.41 -111.41
N HIS H 243 -24.42 -21.78 -110.25
CA HIS H 243 -25.70 -21.18 -109.95
C HIS H 243 -25.91 -19.88 -110.68
N LYS H 244 -24.86 -19.31 -111.26
CA LYS H 244 -24.98 -18.10 -112.05
C LYS H 244 -24.99 -18.36 -113.53
N LEU H 245 -24.70 -19.58 -113.96
CA LEU H 245 -24.74 -19.88 -115.37
C LEU H 245 -26.17 -20.00 -115.84
N VAL H 246 -26.36 -19.89 -117.14
CA VAL H 246 -27.66 -20.06 -117.77
C VAL H 246 -27.58 -21.29 -118.63
N PHE H 247 -28.31 -22.33 -118.25
CA PHE H 247 -28.46 -23.48 -119.11
C PHE H 247 -29.91 -23.57 -119.56
N ASN I 1 -78.60 -78.56 -94.91
CA ASN I 1 -77.45 -78.50 -94.01
C ASN I 1 -76.43 -77.52 -94.56
N PHE I 2 -75.77 -77.93 -95.64
CA PHE I 2 -74.57 -77.24 -96.08
C PHE I 2 -74.84 -76.17 -97.13
N ALA I 3 -75.82 -76.37 -97.98
CA ALA I 3 -76.19 -75.33 -98.92
C ALA I 3 -77.07 -74.27 -98.28
N GLU I 4 -77.86 -74.65 -97.28
CA GLU I 4 -78.65 -73.64 -96.58
C GLU I 4 -77.79 -72.81 -95.63
N LEU I 5 -76.61 -73.28 -95.27
CA LEU I 5 -75.79 -72.51 -94.37
C LEU I 5 -74.93 -71.51 -95.13
N LYS I 6 -74.73 -71.72 -96.43
CA LYS I 6 -74.18 -70.62 -97.22
C LYS I 6 -75.19 -69.49 -97.37
N ILE I 7 -76.45 -69.83 -97.64
CA ILE I 7 -77.42 -68.80 -97.97
C ILE I 7 -77.80 -67.98 -96.73
N LYS I 8 -77.73 -68.55 -95.54
CA LYS I 8 -77.90 -67.74 -94.34
C LYS I 8 -76.66 -66.96 -93.99
N ARG I 9 -75.51 -67.37 -94.52
CA ARG I 9 -74.29 -66.62 -94.31
C ARG I 9 -74.17 -65.47 -95.30
N LEU I 10 -74.59 -65.69 -96.53
CA LEU I 10 -74.55 -64.64 -97.54
C LEU I 10 -75.66 -63.62 -97.38
N ARG I 11 -76.70 -63.90 -96.62
CA ARG I 11 -77.71 -62.89 -96.37
C ARG I 11 -77.43 -62.06 -95.14
N LYS I 12 -76.63 -62.54 -94.22
CA LYS I 12 -76.23 -61.69 -93.12
C LYS I 12 -75.04 -60.83 -93.47
N LYS I 13 -74.28 -61.21 -94.48
CA LYS I 13 -73.31 -60.29 -95.03
C LYS I 13 -73.96 -59.30 -95.97
N PHE I 14 -75.19 -59.57 -96.38
CA PHE I 14 -75.91 -58.63 -97.23
C PHE I 14 -76.59 -57.55 -96.41
N ALA I 15 -77.13 -57.91 -95.25
CA ALA I 15 -77.73 -56.92 -94.39
C ALA I 15 -76.70 -55.97 -93.81
N GLN I 16 -75.48 -56.45 -93.59
CA GLN I 16 -74.46 -55.57 -93.08
C GLN I 16 -73.96 -54.59 -94.12
N LYS I 17 -73.97 -54.98 -95.40
CA LYS I 17 -73.63 -54.04 -96.46
C LYS I 17 -74.75 -53.03 -96.66
N MET I 18 -76.00 -53.44 -96.55
CA MET I 18 -77.09 -52.47 -96.65
C MET I 18 -77.09 -51.51 -95.49
N LEU I 19 -76.74 -51.98 -94.31
CA LEU I 19 -76.66 -51.10 -93.17
C LEU I 19 -75.45 -50.19 -93.28
N ARG I 20 -74.40 -50.65 -93.92
CA ARG I 20 -73.22 -49.82 -94.09
C ARG I 20 -73.48 -48.72 -95.10
N LYS I 21 -74.17 -49.02 -96.18
CA LYS I 21 -74.43 -47.97 -97.16
C LYS I 21 -75.51 -47.02 -96.72
N ALA I 22 -76.33 -47.41 -95.76
CA ALA I 22 -77.25 -46.44 -95.20
C ALA I 22 -76.54 -45.49 -94.27
N ARG I 23 -75.58 -45.98 -93.50
CA ARG I 23 -74.82 -45.12 -92.60
C ARG I 23 -73.83 -44.23 -93.32
N ARG I 24 -73.33 -44.63 -94.48
CA ARG I 24 -72.50 -43.72 -95.25
C ARG I 24 -73.35 -42.62 -95.86
N LYS I 25 -74.61 -42.89 -96.18
CA LYS I 25 -75.41 -41.84 -96.77
C LYS I 25 -75.88 -40.87 -95.72
N LEU I 26 -76.02 -41.32 -94.47
CA LEU I 26 -76.39 -40.41 -93.39
C LEU I 26 -75.29 -39.40 -93.13
N ILE I 27 -74.04 -39.85 -92.99
CA ILE I 27 -73.01 -38.90 -92.68
C ILE I 27 -72.64 -38.06 -93.88
N TYR I 28 -73.01 -38.48 -95.08
CA TYR I 28 -72.84 -37.61 -96.24
C TYR I 28 -73.79 -36.45 -96.17
N GLU I 29 -75.05 -36.73 -95.89
CA GLU I 29 -76.05 -35.70 -95.88
C GLU I 29 -76.00 -34.85 -94.63
N LYS I 30 -75.47 -35.38 -93.54
CA LYS I 30 -75.23 -34.53 -92.39
C LYS I 30 -74.14 -33.52 -92.69
N ALA I 31 -73.16 -33.88 -93.48
CA ALA I 31 -72.12 -32.92 -93.79
C ALA I 31 -72.55 -31.96 -94.88
N LYS I 32 -73.50 -32.32 -95.72
CA LYS I 32 -74.01 -31.33 -96.66
C LYS I 32 -74.90 -30.34 -95.96
N HIS I 33 -75.58 -30.79 -94.91
CA HIS I 33 -76.40 -29.90 -94.11
C HIS I 33 -75.56 -28.93 -93.29
N TYR I 34 -74.43 -29.40 -92.76
CA TYR I 34 -73.61 -28.52 -91.94
C TYR I 34 -72.92 -27.47 -92.77
N HIS I 35 -72.59 -27.80 -94.01
CA HIS I 35 -72.06 -26.82 -94.93
C HIS I 35 -73.04 -25.70 -95.20
N LYS I 36 -74.33 -26.03 -95.27
CA LYS I 36 -75.32 -24.97 -95.41
C LYS I 36 -75.41 -24.16 -94.13
N GLU I 37 -75.31 -24.82 -92.99
CA GLU I 37 -75.47 -24.14 -91.72
C GLU I 37 -74.31 -23.20 -91.41
N TYR I 38 -73.11 -23.49 -91.91
CA TYR I 38 -71.99 -22.59 -91.73
C TYR I 38 -72.10 -21.38 -92.64
N ARG I 39 -72.65 -21.54 -93.84
CA ARG I 39 -72.97 -20.37 -94.64
C ARG I 39 -74.08 -19.55 -94.03
N GLN I 40 -75.05 -20.19 -93.38
CA GLN I 40 -76.06 -19.45 -92.64
C GLN I 40 -75.42 -18.53 -91.63
N MET I 41 -74.48 -19.05 -90.85
CA MET I 41 -73.85 -18.28 -89.79
C MET I 41 -72.93 -17.21 -90.34
N TYR I 42 -72.09 -17.56 -91.30
CA TYR I 42 -71.08 -16.63 -91.77
C TYR I 42 -71.68 -15.50 -92.56
N ARG I 43 -72.70 -15.75 -93.35
CA ARG I 43 -73.31 -14.66 -94.09
C ARG I 43 -74.20 -13.80 -93.23
N THR I 44 -74.69 -14.32 -92.11
CA THR I 44 -75.62 -13.54 -91.31
C THR I 44 -74.91 -12.44 -90.56
N GLU I 45 -73.66 -12.68 -90.16
CA GLU I 45 -72.89 -11.66 -89.47
C GLU I 45 -72.59 -10.48 -90.37
N ILE I 46 -72.47 -10.72 -91.67
CA ILE I 46 -72.27 -9.66 -92.63
C ILE I 46 -73.55 -8.88 -92.87
N ARG I 47 -74.67 -9.58 -93.00
CA ARG I 47 -75.95 -8.91 -93.23
CA ARG I 47 -75.95 -8.91 -93.23
C ARG I 47 -76.39 -8.11 -92.03
N MET I 48 -76.18 -8.64 -90.83
CA MET I 48 -76.51 -7.89 -89.64
C MET I 48 -75.63 -6.67 -89.48
N ALA I 49 -74.40 -6.73 -89.95
CA ALA I 49 -73.54 -5.56 -89.90
C ALA I 49 -73.90 -4.54 -90.96
N ARG I 50 -74.29 -4.99 -92.14
CA ARG I 50 -74.65 -4.07 -93.20
C ARG I 50 -75.97 -3.37 -92.94
N MET I 51 -76.93 -4.02 -92.30
CA MET I 51 -78.19 -3.32 -92.08
C MET I 51 -78.09 -2.32 -90.95
N ALA I 52 -77.05 -2.39 -90.15
CA ALA I 52 -76.83 -1.39 -89.13
C ALA I 52 -76.06 -0.21 -89.67
N ARG I 53 -75.19 -0.43 -90.64
CA ARG I 53 -74.48 0.69 -91.22
C ARG I 53 -75.38 1.53 -92.10
N LYS I 54 -76.45 0.95 -92.62
CA LYS I 54 -77.41 1.73 -93.39
C LYS I 54 -78.15 2.70 -92.50
N ALA I 55 -78.56 2.27 -91.33
CA ALA I 55 -79.38 3.08 -90.45
C ALA I 55 -78.55 3.98 -89.55
N GLY I 56 -77.24 4.03 -89.75
CA GLY I 56 -76.40 4.84 -88.90
C GLY I 56 -76.19 4.26 -87.52
N ASN I 57 -76.38 2.96 -87.37
CA ASN I 57 -76.34 2.31 -86.09
C ASN I 57 -75.17 1.36 -86.03
N PHE I 58 -75.02 0.69 -84.90
CA PHE I 58 -73.94 -0.26 -84.71
C PHE I 58 -74.51 -1.63 -84.45
N TYR I 59 -73.84 -2.65 -84.96
CA TYR I 59 -74.16 -4.03 -84.66
C TYR I 59 -73.03 -4.62 -83.86
N VAL I 60 -73.28 -4.85 -82.59
CA VAL I 60 -72.31 -5.54 -81.75
C VAL I 60 -72.56 -7.03 -81.94
N PRO I 61 -71.57 -7.80 -82.36
CA PRO I 61 -71.77 -9.23 -82.57
C PRO I 61 -71.96 -9.94 -81.24
N ALA I 62 -72.23 -11.23 -81.31
CA ALA I 62 -72.33 -12.01 -80.10
C ALA I 62 -70.95 -12.15 -79.48
N GLU I 63 -70.90 -12.02 -78.17
CA GLU I 63 -69.66 -12.24 -77.46
C GLU I 63 -69.30 -13.71 -77.64
N PRO I 64 -68.08 -14.01 -78.08
CA PRO I 64 -67.77 -15.37 -78.51
C PRO I 64 -67.74 -16.34 -77.35
N LYS I 65 -67.86 -17.62 -77.71
CA LYS I 65 -68.15 -18.63 -76.73
C LYS I 65 -67.28 -19.87 -76.82
N LEU I 66 -66.56 -20.06 -77.89
CA LEU I 66 -65.53 -21.08 -77.99
C LEU I 66 -64.16 -20.43 -77.91
N ALA I 67 -63.34 -20.87 -76.96
CA ALA I 67 -61.96 -20.46 -76.89
C ALA I 67 -61.06 -21.66 -77.11
N PHE I 68 -59.80 -21.40 -77.42
CA PHE I 68 -58.80 -22.45 -77.55
C PHE I 68 -57.55 -22.03 -76.77
N VAL I 69 -57.34 -22.62 -75.59
CA VAL I 69 -56.20 -22.25 -74.75
C VAL I 69 -54.99 -23.07 -75.17
N ILE I 70 -53.79 -22.55 -74.90
CA ILE I 70 -52.53 -23.22 -75.24
C ILE I 70 -51.55 -22.93 -74.13
N ARG I 71 -51.03 -23.96 -73.47
CA ARG I 71 -50.04 -23.70 -72.44
C ARG I 71 -48.72 -23.31 -73.09
N ILE I 72 -48.23 -22.11 -72.75
CA ILE I 72 -47.00 -21.62 -73.35
C ILE I 72 -45.82 -21.69 -72.39
N ARG I 73 -46.05 -21.85 -71.11
CA ARG I 73 -44.97 -21.83 -70.14
C ARG I 73 -44.86 -23.19 -69.51
N GLY I 74 -43.63 -23.66 -69.30
CA GLY I 74 -43.39 -25.00 -68.82
C GLY I 74 -43.72 -25.18 -67.35
N ILE I 75 -43.26 -26.30 -66.81
CA ILE I 75 -43.79 -26.85 -65.57
C ILE I 75 -42.88 -26.61 -64.38
N ASN I 76 -41.92 -25.72 -64.49
CA ASN I 76 -40.95 -25.50 -63.43
C ASN I 76 -41.32 -24.25 -62.67
N GLY I 77 -41.49 -24.39 -61.35
CA GLY I 77 -41.74 -23.28 -60.48
C GLY I 77 -43.10 -22.65 -60.61
N VAL I 78 -44.15 -23.47 -60.64
CA VAL I 78 -45.50 -23.00 -60.87
C VAL I 78 -46.23 -22.99 -59.53
N SER I 79 -46.89 -21.87 -59.23
CA SER I 79 -47.57 -21.69 -57.96
C SER I 79 -48.79 -22.62 -57.88
N PRO I 80 -49.24 -23.02 -56.68
CA PRO I 80 -50.14 -24.17 -56.60
C PRO I 80 -51.56 -23.93 -57.05
N LYS I 81 -52.08 -22.71 -56.88
CA LYS I 81 -53.40 -22.40 -57.39
C LYS I 81 -53.42 -22.36 -58.89
N VAL I 82 -52.35 -21.85 -59.48
CA VAL I 82 -52.20 -21.88 -60.92
C VAL I 82 -51.98 -23.30 -61.40
N ARG I 83 -51.23 -24.09 -60.65
CA ARG I 83 -50.95 -25.46 -61.05
C ARG I 83 -52.20 -26.33 -61.01
N LYS I 84 -53.14 -26.02 -60.12
CA LYS I 84 -54.39 -26.76 -60.08
C LYS I 84 -55.33 -26.36 -61.20
N VAL I 85 -55.29 -25.10 -61.63
CA VAL I 85 -56.19 -24.67 -62.69
C VAL I 85 -55.74 -25.24 -64.02
N LEU I 86 -54.42 -25.31 -64.25
CA LEU I 86 -53.93 -25.87 -65.51
C LEU I 86 -54.23 -27.33 -65.65
N GLN I 87 -54.34 -28.06 -64.56
CA GLN I 87 -54.71 -29.45 -64.69
C GLN I 87 -56.20 -29.67 -64.58
N LEU I 88 -57.00 -28.62 -64.47
CA LEU I 88 -58.42 -28.72 -64.75
C LEU I 88 -58.73 -28.39 -66.19
N LEU I 89 -57.81 -27.76 -66.90
CA LEU I 89 -57.96 -27.48 -68.30
C LEU I 89 -57.29 -28.53 -69.15
N ARG I 90 -56.64 -29.50 -68.50
CA ARG I 90 -55.88 -30.60 -69.09
C ARG I 90 -54.65 -30.11 -69.83
N LEU I 91 -54.04 -29.04 -69.33
CA LEU I 91 -52.82 -28.50 -69.90
C LEU I 91 -51.64 -28.89 -69.01
N ARG I 92 -51.22 -30.14 -69.12
CA ARG I 92 -50.20 -30.64 -68.20
C ARG I 92 -48.78 -30.55 -68.73
N GLN I 93 -48.59 -29.98 -69.89
CA GLN I 93 -47.31 -30.05 -70.59
C GLN I 93 -47.31 -28.83 -71.49
N ILE I 94 -46.14 -28.41 -71.95
CA ILE I 94 -46.09 -27.19 -72.74
C ILE I 94 -46.58 -27.49 -74.15
N PHE I 95 -47.31 -26.52 -74.74
CA PHE I 95 -47.93 -26.57 -76.06
C PHE I 95 -48.96 -27.68 -76.17
N ASN I 96 -50.03 -27.54 -75.39
CA ASN I 96 -51.03 -28.54 -75.11
C ASN I 96 -52.44 -27.98 -75.17
N GLY I 97 -52.82 -27.52 -76.35
CA GLY I 97 -54.10 -26.90 -76.54
C GLY I 97 -55.30 -27.78 -76.23
N THR I 98 -56.41 -27.11 -75.94
CA THR I 98 -57.72 -27.71 -75.81
C THR I 98 -58.75 -26.63 -76.03
N PHE I 99 -59.99 -27.04 -76.25
CA PHE I 99 -61.11 -26.15 -76.38
C PHE I 99 -61.78 -25.94 -75.04
N VAL I 100 -62.15 -24.71 -74.74
CA VAL I 100 -62.95 -24.45 -73.55
C VAL I 100 -64.16 -23.63 -73.94
N LYS I 101 -65.18 -23.72 -73.12
CA LYS I 101 -66.45 -23.08 -73.34
C LYS I 101 -66.52 -21.83 -72.48
N LEU I 102 -66.67 -20.67 -73.10
CA LEU I 102 -66.60 -19.40 -72.39
C LEU I 102 -67.90 -19.11 -71.68
N ASN I 103 -67.81 -18.83 -70.39
CA ASN I 103 -68.90 -18.35 -69.56
C ASN I 103 -68.23 -17.61 -68.42
N LYS I 104 -68.95 -17.26 -67.37
CA LYS I 104 -68.24 -16.53 -66.34
C LYS I 104 -67.44 -17.45 -65.43
N ALA I 105 -67.83 -18.72 -65.33
CA ALA I 105 -67.04 -19.66 -64.55
C ALA I 105 -65.70 -19.96 -65.20
N SER I 106 -65.67 -20.07 -66.52
CA SER I 106 -64.43 -20.39 -67.20
C SER I 106 -63.58 -19.16 -67.50
N ILE I 107 -64.18 -17.99 -67.67
CA ILE I 107 -63.36 -16.80 -67.91
C ILE I 107 -62.60 -16.39 -66.66
N ASN I 108 -63.23 -16.49 -65.49
CA ASN I 108 -62.52 -16.07 -64.29
C ASN I 108 -61.46 -17.04 -63.85
N MET I 109 -61.41 -18.24 -64.40
CA MET I 109 -60.28 -19.10 -64.13
C MET I 109 -59.27 -19.09 -65.27
N LEU I 110 -59.60 -18.52 -66.41
CA LEU I 110 -58.55 -18.21 -67.36
C LEU I 110 -57.78 -16.96 -67.00
N ARG I 111 -58.35 -16.12 -66.14
CA ARG I 111 -57.60 -14.96 -65.68
C ARG I 111 -56.58 -15.35 -64.64
N ILE I 112 -56.82 -16.45 -63.93
CA ILE I 112 -55.83 -16.95 -62.99
C ILE I 112 -54.61 -17.44 -63.74
N VAL I 113 -54.83 -18.14 -64.83
CA VAL I 113 -53.70 -18.44 -65.71
C VAL I 113 -53.58 -17.38 -66.78
N GLU I 114 -53.11 -16.20 -66.42
CA GLU I 114 -52.76 -15.33 -67.54
C GLU I 114 -51.35 -15.59 -68.09
N PRO I 115 -50.27 -15.65 -67.30
CA PRO I 115 -48.96 -15.73 -67.94
C PRO I 115 -48.52 -17.11 -68.37
N TYR I 116 -49.35 -18.14 -68.26
CA TYR I 116 -49.00 -19.49 -68.62
C TYR I 116 -49.64 -19.95 -69.90
N ILE I 117 -50.72 -19.31 -70.32
CA ILE I 117 -51.44 -19.75 -71.49
C ILE I 117 -51.54 -18.61 -72.48
N ALA I 118 -51.79 -18.98 -73.71
CA ALA I 118 -52.22 -18.05 -74.74
C ALA I 118 -53.52 -18.58 -75.30
N TRP I 119 -54.48 -17.71 -75.55
CA TRP I 119 -55.77 -18.20 -75.98
C TRP I 119 -56.48 -17.13 -76.77
N GLY I 120 -57.57 -17.55 -77.40
CA GLY I 120 -58.40 -16.64 -78.15
C GLY I 120 -59.52 -17.41 -78.79
N TYR I 121 -60.03 -16.88 -79.88
CA TYR I 121 -61.29 -17.39 -80.37
C TYR I 121 -61.05 -18.05 -81.72
N PRO I 122 -61.12 -19.37 -81.82
CA PRO I 122 -60.76 -20.03 -83.07
C PRO I 122 -61.88 -19.97 -84.09
N ASN I 123 -61.52 -20.09 -85.35
CA ASN I 123 -62.48 -20.12 -86.43
C ASN I 123 -62.63 -21.54 -86.96
N LEU I 124 -63.41 -21.67 -88.04
CA LEU I 124 -63.81 -22.98 -88.52
C LEU I 124 -62.66 -23.74 -89.16
N LYS I 125 -61.76 -23.03 -89.81
CA LYS I 125 -60.59 -23.68 -90.38
C LYS I 125 -59.67 -24.20 -89.29
N SER I 126 -59.58 -23.50 -88.17
CA SER I 126 -58.70 -23.95 -87.11
C SER I 126 -59.28 -25.16 -86.40
N VAL I 127 -60.60 -25.21 -86.26
CA VAL I 127 -61.16 -26.39 -85.63
C VAL I 127 -61.26 -27.55 -86.62
N ASN I 128 -61.26 -27.32 -87.91
CA ASN I 128 -61.11 -28.45 -88.82
C ASN I 128 -59.72 -29.04 -88.74
N GLU I 129 -58.70 -28.20 -88.92
CA GLU I 129 -57.35 -28.72 -89.04
C GLU I 129 -56.79 -29.32 -87.77
N LEU I 130 -57.25 -28.91 -86.61
CA LEU I 130 -56.80 -29.57 -85.40
C LEU I 130 -57.43 -30.94 -85.21
N ILE I 131 -58.70 -31.10 -85.56
CA ILE I 131 -59.34 -32.39 -85.37
C ILE I 131 -58.80 -33.40 -86.37
N TYR I 132 -58.59 -33.00 -87.61
CA TYR I 132 -58.13 -33.96 -88.60
C TYR I 132 -56.65 -34.29 -88.42
N LYS I 133 -55.80 -33.27 -88.30
CA LYS I 133 -54.38 -33.57 -88.18
C LYS I 133 -54.03 -34.09 -86.79
N ARG I 134 -54.65 -33.58 -85.74
CA ARG I 134 -54.14 -33.86 -84.41
C ARG I 134 -55.21 -34.28 -83.41
N GLY I 135 -56.32 -34.83 -83.86
CA GLY I 135 -57.37 -35.16 -82.91
C GLY I 135 -57.33 -36.61 -82.50
N TYR I 136 -57.11 -36.89 -81.23
CA TYR I 136 -57.11 -38.28 -80.77
C TYR I 136 -58.21 -38.43 -79.72
N GLY I 137 -58.63 -39.67 -79.48
CA GLY I 137 -59.74 -39.87 -78.58
C GLY I 137 -59.31 -40.54 -77.30
N LYS I 138 -60.13 -40.43 -76.27
CA LYS I 138 -59.89 -41.14 -75.02
C LYS I 138 -60.87 -42.30 -74.98
N ILE I 139 -60.39 -43.47 -75.38
CA ILE I 139 -61.20 -44.66 -75.52
C ILE I 139 -60.65 -45.68 -74.55
N ASN I 140 -61.45 -45.99 -73.51
CA ASN I 140 -61.13 -46.59 -72.22
C ASN I 140 -59.73 -46.23 -71.75
N LYS I 141 -59.49 -44.93 -71.63
CA LYS I 141 -58.30 -44.29 -71.10
C LYS I 141 -57.06 -44.51 -71.95
N LYS I 142 -57.20 -45.02 -73.17
CA LYS I 142 -56.12 -45.01 -74.13
C LYS I 142 -56.25 -43.77 -75.00
N ARG I 143 -55.23 -43.52 -75.79
CA ARG I 143 -55.16 -42.35 -76.67
C ARG I 143 -55.15 -42.88 -78.10
N ILE I 144 -56.30 -42.84 -78.76
CA ILE I 144 -56.45 -43.54 -80.02
C ILE I 144 -56.58 -42.52 -81.14
N ALA I 145 -55.78 -42.68 -82.18
CA ALA I 145 -55.88 -41.85 -83.36
C ALA I 145 -57.20 -42.10 -84.07
N LEU I 146 -57.87 -41.00 -84.40
CA LEU I 146 -59.18 -41.00 -85.03
C LEU I 146 -59.07 -41.27 -86.53
N THR I 147 -58.82 -42.53 -86.85
CA THR I 147 -58.58 -42.95 -88.22
C THR I 147 -59.82 -43.49 -88.89
N ASP I 148 -60.95 -43.54 -88.20
CA ASP I 148 -62.18 -44.10 -88.75
C ASP I 148 -63.33 -43.59 -87.91
N ASN I 149 -64.50 -43.50 -88.52
CA ASN I 149 -65.63 -42.92 -87.82
C ASN I 149 -66.22 -43.82 -86.77
N ALA I 150 -65.96 -45.13 -86.86
CA ALA I 150 -66.48 -46.06 -85.88
C ALA I 150 -65.89 -45.85 -84.50
N LEU I 151 -64.74 -45.20 -84.41
CA LEU I 151 -64.17 -44.87 -83.11
C LEU I 151 -64.93 -43.74 -82.45
N ILE I 152 -65.32 -42.74 -83.22
CA ILE I 152 -66.16 -41.67 -82.69
C ILE I 152 -67.54 -42.21 -82.36
N ALA I 153 -68.11 -43.00 -83.25
CA ALA I 153 -69.49 -43.42 -83.08
C ALA I 153 -69.67 -44.44 -81.97
N ARG I 154 -68.63 -45.14 -81.58
CA ARG I 154 -68.79 -46.12 -80.52
C ARG I 154 -68.80 -45.47 -79.16
N SER I 155 -68.23 -44.27 -79.05
CA SER I 155 -68.18 -43.56 -77.78
C SER I 155 -69.20 -42.44 -77.70
N LEU I 156 -69.21 -41.55 -78.68
CA LEU I 156 -70.09 -40.41 -78.65
C LEU I 156 -71.40 -40.66 -79.37
N GLY I 157 -71.65 -41.89 -79.80
CA GLY I 157 -72.78 -42.14 -80.68
C GLY I 157 -74.12 -42.02 -80.01
N LYS I 158 -74.17 -42.28 -78.72
CA LYS I 158 -75.39 -42.10 -77.95
C LYS I 158 -75.76 -40.64 -77.74
N TYR I 159 -74.90 -39.71 -78.10
CA TYR I 159 -75.20 -38.30 -78.06
C TYR I 159 -75.56 -37.76 -79.43
N GLY I 160 -75.47 -38.57 -80.46
CA GLY I 160 -75.74 -38.13 -81.81
C GLY I 160 -74.52 -37.88 -82.66
N ILE I 161 -73.32 -37.90 -82.09
CA ILE I 161 -72.10 -37.69 -82.84
C ILE I 161 -71.66 -39.05 -83.35
N ILE I 162 -71.75 -39.28 -84.66
CA ILE I 162 -71.38 -40.57 -85.25
C ILE I 162 -70.29 -40.46 -86.30
N CYS I 163 -69.81 -39.28 -86.64
CA CYS I 163 -68.71 -39.15 -87.57
C CYS I 163 -67.89 -37.95 -87.15
N MET I 164 -66.73 -37.78 -87.78
CA MET I 164 -65.83 -36.70 -87.39
C MET I 164 -66.37 -35.35 -87.78
N GLU I 165 -67.27 -35.30 -88.76
CA GLU I 165 -67.87 -34.05 -89.13
C GLU I 165 -68.89 -33.58 -88.10
N ASP I 166 -69.57 -34.51 -87.41
CA ASP I 166 -70.49 -34.13 -86.36
C ASP I 166 -69.75 -33.59 -85.15
N LEU I 167 -68.61 -34.20 -84.86
CA LEU I 167 -67.76 -33.76 -83.76
C LEU I 167 -67.25 -32.35 -83.98
N ILE I 168 -66.95 -32.00 -85.23
CA ILE I 168 -66.50 -30.64 -85.54
C ILE I 168 -67.64 -29.65 -85.38
N HIS I 169 -68.84 -30.05 -85.76
CA HIS I 169 -69.97 -29.16 -85.57
C HIS I 169 -70.33 -29.01 -84.09
N GLU I 170 -70.05 -30.01 -83.29
CA GLU I 170 -70.39 -29.92 -81.89
C GLU I 170 -69.41 -29.04 -81.13
N ILE I 171 -68.16 -29.02 -81.55
CA ILE I 171 -67.17 -28.13 -80.94
C ILE I 171 -67.40 -26.70 -81.39
N TYR I 172 -67.60 -26.51 -82.70
CA TYR I 172 -67.61 -25.16 -83.25
C TYR I 172 -68.89 -24.44 -82.92
N THR I 173 -70.02 -25.08 -83.13
CA THR I 173 -71.29 -24.55 -82.68
C THR I 173 -71.57 -25.20 -81.35
N VAL I 174 -71.26 -24.50 -80.25
CA VAL I 174 -70.99 -25.12 -78.97
C VAL I 174 -72.31 -25.67 -78.44
N GLY I 175 -72.54 -26.95 -78.71
CA GLY I 175 -73.85 -27.55 -78.58
C GLY I 175 -74.10 -28.09 -77.20
N LYS I 176 -75.23 -28.78 -77.07
CA LYS I 176 -75.67 -29.28 -75.78
C LYS I 176 -74.78 -30.37 -75.24
N ARG I 177 -74.09 -31.08 -76.09
CA ARG I 177 -73.17 -32.12 -75.69
C ARG I 177 -71.76 -31.73 -76.02
N PHE I 178 -71.46 -30.44 -75.87
CA PHE I 178 -70.08 -29.98 -76.00
C PHE I 178 -69.18 -30.62 -74.97
N LYS I 179 -69.69 -30.81 -73.75
CA LYS I 179 -68.86 -31.34 -72.66
C LYS I 179 -68.37 -32.74 -72.96
N GLU I 180 -69.23 -33.58 -73.49
CA GLU I 180 -68.84 -34.94 -73.76
C GLU I 180 -67.98 -35.04 -75.00
N ALA I 181 -68.21 -34.18 -75.98
CA ALA I 181 -67.39 -34.20 -77.17
C ALA I 181 -66.00 -33.65 -76.88
N ASN I 182 -65.90 -32.60 -76.08
CA ASN I 182 -64.59 -32.02 -75.79
C ASN I 182 -63.77 -32.95 -74.91
N ASN I 183 -64.42 -33.59 -73.98
CA ASN I 183 -63.71 -34.49 -73.08
C ASN I 183 -63.33 -35.78 -73.78
N PHE I 184 -64.02 -36.11 -74.87
CA PHE I 184 -63.63 -37.25 -75.67
C PHE I 184 -62.28 -37.04 -76.33
N LEU I 185 -61.98 -35.82 -76.70
CA LEU I 185 -60.71 -35.51 -77.31
C LEU I 185 -59.62 -35.56 -76.26
N TRP I 186 -58.61 -36.38 -76.50
CA TRP I 186 -57.38 -36.24 -75.79
C TRP I 186 -56.84 -34.85 -76.10
N PRO I 187 -56.38 -34.09 -75.11
CA PRO I 187 -55.91 -32.72 -75.37
C PRO I 187 -54.73 -32.67 -76.32
N PHE I 188 -54.70 -31.64 -77.14
CA PHE I 188 -53.91 -31.67 -78.35
C PHE I 188 -52.44 -31.49 -78.06
N LYS I 189 -51.62 -31.97 -78.96
CA LYS I 189 -50.17 -31.91 -78.77
C LYS I 189 -49.59 -31.17 -79.95
N LEU I 190 -49.31 -29.91 -79.74
CA LEU I 190 -48.87 -29.04 -80.80
C LEU I 190 -47.36 -28.93 -80.74
N SER I 191 -46.74 -28.66 -81.88
CA SER I 191 -45.29 -28.55 -81.90
C SER I 191 -44.88 -27.16 -81.44
N SER I 192 -43.60 -26.88 -81.52
CA SER I 192 -43.14 -25.54 -81.23
C SER I 192 -43.57 -24.61 -82.35
N PRO I 193 -43.91 -23.36 -82.04
CA PRO I 193 -44.37 -22.43 -83.07
C PRO I 193 -43.27 -22.06 -84.03
N ARG I 194 -43.55 -22.26 -85.31
CA ARG I 194 -42.54 -22.07 -86.34
C ARG I 194 -42.41 -20.59 -86.63
N GLY I 195 -41.22 -20.05 -86.47
CA GLY I 195 -40.99 -18.64 -86.66
C GLY I 195 -40.87 -17.86 -85.37
N GLY I 196 -41.00 -18.50 -84.21
CA GLY I 196 -40.69 -17.87 -82.95
C GLY I 196 -41.92 -17.40 -82.23
N MET I 197 -41.72 -17.03 -80.96
CA MET I 197 -42.85 -16.67 -80.12
C MET I 197 -43.04 -15.19 -79.89
N LYS I 198 -42.02 -14.36 -80.11
CA LYS I 198 -42.05 -12.92 -79.83
C LYS I 198 -42.34 -12.67 -78.34
N LYS I 199 -41.34 -13.05 -77.54
CA LYS I 199 -41.24 -12.79 -76.10
C LYS I 199 -42.34 -13.46 -75.28
N LYS I 200 -42.13 -14.74 -75.00
CA LYS I 200 -43.08 -15.58 -74.27
C LYS I 200 -43.49 -15.01 -72.92
N THR I 201 -42.59 -14.34 -72.21
CA THR I 201 -42.84 -14.07 -70.80
C THR I 201 -43.78 -12.91 -70.52
N THR I 202 -44.29 -12.21 -71.52
CA THR I 202 -45.11 -11.05 -71.21
C THR I 202 -46.40 -11.10 -72.01
N HIS I 203 -47.31 -10.20 -71.68
CA HIS I 203 -48.67 -10.28 -72.18
C HIS I 203 -48.71 -9.89 -73.64
N PHE I 204 -49.72 -10.39 -74.35
CA PHE I 204 -49.84 -10.12 -75.78
C PHE I 204 -50.00 -8.65 -76.08
N VAL I 205 -50.78 -7.92 -75.27
CA VAL I 205 -51.05 -6.54 -75.61
C VAL I 205 -49.94 -5.60 -75.20
N GLU I 206 -48.84 -6.11 -74.67
CA GLU I 206 -47.66 -5.31 -74.45
C GLU I 206 -46.45 -5.90 -75.16
N GLY I 207 -46.67 -6.73 -76.17
CA GLY I 207 -45.62 -7.26 -77.00
C GLY I 207 -45.34 -8.73 -76.89
N GLY I 208 -46.07 -9.51 -76.11
CA GLY I 208 -45.74 -10.90 -75.92
C GLY I 208 -46.77 -11.92 -76.35
N ASP I 209 -47.05 -12.88 -75.47
CA ASP I 209 -47.85 -14.04 -75.84
C ASP I 209 -48.97 -14.36 -74.91
N ALA I 210 -48.80 -14.03 -73.64
CA ALA I 210 -49.73 -14.48 -72.62
C ALA I 210 -51.10 -13.86 -72.82
N GLY I 211 -52.11 -14.58 -72.38
CA GLY I 211 -53.45 -14.07 -72.37
C GLY I 211 -54.12 -14.09 -73.72
N ASN I 212 -55.11 -13.24 -73.84
CA ASN I 212 -56.10 -13.27 -74.90
C ASN I 212 -55.63 -12.42 -76.07
N ARG I 213 -54.99 -13.03 -77.07
CA ARG I 213 -54.99 -12.42 -78.39
C ARG I 213 -56.25 -12.97 -79.01
N GLU I 214 -57.11 -12.12 -79.56
CA GLU I 214 -58.48 -12.58 -79.60
C GLU I 214 -58.76 -13.47 -80.81
N ASP I 215 -58.60 -12.97 -82.02
CA ASP I 215 -58.72 -13.84 -83.17
C ASP I 215 -57.40 -14.03 -83.90
N GLN I 216 -56.33 -13.48 -83.37
CA GLN I 216 -55.00 -13.75 -83.84
C GLN I 216 -54.47 -15.07 -83.35
N ILE I 217 -55.24 -15.78 -82.52
CA ILE I 217 -54.83 -17.12 -82.12
C ILE I 217 -54.89 -18.06 -83.31
N ASN I 218 -55.69 -17.73 -84.31
CA ASN I 218 -55.74 -18.51 -85.54
C ASN I 218 -54.45 -18.37 -86.33
N ARG I 219 -53.78 -17.23 -86.21
CA ARG I 219 -52.51 -17.07 -86.89
C ARG I 219 -51.42 -17.85 -86.16
N LEU I 220 -51.63 -18.15 -84.89
CA LEU I 220 -50.69 -18.96 -84.14
C LEU I 220 -50.89 -20.44 -84.40
N ILE I 221 -52.14 -20.89 -84.59
CA ILE I 221 -52.43 -22.30 -84.80
C ILE I 221 -51.87 -22.80 -86.12
N ARG I 222 -51.83 -21.96 -87.14
CA ARG I 222 -51.35 -22.37 -88.45
C ARG I 222 -49.88 -22.76 -88.41
N ARG I 223 -49.08 -22.03 -87.63
CA ARG I 223 -47.66 -22.29 -87.58
C ARG I 223 -47.27 -23.08 -86.35
N MET I 224 -48.21 -23.79 -85.77
CA MET I 224 -47.91 -24.58 -84.61
C MET I 224 -48.33 -26.03 -84.72
N ASN I 225 -49.50 -26.32 -85.30
CA ASN I 225 -49.80 -27.71 -85.51
C ASN I 225 -49.04 -28.22 -86.74
N LYS J 1 47.17 -80.24 74.09
CA LYS J 1 47.31 -81.63 73.65
C LYS J 1 48.15 -81.74 72.38
N VAL J 2 48.04 -82.90 71.72
CA VAL J 2 48.98 -83.28 70.66
C VAL J 2 48.49 -82.80 69.31
N VAL J 3 47.48 -81.93 69.31
CA VAL J 3 46.96 -81.40 68.06
C VAL J 3 47.96 -80.44 67.42
N ASN J 4 47.84 -80.30 66.11
CA ASN J 4 48.77 -79.49 65.35
C ASN J 4 48.42 -78.02 65.55
N PRO J 5 49.37 -77.19 65.97
CA PRO J 5 49.09 -75.75 66.06
C PRO J 5 48.96 -75.05 64.72
N LEU J 6 49.23 -75.70 63.60
CA LEU J 6 48.98 -75.08 62.31
C LEU J 6 47.51 -75.02 61.95
N PHE J 7 46.68 -75.82 62.59
CA PHE J 7 45.27 -75.87 62.28
C PHE J 7 44.60 -74.67 62.91
N GLU J 8 43.63 -74.08 62.23
CA GLU J 8 43.00 -72.89 62.76
C GLU J 8 41.61 -72.73 62.17
N LYS J 9 40.78 -72.00 62.90
CA LYS J 9 39.50 -71.57 62.36
C LYS J 9 39.71 -70.46 61.35
N ARG J 10 38.85 -70.42 60.34
CA ARG J 10 38.81 -69.32 59.38
C ARG J 10 37.35 -68.92 59.20
N PRO J 11 36.78 -68.23 60.18
CA PRO J 11 35.34 -67.99 60.13
C PRO J 11 35.01 -66.85 59.18
N LYS J 12 34.38 -67.19 58.08
CA LYS J 12 33.98 -66.17 57.14
C LYS J 12 32.57 -65.70 57.46
N ASN J 13 32.38 -64.39 57.50
CA ASN J 13 31.08 -63.85 57.83
C ASN J 13 30.36 -63.34 56.59
N PHE J 14 29.04 -63.39 56.65
CA PHE J 14 28.21 -63.21 55.48
C PHE J 14 27.38 -61.95 55.61
N GLY J 15 27.98 -60.91 56.16
CA GLY J 15 27.34 -59.62 56.18
C GLY J 15 27.23 -59.05 54.80
N ILE J 16 26.43 -58.00 54.70
CA ILE J 16 26.27 -57.29 53.44
C ILE J 16 27.59 -56.65 53.04
N GLY J 17 28.03 -56.91 51.81
CA GLY J 17 29.24 -56.35 51.30
C GLY J 17 30.49 -57.09 51.70
N GLN J 18 30.38 -58.06 52.56
CA GLN J 18 31.50 -58.88 52.99
C GLN J 18 31.56 -60.12 52.09
N ASP J 19 32.19 -61.18 52.59
CA ASP J 19 32.34 -62.48 51.92
C ASP J 19 31.05 -62.94 51.27
N ILE J 20 31.17 -63.49 50.06
CA ILE J 20 29.99 -63.68 49.23
C ILE J 20 29.14 -64.81 49.79
N GLN J 21 27.84 -64.72 49.53
CA GLN J 21 26.85 -65.48 50.27
C GLN J 21 26.95 -66.96 49.91
N PRO J 22 26.67 -67.86 50.84
CA PRO J 22 26.83 -69.28 50.55
C PRO J 22 25.68 -69.77 49.69
N LYS J 23 25.79 -71.02 49.27
CA LYS J 23 24.71 -71.62 48.50
C LYS J 23 23.65 -72.09 49.50
N ARG J 24 22.79 -71.15 49.87
CA ARG J 24 21.65 -71.45 50.70
C ARG J 24 20.49 -71.91 49.82
N ASP J 25 19.45 -72.40 50.45
CA ASP J 25 18.33 -73.01 49.76
C ASP J 25 17.41 -71.96 49.18
N LEU J 26 17.20 -72.00 47.87
CA LEU J 26 16.45 -70.97 47.16
C LEU J 26 15.10 -71.44 46.67
N THR J 27 14.56 -72.52 47.24
CA THR J 27 13.42 -73.20 46.62
C THR J 27 12.15 -72.38 46.65
N ARG J 28 12.06 -71.34 47.44
CA ARG J 28 10.87 -70.54 47.43
C ARG J 28 10.88 -69.58 46.24
N PHE J 29 12.05 -69.20 45.77
CA PHE J 29 12.15 -68.03 44.93
C PHE J 29 12.40 -68.37 43.48
N VAL J 30 12.28 -69.62 43.08
CA VAL J 30 12.78 -69.99 41.77
C VAL J 30 11.72 -69.70 40.72
N LYS J 31 12.18 -69.69 39.47
CA LYS J 31 11.39 -69.49 38.27
C LYS J 31 10.89 -70.87 37.83
N TRP J 32 9.73 -71.25 38.30
CA TRP J 32 9.23 -72.58 37.99
C TRP J 32 8.73 -72.65 36.55
N PRO J 33 8.79 -73.83 35.93
CA PRO J 33 8.15 -73.97 34.62
C PRO J 33 6.66 -73.85 34.78
N ARG J 34 6.01 -73.45 33.71
CA ARG J 34 4.69 -72.88 33.87
C ARG J 34 3.59 -73.91 33.94
N TYR J 35 3.89 -75.20 33.87
CA TYR J 35 2.88 -76.15 34.25
C TYR J 35 2.82 -76.26 35.76
N ILE J 36 3.89 -75.86 36.44
CA ILE J 36 3.93 -75.93 37.89
C ILE J 36 3.28 -74.72 38.51
N ARG J 37 3.45 -73.55 37.92
CA ARG J 37 2.71 -72.38 38.35
C ARG J 37 1.23 -72.55 38.13
N LEU J 38 0.85 -73.24 37.06
CA LEU J 38 -0.56 -73.38 36.75
C LEU J 38 -1.25 -74.35 37.72
N GLN J 39 -0.57 -75.38 38.14
CA GLN J 39 -1.19 -76.30 39.08
C GLN J 39 -1.13 -75.80 40.50
N ARG J 40 -0.23 -74.88 40.82
CA ARG J 40 -0.18 -74.33 42.15
C ARG J 40 -1.06 -73.11 42.31
N GLN J 41 -1.27 -72.35 41.25
CA GLN J 41 -2.19 -71.25 41.38
C GLN J 41 -3.61 -71.71 41.38
N ARG J 42 -3.89 -72.87 40.79
CA ARG J 42 -5.24 -73.40 40.85
C ARG J 42 -5.59 -73.79 42.27
N ALA J 43 -4.63 -74.35 43.00
CA ALA J 43 -4.90 -74.77 44.37
C ALA J 43 -5.09 -73.59 45.31
N ILE J 44 -4.36 -72.50 45.07
CA ILE J 44 -4.59 -71.26 45.81
C ILE J 44 -5.95 -70.68 45.46
N LEU J 45 -6.34 -70.81 44.20
CA LEU J 45 -7.53 -70.13 43.75
C LEU J 45 -8.79 -70.82 44.27
N TYR J 46 -8.71 -72.10 44.61
CA TYR J 46 -9.83 -72.74 45.30
C TYR J 46 -9.95 -72.31 46.75
N LYS J 47 -8.94 -71.69 47.32
CA LYS J 47 -9.07 -71.22 48.69
C LYS J 47 -8.98 -69.71 48.79
N ARG J 48 -9.33 -69.01 47.71
CA ARG J 48 -9.76 -67.63 47.76
C ARG J 48 -11.22 -67.46 47.45
N LEU J 49 -11.71 -68.24 46.52
CA LEU J 49 -13.06 -68.12 46.02
C LEU J 49 -14.05 -68.73 46.99
N LYS J 50 -15.24 -68.15 47.05
CA LYS J 50 -16.37 -68.82 47.67
C LYS J 50 -16.70 -70.06 46.87
N VAL J 51 -16.47 -71.22 47.47
CA VAL J 51 -16.76 -72.47 46.78
C VAL J 51 -18.15 -72.93 47.18
N PRO J 52 -19.03 -73.22 46.22
CA PRO J 52 -20.39 -73.57 46.56
C PRO J 52 -20.46 -74.93 47.23
N PRO J 53 -21.47 -75.17 48.07
CA PRO J 53 -21.42 -76.31 48.99
C PRO J 53 -21.55 -77.66 48.34
N ALA J 54 -22.02 -77.73 47.10
CA ALA J 54 -21.98 -78.99 46.38
C ALA J 54 -20.56 -79.39 46.01
N ILE J 55 -19.63 -78.43 45.95
CA ILE J 55 -18.25 -78.72 45.67
C ILE J 55 -17.40 -78.77 46.93
N ASN J 56 -17.69 -77.92 47.92
CA ASN J 56 -16.96 -77.95 49.17
C ASN J 56 -17.19 -79.25 49.95
N GLN J 57 -18.27 -79.97 49.69
CA GLN J 57 -18.58 -81.18 50.44
C GLN J 57 -17.59 -82.30 50.19
N PHE J 58 -16.77 -82.21 49.16
CA PHE J 58 -15.77 -83.20 48.87
C PHE J 58 -14.46 -82.88 49.56
N THR J 59 -14.45 -81.85 50.39
CA THR J 59 -13.34 -81.61 51.28
C THR J 59 -13.46 -82.43 52.55
N GLN J 60 -14.64 -82.48 53.18
CA GLN J 60 -14.80 -83.29 54.39
C GLN J 60 -14.85 -84.77 53.99
N ALA J 61 -13.66 -85.36 53.92
CA ALA J 61 -13.53 -86.75 53.55
C ALA J 61 -13.39 -87.62 54.78
N LEU J 62 -13.46 -88.93 54.54
CA LEU J 62 -13.46 -89.91 55.61
C LEU J 62 -12.08 -89.96 56.22
N ASP J 63 -12.01 -89.99 57.54
CA ASP J 63 -10.73 -89.83 58.20
C ASP J 63 -9.88 -91.10 58.07
N ARG J 64 -8.60 -90.95 58.39
CA ARG J 64 -7.61 -92.01 58.20
C ARG J 64 -7.90 -93.23 59.06
N GLN J 65 -8.58 -93.04 60.19
CA GLN J 65 -8.81 -94.12 61.13
C GLN J 65 -9.74 -95.17 60.56
N THR J 66 -10.85 -94.75 59.95
CA THR J 66 -11.82 -95.73 59.48
C THR J 66 -11.79 -95.92 57.96
N ALA J 67 -11.06 -95.11 57.22
CA ALA J 67 -10.85 -95.41 55.81
C ALA J 67 -9.98 -96.64 55.64
N THR J 68 -9.10 -96.89 56.61
CA THR J 68 -8.34 -98.14 56.62
C THR J 68 -9.25 -99.32 56.91
N GLN J 69 -10.26 -99.14 57.76
CA GLN J 69 -11.19 -100.21 58.01
C GLN J 69 -12.09 -100.47 56.81
N LEU J 70 -12.39 -99.43 56.04
CA LEU J 70 -13.25 -99.58 54.89
C LEU J 70 -12.56 -100.32 53.76
N LEU J 71 -11.28 -100.02 53.53
CA LEU J 71 -10.57 -100.68 52.44
C LEU J 71 -10.18 -102.09 52.79
N LYS J 72 -10.02 -102.39 54.07
CA LYS J 72 -9.82 -103.77 54.47
C LYS J 72 -11.08 -104.59 54.24
N LEU J 73 -12.24 -103.97 54.42
CA LEU J 73 -13.49 -104.61 54.09
C LEU J 73 -13.65 -104.80 52.59
N ALA J 74 -13.31 -103.79 51.81
CA ALA J 74 -13.45 -103.86 50.35
C ALA J 74 -12.23 -104.48 49.71
N HIS J 75 -11.78 -105.58 50.28
CA HIS J 75 -10.60 -106.27 49.80
C HIS J 75 -10.84 -107.75 49.65
N LYS J 76 -11.81 -108.29 50.34
CA LYS J 76 -12.29 -109.63 50.04
C LYS J 76 -13.38 -109.63 49.00
N TYR J 77 -13.81 -108.44 48.57
CA TYR J 77 -14.90 -108.29 47.61
C TYR J 77 -14.39 -107.68 46.31
N ARG J 78 -13.15 -107.90 46.00
CA ARG J 78 -12.56 -107.29 44.83
C ARG J 78 -12.99 -108.05 43.58
N PRO J 79 -13.16 -107.34 42.46
CA PRO J 79 -13.46 -108.02 41.20
C PRO J 79 -12.29 -108.88 40.79
N GLU J 80 -12.60 -110.02 40.17
CA GLU J 80 -11.55 -110.95 39.84
C GLU J 80 -10.78 -110.45 38.64
N THR J 81 -9.49 -110.78 38.62
CA THR J 81 -8.65 -110.47 37.48
C THR J 81 -9.09 -111.33 36.31
N LYS J 82 -8.87 -110.83 35.08
CA LYS J 82 -9.12 -111.64 33.89
C LYS J 82 -8.29 -112.91 33.85
N GLN J 83 -7.14 -112.92 34.54
CA GLN J 83 -6.42 -114.18 34.75
C GLN J 83 -7.24 -115.13 35.61
N GLU J 84 -7.89 -114.61 36.65
CA GLU J 84 -8.70 -115.46 37.52
C GLU J 84 -9.98 -115.92 36.86
N LYS J 85 -10.49 -115.14 35.91
CA LYS J 85 -11.78 -115.43 35.30
C LYS J 85 -11.68 -116.56 34.28
N LYS J 86 -10.68 -116.53 33.41
CA LYS J 86 -10.53 -117.64 32.47
C LYS J 86 -10.08 -118.90 33.20
N GLN J 87 -9.36 -118.73 34.30
CA GLN J 87 -9.03 -119.86 35.15
C GLN J 87 -10.25 -120.33 35.93
N ARG J 88 -11.24 -119.45 36.13
CA ARG J 88 -12.51 -119.88 36.71
C ARG J 88 -13.30 -120.72 35.72
N LEU J 89 -13.27 -120.34 34.44
CA LEU J 89 -14.11 -121.00 33.46
C LEU J 89 -13.61 -122.38 33.08
N LEU J 90 -12.30 -122.53 32.89
CA LEU J 90 -11.74 -123.83 32.56
C LEU J 90 -11.88 -124.83 33.69
N ALA J 91 -11.84 -124.37 34.94
CA ALA J 91 -12.20 -125.22 36.05
C ALA J 91 -13.67 -125.55 36.04
N ARG J 92 -14.52 -124.62 35.61
CA ARG J 92 -15.94 -124.86 35.55
C ARG J 92 -16.34 -125.66 34.31
N ALA J 93 -15.53 -125.61 33.25
CA ALA J 93 -15.91 -126.26 32.00
C ALA J 93 -15.87 -127.78 32.07
N GLU J 94 -15.19 -128.35 33.07
CA GLU J 94 -15.11 -129.80 33.15
C GLU J 94 -16.39 -130.40 33.69
N LYS J 95 -16.99 -129.76 34.69
CA LYS J 95 -18.16 -130.28 35.38
C LYS J 95 -19.46 -130.00 34.63
N LYS J 96 -19.38 -129.44 33.42
CA LYS J 96 -20.57 -129.29 32.59
C LYS J 96 -20.88 -130.58 31.86
N ALA J 97 -19.89 -131.16 31.20
CA ALA J 97 -20.05 -132.43 30.52
C ALA J 97 -19.62 -133.62 31.36
N ALA J 98 -18.84 -133.40 32.42
CA ALA J 98 -18.38 -134.49 33.28
C ALA J 98 -18.34 -134.00 34.74
N GLY J 99 -19.44 -134.20 35.47
CA GLY J 99 -20.70 -134.69 34.96
C GLY J 99 -21.89 -134.16 35.72
N LYS J 100 -21.68 -133.07 36.47
CA LYS J 100 -22.71 -132.56 37.38
C LYS J 100 -23.90 -131.98 36.63
N GLY J 101 -23.67 -131.08 35.69
CA GLY J 101 -24.77 -130.56 34.89
C GLY J 101 -25.05 -129.08 35.06
N ASP J 102 -26.18 -128.76 35.69
CA ASP J 102 -26.72 -127.39 35.76
C ASP J 102 -25.81 -126.41 36.47
N VAL J 103 -25.61 -126.62 37.78
CA VAL J 103 -24.68 -125.88 38.65
C VAL J 103 -24.88 -124.36 38.59
N PRO J 104 -25.96 -123.80 39.18
CA PRO J 104 -26.13 -122.34 39.16
C PRO J 104 -25.11 -121.57 40.00
N THR J 105 -24.39 -122.25 40.90
CA THR J 105 -23.05 -121.90 41.39
C THR J 105 -23.06 -120.71 42.37
N LYS J 106 -24.17 -119.98 42.47
CA LYS J 106 -24.43 -118.93 43.47
C LYS J 106 -23.36 -117.81 43.37
N ARG J 107 -23.49 -117.02 42.29
CA ARG J 107 -22.61 -115.91 41.88
C ARG J 107 -22.20 -115.01 43.03
N PRO J 108 -20.89 -114.88 43.29
CA PRO J 108 -20.45 -114.33 44.56
C PRO J 108 -20.63 -112.82 44.62
N PRO J 109 -20.74 -112.25 45.82
CA PRO J 109 -20.89 -110.81 45.94
C PRO J 109 -19.55 -110.09 45.76
N VAL J 110 -19.57 -109.01 44.97
CA VAL J 110 -18.39 -108.21 44.69
C VAL J 110 -18.74 -106.73 44.76
N LEU J 111 -17.71 -105.91 44.78
CA LEU J 111 -17.87 -104.47 44.62
C LEU J 111 -18.35 -104.15 43.21
N ARG J 112 -19.00 -103.01 43.08
CA ARG J 112 -19.40 -102.52 41.77
CA ARG J 112 -19.44 -102.51 41.78
C ARG J 112 -18.85 -101.13 41.59
N ALA J 113 -18.01 -100.97 40.59
CA ALA J 113 -17.31 -99.74 40.30
C ALA J 113 -18.01 -98.99 39.18
N GLY J 114 -17.63 -97.73 39.02
CA GLY J 114 -18.15 -96.96 37.92
C GLY J 114 -19.35 -96.14 38.32
N VAL J 115 -19.40 -94.90 37.87
CA VAL J 115 -20.45 -94.02 38.38
C VAL J 115 -21.75 -94.25 37.63
N ASN J 116 -21.70 -94.76 36.41
CA ASN J 116 -22.92 -95.16 35.72
C ASN J 116 -23.52 -96.39 36.36
N THR J 117 -22.67 -97.29 36.85
CA THR J 117 -23.16 -98.48 37.50
C THR J 117 -23.76 -98.15 38.85
N VAL J 118 -23.07 -97.35 39.66
CA VAL J 118 -23.55 -97.20 41.03
C VAL J 118 -24.69 -96.22 41.10
N THR J 119 -24.86 -95.34 40.11
CA THR J 119 -26.01 -94.45 40.13
C THR J 119 -27.28 -95.23 39.88
N THR J 120 -27.21 -96.25 39.03
CA THR J 120 -28.36 -97.11 38.82
C THR J 120 -28.68 -97.93 40.06
N LEU J 121 -27.65 -98.41 40.77
CA LEU J 121 -27.87 -99.20 41.97
C LEU J 121 -28.48 -98.38 43.09
N VAL J 122 -28.15 -97.09 43.16
CA VAL J 122 -28.65 -96.30 44.27
C VAL J 122 -30.06 -95.79 43.99
N GLU J 123 -30.42 -95.54 42.73
CA GLU J 123 -31.74 -94.99 42.47
C GLU J 123 -32.76 -96.08 42.21
N ASN J 124 -32.41 -97.34 42.46
CA ASN J 124 -33.42 -98.35 42.75
C ASN J 124 -33.17 -99.01 44.09
N LYS J 125 -32.28 -98.44 44.90
CA LYS J 125 -32.01 -98.83 46.29
C LYS J 125 -31.51 -100.27 46.40
N LYS J 126 -30.66 -100.67 45.47
CA LYS J 126 -29.97 -101.94 45.59
C LYS J 126 -28.64 -101.81 46.30
N ALA J 127 -28.08 -100.61 46.37
CA ALA J 127 -26.79 -100.44 47.00
C ALA J 127 -26.96 -100.32 48.50
N GLN J 128 -25.84 -100.50 49.20
CA GLN J 128 -25.91 -100.60 50.65
C GLN J 128 -24.83 -99.74 51.29
N LEU J 129 -23.79 -99.43 50.54
CA LEU J 129 -22.78 -98.48 50.97
C LEU J 129 -22.11 -97.92 49.73
N VAL J 130 -22.11 -96.61 49.56
CA VAL J 130 -21.55 -95.97 48.38
C VAL J 130 -20.32 -95.21 48.80
N VAL J 131 -19.21 -95.44 48.10
CA VAL J 131 -17.93 -94.87 48.46
C VAL J 131 -17.46 -94.00 47.32
N ILE J 132 -17.20 -92.72 47.60
CA ILE J 132 -16.97 -91.72 46.58
C ILE J 132 -15.56 -91.16 46.71
N ALA J 133 -14.85 -91.06 45.60
CA ALA J 133 -13.55 -90.42 45.61
C ALA J 133 -13.73 -88.91 45.73
N HIS J 134 -12.69 -88.24 46.21
CA HIS J 134 -12.87 -86.84 46.56
C HIS J 134 -12.32 -85.88 45.53
N ASP J 135 -11.51 -86.36 44.59
CA ASP J 135 -10.80 -85.50 43.65
C ASP J 135 -11.01 -85.95 42.22
N VAL J 136 -12.26 -86.12 41.82
CA VAL J 136 -12.58 -86.41 40.42
C VAL J 136 -12.31 -85.18 39.58
N ASP J 137 -11.74 -85.38 38.38
CA ASP J 137 -11.03 -84.29 37.70
C ASP J 137 -11.98 -83.28 37.06
N PRO J 138 -12.99 -83.66 36.24
CA PRO J 138 -14.17 -82.79 36.22
C PRO J 138 -15.00 -83.08 37.44
N ILE J 139 -15.13 -82.14 38.37
CA ILE J 139 -15.91 -82.44 39.56
C ILE J 139 -17.36 -82.14 39.21
N GLU J 140 -17.92 -82.98 38.36
CA GLU J 140 -19.29 -82.87 37.88
C GLU J 140 -19.90 -84.23 37.76
N LEU J 141 -19.09 -85.26 37.76
CA LEU J 141 -19.55 -86.60 37.62
C LEU J 141 -20.04 -87.16 38.92
N VAL J 142 -19.79 -86.45 40.02
CA VAL J 142 -20.15 -86.94 41.33
C VAL J 142 -20.98 -85.97 42.14
N VAL J 143 -21.07 -84.70 41.74
CA VAL J 143 -21.68 -83.71 42.63
C VAL J 143 -23.17 -83.88 42.80
N PHE J 144 -23.77 -84.76 42.04
CA PHE J 144 -25.13 -85.19 42.28
C PHE J 144 -25.21 -86.38 43.23
N LEU J 145 -24.13 -87.14 43.40
CA LEU J 145 -24.26 -88.37 44.18
C LEU J 145 -24.47 -88.22 45.68
N PRO J 146 -23.83 -87.29 46.40
CA PRO J 146 -24.21 -87.12 47.80
C PRO J 146 -25.63 -86.66 47.99
N ALA J 147 -26.16 -85.88 47.06
CA ALA J 147 -27.57 -85.55 47.15
C ALA J 147 -28.43 -86.73 46.78
N LEU J 148 -27.96 -87.57 45.88
CA LEU J 148 -28.82 -88.63 45.39
C LEU J 148 -28.81 -89.81 46.33
N CYS J 149 -27.70 -90.02 47.03
CA CYS J 149 -27.66 -91.06 48.04
C CYS J 149 -28.50 -90.67 49.26
N ARG J 150 -28.63 -89.38 49.54
CA ARG J 150 -29.46 -88.98 50.66
C ARG J 150 -30.94 -89.13 50.33
N LYS J 151 -31.33 -88.76 49.12
CA LYS J 151 -32.73 -88.83 48.70
C LYS J 151 -33.19 -90.27 48.60
N MET J 152 -32.32 -91.17 48.19
CA MET J 152 -32.71 -92.57 48.10
C MET J 152 -32.46 -93.31 49.40
N GLY J 153 -31.83 -92.67 50.37
CA GLY J 153 -31.63 -93.30 51.66
C GLY J 153 -30.52 -94.30 51.71
N VAL J 154 -29.39 -94.01 51.08
CA VAL J 154 -28.24 -94.90 51.02
C VAL J 154 -27.07 -94.22 51.71
N PRO J 155 -26.38 -94.88 52.64
CA PRO J 155 -25.22 -94.26 53.26
C PRO J 155 -24.05 -94.10 52.31
N TYR J 156 -23.51 -92.88 52.24
CA TYR J 156 -22.41 -92.57 51.36
C TYR J 156 -21.26 -91.99 52.17
N CYS J 157 -20.04 -92.30 51.77
CA CYS J 157 -18.88 -91.64 52.36
C CYS J 157 -17.97 -91.14 51.27
N ILE J 158 -17.34 -90.01 51.52
CA ILE J 158 -16.32 -89.46 50.64
C ILE J 158 -14.99 -89.93 51.18
N ILE J 159 -14.16 -90.53 50.34
CA ILE J 159 -12.92 -91.08 50.85
C ILE J 159 -11.76 -90.47 50.07
N LYS J 160 -10.62 -90.37 50.74
CA LYS J 160 -9.52 -89.56 50.25
C LYS J 160 -8.71 -90.43 49.29
N GLY J 161 -8.95 -90.27 48.00
CA GLY J 161 -8.08 -90.86 47.00
C GLY J 161 -8.80 -91.52 45.84
N LYS J 162 -8.58 -91.03 44.64
CA LYS J 162 -9.17 -91.57 43.43
C LYS J 162 -8.36 -92.72 42.89
N ALA J 163 -7.03 -92.67 43.05
CA ALA J 163 -6.18 -93.79 42.69
C ALA J 163 -6.29 -94.93 43.67
N ARG J 164 -6.83 -94.66 44.85
CA ARG J 164 -6.84 -95.64 45.90
C ARG J 164 -8.01 -96.59 45.74
N LEU J 165 -9.12 -96.11 45.19
CA LEU J 165 -10.20 -96.99 44.76
C LEU J 165 -9.84 -97.76 43.51
N GLY J 166 -8.97 -97.20 42.67
CA GLY J 166 -8.64 -97.86 41.43
C GLY J 166 -7.80 -99.10 41.63
N ARG J 167 -7.11 -99.18 42.76
CA ARG J 167 -6.27 -100.35 42.99
C ARG J 167 -7.06 -101.55 43.44
N LEU J 168 -8.23 -101.37 44.00
CA LEU J 168 -9.00 -102.54 44.37
C LEU J 168 -9.86 -103.06 43.24
N VAL J 169 -9.91 -102.36 42.12
CA VAL J 169 -10.54 -102.88 40.91
C VAL J 169 -9.55 -102.98 39.76
N HIS J 170 -8.26 -102.94 40.08
CA HIS J 170 -7.16 -103.27 39.18
C HIS J 170 -7.06 -102.33 37.99
N ARG J 171 -7.48 -101.09 38.16
CA ARG J 171 -7.36 -100.08 37.12
C ARG J 171 -6.53 -98.92 37.65
N LYS J 172 -6.35 -97.89 36.83
CA LYS J 172 -5.56 -96.75 37.29
C LYS J 172 -6.34 -95.93 38.29
N THR J 173 -7.50 -95.43 37.90
CA THR J 173 -8.39 -94.72 38.79
C THR J 173 -9.78 -95.33 38.70
N CYS J 174 -10.51 -95.20 39.78
CA CYS J 174 -11.94 -95.39 39.75
C CYS J 174 -12.59 -94.22 40.45
N THR J 175 -13.84 -93.99 40.11
CA THR J 175 -14.54 -92.85 40.69
C THR J 175 -15.32 -93.24 41.93
N THR J 176 -16.22 -94.21 41.80
CA THR J 176 -17.06 -94.62 42.91
C THR J 176 -17.14 -96.12 42.94
N VAL J 177 -17.34 -96.64 44.14
CA VAL J 177 -17.43 -98.06 44.42
C VAL J 177 -18.59 -98.27 45.38
N ALA J 178 -19.45 -99.23 45.08
CA ALA J 178 -20.62 -99.48 45.92
C ALA J 178 -20.65 -100.92 46.40
N PHE J 179 -20.97 -101.08 47.68
CA PHE J 179 -21.33 -102.37 48.24
C PHE J 179 -22.80 -102.62 47.98
N THR J 180 -23.12 -103.79 47.46
CA THR J 180 -24.51 -104.21 47.33
C THR J 180 -24.80 -105.39 48.23
N GLN J 181 -24.02 -106.44 48.09
CA GLN J 181 -24.28 -107.70 48.75
C GLN J 181 -23.00 -108.10 49.44
N VAL J 182 -23.11 -108.65 50.63
CA VAL J 182 -21.97 -108.99 51.47
C VAL J 182 -22.23 -110.36 52.07
N ASN J 183 -21.20 -111.20 52.13
CA ASN J 183 -21.30 -112.47 52.83
C ASN J 183 -21.64 -112.27 54.30
N SER J 184 -22.28 -113.28 54.89
CA SER J 184 -22.76 -113.19 56.26
C SER J 184 -21.63 -113.08 57.27
N GLU J 185 -20.41 -113.46 56.89
CA GLU J 185 -19.27 -113.31 57.77
C GLU J 185 -18.92 -111.84 57.98
N ASP J 186 -19.06 -111.01 56.95
CA ASP J 186 -18.75 -109.59 57.04
C ASP J 186 -20.01 -108.75 57.21
N LYS J 187 -21.13 -109.39 57.49
CA LYS J 187 -22.40 -108.68 57.50
C LYS J 187 -22.52 -107.78 58.71
N GLY J 188 -21.99 -108.23 59.85
CA GLY J 188 -21.87 -107.35 61.00
C GLY J 188 -20.78 -106.32 60.87
N ALA J 189 -19.83 -106.54 59.95
CA ALA J 189 -18.75 -105.58 59.76
C ALA J 189 -19.23 -104.33 59.05
N LEU J 190 -20.24 -104.42 58.20
CA LEU J 190 -20.80 -103.22 57.59
C LEU J 190 -21.55 -102.39 58.61
N ALA J 191 -22.42 -102.99 59.40
CA ALA J 191 -23.19 -102.19 60.33
C ALA J 191 -22.42 -101.94 61.62
N LYS J 192 -21.14 -101.59 61.49
CA LYS J 192 -20.33 -100.90 62.48
C LYS J 192 -19.88 -99.65 61.77
N LEU J 193 -19.69 -99.79 60.47
CA LEU J 193 -19.27 -98.70 59.60
C LEU J 193 -20.43 -97.87 59.09
N VAL J 194 -21.59 -98.47 58.85
CA VAL J 194 -22.72 -97.74 58.28
C VAL J 194 -23.21 -96.65 59.23
N GLU J 195 -23.41 -97.00 60.50
CA GLU J 195 -23.82 -95.96 61.42
C GLU J 195 -22.66 -95.05 61.84
N ALA J 196 -21.42 -95.39 61.51
CA ALA J 196 -20.34 -94.44 61.63
C ALA J 196 -20.25 -93.51 60.44
N ILE J 197 -20.73 -93.94 59.29
CA ILE J 197 -20.75 -93.10 58.11
C ILE J 197 -21.99 -92.23 58.06
N ARG J 198 -23.13 -92.80 58.43
CA ARG J 198 -24.41 -92.11 58.32
C ARG J 198 -24.48 -90.90 59.24
N THR J 199 -23.87 -90.99 60.41
CA THR J 199 -23.82 -89.84 61.31
C THR J 199 -22.95 -88.72 60.77
N ASN J 200 -21.99 -89.02 59.91
CA ASN J 200 -21.11 -87.98 59.41
C ASN J 200 -21.59 -87.41 58.10
N TYR J 201 -22.40 -88.14 57.35
CA TYR J 201 -22.81 -87.70 56.03
C TYR J 201 -24.31 -87.56 55.87
N ASN J 202 -25.07 -88.61 56.14
CA ASN J 202 -26.49 -88.60 55.84
C ASN J 202 -27.28 -87.88 56.91
N ASP J 203 -26.92 -88.08 58.17
CA ASP J 203 -27.66 -87.48 59.25
C ASP J 203 -27.45 -85.98 59.33
N ARG J 204 -26.36 -85.47 58.78
CA ARG J 204 -26.14 -84.03 58.71
C ARG J 204 -25.99 -83.62 57.26
N TYR J 205 -27.10 -83.59 56.54
CA TYR J 205 -27.04 -83.14 55.17
C TYR J 205 -27.68 -81.79 54.99
N ASP J 206 -28.54 -81.36 55.91
CA ASP J 206 -29.02 -79.99 55.91
C ASP J 206 -27.93 -79.00 56.34
N GLU J 207 -26.89 -79.50 56.99
CA GLU J 207 -25.74 -78.69 57.38
C GLU J 207 -24.69 -78.62 56.30
N ILE J 208 -24.53 -79.69 55.53
CA ILE J 208 -23.58 -79.72 54.42
C ILE J 208 -24.06 -78.84 53.27
N ARG J 209 -25.37 -78.76 53.03
CA ARG J 209 -25.87 -77.95 51.92
C ARG J 209 -25.65 -76.46 52.08
N ARG J 210 -25.28 -75.99 53.25
CA ARG J 210 -25.12 -74.55 53.44
C ARG J 210 -23.71 -74.18 53.91
N HIS J 211 -22.78 -75.11 53.81
CA HIS J 211 -21.41 -74.88 54.25
C HIS J 211 -20.55 -74.51 53.05
N TRP J 212 -20.33 -73.22 52.87
CA TRP J 212 -19.50 -72.68 51.81
C TRP J 212 -18.03 -72.89 52.12
N GLY J 213 -17.21 -72.74 51.08
CA GLY J 213 -15.80 -73.04 51.20
C GLY J 213 -14.96 -71.89 50.68
N GLY J 214 -13.65 -72.03 50.93
CA GLY J 214 -12.72 -71.01 50.51
C GLY J 214 -12.91 -69.74 51.30
N ASN J 215 -12.70 -68.63 50.60
CA ASN J 215 -12.81 -67.27 51.13
C ASN J 215 -11.90 -67.06 52.33
N VAL J 216 -10.68 -67.56 52.25
CA VAL J 216 -9.66 -67.18 53.19
C VAL J 216 -8.57 -66.46 52.40
N LEU J 217 -7.85 -65.59 53.08
CA LEU J 217 -6.81 -64.83 52.41
C LEU J 217 -5.45 -65.47 52.63
N GLY J 218 -4.46 -64.97 51.91
CA GLY J 218 -3.12 -65.45 52.02
C GLY J 218 -2.51 -65.16 53.36
N PRO J 219 -1.40 -65.83 53.68
CA PRO J 219 -0.73 -65.56 54.95
C PRO J 219 -0.17 -64.16 55.04
N LYS J 220 0.26 -63.55 53.94
CA LYS J 220 0.76 -62.18 54.03
C LYS J 220 -0.36 -61.16 54.17
N SER J 221 -1.60 -61.53 53.87
CA SER J 221 -2.65 -60.55 54.02
C SER J 221 -3.35 -60.67 55.35
N VAL J 222 -3.51 -61.87 55.88
CA VAL J 222 -4.17 -61.99 57.17
C VAL J 222 -3.23 -61.58 58.28
N ALA J 223 -1.92 -61.64 58.06
CA ALA J 223 -0.99 -61.10 59.04
C ALA J 223 -0.99 -59.60 59.04
N ARG J 224 -1.13 -58.98 57.87
CA ARG J 224 -1.15 -57.53 57.80
C ARG J 224 -2.43 -56.96 58.37
N ILE J 225 -3.57 -57.59 58.13
CA ILE J 225 -4.79 -57.11 58.77
C ILE J 225 -4.84 -57.47 60.23
N ALA J 226 -4.00 -58.40 60.69
CA ALA J 226 -3.91 -58.63 62.12
C ALA J 226 -3.14 -57.53 62.82
N LYS J 227 -2.18 -56.91 62.14
CA LYS J 227 -1.44 -55.81 62.73
C LYS J 227 -2.30 -54.57 62.93
N LEU J 228 -3.33 -54.40 62.10
CA LEU J 228 -4.15 -53.20 62.25
C LEU J 228 -5.23 -53.38 63.29
N GLU J 229 -5.81 -54.58 63.39
CA GLU J 229 -6.78 -54.82 64.47
C GLU J 229 -6.08 -54.92 65.81
N LYS J 230 -4.80 -55.30 65.82
CA LYS J 230 -4.01 -55.17 67.03
C LYS J 230 -3.73 -53.70 67.34
N ALA J 231 -3.67 -52.85 66.33
CA ALA J 231 -3.29 -51.46 66.55
C ALA J 231 -4.43 -50.68 67.19
N LYS J 232 -5.61 -50.68 66.58
CA LYS J 232 -6.70 -49.87 67.10
C LYS J 232 -7.31 -50.47 68.36
N ALA J 233 -7.09 -51.75 68.63
CA ALA J 233 -7.50 -52.31 69.91
C ALA J 233 -6.38 -52.20 70.94
N LYS J 234 -5.83 -51.00 71.05
CA LYS J 234 -4.83 -50.69 72.07
C LYS J 234 -5.25 -49.40 72.75
N GLU J 235 -5.80 -48.48 71.97
CA GLU J 235 -6.37 -47.24 72.53
C GLU J 235 -7.87 -47.34 72.76
N LEU J 236 -8.55 -48.33 72.16
CA LEU J 236 -9.94 -48.58 72.48
C LEU J 236 -10.07 -49.46 73.73
N ALA J 237 -9.04 -50.24 74.04
CA ALA J 237 -8.97 -50.92 75.32
C ALA J 237 -8.40 -50.01 76.41
N THR J 238 -7.83 -48.87 76.04
CA THR J 238 -7.36 -47.89 77.00
C THR J 238 -8.52 -47.19 77.71
N LYS J 239 -9.68 -47.13 77.06
CA LYS J 239 -10.75 -46.21 77.45
C LYS J 239 -11.39 -46.59 78.79
N LEU J 240 -11.62 -47.88 79.03
CA LEU J 240 -12.36 -48.33 80.20
C LEU J 240 -11.45 -49.02 81.20
N GLY J 241 -11.68 -48.76 82.49
CA GLY J 241 -10.95 -49.41 83.56
C GLY J 241 -10.26 -48.46 84.51
N MET K 1 -32.10 18.95 -86.05
CA MET K 1 -31.93 20.12 -86.89
C MET K 1 -30.62 20.04 -87.60
N LYS K 2 -30.69 19.87 -88.92
CA LYS K 2 -29.55 20.08 -89.79
C LYS K 2 -30.00 20.99 -90.91
N THR K 3 -29.36 22.14 -91.01
CA THR K 3 -29.75 23.17 -91.95
C THR K 3 -29.42 22.74 -93.38
N ILE K 4 -30.39 22.90 -94.27
CA ILE K 4 -30.25 22.47 -95.66
C ILE K 4 -29.10 23.20 -96.34
N LEU K 5 -28.97 24.50 -96.12
CA LEU K 5 -27.96 25.27 -96.82
C LEU K 5 -27.57 26.49 -96.00
N SER K 6 -26.28 26.69 -95.81
CA SER K 6 -25.77 27.92 -95.23
C SER K 6 -24.59 28.34 -96.08
N ASN K 7 -24.72 29.48 -96.75
CA ASN K 7 -23.69 30.01 -97.61
C ASN K 7 -23.18 31.33 -97.08
N GLN K 8 -22.01 31.73 -97.57
CA GLN K 8 -21.49 33.06 -97.30
C GLN K 8 -20.53 33.44 -98.41
N THR K 9 -20.72 34.61 -98.98
CA THR K 9 -19.91 35.02 -100.12
C THR K 9 -18.88 36.07 -99.68
N VAL K 10 -17.77 36.10 -100.41
CA VAL K 10 -16.66 37.00 -100.09
C VAL K 10 -16.35 37.83 -101.34
N ASP K 11 -16.31 39.14 -101.18
CA ASP K 11 -15.95 40.00 -102.29
C ASP K 11 -14.44 40.04 -102.45
N ILE K 12 -13.99 40.00 -103.69
CA ILE K 12 -12.57 39.98 -104.02
C ILE K 12 -12.26 41.24 -104.80
N PRO K 13 -11.30 42.06 -104.38
CA PRO K 13 -10.93 43.23 -105.16
C PRO K 13 -10.24 42.86 -106.46
N GLU K 14 -9.96 43.87 -107.25
CA GLU K 14 -9.39 43.66 -108.57
C GLU K 14 -7.89 43.47 -108.56
N ASN K 15 -7.23 43.73 -107.43
CA ASN K 15 -5.79 43.49 -107.37
C ASN K 15 -5.48 42.01 -107.32
N VAL K 16 -6.30 41.25 -106.63
CA VAL K 16 -5.99 39.86 -106.31
C VAL K 16 -6.81 38.95 -107.19
N ASP K 17 -6.16 37.89 -107.65
CA ASP K 17 -6.77 36.90 -108.52
C ASP K 17 -6.62 35.55 -107.85
N ILE K 18 -7.60 35.16 -107.05
CA ILE K 18 -7.46 33.90 -106.34
C ILE K 18 -7.86 32.77 -107.28
N THR K 19 -7.33 31.59 -107.01
CA THR K 19 -7.68 30.38 -107.72
C THR K 19 -8.16 29.36 -106.71
N LEU K 20 -8.70 28.27 -107.20
CA LEU K 20 -9.20 27.20 -106.34
C LEU K 20 -8.69 25.89 -106.92
N LYS K 21 -7.76 25.26 -106.23
CA LYS K 21 -7.38 23.90 -106.56
C LYS K 21 -8.06 23.00 -105.53
N GLY K 22 -9.34 22.74 -105.78
CA GLY K 22 -10.13 22.03 -104.80
C GLY K 22 -10.42 22.89 -103.60
N ARG K 23 -10.02 22.42 -102.43
CA ARG K 23 -10.07 23.23 -101.21
C ARG K 23 -8.70 23.78 -100.88
N THR K 24 -8.10 24.48 -101.82
CA THR K 24 -6.87 25.20 -101.56
C THR K 24 -7.03 26.56 -102.21
N VAL K 25 -6.89 27.60 -101.42
CA VAL K 25 -7.09 28.95 -101.91
C VAL K 25 -5.70 29.53 -102.13
N ILE K 26 -5.36 29.78 -103.37
CA ILE K 26 -4.10 30.43 -103.70
C ILE K 26 -4.44 31.87 -104.02
N VAL K 27 -4.21 32.77 -103.07
CA VAL K 27 -4.43 34.19 -103.31
C VAL K 27 -3.12 34.79 -103.76
N LYS K 28 -3.18 35.64 -104.79
CA LYS K 28 -1.99 36.21 -105.41
C LYS K 28 -2.24 37.69 -105.64
N GLY K 29 -1.46 38.53 -104.98
CA GLY K 29 -1.64 39.96 -105.09
C GLY K 29 -0.32 40.68 -105.36
N PRO K 30 -0.29 41.99 -105.11
CA PRO K 30 0.96 42.73 -105.30
C PRO K 30 2.03 42.44 -104.28
N ARG K 31 1.69 42.06 -103.05
CA ARG K 31 2.72 41.84 -102.05
C ARG K 31 3.22 40.42 -102.02
N GLY K 32 2.85 39.60 -102.99
CA GLY K 32 3.34 38.24 -103.01
C GLY K 32 2.17 37.29 -103.21
N THR K 33 2.29 36.07 -102.70
CA THR K 33 1.16 35.15 -102.78
C THR K 33 1.10 34.32 -101.52
N LEU K 34 -0.05 33.70 -101.33
CA LEU K 34 -0.35 32.92 -100.14
C LEU K 34 -1.07 31.65 -100.55
N ARG K 35 -1.22 30.75 -99.60
CA ARG K 35 -1.74 29.42 -99.88
C ARG K 35 -2.17 28.76 -98.58
N ARG K 36 -3.43 28.35 -98.49
CA ARG K 36 -3.84 27.43 -97.44
C ARG K 36 -4.80 26.41 -98.02
N ASP K 37 -4.72 25.20 -97.51
CA ASP K 37 -5.71 24.18 -97.82
C ASP K 37 -6.75 24.15 -96.73
N PHE K 38 -8.00 23.90 -97.12
CA PHE K 38 -9.08 23.75 -96.15
C PHE K 38 -9.65 22.36 -96.19
N ASN K 39 -8.81 21.39 -96.51
CA ASN K 39 -9.20 20.00 -96.66
C ASN K 39 -9.48 19.29 -95.35
N HIS K 40 -9.48 19.99 -94.22
CA HIS K 40 -10.03 19.47 -92.98
C HIS K 40 -11.47 19.89 -92.77
N ILE K 41 -12.05 20.63 -93.70
CA ILE K 41 -13.41 21.09 -93.65
C ILE K 41 -14.10 20.61 -94.93
N ASN K 42 -15.31 20.07 -94.79
CA ASN K 42 -16.09 19.65 -95.95
C ASN K 42 -17.01 20.79 -96.35
N VAL K 43 -16.56 21.60 -97.29
CA VAL K 43 -17.33 22.68 -97.88
C VAL K 43 -17.11 22.64 -99.38
N GLU K 44 -17.95 23.36 -100.11
CA GLU K 44 -17.68 23.59 -101.52
C GLU K 44 -17.33 25.05 -101.73
N LEU K 45 -16.20 25.27 -102.39
CA LEU K 45 -15.73 26.59 -102.72
C LEU K 45 -15.96 26.81 -104.20
N SER K 46 -16.43 28.00 -104.55
CA SER K 46 -16.66 28.25 -105.96
C SER K 46 -16.50 29.73 -106.24
N LEU K 47 -15.75 30.06 -107.28
CA LEU K 47 -15.70 31.41 -107.79
C LEU K 47 -16.94 31.68 -108.61
N LEU K 48 -17.53 32.85 -108.45
CA LEU K 48 -18.83 33.12 -109.05
C LEU K 48 -18.74 33.98 -110.29
N GLY K 49 -18.27 35.21 -110.15
CA GLY K 49 -18.45 36.21 -111.17
C GLY K 49 -17.54 36.03 -112.37
N LYS K 50 -17.65 36.97 -113.29
CA LYS K 50 -16.75 37.09 -114.42
C LYS K 50 -16.09 38.44 -114.48
N LYS K 51 -16.52 39.38 -113.62
CA LYS K 51 -16.06 40.76 -113.64
C LYS K 51 -15.73 41.22 -112.23
N LYS K 52 -16.38 40.64 -111.22
CA LYS K 52 -16.18 41.01 -109.82
C LYS K 52 -15.66 39.87 -108.97
N LYS K 53 -15.92 38.62 -109.35
CA LYS K 53 -15.30 37.42 -108.79
C LYS K 53 -15.58 37.29 -107.29
N ARG K 54 -16.82 37.01 -106.95
CA ARG K 54 -17.09 36.62 -105.57
C ARG K 54 -16.57 35.22 -105.31
N LEU K 55 -16.52 34.87 -104.04
CA LEU K 55 -16.16 33.52 -103.60
C LEU K 55 -17.19 33.07 -102.60
N ARG K 56 -18.01 32.11 -102.97
CA ARG K 56 -18.97 31.52 -102.05
C ARG K 56 -18.39 30.30 -101.38
N VAL K 57 -19.04 29.91 -100.29
CA VAL K 57 -18.74 28.67 -99.60
C VAL K 57 -20.00 28.16 -98.93
N ASP K 58 -20.34 26.90 -99.21
CA ASP K 58 -21.61 26.32 -98.85
C ASP K 58 -21.40 25.13 -97.93
N LYS K 59 -22.39 24.81 -97.11
CA LYS K 59 -22.17 23.68 -96.22
C LYS K 59 -23.09 22.49 -96.45
N TRP K 60 -24.37 22.64 -96.82
CA TRP K 60 -25.20 21.50 -97.22
C TRP K 60 -25.40 20.39 -96.19
N TRP K 61 -26.38 20.53 -95.30
CA TRP K 61 -26.76 19.55 -94.26
C TRP K 61 -25.73 19.52 -93.14
N GLY K 62 -25.43 20.68 -92.60
CA GLY K 62 -24.57 20.76 -91.46
C GLY K 62 -25.35 20.78 -90.17
N ASN K 63 -24.74 20.25 -89.11
CA ASN K 63 -25.27 20.47 -87.79
C ASN K 63 -24.69 21.78 -87.27
N ARG K 64 -24.91 22.07 -85.99
CA ARG K 64 -24.56 23.37 -85.43
C ARG K 64 -23.06 23.60 -85.41
N LYS K 65 -22.30 22.57 -85.10
CA LYS K 65 -20.86 22.72 -84.99
C LYS K 65 -20.21 22.86 -86.36
N GLU K 66 -20.70 22.10 -87.34
CA GLU K 66 -20.23 22.23 -88.71
C GLU K 66 -20.62 23.54 -89.34
N LEU K 67 -21.68 24.16 -88.83
CA LEU K 67 -22.17 25.39 -89.42
C LEU K 67 -21.36 26.58 -88.97
N ALA K 68 -20.46 26.39 -88.01
CA ALA K 68 -19.59 27.46 -87.56
C ALA K 68 -18.35 27.58 -88.39
N THR K 69 -17.95 26.52 -89.09
CA THR K 69 -16.73 26.57 -89.87
C THR K 69 -16.88 27.32 -91.17
N VAL K 70 -18.08 27.75 -91.52
CA VAL K 70 -18.26 28.45 -92.78
C VAL K 70 -17.70 29.86 -92.69
N ARG K 71 -18.04 30.58 -91.63
CA ARG K 71 -17.63 31.97 -91.55
C ARG K 71 -16.18 32.10 -91.13
N THR K 72 -15.59 31.04 -90.56
CA THR K 72 -14.17 31.05 -90.30
C THR K 72 -13.38 30.95 -91.59
N ILE K 73 -13.86 30.18 -92.55
CA ILE K 73 -13.18 30.10 -93.84
C ILE K 73 -13.24 31.44 -94.53
N CYS K 74 -14.39 32.11 -94.44
CA CYS K 74 -14.54 33.44 -95.00
C CYS K 74 -13.62 34.43 -94.32
N SER K 75 -13.42 34.28 -93.02
CA SER K 75 -12.53 35.19 -92.32
C SER K 75 -11.08 34.91 -92.60
N HIS K 76 -10.71 33.65 -92.81
CA HIS K 76 -9.32 33.38 -93.18
C HIS K 76 -9.05 33.83 -94.61
N VAL K 77 -10.02 33.72 -95.50
CA VAL K 77 -9.80 34.16 -96.86
C VAL K 77 -9.71 35.67 -96.91
N GLN K 78 -10.50 36.36 -96.09
CA GLN K 78 -10.38 37.80 -96.03
C GLN K 78 -9.10 38.26 -95.36
N ASN K 79 -8.50 37.46 -94.49
CA ASN K 79 -7.19 37.85 -93.99
C ASN K 79 -6.09 37.51 -94.98
N MET K 80 -6.33 36.61 -95.91
CA MET K 80 -5.39 36.42 -97.00
C MET K 80 -5.43 37.61 -97.93
N ILE K 81 -6.62 38.10 -98.23
CA ILE K 81 -6.79 39.17 -99.19
C ILE K 81 -6.27 40.48 -98.63
N LYS K 82 -6.48 40.71 -97.35
CA LYS K 82 -5.88 41.87 -96.72
C LYS K 82 -4.37 41.72 -96.62
N GLY K 83 -3.88 40.49 -96.54
CA GLY K 83 -2.46 40.28 -96.36
C GLY K 83 -1.63 40.46 -97.60
N VAL K 84 -2.21 40.27 -98.78
CA VAL K 84 -1.46 40.40 -100.02
C VAL K 84 -1.74 41.69 -100.73
N THR K 85 -2.55 42.57 -100.17
CA THR K 85 -2.72 43.93 -100.70
C THR K 85 -2.28 44.99 -99.72
N LEU K 86 -2.66 44.87 -98.46
CA LEU K 86 -2.20 45.79 -97.45
C LEU K 86 -1.08 45.20 -96.61
N GLY K 87 -1.20 43.96 -96.19
CA GLY K 87 -0.18 43.35 -95.37
C GLY K 87 -0.39 43.69 -93.91
N PHE K 88 0.29 42.94 -93.06
CA PHE K 88 0.08 43.04 -91.63
C PHE K 88 1.29 43.65 -90.96
N ARG K 89 1.04 44.38 -89.89
CA ARG K 89 2.07 45.16 -89.23
C ARG K 89 1.73 45.25 -87.75
N TYR K 90 2.58 44.71 -86.90
CA TYR K 90 2.36 44.78 -85.47
C TYR K 90 3.41 45.66 -84.84
N LYS K 91 2.98 46.71 -84.17
CA LYS K 91 3.89 47.55 -83.41
C LYS K 91 3.85 47.12 -81.96
N MET K 92 5.00 46.81 -81.38
CA MET K 92 4.98 46.37 -80.00
C MET K 92 6.04 47.10 -79.18
N ARG K 93 5.58 47.73 -78.11
CA ARG K 93 6.41 48.54 -77.24
C ARG K 93 7.14 47.67 -76.24
N SER K 94 8.24 48.18 -75.72
CA SER K 94 8.98 47.49 -74.67
C SER K 94 8.82 48.28 -73.38
N VAL K 95 8.17 47.67 -72.41
CA VAL K 95 7.85 48.30 -71.14
C VAL K 95 8.88 47.88 -70.12
N TYR K 96 9.50 48.84 -69.46
CA TYR K 96 10.49 48.53 -68.44
C TYR K 96 10.47 49.62 -67.38
N ALA K 97 10.67 49.20 -66.14
CA ALA K 97 10.65 50.10 -65.01
C ALA K 97 12.03 50.62 -64.65
N HIS K 98 13.02 49.78 -64.72
CA HIS K 98 14.37 50.19 -64.35
C HIS K 98 15.43 49.77 -65.36
N PHE K 99 15.34 48.57 -65.91
CA PHE K 99 16.41 48.06 -66.73
C PHE K 99 16.01 48.15 -68.19
N PRO K 100 16.67 48.95 -69.01
CA PRO K 100 16.21 49.15 -70.39
C PRO K 100 16.44 47.91 -71.24
N ILE K 101 15.35 47.41 -71.80
CA ILE K 101 15.38 46.21 -72.61
C ILE K 101 16.01 46.55 -73.95
N ASN K 102 17.13 45.91 -74.25
CA ASN K 102 17.91 46.22 -75.45
C ASN K 102 17.64 45.13 -76.46
N VAL K 103 16.97 45.49 -77.54
CA VAL K 103 16.66 44.56 -78.61
C VAL K 103 17.56 44.91 -79.77
N VAL K 104 18.34 43.95 -80.24
CA VAL K 104 19.07 44.16 -81.48
C VAL K 104 18.74 43.03 -82.44
N ILE K 105 18.48 43.41 -83.68
CA ILE K 105 17.99 42.51 -84.70
C ILE K 105 19.16 41.81 -85.35
N GLN K 106 19.11 40.49 -85.37
CA GLN K 106 20.09 39.67 -86.06
C GLN K 106 19.66 39.51 -87.52
N GLU K 107 20.19 38.51 -88.20
CA GLU K 107 20.31 38.43 -89.65
C GLU K 107 19.04 38.69 -90.45
N ASN K 108 19.01 39.85 -91.10
CA ASN K 108 17.98 40.31 -92.02
C ASN K 108 16.57 40.20 -91.46
N GLY K 109 16.44 40.54 -90.18
CA GLY K 109 15.13 40.58 -89.57
C GLY K 109 14.57 39.24 -89.19
N SER K 110 15.37 38.18 -89.22
CA SER K 110 14.87 36.85 -88.91
C SER K 110 15.05 36.48 -87.45
N LEU K 111 15.91 37.16 -86.72
CA LEU K 111 16.21 36.80 -85.35
C LEU K 111 16.34 38.06 -84.51
N VAL K 112 15.66 38.10 -83.37
CA VAL K 112 15.85 39.21 -82.45
C VAL K 112 16.59 38.67 -81.25
N GLU K 113 17.29 39.54 -80.56
CA GLU K 113 17.94 39.14 -79.33
C GLU K 113 17.81 40.24 -78.30
N ILE K 114 17.50 39.82 -77.08
CA ILE K 114 16.99 40.69 -76.03
C ILE K 114 17.91 40.54 -74.84
N ARG K 115 18.52 41.64 -74.40
CA ARG K 115 19.72 41.58 -73.57
C ARG K 115 19.45 41.75 -72.08
N ASN K 116 18.71 42.78 -71.70
CA ASN K 116 18.78 43.31 -70.35
C ASN K 116 17.47 43.16 -69.59
N PHE K 117 16.67 42.15 -69.93
CA PHE K 117 15.32 42.05 -69.38
C PHE K 117 15.36 41.71 -67.90
N LEU K 118 14.93 42.67 -67.08
CA LEU K 118 14.99 42.65 -65.61
C LEU K 118 16.42 42.57 -65.11
N GLY K 119 17.36 43.11 -65.87
CA GLY K 119 18.71 43.26 -65.41
C GLY K 119 19.48 41.98 -65.28
N GLU K 120 19.25 41.03 -66.17
CA GLU K 120 19.85 39.73 -66.01
C GLU K 120 20.76 39.41 -67.18
N LYS K 121 21.47 38.30 -67.05
CA LYS K 121 22.60 38.00 -67.92
C LYS K 121 22.27 37.05 -69.05
N TYR K 122 21.24 36.23 -68.92
CA TYR K 122 20.84 35.32 -69.98
C TYR K 122 20.23 36.11 -71.14
N ILE K 123 20.63 35.75 -72.35
CA ILE K 123 20.27 36.48 -73.56
C ILE K 123 19.20 35.70 -74.29
N ARG K 124 18.02 36.29 -74.39
CA ARG K 124 16.94 35.70 -75.17
C ARG K 124 17.31 35.78 -76.65
N ARG K 125 17.10 34.69 -77.38
CA ARG K 125 17.23 34.70 -78.84
C ARG K 125 16.03 33.96 -79.38
N VAL K 126 15.14 34.69 -80.05
CA VAL K 126 13.89 34.12 -80.51
C VAL K 126 13.73 34.36 -82.02
N ARG K 127 13.60 33.27 -82.76
CA ARG K 127 13.57 33.26 -84.22
C ARG K 127 12.17 33.57 -84.73
N MET K 128 12.10 34.42 -85.75
CA MET K 128 10.81 34.71 -86.37
C MET K 128 10.36 33.54 -87.23
N ARG K 129 9.10 33.59 -87.62
CA ARG K 129 8.57 32.63 -88.57
C ARG K 129 9.16 32.92 -89.96
N PRO K 130 9.16 31.93 -90.85
CA PRO K 130 9.58 32.21 -92.23
C PRO K 130 8.58 33.13 -92.94
N GLY K 131 9.03 34.33 -93.27
CA GLY K 131 8.20 35.32 -93.92
C GLY K 131 8.02 36.57 -93.12
N VAL K 132 8.26 36.53 -91.81
CA VAL K 132 8.09 37.69 -90.94
C VAL K 132 9.42 38.38 -90.79
N ALA K 133 9.45 39.67 -91.04
CA ALA K 133 10.65 40.48 -90.91
C ALA K 133 10.44 41.46 -89.76
N CYS K 134 11.29 41.39 -88.75
CA CYS K 134 11.21 42.29 -87.61
C CYS K 134 12.14 43.48 -87.81
N SER K 135 11.83 44.57 -87.11
CA SER K 135 12.63 45.76 -87.23
C SER K 135 12.51 46.60 -85.96
N VAL K 136 13.47 47.49 -85.76
CA VAL K 136 13.43 48.48 -84.69
C VAL K 136 12.93 49.78 -85.28
N SER K 137 11.96 50.40 -84.62
CA SER K 137 11.33 51.59 -85.16
C SER K 137 12.25 52.79 -85.07
N GLN K 138 11.91 53.81 -85.85
CA GLN K 138 12.50 55.12 -85.76
C GLN K 138 11.48 56.18 -85.38
N ALA K 139 10.20 55.84 -85.37
CA ALA K 139 9.17 56.78 -84.96
C ALA K 139 9.21 57.01 -83.46
N GLN K 140 9.38 55.96 -82.67
CA GLN K 140 9.43 56.10 -81.23
C GLN K 140 10.76 55.60 -80.68
N LYS K 141 10.87 55.64 -79.35
CA LYS K 141 12.14 55.31 -78.73
C LYS K 141 12.37 53.81 -78.72
N ASP K 142 11.36 53.04 -78.34
CA ASP K 142 11.56 51.60 -78.28
C ASP K 142 10.26 50.87 -78.62
N GLU K 143 10.06 50.63 -79.91
CA GLU K 143 9.08 49.64 -80.30
C GLU K 143 9.63 48.83 -81.45
N LEU K 144 9.31 47.54 -81.42
CA LEU K 144 9.58 46.66 -82.53
C LEU K 144 8.49 46.81 -83.56
N ILE K 145 8.87 46.64 -84.81
CA ILE K 145 7.98 46.85 -85.94
C ILE K 145 8.16 45.66 -86.88
N LEU K 146 7.36 44.62 -86.67
CA LEU K 146 7.47 43.40 -87.43
C LEU K 146 6.24 43.23 -88.31
N GLU K 147 6.45 42.69 -89.50
CA GLU K 147 5.47 42.80 -90.56
C GLU K 147 5.62 41.65 -91.56
N GLY K 148 4.52 41.33 -92.22
CA GLY K 148 4.54 40.26 -93.19
C GLY K 148 3.17 40.05 -93.80
N ASN K 149 3.09 39.02 -94.64
CA ASN K 149 1.88 38.74 -95.40
C ASN K 149 0.85 37.97 -94.59
N ASP K 150 1.25 36.85 -94.00
CA ASP K 150 0.29 35.97 -93.34
C ASP K 150 0.06 36.38 -91.89
N ILE K 151 -1.21 36.43 -91.50
CA ILE K 151 -1.55 36.93 -90.18
C ILE K 151 -1.17 35.93 -89.09
N GLU K 152 -1.25 34.63 -89.37
CA GLU K 152 -0.93 33.68 -88.32
C GLU K 152 0.55 33.49 -88.11
N LEU K 153 1.38 34.08 -88.96
CA LEU K 153 2.81 34.09 -88.74
C LEU K 153 3.29 35.39 -88.12
N VAL K 154 2.68 36.51 -88.48
CA VAL K 154 3.04 37.76 -87.83
C VAL K 154 2.58 37.75 -86.38
N SER K 155 1.41 37.19 -86.13
CA SER K 155 0.90 37.16 -84.78
C SER K 155 1.60 36.15 -83.92
N ASN K 156 2.03 35.03 -84.50
CA ASN K 156 2.80 34.07 -83.74
C ASN K 156 4.16 34.62 -83.37
N SER K 157 4.76 35.42 -84.25
CA SER K 157 6.08 35.95 -83.96
C SER K 157 6.02 37.02 -82.89
N ALA K 158 4.91 37.72 -82.76
CA ALA K 158 4.76 38.61 -81.64
C ALA K 158 4.50 37.84 -80.37
N ALA K 159 3.84 36.69 -80.47
CA ALA K 159 3.55 35.92 -79.28
C ALA K 159 4.77 35.19 -78.75
N LEU K 160 5.70 34.84 -79.62
CA LEU K 160 6.93 34.21 -79.17
C LEU K 160 7.79 35.19 -78.39
N ILE K 161 7.86 36.43 -78.86
CA ILE K 161 8.73 37.39 -78.21
C ILE K 161 8.03 38.11 -77.07
N GLN K 162 6.73 37.87 -76.88
CA GLN K 162 6.07 38.33 -75.68
C GLN K 162 6.15 37.29 -74.58
N GLN K 163 6.04 36.01 -74.92
CA GLN K 163 6.25 34.96 -73.93
C GLN K 163 7.70 34.69 -73.66
N ALA K 164 8.62 35.28 -74.41
CA ALA K 164 10.02 35.19 -74.06
C ALA K 164 10.36 36.09 -72.89
N THR K 165 9.62 37.16 -72.71
CA THR K 165 9.86 38.11 -71.64
C THR K 165 8.83 37.96 -70.54
N THR K 166 8.82 36.80 -69.92
CA THR K 166 7.92 36.52 -68.82
C THR K 166 8.68 36.69 -67.53
N VAL K 167 8.05 37.33 -66.55
CA VAL K 167 8.63 37.42 -65.22
C VAL K 167 8.28 36.14 -64.45
N LYS K 168 9.29 35.52 -63.88
CA LYS K 168 9.11 34.29 -63.11
C LYS K 168 9.38 34.55 -61.64
N ASN K 169 8.60 33.89 -60.78
CA ASN K 169 8.74 33.89 -59.33
C ASN K 169 8.57 35.26 -58.71
N LYS K 170 7.97 36.22 -59.40
CA LYS K 170 7.68 37.52 -58.83
C LYS K 170 6.21 37.79 -58.99
N ASP K 171 5.73 38.78 -58.26
CA ASP K 171 4.38 39.26 -58.47
C ASP K 171 4.33 40.00 -59.79
N ILE K 172 3.35 39.67 -60.64
CA ILE K 172 3.28 40.28 -61.95
C ILE K 172 2.16 41.30 -61.98
N ARG K 173 1.89 41.90 -60.83
CA ARG K 173 1.05 43.09 -60.77
C ARG K 173 1.87 44.34 -60.49
N LYS K 174 2.97 44.19 -59.77
CA LYS K 174 4.16 44.97 -60.02
C LYS K 174 4.95 44.21 -61.06
N PHE K 175 6.16 44.65 -61.38
CA PHE K 175 7.06 43.97 -62.35
C PHE K 175 6.39 43.76 -63.69
N LEU K 176 5.96 44.87 -64.31
CA LEU K 176 5.17 44.82 -65.52
C LEU K 176 6.03 44.83 -66.76
N ASP K 177 7.24 44.34 -66.67
CA ASP K 177 8.19 44.52 -67.75
C ASP K 177 7.99 43.48 -68.83
N GLY K 178 8.48 43.82 -70.02
CA GLY K 178 8.31 42.93 -71.15
C GLY K 178 8.01 43.69 -72.41
N ILE K 179 7.79 42.97 -73.50
CA ILE K 179 7.42 43.56 -74.77
C ILE K 179 6.04 43.08 -75.12
N TYR K 180 5.12 44.01 -75.32
CA TYR K 180 3.70 43.72 -75.43
C TYR K 180 3.18 44.33 -76.72
N VAL K 181 2.25 43.64 -77.37
CA VAL K 181 1.75 44.10 -78.66
C VAL K 181 0.90 45.33 -78.44
N SER K 182 1.27 46.43 -79.09
CA SER K 182 0.62 47.69 -78.79
C SER K 182 -0.47 48.01 -79.80
N GLU K 183 -0.31 47.59 -81.04
CA GLU K 183 -1.36 47.76 -82.02
C GLU K 183 -1.19 46.72 -83.11
N LYS K 184 -2.28 46.44 -83.80
CA LYS K 184 -2.30 45.47 -84.89
C LYS K 184 -2.77 46.20 -86.13
N GLY K 185 -1.84 46.77 -86.89
CA GLY K 185 -2.17 47.59 -88.03
C GLY K 185 -1.88 46.91 -89.35
N THR K 186 -1.67 47.75 -90.36
CA THR K 186 -1.36 47.31 -91.71
C THR K 186 -0.25 48.17 -92.29
N VAL K 187 0.41 47.63 -93.29
CA VAL K 187 1.23 48.40 -94.18
C VAL K 187 0.26 48.91 -95.24
N GLN K 188 0.64 49.99 -95.95
CA GLN K 188 -0.17 50.63 -97.00
C GLN K 188 -1.55 51.03 -96.47
N GLN K 189 -1.55 51.92 -95.49
CA GLN K 189 -2.79 52.35 -94.86
C GLN K 189 -3.70 53.03 -95.85
N ALA K 190 -4.81 52.38 -96.16
CA ALA K 190 -5.77 52.87 -97.15
C ALA K 190 -6.52 54.09 -96.63
N GLY L 1 -22.07 13.57 -30.52
CA GLY L 1 -22.60 14.12 -31.76
C GLY L 1 -23.61 13.19 -32.40
N ARG L 2 -24.49 13.73 -33.20
CA ARG L 2 -25.44 12.88 -33.89
C ARG L 2 -24.76 12.19 -35.07
N ARG L 3 -25.36 11.08 -35.48
CA ARG L 3 -24.87 10.31 -36.61
C ARG L 3 -25.03 11.13 -37.89
N PRO L 4 -24.26 10.83 -38.93
CA PRO L 4 -24.54 11.45 -40.22
C PRO L 4 -25.89 11.02 -40.76
N ALA L 5 -26.51 11.93 -41.49
CA ALA L 5 -27.93 11.85 -41.78
C ALA L 5 -28.30 10.83 -42.84
N ARG L 6 -27.33 10.16 -43.47
CA ARG L 6 -27.68 9.06 -44.35
C ARG L 6 -27.97 7.80 -43.58
N CYS L 7 -27.74 7.80 -42.26
CA CYS L 7 -28.15 6.69 -41.44
C CYS L 7 -29.65 6.65 -41.24
N TYR L 8 -30.31 7.79 -41.26
CA TYR L 8 -31.73 7.86 -40.92
C TYR L 8 -32.50 8.51 -42.03
N ARG L 9 -32.25 8.10 -43.26
CA ARG L 9 -32.84 8.83 -44.37
C ARG L 9 -34.12 8.21 -44.88
N TYR L 10 -34.17 6.90 -44.99
CA TYR L 10 -35.32 6.26 -45.59
C TYR L 10 -36.29 5.81 -44.51
N CYS L 11 -37.57 5.87 -44.84
CA CYS L 11 -38.63 5.48 -43.92
C CYS L 11 -38.66 3.96 -43.82
N LYS L 12 -37.85 3.43 -42.92
CA LYS L 12 -37.77 1.99 -42.81
C LYS L 12 -38.62 1.45 -41.68
N ASN L 13 -38.66 2.14 -40.55
CA ASN L 13 -39.46 1.58 -39.48
C ASN L 13 -40.86 2.15 -39.51
N LYS L 14 -41.73 1.43 -38.85
CA LYS L 14 -43.09 1.85 -38.63
C LYS L 14 -43.08 3.05 -37.68
N PRO L 15 -44.04 3.97 -37.79
CA PRO L 15 -43.99 5.21 -37.02
C PRO L 15 -43.97 5.00 -35.52
N TYR L 16 -43.00 5.63 -34.88
CA TYR L 16 -42.66 5.39 -33.49
C TYR L 16 -42.71 6.72 -32.77
N PRO L 17 -43.90 7.22 -32.46
CA PRO L 17 -43.99 8.55 -31.87
C PRO L 17 -43.71 8.48 -30.38
N LYS L 18 -43.51 9.64 -29.78
CA LYS L 18 -43.35 9.68 -28.34
C LYS L 18 -44.73 9.57 -27.71
N SER L 19 -44.82 8.77 -26.66
CA SER L 19 -46.11 8.44 -26.07
C SER L 19 -45.85 7.90 -24.68
N ARG L 20 -46.83 7.17 -24.15
CA ARG L 20 -46.67 6.41 -22.92
C ARG L 20 -45.60 5.33 -23.04
N PHE L 21 -45.27 4.92 -24.26
CA PHE L 21 -44.38 3.80 -24.48
C PHE L 21 -42.94 4.23 -24.71
N CYS L 22 -42.71 5.12 -25.66
CA CYS L 22 -41.40 5.68 -25.90
C CYS L 22 -41.26 6.89 -25.00
N ARG L 23 -40.67 6.70 -23.83
CA ARG L 23 -40.48 7.77 -22.88
C ARG L 23 -39.06 8.28 -22.94
N GLY L 24 -38.89 9.54 -22.59
CA GLY L 24 -37.56 10.10 -22.51
C GLY L 24 -36.91 10.44 -23.83
N VAL L 25 -37.67 10.90 -24.81
CA VAL L 25 -37.03 11.37 -26.04
C VAL L 25 -36.41 12.73 -25.76
N PRO L 26 -35.35 13.11 -26.46
CA PRO L 26 -34.91 14.50 -26.39
C PRO L 26 -35.89 15.37 -27.13
N ASP L 27 -35.92 16.63 -26.76
CA ASP L 27 -36.84 17.57 -27.39
C ASP L 27 -36.36 17.91 -28.79
N ALA L 28 -37.32 18.23 -29.66
CA ALA L 28 -36.99 18.51 -31.06
C ALA L 28 -36.22 19.81 -31.16
N LYS L 29 -35.43 19.92 -32.22
CA LYS L 29 -34.65 21.13 -32.41
C LYS L 29 -35.51 22.28 -32.90
N ILE L 30 -36.50 21.98 -33.73
CA ILE L 30 -37.41 22.99 -34.24
C ILE L 30 -38.61 23.11 -33.31
N ARG L 31 -38.86 24.33 -32.87
CA ARG L 31 -39.93 24.64 -31.94
C ARG L 31 -40.90 25.66 -32.47
N ILE L 32 -40.46 26.50 -33.40
CA ILE L 32 -41.26 27.57 -33.96
C ILE L 32 -41.54 27.21 -35.39
N PHE L 33 -42.81 27.24 -35.77
CA PHE L 33 -43.23 26.73 -37.06
C PHE L 33 -43.80 27.80 -37.96
N ASP L 34 -44.33 28.88 -37.39
CA ASP L 34 -44.83 30.01 -38.16
C ASP L 34 -43.98 31.22 -37.84
N LEU L 35 -43.85 32.12 -38.81
CA LEU L 35 -42.76 33.08 -38.75
C LEU L 35 -42.98 34.17 -39.78
N GLY L 36 -42.50 35.38 -39.46
CA GLY L 36 -42.83 36.56 -40.23
C GLY L 36 -43.87 37.29 -39.44
N ARG L 37 -44.67 38.18 -40.02
CA ARG L 37 -45.79 38.71 -39.29
C ARG L 37 -46.89 37.67 -39.37
N LYS L 38 -47.14 37.00 -38.25
CA LYS L 38 -48.14 35.96 -38.22
C LYS L 38 -49.54 36.56 -38.19
N LYS L 39 -49.68 37.76 -37.65
CA LYS L 39 -50.98 38.39 -37.49
C LYS L 39 -51.44 39.11 -38.74
N ALA L 40 -50.89 38.81 -39.90
CA ALA L 40 -51.29 39.49 -41.11
C ALA L 40 -52.58 38.87 -41.62
N LYS L 41 -53.46 39.71 -42.15
CA LYS L 41 -54.76 39.23 -42.53
C LYS L 41 -54.69 38.52 -43.87
N VAL L 42 -55.84 38.05 -44.34
CA VAL L 42 -55.87 37.27 -45.56
C VAL L 42 -56.13 38.14 -46.76
N ASP L 43 -56.44 39.40 -46.53
CA ASP L 43 -57.17 40.19 -47.52
C ASP L 43 -56.31 40.60 -48.69
N GLU L 44 -55.03 40.89 -48.44
CA GLU L 44 -54.21 41.42 -49.52
C GLU L 44 -52.77 40.94 -49.42
N PHE L 45 -52.53 39.75 -48.88
CA PHE L 45 -51.21 39.11 -48.91
C PHE L 45 -51.41 37.79 -49.63
N PRO L 46 -51.62 37.83 -50.95
CA PRO L 46 -52.33 36.73 -51.63
C PRO L 46 -51.49 35.61 -52.19
N LEU L 47 -50.22 35.81 -52.45
CA LEU L 47 -49.42 34.80 -53.14
C LEU L 47 -49.05 33.70 -52.17
N GLY L 48 -49.06 32.45 -52.64
CA GLY L 48 -48.62 31.38 -51.79
C GLY L 48 -47.71 30.41 -52.52
N GLY L 49 -46.45 30.32 -52.13
CA GLY L 49 -45.49 29.46 -52.80
C GLY L 49 -45.10 28.30 -51.90
N HIS L 50 -45.07 27.11 -52.47
CA HIS L 50 -44.86 25.92 -51.67
C HIS L 50 -43.50 25.32 -51.93
N MET L 51 -43.17 24.34 -51.13
CA MET L 51 -42.00 23.50 -51.35
C MET L 51 -42.48 22.06 -51.22
N VAL L 52 -42.35 21.29 -52.29
CA VAL L 52 -42.99 19.98 -52.41
C VAL L 52 -41.90 18.93 -52.54
N SER L 53 -41.97 17.89 -51.72
CA SER L 53 -40.95 16.87 -51.77
C SER L 53 -41.20 15.94 -52.94
N ASP L 54 -40.14 15.60 -53.65
CA ASP L 54 -40.23 14.66 -54.74
C ASP L 54 -39.95 13.23 -54.30
N GLU L 55 -39.46 13.03 -53.09
CA GLU L 55 -39.08 11.71 -52.63
C GLU L 55 -39.81 11.35 -51.35
N TYR L 56 -39.91 10.05 -51.10
CA TYR L 56 -40.48 9.48 -49.90
C TYR L 56 -39.35 9.20 -48.93
N GLU L 57 -39.22 10.02 -47.90
CA GLU L 57 -38.04 9.98 -47.06
C GLU L 57 -38.41 10.54 -45.71
N GLN L 58 -37.43 10.73 -44.85
CA GLN L 58 -37.67 11.36 -43.57
C GLN L 58 -36.59 12.38 -43.29
N LEU L 59 -37.02 13.55 -42.84
CA LEU L 59 -36.17 14.72 -42.68
C LEU L 59 -35.95 14.96 -41.21
N SER L 60 -34.72 15.28 -40.84
CA SER L 60 -34.44 15.46 -39.42
C SER L 60 -35.03 16.78 -38.93
N SER L 61 -35.16 16.89 -37.61
CA SER L 61 -35.62 18.13 -37.05
C SER L 61 -34.54 19.20 -37.06
N GLU L 62 -33.29 18.77 -37.18
CA GLU L 62 -32.19 19.71 -37.32
C GLU L 62 -32.26 20.42 -38.67
N ALA L 63 -32.71 19.71 -39.68
CA ALA L 63 -32.75 20.24 -41.03
C ALA L 63 -34.01 21.03 -41.30
N LEU L 64 -35.07 20.79 -40.55
CA LEU L 64 -36.25 21.61 -40.70
C LEU L 64 -36.01 23.00 -40.15
N GLU L 65 -35.24 23.12 -39.08
CA GLU L 65 -34.98 24.48 -38.61
C GLU L 65 -33.73 25.08 -39.22
N ALA L 66 -32.98 24.34 -40.02
CA ALA L 66 -31.92 24.95 -40.78
C ALA L 66 -32.44 25.64 -42.02
N ALA L 67 -33.51 25.11 -42.59
CA ALA L 67 -34.19 25.73 -43.70
C ALA L 67 -35.24 26.73 -43.25
N ARG L 68 -35.68 26.61 -42.00
CA ARG L 68 -36.46 27.67 -41.39
C ARG L 68 -35.63 28.94 -41.28
N ILE L 69 -34.38 28.80 -40.88
CA ILE L 69 -33.52 29.96 -40.63
C ILE L 69 -33.03 30.57 -41.94
N CYS L 70 -32.58 29.74 -42.88
CA CYS L 70 -31.98 30.30 -44.08
C CYS L 70 -33.00 30.86 -45.03
N ALA L 71 -34.26 30.44 -44.93
CA ALA L 71 -35.29 31.09 -45.71
C ALA L 71 -35.88 32.29 -45.00
N ASN L 72 -35.72 32.39 -43.68
CA ASN L 72 -36.20 33.56 -42.98
C ASN L 72 -35.34 34.77 -43.30
N LYS L 73 -34.03 34.65 -43.11
CA LYS L 73 -33.19 35.82 -43.26
C LYS L 73 -32.89 36.16 -44.70
N TYR L 74 -33.34 35.36 -45.65
CA TYR L 74 -33.39 35.86 -47.01
C TYR L 74 -34.65 36.66 -47.24
N MET L 75 -35.79 36.19 -46.73
CA MET L 75 -37.04 36.92 -46.89
C MET L 75 -37.04 38.21 -46.08
N VAL L 76 -36.40 38.21 -44.91
CA VAL L 76 -36.23 39.43 -44.13
C VAL L 76 -35.44 40.46 -44.92
N LYS L 77 -34.33 40.03 -45.49
CA LYS L 77 -33.39 40.92 -46.15
C LYS L 77 -33.96 41.50 -47.45
N SER L 78 -34.88 40.79 -48.11
CA SER L 78 -35.33 41.27 -49.39
C SER L 78 -36.83 41.51 -49.49
N CYS L 79 -37.61 41.14 -48.49
CA CYS L 79 -39.03 41.53 -48.49
C CYS L 79 -39.40 42.22 -47.20
N GLY L 80 -38.43 42.68 -46.43
CA GLY L 80 -38.70 43.40 -45.22
C GLY L 80 -38.97 42.49 -44.05
N ARG L 81 -38.97 43.08 -42.87
CA ARG L 81 -39.15 42.35 -41.62
C ARG L 81 -40.56 41.83 -41.45
N ASP L 82 -41.52 42.31 -42.23
CA ASP L 82 -42.91 41.96 -42.05
C ASP L 82 -43.63 41.86 -43.39
N GLY L 83 -42.92 41.56 -44.46
CA GLY L 83 -43.58 41.47 -45.73
C GLY L 83 -43.84 40.05 -46.15
N PHE L 84 -43.88 39.15 -45.17
CA PHE L 84 -43.99 37.75 -45.47
C PHE L 84 -44.53 37.01 -44.26
N HIS L 85 -45.04 35.82 -44.51
CA HIS L 85 -45.38 34.87 -43.46
C HIS L 85 -44.95 33.51 -43.95
N MET L 86 -44.02 32.87 -43.28
CA MET L 86 -43.69 31.51 -43.65
C MET L 86 -44.17 30.53 -42.62
N ARG L 87 -44.40 29.31 -43.07
CA ARG L 87 -45.05 28.29 -42.27
C ARG L 87 -44.39 26.97 -42.58
N VAL L 88 -43.79 26.35 -41.57
CA VAL L 88 -43.24 25.02 -41.76
C VAL L 88 -44.36 24.02 -41.50
N ARG L 89 -44.56 23.11 -42.43
CA ARG L 89 -45.70 22.22 -42.38
C ARG L 89 -45.27 20.77 -42.19
N LEU L 90 -44.28 20.54 -41.35
CA LEU L 90 -43.85 19.22 -40.94
C LEU L 90 -43.47 19.27 -39.48
N HIS L 91 -44.00 18.35 -38.71
CA HIS L 91 -43.66 18.28 -37.31
C HIS L 91 -42.88 17.01 -37.06
N PRO L 92 -41.82 17.08 -36.33
CA PRO L 92 -40.97 15.91 -36.17
C PRO L 92 -41.56 14.92 -35.20
N PHE L 93 -42.48 14.09 -35.66
CA PHE L 93 -43.20 13.22 -34.75
C PHE L 93 -42.60 11.84 -34.62
N HIS L 94 -41.98 11.32 -35.66
CA HIS L 94 -41.35 10.02 -35.60
C HIS L 94 -40.05 10.11 -34.83
N VAL L 95 -39.75 9.12 -34.00
CA VAL L 95 -38.55 9.13 -33.17
C VAL L 95 -37.57 8.10 -33.69
N ILE L 96 -36.35 8.51 -33.95
CA ILE L 96 -35.33 7.58 -34.39
C ILE L 96 -34.56 7.10 -33.17
N ARG L 97 -33.88 5.97 -33.31
CA ARG L 97 -33.23 5.34 -32.19
C ARG L 97 -31.74 5.14 -32.46
N ILE L 98 -30.99 4.85 -31.40
CA ILE L 98 -29.56 4.59 -31.53
C ILE L 98 -29.18 3.42 -30.65
N ASN L 99 -28.35 2.54 -31.17
CA ASN L 99 -27.81 1.44 -30.38
C ASN L 99 -26.39 1.82 -29.96
N LYS L 100 -26.27 2.48 -28.81
CA LYS L 100 -24.97 2.86 -28.29
C LYS L 100 -24.18 1.65 -27.84
N MET L 101 -22.91 1.60 -28.19
CA MET L 101 -22.03 0.55 -27.72
C MET L 101 -20.60 1.06 -27.62
N LEU L 102 -19.88 0.51 -26.63
CA LEU L 102 -18.48 0.82 -26.33
C LEU L 102 -18.20 2.31 -26.11
N ARG L 109 -19.48 -1.58 -18.60
CA ARG L 109 -19.48 -3.04 -18.64
C ARG L 109 -20.83 -3.63 -19.05
N LEU L 110 -21.17 -3.45 -20.32
CA LEU L 110 -22.45 -3.85 -20.87
C LEU L 110 -22.35 -5.19 -21.59
N GLN L 111 -23.46 -5.62 -22.17
CA GLN L 111 -23.51 -6.86 -22.91
C GLN L 111 -23.12 -6.59 -24.36
N THR L 112 -22.04 -7.21 -24.81
CA THR L 112 -21.45 -6.85 -26.08
C THR L 112 -22.22 -7.42 -27.26
N GLY L 113 -22.10 -6.74 -28.38
CA GLY L 113 -22.63 -7.22 -29.63
C GLY L 113 -24.07 -6.81 -29.83
N MET L 114 -24.74 -7.57 -30.66
CA MET L 114 -26.13 -7.33 -30.99
C MET L 114 -27.09 -7.94 -29.98
N ARG L 115 -26.60 -8.48 -28.88
CA ARG L 115 -27.47 -8.90 -27.79
C ARG L 115 -28.15 -7.70 -27.18
N GLY L 116 -29.48 -7.72 -27.12
CA GLY L 116 -30.22 -6.62 -26.54
C GLY L 116 -30.16 -5.38 -27.39
N ALA L 117 -30.42 -5.54 -28.68
CA ALA L 117 -30.07 -4.48 -29.61
C ALA L 117 -31.12 -3.38 -29.74
N PHE L 118 -32.26 -3.44 -29.05
CA PHE L 118 -33.26 -2.38 -29.24
C PHE L 118 -32.78 -1.12 -28.56
N GLY L 119 -32.67 -0.06 -29.33
CA GLY L 119 -31.92 1.09 -28.91
C GLY L 119 -32.72 2.13 -28.17
N LYS L 120 -32.08 3.12 -27.81
CA LYS L 120 -32.58 4.26 -27.07
C LYS L 120 -32.99 5.38 -28.01
N PRO L 121 -33.99 6.18 -27.67
CA PRO L 121 -34.36 7.30 -28.52
C PRO L 121 -33.28 8.37 -28.60
N GLN L 122 -33.11 8.95 -29.77
CA GLN L 122 -31.96 9.76 -30.09
C GLN L 122 -32.30 11.09 -30.72
N GLY L 123 -33.38 11.17 -31.48
CA GLY L 123 -33.79 12.40 -32.11
C GLY L 123 -35.16 12.21 -32.70
N THR L 124 -35.66 13.24 -33.36
CA THR L 124 -36.95 13.15 -34.02
C THR L 124 -36.82 13.53 -35.48
N VAL L 125 -37.57 12.83 -36.33
CA VAL L 125 -37.65 13.16 -37.74
C VAL L 125 -39.10 13.36 -38.12
N ALA L 126 -39.29 13.90 -39.31
CA ALA L 126 -40.61 14.05 -39.91
C ALA L 126 -40.64 13.19 -41.16
N ARG L 127 -41.56 12.24 -41.20
CA ARG L 127 -41.75 11.39 -42.36
C ARG L 127 -42.54 12.15 -43.41
N VAL L 128 -42.05 12.17 -44.64
CA VAL L 128 -42.62 13.00 -45.69
C VAL L 128 -42.85 12.15 -46.93
N HIS L 129 -43.88 12.50 -47.71
CA HIS L 129 -44.32 11.69 -48.83
C HIS L 129 -44.08 12.40 -50.15
N ILE L 130 -44.49 11.75 -51.23
CA ILE L 130 -44.46 12.37 -52.54
C ILE L 130 -45.59 13.37 -52.59
N GLY L 131 -45.31 14.56 -53.09
CA GLY L 131 -46.35 15.54 -53.21
C GLY L 131 -46.69 16.30 -51.95
N GLN L 132 -46.08 15.96 -50.82
CA GLN L 132 -46.41 16.60 -49.57
C GLN L 132 -45.67 17.93 -49.46
N VAL L 133 -46.39 18.94 -48.98
CA VAL L 133 -45.84 20.29 -48.89
C VAL L 133 -44.94 20.37 -47.67
N ILE L 134 -43.72 20.87 -47.87
CA ILE L 134 -42.78 21.01 -46.77
C ILE L 134 -42.89 22.36 -46.12
N MET L 135 -42.82 23.42 -46.91
CA MET L 135 -42.75 24.78 -46.38
C MET L 135 -43.57 25.68 -47.28
N SER L 136 -44.25 26.66 -46.69
CA SER L 136 -45.09 27.57 -47.43
C SER L 136 -44.70 28.99 -47.06
N ILE L 137 -44.80 29.91 -48.00
CA ILE L 137 -44.59 31.33 -47.74
C ILE L 137 -45.74 32.09 -48.38
N ARG L 138 -46.30 33.06 -47.67
CA ARG L 138 -47.25 33.98 -48.27
C ARG L 138 -46.70 35.39 -48.22
N THR L 139 -46.82 36.11 -49.33
CA THR L 139 -46.31 37.46 -49.47
C THR L 139 -47.27 38.30 -50.27
N LYS L 140 -46.82 39.50 -50.62
CA LYS L 140 -47.44 40.32 -51.63
C LYS L 140 -47.27 39.67 -52.99
N LEU L 141 -48.11 40.07 -53.94
CA LEU L 141 -48.11 39.42 -55.25
C LEU L 141 -46.86 39.78 -56.04
N GLN L 142 -46.26 40.94 -55.75
CA GLN L 142 -45.08 41.41 -56.45
C GLN L 142 -43.78 40.89 -55.87
N ASN L 143 -43.82 39.84 -55.05
CA ASN L 143 -42.62 39.22 -54.53
C ASN L 143 -42.49 37.78 -54.99
N GLU L 144 -42.99 37.47 -56.18
CA GLU L 144 -42.89 36.13 -56.69
C GLU L 144 -41.45 35.77 -57.00
N GLU L 145 -40.66 36.75 -57.39
CA GLU L 145 -39.23 36.54 -57.62
C GLU L 145 -38.49 36.17 -56.36
N HIS L 146 -38.94 36.63 -55.20
CA HIS L 146 -38.15 36.40 -53.99
C HIS L 146 -38.58 35.17 -53.22
N VAL L 147 -39.84 34.79 -53.30
CA VAL L 147 -40.24 33.56 -52.65
C VAL L 147 -39.73 32.36 -53.41
N ILE L 148 -39.54 32.49 -54.72
CA ILE L 148 -38.94 31.41 -55.50
C ILE L 148 -37.47 31.28 -55.16
N GLU L 149 -36.83 32.39 -54.79
CA GLU L 149 -35.41 32.31 -54.45
C GLU L 149 -35.21 31.79 -53.04
N ALA L 150 -36.08 32.17 -52.10
CA ALA L 150 -35.89 31.75 -50.73
C ALA L 150 -36.20 30.28 -50.56
N LEU L 151 -37.19 29.77 -51.27
CA LEU L 151 -37.42 28.35 -51.26
C LEU L 151 -36.36 27.58 -52.02
N ARG L 152 -35.71 28.21 -53.01
CA ARG L 152 -34.63 27.53 -53.69
C ARG L 152 -33.40 27.41 -52.80
N ARG L 153 -33.19 28.39 -51.94
CA ARG L 153 -32.05 28.33 -51.06
C ARG L 153 -32.31 27.49 -49.82
N ALA L 154 -33.55 27.13 -49.56
CA ALA L 154 -33.82 26.18 -48.49
C ALA L 154 -33.69 24.74 -48.96
N LYS L 155 -33.63 24.51 -50.27
CA LYS L 155 -33.48 23.16 -50.82
C LYS L 155 -32.14 22.54 -50.44
N PHE L 156 -31.10 23.34 -50.37
CA PHE L 156 -29.75 22.85 -50.14
C PHE L 156 -29.54 22.33 -48.73
N LYS L 157 -30.49 22.57 -47.85
CA LYS L 157 -30.45 22.05 -46.51
C LYS L 157 -31.10 20.69 -46.37
N PHE L 158 -31.84 20.23 -47.36
CA PHE L 158 -32.57 18.98 -47.20
C PHE L 158 -31.92 17.89 -48.02
N PRO L 159 -32.06 16.63 -47.61
CA PRO L 159 -31.41 15.54 -48.33
C PRO L 159 -31.91 15.22 -49.73
N GLY L 160 -33.20 15.00 -49.90
CA GLY L 160 -33.64 14.44 -51.15
C GLY L 160 -33.81 15.41 -52.30
N ARG L 161 -34.95 15.32 -52.97
CA ARG L 161 -35.28 16.18 -54.09
C ARG L 161 -36.58 16.91 -53.80
N GLN L 162 -36.60 18.21 -54.05
CA GLN L 162 -37.78 19.03 -53.87
C GLN L 162 -38.08 19.82 -55.13
N LYS L 163 -39.32 20.24 -55.27
CA LYS L 163 -39.73 21.14 -56.34
C LYS L 163 -40.37 22.37 -55.70
N ILE L 164 -40.19 23.50 -56.36
CA ILE L 164 -40.76 24.77 -55.91
C ILE L 164 -42.01 25.02 -56.73
N HIS L 165 -43.06 25.47 -56.08
CA HIS L 165 -44.35 25.55 -56.74
C HIS L 165 -45.13 26.75 -56.23
N ILE L 166 -45.72 27.49 -57.15
CA ILE L 166 -46.58 28.61 -56.83
C ILE L 166 -48.02 28.15 -56.91
N SER L 167 -48.76 28.31 -55.83
CA SER L 167 -50.08 27.73 -55.76
C SER L 167 -51.10 28.55 -56.52
N LYS L 168 -52.25 27.94 -56.76
CA LYS L 168 -53.38 28.62 -57.33
C LYS L 168 -54.32 29.18 -56.29
N LYS L 169 -54.16 28.77 -55.04
CA LYS L 169 -55.02 29.26 -53.99
C LYS L 169 -54.60 30.65 -53.53
N TRP L 170 -55.51 31.28 -52.84
CA TRP L 170 -55.27 32.56 -52.19
C TRP L 170 -54.64 32.31 -50.84
N GLY L 171 -53.38 32.64 -50.70
CA GLY L 171 -52.76 32.64 -49.39
C GLY L 171 -52.55 31.24 -48.87
N PHE L 172 -52.83 31.03 -47.59
CA PHE L 172 -52.80 29.71 -47.01
C PHE L 172 -54.18 29.08 -46.97
N THR L 173 -55.15 29.65 -47.67
CA THR L 173 -56.49 29.10 -47.66
C THR L 173 -56.57 27.93 -48.62
N LYS L 174 -57.77 27.40 -48.81
CA LYS L 174 -57.95 26.29 -49.72
C LYS L 174 -58.85 26.66 -50.89
N PHE L 175 -59.10 27.94 -51.09
CA PHE L 175 -59.98 28.41 -52.15
C PHE L 175 -59.14 29.06 -53.22
N ASN L 176 -59.53 28.86 -54.47
CA ASN L 176 -58.73 29.33 -55.59
C ASN L 176 -58.73 30.85 -55.65
N ALA L 177 -57.59 31.41 -56.04
CA ALA L 177 -57.49 32.87 -56.06
C ALA L 177 -58.30 33.48 -57.19
N ASP L 178 -58.68 32.68 -58.18
CA ASP L 178 -59.52 33.15 -59.25
C ASP L 178 -60.92 33.48 -58.78
N GLU L 179 -61.40 32.79 -57.76
CA GLU L 179 -62.76 32.95 -57.28
C GLU L 179 -62.85 33.52 -55.88
N PHE L 180 -61.74 33.98 -55.31
CA PHE L 180 -61.70 34.33 -53.91
C PHE L 180 -62.43 35.63 -53.63
N GLU L 181 -62.20 36.66 -54.46
CA GLU L 181 -62.83 37.95 -54.24
C GLU L 181 -64.33 37.90 -54.46
N ASP L 182 -64.80 37.05 -55.36
CA ASP L 182 -66.25 36.91 -55.57
C ASP L 182 -66.92 36.28 -54.38
N MET L 183 -66.25 35.35 -53.72
CA MET L 183 -66.88 34.69 -52.59
C MET L 183 -66.85 35.56 -51.34
N VAL L 184 -65.82 36.40 -51.20
CA VAL L 184 -65.80 37.38 -50.13
C VAL L 184 -66.86 38.44 -50.36
N ALA L 185 -67.08 38.82 -51.63
CA ALA L 185 -68.08 39.83 -51.96
C ALA L 185 -69.49 39.34 -51.66
N LYS L 186 -69.79 38.10 -52.01
CA LYS L 186 -71.12 37.54 -51.81
C LYS L 186 -71.24 36.82 -50.48
N LYS L 187 -70.31 37.05 -49.56
CA LYS L 187 -70.32 36.56 -48.19
C LYS L 187 -70.30 35.03 -48.09
N CYS L 188 -69.91 34.33 -49.15
CA CYS L 188 -69.64 32.91 -49.01
C CYS L 188 -68.39 32.64 -48.20
N LEU L 189 -67.50 33.61 -48.14
CA LEU L 189 -66.31 33.57 -47.29
C LEU L 189 -66.36 34.76 -46.35
N ILE L 190 -65.77 34.62 -45.18
CA ILE L 190 -65.70 35.68 -44.19
C ILE L 190 -64.29 35.70 -43.62
N PRO L 191 -63.55 36.77 -43.75
CA PRO L 191 -62.18 36.80 -43.24
C PRO L 191 -62.17 37.00 -41.72
N ASP L 192 -61.69 35.98 -41.00
CA ASP L 192 -61.60 36.12 -39.56
C ASP L 192 -60.20 36.55 -39.10
N GLY L 193 -59.19 35.75 -39.40
CA GLY L 193 -57.85 36.05 -38.95
C GLY L 193 -56.87 35.87 -40.09
N CYS L 194 -55.89 35.00 -39.89
CA CYS L 194 -55.03 34.57 -40.98
C CYS L 194 -55.81 33.87 -42.08
N GLY L 195 -56.82 33.09 -41.72
CA GLY L 195 -57.56 32.27 -42.64
C GLY L 195 -58.92 32.85 -42.98
N VAL L 196 -59.86 31.97 -43.30
CA VAL L 196 -61.16 32.41 -43.76
C VAL L 196 -62.20 31.35 -43.39
N LYS L 197 -63.41 31.81 -43.07
CA LYS L 197 -64.53 30.94 -42.72
C LYS L 197 -65.41 30.74 -43.94
N TYR L 198 -65.81 29.50 -44.18
CA TYR L 198 -66.77 29.21 -45.23
C TYR L 198 -68.16 29.23 -44.62
N VAL L 199 -69.04 30.04 -45.20
CA VAL L 199 -70.39 30.20 -44.65
C VAL L 199 -71.35 29.51 -45.60
N PRO L 200 -71.82 28.32 -45.27
CA PRO L 200 -72.63 27.55 -46.22
C PRO L 200 -74.08 28.00 -46.21
N SER L 201 -74.82 27.56 -47.21
CA SER L 201 -76.20 27.97 -47.38
C SER L 201 -77.17 27.10 -46.60
N HIS L 202 -76.71 26.44 -45.55
CA HIS L 202 -77.61 25.77 -44.63
C HIS L 202 -77.25 26.19 -43.21
N GLY L 203 -78.12 25.85 -42.27
CA GLY L 203 -77.97 26.26 -40.89
C GLY L 203 -79.18 27.04 -40.46
N PRO L 204 -79.23 27.50 -39.22
CA PRO L 204 -80.34 28.36 -38.81
C PRO L 204 -80.25 29.71 -39.45
N LEU L 205 -81.40 30.33 -39.66
CA LEU L 205 -81.48 31.49 -40.52
C LEU L 205 -81.11 32.78 -39.80
N ASP L 206 -80.88 32.75 -38.50
CA ASP L 206 -80.41 33.96 -37.83
C ASP L 206 -78.95 34.25 -38.13
N LYS L 207 -78.16 33.24 -38.47
CA LYS L 207 -76.82 33.51 -38.95
C LYS L 207 -76.84 34.09 -40.35
N TRP L 208 -77.90 33.86 -41.10
CA TRP L 208 -78.08 34.57 -42.36
C TRP L 208 -78.43 36.03 -42.11
N ARG L 209 -79.21 36.28 -41.06
CA ARG L 209 -79.68 37.63 -40.80
C ARG L 209 -78.55 38.52 -40.30
N VAL L 210 -77.67 37.96 -39.46
CA VAL L 210 -76.56 38.78 -38.97
C VAL L 210 -75.49 38.94 -40.01
N LEU L 211 -75.47 38.07 -41.01
CA LEU L 211 -74.53 38.22 -42.10
C LEU L 211 -75.00 39.29 -43.07
N HIS L 212 -76.29 39.51 -43.13
CA HIS L 212 -76.90 40.51 -43.98
C HIS L 212 -77.61 41.57 -43.16
N SER L 213 -76.94 42.04 -42.12
CA SER L 213 -77.51 43.07 -41.28
C SER L 213 -77.59 44.39 -42.03
N GLN M 1 -110.48 40.79 -20.33
CA GLN M 1 -109.92 39.66 -19.58
C GLN M 1 -109.83 38.45 -20.51
N ASP M 2 -108.72 38.37 -21.24
CA ASP M 2 -108.51 37.33 -22.24
C ASP M 2 -107.32 36.44 -21.93
N GLN M 3 -106.17 37.03 -21.63
CA GLN M 3 -105.01 36.26 -21.21
C GLN M 3 -104.19 36.95 -20.13
N GLY M 4 -104.67 38.09 -19.60
CA GLY M 4 -103.93 38.89 -18.64
C GLY M 4 -103.66 38.17 -17.33
N GLU M 5 -104.71 37.87 -16.56
CA GLU M 5 -104.57 37.00 -15.40
C GLU M 5 -105.66 35.92 -15.49
N LYS M 6 -105.37 34.88 -16.28
CA LYS M 6 -106.30 33.77 -16.44
C LYS M 6 -105.65 32.40 -16.43
N GLU M 7 -104.35 32.27 -16.69
CA GLU M 7 -103.73 30.97 -16.92
C GLU M 7 -103.42 30.20 -15.65
N ASN M 8 -103.95 30.62 -14.53
CA ASN M 8 -103.37 30.28 -13.24
C ASN M 8 -103.41 28.85 -12.68
N PRO M 9 -104.40 27.98 -12.95
CA PRO M 9 -104.72 26.97 -11.91
C PRO M 9 -103.68 25.86 -11.77
N MET M 10 -102.91 25.57 -12.82
CA MET M 10 -101.85 24.60 -12.68
C MET M 10 -100.48 25.22 -12.76
N ARG M 11 -100.38 26.48 -13.21
CA ARG M 11 -99.14 27.22 -13.16
C ARG M 11 -99.22 28.16 -11.96
N GLU M 12 -99.05 27.61 -10.77
CA GLU M 12 -98.84 28.45 -9.60
C GLU M 12 -97.53 28.05 -8.96
N LEU M 13 -97.00 28.94 -8.15
CA LEU M 13 -95.78 28.63 -7.43
C LEU M 13 -96.17 28.12 -6.06
N ARG M 14 -95.43 27.12 -5.58
CA ARG M 14 -95.66 26.64 -4.23
C ARG M 14 -94.39 26.00 -3.71
N ILE M 15 -94.27 25.98 -2.39
CA ILE M 15 -93.11 25.41 -1.71
C ILE M 15 -93.16 23.90 -1.85
N ARG M 16 -92.05 23.29 -2.27
CA ARG M 16 -91.91 21.85 -2.28
C ARG M 16 -91.21 21.35 -1.02
N LYS M 17 -90.05 21.91 -0.72
CA LYS M 17 -89.25 21.47 0.40
C LYS M 17 -88.81 22.67 1.22
N LEU M 18 -88.15 22.40 2.35
CA LEU M 18 -87.64 23.51 3.13
C LEU M 18 -86.16 23.32 3.49
N CYS M 19 -85.74 22.07 3.67
CA CYS M 19 -84.34 21.66 3.61
C CYS M 19 -83.47 22.35 4.66
N LEU M 20 -83.77 22.06 5.93
CA LEU M 20 -82.95 22.58 7.00
C LEU M 20 -81.65 21.81 7.13
N ASN M 21 -80.68 22.41 7.80
CA ASN M 21 -79.33 21.88 7.84
C ASN M 21 -78.56 22.51 8.98
N ILE M 22 -77.78 21.71 9.70
CA ILE M 22 -76.84 22.22 10.68
C ILE M 22 -75.58 21.39 10.54
N CYS M 23 -74.48 22.02 10.17
CA CYS M 23 -73.22 21.30 10.09
C CYS M 23 -72.33 21.78 11.23
N VAL M 24 -72.30 21.02 12.31
CA VAL M 24 -71.25 21.14 13.29
C VAL M 24 -70.05 20.42 12.72
N GLY M 25 -68.88 20.68 13.28
CA GLY M 25 -67.68 20.11 12.74
C GLY M 25 -67.17 18.84 13.39
N GLU M 26 -67.85 18.32 14.40
CA GLU M 26 -67.34 17.18 15.14
C GLU M 26 -68.47 16.22 15.44
N SER M 27 -68.21 14.93 15.29
CA SER M 27 -69.14 13.93 15.78
C SER M 27 -69.14 13.96 17.30
N GLY M 28 -70.27 13.56 17.88
CA GLY M 28 -70.32 13.43 19.32
C GLY M 28 -71.56 14.00 19.94
N ASP M 29 -71.41 14.62 21.09
CA ASP M 29 -72.53 15.16 21.81
C ASP M 29 -72.96 16.53 21.31
N ARG M 30 -72.03 17.29 20.74
CA ARG M 30 -72.37 18.54 20.06
C ARG M 30 -73.32 18.32 18.89
N LEU M 31 -73.22 17.18 18.22
CA LEU M 31 -74.12 16.83 17.14
C LEU M 31 -75.48 16.39 17.63
N THR M 32 -75.53 15.52 18.65
CA THR M 32 -76.80 15.03 19.14
C THR M 32 -77.60 16.09 19.86
N ARG M 33 -76.95 17.16 20.30
CA ARG M 33 -77.72 18.28 20.81
C ARG M 33 -78.28 19.12 19.68
N ALA M 34 -77.60 19.18 18.54
CA ALA M 34 -78.17 19.79 17.36
C ALA M 34 -79.29 18.96 16.76
N ALA M 35 -79.27 17.65 16.97
CA ALA M 35 -80.34 16.79 16.48
C ALA M 35 -81.63 17.01 17.26
N LYS M 36 -81.54 17.41 18.52
CA LYS M 36 -82.72 17.63 19.33
C LYS M 36 -83.11 19.09 19.41
N VAL M 37 -82.71 19.91 18.43
CA VAL M 37 -83.34 21.22 18.31
C VAL M 37 -84.62 21.12 17.50
N LEU M 38 -84.97 19.93 17.02
CA LEU M 38 -86.03 19.71 16.06
C LEU M 38 -87.26 19.07 16.68
N GLU M 39 -87.24 18.76 17.98
CA GLU M 39 -88.52 18.69 18.67
C GLU M 39 -89.15 20.06 18.76
N GLN M 40 -88.31 21.09 18.96
CA GLN M 40 -88.85 22.43 19.07
C GLN M 40 -89.32 22.93 17.72
N LEU M 41 -88.71 22.44 16.64
CA LEU M 41 -88.74 23.17 15.39
C LEU M 41 -89.65 22.52 14.36
N THR M 42 -89.48 21.24 14.07
CA THR M 42 -90.20 20.58 12.99
C THR M 42 -91.19 19.55 13.47
N GLY M 43 -90.90 18.87 14.57
CA GLY M 43 -91.69 17.74 15.00
C GLY M 43 -91.30 16.44 14.31
N GLN M 44 -90.34 16.48 13.40
CA GLN M 44 -89.87 15.28 12.76
C GLN M 44 -88.59 14.83 13.44
N THR M 45 -88.03 13.76 12.96
CA THR M 45 -86.77 13.27 13.47
C THR M 45 -85.69 13.54 12.44
N PRO M 46 -84.59 14.19 12.79
CA PRO M 46 -83.57 14.47 11.78
C PRO M 46 -82.83 13.22 11.36
N VAL M 47 -82.07 13.36 10.30
CA VAL M 47 -81.22 12.30 9.80
C VAL M 47 -79.80 12.79 9.81
N PHE M 48 -78.88 11.93 10.23
CA PHE M 48 -77.48 12.29 10.33
C PHE M 48 -76.87 12.27 8.95
N SER M 49 -75.63 12.72 8.85
CA SER M 49 -74.93 12.68 7.58
C SER M 49 -73.47 12.47 7.83
N LYS M 50 -72.89 11.49 7.15
CA LYS M 50 -71.50 11.15 7.36
C LYS M 50 -70.63 11.95 6.42
N ALA M 51 -69.39 12.17 6.82
CA ALA M 51 -68.46 12.89 5.98
C ALA M 51 -68.03 12.04 4.81
N ARG M 52 -67.85 12.67 3.65
CA ARG M 52 -67.52 11.91 2.45
C ARG M 52 -66.09 11.43 2.48
N TYR M 53 -65.16 12.29 2.86
CA TYR M 53 -63.77 11.90 2.88
C TYR M 53 -63.04 12.73 3.91
N THR M 54 -61.81 12.33 4.19
CA THR M 54 -61.02 12.96 5.22
C THR M 54 -60.29 14.18 4.67
N VAL M 55 -60.00 15.11 5.56
CA VAL M 55 -59.31 16.32 5.13
C VAL M 55 -58.12 16.66 6.03
N ARG M 56 -58.28 16.53 7.35
CA ARG M 56 -57.35 16.81 8.46
C ARG M 56 -57.13 18.31 8.65
N SER M 57 -57.56 19.14 7.70
CA SER M 57 -57.35 20.58 7.81
C SER M 57 -58.27 21.20 8.83
N PHE M 58 -59.39 20.54 9.14
CA PHE M 58 -60.23 20.88 10.27
C PHE M 58 -60.77 19.63 10.95
N GLY M 59 -60.18 18.50 10.66
CA GLY M 59 -60.26 17.36 11.55
C GLY M 59 -61.49 16.53 11.43
N ILE M 60 -61.92 16.22 10.21
CA ILE M 60 -62.96 15.23 10.01
C ILE M 60 -62.42 14.15 9.09
N ARG M 61 -62.58 12.91 9.51
CA ARG M 61 -62.25 11.79 8.65
C ARG M 61 -63.54 11.28 8.03
N ARG M 62 -63.49 10.16 7.33
CA ARG M 62 -64.73 9.82 6.66
C ARG M 62 -65.56 8.86 7.49
N ASN M 63 -66.84 8.84 7.17
CA ASN M 63 -67.87 8.01 7.78
C ASN M 63 -68.06 8.29 9.26
N GLU M 64 -67.79 9.51 9.71
CA GLU M 64 -68.37 9.92 10.98
C GLU M 64 -69.38 11.03 10.75
N LYS M 65 -70.30 11.11 11.67
CA LYS M 65 -71.51 11.90 11.51
C LYS M 65 -71.19 13.35 11.80
N ILE M 66 -71.32 14.21 10.79
CA ILE M 66 -70.87 15.58 10.86
C ILE M 66 -72.03 16.56 10.97
N ALA M 67 -73.10 16.32 10.24
CA ALA M 67 -74.18 17.28 10.17
C ALA M 67 -75.51 16.60 10.43
N VAL M 68 -76.51 17.41 10.74
CA VAL M 68 -77.90 16.99 10.79
C VAL M 68 -78.67 17.82 9.78
N HIS M 69 -79.68 17.20 9.20
CA HIS M 69 -80.51 17.91 8.25
C HIS M 69 -81.86 17.25 8.21
N CYS M 70 -82.82 17.96 7.63
CA CYS M 70 -84.18 17.50 7.58
C CYS M 70 -84.84 18.16 6.38
N THR M 71 -85.91 17.55 5.89
CA THR M 71 -86.78 18.18 4.90
C THR M 71 -88.16 18.29 5.53
N VAL M 72 -88.77 19.46 5.37
CA VAL M 72 -90.10 19.71 5.90
C VAL M 72 -90.99 20.04 4.72
N ARG M 73 -92.11 19.36 4.61
CA ARG M 73 -92.95 19.49 3.44
C ARG M 73 -94.34 19.94 3.84
N GLY M 74 -95.07 20.44 2.84
CA GLY M 74 -96.48 20.69 3.01
C GLY M 74 -96.79 21.88 3.86
N ALA M 75 -97.91 21.82 4.59
CA ALA M 75 -98.45 22.98 5.28
C ALA M 75 -97.65 23.36 6.52
N LYS M 76 -96.67 22.58 6.91
CA LYS M 76 -95.77 22.96 7.97
C LYS M 76 -94.56 23.72 7.44
N ALA M 77 -94.23 23.51 6.18
CA ALA M 77 -93.04 24.12 5.59
C ALA M 77 -93.17 25.63 5.48
N GLU M 78 -94.35 26.15 5.23
CA GLU M 78 -94.47 27.59 5.19
C GLU M 78 -94.65 28.20 6.57
N GLU M 79 -94.95 27.38 7.58
CA GLU M 79 -94.96 27.89 8.95
C GLU M 79 -93.56 28.25 9.39
N ILE M 80 -92.61 27.33 9.18
CA ILE M 80 -91.24 27.55 9.62
C ILE M 80 -90.57 28.57 8.73
N LEU M 81 -90.91 28.58 7.45
CA LEU M 81 -90.32 29.55 6.54
C LEU M 81 -90.84 30.95 6.82
N GLU M 82 -92.06 31.07 7.33
CA GLU M 82 -92.49 32.39 7.79
C GLU M 82 -91.81 32.76 9.09
N LYS M 83 -91.55 31.78 9.96
CA LYS M 83 -90.79 32.04 11.17
C LYS M 83 -89.34 32.40 10.90
N GLY M 84 -88.82 32.13 9.72
CA GLY M 84 -87.43 32.38 9.47
C GLY M 84 -87.19 33.68 8.74
N LEU M 85 -88.11 34.08 7.88
CA LEU M 85 -87.93 35.30 7.13
C LEU M 85 -88.15 36.53 8.01
N LYS M 86 -88.92 36.38 9.07
CA LYS M 86 -89.13 37.50 9.98
C LYS M 86 -87.86 37.79 10.78
N VAL M 87 -87.05 36.77 11.02
CA VAL M 87 -85.70 36.98 11.54
C VAL M 87 -84.87 37.75 10.52
N ARG M 88 -85.04 37.44 9.25
CA ARG M 88 -84.40 38.21 8.19
C ARG M 88 -85.09 39.51 7.90
N GLU M 89 -86.22 39.79 8.57
CA GLU M 89 -87.10 40.95 8.34
C GLU M 89 -87.56 41.06 6.89
N TYR M 90 -87.68 39.91 6.22
CA TYR M 90 -88.18 39.78 4.85
C TYR M 90 -87.31 40.54 3.85
N GLU M 91 -86.00 40.48 4.03
CA GLU M 91 -85.09 40.99 3.02
C GLU M 91 -84.12 39.88 2.64
N LEU M 92 -84.12 39.52 1.38
CA LEU M 92 -83.07 38.70 0.82
C LEU M 92 -82.35 39.50 -0.24
N ARG M 93 -81.13 39.10 -0.53
CA ARG M 93 -80.38 39.78 -1.57
C ARG M 93 -80.72 39.17 -2.92
N LYS M 94 -80.21 39.77 -3.98
CA LYS M 94 -80.51 39.21 -5.28
C LYS M 94 -79.66 38.00 -5.57
N ASN M 95 -78.47 37.91 -4.97
CA ASN M 95 -77.66 36.73 -5.19
C ASN M 95 -78.09 35.54 -4.34
N ASN M 96 -79.14 35.66 -3.54
CA ASN M 96 -79.58 34.51 -2.77
C ASN M 96 -80.41 33.53 -3.57
N PHE M 97 -80.70 33.81 -4.83
CA PHE M 97 -81.63 32.97 -5.55
C PHE M 97 -80.85 32.21 -6.60
N SER M 98 -81.05 30.91 -6.65
CA SER M 98 -80.39 30.11 -7.65
C SER M 98 -81.07 30.31 -8.99
N ASP M 99 -80.34 30.02 -10.06
CA ASP M 99 -80.86 30.17 -11.40
C ASP M 99 -81.93 29.15 -11.74
N THR M 100 -82.02 28.08 -10.96
CA THR M 100 -83.12 27.13 -11.07
C THR M 100 -84.35 27.56 -10.31
N GLY M 101 -84.35 28.75 -9.73
CA GLY M 101 -85.52 29.24 -9.03
C GLY M 101 -85.67 28.74 -7.62
N ASN M 102 -84.57 28.46 -6.93
CA ASN M 102 -84.60 28.12 -5.52
C ASN M 102 -83.83 29.20 -4.78
N PHE M 103 -84.25 29.49 -3.56
CA PHE M 103 -83.53 30.44 -2.76
C PHE M 103 -83.27 29.86 -1.38
N GLY M 104 -82.51 30.59 -0.58
CA GLY M 104 -82.19 30.13 0.74
C GLY M 104 -81.40 31.18 1.47
N PHE M 105 -81.23 30.93 2.77
CA PHE M 105 -80.59 31.87 3.66
C PHE M 105 -80.25 31.13 4.94
N GLY M 106 -79.47 31.79 5.78
CA GLY M 106 -79.00 31.22 7.03
C GLY M 106 -79.50 32.00 8.22
N ILE M 107 -79.69 31.29 9.31
CA ILE M 107 -80.10 31.86 10.58
C ILE M 107 -78.91 31.76 11.51
N GLN M 108 -78.53 32.90 12.08
CA GLN M 108 -77.32 32.93 12.89
C GLN M 108 -77.55 32.31 14.26
N GLU M 109 -78.79 32.21 14.70
CA GLU M 109 -79.06 31.80 16.07
C GLU M 109 -80.46 31.22 16.12
N HIS M 110 -80.57 29.98 16.60
CA HIS M 110 -81.79 29.23 16.36
C HIS M 110 -82.94 29.58 17.28
N ILE M 111 -82.70 30.24 18.41
CA ILE M 111 -83.82 30.67 19.23
C ILE M 111 -84.20 32.12 18.97
N ASP M 112 -83.85 32.65 17.79
CA ASP M 112 -84.49 33.86 17.32
C ASP M 112 -85.97 33.64 17.12
N LEU M 113 -86.33 32.66 16.28
CA LEU M 113 -87.68 32.10 16.30
C LEU M 113 -87.54 30.66 15.80
N GLY M 114 -87.47 29.71 16.72
CA GLY M 114 -87.17 29.96 18.12
C GLY M 114 -88.29 29.98 19.12
N ILE M 115 -88.25 29.04 20.05
CA ILE M 115 -89.24 29.07 21.12
C ILE M 115 -88.54 29.18 22.47
N LYS M 116 -87.75 28.17 22.82
CA LYS M 116 -87.18 28.08 24.16
C LYS M 116 -85.69 27.77 24.09
N TYR M 117 -84.94 28.38 24.99
CA TYR M 117 -83.53 28.04 25.19
C TYR M 117 -83.40 27.23 26.47
N ASP M 118 -83.23 25.96 26.32
CA ASP M 118 -82.74 25.34 27.54
C ASP M 118 -81.22 25.45 27.60
N PRO M 119 -80.61 25.42 28.78
CA PRO M 119 -79.14 25.52 28.82
C PRO M 119 -78.43 24.27 28.40
N SER M 120 -79.13 23.15 28.25
CA SER M 120 -78.51 21.93 27.78
C SER M 120 -78.29 21.93 26.29
N ILE M 121 -78.89 22.87 25.57
CA ILE M 121 -78.73 23.00 24.12
C ILE M 121 -78.12 24.37 23.83
N GLY M 122 -77.16 24.41 22.93
CA GLY M 122 -76.42 25.62 22.68
C GLY M 122 -77.06 26.60 21.73
N ILE M 123 -76.21 27.21 20.90
CA ILE M 123 -76.44 28.45 20.15
C ILE M 123 -76.27 28.10 18.67
N TYR M 124 -76.85 26.98 18.27
CA TYR M 124 -76.69 26.49 16.90
C TYR M 124 -77.25 27.46 15.86
N GLY M 125 -76.44 27.77 14.87
CA GLY M 125 -76.90 28.45 13.70
C GLY M 125 -77.33 27.42 12.68
N LEU M 126 -78.20 27.82 11.77
CA LEU M 126 -78.67 26.88 10.75
C LEU M 126 -78.92 27.65 9.48
N ASP M 127 -79.34 26.93 8.44
CA ASP M 127 -79.66 27.58 7.20
C ASP M 127 -80.86 26.91 6.54
N PHE M 128 -81.78 27.74 6.06
CA PHE M 128 -82.90 27.26 5.30
C PHE M 128 -82.48 27.18 3.85
N TYR M 129 -83.23 26.41 3.06
CA TYR M 129 -83.05 26.48 1.61
C TYR M 129 -84.37 26.07 1.00
N VAL M 130 -85.09 27.02 0.42
CA VAL M 130 -86.42 26.72 -0.06
C VAL M 130 -86.33 26.17 -1.47
N VAL M 131 -86.86 24.97 -1.68
CA VAL M 131 -87.00 24.44 -3.03
C VAL M 131 -88.40 24.75 -3.49
N LEU M 132 -88.49 25.56 -4.53
CA LEU M 132 -89.77 26.07 -4.97
C LEU M 132 -90.22 25.26 -6.16
N GLY M 133 -91.52 25.21 -6.39
CA GLY M 133 -91.99 24.33 -7.42
C GLY M 133 -93.34 24.68 -7.99
N ARG M 134 -93.96 23.73 -8.67
CA ARG M 134 -95.09 24.09 -9.51
C ARG M 134 -95.86 22.81 -9.77
N PRO M 135 -97.19 22.85 -9.84
CA PRO M 135 -97.96 21.59 -9.81
C PRO M 135 -97.87 20.74 -11.05
N GLY M 136 -96.93 19.82 -11.08
CA GLY M 136 -96.70 18.96 -12.22
C GLY M 136 -95.24 18.62 -12.30
N PHE M 137 -94.45 19.15 -11.37
CA PHE M 137 -93.03 18.84 -11.31
C PHE M 137 -92.73 17.40 -10.94
N SER M 138 -93.68 16.67 -10.39
CA SER M 138 -93.42 15.34 -9.88
C SER M 138 -93.29 14.29 -10.97
N ILE M 139 -93.22 14.65 -12.25
CA ILE M 139 -93.07 13.62 -13.27
C ILE M 139 -91.60 13.40 -13.55
N ALA M 140 -90.75 14.04 -12.76
CA ALA M 140 -89.32 13.91 -12.92
C ALA M 140 -88.71 12.94 -11.92
N ASP M 141 -89.50 12.39 -11.03
CA ASP M 141 -88.98 11.52 -9.99
C ASP M 141 -89.89 10.33 -9.67
N LYS M 142 -90.95 10.13 -10.45
CA LYS M 142 -91.73 8.91 -10.37
C LYS M 142 -90.93 7.73 -10.93
N LYS M 143 -91.52 6.55 -10.97
CA LYS M 143 -90.80 5.38 -11.45
C LYS M 143 -91.16 5.01 -12.88
N ARG M 144 -92.43 4.97 -13.18
CA ARG M 144 -92.93 4.50 -14.46
C ARG M 144 -93.28 5.72 -15.30
N ARG M 145 -92.66 5.84 -16.47
CA ARG M 145 -92.85 6.92 -17.44
C ARG M 145 -92.51 8.29 -16.86
N THR M 146 -91.22 8.45 -16.60
CA THR M 146 -90.69 9.70 -16.10
C THR M 146 -90.56 10.69 -17.25
N GLY M 147 -89.87 11.80 -17.02
CA GLY M 147 -89.60 12.74 -18.07
C GLY M 147 -89.21 14.08 -17.50
N CYS M 148 -88.56 14.89 -18.35
CA CYS M 148 -88.30 16.27 -18.01
C CYS M 148 -89.59 17.06 -18.11
N ILE M 149 -89.55 18.31 -17.66
CA ILE M 149 -90.76 19.01 -17.28
C ILE M 149 -91.08 20.17 -18.23
N GLY M 150 -90.49 20.21 -19.42
CA GLY M 150 -90.84 21.22 -20.38
C GLY M 150 -90.22 22.55 -20.06
N ALA M 151 -90.04 23.37 -21.10
CA ALA M 151 -89.23 24.57 -20.94
C ALA M 151 -89.99 25.72 -20.30
N LYS M 152 -91.26 25.89 -20.61
CA LYS M 152 -92.01 27.03 -20.11
C LYS M 152 -92.70 26.74 -18.79
N HIS M 153 -92.40 25.61 -18.19
CA HIS M 153 -93.01 25.23 -16.92
C HIS M 153 -92.00 25.31 -15.80
N ARG M 154 -90.75 25.58 -16.10
CA ARG M 154 -89.70 25.69 -15.12
C ARG M 154 -89.72 27.07 -14.46
N ILE M 155 -88.99 27.21 -13.37
CA ILE M 155 -89.01 28.42 -12.56
C ILE M 155 -87.74 29.18 -12.87
N SER M 156 -87.87 30.38 -13.40
CA SER M 156 -86.69 31.19 -13.62
C SER M 156 -86.37 31.99 -12.37
N LYS M 157 -85.13 32.45 -12.27
CA LYS M 157 -84.67 33.20 -11.10
C LYS M 157 -85.43 34.50 -10.96
N GLU M 158 -85.66 35.18 -12.08
CA GLU M 158 -86.38 36.42 -12.09
C GLU M 158 -87.84 36.23 -11.71
N GLU M 159 -88.39 35.03 -11.89
CA GLU M 159 -89.77 34.75 -11.53
C GLU M 159 -89.90 34.34 -10.08
N ALA M 160 -88.87 33.79 -9.47
CA ALA M 160 -88.93 33.45 -8.06
C ALA M 160 -88.88 34.70 -7.18
N MET M 161 -88.27 35.78 -7.64
CA MET M 161 -88.41 37.04 -6.92
C MET M 161 -89.82 37.57 -6.97
N ARG M 162 -90.54 37.36 -8.08
CA ARG M 162 -91.94 37.73 -8.09
C ARG M 162 -92.79 36.83 -7.22
N TRP M 163 -92.31 35.67 -6.85
CA TRP M 163 -93.04 34.93 -5.86
C TRP M 163 -92.77 35.46 -4.47
N PHE M 164 -91.54 35.94 -4.25
CA PHE M 164 -91.15 36.38 -2.93
C PHE M 164 -91.69 37.75 -2.61
N GLN M 165 -91.75 38.64 -3.60
CA GLN M 165 -92.23 39.99 -3.37
C GLN M 165 -93.74 40.07 -3.33
N GLN M 166 -94.42 39.08 -3.87
CA GLN M 166 -95.87 39.08 -3.91
C GLN M 166 -96.52 38.22 -2.85
N LYS M 167 -95.76 37.47 -2.08
CA LYS M 167 -96.36 36.65 -1.03
C LYS M 167 -95.88 37.03 0.36
N TYR M 168 -94.61 37.38 0.47
CA TYR M 168 -94.00 37.71 1.75
C TYR M 168 -93.61 39.16 1.81
N ASP M 169 -94.12 39.96 0.86
CA ASP M 169 -93.85 41.37 0.54
C ASP M 169 -92.41 41.78 0.82
N GLY M 170 -91.49 40.99 0.29
CA GLY M 170 -90.10 41.11 0.64
C GLY M 170 -89.38 42.14 -0.17
N ILE M 171 -88.12 42.36 0.19
CA ILE M 171 -87.33 43.42 -0.40
C ILE M 171 -86.07 42.85 -1.02
N ILE M 172 -85.96 42.98 -2.32
CA ILE M 172 -84.73 42.94 -3.08
C ILE M 172 -84.65 44.31 -3.76
N LEU M 173 -83.61 44.54 -4.61
CA LEU M 173 -83.33 45.81 -5.29
C LEU M 173 -83.18 46.95 -4.29
N PRO M 174 -82.03 47.09 -3.59
CA PRO M 174 -80.62 46.75 -3.83
C PRO M 174 -80.24 45.29 -3.99
N GLY M 175 -79.37 45.04 -4.97
CA GLY M 175 -79.02 43.68 -5.33
C GLY M 175 -78.12 43.02 -4.31
N LYS M 176 -76.87 43.44 -4.25
CA LYS M 176 -75.92 42.82 -3.34
C LYS M 176 -75.78 43.65 -2.08
N ALA N 1 -34.46 -47.99 -27.53
CA ALA N 1 -35.62 -47.11 -27.54
C ALA N 1 -36.84 -47.87 -28.00
N PRO N 2 -37.99 -47.59 -27.41
CA PRO N 2 -39.23 -48.15 -27.93
C PRO N 2 -39.56 -47.46 -29.24
N SER N 3 -40.09 -48.21 -30.20
CA SER N 3 -40.24 -47.60 -31.51
C SER N 3 -41.64 -47.07 -31.72
N ARG N 4 -42.63 -47.92 -31.89
CA ARG N 4 -43.97 -47.37 -31.72
C ARG N 4 -44.79 -48.18 -30.74
N ASN N 5 -45.22 -49.36 -31.17
CA ASN N 5 -46.13 -50.17 -30.38
C ASN N 5 -45.47 -51.50 -30.18
N GLY N 6 -45.64 -52.08 -29.02
CA GLY N 6 -45.05 -53.36 -28.71
C GLY N 6 -45.02 -53.56 -27.22
N MET N 7 -44.55 -54.74 -26.83
CA MET N 7 -44.46 -55.04 -25.42
C MET N 7 -43.30 -54.30 -24.79
N VAL N 8 -43.42 -54.00 -23.51
CA VAL N 8 -42.29 -53.59 -22.70
C VAL N 8 -41.58 -54.88 -22.32
N LEU N 9 -40.50 -55.18 -23.00
CA LEU N 9 -39.77 -56.41 -22.74
C LEU N 9 -38.78 -56.19 -21.61
N LYS N 10 -38.51 -57.23 -20.85
CA LYS N 10 -37.46 -57.20 -19.84
C LYS N 10 -36.63 -58.47 -19.97
N PRO N 11 -35.68 -58.49 -20.89
CA PRO N 11 -34.94 -59.72 -21.14
C PRO N 11 -33.84 -59.90 -20.11
N HIS N 12 -33.70 -61.12 -19.63
CA HIS N 12 -32.75 -61.43 -18.57
C HIS N 12 -31.41 -61.83 -19.17
N PHE N 13 -30.65 -60.84 -19.61
CA PHE N 13 -29.35 -61.13 -20.20
C PHE N 13 -28.31 -60.13 -19.77
N HIS N 14 -28.42 -59.59 -18.57
CA HIS N 14 -27.46 -58.62 -18.09
C HIS N 14 -26.39 -59.24 -17.21
N LYS N 15 -26.20 -60.55 -17.24
CA LYS N 15 -25.51 -61.20 -16.14
C LYS N 15 -24.44 -62.17 -16.64
N ASP N 16 -23.80 -61.89 -17.77
CA ASP N 16 -22.74 -62.68 -18.38
C ASP N 16 -23.18 -64.14 -18.63
N TRP N 17 -24.10 -64.26 -19.55
CA TRP N 17 -24.84 -65.50 -19.69
C TRP N 17 -24.15 -66.51 -20.56
N GLN N 18 -23.33 -66.07 -21.51
CA GLN N 18 -22.80 -67.03 -22.46
C GLN N 18 -21.58 -67.75 -21.93
N ARG N 19 -21.18 -67.45 -20.72
CA ARG N 19 -20.26 -68.34 -20.04
C ARG N 19 -20.97 -69.56 -19.49
N ARG N 20 -22.25 -69.42 -19.14
CA ARG N 20 -23.05 -70.49 -18.57
C ARG N 20 -24.14 -70.80 -19.57
N VAL N 21 -23.82 -71.60 -20.57
CA VAL N 21 -24.82 -72.08 -21.51
C VAL N 21 -24.72 -73.58 -21.54
N ALA N 22 -25.81 -74.25 -21.24
CA ALA N 22 -25.88 -75.71 -21.31
C ALA N 22 -26.43 -76.07 -22.67
N THR N 23 -25.57 -76.45 -23.58
CA THR N 23 -26.07 -77.02 -24.81
C THR N 23 -26.57 -78.44 -24.56
N TRP N 24 -27.24 -78.99 -25.55
CA TRP N 24 -27.83 -80.31 -25.41
C TRP N 24 -27.37 -81.25 -26.50
N PHE N 25 -26.13 -81.13 -26.94
CA PHE N 25 -25.72 -81.96 -28.06
C PHE N 25 -25.37 -83.37 -27.64
N ASN N 26 -25.27 -83.65 -26.36
CA ASN N 26 -25.14 -85.03 -25.92
C ASN N 26 -26.47 -85.65 -25.57
N GLN N 27 -27.56 -85.04 -26.01
CA GLN N 27 -28.88 -85.58 -25.70
C GLN N 27 -29.15 -86.96 -26.30
N PRO N 28 -28.89 -87.24 -27.58
CA PRO N 28 -29.07 -88.62 -28.03
C PRO N 28 -28.00 -89.55 -27.53
N ALA N 29 -26.88 -89.02 -27.07
CA ALA N 29 -25.89 -89.89 -26.46
C ALA N 29 -26.38 -90.38 -25.12
N ARG N 30 -27.04 -89.52 -24.34
CA ARG N 30 -27.47 -89.97 -23.03
C ARG N 30 -28.81 -90.68 -23.05
N LYS N 31 -29.56 -90.57 -24.13
CA LYS N 31 -30.70 -91.47 -24.28
C LYS N 31 -30.25 -92.87 -24.62
N ILE N 32 -29.05 -93.00 -25.17
CA ILE N 32 -28.53 -94.32 -25.45
C ILE N 32 -27.85 -94.88 -24.21
N ARG N 33 -27.16 -94.02 -23.46
CA ARG N 33 -26.46 -94.49 -22.28
C ARG N 33 -27.42 -94.88 -21.18
N ARG N 34 -28.51 -94.14 -21.01
CA ARG N 34 -29.51 -94.55 -20.05
C ARG N 34 -30.19 -95.84 -20.48
N ARG N 35 -30.49 -95.98 -21.76
CA ARG N 35 -31.19 -97.16 -22.24
C ARG N 35 -30.32 -98.40 -22.14
N LYS N 36 -29.00 -98.26 -22.31
CA LYS N 36 -28.13 -99.40 -22.09
C LYS N 36 -27.95 -99.74 -20.62
N ALA N 37 -28.34 -98.87 -19.70
CA ALA N 37 -28.31 -99.26 -18.31
C ALA N 37 -29.65 -99.78 -17.83
N ARG N 38 -30.73 -99.50 -18.55
CA ARG N 38 -31.96 -100.23 -18.28
C ARG N 38 -31.84 -101.67 -18.75
N GLN N 39 -31.28 -101.88 -19.93
CA GLN N 39 -31.17 -103.23 -20.45
C GLN N 39 -30.17 -104.04 -19.68
N ALA N 40 -29.17 -103.40 -19.10
CA ALA N 40 -28.17 -104.14 -18.34
C ALA N 40 -28.67 -104.49 -16.96
N LYS N 41 -29.40 -103.59 -16.32
CA LYS N 41 -29.98 -103.90 -15.02
C LYS N 41 -31.05 -104.96 -15.14
N ALA N 42 -31.89 -104.88 -16.19
CA ALA N 42 -32.98 -105.82 -16.35
C ALA N 42 -32.51 -107.25 -16.61
N ARG N 43 -31.28 -107.44 -17.04
CA ARG N 43 -30.79 -108.80 -17.12
C ARG N 43 -29.91 -109.17 -15.95
N ARG N 44 -29.62 -108.23 -15.04
CA ARG N 44 -29.03 -108.63 -13.78
C ARG N 44 -30.08 -109.22 -12.87
N ILE N 45 -31.25 -108.61 -12.86
CA ILE N 45 -32.38 -109.11 -12.09
C ILE N 45 -33.28 -109.84 -13.09
N ALA N 46 -33.07 -111.13 -13.22
CA ALA N 46 -33.48 -111.74 -14.47
C ALA N 46 -34.97 -112.09 -14.54
N PRO N 47 -35.62 -112.64 -13.49
CA PRO N 47 -37.08 -112.69 -13.58
C PRO N 47 -37.75 -111.58 -12.79
N ARG N 48 -36.98 -110.84 -12.01
CA ARG N 48 -37.55 -109.75 -11.25
C ARG N 48 -37.94 -108.62 -12.18
N PRO N 49 -39.06 -107.97 -11.95
CA PRO N 49 -39.78 -107.33 -13.06
C PRO N 49 -39.26 -106.02 -13.60
N ALA N 50 -37.96 -105.86 -13.83
CA ALA N 50 -37.37 -104.86 -14.73
C ALA N 50 -37.65 -103.39 -14.43
N SER N 51 -38.48 -103.11 -13.44
CA SER N 51 -38.96 -101.78 -13.18
C SER N 51 -38.97 -101.47 -11.71
N GLY N 52 -38.60 -102.40 -10.86
CA GLY N 52 -38.59 -102.18 -9.46
C GLY N 52 -39.84 -102.73 -8.84
N PRO N 53 -40.10 -102.38 -7.60
CA PRO N 53 -41.20 -102.96 -6.84
C PRO N 53 -42.55 -102.45 -7.30
N ILE N 54 -43.58 -102.98 -6.67
CA ILE N 54 -44.92 -102.47 -6.86
C ILE N 54 -45.04 -101.19 -6.04
N ARG N 55 -45.84 -100.26 -6.53
CA ARG N 55 -46.08 -98.98 -5.90
C ARG N 55 -47.56 -98.88 -5.56
N PRO N 56 -47.93 -98.11 -4.55
CA PRO N 56 -49.34 -98.08 -4.12
C PRO N 56 -50.19 -97.24 -5.05
N ILE N 57 -51.48 -97.12 -4.72
CA ILE N 57 -52.32 -96.10 -5.33
C ILE N 57 -52.34 -94.92 -4.40
N VAL N 58 -52.01 -93.75 -4.93
CA VAL N 58 -51.87 -92.53 -4.16
C VAL N 58 -52.75 -91.49 -4.83
N ARG N 59 -53.60 -90.86 -4.04
CA ARG N 59 -54.37 -89.72 -4.48
C ARG N 59 -53.51 -88.46 -4.52
N CYS N 60 -53.61 -87.70 -5.61
CA CYS N 60 -52.78 -86.52 -5.78
C CYS N 60 -53.21 -85.41 -4.82
N PRO N 61 -52.29 -84.67 -4.26
CA PRO N 61 -52.60 -83.80 -3.13
C PRO N 61 -52.90 -82.32 -3.33
N THR N 62 -53.84 -81.91 -4.17
CA THR N 62 -54.35 -80.55 -4.06
C THR N 62 -55.75 -80.51 -4.65
N VAL N 63 -56.34 -79.32 -4.69
CA VAL N 63 -57.69 -79.23 -5.22
C VAL N 63 -57.67 -79.29 -6.75
N ARG N 64 -56.54 -79.00 -7.37
CA ARG N 64 -56.42 -79.09 -8.81
C ARG N 64 -56.32 -80.53 -9.26
N TYR N 65 -55.60 -81.33 -8.50
CA TYR N 65 -55.39 -82.72 -8.84
C TYR N 65 -55.88 -83.45 -7.61
N HIS N 66 -57.14 -83.65 -7.44
CA HIS N 66 -57.50 -84.74 -6.53
C HIS N 66 -58.51 -85.64 -7.17
N THR N 67 -58.81 -85.46 -8.43
CA THR N 67 -59.67 -86.40 -9.10
C THR N 67 -58.88 -87.52 -9.73
N LYS N 68 -57.66 -87.24 -10.16
CA LYS N 68 -56.77 -88.25 -10.67
C LYS N 68 -56.02 -88.90 -9.52
N VAL N 69 -55.29 -89.96 -9.85
CA VAL N 69 -54.66 -90.81 -8.87
C VAL N 69 -53.38 -91.34 -9.52
N ARG N 70 -52.35 -91.54 -8.72
CA ARG N 70 -51.06 -91.88 -9.29
C ARG N 70 -50.46 -93.01 -8.46
N ALA N 71 -49.19 -93.32 -8.73
CA ALA N 71 -48.44 -94.26 -7.92
C ALA N 71 -47.53 -93.49 -6.96
N GLY N 72 -47.37 -94.01 -5.76
CA GLY N 72 -46.69 -93.31 -4.70
C GLY N 72 -45.29 -93.80 -4.48
N ARG N 73 -44.77 -93.49 -3.29
CA ARG N 73 -43.43 -93.96 -2.98
C ARG N 73 -43.47 -95.38 -2.43
N GLY N 74 -44.35 -95.63 -1.49
CA GLY N 74 -44.52 -97.02 -1.09
C GLY N 74 -45.72 -97.22 -0.19
N PHE N 75 -45.85 -98.45 0.27
CA PHE N 75 -46.98 -98.83 1.10
C PHE N 75 -46.72 -98.45 2.55
N SER N 76 -47.77 -97.98 3.20
CA SER N 76 -47.66 -97.56 4.58
C SER N 76 -47.65 -98.78 5.48
N LEU N 77 -47.16 -98.60 6.70
CA LEU N 77 -47.06 -99.70 7.64
C LEU N 77 -48.42 -100.24 8.04
N GLU N 78 -49.46 -99.41 7.99
CA GLU N 78 -50.79 -99.87 8.32
C GLU N 78 -51.36 -100.76 7.22
N GLU N 79 -50.99 -100.50 5.98
CA GLU N 79 -51.34 -101.39 4.88
C GLU N 79 -50.60 -102.70 4.94
N LEU N 80 -49.34 -102.67 5.40
CA LEU N 80 -48.59 -103.92 5.55
C LEU N 80 -49.11 -104.76 6.70
N ARG N 81 -49.60 -104.13 7.77
CA ARG N 81 -50.06 -104.91 8.93
C ARG N 81 -51.29 -105.72 8.60
N VAL N 82 -52.27 -105.10 7.95
CA VAL N 82 -53.53 -105.77 7.71
C VAL N 82 -53.54 -106.57 6.42
N ALA N 83 -52.52 -106.42 5.59
CA ALA N 83 -52.29 -107.42 4.55
C ALA N 83 -51.45 -108.57 5.09
N GLY N 84 -50.88 -108.39 6.28
CA GLY N 84 -50.29 -109.49 7.01
C GLY N 84 -48.91 -109.89 6.56
N ILE N 85 -48.09 -108.95 6.15
CA ILE N 85 -46.72 -109.23 5.77
C ILE N 85 -45.78 -108.25 6.45
N HIS N 86 -44.63 -108.75 6.85
CA HIS N 86 -43.71 -108.04 7.73
C HIS N 86 -43.05 -106.91 6.97
N LYS N 87 -42.68 -105.85 7.68
CA LYS N 87 -42.14 -104.69 6.97
C LYS N 87 -40.71 -104.88 6.53
N LYS N 88 -40.04 -105.92 6.99
CA LYS N 88 -38.68 -106.19 6.57
C LYS N 88 -38.58 -107.35 5.62
N VAL N 89 -39.62 -108.15 5.46
CA VAL N 89 -39.60 -109.11 4.38
C VAL N 89 -40.11 -108.48 3.10
N ALA N 90 -40.76 -107.33 3.17
CA ALA N 90 -41.53 -106.87 2.02
C ALA N 90 -40.64 -106.28 0.95
N ARG N 91 -39.49 -105.73 1.30
CA ARG N 91 -38.57 -105.28 0.28
C ARG N 91 -37.86 -106.45 -0.38
N THR N 92 -37.73 -107.57 0.33
CA THR N 92 -37.16 -108.77 -0.26
C THR N 92 -38.12 -109.45 -1.21
N ILE N 93 -39.38 -109.03 -1.19
CA ILE N 93 -40.41 -109.54 -2.07
C ILE N 93 -40.75 -108.54 -3.18
N GLY N 94 -40.35 -107.31 -3.04
CA GLY N 94 -40.58 -106.34 -4.08
C GLY N 94 -41.80 -105.48 -3.83
N ILE N 95 -41.96 -104.98 -2.61
CA ILE N 95 -43.17 -104.27 -2.24
C ILE N 95 -42.93 -102.80 -1.94
N SER N 96 -41.72 -102.44 -1.49
CA SER N 96 -41.32 -101.06 -1.21
C SER N 96 -42.16 -100.40 -0.13
N VAL N 97 -41.85 -100.67 1.13
CA VAL N 97 -42.47 -99.95 2.24
C VAL N 97 -42.15 -98.45 2.17
N ASP N 98 -43.12 -97.63 2.60
CA ASP N 98 -42.89 -96.21 2.90
C ASP N 98 -43.29 -95.97 4.35
N PRO N 99 -42.34 -95.78 5.25
CA PRO N 99 -42.67 -95.75 6.67
C PRO N 99 -43.29 -94.46 7.15
N ARG N 100 -43.22 -93.37 6.40
CA ARG N 100 -43.75 -92.11 6.91
C ARG N 100 -45.07 -91.70 6.28
N ARG N 101 -45.85 -92.63 5.77
CA ARG N 101 -47.11 -92.27 5.14
C ARG N 101 -48.27 -92.67 6.03
N ARG N 102 -49.13 -91.71 6.35
CA ARG N 102 -50.28 -91.93 7.19
C ARG N 102 -51.45 -92.48 6.37
N ASN N 103 -52.44 -93.03 7.06
CA ASN N 103 -53.69 -93.45 6.43
C ASN N 103 -54.85 -92.74 7.12
N LYS N 104 -55.33 -91.66 6.52
CA LYS N 104 -56.42 -90.91 7.11
C LYS N 104 -57.79 -91.50 6.82
N SER N 105 -57.96 -92.15 5.67
CA SER N 105 -59.25 -92.67 5.27
C SER N 105 -59.24 -94.18 5.31
N THR N 106 -60.39 -94.76 5.02
CA THR N 106 -60.55 -96.20 5.03
C THR N 106 -60.56 -96.80 3.64
N GLU N 107 -61.19 -96.15 2.67
CA GLU N 107 -61.28 -96.80 1.38
C GLU N 107 -60.01 -96.62 0.55
N SER N 108 -59.16 -95.68 0.93
CA SER N 108 -57.82 -95.67 0.37
C SER N 108 -56.89 -96.60 1.10
N LEU N 109 -57.19 -96.93 2.36
CA LEU N 109 -56.51 -98.02 3.02
C LEU N 109 -56.85 -99.34 2.36
N GLN N 110 -58.14 -99.57 2.11
CA GLN N 110 -58.56 -100.85 1.56
C GLN N 110 -58.15 -101.04 0.12
N ALA N 111 -57.97 -99.97 -0.65
CA ALA N 111 -57.62 -100.14 -2.04
C ALA N 111 -56.17 -100.57 -2.20
N ASN N 112 -55.34 -100.31 -1.20
CA ASN N 112 -53.96 -100.76 -1.25
C ASN N 112 -53.75 -102.08 -0.56
N VAL N 113 -54.60 -102.44 0.40
CA VAL N 113 -54.60 -103.81 0.88
C VAL N 113 -55.07 -104.74 -0.22
N GLN N 114 -56.06 -104.30 -1.00
CA GLN N 114 -56.54 -105.10 -2.11
C GLN N 114 -55.50 -105.19 -3.20
N ARG N 115 -54.68 -104.15 -3.35
CA ARG N 115 -53.59 -104.19 -4.31
C ARG N 115 -52.48 -105.11 -3.84
N LEU N 116 -52.22 -105.15 -2.53
CA LEU N 116 -51.17 -105.99 -1.99
C LEU N 116 -51.53 -107.47 -2.05
N LYS N 117 -52.76 -107.80 -1.71
CA LYS N 117 -53.19 -109.19 -1.75
C LYS N 117 -53.26 -109.70 -3.18
N GLU N 118 -53.62 -108.84 -4.10
CA GLU N 118 -53.71 -109.26 -5.48
C GLU N 118 -52.33 -109.41 -6.10
N TYR N 119 -51.35 -108.65 -5.59
CA TYR N 119 -49.97 -108.84 -5.99
C TYR N 119 -49.40 -110.13 -5.44
N ARG N 120 -49.67 -110.40 -4.17
CA ARG N 120 -49.06 -111.53 -3.48
C ARG N 120 -49.55 -112.87 -4.04
N SER N 121 -50.79 -112.91 -4.52
CA SER N 121 -51.25 -114.09 -5.24
C SER N 121 -50.64 -114.20 -6.61
N LYS N 122 -50.13 -113.11 -7.14
CA LYS N 122 -49.65 -113.09 -8.52
C LYS N 122 -48.15 -113.34 -8.61
N LEU N 123 -47.37 -113.06 -7.58
CA LEU N 123 -45.95 -113.24 -7.79
C LEU N 123 -45.57 -114.69 -7.56
N ILE N 124 -44.47 -115.07 -8.20
CA ILE N 124 -43.92 -116.41 -8.17
C ILE N 124 -42.62 -116.36 -7.40
N LEU N 125 -42.54 -117.10 -6.31
CA LEU N 125 -41.44 -116.98 -5.37
C LEU N 125 -40.57 -118.23 -5.45
N PHE N 126 -39.36 -118.07 -5.94
CA PHE N 126 -38.48 -119.22 -6.08
C PHE N 126 -37.93 -119.58 -4.71
N PRO N 127 -37.56 -120.84 -4.48
CA PRO N 127 -36.98 -121.19 -3.18
C PRO N 127 -35.55 -120.70 -3.06
N ARG N 128 -35.07 -120.68 -1.82
CA ARG N 128 -33.67 -120.37 -1.57
C ARG N 128 -32.77 -121.45 -2.15
N LYS N 129 -32.88 -122.66 -1.64
CA LYS N 129 -32.18 -123.77 -2.25
C LYS N 129 -33.09 -124.37 -3.32
N PRO N 130 -32.69 -124.34 -4.59
CA PRO N 130 -33.56 -124.90 -5.64
C PRO N 130 -33.68 -126.40 -5.58
N SER N 131 -32.75 -127.06 -4.89
CA SER N 131 -32.82 -128.49 -4.67
C SER N 131 -33.80 -128.88 -3.57
N ALA N 132 -34.37 -127.92 -2.85
CA ALA N 132 -35.24 -128.23 -1.72
C ALA N 132 -36.22 -127.08 -1.49
N PRO N 133 -37.42 -127.17 -2.08
CA PRO N 133 -38.42 -126.12 -1.88
C PRO N 133 -39.00 -126.18 -0.47
N LYS N 134 -38.83 -125.10 0.27
CA LYS N 134 -39.35 -125.07 1.63
C LYS N 134 -40.82 -124.68 1.65
N LYS N 135 -41.13 -123.45 1.24
CA LYS N 135 -42.49 -122.94 1.34
C LYS N 135 -42.87 -122.10 0.12
N GLY N 136 -41.95 -121.89 -0.82
CA GLY N 136 -42.13 -120.90 -1.85
C GLY N 136 -43.17 -121.19 -2.90
N ASP N 137 -42.87 -122.10 -3.84
CA ASP N 137 -43.74 -122.36 -4.98
C ASP N 137 -43.47 -123.75 -5.51
N SER N 138 -44.40 -124.23 -6.33
CA SER N 138 -44.26 -125.50 -7.01
C SER N 138 -43.34 -125.33 -8.19
N SER N 139 -42.55 -126.37 -8.45
CA SER N 139 -41.57 -126.33 -9.52
C SER N 139 -42.20 -126.30 -10.89
N ALA N 140 -43.45 -126.77 -11.03
CA ALA N 140 -44.13 -126.59 -12.30
C ALA N 140 -44.48 -125.13 -12.56
N GLU N 141 -44.77 -124.38 -11.51
CA GLU N 141 -45.11 -122.97 -11.64
C GLU N 141 -43.91 -122.12 -12.05
N GLU N 142 -42.70 -122.61 -11.83
CA GLU N 142 -41.52 -121.83 -12.10
C GLU N 142 -40.95 -122.07 -13.48
N LEU N 143 -41.60 -122.88 -14.29
CA LEU N 143 -41.01 -123.27 -15.57
C LEU N 143 -41.66 -122.54 -16.73
N LYS N 144 -42.95 -122.74 -16.96
CA LYS N 144 -43.62 -122.17 -18.12
C LYS N 144 -44.00 -120.73 -17.90
N LEU N 145 -43.85 -120.23 -16.67
CA LEU N 145 -44.07 -118.82 -16.39
C LEU N 145 -43.02 -118.44 -15.36
N ALA N 146 -41.91 -117.92 -15.86
CA ALA N 146 -40.87 -117.32 -15.05
C ALA N 146 -40.29 -116.16 -15.81
N THR N 147 -41.13 -115.43 -16.51
CA THR N 147 -40.66 -114.39 -17.40
C THR N 147 -40.63 -113.07 -16.66
N GLN N 148 -39.82 -112.17 -17.17
CA GLN N 148 -39.64 -110.87 -16.57
C GLN N 148 -40.74 -109.93 -17.05
N LEU N 149 -41.27 -109.13 -16.15
CA LEU N 149 -42.37 -108.25 -16.49
C LEU N 149 -41.82 -106.91 -16.94
N THR N 150 -42.35 -106.41 -18.03
CA THR N 150 -41.89 -105.14 -18.58
C THR N 150 -42.93 -104.07 -18.32
N GLY N 151 -42.46 -102.84 -18.13
CA GLY N 151 -43.33 -101.78 -17.71
C GLY N 151 -43.58 -101.88 -16.22
N PRO N 152 -44.46 -101.04 -15.71
CA PRO N 152 -44.72 -101.05 -14.28
C PRO N 152 -45.51 -102.28 -13.87
N VAL N 153 -45.34 -102.67 -12.61
CA VAL N 153 -46.11 -103.79 -12.06
C VAL N 153 -47.50 -103.26 -11.75
N MET N 154 -48.50 -103.80 -12.47
CA MET N 154 -49.94 -103.52 -12.45
C MET N 154 -50.25 -102.03 -12.35
N PRO N 155 -50.06 -101.29 -13.44
CA PRO N 155 -50.04 -99.83 -13.39
C PRO N 155 -51.38 -99.23 -13.01
N VAL N 156 -51.31 -98.02 -12.53
CA VAL N 156 -52.38 -97.42 -11.76
C VAL N 156 -53.49 -96.93 -12.69
N ARG N 157 -54.70 -97.35 -12.38
CA ARG N 157 -55.89 -97.17 -13.19
C ARG N 157 -56.53 -95.84 -12.81
N ASN N 158 -56.94 -95.06 -13.80
CA ASN N 158 -57.96 -94.04 -13.55
C ASN N 158 -59.30 -94.62 -14.00
N VAL N 159 -60.07 -95.06 -13.02
CA VAL N 159 -61.35 -95.70 -13.27
C VAL N 159 -62.44 -94.66 -13.12
N TYR N 160 -63.22 -94.48 -14.17
CA TYR N 160 -64.38 -93.62 -14.16
C TYR N 160 -65.58 -94.56 -14.26
N LYS N 161 -66.37 -94.62 -13.20
CA LYS N 161 -67.50 -95.52 -13.22
C LYS N 161 -68.67 -94.83 -13.89
N LYS N 162 -69.31 -95.53 -14.82
CA LYS N 162 -70.37 -94.94 -15.61
C LYS N 162 -71.68 -95.11 -14.86
N GLU N 163 -72.24 -93.99 -14.42
CA GLU N 163 -73.58 -93.96 -13.86
C GLU N 163 -74.59 -93.90 -14.99
N LYS N 164 -75.71 -94.58 -14.81
CA LYS N 164 -76.65 -94.64 -15.91
C LYS N 164 -77.72 -93.57 -15.73
N ALA N 165 -78.48 -93.35 -16.79
CA ALA N 165 -79.53 -92.37 -16.79
C ALA N 165 -80.64 -92.75 -15.83
N ARG N 166 -81.35 -91.75 -15.32
CA ARG N 166 -82.44 -92.02 -14.42
C ARG N 166 -83.47 -90.94 -14.57
N VAL N 167 -84.54 -91.04 -13.81
CA VAL N 167 -85.63 -90.11 -13.88
C VAL N 167 -85.45 -89.06 -12.79
N ILE N 168 -85.52 -87.79 -13.17
CA ILE N 168 -85.42 -86.71 -12.20
C ILE N 168 -86.67 -86.68 -11.34
N THR N 169 -86.52 -86.89 -10.04
CA THR N 169 -87.67 -86.77 -9.18
C THR N 169 -87.99 -85.30 -8.95
N GLU N 170 -89.17 -85.06 -8.38
CA GLU N 170 -89.69 -83.71 -8.30
C GLU N 170 -88.91 -82.84 -7.33
N GLU N 171 -88.51 -83.41 -6.20
CA GLU N 171 -87.76 -82.62 -5.23
C GLU N 171 -86.34 -82.35 -5.67
N GLU N 172 -85.72 -83.28 -6.39
CA GLU N 172 -84.40 -83.03 -6.96
C GLU N 172 -84.47 -82.02 -8.09
N LYS N 173 -85.58 -82.02 -8.82
CA LYS N 173 -85.86 -80.99 -9.79
C LYS N 173 -86.00 -79.62 -9.14
N ASN N 174 -86.51 -79.59 -7.92
CA ASN N 174 -86.70 -78.34 -7.18
C ASN N 174 -85.58 -78.23 -6.15
N PHE N 175 -84.38 -77.95 -6.64
CA PHE N 175 -83.23 -77.74 -5.75
C PHE N 175 -82.56 -76.45 -6.15
N LYS N 176 -82.51 -75.49 -5.24
CA LYS N 176 -81.93 -74.19 -5.52
C LYS N 176 -80.41 -74.29 -5.44
N ALA N 177 -79.78 -74.55 -6.59
CA ALA N 177 -78.37 -74.91 -6.58
C ALA N 177 -77.46 -73.69 -6.49
N PHE N 178 -77.78 -72.60 -7.18
CA PHE N 178 -76.98 -71.40 -7.04
C PHE N 178 -77.18 -70.78 -5.67
N ALA N 179 -78.42 -70.79 -5.17
CA ALA N 179 -78.72 -70.16 -3.90
C ALA N 179 -78.08 -70.89 -2.74
N SER N 180 -77.96 -72.21 -2.83
CA SER N 180 -77.33 -72.95 -1.76
C SER N 180 -75.83 -72.77 -1.73
N LEU N 181 -75.21 -72.39 -2.84
CA LEU N 181 -73.80 -72.07 -2.81
C LEU N 181 -73.55 -70.72 -2.19
N ARG N 182 -74.41 -69.75 -2.49
CA ARG N 182 -74.23 -68.41 -1.95
C ARG N 182 -74.61 -68.33 -0.50
N MET N 183 -75.50 -69.20 -0.02
CA MET N 183 -75.78 -69.18 1.40
C MET N 183 -74.71 -69.93 2.17
N ALA N 184 -74.19 -71.02 1.61
CA ALA N 184 -73.12 -71.75 2.26
C ALA N 184 -71.83 -70.96 2.27
N ARG N 185 -71.59 -70.16 1.25
CA ARG N 185 -70.45 -69.27 1.26
C ARG N 185 -70.63 -68.13 2.25
N ALA N 186 -71.86 -67.80 2.60
CA ALA N 186 -72.16 -66.74 3.56
C ALA N 186 -72.22 -67.24 4.98
N ASN N 187 -72.66 -68.46 5.24
CA ASN N 187 -72.71 -68.98 6.59
C ASN N 187 -71.34 -69.23 7.18
N ALA N 188 -70.42 -69.77 6.38
CA ALA N 188 -69.07 -69.96 6.87
C ALA N 188 -68.33 -68.64 7.05
N ARG N 189 -68.70 -67.63 6.29
CA ARG N 189 -68.08 -66.33 6.43
C ARG N 189 -68.52 -65.63 7.69
N LEU N 190 -69.76 -65.83 8.13
CA LEU N 190 -70.30 -65.14 9.27
C LEU N 190 -70.43 -66.01 10.49
N PHE N 191 -69.80 -67.17 10.50
CA PHE N 191 -70.03 -68.13 11.56
C PHE N 191 -69.43 -67.66 12.88
N GLY N 192 -68.20 -67.16 12.85
CA GLY N 192 -67.55 -66.75 14.07
C GLY N 192 -68.17 -65.51 14.66
N ILE N 193 -68.67 -64.62 13.82
CA ILE N 193 -69.15 -63.35 14.35
C ILE N 193 -70.57 -63.48 14.86
N ARG N 194 -71.35 -64.45 14.37
CA ARG N 194 -72.66 -64.67 14.95
C ARG N 194 -72.57 -65.39 16.28
N ALA N 195 -71.57 -66.26 16.43
CA ALA N 195 -71.34 -66.92 17.70
C ALA N 195 -70.87 -65.95 18.77
N LYS N 196 -70.16 -64.90 18.38
CA LYS N 196 -69.75 -63.92 19.36
C LYS N 196 -70.92 -63.05 19.79
N ARG N 197 -71.75 -62.65 18.83
CA ARG N 197 -72.94 -61.88 19.15
C ARG N 197 -73.98 -62.71 19.90
N ALA N 198 -73.91 -64.03 19.80
CA ALA N 198 -74.80 -64.87 20.58
C ALA N 198 -74.38 -64.92 22.04
N LYS N 199 -73.08 -65.06 22.30
CA LYS N 199 -72.62 -65.21 23.66
C LYS N 199 -72.55 -63.89 24.41
N GLU N 200 -72.47 -62.75 23.73
CA GLU N 200 -72.57 -61.50 24.47
C GLU N 200 -74.02 -61.18 24.79
N ALA N 201 -74.96 -61.63 23.97
CA ALA N 201 -76.37 -61.40 24.24
C ALA N 201 -76.93 -62.38 25.26
N ALA N 202 -76.12 -63.31 25.76
CA ALA N 202 -76.57 -64.18 26.83
C ALA N 202 -76.65 -63.45 28.17
N GLU N 203 -75.97 -62.30 28.28
CA GLU N 203 -76.01 -61.52 29.51
C GLU N 203 -76.89 -60.30 29.41
N GLN N 204 -76.75 -59.53 28.34
CA GLN N 204 -77.44 -58.28 28.18
C GLN N 204 -78.87 -58.51 27.73
N VAL O 1 -18.05 20.97 -108.41
CA VAL O 1 -18.68 20.02 -107.52
C VAL O 1 -20.18 20.18 -107.51
N PHE O 2 -20.86 19.05 -107.32
CA PHE O 2 -22.30 18.98 -107.11
C PHE O 2 -23.06 19.54 -108.31
N ARG O 3 -23.04 18.76 -109.38
CA ARG O 3 -23.80 19.10 -110.57
C ARG O 3 -25.25 18.64 -110.50
N ARG O 4 -25.53 17.56 -109.79
CA ARG O 4 -26.86 16.98 -109.77
C ARG O 4 -27.54 17.23 -108.44
N PHE O 5 -28.74 17.77 -108.48
CA PHE O 5 -29.42 18.21 -107.28
C PHE O 5 -30.76 17.53 -107.14
N VAL O 6 -31.13 17.21 -105.91
CA VAL O 6 -32.49 16.80 -105.63
C VAL O 6 -33.37 18.03 -105.69
N GLU O 7 -34.37 17.99 -106.55
CA GLU O 7 -35.32 19.08 -106.69
C GLU O 7 -36.55 18.50 -107.37
N VAL O 8 -37.57 19.32 -107.53
CA VAL O 8 -38.81 18.86 -108.12
C VAL O 8 -38.61 18.74 -109.62
N GLY O 9 -38.91 17.57 -110.17
CA GLY O 9 -38.69 17.30 -111.56
C GLY O 9 -37.44 16.52 -111.86
N ARG O 10 -36.56 16.35 -110.89
CA ARG O 10 -35.33 15.60 -111.10
C ARG O 10 -35.67 14.13 -111.31
N VAL O 11 -35.19 13.59 -112.42
CA VAL O 11 -35.43 12.19 -112.73
C VAL O 11 -34.35 11.35 -112.08
N ALA O 12 -34.77 10.38 -111.29
CA ALA O 12 -33.85 9.50 -110.59
C ALA O 12 -33.95 8.10 -111.15
N TYR O 13 -32.97 7.28 -110.82
CA TYR O 13 -32.94 5.89 -111.24
C TYR O 13 -32.94 5.05 -109.97
N VAL O 14 -33.99 4.26 -109.79
CA VAL O 14 -34.13 3.47 -108.58
C VAL O 14 -33.17 2.30 -108.65
N SER O 15 -32.26 2.20 -107.68
CA SER O 15 -31.20 1.22 -107.76
C SER O 15 -31.52 -0.09 -107.07
N PHE O 16 -32.26 -0.06 -105.96
CA PHE O 16 -32.66 -1.30 -105.32
C PHE O 16 -34.05 -1.11 -104.75
N GLY O 17 -34.50 -2.07 -103.97
CA GLY O 17 -35.87 -2.10 -103.54
C GLY O 17 -36.71 -2.87 -104.52
N PRO O 18 -38.03 -2.82 -104.36
CA PRO O 18 -38.89 -3.56 -105.29
C PRO O 18 -39.03 -2.90 -106.63
N HIS O 19 -38.85 -1.59 -106.72
CA HIS O 19 -38.95 -0.89 -107.99
C HIS O 19 -37.59 -0.70 -108.63
N ALA O 20 -36.70 -1.66 -108.45
CA ALA O 20 -35.33 -1.51 -108.91
C ALA O 20 -35.25 -1.53 -110.42
N GLY O 21 -34.55 -0.56 -110.98
CA GLY O 21 -34.36 -0.47 -112.40
C GLY O 21 -35.33 0.42 -113.12
N LYS O 22 -36.15 1.18 -112.40
CA LYS O 22 -37.18 2.01 -113.00
C LYS O 22 -36.78 3.46 -112.89
N LEU O 23 -36.95 4.21 -113.97
CA LEU O 23 -36.82 5.66 -113.87
C LEU O 23 -38.04 6.23 -113.17
N VAL O 24 -37.85 7.35 -112.50
CA VAL O 24 -38.89 7.90 -111.65
C VAL O 24 -38.59 9.37 -111.46
N ALA O 25 -39.57 10.14 -111.03
CA ALA O 25 -39.43 11.58 -110.97
C ALA O 25 -39.76 12.10 -109.58
N ILE O 26 -38.99 13.07 -109.11
CA ILE O 26 -39.17 13.58 -107.75
C ILE O 26 -40.25 14.65 -107.75
N VAL O 27 -41.34 14.37 -107.06
CA VAL O 27 -42.50 15.24 -107.06
C VAL O 27 -42.45 16.22 -105.89
N ASP O 28 -42.17 15.75 -104.69
CA ASP O 28 -42.00 16.64 -103.55
C ASP O 28 -41.01 16.01 -102.60
N VAL O 29 -40.53 16.81 -101.64
CA VAL O 29 -39.51 16.38 -100.69
C VAL O 29 -40.17 16.25 -99.33
N ILE O 30 -39.81 15.20 -98.59
CA ILE O 30 -40.19 15.01 -97.20
C ILE O 30 -38.91 14.92 -96.38
N ASP O 31 -38.88 15.58 -95.22
CA ASP O 31 -38.04 15.29 -94.04
C ASP O 31 -36.63 14.73 -94.23
N GLN O 32 -35.87 15.21 -95.22
CA GLN O 32 -34.43 14.98 -95.45
C GLN O 32 -34.10 13.58 -95.92
N ASN O 33 -35.00 12.65 -95.77
CA ASN O 33 -34.70 11.27 -96.06
C ASN O 33 -35.53 10.72 -97.19
N ARG O 34 -36.75 11.16 -97.33
CA ARG O 34 -37.70 10.56 -98.25
C ARG O 34 -38.14 11.59 -99.28
N ALA O 35 -38.74 11.11 -100.34
CA ALA O 35 -39.21 12.01 -101.37
C ALA O 35 -40.50 11.46 -101.90
N LEU O 36 -41.43 12.33 -102.18
CA LEU O 36 -42.60 11.90 -102.92
C LEU O 36 -42.18 11.77 -104.38
N VAL O 37 -42.62 10.71 -105.02
CA VAL O 37 -41.92 10.13 -106.16
C VAL O 37 -42.95 9.45 -107.05
N ASP O 38 -42.85 9.67 -108.35
CA ASP O 38 -43.87 9.20 -109.28
C ASP O 38 -43.24 8.83 -110.61
N GLY O 39 -43.47 7.61 -111.07
CA GLY O 39 -43.16 7.30 -112.44
C GLY O 39 -44.41 6.99 -113.23
N PRO O 40 -44.90 7.94 -113.99
CA PRO O 40 -46.17 7.73 -114.69
C PRO O 40 -46.01 6.87 -115.93
N CYS O 41 -44.85 6.91 -116.54
CA CYS O 41 -44.61 6.17 -117.77
C CYS O 41 -43.66 5.01 -117.58
N THR O 42 -43.35 4.67 -116.33
CA THR O 42 -42.47 3.54 -116.03
C THR O 42 -43.09 2.58 -115.03
N GLN O 43 -44.42 2.63 -114.88
CA GLN O 43 -45.19 1.77 -113.98
C GLN O 43 -44.69 1.84 -112.54
N VAL O 44 -44.57 3.05 -112.02
CA VAL O 44 -44.31 3.26 -110.60
C VAL O 44 -45.35 4.24 -110.12
N ARG O 45 -46.31 3.78 -109.34
CA ARG O 45 -47.34 4.67 -108.86
C ARG O 45 -46.78 5.56 -107.76
N ARG O 46 -47.45 6.68 -107.53
CA ARG O 46 -46.93 7.73 -106.67
C ARG O 46 -46.86 7.26 -105.23
N GLN O 47 -45.72 7.50 -104.59
CA GLN O 47 -45.41 6.93 -103.29
C GLN O 47 -44.21 7.64 -102.69
N ALA O 48 -43.74 7.14 -101.57
CA ALA O 48 -42.58 7.69 -100.88
C ALA O 48 -41.39 6.77 -101.07
N MET O 49 -40.23 7.33 -101.32
CA MET O 49 -39.03 6.54 -101.43
C MET O 49 -37.88 7.20 -100.70
N PRO O 50 -37.03 6.43 -100.06
CA PRO O 50 -35.84 7.01 -99.45
C PRO O 50 -34.82 7.39 -100.51
N PHE O 51 -34.05 8.43 -100.22
CA PHE O 51 -33.09 8.90 -101.20
C PHE O 51 -31.94 7.94 -101.41
N LYS O 52 -31.71 7.02 -100.49
CA LYS O 52 -30.62 6.10 -100.71
C LYS O 52 -30.96 5.03 -101.74
N CYS O 53 -32.23 4.81 -102.03
CA CYS O 53 -32.56 3.89 -103.11
C CYS O 53 -32.26 4.50 -104.46
N MET O 54 -32.45 5.80 -104.61
CA MET O 54 -32.46 6.39 -105.93
C MET O 54 -31.13 7.05 -106.26
N GLN O 55 -30.79 7.04 -107.54
CA GLN O 55 -29.57 7.61 -108.07
C GLN O 55 -29.93 8.66 -109.09
N LEU O 56 -29.39 9.87 -108.92
CA LEU O 56 -29.84 11.00 -109.72
C LEU O 56 -29.30 10.90 -111.14
N THR O 57 -30.11 11.29 -112.09
CA THR O 57 -29.70 11.38 -113.48
C THR O 57 -29.41 12.82 -113.82
N ASP O 58 -29.34 13.11 -115.11
CA ASP O 58 -29.15 14.46 -115.58
C ASP O 58 -30.44 15.11 -116.06
N PHE O 59 -31.59 14.47 -115.89
CA PHE O 59 -32.81 14.94 -116.50
C PHE O 59 -33.69 15.62 -115.48
N ILE O 60 -34.24 16.78 -115.87
CA ILE O 60 -35.11 17.57 -115.02
C ILE O 60 -36.38 17.89 -115.79
N LEU O 61 -37.52 17.60 -115.19
CA LEU O 61 -38.79 17.98 -115.77
C LEU O 61 -39.27 19.27 -115.14
N LYS O 62 -40.20 19.92 -115.81
CA LYS O 62 -40.68 21.23 -115.39
C LYS O 62 -42.15 21.14 -115.04
N PHE O 63 -42.42 20.99 -113.75
CA PHE O 63 -43.77 21.02 -113.22
C PHE O 63 -43.66 21.49 -111.79
N PRO O 64 -44.70 22.11 -111.24
CA PRO O 64 -44.61 22.57 -109.85
C PRO O 64 -44.79 21.42 -108.89
N HIS O 65 -44.42 21.67 -107.64
CA HIS O 65 -44.41 20.59 -106.66
C HIS O 65 -45.81 20.12 -106.33
N SER O 66 -45.92 18.81 -106.12
CA SER O 66 -47.15 18.09 -105.81
C SER O 66 -48.24 18.33 -106.83
N ALA O 67 -47.89 18.26 -108.11
CA ALA O 67 -48.91 18.27 -109.14
C ALA O 67 -49.56 16.90 -109.21
N HIS O 68 -50.63 16.80 -109.98
CA HIS O 68 -51.25 15.50 -110.13
C HIS O 68 -50.50 14.66 -111.15
N GLN O 69 -51.02 13.46 -111.36
CA GLN O 69 -50.39 12.45 -112.21
C GLN O 69 -50.28 12.91 -113.64
N LYS O 70 -51.32 13.57 -114.15
CA LYS O 70 -51.38 13.92 -115.56
C LYS O 70 -50.43 15.03 -115.93
N TYR O 71 -50.01 15.86 -115.00
CA TYR O 71 -49.09 16.92 -115.35
C TYR O 71 -47.63 16.48 -115.26
N VAL O 72 -47.34 15.41 -114.53
CA VAL O 72 -46.01 14.83 -114.65
C VAL O 72 -45.96 13.81 -115.78
N ARG O 73 -47.11 13.30 -116.22
CA ARG O 73 -47.12 12.38 -117.35
C ARG O 73 -46.86 13.12 -118.64
N GLN O 74 -47.47 14.26 -118.81
CA GLN O 74 -47.30 14.96 -120.06
C GLN O 74 -46.01 15.73 -120.09
N ALA O 75 -45.47 16.11 -118.93
CA ALA O 75 -44.12 16.65 -118.92
C ALA O 75 -43.09 15.57 -119.20
N TRP O 76 -43.41 14.32 -118.89
CA TRP O 76 -42.53 13.22 -119.24
C TRP O 76 -42.52 13.01 -120.74
N GLN O 77 -43.70 13.06 -121.35
CA GLN O 77 -43.84 12.66 -122.74
C GLN O 77 -43.26 13.69 -123.70
N LYS O 78 -43.47 14.97 -123.46
CA LYS O 78 -42.70 15.92 -124.24
C LYS O 78 -41.33 16.08 -123.61
N ALA O 79 -40.32 16.31 -124.45
CA ALA O 79 -38.93 16.06 -124.14
C ALA O 79 -38.79 14.65 -123.56
N ASP O 80 -39.04 13.69 -124.44
CA ASP O 80 -39.31 12.29 -124.11
C ASP O 80 -38.19 11.63 -123.33
N ILE O 81 -38.47 11.33 -122.05
CA ILE O 81 -37.47 10.80 -121.15
C ILE O 81 -37.17 9.35 -121.47
N ASN O 82 -38.14 8.60 -121.96
CA ASN O 82 -37.91 7.19 -122.26
C ASN O 82 -36.97 7.00 -123.42
N THR O 83 -36.84 7.98 -124.31
CA THR O 83 -35.93 7.86 -125.43
C THR O 83 -34.65 8.65 -125.28
N LYS O 84 -34.60 9.63 -124.38
CA LYS O 84 -33.30 10.17 -124.02
C LYS O 84 -32.52 9.18 -123.15
N TRP O 85 -33.20 8.58 -122.19
CA TRP O 85 -32.71 7.34 -121.62
C TRP O 85 -32.74 6.27 -122.70
N ALA O 86 -31.90 5.25 -122.53
CA ALA O 86 -31.55 4.26 -123.56
C ALA O 86 -30.92 4.91 -124.78
N ALA O 87 -30.36 6.09 -124.59
CA ALA O 87 -29.40 6.67 -125.51
C ALA O 87 -28.17 7.17 -124.78
N THR O 88 -28.28 7.44 -123.49
CA THR O 88 -27.14 7.71 -122.66
C THR O 88 -26.28 6.46 -122.53
N ARG O 89 -25.00 6.66 -122.20
CA ARG O 89 -24.12 5.53 -121.95
C ARG O 89 -24.56 4.76 -120.73
N TRP O 90 -25.19 5.43 -119.75
CA TRP O 90 -25.55 4.75 -118.52
C TRP O 90 -26.70 3.77 -118.72
N ALA O 91 -27.65 4.06 -119.59
CA ALA O 91 -28.62 3.03 -119.85
C ALA O 91 -28.08 1.96 -120.79
N LYS O 92 -27.05 2.27 -121.57
CA LYS O 92 -26.42 1.25 -122.40
C LYS O 92 -25.60 0.29 -121.57
N LYS O 93 -24.95 0.78 -120.51
CA LYS O 93 -24.21 -0.09 -119.60
C LYS O 93 -25.12 -1.06 -118.89
N ILE O 94 -26.33 -0.64 -118.54
CA ILE O 94 -27.27 -1.54 -117.89
C ILE O 94 -27.76 -2.58 -118.88
N GLU O 95 -27.98 -2.16 -120.12
CA GLU O 95 -28.49 -3.07 -121.13
C GLU O 95 -27.47 -4.14 -121.45
N ALA O 96 -26.20 -3.77 -121.55
CA ALA O 96 -25.14 -4.72 -121.74
C ALA O 96 -24.92 -5.62 -120.53
N ARG O 97 -25.15 -5.12 -119.33
CA ARG O 97 -24.86 -5.88 -118.14
C ARG O 97 -25.84 -7.01 -117.92
N GLU O 98 -27.09 -6.85 -118.32
CA GLU O 98 -28.05 -7.94 -118.14
C GLU O 98 -28.05 -8.91 -119.29
N ARG O 99 -27.69 -8.48 -120.50
CA ARG O 99 -27.60 -9.44 -121.57
C ARG O 99 -26.31 -10.25 -121.51
N LYS O 100 -25.35 -9.85 -120.70
CA LYS O 100 -24.28 -10.76 -120.37
C LYS O 100 -24.76 -11.80 -119.39
N ALA O 101 -25.69 -11.45 -118.52
CA ALA O 101 -26.20 -12.39 -117.54
C ALA O 101 -27.10 -13.42 -118.20
N LYS O 102 -27.91 -13.02 -119.18
CA LYS O 102 -28.83 -13.97 -119.82
C LYS O 102 -28.21 -14.61 -121.05
N MET O 103 -26.95 -15.01 -120.91
CA MET O 103 -26.16 -15.56 -122.00
C MET O 103 -26.00 -17.05 -121.77
N THR O 104 -26.50 -17.86 -122.70
CA THR O 104 -26.54 -19.31 -122.54
C THR O 104 -25.16 -19.91 -122.74
N ASP O 105 -25.11 -21.23 -122.64
CA ASP O 105 -23.84 -21.94 -122.71
C ASP O 105 -23.28 -21.93 -124.11
N PHE O 106 -24.15 -21.86 -125.12
CA PHE O 106 -23.71 -21.82 -126.50
C PHE O 106 -23.29 -20.42 -126.91
N ASP O 107 -23.92 -19.40 -126.34
CA ASP O 107 -23.54 -18.04 -126.66
C ASP O 107 -22.22 -17.66 -126.01
N ARG O 108 -21.92 -18.25 -124.86
CA ARG O 108 -20.60 -18.12 -124.28
C ARG O 108 -19.54 -18.80 -125.13
N PHE O 109 -19.93 -19.79 -125.91
CA PHE O 109 -18.99 -20.43 -126.79
C PHE O 109 -18.70 -19.56 -128.00
N LYS O 110 -19.74 -18.95 -128.57
CA LYS O 110 -19.57 -18.12 -129.74
C LYS O 110 -18.80 -16.86 -129.41
N VAL O 111 -18.97 -16.33 -128.20
CA VAL O 111 -18.22 -15.17 -127.75
C VAL O 111 -16.76 -15.55 -127.50
N MET O 112 -16.53 -16.75 -126.97
CA MET O 112 -15.18 -17.22 -126.69
C MET O 112 -14.36 -17.36 -127.95
N LYS O 113 -14.96 -17.89 -129.01
CA LYS O 113 -14.22 -18.02 -130.25
C LYS O 113 -14.00 -16.68 -130.90
N ALA O 114 -14.98 -15.80 -130.80
CA ALA O 114 -14.88 -14.49 -131.44
C ALA O 114 -13.86 -13.62 -130.75
N LYS O 115 -13.85 -13.63 -129.43
CA LYS O 115 -12.88 -12.81 -128.70
C LYS O 115 -11.48 -13.37 -128.84
N LYS O 116 -11.34 -14.68 -129.02
CA LYS O 116 -10.00 -15.24 -129.20
C LYS O 116 -9.43 -14.85 -130.55
N MET O 117 -10.28 -14.75 -131.56
CA MET O 117 -9.79 -14.28 -132.84
C MET O 117 -9.51 -12.80 -132.80
N ARG O 118 -10.43 -12.02 -132.22
CA ARG O 118 -10.33 -10.56 -132.20
C ARG O 118 -9.09 -10.10 -131.47
N ASN O 119 -8.69 -10.81 -130.44
CA ASN O 119 -7.45 -10.46 -129.79
C ASN O 119 -6.23 -10.98 -130.52
N ARG O 120 -6.37 -11.82 -131.55
CA ARG O 120 -5.19 -12.15 -132.32
C ARG O 120 -4.80 -11.03 -133.26
N ILE O 121 -5.78 -10.40 -133.91
CA ILE O 121 -5.51 -9.33 -134.85
C ILE O 121 -4.97 -8.11 -134.13
N ILE O 122 -5.59 -7.74 -133.02
CA ILE O 122 -5.17 -6.56 -132.26
C ILE O 122 -3.78 -6.77 -131.68
N LYS O 123 -3.48 -7.97 -131.20
CA LYS O 123 -2.15 -8.23 -130.69
C LYS O 123 -1.13 -8.28 -131.81
N ASN O 124 -1.53 -8.76 -132.98
CA ASN O 124 -0.62 -8.74 -134.12
C ASN O 124 -0.37 -7.31 -134.57
N GLU O 125 -1.39 -6.46 -134.51
CA GLU O 125 -1.22 -5.09 -134.97
C GLU O 125 -0.35 -4.28 -134.04
N VAL O 126 -0.44 -4.50 -132.73
CA VAL O 126 0.42 -3.75 -131.83
C VAL O 126 1.85 -4.22 -131.85
N LYS O 127 2.13 -5.42 -132.37
CA LYS O 127 3.51 -5.78 -132.64
C LYS O 127 4.08 -4.92 -133.74
N LYS O 128 3.27 -4.59 -134.74
CA LYS O 128 3.76 -3.79 -135.84
C LYS O 128 3.85 -2.32 -135.47
N LEU O 129 2.93 -1.83 -134.66
CA LEU O 129 2.96 -0.42 -134.33
C LEU O 129 4.06 -0.06 -133.36
N GLN O 130 4.56 -1.00 -132.57
CA GLN O 130 5.64 -0.67 -131.65
C GLN O 130 7.00 -1.07 -132.19
N LYS O 131 7.06 -1.84 -133.26
CA LYS O 131 8.33 -1.98 -133.95
C LYS O 131 8.51 -0.90 -135.02
N ALA O 132 7.45 -0.21 -135.39
CA ALA O 132 7.59 0.95 -136.25
C ALA O 132 7.92 2.21 -135.48
N ALA O 133 7.43 2.30 -134.24
CA ALA O 133 7.90 3.35 -133.34
C ALA O 133 9.30 3.09 -132.84
N LEU O 134 9.79 1.87 -132.99
CA LEU O 134 11.16 1.56 -132.64
C LEU O 134 12.14 2.00 -133.72
N LEU O 135 11.67 2.19 -134.96
CA LEU O 135 12.50 2.70 -136.04
C LEU O 135 12.69 4.21 -135.86
N LYS O 136 13.51 4.56 -134.89
CA LYS O 136 13.87 5.95 -134.59
C LYS O 136 15.36 6.02 -134.34
N ALA O 137 16.06 6.84 -135.11
CA ALA O 137 17.52 6.91 -135.09
C ALA O 137 17.98 8.35 -135.05
N SER O 138 17.37 9.16 -134.17
CA SER O 138 17.79 10.54 -134.05
C SER O 138 18.37 10.81 -132.66
N PRO O 139 19.50 11.53 -132.56
CA PRO O 139 20.12 11.91 -131.29
C PRO O 139 19.23 12.82 -130.44
N GLY P 1 -28.47 -94.16 35.34
CA GLY P 1 -27.44 -93.68 34.45
C GLY P 1 -26.93 -92.30 34.83
N ALA P 2 -25.63 -92.21 35.04
CA ALA P 2 -25.05 -90.95 35.49
C ALA P 2 -25.03 -89.89 34.41
N TYR P 3 -24.97 -90.26 33.14
CA TYR P 3 -24.87 -89.26 32.09
C TYR P 3 -26.13 -88.47 31.93
N LYS P 4 -27.26 -89.03 32.37
CA LYS P 4 -28.50 -88.28 32.44
C LYS P 4 -28.34 -87.08 33.37
N TYR P 5 -27.75 -87.28 34.54
CA TYR P 5 -27.59 -86.20 35.51
C TYR P 5 -26.52 -85.20 35.09
N ILE P 6 -25.49 -85.64 34.37
CA ILE P 6 -24.49 -84.72 33.85
C ILE P 6 -25.12 -83.77 32.86
N GLN P 7 -26.08 -84.28 32.08
CA GLN P 7 -26.64 -83.52 31.00
C GLN P 7 -27.47 -82.35 31.51
N GLU P 8 -28.32 -82.59 32.51
CA GLU P 8 -29.10 -81.49 33.02
C GLU P 8 -28.34 -80.57 33.94
N LEU P 9 -27.18 -80.96 34.42
CA LEU P 9 -26.42 -80.00 35.21
C LEU P 9 -25.73 -79.00 34.32
N TRP P 10 -25.35 -79.42 33.12
CA TRP P 10 -24.82 -78.47 32.15
C TRP P 10 -25.88 -77.56 31.56
N ARG P 11 -27.15 -77.82 31.80
CA ARG P 11 -28.18 -76.91 31.37
C ARG P 11 -28.39 -75.78 32.35
N LYS P 12 -27.68 -75.79 33.47
CA LYS P 12 -27.86 -74.81 34.54
C LYS P 12 -26.65 -73.93 34.63
N LYS P 13 -26.23 -73.34 33.52
CA LYS P 13 -24.97 -72.64 33.48
C LYS P 13 -24.97 -71.35 34.28
N GLN P 14 -26.12 -70.84 34.68
CA GLN P 14 -26.17 -69.69 35.56
C GLN P 14 -26.31 -70.05 37.03
N SER P 15 -26.41 -71.33 37.35
CA SER P 15 -26.44 -71.72 38.75
C SER P 15 -25.05 -71.60 39.35
N ASP P 16 -25.01 -71.52 40.68
CA ASP P 16 -23.78 -71.14 41.34
C ASP P 16 -22.77 -72.26 41.42
N VAL P 17 -23.19 -73.51 41.33
CA VAL P 17 -22.22 -74.58 41.16
C VAL P 17 -21.56 -74.46 39.81
N MET P 18 -22.35 -74.14 38.80
CA MET P 18 -21.84 -74.23 37.45
C MET P 18 -21.07 -72.98 37.07
N ARG P 19 -21.46 -71.82 37.61
CA ARG P 19 -20.71 -70.59 37.40
C ARG P 19 -19.36 -70.65 38.06
N PHE P 20 -19.25 -71.33 39.18
CA PHE P 20 -17.95 -71.50 39.81
C PHE P 20 -17.03 -72.28 38.92
N LEU P 21 -17.53 -73.39 38.37
CA LEU P 21 -16.69 -74.26 37.58
C LEU P 21 -16.30 -73.61 36.27
N LEU P 22 -17.25 -72.98 35.59
CA LEU P 22 -16.95 -72.34 34.31
C LEU P 22 -15.99 -71.19 34.47
N ARG P 23 -16.05 -70.46 35.58
CA ARG P 23 -15.10 -69.39 35.80
C ARG P 23 -13.73 -69.91 36.18
N VAL P 24 -13.67 -70.95 37.02
CA VAL P 24 -12.37 -71.41 37.45
C VAL P 24 -11.69 -72.21 36.35
N ARG P 25 -12.43 -72.71 35.39
CA ARG P 25 -11.82 -73.38 34.26
C ARG P 25 -11.36 -72.41 33.20
N CYS P 26 -12.13 -71.35 32.99
CA CYS P 26 -11.77 -70.32 32.02
C CYS P 26 -10.47 -69.64 32.38
N TRP P 27 -10.20 -69.48 33.67
CA TRP P 27 -8.89 -69.01 34.09
C TRP P 27 -7.80 -70.00 33.72
N GLN P 28 -8.05 -71.29 33.90
CA GLN P 28 -7.02 -72.27 33.61
C GLN P 28 -6.79 -72.42 32.12
N TYR P 29 -7.85 -72.35 31.34
CA TYR P 29 -7.72 -72.49 29.90
C TYR P 29 -7.05 -71.28 29.29
N ARG P 30 -7.17 -70.12 29.91
CA ARG P 30 -6.59 -68.90 29.39
C ARG P 30 -5.08 -68.89 29.55
N GLN P 31 -4.56 -69.62 30.52
CA GLN P 31 -3.14 -69.66 30.79
C GLN P 31 -2.37 -70.57 29.86
N LEU P 32 -3.05 -71.35 29.03
CA LEU P 32 -2.38 -72.27 28.14
C LEU P 32 -2.16 -71.62 26.78
N SER P 33 -1.66 -72.39 25.83
CA SER P 33 -1.52 -71.85 24.50
C SER P 33 -2.82 -72.05 23.73
N ALA P 34 -2.87 -71.53 22.51
CA ALA P 34 -4.13 -71.52 21.78
C ALA P 34 -4.45 -72.83 21.11
N LEU P 35 -3.66 -73.87 21.33
CA LEU P 35 -3.87 -75.17 20.75
C LEU P 35 -3.13 -76.17 21.61
N HIS P 36 -3.85 -77.14 22.14
CA HIS P 36 -3.41 -77.81 23.34
C HIS P 36 -4.14 -79.12 23.46
N ARG P 37 -3.41 -80.21 23.42
CA ARG P 37 -4.06 -81.51 23.51
C ARG P 37 -4.45 -81.80 24.94
N ALA P 38 -5.71 -81.87 25.18
CA ALA P 38 -6.23 -82.33 26.45
C ALA P 38 -6.13 -83.84 26.51
N PRO P 39 -5.90 -84.43 27.69
CA PRO P 39 -5.79 -85.88 27.77
C PRO P 39 -7.11 -86.61 27.80
N ARG P 40 -8.22 -85.92 28.01
CA ARG P 40 -9.53 -86.56 28.14
C ARG P 40 -10.59 -85.49 27.89
N PRO P 41 -11.80 -85.89 27.50
CA PRO P 41 -12.84 -84.89 27.32
C PRO P 41 -13.25 -84.25 28.63
N THR P 42 -13.36 -82.92 28.62
CA THR P 42 -13.85 -82.21 29.80
C THR P 42 -15.32 -82.51 30.03
N ARG P 43 -16.09 -82.61 28.96
CA ARG P 43 -17.49 -83.00 29.01
C ARG P 43 -17.62 -84.35 28.37
N PRO P 44 -17.40 -85.44 29.11
CA PRO P 44 -17.38 -86.76 28.48
C PRO P 44 -18.73 -87.21 27.96
N ASP P 45 -19.83 -86.71 28.50
CA ASP P 45 -21.13 -87.06 27.96
C ASP P 45 -21.43 -86.31 26.67
N LYS P 46 -21.06 -85.04 26.61
CA LYS P 46 -21.26 -84.26 25.41
C LYS P 46 -20.35 -84.75 24.31
N ALA P 47 -19.15 -85.20 24.67
CA ALA P 47 -18.26 -85.78 23.68
C ALA P 47 -18.86 -87.05 23.11
N ARG P 48 -19.47 -87.86 23.95
CA ARG P 48 -19.91 -89.15 23.46
C ARG P 48 -21.27 -89.12 22.81
N ARG P 49 -22.06 -88.07 22.99
CA ARG P 49 -23.22 -87.96 22.13
C ARG P 49 -22.91 -87.19 20.87
N LEU P 50 -21.64 -87.00 20.59
CA LEU P 50 -21.18 -86.46 19.33
C LEU P 50 -20.33 -87.46 18.55
N GLY P 51 -20.03 -88.62 19.11
CA GLY P 51 -19.24 -89.62 18.41
C GLY P 51 -18.04 -90.14 19.16
N TYR P 52 -17.61 -89.49 20.24
CA TYR P 52 -16.41 -89.92 20.95
C TYR P 52 -16.67 -91.24 21.64
N LYS P 53 -15.79 -92.19 21.42
CA LYS P 53 -15.75 -93.42 22.17
C LYS P 53 -14.40 -93.46 22.86
N ALA P 54 -14.37 -94.00 24.07
CA ALA P 54 -13.13 -94.04 24.83
C ALA P 54 -12.23 -95.16 24.32
N LYS P 55 -11.73 -94.99 23.11
CA LYS P 55 -10.85 -95.95 22.50
C LYS P 55 -9.61 -95.25 22.00
N GLN P 56 -8.61 -96.05 21.73
CA GLN P 56 -7.38 -95.57 21.13
C GLN P 56 -7.63 -95.03 19.74
N GLY P 57 -7.06 -93.88 19.45
CA GLY P 57 -7.24 -93.22 18.19
C GLY P 57 -8.17 -92.05 18.22
N TYR P 58 -8.97 -91.94 19.28
CA TYR P 58 -9.76 -90.75 19.55
C TYR P 58 -8.93 -89.81 20.42
N VAL P 59 -8.73 -88.59 19.95
CA VAL P 59 -7.97 -87.61 20.70
C VAL P 59 -8.74 -86.30 20.78
N ILE P 60 -8.50 -85.54 21.84
CA ILE P 60 -9.20 -84.29 22.12
C ILE P 60 -8.17 -83.17 22.13
N TYR P 61 -8.41 -82.13 21.34
CA TYR P 61 -7.69 -80.87 21.49
C TYR P 61 -8.59 -79.82 22.11
N ARG P 62 -8.01 -78.66 22.38
CA ARG P 62 -8.75 -77.56 22.96
C ARG P 62 -8.29 -76.27 22.31
N ILE P 63 -9.21 -75.50 21.77
CA ILE P 63 -8.89 -74.38 20.89
C ILE P 63 -9.24 -73.10 21.62
N ARG P 64 -8.49 -72.04 21.37
CA ARG P 64 -8.79 -70.72 21.90
C ARG P 64 -9.01 -69.79 20.73
N VAL P 65 -10.12 -69.07 20.74
CA VAL P 65 -10.56 -68.31 19.58
C VAL P 65 -10.90 -66.89 20.04
N ARG P 66 -10.27 -65.88 19.44
CA ARG P 66 -10.66 -64.49 19.67
C ARG P 66 -12.08 -64.26 19.18
N ARG P 67 -12.84 -63.53 19.97
CA ARG P 67 -14.25 -63.44 19.72
C ARG P 67 -14.68 -62.04 19.31
N GLY P 68 -15.69 -61.98 18.47
CA GLY P 68 -16.20 -60.75 17.94
C GLY P 68 -16.29 -60.81 16.43
N GLY P 69 -16.58 -59.66 15.84
CA GLY P 69 -16.80 -59.57 14.41
C GLY P 69 -15.53 -59.63 13.61
N ARG P 70 -15.62 -59.22 12.36
CA ARG P 70 -14.53 -59.31 11.42
C ARG P 70 -14.21 -57.92 10.90
N LYS P 71 -13.10 -57.36 11.36
CA LYS P 71 -12.57 -56.12 10.82
C LYS P 71 -12.13 -56.34 9.39
N ARG P 72 -12.50 -55.44 8.51
CA ARG P 72 -12.15 -55.67 7.11
C ARG P 72 -10.68 -55.33 6.90
N PRO P 73 -9.91 -56.22 6.32
CA PRO P 73 -8.47 -56.02 6.25
C PRO P 73 -8.04 -55.02 5.18
N VAL P 74 -8.37 -53.76 5.37
CA VAL P 74 -8.12 -52.77 4.34
C VAL P 74 -7.27 -51.67 4.97
N PRO P 75 -6.21 -51.20 4.31
CA PRO P 75 -5.30 -50.24 4.95
C PRO P 75 -5.95 -48.87 5.15
N LYS P 76 -5.99 -48.46 6.42
CA LYS P 76 -6.50 -47.17 6.88
C LYS P 76 -7.99 -46.99 6.61
N GLY P 77 -8.71 -48.10 6.51
CA GLY P 77 -10.14 -48.06 6.33
C GLY P 77 -10.60 -47.58 4.98
N ALA P 78 -9.71 -47.52 4.00
CA ALA P 78 -10.06 -46.98 2.69
C ALA P 78 -10.33 -48.14 1.73
N THR P 79 -11.51 -48.71 1.84
CA THR P 79 -12.08 -49.42 0.72
C THR P 79 -12.37 -48.39 -0.36
N TYR P 80 -12.33 -48.80 -1.61
CA TYR P 80 -12.48 -47.83 -2.68
C TYR P 80 -13.81 -48.00 -3.38
N GLY P 81 -14.52 -46.90 -3.53
CA GLY P 81 -15.68 -46.87 -4.38
C GLY P 81 -16.96 -47.28 -3.70
N LYS P 82 -18.03 -46.58 -4.02
CA LYS P 82 -19.41 -46.95 -3.72
C LYS P 82 -19.72 -47.18 -2.24
N PRO P 83 -20.15 -46.13 -1.54
CA PRO P 83 -20.39 -46.18 -0.09
C PRO P 83 -21.20 -47.31 0.51
N VAL P 84 -21.85 -48.17 -0.27
CA VAL P 84 -22.37 -49.39 0.31
C VAL P 84 -21.23 -50.33 0.68
N HIS P 85 -20.07 -50.19 0.08
CA HIS P 85 -18.94 -51.03 0.42
C HIS P 85 -17.93 -50.34 1.29
N HIS P 86 -18.25 -49.18 1.83
CA HIS P 86 -17.38 -48.46 2.75
C HIS P 86 -17.31 -49.08 4.13
N GLY P 87 -17.92 -50.23 4.38
CA GLY P 87 -17.96 -50.77 5.73
C GLY P 87 -16.67 -51.43 6.13
N VAL P 88 -16.15 -51.01 7.27
CA VAL P 88 -14.97 -51.63 7.87
C VAL P 88 -15.31 -52.31 9.18
N ASN P 89 -15.98 -51.59 10.08
CA ASN P 89 -16.03 -52.04 11.46
C ASN P 89 -17.10 -53.09 11.72
N GLN P 90 -18.36 -52.78 11.47
CA GLN P 90 -19.41 -53.62 12.07
C GLN P 90 -19.74 -54.85 11.24
N LEU P 91 -18.75 -55.48 10.65
CA LEU P 91 -18.97 -56.56 9.71
C LEU P 91 -18.82 -57.88 10.42
N LYS P 92 -19.42 -58.91 9.87
CA LYS P 92 -19.45 -60.21 10.53
C LYS P 92 -18.99 -61.28 9.58
N PHE P 93 -18.36 -62.30 10.12
CA PHE P 93 -17.89 -63.41 9.32
C PHE P 93 -19.01 -64.43 9.14
N ALA P 94 -18.98 -65.13 8.02
CA ALA P 94 -20.08 -65.99 7.64
C ALA P 94 -20.07 -67.32 8.38
N ARG P 95 -18.92 -67.88 8.69
CA ARG P 95 -18.86 -69.09 9.48
C ARG P 95 -18.78 -68.73 10.95
N SER P 96 -19.10 -69.69 11.81
CA SER P 96 -19.14 -69.36 13.22
C SER P 96 -17.79 -69.57 13.89
N LEU P 97 -17.66 -69.01 15.09
CA LEU P 97 -16.45 -69.13 15.89
C LEU P 97 -16.15 -70.57 16.27
N GLN P 98 -17.16 -71.40 16.37
CA GLN P 98 -16.91 -72.81 16.60
C GLN P 98 -16.31 -73.48 15.38
N SER P 99 -16.74 -73.06 14.20
CA SER P 99 -16.21 -73.63 12.97
C SER P 99 -14.77 -73.20 12.72
N VAL P 100 -14.42 -71.99 13.15
CA VAL P 100 -13.03 -71.52 13.06
C VAL P 100 -12.13 -72.33 13.97
N ALA P 101 -12.68 -72.80 15.10
CA ALA P 101 -11.93 -73.68 15.98
C ALA P 101 -11.64 -75.01 15.32
N GLU P 102 -12.62 -75.59 14.63
CA GLU P 102 -12.43 -76.91 14.05
C GLU P 102 -11.48 -76.87 12.88
N GLU P 103 -11.44 -75.75 12.17
CA GLU P 103 -10.47 -75.58 11.12
C GLU P 103 -9.05 -75.47 11.66
N ARG P 104 -8.84 -74.74 12.76
CA ARG P 104 -7.49 -74.55 13.27
C ARG P 104 -6.91 -75.81 13.87
N ALA P 105 -7.72 -76.68 14.42
CA ALA P 105 -7.21 -77.96 14.87
C ALA P 105 -6.95 -78.89 13.72
N GLY P 106 -7.68 -78.75 12.62
CA GLY P 106 -7.48 -79.63 11.50
C GLY P 106 -6.33 -79.24 10.63
N ARG P 107 -5.95 -77.97 10.64
CA ARG P 107 -4.81 -77.57 9.84
C ARG P 107 -3.52 -77.94 10.54
N HIS P 108 -3.52 -77.93 11.86
CA HIS P 108 -2.32 -78.28 12.60
C HIS P 108 -2.10 -79.78 12.58
N CYS P 109 -3.15 -80.53 12.90
CA CYS P 109 -3.07 -81.99 12.92
C CYS P 109 -3.60 -82.48 11.59
N GLY P 110 -2.76 -82.40 10.56
CA GLY P 110 -3.19 -82.75 9.23
C GLY P 110 -3.45 -84.22 9.05
N ALA P 111 -2.80 -85.06 9.84
CA ALA P 111 -2.93 -86.49 9.71
C ALA P 111 -4.14 -87.04 10.44
N LEU P 112 -4.91 -86.21 11.11
CA LEU P 112 -6.09 -86.64 11.83
C LEU P 112 -7.33 -86.21 11.07
N ARG P 113 -8.50 -86.62 11.56
CA ARG P 113 -9.77 -86.32 10.92
C ARG P 113 -10.68 -85.70 11.96
N VAL P 114 -11.21 -84.52 11.67
CA VAL P 114 -12.07 -83.81 12.61
C VAL P 114 -13.44 -84.45 12.64
N LEU P 115 -13.86 -84.92 13.81
CA LEU P 115 -15.18 -85.53 13.89
C LEU P 115 -16.25 -84.50 14.22
N ASN P 116 -16.11 -83.80 15.35
CA ASN P 116 -17.12 -82.87 15.83
C ASN P 116 -16.47 -82.02 16.91
N SER P 117 -17.24 -81.10 17.50
CA SER P 117 -16.69 -80.27 18.58
C SER P 117 -17.81 -79.66 19.41
N TYR P 118 -17.44 -79.15 20.58
CA TYR P 118 -18.38 -78.59 21.54
C TYR P 118 -17.73 -77.44 22.29
N TRP P 119 -18.45 -76.86 23.24
CA TRP P 119 -18.16 -75.60 23.89
C TRP P 119 -17.74 -75.87 25.32
N VAL P 120 -16.65 -75.26 25.77
CA VAL P 120 -16.26 -75.46 27.17
C VAL P 120 -16.04 -74.18 27.97
N GLY P 121 -16.57 -73.06 27.53
CA GLY P 121 -16.51 -71.90 28.39
C GLY P 121 -16.02 -70.67 27.66
N GLU P 122 -16.51 -69.46 27.97
CA GLU P 122 -15.96 -68.41 27.12
C GLU P 122 -14.85 -67.55 27.70
N ASP P 123 -15.15 -66.29 28.01
CA ASP P 123 -14.30 -65.19 28.48
C ASP P 123 -15.05 -63.95 28.01
N SER P 124 -14.51 -62.75 28.19
CA SER P 124 -14.89 -61.69 27.26
C SER P 124 -14.05 -61.69 25.99
N THR P 125 -12.86 -62.27 26.02
CA THR P 125 -11.93 -62.15 24.92
C THR P 125 -11.80 -63.43 24.12
N TYR P 126 -11.88 -64.57 24.76
CA TYR P 126 -11.63 -65.85 24.14
C TYR P 126 -12.87 -66.71 24.26
N LYS P 127 -12.82 -67.85 23.59
CA LYS P 127 -13.90 -68.81 23.60
C LYS P 127 -13.30 -70.16 23.28
N PHE P 128 -13.59 -71.15 24.10
CA PHE P 128 -12.82 -72.37 24.15
C PHE P 128 -13.66 -73.53 23.66
N PHE P 129 -13.08 -74.37 22.82
CA PHE P 129 -13.79 -75.48 22.23
C PHE P 129 -12.94 -76.71 22.33
N GLU P 130 -13.55 -77.86 22.54
CA GLU P 130 -12.83 -79.10 22.46
C GLU P 130 -13.22 -79.82 21.20
N VAL P 131 -12.23 -80.27 20.44
CA VAL P 131 -12.41 -80.79 19.10
C VAL P 131 -12.04 -82.27 19.12
N ILE P 132 -12.97 -83.10 18.69
CA ILE P 132 -12.78 -84.55 18.69
C ILE P 132 -12.11 -84.94 17.39
N LEU P 133 -10.92 -85.49 17.47
CA LEU P 133 -10.18 -85.91 16.30
C LEU P 133 -10.13 -87.43 16.26
N ILE P 134 -9.86 -87.97 15.09
CA ILE P 134 -9.76 -89.41 14.90
C ILE P 134 -8.53 -89.69 14.06
N ASP P 135 -7.65 -90.54 14.56
CA ASP P 135 -6.58 -91.03 13.69
C ASP P 135 -7.10 -92.09 12.75
N PRO P 136 -7.09 -91.84 11.43
CA PRO P 136 -7.69 -92.80 10.51
C PRO P 136 -6.83 -94.00 10.20
N PHE P 137 -5.63 -94.10 10.74
CA PHE P 137 -4.78 -95.23 10.43
C PHE P 137 -4.47 -96.10 11.63
N HIS P 138 -5.21 -95.95 12.73
CA HIS P 138 -5.04 -96.86 13.83
C HIS P 138 -6.00 -98.02 13.63
N LYS P 139 -5.54 -99.22 13.91
CA LYS P 139 -6.30 -100.42 13.61
C LYS P 139 -7.40 -100.71 14.61
N ALA P 140 -7.56 -99.88 15.64
CA ALA P 140 -8.80 -99.87 16.39
C ALA P 140 -9.90 -99.12 15.68
N ILE P 141 -9.59 -98.53 14.53
CA ILE P 141 -10.52 -97.71 13.78
C ILE P 141 -10.71 -98.25 12.36
N ARG P 142 -9.65 -98.75 11.75
CA ARG P 142 -9.80 -99.42 10.48
C ARG P 142 -10.42 -100.80 10.61
N ARG P 143 -10.39 -101.41 11.78
CA ARG P 143 -11.00 -102.73 11.93
C ARG P 143 -12.33 -102.67 12.63
N ASN P 144 -13.00 -101.54 12.58
CA ASN P 144 -14.32 -101.38 13.18
C ASN P 144 -15.25 -100.87 12.11
N PRO P 145 -16.19 -101.66 11.63
CA PRO P 145 -17.22 -101.10 10.75
C PRO P 145 -18.12 -100.25 11.60
N ASP P 146 -18.69 -99.22 10.96
CA ASP P 146 -19.50 -98.08 11.39
C ASP P 146 -18.67 -96.96 11.97
N THR P 147 -17.37 -97.14 12.08
CA THR P 147 -16.50 -95.97 12.19
C THR P 147 -15.40 -95.98 11.15
N GLN P 148 -15.32 -97.00 10.31
CA GLN P 148 -14.30 -96.99 9.27
C GLN P 148 -14.71 -96.19 8.05
N TRP P 149 -15.86 -95.52 8.09
CA TRP P 149 -16.25 -94.63 7.01
C TRP P 149 -15.37 -93.40 6.95
N ILE P 150 -14.82 -92.97 8.08
CA ILE P 150 -14.00 -91.77 8.10
C ILE P 150 -12.59 -92.02 7.60
N THR P 151 -12.25 -93.28 7.34
CA THR P 151 -10.97 -93.59 6.74
C THR P 151 -11.00 -93.50 5.23
N LYS P 152 -12.14 -93.20 4.65
CA LYS P 152 -12.22 -93.06 3.21
C LYS P 152 -11.57 -91.75 2.79
N PRO P 153 -11.01 -91.67 1.60
CA PRO P 153 -10.31 -90.44 1.19
C PRO P 153 -11.21 -89.25 0.99
N VAL P 154 -12.52 -89.45 0.86
CA VAL P 154 -13.44 -88.36 0.63
C VAL P 154 -13.72 -87.59 1.90
N HIS P 155 -13.23 -88.04 3.04
CA HIS P 155 -13.44 -87.35 4.30
C HIS P 155 -12.19 -86.65 4.81
N LYS P 156 -11.24 -86.36 3.94
CA LYS P 156 -10.07 -85.60 4.36
C LYS P 156 -10.44 -84.14 4.49
N HIS P 157 -10.05 -83.56 5.62
CA HIS P 157 -10.20 -82.14 5.92
C HIS P 157 -11.63 -81.68 5.77
N ARG P 158 -12.55 -82.50 6.27
CA ARG P 158 -13.96 -82.22 6.16
C ARG P 158 -14.42 -81.01 6.93
N GLU P 159 -13.57 -80.43 7.76
CA GLU P 159 -13.87 -79.14 8.37
C GLU P 159 -13.56 -77.98 7.44
N MET P 160 -12.85 -78.21 6.34
CA MET P 160 -12.50 -77.13 5.44
C MET P 160 -13.39 -77.09 4.22
N ARG P 161 -14.00 -78.21 3.88
CA ARG P 161 -15.08 -78.19 2.93
C ARG P 161 -16.40 -77.85 3.59
N GLY P 162 -16.40 -77.65 4.90
CA GLY P 162 -17.54 -77.16 5.63
C GLY P 162 -18.60 -78.19 5.86
N LEU P 163 -18.27 -79.36 6.37
CA LEU P 163 -19.32 -80.35 6.53
C LEU P 163 -19.23 -81.18 7.80
N THR P 164 -18.56 -80.70 8.84
CA THR P 164 -18.84 -81.17 10.19
C THR P 164 -20.08 -80.45 10.68
N SER P 165 -20.56 -80.79 11.88
CA SER P 165 -21.80 -80.21 12.39
C SER P 165 -21.71 -78.72 12.63
N ALA P 166 -20.53 -78.21 12.95
CA ALA P 166 -20.41 -76.78 13.24
C ALA P 166 -20.38 -75.97 11.97
N GLY P 167 -19.66 -76.44 10.96
CA GLY P 167 -19.55 -75.68 9.72
C GLY P 167 -20.70 -75.91 8.79
N ARG P 168 -21.51 -76.93 9.04
CA ARG P 168 -22.65 -77.21 8.21
C ARG P 168 -23.74 -76.19 8.42
N LYS P 169 -23.82 -75.65 9.63
CA LYS P 169 -24.93 -74.77 9.96
C LYS P 169 -24.83 -73.42 9.26
N SER P 170 -23.65 -73.00 8.86
CA SER P 170 -23.51 -71.74 8.15
C SER P 170 -23.89 -71.82 6.69
N ARG P 171 -24.19 -73.00 6.17
CA ARG P 171 -24.39 -73.16 4.74
C ARG P 171 -25.83 -72.98 4.32
N GLY P 172 -26.76 -73.03 5.25
CA GLY P 172 -28.15 -72.83 4.92
C GLY P 172 -28.82 -74.06 4.38
N LEU P 173 -28.34 -75.24 4.77
CA LEU P 173 -28.98 -76.46 4.38
C LEU P 173 -30.16 -76.75 5.30
N GLY P 174 -31.08 -77.54 4.79
CA GLY P 174 -32.31 -77.80 5.48
C GLY P 174 -33.40 -78.03 4.47
N LYS P 175 -34.53 -78.47 4.97
CA LYS P 175 -35.65 -78.78 4.12
C LYS P 175 -36.73 -77.75 4.32
N GLY P 176 -37.41 -77.42 3.24
CA GLY P 176 -38.59 -76.61 3.37
C GLY P 176 -38.59 -75.28 2.70
N HIS P 177 -39.47 -74.40 3.12
CA HIS P 177 -39.58 -73.12 2.46
C HIS P 177 -38.55 -72.13 2.96
N LYS P 178 -37.98 -72.37 4.11
CA LYS P 178 -36.98 -71.45 4.62
C LYS P 178 -35.63 -71.64 3.97
N PHE P 179 -35.46 -72.64 3.12
CA PHE P 179 -34.14 -73.00 2.61
C PHE P 179 -34.15 -73.17 1.13
N HIS P 180 -34.77 -72.24 0.43
CA HIS P 180 -34.77 -72.29 -1.01
C HIS P 180 -33.46 -71.83 -1.62
N HIS P 181 -32.55 -71.27 -0.84
CA HIS P 181 -31.31 -70.81 -1.42
C HIS P 181 -30.42 -71.97 -1.79
N THR P 182 -30.55 -73.09 -1.10
CA THR P 182 -29.59 -74.17 -1.28
C THR P 182 -30.26 -75.41 -1.80
N ILE P 183 -31.11 -75.28 -2.80
CA ILE P 183 -32.03 -76.35 -3.13
C ILE P 183 -31.42 -77.24 -4.20
N GLY P 184 -30.13 -77.05 -4.47
CA GLY P 184 -29.38 -77.99 -5.25
C GLY P 184 -28.33 -78.72 -4.45
N GLY P 185 -28.08 -78.26 -3.23
CA GLY P 185 -27.09 -78.89 -2.39
C GLY P 185 -26.09 -77.93 -1.81
N SER P 186 -26.07 -76.70 -2.31
CA SER P 186 -25.31 -75.60 -1.76
C SER P 186 -25.85 -74.33 -2.38
N ARG P 187 -25.37 -73.17 -1.93
CA ARG P 187 -25.79 -71.92 -2.53
C ARG P 187 -25.23 -71.78 -3.94
N ARG P 188 -24.02 -72.27 -4.18
CA ARG P 188 -23.45 -72.12 -5.50
C ARG P 188 -24.05 -73.12 -6.47
N ALA P 189 -24.49 -74.28 -5.99
CA ALA P 189 -25.12 -75.25 -6.87
C ALA P 189 -26.49 -74.79 -7.31
N ALA P 190 -27.22 -74.13 -6.43
CA ALA P 190 -28.52 -73.62 -6.81
C ALA P 190 -28.38 -72.47 -7.77
N TRP P 191 -27.50 -71.52 -7.45
CA TRP P 191 -27.27 -70.35 -8.28
C TRP P 191 -26.80 -70.74 -9.67
N ARG P 192 -25.97 -71.79 -9.78
CA ARG P 192 -25.47 -72.19 -11.09
C ARG P 192 -26.59 -72.72 -11.96
N ARG P 193 -27.54 -73.43 -11.37
CA ARG P 193 -28.59 -74.06 -12.14
C ARG P 193 -29.62 -73.05 -12.62
N ARG P 194 -30.00 -72.13 -11.77
CA ARG P 194 -30.95 -71.11 -12.16
C ARG P 194 -30.30 -69.91 -12.81
N ASN P 195 -29.08 -70.05 -13.27
CA ASN P 195 -28.47 -69.03 -14.09
C ASN P 195 -27.76 -69.59 -15.31
N THR P 196 -27.77 -70.90 -15.52
CA THR P 196 -27.46 -71.41 -16.85
C THR P 196 -28.65 -71.19 -17.75
N LEU P 197 -28.37 -71.09 -19.03
CA LEU P 197 -29.41 -70.99 -20.03
C LEU P 197 -29.47 -72.32 -20.75
N GLN P 198 -30.58 -73.03 -20.60
CA GLN P 198 -30.74 -74.32 -21.27
C GLN P 198 -31.07 -74.06 -22.72
N LEU P 199 -30.15 -74.32 -23.62
CA LEU P 199 -30.44 -74.24 -25.05
C LEU P 199 -30.52 -75.65 -25.58
N HIS P 200 -31.74 -76.15 -25.71
CA HIS P 200 -32.01 -77.49 -26.18
C HIS P 200 -31.63 -77.62 -27.65
N ARG P 201 -31.72 -78.83 -28.18
CA ARG P 201 -31.43 -78.92 -29.60
C ARG P 201 -32.56 -78.33 -30.42
N TYR P 202 -33.77 -78.71 -30.12
CA TYR P 202 -34.92 -78.18 -30.85
C TYR P 202 -35.49 -77.06 -30.03
N ARG P 203 -34.85 -75.89 -30.08
CA ARG P 203 -35.40 -74.67 -29.54
C ARG P 203 -36.76 -74.37 -30.13
N GLU Q 1 -8.67 -22.22 -105.87
CA GLU Q 1 -8.10 -20.99 -105.37
C GLU Q 1 -6.93 -21.30 -104.45
N VAL Q 2 -5.72 -21.22 -104.99
CA VAL Q 2 -4.50 -21.58 -104.28
C VAL Q 2 -3.56 -20.40 -104.09
N GLN Q 3 -3.85 -19.27 -104.70
CA GLN Q 3 -3.00 -18.11 -104.58
C GLN Q 3 -3.19 -17.46 -103.22
N VAL Q 4 -2.32 -16.52 -102.92
CA VAL Q 4 -2.45 -15.79 -101.68
C VAL Q 4 -3.28 -14.54 -101.91
N LEU Q 5 -3.75 -13.96 -100.82
CA LEU Q 5 -4.57 -12.76 -100.85
C LEU Q 5 -3.74 -11.59 -100.36
N VAL Q 6 -3.49 -10.62 -101.22
CA VAL Q 6 -2.63 -9.50 -100.85
C VAL Q 6 -3.49 -8.28 -100.60
N LEU Q 7 -3.52 -7.82 -99.36
CA LEU Q 7 -4.34 -6.69 -98.96
C LEU Q 7 -3.45 -5.51 -98.69
N ASP Q 8 -3.77 -4.37 -99.30
CA ASP Q 8 -3.11 -3.14 -98.94
C ASP Q 8 -3.61 -2.70 -97.58
N GLY Q 9 -2.71 -2.31 -96.71
CA GLY Q 9 -3.17 -1.90 -95.40
C GLY Q 9 -3.65 -0.48 -95.30
N ARG Q 10 -3.36 0.36 -96.29
CA ARG Q 10 -3.55 1.79 -96.13
C ARG Q 10 -5.03 2.14 -96.18
N GLY Q 11 -5.46 3.01 -95.28
CA GLY Q 11 -6.81 3.48 -95.28
C GLY Q 11 -7.77 2.59 -94.53
N HIS Q 12 -7.32 1.45 -94.07
CA HIS Q 12 -8.19 0.52 -93.39
C HIS Q 12 -8.14 0.73 -91.90
N LEU Q 13 -9.29 0.60 -91.26
CA LEU Q 13 -9.34 0.64 -89.82
C LEU Q 13 -8.82 -0.68 -89.26
N LEU Q 14 -8.20 -0.61 -88.09
CA LEU Q 14 -7.39 -1.70 -87.56
C LEU Q 14 -8.23 -2.92 -87.21
N GLY Q 15 -9.23 -2.73 -86.40
CA GLY Q 15 -10.04 -3.86 -86.00
C GLY Q 15 -11.14 -4.26 -86.94
N ARG Q 16 -11.48 -3.42 -87.91
CA ARG Q 16 -12.38 -3.86 -88.94
C ARG Q 16 -11.67 -4.73 -89.95
N LEU Q 17 -10.43 -4.39 -90.29
CA LEU Q 17 -9.66 -5.24 -91.16
C LEU Q 17 -9.27 -6.54 -90.49
N ALA Q 18 -9.13 -6.54 -89.17
CA ALA Q 18 -8.63 -7.71 -88.48
C ALA Q 18 -9.68 -8.81 -88.40
N ALA Q 19 -10.95 -8.45 -88.23
CA ALA Q 19 -11.99 -9.47 -88.24
C ALA Q 19 -12.19 -10.02 -89.64
N ILE Q 20 -11.92 -9.22 -90.66
CA ILE Q 20 -11.98 -9.75 -92.01
C ILE Q 20 -10.86 -10.74 -92.24
N VAL Q 21 -9.66 -10.43 -91.76
CA VAL Q 21 -8.52 -11.30 -92.00
C VAL Q 21 -8.65 -12.58 -91.19
N ALA Q 22 -9.07 -12.47 -89.95
CA ALA Q 22 -9.08 -13.61 -89.05
C ALA Q 22 -10.11 -14.65 -89.45
N LYS Q 23 -11.16 -14.25 -90.14
CA LYS Q 23 -12.10 -15.25 -90.60
C LYS Q 23 -11.59 -15.93 -91.86
N GLN Q 24 -10.77 -15.24 -92.67
CA GLN Q 24 -10.25 -15.86 -93.88
C GLN Q 24 -9.18 -16.87 -93.56
N VAL Q 25 -8.35 -16.56 -92.60
CA VAL Q 25 -7.22 -17.40 -92.22
C VAL Q 25 -7.71 -18.70 -91.63
N LEU Q 26 -8.84 -18.66 -90.92
CA LEU Q 26 -9.45 -19.88 -90.43
C LEU Q 26 -10.15 -20.68 -91.50
N LEU Q 27 -10.27 -20.18 -92.71
CA LEU Q 27 -10.92 -20.90 -93.79
C LEU Q 27 -9.93 -21.30 -94.87
N GLY Q 28 -8.72 -21.67 -94.48
CA GLY Q 28 -7.66 -21.78 -95.45
C GLY Q 28 -7.13 -20.40 -95.72
N ARG Q 29 -6.91 -20.05 -96.99
CA ARG Q 29 -6.67 -18.69 -97.44
C ARG Q 29 -5.48 -18.01 -96.77
N LYS Q 30 -4.29 -18.40 -97.23
CA LYS Q 30 -3.10 -17.58 -97.12
C LYS Q 30 -3.41 -16.12 -97.43
N VAL Q 31 -2.99 -15.20 -96.55
CA VAL Q 31 -3.21 -13.78 -96.79
C VAL Q 31 -2.00 -12.98 -96.32
N VAL Q 32 -1.61 -12.01 -97.13
CA VAL Q 32 -0.52 -11.11 -96.83
C VAL Q 32 -1.08 -9.71 -96.72
N VAL Q 33 -0.76 -9.02 -95.62
CA VAL Q 33 -1.13 -7.63 -95.43
C VAL Q 33 0.14 -6.81 -95.54
N VAL Q 34 0.20 -5.92 -96.50
CA VAL Q 34 1.36 -5.07 -96.69
C VAL Q 34 0.97 -3.65 -96.35
N ARG Q 35 1.99 -2.83 -96.11
CA ARG Q 35 1.88 -1.41 -95.79
C ARG Q 35 1.03 -1.21 -94.54
N CYS Q 36 1.57 -1.63 -93.40
CA CYS Q 36 0.82 -1.49 -92.17
C CYS Q 36 1.04 -0.16 -91.47
N GLU Q 37 1.83 0.74 -92.03
CA GLU Q 37 1.91 2.06 -91.46
C GLU Q 37 0.71 2.89 -91.84
N GLY Q 38 0.05 2.54 -92.92
CA GLY Q 38 -1.11 3.25 -93.40
C GLY Q 38 -2.38 2.89 -92.71
N ILE Q 39 -2.34 1.96 -91.78
CA ILE Q 39 -3.55 1.51 -91.11
C ILE Q 39 -4.01 2.60 -90.15
N ASN Q 40 -5.28 2.90 -90.16
CA ASN Q 40 -5.83 3.95 -89.34
C ASN Q 40 -6.49 3.38 -88.11
N ILE Q 41 -6.61 4.21 -87.08
CA ILE Q 41 -7.36 3.89 -85.88
C ILE Q 41 -8.25 5.09 -85.60
N SER Q 42 -9.54 4.85 -85.38
CA SER Q 42 -10.42 5.97 -85.13
C SER Q 42 -10.29 6.46 -83.70
N GLY Q 43 -10.77 7.68 -83.47
CA GLY Q 43 -10.52 8.43 -82.25
C GLY Q 43 -9.29 9.27 -82.44
N ASN Q 44 -9.15 10.40 -81.77
CA ASN Q 44 -8.00 11.25 -82.02
C ASN Q 44 -6.73 10.61 -81.51
N PHE Q 45 -5.59 11.18 -81.95
CA PHE Q 45 -4.31 10.52 -81.81
C PHE Q 45 -3.92 10.30 -80.36
N TYR Q 46 -4.07 11.33 -79.55
CA TYR Q 46 -3.63 11.27 -78.16
C TYR Q 46 -4.40 10.23 -77.39
N ARG Q 47 -5.66 10.03 -77.72
CA ARG Q 47 -6.48 9.01 -77.08
C ARG Q 47 -5.96 7.62 -77.37
N ASN Q 48 -5.61 7.37 -78.62
CA ASN Q 48 -5.12 6.05 -78.98
C ASN Q 48 -3.71 5.81 -78.53
N LYS Q 49 -2.93 6.87 -78.34
CA LYS Q 49 -1.60 6.71 -77.82
C LYS Q 49 -1.65 6.28 -76.36
N LEU Q 50 -2.57 6.87 -75.61
CA LEU Q 50 -2.73 6.51 -74.21
C LEU Q 50 -3.15 5.06 -74.05
N LYS Q 51 -3.94 4.52 -74.98
CA LYS Q 51 -4.29 3.11 -74.87
C LYS Q 51 -3.11 2.22 -75.18
N TYR Q 52 -2.16 2.68 -75.98
CA TYR Q 52 -0.99 1.85 -76.11
C TYR Q 52 -0.05 2.01 -74.93
N LEU Q 53 0.08 3.21 -74.39
CA LEU Q 53 0.93 3.40 -73.22
C LEU Q 53 0.36 2.72 -72.00
N ALA Q 54 -0.97 2.57 -71.94
CA ALA Q 54 -1.56 1.81 -70.86
C ALA Q 54 -1.29 0.34 -71.04
N PHE Q 55 -1.15 -0.12 -72.28
CA PHE Q 55 -0.73 -1.49 -72.54
C PHE Q 55 0.72 -1.70 -72.18
N LEU Q 56 1.59 -0.72 -72.44
CA LEU Q 56 3.01 -0.82 -72.12
C LEU Q 56 3.30 -0.92 -70.63
N ARG Q 57 2.32 -0.65 -69.78
CA ARG Q 57 2.54 -0.78 -68.35
C ARG Q 57 2.18 -2.15 -67.82
N LYS Q 58 1.43 -2.96 -68.56
CA LYS Q 58 1.12 -4.30 -68.09
C LYS Q 58 2.32 -5.17 -68.34
N ARG Q 59 3.06 -5.42 -67.28
CA ARG Q 59 4.20 -6.31 -67.35
C ARG Q 59 4.24 -7.08 -66.05
N MET Q 60 4.64 -8.33 -66.15
CA MET Q 60 4.73 -9.18 -64.97
C MET Q 60 5.83 -8.65 -64.06
N ASN Q 61 5.47 -8.13 -62.88
CA ASN Q 61 6.48 -7.35 -62.15
C ASN Q 61 7.51 -8.20 -61.45
N THR Q 62 7.21 -9.47 -61.23
CA THR Q 62 8.21 -10.39 -60.73
C THR Q 62 9.32 -10.61 -61.75
N ASN Q 63 8.97 -10.74 -63.02
CA ASN Q 63 9.96 -11.00 -64.06
C ASN Q 63 9.38 -10.53 -65.38
N PRO Q 64 9.61 -9.28 -65.76
CA PRO Q 64 9.01 -8.76 -66.99
C PRO Q 64 9.58 -9.33 -68.25
N SER Q 65 10.64 -10.11 -68.19
CA SER Q 65 11.08 -10.82 -69.37
C SER Q 65 10.17 -11.97 -69.74
N ARG Q 66 9.25 -12.35 -68.87
CA ARG Q 66 8.24 -13.34 -69.16
C ARG Q 66 6.93 -12.70 -69.58
N GLY Q 67 6.83 -11.37 -69.49
CA GLY Q 67 5.57 -10.69 -69.40
C GLY Q 67 4.88 -10.57 -70.72
N PRO Q 68 3.92 -9.68 -70.81
CA PRO Q 68 3.38 -9.33 -72.11
C PRO Q 68 4.46 -8.72 -72.98
N TYR Q 69 4.58 -9.24 -74.18
CA TYR Q 69 5.57 -8.80 -75.13
C TYR Q 69 4.97 -7.65 -75.93
N HIS Q 70 5.49 -6.46 -75.73
CA HIS Q 70 4.89 -5.26 -76.31
C HIS Q 70 5.57 -4.98 -77.64
N PHE Q 71 5.02 -5.54 -78.69
CA PHE Q 71 5.60 -5.34 -80.01
C PHE Q 71 5.27 -3.96 -80.53
N ARG Q 72 6.25 -3.35 -81.18
CA ARG Q 72 6.18 -1.93 -81.46
C ARG Q 72 6.22 -1.57 -82.94
N ALA Q 73 6.46 -2.50 -83.80
CA ALA Q 73 6.30 -2.22 -85.21
C ALA Q 73 4.82 -2.22 -85.58
N PRO Q 74 4.42 -1.44 -86.58
CA PRO Q 74 3.02 -1.47 -86.99
C PRO Q 74 2.58 -2.80 -87.55
N SER Q 75 3.48 -3.57 -88.15
CA SER Q 75 3.12 -4.89 -88.63
C SER Q 75 2.91 -5.86 -87.48
N ARG Q 76 3.61 -5.69 -86.38
CA ARG Q 76 3.44 -6.61 -85.27
C ARG Q 76 2.44 -6.10 -84.24
N ILE Q 77 1.98 -4.86 -84.37
CA ILE Q 77 0.80 -4.47 -83.63
C ILE Q 77 -0.43 -5.03 -84.30
N PHE Q 78 -0.45 -5.01 -85.63
CA PHE Q 78 -1.58 -5.58 -86.36
C PHE Q 78 -1.64 -7.08 -86.20
N TRP Q 79 -0.48 -7.71 -86.08
CA TRP Q 79 -0.42 -9.15 -85.92
C TRP Q 79 -0.99 -9.60 -84.58
N ARG Q 80 -0.95 -8.76 -83.55
CA ARG Q 80 -1.56 -9.17 -82.30
C ARG Q 80 -3.06 -8.91 -82.23
N THR Q 81 -3.59 -7.96 -83.00
CA THR Q 81 -5.03 -7.79 -83.02
C THR Q 81 -5.70 -8.95 -83.71
N VAL Q 82 -5.12 -9.45 -84.80
CA VAL Q 82 -5.70 -10.59 -85.47
C VAL Q 82 -5.43 -11.85 -84.68
N ARG Q 83 -4.44 -11.84 -83.81
CA ARG Q 83 -4.23 -13.00 -82.96
C ARG Q 83 -5.26 -13.04 -81.87
N GLY Q 84 -5.66 -11.89 -81.37
CA GLY Q 84 -6.73 -11.81 -80.39
C GLY Q 84 -8.08 -12.21 -80.93
N MET Q 85 -8.24 -12.24 -82.24
CA MET Q 85 -9.44 -12.74 -82.88
C MET Q 85 -9.30 -14.17 -83.34
N LEU Q 86 -8.27 -14.87 -82.91
CA LEU Q 86 -8.02 -16.23 -83.30
C LEU Q 86 -7.99 -17.13 -82.09
N PRO Q 87 -8.33 -18.39 -82.24
CA PRO Q 87 -8.23 -19.30 -81.08
C PRO Q 87 -6.82 -19.85 -80.95
N HIS Q 88 -5.89 -19.00 -80.56
CA HIS Q 88 -4.49 -19.29 -80.80
C HIS Q 88 -3.87 -20.23 -79.79
N LYS Q 89 -4.61 -20.66 -78.77
CA LYS Q 89 -4.11 -21.69 -77.88
C LYS Q 89 -4.36 -23.10 -78.40
N THR Q 90 -5.08 -23.26 -79.49
CA THR Q 90 -5.30 -24.57 -80.07
C THR Q 90 -4.40 -24.74 -81.27
N LYS Q 91 -4.28 -25.98 -81.73
CA LYS Q 91 -3.51 -26.25 -82.93
C LYS Q 91 -4.14 -25.65 -84.16
N ARG Q 92 -5.45 -25.48 -84.18
CA ARG Q 92 -6.13 -24.92 -85.34
C ARG Q 92 -5.83 -23.44 -85.50
N GLY Q 93 -5.79 -22.70 -84.39
CA GLY Q 93 -5.47 -21.29 -84.47
C GLY Q 93 -4.01 -21.00 -84.61
N GLN Q 94 -3.15 -21.89 -84.14
CA GLN Q 94 -1.73 -21.74 -84.43
C GLN Q 94 -1.42 -22.05 -85.87
N ALA Q 95 -2.10 -23.02 -86.44
CA ALA Q 95 -2.02 -23.26 -87.86
C ALA Q 95 -2.74 -22.21 -88.66
N ALA Q 96 -3.61 -21.43 -88.04
CA ALA Q 96 -4.14 -20.27 -88.73
C ALA Q 96 -3.09 -19.21 -88.84
N LEU Q 97 -2.56 -18.78 -87.70
CA LEU Q 97 -1.73 -17.60 -87.55
C LEU Q 97 -0.43 -17.67 -88.33
N ASP Q 98 -0.03 -18.82 -88.87
CA ASP Q 98 1.06 -18.84 -89.83
C ASP Q 98 0.60 -18.93 -91.26
N ARG Q 99 -0.69 -18.77 -91.53
CA ARG Q 99 -1.13 -18.42 -92.86
C ARG Q 99 -1.16 -16.91 -93.06
N LEU Q 100 -0.73 -16.17 -92.08
CA LEU Q 100 -0.78 -14.71 -92.11
C LEU Q 100 0.62 -14.15 -92.09
N LYS Q 101 0.98 -13.38 -93.11
CA LYS Q 101 2.24 -12.69 -93.19
C LYS Q 101 1.95 -11.21 -93.20
N VAL Q 102 2.61 -10.45 -92.34
CA VAL Q 102 2.35 -9.03 -92.18
C VAL Q 102 3.65 -8.29 -92.49
N PHE Q 103 3.55 -7.13 -93.14
CA PHE Q 103 4.74 -6.40 -93.58
C PHE Q 103 4.58 -4.90 -93.41
N ASP Q 104 5.69 -4.25 -93.11
CA ASP Q 104 5.79 -2.80 -93.08
C ASP Q 104 6.39 -2.33 -94.39
N GLY Q 105 5.67 -1.48 -95.10
CA GLY Q 105 6.12 -1.22 -96.44
C GLY Q 105 5.66 -2.37 -97.30
N ILE Q 106 6.26 -2.49 -98.48
CA ILE Q 106 5.89 -3.56 -99.40
C ILE Q 106 7.16 -4.25 -99.89
N PRO Q 107 7.49 -5.42 -99.36
CA PRO Q 107 8.74 -6.10 -99.71
C PRO Q 107 8.75 -6.62 -101.12
N PRO Q 108 9.92 -6.97 -101.66
CA PRO Q 108 10.03 -7.31 -103.08
C PRO Q 108 9.43 -8.64 -103.53
N PRO Q 109 8.83 -9.50 -102.70
CA PRO Q 109 7.92 -10.47 -103.31
C PRO Q 109 6.59 -9.90 -103.72
N TYR Q 110 6.12 -8.83 -103.10
CA TYR Q 110 4.75 -8.39 -103.23
C TYR Q 110 4.60 -7.02 -103.83
N ASP Q 111 5.69 -6.36 -104.19
CA ASP Q 111 5.58 -5.05 -104.79
C ASP Q 111 5.16 -5.11 -106.24
N LYS Q 112 5.27 -6.26 -106.89
CA LYS Q 112 4.88 -6.40 -108.27
C LYS Q 112 3.64 -7.27 -108.40
N LYS Q 113 2.75 -7.17 -107.43
CA LYS Q 113 1.46 -7.84 -107.45
C LYS Q 113 0.40 -6.84 -107.03
N LYS Q 114 -0.78 -7.00 -107.59
CA LYS Q 114 -1.82 -6.01 -107.38
C LYS Q 114 -2.53 -6.28 -106.07
N ARG Q 115 -2.73 -5.22 -105.29
CA ARG Q 115 -3.28 -5.32 -103.96
C ARG Q 115 -4.79 -5.25 -103.96
N MET Q 116 -5.39 -5.88 -102.97
CA MET Q 116 -6.83 -5.84 -102.80
C MET Q 116 -7.18 -4.84 -101.71
N VAL Q 117 -8.45 -4.48 -101.67
CA VAL Q 117 -9.00 -3.51 -100.73
C VAL Q 117 -10.29 -4.09 -100.19
N VAL Q 118 -10.47 -4.02 -98.88
CA VAL Q 118 -11.72 -4.46 -98.25
C VAL Q 118 -12.57 -3.24 -97.98
N PRO Q 119 -13.65 -2.99 -98.72
CA PRO Q 119 -14.42 -1.77 -98.48
C PRO Q 119 -15.17 -1.75 -97.17
N ALA Q 120 -15.43 -2.88 -96.52
CA ALA Q 120 -16.13 -2.83 -95.25
C ALA Q 120 -15.22 -2.48 -94.10
N ALA Q 121 -13.98 -2.15 -94.36
CA ALA Q 121 -13.01 -1.81 -93.34
C ALA Q 121 -12.31 -0.49 -93.63
N LEU Q 122 -12.82 0.32 -94.54
CA LEU Q 122 -12.15 1.53 -94.95
C LEU Q 122 -12.57 2.72 -94.12
N LYS Q 123 -11.67 3.69 -94.02
CA LYS Q 123 -11.96 4.89 -93.25
C LYS Q 123 -12.97 5.77 -93.97
N VAL Q 124 -12.90 5.81 -95.29
CA VAL Q 124 -13.82 6.65 -96.03
C VAL Q 124 -15.21 6.04 -96.08
N VAL Q 125 -15.35 4.76 -95.77
CA VAL Q 125 -16.64 4.11 -95.70
C VAL Q 125 -17.17 4.06 -94.28
N ARG Q 126 -16.32 3.81 -93.29
CA ARG Q 126 -16.82 3.50 -91.97
C ARG Q 126 -16.79 4.64 -90.98
N LEU Q 127 -16.19 5.78 -91.28
CA LEU Q 127 -16.23 6.88 -90.35
C LEU Q 127 -16.96 8.06 -90.95
N LYS Q 128 -17.62 8.84 -90.11
CA LYS Q 128 -18.07 10.14 -90.54
C LYS Q 128 -16.86 11.03 -90.76
N PRO Q 129 -16.88 11.89 -91.77
CA PRO Q 129 -15.67 12.64 -92.10
C PRO Q 129 -15.28 13.67 -91.07
N THR Q 130 -16.20 14.05 -90.18
CA THR Q 130 -15.84 14.91 -89.08
C THR Q 130 -15.54 14.14 -87.80
N ARG Q 131 -14.78 13.07 -87.92
CA ARG Q 131 -14.34 12.31 -86.77
C ARG Q 131 -12.85 12.19 -86.85
N LYS Q 132 -12.19 12.26 -85.71
CA LYS Q 132 -10.75 12.24 -85.70
C LYS Q 132 -10.25 10.81 -85.70
N PHE Q 133 -9.09 10.61 -86.30
CA PHE Q 133 -8.51 9.29 -86.42
C PHE Q 133 -7.02 9.42 -86.23
N ALA Q 134 -6.33 8.30 -86.26
CA ALA Q 134 -4.90 8.27 -86.03
C ALA Q 134 -4.26 7.36 -87.06
N TYR Q 135 -2.95 7.32 -87.08
CA TYR Q 135 -2.19 6.49 -87.99
C TYR Q 135 -1.39 5.49 -87.18
N LEU Q 136 -1.32 4.26 -87.67
CA LEU Q 136 -0.58 3.26 -86.93
C LEU Q 136 0.91 3.47 -87.07
N GLY Q 137 1.33 4.10 -88.16
CA GLY Q 137 2.74 4.37 -88.36
C GLY Q 137 3.24 5.47 -87.45
N ARG Q 138 2.44 6.51 -87.26
CA ARG Q 138 2.83 7.56 -86.34
C ARG Q 138 2.81 7.09 -84.90
N LEU Q 139 1.76 6.37 -84.53
CA LEU Q 139 1.60 5.95 -83.15
C LEU Q 139 2.66 4.93 -82.75
N ALA Q 140 3.15 4.16 -83.71
CA ALA Q 140 4.22 3.24 -83.37
C ALA Q 140 5.54 3.96 -83.23
N HIS Q 141 5.71 5.09 -83.90
CA HIS Q 141 6.94 5.86 -83.78
C HIS Q 141 7.10 6.45 -82.39
N GLU Q 142 6.03 7.00 -81.83
CA GLU Q 142 6.13 7.54 -80.49
C GLU Q 142 6.16 6.51 -79.39
N VAL Q 143 5.91 5.23 -79.66
CA VAL Q 143 6.06 4.24 -78.63
C VAL Q 143 7.30 3.41 -78.77
N GLY Q 144 8.11 3.64 -79.80
CA GLY Q 144 9.43 3.07 -79.83
C GLY Q 144 9.82 2.30 -81.07
N TRP Q 145 9.10 2.47 -82.17
CA TRP Q 145 9.48 1.82 -83.42
C TRP Q 145 10.63 2.58 -84.03
N LYS Q 146 11.72 1.88 -84.30
CA LYS Q 146 12.95 2.52 -84.74
C LYS Q 146 12.92 2.96 -86.18
N TYR Q 147 12.01 2.45 -86.99
CA TYR Q 147 12.28 2.48 -88.41
C TYR Q 147 11.22 3.13 -89.27
N GLN Q 148 10.64 4.27 -88.90
CA GLN Q 148 9.72 4.83 -89.87
C GLN Q 148 10.42 5.72 -90.87
N ALA Q 149 11.64 6.18 -90.57
CA ALA Q 149 12.35 7.02 -91.54
C ALA Q 149 12.91 6.18 -92.65
N VAL Q 150 13.49 5.02 -92.32
CA VAL Q 150 14.03 4.19 -93.37
C VAL Q 150 12.91 3.54 -94.17
N THR Q 151 11.75 3.31 -93.54
CA THR Q 151 10.65 2.72 -94.28
C THR Q 151 10.00 3.76 -95.16
N ALA Q 152 10.04 5.03 -94.78
CA ALA Q 152 9.53 6.05 -95.66
C ALA Q 152 10.45 6.30 -96.84
N THR Q 153 11.77 6.19 -96.64
CA THR Q 153 12.67 6.38 -97.77
C THR Q 153 12.62 5.22 -98.73
N LEU Q 154 12.21 4.05 -98.28
CA LEU Q 154 12.08 2.93 -99.19
C LEU Q 154 10.71 2.84 -99.80
N GLU Q 155 9.72 3.52 -99.24
CA GLU Q 155 8.43 3.62 -99.91
C GLU Q 155 8.43 4.69 -100.97
N GLU Q 156 9.16 5.79 -100.78
CA GLU Q 156 9.21 6.77 -101.84
C GLU Q 156 10.07 6.31 -103.00
N LYS Q 157 10.99 5.39 -102.75
CA LYS Q 157 11.78 4.80 -103.83
C LYS Q 157 10.97 3.78 -104.60
N ARG Q 158 10.09 3.06 -103.92
CA ARG Q 158 9.23 2.10 -104.58
C ARG Q 158 8.22 2.78 -105.47
N LYS Q 159 7.72 3.94 -105.05
CA LYS Q 159 6.67 4.60 -105.81
C LYS Q 159 7.20 5.24 -107.07
N GLU Q 160 8.42 5.73 -107.06
CA GLU Q 160 8.96 6.30 -108.28
C GLU Q 160 9.41 5.23 -109.27
N LYS Q 161 9.68 4.02 -108.81
CA LYS Q 161 9.79 2.92 -109.76
C LYS Q 161 8.42 2.49 -110.23
N ALA Q 162 7.38 2.77 -109.47
CA ALA Q 162 6.05 2.35 -109.87
C ALA Q 162 5.37 3.36 -110.77
N LYS Q 163 5.76 4.63 -110.70
CA LYS Q 163 5.27 5.63 -111.67
C LYS Q 163 5.78 5.33 -113.05
N ILE Q 164 7.02 4.85 -113.15
CA ILE Q 164 7.60 4.52 -114.44
C ILE Q 164 6.90 3.32 -115.05
N HIS Q 165 6.52 2.36 -114.21
CA HIS Q 165 5.74 1.23 -114.69
C HIS Q 165 4.38 1.64 -115.20
N TYR Q 166 3.74 2.59 -114.55
CA TYR Q 166 2.39 2.96 -114.91
C TYR Q 166 2.38 3.70 -116.23
N ARG Q 167 3.28 4.66 -116.39
CA ARG Q 167 3.27 5.40 -117.63
C ARG Q 167 3.84 4.62 -118.81
N LYS Q 168 4.46 3.47 -118.59
CA LYS Q 168 4.71 2.57 -119.70
C LYS Q 168 3.55 1.63 -119.95
N LYS Q 169 2.87 1.20 -118.90
CA LYS Q 169 1.67 0.39 -119.06
C LYS Q 169 0.58 1.18 -119.75
N LYS Q 170 0.46 2.45 -119.39
CA LYS Q 170 -0.51 3.32 -120.01
C LYS Q 170 -0.08 3.72 -121.40
N GLN Q 171 1.19 3.59 -121.72
CA GLN Q 171 1.65 3.87 -123.06
C GLN Q 171 1.29 2.73 -124.01
N LEU Q 172 1.23 1.50 -123.51
CA LEU Q 172 0.74 0.40 -124.32
C LEU Q 172 -0.75 0.43 -124.47
N MET Q 173 -1.46 1.04 -123.53
CA MET Q 173 -2.91 1.06 -123.61
C MET Q 173 -3.37 1.97 -124.72
N ARG Q 174 -2.60 3.00 -125.06
CA ARG Q 174 -2.99 3.84 -126.16
C ARG Q 174 -2.42 3.35 -127.48
N LEU Q 175 -1.52 2.39 -127.48
CA LEU Q 175 -1.17 1.70 -128.72
C LEU Q 175 -2.21 0.65 -129.06
N ARG Q 176 -2.76 -0.01 -128.06
CA ARG Q 176 -3.84 -0.96 -128.29
C ARG Q 176 -5.08 -0.26 -128.80
N LYS Q 177 -5.38 0.91 -128.25
CA LYS Q 177 -6.49 1.70 -128.74
C LYS Q 177 -6.21 2.25 -130.13
N GLN Q 178 -4.95 2.57 -130.41
CA GLN Q 178 -4.56 2.95 -131.76
C GLN Q 178 -4.74 1.80 -132.73
N ALA Q 179 -4.46 0.58 -132.29
CA ALA Q 179 -4.59 -0.58 -133.16
C ALA Q 179 -6.04 -0.85 -133.53
N GLU Q 180 -6.95 -0.75 -132.57
CA GLU Q 180 -8.36 -1.01 -132.79
C GLU Q 180 -8.99 -0.09 -133.83
N LYS Q 181 -8.40 1.06 -134.09
CA LYS Q 181 -8.80 1.90 -135.20
C LYS Q 181 -8.10 1.54 -136.50
N ASN Q 182 -6.88 1.02 -136.44
CA ASN Q 182 -6.24 0.53 -137.66
C ASN Q 182 -6.97 -0.69 -138.20
N VAL Q 183 -7.15 -1.70 -137.35
CA VAL Q 183 -7.90 -2.87 -137.72
C VAL Q 183 -9.32 -2.70 -137.18
N GLU Q 184 -10.21 -2.26 -138.04
CA GLU Q 184 -11.64 -2.31 -137.74
C GLU Q 184 -12.46 -2.79 -138.91
N LYS Q 185 -11.91 -2.85 -140.10
CA LYS Q 185 -12.58 -3.51 -141.19
C LYS Q 185 -12.33 -5.00 -141.20
N LYS Q 186 -11.43 -5.48 -140.36
CA LYS Q 186 -11.17 -6.91 -140.30
C LYS Q 186 -11.49 -7.50 -138.94
N ILE Q 187 -11.97 -6.70 -138.00
CA ILE Q 187 -12.55 -7.22 -136.77
C ILE Q 187 -13.95 -6.69 -136.54
N ASP Q 188 -14.61 -6.13 -137.57
CA ASP Q 188 -15.96 -5.68 -137.37
C ASP Q 188 -16.91 -6.86 -137.20
N LYS Q 189 -16.57 -8.01 -137.77
CA LYS Q 189 -17.36 -9.21 -137.56
C LYS Q 189 -17.30 -9.69 -136.13
N TYR Q 190 -16.16 -9.60 -135.49
CA TYR Q 190 -16.02 -10.13 -134.14
C TYR Q 190 -16.41 -9.14 -133.08
N THR Q 191 -16.35 -7.85 -133.38
CA THR Q 191 -16.88 -6.88 -132.44
C THR Q 191 -18.38 -6.74 -132.54
N GLU Q 192 -19.04 -7.41 -133.48
CA GLU Q 192 -20.49 -7.49 -133.41
C GLU Q 192 -20.97 -8.63 -132.55
N VAL Q 193 -20.23 -9.73 -132.51
CA VAL Q 193 -20.61 -10.85 -131.69
C VAL Q 193 -20.43 -10.51 -130.22
N LEU Q 194 -19.35 -9.80 -129.91
CA LEU Q 194 -19.10 -9.41 -128.53
C LEU Q 194 -20.08 -8.35 -128.07
N LYS Q 195 -20.50 -7.47 -128.96
CA LYS Q 195 -21.41 -6.41 -128.56
C LYS Q 195 -22.83 -6.92 -128.40
N THR Q 196 -23.16 -7.99 -129.10
CA THR Q 196 -24.48 -8.59 -128.96
C THR Q 196 -24.67 -9.22 -127.59
N HIS Q 197 -23.65 -9.90 -127.10
CA HIS Q 197 -23.77 -10.64 -125.85
C HIS Q 197 -23.11 -9.92 -124.69
N GLY Q 198 -23.29 -8.62 -124.59
CA GLY Q 198 -23.05 -7.94 -123.33
C GLY Q 198 -21.64 -7.52 -123.05
N LEU Q 199 -20.70 -7.85 -123.91
CA LEU Q 199 -19.38 -7.28 -123.82
C LEU Q 199 -19.39 -6.04 -124.69
N LEU Q 200 -18.44 -5.12 -124.47
CA LEU Q 200 -18.18 -3.99 -125.35
C LEU Q 200 -19.41 -3.08 -125.53
N VAL Q 201 -19.72 -2.32 -124.49
CA VAL Q 201 -20.72 -1.27 -124.61
C VAL Q 201 -20.37 -0.31 -125.75
N VAL R 1 20.96 -69.91 -70.51
CA VAL R 1 19.86 -70.45 -69.73
C VAL R 1 18.58 -70.16 -70.48
N ARG R 2 18.06 -68.96 -70.25
CA ARG R 2 16.84 -68.48 -70.89
C ARG R 2 16.99 -66.97 -70.95
N TYR R 3 17.42 -66.45 -72.10
CA TYR R 3 17.69 -65.02 -72.16
C TYR R 3 16.54 -64.30 -72.84
N SER R 4 16.46 -63.01 -72.57
CA SER R 4 15.73 -62.14 -73.46
C SER R 4 16.54 -61.97 -74.72
N LEU R 5 15.86 -61.94 -75.87
CA LEU R 5 16.46 -61.74 -77.20
C LEU R 5 17.50 -62.81 -77.53
N ASP R 6 16.99 -64.01 -77.80
CA ASP R 6 17.81 -65.02 -78.44
C ASP R 6 18.34 -64.51 -79.79
N PRO R 7 19.58 -64.84 -80.15
CA PRO R 7 20.20 -64.19 -81.31
C PRO R 7 19.62 -64.70 -82.62
N GLU R 8 19.90 -63.96 -83.69
CA GLU R 8 19.28 -64.23 -84.97
C GLU R 8 19.80 -65.49 -85.63
N ASN R 9 21.01 -65.89 -85.31
CA ASN R 9 21.48 -67.24 -85.60
C ASN R 9 22.44 -67.67 -84.51
N PRO R 10 22.12 -68.71 -83.77
CA PRO R 10 22.95 -69.09 -82.61
C PRO R 10 24.18 -69.88 -82.97
N THR R 11 24.84 -69.49 -84.01
CA THR R 11 26.03 -70.08 -84.57
C THR R 11 27.11 -69.04 -84.75
N LYS R 12 26.73 -67.82 -85.13
CA LYS R 12 27.65 -66.72 -85.25
C LYS R 12 27.67 -65.86 -84.01
N SER R 13 27.33 -66.42 -82.85
CA SER R 13 27.22 -65.62 -81.64
C SER R 13 27.56 -66.45 -80.42
N CYS R 14 27.92 -65.75 -79.36
CA CYS R 14 28.19 -66.32 -78.06
C CYS R 14 27.61 -65.41 -77.00
N LYS R 15 27.69 -65.85 -75.75
CA LYS R 15 26.96 -65.17 -74.72
C LYS R 15 27.63 -65.39 -73.37
N SER R 16 27.31 -64.50 -72.43
CA SER R 16 27.73 -64.72 -71.06
C SER R 16 26.77 -64.02 -70.12
N ARG R 17 26.60 -64.61 -68.95
CA ARG R 17 25.81 -64.05 -67.89
C ARG R 17 26.70 -63.59 -66.76
N GLY R 18 26.06 -63.07 -65.73
CA GLY R 18 26.68 -62.84 -64.44
C GLY R 18 25.56 -62.53 -63.49
N SER R 19 25.47 -63.21 -62.38
CA SER R 19 24.33 -63.06 -61.49
C SER R 19 24.78 -62.66 -60.10
N ASN R 20 23.99 -61.78 -59.46
CA ASN R 20 24.22 -61.25 -58.12
C ASN R 20 25.61 -60.61 -57.98
N LEU R 21 26.00 -59.87 -59.01
CA LEU R 21 27.25 -59.14 -58.99
C LEU R 21 27.07 -57.90 -58.14
N ARG R 22 27.98 -57.64 -57.21
CA ARG R 22 27.79 -56.48 -56.34
C ARG R 22 28.45 -55.26 -56.96
N VAL R 23 27.80 -54.77 -58.00
CA VAL R 23 28.04 -53.44 -58.50
C VAL R 23 26.79 -52.68 -58.17
N HIS R 24 26.80 -51.38 -58.39
CA HIS R 24 25.54 -50.69 -58.39
C HIS R 24 24.81 -50.93 -59.69
N PHE R 25 23.49 -50.98 -59.59
CA PHE R 25 22.66 -51.16 -60.77
C PHE R 25 22.70 -49.95 -61.68
N LYS R 26 22.58 -48.76 -61.12
CA LYS R 26 22.45 -47.55 -61.92
C LYS R 26 23.76 -47.22 -62.63
N ASN R 27 24.89 -47.50 -61.99
CA ASN R 27 26.15 -47.22 -62.64
C ASN R 27 26.49 -48.25 -63.70
N THR R 28 26.08 -49.51 -63.49
CA THR R 28 26.33 -50.54 -64.48
C THR R 28 25.42 -50.39 -65.66
N ARG R 29 24.23 -49.85 -65.45
CA ARG R 29 23.28 -49.68 -66.55
C ARG R 29 23.77 -48.65 -67.55
N GLU R 30 24.28 -47.53 -67.07
CA GLU R 30 24.72 -46.49 -67.99
C GLU R 30 25.99 -46.89 -68.68
N THR R 31 26.81 -47.73 -68.05
CA THR R 31 28.01 -48.22 -68.70
C THR R 31 27.63 -49.17 -69.83
N ALA R 32 26.63 -50.00 -69.61
CA ALA R 32 26.22 -50.95 -70.63
C ALA R 32 25.52 -50.26 -71.79
N GLN R 33 24.90 -49.13 -71.54
CA GLN R 33 24.34 -48.36 -72.64
C GLN R 33 25.43 -47.74 -73.50
N ALA R 34 26.61 -47.53 -72.94
CA ALA R 34 27.71 -47.04 -73.75
C ALA R 34 28.27 -48.13 -74.64
N ILE R 35 28.31 -49.35 -74.12
CA ILE R 35 28.97 -50.47 -74.76
C ILE R 35 28.11 -51.10 -75.83
N LYS R 36 26.81 -50.86 -75.83
CA LYS R 36 25.88 -51.54 -76.72
C LYS R 36 26.09 -51.13 -78.15
N GLY R 37 26.40 -52.10 -79.00
CA GLY R 37 26.62 -51.86 -80.40
C GLY R 37 28.07 -51.73 -80.80
N MET R 38 28.97 -51.56 -79.85
CA MET R 38 30.37 -51.40 -80.19
C MET R 38 30.97 -52.71 -80.63
N HIS R 39 31.98 -52.61 -81.49
CA HIS R 39 32.85 -53.74 -81.77
C HIS R 39 33.61 -54.12 -80.52
N ILE R 40 33.97 -55.40 -80.41
CA ILE R 40 34.53 -55.98 -79.19
C ILE R 40 35.88 -55.36 -78.84
N ARG R 41 36.68 -55.02 -79.84
CA ARG R 41 37.97 -54.42 -79.54
C ARG R 41 37.84 -52.97 -79.12
N LYS R 42 36.92 -52.25 -79.74
CA LYS R 42 36.67 -50.86 -79.36
C LYS R 42 36.10 -50.78 -77.96
N ALA R 43 35.24 -51.73 -77.60
CA ALA R 43 34.61 -51.73 -76.28
C ALA R 43 35.60 -52.01 -75.19
N THR R 44 36.56 -52.89 -75.43
CA THR R 44 37.55 -53.20 -74.41
C THR R 44 38.48 -52.02 -74.19
N LYS R 45 38.86 -51.35 -75.27
CA LYS R 45 39.70 -50.17 -75.18
C LYS R 45 38.99 -49.04 -74.47
N TYR R 46 37.69 -48.88 -74.75
CA TYR R 46 36.91 -47.83 -74.10
C TYR R 46 36.74 -48.10 -72.64
N LEU R 47 36.51 -49.36 -72.29
CA LEU R 47 36.16 -49.69 -70.94
C LEU R 47 37.37 -49.64 -70.02
N LYS R 48 38.57 -49.71 -70.58
CA LYS R 48 39.78 -49.47 -69.83
C LYS R 48 40.17 -48.00 -69.76
N ASP R 49 39.58 -47.15 -70.59
CA ASP R 49 39.83 -45.73 -70.45
C ASP R 49 38.86 -45.08 -69.49
N VAL R 50 37.77 -45.74 -69.14
CA VAL R 50 36.94 -45.29 -68.04
C VAL R 50 37.67 -45.47 -66.73
N THR R 51 38.41 -46.57 -66.61
CA THR R 51 39.18 -46.80 -65.40
C THR R 51 40.40 -45.90 -65.31
N LEU R 52 40.83 -45.32 -66.41
CA LEU R 52 41.92 -44.37 -66.41
C LEU R 52 41.44 -42.95 -66.50
N GLN R 53 40.14 -42.76 -66.65
CA GLN R 53 39.47 -41.47 -66.79
C GLN R 53 39.98 -40.69 -67.99
N LYS R 54 40.02 -41.35 -69.15
CA LYS R 54 40.27 -40.64 -70.39
C LYS R 54 39.05 -40.53 -71.27
N GLN R 55 38.05 -41.38 -71.08
CA GLN R 55 36.78 -41.30 -71.78
C GLN R 55 35.70 -41.58 -70.77
N CYS R 56 34.66 -40.77 -70.74
CA CYS R 56 33.73 -40.87 -69.65
C CYS R 56 32.56 -41.76 -70.04
N VAL R 57 31.63 -41.90 -69.10
CA VAL R 57 30.40 -42.62 -69.35
C VAL R 57 29.26 -41.62 -69.22
N PRO R 58 28.47 -41.38 -70.27
CA PRO R 58 27.37 -40.43 -70.16
C PRO R 58 26.24 -41.02 -69.33
N PHE R 59 25.89 -40.36 -68.24
CA PHE R 59 24.76 -40.78 -67.45
C PHE R 59 23.54 -40.05 -67.95
N ARG R 60 22.54 -40.79 -68.39
CA ARG R 60 21.42 -40.17 -69.08
C ARG R 60 20.12 -40.30 -68.31
N ARG R 61 19.71 -41.50 -67.96
CA ARG R 61 18.52 -41.62 -67.14
C ARG R 61 18.81 -41.34 -65.68
N TYR R 62 19.73 -42.07 -65.09
CA TYR R 62 20.03 -41.96 -63.68
C TYR R 62 21.10 -40.90 -63.51
N ASN R 63 20.67 -39.65 -63.46
CA ASN R 63 21.64 -38.56 -63.47
C ASN R 63 21.44 -37.49 -62.42
N GLY R 64 20.47 -37.62 -61.53
CA GLY R 64 20.22 -36.60 -60.54
C GLY R 64 21.36 -36.40 -59.56
N GLY R 65 22.03 -35.27 -59.70
CA GLY R 65 23.17 -34.95 -58.91
C GLY R 65 24.49 -35.33 -59.53
N VAL R 66 24.49 -35.81 -60.76
CA VAL R 66 25.73 -36.17 -61.41
C VAL R 66 26.33 -34.92 -62.01
N GLY R 67 27.59 -34.67 -61.73
CA GLY R 67 28.23 -33.47 -62.21
C GLY R 67 28.56 -33.53 -63.68
N ARG R 68 29.02 -32.40 -64.18
CA ARG R 68 29.16 -32.18 -65.60
C ARG R 68 30.61 -32.32 -65.99
N CYS R 69 30.86 -33.06 -67.04
CA CYS R 69 32.17 -33.50 -67.45
C CYS R 69 32.54 -32.85 -68.77
N ALA R 70 33.83 -32.65 -68.97
CA ALA R 70 34.25 -32.12 -70.26
C ALA R 70 34.32 -33.20 -71.31
N GLN R 71 34.50 -34.45 -70.91
CA GLN R 71 34.57 -35.53 -71.86
C GLN R 71 33.20 -35.97 -72.37
N ALA R 72 32.14 -35.38 -71.85
CA ALA R 72 30.81 -35.88 -72.11
C ALA R 72 30.18 -35.28 -73.34
N LYS R 73 30.69 -34.17 -73.84
CA LYS R 73 30.25 -33.64 -75.11
C LYS R 73 30.68 -34.50 -76.29
N GLN R 74 31.59 -35.43 -76.07
CA GLN R 74 31.90 -36.45 -77.06
C GLN R 74 30.70 -37.34 -77.33
N TRP R 75 29.92 -37.64 -76.32
CA TRP R 75 28.70 -38.41 -76.45
C TRP R 75 27.49 -37.54 -76.76
N GLY R 76 27.69 -36.26 -76.99
CA GLY R 76 26.57 -35.38 -77.22
C GLY R 76 25.74 -35.08 -76.01
N TRP R 77 26.27 -35.31 -74.81
CA TRP R 77 25.51 -35.15 -73.58
C TRP R 77 26.32 -34.24 -72.67
N THR R 78 25.74 -33.83 -71.55
CA THR R 78 26.38 -32.86 -70.67
C THR R 78 27.08 -33.51 -69.49
N GLN R 79 26.40 -34.37 -68.75
CA GLN R 79 26.90 -34.89 -67.49
C GLN R 79 27.35 -36.32 -67.63
N GLY R 80 28.46 -36.65 -66.98
CA GLY R 80 29.07 -37.97 -67.07
C GLY R 80 29.89 -38.30 -65.84
N ARG R 81 30.23 -39.57 -65.71
CA ARG R 81 31.13 -40.04 -64.66
C ARG R 81 32.07 -41.08 -65.24
N TRP R 82 32.86 -41.70 -64.39
CA TRP R 82 33.83 -42.72 -64.79
C TRP R 82 33.73 -43.89 -63.85
N PRO R 83 32.71 -44.73 -63.97
CA PRO R 83 32.52 -45.79 -63.01
C PRO R 83 33.57 -46.88 -63.13
N LYS R 84 34.43 -46.97 -62.12
CA LYS R 84 35.54 -47.90 -62.18
C LYS R 84 35.09 -49.32 -61.93
N LYS R 85 34.25 -49.54 -60.93
CA LYS R 85 33.84 -50.89 -60.62
C LYS R 85 32.90 -51.44 -61.68
N SER R 86 32.06 -50.59 -62.24
CA SER R 86 31.20 -51.02 -63.33
C SER R 86 31.98 -51.34 -64.59
N ALA R 87 33.13 -50.69 -64.80
CA ALA R 87 33.92 -51.00 -65.98
C ALA R 87 34.71 -52.28 -65.78
N GLU R 88 35.15 -52.56 -64.56
CA GLU R 88 35.98 -53.73 -64.36
C GLU R 88 35.17 -55.01 -64.42
N PHE R 89 33.93 -54.98 -63.94
CA PHE R 89 33.14 -56.20 -64.01
C PHE R 89 32.60 -56.42 -65.40
N LEU R 90 32.45 -55.35 -66.16
CA LEU R 90 32.16 -55.49 -67.57
C LEU R 90 33.38 -55.85 -68.40
N LEU R 91 34.56 -55.89 -67.81
CA LEU R 91 35.71 -56.45 -68.51
C LEU R 91 35.91 -57.91 -68.18
N HIS R 92 35.54 -58.34 -66.98
CA HIS R 92 35.61 -59.77 -66.69
C HIS R 92 34.59 -60.51 -67.50
N MET R 93 33.40 -59.95 -67.64
CA MET R 93 32.34 -60.63 -68.37
C MET R 93 32.63 -60.64 -69.84
N LEU R 94 33.32 -59.62 -70.32
CA LEU R 94 33.56 -59.50 -71.74
C LEU R 94 34.68 -60.45 -72.16
N LYS R 95 35.69 -60.57 -71.31
CA LYS R 95 36.74 -61.57 -71.49
C LYS R 95 36.20 -62.99 -71.41
N ASN R 96 35.21 -63.20 -70.54
CA ASN R 96 34.54 -64.49 -70.48
C ASN R 96 33.82 -64.78 -71.79
N ALA R 97 33.09 -63.80 -72.29
CA ALA R 97 32.32 -64.01 -73.49
C ALA R 97 33.21 -64.17 -74.71
N GLU R 98 34.39 -63.57 -74.68
CA GLU R 98 35.34 -63.75 -75.76
C GLU R 98 35.89 -65.16 -75.79
N SER R 99 36.16 -65.74 -74.63
CA SER R 99 36.61 -67.13 -74.61
C SER R 99 35.48 -68.10 -74.89
N ASN R 100 34.23 -67.68 -74.75
CA ASN R 100 33.13 -68.50 -75.22
C ASN R 100 33.06 -68.52 -76.73
N ALA R 101 33.64 -67.51 -77.38
CA ALA R 101 33.66 -67.50 -78.83
C ALA R 101 34.81 -68.30 -79.38
N GLU R 102 35.81 -68.59 -78.58
CA GLU R 102 36.93 -69.39 -79.05
C GLU R 102 36.71 -70.86 -78.79
N LEU R 103 35.89 -71.19 -77.81
CA LEU R 103 35.52 -72.58 -77.57
C LEU R 103 34.68 -73.12 -78.69
N LYS R 104 33.87 -72.28 -79.33
CA LYS R 104 33.00 -72.72 -80.40
C LYS R 104 33.43 -72.17 -81.76
N GLY R 105 34.65 -71.66 -81.85
CA GLY R 105 35.27 -71.41 -83.14
C GLY R 105 34.74 -70.23 -83.92
N LEU R 106 34.94 -69.03 -83.38
CA LEU R 106 34.55 -67.80 -84.07
C LEU R 106 35.75 -66.87 -84.09
N ASP R 107 35.78 -65.96 -85.06
CA ASP R 107 36.89 -65.00 -85.09
C ASP R 107 36.55 -63.81 -84.21
N VAL R 108 37.31 -63.63 -83.14
CA VAL R 108 36.93 -62.69 -82.10
C VAL R 108 37.32 -61.27 -82.47
N ASP R 109 37.85 -61.08 -83.66
CA ASP R 109 38.13 -59.75 -84.16
C ASP R 109 36.98 -59.21 -84.98
N SER R 110 35.87 -59.93 -85.05
CA SER R 110 34.70 -59.46 -85.76
C SER R 110 33.46 -59.47 -84.90
N LEU R 111 33.58 -59.75 -83.61
CA LEU R 111 32.43 -59.79 -82.73
C LEU R 111 31.95 -58.37 -82.43
N VAL R 112 30.63 -58.24 -82.31
CA VAL R 112 29.96 -56.98 -82.06
C VAL R 112 29.00 -57.23 -80.92
N ILE R 113 28.97 -56.34 -79.94
CA ILE R 113 28.09 -56.53 -78.78
C ILE R 113 26.68 -56.17 -79.22
N GLU R 114 25.92 -57.20 -79.57
CA GLU R 114 24.58 -57.01 -80.07
C GLU R 114 23.62 -56.64 -78.96
N HIS R 115 23.44 -57.54 -78.02
CA HIS R 115 22.48 -57.42 -76.95
C HIS R 115 23.23 -57.29 -75.65
N ILE R 116 22.77 -56.40 -74.80
CA ILE R 116 23.29 -56.35 -73.44
C ILE R 116 22.19 -55.79 -72.57
N GLN R 117 22.04 -56.37 -71.39
CA GLN R 117 21.16 -55.73 -70.43
C GLN R 117 21.64 -56.02 -69.03
N VAL R 118 21.28 -55.13 -68.13
CA VAL R 118 21.45 -55.37 -66.72
C VAL R 118 20.06 -55.39 -66.08
N ASN R 119 19.88 -56.24 -65.09
CA ASN R 119 18.66 -56.31 -64.32
C ASN R 119 18.95 -55.98 -62.87
N LYS R 120 17.92 -55.74 -62.09
CA LYS R 120 18.10 -55.57 -60.67
C LYS R 120 18.07 -56.91 -59.97
N ALA R 121 19.03 -57.14 -59.10
CA ALA R 121 19.17 -58.39 -58.39
C ALA R 121 18.56 -58.26 -57.00
N PRO R 122 18.36 -59.36 -56.26
CA PRO R 122 17.81 -59.22 -54.90
C PRO R 122 18.73 -58.47 -53.96
N LYS R 123 18.14 -57.56 -53.21
CA LYS R 123 18.90 -56.62 -52.38
C LYS R 123 19.46 -57.29 -51.15
N MET R 124 20.60 -56.79 -50.71
CA MET R 124 21.28 -57.26 -49.53
C MET R 124 21.05 -56.24 -48.43
N ARG R 125 20.92 -56.69 -47.19
CA ARG R 125 20.49 -55.83 -46.10
C ARG R 125 21.61 -55.60 -45.09
N ARG R 126 21.88 -54.34 -44.80
CA ARG R 126 22.66 -53.95 -43.63
C ARG R 126 21.84 -52.96 -42.85
N ARG R 127 22.43 -52.27 -41.88
CA ARG R 127 21.65 -51.29 -41.15
C ARG R 127 22.50 -50.06 -40.87
N THR R 128 21.84 -48.95 -40.61
CA THR R 128 22.49 -47.72 -40.23
C THR R 128 21.80 -47.13 -39.01
N TYR R 129 22.54 -46.36 -38.24
CA TYR R 129 22.08 -45.88 -36.94
C TYR R 129 21.87 -44.38 -37.03
N ARG R 130 20.64 -43.95 -36.75
CA ARG R 130 20.23 -42.58 -36.94
C ARG R 130 20.00 -41.91 -35.60
N ALA R 131 19.49 -40.67 -35.65
CA ALA R 131 19.65 -39.70 -34.55
C ALA R 131 18.98 -40.14 -33.28
N HIS R 132 17.67 -40.26 -33.26
CA HIS R 132 17.00 -40.45 -31.98
C HIS R 132 16.70 -41.92 -31.74
N GLY R 133 17.74 -42.75 -31.81
CA GLY R 133 17.55 -44.15 -31.52
C GLY R 133 16.81 -44.92 -32.59
N ARG R 134 16.99 -44.58 -33.85
CA ARG R 134 16.33 -45.26 -34.94
C ARG R 134 17.31 -46.02 -35.81
N ILE R 135 16.86 -47.14 -36.36
CA ILE R 135 17.64 -47.93 -37.30
C ILE R 135 17.06 -47.69 -38.67
N ASN R 136 17.91 -47.44 -39.66
CA ASN R 136 17.37 -47.39 -41.02
C ASN R 136 18.04 -48.41 -41.91
N PRO R 137 17.39 -48.82 -42.99
CA PRO R 137 18.04 -49.70 -43.95
C PRO R 137 19.26 -49.06 -44.59
N TYR R 138 20.24 -49.89 -44.90
CA TYR R 138 21.44 -49.48 -45.58
C TYR R 138 21.72 -50.45 -46.71
N MET R 139 20.70 -50.68 -47.51
CA MET R 139 20.63 -51.77 -48.47
C MET R 139 21.65 -51.61 -49.58
N SER R 140 21.82 -52.66 -50.36
CA SER R 140 22.72 -52.68 -51.49
C SER R 140 21.92 -53.05 -52.73
N SER R 141 22.38 -52.61 -53.90
CA SER R 141 21.65 -52.80 -55.15
C SER R 141 22.51 -53.55 -56.15
N PRO R 142 22.58 -54.87 -56.07
CA PRO R 142 23.39 -55.66 -57.00
C PRO R 142 22.67 -55.79 -58.34
N CYS R 143 23.31 -56.45 -59.29
CA CYS R 143 22.75 -56.56 -60.63
C CYS R 143 23.00 -57.93 -61.24
N HIS R 144 22.11 -58.33 -62.13
CA HIS R 144 22.39 -59.38 -63.10
C HIS R 144 22.85 -58.71 -64.37
N ILE R 145 23.70 -59.37 -65.16
CA ILE R 145 24.13 -58.85 -66.46
C ILE R 145 24.10 -60.01 -67.45
N GLU R 146 23.70 -59.75 -68.69
CA GLU R 146 23.79 -60.71 -69.76
C GLU R 146 24.16 -60.00 -71.04
N MET R 147 24.80 -60.72 -71.96
CA MET R 147 25.18 -60.11 -73.22
C MET R 147 25.24 -61.15 -74.32
N ILE R 148 25.05 -60.70 -75.55
CA ILE R 148 25.19 -61.52 -76.74
C ILE R 148 26.19 -60.82 -77.64
N LEU R 149 27.21 -61.52 -78.05
CA LEU R 149 28.18 -60.98 -78.99
C LEU R 149 28.00 -61.72 -80.31
N THR R 150 27.22 -61.14 -81.21
CA THR R 150 27.07 -61.66 -82.56
C THR R 150 28.20 -61.11 -83.42
N GLU R 151 28.81 -61.96 -84.22
CA GLU R 151 29.86 -61.54 -85.11
C GLU R 151 29.29 -61.13 -86.45
N LYS R 152 29.91 -60.12 -87.05
CA LYS R 152 29.49 -59.58 -88.33
C LYS R 152 30.63 -58.79 -88.93
N GLU R 153 30.76 -58.87 -90.25
CA GLU R 153 31.80 -58.15 -90.97
C GLU R 153 31.43 -58.01 -92.45
N GLY S 1 -41.58 -32.17 -70.34
CA GLY S 1 -41.98 -32.88 -69.14
C GLY S 1 -43.40 -32.58 -68.78
N VAL S 2 -44.06 -33.54 -68.16
CA VAL S 2 -45.46 -33.44 -67.80
C VAL S 2 -45.59 -33.23 -66.31
N ASP S 3 -46.72 -32.65 -65.92
CA ASP S 3 -47.02 -32.35 -64.54
C ASP S 3 -47.94 -33.42 -63.96
N ILE S 4 -47.36 -34.58 -63.66
CA ILE S 4 -48.09 -35.68 -63.05
C ILE S 4 -47.28 -36.20 -61.87
N ARG S 5 -47.92 -37.02 -61.05
CA ARG S 5 -47.26 -37.71 -59.95
C ARG S 5 -47.25 -39.20 -60.20
N HIS S 6 -46.17 -39.85 -59.80
CA HIS S 6 -45.94 -41.22 -60.15
C HIS S 6 -46.05 -42.19 -58.99
N ASN S 7 -46.40 -41.72 -57.80
CA ASN S 7 -46.29 -42.60 -56.65
C ASN S 7 -47.43 -43.57 -56.52
N LYS S 8 -48.52 -43.38 -57.27
CA LYS S 8 -49.64 -44.28 -57.21
C LYS S 8 -49.92 -44.92 -58.57
N ASP S 9 -48.90 -44.98 -59.42
CA ASP S 9 -49.08 -45.59 -60.72
C ASP S 9 -49.20 -47.10 -60.60
N ARG S 10 -48.22 -47.72 -59.99
CA ARG S 10 -48.25 -49.16 -59.77
C ARG S 10 -49.24 -49.43 -58.66
N LYS S 11 -50.37 -50.03 -58.99
CA LYS S 11 -51.35 -50.31 -57.97
C LYS S 11 -51.09 -51.68 -57.36
N VAL S 12 -51.03 -51.71 -56.03
CA VAL S 12 -50.63 -52.90 -55.29
C VAL S 12 -51.84 -53.81 -55.20
N ARG S 13 -51.67 -55.04 -55.66
CA ARG S 13 -52.78 -55.95 -55.94
C ARG S 13 -52.18 -57.31 -56.24
N ARG S 14 -52.80 -58.37 -55.75
CA ARG S 14 -52.39 -59.71 -56.18
C ARG S 14 -52.78 -59.95 -57.62
N LYS S 15 -51.89 -60.59 -58.36
CA LYS S 15 -52.24 -61.05 -59.69
C LYS S 15 -51.82 -62.49 -59.95
N GLU S 16 -51.34 -63.18 -58.93
CA GLU S 16 -51.15 -64.62 -58.91
C GLU S 16 -51.05 -65.04 -57.46
N PRO S 17 -51.22 -66.32 -57.14
CA PRO S 17 -50.99 -66.73 -55.78
C PRO S 17 -49.50 -66.75 -55.47
N LYS S 18 -49.16 -66.36 -54.25
CA LYS S 18 -47.76 -66.34 -53.87
C LYS S 18 -47.27 -67.74 -53.51
N SER S 19 -48.17 -68.65 -53.19
CA SER S 19 -47.79 -70.02 -52.88
C SER S 19 -47.34 -70.77 -54.12
N GLN S 20 -46.52 -71.79 -53.90
CA GLN S 20 -46.10 -72.70 -54.95
C GLN S 20 -46.90 -73.99 -54.93
N ASP S 21 -48.05 -74.00 -54.27
CA ASP S 21 -48.94 -75.15 -54.23
C ASP S 21 -49.44 -75.48 -55.62
N ILE S 22 -49.14 -76.70 -56.10
CA ILE S 22 -49.43 -76.99 -57.49
C ILE S 22 -50.87 -77.41 -57.75
N TYR S 23 -51.64 -77.72 -56.72
CA TYR S 23 -53.07 -77.89 -56.96
C TYR S 23 -53.78 -76.56 -56.96
N LEU S 24 -53.25 -75.61 -56.22
CA LEU S 24 -53.80 -74.27 -56.24
C LEU S 24 -53.47 -73.55 -57.53
N ARG S 25 -52.22 -73.68 -58.00
CA ARG S 25 -51.82 -73.12 -59.29
C ARG S 25 -52.55 -73.76 -60.46
N LEU S 26 -53.12 -74.92 -60.26
CA LEU S 26 -53.73 -75.65 -61.34
C LEU S 26 -55.19 -75.31 -61.50
N LEU S 27 -55.86 -74.91 -60.45
CA LEU S 27 -57.21 -74.40 -60.58
C LEU S 27 -57.26 -72.90 -60.62
N VAL S 28 -56.12 -72.24 -60.49
CA VAL S 28 -56.01 -70.87 -60.95
C VAL S 28 -56.07 -70.83 -62.46
N LYS S 29 -55.48 -71.83 -63.14
CA LYS S 29 -55.53 -71.85 -64.60
C LYS S 29 -56.93 -72.08 -65.10
N LEU S 30 -57.71 -72.87 -64.38
CA LEU S 30 -59.11 -73.09 -64.72
C LEU S 30 -59.93 -71.82 -64.54
N TYR S 31 -59.80 -71.16 -63.40
CA TYR S 31 -60.61 -69.97 -63.18
C TYR S 31 -60.10 -68.74 -63.89
N ARG S 32 -58.82 -68.68 -64.24
CA ARG S 32 -58.39 -67.57 -65.07
C ARG S 32 -58.93 -67.72 -66.48
N PHE S 33 -59.07 -68.94 -66.97
CA PHE S 33 -59.75 -69.17 -68.24
C PHE S 33 -61.23 -68.84 -68.14
N LEU S 34 -61.89 -69.26 -67.07
CA LEU S 34 -63.31 -68.97 -66.92
C LEU S 34 -63.59 -67.50 -66.67
N ALA S 35 -62.65 -66.76 -66.09
CA ALA S 35 -62.88 -65.34 -65.93
C ALA S 35 -62.70 -64.59 -67.24
N ARG S 36 -61.87 -65.11 -68.14
CA ARG S 36 -61.67 -64.45 -69.41
C ARG S 36 -62.82 -64.69 -70.36
N ARG S 37 -63.15 -65.95 -70.58
CA ARG S 37 -64.03 -66.33 -71.67
C ARG S 37 -65.49 -66.34 -71.28
N THR S 38 -65.88 -65.61 -70.25
CA THR S 38 -67.25 -65.65 -69.77
C THR S 38 -67.61 -64.26 -69.27
N ASN S 39 -68.87 -63.88 -69.42
CA ASN S 39 -69.37 -62.64 -68.83
C ASN S 39 -69.64 -62.74 -67.35
N SER S 40 -69.45 -63.90 -66.74
CA SER S 40 -69.82 -64.07 -65.35
C SER S 40 -68.86 -63.34 -64.43
N THR S 41 -69.44 -62.56 -63.54
CA THR S 41 -68.64 -61.88 -62.54
C THR S 41 -68.51 -62.69 -61.27
N PHE S 42 -69.19 -63.83 -61.19
CA PHE S 42 -68.90 -64.79 -60.14
C PHE S 42 -67.48 -65.32 -60.28
N ASN S 43 -67.11 -65.71 -61.50
CA ASN S 43 -65.79 -66.25 -61.73
C ASN S 43 -64.71 -65.20 -61.57
N GLN S 44 -65.05 -63.93 -61.75
CA GLN S 44 -64.07 -62.92 -61.48
C GLN S 44 -63.92 -62.64 -60.01
N VAL S 45 -64.91 -63.02 -59.20
CA VAL S 45 -64.72 -62.90 -57.76
C VAL S 45 -63.97 -64.10 -57.23
N VAL S 46 -64.30 -65.29 -57.72
CA VAL S 46 -63.64 -66.50 -57.24
C VAL S 46 -62.17 -66.54 -57.63
N LEU S 47 -61.82 -65.97 -58.79
CA LEU S 47 -60.42 -65.94 -59.23
C LEU S 47 -59.55 -65.10 -58.30
N LYS S 48 -60.00 -63.92 -57.93
CA LYS S 48 -59.16 -63.10 -57.08
C LYS S 48 -59.15 -63.56 -55.64
N ARG S 49 -60.16 -64.29 -55.19
CA ARG S 49 -60.06 -64.85 -53.85
C ARG S 49 -59.14 -66.04 -53.80
N LEU S 50 -58.85 -66.68 -54.93
CA LEU S 50 -57.83 -67.71 -54.94
C LEU S 50 -56.45 -67.12 -54.83
N PHE S 51 -56.30 -65.87 -55.20
CA PHE S 51 -55.01 -65.21 -55.12
C PHE S 51 -54.62 -64.84 -53.71
N MET S 52 -55.58 -64.82 -52.78
CA MET S 52 -55.41 -64.08 -51.54
C MET S 52 -54.58 -64.87 -50.54
N SER S 53 -54.10 -64.14 -49.54
CA SER S 53 -53.36 -64.73 -48.44
C SER S 53 -54.29 -65.53 -47.56
N ARG S 54 -53.72 -66.33 -46.65
CA ARG S 54 -54.55 -67.10 -45.75
C ARG S 54 -55.29 -66.20 -44.77
N THR S 55 -54.68 -65.09 -44.36
CA THR S 55 -55.37 -64.20 -43.45
C THR S 55 -56.43 -63.37 -44.13
N ASN S 56 -56.43 -63.28 -45.45
CA ASN S 56 -57.54 -62.69 -46.17
C ASN S 56 -58.51 -63.72 -46.64
N ARG S 57 -58.56 -64.83 -45.98
CA ARG S 57 -59.30 -65.97 -46.46
C ARG S 57 -59.55 -66.86 -45.26
N PRO S 58 -60.45 -66.47 -44.37
CA PRO S 58 -60.46 -67.03 -43.05
C PRO S 58 -61.29 -68.30 -42.99
N PRO S 59 -61.28 -69.05 -41.88
CA PRO S 59 -62.15 -70.23 -41.81
C PRO S 59 -63.60 -69.88 -41.57
N LEU S 60 -64.48 -70.51 -42.31
CA LEU S 60 -65.91 -70.34 -42.15
C LEU S 60 -66.43 -71.51 -41.33
N SER S 61 -67.08 -71.22 -40.22
CA SER S 61 -67.57 -72.32 -39.40
C SER S 61 -68.79 -72.93 -40.04
N LEU S 62 -69.10 -74.14 -39.61
CA LEU S 62 -70.28 -74.85 -40.09
C LEU S 62 -71.55 -74.14 -39.68
N SER S 63 -71.53 -73.41 -38.57
CA SER S 63 -72.75 -72.80 -38.11
C SER S 63 -73.05 -71.45 -38.73
N ARG S 64 -72.07 -70.71 -39.29
CA ARG S 64 -72.45 -69.55 -40.09
C ARG S 64 -73.06 -69.97 -41.39
N MET S 65 -72.50 -71.00 -42.01
CA MET S 65 -72.99 -71.46 -43.30
C MET S 65 -74.39 -72.02 -43.19
N ILE S 66 -74.75 -72.59 -42.05
CA ILE S 66 -76.14 -73.01 -41.86
C ILE S 66 -77.05 -71.80 -41.66
N ARG S 67 -76.59 -70.80 -40.91
CA ARG S 67 -77.38 -69.59 -40.72
C ARG S 67 -77.60 -68.83 -42.01
N LYS S 68 -76.62 -68.86 -42.90
CA LYS S 68 -76.75 -68.16 -44.17
C LYS S 68 -77.46 -68.96 -45.23
N MET S 69 -77.64 -70.25 -45.05
CA MET S 69 -78.50 -70.98 -45.97
C MET S 69 -79.96 -70.97 -45.55
N LYS S 70 -80.25 -70.70 -44.29
CA LYS S 70 -81.63 -70.67 -43.87
C LYS S 70 -82.33 -69.36 -44.18
N LEU S 71 -81.66 -68.41 -44.81
CA LEU S 71 -82.35 -67.21 -45.25
C LEU S 71 -83.35 -67.55 -46.34
N PRO S 72 -84.45 -66.80 -46.45
CA PRO S 72 -85.48 -67.13 -47.42
C PRO S 72 -84.99 -66.99 -48.85
N GLY S 73 -85.35 -67.96 -49.68
CA GLY S 73 -84.93 -67.99 -51.06
C GLY S 73 -83.72 -68.84 -51.33
N ARG S 74 -82.90 -69.10 -50.31
CA ARG S 74 -81.66 -69.82 -50.49
C ARG S 74 -81.81 -71.31 -50.30
N GLU S 75 -83.00 -71.83 -50.55
CA GLU S 75 -83.16 -73.27 -50.65
C GLU S 75 -82.42 -73.75 -51.89
N ASN S 76 -81.95 -75.00 -51.80
CA ASN S 76 -81.25 -75.80 -52.80
C ASN S 76 -80.29 -75.03 -53.71
N LYS S 77 -79.49 -74.17 -53.12
CA LYS S 77 -78.38 -73.49 -53.77
C LYS S 77 -77.07 -74.00 -53.21
N THR S 78 -76.01 -73.80 -53.96
CA THR S 78 -74.69 -74.27 -53.57
C THR S 78 -74.00 -73.17 -52.77
N ALA S 79 -73.44 -73.52 -51.65
CA ALA S 79 -72.65 -72.58 -50.87
C ALA S 79 -71.20 -72.70 -51.32
N VAL S 80 -70.61 -71.58 -51.67
CA VAL S 80 -69.27 -71.56 -52.20
C VAL S 80 -68.43 -70.76 -51.24
N VAL S 81 -67.46 -71.41 -50.63
CA VAL S 81 -66.46 -70.73 -49.84
C VAL S 81 -65.10 -71.08 -50.42
N VAL S 82 -64.28 -70.07 -50.65
CA VAL S 82 -62.90 -70.29 -51.00
C VAL S 82 -62.12 -69.99 -49.72
N GLY S 83 -61.77 -71.05 -49.03
CA GLY S 83 -61.38 -71.04 -47.65
C GLY S 83 -61.63 -72.40 -47.05
N THR S 84 -61.73 -72.45 -45.73
CA THR S 84 -61.87 -73.69 -44.99
C THR S 84 -63.23 -73.72 -44.32
N ILE S 85 -63.92 -74.83 -44.42
CA ILE S 85 -65.09 -75.12 -43.60
C ILE S 85 -64.62 -75.89 -42.38
N THR S 86 -64.79 -75.30 -41.20
CA THR S 86 -64.49 -75.98 -39.97
C THR S 86 -65.77 -76.44 -39.29
N ASP S 87 -65.60 -77.34 -38.35
CA ASP S 87 -66.71 -77.83 -37.56
C ASP S 87 -67.04 -76.81 -36.49
N ASP S 88 -68.30 -76.80 -36.08
CA ASP S 88 -68.75 -76.07 -34.92
C ASP S 88 -69.51 -77.03 -34.04
N VAL S 89 -69.05 -77.19 -32.80
CA VAL S 89 -69.60 -78.19 -31.90
C VAL S 89 -70.66 -77.54 -31.05
N ARG S 90 -70.99 -76.30 -31.37
CA ARG S 90 -72.06 -75.57 -30.74
C ARG S 90 -73.39 -75.81 -31.42
N VAL S 91 -73.41 -76.56 -32.51
CA VAL S 91 -74.63 -76.78 -33.26
C VAL S 91 -74.95 -78.27 -33.25
N GLN S 92 -76.21 -78.60 -33.02
CA GLN S 92 -76.59 -79.99 -32.83
C GLN S 92 -77.11 -80.66 -34.09
N GLU S 93 -77.91 -79.99 -34.89
CA GLU S 93 -78.42 -80.60 -36.11
C GLU S 93 -77.91 -79.81 -37.31
N VAL S 94 -77.63 -80.55 -38.38
CA VAL S 94 -77.12 -79.99 -39.62
C VAL S 94 -78.05 -80.43 -40.73
N PRO S 95 -78.55 -79.54 -41.55
CA PRO S 95 -79.43 -79.94 -42.64
C PRO S 95 -78.68 -80.47 -43.85
N LYS S 96 -79.41 -80.68 -44.94
CA LYS S 96 -78.80 -81.10 -46.19
C LYS S 96 -78.19 -79.89 -46.88
N LEU S 97 -76.89 -79.97 -47.14
CA LEU S 97 -76.17 -78.88 -47.77
C LEU S 97 -75.45 -79.38 -49.00
N LYS S 98 -75.28 -78.51 -49.97
CA LYS S 98 -74.37 -78.77 -51.07
C LYS S 98 -73.37 -77.64 -51.05
N VAL S 99 -72.15 -77.93 -50.59
CA VAL S 99 -71.16 -76.91 -50.35
C VAL S 99 -69.93 -77.19 -51.21
N CYS S 100 -69.18 -76.14 -51.48
CA CYS S 100 -67.95 -76.23 -52.23
C CYS S 100 -66.89 -75.44 -51.50
N ALA S 101 -65.75 -76.06 -51.25
CA ALA S 101 -64.73 -75.43 -50.43
C ALA S 101 -63.37 -75.89 -50.91
N LEU S 102 -62.36 -75.06 -50.66
CA LEU S 102 -61.00 -75.49 -50.92
C LEU S 102 -60.62 -76.63 -50.00
N ARG S 103 -61.02 -76.55 -48.75
CA ARG S 103 -60.59 -77.54 -47.79
C ARG S 103 -61.67 -77.64 -46.75
N VAL S 104 -61.95 -78.85 -46.30
CA VAL S 104 -62.97 -79.09 -45.30
C VAL S 104 -62.34 -79.92 -44.20
N THR S 105 -62.51 -79.50 -42.95
CA THR S 105 -61.91 -80.24 -41.85
C THR S 105 -62.58 -81.58 -41.69
N SER S 106 -61.88 -82.49 -41.01
CA SER S 106 -62.17 -83.90 -41.15
C SER S 106 -63.48 -84.31 -40.52
N ARG S 107 -64.01 -83.52 -39.59
CA ARG S 107 -65.30 -83.88 -39.06
C ARG S 107 -66.39 -82.90 -39.38
N ALA S 108 -66.06 -81.71 -39.90
CA ALA S 108 -67.08 -80.98 -40.64
C ALA S 108 -67.43 -81.71 -41.92
N ARG S 109 -66.47 -82.41 -42.51
CA ARG S 109 -66.76 -83.32 -43.61
C ARG S 109 -67.67 -84.45 -43.18
N SER S 110 -67.48 -84.95 -41.96
CA SER S 110 -68.24 -86.09 -41.50
C SER S 110 -69.69 -85.72 -41.22
N ARG S 111 -69.93 -84.51 -40.75
CA ARG S 111 -71.29 -84.13 -40.39
C ARG S 111 -72.10 -83.75 -41.60
N ILE S 112 -71.45 -83.30 -42.66
CA ILE S 112 -72.16 -82.96 -43.87
C ILE S 112 -72.59 -84.22 -44.59
N LEU S 113 -71.71 -85.20 -44.67
CA LEU S 113 -72.05 -86.42 -45.38
C LEU S 113 -72.99 -87.30 -44.59
N ARG S 114 -72.93 -87.25 -43.27
CA ARG S 114 -73.85 -88.05 -42.47
C ARG S 114 -75.26 -87.48 -42.51
N ALA S 115 -75.37 -86.17 -42.69
CA ALA S 115 -76.66 -85.53 -42.84
C ALA S 115 -77.16 -85.54 -44.28
N GLY S 116 -76.55 -86.34 -45.14
CA GLY S 116 -77.07 -86.49 -46.48
C GLY S 116 -76.69 -85.39 -47.44
N GLY S 117 -75.59 -84.70 -47.19
CA GLY S 117 -75.19 -83.59 -48.03
C GLY S 117 -74.07 -83.97 -48.97
N LYS S 118 -73.71 -83.01 -49.81
CA LYS S 118 -72.70 -83.22 -50.84
C LYS S 118 -71.59 -82.20 -50.67
N ILE S 119 -70.36 -82.63 -50.90
CA ILE S 119 -69.19 -81.75 -50.83
C ILE S 119 -68.50 -81.76 -52.18
N LEU S 120 -68.37 -80.59 -52.78
CA LEU S 120 -67.69 -80.41 -54.05
C LEU S 120 -66.32 -79.81 -53.83
N THR S 121 -65.52 -79.85 -54.89
CA THR S 121 -64.33 -79.04 -54.96
C THR S 121 -64.50 -78.08 -56.12
N PHE S 122 -63.61 -77.10 -56.21
CA PHE S 122 -63.75 -76.05 -57.21
C PHE S 122 -63.52 -76.55 -58.63
N ASP S 123 -62.86 -77.68 -58.83
CA ASP S 123 -62.77 -78.20 -60.18
C ASP S 123 -64.07 -78.82 -60.64
N GLN S 124 -64.85 -79.40 -59.75
CA GLN S 124 -66.13 -79.96 -60.11
C GLN S 124 -67.29 -79.04 -59.80
N LEU S 125 -67.04 -77.89 -59.19
CA LEU S 125 -68.03 -76.82 -59.23
C LEU S 125 -68.13 -76.25 -60.63
N ALA S 126 -67.01 -76.16 -61.34
CA ALA S 126 -67.00 -75.57 -62.66
C ALA S 126 -67.71 -76.41 -63.71
N LEU S 127 -68.03 -77.66 -63.40
CA LEU S 127 -68.76 -78.47 -64.35
C LEU S 127 -70.26 -78.45 -64.06
N ASP S 128 -70.63 -78.36 -62.79
CA ASP S 128 -72.01 -78.07 -62.45
C ASP S 128 -72.39 -76.67 -62.86
N SER S 129 -71.64 -75.67 -62.41
CA SER S 129 -72.01 -74.29 -62.59
C SER S 129 -70.81 -73.53 -63.11
N PRO S 130 -70.57 -73.55 -64.42
CA PRO S 130 -69.45 -72.78 -64.96
C PRO S 130 -69.70 -71.29 -64.93
N LYS S 131 -70.95 -70.89 -65.04
CA LYS S 131 -71.33 -69.50 -65.01
C LYS S 131 -71.43 -68.98 -63.58
N GLY S 132 -71.49 -69.86 -62.60
CA GLY S 132 -71.72 -69.45 -61.24
C GLY S 132 -73.17 -69.31 -60.87
N CYS S 133 -74.06 -69.90 -61.65
CA CYS S 133 -75.48 -69.81 -61.40
C CYS S 133 -75.89 -70.67 -60.22
N GLY S 134 -76.85 -70.19 -59.45
CA GLY S 134 -77.39 -70.95 -58.35
C GLY S 134 -76.46 -71.08 -57.18
N THR S 135 -75.54 -70.14 -56.99
CA THR S 135 -74.57 -70.20 -55.92
C THR S 135 -74.89 -69.16 -54.86
N VAL S 136 -74.54 -69.47 -53.62
CA VAL S 136 -74.44 -68.47 -52.57
C VAL S 136 -72.97 -68.41 -52.19
N LEU S 137 -72.38 -67.25 -52.33
CA LEU S 137 -70.96 -67.07 -52.14
C LEU S 137 -70.73 -66.45 -50.76
N LEU S 138 -69.92 -67.09 -49.95
CA LEU S 138 -69.82 -66.70 -48.55
C LEU S 138 -68.38 -66.42 -48.20
N SER S 139 -68.18 -66.01 -46.96
CA SER S 139 -66.84 -65.68 -46.48
C SER S 139 -66.84 -65.76 -44.97
N GLY S 140 -65.69 -66.09 -44.42
CA GLY S 140 -65.53 -66.07 -42.99
C GLY S 140 -65.37 -64.66 -42.48
N PRO S 141 -65.31 -64.53 -41.19
CA PRO S 141 -65.11 -63.20 -40.61
C PRO S 141 -63.70 -62.71 -40.79
N ARG S 142 -63.49 -61.76 -41.69
CA ARG S 142 -62.13 -61.37 -42.03
C ARG S 142 -61.50 -60.51 -40.96
N LYS S 143 -62.30 -59.82 -40.18
CA LYS S 143 -61.77 -59.04 -39.09
C LYS S 143 -62.00 -59.73 -37.76
N GLY S 144 -62.41 -60.98 -37.79
CA GLY S 144 -62.39 -61.71 -36.55
C GLY S 144 -61.13 -62.52 -36.49
N ARG S 145 -60.09 -61.93 -35.91
CA ARG S 145 -58.91 -62.61 -35.43
C ARG S 145 -58.17 -61.61 -34.56
N GLU S 146 -57.17 -62.10 -33.84
CA GLU S 146 -56.72 -61.45 -32.62
C GLU S 146 -56.02 -60.13 -32.86
N VAL S 147 -55.41 -59.92 -34.03
CA VAL S 147 -54.65 -58.70 -34.23
C VAL S 147 -55.54 -57.49 -34.38
N TYR S 148 -56.81 -57.67 -34.69
CA TYR S 148 -57.65 -56.51 -34.86
C TYR S 148 -58.11 -55.91 -33.56
N ARG S 149 -57.85 -56.57 -32.43
CA ARG S 149 -58.03 -55.91 -31.15
C ARG S 149 -56.97 -54.86 -30.93
N HIS S 150 -55.77 -55.10 -31.41
CA HIS S 150 -54.62 -54.26 -31.18
C HIS S 150 -54.53 -53.11 -32.16
N PHE S 151 -55.43 -53.05 -33.12
CA PHE S 151 -55.33 -52.09 -34.21
C PHE S 151 -56.19 -50.90 -33.95
N GLY S 152 -55.81 -49.81 -34.58
CA GLY S 152 -56.60 -48.60 -34.52
C GLY S 152 -55.99 -47.57 -33.60
N LYS S 153 -56.88 -46.83 -32.95
CA LYS S 153 -56.47 -45.71 -32.12
C LYS S 153 -55.74 -46.19 -30.88
N ALA S 154 -54.58 -45.60 -30.60
CA ALA S 154 -53.65 -46.07 -29.59
C ALA S 154 -54.27 -46.07 -28.20
N PRO S 155 -53.85 -46.99 -27.31
CA PRO S 155 -54.63 -47.22 -26.10
C PRO S 155 -54.56 -46.12 -25.09
N GLY S 156 -53.57 -45.24 -25.14
CA GLY S 156 -53.48 -44.16 -24.21
C GLY S 156 -54.26 -42.94 -24.60
N THR S 157 -55.10 -43.03 -25.61
CA THR S 157 -55.88 -41.93 -26.10
C THR S 157 -57.34 -42.24 -25.90
N PRO S 158 -58.15 -41.26 -25.49
CA PRO S 158 -59.58 -41.53 -25.28
C PRO S 158 -60.35 -41.34 -26.58
N HIS S 159 -61.39 -42.15 -26.79
CA HIS S 159 -61.78 -43.25 -25.95
C HIS S 159 -61.52 -44.44 -26.79
N SER S 160 -60.27 -44.85 -26.83
CA SER S 160 -59.87 -45.97 -27.65
C SER S 160 -59.96 -47.22 -26.81
N HIS S 161 -60.59 -48.25 -27.34
CA HIS S 161 -60.69 -49.51 -26.64
C HIS S 161 -59.74 -50.53 -27.23
N THR S 162 -58.57 -50.06 -27.59
CA THR S 162 -57.56 -50.91 -28.19
C THR S 162 -56.92 -51.76 -27.12
N LYS S 163 -56.68 -52.99 -27.44
CA LYS S 163 -56.04 -53.88 -26.52
C LYS S 163 -54.55 -53.55 -26.50
N PRO S 164 -53.94 -53.25 -25.37
CA PRO S 164 -52.50 -52.99 -25.36
C PRO S 164 -51.72 -54.29 -25.46
N TYR S 165 -50.44 -54.15 -25.71
CA TYR S 165 -49.54 -55.29 -25.71
C TYR S 165 -48.89 -55.42 -24.35
N VAL S 166 -49.45 -56.27 -23.51
CA VAL S 166 -48.92 -56.50 -22.18
C VAL S 166 -48.35 -57.90 -22.17
N ARG S 167 -47.20 -58.09 -21.53
CA ARG S 167 -46.57 -59.39 -21.54
C ARG S 167 -47.30 -60.40 -20.66
N SER S 168 -48.01 -59.93 -19.65
CA SER S 168 -48.73 -60.80 -18.74
C SER S 168 -50.11 -60.20 -18.53
N LYS S 169 -50.82 -60.70 -17.54
CA LYS S 169 -52.19 -60.25 -17.32
C LYS S 169 -52.44 -60.38 -15.82
N GLY S 170 -52.41 -59.26 -15.12
CA GLY S 170 -52.61 -59.28 -13.69
C GLY S 170 -52.81 -57.87 -13.22
N ARG S 171 -52.87 -57.70 -11.91
CA ARG S 171 -53.05 -56.35 -11.43
C ARG S 171 -51.75 -55.58 -11.38
N LYS S 172 -50.60 -56.24 -11.50
CA LYS S 172 -49.35 -55.52 -11.57
C LYS S 172 -49.00 -55.11 -12.98
N PHE S 173 -49.89 -55.27 -13.94
CA PHE S 173 -49.55 -55.04 -15.33
C PHE S 173 -50.56 -54.07 -15.91
N GLU S 174 -50.14 -52.82 -16.08
CA GLU S 174 -50.84 -51.79 -16.83
C GLU S 174 -52.17 -51.41 -16.20
N ARG S 175 -52.17 -51.16 -14.90
CA ARG S 175 -53.40 -50.79 -14.21
C ARG S 175 -53.28 -49.50 -13.43
N ALA S 176 -52.09 -48.98 -13.24
CA ALA S 176 -51.77 -47.78 -12.49
C ALA S 176 -51.92 -46.54 -13.33
N ARG S 177 -51.08 -45.53 -13.10
CA ARG S 177 -51.10 -44.20 -13.70
C ARG S 177 -51.43 -44.18 -15.17
N GLY S 178 -52.53 -43.52 -15.50
CA GLY S 178 -53.05 -43.50 -16.84
C GLY S 178 -54.26 -44.37 -17.03
N ARG S 179 -54.56 -45.26 -16.09
CA ARG S 179 -55.71 -46.14 -16.21
C ARG S 179 -56.83 -45.84 -15.25
N ARG S 180 -56.60 -45.04 -14.24
CA ARG S 180 -57.62 -44.80 -13.24
C ARG S 180 -57.38 -43.43 -12.65
N ALA S 181 -58.45 -42.81 -12.17
CA ALA S 181 -58.38 -41.43 -11.75
C ALA S 181 -57.58 -41.25 -10.47
N SER S 182 -57.47 -42.29 -9.66
CA SER S 182 -56.77 -42.17 -8.39
C SER S 182 -55.27 -42.19 -8.55
N ARG S 183 -54.78 -42.43 -9.77
CA ARG S 183 -53.36 -42.54 -10.07
C ARG S 183 -53.11 -41.61 -11.24
N GLY S 184 -52.93 -40.33 -11.01
CA GLY S 184 -52.71 -39.50 -12.18
C GLY S 184 -54.02 -39.11 -12.83
N TYR S 185 -54.39 -39.86 -13.86
CA TYR S 185 -55.47 -39.52 -14.76
C TYR S 185 -56.08 -40.79 -15.31
N LYS S 186 -57.25 -40.68 -15.89
CA LYS S 186 -57.87 -41.86 -16.45
C LYS S 186 -57.95 -41.88 -17.97
N ASN S 187 -58.15 -40.73 -18.63
CA ASN S 187 -58.68 -40.57 -20.00
C ASN S 187 -59.36 -41.76 -20.72
N SER T 1 56.13 -62.76 -44.73
CA SER T 1 54.68 -62.68 -44.87
C SER T 1 54.10 -61.67 -43.88
N MET T 2 53.86 -62.13 -42.65
CA MET T 2 53.41 -61.28 -41.55
C MET T 2 54.15 -61.68 -40.29
N LEU T 3 54.79 -60.71 -39.64
CA LEU T 3 55.63 -60.98 -38.49
C LEU T 3 55.08 -60.33 -37.24
N ARG T 4 53.79 -60.45 -37.02
CA ARG T 4 53.20 -59.84 -35.83
C ARG T 4 53.45 -60.69 -34.60
N LEU T 5 53.41 -62.01 -34.75
CA LEU T 5 53.78 -62.91 -33.68
C LEU T 5 55.24 -62.76 -33.29
N GLN T 6 56.11 -62.61 -34.28
CA GLN T 6 57.54 -62.63 -34.01
C GLN T 6 57.98 -61.36 -33.33
N LYS T 7 57.31 -60.25 -33.60
CA LYS T 7 57.61 -59.01 -32.92
C LYS T 7 57.22 -59.07 -31.45
N ARG T 8 56.12 -59.76 -31.15
CA ARG T 8 55.64 -59.86 -29.78
C ARG T 8 56.55 -60.73 -28.93
N LEU T 9 56.96 -61.87 -29.46
CA LEU T 9 57.82 -62.77 -28.70
C LEU T 9 59.22 -62.21 -28.58
N ALA T 10 59.66 -61.43 -29.55
CA ALA T 10 61.00 -60.86 -29.47
C ALA T 10 61.06 -59.70 -28.50
N SER T 11 59.94 -59.18 -28.06
CA SER T 11 59.99 -58.23 -26.96
C SER T 11 59.83 -58.92 -25.63
N SER T 12 59.22 -60.08 -25.59
CA SER T 12 59.07 -60.79 -24.34
C SER T 12 60.35 -61.50 -23.93
N VAL T 13 61.07 -62.10 -24.88
CA VAL T 13 62.31 -62.77 -24.53
C VAL T 13 63.46 -61.83 -24.32
N LEU T 14 63.24 -60.53 -24.51
CA LEU T 14 64.29 -59.57 -24.57
C LEU T 14 64.04 -58.38 -23.66
N ARG T 15 62.82 -58.25 -23.13
CA ARG T 15 62.41 -57.24 -22.15
C ARG T 15 62.64 -55.83 -22.66
N CYS T 16 62.02 -55.54 -23.79
CA CYS T 16 61.89 -54.20 -24.29
C CYS T 16 60.47 -54.06 -24.80
N GLY T 17 60.16 -52.93 -25.34
CA GLY T 17 58.89 -52.79 -26.01
C GLY T 17 59.03 -53.21 -27.43
N LYS T 18 57.90 -53.24 -28.13
CA LYS T 18 57.95 -53.56 -29.53
C LYS T 18 58.61 -52.48 -30.35
N LYS T 19 58.66 -51.26 -29.84
CA LYS T 19 59.34 -50.20 -30.56
C LYS T 19 60.85 -50.34 -30.52
N LYS T 20 61.39 -51.19 -29.66
CA LYS T 20 62.81 -51.44 -29.60
C LYS T 20 63.21 -52.77 -30.20
N VAL T 21 62.31 -53.46 -30.87
CA VAL T 21 62.65 -54.71 -31.52
C VAL T 21 62.94 -54.44 -32.98
N TRP T 22 64.14 -54.78 -33.41
CA TRP T 22 64.54 -54.66 -34.81
C TRP T 22 64.51 -56.03 -35.44
N LEU T 23 63.62 -56.23 -36.40
CA LEU T 23 63.66 -57.44 -37.20
C LEU T 23 64.39 -57.13 -38.49
N ASP T 24 65.27 -58.01 -38.89
CA ASP T 24 66.06 -57.84 -40.09
C ASP T 24 65.15 -57.89 -41.31
N PRO T 25 65.04 -56.80 -42.09
CA PRO T 25 64.15 -56.82 -43.25
C PRO T 25 64.65 -57.69 -44.37
N ASN T 26 65.96 -57.92 -44.46
CA ASN T 26 66.47 -58.75 -45.54
C ASN T 26 66.24 -60.22 -45.26
N GLU T 27 66.31 -60.61 -44.00
CA GLU T 27 66.09 -62.00 -43.63
C GLU T 27 64.66 -62.21 -43.16
N THR T 28 63.72 -61.75 -43.96
CA THR T 28 62.36 -61.62 -43.50
C THR T 28 61.57 -62.92 -43.52
N ASN T 29 62.09 -63.98 -44.11
CA ASN T 29 61.38 -65.24 -44.07
C ASN T 29 62.07 -66.31 -43.23
N GLU T 30 63.34 -66.13 -42.89
CA GLU T 30 63.90 -66.95 -41.83
C GLU T 30 63.33 -66.61 -40.48
N ILE T 31 62.87 -65.37 -40.31
CA ILE T 31 62.17 -65.00 -39.09
C ILE T 31 60.75 -65.56 -39.13
N ALA T 32 60.18 -65.71 -40.32
CA ALA T 32 58.76 -66.03 -40.42
C ALA T 32 58.45 -67.46 -40.00
N ASN T 33 59.40 -68.37 -40.15
CA ASN T 33 59.20 -69.72 -39.63
C ASN T 33 59.86 -69.89 -38.26
N ALA T 34 59.55 -68.98 -37.34
CA ALA T 34 60.04 -69.02 -35.96
C ALA T 34 58.83 -68.73 -35.08
N ASN T 35 58.14 -69.79 -34.69
CA ASN T 35 56.89 -69.65 -33.98
C ASN T 35 56.99 -69.90 -32.49
N SER T 36 58.18 -70.11 -31.96
CA SER T 36 58.36 -70.49 -30.58
C SER T 36 59.48 -69.65 -29.99
N ARG T 37 59.54 -69.63 -28.67
CA ARG T 37 60.52 -68.77 -28.03
C ARG T 37 61.92 -69.34 -28.07
N GLN T 38 62.10 -70.64 -28.28
CA GLN T 38 63.45 -71.15 -28.46
C GLN T 38 64.03 -70.71 -29.80
N GLN T 39 63.19 -70.61 -30.81
CA GLN T 39 63.64 -70.21 -32.13
C GLN T 39 63.86 -68.71 -32.23
N ILE T 40 63.19 -67.93 -31.40
CA ILE T 40 63.44 -66.49 -31.34
C ILE T 40 64.77 -66.21 -30.69
N ARG T 41 65.11 -66.95 -29.61
CA ARG T 41 66.39 -66.76 -28.93
C ARG T 41 67.56 -67.14 -29.80
N LYS T 42 67.37 -68.10 -30.69
CA LYS T 42 68.43 -68.51 -31.58
C LYS T 42 68.72 -67.44 -32.61
N LEU T 43 67.67 -66.77 -33.09
CA LEU T 43 67.86 -65.69 -34.03
C LEU T 43 68.46 -64.45 -33.37
N ILE T 44 68.27 -64.28 -32.07
CA ILE T 44 68.90 -63.16 -31.39
C ILE T 44 70.39 -63.40 -31.26
N LYS T 45 70.77 -64.62 -30.89
CA LYS T 45 72.17 -65.01 -30.85
C LYS T 45 72.79 -64.96 -32.24
N ASP T 46 71.99 -65.19 -33.27
CA ASP T 46 72.49 -65.09 -34.64
C ASP T 46 72.65 -63.64 -35.06
N GLY T 47 71.79 -62.76 -34.58
CA GLY T 47 71.88 -61.35 -34.92
C GLY T 47 70.82 -60.85 -35.87
N LEU T 48 69.86 -61.70 -36.23
CA LEU T 48 68.76 -61.27 -37.07
C LEU T 48 67.76 -60.43 -36.31
N ILE T 49 67.72 -60.55 -35.00
CA ILE T 49 66.83 -59.76 -34.17
C ILE T 49 67.71 -59.05 -33.15
N ILE T 50 67.76 -57.74 -33.25
CA ILE T 50 68.58 -56.93 -32.36
C ILE T 50 67.63 -56.05 -31.58
N ARG T 51 67.94 -55.76 -30.32
CA ARG T 51 67.20 -54.68 -29.69
C ARG T 51 67.87 -53.36 -30.01
N LYS T 52 67.07 -52.39 -30.30
CA LYS T 52 67.56 -51.07 -30.62
C LYS T 52 67.87 -50.31 -29.33
N PRO T 53 68.81 -49.36 -29.37
CA PRO T 53 69.09 -48.59 -28.16
C PRO T 53 68.04 -47.53 -27.95
N VAL T 54 68.06 -46.93 -26.77
CA VAL T 54 67.11 -45.88 -26.48
C VAL T 54 67.52 -44.63 -27.23
N THR T 55 66.53 -43.81 -27.58
CA THR T 55 66.88 -42.54 -28.19
C THR T 55 67.34 -41.57 -27.11
N VAL T 56 68.23 -40.69 -27.47
CA VAL T 56 68.92 -39.90 -26.47
C VAL T 56 68.03 -38.77 -25.99
N HIS T 57 67.98 -38.59 -24.68
CA HIS T 57 67.42 -37.41 -24.07
C HIS T 57 68.50 -36.92 -23.13
N SER T 58 69.42 -36.14 -23.65
CA SER T 58 70.53 -35.68 -22.85
C SER T 58 70.11 -34.58 -21.91
N ARG T 59 70.78 -34.52 -20.77
CA ARG T 59 70.63 -33.45 -19.80
C ARG T 59 71.72 -32.42 -19.93
N ALA T 60 72.34 -32.28 -21.09
CA ALA T 60 73.48 -31.40 -21.21
C ALA T 60 73.07 -29.95 -21.07
N ARG T 61 71.97 -29.56 -21.71
CA ARG T 61 71.55 -28.17 -21.65
C ARG T 61 71.00 -27.78 -20.29
N CYS T 62 70.29 -28.68 -19.64
CA CYS T 62 69.90 -28.36 -18.28
C CYS T 62 71.03 -28.55 -17.28
N ARG T 63 72.14 -29.19 -17.66
CA ARG T 63 73.28 -29.12 -16.77
C ARG T 63 74.07 -27.85 -16.96
N LYS T 64 74.07 -27.26 -18.14
CA LYS T 64 74.80 -26.02 -18.27
C LYS T 64 73.97 -24.80 -17.90
N ASN T 65 72.67 -24.96 -17.70
CA ASN T 65 71.87 -23.88 -17.15
C ASN T 65 71.80 -23.95 -15.64
N THR T 66 71.87 -25.13 -15.07
CA THR T 66 71.99 -25.25 -13.63
C THR T 66 73.35 -24.75 -13.16
N LEU T 67 74.37 -24.91 -14.01
CA LEU T 67 75.66 -24.32 -13.73
C LEU T 67 75.61 -22.80 -13.79
N ALA T 68 74.77 -22.26 -14.66
CA ALA T 68 74.66 -20.81 -14.78
C ALA T 68 73.66 -20.24 -13.80
N ARG T 69 72.64 -21.00 -13.42
CA ARG T 69 71.75 -20.51 -12.38
C ARG T 69 72.43 -20.47 -11.03
N ARG T 70 73.30 -21.41 -10.75
CA ARG T 70 73.95 -21.39 -9.44
C ARG T 70 75.00 -20.29 -9.37
N LYS T 71 75.48 -19.79 -10.51
CA LYS T 71 76.25 -18.55 -10.47
C LYS T 71 75.40 -17.32 -10.33
N GLY T 72 74.08 -17.43 -10.40
CA GLY T 72 73.22 -16.30 -10.23
C GLY T 72 72.44 -15.91 -11.46
N ARG T 73 72.76 -16.45 -12.61
CA ARG T 73 72.13 -16.00 -13.84
C ARG T 73 70.76 -16.64 -13.95
N HIS T 74 69.90 -16.01 -14.75
CA HIS T 74 68.52 -16.39 -15.03
C HIS T 74 67.61 -16.40 -13.82
N MET T 75 68.06 -15.92 -12.67
CA MET T 75 67.20 -16.01 -11.50
C MET T 75 66.19 -14.87 -11.52
N GLY T 76 66.67 -13.64 -11.47
CA GLY T 76 66.01 -12.42 -11.92
C GLY T 76 64.70 -12.06 -11.22
N ILE T 77 64.21 -10.87 -11.52
CA ILE T 77 62.92 -10.47 -10.99
C ILE T 77 61.82 -10.66 -12.02
N GLY T 78 62.16 -10.79 -13.30
CA GLY T 78 61.25 -11.24 -14.32
C GLY T 78 61.47 -12.67 -14.75
N LYS T 79 62.08 -13.51 -13.92
CA LYS T 79 62.14 -14.93 -14.21
C LYS T 79 61.59 -15.73 -13.05
N ARG T 80 60.97 -15.08 -12.10
CA ARG T 80 60.36 -15.74 -10.97
C ARG T 80 58.88 -15.47 -10.97
N LYS T 81 58.10 -16.52 -10.76
CA LYS T 81 56.67 -16.44 -10.93
C LYS T 81 55.87 -16.85 -9.73
N GLY T 82 56.46 -17.49 -8.74
CA GLY T 82 55.79 -17.75 -7.48
C GLY T 82 56.21 -16.76 -6.43
N THR T 83 55.43 -16.70 -5.35
CA THR T 83 55.71 -15.73 -4.32
C THR T 83 56.95 -16.13 -3.57
N ALA T 84 57.58 -15.16 -2.91
CA ALA T 84 58.85 -15.44 -2.25
C ALA T 84 58.71 -16.42 -1.11
N ASN T 85 57.55 -16.42 -0.45
CA ASN T 85 57.24 -17.46 0.50
C ASN T 85 57.06 -18.81 -0.18
N ALA T 86 56.50 -18.84 -1.38
CA ALA T 86 56.36 -20.12 -2.07
C ALA T 86 57.67 -20.58 -2.66
N ARG T 87 58.56 -19.64 -2.93
CA ARG T 87 59.82 -19.93 -3.60
C ARG T 87 60.85 -20.41 -2.60
N MET T 88 60.76 -19.95 -1.36
CA MET T 88 61.40 -20.49 -0.18
C MET T 88 60.62 -20.12 1.06
N PRO T 89 60.04 -21.08 1.77
CA PRO T 89 59.15 -20.75 2.88
C PRO T 89 59.90 -20.11 4.02
N GLU T 90 59.30 -19.06 4.59
CA GLU T 90 59.99 -18.37 5.64
C GLU T 90 59.88 -19.11 6.96
N LYS T 91 59.00 -20.11 7.03
CA LYS T 91 59.06 -21.03 8.14
C LYS T 91 60.29 -21.90 8.06
N VAL T 92 60.65 -22.33 6.86
CA VAL T 92 61.84 -23.14 6.68
C VAL T 92 63.07 -22.31 6.95
N THR T 93 63.04 -21.03 6.58
CA THR T 93 64.14 -20.13 6.93
C THR T 93 64.24 -19.99 8.43
N TRP T 94 63.12 -19.83 9.11
CA TRP T 94 63.13 -19.73 10.56
C TRP T 94 63.54 -21.03 11.21
N MET T 95 63.08 -22.15 10.68
CA MET T 95 63.41 -23.43 11.27
C MET T 95 64.87 -23.74 11.08
N ARG T 96 65.46 -23.31 9.96
CA ARG T 96 66.87 -23.53 9.71
C ARG T 96 67.71 -22.63 10.60
N ARG T 97 67.30 -21.39 10.76
CA ARG T 97 68.08 -20.40 11.49
C ARG T 97 68.07 -20.67 12.97
N MET T 98 66.98 -21.24 13.45
CA MET T 98 66.87 -21.56 14.85
C MET T 98 67.76 -22.71 15.22
N ARG T 99 67.90 -23.68 14.33
CA ARG T 99 68.73 -24.83 14.64
C ARG T 99 70.20 -24.49 14.61
N ILE T 100 70.59 -23.52 13.79
CA ILE T 100 71.97 -23.08 13.75
C ILE T 100 72.33 -22.32 15.02
N LEU T 101 71.44 -21.41 15.42
CA LEU T 101 71.71 -20.60 16.59
C LEU T 101 71.45 -21.33 17.90
N ARG T 102 70.70 -22.42 17.89
CA ARG T 102 70.55 -23.22 19.09
C ARG T 102 71.68 -24.21 19.29
N ARG T 103 72.35 -24.65 18.23
CA ARG T 103 73.41 -25.62 18.47
C ARG T 103 74.75 -24.95 18.71
N LEU T 104 74.91 -23.70 18.32
CA LEU T 104 76.09 -22.98 18.76
C LEU T 104 75.98 -22.59 20.21
N LEU T 105 74.77 -22.37 20.69
CA LEU T 105 74.59 -22.13 22.11
C LEU T 105 74.83 -23.38 22.93
N ARG T 106 74.41 -24.55 22.45
CA ARG T 106 74.70 -25.76 23.21
C ARG T 106 76.17 -26.12 23.15
N ARG T 107 76.86 -25.66 22.14
CA ARG T 107 78.26 -26.03 21.99
C ARG T 107 79.14 -25.09 22.78
N TYR T 108 78.71 -23.85 22.98
CA TYR T 108 79.46 -22.97 23.86
C TYR T 108 79.27 -23.32 25.31
N ARG T 109 78.12 -23.86 25.66
CA ARG T 109 77.86 -24.19 27.06
C ARG T 109 78.69 -25.36 27.51
N GLU T 110 78.77 -26.41 26.68
CA GLU T 110 79.59 -27.55 27.03
C GLU T 110 81.08 -27.32 26.79
N SER T 111 81.46 -26.23 26.14
CA SER T 111 82.86 -25.88 26.04
C SER T 111 83.25 -24.87 27.08
N LYS T 112 82.34 -24.55 27.99
CA LYS T 112 82.53 -23.65 29.12
C LYS T 112 82.89 -22.22 28.70
N LYS T 113 82.50 -21.79 27.51
CA LYS T 113 82.57 -20.37 27.22
C LYS T 113 81.51 -19.62 28.00
N ILE T 114 80.27 -20.05 27.90
CA ILE T 114 79.18 -19.44 28.66
C ILE T 114 78.75 -20.43 29.73
N ASP T 115 78.16 -19.90 30.79
CA ASP T 115 77.68 -20.76 31.86
C ASP T 115 76.25 -21.18 31.57
N ARG T 116 75.60 -21.78 32.56
CA ARG T 116 74.20 -22.17 32.44
C ARG T 116 73.27 -20.98 32.48
N HIS T 117 73.72 -19.82 32.94
CA HIS T 117 72.86 -18.68 33.14
C HIS T 117 72.88 -17.73 31.95
N MET T 118 74.04 -17.59 31.33
CA MET T 118 74.10 -16.78 30.13
C MET T 118 73.49 -17.51 28.97
N TYR T 119 73.62 -18.84 28.95
CA TYR T 119 72.98 -19.67 27.94
C TYR T 119 71.48 -19.49 27.96
N HIS T 120 70.88 -19.52 29.14
CA HIS T 120 69.43 -19.59 29.21
C HIS T 120 68.81 -18.24 28.90
N SER T 121 69.49 -17.16 29.21
CA SER T 121 69.01 -15.85 28.83
C SER T 121 69.22 -15.60 27.35
N LEU T 122 70.29 -16.14 26.78
CA LEU T 122 70.48 -16.01 25.35
C LEU T 122 69.49 -16.84 24.58
N TYR T 123 69.07 -17.97 25.13
CA TYR T 123 68.22 -18.91 24.44
C TYR T 123 66.85 -18.32 24.21
N LEU T 124 66.45 -17.39 25.05
CA LEU T 124 65.18 -16.71 24.89
C LEU T 124 65.30 -15.47 24.04
N LYS T 125 66.50 -14.95 23.83
CA LYS T 125 66.65 -13.90 22.83
C LYS T 125 66.74 -14.48 21.44
N VAL T 126 67.11 -15.75 21.32
CA VAL T 126 67.13 -16.38 20.02
C VAL T 126 65.71 -16.68 19.55
N LYS T 127 64.83 -17.06 20.48
CA LYS T 127 63.40 -17.15 20.19
C LYS T 127 62.82 -15.84 19.72
N GLY T 128 63.24 -14.75 20.33
CA GLY T 128 62.56 -13.50 20.13
C GLY T 128 63.24 -12.64 19.10
N ASN T 129 63.95 -13.28 18.18
CA ASN T 129 64.37 -12.69 16.91
C ASN T 129 65.39 -11.57 17.11
N VAL T 130 66.22 -11.69 18.13
CA VAL T 130 67.24 -10.67 18.34
C VAL T 130 68.38 -10.82 17.33
N PHE T 131 68.80 -12.04 17.06
CA PHE T 131 70.01 -12.26 16.29
C PHE T 131 69.70 -12.79 14.91
N LYS T 132 70.36 -12.23 13.91
CA LYS T 132 70.12 -12.63 12.54
C LYS T 132 70.84 -13.88 12.14
N ASN T 133 72.02 -14.14 12.66
CA ASN T 133 72.85 -15.21 12.11
C ASN T 133 73.86 -15.64 13.16
N LYS T 134 74.78 -16.49 12.73
CA LYS T 134 75.78 -17.05 13.61
C LYS T 134 76.85 -16.02 13.93
N ARG T 135 77.03 -15.04 13.05
CA ARG T 135 78.08 -14.04 13.22
C ARG T 135 77.67 -12.92 14.15
N ILE T 136 76.43 -12.44 14.06
CA ILE T 136 75.94 -11.46 15.02
C ILE T 136 75.88 -12.04 16.43
N LEU T 137 75.43 -13.29 16.56
CA LEU T 137 75.37 -13.92 17.87
C LEU T 137 76.74 -14.15 18.47
N MET T 138 77.74 -14.40 17.61
CA MET T 138 79.09 -14.66 18.07
C MET T 138 79.65 -13.46 18.80
N GLU T 139 79.47 -12.28 18.23
CA GLU T 139 80.12 -11.10 18.77
C GLU T 139 79.30 -10.43 19.85
N HIS T 140 78.01 -10.72 19.96
CA HIS T 140 77.29 -10.28 21.15
C HIS T 140 77.75 -11.05 22.37
N ILE T 141 78.07 -12.32 22.20
CA ILE T 141 78.67 -13.11 23.25
C ILE T 141 80.03 -12.56 23.65
N HIS T 142 80.81 -12.07 22.69
CA HIS T 142 82.15 -11.62 23.04
C HIS T 142 82.14 -10.33 23.82
N LYS T 143 81.11 -9.52 23.68
CA LYS T 143 81.05 -8.36 24.53
C LYS T 143 80.27 -8.61 25.82
N LEU T 144 79.44 -9.64 25.88
CA LEU T 144 78.88 -10.00 27.17
C LEU T 144 79.92 -10.62 28.07
N LYS T 145 80.79 -11.46 27.51
CA LYS T 145 81.88 -12.01 28.30
C LYS T 145 82.88 -10.93 28.69
N ALA T 146 83.06 -9.92 27.85
CA ALA T 146 83.96 -8.83 28.20
C ALA T 146 83.40 -8.00 29.34
N ASP T 147 82.11 -7.68 29.29
CA ASP T 147 81.54 -6.84 30.32
C ASP T 147 81.29 -7.61 31.60
N LYS T 148 81.27 -8.93 31.53
CA LYS T 148 81.15 -9.73 32.74
C LYS T 148 82.49 -9.93 33.39
N ALA T 149 83.53 -10.20 32.59
CA ALA T 149 84.86 -10.42 33.14
C ALA T 149 85.51 -9.12 33.59
N ARG T 150 84.99 -7.98 33.17
CA ARG T 150 85.51 -6.74 33.73
C ARG T 150 84.94 -6.50 35.11
N LYS T 151 83.62 -6.63 35.27
CA LYS T 151 83.09 -6.44 36.61
C LYS T 151 83.29 -7.66 37.50
N LYS T 152 83.85 -8.74 36.99
CA LYS T 152 84.40 -9.74 37.89
C LYS T 152 85.69 -9.22 38.50
N LEU T 153 86.45 -8.45 37.73
CA LEU T 153 87.73 -7.96 38.20
C LEU T 153 87.55 -6.88 39.27
N LEU T 154 86.59 -6.00 39.07
CA LEU T 154 86.32 -4.97 40.06
C LEU T 154 85.65 -5.53 41.31
N ALA T 155 84.91 -6.61 41.18
CA ALA T 155 84.31 -7.24 42.35
C ALA T 155 85.31 -8.02 43.16
N ASP T 156 86.47 -8.35 42.60
CA ASP T 156 87.51 -9.00 43.37
C ASP T 156 88.50 -8.01 43.91
N GLN T 157 88.78 -6.95 43.17
CA GLN T 157 89.57 -5.84 43.66
C GLN T 157 88.89 -5.15 44.83
N ALA T 158 87.57 -5.10 44.84
CA ALA T 158 86.86 -4.48 45.96
C ALA T 158 86.79 -5.43 47.14
N GLU T 159 86.60 -6.72 46.89
CA GLU T 159 86.56 -7.67 47.99
C GLU T 159 87.93 -8.17 48.38
N ALA T 160 88.98 -7.68 47.72
CA ALA T 160 90.32 -7.83 48.28
C ALA T 160 90.53 -6.84 49.41
N ARG T 161 90.28 -5.56 49.14
CA ARG T 161 90.45 -4.52 50.15
C ARG T 161 89.40 -4.63 51.24
N ARG T 162 88.24 -5.21 50.94
CA ARG T 162 87.24 -5.40 51.98
C ARG T 162 87.65 -6.51 52.93
N SER T 163 88.08 -7.65 52.39
CA SER T 163 88.48 -8.76 53.24
C SER T 163 89.81 -8.51 53.93
N LYS T 164 90.60 -7.58 53.43
CA LYS T 164 91.88 -7.22 54.05
C LYS T 164 91.66 -6.53 55.38
N THR T 165 90.58 -5.78 55.52
CA THR T 165 90.33 -5.09 56.78
C THR T 165 89.76 -6.01 57.85
N LYS T 166 88.73 -6.79 57.51
CA LYS T 166 88.02 -7.58 58.51
C LYS T 166 88.85 -8.71 59.09
N GLU T 167 89.94 -9.10 58.46
CA GLU T 167 90.91 -9.97 59.13
C GLU T 167 91.99 -9.18 59.85
N ALA T 168 92.26 -7.96 59.44
CA ALA T 168 93.18 -7.13 60.20
C ALA T 168 92.51 -6.56 61.43
N ARG T 169 91.21 -6.27 61.33
CA ARG T 169 90.49 -5.65 62.44
C ARG T 169 90.27 -6.63 63.57
N LYS T 170 90.05 -7.92 63.26
CA LYS T 170 89.86 -8.91 64.30
C LYS T 170 91.12 -9.17 65.09
N ARG T 171 92.28 -8.77 64.58
CA ARG T 171 93.49 -8.81 65.36
C ARG T 171 93.99 -7.43 65.75
N ARG T 172 93.26 -6.36 65.41
CA ARG T 172 93.43 -5.09 66.13
C ARG T 172 92.83 -5.17 67.51
N GLU T 173 91.75 -5.93 67.68
CA GLU T 173 91.05 -5.93 68.94
C GLU T 173 91.73 -6.82 69.97
N GLU T 174 92.45 -7.86 69.53
CA GLU T 174 93.00 -8.85 70.44
C GLU T 174 94.49 -8.65 70.70
N ARG T 175 95.09 -7.61 70.13
CA ARG T 175 96.54 -7.50 70.23
C ARG T 175 96.97 -6.89 71.55
N LEU T 176 96.41 -5.73 71.91
CA LEU T 176 96.86 -4.99 73.08
C LEU T 176 96.06 -5.33 74.35
N GLN T 177 94.99 -6.11 74.23
CA GLN T 177 94.08 -6.36 75.36
C GLN T 177 94.57 -7.46 76.30
N ALA T 178 95.89 -7.70 76.34
CA ALA T 178 96.47 -8.72 77.22
C ALA T 178 96.30 -8.40 78.71
N LYS T 179 96.00 -7.15 79.07
CA LYS T 179 95.64 -6.78 80.44
C LYS T 179 94.22 -7.18 80.79
N LYS T 180 93.41 -7.55 79.80
CA LYS T 180 92.03 -7.95 80.09
C LYS T 180 91.94 -9.36 80.65
N GLU T 181 93.03 -10.13 80.63
CA GLU T 181 92.95 -11.45 81.25
C GLU T 181 94.12 -11.81 82.15
N GLU T 182 95.35 -11.42 81.80
CA GLU T 182 96.55 -11.94 82.47
C GLU T 182 97.06 -10.98 83.54
N ILE T 183 96.22 -10.65 84.52
CA ILE T 183 96.63 -9.68 85.53
C ILE T 183 96.47 -10.21 86.95
N ILE T 184 95.29 -10.76 87.27
CA ILE T 184 94.80 -10.82 88.64
C ILE T 184 95.57 -11.76 89.56
N LYS T 185 96.43 -12.63 89.02
CA LYS T 185 97.16 -13.59 89.84
C LYS T 185 98.53 -13.11 90.26
N THR T 186 98.88 -11.86 89.94
CA THR T 186 100.17 -11.30 90.33
C THR T 186 100.07 -10.22 91.40
N LEU T 187 98.88 -9.98 91.95
CA LEU T 187 98.58 -8.94 92.94
C LEU T 187 99.02 -7.55 92.45
N LYS U 1 -47.17 -1.84 -74.11
CA LYS U 1 -47.44 -1.58 -75.51
C LYS U 1 -46.15 -1.40 -76.30
N ALA U 2 -45.85 -2.32 -77.18
CA ALA U 2 -44.74 -2.18 -78.11
C ALA U 2 -45.23 -1.42 -79.35
N SER U 3 -44.51 -1.53 -80.45
CA SER U 3 -44.86 -0.82 -81.67
C SER U 3 -44.44 -1.68 -82.86
N GLY U 4 -44.23 -1.03 -84.00
CA GLY U 4 -43.68 -1.65 -85.20
C GLY U 4 -44.12 -1.03 -86.50
N THR U 5 -45.37 -0.59 -86.58
CA THR U 5 -45.91 0.52 -87.38
C THR U 5 -47.37 0.65 -86.98
N LEU U 6 -47.79 1.87 -86.76
CA LEU U 6 -49.06 2.04 -86.08
C LEU U 6 -50.18 2.20 -87.10
N ARG U 7 -51.37 1.91 -86.66
CA ARG U 7 -52.59 2.20 -87.39
C ARG U 7 -53.48 3.05 -86.52
N GLU U 8 -54.26 3.90 -87.14
CA GLU U 8 -55.28 4.65 -86.42
C GLU U 8 -56.53 3.80 -86.29
N TYR U 9 -57.21 3.92 -85.16
CA TYR U 9 -58.46 3.21 -84.95
C TYR U 9 -59.54 4.17 -84.48
N LYS U 10 -60.76 3.93 -84.93
CA LYS U 10 -61.94 4.59 -84.39
C LYS U 10 -62.61 3.60 -83.45
N VAL U 11 -62.38 3.74 -82.16
CA VAL U 11 -62.94 2.80 -81.20
C VAL U 11 -64.06 3.51 -80.47
N VAL U 12 -65.23 2.88 -80.46
CA VAL U 12 -66.43 3.41 -79.82
C VAL U 12 -66.85 2.43 -78.74
N GLY U 13 -67.08 2.93 -77.53
CA GLY U 13 -67.51 2.10 -76.43
C GLY U 13 -68.66 2.75 -75.67
N ARG U 14 -69.25 1.97 -74.77
CA ARG U 14 -70.31 2.48 -73.90
C ARG U 14 -70.46 1.55 -72.72
N CYS U 15 -70.90 2.12 -71.59
CA CYS U 15 -71.18 1.35 -70.39
C CYS U 15 -72.34 0.40 -70.60
N LEU U 16 -72.36 -0.69 -69.85
CA LEU U 16 -73.46 -1.63 -69.98
C LEU U 16 -74.75 -1.02 -69.42
N PRO U 17 -75.87 -1.23 -70.09
CA PRO U 17 -77.13 -0.63 -69.64
C PRO U 17 -77.64 -1.23 -68.35
N THR U 18 -77.61 -0.45 -67.29
CA THR U 18 -78.15 -0.81 -66.00
C THR U 18 -79.66 -0.59 -66.01
N PRO U 19 -80.38 -0.96 -64.94
CA PRO U 19 -81.73 -0.41 -64.79
C PRO U 19 -81.73 0.93 -64.08
N LYS U 20 -80.75 1.78 -64.38
CA LYS U 20 -80.70 3.16 -63.94
C LYS U 20 -80.55 4.11 -65.12
N CYS U 21 -79.63 3.80 -66.02
CA CYS U 21 -79.45 4.50 -67.28
C CYS U 21 -79.65 3.47 -68.37
N HIS U 22 -80.76 3.56 -69.09
CA HIS U 22 -81.07 2.52 -70.06
C HIS U 22 -80.23 2.65 -71.33
N THR U 23 -79.93 3.88 -71.75
CA THR U 23 -79.06 4.11 -72.90
C THR U 23 -77.90 4.96 -72.45
N PRO U 24 -76.75 4.35 -72.15
CA PRO U 24 -75.59 5.12 -71.77
C PRO U 24 -74.98 5.80 -72.98
N PRO U 25 -74.23 6.87 -72.78
CA PRO U 25 -73.68 7.60 -73.92
C PRO U 25 -72.55 6.84 -74.59
N LEU U 26 -72.53 6.90 -75.92
CA LEU U 26 -71.43 6.33 -76.69
C LEU U 26 -70.25 7.28 -76.64
N TYR U 27 -69.07 6.75 -76.39
CA TYR U 27 -67.86 7.56 -76.41
C TYR U 27 -66.92 7.01 -77.46
N ARG U 28 -66.22 7.89 -78.16
CA ARG U 28 -65.24 7.42 -79.09
C ARG U 28 -63.90 8.09 -78.86
N MET U 29 -62.85 7.33 -79.14
CA MET U 29 -61.49 7.82 -79.13
C MET U 29 -60.85 7.46 -80.45
N ARG U 30 -59.75 8.13 -80.75
CA ARG U 30 -58.89 7.73 -81.85
C ARG U 30 -57.56 7.29 -81.28
N ILE U 31 -57.15 6.09 -81.62
CA ILE U 31 -56.17 5.34 -80.86
C ILE U 31 -55.18 4.72 -81.81
N PHE U 32 -53.91 5.01 -81.61
CA PHE U 32 -52.87 4.49 -82.48
C PHE U 32 -52.26 3.28 -81.81
N ALA U 33 -52.14 2.20 -82.56
CA ALA U 33 -51.81 0.91 -81.98
C ALA U 33 -51.27 0.01 -83.07
N PRO U 34 -50.52 -1.04 -82.73
CA PRO U 34 -50.10 -1.99 -83.75
C PRO U 34 -51.24 -2.80 -84.35
N ASN U 35 -52.24 -3.17 -83.58
CA ASN U 35 -53.37 -3.93 -84.09
C ASN U 35 -54.58 -3.65 -83.23
N HIS U 36 -55.68 -4.36 -83.49
CA HIS U 36 -56.92 -4.03 -82.83
C HIS U 36 -57.09 -4.71 -81.48
N VAL U 37 -56.28 -5.72 -81.17
CA VAL U 37 -56.31 -6.28 -79.82
C VAL U 37 -55.69 -5.30 -78.85
N VAL U 38 -54.61 -4.63 -79.27
CA VAL U 38 -53.99 -3.61 -78.45
C VAL U 38 -54.82 -2.34 -78.45
N ALA U 39 -55.51 -2.07 -79.56
CA ALA U 39 -56.28 -0.85 -79.66
C ALA U 39 -57.49 -0.86 -78.74
N LYS U 40 -58.12 -2.02 -78.57
CA LYS U 40 -59.26 -2.06 -77.67
C LYS U 40 -58.85 -1.95 -76.22
N SER U 41 -57.63 -2.32 -75.88
CA SER U 41 -57.18 -2.18 -74.50
C SER U 41 -56.46 -0.88 -74.22
N ARG U 42 -56.13 -0.07 -75.23
CA ARG U 42 -55.75 1.29 -74.91
C ARG U 42 -56.99 2.11 -74.67
N PHE U 43 -58.10 1.70 -75.29
CA PHE U 43 -59.38 2.37 -75.08
C PHE U 43 -59.79 2.32 -73.63
N TRP U 44 -59.75 1.14 -73.03
CA TRP U 44 -60.15 1.06 -71.64
C TRP U 44 -59.12 1.64 -70.72
N TYR U 45 -57.88 1.76 -71.16
CA TYR U 45 -56.89 2.49 -70.38
C TYR U 45 -57.25 3.95 -70.29
N PHE U 46 -57.55 4.58 -71.41
CA PHE U 46 -57.84 6.00 -71.38
C PHE U 46 -59.22 6.28 -70.87
N VAL U 47 -60.18 5.41 -71.17
CA VAL U 47 -61.54 5.76 -70.78
C VAL U 47 -61.77 5.46 -69.31
N SER U 48 -60.92 4.65 -68.68
CA SER U 48 -60.98 4.54 -67.24
C SER U 48 -60.43 5.77 -66.58
N GLN U 49 -59.50 6.46 -67.20
CA GLN U 49 -58.95 7.67 -66.62
C GLN U 49 -59.88 8.86 -66.75
N LEU U 50 -60.84 8.80 -67.65
CA LEU U 50 -61.72 9.94 -67.90
C LEU U 50 -63.08 9.73 -67.27
N LYS U 51 -63.77 8.67 -67.67
CA LYS U 51 -65.07 8.33 -67.13
C LYS U 51 -64.91 7.16 -66.17
N LYS U 52 -65.87 6.99 -65.28
CA LYS U 52 -65.75 5.91 -64.31
C LYS U 52 -66.31 4.67 -64.98
N MET U 53 -65.46 4.06 -65.79
CA MET U 53 -65.86 3.03 -66.74
C MET U 53 -64.75 2.01 -66.82
N LYS U 54 -65.04 0.76 -66.53
CA LYS U 54 -64.09 -0.31 -66.74
C LYS U 54 -64.57 -1.19 -67.88
N LYS U 55 -63.70 -2.08 -68.35
CA LYS U 55 -64.11 -2.94 -69.44
C LYS U 55 -65.03 -4.05 -68.99
N SER U 56 -65.18 -4.29 -67.69
CA SER U 56 -66.15 -5.27 -67.23
C SER U 56 -67.57 -4.73 -67.35
N SER U 57 -67.76 -3.47 -67.02
CA SER U 57 -69.05 -2.82 -67.24
C SER U 57 -69.00 -1.96 -68.50
N GLY U 58 -68.74 -2.61 -69.62
CA GLY U 58 -68.65 -1.88 -70.87
C GLY U 58 -68.50 -2.86 -72.01
N GLU U 59 -68.47 -2.29 -73.21
CA GLU U 59 -68.39 -3.08 -74.42
C GLU U 59 -67.84 -2.22 -75.54
N ILE U 60 -66.95 -2.79 -76.33
CA ILE U 60 -66.47 -2.12 -77.53
C ILE U 60 -67.58 -2.25 -78.56
N VAL U 61 -68.23 -1.13 -78.85
CA VAL U 61 -69.33 -1.13 -79.78
C VAL U 61 -68.83 -1.25 -81.21
N TYR U 62 -67.79 -0.50 -81.53
CA TYR U 62 -67.16 -0.53 -82.83
C TYR U 62 -65.67 -0.36 -82.62
N CYS U 63 -64.88 -1.11 -83.37
CA CYS U 63 -63.45 -0.89 -83.44
C CYS U 63 -63.02 -1.11 -84.87
N GLY U 64 -62.79 -0.03 -85.60
CA GLY U 64 -62.41 -0.16 -86.99
C GLY U 64 -61.22 0.72 -87.28
N GLN U 65 -60.56 0.41 -88.39
CA GLN U 65 -59.36 1.14 -88.78
C GLN U 65 -59.74 2.35 -89.60
N VAL U 66 -59.13 3.48 -89.27
CA VAL U 66 -59.28 4.69 -90.06
C VAL U 66 -58.20 4.69 -91.13
N PHE U 67 -58.62 4.82 -92.38
CA PHE U 67 -57.65 4.95 -93.44
C PHE U 67 -57.36 6.41 -93.67
N GLU U 68 -56.20 6.68 -94.24
CA GLU U 68 -55.78 8.05 -94.47
C GLU U 68 -56.54 8.65 -95.64
N LYS U 69 -57.11 9.83 -95.43
CA LYS U 69 -58.01 10.38 -96.43
C LYS U 69 -57.29 11.07 -97.58
N SER U 70 -55.98 11.21 -97.51
CA SER U 70 -55.20 11.71 -98.64
C SER U 70 -53.77 11.25 -98.50
N PRO U 71 -53.49 9.97 -98.76
CA PRO U 71 -52.17 9.41 -98.49
C PRO U 71 -51.11 9.76 -99.50
N LEU U 72 -51.34 10.74 -100.37
CA LEU U 72 -50.35 11.16 -101.34
C LEU U 72 -50.01 12.62 -101.22
N ARG U 73 -50.77 13.39 -100.46
CA ARG U 73 -50.44 14.76 -100.18
C ARG U 73 -49.45 14.77 -99.03
N VAL U 74 -48.45 15.63 -99.10
CA VAL U 74 -47.51 15.77 -98.00
C VAL U 74 -48.08 16.77 -97.02
N LYS U 75 -48.18 16.38 -95.75
CA LYS U 75 -48.88 17.17 -94.74
C LYS U 75 -47.93 17.48 -93.61
N ASN U 76 -48.31 18.45 -92.80
CA ASN U 76 -47.59 18.80 -91.59
C ASN U 76 -48.45 18.41 -90.41
N PHE U 77 -47.89 17.72 -89.44
CA PHE U 77 -48.68 17.13 -88.37
C PHE U 77 -48.24 17.71 -87.04
N GLY U 78 -49.18 18.35 -86.35
CA GLY U 78 -48.95 18.76 -84.99
C GLY U 78 -49.40 17.66 -84.07
N ILE U 79 -48.60 17.39 -83.05
CA ILE U 79 -48.86 16.32 -82.10
C ILE U 79 -48.68 16.88 -80.71
N TRP U 80 -49.69 16.73 -79.89
CA TRP U 80 -49.64 17.08 -78.48
C TRP U 80 -49.52 15.80 -77.68
N LEU U 81 -48.55 15.73 -76.79
CA LEU U 81 -48.42 14.52 -76.01
C LEU U 81 -48.04 14.87 -74.59
N ARG U 82 -47.76 13.83 -73.83
CA ARG U 82 -47.66 13.92 -72.40
C ARG U 82 -46.95 12.67 -71.95
N TYR U 83 -45.83 12.80 -71.26
CA TYR U 83 -45.01 11.62 -71.02
C TYR U 83 -44.36 11.70 -69.66
N ASP U 84 -44.03 10.53 -69.13
CA ASP U 84 -43.41 10.41 -67.83
C ASP U 84 -41.90 10.32 -68.00
N SER U 85 -41.17 11.08 -67.22
CA SER U 85 -39.72 10.98 -67.25
C SER U 85 -39.25 10.19 -66.05
N ARG U 86 -37.93 10.16 -65.81
CA ARG U 86 -37.43 9.64 -64.54
C ARG U 86 -37.89 10.51 -63.41
N SER U 87 -37.94 11.82 -63.65
CA SER U 87 -38.62 12.78 -62.79
C SER U 87 -40.11 12.81 -63.12
N GLY U 88 -40.80 13.87 -62.76
CA GLY U 88 -42.22 13.97 -63.04
C GLY U 88 -42.55 14.05 -64.53
N THR U 89 -43.84 14.11 -64.81
CA THR U 89 -44.35 14.12 -66.17
C THR U 89 -44.46 15.51 -66.77
N HIS U 90 -44.48 15.56 -68.09
CA HIS U 90 -44.27 16.77 -68.86
C HIS U 90 -45.19 16.79 -70.07
N ASN U 91 -45.45 17.98 -70.59
CA ASN U 91 -46.23 18.16 -71.79
C ASN U 91 -45.33 18.55 -72.96
N MET U 92 -45.76 18.19 -74.17
CA MET U 92 -44.99 18.52 -75.36
C MET U 92 -45.89 18.85 -76.54
N TYR U 93 -45.30 19.56 -77.49
CA TYR U 93 -45.84 19.74 -78.82
C TYR U 93 -44.74 19.46 -79.82
N ARG U 94 -44.89 18.41 -80.62
CA ARG U 94 -43.91 18.08 -81.64
C ARG U 94 -44.52 18.30 -83.02
N GLU U 95 -43.69 18.29 -84.05
CA GLU U 95 -44.17 18.39 -85.42
C GLU U 95 -43.39 17.47 -86.32
N TYR U 96 -44.04 16.98 -87.37
CA TYR U 96 -43.46 16.03 -88.31
C TYR U 96 -44.02 16.31 -89.69
N ARG U 97 -43.42 15.69 -90.69
CA ARG U 97 -43.93 15.69 -92.05
C ARG U 97 -44.08 14.26 -92.49
N ASP U 98 -45.26 13.89 -92.98
CA ASP U 98 -45.47 12.52 -93.39
C ASP U 98 -46.63 12.49 -94.37
N LEU U 99 -46.79 11.36 -95.03
CA LEU U 99 -47.93 11.15 -95.91
C LEU U 99 -49.16 10.69 -95.15
N THR U 100 -48.99 9.88 -94.11
CA THR U 100 -50.13 9.36 -93.36
C THR U 100 -50.05 9.84 -91.92
N THR U 101 -51.20 9.81 -91.26
CA THR U 101 -51.29 10.29 -89.88
C THR U 101 -50.60 9.33 -88.93
N ALA U 102 -50.88 8.04 -89.05
CA ALA U 102 -50.21 7.05 -88.21
C ALA U 102 -48.74 6.91 -88.56
N GLY U 103 -48.36 7.28 -89.78
CA GLY U 103 -46.95 7.39 -90.08
C GLY U 103 -46.29 8.48 -89.28
N ALA U 104 -46.99 9.59 -89.04
CA ALA U 104 -46.41 10.67 -88.27
C ALA U 104 -46.35 10.31 -86.80
N VAL U 105 -47.29 9.51 -86.31
CA VAL U 105 -47.30 9.14 -84.91
C VAL U 105 -46.23 8.09 -84.64
N THR U 106 -46.06 7.15 -85.57
CA THR U 106 -44.98 6.18 -85.50
C THR U 106 -43.63 6.88 -85.48
N GLN U 107 -43.49 7.91 -86.31
CA GLN U 107 -42.29 8.73 -86.35
C GLN U 107 -42.07 9.48 -85.06
N CYS U 108 -43.11 9.70 -84.28
CA CYS U 108 -42.97 10.40 -83.01
C CYS U 108 -42.56 9.45 -81.90
N TYR U 109 -43.11 8.23 -81.90
CA TYR U 109 -42.70 7.22 -80.93
C TYR U 109 -41.24 6.84 -81.07
N ARG U 110 -40.72 6.81 -82.28
CA ARG U 110 -39.31 6.53 -82.47
C ARG U 110 -38.48 7.68 -81.95
N ASP U 111 -38.97 8.88 -82.13
CA ASP U 111 -38.24 10.08 -81.82
C ASP U 111 -38.32 10.45 -80.34
N MET U 112 -39.41 10.11 -79.67
CA MET U 112 -39.45 10.27 -78.22
C MET U 112 -38.58 9.26 -77.53
N GLY U 113 -38.44 8.07 -78.11
CA GLY U 113 -37.49 7.13 -77.57
C GLY U 113 -36.06 7.51 -77.86
N ALA U 114 -35.83 8.24 -78.94
CA ALA U 114 -34.47 8.60 -79.31
C ALA U 114 -33.96 9.75 -78.47
N ARG U 115 -34.73 10.81 -78.39
CA ARG U 115 -34.29 12.03 -77.73
C ARG U 115 -34.51 11.99 -76.24
N HIS U 116 -35.48 11.25 -75.76
CA HIS U 116 -35.83 11.35 -74.36
C HIS U 116 -35.78 10.03 -73.62
N ARG U 117 -35.48 8.93 -74.31
CA ARG U 117 -35.55 7.58 -73.77
C ARG U 117 -36.90 7.32 -73.14
N ALA U 118 -37.93 7.72 -73.85
CA ALA U 118 -39.30 7.54 -73.41
C ALA U 118 -39.81 6.25 -74.04
N ARG U 119 -40.09 5.26 -73.21
CA ARG U 119 -40.68 4.05 -73.72
C ARG U 119 -42.15 4.30 -74.01
N ALA U 120 -42.71 3.43 -74.84
CA ALA U 120 -44.05 3.64 -75.37
C ALA U 120 -45.16 3.59 -74.33
N HIS U 121 -44.92 2.96 -73.19
CA HIS U 121 -45.95 2.99 -72.17
C HIS U 121 -46.00 4.32 -71.43
N SER U 122 -44.96 5.13 -71.54
CA SER U 122 -44.95 6.38 -70.83
C SER U 122 -45.64 7.50 -71.58
N ILE U 123 -45.92 7.32 -72.87
CA ILE U 123 -46.39 8.37 -73.75
C ILE U 123 -47.89 8.27 -73.92
N GLN U 124 -48.60 9.40 -73.80
CA GLN U 124 -50.02 9.46 -74.11
C GLN U 124 -50.24 10.48 -75.22
N ILE U 125 -50.57 10.01 -76.42
CA ILE U 125 -50.92 10.90 -77.51
C ILE U 125 -52.28 11.48 -77.21
N MET U 126 -52.37 12.79 -77.05
CA MET U 126 -53.66 13.33 -76.65
C MET U 126 -54.35 14.17 -77.71
N LYS U 127 -53.63 14.68 -78.70
CA LYS U 127 -54.28 15.31 -79.84
C LYS U 127 -53.30 15.33 -81.00
N VAL U 128 -53.75 14.96 -82.18
CA VAL U 128 -52.90 15.00 -83.37
C VAL U 128 -53.67 15.69 -84.49
N GLU U 129 -53.05 16.70 -85.09
CA GLU U 129 -53.73 17.62 -85.97
C GLU U 129 -52.85 17.90 -87.18
N GLU U 130 -53.49 18.10 -88.32
CA GLU U 130 -52.78 18.58 -89.49
C GLU U 130 -52.69 20.10 -89.44
N ILE U 131 -51.48 20.61 -89.60
CA ILE U 131 -51.20 22.02 -89.45
C ILE U 131 -50.90 22.59 -90.82
N ALA U 132 -51.36 23.81 -91.08
CA ALA U 132 -50.92 24.52 -92.27
C ALA U 132 -49.46 24.90 -92.14
N ALA U 133 -48.84 25.21 -93.27
CA ALA U 133 -47.43 25.54 -93.27
C ALA U 133 -47.15 26.87 -92.59
N SER U 134 -48.13 27.76 -92.56
CA SER U 134 -47.96 29.05 -91.92
C SER U 134 -47.99 28.96 -90.41
N LYS U 135 -48.70 27.98 -89.86
CA LYS U 135 -48.88 27.88 -88.42
C LYS U 135 -47.84 27.00 -87.76
N CYS U 136 -46.88 26.49 -88.52
CA CYS U 136 -45.87 25.61 -87.94
C CYS U 136 -44.90 26.41 -87.08
N ARG U 137 -44.41 25.76 -86.03
CA ARG U 137 -43.46 26.37 -85.13
C ARG U 137 -42.07 25.80 -85.21
N ARG U 138 -41.93 24.62 -85.65
CA ARG U 138 -40.65 23.97 -85.53
C ARG U 138 -39.81 24.20 -86.76
N PRO U 139 -38.62 24.77 -86.61
CA PRO U 139 -37.80 25.10 -87.79
C PRO U 139 -37.21 23.90 -88.48
N ALA U 140 -37.25 22.71 -87.88
CA ALA U 140 -36.81 21.53 -88.59
C ALA U 140 -37.86 21.08 -89.59
N VAL U 141 -39.11 21.46 -89.40
CA VAL U 141 -40.14 21.19 -90.38
C VAL U 141 -40.21 22.29 -91.43
N LYS U 142 -40.14 23.54 -91.00
CA LYS U 142 -40.42 24.68 -91.88
C LYS U 142 -39.39 24.90 -92.95
N GLN U 143 -38.21 24.28 -92.86
CA GLN U 143 -37.24 24.51 -93.90
C GLN U 143 -37.57 23.78 -95.18
N PHE U 144 -38.47 22.83 -95.13
CA PHE U 144 -38.92 22.15 -96.33
C PHE U 144 -40.08 22.88 -96.98
N HIS U 145 -40.59 23.91 -96.34
CA HIS U 145 -41.66 24.73 -96.91
C HIS U 145 -41.02 25.73 -97.86
N ASP U 146 -40.81 25.25 -99.08
CA ASP U 146 -40.08 26.03 -100.07
C ASP U 146 -40.41 25.49 -101.44
N SER U 147 -40.92 26.34 -102.32
CA SER U 147 -41.32 25.84 -103.62
C SER U 147 -40.14 25.60 -104.56
N LYS U 148 -38.94 26.05 -104.18
CA LYS U 148 -37.77 25.86 -105.00
C LYS U 148 -36.71 25.08 -104.24
N ILE U 149 -37.11 24.02 -103.54
CA ILE U 149 -36.19 23.28 -102.69
C ILE U 149 -35.18 22.54 -103.54
N LYS U 150 -33.90 22.62 -103.14
CA LYS U 150 -32.80 22.15 -103.95
C LYS U 150 -31.62 21.83 -103.07
N PHE U 151 -31.13 20.60 -103.13
CA PHE U 151 -29.97 20.20 -102.33
C PHE U 151 -29.35 18.96 -102.96
N PRO U 152 -28.06 18.81 -102.88
CA PRO U 152 -27.45 17.61 -103.44
C PRO U 152 -27.42 16.48 -102.43
N LEU U 153 -26.88 15.34 -102.82
CA LEU U 153 -26.68 14.23 -101.92
C LEU U 153 -25.18 14.09 -101.70
N PRO U 154 -24.63 14.75 -100.68
CA PRO U 154 -23.20 15.08 -100.67
C PRO U 154 -22.18 13.96 -100.62
N HIS U 155 -22.25 13.10 -99.61
CA HIS U 155 -21.17 12.20 -99.30
C HIS U 155 -21.79 10.81 -99.26
N ARG U 156 -21.91 10.18 -100.42
CA ARG U 156 -22.65 8.92 -100.49
C ARG U 156 -21.75 7.83 -99.97
N VAL U 157 -22.14 7.22 -98.90
CA VAL U 157 -21.37 6.15 -98.29
C VAL U 157 -21.77 4.83 -98.92
N LEU U 158 -20.77 3.98 -99.17
CA LEU U 158 -21.00 2.69 -99.79
C LEU U 158 -21.82 1.79 -98.89
N ARG U 159 -22.88 1.20 -99.45
CA ARG U 159 -23.70 0.31 -98.68
C ARG U 159 -23.39 -1.16 -98.92
N ARG U 160 -23.12 -1.54 -100.16
CA ARG U 160 -22.77 -2.92 -100.47
C ARG U 160 -21.31 -3.14 -100.15
N GLN U 161 -21.05 -3.40 -98.88
CA GLN U 161 -19.68 -3.50 -98.43
C GLN U 161 -19.16 -4.93 -98.46
N HIS U 162 -19.97 -5.86 -98.94
CA HIS U 162 -19.60 -7.26 -98.97
C HIS U 162 -19.89 -7.88 -100.32
N LYS U 163 -20.29 -7.08 -101.29
CA LYS U 163 -20.51 -7.53 -102.66
C LYS U 163 -19.83 -6.53 -103.59
N PRO U 164 -18.53 -6.70 -103.85
CA PRO U 164 -17.63 -7.72 -103.36
C PRO U 164 -17.04 -7.38 -102.03
N ARG U 165 -16.43 -8.37 -101.39
CA ARG U 165 -15.78 -8.09 -100.14
C ARG U 165 -14.31 -7.76 -100.31
N PHE U 166 -13.62 -8.48 -101.20
CA PHE U 166 -12.25 -8.15 -101.56
C PHE U 166 -12.30 -7.62 -102.98
N THR U 167 -11.80 -6.41 -103.17
CA THR U 167 -11.85 -5.79 -104.48
C THR U 167 -10.54 -5.08 -104.73
N THR U 168 -10.32 -4.68 -105.97
CA THR U 168 -9.06 -4.04 -106.26
C THR U 168 -9.15 -2.53 -106.32
N LYS U 169 -10.34 -1.95 -106.32
CA LYS U 169 -10.45 -0.52 -106.51
C LYS U 169 -11.19 0.11 -105.34
N ARG U 170 -10.75 1.26 -104.97
CA ARG U 170 -11.31 1.95 -103.83
C ARG U 170 -12.61 2.65 -104.24
N PRO U 171 -13.57 2.74 -103.34
CA PRO U 171 -14.89 3.25 -103.72
C PRO U 171 -14.91 4.76 -103.89
N ASN U 172 -15.63 5.18 -104.92
CA ASN U 172 -15.96 6.57 -105.13
C ASN U 172 -17.10 6.96 -104.21
N THR U 173 -17.11 8.22 -103.78
CA THR U 173 -18.23 8.74 -103.01
C THR U 173 -18.87 9.98 -103.61
N PHE U 174 -18.29 10.57 -104.63
CA PHE U 174 -18.89 11.72 -105.29
C PHE U 174 -19.80 11.23 -106.39
N PHE U 175 -21.08 11.61 -106.32
CA PHE U 175 -22.00 11.25 -107.37
C PHE U 175 -22.85 12.46 -107.70
N THR V 1 -42.37 -15.87 -27.99
CA THR V 1 -43.44 -16.86 -28.06
C THR V 1 -44.67 -16.22 -27.47
N ASN V 2 -45.80 -16.41 -28.12
CA ASN V 2 -47.03 -15.80 -27.66
C ASN V 2 -47.58 -16.57 -26.48
N THR V 3 -48.54 -15.98 -25.82
CA THR V 3 -49.21 -16.71 -24.75
C THR V 3 -50.23 -17.62 -25.37
N LYS V 4 -50.57 -18.68 -24.66
CA LYS V 4 -51.69 -19.51 -25.08
C LYS V 4 -52.96 -19.17 -24.33
N GLY V 5 -53.27 -17.88 -24.25
CA GLY V 5 -54.43 -17.44 -23.52
C GLY V 5 -55.69 -17.53 -24.34
N LYS V 6 -56.81 -17.68 -23.65
CA LYS V 6 -58.06 -17.98 -24.34
C LYS V 6 -58.64 -16.80 -25.09
N ARG V 7 -58.29 -15.59 -24.74
CA ARG V 7 -58.81 -14.43 -25.47
C ARG V 7 -57.69 -13.56 -26.00
N ARG V 8 -56.57 -14.17 -26.34
CA ARG V 8 -55.45 -13.42 -26.87
C ARG V 8 -55.77 -12.97 -28.28
N GLY V 9 -55.79 -11.67 -28.49
CA GLY V 9 -55.99 -11.11 -29.80
C GLY V 9 -57.43 -10.89 -30.18
N THR V 10 -58.32 -10.87 -29.21
CA THR V 10 -59.74 -10.67 -29.46
C THR V 10 -60.17 -9.29 -29.00
N ARG V 11 -59.29 -8.31 -29.21
CA ARG V 11 -59.59 -6.94 -28.82
C ARG V 11 -60.73 -6.37 -29.65
N TYR V 12 -60.75 -6.69 -30.94
CA TYR V 12 -61.78 -6.16 -31.83
C TYR V 12 -62.80 -7.20 -32.21
N MET V 13 -62.42 -8.47 -32.20
CA MET V 13 -63.32 -9.55 -32.58
C MET V 13 -64.51 -9.64 -31.64
N PHE V 14 -64.25 -9.76 -30.36
CA PHE V 14 -65.30 -9.90 -29.37
C PHE V 14 -65.77 -8.57 -28.83
N SER V 15 -65.40 -7.47 -29.44
CA SER V 15 -65.95 -6.21 -28.98
C SER V 15 -67.32 -6.00 -29.60
N ARG V 16 -67.87 -4.84 -29.36
CA ARG V 16 -69.20 -4.54 -29.86
C ARG V 16 -69.11 -3.55 -30.99
N PRO V 17 -70.11 -3.50 -31.86
CA PRO V 17 -70.13 -2.48 -32.90
C PRO V 17 -70.40 -1.11 -32.30
N PHE V 18 -70.21 -0.09 -33.11
CA PHE V 18 -70.30 1.27 -32.62
C PHE V 18 -71.74 1.66 -32.43
N ARG V 19 -72.06 2.15 -31.23
CA ARG V 19 -73.42 2.48 -30.79
C ARG V 19 -74.35 1.28 -30.90
N LYS V 20 -73.80 0.09 -30.66
CA LYS V 20 -74.60 -1.12 -30.54
C LYS V 20 -74.24 -1.84 -29.26
N HIS V 21 -73.77 -1.10 -28.28
CA HIS V 21 -73.47 -1.62 -26.96
C HIS V 21 -74.76 -1.84 -26.19
N GLY V 22 -74.63 -2.51 -25.06
CA GLY V 22 -75.71 -2.51 -24.09
C GLY V 22 -76.57 -3.74 -24.06
N VAL V 23 -77.89 -3.52 -24.01
CA VAL V 23 -78.84 -4.61 -23.87
C VAL V 23 -78.93 -5.36 -25.17
N VAL V 24 -78.88 -6.69 -25.09
CA VAL V 24 -79.06 -7.51 -26.29
C VAL V 24 -80.51 -7.41 -26.74
N PRO V 25 -80.76 -7.19 -28.03
CA PRO V 25 -82.13 -7.25 -28.54
C PRO V 25 -82.72 -8.62 -28.31
N LEU V 26 -83.99 -8.65 -27.99
CA LEU V 26 -84.53 -9.82 -27.33
C LEU V 26 -84.97 -10.89 -28.32
N ALA V 27 -84.98 -10.58 -29.60
CA ALA V 27 -85.34 -11.55 -30.61
C ALA V 27 -84.18 -12.43 -31.04
N THR V 28 -82.99 -12.25 -30.47
CA THR V 28 -81.93 -13.24 -30.64
C THR V 28 -82.08 -14.37 -29.66
N TYR V 29 -83.04 -14.27 -28.75
CA TYR V 29 -83.32 -15.25 -27.75
C TYR V 29 -84.50 -16.12 -28.10
N MET V 30 -85.28 -15.73 -29.09
CA MET V 30 -86.48 -16.46 -29.45
C MET V 30 -86.42 -16.94 -30.89
N ARG V 31 -85.24 -17.25 -31.38
CA ARG V 31 -85.13 -18.09 -32.55
C ARG V 31 -85.33 -19.54 -32.15
N ILE V 32 -85.50 -20.40 -33.13
CA ILE V 32 -85.76 -21.81 -32.88
C ILE V 32 -84.70 -22.61 -33.61
N TYR V 33 -83.97 -23.44 -32.89
CA TYR V 33 -82.91 -24.22 -33.48
C TYR V 33 -83.29 -25.69 -33.46
N LYS V 34 -83.70 -26.20 -34.61
CA LYS V 34 -83.94 -27.62 -34.72
C LYS V 34 -82.61 -28.34 -34.82
N LYS V 35 -82.63 -29.65 -34.65
CA LYS V 35 -81.42 -30.42 -34.84
C LYS V 35 -81.16 -30.54 -36.33
N GLY V 36 -79.95 -30.25 -36.74
CA GLY V 36 -79.58 -30.36 -38.13
C GLY V 36 -79.80 -29.15 -38.97
N ASP V 37 -79.64 -27.95 -38.42
CA ASP V 37 -79.70 -26.76 -39.24
C ASP V 37 -78.41 -25.96 -39.11
N ILE V 38 -78.15 -25.15 -40.11
CA ILE V 38 -76.84 -24.56 -40.31
C ILE V 38 -76.82 -23.21 -39.62
N VAL V 39 -75.94 -23.05 -38.64
CA VAL V 39 -75.85 -21.80 -37.91
C VAL V 39 -74.48 -21.15 -38.12
N ASP V 40 -74.48 -19.84 -38.16
CA ASP V 40 -73.27 -19.04 -38.21
C ASP V 40 -72.86 -18.68 -36.80
N ILE V 41 -71.60 -18.94 -36.46
CA ILE V 41 -71.08 -18.76 -35.13
C ILE V 41 -70.33 -17.44 -35.09
N LYS V 42 -70.78 -16.50 -34.27
CA LYS V 42 -70.10 -15.22 -34.21
C LYS V 42 -69.53 -14.90 -32.85
N GLY V 43 -70.35 -14.73 -31.83
CA GLY V 43 -69.74 -14.45 -30.56
C GLY V 43 -69.76 -13.00 -30.14
N MET V 44 -70.65 -12.66 -29.22
CA MET V 44 -70.76 -11.31 -28.69
C MET V 44 -69.77 -11.13 -27.54
N GLY V 45 -69.75 -9.93 -26.98
CA GLY V 45 -68.90 -9.66 -25.86
C GLY V 45 -69.70 -9.31 -24.63
N THR V 46 -70.98 -8.99 -24.85
CA THR V 46 -71.86 -8.60 -23.76
C THR V 46 -72.15 -9.79 -22.86
N VAL V 47 -72.12 -10.99 -23.42
CA VAL V 47 -72.40 -12.22 -22.71
C VAL V 47 -71.10 -13.00 -22.64
N GLN V 48 -70.67 -13.35 -21.44
CA GLN V 48 -69.39 -14.01 -21.31
C GLN V 48 -69.52 -15.51 -21.12
N LYS V 49 -70.62 -15.98 -20.57
CA LYS V 49 -70.85 -17.41 -20.48
C LYS V 49 -71.04 -17.96 -21.88
N GLY V 50 -70.53 -19.18 -22.09
CA GLY V 50 -70.81 -19.93 -23.29
C GLY V 50 -70.29 -19.37 -24.58
N MET V 51 -69.30 -18.51 -24.54
CA MET V 51 -68.79 -18.02 -25.80
C MET V 51 -67.84 -19.03 -26.43
N PRO V 52 -67.82 -19.14 -27.75
CA PRO V 52 -66.92 -20.07 -28.40
C PRO V 52 -65.50 -19.54 -28.36
N HIS V 53 -64.56 -20.41 -28.63
CA HIS V 53 -63.19 -19.97 -28.72
C HIS V 53 -62.98 -19.22 -30.03
N LYS V 54 -61.94 -18.41 -30.08
CA LYS V 54 -61.73 -17.49 -31.19
C LYS V 54 -61.45 -18.18 -32.51
N CYS V 55 -61.07 -19.44 -32.49
CA CYS V 55 -60.89 -20.16 -33.74
C CYS V 55 -62.21 -20.54 -34.40
N TYR V 56 -63.35 -20.31 -33.76
CA TYR V 56 -64.63 -20.62 -34.37
C TYR V 56 -65.42 -19.41 -34.76
N HIS V 57 -64.97 -18.22 -34.40
CA HIS V 57 -65.63 -17.00 -34.76
C HIS V 57 -65.62 -16.85 -36.27
N GLY V 58 -66.79 -16.96 -36.89
CA GLY V 58 -66.88 -16.84 -38.32
C GLY V 58 -66.92 -18.14 -39.06
N LYS V 59 -66.92 -19.26 -38.36
CA LYS V 59 -67.15 -20.55 -38.97
C LYS V 59 -68.64 -20.82 -39.06
N THR V 60 -69.00 -22.00 -39.54
CA THR V 60 -70.40 -22.32 -39.78
C THR V 60 -70.56 -23.82 -39.61
N GLY V 61 -71.50 -24.23 -38.78
CA GLY V 61 -71.69 -25.63 -38.52
C GLY V 61 -73.16 -25.96 -38.36
N ARG V 62 -73.44 -27.23 -38.17
CA ARG V 62 -74.81 -27.65 -37.98
C ARG V 62 -75.06 -28.10 -36.56
N VAL V 63 -76.32 -28.02 -36.17
CA VAL V 63 -76.77 -28.26 -34.81
C VAL V 63 -77.01 -29.74 -34.60
N TYR V 64 -76.40 -30.31 -33.56
CA TYR V 64 -76.71 -31.68 -33.19
C TYR V 64 -77.40 -31.82 -31.84
N ASN V 65 -77.28 -30.83 -30.96
CA ASN V 65 -77.84 -30.93 -29.62
C ASN V 65 -78.46 -29.60 -29.26
N VAL V 66 -79.52 -29.62 -28.45
CA VAL V 66 -80.21 -28.42 -28.02
C VAL V 66 -80.50 -28.55 -26.52
N THR V 67 -80.10 -27.55 -25.74
CA THR V 67 -80.31 -27.52 -24.30
C THR V 67 -81.22 -26.34 -23.96
N GLN V 68 -81.26 -25.98 -22.67
CA GLN V 68 -82.06 -24.83 -22.25
C GLN V 68 -81.57 -23.53 -22.86
N HIS V 69 -80.27 -23.27 -22.80
CA HIS V 69 -79.75 -21.99 -23.23
C HIS V 69 -78.75 -22.10 -24.35
N ALA V 70 -78.36 -23.29 -24.73
CA ALA V 70 -77.24 -23.47 -25.61
C ALA V 70 -77.60 -24.43 -26.72
N VAL V 71 -76.57 -24.92 -27.38
CA VAL V 71 -76.73 -25.69 -28.60
C VAL V 71 -75.46 -26.50 -28.77
N GLY V 72 -75.52 -27.54 -29.58
CA GLY V 72 -74.31 -28.24 -29.89
C GLY V 72 -74.04 -28.17 -31.37
N ILE V 73 -72.91 -27.65 -31.78
CA ILE V 73 -72.63 -27.42 -33.19
C ILE V 73 -71.49 -28.33 -33.61
N VAL V 74 -71.57 -28.88 -34.80
CA VAL V 74 -70.48 -29.64 -35.39
C VAL V 74 -69.79 -28.74 -36.40
N VAL V 75 -68.54 -28.35 -36.13
CA VAL V 75 -67.80 -27.39 -36.93
C VAL V 75 -66.55 -28.07 -37.46
N ASN V 76 -66.23 -27.87 -38.72
CA ASN V 76 -64.95 -28.32 -39.23
C ASN V 76 -63.87 -27.36 -38.76
N LYS V 77 -62.73 -27.90 -38.37
CA LYS V 77 -61.59 -27.09 -37.97
C LYS V 77 -60.36 -27.61 -38.67
N GLN V 78 -59.70 -26.76 -39.43
CA GLN V 78 -58.46 -27.16 -40.09
C GLN V 78 -57.34 -26.88 -39.14
N VAL V 79 -56.95 -27.91 -38.39
CA VAL V 79 -55.66 -27.97 -37.73
C VAL V 79 -54.74 -28.47 -38.82
N LYS V 80 -53.43 -28.49 -38.53
CA LYS V 80 -52.38 -28.31 -39.52
C LYS V 80 -52.52 -29.21 -40.75
N GLY V 81 -52.65 -30.51 -40.56
CA GLY V 81 -52.62 -31.39 -41.70
C GLY V 81 -53.96 -31.94 -42.13
N LYS V 82 -54.97 -31.76 -41.31
CA LYS V 82 -56.22 -32.45 -41.53
C LYS V 82 -57.36 -31.65 -40.92
N ILE V 83 -58.53 -31.82 -41.49
CA ILE V 83 -59.71 -31.15 -40.98
C ILE V 83 -60.43 -32.14 -40.11
N LEU V 84 -60.72 -31.76 -38.88
CA LEU V 84 -61.44 -32.64 -37.98
C LEU V 84 -62.65 -31.90 -37.43
N ALA V 85 -63.72 -32.65 -37.19
CA ALA V 85 -65.01 -32.07 -36.87
C ALA V 85 -65.13 -31.91 -35.36
N LYS V 86 -65.40 -30.70 -34.93
CA LYS V 86 -65.40 -30.36 -33.52
C LYS V 86 -66.83 -30.16 -33.05
N ARG V 87 -67.12 -30.69 -31.87
CA ARG V 87 -68.43 -30.56 -31.23
C ARG V 87 -68.35 -29.52 -30.13
N ILE V 88 -68.92 -28.35 -30.37
CA ILE V 88 -68.78 -27.26 -29.41
C ILE V 88 -70.15 -26.86 -28.87
N ASN V 89 -70.16 -26.40 -27.63
CA ASN V 89 -71.37 -26.00 -26.92
C ASN V 89 -71.37 -24.49 -26.78
N VAL V 90 -72.35 -23.84 -27.38
CA VAL V 90 -72.38 -22.40 -27.47
C VAL V 90 -73.75 -21.93 -27.01
N ARG V 91 -73.78 -20.98 -26.07
CA ARG V 91 -75.03 -20.32 -25.72
C ARG V 91 -75.56 -19.53 -26.91
N ILE V 92 -76.87 -19.42 -27.01
CA ILE V 92 -77.42 -19.04 -28.30
C ILE V 92 -77.42 -17.53 -28.56
N GLU V 93 -76.80 -16.76 -27.66
CA GLU V 93 -76.49 -15.38 -27.99
C GLU V 93 -75.48 -15.27 -29.12
N HIS V 94 -74.61 -16.24 -29.24
CA HIS V 94 -73.44 -16.08 -30.07
C HIS V 94 -73.64 -16.59 -31.47
N ILE V 95 -74.81 -17.11 -31.81
CA ILE V 95 -75.05 -17.73 -33.10
C ILE V 95 -76.25 -17.08 -33.78
N LYS V 96 -76.45 -17.45 -35.03
CA LYS V 96 -77.60 -17.04 -35.82
C LYS V 96 -77.77 -18.02 -36.96
N HIS V 97 -79.00 -18.12 -37.46
CA HIS V 97 -79.27 -18.97 -38.62
C HIS V 97 -78.50 -18.48 -39.83
N SER V 98 -78.00 -19.40 -40.62
CA SER V 98 -77.25 -19.03 -41.81
C SER V 98 -78.19 -18.94 -42.99
N LYS V 99 -78.11 -17.85 -43.73
CA LYS V 99 -78.90 -17.68 -44.92
C LYS V 99 -78.26 -18.29 -46.15
N SER V 100 -77.14 -18.97 -45.99
CA SER V 100 -76.52 -19.66 -47.11
C SER V 100 -77.35 -20.87 -47.50
N ARG V 101 -78.06 -21.45 -46.55
CA ARG V 101 -78.87 -22.60 -46.87
C ARG V 101 -80.22 -22.19 -47.43
N ASP V 102 -80.73 -21.04 -47.01
CA ASP V 102 -82.11 -20.70 -47.27
C ASP V 102 -82.36 -20.29 -48.71
N SER V 103 -81.34 -19.92 -49.46
CA SER V 103 -81.60 -19.77 -50.88
C SER V 103 -81.72 -21.11 -51.56
N PHE V 104 -81.08 -22.14 -51.01
CA PHE V 104 -81.23 -23.47 -51.56
C PHE V 104 -82.55 -24.09 -51.14
N LEU V 105 -83.04 -23.77 -49.95
CA LEU V 105 -84.38 -24.18 -49.60
C LEU V 105 -85.44 -23.33 -50.30
N LYS V 106 -85.05 -22.20 -50.87
CA LYS V 106 -86.03 -21.45 -51.65
C LYS V 106 -86.25 -22.09 -53.00
N ARG V 107 -85.23 -22.74 -53.56
CA ARG V 107 -85.38 -23.29 -54.89
C ARG V 107 -85.73 -24.76 -54.89
N VAL V 108 -85.54 -25.48 -53.78
CA VAL V 108 -86.09 -26.83 -53.72
C VAL V 108 -87.60 -26.76 -53.57
N LYS V 109 -88.09 -25.77 -52.84
CA LYS V 109 -89.52 -25.47 -52.83
C LYS V 109 -89.99 -24.82 -54.12
N GLU V 110 -89.08 -24.40 -54.97
CA GLU V 110 -89.50 -23.90 -56.27
C GLU V 110 -89.48 -24.99 -57.32
N ASN V 111 -88.63 -26.00 -57.17
CA ASN V 111 -88.53 -27.03 -58.18
C ASN V 111 -89.64 -28.07 -58.07
N ASP V 112 -90.05 -28.45 -56.86
CA ASP V 112 -91.18 -29.34 -56.73
C ASP V 112 -92.49 -28.67 -57.13
N GLN V 113 -92.54 -27.35 -57.04
CA GLN V 113 -93.69 -26.58 -57.51
C GLN V 113 -93.80 -26.65 -59.02
N LYS V 114 -92.72 -26.95 -59.73
CA LYS V 114 -92.75 -26.98 -61.18
C LYS V 114 -92.41 -28.30 -61.82
N LYS V 115 -92.36 -29.40 -61.08
CA LYS V 115 -92.18 -30.66 -61.78
C LYS V 115 -93.47 -31.40 -62.00
N LYS V 116 -94.44 -31.27 -61.10
CA LYS V 116 -95.72 -31.88 -61.41
C LYS V 116 -96.58 -30.98 -62.27
N GLU V 117 -96.13 -29.77 -62.58
CA GLU V 117 -96.82 -28.93 -63.55
C GLU V 117 -95.98 -28.68 -64.80
N ALA V 118 -94.95 -29.49 -65.01
CA ALA V 118 -94.13 -29.34 -66.21
C ALA V 118 -94.73 -30.02 -67.42
N LYS V 119 -95.28 -31.22 -67.26
CA LYS V 119 -95.53 -32.11 -68.38
C LYS V 119 -96.71 -31.71 -69.25
N GLU V 120 -97.79 -31.23 -68.65
CA GLU V 120 -99.03 -31.00 -69.38
C GLU V 120 -98.96 -29.82 -70.33
N LYS V 121 -97.95 -28.96 -70.21
CA LYS V 121 -97.69 -27.98 -71.26
C LYS V 121 -96.62 -28.45 -72.22
N GLY V 122 -96.10 -29.66 -72.05
CA GLY V 122 -94.96 -30.11 -72.82
C GLY V 122 -93.69 -29.37 -72.48
N THR V 123 -93.63 -28.77 -71.30
CA THR V 123 -92.56 -27.87 -70.93
C THR V 123 -91.42 -28.68 -70.32
N TRP V 124 -90.23 -28.53 -70.87
CA TRP V 124 -89.00 -28.98 -70.24
C TRP V 124 -88.33 -27.71 -69.75
N VAL V 125 -88.71 -27.27 -68.57
CA VAL V 125 -88.23 -26.00 -68.06
C VAL V 125 -86.81 -26.21 -67.52
N GLN V 126 -86.03 -25.13 -67.53
CA GLN V 126 -84.66 -25.18 -67.05
C GLN V 126 -84.63 -25.15 -65.54
N LEU V 127 -83.94 -26.12 -64.94
CA LEU V 127 -83.73 -26.14 -63.51
C LEU V 127 -82.30 -25.86 -63.12
N LYS V 128 -81.36 -26.41 -63.86
CA LYS V 128 -79.96 -26.15 -63.60
C LYS V 128 -79.63 -24.72 -63.99
N ARG V 129 -79.25 -23.93 -63.01
CA ARG V 129 -78.81 -22.57 -63.28
C ARG V 129 -77.43 -22.63 -63.92
N GLN V 130 -77.20 -21.79 -64.89
CA GLN V 130 -76.03 -21.89 -65.73
C GLN V 130 -75.11 -20.71 -65.48
N PRO V 131 -73.82 -20.87 -65.64
CA PRO V 131 -72.94 -19.81 -65.15
C PRO V 131 -72.72 -18.64 -66.10
N ALA V 132 -73.74 -17.77 -66.23
CA ALA V 132 -73.67 -16.45 -66.84
C ALA V 132 -73.12 -16.43 -68.27
N PRO V 133 -73.95 -16.73 -69.27
CA PRO V 133 -73.48 -16.90 -70.65
C PRO V 133 -72.88 -15.62 -71.21
N PRO V 134 -72.13 -15.71 -72.30
CA PRO V 134 -71.67 -14.50 -72.97
C PRO V 134 -72.84 -13.70 -73.54
N ARG V 135 -72.61 -12.41 -73.72
CA ARG V 135 -73.66 -11.52 -74.20
C ARG V 135 -73.98 -11.81 -75.65
N GLU V 136 -75.26 -11.80 -75.98
CA GLU V 136 -75.68 -12.12 -77.33
C GLU V 136 -75.56 -10.89 -78.21
N ALA V 137 -75.74 -11.12 -79.51
CA ALA V 137 -75.66 -10.06 -80.49
C ALA V 137 -76.83 -9.11 -80.35
N HIS V 138 -76.57 -7.82 -80.55
CA HIS V 138 -77.60 -6.81 -80.40
C HIS V 138 -77.19 -5.60 -81.22
N PHE V 139 -78.11 -4.64 -81.31
CA PHE V 139 -77.91 -3.41 -82.05
C PHE V 139 -77.84 -2.25 -81.07
N VAL V 140 -77.13 -1.21 -81.48
CA VAL V 140 -76.91 -0.04 -80.65
C VAL V 140 -77.26 1.19 -81.48
N ARG V 141 -78.31 1.89 -81.09
CA ARG V 141 -78.77 3.05 -81.83
C ARG V 141 -77.98 4.28 -81.44
N THR V 142 -77.63 5.07 -82.43
CA THR V 142 -77.05 6.38 -82.13
C THR V 142 -78.09 7.47 -81.95
N ASN V 143 -79.31 7.24 -82.46
CA ASN V 143 -80.43 8.18 -82.38
C ASN V 143 -80.10 9.53 -82.99
N GLY V 144 -79.30 9.53 -84.05
CA GLY V 144 -78.91 10.73 -84.74
C GLY V 144 -77.68 11.41 -84.18
N LYS V 145 -77.40 11.24 -82.89
CA LYS V 145 -76.24 11.87 -82.28
C LYS V 145 -74.94 11.23 -82.76
N GLU V 146 -73.90 11.89 -82.57
CA GLU V 146 -72.63 11.23 -82.78
C GLU V 146 -71.94 11.02 -81.44
N PRO V 147 -71.05 10.04 -81.33
CA PRO V 147 -70.41 9.79 -80.05
C PRO V 147 -69.40 10.87 -79.70
N GLU V 148 -69.32 11.19 -78.42
CA GLU V 148 -68.48 12.27 -77.97
C GLU V 148 -67.02 11.86 -78.04
N LEU V 149 -66.19 12.72 -78.60
CA LEU V 149 -64.77 12.43 -78.69
C LEU V 149 -64.12 12.61 -77.33
N LEU V 150 -63.32 11.64 -76.93
CA LEU V 150 -62.56 11.72 -75.69
C LEU V 150 -61.08 11.74 -76.00
N GLU V 151 -60.36 12.58 -75.30
CA GLU V 151 -58.93 12.69 -75.50
C GLU V 151 -58.32 12.94 -74.14
N PRO V 152 -57.10 12.49 -73.90
CA PRO V 152 -56.51 12.63 -72.58
C PRO V 152 -56.21 14.08 -72.24
N ILE V 153 -56.32 14.40 -70.96
CA ILE V 153 -56.14 15.78 -70.51
C ILE V 153 -54.66 16.05 -70.31
N PRO V 154 -54.19 17.27 -70.50
CA PRO V 154 -52.80 17.57 -70.21
C PRO V 154 -52.51 17.46 -68.73
N TYR V 155 -51.26 17.16 -68.41
CA TYR V 155 -50.85 17.08 -67.03
C TYR V 155 -50.74 18.47 -66.43
N GLU V 156 -51.16 18.60 -65.19
CA GLU V 156 -50.72 19.73 -64.38
C GLU V 156 -50.49 19.25 -62.96
N PHE V 157 -49.80 20.08 -62.20
CA PHE V 157 -49.20 19.69 -60.93
C PHE V 157 -49.80 20.49 -59.80
N MET V 158 -50.53 19.83 -58.91
CA MET V 158 -51.01 20.46 -57.70
C MET V 158 -50.43 19.81 -56.45
N ALA V 159 -50.66 18.51 -56.27
CA ALA V 159 -50.25 17.80 -55.08
C ALA V 159 -50.05 16.32 -55.36
N GLN W 1 98.96 -45.82 -8.38
CA GLN W 1 99.58 -46.40 -9.56
C GLN W 1 98.56 -46.77 -10.63
N VAL W 2 98.27 -45.82 -11.53
CA VAL W 2 97.24 -45.99 -12.56
C VAL W 2 98.03 -46.05 -13.85
N LEU W 3 99.21 -46.64 -13.75
CA LEU W 3 100.11 -46.81 -14.86
C LEU W 3 99.51 -47.79 -15.87
N LYS W 4 100.09 -47.77 -17.07
CA LYS W 4 100.05 -48.88 -18.02
C LYS W 4 98.63 -49.22 -18.48
N PHE W 5 98.07 -48.32 -19.26
CA PHE W 5 97.00 -48.69 -20.17
C PHE W 5 97.65 -48.91 -21.52
N THR W 6 97.55 -50.13 -22.04
CA THR W 6 98.15 -50.43 -23.33
C THR W 6 97.08 -50.32 -24.40
N LEU W 7 97.49 -50.17 -25.64
CA LEU W 7 96.57 -49.93 -26.74
C LEU W 7 97.06 -50.74 -27.94
N ASP W 8 96.59 -51.96 -28.03
CA ASP W 8 97.08 -52.93 -28.99
C ASP W 8 96.44 -52.67 -30.35
N CYS W 9 97.27 -52.35 -31.33
CA CYS W 9 96.80 -52.27 -32.72
C CYS W 9 97.74 -53.11 -33.59
N THR W 10 97.32 -54.33 -33.87
CA THR W 10 98.08 -55.20 -34.76
C THR W 10 97.33 -55.40 -36.08
N HIS W 11 96.11 -55.89 -36.01
CA HIS W 11 95.28 -56.11 -37.20
C HIS W 11 95.04 -54.88 -38.07
N PRO W 12 94.98 -53.64 -37.55
CA PRO W 12 95.07 -52.51 -38.48
C PRO W 12 96.45 -52.31 -39.06
N VAL W 13 97.50 -52.45 -38.26
CA VAL W 13 98.84 -52.03 -38.68
C VAL W 13 99.42 -52.98 -39.71
N GLU W 14 99.29 -54.29 -39.48
CA GLU W 14 99.81 -55.26 -40.44
C GLU W 14 99.03 -55.23 -41.75
N ASP W 15 97.77 -54.84 -41.72
CA ASP W 15 97.01 -54.70 -42.94
C ASP W 15 97.28 -53.35 -43.59
N GLY W 16 97.85 -52.41 -42.84
CA GLY W 16 98.28 -51.15 -43.39
C GLY W 16 97.17 -50.19 -43.76
N ILE W 17 96.06 -50.22 -43.03
CA ILE W 17 95.02 -49.22 -43.27
C ILE W 17 95.26 -47.97 -42.43
N MET W 18 95.99 -48.13 -41.33
CA MET W 18 96.60 -47.03 -40.60
C MET W 18 98.01 -47.48 -40.29
N ASP W 19 98.84 -46.52 -39.90
CA ASP W 19 100.14 -46.84 -39.35
C ASP W 19 100.18 -46.40 -37.91
N ALA W 20 100.88 -47.16 -37.08
CA ALA W 20 101.05 -46.77 -35.69
C ALA W 20 102.08 -45.68 -35.52
N ALA W 21 102.77 -45.29 -36.59
CA ALA W 21 103.80 -44.28 -36.47
C ALA W 21 103.23 -42.91 -36.18
N ASN W 22 102.22 -42.47 -36.93
CA ASN W 22 101.67 -41.14 -36.70
C ASN W 22 100.74 -41.09 -35.50
N PHE W 23 100.30 -42.24 -35.02
CA PHE W 23 99.26 -42.30 -34.02
C PHE W 23 99.74 -41.91 -32.64
N GLU W 24 101.00 -42.14 -32.31
CA GLU W 24 101.42 -41.73 -30.98
C GLU W 24 101.70 -40.24 -30.91
N GLN W 25 101.90 -39.56 -32.03
CA GLN W 25 101.94 -38.11 -31.90
C GLN W 25 100.57 -37.48 -32.09
N PHE W 26 99.56 -38.27 -32.42
CA PHE W 26 98.20 -37.82 -32.18
C PHE W 26 97.97 -37.67 -30.70
N LEU W 27 98.35 -38.67 -29.92
CA LEU W 27 98.21 -38.61 -28.48
C LEU W 27 99.24 -37.70 -27.83
N GLN W 28 100.40 -37.53 -28.45
CA GLN W 28 101.39 -36.59 -27.93
C GLN W 28 100.88 -35.16 -28.04
N GLU W 29 100.01 -34.88 -29.01
CA GLU W 29 99.50 -33.52 -29.08
C GLU W 29 98.12 -33.40 -28.45
N ARG W 30 97.25 -34.38 -28.63
CA ARG W 30 95.87 -34.29 -28.16
C ARG W 30 95.68 -35.14 -26.91
N ILE W 31 96.29 -34.67 -25.82
CA ILE W 31 96.03 -35.22 -24.51
C ILE W 31 95.54 -34.04 -23.67
N LYS W 32 94.93 -34.34 -22.54
CA LYS W 32 94.54 -33.28 -21.61
C LYS W 32 94.83 -33.76 -20.20
N VAL W 33 95.73 -33.06 -19.53
CA VAL W 33 96.01 -33.29 -18.12
C VAL W 33 95.81 -31.96 -17.42
N ASN W 34 94.89 -31.95 -16.45
CA ASN W 34 94.41 -30.73 -15.80
C ASN W 34 93.93 -29.71 -16.82
N GLY W 35 93.18 -30.19 -17.81
CA GLY W 35 92.53 -29.35 -18.79
C GLY W 35 93.43 -28.73 -19.83
N LYS W 36 94.73 -28.98 -19.80
CA LYS W 36 95.66 -28.35 -20.72
C LYS W 36 96.05 -29.35 -21.80
N ALA W 37 95.85 -28.95 -23.06
CA ALA W 37 96.35 -29.73 -24.17
C ALA W 37 97.81 -29.41 -24.42
N GLY W 38 98.53 -30.37 -24.99
CA GLY W 38 99.96 -30.28 -25.11
C GLY W 38 100.65 -30.58 -23.79
N ASN W 39 101.98 -30.74 -23.88
CA ASN W 39 102.93 -30.80 -22.76
C ASN W 39 102.82 -32.09 -21.93
N LEU W 40 101.78 -32.89 -22.18
CA LEU W 40 101.46 -34.12 -21.46
C LEU W 40 101.41 -33.89 -19.95
N GLY W 41 100.85 -32.75 -19.55
CA GLY W 41 100.81 -32.32 -18.16
C GLY W 41 102.10 -31.68 -17.67
N GLY W 42 103.17 -31.92 -18.41
CA GLY W 42 104.51 -31.56 -18.04
C GLY W 42 105.17 -32.80 -17.49
N GLY W 43 105.82 -33.55 -18.38
CA GLY W 43 106.53 -34.78 -18.09
C GLY W 43 105.90 -35.82 -17.17
N VAL W 44 104.58 -35.83 -17.03
CA VAL W 44 103.94 -36.64 -16.01
C VAL W 44 103.26 -37.88 -16.59
N VAL W 45 102.86 -37.86 -17.85
CA VAL W 45 102.30 -39.04 -18.49
C VAL W 45 103.00 -39.20 -19.82
N THR W 46 103.42 -40.42 -20.13
CA THR W 46 104.28 -40.63 -21.28
C THR W 46 103.68 -41.68 -22.20
N ILE W 47 103.97 -41.52 -23.49
CA ILE W 47 103.60 -42.49 -24.51
C ILE W 47 104.86 -43.23 -24.92
N GLU W 48 104.87 -44.53 -24.68
CA GLU W 48 105.87 -45.43 -25.19
C GLU W 48 105.20 -46.44 -26.09
N ARG W 49 105.84 -46.74 -27.20
CA ARG W 49 105.26 -47.69 -28.14
C ARG W 49 106.22 -48.84 -28.36
N SER W 50 105.66 -50.02 -28.61
CA SER W 50 106.43 -51.23 -28.88
C SER W 50 106.06 -51.80 -30.24
N LYS W 51 106.03 -50.93 -31.25
CA LYS W 51 105.95 -51.20 -32.69
C LYS W 51 104.56 -51.64 -33.11
N SER W 52 103.72 -52.05 -32.17
CA SER W 52 102.31 -52.23 -32.47
C SER W 52 101.39 -51.84 -31.34
N LYS W 53 101.91 -51.58 -30.14
CA LYS W 53 101.08 -51.19 -29.02
C LYS W 53 101.55 -49.82 -28.57
N ILE W 54 100.73 -49.19 -27.73
CA ILE W 54 101.02 -47.87 -27.19
C ILE W 54 100.72 -47.92 -25.70
N THR W 55 101.73 -47.69 -24.88
CA THR W 55 101.54 -47.72 -23.43
C THR W 55 101.50 -46.30 -22.90
N VAL W 56 100.47 -46.00 -22.12
CA VAL W 56 100.09 -44.64 -21.78
C VAL W 56 100.26 -44.49 -20.28
N THR W 57 101.38 -45.00 -19.77
CA THR W 57 101.68 -45.01 -18.34
C THR W 57 101.62 -43.62 -17.72
N SER W 58 101.28 -43.57 -16.43
CA SER W 58 100.80 -42.37 -15.79
C SER W 58 101.15 -42.36 -14.32
N GLU W 59 100.96 -41.20 -13.68
CA GLU W 59 100.81 -41.14 -12.24
C GLU W 59 99.81 -40.11 -11.78
N VAL W 60 99.06 -39.48 -12.68
CA VAL W 60 97.90 -38.67 -12.35
C VAL W 60 96.74 -39.65 -12.33
N PRO W 61 95.63 -39.37 -11.63
CA PRO W 61 94.43 -40.19 -11.79
C PRO W 61 93.84 -40.10 -13.20
N PHE W 62 94.46 -40.86 -14.08
CA PHE W 62 94.11 -40.90 -15.49
C PHE W 62 92.95 -41.86 -15.70
N SER W 63 92.16 -41.63 -16.74
CA SER W 63 91.03 -42.48 -17.07
C SER W 63 91.28 -43.22 -18.37
N LYS W 64 91.16 -44.55 -18.36
CA LYS W 64 91.41 -45.28 -19.59
C LYS W 64 90.29 -45.13 -20.58
N ARG W 65 89.15 -44.66 -20.13
CA ARG W 65 88.03 -44.46 -21.04
C ARG W 65 88.27 -43.23 -21.90
N TYR W 66 89.16 -42.35 -21.46
CA TYR W 66 89.59 -41.23 -22.26
C TYR W 66 90.42 -41.67 -23.45
N LEU W 67 91.13 -42.79 -23.32
CA LEU W 67 91.88 -43.32 -24.44
C LEU W 67 90.97 -43.93 -25.48
N LYS W 68 89.79 -44.40 -25.07
CA LYS W 68 88.81 -44.85 -26.06
C LYS W 68 88.20 -43.66 -26.76
N TYR W 69 88.21 -42.50 -26.10
CA TYR W 69 87.67 -41.30 -26.70
C TYR W 69 88.61 -40.74 -27.76
N LEU W 70 89.91 -40.69 -27.47
CA LEU W 70 90.86 -40.19 -28.46
C LEU W 70 91.03 -41.16 -29.60
N THR W 71 90.88 -42.46 -29.35
CA THR W 71 91.07 -43.44 -30.41
C THR W 71 89.96 -43.35 -31.43
N LYS W 72 88.71 -43.28 -30.98
CA LYS W 72 87.61 -43.09 -31.89
C LYS W 72 87.66 -41.73 -32.55
N LYS W 73 88.23 -40.73 -31.88
CA LYS W 73 88.50 -39.46 -32.54
C LYS W 73 89.57 -39.60 -33.61
N TYR W 74 90.59 -40.42 -33.36
CA TYR W 74 91.59 -40.70 -34.38
C TYR W 74 91.00 -41.52 -35.52
N LEU W 75 90.26 -42.57 -35.20
CA LEU W 75 89.74 -43.47 -36.22
C LEU W 75 88.69 -42.80 -37.08
N LYS W 76 88.09 -41.71 -36.61
CA LYS W 76 87.13 -40.98 -37.41
C LYS W 76 87.82 -40.09 -38.43
N LYS W 77 88.87 -39.40 -38.02
CA LYS W 77 89.46 -38.37 -38.86
C LYS W 77 90.25 -38.97 -40.01
N ASN W 78 90.75 -40.19 -39.82
CA ASN W 78 91.42 -40.92 -40.89
C ASN W 78 90.45 -41.73 -41.73
N ASN W 79 89.15 -41.57 -41.49
CA ASN W 79 88.06 -42.23 -42.23
C ASN W 79 88.17 -43.74 -42.18
N LEU W 80 88.05 -44.27 -40.97
CA LEU W 80 88.28 -45.68 -40.77
C LEU W 80 87.20 -46.40 -40.00
N ARG W 81 86.43 -45.73 -39.16
CA ARG W 81 85.55 -46.48 -38.26
C ARG W 81 84.18 -46.76 -38.85
N ASP W 82 84.18 -47.20 -40.11
CA ASP W 82 83.20 -48.13 -40.60
C ASP W 82 83.82 -49.49 -40.74
N TRP W 83 85.14 -49.55 -40.58
CA TRP W 83 85.90 -50.78 -40.69
C TRP W 83 86.43 -51.28 -39.36
N LEU W 84 86.58 -50.42 -38.35
CA LEU W 84 87.25 -50.83 -37.12
C LEU W 84 86.40 -50.50 -35.91
N ARG W 85 86.86 -51.00 -34.76
CA ARG W 85 86.06 -51.01 -33.55
C ARG W 85 86.99 -51.10 -32.37
N VAL W 86 86.89 -50.15 -31.44
CA VAL W 86 87.80 -50.13 -30.29
C VAL W 86 87.16 -50.94 -29.19
N VAL W 87 87.76 -52.07 -28.85
CA VAL W 87 87.14 -52.98 -27.92
C VAL W 87 88.14 -53.31 -26.82
N ALA W 88 87.64 -53.55 -25.63
CA ALA W 88 88.45 -53.90 -24.49
C ALA W 88 88.38 -55.39 -24.33
N ASN W 89 89.52 -56.08 -24.47
CA ASN W 89 89.48 -57.49 -24.15
C ASN W 89 89.84 -57.75 -22.69
N SER W 90 90.83 -57.05 -22.16
CA SER W 90 91.22 -57.22 -20.78
C SER W 90 91.17 -55.85 -20.12
N LYS W 91 91.31 -55.83 -18.81
CA LYS W 91 91.57 -54.57 -18.15
C LYS W 91 92.95 -54.07 -18.57
N GLU W 92 93.09 -52.75 -18.59
CA GLU W 92 94.29 -52.06 -19.08
C GLU W 92 94.66 -52.50 -20.49
N SER W 93 93.69 -52.45 -21.40
CA SER W 93 93.91 -52.77 -22.81
C SER W 93 92.74 -52.25 -23.64
N TYR W 94 93.05 -51.82 -24.85
CA TYR W 94 92.07 -51.78 -25.91
C TYR W 94 92.68 -52.36 -27.17
N GLU W 95 91.85 -52.98 -27.98
CA GLU W 95 92.27 -53.58 -29.23
C GLU W 95 91.37 -53.09 -30.35
N LEU W 96 91.79 -53.37 -31.56
CA LEU W 96 91.08 -52.93 -32.74
C LEU W 96 90.51 -54.16 -33.43
N ARG W 97 89.37 -53.98 -34.08
CA ARG W 97 88.73 -55.13 -34.71
C ARG W 97 88.25 -54.81 -36.11
N TYR W 98 87.44 -55.71 -36.64
CA TYR W 98 86.73 -55.53 -37.87
C TYR W 98 85.30 -55.94 -37.62
N PHE W 99 84.39 -55.46 -38.43
CA PHE W 99 83.01 -55.86 -38.28
C PHE W 99 82.75 -57.11 -39.11
N GLN W 100 81.73 -57.87 -38.70
CA GLN W 100 81.51 -59.20 -39.27
C GLN W 100 80.91 -59.11 -40.66
N ILE W 101 81.21 -60.11 -41.47
CA ILE W 101 80.75 -60.18 -42.86
C ILE W 101 79.26 -60.51 -42.89
N SER X 1 38.71 32.55 -55.84
CA SER X 1 37.91 31.82 -54.87
C SER X 1 38.40 30.38 -54.76
N GLY X 2 37.47 29.45 -54.77
CA GLY X 2 37.80 28.05 -54.71
C GLY X 2 36.96 27.34 -53.69
N ALA X 3 36.62 26.10 -54.00
CA ALA X 3 35.78 25.29 -53.14
C ALA X 3 36.60 24.18 -52.52
N LYS X 4 36.08 23.64 -51.42
CA LYS X 4 36.76 22.57 -50.71
C LYS X 4 36.54 21.24 -51.40
N PHE X 5 37.63 20.57 -51.79
CA PHE X 5 37.53 19.20 -52.26
C PHE X 5 37.26 18.28 -51.09
N ARG X 6 36.63 17.14 -51.37
CA ARG X 6 36.38 16.18 -50.30
C ARG X 6 37.69 15.55 -49.86
N ILE X 7 37.76 15.23 -48.58
CA ILE X 7 38.90 14.55 -47.98
C ILE X 7 38.35 13.37 -47.21
N SER X 8 39.26 12.54 -46.71
CA SER X 8 38.85 11.42 -45.88
C SER X 8 38.36 11.94 -44.54
N LEU X 9 37.12 11.59 -44.19
CA LEU X 9 36.46 12.25 -43.07
C LEU X 9 36.95 11.71 -41.75
N GLY X 10 36.62 10.46 -41.46
CA GLY X 10 37.28 9.72 -40.39
C GLY X 10 37.10 10.26 -38.99
N LEU X 11 36.03 10.98 -38.71
CA LEU X 11 35.80 11.52 -37.37
C LEU X 11 34.30 11.56 -37.09
N PRO X 12 33.72 10.39 -36.73
CA PRO X 12 32.26 10.26 -36.62
C PRO X 12 31.62 11.01 -35.47
N VAL X 13 30.32 10.79 -35.27
CA VAL X 13 29.56 11.58 -34.30
C VAL X 13 30.07 11.36 -32.89
N GLY X 14 30.27 10.14 -32.47
CA GLY X 14 30.61 9.99 -31.05
C GLY X 14 32.01 10.40 -30.63
N ALA X 15 32.79 11.03 -31.50
CA ALA X 15 34.19 11.34 -31.22
C ALA X 15 34.33 12.40 -30.15
N VAL X 16 35.51 12.42 -29.55
CA VAL X 16 35.90 13.43 -28.57
C VAL X 16 37.24 13.96 -29.05
N ILE X 17 37.23 15.10 -29.69
CA ILE X 17 38.42 15.78 -30.08
C ILE X 17 38.76 16.73 -28.93
N ASN X 18 40.00 17.18 -28.86
CA ASN X 18 40.33 18.10 -27.79
C ASN X 18 40.34 19.53 -28.28
N CYS X 19 39.98 20.43 -27.38
CA CYS X 19 39.79 21.82 -27.73
C CYS X 19 41.16 22.48 -27.78
N ALA X 20 41.41 23.26 -28.83
CA ALA X 20 42.75 23.74 -29.09
C ALA X 20 42.86 25.26 -28.97
N ASP X 21 42.06 25.89 -28.12
CA ASP X 21 42.22 27.32 -27.92
C ASP X 21 42.06 27.65 -26.44
N ASN X 22 42.17 28.93 -26.10
CA ASN X 22 42.23 29.37 -24.72
C ASN X 22 40.87 29.68 -24.12
N THR X 23 39.84 28.96 -24.53
CA THR X 23 38.51 29.20 -23.99
C THR X 23 38.23 28.43 -22.71
N GLY X 24 39.16 27.57 -22.28
CA GLY X 24 38.96 26.82 -21.07
C GLY X 24 38.34 25.45 -21.25
N ALA X 25 37.84 25.13 -22.43
CA ALA X 25 37.35 23.80 -22.67
C ALA X 25 38.52 22.84 -22.89
N LYS X 26 38.32 21.59 -22.50
CA LYS X 26 39.33 20.57 -22.68
C LYS X 26 38.98 19.52 -23.70
N ASN X 27 37.70 19.26 -23.90
CA ASN X 27 37.22 18.32 -24.89
C ASN X 27 36.18 19.00 -25.75
N LEU X 28 35.89 18.38 -26.87
CA LEU X 28 34.71 18.72 -27.66
C LEU X 28 34.11 17.40 -28.10
N TYR X 29 32.99 17.03 -27.51
CA TYR X 29 32.28 15.83 -27.92
C TYR X 29 31.35 16.19 -29.05
N ILE X 30 31.71 15.77 -30.27
CA ILE X 30 30.89 16.02 -31.46
C ILE X 30 29.54 15.37 -31.29
N ILE X 31 28.49 16.03 -31.75
CA ILE X 31 27.18 15.41 -31.73
C ILE X 31 26.52 15.37 -33.10
N SER X 32 26.87 16.26 -34.01
CA SER X 32 26.48 16.16 -35.41
C SER X 32 27.36 17.08 -36.22
N VAL X 33 27.24 16.96 -37.53
CA VAL X 33 28.02 17.67 -38.50
C VAL X 33 27.07 18.51 -39.32
N LYS X 34 27.39 19.77 -39.52
CA LYS X 34 26.55 20.62 -40.35
C LYS X 34 26.84 20.32 -41.82
N GLY X 35 25.79 20.07 -42.58
CA GLY X 35 25.92 19.79 -43.99
C GLY X 35 25.57 18.38 -44.39
N ILE X 36 25.49 17.46 -43.45
CA ILE X 36 25.20 16.05 -43.75
C ILE X 36 23.73 15.91 -44.05
N LYS X 37 23.41 15.28 -45.18
CA LYS X 37 22.04 14.83 -45.39
C LYS X 37 21.88 13.40 -44.89
N GLY X 38 22.81 12.54 -45.25
CA GLY X 38 22.92 11.24 -44.62
C GLY X 38 22.21 10.16 -45.38
N ARG X 39 22.58 8.94 -45.06
CA ARG X 39 21.98 7.75 -45.61
C ARG X 39 21.59 6.90 -44.41
N LEU X 40 20.65 5.98 -44.61
CA LEU X 40 20.19 5.09 -43.55
C LEU X 40 21.36 4.31 -42.96
N ASN X 41 21.54 4.45 -41.64
CA ASN X 41 22.54 3.84 -40.75
C ASN X 41 23.93 4.44 -40.85
N ARG X 42 24.19 5.36 -41.77
CA ARG X 42 25.51 5.97 -41.87
C ARG X 42 25.66 7.05 -40.82
N LEU X 43 26.81 7.11 -40.19
CA LEU X 43 26.98 8.14 -39.19
C LEU X 43 27.57 9.38 -39.81
N PRO X 44 27.16 10.56 -39.38
CA PRO X 44 27.75 11.79 -39.91
C PRO X 44 29.20 11.91 -39.46
N ALA X 45 30.08 12.11 -40.41
CA ALA X 45 31.48 12.28 -40.08
C ALA X 45 31.97 13.63 -40.59
N ALA X 46 33.08 14.06 -40.02
CA ALA X 46 33.64 15.36 -40.30
C ALA X 46 35.12 15.23 -40.56
N GLY X 47 35.65 16.11 -41.40
CA GLY X 47 37.06 16.22 -41.62
C GLY X 47 37.58 17.55 -41.12
N VAL X 48 38.77 17.90 -41.56
CA VAL X 48 39.24 19.24 -41.28
C VAL X 48 38.50 20.21 -42.19
N GLY X 49 38.17 21.37 -41.64
CA GLY X 49 37.34 22.30 -42.33
C GLY X 49 35.91 22.33 -41.88
N ASP X 50 35.34 21.20 -41.51
CA ASP X 50 33.90 21.09 -41.33
C ASP X 50 33.46 21.78 -40.05
N MET X 51 32.38 22.53 -40.12
CA MET X 51 31.77 23.07 -38.92
C MET X 51 30.89 21.99 -38.31
N VAL X 52 30.85 21.95 -36.98
CA VAL X 52 30.40 20.81 -36.21
C VAL X 52 29.69 21.32 -34.97
N MET X 53 28.55 20.73 -34.64
CA MET X 53 27.94 20.98 -33.34
C MET X 53 28.55 20.06 -32.31
N ALA X 54 29.09 20.62 -31.24
CA ALA X 54 29.74 19.83 -30.21
C ALA X 54 29.41 20.36 -28.84
N THR X 55 29.50 19.49 -27.84
CA THR X 55 29.38 19.87 -26.45
C THR X 55 30.70 19.56 -25.76
N VAL X 56 31.04 20.31 -24.77
CA VAL X 56 32.29 20.03 -24.11
C VAL X 56 31.97 19.08 -22.96
N LYS X 57 32.86 18.15 -22.70
CA LYS X 57 32.60 17.19 -21.64
C LYS X 57 33.37 17.46 -20.37
N LYS X 58 34.55 18.05 -20.46
CA LYS X 58 35.21 18.52 -19.27
C LYS X 58 35.81 19.89 -19.55
N GLY X 59 35.91 20.68 -18.50
CA GLY X 59 36.32 22.04 -18.63
C GLY X 59 35.54 22.91 -17.68
N LYS X 60 35.52 24.20 -17.99
CA LYS X 60 34.87 25.15 -17.10
C LYS X 60 33.37 24.99 -17.15
N PRO X 61 32.69 25.08 -16.00
CA PRO X 61 31.27 24.74 -15.94
C PRO X 61 30.34 25.67 -16.70
N GLU X 62 30.79 26.85 -17.09
CA GLU X 62 29.94 27.72 -17.91
C GLU X 62 30.00 27.36 -19.37
N LEU X 63 30.73 26.31 -19.73
CA LEU X 63 30.75 25.80 -21.08
C LEU X 63 30.13 24.43 -21.23
N ARG X 64 29.68 23.78 -20.15
CA ARG X 64 29.58 22.33 -20.21
C ARG X 64 28.22 21.83 -20.70
N LYS X 65 27.12 22.32 -20.17
CA LYS X 65 25.85 21.77 -20.63
C LYS X 65 25.19 22.60 -21.72
N LYS X 66 25.94 22.93 -22.75
CA LYS X 66 25.46 23.70 -23.88
C LYS X 66 25.94 23.03 -25.15
N VAL X 67 25.40 23.49 -26.27
CA VAL X 67 25.82 23.02 -27.58
C VAL X 67 26.53 24.17 -28.27
N HIS X 68 27.76 23.94 -28.70
CA HIS X 68 28.51 24.99 -29.34
C HIS X 68 28.83 24.62 -30.77
N PRO X 69 28.90 25.57 -31.68
CA PRO X 69 29.47 25.30 -32.99
C PRO X 69 30.97 25.22 -32.89
N ALA X 70 31.56 24.35 -33.69
CA ALA X 70 32.99 24.14 -33.61
C ALA X 70 33.52 23.80 -34.99
N VAL X 71 34.80 24.04 -35.19
CA VAL X 71 35.45 23.71 -36.46
C VAL X 71 36.62 22.80 -36.15
N VAL X 72 36.68 21.66 -36.83
CA VAL X 72 37.82 20.77 -36.69
C VAL X 72 39.01 21.36 -37.42
N ILE X 73 40.15 21.43 -36.75
CA ILE X 73 41.33 22.06 -37.33
C ILE X 73 42.50 21.12 -37.49
N ARG X 74 42.47 19.93 -36.89
CA ARG X 74 43.50 18.91 -37.09
C ARG X 74 42.80 17.57 -37.06
N GLN X 75 43.25 16.62 -37.85
CA GLN X 75 42.69 15.29 -37.78
C GLN X 75 43.78 14.24 -37.87
N ARG X 76 43.58 13.19 -37.13
CA ARG X 76 44.56 12.13 -37.07
C ARG X 76 44.48 11.20 -38.26
N LYS X 77 43.32 11.14 -38.92
CA LYS X 77 43.14 10.32 -40.11
C LYS X 77 43.83 10.95 -41.30
N SER X 78 44.50 10.13 -42.10
CA SER X 78 45.23 10.64 -43.24
C SER X 78 44.28 11.06 -44.34
N TYR X 79 44.49 12.25 -44.87
CA TYR X 79 43.74 12.68 -46.04
C TYR X 79 44.73 13.10 -47.10
N ARG X 80 44.27 13.06 -48.34
CA ARG X 80 45.10 13.35 -49.51
C ARG X 80 44.94 14.79 -49.92
N ARG X 81 46.05 15.50 -49.99
CA ARG X 81 46.08 16.95 -50.13
C ARG X 81 46.19 17.38 -51.59
N LYS X 82 45.92 16.46 -52.52
CA LYS X 82 45.63 16.67 -53.94
C LYS X 82 46.85 17.03 -54.79
N ASP X 83 47.97 17.34 -54.17
CA ASP X 83 49.25 17.19 -54.84
C ASP X 83 49.88 15.83 -54.54
N GLY X 84 49.05 14.81 -54.36
CA GLY X 84 49.50 13.45 -54.09
C GLY X 84 50.16 13.25 -52.76
N VAL X 85 49.84 14.09 -51.78
CA VAL X 85 50.51 14.12 -50.50
C VAL X 85 49.50 13.72 -49.45
N PHE X 86 49.78 12.65 -48.72
CA PHE X 86 48.88 12.29 -47.64
C PHE X 86 49.45 12.84 -46.35
N LEU X 87 48.59 13.47 -45.58
CA LEU X 87 49.01 14.30 -44.47
C LEU X 87 48.16 13.93 -43.29
N TYR X 88 48.75 13.85 -42.11
CA TYR X 88 47.96 13.57 -40.93
C TYR X 88 48.68 14.12 -39.71
N PHE X 89 47.92 14.30 -38.64
CA PHE X 89 48.34 15.01 -37.45
C PHE X 89 48.46 14.04 -36.29
N GLU X 90 49.05 14.51 -35.21
CA GLU X 90 49.18 13.67 -34.04
C GLU X 90 47.84 13.49 -33.33
N ASP X 91 46.97 14.50 -33.38
CA ASP X 91 45.73 14.41 -32.65
C ASP X 91 44.58 14.99 -33.45
N ASN X 92 43.39 14.77 -32.93
CA ASN X 92 42.17 15.34 -33.47
C ASN X 92 41.85 16.56 -32.62
N ALA X 93 41.64 17.70 -33.26
CA ALA X 93 41.48 18.93 -32.49
C ALA X 93 40.45 19.83 -33.12
N GLY X 94 39.92 20.75 -32.32
CA GLY X 94 38.99 21.73 -32.84
C GLY X 94 38.90 22.97 -31.98
N VAL X 95 38.34 24.02 -32.55
CA VAL X 95 38.15 25.29 -31.86
C VAL X 95 36.66 25.58 -31.80
N ILE X 96 36.24 26.33 -30.80
CA ILE X 96 34.84 26.72 -30.67
C ILE X 96 34.65 28.05 -31.38
N VAL X 97 33.66 28.10 -32.26
CA VAL X 97 33.33 29.28 -33.05
C VAL X 97 31.86 29.59 -32.86
N ASN X 98 31.36 30.63 -33.48
CA ASN X 98 29.92 30.86 -33.54
C ASN X 98 29.45 30.54 -34.96
N ASN X 99 28.19 30.86 -35.26
CA ASN X 99 27.64 30.55 -36.56
C ASN X 99 28.29 31.32 -37.70
N LYS X 100 28.89 32.48 -37.41
CA LYS X 100 29.57 33.25 -38.43
C LYS X 100 31.03 32.87 -38.59
N GLY X 101 31.64 32.27 -37.58
CA GLY X 101 33.02 31.82 -37.67
C GLY X 101 33.97 32.50 -36.72
N GLU X 102 33.55 33.48 -35.94
CA GLU X 102 34.46 34.09 -34.98
C GLU X 102 34.65 33.16 -33.79
N MET X 103 35.86 33.11 -33.27
CA MET X 103 36.12 32.18 -32.18
C MET X 103 35.70 32.77 -30.85
N LYS X 104 35.20 31.90 -29.97
CA LYS X 104 35.01 32.31 -28.58
C LYS X 104 36.33 32.55 -27.89
N GLY X 105 37.34 31.74 -28.20
CA GLY X 105 38.67 31.99 -27.74
C GLY X 105 39.37 33.00 -28.62
N SER X 106 40.65 33.18 -28.37
CA SER X 106 41.43 34.19 -29.08
C SER X 106 42.72 33.68 -29.68
N ALA X 107 43.23 32.52 -29.25
CA ALA X 107 44.51 32.05 -29.74
C ALA X 107 44.50 30.54 -29.83
N ILE X 108 45.01 30.03 -30.94
CA ILE X 108 44.99 28.60 -31.22
C ILE X 108 46.35 28.02 -30.91
N THR X 109 46.37 26.98 -30.09
CA THR X 109 47.61 26.27 -29.79
C THR X 109 47.72 25.05 -30.69
N GLY X 110 48.91 24.82 -31.22
CA GLY X 110 49.11 23.75 -32.17
C GLY X 110 49.00 24.25 -33.60
N PRO X 111 49.31 23.40 -34.56
CA PRO X 111 49.16 23.77 -35.96
C PRO X 111 47.72 23.67 -36.41
N VAL X 112 47.46 24.27 -37.57
CA VAL X 112 46.14 24.31 -38.17
C VAL X 112 46.26 23.80 -39.59
N ALA X 113 45.42 22.85 -39.97
CA ALA X 113 45.42 22.32 -41.33
C ALA X 113 44.99 23.39 -42.30
N LYS X 114 45.68 23.46 -43.44
CA LYS X 114 45.48 24.60 -44.33
C LYS X 114 44.17 24.53 -45.09
N GLU X 115 43.48 23.39 -45.04
CA GLU X 115 42.15 23.29 -45.61
C GLU X 115 41.12 24.08 -44.83
N CYS X 116 41.30 24.25 -43.51
CA CYS X 116 40.47 25.16 -42.76
C CYS X 116 41.12 26.51 -42.54
N ALA X 117 42.33 26.72 -43.07
CA ALA X 117 42.87 28.07 -43.11
C ALA X 117 42.32 28.84 -44.29
N ASP X 118 41.72 28.16 -45.25
CA ASP X 118 41.13 28.81 -46.41
C ASP X 118 39.64 29.03 -46.26
N LEU X 119 38.94 28.09 -45.64
CA LEU X 119 37.51 28.28 -45.45
C LEU X 119 37.20 29.28 -44.36
N TRP X 120 38.03 29.33 -43.32
CA TRP X 120 37.70 30.04 -42.10
C TRP X 120 38.80 31.04 -41.84
N PRO X 121 38.65 32.28 -42.32
CA PRO X 121 39.75 33.22 -42.21
C PRO X 121 39.98 33.75 -40.81
N ARG X 122 38.95 33.88 -39.98
CA ARG X 122 39.18 34.30 -38.60
C ARG X 122 39.85 33.21 -37.78
N ILE X 123 39.72 31.95 -38.17
CA ILE X 123 40.54 30.90 -37.58
C ILE X 123 41.98 31.03 -38.07
N ALA X 124 42.16 31.27 -39.37
CA ALA X 124 43.48 31.32 -39.96
C ALA X 124 44.31 32.50 -39.48
N SER X 125 43.68 33.52 -38.93
CA SER X 125 44.43 34.66 -38.44
C SER X 125 44.92 34.49 -37.02
N ASN X 126 44.47 33.46 -36.32
CA ASN X 126 44.92 33.21 -34.96
C ASN X 126 45.76 31.95 -34.88
N ALA X 127 46.19 31.44 -36.01
CA ALA X 127 46.96 30.22 -36.05
C ALA X 127 48.44 30.52 -36.06
N GLY X 128 49.18 29.80 -35.23
CA GLY X 128 50.61 30.00 -35.14
C GLY X 128 51.33 29.41 -36.32
N SER X 129 50.92 28.21 -36.73
CA SER X 129 51.54 27.53 -37.85
C SER X 129 50.46 26.90 -38.70
N ILE X 130 50.60 27.00 -40.00
CA ILE X 130 49.65 26.48 -40.95
C ILE X 130 50.29 25.23 -41.56
N ALA X 131 49.90 24.07 -41.06
CA ALA X 131 50.42 22.83 -41.58
C ALA X 131 49.70 22.47 -42.85
N MET Y 1 55.88 20.28 -57.93
CA MET Y 1 56.84 19.19 -58.02
C MET Y 1 58.14 19.60 -57.34
N LYS Y 2 58.21 19.35 -56.03
CA LYS Y 2 59.43 19.51 -55.27
C LYS Y 2 59.78 18.16 -54.68
N VAL Y 3 61.03 17.77 -54.80
CA VAL Y 3 61.47 16.45 -54.35
C VAL Y 3 62.02 16.60 -52.94
N GLU Y 4 61.52 15.78 -52.02
CA GLU Y 4 61.72 16.04 -50.62
C GLU Y 4 62.32 14.82 -49.93
N LEU Y 5 63.01 15.04 -48.82
CA LEU Y 5 63.84 14.01 -48.19
C LEU Y 5 63.09 13.34 -47.05
N CYS Y 6 63.23 12.02 -46.95
CA CYS Y 6 62.57 11.27 -45.89
C CYS Y 6 63.20 11.59 -44.54
N SER Y 7 62.37 11.98 -43.59
CA SER Y 7 62.83 12.44 -42.27
C SER Y 7 63.41 11.33 -41.43
N PHE Y 8 63.21 10.06 -41.79
CA PHE Y 8 63.89 9.00 -41.08
C PHE Y 8 65.05 8.43 -41.86
N SER Y 9 64.81 7.94 -43.07
CA SER Y 9 65.82 7.20 -43.78
C SER Y 9 66.70 8.06 -44.67
N GLY Y 10 66.42 9.35 -44.79
CA GLY Y 10 67.23 10.21 -45.62
C GLY Y 10 67.17 9.93 -47.10
N TYR Y 11 66.20 9.15 -47.54
CA TYR Y 11 66.04 8.89 -48.96
C TYR Y 11 65.24 10.00 -49.60
N LYS Y 12 64.84 9.78 -50.83
CA LYS Y 12 64.39 10.83 -51.71
C LYS Y 12 62.94 10.55 -52.13
N ILE Y 13 62.01 11.30 -51.53
CA ILE Y 13 60.61 11.07 -51.83
C ILE Y 13 60.21 11.79 -53.11
N TYR Y 14 59.63 11.09 -53.99
CA TYR Y 14 59.03 11.60 -55.21
C TYR Y 14 57.56 11.95 -54.99
N PRO Y 15 56.95 12.83 -55.82
CA PRO Y 15 55.63 13.38 -55.47
C PRO Y 15 54.41 12.47 -55.46
N GLY Y 16 54.55 11.17 -55.57
CA GLY Y 16 53.36 10.37 -55.42
C GLY Y 16 53.39 9.49 -54.20
N HIS Y 17 54.47 9.55 -53.46
CA HIS Y 17 54.83 8.51 -52.52
C HIS Y 17 54.86 9.07 -51.11
N GLY Y 18 54.66 8.17 -50.16
CA GLY Y 18 54.89 8.50 -48.78
C GLY Y 18 53.78 9.34 -48.18
N ARG Y 19 53.97 9.72 -46.92
CA ARG Y 19 52.98 10.54 -46.26
C ARG Y 19 53.66 11.49 -45.30
N ARG Y 20 53.08 12.67 -45.12
CA ARG Y 20 53.62 13.67 -44.21
C ARG Y 20 52.91 13.61 -42.88
N TYR Y 21 53.60 14.07 -41.85
CA TYR Y 21 53.16 13.90 -40.48
C TYR Y 21 53.44 15.16 -39.69
N ALA Y 22 52.40 15.83 -39.25
CA ALA Y 22 52.52 17.09 -38.53
C ALA Y 22 52.38 16.81 -37.05
N ARG Y 23 53.48 16.87 -36.33
CA ARG Y 23 53.42 16.69 -34.90
C ARG Y 23 53.00 18.02 -34.28
N THR Y 24 52.23 17.95 -33.19
CA THR Y 24 51.56 19.14 -32.64
C THR Y 24 52.50 19.97 -31.76
N ASP Y 25 53.64 20.28 -32.32
CA ASP Y 25 54.56 21.26 -31.76
C ASP Y 25 55.13 22.10 -32.88
N GLY Y 26 54.60 21.97 -34.09
CA GLY Y 26 55.05 22.72 -35.24
C GLY Y 26 55.86 21.93 -36.24
N LYS Y 27 56.36 20.76 -35.88
CA LYS Y 27 57.32 20.06 -36.71
C LYS Y 27 56.61 19.20 -37.74
N VAL Y 28 57.05 19.27 -38.99
CA VAL Y 28 56.50 18.48 -40.08
C VAL Y 28 57.58 17.53 -40.55
N PHE Y 29 57.26 16.25 -40.63
CA PHE Y 29 58.18 15.24 -41.10
C PHE Y 29 57.65 14.61 -42.37
N GLN Y 30 58.55 14.04 -43.15
CA GLN Y 30 58.20 13.33 -44.35
C GLN Y 30 58.67 11.90 -44.23
N PHE Y 31 57.85 10.95 -44.64
CA PHE Y 31 58.30 9.58 -44.59
C PHE Y 31 58.18 8.94 -45.96
N LEU Y 32 59.14 8.10 -46.28
CA LEU Y 32 59.13 7.44 -47.56
C LEU Y 32 58.09 6.34 -47.61
N ASN Y 33 57.98 5.53 -46.57
CA ASN Y 33 57.04 4.44 -46.56
C ASN Y 33 56.64 4.13 -45.13
N ALA Y 34 55.86 3.07 -44.94
CA ALA Y 34 55.42 2.72 -43.61
C ALA Y 34 56.51 2.07 -42.78
N LYS Y 35 57.55 1.53 -43.43
CA LYS Y 35 58.70 1.03 -42.69
C LYS Y 35 59.44 2.18 -42.02
N CYS Y 36 59.54 3.32 -42.70
CA CYS Y 36 60.25 4.46 -42.14
C CYS Y 36 59.46 5.08 -41.00
N GLU Y 37 58.16 5.27 -41.18
CA GLU Y 37 57.43 6.00 -40.14
C GLU Y 37 57.12 5.14 -38.94
N SER Y 38 56.99 3.82 -39.08
CA SER Y 38 56.78 3.02 -37.88
C SER Y 38 58.07 2.93 -37.09
N ALA Y 39 59.19 2.95 -37.78
CA ALA Y 39 60.47 3.11 -37.12
C ALA Y 39 60.61 4.48 -36.47
N PHE Y 40 60.01 5.51 -37.05
CA PHE Y 40 60.09 6.84 -36.45
C PHE Y 40 59.17 6.93 -35.23
N LEU Y 41 57.95 6.45 -35.36
CA LEU Y 41 57.00 6.59 -34.28
C LEU Y 41 57.30 5.67 -33.11
N SER Y 42 58.07 4.62 -33.32
CA SER Y 42 58.61 3.86 -32.20
C SER Y 42 59.96 4.39 -31.76
N LYS Y 43 60.27 5.64 -32.07
CA LYS Y 43 61.25 6.47 -31.39
C LYS Y 43 62.68 6.02 -31.58
N ARG Y 44 62.97 5.14 -32.53
CA ARG Y 44 64.32 4.65 -32.61
C ARG Y 44 65.18 5.51 -33.50
N ASN Y 45 66.45 5.55 -33.16
CA ASN Y 45 67.41 6.45 -33.77
C ASN Y 45 67.82 5.91 -35.12
N PRO Y 46 67.75 6.71 -36.18
CA PRO Y 46 68.22 6.25 -37.49
C PRO Y 46 69.71 6.08 -37.59
N ARG Y 47 70.48 6.41 -36.57
CA ARG Y 47 71.91 6.19 -36.57
C ARG Y 47 72.28 4.81 -36.04
N GLN Y 48 71.36 4.11 -35.39
CA GLN Y 48 71.55 2.71 -35.06
C GLN Y 48 70.91 1.78 -36.07
N ILE Y 49 70.43 2.30 -37.19
CA ILE Y 49 69.69 1.53 -38.16
C ILE Y 49 70.53 1.42 -39.42
N ASN Y 50 70.89 0.19 -39.76
CA ASN Y 50 72.04 -0.09 -40.60
C ASN Y 50 71.85 0.41 -42.03
N TRP Y 51 70.61 0.56 -42.47
CA TRP Y 51 70.32 0.88 -43.86
C TRP Y 51 69.96 2.35 -44.10
N THR Y 52 70.05 3.20 -43.10
CA THR Y 52 69.71 4.60 -43.33
C THR Y 52 70.92 5.38 -43.81
N VAL Y 53 70.64 6.59 -44.29
CA VAL Y 53 71.71 7.46 -44.80
C VAL Y 53 72.56 7.97 -43.66
N LEU Y 54 71.95 8.20 -42.50
CA LEU Y 54 72.70 8.73 -41.37
C LEU Y 54 73.61 7.70 -40.75
N TYR Y 55 73.24 6.43 -40.80
CA TYR Y 55 74.16 5.36 -40.42
C TYR Y 55 75.35 5.35 -41.34
N ARG Y 56 75.12 5.42 -42.65
CA ARG Y 56 76.22 5.24 -43.58
C ARG Y 56 77.12 6.44 -43.67
N ARG Y 57 76.82 7.54 -43.00
CA ARG Y 57 77.76 8.63 -42.89
C ARG Y 57 78.40 8.73 -41.53
N LYS Y 58 77.74 8.22 -40.49
CA LYS Y 58 78.40 8.02 -39.21
C LYS Y 58 79.54 7.05 -39.32
N HIS Y 59 79.35 5.99 -40.10
CA HIS Y 59 80.34 4.94 -40.26
C HIS Y 59 81.18 5.12 -41.51
N LYS Y 60 80.86 6.10 -42.33
CA LYS Y 60 81.61 6.47 -43.54
C LYS Y 60 81.70 5.30 -44.52
N LYS Y 61 80.53 4.84 -44.95
CA LYS Y 61 80.43 3.64 -45.74
C LYS Y 61 80.46 3.90 -47.24
N GLY Y 62 80.45 5.14 -47.67
CA GLY Y 62 80.43 5.47 -49.08
C GLY Y 62 81.78 5.29 -49.74
N GLN Y 63 82.03 6.11 -50.77
CA GLN Y 63 83.32 6.14 -51.43
C GLN Y 63 83.84 7.54 -51.71
N SER Y 64 83.13 8.58 -51.26
CA SER Y 64 83.64 9.95 -51.33
C SER Y 64 84.58 10.15 -50.15
N GLU Y 65 85.78 9.58 -50.27
CA GLU Y 65 86.64 9.30 -49.13
C GLU Y 65 88.08 9.73 -49.40
N GLU Y 66 88.64 10.46 -48.42
CA GLU Y 66 90.00 11.04 -48.44
C GLU Y 66 90.19 11.93 -49.68
N ILE Y 67 89.45 13.03 -49.67
CA ILE Y 67 89.40 13.96 -50.79
C ILE Y 67 89.87 15.35 -50.37
N GLN Y 68 89.23 15.93 -49.36
CA GLN Y 68 89.36 17.35 -49.09
C GLN Y 68 90.55 17.67 -48.19
N LYS Y 69 91.21 16.63 -47.67
CA LYS Y 69 92.31 16.79 -46.72
C LYS Y 69 93.65 17.05 -47.39
N LYS Y 70 93.79 16.71 -48.68
CA LYS Y 70 95.10 16.45 -49.26
C LYS Y 70 95.95 17.71 -49.40
N ARG Y 71 95.34 18.86 -49.67
CA ARG Y 71 96.09 20.08 -49.94
C ARG Y 71 95.66 21.19 -49.00
N THR Y 72 96.63 21.73 -48.27
CA THR Y 72 96.55 23.07 -47.69
C THR Y 72 97.96 23.63 -47.66
N ARG Y 73 98.07 24.94 -47.87
CA ARG Y 73 99.37 25.60 -47.97
C ARG Y 73 99.32 26.95 -47.28
N ARG Y 74 100.43 27.68 -47.36
CA ARG Y 74 100.53 28.99 -46.69
C ARG Y 74 101.48 29.87 -47.49
N ALA Y 75 101.08 31.14 -47.66
CA ALA Y 75 101.85 32.10 -48.45
C ALA Y 75 101.91 33.45 -47.74
N VAL Y 76 103.13 33.98 -47.64
CA VAL Y 76 103.45 35.26 -47.01
C VAL Y 76 104.27 36.02 -48.07
N LYS Y 77 104.95 37.08 -47.64
CA LYS Y 77 105.68 38.09 -48.45
C LYS Y 77 104.80 38.61 -49.59
N PHE Y 78 103.58 38.94 -49.16
CA PHE Y 78 102.48 39.20 -50.08
C PHE Y 78 102.65 40.56 -50.75
N GLN Y 79 103.23 41.53 -50.04
CA GLN Y 79 104.02 42.64 -50.58
C GLN Y 79 103.23 43.53 -51.54
N ARG Y 80 102.35 44.33 -50.94
CA ARG Y 80 101.80 45.51 -51.59
C ARG Y 80 102.58 46.75 -51.16
N ALA Y 81 102.19 47.90 -51.72
CA ALA Y 81 102.89 49.15 -51.46
C ALA Y 81 102.33 49.83 -50.21
N ILE Y 82 102.93 50.95 -49.83
CA ILE Y 82 102.71 51.55 -48.53
C ILE Y 82 102.59 53.06 -48.69
N THR Y 83 101.82 53.69 -47.80
CA THR Y 83 101.68 55.13 -47.79
C THR Y 83 102.96 55.75 -47.26
N GLY Y 84 103.42 56.82 -47.90
CA GLY Y 84 104.67 57.47 -47.53
C GLY Y 84 105.87 56.96 -48.27
N ALA Y 85 105.72 55.88 -49.03
CA ALA Y 85 106.74 55.40 -49.95
C ALA Y 85 106.05 55.03 -51.27
N SER Y 86 106.80 54.42 -52.18
CA SER Y 86 106.27 54.26 -53.52
C SER Y 86 106.43 52.85 -54.04
N LEU Y 87 106.23 52.68 -55.36
CA LEU Y 87 106.38 51.39 -56.02
C LEU Y 87 107.77 50.81 -55.83
N ALA Y 88 108.80 51.53 -56.28
CA ALA Y 88 110.16 51.02 -56.31
C ALA Y 88 111.00 51.55 -55.16
N ASP Y 89 110.37 52.07 -54.10
CA ASP Y 89 111.14 52.68 -53.04
C ASP Y 89 111.54 51.65 -51.99
N ILE Y 90 110.58 50.81 -51.58
CA ILE Y 90 110.80 49.96 -50.40
C ILE Y 90 111.75 48.81 -50.71
N MET Y 91 111.67 48.24 -51.91
CA MET Y 91 112.60 47.18 -52.23
C MET Y 91 113.94 47.72 -52.71
N ALA Y 92 113.97 48.95 -53.20
CA ALA Y 92 115.26 49.64 -53.32
C ALA Y 92 115.53 50.49 -52.08
N LYS Y 93 115.31 49.86 -50.93
CA LYS Y 93 115.84 50.29 -49.64
C LYS Y 93 116.37 49.14 -48.81
N ARG Y 94 115.82 47.93 -48.96
CA ARG Y 94 116.15 46.81 -48.10
C ARG Y 94 117.18 45.86 -48.70
N ASN Y 95 117.93 46.29 -49.71
CA ASN Y 95 118.93 45.43 -50.31
C ASN Y 95 120.22 46.17 -50.62
N GLN Y 96 120.41 47.37 -50.09
CA GLN Y 96 121.66 48.10 -50.24
C GLN Y 96 122.59 47.85 -49.06
N LYS Y 97 122.73 46.59 -48.69
CA LYS Y 97 123.56 46.17 -47.56
C LYS Y 97 125.05 45.96 -47.87
N PRO Y 98 125.48 45.24 -48.95
CA PRO Y 98 126.92 45.08 -49.12
C PRO Y 98 127.62 46.36 -49.56
N GLU Y 99 128.27 47.00 -48.59
CA GLU Y 99 129.17 48.15 -48.80
C GLU Y 99 128.48 49.32 -49.49
N VAL Y 100 127.18 49.52 -49.22
CA VAL Y 100 126.45 50.62 -49.84
C VAL Y 100 125.96 51.58 -48.77
N ARG Y 101 125.22 51.06 -47.79
CA ARG Y 101 124.70 51.88 -46.70
C ARG Y 101 125.71 52.10 -45.59
N LYS Y 102 126.96 51.69 -45.77
CA LYS Y 102 128.00 51.86 -44.77
C LYS Y 102 128.62 53.26 -44.78
N ALA Y 103 127.98 54.24 -45.40
CA ALA Y 103 128.51 55.60 -45.34
C ALA Y 103 127.78 56.41 -44.28
N GLN Y 104 126.48 56.60 -44.45
CA GLN Y 104 125.65 57.37 -43.55
C GLN Y 104 125.25 56.58 -42.31
N ARG Y 105 125.63 55.31 -42.24
CA ARG Y 105 125.35 54.50 -41.06
C ARG Y 105 126.10 55.01 -39.85
N GLU Y 106 127.43 55.02 -39.91
CA GLU Y 106 128.26 55.33 -38.77
C GLU Y 106 128.43 56.83 -38.55
N GLN Y 107 127.73 57.67 -39.30
CA GLN Y 107 127.80 59.10 -39.07
C GLN Y 107 127.09 59.49 -37.77
N ALA Y 108 126.18 58.65 -37.28
CA ALA Y 108 125.46 58.97 -36.06
C ALA Y 108 126.33 58.92 -34.81
N ILE Y 109 127.44 58.17 -34.85
CA ILE Y 109 128.36 58.19 -33.70
C ILE Y 109 129.21 59.45 -33.74
N ARG Y 110 129.27 60.14 -34.88
CA ARG Y 110 129.96 61.42 -34.95
C ARG Y 110 129.11 62.49 -34.27
N ALA Y 111 127.84 62.55 -34.62
CA ALA Y 111 126.94 63.57 -34.10
C ALA Y 111 126.53 63.31 -32.65
N ALA Y 112 126.92 62.18 -32.06
CA ALA Y 112 126.69 61.91 -30.65
C ALA Y 112 127.95 62.14 -29.83
N LYS Y 113 129.12 61.81 -30.38
CA LYS Y 113 130.37 62.14 -29.71
C LYS Y 113 130.63 63.64 -29.74
N GLU Y 114 130.17 64.33 -30.78
CA GLU Y 114 130.33 65.78 -30.82
C GLU Y 114 129.21 66.49 -30.08
N ALA Y 115 128.07 65.85 -29.90
CA ALA Y 115 127.10 66.35 -28.93
C ALA Y 115 127.53 66.03 -27.50
N LYS Y 116 128.41 65.04 -27.32
CA LYS Y 116 129.08 64.86 -26.04
C LYS Y 116 130.05 65.99 -25.75
N LYS Y 117 130.64 66.58 -26.81
CA LYS Y 117 131.48 67.74 -26.63
C LYS Y 117 130.68 68.99 -26.24
N ALA Y 118 129.38 69.00 -26.49
CA ALA Y 118 128.54 70.08 -25.99
C ALA Y 118 128.37 69.98 -24.48
N LYS Y 119 128.25 68.77 -23.94
CA LYS Y 119 128.14 68.55 -22.50
C LYS Y 119 129.47 68.77 -21.77
N GLN Y 120 130.58 68.82 -22.48
CA GLN Y 120 131.87 69.15 -21.91
C GLN Y 120 132.14 70.64 -21.91
N ALA Y 121 131.66 71.37 -22.92
CA ALA Y 121 131.80 72.81 -23.01
C ALA Y 121 130.62 73.54 -22.38
N SER Y 122 129.98 72.95 -21.38
CA SER Y 122 128.88 73.62 -20.69
C SER Y 122 129.26 74.04 -19.27
N LYS Y 123 130.00 73.21 -18.54
CA LYS Y 123 130.42 73.55 -17.18
C LYS Y 123 131.64 74.45 -17.15
N LYS Y 124 132.50 74.35 -18.16
CA LYS Y 124 133.66 75.22 -18.26
C LYS Y 124 133.43 76.25 -19.35
N LYS Z 1 15.50 -81.19 53.17
CA LYS Z 1 15.29 -82.53 53.70
C LYS Z 1 14.88 -83.50 52.58
N LYS Z 2 15.83 -84.08 51.84
CA LYS Z 2 17.24 -83.67 51.81
C LYS Z 2 17.44 -82.70 50.66
N LYS Z 3 16.35 -82.45 49.95
CA LYS Z 3 16.40 -81.82 48.64
C LYS Z 3 16.65 -80.33 48.77
N ILE Z 4 17.44 -79.80 47.85
CA ILE Z 4 17.83 -78.40 47.86
C ILE Z 4 17.96 -77.93 46.42
N ARG Z 5 17.58 -76.68 46.17
CA ARG Z 5 17.86 -76.01 44.92
C ARG Z 5 18.71 -74.79 45.24
N THR Z 6 19.97 -74.85 44.88
CA THR Z 6 20.84 -73.69 45.08
C THR Z 6 20.92 -72.84 43.83
N SER Z 7 19.78 -72.57 43.23
CA SER Z 7 19.74 -71.90 41.94
C SER Z 7 18.33 -71.46 41.64
N PRO Z 8 18.14 -70.23 41.15
CA PRO Z 8 16.79 -69.73 40.91
C PRO Z 8 16.18 -70.24 39.63
N THR Z 9 16.93 -71.00 38.84
CA THR Z 9 16.50 -71.35 37.50
C THR Z 9 16.10 -72.81 37.48
N PHE Z 10 14.95 -73.10 36.90
CA PHE Z 10 14.57 -74.47 36.63
C PHE Z 10 15.10 -74.82 35.27
N ARG Z 11 16.03 -75.74 35.19
CA ARG Z 11 16.44 -76.25 33.90
C ARG Z 11 15.77 -77.60 33.69
N ARG Z 12 15.46 -77.91 32.44
CA ARG Z 12 14.92 -79.20 32.06
C ARG Z 12 15.90 -80.29 32.44
N PRO Z 13 15.49 -81.30 33.19
CA PRO Z 13 16.44 -82.34 33.60
C PRO Z 13 16.75 -83.22 32.41
N LYS Z 14 17.99 -83.68 32.34
CA LYS Z 14 18.36 -84.50 31.20
C LYS Z 14 17.80 -85.89 31.40
N THR Z 15 17.31 -86.47 30.32
CA THR Z 15 16.65 -87.75 30.37
C THR Z 15 17.38 -88.74 29.51
N LEU Z 16 16.81 -89.93 29.41
CA LEU Z 16 17.40 -90.99 28.63
C LEU Z 16 17.02 -90.83 27.17
N ARG Z 17 18.00 -91.00 26.29
CA ARG Z 17 17.80 -91.02 24.85
C ARG Z 17 18.38 -92.30 24.30
N LEU Z 18 17.56 -93.09 23.64
CA LEU Z 18 17.98 -94.40 23.15
C LEU Z 18 18.43 -94.32 21.71
N ARG Z 19 19.33 -95.22 21.33
CA ARG Z 19 19.72 -95.31 19.94
C ARG Z 19 18.62 -95.97 19.13
N ARG Z 20 18.73 -95.86 17.81
CA ARG Z 20 17.79 -96.56 16.95
C ARG Z 20 18.10 -98.04 16.94
N GLN Z 21 17.05 -98.85 17.09
CA GLN Z 21 17.12 -100.30 16.86
C GLN Z 21 15.95 -100.66 15.96
N PRO Z 22 16.05 -100.38 14.66
CA PRO Z 22 14.87 -100.52 13.81
C PRO Z 22 14.52 -101.97 13.51
N LYS Z 23 13.24 -102.21 13.29
CA LYS Z 23 12.75 -103.53 12.97
C LYS Z 23 13.11 -103.95 11.56
N TYR Z 24 13.43 -103.00 10.69
CA TYR Z 24 13.79 -103.33 9.32
C TYR Z 24 14.65 -102.20 8.79
N PRO Z 25 15.58 -102.47 7.88
CA PRO Z 25 16.27 -101.38 7.22
C PRO Z 25 15.36 -100.78 6.16
N ARG Z 26 15.42 -99.47 6.03
CA ARG Z 26 14.53 -98.79 5.10
C ARG Z 26 14.92 -99.09 3.66
N LYS Z 27 16.22 -99.12 3.38
CA LYS Z 27 16.73 -99.57 2.10
C LYS Z 27 17.10 -101.04 2.21
N SER Z 28 16.91 -101.78 1.13
CA SER Z 28 17.11 -103.22 1.20
C SER Z 28 18.58 -103.59 1.13
N ALA Z 29 19.35 -102.83 0.37
CA ALA Z 29 20.75 -103.11 0.12
C ALA Z 29 21.49 -101.78 0.07
N PRO Z 30 22.79 -101.77 0.36
CA PRO Z 30 23.58 -100.55 0.17
C PRO Z 30 23.64 -100.13 -1.27
N ARG Z 31 23.82 -98.84 -1.50
CA ARG Z 31 23.96 -98.33 -2.84
C ARG Z 31 25.30 -98.76 -3.41
N ARG Z 32 25.30 -99.18 -4.67
CA ARG Z 32 26.55 -99.51 -5.32
C ARG Z 32 27.34 -98.23 -5.53
N ASN Z 33 28.64 -98.31 -5.25
CA ASN Z 33 29.51 -97.16 -5.44
C ASN Z 33 29.67 -96.94 -6.93
N LYS Z 34 28.93 -95.98 -7.45
CA LYS Z 34 28.93 -95.74 -8.87
C LYS Z 34 30.15 -94.93 -9.30
N LEU Z 35 30.85 -94.34 -8.35
CA LEU Z 35 32.10 -93.64 -8.62
C LEU Z 35 33.27 -94.53 -8.19
N ASP Z 36 33.41 -95.67 -8.85
CA ASP Z 36 34.55 -96.52 -8.59
C ASP Z 36 35.73 -96.04 -9.42
N HIS Z 37 36.82 -96.79 -9.37
CA HIS Z 37 38.08 -96.29 -9.92
C HIS Z 37 38.12 -96.28 -11.44
N TYR Z 38 37.24 -97.02 -12.10
CA TYR Z 38 37.16 -96.88 -13.54
C TYR Z 38 36.32 -95.68 -13.94
N ALA Z 39 35.34 -95.34 -13.12
CA ALA Z 39 34.56 -94.15 -13.37
C ALA Z 39 35.30 -92.87 -13.07
N ILE Z 40 36.37 -92.93 -12.27
CA ILE Z 40 37.18 -91.74 -12.00
C ILE Z 40 37.91 -91.32 -13.27
N ILE Z 41 38.83 -92.15 -13.73
CA ILE Z 41 39.69 -91.79 -14.86
C ILE Z 41 38.94 -92.07 -16.13
N LYS Z 42 38.54 -91.02 -16.85
CA LYS Z 42 37.87 -91.27 -18.11
C LYS Z 42 38.87 -91.54 -19.22
N PHE Z 43 39.74 -90.58 -19.53
CA PHE Z 43 40.70 -90.79 -20.60
C PHE Z 43 41.84 -89.80 -20.43
N PRO Z 44 43.03 -90.10 -20.94
CA PRO Z 44 44.13 -89.14 -20.86
C PRO Z 44 44.00 -88.08 -21.94
N LEU Z 45 44.72 -86.99 -21.75
CA LEU Z 45 44.89 -86.00 -22.80
C LEU Z 45 46.11 -86.34 -23.63
N THR Z 46 46.00 -86.10 -24.92
CA THR Z 46 47.09 -86.31 -25.86
C THR Z 46 47.39 -85.04 -26.63
N THR Z 47 47.18 -83.90 -26.02
CA THR Z 47 47.40 -82.65 -26.73
C THR Z 47 48.88 -82.34 -26.80
N GLU Z 48 49.20 -81.23 -27.44
CA GLU Z 48 50.61 -80.89 -27.63
C GLU Z 48 51.24 -80.47 -26.32
N SER Z 49 50.54 -79.68 -25.52
CA SER Z 49 51.09 -79.26 -24.24
C SER Z 49 50.99 -80.36 -23.20
N ALA Z 50 50.23 -81.40 -23.47
CA ALA Z 50 50.22 -82.56 -22.61
C ALA Z 50 51.43 -83.45 -22.85
N MET Z 51 51.80 -83.65 -24.11
CA MET Z 51 52.90 -84.56 -24.42
C MET Z 51 54.25 -83.99 -24.03
N LYS Z 52 54.40 -82.67 -24.11
CA LYS Z 52 55.63 -82.08 -23.62
C LYS Z 52 55.58 -81.81 -22.14
N LYS Z 53 54.53 -82.25 -21.48
CA LYS Z 53 54.48 -82.31 -20.03
C LYS Z 53 54.73 -83.72 -19.53
N ILE Z 54 54.63 -84.72 -20.39
CA ILE Z 54 55.08 -86.05 -20.02
C ILE Z 54 56.60 -86.11 -20.04
N GLU Z 55 57.21 -85.44 -21.01
CA GLU Z 55 58.63 -85.66 -21.29
C GLU Z 55 59.52 -85.00 -20.25
N ASP Z 56 59.43 -83.68 -20.11
CA ASP Z 56 60.38 -83.01 -19.23
C ASP Z 56 59.91 -82.91 -17.79
N ASN Z 57 58.63 -83.12 -17.55
CA ASN Z 57 58.02 -82.76 -16.28
C ASN Z 57 57.61 -83.98 -15.46
N ASN Z 58 57.62 -85.16 -16.07
CA ASN Z 58 57.32 -86.45 -15.44
C ASN Z 58 55.91 -86.47 -14.83
N THR Z 59 54.94 -86.11 -15.66
CA THR Z 59 53.58 -86.07 -15.16
C THR Z 59 52.58 -86.39 -16.25
N LEU Z 60 51.65 -87.27 -15.90
CA LEU Z 60 50.53 -87.60 -16.74
C LEU Z 60 49.42 -86.58 -16.54
N VAL Z 61 48.51 -86.54 -17.49
CA VAL Z 61 47.38 -85.63 -17.41
C VAL Z 61 46.14 -86.34 -17.94
N PHE Z 62 45.08 -86.33 -17.14
CA PHE Z 62 43.89 -87.10 -17.39
C PHE Z 62 42.67 -86.21 -17.45
N ILE Z 63 41.58 -86.79 -17.90
CA ILE Z 63 40.27 -86.17 -17.75
C ILE Z 63 39.53 -87.04 -16.76
N VAL Z 64 39.16 -86.46 -15.63
CA VAL Z 64 38.60 -87.23 -14.54
C VAL Z 64 37.13 -86.84 -14.39
N ASP Z 65 36.44 -87.57 -13.55
CA ASP Z 65 35.07 -87.20 -13.23
C ASP Z 65 35.05 -85.95 -12.37
N VAL Z 66 34.04 -85.12 -12.58
CA VAL Z 66 34.01 -83.80 -11.96
C VAL Z 66 33.80 -83.91 -10.46
N LYS Z 67 33.17 -84.99 -9.99
CA LYS Z 67 32.95 -85.18 -8.58
C LYS Z 67 34.18 -85.70 -7.83
N ALA Z 68 35.24 -86.04 -8.54
CA ALA Z 68 36.41 -86.63 -7.91
C ALA Z 68 37.25 -85.57 -7.23
N ASN Z 69 37.96 -85.96 -6.19
CA ASN Z 69 38.89 -85.07 -5.54
C ASN Z 69 40.30 -85.64 -5.59
N LYS Z 70 41.25 -84.87 -5.06
CA LYS Z 70 42.65 -85.18 -5.21
C LYS Z 70 43.07 -86.41 -4.44
N HIS Z 71 42.29 -86.86 -3.48
CA HIS Z 71 42.58 -88.11 -2.79
C HIS Z 71 42.09 -89.31 -3.57
N GLN Z 72 40.98 -89.16 -4.28
CA GLN Z 72 40.44 -90.27 -5.04
C GLN Z 72 41.14 -90.46 -6.37
N ILE Z 73 41.56 -89.37 -7.01
CA ILE Z 73 42.34 -89.47 -8.23
C ILE Z 73 43.70 -90.09 -7.95
N LYS Z 74 44.25 -89.81 -6.78
CA LYS Z 74 45.52 -90.42 -6.42
C LYS Z 74 45.37 -91.91 -6.20
N GLN Z 75 44.29 -92.33 -5.57
CA GLN Z 75 44.11 -93.76 -5.37
C GLN Z 75 43.67 -94.47 -6.63
N ALA Z 76 43.03 -93.78 -7.56
CA ALA Z 76 42.59 -94.45 -8.78
C ALA Z 76 43.76 -94.76 -9.70
N VAL Z 77 44.66 -93.80 -9.88
CA VAL Z 77 45.82 -94.00 -10.74
C VAL Z 77 46.78 -95.01 -10.12
N LYS Z 78 46.93 -94.96 -8.80
CA LYS Z 78 47.80 -95.88 -8.10
C LYS Z 78 47.27 -97.30 -8.15
N LYS Z 79 45.96 -97.48 -8.24
CA LYS Z 79 45.41 -98.81 -8.32
C LYS Z 79 45.56 -99.36 -9.73
N LEU Z 80 44.95 -98.69 -10.70
CA LEU Z 80 44.82 -99.29 -12.02
C LEU Z 80 45.92 -98.91 -12.99
N TYR Z 81 47.07 -98.45 -12.49
CA TYR Z 81 48.26 -98.45 -13.30
C TYR Z 81 49.49 -98.94 -12.57
N ASP Z 82 49.39 -99.20 -11.27
CA ASP Z 82 50.45 -99.75 -10.42
C ASP Z 82 51.67 -98.83 -10.37
N ILE Z 83 51.43 -97.53 -10.47
CA ILE Z 83 52.47 -96.53 -10.44
C ILE Z 83 52.27 -95.69 -9.19
N ASP Z 84 53.31 -94.95 -8.82
CA ASP Z 84 53.31 -94.19 -7.58
C ASP Z 84 53.25 -92.71 -7.88
N VAL Z 85 52.41 -92.00 -7.15
CA VAL Z 85 52.09 -90.60 -7.41
C VAL Z 85 52.78 -89.74 -6.37
N ALA Z 86 53.38 -88.64 -6.81
CA ALA Z 86 53.82 -87.62 -5.88
C ALA Z 86 52.67 -86.70 -5.49
N LYS Z 87 52.08 -86.01 -6.47
CA LYS Z 87 51.02 -85.06 -6.17
C LYS Z 87 50.15 -84.83 -7.39
N VAL Z 88 48.93 -84.38 -7.14
CA VAL Z 88 47.91 -84.20 -8.17
C VAL Z 88 47.45 -82.76 -8.16
N ASN Z 89 47.38 -82.14 -9.33
CA ASN Z 89 46.78 -80.82 -9.48
C ASN Z 89 45.60 -80.91 -10.41
N THR Z 90 44.52 -80.26 -10.05
CA THR Z 90 43.25 -80.40 -10.75
C THR Z 90 42.75 -79.04 -11.17
N LEU Z 91 42.19 -78.97 -12.35
CA LEU Z 91 41.45 -77.78 -12.73
C LEU Z 91 40.20 -78.26 -13.43
N ILE Z 92 39.21 -77.38 -13.49
CA ILE Z 92 38.00 -77.62 -14.24
C ILE Z 92 38.09 -76.80 -15.51
N ARG Z 93 38.06 -77.48 -16.66
CA ARG Z 93 38.20 -76.80 -17.94
C ARG Z 93 36.99 -75.92 -18.21
N PRO Z 94 37.10 -75.00 -19.18
CA PRO Z 94 35.91 -74.21 -19.53
C PRO Z 94 34.80 -75.00 -20.19
N ASP Z 95 35.02 -76.23 -20.65
CA ASP Z 95 33.92 -77.00 -21.19
C ASP Z 95 33.23 -77.85 -20.14
N GLY Z 96 33.74 -77.89 -18.92
CA GLY Z 96 33.07 -78.56 -17.83
C GLY Z 96 33.73 -79.83 -17.35
N GLU Z 97 34.78 -80.28 -18.01
CA GLU Z 97 35.51 -81.45 -17.56
C GLU Z 97 36.55 -81.04 -16.54
N LYS Z 98 36.99 -82.00 -15.76
CA LYS Z 98 38.03 -81.75 -14.78
C LYS Z 98 39.32 -82.36 -15.30
N LYS Z 99 40.33 -81.52 -15.52
CA LYS Z 99 41.64 -81.97 -15.90
C LYS Z 99 42.45 -82.22 -14.65
N ALA Z 100 43.29 -83.24 -14.67
CA ALA Z 100 44.08 -83.60 -13.49
C ALA Z 100 45.52 -83.83 -13.89
N TYR Z 101 46.42 -83.00 -13.39
CA TYR Z 101 47.84 -83.13 -13.66
C TYR Z 101 48.48 -83.92 -12.52
N VAL Z 102 48.85 -85.15 -12.79
CA VAL Z 102 49.33 -86.05 -11.75
C VAL Z 102 50.80 -86.34 -11.98
N ARG Z 103 51.64 -85.99 -11.01
CA ARG Z 103 53.08 -86.14 -11.12
C ARG Z 103 53.50 -87.44 -10.46
N LEU Z 104 54.39 -88.18 -11.11
CA LEU Z 104 54.81 -89.45 -10.58
C LEU Z 104 56.01 -89.26 -9.66
N ALA Z 105 56.20 -90.24 -8.79
CA ALA Z 105 57.40 -90.29 -7.97
C ALA Z 105 58.62 -90.52 -8.86
N PRO Z 106 59.81 -90.06 -8.45
CA PRO Z 106 60.98 -90.17 -9.34
C PRO Z 106 61.47 -91.59 -9.56
N ASP Z 107 60.99 -92.56 -8.79
CA ASP Z 107 61.34 -93.95 -9.03
C ASP Z 107 60.84 -94.39 -10.40
N TYR Z 108 59.67 -93.90 -10.79
CA TYR Z 108 59.16 -94.15 -12.13
C TYR Z 108 59.55 -93.01 -13.04
N ASP Z 109 59.11 -93.11 -14.28
CA ASP Z 109 59.06 -91.95 -15.16
C ASP Z 109 57.80 -92.03 -16.00
N ALA Z 110 57.28 -90.88 -16.39
CA ALA Z 110 55.98 -90.84 -17.04
C ALA Z 110 56.03 -91.22 -18.51
N LEU Z 111 57.22 -91.39 -19.07
CA LEU Z 111 57.26 -91.60 -20.51
C LEU Z 111 57.01 -93.05 -20.88
N ASP Z 112 57.57 -93.99 -20.12
CA ASP Z 112 57.32 -95.39 -20.43
C ASP Z 112 55.97 -95.87 -19.91
N VAL Z 113 55.43 -95.19 -18.91
CA VAL Z 113 54.06 -95.46 -18.49
C VAL Z 113 53.09 -95.06 -19.59
N ALA Z 114 53.40 -93.97 -20.30
CA ALA Z 114 52.60 -93.56 -21.43
C ALA Z 114 52.72 -94.53 -22.59
N ASN Z 115 53.81 -95.30 -22.66
CA ASN Z 115 53.88 -96.35 -23.65
C ASN Z 115 53.03 -97.55 -23.27
N LYS Z 116 52.79 -97.76 -21.99
CA LYS Z 116 51.96 -98.89 -21.59
C LYS Z 116 50.49 -98.54 -21.52
N ILE Z 117 50.15 -97.27 -21.30
CA ILE Z 117 48.77 -96.86 -21.46
C ILE Z 117 48.41 -96.86 -22.94
N GLY Z 118 49.36 -96.49 -23.78
CA GLY Z 118 49.12 -96.42 -25.20
C GLY Z 118 48.76 -95.06 -25.71
N ILE Z 119 49.17 -93.99 -25.05
CA ILE Z 119 48.84 -92.65 -25.53
C ILE Z 119 49.95 -92.03 -26.35
N ILE Z 120 51.03 -92.74 -26.58
CA ILE Z 120 52.08 -92.18 -27.40
C ILE Z 120 51.72 -92.50 -28.86
N MET AA 1 -19.00 -101.58 -46.42
CA MET AA 1 -18.41 -100.39 -45.84
C MET AA 1 -17.89 -100.82 -44.47
N LYS AA 2 -17.11 -99.96 -43.84
CA LYS AA 2 -16.55 -100.23 -42.55
C LYS AA 2 -17.60 -100.04 -41.45
N PHE AA 3 -17.81 -101.05 -40.62
CA PHE AA 3 -18.82 -100.99 -39.59
C PHE AA 3 -18.25 -100.92 -38.20
N ASN AA 4 -16.99 -101.24 -38.03
CA ASN AA 4 -16.31 -101.15 -36.76
C ASN AA 4 -16.22 -99.68 -36.37
N PRO AA 5 -16.81 -99.25 -35.27
CA PRO AA 5 -16.61 -97.86 -34.85
C PRO AA 5 -15.25 -97.60 -34.24
N PHE AA 6 -14.38 -98.60 -34.18
CA PHE AA 6 -13.07 -98.45 -33.59
C PHE AA 6 -11.95 -98.36 -34.59
N VAL AA 7 -12.18 -98.73 -35.83
CA VAL AA 7 -11.18 -98.44 -36.86
C VAL AA 7 -11.63 -97.18 -37.57
N THR AA 8 -10.67 -96.36 -37.94
CA THR AA 8 -10.98 -95.07 -38.54
C THR AA 8 -10.99 -95.16 -40.05
N SER AA 9 -11.55 -94.13 -40.64
CA SER AA 9 -11.66 -93.98 -42.07
C SER AA 9 -11.07 -92.67 -42.54
N ASP AA 10 -10.41 -91.95 -41.64
CA ASP AA 10 -10.00 -90.59 -41.90
C ASP AA 10 -8.73 -90.56 -42.73
N ARG AA 11 -8.76 -89.77 -43.80
CA ARG AA 11 -7.65 -89.68 -44.74
C ARG AA 11 -6.39 -89.19 -44.05
N SER AA 12 -6.50 -88.18 -43.22
CA SER AA 12 -5.30 -87.66 -42.57
C SER AA 12 -4.84 -88.54 -41.42
N LYS AA 13 -5.70 -89.36 -40.85
CA LYS AA 13 -5.26 -90.28 -39.82
C LYS AA 13 -4.71 -91.57 -40.40
N ASN AA 14 -5.15 -91.98 -41.58
CA ASN AA 14 -4.58 -93.16 -42.19
C ASN AA 14 -3.24 -92.89 -42.82
N ARG AA 15 -3.05 -91.68 -43.36
CA ARG AA 15 -1.74 -91.30 -43.84
C ARG AA 15 -0.76 -91.15 -42.70
N LYS AA 16 -1.22 -90.67 -41.55
CA LYS AA 16 -0.32 -90.49 -40.42
C LYS AA 16 0.12 -91.83 -39.86
N ARG AA 17 -0.75 -92.81 -39.85
CA ARG AA 17 -0.37 -94.12 -39.34
C ARG AA 17 0.36 -94.95 -40.37
N HIS AA 18 0.61 -94.41 -41.54
CA HIS AA 18 1.38 -95.05 -42.58
C HIS AA 18 2.75 -94.45 -42.73
N PHE AA 19 2.87 -93.14 -42.61
CA PHE AA 19 4.15 -92.52 -42.91
C PHE AA 19 5.12 -92.61 -41.75
N ASN AA 20 4.67 -92.49 -40.53
CA ASN AA 20 5.52 -92.87 -39.42
C ASN AA 20 4.84 -93.99 -38.65
N ALA AA 21 5.04 -95.18 -39.14
CA ALA AA 21 4.71 -96.50 -38.69
C ALA AA 21 5.97 -97.19 -38.25
N PRO AA 22 5.95 -97.96 -37.18
CA PRO AA 22 7.17 -98.60 -36.70
C PRO AA 22 7.60 -99.71 -37.65
N SER AA 23 8.87 -100.09 -37.55
CA SER AA 23 9.47 -100.84 -38.64
C SER AA 23 9.04 -102.29 -38.67
N HIS AA 24 8.40 -102.80 -37.64
CA HIS AA 24 7.81 -104.13 -37.74
C HIS AA 24 6.40 -104.08 -38.30
N ILE AA 25 5.76 -102.92 -38.29
CA ILE AA 25 4.52 -102.76 -39.02
C ILE AA 25 4.79 -102.43 -40.47
N ARG AA 26 5.86 -101.68 -40.76
CA ARG AA 26 6.31 -101.45 -42.13
C ARG AA 26 6.64 -102.74 -42.86
N ARG AA 27 7.03 -103.78 -42.14
CA ARG AA 27 7.32 -105.06 -42.77
C ARG AA 27 6.07 -105.70 -43.35
N LYS AA 28 4.93 -105.54 -42.69
CA LYS AA 28 3.69 -106.06 -43.26
C LYS AA 28 3.20 -105.20 -44.39
N ILE AA 29 3.37 -103.89 -44.28
CA ILE AA 29 2.97 -102.97 -45.33
C ILE AA 29 3.78 -103.20 -46.59
N MET AA 30 5.03 -103.61 -46.44
CA MET AA 30 5.87 -103.86 -47.60
C MET AA 30 5.76 -105.33 -48.00
N SER AA 31 4.55 -105.74 -48.32
CA SER AA 31 4.29 -107.09 -48.80
C SER AA 31 4.31 -107.09 -50.31
N SER AA 32 4.10 -108.26 -50.91
CA SER AA 32 4.19 -108.42 -52.34
C SER AA 32 3.46 -109.68 -52.72
N PRO AA 33 2.92 -109.76 -53.92
CA PRO AA 33 2.25 -110.99 -54.34
C PRO AA 33 3.25 -112.08 -54.68
N LEU AA 34 2.78 -113.31 -54.58
CA LEU AA 34 3.54 -114.46 -55.05
C LEU AA 34 3.23 -114.68 -56.52
N SER AA 35 4.00 -115.53 -57.16
CA SER AA 35 3.71 -115.84 -58.54
C SER AA 35 2.55 -116.82 -58.63
N LYS AA 36 2.06 -117.02 -59.84
CA LYS AA 36 0.94 -117.93 -60.04
C LYS AA 36 1.32 -119.37 -59.73
N GLU AA 37 2.58 -119.72 -59.87
CA GLU AA 37 3.03 -121.05 -59.49
C GLU AA 37 3.07 -121.17 -57.97
N LEU AA 38 3.56 -120.15 -57.31
CA LEU AA 38 3.70 -120.22 -55.87
C LEU AA 38 2.42 -119.96 -55.13
N ARG AA 39 1.40 -119.34 -55.75
CA ARG AA 39 0.12 -119.25 -55.07
C ARG AA 39 -0.61 -120.58 -55.01
N GLN AA 40 -0.36 -121.48 -55.95
CA GLN AA 40 -1.02 -122.76 -55.96
C GLN AA 40 -0.16 -123.89 -55.44
N LYS AA 41 1.17 -123.73 -55.45
CA LYS AA 41 2.03 -124.63 -54.72
C LYS AA 41 1.78 -124.54 -53.23
N TYR AA 42 1.86 -123.34 -52.69
CA TYR AA 42 1.32 -123.03 -51.38
C TYR AA 42 -0.14 -122.66 -51.58
N ASN AA 43 -0.74 -121.98 -50.61
CA ASN AA 43 -2.06 -121.45 -50.82
C ASN AA 43 -2.08 -119.96 -50.53
N VAL AA 44 -0.95 -119.39 -50.37
CA VAL AA 44 -0.80 -118.05 -49.90
C VAL AA 44 -0.77 -117.12 -51.10
N ARG AA 45 -1.39 -115.95 -50.95
CA ARG AA 45 -1.46 -115.00 -52.04
C ARG AA 45 -0.30 -114.02 -51.99
N SER AA 46 0.05 -113.54 -50.81
CA SER AA 46 1.01 -112.47 -50.67
C SER AA 46 1.78 -112.64 -49.37
N MET AA 47 3.01 -112.17 -49.37
CA MET AA 47 3.99 -112.48 -48.36
C MET AA 47 4.90 -111.28 -48.18
N PRO AA 48 5.28 -110.95 -46.95
CA PRO AA 48 6.19 -109.81 -46.76
C PRO AA 48 7.58 -110.10 -47.29
N ILE AA 49 8.12 -109.14 -48.00
CA ILE AA 49 9.33 -109.34 -48.77
C ILE AA 49 10.53 -109.44 -47.83
N ARG AA 50 11.48 -110.27 -48.21
CA ARG AA 50 12.61 -110.69 -47.39
C ARG AA 50 13.87 -110.31 -48.13
N LYS AA 51 15.01 -110.37 -47.43
CA LYS AA 51 16.29 -109.89 -47.95
C LYS AA 51 16.70 -110.59 -49.23
N ASP AA 52 16.53 -111.90 -49.31
CA ASP AA 52 17.09 -112.65 -50.43
C ASP AA 52 16.03 -113.43 -51.16
N ASP AA 53 14.91 -112.80 -51.46
CA ASP AA 53 13.93 -113.38 -52.35
C ASP AA 53 14.36 -113.12 -53.78
N GLU AA 54 13.82 -113.89 -54.71
CA GLU AA 54 13.99 -113.59 -56.12
C GLU AA 54 12.67 -113.10 -56.68
N VAL AA 55 12.73 -112.09 -57.52
CA VAL AA 55 11.55 -111.30 -57.80
C VAL AA 55 11.68 -110.68 -59.18
N GLN AA 56 10.56 -110.27 -59.76
CA GLN AA 56 10.59 -109.57 -61.03
C GLN AA 56 9.63 -108.41 -60.97
N VAL AA 57 9.89 -107.42 -61.78
CA VAL AA 57 9.18 -106.15 -61.74
C VAL AA 57 8.07 -106.20 -62.77
N VAL AA 58 6.89 -105.70 -62.42
CA VAL AA 58 5.75 -105.76 -63.31
C VAL AA 58 5.24 -104.40 -63.72
N ARG AA 59 5.75 -103.31 -63.14
CA ARG AA 59 5.28 -101.98 -63.49
C ARG AA 59 6.47 -101.04 -63.59
N GLY AA 60 6.31 -99.99 -64.36
CA GLY AA 60 7.31 -98.94 -64.40
C GLY AA 60 8.32 -99.09 -65.51
N HIS AA 61 9.45 -98.43 -65.33
CA HIS AA 61 10.44 -98.42 -66.41
C HIS AA 61 11.24 -99.71 -66.45
N TYR AA 62 11.44 -100.35 -65.31
CA TYR AA 62 12.22 -101.58 -65.26
C TYR AA 62 11.36 -102.81 -65.34
N LYS AA 63 10.18 -102.68 -65.91
CA LYS AA 63 9.28 -103.79 -66.15
C LYS AA 63 9.89 -104.77 -67.14
N GLY AA 64 9.73 -106.05 -66.85
CA GLY AA 64 10.29 -107.09 -67.70
C GLY AA 64 10.20 -108.44 -67.02
N GLN AA 65 10.71 -109.46 -67.72
CA GLN AA 65 10.72 -110.81 -67.21
C GLN AA 65 12.07 -111.25 -66.65
N GLN AA 66 12.99 -110.33 -66.42
CA GLN AA 66 14.24 -110.70 -65.78
C GLN AA 66 13.99 -110.97 -64.31
N ILE AA 67 14.61 -112.03 -63.79
CA ILE AA 67 14.50 -112.37 -62.38
C ILE AA 67 15.68 -111.74 -61.66
N GLY AA 68 15.39 -110.97 -60.63
CA GLY AA 68 16.43 -110.36 -59.84
C GLY AA 68 16.30 -110.72 -58.39
N LYS AA 69 17.43 -111.00 -57.75
CA LYS AA 69 17.49 -111.19 -56.32
C LYS AA 69 17.32 -109.86 -55.61
N VAL AA 70 16.45 -109.85 -54.60
CA VAL AA 70 16.36 -108.71 -53.70
C VAL AA 70 17.69 -108.55 -53.00
N VAL AA 71 18.17 -107.32 -52.88
CA VAL AA 71 19.48 -107.11 -52.31
C VAL AA 71 19.46 -106.23 -51.07
N GLN AA 72 18.37 -105.52 -50.81
CA GLN AA 72 18.24 -104.66 -49.64
C GLN AA 72 16.79 -104.25 -49.50
N VAL AA 73 16.25 -104.35 -48.29
CA VAL AA 73 14.90 -103.89 -48.03
C VAL AA 73 15.00 -102.64 -47.19
N TYR AA 74 14.64 -101.50 -47.76
CA TYR AA 74 14.89 -100.20 -47.18
C TYR AA 74 13.58 -99.74 -46.58
N ARG AA 75 13.21 -100.26 -45.42
CA ARG AA 75 11.91 -99.98 -44.82
C ARG AA 75 11.71 -98.53 -44.44
N LYS AA 76 12.79 -97.76 -44.33
CA LYS AA 76 12.70 -96.36 -43.98
C LYS AA 76 12.05 -95.55 -45.09
N LYS AA 77 12.19 -95.97 -46.34
CA LYS AA 77 11.61 -95.25 -47.47
C LYS AA 77 10.51 -96.03 -48.17
N TYR AA 78 10.10 -97.18 -47.62
CA TYR AA 78 9.19 -98.15 -48.25
C TYR AA 78 9.62 -98.50 -49.65
N VAL AA 79 10.81 -99.07 -49.80
CA VAL AA 79 11.32 -99.33 -51.13
C VAL AA 79 12.30 -100.49 -51.03
N ILE AA 80 12.47 -101.25 -52.12
CA ILE AA 80 13.39 -102.38 -52.13
C ILE AA 80 14.36 -102.21 -53.30
N TYR AA 81 15.53 -102.82 -53.16
CA TYR AA 81 16.56 -102.77 -54.19
C TYR AA 81 16.78 -104.16 -54.76
N ILE AA 82 16.71 -104.28 -56.07
CA ILE AA 82 16.87 -105.54 -56.79
C ILE AA 82 18.16 -105.42 -57.59
N GLU AA 83 18.82 -106.57 -57.81
CA GLU AA 83 20.21 -106.61 -58.30
C GLU AA 83 20.42 -105.91 -59.63
N ARG AA 84 19.47 -106.00 -60.56
CA ARG AA 84 19.70 -105.41 -61.86
C ARG AA 84 18.81 -104.21 -62.18
N VAL AA 85 18.06 -103.66 -61.22
CA VAL AA 85 17.33 -102.42 -61.49
C VAL AA 85 18.26 -101.28 -61.12
N GLN AA 86 19.07 -100.89 -62.09
CA GLN AA 86 20.09 -99.91 -61.85
C GLN AA 86 20.03 -98.82 -62.87
N ARG AA 87 20.63 -97.71 -62.52
CA ARG AA 87 21.01 -96.71 -63.50
C ARG AA 87 22.34 -96.15 -63.05
N GLU AA 88 23.08 -95.59 -63.97
CA GLU AA 88 24.33 -94.97 -63.61
C GLU AA 88 24.10 -93.47 -63.48
N LYS AA 89 24.80 -92.86 -62.55
CA LYS AA 89 24.68 -91.43 -62.36
C LYS AA 89 25.79 -90.74 -63.15
N ALA AA 90 26.00 -89.45 -62.89
CA ALA AA 90 26.94 -88.66 -63.68
C ALA AA 90 28.38 -89.15 -63.53
N ASN AA 91 28.74 -89.59 -62.32
CA ASN AA 91 30.09 -90.06 -62.01
C ASN AA 91 30.51 -91.25 -62.85
N GLY AA 92 29.57 -91.97 -63.44
CA GLY AA 92 29.82 -93.26 -64.02
C GLY AA 92 29.52 -94.40 -63.08
N THR AA 93 29.49 -94.14 -61.78
CA THR AA 93 29.12 -95.16 -60.82
C THR AA 93 27.62 -95.44 -60.92
N THR AA 94 27.21 -96.52 -60.29
CA THR AA 94 25.90 -97.09 -60.52
C THR AA 94 25.15 -97.17 -59.21
N VAL AA 95 23.90 -96.70 -59.22
CA VAL AA 95 23.05 -96.77 -58.05
C VAL AA 95 21.89 -97.70 -58.35
N HIS AA 96 21.28 -98.22 -57.29
CA HIS AA 96 20.08 -99.03 -57.46
C HIS AA 96 18.87 -98.12 -57.42
N VAL AA 97 17.89 -98.44 -58.25
CA VAL AA 97 16.65 -97.68 -58.28
C VAL AA 97 15.65 -98.42 -57.40
N GLY AA 98 15.18 -97.75 -56.36
CA GLY AA 98 14.26 -98.40 -55.46
C GLY AA 98 12.87 -98.45 -56.05
N ILE AA 99 12.20 -99.57 -55.85
CA ILE AA 99 10.82 -99.69 -56.28
C ILE AA 99 9.99 -100.29 -55.17
N HIS AA 100 8.75 -99.91 -55.14
CA HIS AA 100 7.83 -100.27 -54.09
C HIS AA 100 7.42 -101.73 -54.24
N PRO AA 101 7.44 -102.51 -53.16
CA PRO AA 101 7.24 -103.96 -53.28
C PRO AA 101 5.85 -104.38 -53.68
N SER AA 102 4.89 -103.47 -53.80
CA SER AA 102 3.60 -103.85 -54.35
C SER AA 102 3.63 -104.03 -55.86
N LYS AA 103 4.73 -103.67 -56.51
CA LYS AA 103 4.88 -103.70 -57.95
C LYS AA 103 5.85 -104.75 -58.42
N VAL AA 104 6.11 -105.76 -57.60
CA VAL AA 104 6.98 -106.87 -57.95
C VAL AA 104 6.21 -108.14 -57.66
N VAL AA 105 6.78 -109.28 -58.01
CA VAL AA 105 6.11 -110.54 -57.72
C VAL AA 105 7.13 -111.63 -57.42
N ILE AA 106 7.00 -112.23 -56.24
CA ILE AA 106 8.03 -113.13 -55.73
C ILE AA 106 8.00 -114.42 -56.53
N THR AA 107 9.08 -114.69 -57.23
CA THR AA 107 9.15 -115.88 -58.06
C THR AA 107 9.77 -117.06 -57.38
N ARG AA 108 10.57 -116.86 -56.34
CA ARG AA 108 10.87 -117.93 -55.42
C ARG AA 108 11.11 -117.34 -54.05
N LEU AA 109 10.74 -118.09 -53.03
CA LEU AA 109 10.84 -117.61 -51.66
C LEU AA 109 12.15 -118.08 -51.06
N LYS AA 110 12.61 -117.35 -50.06
CA LYS AA 110 13.80 -117.71 -49.32
C LYS AA 110 13.32 -118.32 -48.01
N LEU AA 111 13.32 -119.65 -47.93
CA LEU AA 111 12.65 -120.33 -46.84
C LEU AA 111 13.59 -120.52 -45.65
N ASP AA 112 13.02 -120.45 -44.45
CA ASP AA 112 13.66 -120.95 -43.24
C ASP AA 112 12.56 -121.34 -42.26
N LYS AA 113 12.93 -121.54 -40.99
CA LYS AA 113 11.98 -122.03 -40.01
C LYS AA 113 10.87 -121.03 -39.73
N ASP AA 114 11.21 -119.75 -39.71
CA ASP AA 114 10.19 -118.73 -39.45
C ASP AA 114 9.33 -118.49 -40.68
N ARG AA 115 9.91 -118.51 -41.87
CA ARG AA 115 9.10 -118.29 -43.06
C ARG AA 115 8.37 -119.54 -43.50
N LYS AA 116 8.66 -120.69 -42.91
CA LYS AA 116 7.76 -121.80 -43.12
C LYS AA 116 6.53 -121.67 -42.24
N LYS AA 117 6.71 -121.40 -40.95
CA LYS AA 117 5.60 -121.46 -40.01
C LYS AA 117 4.59 -120.34 -40.22
N ILE AA 118 5.02 -119.21 -40.77
CA ILE AA 118 4.08 -118.14 -41.09
C ILE AA 118 3.50 -118.36 -42.48
N LEU AA 119 4.03 -119.32 -43.22
CA LEU AA 119 3.47 -119.69 -44.51
C LEU AA 119 2.53 -120.87 -44.41
N GLU AA 120 2.63 -121.68 -43.36
CA GLU AA 120 1.55 -122.60 -43.04
C GLU AA 120 0.43 -121.94 -42.27
N ARG AA 121 0.71 -120.84 -41.59
CA ARG AA 121 -0.37 -120.16 -40.89
C ARG AA 121 -1.30 -119.45 -41.86
N LYS AA 122 -0.74 -118.81 -42.88
CA LYS AA 122 -1.57 -118.14 -43.86
C LYS AA 122 -2.27 -119.12 -44.77
N ALA AA 123 -1.86 -120.38 -44.78
CA ALA AA 123 -2.57 -121.40 -45.52
C ALA AA 123 -3.67 -122.04 -44.70
N LYS AA 124 -3.54 -122.11 -43.37
CA LYS AA 124 -4.59 -122.71 -42.55
C LYS AA 124 -5.82 -121.82 -42.50
N SER AA 125 -5.62 -120.51 -42.41
CA SER AA 125 -6.75 -119.61 -42.22
C SER AA 125 -7.60 -119.47 -43.46
N ARG AA 126 -7.10 -119.85 -44.63
CA ARG AA 126 -7.98 -119.91 -45.78
C ARG AA 126 -8.83 -121.15 -45.76
N GLN AA 127 -8.30 -122.25 -45.24
CA GLN AA 127 -9.06 -123.49 -45.21
C GLN AA 127 -10.22 -123.43 -44.24
N VAL AA 128 -10.13 -122.58 -43.23
CA VAL AA 128 -11.29 -122.33 -42.39
C VAL AA 128 -12.30 -121.50 -43.16
N GLY AA 129 -11.82 -120.65 -44.06
CA GLY AA 129 -12.72 -119.86 -44.86
C GLY AA 129 -13.43 -120.65 -45.93
N LYS AA 130 -12.75 -121.61 -46.54
CA LYS AA 130 -13.33 -122.39 -47.61
C LYS AA 130 -14.21 -123.52 -47.15
N GLU AA 131 -14.30 -123.79 -45.85
CA GLU AA 131 -15.34 -124.69 -45.38
C GLU AA 131 -16.64 -123.93 -45.10
N LYS AA 132 -16.59 -122.62 -44.97
CA LYS AA 132 -17.81 -121.84 -44.77
C LYS AA 132 -18.55 -121.53 -46.08
N GLY AA 133 -18.19 -122.19 -47.18
CA GLY AA 133 -18.93 -122.04 -48.42
C GLY AA 133 -20.06 -123.04 -48.50
N LYS AA 134 -21.03 -122.91 -47.60
CA LYS AA 134 -22.12 -123.88 -47.51
C LYS AA 134 -23.48 -123.18 -47.55
N GLY BA 1 64.64 -43.47 66.15
CA GLY BA 1 65.63 -43.23 65.13
C GLY BA 1 65.56 -44.23 64.01
N LYS BA 2 66.66 -44.97 63.84
CA LYS BA 2 66.71 -46.07 62.88
C LYS BA 2 65.69 -47.13 63.22
N PHE BA 3 65.14 -47.78 62.20
CA PHE BA 3 64.30 -48.93 62.45
C PHE BA 3 64.58 -50.14 61.58
N MET BA 4 65.37 -50.01 60.50
CA MET BA 4 65.84 -51.17 59.76
C MET BA 4 66.87 -51.92 60.57
N LYS BA 5 66.48 -53.01 61.20
CA LYS BA 5 67.36 -53.76 62.07
C LYS BA 5 67.37 -55.21 61.63
N PRO BA 6 68.39 -55.97 62.00
CA PRO BA 6 68.33 -57.42 61.81
C PRO BA 6 67.20 -58.04 62.60
N GLY BA 7 66.23 -58.58 61.88
CA GLY BA 7 65.05 -59.16 62.47
C GLY BA 7 63.75 -58.55 62.01
N LYS BA 8 63.79 -57.47 61.24
CA LYS BA 8 62.56 -56.84 60.81
C LYS BA 8 61.95 -57.60 59.64
N VAL BA 9 60.66 -57.82 59.71
CA VAL BA 9 59.93 -58.37 58.59
C VAL BA 9 59.68 -57.25 57.61
N VAL BA 10 59.98 -57.50 56.35
CA VAL BA 10 59.93 -56.46 55.35
C VAL BA 10 59.16 -57.01 54.16
N LEU BA 11 58.54 -56.11 53.40
CA LEU BA 11 57.85 -56.50 52.17
C LEU BA 11 58.72 -56.11 51.00
N VAL BA 12 59.04 -57.09 50.17
CA VAL BA 12 59.81 -56.82 48.97
C VAL BA 12 58.89 -56.21 47.92
N LEU BA 13 59.29 -55.07 47.38
CA LEU BA 13 58.43 -54.32 46.49
C LEU BA 13 58.75 -54.49 45.02
N ALA BA 14 59.94 -54.93 44.65
CA ALA BA 14 60.29 -54.99 43.25
C ALA BA 14 61.10 -56.23 42.96
N GLY BA 15 61.24 -56.53 41.69
CA GLY BA 15 62.10 -57.60 41.27
C GLY BA 15 61.33 -58.87 41.08
N ARG BA 16 62.06 -59.97 41.02
CA ARG BA 16 61.42 -61.25 40.79
C ARG BA 16 60.62 -61.70 41.99
N TYR BA 17 60.97 -61.24 43.18
CA TYR BA 17 60.29 -61.62 44.40
C TYR BA 17 59.36 -60.54 44.91
N SER BA 18 58.73 -59.80 44.02
CA SER BA 18 57.95 -58.64 44.40
C SER BA 18 56.69 -59.08 45.13
N GLY BA 19 56.51 -58.59 46.34
CA GLY BA 19 55.35 -58.93 47.12
C GLY BA 19 55.52 -60.13 48.03
N ARG BA 20 56.74 -60.53 48.30
CA ARG BA 20 57.01 -61.66 49.18
C ARG BA 20 57.62 -61.12 50.46
N LYS BA 21 57.16 -61.66 51.59
CA LYS BA 21 57.67 -61.24 52.88
C LYS BA 21 59.10 -61.70 53.05
N ALA BA 22 59.86 -60.96 53.85
CA ALA BA 22 61.26 -61.29 54.04
C ALA BA 22 61.76 -60.69 55.33
N VAL BA 23 62.79 -61.29 55.90
CA VAL BA 23 63.35 -60.85 57.17
C VAL BA 23 64.75 -60.31 56.94
N ILE BA 24 65.06 -59.18 57.56
CA ILE BA 24 66.38 -58.58 57.39
C ILE BA 24 67.41 -59.39 58.14
N VAL BA 25 68.38 -59.95 57.42
CA VAL BA 25 69.50 -60.59 58.06
C VAL BA 25 70.47 -59.54 58.58
N LYS BA 26 70.91 -58.64 57.72
CA LYS BA 26 71.74 -57.55 58.18
C LYS BA 26 71.57 -56.36 57.26
N ASN BA 27 71.71 -55.18 57.85
CA ASN BA 27 71.59 -53.94 57.11
C ASN BA 27 72.94 -53.27 56.99
N ILE BA 28 73.00 -52.27 56.12
CA ILE BA 28 74.21 -51.50 55.88
C ILE BA 28 73.99 -50.02 56.17
N ASP BA 29 72.89 -49.47 55.67
CA ASP BA 29 72.34 -48.12 55.86
C ASP BA 29 73.29 -46.97 55.57
N ASP BA 30 74.40 -47.22 54.91
CA ASP BA 30 75.23 -46.12 54.42
C ASP BA 30 75.94 -46.39 53.11
N GLY BA 31 75.71 -47.51 52.46
CA GLY BA 31 76.47 -47.84 51.27
C GLY BA 31 77.82 -48.46 51.62
N THR BA 32 78.41 -49.11 50.63
CA THR BA 32 79.70 -49.75 50.87
C THR BA 32 80.62 -49.66 49.66
N SER BA 33 80.44 -48.62 48.84
CA SER BA 33 81.35 -48.11 47.82
C SER BA 33 81.55 -49.02 46.61
N ASP BA 34 81.02 -50.24 46.65
CA ASP BA 34 80.74 -50.97 45.43
C ASP BA 34 79.26 -51.05 45.15
N ARG BA 35 78.44 -50.70 46.13
CA ARG BA 35 77.10 -50.19 45.89
C ARG BA 35 76.85 -49.03 46.84
N PRO BA 36 76.67 -47.82 46.33
CA PRO BA 36 76.56 -46.66 47.20
C PRO BA 36 75.17 -46.43 47.75
N TYR BA 37 74.17 -47.09 47.20
CA TYR BA 37 72.84 -46.99 47.76
C TYR BA 37 72.77 -47.75 49.08
N SER BA 38 71.81 -47.37 49.88
CA SER BA 38 71.63 -47.85 51.23
C SER BA 38 70.87 -49.17 51.17
N HIS BA 39 71.49 -50.25 51.65
CA HIS BA 39 70.97 -51.57 51.32
C HIS BA 39 70.98 -52.50 52.52
N ALA BA 40 70.25 -53.60 52.38
CA ALA BA 40 70.18 -54.61 53.42
C ALA BA 40 70.26 -55.99 52.80
N LEU BA 41 70.29 -57.02 53.62
CA LEU BA 41 70.40 -58.40 53.14
C LEU BA 41 69.26 -59.16 53.76
N VAL BA 42 68.45 -59.81 52.94
CA VAL BA 42 67.20 -60.40 53.42
C VAL BA 42 67.22 -61.89 53.19
N ALA BA 43 66.36 -62.58 53.92
CA ALA BA 43 65.98 -63.96 53.65
C ALA BA 43 64.47 -63.98 53.55
N GLY BA 44 63.92 -64.69 52.59
CA GLY BA 44 62.49 -64.59 52.39
C GLY BA 44 61.80 -65.87 51.98
N ILE BA 45 60.53 -65.76 51.61
CA ILE BA 45 59.72 -66.91 51.26
C ILE BA 45 59.46 -66.87 49.77
N ASP BA 46 60.04 -67.78 49.01
CA ASP BA 46 59.67 -67.83 47.60
C ASP BA 46 58.35 -68.55 47.42
N ARG BA 47 58.22 -69.77 47.94
CA ARG BA 47 56.95 -70.47 47.97
C ARG BA 47 56.43 -70.50 49.39
N TYR BA 48 55.27 -69.93 49.60
CA TYR BA 48 54.58 -70.05 50.85
C TYR BA 48 54.04 -71.46 51.03
N PRO BA 49 53.92 -71.94 52.26
CA PRO BA 49 53.32 -73.25 52.47
C PRO BA 49 51.83 -73.20 52.21
N ARG BA 50 51.30 -74.27 51.64
CA ARG BA 50 49.89 -74.32 51.35
C ARG BA 50 49.14 -74.58 52.65
N LYS BA 51 47.85 -74.27 52.67
CA LYS BA 51 47.09 -74.39 53.91
C LYS BA 51 46.84 -75.86 54.23
N VAL BA 52 46.89 -76.17 55.52
CA VAL BA 52 46.64 -77.54 55.97
C VAL BA 52 45.48 -77.52 56.94
N THR BA 53 44.64 -78.55 56.85
CA THR BA 53 43.44 -78.65 57.64
C THR BA 53 43.49 -79.96 58.41
N ALA BA 54 42.52 -80.13 59.31
CA ALA BA 54 42.55 -81.26 60.23
C ALA BA 54 42.31 -82.59 59.52
N ALA BA 55 41.58 -82.59 58.42
CA ALA BA 55 41.27 -83.83 57.70
C ALA BA 55 42.17 -83.98 56.47
N MET BA 56 43.48 -84.08 56.70
CA MET BA 56 44.37 -84.33 55.57
C MET BA 56 45.30 -85.51 55.77
N GLY BA 57 45.67 -85.80 57.01
CA GLY BA 57 46.58 -86.90 57.24
C GLY BA 57 48.03 -86.48 57.13
N LYS BA 58 48.90 -87.33 57.68
CA LYS BA 58 50.25 -86.92 58.05
C LYS BA 58 51.13 -86.63 56.85
N LYS BA 59 51.20 -87.56 55.89
CA LYS BA 59 52.14 -87.39 54.80
C LYS BA 59 51.69 -86.37 53.78
N LYS BA 60 50.43 -85.96 53.81
CA LYS BA 60 49.96 -84.92 52.92
C LYS BA 60 50.19 -83.55 53.53
N ILE BA 61 50.16 -83.45 54.86
CA ILE BA 61 50.47 -82.19 55.53
C ILE BA 61 51.96 -81.91 55.45
N ALA BA 62 52.78 -82.96 55.59
CA ALA BA 62 54.21 -82.75 55.55
C ALA BA 62 54.71 -82.41 54.15
N LYS BA 63 53.97 -82.78 53.12
CA LYS BA 63 54.36 -82.41 51.77
C LYS BA 63 53.84 -81.03 51.40
N ARG BA 64 52.82 -80.54 52.08
CA ARG BA 64 52.33 -79.20 51.82
C ARG BA 64 52.98 -78.14 52.68
N SER BA 65 53.57 -78.53 53.79
CA SER BA 65 54.18 -77.55 54.68
C SER BA 65 55.69 -77.53 54.49
N LYS BA 66 56.11 -77.08 53.32
CA LYS BA 66 57.54 -76.91 53.09
C LYS BA 66 57.78 -75.67 52.24
N ILE BA 67 58.90 -75.01 52.52
CA ILE BA 67 59.16 -73.63 52.14
C ILE BA 67 60.15 -73.62 50.99
N LYS BA 68 60.10 -72.58 50.18
CA LYS BA 68 61.20 -72.26 49.28
C LYS BA 68 61.72 -70.87 49.62
N SER BA 69 63.04 -70.72 49.69
CA SER BA 69 63.63 -69.51 50.24
C SER BA 69 64.44 -68.76 49.19
N PHE BA 70 64.93 -67.59 49.61
CA PHE BA 70 65.85 -66.80 48.81
C PHE BA 70 66.64 -65.88 49.72
N VAL BA 71 67.81 -65.48 49.25
CA VAL BA 71 68.61 -64.44 49.90
C VAL BA 71 68.98 -63.39 48.86
N LYS BA 72 68.70 -62.12 49.16
CA LYS BA 72 69.07 -61.04 48.25
C LYS BA 72 69.60 -59.86 49.02
N VAL BA 73 70.03 -58.85 48.28
CA VAL BA 73 70.65 -57.64 48.80
C VAL BA 73 69.96 -56.36 48.36
N TYR BA 74 68.65 -56.29 48.56
CA TYR BA 74 67.85 -55.15 48.13
C TYR BA 74 68.37 -53.80 48.60
N ASN BA 75 68.18 -52.80 47.73
CA ASN BA 75 68.14 -51.41 48.08
C ASN BA 75 66.99 -51.14 49.04
N TYR BA 76 67.13 -50.11 49.86
CA TYR BA 76 66.08 -49.78 50.81
C TYR BA 76 64.81 -49.30 50.15
N ASN BA 77 64.88 -48.74 48.96
CA ASN BA 77 63.66 -48.28 48.34
C ASN BA 77 62.81 -49.41 47.80
N HIS BA 78 63.36 -50.61 47.70
CA HIS BA 78 62.67 -51.74 47.15
C HIS BA 78 62.09 -52.61 48.22
N LEU BA 79 61.94 -52.06 49.42
CA LEU BA 79 61.52 -52.76 50.61
C LEU BA 79 60.50 -51.93 51.33
N MET BA 80 59.48 -52.57 51.85
CA MET BA 80 58.47 -51.91 52.66
C MET BA 80 58.56 -52.47 54.06
N PRO BA 81 58.98 -51.70 55.05
CA PRO BA 81 59.08 -52.26 56.40
C PRO BA 81 57.73 -52.39 57.06
N THR BA 82 57.59 -53.45 57.84
CA THR BA 82 56.41 -53.70 58.63
C THR BA 82 56.72 -53.41 60.08
N ARG BA 83 55.71 -53.47 60.91
CA ARG BA 83 55.95 -53.38 62.35
C ARG BA 83 56.28 -54.73 62.97
N TYR BA 84 56.23 -55.81 62.21
CA TYR BA 84 56.41 -57.13 62.80
C TYR BA 84 57.88 -57.48 62.88
N SER BA 85 58.15 -58.57 63.58
CA SER BA 85 59.51 -58.96 63.89
C SER BA 85 59.53 -60.46 64.10
N VAL BA 86 60.55 -61.11 63.55
CA VAL BA 86 60.75 -62.54 63.65
C VAL BA 86 62.20 -62.75 64.03
N ASP BA 87 62.45 -63.38 65.17
CA ASP BA 87 63.80 -63.76 65.53
C ASP BA 87 64.04 -65.20 65.12
N ILE BA 88 64.99 -65.40 64.23
CA ILE BA 88 65.40 -66.73 63.78
C ILE BA 88 66.85 -66.93 64.16
N PRO BA 89 67.22 -68.06 64.77
CA PRO BA 89 68.63 -68.37 65.01
C PRO BA 89 69.35 -68.59 63.70
N LEU BA 90 69.71 -67.50 63.05
CA LEU BA 90 70.09 -67.48 61.66
C LEU BA 90 71.60 -67.33 61.59
N ASP BA 91 72.26 -68.19 60.83
CA ASP BA 91 73.70 -68.32 60.91
C ASP BA 91 74.37 -67.22 60.09
N LYS BA 92 75.09 -66.34 60.77
CA LYS BA 92 75.80 -65.24 60.12
C LYS BA 92 77.07 -65.71 59.43
N THR BA 93 77.48 -66.96 59.63
CA THR BA 93 78.65 -67.47 58.92
C THR BA 93 78.28 -68.11 57.60
N VAL BA 94 77.08 -68.68 57.49
CA VAL BA 94 76.66 -69.23 56.21
C VAL BA 94 76.12 -68.14 55.31
N VAL BA 95 75.26 -67.27 55.84
CA VAL BA 95 74.76 -66.18 55.03
C VAL BA 95 75.51 -64.91 55.41
N ASN BA 96 75.85 -64.13 54.40
CA ASN BA 96 76.70 -62.95 54.45
C ASN BA 96 76.67 -62.34 53.07
N LYS BA 97 77.35 -61.20 52.92
CA LYS BA 97 77.31 -60.51 51.65
C LYS BA 97 78.13 -61.21 50.57
N ASP BA 98 79.16 -61.95 50.96
CA ASP BA 98 79.98 -62.66 49.99
C ASP BA 98 79.51 -64.09 49.77
N VAL BA 99 78.21 -64.31 49.89
CA VAL BA 99 77.62 -65.53 49.38
C VAL BA 99 77.32 -65.39 47.90
N PHE BA 100 77.38 -64.17 47.39
CA PHE BA 100 76.99 -63.81 46.03
C PHE BA 100 78.18 -63.79 45.09
N ARG BA 101 79.02 -64.80 45.14
CA ARG BA 101 80.17 -64.83 44.24
C ARG BA 101 80.29 -66.17 43.54
N ASP BA 102 79.87 -67.23 44.21
CA ASP BA 102 79.83 -68.54 43.59
C ASP BA 102 78.47 -69.18 43.83
N PRO BA 103 77.96 -69.96 42.88
CA PRO BA 103 76.59 -70.48 43.02
C PRO BA 103 76.48 -71.58 44.05
N ALA BA 104 77.52 -72.38 44.22
CA ALA BA 104 77.43 -73.53 45.09
C ALA BA 104 77.43 -73.16 46.55
N LEU BA 105 77.93 -71.98 46.89
CA LEU BA 105 77.90 -71.51 48.27
C LEU BA 105 76.64 -70.73 48.57
N LYS BA 106 75.90 -70.33 47.55
CA LYS BA 106 74.61 -69.69 47.76
C LYS BA 106 73.53 -70.71 48.03
N ARG BA 107 73.67 -71.91 47.48
CA ARG BA 107 72.73 -72.97 47.81
C ARG BA 107 72.86 -73.41 49.26
N LYS BA 108 74.06 -73.26 49.83
CA LYS BA 108 74.22 -73.51 51.26
C LYS BA 108 73.49 -72.48 52.09
N ALA BA 109 73.39 -71.25 51.58
CA ALA BA 109 72.69 -70.21 52.31
C ALA BA 109 71.18 -70.32 52.16
N ARG BA 110 70.70 -70.73 51.00
CA ARG BA 110 69.26 -70.93 50.87
C ARG BA 110 68.78 -72.15 51.64
N ARG BA 111 69.65 -73.15 51.84
CA ARG BA 111 69.20 -74.28 52.61
C ARG BA 111 69.16 -73.97 54.10
N GLU BA 112 70.14 -73.20 54.58
CA GLU BA 112 70.19 -72.82 55.98
C GLU BA 112 69.01 -71.95 56.37
N ALA BA 113 68.57 -71.07 55.47
CA ALA BA 113 67.38 -70.26 55.71
C ALA BA 113 66.11 -70.96 55.28
N LYS BA 114 66.11 -72.28 55.22
CA LYS BA 114 64.91 -73.00 54.83
C LYS BA 114 64.64 -74.04 55.90
N VAL BA 115 65.71 -74.61 56.48
CA VAL BA 115 65.50 -75.49 57.60
C VAL BA 115 65.17 -74.71 58.86
N LYS BA 116 65.53 -73.43 58.92
CA LYS BA 116 65.17 -72.64 60.08
C LYS BA 116 63.78 -72.06 59.94
N PHE BA 117 63.33 -71.86 58.71
CA PHE BA 117 61.99 -71.34 58.52
C PHE BA 117 60.94 -72.42 58.72
N GLU BA 118 61.23 -73.64 58.28
CA GLU BA 118 60.29 -74.73 58.45
C GLU BA 118 60.08 -75.10 59.89
N GLU BA 119 61.08 -74.91 60.75
CA GLU BA 119 60.84 -75.23 62.14
C GLU BA 119 60.20 -74.08 62.89
N ARG BA 120 60.23 -72.87 62.35
CA ARG BA 120 59.43 -71.80 62.95
C ARG BA 120 58.03 -71.79 62.36
N TYR BA 121 57.86 -72.30 61.15
CA TYR BA 121 56.52 -72.44 60.59
C TYR BA 121 55.71 -73.45 61.37
N LYS BA 122 56.28 -74.61 61.61
CA LYS BA 122 55.73 -75.49 62.61
C LYS BA 122 55.88 -74.86 63.98
N THR BA 123 55.08 -75.35 64.93
CA THR BA 123 54.78 -74.77 66.24
C THR BA 123 54.05 -73.45 66.15
N GLY BA 124 53.55 -73.09 64.97
CA GLY BA 124 52.51 -72.10 64.83
C GLY BA 124 52.88 -70.66 65.14
N LYS BA 125 54.07 -70.40 65.66
CA LYS BA 125 54.46 -69.03 65.95
C LYS BA 125 54.71 -68.27 64.66
N ASN BA 126 54.48 -66.95 64.73
CA ASN BA 126 54.58 -66.01 63.61
C ASN BA 126 53.70 -66.44 62.44
N LYS BA 127 52.39 -66.51 62.71
CA LYS BA 127 51.41 -66.88 61.71
C LYS BA 127 51.43 -65.92 60.53
N TRP BA 128 51.71 -64.65 60.79
CA TRP BA 128 51.57 -63.62 59.77
C TRP BA 128 52.66 -63.72 58.73
N PHE BA 129 53.83 -64.20 59.12
CA PHE BA 129 54.98 -64.21 58.23
C PHE BA 129 54.84 -65.25 57.14
N PHE BA 130 54.07 -66.30 57.37
CA PHE BA 130 54.08 -67.47 56.52
C PHE BA 130 52.87 -67.59 55.62
N GLN BA 131 51.92 -66.69 55.71
CA GLN BA 131 50.79 -66.70 54.80
C GLN BA 131 51.01 -65.69 53.71
N LYS BA 132 50.47 -65.96 52.54
CA LYS BA 132 50.78 -65.19 51.36
C LYS BA 132 50.04 -63.86 51.42
N LEU BA 133 50.75 -62.78 51.11
CA LEU BA 133 50.11 -61.48 51.00
C LEU BA 133 49.17 -61.47 49.82
N ARG BA 134 47.91 -61.14 50.06
CA ARG BA 134 46.91 -61.14 49.01
C ARG BA 134 46.76 -59.73 48.50
N PHE BA 135 47.57 -59.39 47.50
CA PHE BA 135 47.49 -58.09 46.87
C PHE BA 135 46.93 -58.26 45.49
N PRO CA 1 -31.86 -68.16 -43.90
CA PRO CA 1 -30.81 -68.11 -44.90
C PRO CA 1 -30.24 -66.72 -45.08
N SER CA 2 -28.93 -66.63 -45.15
CA SER CA 2 -28.30 -65.32 -45.24
C SER CA 2 -28.29 -64.78 -46.65
N ARG CA 3 -28.77 -65.53 -47.63
CA ARG CA 3 -28.74 -65.06 -49.00
C ARG CA 3 -29.99 -64.29 -49.37
N LEU CA 4 -30.92 -64.10 -48.45
CA LEU CA 4 -32.19 -63.46 -48.74
C LEU CA 4 -32.40 -62.22 -47.89
N ARG CA 5 -31.36 -61.73 -47.27
CA ARG CA 5 -31.49 -60.62 -46.36
C ARG CA 5 -30.99 -59.34 -46.99
N LYS CA 6 -31.32 -58.23 -46.33
CA LYS CA 6 -30.96 -56.91 -46.82
C LYS CA 6 -29.47 -56.67 -46.83
N THR CA 7 -28.71 -57.39 -46.03
CA THR CA 7 -27.26 -57.20 -46.03
C THR CA 7 -26.67 -57.56 -47.37
N ARG CA 8 -27.28 -58.49 -48.08
CA ARG CA 8 -26.75 -58.80 -49.39
C ARG CA 8 -27.17 -57.81 -50.45
N LYS CA 9 -28.22 -57.05 -50.21
CA LYS CA 9 -28.59 -55.98 -51.12
C LYS CA 9 -27.92 -54.67 -50.78
N LEU CA 10 -27.48 -54.50 -49.54
CA LEU CA 10 -26.87 -53.28 -49.08
C LEU CA 10 -25.36 -53.34 -49.14
N ARG CA 11 -24.82 -54.23 -49.94
CA ARG CA 11 -23.38 -54.47 -50.01
C ARG CA 11 -22.75 -53.63 -51.13
N GLY CA 12 -23.22 -52.42 -51.34
CA GLY CA 12 -22.40 -51.48 -52.09
C GLY CA 12 -22.61 -50.04 -51.67
N HIS CA 13 -23.52 -49.84 -50.72
CA HIS CA 13 -24.05 -48.55 -50.37
C HIS CA 13 -23.47 -48.21 -49.01
N VAL CA 14 -22.93 -46.99 -48.86
CA VAL CA 14 -21.95 -46.72 -47.82
C VAL CA 14 -22.55 -46.81 -46.43
N SER CA 15 -23.65 -46.10 -46.19
CA SER CA 15 -24.24 -45.99 -44.86
C SER CA 15 -24.86 -47.27 -44.37
N HIS CA 16 -25.01 -48.25 -45.25
CA HIS CA 16 -25.61 -49.55 -44.96
C HIS CA 16 -27.01 -49.37 -44.40
N GLY CA 17 -27.78 -48.52 -45.06
CA GLY CA 17 -29.16 -48.32 -44.72
C GLY CA 17 -29.46 -47.48 -43.51
N HIS CA 18 -28.48 -46.79 -42.94
CA HIS CA 18 -28.73 -46.06 -41.70
C HIS CA 18 -28.48 -44.57 -41.83
N GLY CA 19 -28.14 -44.09 -42.99
CA GLY CA 19 -28.13 -42.67 -43.19
C GLY CA 19 -26.77 -42.06 -43.04
N ARG CA 20 -26.54 -41.00 -43.78
CA ARG CA 20 -25.31 -40.24 -43.66
C ARG CA 20 -25.41 -39.21 -42.55
N ILE CA 21 -26.56 -38.57 -42.43
CA ILE CA 21 -26.72 -37.49 -41.45
C ILE CA 21 -26.76 -38.05 -40.05
N GLY CA 22 -27.65 -39.01 -39.81
CA GLY CA 22 -27.97 -39.34 -38.45
C GLY CA 22 -26.89 -40.11 -37.76
N LYS CA 23 -26.83 -41.43 -37.93
CA LYS CA 23 -25.71 -42.33 -38.22
C LYS CA 23 -26.24 -43.65 -37.71
N HIS CA 24 -25.47 -44.70 -37.71
CA HIS CA 24 -25.77 -45.81 -36.82
C HIS CA 24 -24.78 -45.73 -35.67
N ARG CA 25 -25.27 -45.40 -34.48
CA ARG CA 25 -24.45 -45.26 -33.30
C ARG CA 25 -24.73 -46.40 -32.33
N LYS CA 26 -24.18 -46.31 -31.13
CA LYS CA 26 -24.26 -47.44 -30.20
C LYS CA 26 -25.62 -47.50 -29.54
N HIS CA 27 -25.93 -46.54 -28.68
CA HIS CA 27 -27.22 -46.50 -27.98
C HIS CA 27 -27.67 -45.07 -27.87
N PRO CA 28 -28.23 -44.51 -28.91
CA PRO CA 28 -28.75 -43.15 -28.80
C PRO CA 28 -30.14 -43.13 -28.19
N GLY CA 29 -30.21 -42.99 -26.87
CA GLY CA 29 -31.49 -42.84 -26.24
C GLY CA 29 -31.59 -43.66 -24.99
N GLY CA 30 -30.50 -44.31 -24.61
CA GLY CA 30 -30.47 -45.18 -23.46
C GLY CA 30 -30.55 -46.63 -23.86
N ARG CA 31 -30.38 -47.50 -22.87
CA ARG CA 31 -30.45 -48.92 -23.09
C ARG CA 31 -31.71 -49.49 -22.48
N GLY CA 32 -32.39 -50.34 -23.24
CA GLY CA 32 -33.58 -51.00 -22.73
C GLY CA 32 -34.74 -50.04 -22.61
N ASN CA 33 -35.37 -50.07 -21.44
CA ASN CA 33 -36.55 -49.26 -21.16
C ASN CA 33 -36.17 -48.01 -20.41
N ALA CA 34 -35.00 -47.51 -20.69
CA ALA CA 34 -34.51 -46.29 -20.06
C ALA CA 34 -35.35 -45.10 -20.48
N GLY CA 35 -35.71 -44.28 -19.51
CA GLY CA 35 -36.32 -43.01 -19.83
C GLY CA 35 -37.81 -43.03 -20.00
N GLY CA 36 -38.51 -43.98 -19.40
CA GLY CA 36 -39.94 -44.09 -19.60
C GLY CA 36 -40.73 -43.01 -18.90
N LEU CA 37 -40.14 -42.30 -17.96
CA LEU CA 37 -40.76 -41.11 -17.41
C LEU CA 37 -40.17 -39.83 -17.92
N HIS CA 38 -39.00 -39.86 -18.55
CA HIS CA 38 -38.32 -38.62 -18.86
C HIS CA 38 -38.30 -38.29 -20.34
N HIS CA 39 -37.64 -39.04 -21.18
CA HIS CA 39 -37.66 -38.63 -22.57
C HIS CA 39 -38.37 -39.60 -23.46
N HIS CA 40 -38.84 -40.72 -22.93
CA HIS CA 40 -39.65 -41.64 -23.68
C HIS CA 40 -41.05 -41.68 -23.10
N ARG CA 41 -41.47 -40.57 -22.51
CA ARG CA 41 -42.72 -40.49 -21.79
C ARG CA 41 -43.91 -40.58 -22.71
N ILE CA 42 -43.83 -39.93 -23.86
CA ILE CA 42 -44.95 -39.92 -24.79
C ILE CA 42 -45.17 -41.31 -25.36
N ASN CA 43 -44.12 -42.08 -25.50
CA ASN CA 43 -44.26 -43.44 -25.99
C ASN CA 43 -44.89 -44.33 -24.95
N PHE CA 44 -44.59 -44.14 -23.67
CA PHE CA 44 -45.22 -45.01 -22.70
C PHE CA 44 -46.64 -44.61 -22.38
N ASP CA 45 -46.96 -43.33 -22.45
CA ASP CA 45 -48.32 -42.93 -22.17
C ASP CA 45 -49.26 -43.18 -23.31
N LYS CA 46 -48.76 -43.13 -24.55
CA LYS CA 46 -49.62 -43.40 -25.68
C LYS CA 46 -49.92 -44.88 -25.80
N TYR CA 47 -49.00 -45.72 -25.39
CA TYR CA 47 -49.14 -47.12 -25.71
C TYR CA 47 -49.26 -48.04 -24.52
N HIS CA 48 -48.69 -47.70 -23.38
CA HIS CA 48 -48.81 -48.54 -22.21
C HIS CA 48 -49.30 -47.73 -21.03
N PRO CA 49 -50.57 -47.31 -21.01
CA PRO CA 49 -51.06 -46.62 -19.83
C PRO CA 49 -51.24 -47.57 -18.68
N GLY CA 50 -50.80 -47.16 -17.50
CA GLY CA 50 -50.85 -48.01 -16.35
C GLY CA 50 -49.52 -48.58 -15.98
N TYR CA 51 -48.48 -48.24 -16.71
CA TYR CA 51 -47.22 -48.91 -16.53
C TYR CA 51 -46.53 -48.48 -15.24
N PHE CA 52 -46.80 -47.28 -14.76
CA PHE CA 52 -46.07 -46.74 -13.62
C PHE CA 52 -46.98 -46.64 -12.41
N GLY CA 53 -46.66 -47.35 -11.34
CA GLY CA 53 -47.35 -47.22 -10.08
C GLY CA 53 -47.87 -48.54 -9.58
N LYS CA 54 -48.36 -48.50 -8.34
CA LYS CA 54 -48.86 -49.65 -7.63
C LYS CA 54 -50.37 -49.53 -7.49
N VAL CA 55 -51.06 -50.65 -7.65
CA VAL CA 55 -52.50 -50.70 -7.41
C VAL CA 55 -52.85 -52.07 -6.86
N GLY CA 56 -53.56 -52.10 -5.75
CA GLY CA 56 -54.09 -53.34 -5.25
C GLY CA 56 -53.25 -53.89 -4.11
N MET CA 57 -53.72 -54.99 -3.55
CA MET CA 57 -53.08 -55.57 -2.39
C MET CA 57 -52.12 -56.70 -2.77
N LYS CA 58 -50.98 -56.72 -2.09
CA LYS CA 58 -50.00 -57.75 -2.31
C LYS CA 58 -50.44 -59.02 -1.61
N HIS CA 59 -50.02 -60.15 -2.14
CA HIS CA 59 -50.37 -61.43 -1.57
C HIS CA 59 -49.17 -62.34 -1.67
N TYR CA 60 -48.49 -62.58 -0.56
CA TYR CA 60 -47.28 -63.37 -0.62
C TYR CA 60 -47.66 -64.83 -0.74
N HIS CA 61 -46.82 -65.58 -1.44
CA HIS CA 61 -46.93 -67.03 -1.60
C HIS CA 61 -48.29 -67.41 -2.20
N LEU CA 62 -48.52 -66.86 -3.37
CA LEU CA 62 -49.66 -67.27 -4.17
C LEU CA 62 -49.45 -68.69 -4.63
N LYS CA 63 -50.34 -69.57 -4.25
CA LYS CA 63 -50.33 -70.96 -4.66
C LYS CA 63 -51.48 -71.12 -5.64
N ARG CA 64 -51.15 -71.23 -6.93
CA ARG CA 64 -52.20 -71.18 -7.92
C ARG CA 64 -53.03 -72.43 -8.00
N ASN CA 65 -52.64 -73.50 -7.31
CA ASN CA 65 -53.47 -74.70 -7.32
C ASN CA 65 -54.78 -74.48 -6.58
N GLN CA 66 -54.76 -73.72 -5.50
CA GLN CA 66 -55.98 -73.61 -4.71
C GLN CA 66 -57.00 -72.64 -5.28
N SER CA 67 -56.70 -72.00 -6.40
CA SER CA 67 -57.71 -71.24 -7.14
C SER CA 67 -57.94 -71.83 -8.52
N PHE CA 68 -57.90 -73.14 -8.65
CA PHE CA 68 -58.11 -73.79 -9.93
C PHE CA 68 -59.60 -74.00 -10.12
N CYS CA 69 -60.14 -73.45 -11.21
CA CYS CA 69 -61.55 -73.61 -11.53
C CYS CA 69 -61.74 -73.39 -13.02
N PRO CA 70 -61.51 -74.43 -13.82
CA PRO CA 70 -61.77 -74.31 -15.26
C PRO CA 70 -63.26 -74.42 -15.53
N THR CA 71 -63.72 -73.60 -16.43
CA THR CA 71 -65.15 -73.47 -16.66
C THR CA 71 -65.51 -74.02 -18.02
N VAL CA 72 -66.74 -74.50 -18.13
CA VAL CA 72 -67.29 -74.91 -19.40
C VAL CA 72 -68.58 -74.13 -19.59
N ASN CA 73 -68.76 -73.60 -20.79
CA ASN CA 73 -70.00 -72.91 -21.06
C ASN CA 73 -71.09 -73.93 -21.33
N LEU CA 74 -72.32 -73.46 -21.28
CA LEU CA 74 -73.47 -74.33 -21.33
C LEU CA 74 -73.76 -74.84 -22.73
N ASP CA 75 -73.24 -74.19 -23.75
CA ASP CA 75 -73.51 -74.64 -25.11
C ASP CA 75 -72.52 -75.71 -25.57
N LYS CA 76 -71.35 -75.77 -24.96
CA LYS CA 76 -70.48 -76.92 -25.21
C LYS CA 76 -70.62 -77.95 -24.12
N LEU CA 77 -71.84 -78.31 -23.77
CA LEU CA 77 -72.04 -79.21 -22.64
C LEU CA 77 -72.38 -80.62 -23.08
N TRP CA 78 -73.05 -80.78 -24.20
CA TRP CA 78 -73.29 -82.11 -24.72
C TRP CA 78 -72.08 -82.68 -25.45
N THR CA 79 -71.04 -81.89 -25.66
CA THR CA 79 -69.87 -82.46 -26.28
C THR CA 79 -69.03 -83.24 -25.29
N LEU CA 80 -69.33 -83.15 -24.00
CA LEU CA 80 -68.60 -83.92 -23.02
C LEU CA 80 -68.97 -85.39 -23.05
N VAL CA 81 -70.07 -85.75 -23.69
CA VAL CA 81 -70.48 -87.14 -23.77
C VAL CA 81 -70.48 -87.60 -25.21
N SER CA 82 -70.75 -88.87 -25.44
CA SER CA 82 -70.81 -89.40 -26.78
C SER CA 82 -72.09 -88.93 -27.46
N GLU CA 83 -72.22 -89.25 -28.73
CA GLU CA 83 -73.42 -88.80 -29.43
C GLU CA 83 -74.58 -89.76 -29.27
N GLN CA 84 -74.33 -91.04 -29.00
CA GLN CA 84 -75.44 -91.91 -28.69
C GLN CA 84 -76.01 -91.65 -27.31
N THR CA 85 -75.29 -90.93 -26.45
CA THR CA 85 -75.87 -90.48 -25.20
C THR CA 85 -76.97 -89.45 -25.45
N ARG CA 86 -76.68 -88.44 -26.28
CA ARG CA 86 -77.67 -87.40 -26.53
C ARG CA 86 -78.81 -87.92 -27.38
N VAL CA 87 -78.52 -88.76 -28.37
CA VAL CA 87 -79.54 -89.20 -29.32
C VAL CA 87 -80.49 -90.18 -28.67
N ASN CA 88 -79.98 -91.14 -27.88
CA ASN CA 88 -80.87 -92.09 -27.24
C ASN CA 88 -81.69 -91.45 -26.14
N ALA CA 89 -81.23 -90.35 -25.56
CA ALA CA 89 -82.03 -89.64 -24.58
C ALA CA 89 -83.19 -88.91 -25.22
N ALA CA 90 -83.06 -88.51 -26.48
CA ALA CA 90 -84.17 -87.85 -27.14
C ALA CA 90 -85.26 -88.82 -27.54
N LYS CA 91 -84.88 -90.03 -27.94
CA LYS CA 91 -85.84 -91.05 -28.35
C LYS CA 91 -86.57 -91.69 -27.18
N ASN CA 92 -86.16 -91.42 -25.96
CA ASN CA 92 -86.62 -92.18 -24.81
C ASN CA 92 -88.07 -91.83 -24.48
N LYS CA 93 -88.87 -92.88 -24.32
CA LYS CA 93 -90.26 -92.70 -23.91
C LYS CA 93 -90.36 -92.29 -22.44
N THR CA 94 -89.77 -93.08 -21.55
CA THR CA 94 -89.67 -92.66 -20.17
C THR CA 94 -88.70 -91.49 -20.04
N GLY CA 95 -89.00 -90.59 -19.11
CA GLY CA 95 -88.24 -89.37 -19.01
C GLY CA 95 -86.91 -89.55 -18.30
N ALA CA 96 -85.99 -90.29 -18.91
CA ALA CA 96 -84.69 -90.55 -18.33
C ALA CA 96 -83.69 -89.55 -18.88
N ALA CA 97 -83.09 -88.81 -18.03
CA ALA CA 97 -82.07 -87.87 -18.43
C ALA CA 97 -80.70 -88.48 -18.20
N PRO CA 98 -79.79 -88.37 -19.14
CA PRO CA 98 -78.43 -88.83 -18.91
C PRO CA 98 -77.71 -87.94 -17.91
N ILE CA 99 -76.55 -88.41 -17.47
CA ILE CA 99 -75.75 -87.69 -16.50
C ILE CA 99 -74.57 -87.10 -17.24
N ILE CA 100 -74.25 -85.85 -16.96
CA ILE CA 100 -73.03 -85.25 -17.48
C ILE CA 100 -72.24 -84.77 -16.28
N ASP CA 101 -71.24 -85.54 -15.88
CA ASP CA 101 -70.29 -85.12 -14.86
C ASP CA 101 -69.21 -84.32 -15.57
N VAL CA 102 -69.16 -83.02 -15.29
CA VAL CA 102 -68.14 -82.19 -15.93
C VAL CA 102 -66.80 -82.31 -15.24
N VAL CA 103 -66.74 -82.94 -14.07
CA VAL CA 103 -65.48 -82.96 -13.34
C VAL CA 103 -64.53 -84.00 -13.94
N ARG CA 104 -65.05 -85.16 -14.35
CA ARG CA 104 -64.20 -86.09 -15.07
C ARG CA 104 -63.82 -85.59 -16.45
N SER CA 105 -64.54 -84.62 -16.99
CA SER CA 105 -64.10 -83.96 -18.19
C SER CA 105 -63.17 -82.80 -17.90
N GLY CA 106 -62.86 -82.54 -16.65
CA GLY CA 106 -61.91 -81.52 -16.29
C GLY CA 106 -62.46 -80.13 -16.11
N TYR CA 107 -63.67 -79.98 -15.61
CA TYR CA 107 -64.28 -78.68 -15.40
C TYR CA 107 -64.86 -78.63 -14.01
N TYR CA 108 -64.82 -77.46 -13.40
CA TYR CA 108 -65.39 -77.32 -12.08
C TYR CA 108 -66.64 -76.47 -12.05
N LYS CA 109 -66.70 -75.41 -12.83
CA LYS CA 109 -67.85 -74.54 -12.84
C LYS CA 109 -68.51 -74.64 -14.21
N VAL CA 110 -69.85 -74.62 -14.22
CA VAL CA 110 -70.63 -74.54 -15.45
C VAL CA 110 -71.08 -73.10 -15.59
N LEU CA 111 -70.83 -72.51 -16.74
CA LEU CA 111 -71.26 -71.15 -17.00
C LEU CA 111 -72.34 -71.15 -18.06
N GLY CA 112 -73.14 -70.10 -18.07
CA GLY CA 112 -74.37 -70.17 -18.83
C GLY CA 112 -74.41 -69.45 -20.14
N LYS CA 113 -73.31 -69.37 -20.85
CA LYS CA 113 -73.36 -68.84 -22.20
C LYS CA 113 -73.97 -69.87 -23.12
N GLY CA 114 -74.96 -69.46 -23.88
CA GLY CA 114 -75.43 -70.32 -24.92
C GLY CA 114 -76.90 -70.64 -24.84
N LYS CA 115 -77.21 -71.88 -25.17
CA LYS CA 115 -78.56 -72.35 -25.41
C LYS CA 115 -78.55 -73.85 -25.27
N LEU CA 116 -79.54 -74.40 -24.58
CA LEU CA 116 -79.51 -75.84 -24.56
C LEU CA 116 -80.55 -76.42 -25.49
N PRO CA 117 -80.27 -77.55 -26.14
CA PRO CA 117 -81.31 -78.27 -26.85
C PRO CA 117 -82.35 -78.81 -25.89
N LYS CA 118 -83.60 -78.84 -26.35
CA LYS CA 118 -84.76 -79.05 -25.47
C LYS CA 118 -84.91 -80.52 -25.09
N GLN CA 119 -84.14 -80.94 -24.09
CA GLN CA 119 -84.31 -82.25 -23.49
C GLN CA 119 -83.67 -82.26 -22.11
N PRO CA 120 -84.21 -83.01 -21.15
CA PRO CA 120 -83.70 -82.93 -19.77
C PRO CA 120 -82.32 -83.55 -19.63
N VAL CA 121 -81.55 -83.03 -18.68
CA VAL CA 121 -80.20 -83.53 -18.44
C VAL CA 121 -79.85 -83.30 -16.98
N ILE CA 122 -79.08 -84.20 -16.40
CA ILE CA 122 -78.58 -84.03 -15.05
C ILE CA 122 -77.12 -83.65 -15.14
N VAL CA 123 -76.78 -82.49 -14.64
CA VAL CA 123 -75.41 -81.98 -14.71
C VAL CA 123 -74.84 -81.96 -13.31
N LYS CA 124 -73.71 -82.61 -13.15
CA LYS CA 124 -73.00 -82.69 -11.87
C LYS CA 124 -71.74 -81.86 -11.97
N ALA CA 125 -71.70 -80.75 -11.27
CA ALA CA 125 -70.57 -79.85 -11.27
C ALA CA 125 -70.22 -79.49 -9.84
N LYS CA 126 -69.17 -78.71 -9.68
CA LYS CA 126 -68.89 -78.14 -8.37
C LYS CA 126 -69.49 -76.77 -8.19
N PHE CA 127 -69.69 -76.01 -9.26
CA PHE CA 127 -70.21 -74.66 -9.16
C PHE CA 127 -71.10 -74.38 -10.35
N PHE CA 128 -72.02 -73.44 -10.17
CA PHE CA 128 -72.97 -73.06 -11.19
C PHE CA 128 -73.14 -71.55 -11.18
N SER CA 129 -73.41 -70.99 -12.35
CA SER CA 129 -73.91 -69.64 -12.37
C SER CA 129 -75.36 -69.63 -12.01
N ARG CA 130 -75.86 -68.45 -11.65
CA ARG CA 130 -77.27 -68.29 -11.37
C ARG CA 130 -78.09 -68.60 -12.59
N ARG CA 131 -77.82 -67.93 -13.69
CA ARG CA 131 -78.61 -68.18 -14.86
C ARG CA 131 -78.11 -69.37 -15.67
N ALA CA 132 -77.04 -70.03 -15.25
CA ALA CA 132 -76.72 -71.32 -15.85
C ALA CA 132 -77.55 -72.43 -15.26
N GLU CA 133 -77.94 -72.31 -14.00
CA GLU CA 133 -78.74 -73.36 -13.40
C GLU CA 133 -80.22 -73.13 -13.58
N GLU CA 134 -80.63 -72.08 -14.27
CA GLU CA 134 -82.01 -71.91 -14.63
C GLU CA 134 -82.24 -72.02 -16.13
N LYS CA 135 -81.19 -72.22 -16.90
CA LYS CA 135 -81.32 -72.73 -18.25
C LYS CA 135 -81.24 -74.24 -18.28
N ILE CA 136 -80.88 -74.86 -17.16
CA ILE CA 136 -81.00 -76.31 -17.05
C ILE CA 136 -82.37 -76.69 -16.53
N LYS CA 137 -82.93 -75.92 -15.61
CA LYS CA 137 -84.26 -76.23 -15.11
C LYS CA 137 -85.35 -75.92 -16.11
N SER CA 138 -85.11 -74.97 -17.01
CA SER CA 138 -86.15 -74.62 -17.96
C SER CA 138 -86.21 -75.62 -19.10
N VAL CA 139 -85.09 -76.25 -19.42
CA VAL CA 139 -85.08 -77.33 -20.39
C VAL CA 139 -85.59 -78.61 -19.75
N GLY CA 140 -85.61 -78.66 -18.42
CA GLY CA 140 -86.32 -79.69 -17.72
C GLY CA 140 -85.39 -80.55 -16.92
N GLY CA 141 -84.15 -80.10 -16.79
CA GLY CA 141 -83.11 -80.87 -16.15
C GLY CA 141 -82.87 -80.45 -14.71
N ALA CA 142 -81.79 -81.00 -14.16
CA ALA CA 142 -81.47 -80.86 -12.76
C ALA CA 142 -79.99 -80.60 -12.58
N CYS CA 143 -79.67 -79.78 -11.60
CA CYS CA 143 -78.30 -79.48 -11.21
C CYS CA 143 -77.98 -80.26 -9.95
N VAL CA 144 -76.80 -80.87 -9.90
CA VAL CA 144 -76.36 -81.67 -8.78
C VAL CA 144 -74.97 -81.19 -8.37
N LEU CA 145 -74.78 -80.95 -7.08
CA LEU CA 145 -73.48 -80.50 -6.61
C LEU CA 145 -72.60 -81.66 -6.19
N VAL CA 146 -71.33 -81.57 -6.54
CA VAL CA 146 -70.31 -82.55 -6.20
C VAL CA 146 -69.22 -81.83 -5.42
N ALA CA 147 -68.73 -82.43 -4.36
CA ALA CA 147 -67.57 -81.85 -3.71
C ALA CA 147 -66.31 -82.56 -4.17
N ALA DA 1 -24.20 -23.53 -31.65
CA ALA DA 1 -24.58 -22.43 -30.78
C ALA DA 1 -26.06 -22.15 -30.92
N LYS DA 2 -26.42 -21.07 -31.59
CA LYS DA 2 -27.83 -20.82 -31.79
C LYS DA 2 -28.33 -21.59 -33.00
N SER DA 3 -29.63 -21.52 -33.22
CA SER DA 3 -30.25 -22.25 -34.30
C SER DA 3 -31.54 -21.55 -34.70
N LYS DA 4 -32.14 -22.06 -35.75
CA LYS DA 4 -33.45 -21.64 -36.20
C LYS DA 4 -34.48 -21.95 -35.13
N ASN DA 5 -35.41 -21.03 -34.91
CA ASN DA 5 -36.33 -21.20 -33.79
C ASN DA 5 -37.62 -21.89 -34.21
N HIS DA 6 -38.23 -21.45 -35.28
CA HIS DA 6 -39.54 -21.89 -35.69
C HIS DA 6 -39.75 -21.52 -37.14
N THR DA 7 -40.34 -22.41 -37.91
CA THR DA 7 -40.89 -22.00 -39.19
C THR DA 7 -41.99 -22.97 -39.60
N THR DA 8 -42.94 -22.46 -40.36
CA THR DA 8 -43.88 -23.30 -41.07
C THR DA 8 -43.59 -23.31 -42.55
N HIS DA 9 -42.36 -23.02 -42.93
CA HIS DA 9 -41.93 -23.23 -44.29
C HIS DA 9 -41.94 -24.71 -44.58
N ASN DA 10 -42.34 -25.06 -45.82
CA ASN DA 10 -42.50 -26.40 -46.37
C ASN DA 10 -43.71 -27.15 -45.81
N GLN DA 11 -44.39 -26.61 -44.82
CA GLN DA 11 -45.43 -27.40 -44.17
C GLN DA 11 -46.69 -27.47 -44.99
N SER DA 12 -47.01 -26.41 -45.70
CA SER DA 12 -48.20 -26.40 -46.53
C SER DA 12 -48.12 -27.34 -47.71
N ARG DA 13 -46.93 -27.70 -48.16
CA ARG DA 13 -46.89 -28.67 -49.23
C ARG DA 13 -46.64 -30.07 -48.74
N LYS DA 14 -46.20 -30.24 -47.49
CA LYS DA 14 -46.26 -31.55 -46.87
C LYS DA 14 -47.68 -32.02 -46.74
N TRP DA 15 -48.54 -31.22 -46.16
CA TRP DA 15 -49.86 -31.77 -45.92
C TRP DA 15 -50.82 -31.51 -47.05
N HIS DA 16 -50.34 -31.20 -48.23
CA HIS DA 16 -51.14 -31.33 -49.42
C HIS DA 16 -50.76 -32.53 -50.25
N ARG DA 17 -49.74 -33.29 -49.86
CA ARG DA 17 -49.35 -34.46 -50.65
C ARG DA 17 -50.35 -35.58 -50.48
N ASN DA 18 -50.75 -35.84 -49.25
CA ASN DA 18 -51.82 -36.79 -49.03
C ASN DA 18 -53.16 -36.08 -48.92
N GLY DA 19 -53.23 -34.83 -49.35
CA GLY DA 19 -54.46 -34.07 -49.35
C GLY DA 19 -54.92 -33.62 -47.98
N ILE DA 20 -55.71 -32.56 -47.92
CA ILE DA 20 -56.39 -32.20 -46.69
C ILE DA 20 -57.81 -32.73 -46.84
N LYS DA 21 -58.03 -33.94 -46.37
CA LYS DA 21 -59.30 -34.60 -46.57
C LYS DA 21 -60.30 -34.16 -45.51
N LYS DA 22 -61.51 -33.83 -45.97
CA LYS DA 22 -62.61 -33.49 -45.10
C LYS DA 22 -62.97 -34.68 -44.22
N PRO DA 23 -63.56 -34.45 -43.05
CA PRO DA 23 -64.07 -35.58 -42.26
C PRO DA 23 -65.26 -36.21 -42.98
N ARG DA 24 -65.16 -37.50 -43.24
CA ARG DA 24 -66.18 -38.17 -44.04
C ARG DA 24 -67.38 -38.46 -43.17
N SER DA 25 -68.40 -37.63 -43.32
CA SER DA 25 -69.64 -37.83 -42.58
C SER DA 25 -70.39 -39.00 -43.19
N GLN DA 26 -71.18 -39.67 -42.37
CA GLN DA 26 -72.04 -40.73 -42.84
C GLN DA 26 -73.45 -40.47 -42.32
N ARG DA 27 -74.39 -41.15 -42.95
CA ARG DA 27 -75.73 -41.25 -42.41
C ARG DA 27 -75.65 -41.92 -41.06
N TYR DA 28 -76.54 -41.51 -40.15
CA TYR DA 28 -76.60 -41.99 -38.78
C TYR DA 28 -75.31 -41.71 -38.03
N GLU DA 29 -75.09 -40.44 -37.74
CA GLU DA 29 -73.98 -40.09 -36.86
C GLU DA 29 -74.29 -40.50 -35.43
N SER DA 30 -73.26 -40.48 -34.60
CA SER DA 30 -73.39 -40.99 -33.24
C SER DA 30 -74.11 -40.00 -32.35
N LEU DA 31 -74.80 -40.52 -31.34
CA LEU DA 31 -75.53 -39.72 -30.37
C LEU DA 31 -74.70 -39.46 -29.13
N LYS DA 32 -73.38 -39.41 -29.25
CA LYS DA 32 -72.54 -39.24 -28.09
C LYS DA 32 -72.52 -37.76 -27.75
N GLY DA 33 -73.03 -37.41 -26.57
CA GLY DA 33 -72.99 -36.05 -26.13
C GLY DA 33 -74.30 -35.30 -26.22
N VAL DA 34 -75.42 -35.95 -26.49
CA VAL DA 34 -76.70 -35.29 -26.47
C VAL DA 34 -77.19 -35.23 -25.03
N ASP DA 35 -78.24 -34.45 -24.82
CA ASP DA 35 -78.88 -34.24 -23.53
C ASP DA 35 -79.29 -35.56 -22.92
N PRO DA 36 -78.89 -35.87 -21.68
CA PRO DA 36 -79.22 -37.17 -21.10
C PRO DA 36 -80.69 -37.36 -20.81
N LYS DA 37 -81.42 -36.29 -20.51
CA LYS DA 37 -82.85 -36.43 -20.29
C LYS DA 37 -83.58 -36.64 -21.60
N PHE DA 38 -83.09 -36.01 -22.67
CA PHE DA 38 -83.63 -36.22 -24.00
C PHE DA 38 -83.41 -37.63 -24.47
N LEU DA 39 -82.26 -38.20 -24.15
CA LEU DA 39 -81.83 -39.44 -24.75
C LEU DA 39 -82.53 -40.62 -24.11
N ARG DA 40 -82.90 -40.52 -22.83
CA ARG DA 40 -83.63 -41.62 -22.26
C ARG DA 40 -85.10 -41.59 -22.59
N ASN DA 41 -85.62 -40.48 -23.13
CA ASN DA 41 -86.95 -40.56 -23.70
C ASN DA 41 -86.92 -41.35 -24.99
N MET DA 42 -85.91 -41.12 -25.80
CA MET DA 42 -85.85 -41.71 -27.12
C MET DA 42 -85.56 -43.19 -27.03
N ARG DA 43 -84.91 -43.63 -25.97
CA ARG DA 43 -84.80 -45.06 -25.74
C ARG DA 43 -86.14 -45.63 -25.31
N PHE DA 44 -86.94 -44.85 -24.60
CA PHE DA 44 -88.27 -45.29 -24.24
C PHE DA 44 -89.23 -45.18 -25.39
N ALA DA 45 -89.00 -44.29 -26.33
CA ALA DA 45 -89.88 -44.21 -27.49
C ALA DA 45 -89.62 -45.34 -28.46
N LYS DA 46 -88.53 -46.08 -28.30
CA LYS DA 46 -88.22 -47.23 -29.14
C LYS DA 46 -88.39 -48.54 -28.41
N LYS DA 47 -88.33 -48.52 -27.09
CA LYS DA 47 -88.61 -49.71 -26.32
C LYS DA 47 -90.07 -50.10 -26.47
N HIS DA 48 -90.97 -49.12 -26.50
CA HIS DA 48 -92.39 -49.38 -26.68
C HIS DA 48 -92.84 -49.17 -28.09
N ASN DA 49 -91.96 -49.32 -29.05
CA ASN DA 49 -92.36 -49.02 -30.41
C ASN DA 49 -93.09 -50.19 -31.04
N LYS DA 50 -92.84 -51.41 -30.56
CA LYS DA 50 -93.58 -52.57 -31.04
C LYS DA 50 -95.00 -52.60 -30.52
N LYS DA 51 -95.31 -51.77 -29.52
CA LYS DA 51 -96.63 -51.69 -28.90
C LYS DA 51 -97.58 -51.02 -29.90
N GLY DA 52 -97.99 -51.77 -30.90
CA GLY DA 52 -98.70 -51.13 -32.00
C GLY DA 52 -98.21 -51.45 -33.39
N LEU DA 53 -97.62 -52.62 -33.58
CA LEU DA 53 -97.48 -53.15 -34.92
C LEU DA 53 -98.84 -53.47 -35.54
N LYS DA 54 -99.73 -54.10 -34.77
CA LYS DA 54 -100.98 -54.61 -35.32
C LYS DA 54 -101.93 -53.50 -35.71
N LYS DA 55 -101.87 -52.37 -35.02
CA LYS DA 55 -102.63 -51.22 -35.46
C LYS DA 55 -101.94 -50.56 -36.66
N MET DA 56 -100.62 -50.66 -36.74
CA MET DA 56 -99.91 -50.03 -37.84
C MET DA 56 -100.02 -50.87 -39.11
N GLN DA 57 -99.95 -52.19 -38.98
CA GLN DA 57 -100.02 -53.02 -40.18
C GLN DA 57 -101.43 -53.14 -40.71
N ALA DA 58 -102.43 -52.88 -39.87
CA ALA DA 58 -103.81 -52.84 -40.34
C ALA DA 58 -104.24 -51.44 -40.70
N ASN DA 59 -103.26 -50.60 -40.97
CA ASN DA 59 -103.47 -49.23 -41.41
C ASN DA 59 -102.64 -48.89 -42.62
N ASN DA 60 -101.59 -49.64 -42.92
CA ASN DA 60 -100.91 -49.53 -44.21
C ASN DA 60 -101.64 -50.36 -45.24
N ALA DA 61 -102.07 -51.56 -44.84
CA ALA DA 61 -102.81 -52.44 -45.74
C ALA DA 61 -104.18 -51.88 -46.07
N LYS DA 62 -104.77 -51.11 -45.15
CA LYS DA 62 -105.98 -50.38 -45.46
C LYS DA 62 -105.69 -49.28 -46.48
N ALA DA 63 -104.63 -48.51 -46.25
CA ALA DA 63 -104.31 -47.38 -47.12
C ALA DA 63 -103.74 -47.83 -48.45
N MET DA 64 -103.07 -48.98 -48.47
CA MET DA 64 -102.62 -49.52 -49.75
C MET DA 64 -103.80 -49.97 -50.58
N SER DA 65 -104.86 -50.45 -49.93
CA SER DA 65 -106.10 -50.78 -50.60
C SER DA 65 -107.05 -49.58 -50.71
N ALA DA 66 -106.67 -48.43 -50.17
CA ALA DA 66 -107.49 -47.24 -50.30
C ALA DA 66 -107.09 -46.34 -51.45
N ARG DA 67 -105.97 -46.65 -52.13
CA ARG DA 67 -105.55 -45.91 -53.29
C ARG DA 67 -105.26 -46.81 -54.48
N ALA DA 68 -105.38 -48.13 -54.32
CA ALA DA 68 -105.09 -49.03 -55.42
C ALA DA 68 -106.15 -48.96 -56.50
N GLU DA 69 -107.38 -48.57 -56.14
CA GLU DA 69 -108.44 -48.42 -57.12
C GLU DA 69 -108.42 -47.07 -57.83
N ALA DA 70 -107.62 -46.12 -57.34
CA ALA DA 70 -107.52 -44.82 -57.99
C ALA DA 70 -106.90 -44.92 -59.38
N ILE DA 71 -106.00 -45.88 -59.57
CA ILE DA 71 -105.44 -46.10 -60.89
C ILE DA 71 -106.27 -47.12 -61.67
N LYS DA 72 -107.14 -47.87 -60.99
CA LYS DA 72 -107.94 -48.92 -61.63
C LYS DA 72 -108.97 -48.32 -62.58
N ALA DA 73 -109.44 -47.10 -62.29
CA ALA DA 73 -110.29 -46.38 -63.23
C ALA DA 73 -109.45 -45.88 -64.40
N LEU DA 74 -109.21 -46.75 -65.38
CA LEU DA 74 -108.34 -46.46 -66.51
C LEU DA 74 -109.22 -46.42 -67.75
N VAL DA 75 -109.67 -45.21 -68.09
CA VAL DA 75 -110.52 -44.90 -69.26
C VAL DA 75 -111.79 -45.73 -69.33
N ALA DA 88 -94.03 -33.23 -93.81
CA ALA DA 88 -94.21 -33.99 -95.03
C ALA DA 88 -93.18 -35.12 -95.12
N SER DA 89 -92.14 -34.91 -95.92
CA SER DA 89 -91.14 -35.95 -96.18
C SER DA 89 -89.91 -35.85 -95.30
N ARG DA 90 -89.27 -34.68 -95.24
CA ARG DA 90 -88.18 -34.36 -94.31
C ARG DA 90 -86.98 -35.31 -94.50
N LYS DA 91 -86.24 -35.00 -95.57
CA LYS DA 91 -85.22 -35.90 -96.12
C LYS DA 91 -84.13 -36.27 -95.12
N LEU DA 92 -83.68 -35.33 -94.30
CA LEU DA 92 -82.54 -35.65 -93.44
C LEU DA 92 -82.97 -36.51 -92.25
N ASP DA 93 -84.19 -36.32 -91.76
CA ASP DA 93 -84.74 -37.21 -90.74
C ASP DA 93 -85.11 -38.56 -91.33
N ARG DA 94 -85.36 -38.62 -92.63
CA ARG DA 94 -85.75 -39.87 -93.28
C ARG DA 94 -84.59 -40.85 -93.31
N LEU DA 95 -83.38 -40.34 -93.53
CA LEU DA 95 -82.19 -41.18 -93.60
C LEU DA 95 -81.73 -41.69 -92.25
N ALA DA 96 -82.01 -40.96 -91.18
CA ALA DA 96 -81.68 -41.47 -89.85
C ALA DA 96 -82.59 -42.61 -89.45
N TYR DA 97 -83.80 -42.63 -89.99
CA TYR DA 97 -84.68 -43.77 -89.80
C TYR DA 97 -84.16 -44.99 -90.53
N ILE DA 98 -83.61 -44.81 -91.73
CA ILE DA 98 -83.15 -45.93 -92.53
C ILE DA 98 -81.89 -46.52 -91.93
N ALA DA 99 -80.99 -45.67 -91.45
CA ALA DA 99 -79.76 -46.12 -90.82
C ALA DA 99 -79.97 -46.68 -89.43
N HIS DA 100 -81.16 -46.74 -88.95
CA HIS DA 100 -81.39 -47.41 -87.68
C HIS DA 100 -81.34 -48.92 -87.90
N PRO DA 101 -80.68 -49.67 -87.02
CA PRO DA 101 -80.47 -51.08 -87.31
C PRO DA 101 -81.71 -51.93 -87.16
N LYS DA 102 -82.75 -51.47 -86.46
CA LYS DA 102 -83.98 -52.24 -86.42
C LYS DA 102 -85.20 -51.46 -86.86
N LEU DA 103 -85.18 -50.14 -86.82
CA LEU DA 103 -86.34 -49.43 -87.32
C LEU DA 103 -86.35 -49.44 -88.84
N GLY DA 104 -85.21 -49.17 -89.45
CA GLY DA 104 -85.13 -49.16 -90.88
C GLY DA 104 -84.66 -50.48 -91.42
N LYS DA 105 -85.09 -51.58 -90.81
CA LYS DA 105 -84.71 -52.89 -91.31
C LYS DA 105 -85.47 -53.22 -92.59
N ARG DA 106 -86.72 -52.81 -92.67
CA ARG DA 106 -87.51 -53.09 -93.87
C ARG DA 106 -87.31 -52.05 -94.94
N ALA DA 107 -87.00 -50.82 -94.56
CA ALA DA 107 -86.75 -49.79 -95.56
C ALA DA 107 -85.44 -50.03 -96.28
N ARG DA 108 -84.45 -50.61 -95.61
CA ARG DA 108 -83.24 -51.02 -96.30
C ARG DA 108 -83.48 -52.19 -97.23
N ALA DA 109 -84.51 -53.00 -96.98
CA ALA DA 109 -84.83 -54.08 -97.90
C ALA DA 109 -85.54 -53.59 -99.15
N ARG DA 110 -86.30 -52.51 -99.04
CA ARG DA 110 -86.96 -51.95 -100.22
C ARG DA 110 -85.97 -51.26 -101.16
N ILE DA 111 -84.98 -50.57 -100.60
CA ILE DA 111 -83.91 -50.00 -101.42
C ILE DA 111 -83.12 -51.10 -102.12
N ALA DA 112 -82.99 -52.25 -101.47
CA ALA DA 112 -82.24 -53.36 -102.05
C ALA DA 112 -82.97 -53.97 -103.23
N LYS DA 113 -84.29 -54.11 -103.15
CA LYS DA 113 -85.03 -54.67 -104.27
C LYS DA 113 -85.06 -53.74 -105.46
N GLY DA 114 -85.14 -52.43 -105.23
CA GLY DA 114 -85.15 -51.48 -106.32
C GLY DA 114 -83.86 -51.42 -107.11
N LEU DA 115 -82.75 -51.83 -106.50
CA LEU DA 115 -81.50 -51.89 -107.24
C LEU DA 115 -81.50 -53.06 -108.22
N ARG DA 116 -81.76 -54.26 -107.74
CA ARG DA 116 -81.63 -55.45 -108.58
C ARG DA 116 -83.03 -56.01 -108.80
N LEU DA 117 -83.81 -55.33 -109.65
CA LEU DA 117 -85.09 -55.75 -110.18
C LEU DA 117 -85.55 -54.70 -111.18
N CYS DA 118 -86.04 -55.14 -112.33
CA CYS DA 118 -86.53 -54.20 -113.34
C CYS DA 118 -87.79 -54.76 -113.96
N ARG DA 119 -88.86 -53.98 -113.94
CA ARG DA 119 -90.16 -54.41 -114.41
C ARG DA 119 -90.75 -53.35 -115.33
N PRO DA 120 -91.66 -53.74 -116.23
CA PRO DA 120 -92.36 -52.74 -117.04
C PRO DA 120 -93.40 -51.96 -116.27
N LYS DA 121 -94.18 -51.15 -116.99
CA LYS DA 121 -95.19 -50.21 -116.46
C LYS DA 121 -94.58 -49.23 -115.46
N LYS EA 1 43.86 -18.76 62.72
CA LYS EA 1 44.98 -18.35 63.54
C LYS EA 1 46.02 -19.47 63.59
N SER EA 2 45.54 -20.71 63.61
CA SER EA 2 46.44 -21.85 63.67
C SER EA 2 47.20 -22.03 62.37
N LEU EA 3 46.59 -21.66 61.24
CA LEU EA 3 47.33 -21.70 59.99
C LEU EA 3 48.32 -20.54 59.90
N GLU EA 4 47.96 -19.40 60.48
CA GLU EA 4 48.90 -18.27 60.53
C GLU EA 4 50.07 -18.58 61.44
N SER EA 5 49.85 -19.32 62.52
CA SER EA 5 50.95 -19.65 63.41
C SER EA 5 51.85 -20.72 62.84
N ILE EA 6 51.34 -21.62 62.00
CA ILE EA 6 52.22 -22.68 61.53
C ILE EA 6 53.12 -22.19 60.40
N ASN EA 7 52.59 -21.44 59.43
CA ASN EA 7 53.45 -21.05 58.34
C ASN EA 7 54.27 -19.81 58.65
N SER EA 8 54.06 -19.20 59.82
CA SER EA 8 55.03 -18.24 60.32
C SER EA 8 56.18 -18.97 60.98
N ARG EA 9 55.88 -20.02 61.72
CA ARG EA 9 56.95 -20.87 62.23
C ARG EA 9 57.57 -21.71 61.15
N LEU EA 10 56.83 -22.03 60.09
CA LEU EA 10 57.43 -22.76 58.99
C LEU EA 10 58.34 -21.86 58.17
N GLN EA 11 58.07 -20.56 58.20
CA GLN EA 11 58.92 -19.62 57.48
C GLN EA 11 60.30 -19.55 58.12
N LEU EA 12 60.35 -19.68 59.44
CA LEU EA 12 61.59 -19.55 60.17
C LEU EA 12 62.39 -20.84 60.20
N VAL EA 13 61.81 -21.97 59.81
CA VAL EA 13 62.60 -23.18 59.62
C VAL EA 13 63.50 -23.02 58.41
N MET EA 14 62.94 -22.58 57.29
CA MET EA 14 63.75 -22.07 56.21
C MET EA 14 64.49 -20.83 56.67
N LYS EA 15 65.68 -20.64 56.10
CA LYS EA 15 66.66 -19.59 56.37
C LYS EA 15 67.24 -19.66 57.79
N SER EA 16 66.83 -20.63 58.60
CA SER EA 16 67.42 -20.77 59.92
C SER EA 16 67.53 -22.21 60.37
N GLY EA 17 67.46 -23.17 59.45
CA GLY EA 17 67.51 -24.56 59.88
C GLY EA 17 67.73 -25.46 58.70
N LYS EA 18 67.69 -26.76 58.96
CA LYS EA 18 67.85 -27.76 57.93
C LYS EA 18 66.52 -28.44 57.69
N TYR EA 19 66.24 -28.74 56.44
CA TYR EA 19 64.98 -29.34 56.06
C TYR EA 19 65.24 -30.11 54.79
N VAL EA 20 64.19 -30.72 54.27
CA VAL EA 20 64.30 -31.48 53.04
C VAL EA 20 62.92 -31.56 52.42
N LEU EA 21 62.88 -31.47 51.10
CA LEU EA 21 61.61 -31.32 50.39
C LEU EA 21 61.38 -32.50 49.48
N GLY EA 22 60.14 -32.92 49.37
CA GLY EA 22 59.76 -33.92 48.40
C GLY EA 22 59.80 -35.32 48.95
N TYR EA 23 59.04 -36.20 48.30
CA TYR EA 23 58.71 -37.50 48.86
C TYR EA 23 59.88 -38.45 48.91
N LYS EA 24 60.68 -38.54 47.84
CA LYS EA 24 61.77 -39.50 47.81
C LYS EA 24 62.85 -39.18 48.80
N GLN EA 25 62.88 -37.96 49.29
CA GLN EA 25 64.00 -37.48 50.06
C GLN EA 25 63.66 -37.38 51.54
N THR EA 26 62.37 -37.28 51.88
CA THR EA 26 62.00 -37.42 53.28
C THR EA 26 61.95 -38.88 53.68
N LEU EA 27 61.66 -39.77 52.75
CA LEU EA 27 61.76 -41.19 53.06
C LEU EA 27 63.18 -41.57 53.42
N LYS EA 28 64.15 -41.06 52.69
CA LYS EA 28 65.54 -41.27 53.03
C LYS EA 28 65.91 -40.69 54.38
N MET EA 29 65.18 -39.70 54.87
CA MET EA 29 65.43 -39.15 56.18
C MET EA 29 64.62 -39.82 57.27
N ILE EA 30 63.41 -40.29 56.96
CA ILE EA 30 62.65 -41.05 57.95
C ILE EA 30 63.36 -42.35 58.27
N ARG EA 31 63.78 -43.08 57.24
CA ARG EA 31 64.32 -44.40 57.48
C ARG EA 31 65.75 -44.39 57.97
N GLN EA 32 66.36 -43.23 58.17
CA GLN EA 32 67.61 -43.17 58.92
C GLN EA 32 67.49 -42.28 60.14
N GLY EA 33 66.26 -41.99 60.56
CA GLY EA 33 66.02 -41.44 61.87
C GLY EA 33 66.38 -39.99 62.06
N LYS EA 34 66.69 -39.28 61.00
CA LYS EA 34 67.03 -37.88 61.12
C LYS EA 34 65.86 -36.96 60.87
N ALA EA 35 64.66 -37.50 60.74
CA ALA EA 35 63.47 -36.68 60.61
C ALA EA 35 62.93 -36.34 61.98
N LYS EA 36 62.42 -35.14 62.13
CA LYS EA 36 61.82 -34.72 63.37
C LYS EA 36 60.36 -34.36 63.24
N LEU EA 37 59.94 -33.89 62.07
CA LEU EA 37 58.55 -33.60 61.82
C LEU EA 37 58.33 -33.70 60.33
N VAL EA 38 57.39 -34.52 59.91
CA VAL EA 38 57.02 -34.62 58.51
C VAL EA 38 55.71 -33.86 58.34
N ILE EA 39 55.63 -33.02 57.31
CA ILE EA 39 54.45 -32.23 57.04
C ILE EA 39 53.88 -32.67 55.71
N LEU EA 40 52.63 -33.09 55.70
CA LEU EA 40 51.96 -33.58 54.51
C LEU EA 40 51.00 -32.53 53.99
N ALA EA 41 50.90 -32.41 52.68
CA ALA EA 41 49.95 -31.49 52.09
C ALA EA 41 48.56 -32.11 52.10
N ASN EA 42 47.62 -31.37 51.55
CA ASN EA 42 46.21 -31.73 51.67
C ASN EA 42 45.79 -32.71 50.60
N ASN EA 43 46.18 -32.46 49.36
CA ASN EA 43 45.92 -33.36 48.26
C ASN EA 43 47.06 -34.29 47.98
N CYS EA 44 47.82 -34.63 49.01
CA CYS EA 44 48.73 -35.75 48.91
C CYS EA 44 47.92 -37.01 48.58
N PRO EA 45 48.41 -37.88 47.71
CA PRO EA 45 47.68 -39.11 47.39
C PRO EA 45 47.52 -39.97 48.61
N ALA EA 46 46.39 -40.66 48.70
CA ALA EA 46 46.06 -41.33 49.94
C ALA EA 46 46.92 -42.56 50.15
N LEU EA 47 47.48 -43.12 49.08
CA LEU EA 47 48.46 -44.17 49.25
C LEU EA 47 49.80 -43.59 49.67
N ARG EA 48 50.12 -42.39 49.19
CA ARG EA 48 51.33 -41.71 49.61
C ARG EA 48 51.24 -41.30 51.07
N LYS EA 49 50.07 -40.88 51.50
CA LYS EA 49 49.89 -40.32 52.83
C LYS EA 49 49.94 -41.39 53.90
N SER EA 50 49.25 -42.51 53.66
CA SER EA 50 49.24 -43.60 54.62
C SER EA 50 50.59 -44.24 54.75
N GLU EA 51 51.37 -44.24 53.68
CA GLU EA 51 52.71 -44.78 53.71
C GLU EA 51 53.62 -43.95 54.60
N ILE EA 52 53.56 -42.62 54.48
CA ILE EA 52 54.38 -41.74 55.30
C ILE EA 52 54.03 -41.88 56.77
N GLU EA 53 52.75 -41.81 57.08
CA GLU EA 53 52.41 -41.96 58.48
C GLU EA 53 52.42 -43.39 58.95
N TYR EA 54 52.77 -44.35 58.10
CA TYR EA 54 53.20 -45.63 58.61
C TYR EA 54 54.68 -45.61 58.92
N TYR EA 55 55.48 -44.96 58.07
CA TYR EA 55 56.91 -44.84 58.34
C TYR EA 55 57.16 -44.01 59.58
N ALA EA 56 56.37 -42.96 59.81
CA ALA EA 56 56.59 -42.16 60.99
C ALA EA 56 56.03 -42.82 62.24
N MET EA 57 55.18 -43.81 62.10
CA MET EA 57 54.77 -44.59 63.25
C MET EA 57 55.91 -45.49 63.70
N LEU EA 58 56.69 -45.99 62.75
CA LEU EA 58 57.85 -46.82 63.06
C LEU EA 58 59.00 -46.00 63.60
N ALA EA 59 59.30 -44.88 62.96
CA ALA EA 59 60.38 -44.01 63.39
C ALA EA 59 60.03 -43.15 64.58
N LYS EA 60 58.75 -43.16 65.00
CA LYS EA 60 58.22 -42.33 66.07
C LYS EA 60 58.50 -40.85 65.80
N THR EA 61 57.86 -40.37 64.74
CA THR EA 61 58.06 -39.02 64.22
C THR EA 61 56.70 -38.38 64.11
N GLY EA 62 56.61 -37.09 64.46
CA GLY EA 62 55.35 -36.40 64.34
C GLY EA 62 54.98 -36.15 62.89
N VAL EA 63 53.68 -36.15 62.63
CA VAL EA 63 53.14 -35.87 61.30
C VAL EA 63 52.13 -34.77 61.43
N HIS EA 64 52.32 -33.69 60.69
CA HIS EA 64 51.38 -32.59 60.67
C HIS EA 64 50.65 -32.57 59.34
N HIS EA 65 49.32 -32.59 59.40
CA HIS EA 65 48.50 -32.52 58.20
C HIS EA 65 48.25 -31.06 57.91
N TYR EA 66 49.04 -30.50 57.01
CA TYR EA 66 48.94 -29.10 56.66
C TYR EA 66 47.66 -28.83 55.92
N SER EA 67 46.94 -27.80 56.33
CA SER EA 67 45.64 -27.50 55.76
C SER EA 67 45.77 -26.71 54.48
N GLY EA 68 46.47 -27.23 53.50
CA GLY EA 68 46.75 -26.47 52.30
C GLY EA 68 46.40 -27.19 51.01
N ASN EA 69 47.42 -27.36 50.20
CA ASN EA 69 47.63 -28.39 49.19
C ASN EA 69 49.07 -28.21 48.72
N ASN EA 70 49.48 -28.95 47.71
CA ASN EA 70 50.88 -28.88 47.31
C ASN EA 70 51.18 -27.56 46.63
N ILE EA 71 50.18 -26.91 46.05
CA ILE EA 71 50.41 -25.68 45.31
C ILE EA 71 50.77 -24.54 46.24
N GLU EA 72 50.44 -24.63 47.52
CA GLU EA 72 50.65 -23.51 48.41
C GLU EA 72 51.28 -23.88 49.73
N LEU EA 73 51.54 -25.16 49.97
CA LEU EA 73 52.57 -25.51 50.92
C LEU EA 73 53.94 -25.13 50.40
N GLY EA 74 54.15 -25.19 49.09
CA GLY EA 74 55.39 -24.70 48.53
C GLY EA 74 55.56 -23.21 48.65
N THR EA 75 54.45 -22.47 48.54
CA THR EA 75 54.48 -21.05 48.82
C THR EA 75 54.76 -20.78 50.28
N ALA EA 76 54.20 -21.61 51.17
CA ALA EA 76 54.39 -21.45 52.60
C ALA EA 76 55.85 -21.61 53.00
N CYS EA 77 56.58 -22.45 52.30
CA CYS EA 77 58.00 -22.61 52.54
C CYS EA 77 58.84 -21.80 51.58
N GLY EA 78 58.24 -20.82 50.90
CA GLY EA 78 58.98 -19.84 50.15
C GLY EA 78 59.44 -20.26 48.78
N LYS EA 79 58.87 -21.31 48.21
CA LYS EA 79 59.35 -21.82 46.95
C LYS EA 79 58.41 -21.43 45.83
N TYR EA 80 58.84 -21.67 44.60
CA TYR EA 80 58.00 -21.38 43.46
C TYR EA 80 57.48 -22.63 42.80
N TYR EA 81 57.63 -23.77 43.45
CA TYR EA 81 57.12 -25.04 42.97
C TYR EA 81 56.26 -25.68 44.03
N ARG EA 82 55.86 -26.93 43.82
CA ARG EA 82 54.91 -27.62 44.68
C ARG EA 82 55.63 -28.58 45.59
N VAL EA 83 55.21 -28.67 46.85
CA VAL EA 83 55.70 -29.72 47.74
C VAL EA 83 54.49 -30.39 48.38
N CYS EA 84 54.41 -31.70 48.27
CA CYS EA 84 53.49 -32.44 49.13
C CYS EA 84 54.09 -32.81 50.45
N THR EA 85 55.40 -32.98 50.50
CA THR EA 85 56.03 -33.65 51.62
C THR EA 85 57.29 -32.89 51.99
N LEU EA 86 57.50 -32.68 53.28
CA LEU EA 86 58.75 -32.10 53.74
C LEU EA 86 59.04 -32.59 55.15
N ALA EA 87 60.28 -32.99 55.37
CA ALA EA 87 60.75 -33.40 56.68
C ALA EA 87 61.62 -32.29 57.23
N ILE EA 88 61.55 -32.08 58.53
CA ILE EA 88 62.39 -31.12 59.21
C ILE EA 88 63.52 -31.86 59.90
N ILE EA 89 64.75 -31.54 59.52
CA ILE EA 89 65.90 -32.24 60.06
C ILE EA 89 66.26 -31.70 61.42
N ASP EA 90 66.33 -30.37 61.54
CA ASP EA 90 66.30 -29.69 62.84
C ASP EA 90 65.75 -28.28 62.65
N PRO EA 91 65.12 -27.73 63.66
CA PRO EA 91 64.64 -26.35 63.54
C PRO EA 91 65.64 -25.34 64.06
N GLY EA 92 65.19 -24.10 64.19
CA GLY EA 92 65.88 -23.10 65.00
C GLY EA 92 64.89 -22.16 65.67
N ASP EA 93 63.67 -22.63 65.91
CA ASP EA 93 62.59 -21.75 66.32
C ASP EA 93 61.55 -22.35 67.27
N SER EA 94 61.74 -23.61 67.70
CA SER EA 94 60.70 -24.41 68.38
C SER EA 94 59.43 -24.50 67.53
N ASP EA 95 59.56 -25.21 66.42
CA ASP EA 95 58.42 -25.56 65.57
C ASP EA 95 57.72 -26.80 66.08
N ILE EA 96 58.40 -27.59 66.89
CA ILE EA 96 57.83 -28.83 67.40
C ILE EA 96 56.77 -28.52 68.46
N ILE EA 97 55.57 -29.05 68.26
CA ILE EA 97 54.45 -28.93 69.18
C ILE EA 97 53.68 -30.25 69.20
N ARG EA 98 53.13 -30.57 70.35
CA ARG EA 98 52.43 -31.83 70.52
C ARG EA 98 50.91 -31.64 70.62
N ASN FA 1 70.55 -43.17 -76.10
CA ASN FA 1 69.54 -44.19 -76.34
C ASN FA 1 68.47 -44.17 -75.26
N GLU FA 2 68.08 -45.34 -74.77
CA GLU FA 2 67.03 -45.38 -73.76
C GLU FA 2 67.56 -45.27 -72.35
N VAL FA 3 68.74 -45.83 -72.05
CA VAL FA 3 69.31 -45.72 -70.71
C VAL FA 3 70.26 -44.54 -70.68
N VAL FA 4 70.03 -43.65 -69.71
CA VAL FA 4 70.79 -42.41 -69.59
C VAL FA 4 70.57 -41.93 -68.17
N THR FA 5 71.49 -41.12 -67.66
CA THR FA 5 71.27 -40.48 -66.37
C THR FA 5 71.69 -39.03 -66.41
N ARG FA 6 70.87 -38.18 -65.78
CA ARG FA 6 71.13 -36.76 -65.67
C ARG FA 6 70.95 -36.31 -64.24
N GLU FA 7 71.57 -35.19 -63.89
CA GLU FA 7 71.32 -34.54 -62.62
C GLU FA 7 70.54 -33.27 -62.85
N TYR FA 8 69.49 -33.10 -62.07
CA TYR FA 8 68.62 -31.94 -62.13
C TYR FA 8 68.62 -31.28 -60.77
N THR FA 9 68.29 -30.01 -60.74
CA THR FA 9 67.82 -29.38 -59.53
C THR FA 9 66.36 -29.05 -59.69
N ILE FA 10 65.59 -29.22 -58.61
CA ILE FA 10 64.15 -29.05 -58.65
C ILE FA 10 63.78 -27.93 -57.71
N ASN FA 11 63.18 -26.89 -58.23
CA ASN FA 11 62.71 -25.77 -57.42
C ASN FA 11 61.45 -26.22 -56.71
N ILE FA 12 61.59 -26.59 -55.44
CA ILE FA 12 60.44 -27.06 -54.68
C ILE FA 12 59.62 -25.88 -54.20
N HIS FA 13 60.26 -24.77 -53.86
CA HIS FA 13 59.54 -23.56 -53.48
C HIS FA 13 59.09 -22.80 -54.70
N LYS FA 14 58.53 -23.50 -55.68
CA LYS FA 14 57.54 -22.92 -56.56
C LYS FA 14 56.46 -23.92 -56.89
N ARG FA 15 56.62 -25.18 -56.54
CA ARG FA 15 55.60 -26.19 -56.78
C ARG FA 15 54.77 -26.47 -55.54
N ILE FA 16 55.19 -25.95 -54.40
CA ILE FA 16 54.53 -26.15 -53.12
C ILE FA 16 53.85 -24.87 -52.69
N HIS FA 17 53.82 -23.88 -53.56
CA HIS FA 17 53.32 -22.57 -53.18
C HIS FA 17 51.83 -22.58 -52.98
N GLY FA 18 51.41 -22.25 -51.77
CA GLY FA 18 50.02 -22.08 -51.46
C GLY FA 18 49.33 -23.34 -51.01
N VAL FA 19 50.05 -24.41 -50.82
CA VAL FA 19 49.41 -25.62 -50.31
C VAL FA 19 49.54 -25.61 -48.80
N GLY FA 20 48.58 -26.24 -48.12
CA GLY FA 20 48.47 -26.10 -46.69
C GLY FA 20 49.59 -26.79 -45.97
N PHE FA 21 49.70 -26.50 -44.66
CA PHE FA 21 50.89 -26.84 -43.89
C PHE FA 21 51.14 -28.34 -43.82
N LYS FA 22 50.10 -29.11 -43.55
CA LYS FA 22 50.27 -30.54 -43.38
C LYS FA 22 50.18 -31.30 -44.67
N LYS FA 23 50.32 -30.63 -45.80
CA LYS FA 23 50.39 -31.31 -47.06
C LYS FA 23 51.62 -30.93 -47.86
N ARG FA 24 52.53 -30.12 -47.32
CA ARG FA 24 53.66 -29.63 -48.11
C ARG FA 24 54.68 -30.71 -48.39
N ALA FA 25 55.06 -31.46 -47.39
CA ALA FA 25 55.96 -32.59 -47.63
C ALA FA 25 55.31 -33.73 -48.41
N PRO FA 26 54.05 -34.14 -48.20
CA PRO FA 26 53.49 -35.13 -49.13
C PRO FA 26 53.31 -34.62 -50.54
N ARG FA 27 53.04 -33.34 -50.73
CA ARG FA 27 52.87 -32.83 -52.08
C ARG FA 27 54.19 -32.73 -52.79
N ALA FA 28 55.27 -32.47 -52.05
CA ALA FA 28 56.60 -32.42 -52.63
C ALA FA 28 56.98 -33.72 -53.30
N LEU FA 29 56.64 -34.84 -52.68
CA LEU FA 29 57.00 -36.13 -53.24
C LEU FA 29 56.14 -36.48 -54.44
N LYS FA 30 54.92 -35.97 -54.52
CA LYS FA 30 54.18 -36.16 -55.75
C LYS FA 30 54.37 -35.01 -56.71
N GLU FA 31 55.28 -34.10 -56.42
CA GLU FA 31 55.84 -33.22 -57.44
C GLU FA 31 57.18 -33.70 -57.97
N ILE FA 32 57.94 -34.45 -57.16
CA ILE FA 32 59.14 -35.13 -57.66
C ILE FA 32 58.75 -36.15 -58.70
N ARG FA 33 57.76 -36.98 -58.37
CA ARG FA 33 57.29 -38.03 -59.25
C ARG FA 33 56.70 -37.46 -60.53
N LYS FA 34 56.02 -36.33 -60.45
CA LYS FA 34 55.44 -35.74 -61.64
C LYS FA 34 56.48 -35.03 -62.49
N PHE FA 35 57.53 -34.50 -61.87
CA PHE FA 35 58.65 -33.92 -62.60
C PHE FA 35 59.38 -34.99 -63.40
N ALA FA 36 59.54 -36.17 -62.83
CA ALA FA 36 60.29 -37.22 -63.51
C ALA FA 36 59.49 -37.86 -64.62
N MET FA 37 58.16 -37.95 -64.48
CA MET FA 37 57.36 -38.57 -65.52
C MET FA 37 57.26 -37.70 -66.76
N LYS FA 38 57.53 -36.42 -66.64
CA LYS FA 38 57.57 -35.55 -67.79
C LYS FA 38 58.97 -35.44 -68.36
N GLU FA 39 59.97 -35.53 -67.50
CA GLU FA 39 61.34 -35.27 -67.90
C GLU FA 39 61.94 -36.47 -68.63
N MET FA 40 62.05 -37.59 -67.95
CA MET FA 40 62.05 -38.84 -68.68
C MET FA 40 60.63 -39.11 -69.11
N GLY FA 41 60.46 -39.88 -70.16
CA GLY FA 41 59.11 -40.04 -70.65
C GLY FA 41 58.38 -41.23 -70.07
N THR FA 42 58.71 -41.61 -68.85
CA THR FA 42 58.25 -42.88 -68.35
C THR FA 42 57.28 -42.70 -67.20
N PRO FA 43 56.27 -43.54 -67.11
CA PRO FA 43 55.61 -43.76 -65.83
C PRO FA 43 56.48 -44.71 -65.02
N ASP FA 44 55.99 -45.07 -63.84
CA ASP FA 44 56.69 -45.93 -62.90
C ASP FA 44 58.08 -45.36 -62.57
N VAL FA 45 58.07 -44.22 -61.93
CA VAL FA 45 59.30 -43.73 -61.35
C VAL FA 45 59.35 -44.25 -59.92
N ARG FA 46 60.55 -44.31 -59.37
CA ARG FA 46 60.72 -44.86 -58.03
C ARG FA 46 61.67 -43.98 -57.25
N ILE FA 47 61.17 -43.41 -56.17
CA ILE FA 47 61.94 -42.48 -55.35
C ILE FA 47 62.77 -43.27 -54.34
N ASP FA 48 64.07 -43.01 -54.33
CA ASP FA 48 64.96 -43.59 -53.35
C ASP FA 48 64.61 -43.12 -51.94
N THR FA 49 64.83 -43.99 -50.96
CA THR FA 49 64.41 -43.67 -49.61
C THR FA 49 65.26 -42.63 -48.94
N ARG FA 50 66.45 -42.36 -49.44
CA ARG FA 50 67.18 -41.24 -48.89
C ARG FA 50 66.83 -39.95 -49.59
N LEU FA 51 66.04 -40.02 -50.65
CA LEU FA 51 65.54 -38.79 -51.27
C LEU FA 51 64.35 -38.25 -50.50
N ASN FA 52 63.44 -39.10 -50.02
CA ASN FA 52 62.38 -38.48 -49.27
C ASN FA 52 62.77 -38.21 -47.83
N LYS FA 53 63.77 -38.93 -47.31
CA LYS FA 53 64.38 -38.52 -46.05
C LYS FA 53 65.00 -37.13 -46.17
N ALA FA 54 65.47 -36.77 -47.35
CA ALA FA 54 65.91 -35.41 -47.61
C ALA FA 54 64.75 -34.43 -47.59
N VAL FA 55 63.62 -34.75 -48.22
CA VAL FA 55 62.55 -33.77 -48.27
C VAL FA 55 61.79 -33.70 -46.96
N TRP FA 56 61.91 -34.71 -46.12
CA TRP FA 56 61.27 -34.68 -44.84
C TRP FA 56 62.20 -34.24 -43.73
N ALA FA 57 63.37 -33.71 -44.07
CA ALA FA 57 64.39 -33.43 -43.08
C ALA FA 57 64.00 -32.28 -42.15
N LYS FA 58 63.14 -31.37 -42.59
CA LYS FA 58 62.71 -30.28 -41.73
C LYS FA 58 61.20 -30.33 -41.50
N GLY FA 59 60.64 -31.52 -41.43
CA GLY FA 59 59.26 -31.65 -41.02
C GLY FA 59 58.30 -31.55 -42.18
N ILE FA 60 57.02 -31.59 -41.83
CA ILE FA 60 56.00 -31.72 -42.85
C ILE FA 60 55.79 -30.41 -43.56
N ARG FA 61 56.08 -29.28 -42.92
CA ARG FA 61 55.65 -28.01 -43.48
C ARG FA 61 56.79 -27.09 -43.88
N ASN FA 62 58.00 -27.32 -43.42
CA ASN FA 62 59.14 -26.58 -43.95
C ASN FA 62 59.94 -27.54 -44.80
N VAL FA 63 59.82 -27.40 -46.11
CA VAL FA 63 60.44 -28.34 -47.02
C VAL FA 63 61.61 -27.57 -47.60
N PRO FA 64 62.72 -28.20 -48.01
CA PRO FA 64 63.77 -27.48 -48.72
C PRO FA 64 63.28 -26.75 -49.95
N TYR FA 65 63.94 -25.65 -50.27
CA TYR FA 65 63.55 -24.87 -51.42
C TYR FA 65 64.02 -25.51 -52.71
N ARG FA 66 65.26 -25.96 -52.75
CA ARG FA 66 65.77 -26.67 -53.90
C ARG FA 66 66.41 -27.97 -53.44
N ILE FA 67 66.33 -28.97 -54.30
CA ILE FA 67 67.01 -30.24 -54.08
C ILE FA 67 67.60 -30.70 -55.40
N ARG FA 68 68.82 -31.20 -55.33
CA ARG FA 68 69.55 -31.70 -56.48
C ARG FA 68 69.21 -33.17 -56.63
N VAL FA 69 68.80 -33.57 -57.82
CA VAL FA 69 68.20 -34.87 -58.04
C VAL FA 69 68.85 -35.51 -59.25
N ARG FA 70 69.21 -36.79 -59.14
CA ARG FA 70 69.76 -37.55 -60.25
C ARG FA 70 68.72 -38.53 -60.80
N LEU FA 71 68.27 -38.30 -62.02
CA LEU FA 71 67.34 -39.21 -62.68
C LEU FA 71 68.09 -40.27 -63.47
N SER FA 72 67.43 -41.41 -63.68
CA SER FA 72 68.07 -42.52 -64.40
C SER FA 72 67.00 -43.46 -64.95
N ARG FA 73 66.84 -43.51 -66.27
CA ARG FA 73 66.06 -44.58 -66.85
C ARG FA 73 66.81 -45.89 -66.79
N LYS FA 74 66.10 -46.96 -66.48
CA LYS FA 74 66.66 -48.30 -66.39
C LYS FA 74 65.71 -49.27 -67.06
N ARG FA 75 66.26 -50.28 -67.72
CA ARG FA 75 65.41 -51.33 -68.29
C ARG FA 75 64.87 -52.19 -67.18
N ASN FA 76 63.57 -52.42 -67.21
CA ASN FA 76 62.83 -53.07 -66.13
C ASN FA 76 62.98 -54.56 -66.29
N GLU FA 77 63.94 -55.14 -65.58
CA GLU FA 77 64.33 -56.51 -65.84
C GLU FA 77 63.72 -57.52 -64.87
N ASP FA 78 63.10 -57.05 -63.79
CA ASP FA 78 62.71 -57.99 -62.74
C ASP FA 78 61.47 -58.79 -63.10
N GLU FA 79 60.69 -58.34 -64.06
CA GLU FA 79 59.51 -59.07 -64.50
C GLU FA 79 59.18 -58.59 -65.91
N ASP FA 80 58.42 -59.40 -66.63
CA ASP FA 80 57.83 -58.94 -67.89
C ASP FA 80 56.70 -57.98 -67.58
N SER FA 81 57.03 -56.74 -67.24
CA SER FA 81 56.11 -55.71 -66.81
C SER FA 81 55.64 -54.89 -68.00
N PRO FA 82 54.46 -54.26 -67.93
CA PRO FA 82 54.00 -53.45 -69.07
C PRO FA 82 54.83 -52.21 -69.30
N ASN FA 83 55.52 -51.72 -68.28
CA ASN FA 83 56.45 -50.62 -68.45
C ASN FA 83 57.83 -51.21 -68.73
N LYS FA 84 58.34 -50.95 -69.93
CA LYS FA 84 59.65 -51.48 -70.30
C LYS FA 84 60.75 -50.78 -69.53
N LEU FA 85 60.55 -49.51 -69.18
CA LEU FA 85 61.56 -48.69 -68.54
C LEU FA 85 61.03 -48.20 -67.21
N TYR FA 86 61.92 -48.04 -66.25
CA TYR FA 86 61.57 -47.33 -65.02
C TYR FA 86 62.64 -46.30 -64.74
N THR FA 87 62.32 -45.39 -63.83
CA THR FA 87 63.13 -44.23 -63.52
C THR FA 87 63.50 -44.26 -62.05
N LEU FA 88 64.78 -44.11 -61.74
CA LEU FA 88 65.25 -44.08 -60.36
C LEU FA 88 65.71 -42.67 -60.03
N VAL FA 89 65.28 -42.17 -58.88
CA VAL FA 89 65.28 -40.74 -58.59
C VAL FA 89 66.19 -40.45 -57.39
N THR FA 90 67.40 -41.00 -57.41
CA THR FA 90 68.31 -40.84 -56.28
C THR FA 90 68.69 -39.38 -56.02
N TYR FA 91 69.08 -39.15 -54.77
CA TYR FA 91 69.33 -37.83 -54.20
C TYR FA 91 70.79 -37.46 -54.28
N VAL FA 92 71.07 -36.20 -54.58
CA VAL FA 92 72.44 -35.71 -54.66
C VAL FA 92 72.65 -34.65 -53.59
N PRO FA 93 73.47 -34.91 -52.59
CA PRO FA 93 73.78 -33.88 -51.61
C PRO FA 93 74.70 -32.84 -52.21
N VAL FA 94 74.44 -31.58 -51.91
CA VAL FA 94 75.20 -30.49 -52.49
C VAL FA 94 75.11 -29.30 -51.53
N THR FA 95 76.18 -28.50 -51.48
CA THR FA 95 76.20 -27.37 -50.57
C THR FA 95 75.45 -26.18 -51.12
N THR FA 96 75.89 -25.65 -52.25
CA THR FA 96 75.24 -24.52 -52.87
C THR FA 96 74.51 -24.98 -54.12
N PHE FA 97 73.62 -24.12 -54.61
CA PHE FA 97 72.89 -24.38 -55.84
C PHE FA 97 73.22 -23.37 -56.91
N LYS FA 98 74.14 -22.45 -56.66
CA LYS FA 98 74.47 -21.43 -57.62
C LYS FA 98 75.17 -22.04 -58.82
N ASN FA 99 74.75 -21.61 -60.01
CA ASN FA 99 75.41 -21.91 -61.28
C ASN FA 99 75.35 -23.39 -61.63
N LEU FA 100 74.37 -24.11 -61.12
CA LEU FA 100 74.17 -25.52 -61.43
C LEU FA 100 73.20 -25.66 -62.59
N GLN FA 101 73.62 -26.33 -63.65
CA GLN FA 101 72.70 -26.68 -64.73
C GLN FA 101 72.44 -28.17 -64.73
N THR FA 102 71.57 -28.57 -65.64
CA THR FA 102 71.34 -29.97 -65.91
C THR FA 102 72.56 -30.57 -66.59
N VAL FA 103 73.05 -31.67 -66.08
CA VAL FA 103 74.31 -32.27 -66.51
C VAL FA 103 74.07 -33.73 -66.83
N ASN FA 104 74.55 -34.19 -67.98
CA ASN FA 104 74.58 -35.61 -68.25
C ASN FA 104 75.64 -36.29 -67.39
N VAL FA 105 75.31 -37.46 -66.86
CA VAL FA 105 76.15 -38.16 -65.90
C VAL FA 105 76.63 -39.45 -66.54
N ASP FA 106 77.90 -39.75 -66.37
CA ASP FA 106 78.43 -41.00 -66.89
C ASP FA 106 78.25 -42.12 -65.88
N GLU FA 107 78.57 -43.34 -66.29
CA GLU FA 107 78.31 -44.53 -65.48
C GLU FA 107 79.28 -44.64 -64.31
N ALA GA 1 -20.76 -70.99 -98.51
CA ALA GA 1 -20.40 -72.36 -98.24
C ALA GA 1 -20.58 -72.68 -96.76
N ALA GA 2 -20.55 -71.66 -95.92
CA ALA GA 2 -20.92 -71.85 -94.54
C ALA GA 2 -22.42 -72.04 -94.41
N LEU GA 3 -22.85 -72.51 -93.25
CA LEU GA 3 -24.27 -72.64 -93.00
C LEU GA 3 -24.87 -71.26 -92.78
N ARG GA 4 -25.91 -71.03 -93.38
CA ARG GA 4 -26.53 -69.73 -93.30
C ARG GA 4 -27.60 -69.73 -92.22
N PRO GA 5 -27.79 -68.61 -91.54
CA PRO GA 5 -28.92 -68.50 -90.61
C PRO GA 5 -30.23 -68.43 -91.35
N LEU GA 6 -31.32 -68.47 -90.58
CA LEU GA 6 -32.65 -68.47 -91.15
C LEU GA 6 -32.97 -67.15 -91.81
N VAL GA 7 -32.97 -66.08 -91.02
CA VAL GA 7 -32.99 -64.72 -91.53
C VAL GA 7 -31.76 -64.05 -90.96
N LYS GA 8 -31.38 -62.93 -91.55
CA LYS GA 8 -30.27 -62.14 -91.05
C LYS GA 8 -30.69 -60.69 -91.06
N PRO GA 9 -31.21 -60.19 -89.96
CA PRO GA 9 -31.56 -58.77 -89.87
C PRO GA 9 -30.33 -57.91 -89.70
N LYS GA 10 -30.51 -56.63 -89.95
CA LYS GA 10 -29.47 -55.66 -89.65
C LYS GA 10 -29.39 -55.45 -88.16
N ILE GA 11 -28.28 -55.83 -87.56
CA ILE GA 11 -28.10 -55.69 -86.12
C ILE GA 11 -27.64 -54.28 -85.82
N VAL GA 12 -28.42 -53.57 -85.02
CA VAL GA 12 -28.08 -52.22 -84.60
C VAL GA 12 -27.76 -52.22 -83.12
N LYS GA 13 -26.54 -51.87 -82.78
CA LYS GA 13 -26.11 -51.72 -81.41
C LYS GA 13 -26.33 -50.28 -81.01
N LYS GA 14 -26.91 -50.06 -79.85
CA LYS GA 14 -27.06 -48.69 -79.40
C LYS GA 14 -25.75 -48.11 -78.90
N ARG GA 15 -24.78 -48.94 -78.55
CA ARG GA 15 -23.47 -48.50 -78.12
C ARG GA 15 -22.50 -49.66 -78.35
N THR GA 16 -21.32 -49.35 -78.84
CA THR GA 16 -20.33 -50.39 -79.07
C THR GA 16 -19.17 -50.35 -78.10
N LYS GA 17 -18.94 -49.23 -77.44
CA LYS GA 17 -17.91 -49.18 -76.42
C LYS GA 17 -18.40 -49.80 -75.13
N LYS GA 18 -17.47 -50.30 -74.33
CA LYS GA 18 -17.85 -50.79 -73.02
C LYS GA 18 -18.03 -49.63 -72.07
N PHE GA 19 -18.62 -49.91 -70.92
CA PHE GA 19 -18.75 -48.93 -69.87
C PHE GA 19 -17.60 -49.15 -68.90
N ILE GA 20 -16.64 -48.25 -68.90
CA ILE GA 20 -15.54 -48.38 -67.97
C ILE GA 20 -15.92 -47.72 -66.66
N ARG GA 21 -15.35 -48.21 -65.58
CA ARG GA 21 -15.58 -47.63 -64.27
C ARG GA 21 -14.91 -46.27 -64.17
N HIS GA 22 -15.54 -45.36 -63.45
CA HIS GA 22 -14.97 -44.06 -63.18
C HIS GA 22 -13.63 -44.19 -62.48
N GLN GA 23 -12.61 -43.59 -63.09
CA GLN GA 23 -11.22 -43.56 -62.66
C GLN GA 23 -10.55 -44.94 -62.69
N SER GA 24 -10.84 -45.71 -63.72
CA SER GA 24 -10.10 -46.93 -63.91
C SER GA 24 -8.83 -46.71 -64.70
N ASP GA 25 -8.71 -45.56 -65.34
CA ASP GA 25 -7.47 -45.14 -65.99
C ASP GA 25 -6.44 -44.66 -64.99
N ARG GA 26 -6.87 -44.13 -63.86
CA ARG GA 26 -5.95 -43.52 -62.93
C ARG GA 26 -5.28 -44.51 -62.02
N TYR GA 27 -5.79 -45.72 -61.94
CA TYR GA 27 -5.34 -46.67 -60.95
C TYR GA 27 -5.30 -48.05 -61.56
N VAL GA 28 -4.40 -48.87 -61.05
CA VAL GA 28 -4.41 -50.28 -61.35
C VAL GA 28 -5.33 -51.00 -60.39
N LYS GA 29 -5.46 -50.49 -59.18
CA LYS GA 29 -6.33 -51.10 -58.19
C LYS GA 29 -7.80 -50.96 -58.55
N ILE GA 30 -8.16 -50.03 -59.42
CA ILE GA 30 -9.52 -49.90 -59.92
C ILE GA 30 -9.56 -50.65 -61.23
N LYS GA 31 -10.33 -51.73 -61.29
CA LYS GA 31 -10.46 -52.47 -62.53
C LYS GA 31 -11.50 -51.79 -63.40
N ARG GA 32 -11.58 -52.20 -64.66
CA ARG GA 32 -12.40 -51.40 -65.55
C ARG GA 32 -13.87 -51.76 -65.48
N ASN GA 33 -14.23 -52.89 -64.89
CA ASN GA 33 -15.63 -53.28 -64.92
C ASN GA 33 -16.46 -52.45 -63.96
N TRP GA 34 -17.72 -52.31 -64.29
CA TRP GA 34 -18.52 -51.18 -63.84
C TRP GA 34 -19.00 -51.35 -62.42
N ARG GA 35 -18.86 -50.28 -61.64
CA ARG GA 35 -19.51 -50.13 -60.35
C ARG GA 35 -20.21 -48.80 -60.37
N LYS GA 36 -21.41 -48.74 -59.84
CA LYS GA 36 -22.18 -47.52 -59.89
C LYS GA 36 -21.61 -46.53 -58.90
N PRO GA 37 -21.33 -45.30 -59.31
CA PRO GA 37 -20.66 -44.36 -58.42
C PRO GA 37 -21.59 -43.86 -57.32
N ARG GA 38 -21.38 -44.31 -56.09
CA ARG GA 38 -22.15 -43.84 -54.94
C ARG GA 38 -21.27 -42.86 -54.19
N GLY GA 39 -21.51 -41.58 -54.36
CA GLY GA 39 -20.65 -40.62 -53.73
C GLY GA 39 -21.28 -39.26 -53.81
N ILE GA 40 -21.13 -38.46 -52.77
CA ILE GA 40 -21.97 -37.28 -52.64
C ILE GA 40 -21.62 -36.17 -53.62
N ASP GA 41 -20.40 -36.13 -54.14
CA ASP GA 41 -19.98 -35.05 -55.02
C ASP GA 41 -19.62 -35.56 -56.39
N ASN GA 42 -19.93 -36.80 -56.71
CA ASN GA 42 -19.42 -37.44 -57.91
C ASN GA 42 -20.06 -36.82 -59.15
N ARG GA 43 -19.23 -36.37 -60.07
CA ARG GA 43 -19.72 -35.74 -61.28
C ARG GA 43 -20.07 -36.74 -62.37
N VAL GA 44 -19.82 -38.02 -62.15
CA VAL GA 44 -20.36 -39.03 -63.03
C VAL GA 44 -21.77 -39.41 -62.64
N ARG GA 45 -21.98 -39.54 -61.32
CA ARG GA 45 -23.30 -39.86 -60.78
C ARG GA 45 -24.31 -38.78 -61.09
N ARG GA 46 -23.89 -37.54 -61.04
CA ARG GA 46 -24.76 -36.40 -61.30
C ARG GA 46 -24.89 -36.08 -62.78
N ARG GA 47 -24.18 -36.78 -63.64
CA ARG GA 47 -24.30 -36.71 -65.09
C ARG GA 47 -23.94 -35.33 -65.63
N PHE GA 48 -22.76 -34.86 -65.31
CA PHE GA 48 -22.27 -33.67 -65.97
C PHE GA 48 -21.88 -33.95 -67.41
N LYS GA 49 -21.62 -32.88 -68.12
CA LYS GA 49 -21.35 -32.93 -69.54
C LYS GA 49 -19.88 -33.23 -69.77
N GLY GA 50 -19.61 -34.15 -70.66
CA GLY GA 50 -18.24 -34.52 -70.95
C GLY GA 50 -17.65 -35.57 -70.06
N GLN GA 51 -18.45 -36.26 -69.26
CA GLN GA 51 -17.96 -37.26 -68.33
C GLN GA 51 -18.25 -38.66 -68.85
N ILE GA 52 -17.94 -39.64 -68.01
CA ILE GA 52 -18.18 -41.05 -68.32
C ILE GA 52 -19.68 -41.31 -68.28
N LEU GA 53 -20.17 -42.07 -69.25
CA LEU GA 53 -21.59 -42.34 -69.36
C LEU GA 53 -21.99 -43.48 -68.45
N MET GA 54 -23.15 -43.39 -67.84
CA MET GA 54 -23.53 -44.48 -66.97
C MET GA 54 -24.45 -45.42 -67.70
N PRO GA 55 -24.28 -46.72 -67.54
CA PRO GA 55 -25.18 -47.69 -68.15
C PRO GA 55 -26.56 -47.59 -67.58
N ASN GA 56 -27.55 -47.64 -68.46
CA ASN GA 56 -28.92 -47.72 -68.01
C ASN GA 56 -29.71 -48.50 -69.04
N ILE GA 57 -31.00 -48.66 -68.75
CA ILE GA 57 -31.83 -49.60 -69.48
C ILE GA 57 -32.19 -49.12 -70.86
N GLY GA 58 -31.98 -47.84 -71.16
CA GLY GA 58 -32.28 -47.35 -72.48
C GLY GA 58 -31.33 -47.84 -73.53
N TYR GA 59 -30.15 -48.30 -73.14
CA TYR GA 59 -29.19 -48.83 -74.09
C TYR GA 59 -29.49 -50.24 -74.50
N GLY GA 60 -30.62 -50.80 -74.08
CA GLY GA 60 -30.89 -52.20 -74.32
C GLY GA 60 -31.11 -52.48 -75.79
N SER GA 61 -30.54 -53.57 -76.26
CA SER GA 61 -30.57 -53.90 -77.66
C SER GA 61 -31.93 -54.46 -78.04
N ASN GA 62 -32.26 -54.30 -79.34
CA ASN GA 62 -33.49 -54.79 -79.93
C ASN GA 62 -33.63 -56.28 -79.70
N LYS GA 63 -34.72 -56.69 -79.08
CA LYS GA 63 -34.77 -58.02 -78.54
C LYS GA 63 -35.16 -59.07 -79.55
N LYS GA 64 -35.06 -58.79 -80.84
CA LYS GA 64 -35.00 -59.86 -81.81
C LYS GA 64 -33.62 -60.01 -82.43
N THR GA 65 -32.69 -59.13 -82.10
CA THR GA 65 -31.28 -59.32 -82.44
C THR GA 65 -30.43 -59.49 -81.21
N LYS GA 66 -31.03 -59.63 -80.04
CA LYS GA 66 -30.26 -59.75 -78.83
C LYS GA 66 -29.68 -61.15 -78.74
N HIS GA 67 -28.43 -61.21 -78.29
CA HIS GA 67 -27.58 -62.40 -78.20
C HIS GA 67 -27.30 -63.02 -79.54
N MET GA 68 -27.46 -62.26 -80.60
CA MET GA 68 -27.20 -62.77 -81.91
C MET GA 68 -25.74 -62.52 -82.23
N LEU GA 69 -25.04 -63.56 -82.64
CA LEU GA 69 -23.69 -63.46 -83.15
C LEU GA 69 -23.69 -62.61 -84.42
N PRO GA 70 -22.56 -62.02 -84.80
CA PRO GA 70 -22.57 -61.15 -85.98
C PRO GA 70 -22.82 -61.85 -87.29
N SER GA 71 -22.87 -63.17 -87.31
CA SER GA 71 -23.40 -63.93 -88.45
C SER GA 71 -24.64 -64.65 -87.98
N GLY GA 72 -25.73 -63.92 -87.83
CA GLY GA 72 -27.08 -64.43 -87.71
C GLY GA 72 -27.46 -65.49 -86.70
N PHE GA 73 -26.52 -66.05 -85.98
CA PHE GA 73 -26.83 -67.21 -85.15
C PHE GA 73 -26.85 -66.81 -83.69
N ARG GA 74 -27.34 -67.72 -82.88
CA ARG GA 74 -27.21 -67.61 -81.44
C ARG GA 74 -26.43 -68.80 -80.93
N LYS GA 75 -25.74 -68.61 -79.82
CA LYS GA 75 -24.73 -69.52 -79.34
C LYS GA 75 -25.30 -70.50 -78.32
N PHE GA 76 -25.01 -71.78 -78.49
CA PHE GA 76 -25.34 -72.76 -77.46
C PHE GA 76 -24.10 -73.58 -77.16
N LEU GA 77 -23.80 -73.75 -75.88
CA LEU GA 77 -22.56 -74.36 -75.44
C LEU GA 77 -22.75 -75.86 -75.24
N VAL GA 78 -21.87 -76.65 -75.82
CA VAL GA 78 -22.03 -78.09 -75.82
C VAL GA 78 -20.78 -78.72 -75.20
N HIS GA 79 -20.94 -79.90 -74.61
CA HIS GA 79 -19.83 -80.64 -74.01
C HIS GA 79 -19.61 -82.00 -74.63
N ASN GA 80 -20.66 -82.74 -74.95
CA ASN GA 80 -20.44 -84.04 -75.56
C ASN GA 80 -21.38 -84.16 -76.76
N VAL GA 81 -21.32 -85.31 -77.41
CA VAL GA 81 -22.07 -85.51 -78.63
C VAL GA 81 -23.55 -85.66 -78.34
N LYS GA 82 -23.91 -86.25 -77.21
CA LYS GA 82 -25.33 -86.54 -77.04
C LYS GA 82 -26.14 -85.33 -76.61
N GLU GA 83 -25.51 -84.22 -76.24
CA GLU GA 83 -26.27 -83.00 -76.08
C GLU GA 83 -26.05 -82.05 -77.24
N LEU GA 84 -25.50 -82.56 -78.34
CA LEU GA 84 -25.51 -81.81 -79.58
C LEU GA 84 -26.83 -81.99 -80.32
N GLU GA 85 -27.52 -83.11 -80.11
CA GLU GA 85 -28.75 -83.32 -80.85
C GLU GA 85 -29.94 -82.52 -80.33
N VAL GA 86 -29.77 -81.71 -79.29
CA VAL GA 86 -30.85 -80.78 -78.97
C VAL GA 86 -30.86 -79.60 -79.92
N LEU GA 87 -29.83 -79.46 -80.74
CA LEU GA 87 -29.80 -78.46 -81.79
C LEU GA 87 -30.18 -79.02 -83.13
N LEU GA 88 -30.71 -80.24 -83.18
CA LEU GA 88 -31.09 -80.83 -84.44
C LEU GA 88 -32.26 -80.09 -85.06
N MET GA 89 -33.21 -79.66 -84.24
CA MET GA 89 -34.36 -78.92 -84.69
C MET GA 89 -34.24 -77.42 -84.47
N CYS GA 90 -33.07 -76.94 -84.05
CA CYS GA 90 -32.76 -75.53 -83.93
C CYS GA 90 -31.68 -75.16 -84.93
N ASN GA 91 -31.83 -75.69 -86.13
CA ASN GA 91 -30.73 -75.80 -87.06
C ASN GA 91 -30.29 -74.45 -87.59
N LYS GA 92 -31.24 -73.62 -87.97
CA LYS GA 92 -30.93 -72.43 -88.72
C LYS GA 92 -31.05 -71.17 -87.87
N SER GA 93 -31.06 -71.32 -86.55
CA SER GA 93 -30.97 -70.16 -85.70
C SER GA 93 -30.07 -70.33 -84.49
N TYR GA 94 -29.49 -71.50 -84.24
CA TYR GA 94 -28.60 -71.67 -83.10
C TYR GA 94 -27.40 -72.46 -83.54
N CYS GA 95 -26.25 -72.10 -83.01
CA CYS GA 95 -25.01 -72.74 -83.41
C CYS GA 95 -24.32 -73.31 -82.20
N ALA GA 96 -23.69 -74.45 -82.40
CA ALA GA 96 -23.05 -75.16 -81.33
C ALA GA 96 -21.69 -74.58 -81.03
N GLU GA 97 -21.24 -74.79 -79.82
CA GLU GA 97 -19.93 -74.33 -79.40
C GLU GA 97 -19.37 -75.37 -78.44
N ILE GA 98 -18.29 -76.01 -78.84
CA ILE GA 98 -17.64 -76.98 -77.97
C ILE GA 98 -16.95 -76.23 -76.85
N ALA GA 99 -17.21 -76.65 -75.61
CA ALA GA 99 -16.67 -75.95 -74.46
C ALA GA 99 -15.16 -76.11 -74.38
N HIS GA 100 -14.54 -75.32 -73.50
CA HIS GA 100 -13.08 -75.26 -73.52
C HIS GA 100 -12.45 -76.52 -72.96
N ASN GA 101 -13.15 -77.20 -72.08
CA ASN GA 101 -12.63 -78.35 -71.36
C ASN GA 101 -12.53 -79.60 -72.21
N VAL GA 102 -13.23 -79.66 -73.33
CA VAL GA 102 -13.36 -80.91 -74.06
C VAL GA 102 -12.06 -81.19 -74.80
N SER GA 103 -11.55 -82.40 -74.62
CA SER GA 103 -10.24 -82.76 -75.09
C SER GA 103 -10.20 -82.89 -76.60
N SER GA 104 -9.01 -83.17 -77.09
CA SER GA 104 -8.77 -83.16 -78.51
C SER GA 104 -9.38 -84.37 -79.18
N LYS GA 105 -9.38 -85.51 -78.50
CA LYS GA 105 -9.97 -86.72 -79.04
C LYS GA 105 -11.48 -86.59 -79.14
N ASN GA 106 -12.09 -85.99 -78.14
CA ASN GA 106 -13.54 -85.96 -78.08
C ASN GA 106 -14.13 -84.83 -78.89
N ARG GA 107 -13.37 -83.77 -79.14
CA ARG GA 107 -13.97 -82.75 -79.98
C ARG GA 107 -13.72 -83.01 -81.46
N LYS GA 108 -13.04 -84.09 -81.82
CA LYS GA 108 -13.15 -84.58 -83.19
C LYS GA 108 -14.56 -85.05 -83.46
N ALA GA 109 -15.07 -85.95 -82.61
CA ALA GA 109 -16.39 -86.53 -82.77
C ALA GA 109 -17.52 -85.52 -82.71
N ILE GA 110 -17.34 -84.40 -82.01
CA ILE GA 110 -18.39 -83.40 -82.00
C ILE GA 110 -18.43 -82.66 -83.32
N VAL GA 111 -17.27 -82.44 -83.93
CA VAL GA 111 -17.21 -81.66 -85.16
C VAL GA 111 -17.79 -82.45 -86.33
N GLU GA 112 -17.42 -83.73 -86.49
CA GLU GA 112 -17.96 -84.43 -87.65
C GLU GA 112 -19.40 -84.87 -87.44
N ARG GA 113 -19.86 -84.99 -86.20
CA ARG GA 113 -21.27 -85.25 -86.02
C ARG GA 113 -22.09 -84.04 -86.38
N ALA GA 114 -21.64 -82.86 -85.97
CA ALA GA 114 -22.37 -81.65 -86.30
C ALA GA 114 -22.27 -81.29 -87.78
N ALA GA 115 -21.26 -81.80 -88.47
CA ALA GA 115 -21.19 -81.53 -89.89
C ALA GA 115 -22.19 -82.36 -90.66
N GLN GA 116 -22.45 -83.58 -90.21
CA GLN GA 116 -23.45 -84.41 -90.85
C GLN GA 116 -24.82 -84.23 -90.22
N LEU GA 117 -24.98 -83.20 -89.41
CA LEU GA 117 -26.26 -82.92 -88.80
C LEU GA 117 -26.63 -81.47 -89.03
N ALA GA 118 -25.86 -80.80 -89.91
CA ALA GA 118 -26.10 -79.45 -90.42
C ALA GA 118 -26.07 -78.39 -89.34
N ILE GA 119 -25.31 -78.58 -88.28
CA ILE GA 119 -25.21 -77.61 -87.20
C ILE GA 119 -23.91 -76.86 -87.36
N ARG GA 120 -23.98 -75.53 -87.33
CA ARG GA 120 -22.76 -74.74 -87.43
C ARG GA 120 -22.04 -74.74 -86.10
N VAL GA 121 -20.74 -74.93 -86.14
CA VAL GA 121 -19.91 -74.93 -84.95
C VAL GA 121 -19.01 -73.71 -85.02
N THR GA 122 -18.96 -72.94 -83.93
CA THR GA 122 -18.24 -71.68 -84.00
C THR GA 122 -16.74 -71.84 -83.89
N ASN GA 123 -16.26 -72.81 -83.12
CA ASN GA 123 -14.83 -73.02 -82.99
C ASN GA 123 -14.42 -74.41 -83.46
N PRO GA 124 -14.59 -74.74 -84.75
CA PRO GA 124 -14.24 -76.10 -85.15
C PRO GA 124 -12.79 -76.22 -85.55
N ASN GA 125 -11.90 -75.48 -84.89
CA ASN GA 125 -10.46 -75.58 -85.08
C ASN GA 125 -9.85 -75.18 -83.74
N ALA GA 126 -9.69 -76.16 -82.86
CA ALA GA 126 -9.36 -75.83 -81.49
C ALA GA 126 -8.26 -76.69 -80.89
N ARG GA 127 -7.98 -77.86 -81.43
CA ARG GA 127 -6.79 -78.59 -81.08
C ARG GA 127 -6.18 -79.18 -82.35
N LEU GA 128 -5.96 -78.32 -83.33
CA LEU GA 128 -5.51 -78.76 -84.64
C LEU GA 128 -4.16 -78.14 -85.00
N SER HA 1 -10.96 -33.50 -119.12
CA SER HA 1 -10.66 -32.08 -119.09
C SER HA 1 -11.59 -31.28 -118.19
N GLY HA 2 -11.03 -30.36 -117.43
CA GLY HA 2 -11.82 -29.36 -116.74
C GLY HA 2 -12.27 -29.80 -115.37
N ARG HA 3 -12.62 -28.79 -114.56
CA ARG HA 3 -12.75 -29.00 -113.12
C ARG HA 3 -14.01 -29.78 -112.79
N LEU HA 4 -15.16 -29.32 -113.28
CA LEU HA 4 -16.43 -30.04 -113.32
C LEU HA 4 -17.05 -30.27 -111.94
N TRP HA 5 -16.44 -29.82 -110.86
CA TRP HA 5 -17.06 -29.69 -109.55
C TRP HA 5 -16.78 -28.29 -109.02
N SER HA 6 -17.63 -27.83 -108.13
CA SER HA 6 -17.50 -26.50 -107.57
C SER HA 6 -16.87 -26.59 -106.20
N LYS HA 7 -15.95 -25.69 -105.91
CA LYS HA 7 -15.08 -25.84 -104.77
C LYS HA 7 -15.67 -25.19 -103.51
N ALA HA 8 -15.57 -25.92 -102.40
CA ALA HA 8 -16.16 -25.52 -101.14
C ALA HA 8 -15.18 -25.78 -100.03
N ILE HA 9 -15.35 -25.06 -98.94
CA ILE HA 9 -14.50 -25.14 -97.76
C ILE HA 9 -15.30 -25.83 -96.68
N PHE HA 10 -14.67 -26.75 -95.96
CA PHE HA 10 -15.27 -27.28 -94.75
C PHE HA 10 -15.02 -26.31 -93.60
N ALA HA 11 -16.08 -25.66 -93.16
CA ALA HA 11 -15.97 -24.66 -92.10
C ALA HA 11 -15.95 -25.29 -90.73
N GLY HA 12 -16.98 -26.06 -90.39
CA GLY HA 12 -16.99 -26.74 -89.12
C GLY HA 12 -18.17 -27.65 -89.03
N TYR HA 13 -18.47 -28.10 -87.83
CA TYR HA 13 -19.64 -28.93 -87.65
C TYR HA 13 -20.80 -28.07 -87.23
N LYS HA 14 -22.02 -28.60 -87.37
CA LYS HA 14 -23.18 -27.96 -86.77
C LYS HA 14 -22.99 -27.93 -85.28
N ARG HA 15 -23.01 -26.74 -84.71
CA ARG HA 15 -22.65 -26.59 -83.31
C ARG HA 15 -23.48 -25.50 -82.67
N GLY HA 16 -23.52 -25.55 -81.36
CA GLY HA 16 -23.97 -24.42 -80.58
C GLY HA 16 -22.75 -23.64 -80.18
N LEU HA 17 -22.65 -23.18 -78.95
CA LEU HA 17 -21.40 -22.58 -78.55
C LEU HA 17 -20.52 -23.56 -77.80
N ARG HA 18 -21.09 -24.35 -76.92
CA ARG HA 18 -20.35 -25.26 -76.07
C ARG HA 18 -20.77 -26.69 -76.31
N ASN HA 19 -21.25 -26.98 -77.52
CA ASN HA 19 -21.66 -28.32 -77.93
C ASN HA 19 -21.45 -28.39 -79.42
N GLN HA 20 -20.91 -29.48 -79.92
CA GLN HA 20 -20.90 -29.63 -81.36
C GLN HA 20 -21.50 -30.99 -81.71
N ARG HA 21 -22.20 -31.01 -82.83
CA ARG HA 21 -22.87 -32.20 -83.32
C ARG HA 21 -22.10 -32.61 -84.57
N GLU HA 22 -21.32 -33.67 -84.46
CA GLU HA 22 -20.42 -33.97 -85.57
C GLU HA 22 -21.09 -34.64 -86.75
N HIS HA 23 -22.36 -35.00 -86.66
CA HIS HA 23 -22.99 -35.68 -87.76
C HIS HA 23 -23.38 -34.75 -88.89
N THR HA 24 -23.40 -33.45 -88.68
CA THR HA 24 -23.71 -32.50 -89.72
C THR HA 24 -22.57 -31.51 -89.85
N ALA HA 25 -22.03 -31.39 -91.05
CA ALA HA 25 -20.95 -30.47 -91.37
C ALA HA 25 -21.51 -29.15 -91.89
N LEU HA 26 -20.67 -28.12 -91.88
CA LEU HA 26 -21.03 -26.82 -92.41
C LEU HA 26 -20.04 -26.47 -93.50
N LEU HA 27 -20.53 -26.13 -94.68
CA LEU HA 27 -19.67 -25.88 -95.82
C LEU HA 27 -19.82 -24.46 -96.28
N LYS HA 28 -18.77 -23.89 -96.82
CA LYS HA 28 -18.83 -22.59 -97.47
C LYS HA 28 -18.49 -22.80 -98.94
N ILE HA 29 -19.46 -22.71 -99.79
CA ILE HA 29 -19.23 -22.85 -101.21
C ILE HA 29 -18.72 -21.52 -101.74
N GLU HA 30 -17.63 -21.54 -102.48
CA GLU HA 30 -17.11 -20.32 -103.07
C GLU HA 30 -18.05 -19.81 -104.14
N GLY HA 31 -18.43 -18.55 -104.04
CA GLY HA 31 -19.26 -17.94 -105.03
C GLY HA 31 -20.63 -17.56 -104.56
N VAL HA 32 -21.18 -18.28 -103.60
CA VAL HA 32 -22.50 -18.01 -103.08
C VAL HA 32 -22.39 -17.43 -101.68
N TYR HA 33 -22.95 -16.24 -101.50
CA TYR HA 33 -22.87 -15.61 -100.19
C TYR HA 33 -24.22 -15.06 -99.77
N ALA HA 34 -25.32 -15.61 -100.24
CA ALA HA 34 -26.62 -15.20 -99.78
C ALA HA 34 -27.50 -16.43 -99.80
N ARG HA 35 -28.51 -16.44 -98.94
CA ARG HA 35 -29.34 -17.63 -98.80
C ARG HA 35 -30.25 -17.81 -100.00
N ASP HA 36 -30.60 -16.74 -100.69
CA ASP HA 36 -31.42 -16.94 -101.88
C ASP HA 36 -30.62 -17.45 -103.05
N GLU HA 37 -29.31 -17.43 -102.94
CA GLU HA 37 -28.39 -17.82 -103.98
C GLU HA 37 -28.00 -19.29 -103.88
N THR HA 38 -28.58 -20.01 -102.93
CA THR HA 38 -28.07 -21.31 -102.56
C THR HA 38 -29.01 -22.45 -102.90
N GLU HA 39 -30.15 -22.14 -103.51
CA GLU HA 39 -31.14 -23.15 -103.85
C GLU HA 39 -30.65 -24.10 -104.94
N PHE HA 40 -29.67 -23.69 -105.75
CA PHE HA 40 -29.05 -24.56 -106.74
C PHE HA 40 -28.44 -25.79 -106.11
N TYR HA 41 -27.89 -25.65 -104.93
CA TYR HA 41 -27.01 -26.67 -104.40
C TYR HA 41 -27.71 -27.66 -103.51
N LEU HA 42 -29.03 -27.63 -103.41
CA LEU HA 42 -29.66 -28.32 -102.29
C LEU HA 42 -29.93 -29.79 -102.49
N GLY HA 43 -29.24 -30.49 -103.37
CA GLY HA 43 -29.41 -31.93 -103.35
C GLY HA 43 -28.14 -32.56 -103.81
N LYS HA 44 -27.14 -31.71 -103.96
CA LYS HA 44 -25.98 -32.05 -104.76
C LYS HA 44 -25.10 -33.00 -103.98
N ARG HA 45 -24.45 -33.88 -104.70
CA ARG HA 45 -23.58 -34.83 -104.07
C ARG HA 45 -22.31 -34.10 -103.69
N CYS HA 46 -21.62 -34.57 -102.67
CA CYS HA 46 -20.40 -33.88 -102.30
C CYS HA 46 -19.41 -34.87 -101.73
N ALA HA 47 -18.13 -34.56 -101.90
CA ALA HA 47 -17.09 -35.50 -101.56
C ALA HA 47 -15.96 -34.80 -100.84
N TYR HA 48 -15.32 -35.53 -99.94
CA TYR HA 48 -14.08 -35.14 -99.30
C TYR HA 48 -12.99 -36.09 -99.77
N VAL HA 49 -12.17 -35.63 -100.70
CA VAL HA 49 -11.16 -36.47 -101.31
C VAL HA 49 -9.82 -36.22 -100.62
N TYR HA 50 -9.19 -37.28 -100.15
CA TYR HA 50 -7.95 -37.17 -99.40
C TYR HA 50 -7.07 -38.36 -99.72
N LYS HA 51 -5.82 -38.29 -99.29
CA LYS HA 51 -4.85 -39.34 -99.56
C LYS HA 51 -4.32 -39.90 -98.26
N ALA HA 52 -4.08 -41.20 -98.24
CA ALA HA 52 -3.56 -41.89 -97.09
C ALA HA 52 -2.38 -42.75 -97.53
N LYS HA 53 -1.86 -43.54 -96.60
CA LYS HA 53 -0.61 -44.25 -96.87
C LYS HA 53 -0.80 -45.47 -97.74
N ASN HA 54 -1.70 -46.37 -97.34
CA ASN HA 54 -1.88 -47.63 -98.04
C ASN HA 54 -2.74 -47.44 -99.27
N ASN HA 55 -2.63 -48.36 -100.21
CA ASN HA 55 -3.45 -48.30 -101.41
C ASN HA 55 -4.83 -48.84 -101.11
N THR HA 56 -5.84 -48.21 -101.69
CA THR HA 56 -7.18 -48.77 -101.68
C THR HA 56 -7.64 -48.92 -103.11
N VAL HA 57 -8.78 -49.59 -103.25
CA VAL HA 57 -9.27 -49.92 -104.58
C VAL HA 57 -9.90 -48.68 -105.20
N THR HA 58 -9.89 -48.64 -106.52
CA THR HA 58 -10.46 -47.51 -107.25
C THR HA 58 -11.51 -48.03 -108.21
N PRO HA 59 -12.74 -47.57 -108.12
CA PRO HA 59 -13.75 -47.98 -109.10
C PRO HA 59 -13.48 -47.34 -110.45
N GLY HA 60 -13.03 -48.15 -111.40
CA GLY HA 60 -12.66 -47.68 -112.70
C GLY HA 60 -11.18 -47.46 -112.91
N GLY HA 61 -10.32 -48.21 -112.23
CA GLY HA 61 -8.90 -48.04 -112.43
C GLY HA 61 -8.13 -48.91 -111.47
N LYS HA 62 -6.81 -48.75 -111.52
CA LYS HA 62 -5.91 -49.48 -110.65
C LYS HA 62 -5.92 -48.85 -109.26
N PRO HA 63 -5.48 -49.57 -108.23
CA PRO HA 63 -5.51 -49.01 -106.87
C PRO HA 63 -4.61 -47.80 -106.68
N ASN HA 64 -5.24 -46.66 -106.45
CA ASN HA 64 -4.61 -45.41 -106.07
C ASN HA 64 -4.33 -45.43 -104.58
N LYS HA 65 -4.02 -44.26 -104.04
CA LYS HA 65 -4.16 -44.07 -102.60
C LYS HA 65 -5.01 -42.86 -102.26
N THR HA 66 -5.96 -42.51 -103.10
CA THR HA 66 -6.98 -41.55 -102.74
C THR HA 66 -8.18 -42.26 -102.14
N ARG HA 67 -8.80 -41.62 -101.16
CA ARG HA 67 -9.98 -42.13 -100.49
C ARG HA 67 -11.01 -41.01 -100.46
N VAL HA 68 -12.29 -41.37 -100.43
CA VAL HA 68 -13.38 -40.42 -100.54
C VAL HA 68 -14.34 -40.67 -99.39
N ILE HA 69 -14.87 -39.61 -98.79
CA ILE HA 69 -16.03 -39.67 -97.93
C ILE HA 69 -17.14 -38.90 -98.63
N TRP HA 70 -18.23 -39.58 -98.95
CA TRP HA 70 -19.30 -39.00 -99.73
C TRP HA 70 -20.38 -38.40 -98.85
N GLY HA 71 -21.00 -37.32 -99.33
CA GLY HA 71 -22.09 -36.71 -98.61
C GLY HA 71 -23.09 -36.04 -99.53
N LYS HA 72 -24.10 -35.44 -98.92
CA LYS HA 72 -25.08 -34.62 -99.62
C LYS HA 72 -25.25 -33.27 -98.95
N VAL HA 73 -25.49 -32.25 -99.76
CA VAL HA 73 -25.95 -30.96 -99.27
C VAL HA 73 -27.43 -31.06 -98.99
N THR HA 74 -27.84 -30.82 -97.75
CA THR HA 74 -29.22 -31.03 -97.33
C THR HA 74 -30.02 -29.75 -97.23
N ARG HA 75 -29.51 -28.72 -96.58
CA ARG HA 75 -30.25 -27.47 -96.43
C ARG HA 75 -29.28 -26.31 -96.37
N ALA HA 76 -29.84 -25.11 -96.26
CA ALA HA 76 -29.05 -23.91 -96.07
C ALA HA 76 -28.84 -23.66 -94.59
N HIS HA 77 -27.82 -22.89 -94.28
CA HIS HA 77 -27.47 -22.58 -92.90
C HIS HA 77 -27.16 -21.09 -92.84
N GLY HA 78 -28.05 -20.30 -92.30
CA GLY HA 78 -27.75 -18.89 -92.10
C GLY HA 78 -28.32 -18.01 -93.18
N ASN HA 79 -27.75 -16.82 -93.31
CA ASN HA 79 -28.20 -15.88 -94.32
C ASN HA 79 -27.21 -15.60 -95.42
N SER HA 80 -26.05 -16.23 -95.42
CA SER HA 80 -25.01 -15.91 -96.39
C SER HA 80 -24.31 -17.17 -96.87
N GLY HA 81 -24.88 -17.81 -97.88
CA GLY HA 81 -24.30 -19.00 -98.44
C GLY HA 81 -24.45 -20.10 -97.44
N MET HA 82 -23.36 -20.81 -97.14
CA MET HA 82 -23.24 -21.68 -95.98
C MET HA 82 -24.31 -22.76 -95.96
N VAL HA 83 -24.14 -23.76 -96.80
CA VAL HA 83 -25.01 -24.89 -96.70
C VAL HA 83 -24.53 -25.80 -95.59
N ARG HA 84 -25.36 -26.75 -95.22
CA ARG HA 84 -24.90 -27.79 -94.35
C ARG HA 84 -25.08 -29.13 -95.03
N ALA HA 85 -24.24 -30.07 -94.65
CA ALA HA 85 -24.02 -31.27 -95.43
C ALA HA 85 -23.96 -32.48 -94.53
N LYS HA 86 -24.47 -33.58 -95.02
CA LYS HA 86 -24.61 -34.79 -94.24
C LYS HA 86 -23.73 -35.83 -94.89
N PHE HA 87 -22.72 -36.33 -94.21
CA PHE HA 87 -21.84 -37.27 -94.88
C PHE HA 87 -22.10 -38.68 -94.38
N ARG HA 88 -21.56 -39.66 -95.10
CA ARG HA 88 -21.85 -41.05 -94.81
C ARG HA 88 -21.25 -41.49 -93.50
N SER HA 89 -19.99 -41.15 -93.30
CA SER HA 89 -19.36 -41.16 -91.98
C SER HA 89 -18.87 -39.76 -91.71
N ASN HA 90 -18.78 -39.39 -90.43
CA ASN HA 90 -18.56 -38.00 -90.06
C ASN HA 90 -17.16 -37.56 -90.46
N LEU HA 91 -17.02 -36.29 -90.81
CA LEU HA 91 -15.75 -35.83 -91.31
C LEU HA 91 -14.71 -35.77 -90.21
N PRO HA 92 -13.48 -36.15 -90.48
CA PRO HA 92 -12.41 -35.95 -89.51
C PRO HA 92 -12.15 -34.47 -89.33
N ALA HA 93 -11.71 -34.11 -88.13
CA ALA HA 93 -11.47 -32.71 -87.84
C ALA HA 93 -10.21 -32.19 -88.50
N LYS HA 94 -9.40 -33.07 -89.06
CA LYS HA 94 -8.28 -32.68 -89.89
C LYS HA 94 -8.72 -31.89 -91.11
N ALA HA 95 -9.92 -32.15 -91.61
CA ALA HA 95 -10.43 -31.56 -92.83
C ALA HA 95 -10.90 -30.13 -92.68
N ILE HA 96 -10.90 -29.56 -91.48
CA ILE HA 96 -11.49 -28.24 -91.28
C ILE HA 96 -10.63 -27.18 -91.94
N GLY HA 97 -11.21 -26.49 -92.91
CA GLY HA 97 -10.48 -25.55 -93.70
C GLY HA 97 -9.84 -26.11 -94.94
N HIS HA 98 -10.18 -27.32 -95.33
CA HIS HA 98 -9.69 -27.85 -96.59
C HIS HA 98 -10.81 -27.93 -97.61
N ARG HA 99 -10.52 -28.56 -98.73
CA ARG HA 99 -11.38 -28.54 -99.89
C ARG HA 99 -12.41 -29.65 -99.81
N ILE HA 100 -13.67 -29.30 -100.05
CA ILE HA 100 -14.72 -30.27 -100.31
C ILE HA 100 -15.32 -29.99 -101.66
N ARG HA 101 -15.46 -31.03 -102.46
CA ARG HA 101 -15.98 -30.91 -103.81
C ARG HA 101 -17.50 -30.93 -103.77
N VAL HA 102 -18.15 -30.12 -104.61
CA VAL HA 102 -19.60 -30.17 -104.78
C VAL HA 102 -19.87 -30.36 -106.26
N MET HA 103 -20.74 -31.32 -106.59
CA MET HA 103 -20.45 -32.22 -107.70
C MET HA 103 -21.26 -32.02 -108.97
N LEU HA 104 -22.47 -31.42 -108.90
CA LEU HA 104 -23.47 -31.22 -109.96
C LEU HA 104 -24.30 -32.46 -110.31
N TYR HA 105 -24.08 -33.59 -109.65
CA TYR HA 105 -24.97 -34.75 -109.70
C TYR HA 105 -26.18 -34.37 -108.86
N PRO HA 106 -27.10 -35.27 -108.59
CA PRO HA 106 -28.43 -35.14 -109.18
C PRO HA 106 -28.83 -33.74 -109.61
N SER HA 107 -29.19 -33.62 -110.88
CA SER HA 107 -29.44 -32.33 -111.51
C SER HA 107 -30.90 -31.97 -111.47
N ARG HA 108 -31.17 -30.67 -111.47
CA ARG HA 108 -32.50 -30.12 -111.61
C ARG HA 108 -32.49 -29.01 -112.65
N ILE HA 109 -31.39 -28.87 -113.37
CA ILE HA 109 -31.30 -27.90 -114.43
C ILE HA 109 -31.54 -28.57 -115.77
N VAL IA 1 63.64 -45.68 -13.75
CA VAL IA 1 62.33 -45.66 -13.12
C VAL IA 1 61.36 -46.60 -13.83
N GLN IA 2 60.76 -47.48 -13.06
CA GLN IA 2 59.71 -48.32 -13.56
C GLN IA 2 58.50 -48.13 -12.69
N ARG IA 3 57.35 -48.43 -13.26
CA ARG IA 3 56.10 -48.34 -12.54
C ARG IA 3 55.64 -49.74 -12.18
N LEU IA 4 54.85 -49.82 -11.12
CA LEU IA 4 54.55 -51.06 -10.45
C LEU IA 4 53.08 -51.38 -10.52
N THR IA 5 52.77 -52.61 -10.16
CA THR IA 5 51.43 -53.13 -10.10
C THR IA 5 51.28 -53.88 -8.80
N TYR IA 6 50.05 -54.08 -8.37
CA TYR IA 6 49.80 -55.01 -7.30
C TYR IA 6 50.04 -56.43 -7.79
N ARG IA 7 50.20 -57.33 -6.84
CA ARG IA 7 50.45 -58.72 -7.16
C ARG IA 7 49.29 -59.62 -6.80
N ARG IA 8 48.28 -59.09 -6.12
CA ARG IA 8 47.09 -59.83 -5.76
C ARG IA 8 45.90 -59.14 -6.39
N ARG IA 9 44.73 -59.76 -6.31
CA ARG IA 9 43.60 -59.19 -7.02
C ARG IA 9 42.90 -58.08 -6.27
N LEU IA 10 43.14 -57.90 -4.98
CA LEU IA 10 42.64 -56.72 -4.31
C LEU IA 10 43.40 -55.52 -4.81
N SER IA 11 42.68 -54.57 -5.38
CA SER IA 11 43.28 -53.45 -6.07
C SER IA 11 42.98 -52.13 -5.42
N TYR IA 12 42.46 -52.14 -4.20
CA TYR IA 12 42.15 -50.92 -3.46
C TYR IA 12 43.14 -50.75 -2.33
N ASN IA 13 43.24 -49.53 -1.82
CA ASN IA 13 44.26 -49.20 -0.85
C ASN IA 13 43.73 -49.36 0.57
N THR IA 14 43.36 -50.57 0.92
CA THR IA 14 42.80 -50.76 2.23
C THR IA 14 43.89 -51.07 3.23
N ALA IA 15 43.49 -51.35 4.46
CA ALA IA 15 44.45 -51.68 5.50
C ALA IA 15 45.06 -53.05 5.29
N SER IA 16 44.39 -53.93 4.57
CA SER IA 16 44.88 -55.27 4.30
C SER IA 16 45.76 -55.33 3.08
N ASN IA 17 46.02 -54.21 2.45
CA ASN IA 17 46.61 -54.22 1.12
C ASN IA 17 47.76 -53.25 1.07
N LYS IA 18 48.59 -53.27 2.08
CA LYS IA 18 49.67 -52.31 2.18
C LYS IA 18 51.00 -53.00 1.94
N THR IA 19 51.92 -52.25 1.37
CA THR IA 19 53.09 -52.80 0.71
C THR IA 19 54.33 -52.01 1.07
N ARG IA 20 55.47 -52.57 0.68
CA ARG IA 20 56.73 -51.87 0.73
C ARG IA 20 57.47 -52.27 -0.54
N LEU IA 21 58.70 -51.80 -0.69
CA LEU IA 21 59.47 -52.07 -1.89
C LEU IA 21 60.67 -52.92 -1.59
N SER IA 22 61.11 -53.67 -2.59
CA SER IA 22 62.23 -54.58 -2.40
C SER IA 22 62.84 -54.85 -3.76
N ARG IA 23 64.15 -54.69 -3.86
CA ARG IA 23 64.82 -55.09 -5.08
C ARG IA 23 65.33 -56.51 -4.91
N THR IA 24 65.08 -57.33 -5.91
CA THR IA 24 65.27 -58.77 -5.85
C THR IA 24 66.64 -59.11 -6.40
N PRO IA 25 67.09 -60.36 -6.31
CA PRO IA 25 68.32 -60.73 -7.02
C PRO IA 25 68.22 -60.59 -8.51
N GLY IA 26 67.05 -60.68 -9.09
CA GLY IA 26 66.94 -60.52 -10.51
C GLY IA 26 66.67 -59.11 -10.98
N ASN IA 27 67.25 -58.12 -10.29
CA ASN IA 27 67.44 -56.75 -10.76
C ASN IA 27 66.17 -55.94 -10.91
N ARG IA 28 65.05 -56.39 -10.38
CA ARG IA 28 63.80 -55.65 -10.50
C ARG IA 28 63.31 -55.24 -9.12
N ILE IA 29 62.38 -54.30 -9.09
CA ILE IA 29 61.74 -53.85 -7.87
C ILE IA 29 60.32 -54.39 -7.87
N VAL IA 30 59.89 -55.00 -6.77
CA VAL IA 30 58.54 -55.51 -6.65
C VAL IA 30 57.97 -55.09 -5.32
N TYR IA 31 56.65 -55.25 -5.20
CA TYR IA 31 55.96 -55.07 -3.94
C TYR IA 31 56.13 -56.29 -3.05
N LEU IA 32 56.14 -56.04 -1.76
CA LEU IA 32 55.96 -57.08 -0.77
C LEU IA 32 54.88 -56.62 0.20
N TYR IA 33 53.94 -57.50 0.46
CA TYR IA 33 52.78 -57.15 1.26
C TYR IA 33 53.14 -57.21 2.73
N THR IA 34 53.13 -56.06 3.39
CA THR IA 34 53.58 -55.97 4.76
C THR IA 34 52.48 -56.44 5.69
N LYS IA 35 52.86 -57.16 6.72
CA LYS IA 35 51.92 -57.49 7.76
C LYS IA 35 51.77 -56.32 8.71
N LYS IA 36 50.59 -56.21 9.32
CA LYS IA 36 50.25 -55.07 10.16
C LYS IA 36 51.13 -55.01 11.40
N VAL IA 37 51.28 -53.82 11.94
CA VAL IA 37 52.15 -53.63 13.09
C VAL IA 37 51.46 -54.10 14.35
N GLY IA 38 52.23 -54.67 15.25
CA GLY IA 38 51.68 -55.17 16.48
C GLY IA 38 51.69 -54.13 17.57
N LYS IA 39 51.06 -54.49 18.68
CA LYS IA 39 51.07 -53.64 19.85
C LYS IA 39 51.41 -54.44 21.09
N ALA IA 40 52.20 -53.81 21.96
CA ALA IA 40 52.48 -54.34 23.28
C ALA IA 40 51.23 -54.22 24.14
N PRO IA 41 51.14 -54.96 25.24
CA PRO IA 41 49.95 -54.84 26.08
C PRO IA 41 49.90 -53.54 26.84
N LYS IA 42 48.70 -53.18 27.24
CA LYS IA 42 48.50 -52.11 28.18
C LYS IA 42 48.33 -52.68 29.56
N SER IA 43 48.51 -51.84 30.56
CA SER IA 43 48.46 -52.33 31.92
C SER IA 43 47.02 -52.51 32.36
N ALA IA 44 46.80 -53.53 33.16
CA ALA IA 44 45.48 -53.81 33.69
C ALA IA 44 45.07 -52.85 34.79
N CYS IA 45 45.97 -51.96 35.20
CA CYS IA 45 45.60 -50.88 36.11
C CYS IA 45 44.65 -49.91 35.44
N GLY IA 46 44.83 -49.70 34.14
CA GLY IA 46 43.98 -48.79 33.42
C GLY IA 46 44.33 -47.33 33.57
N VAL IA 47 45.37 -46.99 34.31
CA VAL IA 47 45.77 -45.59 34.44
C VAL IA 47 47.08 -45.28 33.76
N CYS IA 48 47.96 -46.24 33.58
CA CYS IA 48 49.22 -45.86 32.96
C CYS IA 48 49.03 -45.77 31.46
N PRO IA 49 49.45 -44.67 30.83
CA PRO IA 49 49.21 -44.53 29.40
C PRO IA 49 50.12 -45.38 28.55
N GLY IA 50 51.24 -45.81 29.08
CA GLY IA 50 52.21 -46.50 28.26
C GLY IA 50 51.95 -47.98 28.16
N ARG IA 51 52.65 -48.59 27.22
CA ARG IA 51 52.56 -50.01 27.00
C ARG IA 51 53.45 -50.73 28.00
N LEU IA 52 53.49 -52.05 27.92
CA LEU IA 52 54.27 -52.86 28.85
C LEU IA 52 55.61 -53.22 28.23
N ARG IA 53 56.68 -53.01 28.98
CA ARG IA 53 58.00 -53.34 28.49
C ARG IA 53 58.22 -54.84 28.62
N GLY IA 54 59.16 -55.35 27.85
CA GLY IA 54 59.54 -56.74 27.98
C GLY IA 54 58.70 -57.73 27.22
N VAL IA 55 57.66 -57.30 26.53
CA VAL IA 55 56.76 -58.18 25.81
C VAL IA 55 56.80 -57.81 24.34
N ARG IA 56 56.82 -58.82 23.48
CA ARG IA 56 56.82 -58.61 22.03
C ARG IA 56 55.51 -57.98 21.56
N ALA IA 57 55.63 -57.12 20.56
CA ALA IA 57 54.49 -56.37 20.00
C ALA IA 57 54.16 -56.98 18.64
N VAL IA 58 53.37 -58.05 18.64
CA VAL IA 58 52.99 -58.73 17.42
C VAL IA 58 51.48 -58.80 17.37
N ARG IA 59 50.96 -59.30 16.25
CA ARG IA 59 49.53 -59.52 16.13
C ARG IA 59 49.14 -60.72 16.98
N PRO IA 60 47.88 -60.85 17.40
CA PRO IA 60 47.57 -61.83 18.46
C PRO IA 60 47.63 -63.29 18.05
N LYS IA 61 47.66 -63.62 16.78
CA LYS IA 61 47.82 -65.04 16.46
C LYS IA 61 49.26 -65.42 16.21
N VAL IA 62 50.16 -64.45 16.03
CA VAL IA 62 51.59 -64.74 16.08
C VAL IA 62 51.97 -65.08 17.51
N LEU IA 63 51.21 -64.59 18.46
CA LEU IA 63 51.46 -64.71 19.87
C LEU IA 63 51.28 -66.12 20.37
N MET IA 64 50.64 -66.99 19.61
CA MET IA 64 50.47 -68.36 20.05
C MET IA 64 51.63 -69.26 19.65
N ARG IA 65 52.66 -68.71 19.01
CA ARG IA 65 53.81 -69.50 18.63
C ARG IA 65 55.11 -68.90 19.10
N LEU IA 66 55.07 -67.75 19.76
CA LEU IA 66 56.17 -67.34 20.58
C LEU IA 66 56.27 -68.24 21.80
N SER IA 67 57.47 -68.37 22.33
CA SER IA 67 57.65 -69.10 23.56
C SER IA 67 57.24 -68.24 24.74
N LYS IA 68 57.33 -68.80 25.93
CA LYS IA 68 56.66 -68.22 27.08
C LYS IA 68 57.37 -66.99 27.60
N THR IA 69 58.70 -66.97 27.55
CA THR IA 69 59.42 -65.84 28.12
C THR IA 69 59.34 -64.61 27.24
N LYS IA 70 58.97 -64.76 25.98
CA LYS IA 70 58.76 -63.61 25.12
C LYS IA 70 57.37 -63.04 25.26
N LYS IA 71 56.59 -63.53 26.20
CA LYS IA 71 55.24 -63.09 26.43
C LYS IA 71 55.00 -62.59 27.85
N HIS IA 72 56.00 -62.64 28.73
CA HIS IA 72 55.75 -62.20 30.10
C HIS IA 72 57.06 -61.74 30.73
N VAL IA 73 56.94 -61.12 31.88
CA VAL IA 73 58.06 -60.60 32.64
C VAL IA 73 58.11 -61.37 33.94
N SER IA 74 59.31 -61.68 34.41
CA SER IA 74 59.49 -62.49 35.62
C SER IA 74 59.23 -61.65 36.86
N ARG IA 75 57.97 -61.60 37.26
CA ARG IA 75 57.43 -60.84 38.39
C ARG IA 75 55.97 -61.19 38.48
N ALA IA 76 55.40 -61.05 39.67
CA ALA IA 76 53.96 -61.11 39.86
C ALA IA 76 53.27 -60.12 38.95
N TYR IA 77 52.23 -60.59 38.26
CA TYR IA 77 51.47 -59.86 37.25
C TYR IA 77 52.35 -59.43 36.08
N GLY IA 78 53.44 -60.14 35.84
CA GLY IA 78 54.37 -59.80 34.80
C GLY IA 78 53.79 -60.05 33.43
N GLY IA 79 53.75 -59.02 32.60
CA GLY IA 79 53.04 -59.08 31.36
C GLY IA 79 51.58 -58.79 31.47
N SER IA 80 51.09 -58.47 32.66
CA SER IA 80 49.72 -58.04 32.84
C SER IA 80 49.63 -56.63 33.41
N MET IA 81 50.40 -56.32 34.45
CA MET IA 81 50.49 -54.95 34.91
C MET IA 81 51.93 -54.49 34.89
N CYS IA 82 52.09 -53.17 34.86
CA CYS IA 82 53.38 -52.55 34.93
C CYS IA 82 53.96 -52.69 36.32
N ALA IA 83 55.26 -52.42 36.42
CA ALA IA 83 55.95 -52.55 37.70
C ALA IA 83 55.46 -51.54 38.71
N LYS IA 84 55.02 -50.37 38.24
CA LYS IA 84 54.69 -49.29 39.16
C LYS IA 84 53.38 -49.56 39.87
N CYS IA 85 52.38 -49.98 39.14
CA CYS IA 85 51.10 -50.28 39.73
C CYS IA 85 51.11 -51.60 40.49
N VAL IA 86 52.10 -52.47 40.26
CA VAL IA 86 52.30 -53.61 41.14
C VAL IA 86 52.84 -53.15 42.47
N ARG IA 87 53.75 -52.17 42.46
CA ARG IA 87 54.30 -51.66 43.71
C ARG IA 87 53.27 -50.93 44.54
N ASP IA 88 52.23 -50.39 43.93
CA ASP IA 88 51.27 -49.62 44.70
C ASP IA 88 50.24 -50.52 45.35
N ARG IA 89 49.76 -51.52 44.63
CA ARG IA 89 48.78 -52.39 45.23
C ARG IA 89 49.39 -53.44 46.13
N ILE IA 90 50.71 -53.56 46.18
CA ILE IA 90 51.31 -54.28 47.29
C ILE IA 90 51.18 -53.47 48.56
N LYS IA 91 51.54 -52.21 48.50
CA LYS IA 91 51.43 -51.44 49.72
C LYS IA 91 50.05 -50.86 49.96
N ARG IA 92 49.12 -50.92 49.01
CA ARG IA 92 47.72 -50.74 49.41
C ARG IA 92 47.26 -51.90 50.26
N ALA IA 93 47.51 -53.11 49.77
CA ALA IA 93 47.04 -54.31 50.43
C ALA IA 93 47.69 -54.48 51.77
N PHE IA 94 48.91 -54.00 51.94
CA PHE IA 94 49.49 -54.08 53.26
C PHE IA 94 48.88 -53.04 54.19
N LEU IA 95 48.78 -51.80 53.73
CA LEU IA 95 48.40 -50.73 54.63
C LEU IA 95 46.93 -50.69 54.93
N ILE IA 96 46.08 -51.22 54.06
CA ILE IA 96 44.67 -51.26 54.36
C ILE IA 96 44.37 -52.37 55.35
N GLU IA 97 45.04 -53.52 55.21
CA GLU IA 97 44.83 -54.59 56.17
C GLU IA 97 45.46 -54.26 57.51
N GLU IA 98 46.57 -53.55 57.51
CA GLU IA 98 47.16 -53.10 58.75
C GLU IA 98 46.25 -52.12 59.46
N GLN IA 99 45.58 -51.27 58.69
CA GLN IA 99 44.61 -50.35 59.25
C GLN IA 99 43.39 -51.09 59.79
N LYS IA 100 43.05 -52.21 59.18
CA LYS IA 100 41.93 -53.00 59.69
C LYS IA 100 42.27 -53.79 60.95
N ILE IA 101 43.54 -53.89 61.32
CA ILE IA 101 43.86 -54.50 62.60
C ILE IA 101 43.58 -53.53 63.75
N VAL IA 102 44.01 -52.29 63.59
CA VAL IA 102 43.87 -51.33 64.67
C VAL IA 102 42.43 -50.85 64.83
N VAL IA 103 41.60 -50.96 63.79
CA VAL IA 103 40.18 -50.69 63.97
C VAL IA 103 39.53 -51.80 64.79
N LYS IA 104 39.99 -53.04 64.59
CA LYS IA 104 39.55 -54.15 65.41
C LYS IA 104 40.03 -54.00 66.85
N VAL IA 105 41.26 -53.51 67.03
CA VAL IA 105 41.77 -53.28 68.38
C VAL IA 105 41.01 -52.14 69.05
N LEU IA 106 40.68 -51.10 68.29
CA LEU IA 106 39.94 -49.98 68.85
C LEU IA 106 38.51 -50.37 69.19
N LYS IA 107 37.92 -51.30 68.45
CA LYS IA 107 36.55 -51.71 68.74
C LYS IA 107 36.49 -52.56 70.00
N ALA IA 108 37.50 -53.41 70.23
CA ALA IA 108 37.54 -54.19 71.46
C ALA IA 108 37.77 -53.32 72.68
N GLN IA 109 38.38 -52.15 72.50
CA GLN IA 109 38.52 -51.20 73.60
C GLN IA 109 37.20 -50.57 73.99
N ALA IA 110 36.19 -50.65 73.12
CA ALA IA 110 34.81 -50.35 73.52
C ALA IA 110 34.10 -51.58 74.07
N GLN IA 111 34.76 -52.24 75.02
CA GLN IA 111 34.16 -53.27 75.86
C GLN IA 111 34.50 -52.94 77.32
N SER IA 112 34.25 -51.67 77.65
CA SER IA 112 34.53 -51.13 78.97
C SER IA 112 33.35 -50.37 79.55
N GLN IA 113 32.24 -50.28 78.82
CA GLN IA 113 31.04 -49.57 79.25
C GLN IA 113 29.88 -50.55 79.42
N LYS IA 114 28.70 -50.02 79.70
CA LYS IA 114 27.49 -50.83 79.89
C LYS IA 114 27.04 -51.48 78.58
N ALA JA 1 31.43 -111.33 -30.70
CA ALA JA 1 31.12 -112.53 -29.94
C ALA JA 1 30.59 -112.15 -28.55
N LYS JA 2 29.36 -111.66 -28.52
CA LYS JA 2 28.86 -110.93 -27.36
C LYS JA 2 28.37 -111.88 -26.28
N ILE JA 3 28.27 -111.34 -25.07
CA ILE JA 3 27.74 -112.07 -23.94
C ILE JA 3 26.23 -111.93 -23.96
N LYS JA 4 25.55 -112.88 -23.32
CA LYS JA 4 24.09 -112.89 -23.29
C LYS JA 4 23.63 -113.12 -21.86
N ALA JA 5 22.48 -112.54 -21.53
CA ALA JA 5 22.05 -112.48 -20.14
C ALA JA 5 21.56 -113.83 -19.65
N ARG JA 6 20.94 -114.61 -20.52
CA ARG JA 6 20.52 -115.94 -20.12
C ARG JA 6 21.69 -116.88 -19.92
N ASP JA 7 22.85 -116.55 -20.46
CA ASP JA 7 24.05 -117.33 -20.16
C ASP JA 7 24.61 -117.00 -18.80
N LEU JA 8 24.51 -115.74 -18.37
CA LEU JA 8 25.07 -115.30 -17.10
C LEU JA 8 24.25 -115.73 -15.89
N ARG JA 9 23.01 -116.17 -16.07
CA ARG JA 9 22.12 -116.34 -14.93
C ARG JA 9 22.31 -117.64 -14.18
N GLY JA 10 23.42 -118.35 -14.37
CA GLY JA 10 23.69 -119.48 -13.52
C GLY JA 10 24.96 -119.29 -12.74
N LYS JA 11 25.91 -118.56 -13.29
CA LYS JA 11 27.22 -118.46 -12.67
C LYS JA 11 27.19 -117.54 -11.47
N LYS JA 12 28.09 -117.81 -10.52
CA LYS JA 12 28.02 -117.24 -9.18
C LYS JA 12 28.43 -115.78 -9.18
N LYS JA 13 28.39 -115.17 -8.00
CA LYS JA 13 28.60 -113.74 -7.89
C LYS JA 13 30.07 -113.38 -8.05
N GLU JA 14 30.96 -114.24 -7.58
CA GLU JA 14 32.36 -113.88 -7.56
C GLU JA 14 33.03 -113.97 -8.93
N GLU JA 15 32.40 -114.63 -9.90
CA GLU JA 15 32.91 -114.61 -11.27
C GLU JA 15 32.08 -113.76 -12.21
N LEU JA 16 31.01 -113.14 -11.73
CA LEU JA 16 30.44 -112.06 -12.50
C LEU JA 16 31.23 -110.79 -12.29
N LEU JA 17 31.72 -110.59 -11.08
CA LEU JA 17 32.56 -109.41 -10.82
C LEU JA 17 33.92 -109.56 -11.48
N LYS JA 18 34.35 -110.79 -11.73
CA LYS JA 18 35.48 -110.99 -12.62
C LYS JA 18 35.10 -110.72 -14.07
N GLN JA 19 33.89 -111.12 -14.45
CA GLN JA 19 33.41 -110.82 -15.79
C GLN JA 19 33.18 -109.33 -15.98
N LEU JA 20 32.92 -108.61 -14.90
CA LEU JA 20 32.57 -107.20 -15.00
C LEU JA 20 33.79 -106.33 -15.21
N ASP JA 21 34.83 -106.50 -14.40
CA ASP JA 21 35.91 -105.51 -14.40
C ASP JA 21 36.78 -105.60 -15.63
N ASP JA 22 36.96 -106.78 -16.21
CA ASP JA 22 37.76 -106.85 -17.42
C ASP JA 22 37.02 -106.31 -18.63
N LEU JA 23 35.70 -106.22 -18.57
CA LEU JA 23 35.00 -105.34 -19.50
C LEU JA 23 35.35 -103.88 -19.23
N LYS JA 24 35.28 -103.46 -17.97
CA LYS JA 24 35.65 -102.09 -17.63
C LYS JA 24 37.12 -101.82 -17.82
N VAL JA 25 37.97 -102.85 -17.81
CA VAL JA 25 39.32 -102.67 -18.30
C VAL JA 25 39.32 -102.49 -19.81
N GLU JA 26 38.52 -103.29 -20.50
CA GLU JA 26 38.52 -103.25 -21.97
C GLU JA 26 37.92 -101.97 -22.49
N LEU JA 27 36.87 -101.48 -21.84
CA LEU JA 27 36.23 -100.24 -22.27
C LEU JA 27 37.17 -99.05 -22.13
N SER JA 28 37.89 -98.98 -21.01
CA SER JA 28 38.76 -97.84 -20.78
C SER JA 28 39.95 -97.84 -21.72
N GLN JA 29 40.34 -98.99 -22.23
CA GLN JA 29 41.34 -99.03 -23.29
C GLN JA 29 40.78 -98.51 -24.60
N LEU JA 30 39.50 -98.75 -24.85
CA LEU JA 30 38.89 -98.26 -26.07
C LEU JA 30 38.72 -96.76 -26.05
N ARG JA 31 38.54 -96.17 -24.88
CA ARG JA 31 38.46 -94.72 -24.81
C ARG JA 31 39.81 -94.07 -25.01
N VAL JA 32 40.90 -94.82 -24.81
CA VAL JA 32 42.22 -94.30 -25.14
C VAL JA 32 42.39 -94.27 -26.66
N ALA JA 33 41.88 -95.27 -27.35
CA ALA JA 33 41.94 -95.26 -28.80
C ALA JA 33 41.05 -94.20 -29.42
N LYS JA 34 40.04 -93.75 -28.69
CA LYS JA 34 39.18 -92.70 -29.18
C LYS JA 34 39.91 -91.36 -29.28
N VAL JA 35 40.90 -91.13 -28.43
CA VAL JA 35 41.60 -89.86 -28.43
C VAL JA 35 42.98 -89.93 -29.04
N THR JA 36 43.49 -91.13 -29.32
CA THR JA 36 44.74 -91.27 -30.07
C THR JA 36 44.49 -91.63 -31.53
N GLY JA 37 43.42 -91.13 -32.12
CA GLY JA 37 43.14 -91.48 -33.49
C GLY JA 37 42.51 -92.85 -33.61
N GLY JA 38 43.31 -93.89 -33.41
CA GLY JA 38 42.74 -95.22 -33.28
C GLY JA 38 42.39 -95.82 -34.62
N ALA JA 39 41.18 -96.34 -34.73
CA ALA JA 39 40.71 -96.97 -35.96
C ALA JA 39 39.20 -97.01 -35.90
N ALA JA 40 38.59 -97.20 -37.07
CA ALA JA 40 37.14 -97.30 -37.11
C ALA JA 40 36.65 -98.57 -36.44
N SER JA 41 37.41 -99.65 -36.55
CA SER JA 41 37.01 -100.93 -36.01
C SER JA 41 37.17 -101.01 -34.50
N LYS JA 42 37.74 -99.99 -33.87
CA LYS JA 42 37.81 -99.93 -32.43
C LYS JA 42 36.91 -98.86 -31.85
N LEU JA 43 36.52 -97.86 -32.63
CA LEU JA 43 35.60 -96.86 -32.12
C LEU JA 43 34.21 -97.42 -31.95
N SER JA 44 33.83 -98.42 -32.74
CA SER JA 44 32.47 -98.92 -32.65
C SER JA 44 32.38 -100.21 -31.84
N LYS JA 45 33.43 -100.59 -31.14
CA LYS JA 45 33.28 -101.57 -30.08
C LYS JA 45 32.95 -100.91 -28.76
N ILE JA 46 32.89 -99.58 -28.72
CA ILE JA 46 32.58 -98.90 -27.49
C ILE JA 46 31.12 -99.11 -27.12
N ARG JA 47 30.22 -99.02 -28.11
CA ARG JA 47 28.81 -99.31 -27.85
C ARG JA 47 28.59 -100.76 -27.50
N VAL JA 48 29.41 -101.66 -28.05
CA VAL JA 48 29.25 -103.07 -27.75
C VAL JA 48 29.65 -103.37 -26.32
N VAL JA 49 30.78 -102.82 -25.87
CA VAL JA 49 31.24 -103.15 -24.52
C VAL JA 49 30.42 -102.39 -23.48
N ARG JA 50 29.94 -101.19 -23.79
CA ARG JA 50 29.08 -100.48 -22.86
C ARG JA 50 27.75 -101.15 -22.63
N LYS JA 51 27.27 -101.94 -23.58
CA LYS JA 51 26.07 -102.70 -23.30
C LYS JA 51 26.36 -104.05 -22.68
N SER JA 52 27.61 -104.50 -22.72
CA SER JA 52 27.97 -105.69 -21.99
C SER JA 52 28.19 -105.39 -20.53
N ILE JA 53 28.64 -104.18 -20.23
CA ILE JA 53 28.72 -103.74 -18.85
C ILE JA 53 27.34 -103.61 -18.26
N ALA JA 54 26.42 -103.06 -19.04
CA ALA JA 54 25.04 -102.91 -18.57
C ALA JA 54 24.36 -104.25 -18.42
N ARG JA 55 24.74 -105.23 -19.22
CA ARG JA 55 24.04 -106.51 -19.20
C ARG JA 55 24.52 -107.37 -18.06
N VAL JA 56 25.75 -107.19 -17.62
CA VAL JA 56 26.23 -107.89 -16.44
C VAL JA 56 25.63 -107.28 -15.19
N LEU JA 57 25.61 -105.95 -15.11
CA LEU JA 57 25.12 -105.27 -13.92
C LEU JA 57 23.64 -105.45 -13.69
N THR JA 58 22.87 -105.72 -14.74
CA THR JA 58 21.47 -106.04 -14.54
C THR JA 58 21.32 -107.39 -13.87
N VAL JA 59 22.03 -108.40 -14.37
CA VAL JA 59 21.97 -109.74 -13.80
C VAL JA 59 22.53 -109.76 -12.38
N ILE JA 60 23.56 -108.96 -12.11
CA ILE JA 60 24.02 -108.81 -10.74
C ILE JA 60 22.93 -108.20 -9.87
N ASN JA 61 22.30 -107.13 -10.35
CA ASN JA 61 21.32 -106.46 -9.53
C ASN JA 61 20.02 -107.24 -9.44
N GLN JA 62 19.72 -108.07 -10.44
CA GLN JA 62 18.51 -108.86 -10.34
C GLN JA 62 18.70 -110.07 -9.45
N THR JA 63 19.89 -110.66 -9.43
CA THR JA 63 20.11 -111.81 -8.55
C THR JA 63 20.13 -111.37 -7.11
N GLN JA 64 20.71 -110.20 -6.84
CA GLN JA 64 20.74 -109.66 -5.49
C GLN JA 64 19.36 -109.32 -5.00
N LYS JA 65 18.53 -108.72 -5.84
CA LYS JA 65 17.20 -108.30 -5.43
C LYS JA 65 16.29 -109.51 -5.25
N GLU JA 66 16.49 -110.55 -6.06
CA GLU JA 66 15.67 -111.74 -5.91
C GLU JA 66 16.03 -112.52 -4.66
N ASN JA 67 17.29 -112.44 -4.23
CA ASN JA 67 17.65 -113.09 -2.98
C ASN JA 67 17.01 -112.41 -1.79
N LEU JA 68 16.97 -111.08 -1.81
CA LEU JA 68 16.32 -110.32 -0.76
C LEU JA 68 14.82 -110.53 -0.73
N ARG JA 69 14.18 -110.72 -1.89
CA ARG JA 69 12.76 -111.05 -1.91
C ARG JA 69 12.49 -112.39 -1.26
N LYS JA 70 13.42 -113.32 -1.38
CA LYS JA 70 13.30 -114.63 -0.76
C LYS JA 70 13.61 -114.55 0.72
N PHE JA 71 14.52 -113.68 1.11
CA PHE JA 71 14.92 -113.57 2.52
C PHE JA 71 13.78 -113.04 3.38
N TYR JA 72 13.01 -112.08 2.85
CA TYR JA 72 11.90 -111.49 3.56
C TYR JA 72 10.58 -112.09 3.15
N LYS JA 73 10.59 -113.32 2.66
CA LYS JA 73 9.35 -113.98 2.26
C LYS JA 73 8.57 -114.36 3.49
N GLY JA 74 7.68 -113.47 3.92
CA GLY JA 74 6.84 -113.77 5.07
C GLY JA 74 7.24 -113.17 6.38
N LYS JA 75 8.28 -112.34 6.43
CA LYS JA 75 8.57 -111.64 7.66
C LYS JA 75 7.57 -110.51 7.85
N LYS JA 76 7.51 -110.01 9.09
CA LYS JA 76 6.50 -109.04 9.45
C LYS JA 76 6.73 -107.69 8.80
N TYR JA 77 7.98 -107.24 8.77
CA TYR JA 77 8.33 -105.94 8.23
C TYR JA 77 9.31 -106.12 7.10
N LYS JA 78 9.13 -105.37 6.03
CA LYS JA 78 10.01 -105.45 4.89
C LYS JA 78 10.66 -104.11 4.65
N PRO JA 79 11.78 -104.07 3.93
CA PRO JA 79 12.26 -102.81 3.39
C PRO JA 79 11.24 -102.15 2.48
N LEU JA 80 11.33 -100.82 2.38
CA LEU JA 80 10.35 -100.07 1.61
C LEU JA 80 10.51 -100.29 0.13
N ASP JA 81 11.71 -100.61 -0.33
CA ASP JA 81 11.87 -100.89 -1.75
C ASP JA 81 11.53 -102.32 -2.12
N LEU JA 82 11.16 -103.17 -1.17
CA LEU JA 82 10.68 -104.50 -1.51
C LEU JA 82 9.16 -104.57 -1.53
N ARG JA 83 8.52 -103.81 -0.66
CA ARG JA 83 7.08 -103.87 -0.57
C ARG JA 83 6.47 -103.09 -1.74
N PRO JA 84 5.27 -103.47 -2.20
CA PRO JA 84 4.84 -103.05 -3.54
C PRO JA 84 4.54 -101.57 -3.65
N LYS JA 85 4.70 -101.07 -4.87
CA LYS JA 85 4.76 -99.66 -5.18
C LYS JA 85 3.39 -99.00 -5.33
N LYS JA 86 2.36 -99.77 -5.66
CA LYS JA 86 1.38 -99.44 -6.69
C LYS JA 86 1.10 -97.98 -6.97
N THR JA 87 0.64 -97.23 -5.98
CA THR JA 87 0.24 -95.83 -6.07
C THR JA 87 0.01 -95.40 -4.64
N ARG JA 88 0.47 -94.19 -4.29
CA ARG JA 88 0.37 -93.68 -2.92
C ARG JA 88 -1.04 -93.73 -2.39
N ALA JA 89 -2.00 -93.32 -3.21
CA ALA JA 89 -3.40 -93.40 -2.83
C ALA JA 89 -3.86 -94.84 -2.69
N MET JA 90 -3.41 -95.72 -3.59
CA MET JA 90 -3.77 -97.13 -3.49
C MET JA 90 -3.13 -97.81 -2.30
N ARG JA 91 -2.02 -97.32 -1.79
CA ARG JA 91 -1.48 -97.95 -0.59
C ARG JA 91 -2.21 -97.49 0.66
N ARG JA 92 -3.04 -96.47 0.57
CA ARG JA 92 -3.75 -96.01 1.75
C ARG JA 92 -5.10 -96.65 1.93
N ARG JA 93 -5.63 -97.29 0.89
CA ARG JA 93 -6.97 -97.83 0.99
C ARG JA 93 -6.99 -99.08 1.87
N LEU JA 94 -8.17 -99.37 2.40
CA LEU JA 94 -8.38 -100.51 3.27
C LEU JA 94 -8.11 -101.80 2.53
N ASN JA 95 -7.42 -102.73 3.19
CA ASN JA 95 -7.07 -103.97 2.51
C ASN JA 95 -8.28 -104.89 2.43
N LYS JA 96 -8.08 -106.07 1.87
CA LYS JA 96 -9.22 -106.90 1.46
C LYS JA 96 -9.92 -107.58 2.61
N HIS JA 97 -9.33 -107.57 3.80
CA HIS JA 97 -10.00 -108.20 4.92
C HIS JA 97 -10.89 -107.24 5.69
N GLU JA 98 -10.43 -106.02 5.92
CA GLU JA 98 -11.25 -105.07 6.64
C GLU JA 98 -12.10 -104.26 5.70
N GLU JA 99 -12.01 -104.53 4.40
CA GLU JA 99 -12.98 -103.96 3.50
C GLU JA 99 -14.34 -104.62 3.66
N ASN JA 100 -14.36 -105.93 3.86
CA ASN JA 100 -15.61 -106.66 3.94
C ASN JA 100 -15.93 -107.13 5.35
N LEU JA 101 -15.35 -106.51 6.38
CA LEU JA 101 -15.86 -106.71 7.72
C LEU JA 101 -17.24 -106.10 7.82
N LYS JA 102 -18.16 -106.80 8.46
CA LYS JA 102 -19.52 -106.33 8.65
C LYS JA 102 -19.88 -106.57 10.10
N THR JA 103 -20.67 -105.66 10.67
CA THR JA 103 -21.01 -105.78 12.08
C THR JA 103 -21.97 -106.94 12.30
N LYS JA 104 -22.17 -107.28 13.58
CA LYS JA 104 -23.13 -108.33 13.89
C LYS JA 104 -24.56 -107.88 13.70
N LYS JA 105 -24.85 -106.59 13.88
CA LYS JA 105 -26.19 -106.10 13.59
C LYS JA 105 -26.44 -106.09 12.09
N GLN JA 106 -25.40 -105.92 11.31
CA GLN JA 106 -25.63 -105.94 9.88
C GLN JA 106 -25.66 -107.37 9.37
N GLN JA 107 -24.91 -108.29 9.98
CA GLN JA 107 -24.93 -109.64 9.46
C GLN JA 107 -26.02 -110.50 10.08
N ARG JA 108 -26.73 -109.99 11.08
CA ARG JA 108 -27.96 -110.67 11.50
C ARG JA 108 -29.10 -110.32 10.56
N LYS JA 109 -29.13 -109.09 10.06
CA LYS JA 109 -30.15 -108.71 9.08
C LYS JA 109 -30.04 -109.49 7.80
N GLU JA 110 -28.85 -109.91 7.42
CA GLU JA 110 -28.74 -110.56 6.13
C GLU JA 110 -28.95 -112.07 6.19
N ARG JA 111 -28.93 -112.67 7.36
CA ARG JA 111 -29.42 -114.04 7.40
C ARG JA 111 -30.91 -114.11 7.62
N LEU JA 112 -31.47 -113.15 8.34
CA LEU JA 112 -32.90 -113.17 8.59
C LEU JA 112 -33.69 -112.67 7.40
N TYR JA 113 -33.19 -111.70 6.68
CA TYR JA 113 -33.90 -111.11 5.55
C TYR JA 113 -33.00 -111.09 4.32
N PRO JA 114 -32.79 -112.24 3.68
CA PRO JA 114 -32.01 -112.22 2.44
C PRO JA 114 -32.88 -111.77 1.29
N LEU JA 115 -32.22 -111.27 0.26
CA LEU JA 115 -32.92 -110.89 -0.95
C LEU JA 115 -33.42 -112.13 -1.66
N ARG JA 116 -34.70 -112.14 -1.99
CA ARG JA 116 -35.26 -113.33 -2.57
C ARG JA 116 -35.26 -113.25 -4.08
N LYS JA 117 -35.37 -114.41 -4.69
CA LYS JA 117 -35.48 -114.56 -6.13
C LYS JA 117 -36.95 -114.75 -6.46
N TYR JA 118 -37.57 -113.76 -7.05
CA TYR JA 118 -38.98 -113.86 -7.33
C TYR JA 118 -39.25 -113.53 -8.79
N ALA JA 119 -40.50 -113.70 -9.19
CA ALA JA 119 -40.97 -113.27 -10.49
C ALA JA 119 -42.42 -112.87 -10.33
N VAL JA 120 -42.92 -112.08 -11.26
CA VAL JA 120 -44.31 -111.63 -11.23
C VAL JA 120 -44.97 -112.02 -12.54
N LYS JA 121 -45.97 -112.87 -12.48
CA LYS JA 121 -46.60 -113.33 -13.70
C LYS JA 121 -47.51 -112.26 -14.27
N ALA JA 122 -47.79 -112.37 -15.55
CA ALA JA 122 -48.60 -111.39 -16.23
C ALA JA 122 -50.03 -111.89 -16.41
N ALA KA 1 -81.52 -84.62 -4.50
CA ALA KA 1 -82.10 -84.59 -3.17
C ALA KA 1 -81.69 -83.32 -2.44
N LEU KA 2 -81.64 -83.38 -1.13
CA LEU KA 2 -81.17 -82.28 -0.31
C LEU KA 2 -79.78 -82.57 0.22
N ARG KA 3 -79.07 -81.49 0.54
CA ARG KA 3 -77.74 -81.52 1.14
C ARG KA 3 -76.76 -82.34 0.30
N TYR KA 4 -76.54 -81.85 -0.91
CA TYR KA 4 -75.47 -82.38 -1.73
C TYR KA 4 -74.12 -82.07 -1.07
N PRO KA 5 -73.17 -83.00 -1.17
CA PRO KA 5 -71.82 -82.72 -0.64
C PRO KA 5 -71.16 -81.61 -1.44
N MET KA 6 -70.83 -80.54 -0.74
CA MET KA 6 -70.59 -79.25 -1.36
C MET KA 6 -69.14 -78.85 -1.15
N ALA KA 7 -68.59 -78.09 -2.09
CA ALA KA 7 -67.17 -77.75 -2.09
C ALA KA 7 -66.87 -76.43 -1.41
N VAL KA 8 -67.87 -75.74 -0.88
CA VAL KA 8 -67.66 -74.54 -0.10
C VAL KA 8 -68.40 -74.69 1.21
N GLY KA 9 -68.17 -73.76 2.12
CA GLY KA 9 -68.97 -73.69 3.33
C GLY KA 9 -68.32 -74.37 4.52
N LEU KA 10 -69.13 -74.53 5.57
CA LEU KA 10 -68.63 -75.08 6.82
C LEU KA 10 -68.37 -76.57 6.71
N ASN KA 11 -69.35 -77.33 6.26
CA ASN KA 11 -69.18 -78.77 6.14
C ASN KA 11 -68.89 -79.03 4.68
N LYS KA 12 -67.61 -79.02 4.31
CA LYS KA 12 -67.26 -79.20 2.92
C LYS KA 12 -66.33 -80.37 2.76
N GLY KA 13 -66.15 -80.79 1.52
CA GLY KA 13 -65.24 -81.87 1.19
C GLY KA 13 -65.99 -83.13 0.76
N HIS KA 14 -65.20 -84.15 0.45
CA HIS KA 14 -65.64 -85.31 -0.31
C HIS KA 14 -66.22 -86.43 0.57
N LYS KA 15 -66.47 -86.18 1.85
CA LYS KA 15 -67.23 -87.08 2.74
C LYS KA 15 -66.58 -88.46 2.83
N VAL KA 16 -65.50 -88.53 3.52
CA VAL KA 16 -64.71 -89.75 3.58
C VAL KA 16 -64.86 -90.38 4.95
N THR KA 17 -64.58 -91.67 5.06
CA THR KA 17 -64.72 -92.40 6.32
C THR KA 17 -63.35 -92.55 6.97
N LYS KA 18 -63.13 -91.84 8.05
CA LYS KA 18 -61.81 -91.83 8.65
C LYS KA 18 -61.63 -93.03 9.55
N ASN KA 19 -60.45 -93.63 9.49
CA ASN KA 19 -60.08 -94.69 10.41
C ASN KA 19 -59.32 -94.10 11.58
N VAL KA 20 -59.52 -94.70 12.73
CA VAL KA 20 -58.80 -94.29 13.93
C VAL KA 20 -57.59 -95.19 14.06
N SER KA 21 -56.50 -94.63 14.55
CA SER KA 21 -55.26 -95.38 14.64
C SER KA 21 -54.53 -95.04 15.94
N LYS KA 22 -53.71 -95.98 16.36
CA LYS KA 22 -52.67 -95.68 17.32
C LYS KA 22 -51.76 -94.64 16.70
N PRO KA 23 -51.52 -93.51 17.37
CA PRO KA 23 -50.77 -92.41 16.74
C PRO KA 23 -49.30 -92.77 16.60
N ARG KA 24 -48.62 -91.98 15.77
CA ARG KA 24 -47.20 -92.17 15.52
C ARG KA 24 -46.43 -91.97 16.80
N HIS KA 25 -45.45 -92.84 17.04
CA HIS KA 25 -44.78 -92.81 18.31
C HIS KA 25 -43.88 -91.60 18.46
N SER KA 26 -43.55 -90.92 17.38
CA SER KA 26 -42.81 -89.68 17.52
C SER KA 26 -43.67 -88.53 18.05
N ARG KA 27 -44.96 -88.72 18.22
CA ARG KA 27 -45.78 -87.64 18.74
C ARG KA 27 -45.60 -87.41 20.23
N ARG KA 28 -44.99 -88.35 20.96
CA ARG KA 28 -44.77 -88.15 22.38
C ARG KA 28 -43.36 -87.67 22.72
N ARG KA 29 -42.70 -86.96 21.82
CA ARG KA 29 -41.41 -86.36 22.13
C ARG KA 29 -41.60 -85.30 23.18
N GLY KA 30 -40.81 -85.35 24.24
CA GLY KA 30 -40.89 -84.32 25.23
C GLY KA 30 -42.04 -84.43 26.18
N ARG KA 31 -42.70 -85.57 26.22
CA ARG KA 31 -43.65 -85.82 27.28
C ARG KA 31 -42.87 -86.26 28.50
N LEU KA 32 -43.26 -85.78 29.66
CA LEU KA 32 -42.45 -85.98 30.86
C LEU KA 32 -42.65 -87.38 31.41
N THR KA 33 -41.55 -88.07 31.61
CA THR KA 33 -41.52 -89.40 32.18
C THR KA 33 -41.29 -89.27 33.69
N LYS KA 34 -41.67 -90.31 34.42
CA LYS KA 34 -41.41 -90.38 35.87
C LYS KA 34 -39.94 -90.29 36.21
N HIS KA 35 -39.10 -91.01 35.48
CA HIS KA 35 -37.69 -91.07 35.83
C HIS KA 35 -36.99 -89.77 35.51
N THR KA 36 -37.27 -89.18 34.35
CA THR KA 36 -36.66 -87.92 34.02
C THR KA 36 -37.25 -86.75 34.79
N LYS KA 37 -38.42 -86.92 35.41
CA LYS KA 37 -38.88 -85.94 36.37
C LYS KA 37 -38.03 -85.99 37.63
N PHE KA 38 -37.63 -87.19 38.02
CA PHE KA 38 -36.83 -87.36 39.22
C PHE KA 38 -35.42 -86.82 39.03
N VAL KA 39 -34.90 -86.88 37.82
CA VAL KA 39 -33.56 -86.37 37.57
C VAL KA 39 -33.59 -84.85 37.60
N ARG KA 40 -34.64 -84.28 37.06
CA ARG KA 40 -34.69 -82.86 36.79
C ARG KA 40 -35.01 -82.04 38.04
N ASP KA 41 -35.48 -82.66 39.11
CA ASP KA 41 -35.61 -81.94 40.37
C ASP KA 41 -34.57 -82.34 41.41
N MET KA 42 -33.81 -83.40 41.19
CA MET KA 42 -32.58 -83.55 41.94
C MET KA 42 -31.57 -82.50 41.54
N ILE KA 43 -31.57 -82.10 40.29
CA ILE KA 43 -30.63 -81.09 39.82
C ILE KA 43 -31.00 -79.74 40.37
N ARG KA 44 -32.28 -79.45 40.50
CA ARG KA 44 -32.68 -78.12 40.94
C ARG KA 44 -32.40 -77.91 42.41
N GLU KA 45 -32.61 -78.93 43.23
CA GLU KA 45 -32.30 -78.78 44.63
C GLU KA 45 -30.79 -78.76 44.89
N VAL KA 46 -29.98 -79.24 43.93
CA VAL KA 46 -28.54 -79.21 44.11
C VAL KA 46 -27.89 -78.04 43.37
N CYS KA 47 -28.57 -77.43 42.41
CA CYS KA 47 -28.00 -76.28 41.73
C CYS KA 47 -28.67 -74.97 42.11
N GLY KA 48 -29.95 -74.97 42.46
CA GLY KA 48 -30.61 -73.75 42.86
C GLY KA 48 -31.39 -73.07 41.75
N PHE KA 49 -31.29 -71.75 41.65
CA PHE KA 49 -32.00 -70.98 40.65
C PHE KA 49 -31.09 -69.95 40.03
N ALA KA 50 -31.43 -69.56 38.81
CA ALA KA 50 -30.68 -68.54 38.10
C ALA KA 50 -31.00 -67.16 38.68
N PRO KA 51 -30.09 -66.20 38.58
CA PRO KA 51 -30.35 -64.89 39.22
C PRO KA 51 -31.46 -64.08 38.59
N TYR KA 52 -31.96 -64.42 37.40
CA TYR KA 52 -33.15 -63.74 36.95
C TYR KA 52 -34.38 -64.42 37.55
N GLU KA 53 -34.31 -65.72 37.75
CA GLU KA 53 -35.42 -66.43 38.38
C GLU KA 53 -35.52 -66.05 39.84
N ARG KA 54 -34.37 -65.90 40.49
CA ARG KA 54 -34.34 -65.56 41.91
C ARG KA 54 -34.79 -64.13 42.13
N ARG KA 55 -34.64 -63.28 41.12
CA ARG KA 55 -35.14 -61.92 41.17
C ARG KA 55 -36.62 -61.85 40.80
N ALA KA 56 -37.05 -62.67 39.85
CA ALA KA 56 -38.44 -62.69 39.47
C ALA KA 56 -39.32 -63.26 40.57
N MET KA 57 -38.79 -64.18 41.37
CA MET KA 57 -39.57 -64.67 42.49
C MET KA 57 -39.75 -63.60 43.56
N GLU KA 58 -38.84 -62.64 43.64
CA GLU KA 58 -39.00 -61.56 44.60
C GLU KA 58 -40.09 -60.59 44.19
N LEU KA 59 -40.29 -60.38 42.90
CA LEU KA 59 -41.42 -59.59 42.45
C LEU KA 59 -42.73 -60.31 42.61
N LEU KA 60 -42.69 -61.64 42.68
CA LEU KA 60 -43.90 -62.41 42.90
C LEU KA 60 -44.24 -62.55 44.38
N LYS KA 61 -43.32 -62.24 45.28
CA LYS KA 61 -43.66 -62.22 46.69
C LYS KA 61 -44.50 -61.02 47.04
N VAL KA 62 -44.26 -59.89 46.39
CA VAL KA 62 -44.96 -58.66 46.70
C VAL KA 62 -46.18 -58.48 45.80
N SER KA 63 -46.63 -59.56 45.16
CA SER KA 63 -47.82 -59.60 44.29
C SER KA 63 -47.69 -58.65 43.11
N LYS KA 64 -46.46 -58.37 42.71
CA LYS KA 64 -46.18 -57.49 41.58
C LYS KA 64 -45.93 -58.40 40.38
N ASP KA 65 -47.02 -58.89 39.80
CA ASP KA 65 -46.90 -59.96 38.82
C ASP KA 65 -47.04 -59.50 37.38
N LYS KA 66 -47.52 -58.29 37.14
CA LYS KA 66 -47.42 -57.75 35.80
C LYS KA 66 -45.99 -57.37 35.49
N ARG KA 67 -45.31 -56.77 36.47
CA ARG KA 67 -43.92 -56.41 36.28
C ARG KA 67 -43.05 -57.65 36.23
N ALA KA 68 -43.39 -58.68 37.00
CA ALA KA 68 -42.65 -59.92 36.90
C ALA KA 68 -42.91 -60.62 35.58
N LEU KA 69 -44.07 -60.44 34.98
CA LEU KA 69 -44.29 -61.00 33.65
C LEU KA 69 -43.50 -60.23 32.61
N LYS KA 70 -43.42 -58.91 32.75
CA LYS KA 70 -42.65 -58.13 31.79
C LYS KA 70 -41.16 -58.38 31.94
N PHE KA 71 -40.71 -58.66 33.16
CA PHE KA 71 -39.29 -58.89 33.39
C PHE KA 71 -38.84 -60.22 32.81
N ILE KA 72 -39.66 -61.26 33.01
CA ILE KA 72 -39.35 -62.57 32.45
C ILE KA 72 -39.43 -62.54 30.94
N LYS KA 73 -40.39 -61.79 30.40
CA LYS KA 73 -40.53 -61.66 28.96
C LYS KA 73 -39.34 -60.93 28.35
N LYS KA 74 -38.74 -60.01 29.10
CA LYS KA 74 -37.54 -59.35 28.64
C LYS KA 74 -36.34 -60.28 28.64
N ARG KA 75 -36.34 -61.29 29.50
CA ARG KA 75 -35.14 -62.10 29.55
C ARG KA 75 -35.23 -63.43 28.81
N VAL KA 76 -36.37 -64.09 28.73
CA VAL KA 76 -36.44 -65.28 27.88
C VAL KA 76 -36.96 -64.98 26.48
N GLY KA 77 -37.73 -63.92 26.30
CA GLY KA 77 -37.99 -63.47 24.95
C GLY KA 77 -39.41 -63.51 24.44
N THR KA 78 -40.16 -64.53 24.80
CA THR KA 78 -41.46 -64.77 24.23
C THR KA 78 -42.52 -64.66 25.31
N HIS KA 79 -43.72 -64.22 24.94
CA HIS KA 79 -44.80 -64.13 25.91
C HIS KA 79 -45.23 -65.49 26.41
N ILE KA 80 -45.19 -66.54 25.58
CA ILE KA 80 -45.66 -67.83 26.06
C ILE KA 80 -44.58 -68.60 26.77
N ARG KA 81 -43.32 -68.27 26.56
CA ARG KA 81 -42.31 -68.85 27.40
C ARG KA 81 -42.24 -68.16 28.75
N ALA KA 82 -42.72 -66.93 28.82
CA ALA KA 82 -42.66 -66.19 30.06
C ALA KA 82 -43.80 -66.57 30.98
N LYS KA 83 -44.98 -66.76 30.44
CA LYS KA 83 -46.12 -67.04 31.30
C LYS KA 83 -46.24 -68.50 31.67
N ARG KA 84 -45.36 -69.36 31.17
CA ARG KA 84 -45.23 -70.66 31.81
C ARG KA 84 -43.99 -70.75 32.67
N LYS KA 85 -43.06 -69.83 32.49
CA LYS KA 85 -41.98 -69.66 33.44
C LYS KA 85 -42.51 -69.08 34.73
N ARG KA 86 -43.48 -68.17 34.63
CA ARG KA 86 -44.00 -67.51 35.82
C ARG KA 86 -44.81 -68.46 36.67
N GLU KA 87 -45.68 -69.26 36.05
CA GLU KA 87 -46.48 -70.18 36.84
C GLU KA 87 -45.67 -71.36 37.33
N GLU KA 88 -44.53 -71.61 36.73
CA GLU KA 88 -43.57 -72.53 37.33
C GLU KA 88 -42.97 -71.94 38.59
N LEU KA 89 -42.57 -70.67 38.54
CA LEU KA 89 -41.99 -70.02 39.70
C LEU KA 89 -43.02 -69.77 40.77
N SER KA 90 -44.27 -69.57 40.39
CA SER KA 90 -45.32 -69.39 41.38
C SER KA 90 -45.61 -70.68 42.11
N ASN KA 91 -45.45 -71.82 41.45
CA ASN KA 91 -45.56 -73.10 42.14
C ASN KA 91 -44.37 -73.36 43.03
N VAL KA 92 -43.25 -72.69 42.81
CA VAL KA 92 -42.14 -72.78 43.75
C VAL KA 92 -42.46 -71.99 45.00
N LEU KA 93 -43.03 -70.79 44.84
CA LEU KA 93 -43.36 -69.99 46.00
C LEU KA 93 -44.56 -70.53 46.75
N ALA KA 94 -45.52 -71.11 46.04
CA ALA KA 94 -46.65 -71.73 46.72
C ALA KA 94 -46.23 -72.97 47.47
N ALA KA 95 -45.22 -73.67 46.99
CA ALA KA 95 -44.73 -74.84 47.71
C ALA KA 95 -43.87 -74.45 48.88
N MET KA 96 -43.09 -73.39 48.74
CA MET KA 96 -42.17 -73.00 49.79
C MET KA 96 -42.88 -72.27 50.91
N ARG KA 97 -43.98 -71.60 50.59
CA ARG KA 97 -44.82 -71.02 51.62
C ARG KA 97 -45.50 -72.09 52.45
N LYS KA 98 -45.94 -73.16 51.78
CA LYS KA 98 -46.62 -74.25 52.48
C LYS KA 98 -45.64 -75.08 53.29
N ALA KA 99 -44.43 -75.31 52.76
CA ALA KA 99 -43.46 -76.12 53.48
C ALA KA 99 -42.87 -75.40 54.68
N ALA KA 100 -42.94 -74.07 54.72
CA ALA KA 100 -42.43 -73.31 55.85
C ALA KA 100 -43.53 -72.94 56.84
N ALA KA 101 -44.79 -73.25 56.54
CA ALA KA 101 -45.85 -73.04 57.51
C ALA KA 101 -45.89 -74.16 58.54
N LYS KA 102 -45.18 -75.26 58.30
CA LYS KA 102 -45.16 -76.38 59.22
C LYS KA 102 -43.83 -76.45 59.97
N THR LA 1 22.44 -37.62 -16.64
CA THR LA 1 21.06 -37.41 -17.02
C THR LA 1 20.33 -38.72 -17.09
N LYS LA 2 19.01 -38.63 -17.23
CA LYS LA 2 18.15 -39.78 -17.01
C LYS LA 2 18.24 -40.80 -18.12
N GLY LA 3 18.78 -40.42 -19.26
CA GLY LA 3 18.84 -41.33 -20.37
C GLY LA 3 20.12 -42.09 -20.51
N THR LA 4 20.87 -41.81 -21.58
CA THR LA 4 21.95 -42.68 -22.04
C THR LA 4 23.11 -42.71 -21.07
N SER LA 5 23.40 -41.59 -20.42
CA SER LA 5 24.55 -41.56 -19.54
C SER LA 5 24.31 -42.36 -18.27
N SER LA 6 23.07 -42.53 -17.85
CA SER LA 6 22.81 -43.31 -16.66
C SER LA 6 22.53 -44.76 -16.94
N PHE LA 7 22.49 -45.17 -18.20
CA PHE LA 7 22.55 -46.60 -18.47
C PHE LA 7 23.95 -47.15 -18.28
N GLY LA 8 24.96 -46.30 -18.20
CA GLY LA 8 26.29 -46.80 -18.03
C GLY LA 8 26.60 -47.29 -16.64
N LYS LA 9 25.79 -46.92 -15.67
CA LYS LA 9 26.09 -47.23 -14.29
C LYS LA 9 25.49 -48.54 -13.85
N ARG LA 10 24.99 -49.33 -14.77
CA ARG LA 10 24.24 -50.54 -14.46
CA ARG LA 10 24.24 -50.54 -14.45
C ARG LA 10 25.18 -51.74 -14.43
N ARG LA 11 25.61 -52.13 -13.24
CA ARG LA 11 26.52 -53.26 -13.12
C ARG LA 11 26.27 -54.08 -11.86
N ASN LA 12 25.06 -54.16 -11.36
CA ASN LA 12 24.78 -54.92 -10.13
C ASN LA 12 23.54 -55.74 -10.34
N LYS LA 13 23.66 -57.06 -10.20
CA LYS LA 13 22.51 -57.91 -10.48
C LYS LA 13 21.46 -57.80 -9.38
N THR LA 14 20.21 -57.69 -9.78
CA THR LA 14 19.06 -57.86 -8.90
C THR LA 14 18.63 -59.31 -8.81
N HIS LA 15 18.61 -60.03 -9.93
CA HIS LA 15 18.09 -61.38 -9.97
C HIS LA 15 19.19 -62.35 -10.38
N THR LA 16 19.21 -63.52 -9.76
CA THR LA 16 20.05 -64.62 -10.19
C THR LA 16 19.17 -65.85 -10.42
N LEU LA 17 19.78 -66.97 -10.77
CA LEU LA 17 19.04 -68.18 -11.05
C LEU LA 17 18.45 -68.78 -9.79
N CYS LA 18 17.23 -69.29 -9.89
CA CYS LA 18 16.60 -69.88 -8.72
C CYS LA 18 16.88 -71.37 -8.72
N ARG LA 19 16.93 -71.96 -7.53
CA ARG LA 19 17.23 -73.38 -7.44
C ARG LA 19 16.03 -74.21 -7.84
N ARG LA 20 14.84 -73.77 -7.46
CA ARG LA 20 13.59 -74.33 -7.92
C ARG LA 20 13.14 -73.50 -9.11
N CYS LA 21 12.87 -74.14 -10.23
CA CYS LA 21 12.30 -73.63 -11.51
C CYS LA 21 13.32 -72.91 -12.37
N GLY LA 22 14.50 -72.64 -11.84
CA GLY LA 22 15.66 -72.30 -12.64
C GLY LA 22 15.64 -71.00 -13.42
N SER LA 23 14.65 -70.16 -13.26
CA SER LA 23 14.66 -68.95 -14.06
C SER LA 23 15.51 -67.89 -13.38
N LYS LA 24 15.88 -66.87 -14.14
CA LYS LA 24 16.71 -65.81 -13.55
C LYS LA 24 15.76 -64.76 -12.98
N ALA LA 25 15.11 -65.13 -11.90
CA ALA LA 25 14.17 -64.22 -11.27
C ALA LA 25 14.26 -64.28 -9.76
N TYR LA 26 15.35 -64.76 -9.21
CA TYR LA 26 15.49 -64.91 -7.78
C TYR LA 26 16.17 -63.67 -7.22
N HIS LA 27 15.47 -62.93 -6.41
CA HIS LA 27 15.89 -61.61 -5.98
C HIS LA 27 16.89 -61.76 -4.86
N LEU LA 28 18.07 -61.18 -5.02
CA LEU LA 28 19.17 -61.45 -4.09
C LEU LA 28 18.96 -60.81 -2.73
N GLN LA 29 18.40 -59.61 -2.68
CA GLN LA 29 18.28 -58.97 -1.37
C GLN LA 29 17.05 -59.45 -0.64
N LYS LA 30 15.98 -59.75 -1.36
CA LYS LA 30 14.75 -60.23 -0.75
C LYS LA 30 14.78 -61.71 -0.45
N SER LA 31 15.66 -62.45 -1.14
CA SER LA 31 15.81 -63.90 -1.03
C SER LA 31 14.53 -64.65 -1.39
N THR LA 32 13.73 -64.11 -2.29
CA THR LA 32 12.55 -64.80 -2.80
C THR LA 32 12.58 -64.81 -4.31
N CYS LA 33 12.21 -65.94 -4.92
CA CYS LA 33 12.11 -66.00 -6.36
C CYS LA 33 10.93 -65.16 -6.81
N GLY LA 34 11.12 -64.45 -7.92
CA GLY LA 34 10.04 -63.68 -8.46
C GLY LA 34 9.06 -64.49 -9.26
N LYS LA 35 9.51 -65.54 -9.90
CA LYS LA 35 8.62 -66.34 -10.72
C LYS LA 35 7.94 -67.46 -9.95
N CYS LA 36 8.65 -68.25 -9.17
CA CYS LA 36 8.01 -69.40 -8.55
C CYS LA 36 7.71 -69.18 -7.08
N GLY LA 37 8.22 -68.14 -6.46
CA GLY LA 37 7.93 -67.92 -5.06
C GLY LA 37 8.82 -68.67 -4.11
N TYR LA 38 10.05 -68.92 -4.48
CA TYR LA 38 10.88 -69.78 -3.67
C TYR LA 38 11.73 -69.05 -2.65
N PRO LA 39 11.30 -68.92 -1.45
CA PRO LA 39 11.80 -69.81 -0.41
C PRO LA 39 10.63 -70.67 0.02
N ALA LA 40 9.44 -70.32 -0.45
CA ALA LA 40 8.19 -70.74 0.15
C ALA LA 40 7.73 -72.04 -0.43
N LYS LA 41 6.83 -72.70 0.29
CA LYS LA 41 6.50 -74.08 0.00
C LYS LA 41 5.58 -74.18 -1.21
N ARG LA 42 4.47 -73.47 -1.19
CA ARG LA 42 3.52 -73.54 -2.27
C ARG LA 42 4.01 -72.73 -3.46
N LYS LA 43 3.90 -73.33 -4.63
CA LYS LA 43 4.36 -72.75 -5.87
C LYS LA 43 3.47 -71.58 -6.31
N ARG LA 44 4.09 -70.46 -6.69
CA ARG LA 44 3.39 -69.25 -7.13
C ARG LA 44 2.67 -69.48 -8.44
N LYS LA 45 1.43 -69.01 -8.50
CA LYS LA 45 0.50 -69.43 -9.52
C LYS LA 45 -0.69 -68.52 -9.41
N TYR LA 46 -1.12 -67.94 -10.52
CA TYR LA 46 -2.20 -66.98 -10.48
C TYR LA 46 -3.10 -67.17 -11.69
N ASN LA 47 -4.39 -66.97 -11.49
CA ASN LA 47 -5.34 -67.12 -12.57
C ASN LA 47 -5.44 -65.89 -13.43
N TRP LA 48 -4.84 -64.78 -13.04
CA TRP LA 48 -4.81 -63.62 -13.91
C TRP LA 48 -3.74 -63.72 -14.98
N SER LA 49 -2.95 -64.77 -15.02
CA SER LA 49 -2.06 -65.01 -16.14
C SER LA 49 -2.37 -66.41 -16.64
N ALA LA 50 -3.28 -66.53 -17.60
CA ALA LA 50 -3.50 -67.83 -18.20
C ALA LA 50 -2.31 -68.27 -19.02
N LYS LA 51 -1.58 -67.32 -19.60
CA LYS LA 51 -0.43 -67.67 -20.41
C LYS LA 51 0.74 -68.10 -19.59
N ALA LA 52 0.90 -67.56 -18.39
CA ALA LA 52 2.01 -67.99 -17.56
C ALA LA 52 1.72 -69.32 -16.89
N LYS LA 53 0.46 -69.73 -16.82
CA LYS LA 53 0.18 -71.04 -16.27
C LYS LA 53 0.55 -72.14 -17.25
N ARG LA 54 0.31 -71.94 -18.55
CA ARG LA 54 0.63 -73.00 -19.47
C ARG LA 54 2.07 -73.00 -19.92
N ARG LA 55 2.90 -72.11 -19.41
CA ARG LA 55 4.32 -72.21 -19.69
C ARG LA 55 5.04 -73.10 -18.69
N ASN LA 56 4.39 -73.48 -17.60
CA ASN LA 56 5.10 -74.16 -16.53
C ASN LA 56 4.28 -75.32 -16.01
N THR LA 57 3.15 -75.64 -16.63
CA THR LA 57 2.25 -76.61 -16.05
C THR LA 57 2.76 -78.03 -16.25
N THR LA 58 1.97 -78.99 -15.77
CA THR LA 58 2.31 -80.40 -15.90
C THR LA 58 2.10 -80.81 -17.34
N GLY LA 59 3.13 -81.33 -17.98
CA GLY LA 59 3.10 -81.62 -19.38
C GLY LA 59 4.14 -80.89 -20.16
N THR LA 60 4.66 -79.80 -19.62
CA THR LA 60 5.62 -79.00 -20.34
C THR LA 60 7.04 -79.44 -20.08
N GLY LA 61 7.24 -80.47 -19.28
CA GLY LA 61 8.58 -80.91 -19.01
C GLY LA 61 8.76 -82.35 -19.43
N ARG LA 62 9.44 -83.13 -18.63
CA ARG LA 62 9.66 -84.52 -19.00
C ARG LA 62 8.56 -85.45 -18.56
N MET LA 63 7.91 -85.17 -17.43
CA MET LA 63 7.10 -86.09 -16.64
C MET LA 63 7.73 -87.46 -16.58
N ARG LA 64 8.88 -87.52 -15.92
CA ARG LA 64 9.70 -88.72 -15.91
C ARG LA 64 9.00 -89.86 -15.19
N HIS LA 65 8.09 -89.54 -14.29
CA HIS LA 65 7.39 -90.52 -13.49
C HIS LA 65 5.94 -90.71 -13.90
N LEU LA 66 5.23 -89.64 -14.25
CA LEU LA 66 3.84 -89.77 -14.66
C LEU LA 66 3.64 -90.55 -15.93
N LYS LA 67 4.58 -90.48 -16.89
CA LYS LA 67 4.37 -91.21 -18.13
C LYS LA 67 4.52 -92.71 -17.93
N ILE LA 68 5.14 -93.12 -16.83
CA ILE LA 68 5.14 -94.52 -16.47
C ILE LA 68 3.83 -94.88 -15.81
N VAL LA 69 3.28 -93.95 -15.02
CA VAL LA 69 2.01 -94.18 -14.35
C VAL LA 69 0.89 -94.28 -15.36
N TYR LA 70 0.94 -93.43 -16.38
CA TYR LA 70 -0.05 -93.45 -17.44
C TYR LA 70 0.01 -94.74 -18.25
N ARG LA 71 1.13 -95.44 -18.21
CA ARG LA 71 1.22 -96.75 -18.84
C ARG LA 71 0.78 -97.85 -17.89
N ARG LA 72 1.21 -97.78 -16.64
CA ARG LA 72 0.88 -98.81 -15.67
C ARG LA 72 -0.59 -98.82 -15.33
N PHE LA 73 -1.30 -97.73 -15.62
CA PHE LA 73 -2.73 -97.69 -15.44
C PHE LA 73 -3.42 -98.72 -16.32
N ARG LA 74 -2.95 -98.89 -17.55
CA ARG LA 74 -3.72 -99.64 -18.52
C ARG LA 74 -3.69 -101.13 -18.28
N HIS LA 75 -2.83 -101.59 -17.38
CA HIS LA 75 -2.82 -102.98 -16.99
C HIS LA 75 -3.13 -103.13 -15.52
N GLY LA 76 -3.69 -102.09 -14.92
CA GLY LA 76 -4.17 -102.19 -13.56
C GLY LA 76 -3.10 -102.15 -12.51
N PHE LA 77 -1.98 -101.47 -12.79
CA PHE LA 77 -0.84 -101.32 -11.88
C PHE LA 77 -0.33 -102.68 -11.40
N ARG LA 78 -0.08 -103.58 -12.34
CA ARG LA 78 0.34 -104.91 -11.98
C ARG LA 78 1.79 -104.91 -11.52
N GLU LA 79 2.11 -105.87 -10.65
CA GLU LA 79 3.30 -105.76 -9.84
C GLU LA 79 3.75 -107.15 -9.39
N GLY LA 80 5.00 -107.47 -9.67
CA GLY LA 80 5.59 -108.69 -9.15
C GLY LA 80 5.40 -109.90 -10.01
N THR LA 81 5.06 -109.73 -11.27
CA THR LA 81 4.78 -110.84 -12.16
C THR LA 81 5.71 -110.78 -13.37
N THR LA 82 5.77 -111.90 -14.07
CA THR LA 82 6.72 -112.14 -15.13
C THR LA 82 5.95 -112.67 -16.33
N PRO LA 83 6.26 -112.23 -17.53
CA PRO LA 83 5.48 -112.61 -18.71
C PRO LA 83 5.70 -114.02 -19.26
N LYS LA 84 5.61 -115.05 -18.38
CA LYS LA 84 5.55 -116.46 -18.76
C LYS LA 84 6.71 -116.91 -19.64
N PRO LA 85 7.87 -117.21 -19.02
CA PRO LA 85 9.11 -117.38 -19.79
C PRO LA 85 9.05 -118.55 -20.75
N LYS LA 86 9.87 -118.45 -21.79
CA LYS LA 86 9.99 -119.53 -22.77
C LYS LA 86 10.65 -120.76 -22.17
N PRO MA 1 68.11 -71.15 6.18
CA PRO MA 1 69.54 -71.41 6.25
C PRO MA 1 70.05 -71.20 7.65
N ARG MA 2 71.08 -71.93 8.03
CA ARG MA 2 71.80 -71.68 9.26
C ARG MA 2 73.28 -71.60 8.96
N LYS MA 3 74.01 -70.93 9.83
CA LYS MA 3 75.46 -70.84 9.70
C LYS MA 3 76.08 -71.41 10.96
N ILE MA 4 76.86 -72.47 10.80
CA ILE MA 4 77.63 -73.02 11.90
C ILE MA 4 78.98 -72.33 11.92
N GLU MA 5 79.41 -71.92 13.10
CA GLU MA 5 80.70 -71.26 13.24
C GLU MA 5 81.83 -72.21 13.59
N GLU MA 6 81.53 -73.45 13.96
CA GLU MA 6 82.55 -74.34 14.47
C GLU MA 6 82.65 -75.58 13.59
N ILE MA 7 83.86 -76.11 13.46
CA ILE MA 7 84.14 -77.25 12.58
C ILE MA 7 83.63 -78.55 13.21
N LYS MA 8 83.52 -78.58 14.54
CA LYS MA 8 83.13 -79.81 15.23
C LYS MA 8 81.67 -80.15 14.96
N ASP MA 9 80.76 -79.24 15.30
CA ASP MA 9 79.34 -79.51 15.14
C ASP MA 9 78.85 -79.44 13.71
N PHE MA 10 79.72 -79.18 12.73
CA PHE MA 10 79.34 -79.50 11.37
C PHE MA 10 79.30 -80.99 11.16
N LEU MA 11 80.21 -81.71 11.81
CA LEU MA 11 80.35 -83.13 11.56
C LEU MA 11 79.20 -83.93 12.13
N LEU MA 12 78.71 -83.56 13.30
CA LEU MA 12 77.56 -84.25 13.82
C LEU MA 12 76.28 -83.82 13.13
N THR MA 13 76.27 -82.65 12.52
CA THR MA 13 75.16 -82.28 11.64
C THR MA 13 75.17 -83.14 10.39
N ALA MA 14 76.36 -83.41 9.84
CA ALA MA 14 76.46 -84.16 8.60
C ALA MA 14 76.07 -85.61 8.75
N ARG MA 15 76.14 -86.16 9.96
CA ARG MA 15 75.87 -87.57 10.15
C ARG MA 15 74.47 -87.83 10.69
N ARG MA 16 73.56 -86.87 10.60
CA ARG MA 16 72.19 -87.14 11.01
C ARG MA 16 71.48 -87.95 9.94
N LYS MA 17 70.26 -88.39 10.26
CA LYS MA 17 69.50 -89.21 9.33
C LYS MA 17 69.00 -88.38 8.15
N ASP MA 18 68.59 -87.14 8.39
CA ASP MA 18 68.00 -86.32 7.35
C ASP MA 18 69.03 -85.69 6.43
N ALA MA 19 70.31 -85.77 6.75
CA ALA MA 19 71.34 -85.19 5.90
C ALA MA 19 71.38 -85.91 4.56
N LYS MA 20 71.03 -85.19 3.51
CA LYS MA 20 70.86 -85.79 2.20
C LYS MA 20 72.07 -85.62 1.30
N SER MA 21 72.79 -84.52 1.42
CA SER MA 21 73.95 -84.29 0.58
C SER MA 21 74.83 -83.26 1.25
N VAL MA 22 76.06 -83.14 0.73
CA VAL MA 22 76.95 -82.05 1.07
C VAL MA 22 77.41 -81.42 -0.23
N LYS MA 23 77.12 -80.15 -0.41
CA LYS MA 23 77.64 -79.40 -1.53
C LYS MA 23 78.86 -78.63 -1.05
N ILE MA 24 79.95 -78.69 -1.82
CA ILE MA 24 81.16 -77.96 -1.51
C ILE MA 24 81.34 -76.91 -2.57
N LYS MA 25 81.34 -75.64 -2.17
CA LYS MA 25 81.64 -74.57 -3.10
C LYS MA 25 82.93 -73.89 -2.69
N LYS MA 26 83.85 -73.77 -3.63
CA LYS MA 26 85.14 -73.12 -3.40
C LYS MA 26 85.08 -71.72 -3.96
N ASN MA 27 85.10 -70.72 -3.09
CA ASN MA 27 85.09 -69.35 -3.56
C ASN MA 27 86.51 -68.86 -3.72
N LYS MA 28 86.66 -67.56 -3.91
CA LYS MA 28 88.00 -67.02 -4.01
C LYS MA 28 88.64 -66.90 -2.63
N ASP MA 29 87.87 -66.56 -1.61
CA ASP MA 29 88.43 -66.25 -0.31
C ASP MA 29 88.10 -67.26 0.77
N ASN MA 30 87.16 -68.17 0.51
CA ASN MA 30 86.75 -69.14 1.51
C ASN MA 30 86.21 -70.35 0.79
N VAL MA 31 85.93 -71.40 1.55
CA VAL MA 31 85.24 -72.58 1.04
C VAL MA 31 84.03 -72.82 1.93
N LYS MA 32 82.87 -72.96 1.33
CA LYS MA 32 81.63 -73.20 2.07
C LYS MA 32 81.23 -74.65 1.95
N PHE MA 33 80.96 -75.27 3.08
CA PHE MA 33 80.45 -76.63 3.14
C PHE MA 33 78.95 -76.55 3.43
N LYS MA 34 78.15 -76.76 2.41
CA LYS MA 34 76.70 -76.67 2.52
C LYS MA 34 76.13 -78.07 2.66
N VAL MA 35 75.40 -78.32 3.74
CA VAL MA 35 74.75 -79.61 3.96
C VAL MA 35 73.24 -79.41 3.99
N ARG MA 36 72.54 -80.23 3.21
CA ARG MA 36 71.09 -80.18 3.10
C ARG MA 36 70.46 -81.12 4.12
N CYS MA 37 69.57 -80.60 4.94
CA CYS MA 37 68.81 -81.45 5.84
C CYS MA 37 67.33 -81.29 5.51
N SER MA 38 66.49 -81.81 6.39
CA SER MA 38 65.05 -81.76 6.12
C SER MA 38 64.51 -80.36 6.30
N ARG MA 39 65.02 -79.63 7.27
CA ARG MA 39 64.48 -78.30 7.50
C ARG MA 39 65.42 -77.20 7.07
N TYR MA 40 66.70 -77.28 7.40
CA TYR MA 40 67.59 -76.19 7.03
C TYR MA 40 68.72 -76.65 6.12
N LEU MA 41 69.48 -75.67 5.70
CA LEU MA 41 70.66 -75.77 4.85
C LEU MA 41 71.80 -75.18 5.64
N TYR MA 42 72.12 -75.84 6.74
CA TYR MA 42 73.33 -75.65 7.51
C TYR MA 42 74.55 -75.42 6.65
N THR MA 43 75.31 -74.38 6.98
CA THR MA 43 76.46 -73.93 6.20
C THR MA 43 77.64 -73.68 7.10
N LEU MA 44 78.78 -74.29 6.80
CA LEU MA 44 80.05 -73.99 7.44
C LEU MA 44 80.97 -73.34 6.44
N VAL MA 45 81.35 -72.09 6.70
CA VAL MA 45 82.32 -71.38 5.89
C VAL MA 45 83.67 -71.45 6.56
N ILE MA 46 84.69 -71.87 5.81
CA ILE MA 46 86.02 -71.99 6.36
C ILE MA 46 86.99 -71.21 5.48
N THR MA 47 87.81 -70.40 6.11
CA THR MA 47 88.66 -69.46 5.39
C THR MA 47 90.01 -70.06 5.04
N ASP MA 48 90.60 -70.84 5.96
CA ASP MA 48 91.85 -71.53 5.69
C ASP MA 48 91.59 -72.65 4.68
N LYS MA 49 92.03 -72.46 3.45
CA LYS MA 49 91.78 -73.45 2.41
C LYS MA 49 92.59 -74.72 2.59
N GLU MA 50 93.56 -74.74 3.49
CA GLU MA 50 94.23 -75.98 3.83
C GLU MA 50 93.43 -76.83 4.79
N LYS MA 51 92.52 -76.24 5.57
CA LYS MA 51 91.66 -76.99 6.46
C LYS MA 51 90.49 -77.62 5.75
N ALA MA 52 90.13 -77.08 4.58
CA ALA MA 52 89.01 -77.61 3.83
C ALA MA 52 89.35 -78.97 3.24
N GLU MA 53 90.63 -79.22 2.98
CA GLU MA 53 91.02 -80.53 2.52
C GLU MA 53 90.92 -81.56 3.64
N LYS MA 54 91.27 -81.17 4.87
CA LYS MA 54 91.20 -82.11 5.98
C LYS MA 54 89.77 -82.38 6.42
N LEU MA 55 88.80 -81.60 5.94
CA LEU MA 55 87.43 -81.87 6.28
C LEU MA 55 86.69 -82.63 5.19
N LYS MA 56 87.18 -82.56 3.95
CA LYS MA 56 86.64 -83.46 2.92
C LYS MA 56 87.03 -84.90 3.16
N GLN MA 57 88.09 -85.14 3.92
CA GLN MA 57 88.48 -86.51 4.23
C GLN MA 57 87.65 -87.12 5.34
N SER MA 58 87.07 -86.29 6.21
CA SER MA 58 86.34 -86.78 7.38
C SER MA 58 84.86 -86.47 7.20
N LEU MA 59 84.18 -87.34 6.47
CA LEU MA 59 82.76 -87.19 6.20
C LEU MA 59 82.12 -88.56 6.30
N PRO MA 60 80.87 -88.63 6.76
CA PRO MA 60 80.17 -89.91 6.81
C PRO MA 60 79.91 -90.44 5.42
N PRO MA 61 80.33 -91.66 5.13
CA PRO MA 61 80.11 -92.23 3.79
C PRO MA 61 78.65 -92.54 3.56
N GLY MA 62 78.32 -92.74 2.29
CA GLY MA 62 76.92 -92.83 1.92
C GLY MA 62 76.22 -91.51 1.85
N LEU MA 63 76.96 -90.42 1.92
CA LEU MA 63 76.43 -89.07 1.80
C LEU MA 63 77.02 -88.46 0.54
N ALA MA 64 76.18 -87.73 -0.21
CA ALA MA 64 76.61 -87.20 -1.49
C ALA MA 64 77.62 -86.08 -1.27
N VAL MA 65 78.66 -86.04 -2.08
CA VAL MA 65 79.76 -85.11 -1.88
C VAL MA 65 79.83 -84.25 -3.13
N LYS MA 66 78.66 -83.87 -3.64
CA LYS MA 66 78.53 -82.98 -4.79
C LYS MA 66 79.41 -81.74 -4.69
N GLU MA 67 80.17 -81.47 -5.74
CA GLU MA 67 80.90 -80.22 -5.86
C GLU MA 67 80.17 -79.28 -6.81
N LEU MA 68 80.39 -77.99 -6.61
CA LEU MA 68 79.71 -76.96 -7.37
C LEU MA 68 80.62 -76.35 -8.42
N LYS MA 69 81.33 -77.20 -9.14
CA LYS MA 69 82.23 -76.74 -10.19
C LYS MA 69 81.79 -77.32 -11.54
N SER NA 1 33.25 -62.45 -14.92
CA SER NA 1 34.44 -62.03 -14.25
C SER NA 1 35.32 -63.22 -13.95
N SER NA 2 36.50 -62.98 -13.41
CA SER NA 2 37.37 -64.09 -13.07
C SER NA 2 36.89 -64.79 -11.81
N HIS NA 3 36.30 -64.05 -10.90
CA HIS NA 3 35.67 -64.62 -9.72
C HIS NA 3 34.28 -65.09 -10.09
N LYS NA 4 34.07 -66.40 -10.16
CA LYS NA 4 32.76 -66.92 -10.47
C LYS NA 4 32.45 -68.10 -9.57
N THR NA 5 31.18 -68.35 -9.33
CA THR NA 5 30.77 -69.50 -8.56
C THR NA 5 30.85 -70.75 -9.41
N PHE NA 6 30.64 -71.91 -8.80
CA PHE NA 6 30.73 -73.13 -9.58
C PHE NA 6 29.50 -73.33 -10.43
N ARG NA 7 28.34 -72.92 -9.97
CA ARG NA 7 27.18 -73.19 -10.79
C ARG NA 7 26.99 -72.18 -11.89
N ILE NA 8 27.80 -71.13 -11.95
CA ILE NA 8 27.80 -70.23 -13.10
C ILE NA 8 28.81 -70.67 -14.12
N LYS NA 9 29.95 -71.17 -13.67
CA LYS NA 9 30.95 -71.69 -14.59
C LYS NA 9 30.41 -72.89 -15.35
N ARG NA 10 29.61 -73.71 -14.69
CA ARG NA 10 29.00 -74.84 -15.37
C ARG NA 10 27.85 -74.39 -16.27
N PHE NA 11 27.18 -73.29 -15.93
CA PHE NA 11 26.20 -72.73 -16.85
C PHE NA 11 26.85 -72.19 -18.09
N LEU NA 12 28.02 -71.58 -17.96
CA LEU NA 12 28.71 -71.06 -19.13
C LEU NA 12 29.38 -72.16 -19.94
N ALA NA 13 29.56 -73.34 -19.36
CA ALA NA 13 30.14 -74.43 -20.10
C ALA NA 13 29.11 -75.06 -21.04
N LYS NA 14 27.86 -75.12 -20.60
CA LYS NA 14 26.81 -75.66 -21.46
C LYS NA 14 26.54 -74.74 -22.63
N LYS NA 15 26.64 -73.44 -22.44
CA LYS NA 15 26.23 -72.53 -23.50
C LYS NA 15 27.28 -72.38 -24.57
N GLN NA 16 28.52 -72.80 -24.33
CA GLN NA 16 29.49 -72.82 -25.41
C GLN NA 16 29.76 -74.21 -25.96
N LYS NA 17 29.11 -75.24 -25.44
CA LYS NA 17 29.14 -76.51 -26.12
C LYS NA 17 28.02 -76.66 -27.12
N GLN NA 18 26.92 -75.95 -26.92
CA GLN NA 18 25.85 -75.92 -27.89
C GLN NA 18 25.98 -74.76 -28.86
N ASN NA 19 27.12 -74.11 -28.87
CA ASN NA 19 27.35 -72.95 -29.73
C ASN NA 19 28.20 -73.35 -30.93
N ARG NA 20 27.65 -74.25 -31.72
CA ARG NA 20 28.45 -75.07 -32.59
C ARG NA 20 27.69 -75.29 -33.89
N PRO NA 21 28.36 -75.52 -35.02
CA PRO NA 21 27.64 -75.71 -36.28
C PRO NA 21 26.94 -77.06 -36.33
N ILE NA 22 26.10 -77.22 -37.34
CA ILE NA 22 25.48 -78.53 -37.54
C ILE NA 22 26.49 -79.40 -38.27
N PRO NA 23 26.55 -80.69 -37.98
CA PRO NA 23 27.43 -81.59 -38.72
C PRO NA 23 27.00 -81.71 -40.17
N GLN NA 24 27.96 -81.95 -41.04
CA GLN NA 24 27.66 -81.94 -42.45
C GLN NA 24 26.92 -83.20 -42.87
N TRP NA 25 27.09 -84.27 -42.12
CA TRP NA 25 26.38 -85.50 -42.45
C TRP NA 25 24.91 -85.48 -42.05
N ILE NA 26 24.50 -84.50 -41.25
CA ILE NA 26 23.08 -84.34 -40.91
C ILE NA 26 22.26 -84.03 -42.15
N ARG NA 27 22.80 -83.21 -43.04
CA ARG NA 27 22.08 -82.75 -44.21
C ARG NA 27 21.73 -83.84 -45.20
N MET NA 28 22.31 -85.02 -45.08
CA MET NA 28 22.04 -86.10 -46.00
C MET NA 28 21.05 -87.12 -45.45
N LYS NA 29 20.52 -86.91 -44.24
CA LYS NA 29 19.53 -87.81 -43.69
C LYS NA 29 18.22 -87.71 -44.46
N THR NA 30 17.45 -88.79 -44.39
CA THR NA 30 16.20 -88.87 -45.13
C THR NA 30 15.12 -88.12 -44.37
N GLY NA 31 14.49 -87.15 -45.04
CA GLY NA 31 13.57 -86.27 -44.37
C GLY NA 31 14.34 -85.29 -43.53
N ASN NA 32 15.12 -84.44 -44.18
CA ASN NA 32 16.10 -83.61 -43.48
C ASN NA 32 15.48 -82.36 -42.88
N LYS NA 33 14.97 -81.48 -43.75
CA LYS NA 33 14.41 -80.14 -43.53
C LYS NA 33 15.15 -79.28 -42.50
N ILE NA 34 16.47 -79.37 -42.46
CA ILE NA 34 17.27 -78.50 -41.60
C ILE NA 34 18.54 -78.14 -42.37
N ARG NA 35 18.98 -76.90 -42.26
CA ARG NA 35 20.06 -76.45 -43.12
C ARG NA 35 21.17 -75.71 -42.39
N TYR NA 36 20.87 -75.07 -41.27
CA TYR NA 36 21.91 -74.51 -40.40
C TYR NA 36 21.40 -74.51 -38.98
N ASN NA 37 22.30 -74.28 -38.03
CA ASN NA 37 21.95 -74.11 -36.63
C ASN NA 37 21.32 -72.74 -36.49
N SER NA 38 19.99 -72.70 -36.34
CA SER NA 38 19.31 -71.42 -36.32
C SER NA 38 19.42 -70.71 -35.00
N LYS NA 39 19.82 -71.38 -33.93
CA LYS NA 39 19.86 -70.76 -32.61
C LYS NA 39 21.28 -70.60 -32.10
N ARG NA 40 22.16 -70.14 -32.98
CA ARG NA 40 23.54 -69.94 -32.63
C ARG NA 40 23.73 -68.53 -32.08
N ARG NA 41 24.50 -68.43 -31.01
CA ARG NA 41 24.60 -67.22 -30.20
C ARG NA 41 25.96 -66.60 -30.45
N HIS NA 42 26.04 -65.29 -30.46
CA HIS NA 42 27.31 -64.60 -30.54
C HIS NA 42 27.55 -63.80 -29.27
N TRP NA 43 28.81 -63.77 -28.83
CA TRP NA 43 29.11 -63.09 -27.58
C TRP NA 43 28.98 -61.60 -27.68
N ARG NA 44 29.16 -61.02 -28.86
CA ARG NA 44 29.08 -59.58 -28.96
C ARG NA 44 27.66 -59.11 -29.21
N ARG NA 45 26.89 -59.80 -30.03
CA ARG NA 45 25.53 -59.34 -30.31
C ARG NA 45 24.55 -59.68 -29.18
N THR NA 46 24.26 -60.95 -29.01
CA THR NA 46 23.19 -61.36 -28.12
C THR NA 46 23.76 -61.86 -26.81
N LYS NA 47 23.45 -61.16 -25.72
CA LYS NA 47 23.98 -61.55 -24.44
C LYS NA 47 23.18 -62.70 -23.87
N LEU NA 48 23.77 -63.32 -22.86
CA LEU NA 48 23.10 -64.43 -22.22
C LEU NA 48 22.02 -63.93 -21.28
N GLY NA 49 21.21 -64.87 -20.81
CA GLY NA 49 20.30 -64.53 -19.74
C GLY NA 49 21.05 -64.14 -18.49
N LEU NA 50 22.04 -64.94 -18.12
CA LEU NA 50 22.87 -64.70 -16.97
C LEU NA 50 23.69 -63.42 -17.12
N ILE OA 1 9.37 53.65 -61.73
CA ILE OA 1 8.73 54.68 -62.53
C ILE OA 1 8.47 54.12 -63.92
N ILE OA 2 7.38 54.57 -64.55
CA ILE OA 2 6.89 53.97 -65.79
C ILE OA 2 5.99 54.99 -66.48
N GLU OA 3 5.79 54.78 -67.77
CA GLU OA 3 4.88 55.63 -68.50
C GLU OA 3 3.45 55.24 -68.17
N PRO OA 4 2.55 56.19 -67.88
CA PRO OA 4 1.18 55.81 -67.54
C PRO OA 4 0.38 55.26 -68.70
N SER OA 5 0.70 55.63 -69.93
CA SER OA 5 0.03 54.99 -71.05
C SER OA 5 0.60 53.61 -71.29
N LEU OA 6 1.89 53.42 -71.07
CA LEU OA 6 2.49 52.10 -71.16
C LEU OA 6 2.19 51.25 -69.94
N ARG OA 7 1.77 51.84 -68.83
CA ARG OA 7 1.46 51.02 -67.67
C ARG OA 7 0.19 50.22 -67.92
N GLN OA 8 -0.82 50.86 -68.49
CA GLN OA 8 -2.08 50.17 -68.74
C GLN OA 8 -2.01 49.25 -69.94
N LEU OA 9 -1.00 49.40 -70.79
CA LEU OA 9 -0.77 48.40 -71.83
C LEU OA 9 -0.38 47.07 -71.21
N ALA OA 10 0.60 47.08 -70.33
CA ALA OA 10 0.98 45.88 -69.64
C ALA OA 10 -0.04 45.43 -68.61
N GLN OA 11 -0.97 46.30 -68.23
CA GLN OA 11 -2.00 45.86 -67.30
C GLN OA 11 -3.10 45.07 -67.98
N LYS OA 12 -3.35 45.30 -69.27
CA LYS OA 12 -4.34 44.47 -69.93
C LYS OA 12 -3.83 43.08 -70.23
N TYR OA 13 -2.54 42.83 -70.10
CA TYR OA 13 -2.03 41.49 -70.30
C TYR OA 13 -1.63 40.81 -69.01
N ASN OA 14 -1.52 41.54 -67.92
CA ASN OA 14 -1.09 40.97 -66.65
C ASN OA 14 -2.10 41.08 -65.55
N CYS OA 15 -2.99 42.05 -65.60
CA CYS OA 15 -3.82 42.32 -64.43
C CYS OA 15 -5.31 42.31 -64.72
N ASP OA 16 -5.76 42.85 -65.85
CA ASP OA 16 -7.18 43.06 -66.06
C ASP OA 16 -7.83 41.77 -66.57
N LYS OA 17 -8.00 40.82 -65.64
CA LYS OA 17 -8.43 39.48 -66.01
C LYS OA 17 -9.37 38.89 -64.97
N MET OA 18 -10.03 37.81 -65.35
CA MET OA 18 -10.94 37.07 -64.48
C MET OA 18 -10.29 35.76 -64.05
N ILE OA 19 -10.62 35.31 -62.85
CA ILE OA 19 -10.07 34.10 -62.26
C ILE OA 19 -11.22 33.18 -61.92
N CYS OA 20 -11.12 31.91 -62.33
CA CYS OA 20 -12.06 30.89 -61.89
C CYS OA 20 -11.83 30.56 -60.43
N ARG OA 21 -12.92 30.30 -59.71
CA ARG OA 21 -12.77 30.00 -58.28
C ARG OA 21 -12.53 28.54 -58.03
N CYS OA 23 -10.65 26.39 -60.36
CA CYS OA 23 -9.38 25.93 -60.88
C CYS OA 23 -8.35 27.01 -61.07
N TYR OA 24 -8.61 28.21 -60.54
CA TYR OA 24 -7.68 29.33 -60.50
C TYR OA 24 -7.21 29.78 -61.87
N ALA OA 25 -7.92 29.46 -62.92
CA ALA OA 25 -7.39 29.68 -64.26
C ALA OA 25 -7.59 31.13 -64.67
N ARG OA 26 -6.54 31.71 -65.20
CA ARG OA 26 -6.56 33.10 -65.66
C ARG OA 26 -7.42 33.16 -66.92
N LEU OA 27 -8.42 34.05 -66.92
CA LEU OA 27 -9.39 34.10 -68.01
C LEU OA 27 -9.47 35.52 -68.55
N HIS OA 28 -10.10 35.67 -69.71
CA HIS OA 28 -10.25 37.00 -70.30
C HIS OA 28 -11.34 37.77 -69.54
N PRO OA 29 -11.32 39.11 -69.57
CA PRO OA 29 -12.14 39.86 -68.61
C PRO OA 29 -13.64 39.83 -68.86
N ARG OA 30 -14.11 39.56 -70.07
CA ARG OA 30 -15.54 39.51 -70.31
C ARG OA 30 -16.10 38.12 -70.16
N ALA OA 31 -15.40 37.23 -69.47
CA ALA OA 31 -15.77 35.83 -69.44
C ALA OA 31 -16.96 35.59 -68.52
N VAL OA 32 -17.83 34.68 -68.94
CA VAL OA 32 -18.91 34.19 -68.12
C VAL OA 32 -18.60 32.81 -67.58
N ASN OA 33 -18.06 31.94 -68.43
CA ASN OA 33 -17.67 30.60 -68.02
C ASN OA 33 -16.18 30.42 -68.14
N CYS OA 34 -15.67 29.37 -67.49
CA CYS OA 34 -14.28 29.01 -67.61
C CYS OA 34 -14.08 28.09 -68.80
N ARG OA 35 -12.89 28.16 -69.37
CA ARG OA 35 -12.59 27.40 -70.56
C ARG OA 35 -12.08 26.01 -70.25
N LYS OA 36 -11.73 25.73 -69.00
CA LYS OA 36 -11.15 24.46 -68.64
C LYS OA 36 -12.25 23.47 -68.32
N LYS OA 37 -12.13 22.26 -68.83
CA LYS OA 37 -13.06 21.22 -68.46
C LYS OA 37 -12.68 20.55 -67.16
N LYS OA 38 -11.53 20.90 -66.61
CA LYS OA 38 -11.13 20.48 -65.27
C LYS OA 38 -12.14 20.91 -64.22
N CYS OA 39 -12.63 22.13 -64.32
CA CYS OA 39 -13.65 22.61 -63.40
C CYS OA 39 -15.05 22.31 -63.89
N GLY OA 40 -15.21 21.92 -65.14
CA GLY OA 40 -16.51 21.67 -65.68
C GLY OA 40 -17.21 22.90 -66.19
N HIS OA 41 -16.45 23.89 -66.65
CA HIS OA 41 -16.94 25.12 -67.28
C HIS OA 41 -17.84 25.91 -66.33
N THR OA 42 -17.39 26.10 -65.10
CA THR OA 42 -18.20 26.79 -64.11
C THR OA 42 -18.37 28.25 -64.48
N ASN OA 43 -19.51 28.80 -64.09
CA ASN OA 43 -19.77 30.22 -64.23
C ASN OA 43 -19.44 30.97 -62.97
N ASN OA 44 -18.57 30.40 -62.14
CA ASN OA 44 -18.27 30.90 -60.82
C ASN OA 44 -16.90 31.55 -60.87
N LEU OA 45 -16.87 32.81 -61.29
CA LEU OA 45 -15.62 33.50 -61.56
C LEU OA 45 -15.50 34.70 -60.64
N ARG OA 46 -14.32 35.30 -60.62
CA ARG OA 46 -14.09 36.51 -59.85
C ARG OA 46 -13.04 37.33 -60.56
N PRO OA 47 -12.96 38.64 -60.31
CA PRO OA 47 -11.87 39.42 -60.91
C PRO OA 47 -10.56 39.14 -60.22
N LYS OA 48 -9.49 39.36 -60.97
CA LYS OA 48 -8.15 39.24 -60.42
C LYS OA 48 -7.89 40.40 -59.50
N LYS OA 49 -7.34 40.13 -58.32
CA LYS OA 49 -7.23 41.17 -57.30
C LYS OA 49 -6.11 42.13 -57.67
N LYS OA 50 -6.42 43.42 -57.62
CA LYS OA 50 -5.48 44.45 -58.03
C LYS OA 50 -4.74 45.02 -56.83
N VAL OA 51 -3.47 45.37 -57.07
CA VAL OA 51 -2.61 45.94 -56.03
C VAL OA 51 -3.05 47.32 -55.57
N LYS OA 52 -3.86 48.01 -56.36
CA LYS OA 52 -4.30 49.35 -56.05
C LYS OA 52 -5.24 49.38 -54.84
N MET PA 1 9.05 27.15 30.15
CA MET PA 1 9.21 25.75 29.80
C MET PA 1 10.21 25.12 30.76
N ARG PA 2 9.78 24.05 31.45
CA ARG PA 2 10.65 23.33 32.36
C ARG PA 2 11.85 22.82 31.58
N ALA PA 3 13.04 23.20 32.04
CA ALA PA 3 14.25 22.96 31.26
C ALA PA 3 14.62 21.49 31.20
N LYS PA 4 14.06 20.70 32.11
CA LYS PA 4 14.06 19.26 31.96
C LYS PA 4 13.37 18.83 30.69
N TRP PA 5 12.26 19.46 30.31
CA TRP PA 5 11.64 19.03 29.08
C TRP PA 5 12.17 19.78 27.89
N ARG PA 6 12.91 20.85 28.11
CA ARG PA 6 13.57 21.49 26.99
C ARG PA 6 14.80 20.70 26.60
N LYS PA 7 15.35 19.94 27.54
CA LYS PA 7 16.39 18.98 27.22
C LYS PA 7 15.81 17.78 26.48
N LYS PA 8 14.63 17.35 26.90
CA LYS PA 8 14.02 16.17 26.31
C LYS PA 8 13.61 16.40 24.88
N ARG PA 9 13.16 17.61 24.55
CA ARG PA 9 12.86 17.91 23.17
C ARG PA 9 14.13 18.00 22.34
N MET PA 10 15.21 18.43 22.97
CA MET PA 10 16.48 18.57 22.29
C MET PA 10 17.19 17.23 22.15
N ARG PA 11 16.77 16.21 22.90
CA ARG PA 11 17.22 14.86 22.64
C ARG PA 11 16.52 14.31 21.41
N ARG PA 12 15.19 14.39 21.40
CA ARG PA 12 14.37 13.83 20.33
C ARG PA 12 14.65 14.49 18.98
N LEU PA 13 15.06 15.75 19.00
CA LEU PA 13 15.50 16.39 17.78
C LEU PA 13 16.86 15.88 17.34
N LYS PA 14 17.74 15.57 18.29
CA LYS PA 14 19.08 15.14 17.96
C LYS PA 14 19.11 13.68 17.58
N ARG PA 15 18.28 12.88 18.23
CA ARG PA 15 17.77 11.61 17.75
C ARG PA 15 17.38 11.63 16.28
N LYS PA 16 16.61 12.63 15.87
CA LYS PA 16 16.09 12.67 14.52
C LYS PA 16 17.15 13.10 13.52
N ARG PA 17 18.08 13.93 13.94
CA ARG PA 17 19.16 14.33 13.05
C ARG PA 17 20.14 13.21 12.79
N ARG PA 18 20.30 12.26 13.72
CA ARG PA 18 21.29 11.22 13.53
C ARG PA 18 20.86 10.25 12.45
N LYS PA 19 19.57 10.03 12.29
CA LYS PA 19 19.18 9.10 11.26
C LYS PA 19 18.91 9.79 9.94
N MET PA 20 18.82 11.11 9.92
CA MET PA 20 18.88 11.80 8.64
C MET PA 20 20.25 11.71 8.02
N ARG PA 21 21.30 11.74 8.83
CA ARG PA 21 22.63 11.64 8.27
C ARG PA 21 23.08 10.21 8.10
N GLN PA 22 22.43 9.27 8.79
CA GLN PA 22 22.71 7.87 8.57
C GLN PA 22 22.28 7.44 7.18
N ARG PA 23 21.15 7.93 6.71
CA ARG PA 23 20.66 7.49 5.42
C ARG PA 23 21.25 8.27 4.26
N SER PA 24 22.39 8.90 4.43
CA SER PA 24 23.01 9.60 3.34
C SER PA 24 24.51 9.33 3.28
N VAL QA 1 -57.77 -15.13 4.66
CA VAL QA 1 -59.21 -15.20 4.51
C VAL QA 1 -59.84 -15.41 5.86
N ASN QA 2 -61.16 -15.46 5.87
CA ASN QA 2 -61.94 -15.45 7.11
C ASN QA 2 -63.14 -16.35 6.85
N VAL QA 3 -63.06 -17.61 7.25
CA VAL QA 3 -64.22 -18.46 7.07
C VAL QA 3 -64.95 -18.51 8.40
N PRO QA 4 -66.27 -18.61 8.41
CA PRO QA 4 -66.97 -18.78 9.68
C PRO QA 4 -66.95 -20.23 10.12
N LYS QA 5 -67.02 -20.42 11.43
CA LYS QA 5 -66.88 -21.74 12.01
C LYS QA 5 -68.20 -22.48 12.16
N THR QA 6 -69.20 -22.11 11.39
CA THR QA 6 -70.38 -22.93 11.23
C THR QA 6 -70.92 -22.73 9.83
N ARG QA 7 -71.59 -23.76 9.32
CA ARG QA 7 -71.89 -23.81 7.91
C ARG QA 7 -72.93 -24.86 7.63
N ARG QA 8 -73.90 -24.52 6.81
CA ARG QA 8 -74.88 -25.46 6.33
CA ARG QA 8 -74.89 -25.47 6.33
C ARG QA 8 -74.44 -25.97 4.97
N THR QA 9 -73.92 -27.19 4.92
CA THR QA 9 -73.65 -27.84 3.64
C THR QA 9 -74.13 -29.26 3.66
N PHE QA 10 -73.81 -29.95 2.58
CA PHE QA 10 -74.38 -31.26 2.29
C PHE QA 10 -73.69 -32.29 3.16
N CYS QA 11 -74.48 -33.16 3.78
CA CYS QA 11 -73.93 -34.26 4.56
C CYS QA 11 -74.20 -35.56 3.83
N LYS QA 12 -73.14 -36.25 3.44
CA LYS QA 12 -73.30 -37.42 2.60
C LYS QA 12 -73.91 -38.59 3.34
N LYS QA 13 -73.72 -38.63 4.65
CA LYS QA 13 -74.22 -39.74 5.46
C LYS QA 13 -75.72 -39.73 5.50
N CYS QA 14 -76.33 -38.56 5.45
CA CYS QA 14 -77.77 -38.43 5.49
C CYS QA 14 -78.38 -37.83 4.23
N GLY QA 15 -77.57 -37.30 3.33
CA GLY QA 15 -78.09 -36.79 2.08
C GLY QA 15 -78.88 -35.52 2.16
N LYS QA 16 -78.60 -34.66 3.13
CA LYS QA 16 -79.28 -33.38 3.25
C LYS QA 16 -78.26 -32.29 3.50
N HIS QA 17 -78.74 -31.06 3.52
CA HIS QA 17 -77.99 -29.97 4.13
C HIS QA 17 -78.22 -29.97 5.63
N GLN QA 18 -77.12 -29.95 6.36
CA GLN QA 18 -77.07 -30.02 7.81
C GLN QA 18 -76.07 -29.00 8.30
N PRO QA 19 -76.20 -28.53 9.53
CA PRO QA 19 -75.19 -27.64 10.08
C PRO QA 19 -73.91 -28.40 10.37
N HIS QA 20 -72.78 -27.78 10.07
CA HIS QA 20 -71.48 -28.36 10.26
C HIS QA 20 -70.66 -27.48 11.19
N LYS QA 21 -69.54 -28.02 11.64
CA LYS QA 21 -68.57 -27.27 12.43
C LYS QA 21 -67.27 -27.20 11.66
N VAL QA 22 -66.94 -26.02 11.16
CA VAL QA 22 -65.77 -25.88 10.33
C VAL QA 22 -64.55 -25.83 11.24
N THR QA 23 -63.60 -26.72 11.02
CA THR QA 23 -62.40 -26.80 11.83
C THR QA 23 -61.25 -27.00 10.86
N GLN QA 24 -60.08 -26.48 11.19
CA GLN QA 24 -58.98 -26.54 10.25
C GLN QA 24 -58.21 -27.85 10.39
N TYR QA 25 -57.93 -28.48 9.25
CA TYR QA 25 -57.20 -29.74 9.20
C TYR QA 25 -55.72 -29.59 9.51
N LYS QA 26 -55.22 -30.48 10.36
CA LYS QA 26 -53.81 -30.59 10.67
C LYS QA 26 -53.29 -31.97 10.27
N LYS QA 27 -52.12 -31.99 9.65
CA LYS QA 27 -51.41 -33.21 9.31
C LYS QA 27 -51.06 -34.01 10.57
N GLY QA 28 -51.49 -35.27 10.61
CA GLY QA 28 -51.19 -36.13 11.74
C GLY QA 28 -49.72 -36.49 11.82
N LYS QA 29 -49.37 -37.26 12.85
CA LYS QA 29 -47.99 -37.67 13.00
C LYS QA 29 -47.78 -39.03 12.35
N ASP QA 30 -46.57 -39.24 11.83
CA ASP QA 30 -46.28 -40.42 11.04
C ASP QA 30 -46.26 -41.67 11.90
N SER QA 31 -46.39 -42.82 11.24
CA SER QA 31 -46.83 -44.01 11.95
C SER QA 31 -45.70 -44.78 12.59
N LEU QA 32 -44.55 -44.87 11.89
CA LEU QA 32 -43.37 -45.68 12.18
C LEU QA 32 -43.63 -47.17 11.95
N TYR QA 33 -44.86 -47.55 11.59
CA TYR QA 33 -45.14 -48.90 11.17
C TYR QA 33 -45.95 -48.91 9.88
N ALA QA 34 -45.95 -47.82 9.14
CA ALA QA 34 -46.56 -47.84 7.84
C ALA QA 34 -45.62 -48.50 6.84
N GLN QA 35 -46.14 -48.86 5.68
CA GLN QA 35 -45.39 -49.74 4.80
C GLN QA 35 -44.29 -49.02 4.07
N GLY QA 36 -44.43 -47.73 3.83
CA GLY QA 36 -43.33 -47.02 3.21
C GLY QA 36 -42.29 -46.59 4.21
N LYS QA 37 -42.66 -46.48 5.47
CA LYS QA 37 -41.68 -46.22 6.50
C LYS QA 37 -40.90 -47.47 6.86
N ARG QA 38 -41.56 -48.63 6.84
CA ARG QA 38 -40.84 -49.88 7.08
C ARG QA 38 -39.92 -50.22 5.94
N ARG QA 39 -40.31 -49.92 4.71
CA ARG QA 39 -39.40 -50.05 3.59
C ARG QA 39 -38.25 -49.09 3.70
N TYR QA 40 -38.51 -47.89 4.19
CA TYR QA 40 -37.47 -46.87 4.28
C TYR QA 40 -36.45 -47.21 5.34
N ASP QA 41 -36.90 -47.72 6.48
CA ASP QA 41 -35.96 -48.02 7.55
C ASP QA 41 -35.17 -49.29 7.27
N ARG QA 42 -35.72 -50.20 6.50
CA ARG QA 42 -34.96 -51.36 6.09
C ARG QA 42 -33.92 -51.01 5.07
N LYS QA 43 -34.20 -49.99 4.27
CA LYS QA 43 -33.31 -49.63 3.19
C LYS QA 43 -32.16 -48.77 3.69
N GLN QA 44 -32.37 -48.04 4.78
CA GLN QA 44 -31.34 -47.22 5.39
C GLN QA 44 -30.44 -47.97 6.35
N SER QA 45 -30.77 -49.19 6.71
CA SER QA 45 -29.96 -49.90 7.69
C SER QA 45 -28.66 -50.34 7.05
N GLY QA 46 -27.56 -50.24 7.79
CA GLY QA 46 -26.31 -50.71 7.26
C GLY QA 46 -25.48 -49.65 6.59
N TYR QA 47 -24.62 -50.05 5.68
CA TYR QA 47 -23.74 -49.13 4.99
C TYR QA 47 -24.36 -48.76 3.65
N GLY QA 48 -24.04 -47.56 3.18
CA GLY QA 48 -24.68 -47.10 1.96
C GLY QA 48 -25.12 -45.67 2.04
N GLY QA 49 -25.36 -45.20 3.25
CA GLY QA 49 -25.81 -43.84 3.42
C GLY QA 49 -27.25 -43.64 2.98
N GLN QA 50 -27.50 -42.43 2.49
CA GLN QA 50 -28.83 -41.97 2.16
C GLN QA 50 -29.29 -42.56 0.84
N THR QA 51 -30.48 -43.12 0.83
CA THR QA 51 -30.97 -43.86 -0.33
C THR QA 51 -32.14 -43.21 -1.02
N LYS QA 52 -32.97 -42.61 -0.34
CA LYS QA 52 -34.04 -41.90 -1.01
C LYS QA 52 -33.68 -40.43 -1.15
N PRO QA 53 -34.22 -39.75 -2.15
CA PRO QA 53 -33.96 -38.30 -2.31
C PRO QA 53 -34.50 -37.46 -1.18
N ILE QA 54 -33.75 -36.42 -0.87
CA ILE QA 54 -34.07 -35.44 0.14
C ILE QA 54 -34.31 -34.10 -0.55
N PHE QA 55 -35.48 -33.52 -0.33
CA PHE QA 55 -36.00 -32.53 -1.26
C PHE QA 55 -35.35 -31.16 -1.23
N ARG QA 56 -35.44 -30.42 -0.13
CA ARG QA 56 -34.74 -29.13 0.14
C ARG QA 56 -34.81 -28.06 -0.98
N LYS QA 57 -35.97 -27.88 -1.61
CA LYS QA 57 -36.15 -26.72 -2.48
C LYS QA 57 -37.17 -25.72 -1.97
N LYS QA 58 -38.43 -26.13 -1.78
CA LYS QA 58 -39.51 -25.31 -1.24
C LYS QA 58 -39.71 -24.04 -2.08
N ALA QA 59 -40.28 -24.24 -3.26
CA ALA QA 59 -40.64 -23.08 -4.05
C ALA QA 59 -41.93 -22.42 -3.57
N LYS QA 60 -42.82 -23.16 -2.92
CA LYS QA 60 -44.07 -22.60 -2.45
C LYS QA 60 -43.85 -21.78 -1.20
N THR QA 61 -44.72 -20.78 -1.01
CA THR QA 61 -44.74 -20.01 0.20
C THR QA 61 -46.01 -20.18 1.00
N THR QA 62 -47.03 -20.78 0.42
CA THR QA 62 -48.30 -21.04 1.07
C THR QA 62 -48.66 -22.51 0.93
N LYS QA 63 -49.75 -22.90 1.57
CA LYS QA 63 -50.33 -24.21 1.41
C LYS QA 63 -51.80 -24.03 1.11
N LYS QA 64 -52.40 -25.01 0.46
CA LYS QA 64 -53.85 -25.02 0.39
C LYS QA 64 -54.42 -25.31 1.77
N ILE QA 65 -55.48 -24.61 2.10
CA ILE QA 65 -56.12 -24.72 3.40
C ILE QA 65 -57.23 -25.74 3.31
N VAL QA 66 -57.20 -26.74 4.18
CA VAL QA 66 -58.18 -27.80 4.21
C VAL QA 66 -59.00 -27.63 5.46
N LEU QA 67 -60.31 -27.75 5.32
CA LEU QA 67 -61.25 -27.58 6.41
C LEU QA 67 -61.86 -28.94 6.69
N ARG QA 68 -61.75 -29.42 7.91
CA ARG QA 68 -62.53 -30.58 8.27
C ARG QA 68 -63.90 -30.13 8.74
N LEU QA 69 -64.92 -30.75 8.20
CA LEU QA 69 -66.31 -30.33 8.37
C LEU QA 69 -67.03 -31.46 9.08
N GLU QA 70 -67.47 -31.22 10.30
CA GLU QA 70 -68.16 -32.25 11.05
C GLU QA 70 -69.60 -31.86 11.27
N CYS QA 71 -70.54 -32.74 10.91
CA CYS QA 71 -71.94 -32.41 11.01
C CYS QA 71 -72.44 -32.61 12.43
N VAL QA 72 -73.30 -31.69 12.88
CA VAL QA 72 -73.70 -31.61 14.26
C VAL QA 72 -74.95 -32.41 14.58
N GLU QA 73 -75.57 -33.02 13.57
CA GLU QA 73 -76.61 -34.00 13.82
C GLU QA 73 -76.04 -35.11 14.71
N PRO QA 74 -76.66 -35.37 15.85
CA PRO QA 74 -75.92 -36.01 16.95
C PRO QA 74 -75.68 -37.50 16.78
N ASN QA 75 -76.57 -38.19 16.08
CA ASN QA 75 -76.44 -39.64 16.04
C ASN QA 75 -75.48 -40.12 14.96
N CYS QA 76 -75.37 -39.41 13.85
CA CYS QA 76 -74.30 -39.66 12.89
C CYS QA 76 -73.50 -38.38 12.73
N ARG QA 77 -72.25 -38.40 13.14
CA ARG QA 77 -71.52 -37.15 13.20
C ARG QA 77 -70.31 -37.16 12.27
N SER QA 78 -70.56 -37.51 11.01
CA SER QA 78 -69.50 -37.77 10.06
C SER QA 78 -68.73 -36.51 9.69
N LYS QA 79 -67.58 -36.72 9.11
CA LYS QA 79 -66.60 -35.68 8.87
C LYS QA 79 -66.28 -35.61 7.39
N ARG QA 80 -66.13 -34.42 6.86
CA ARG QA 80 -65.72 -34.33 5.48
C ARG QA 80 -64.59 -33.33 5.36
N MET QA 81 -63.66 -33.62 4.48
CA MET QA 81 -62.56 -32.72 4.17
C MET QA 81 -63.00 -31.76 3.09
N LEU QA 82 -62.58 -30.52 3.19
CA LEU QA 82 -62.94 -29.55 2.16
C LEU QA 82 -61.78 -28.60 1.99
N ALA QA 83 -61.34 -28.44 0.75
CA ALA QA 83 -60.19 -27.62 0.43
C ALA QA 83 -60.62 -26.32 -0.20
N ILE QA 84 -59.95 -25.24 0.16
CA ILE QA 84 -60.17 -23.94 -0.44
C ILE QA 84 -58.85 -23.48 -1.06
N LYS QA 85 -58.85 -22.30 -1.67
CA LYS QA 85 -57.66 -21.87 -2.40
C LYS QA 85 -56.55 -21.46 -1.45
N ARG QA 86 -55.37 -21.24 -2.02
CA ARG QA 86 -54.19 -20.87 -1.25
C ARG QA 86 -54.36 -19.52 -0.60
N CYS QA 87 -53.81 -19.38 0.59
CA CYS QA 87 -53.91 -18.15 1.34
C CYS QA 87 -52.72 -18.06 2.27
N LYS QA 88 -52.25 -16.84 2.50
CA LYS QA 88 -51.21 -16.62 3.49
C LYS QA 88 -51.77 -16.59 4.89
N HIS QA 89 -52.64 -15.63 5.15
CA HIS QA 89 -53.13 -15.35 6.48
C HIS QA 89 -54.52 -15.94 6.63
N PHE QA 90 -54.63 -17.01 7.39
CA PHE QA 90 -55.91 -17.69 7.59
C PHE QA 90 -56.36 -17.54 9.03
N GLU QA 91 -57.53 -16.97 9.21
CA GLU QA 91 -58.20 -16.97 10.49
C GLU QA 91 -59.52 -17.71 10.32
N LEU QA 92 -60.13 -18.07 11.45
CA LEU QA 92 -61.33 -18.87 11.38
C LEU QA 92 -62.28 -18.36 12.46
N GLY QA 93 -63.51 -18.04 12.06
CA GLY QA 93 -64.45 -17.42 12.96
C GLY QA 93 -64.07 -16.01 13.33
N GLY QA 94 -63.48 -15.25 12.43
CA GLY QA 94 -63.02 -13.92 12.72
C GLY QA 94 -64.14 -12.89 12.73
N ASP QA 95 -63.74 -11.65 12.90
CA ASP QA 95 -64.70 -10.55 12.95
C ASP QA 95 -65.28 -10.25 11.58
N LYS QA 96 -66.58 -10.10 11.51
CA LYS QA 96 -67.21 -9.75 10.25
C LYS QA 96 -67.02 -8.28 9.95
N LYS QA 97 -66.52 -7.99 8.76
CA LYS QA 97 -66.31 -6.62 8.37
C LYS QA 97 -67.63 -5.97 8.01
N ARG QA 98 -67.70 -4.66 8.17
CA ARG QA 98 -68.96 -3.95 8.03
C ARG QA 98 -68.69 -2.55 7.48
N LYS QA 99 -69.60 -2.09 6.62
CA LYS QA 99 -69.33 -0.99 5.71
C LYS QA 99 -69.65 0.37 6.27
N GLY QA 100 -70.21 0.46 7.46
CA GLY QA 100 -70.63 1.75 7.94
C GLY QA 100 -69.55 2.60 8.56
N GLN QA 101 -68.86 2.06 9.55
CA GLN QA 101 -68.21 2.88 10.55
C GLN QA 101 -66.88 3.44 10.06
N VAL QA 102 -66.15 4.06 10.98
CA VAL QA 102 -64.93 4.80 10.69
C VAL QA 102 -63.72 3.96 11.08
N ILE QA 103 -62.75 3.86 10.16
CA ILE QA 103 -61.51 3.13 10.39
C ILE QA 103 -60.36 3.91 9.78
N GLN QA 104 -59.26 4.06 10.52
CA GLN QA 104 -59.16 4.00 11.98
C GLN QA 104 -58.19 5.12 12.26
N PHE QA 105 -58.17 5.69 13.46
CA PHE QA 105 -57.10 6.63 13.73
C PHE QA 105 -55.97 5.92 14.45
N ALA RA 1 52.79 -8.50 18.47
CA ALA RA 1 51.94 -7.35 18.74
C ALA RA 1 50.55 -7.80 19.12
N LYS RA 2 49.74 -6.88 19.60
CA LYS RA 2 48.32 -7.14 19.71
C LYS RA 2 47.74 -7.23 18.32
N ARG RA 3 47.33 -8.42 17.93
CA ARG RA 3 47.05 -8.67 16.53
C ARG RA 3 45.67 -8.19 16.14
N THR RA 4 44.68 -8.33 17.02
CA THR RA 4 43.36 -7.79 16.77
C THR RA 4 43.14 -6.58 17.66
N LYS RA 5 41.91 -6.09 17.68
CA LYS RA 5 41.52 -5.13 18.68
C LYS RA 5 40.59 -5.74 19.71
N LYS RA 6 39.52 -6.40 19.29
CA LYS RA 6 38.58 -6.89 20.28
C LYS RA 6 38.03 -8.28 20.04
N VAL RA 7 38.30 -8.95 18.92
CA VAL RA 7 37.59 -10.20 18.67
C VAL RA 7 38.20 -11.35 19.45
N GLY RA 8 39.52 -11.39 19.60
CA GLY RA 8 40.16 -12.46 20.30
C GLY RA 8 40.04 -13.81 19.64
N ILE RA 9 39.47 -14.76 20.35
CA ILE RA 9 39.38 -16.14 19.89
C ILE RA 9 38.41 -16.28 18.72
N VAL RA 10 37.40 -15.42 18.61
CA VAL RA 10 36.41 -15.63 17.55
C VAL RA 10 36.82 -14.91 16.29
N GLY RA 11 38.10 -14.53 16.20
CA GLY RA 11 38.64 -14.12 14.93
C GLY RA 11 38.62 -15.18 13.87
N LYS RA 12 38.53 -16.46 14.26
CA LYS RA 12 38.48 -17.55 13.32
C LYS RA 12 37.14 -17.69 12.63
N TYR RA 13 36.14 -16.90 12.98
CA TYR RA 13 34.89 -16.89 12.25
C TYR RA 13 34.82 -15.77 11.25
N GLY RA 14 35.82 -14.90 11.22
CA GLY RA 14 35.86 -13.89 10.18
C GLY RA 14 34.81 -12.84 10.40
N THR RA 15 34.07 -12.55 9.34
CA THR RA 15 33.02 -11.55 9.39
C THR RA 15 31.64 -12.16 9.48
N ARG RA 16 31.55 -13.39 9.94
CA ARG RA 16 30.33 -14.16 9.87
C ARG RA 16 29.59 -14.13 11.19
N TYR RA 17 28.31 -14.42 11.12
CA TYR RA 17 27.35 -14.79 12.17
C TYR RA 17 26.81 -13.63 12.98
N GLY RA 18 27.30 -12.42 12.80
CA GLY RA 18 26.79 -11.37 13.66
C GLY RA 18 27.68 -11.15 14.87
N ALA RA 19 27.78 -9.89 15.26
CA ALA RA 19 28.73 -9.51 16.28
C ALA RA 19 28.30 -9.97 17.66
N SER RA 20 27.00 -10.02 17.93
CA SER RA 20 26.58 -10.37 19.27
C SER RA 20 26.60 -11.87 19.51
N LEU RA 21 26.39 -12.69 18.48
CA LEU RA 21 26.60 -14.12 18.65
C LEU RA 21 28.07 -14.43 18.82
N ARG RA 22 28.94 -13.74 18.10
CA ARG RA 22 30.36 -13.90 18.33
C ARG RA 22 30.81 -13.36 19.65
N LYS RA 23 30.11 -12.39 20.22
CA LYS RA 23 30.45 -12.01 21.59
C LYS RA 23 30.01 -13.08 22.58
N MET RA 24 28.87 -13.73 22.33
CA MET RA 24 28.47 -14.81 23.21
C MET RA 24 29.29 -16.06 23.01
N VAL RA 25 29.80 -16.29 21.81
CA VAL RA 25 30.64 -17.45 21.58
C VAL RA 25 32.00 -17.27 22.24
N LYS RA 26 32.47 -16.01 22.36
CA LYS RA 26 33.83 -15.72 22.79
C LYS RA 26 34.10 -16.15 24.21
N LYS RA 27 33.14 -15.95 25.09
CA LYS RA 27 33.31 -16.35 26.48
C LYS RA 27 33.29 -17.86 26.63
N ILE RA 28 32.56 -18.56 25.77
CA ILE RA 28 32.45 -20.01 25.84
C ILE RA 28 33.68 -20.67 25.22
N GLU RA 29 34.23 -20.07 24.17
CA GLU RA 29 35.42 -20.61 23.51
C GLU RA 29 36.64 -20.53 24.42
N ILE RA 30 36.77 -19.42 25.14
CA ILE RA 30 37.90 -19.26 26.04
C ILE RA 30 37.78 -20.21 27.20
N SER RA 31 36.56 -20.42 27.66
CA SER RA 31 36.32 -21.20 28.86
C SER RA 31 36.60 -22.67 28.64
N GLN RA 32 36.21 -23.23 27.50
CA GLN RA 32 36.42 -24.65 27.30
C GLN RA 32 37.81 -24.99 26.80
N HIS RA 33 38.55 -24.05 26.27
CA HIS RA 33 39.88 -24.39 25.83
C HIS RA 33 40.94 -24.11 26.88
N ALA RA 34 40.58 -23.43 27.95
CA ALA RA 34 41.51 -23.15 29.02
C ALA RA 34 41.93 -24.44 29.72
N LYS RA 35 43.14 -24.44 30.24
CA LYS RA 35 43.66 -25.53 31.05
C LYS RA 35 43.50 -25.11 32.49
N TYR RA 36 42.66 -25.83 33.21
CA TYR RA 36 42.44 -25.56 34.61
C TYR RA 36 43.49 -26.28 35.43
N THR RA 37 43.60 -25.90 36.68
CA THR RA 37 44.53 -26.58 37.55
C THR RA 37 43.85 -27.76 38.22
N CYS RA 38 44.50 -28.92 38.17
CA CYS RA 38 43.91 -30.12 38.72
C CYS RA 38 43.92 -30.05 40.23
N SER RA 39 42.80 -30.35 40.86
CA SER RA 39 42.78 -30.32 42.30
C SER RA 39 43.36 -31.56 42.93
N PHE RA 40 43.67 -32.57 42.14
CA PHE RA 40 44.21 -33.81 42.65
C PHE RA 40 45.73 -33.83 42.64
N CYS RA 41 46.37 -33.05 41.78
CA CYS RA 41 47.82 -33.03 41.74
C CYS RA 41 48.40 -31.64 41.60
N GLY RA 42 47.59 -30.61 41.49
CA GLY RA 42 48.08 -29.27 41.49
C GLY RA 42 48.58 -28.76 40.18
N LYS RA 43 48.61 -29.57 39.14
CA LYS RA 43 49.16 -29.15 37.87
C LYS RA 43 48.08 -28.57 36.97
N THR RA 44 48.46 -27.55 36.19
CA THR RA 44 47.54 -26.89 35.28
C THR RA 44 47.48 -27.67 33.98
N LYS RA 45 46.84 -28.82 34.07
CA LYS RA 45 46.70 -29.72 32.94
C LYS RA 45 45.32 -30.35 32.88
N MET RA 46 44.34 -29.81 33.58
CA MET RA 46 42.98 -30.29 33.46
C MET RA 46 42.31 -29.60 32.28
N LYS RA 47 42.03 -30.35 31.22
CA LYS RA 47 41.38 -29.83 30.02
C LYS RA 47 40.31 -30.80 29.58
N ARG RA 48 39.61 -30.42 28.53
CA ARG RA 48 38.33 -31.02 28.19
C ARG RA 48 38.48 -32.02 27.05
N ARG RA 49 38.06 -33.26 27.30
CA ARG RA 49 37.96 -34.23 26.22
C ARG RA 49 36.72 -34.03 25.38
N ALA RA 50 35.57 -34.25 25.99
CA ALA RA 50 34.28 -34.17 25.33
C ALA RA 50 33.43 -33.28 26.20
N VAL RA 51 32.15 -33.18 25.88
CA VAL RA 51 31.32 -32.20 26.56
C VAL RA 51 30.96 -32.72 27.96
N GLY RA 52 31.50 -32.07 28.97
CA GLY RA 52 31.32 -32.53 30.33
C GLY RA 52 32.35 -33.51 30.83
N ILE RA 53 33.42 -33.77 30.11
CA ILE RA 53 34.45 -34.71 30.53
C ILE RA 53 35.76 -33.94 30.62
N TRP RA 54 36.36 -33.92 31.79
CA TRP RA 54 37.50 -33.06 32.08
C TRP RA 54 38.60 -33.93 32.63
N HIS RA 55 39.74 -33.96 31.95
CA HIS RA 55 40.75 -34.98 32.17
C HIS RA 55 42.11 -34.34 32.37
N CYS RA 56 42.79 -34.73 33.45
CA CYS RA 56 44.14 -34.26 33.69
C CYS RA 56 45.13 -35.12 32.93
N GLY RA 57 46.00 -34.47 32.19
CA GLY RA 57 46.99 -35.21 31.45
C GLY RA 57 48.17 -35.68 32.25
N SER RA 58 48.24 -35.34 33.52
CA SER RA 58 49.35 -35.71 34.39
C SER RA 58 49.02 -36.87 35.31
N CYS RA 59 48.00 -36.74 36.14
CA CYS RA 59 47.67 -37.84 37.04
C CYS RA 59 46.65 -38.79 36.45
N MET RA 60 46.22 -38.56 35.21
CA MET RA 60 45.30 -39.42 34.45
C MET RA 60 43.93 -39.54 35.13
N LYS RA 61 43.58 -38.54 35.91
CA LYS RA 61 42.29 -38.46 36.57
C LYS RA 61 41.32 -37.80 35.61
N THR RA 62 40.09 -38.29 35.54
CA THR RA 62 39.08 -37.67 34.70
C THR RA 62 37.80 -37.43 35.48
N VAL RA 63 37.31 -36.19 35.41
CA VAL RA 63 36.25 -35.67 36.24
C VAL RA 63 35.03 -35.43 35.38
N ALA RA 64 33.85 -35.69 35.92
CA ALA RA 64 32.60 -35.28 35.27
C ALA RA 64 32.32 -33.84 35.63
N GLY RA 65 32.43 -32.95 34.67
CA GLY RA 65 32.22 -31.55 34.97
C GLY RA 65 31.16 -30.93 34.11
N GLY RA 66 31.22 -29.63 33.92
CA GLY RA 66 30.23 -28.96 33.09
C GLY RA 66 30.65 -28.93 31.66
N ALA RA 67 29.77 -28.35 30.83
CA ALA RA 67 29.95 -28.45 29.38
C ALA RA 67 31.06 -27.53 28.89
N TRP RA 68 31.13 -26.31 29.40
CA TRP RA 68 32.07 -25.33 28.91
C TRP RA 68 33.01 -24.90 30.00
N THR RA 69 32.81 -25.38 31.21
CA THR RA 69 33.60 -25.01 32.36
C THR RA 69 33.76 -26.26 33.19
N TYR RA 70 34.87 -26.33 33.90
CA TYR RA 70 35.12 -27.41 34.82
C TYR RA 70 34.06 -27.45 35.92
N ASN RA 71 33.66 -26.30 36.44
CA ASN RA 71 32.63 -26.21 37.46
C ASN RA 71 31.53 -25.28 37.01
N THR RA 72 30.31 -25.76 37.02
CA THR RA 72 29.22 -24.81 36.87
C THR RA 72 28.86 -24.23 38.23
N THR RA 73 28.19 -23.08 38.19
CA THR RA 73 27.78 -22.45 39.44
C THR RA 73 26.65 -23.24 40.10
N SER RA 74 25.77 -23.83 39.30
CA SER RA 74 24.67 -24.60 39.87
C SER RA 74 25.12 -25.93 40.44
N ALA RA 75 26.37 -26.32 40.21
CA ALA RA 75 26.86 -27.56 40.80
C ALA RA 75 27.66 -27.31 42.06
N VAL RA 76 28.28 -26.13 42.18
CA VAL RA 76 28.94 -25.77 43.42
C VAL RA 76 27.90 -25.53 44.51
N THR RA 77 26.77 -24.94 44.13
CA THR RA 77 25.71 -24.62 45.06
C THR RA 77 25.08 -25.88 45.65
N VAL RA 78 24.92 -26.92 44.84
CA VAL RA 78 24.40 -28.19 45.32
C VAL RA 78 25.38 -28.82 46.29
N LYS RA 79 26.67 -28.76 45.97
CA LYS RA 79 27.68 -29.48 46.76
C LYS RA 79 27.82 -28.88 48.15
N SER RA 80 27.62 -27.58 48.29
CA SER RA 80 27.57 -27.00 49.61
C SER RA 80 26.28 -27.36 50.32
N ALA RA 81 25.20 -27.51 49.57
CA ALA RA 81 23.89 -27.77 50.16
C ALA RA 81 23.73 -29.22 50.58
N ILE RA 82 24.33 -30.16 49.84
CA ILE RA 82 24.30 -31.55 50.26
C ILE RA 82 25.13 -31.73 51.52
N ARG RA 83 26.24 -31.01 51.62
CA ARG RA 83 27.08 -31.12 52.81
C ARG RA 83 26.40 -30.53 54.03
N ARG RA 84 25.62 -29.48 53.84
CA ARG RA 84 24.87 -28.91 54.94
C ARG RA 84 23.76 -29.85 55.38
N LEU RA 85 22.98 -30.38 54.43
CA LEU RA 85 21.92 -31.30 54.76
C LEU RA 85 22.44 -32.64 55.26
N LYS RA 86 23.72 -32.95 55.03
CA LYS RA 86 24.29 -34.18 55.55
C LYS RA 86 24.51 -34.09 57.04
N GLU RA 87 25.07 -32.98 57.52
CA GLU RA 87 25.33 -32.85 58.94
C GLU RA 87 24.07 -32.47 59.71
N LEU RA 88 23.06 -31.96 59.03
CA LEU RA 88 21.79 -31.69 59.69
C LEU RA 88 20.85 -32.89 59.66
N LYS RA 89 21.23 -33.97 58.99
CA LYS RA 89 20.59 -35.25 59.24
C LYS RA 89 20.98 -35.80 60.60
N ASP RA 90 22.19 -35.49 61.04
CA ASP RA 90 22.75 -36.01 62.27
C ASP RA 90 22.32 -35.12 63.43
N GLN RA 91 22.98 -35.28 64.57
CA GLN RA 91 22.75 -34.42 65.71
C GLN RA 91 23.68 -33.21 65.63
N SER SA 1 -52.07 -87.47 -64.21
CA SER SA 1 -52.56 -86.52 -65.18
C SER SA 1 -51.45 -85.71 -65.78
N ALA SA 2 -51.62 -85.28 -67.03
CA ALA SA 2 -50.55 -84.64 -67.75
C ALA SA 2 -50.26 -83.25 -67.22
N HIS SA 3 -51.27 -82.56 -66.73
CA HIS SA 3 -51.05 -81.25 -66.15
C HIS SA 3 -50.40 -81.35 -64.79
N LEU SA 4 -50.77 -82.36 -64.01
CA LEU SA 4 -50.25 -82.44 -62.66
C LEU SA 4 -48.80 -82.88 -62.68
N GLN SA 5 -48.46 -83.76 -63.61
CA GLN SA 5 -47.06 -84.14 -63.77
C GLN SA 5 -46.24 -83.00 -64.32
N TRP SA 6 -46.81 -82.19 -65.21
CA TRP SA 6 -46.11 -81.06 -65.77
C TRP SA 6 -45.74 -80.03 -64.72
N MET SA 7 -46.59 -79.81 -63.72
CA MET SA 7 -46.26 -78.89 -62.66
C MET SA 7 -45.14 -79.40 -61.76
N VAL SA 8 -44.77 -80.66 -61.86
CA VAL SA 8 -43.60 -81.14 -61.15
C VAL SA 8 -42.34 -80.98 -61.98
N VAL SA 9 -42.39 -81.39 -63.25
CA VAL SA 9 -41.19 -81.49 -64.05
C VAL SA 9 -40.93 -80.24 -64.87
N ARG SA 10 -41.61 -79.14 -64.56
CA ARG SA 10 -41.51 -77.95 -65.38
C ARG SA 10 -40.15 -77.29 -65.20
N ASN SA 11 -39.63 -77.29 -63.99
CA ASN SA 11 -38.39 -76.64 -63.67
C ASN SA 11 -37.39 -77.60 -63.05
N CYS SA 12 -37.83 -78.76 -62.59
CA CYS SA 12 -36.96 -79.73 -61.92
C CYS SA 12 -37.06 -81.06 -62.66
N SER SA 13 -36.03 -81.40 -63.41
CA SER SA 13 -36.01 -82.59 -64.22
C SER SA 13 -34.58 -82.89 -64.59
N SER SA 14 -34.27 -84.15 -64.71
CA SER SA 14 -32.93 -84.51 -65.10
C SER SA 14 -32.69 -84.32 -66.58
N PHE SA 15 -33.74 -84.24 -67.37
CA PHE SA 15 -33.60 -84.08 -68.80
C PHE SA 15 -33.48 -82.63 -69.22
N LEU SA 16 -33.53 -81.70 -68.28
CA LEU SA 16 -33.68 -80.30 -68.55
C LEU SA 16 -32.33 -79.59 -68.61
N ILE SA 17 -32.07 -78.89 -69.70
CA ILE SA 17 -30.80 -78.21 -69.94
C ILE SA 17 -31.07 -76.71 -70.00
N LYS SA 18 -30.56 -75.97 -69.04
CA LYS SA 18 -30.70 -74.53 -69.00
C LYS SA 18 -29.31 -73.93 -69.14
N ARG SA 19 -28.95 -73.55 -70.35
CA ARG SA 19 -27.73 -72.80 -70.56
C ARG SA 19 -28.15 -71.55 -71.29
N ASN SA 20 -27.23 -70.86 -71.93
CA ASN SA 20 -27.29 -69.41 -72.03
C ASN SA 20 -28.51 -68.85 -72.75
N LYS SA 21 -29.46 -68.44 -71.91
CA LYS SA 21 -30.72 -67.81 -72.26
C LYS SA 21 -31.63 -68.71 -73.07
N GLN SA 22 -31.42 -70.02 -72.98
CA GLN SA 22 -32.29 -70.94 -73.70
C GLN SA 22 -32.36 -72.28 -73.01
N THR SA 23 -33.51 -72.90 -73.10
CA THR SA 23 -33.76 -74.15 -72.41
C THR SA 23 -34.10 -75.26 -73.39
N TYR SA 24 -33.56 -76.43 -73.12
CA TYR SA 24 -33.76 -77.58 -73.96
C TYR SA 24 -34.20 -78.72 -73.08
N SER SA 25 -34.43 -79.87 -73.67
CA SER SA 25 -34.96 -80.98 -72.93
C SER SA 25 -34.62 -82.24 -73.69
N THR SA 26 -34.25 -83.27 -72.98
CA THR SA 26 -33.53 -84.37 -73.61
C THR SA 26 -34.27 -85.69 -73.39
N GLU SA 27 -35.54 -85.62 -73.02
CA GLU SA 27 -36.30 -86.83 -72.81
C GLU SA 27 -36.56 -87.51 -74.17
N PRO SA 28 -36.81 -88.83 -74.18
CA PRO SA 28 -36.70 -89.56 -75.46
C PRO SA 28 -37.75 -89.20 -76.51
N ASN SA 29 -39.02 -89.15 -76.17
CA ASN SA 29 -40.00 -88.97 -77.23
C ASN SA 29 -40.40 -87.52 -77.39
N ASN SA 30 -39.41 -86.65 -77.51
CA ASN SA 30 -39.62 -85.22 -77.54
C ASN SA 30 -39.20 -84.72 -78.91
N LEU SA 31 -40.16 -84.35 -79.72
CA LEU SA 31 -39.86 -83.62 -80.94
C LEU SA 31 -39.58 -82.19 -80.54
N LYS SA 32 -38.74 -81.50 -81.33
CA LYS SA 32 -38.23 -80.13 -81.14
C LYS SA 32 -37.24 -79.99 -80.00
N ALA SA 33 -37.16 -80.99 -79.12
CA ALA SA 33 -36.40 -80.97 -77.85
C ALA SA 33 -36.65 -79.75 -76.97
N ARG SA 34 -37.78 -79.06 -77.13
CA ARG SA 34 -38.01 -77.87 -76.33
C ARG SA 34 -38.77 -78.22 -75.07
N ASN SA 35 -38.47 -77.48 -74.00
CA ASN SA 35 -39.14 -77.71 -72.74
C ASN SA 35 -40.51 -77.09 -72.85
N SER SA 36 -41.49 -77.90 -73.19
CA SER SA 36 -42.81 -77.34 -73.40
C SER SA 36 -43.83 -78.37 -72.96
N PHE SA 37 -45.04 -77.89 -72.68
CA PHE SA 37 -46.06 -78.83 -72.27
C PHE SA 37 -46.56 -79.66 -73.43
N ARG SA 38 -46.63 -79.08 -74.63
CA ARG SA 38 -47.11 -79.81 -75.78
C ARG SA 38 -46.11 -80.87 -76.21
N TYR SA 39 -44.83 -80.55 -76.19
CA TYR SA 39 -43.79 -81.45 -76.63
C TYR SA 39 -43.12 -81.98 -75.38
N ASN SA 40 -43.54 -83.14 -74.93
CA ASN SA 40 -42.92 -83.75 -73.76
C ASN SA 40 -43.23 -85.24 -73.87
N GLY SA 41 -42.21 -86.07 -73.93
CA GLY SA 41 -42.45 -87.44 -74.28
C GLY SA 41 -42.72 -88.36 -73.12
N LEU SA 42 -42.99 -87.79 -71.96
CA LEU SA 42 -43.17 -88.59 -70.79
C LEU SA 42 -44.52 -88.43 -70.12
N ILE SA 43 -45.17 -87.29 -70.27
CA ILE SA 43 -46.31 -87.00 -69.42
C ILE SA 43 -47.64 -87.23 -70.11
N HIS SA 44 -47.66 -87.34 -71.42
CA HIS SA 44 -48.94 -87.42 -72.07
C HIS SA 44 -49.36 -88.87 -72.20
N ARG SA 45 -50.67 -89.05 -72.34
CA ARG SA 45 -51.23 -90.38 -72.51
C ARG SA 45 -50.86 -90.96 -73.85
N LYS SA 46 -50.53 -90.12 -74.83
CA LYS SA 46 -50.07 -90.59 -76.12
C LYS SA 46 -49.05 -89.63 -76.71
N THR SA 47 -47.91 -90.17 -77.12
CA THR SA 47 -46.80 -89.40 -77.63
C THR SA 47 -46.35 -89.97 -78.95
N VAL SA 48 -45.58 -89.18 -79.69
CA VAL SA 48 -44.95 -89.60 -80.93
C VAL SA 48 -43.47 -89.28 -80.80
N GLY SA 49 -42.60 -90.19 -81.21
CA GLY SA 49 -41.20 -89.91 -81.29
C GLY SA 49 -40.64 -90.47 -82.58
N VAL SA 50 -39.64 -89.83 -83.17
CA VAL SA 50 -38.93 -90.39 -84.32
C VAL SA 50 -37.44 -90.30 -84.05
N GLU SA 51 -36.74 -91.38 -84.36
CA GLU SA 51 -35.33 -91.54 -84.07
C GLU SA 51 -34.69 -92.21 -85.28
N PRO SA 52 -33.39 -92.07 -85.46
CA PRO SA 52 -32.74 -92.86 -86.52
C PRO SA 52 -32.69 -94.31 -86.13
N ALA SA 53 -32.46 -95.15 -87.12
CA ALA SA 53 -32.60 -96.58 -86.94
C ALA SA 53 -31.39 -97.16 -86.20
N ALA SA 54 -31.31 -98.50 -86.14
CA ALA SA 54 -30.19 -99.17 -85.51
C ALA SA 54 -28.88 -98.85 -86.23
N ASP SA 55 -28.78 -99.25 -87.49
CA ASP SA 55 -27.78 -98.70 -88.39
C ASP SA 55 -28.26 -97.36 -88.91
N GLY SA 56 -27.51 -96.78 -89.84
CA GLY SA 56 -27.85 -95.46 -90.32
C GLY SA 56 -28.79 -95.44 -91.50
N LYS SA 57 -29.75 -96.36 -91.55
CA LYS SA 57 -30.71 -96.42 -92.64
C LYS SA 57 -32.11 -96.49 -92.08
N GLY SA 58 -32.86 -95.41 -92.22
CA GLY SA 58 -34.27 -95.40 -91.90
C GLY SA 58 -34.55 -94.55 -90.69
N VAL SA 59 -35.81 -94.56 -90.30
CA VAL SA 59 -36.28 -93.82 -89.12
C VAL SA 59 -37.13 -94.78 -88.30
N VAL SA 60 -37.07 -94.63 -86.99
CA VAL SA 60 -37.85 -95.46 -86.08
C VAL SA 60 -38.98 -94.60 -85.55
N VAL SA 61 -40.20 -94.88 -85.97
CA VAL SA 61 -41.36 -94.20 -85.45
C VAL SA 61 -41.86 -94.99 -84.24
N VAL SA 62 -41.94 -94.34 -83.10
CA VAL SA 62 -42.41 -94.95 -81.87
C VAL SA 62 -43.63 -94.20 -81.39
N ILE SA 63 -44.72 -94.93 -81.14
CA ILE SA 63 -45.93 -94.33 -80.59
C ILE SA 63 -46.24 -95.06 -79.30
N LYS SA 64 -47.24 -94.57 -78.59
CA LYS SA 64 -47.50 -94.98 -77.23
C LYS SA 64 -48.88 -95.62 -77.14
N ARG SA 65 -48.97 -96.74 -76.42
CA ARG SA 65 -50.20 -97.48 -76.37
C ARG SA 65 -51.25 -96.77 -75.54
N ARG SA 66 -52.49 -97.19 -75.74
CA ARG SA 66 -53.55 -96.76 -74.85
C ARG SA 66 -53.43 -97.43 -73.48
N SER SA 67 -53.05 -98.69 -73.45
CA SER SA 67 -53.35 -99.54 -72.30
C SER SA 67 -52.37 -99.35 -71.15
N GLY SA 68 -51.11 -99.74 -71.34
CA GLY SA 68 -50.24 -99.88 -70.20
C GLY SA 68 -49.46 -98.64 -69.85
N GLN SA 69 -50.11 -97.65 -69.24
CA GLN SA 69 -49.44 -96.40 -68.94
C GLN SA 69 -48.45 -96.52 -67.80
N ARG SA 70 -48.61 -97.52 -66.94
CA ARG SA 70 -47.70 -97.75 -65.83
C ARG SA 70 -46.81 -98.95 -66.08
N LYS SA 71 -46.74 -99.43 -67.32
CA LYS SA 71 -45.93 -100.59 -67.71
C LYS SA 71 -44.90 -100.11 -68.72
N PRO SA 72 -43.77 -99.57 -68.26
CA PRO SA 72 -42.81 -98.98 -69.20
C PRO SA 72 -42.08 -99.99 -70.07
N ALA SA 73 -42.12 -101.28 -69.76
CA ALA SA 73 -41.45 -102.24 -70.62
C ALA SA 73 -42.22 -102.52 -71.89
N THR SA 74 -43.49 -102.18 -71.92
CA THR SA 74 -44.32 -102.54 -73.07
C THR SA 74 -45.19 -101.39 -73.53
N SER SA 75 -44.91 -100.17 -73.09
CA SER SA 75 -45.79 -99.06 -73.38
C SER SA 75 -45.61 -98.48 -74.78
N TYR SA 76 -44.51 -98.79 -75.45
CA TYR SA 76 -44.17 -98.14 -76.72
C TYR SA 76 -44.06 -99.20 -77.80
N VAL SA 77 -44.62 -98.92 -78.96
CA VAL SA 77 -44.52 -99.80 -80.10
C VAL SA 77 -43.70 -99.10 -81.18
N ARG SA 78 -42.67 -99.78 -81.66
CA ARG SA 78 -41.64 -99.16 -82.48
C ARG SA 78 -41.72 -99.71 -83.89
N THR SA 79 -41.65 -98.83 -84.87
CA THR SA 79 -41.81 -99.18 -86.26
C THR SA 79 -40.66 -98.59 -87.03
N THR SA 80 -39.98 -99.40 -87.84
CA THR SA 80 -38.88 -98.91 -88.65
C THR SA 80 -39.38 -98.72 -90.08
N ILE SA 81 -39.36 -97.49 -90.56
CA ILE SA 81 -39.68 -97.19 -91.95
C ILE SA 81 -38.37 -96.95 -92.68
N ASN SA 82 -38.14 -97.68 -93.76
CA ASN SA 82 -36.95 -97.54 -94.57
C ASN SA 82 -37.32 -97.38 -96.05
N LYS SA 83 -38.21 -96.45 -96.33
CA LYS SA 83 -38.62 -96.16 -97.69
C LYS SA 83 -37.70 -95.11 -98.32
N ASN SA 84 -38.10 -94.58 -99.45
CA ASN SA 84 -37.55 -93.35 -99.99
C ASN SA 84 -37.97 -92.18 -99.11
N ALA SA 85 -37.38 -91.01 -99.35
CA ALA SA 85 -37.67 -89.87 -98.48
C ALA SA 85 -39.08 -89.36 -98.66
N ARG SA 86 -39.65 -89.51 -99.84
CA ARG SA 86 -40.98 -88.96 -100.03
C ARG SA 86 -42.05 -89.83 -99.39
N ALA SA 87 -41.97 -91.15 -99.50
CA ALA SA 87 -43.05 -91.95 -98.95
C ALA SA 87 -42.89 -92.31 -97.49
N THR SA 88 -41.69 -92.13 -96.91
CA THR SA 88 -41.61 -92.23 -95.46
C THR SA 88 -42.24 -91.02 -94.79
N LEU SA 89 -42.40 -89.91 -95.50
CA LEU SA 89 -43.08 -88.76 -94.94
C LEU SA 89 -44.58 -88.90 -95.01
N SER SA 90 -45.10 -89.44 -96.12
CA SER SA 90 -46.52 -89.73 -96.18
C SER SA 90 -46.91 -90.91 -95.31
N SER SA 91 -45.95 -91.67 -94.83
CA SER SA 91 -46.24 -92.74 -93.89
C SER SA 91 -46.44 -92.19 -92.49
N ILE SA 92 -45.54 -91.32 -92.06
CA ILE SA 92 -45.67 -90.66 -90.77
C ILE SA 92 -46.86 -89.72 -90.76
N ARG SA 93 -47.17 -89.12 -91.90
CA ARG SA 93 -48.34 -88.25 -92.01
C ARG SA 93 -49.62 -89.04 -91.88
N HIS SA 94 -49.64 -90.27 -92.39
CA HIS SA 94 -50.83 -91.09 -92.23
C HIS SA 94 -50.94 -91.67 -90.83
N MET SA 95 -49.83 -91.89 -90.14
CA MET SA 95 -49.94 -92.40 -88.79
C MET SA 95 -50.46 -91.38 -87.80
N ILE SA 96 -50.41 -90.10 -88.13
CA ILE SA 96 -50.89 -89.07 -87.24
C ILE SA 96 -52.23 -88.52 -87.70
N ARG SA 97 -52.38 -88.25 -88.99
CA ARG SA 97 -53.60 -87.65 -89.46
C ARG SA 97 -54.74 -88.66 -89.56
N LYS SA 98 -54.46 -89.88 -90.01
CA LYS SA 98 -55.54 -90.83 -90.20
C LYS SA 98 -55.99 -91.46 -88.89
N ASN SA 99 -55.10 -91.65 -87.94
CA ASN SA 99 -55.58 -92.18 -86.67
C ASN SA 99 -56.11 -91.12 -85.73
N LYS SA 100 -55.91 -89.84 -86.04
CA LYS SA 100 -56.11 -88.72 -85.12
C LYS SA 100 -55.32 -88.91 -83.84
N TYR SA 101 -54.18 -89.56 -83.98
CA TYR SA 101 -53.29 -89.84 -82.86
C TYR SA 101 -52.44 -88.61 -82.68
N ARG SA 102 -52.89 -87.72 -81.78
CA ARG SA 102 -52.14 -86.58 -81.28
C ARG SA 102 -51.82 -85.65 -82.45
N PRO SA 103 -52.83 -85.06 -83.09
CA PRO SA 103 -52.57 -84.41 -84.37
C PRO SA 103 -52.17 -82.96 -84.22
N ASP SA 104 -51.37 -82.66 -83.22
CA ASP SA 104 -50.66 -81.41 -83.13
C ASP SA 104 -49.17 -81.60 -83.25
N LEU SA 105 -48.68 -82.82 -83.10
CA LEU SA 105 -47.28 -83.11 -83.29
C LEU SA 105 -47.01 -83.56 -84.70
N ARG SA 106 -47.92 -83.25 -85.62
CA ARG SA 106 -47.88 -83.86 -86.94
C ARG SA 106 -46.76 -83.30 -87.76
N MET SA 107 -46.75 -81.98 -87.95
CA MET SA 107 -45.74 -81.39 -88.80
C MET SA 107 -44.39 -81.34 -88.10
N ALA SA 108 -44.38 -81.31 -86.77
CA ALA SA 108 -43.12 -81.45 -86.03
C ALA SA 108 -42.53 -82.84 -86.19
N ALA SA 109 -43.35 -83.84 -86.46
CA ALA SA 109 -42.84 -85.14 -86.78
C ALA SA 109 -42.36 -85.24 -88.20
N ILE SA 110 -42.80 -84.37 -89.09
CA ILE SA 110 -42.32 -84.40 -90.46
C ILE SA 110 -41.04 -83.60 -90.60
N ARG SA 111 -40.93 -82.46 -89.91
CA ARG SA 111 -39.70 -81.68 -89.94
C ARG SA 111 -38.55 -82.46 -89.34
N ARG SA 112 -38.82 -83.23 -88.30
CA ARG SA 112 -37.76 -84.00 -87.68
C ARG SA 112 -37.37 -85.19 -88.54
N ALA SA 113 -38.34 -85.84 -89.14
CA ALA SA 113 -38.04 -87.04 -89.91
C ALA SA 113 -37.42 -86.70 -91.25
N SER SA 114 -37.72 -85.54 -91.81
CA SER SA 114 -37.01 -85.12 -93.01
C SER SA 114 -35.57 -84.76 -92.66
N ALA SA 115 -35.36 -84.07 -91.56
CA ALA SA 115 -34.01 -83.69 -91.15
C ALA SA 115 -33.21 -84.86 -90.62
N ILE SA 116 -33.85 -85.97 -90.31
CA ILE SA 116 -33.12 -87.12 -89.80
C ILE SA 116 -32.68 -88.02 -90.95
N LEU SA 117 -33.26 -87.85 -92.13
CA LEU SA 117 -32.86 -88.54 -93.34
C LEU SA 117 -31.77 -87.81 -94.08
N ARG SA 118 -31.80 -86.49 -94.05
CA ARG SA 118 -30.74 -85.70 -94.64
C ARG SA 118 -29.43 -85.89 -93.90
N SER SA 119 -29.50 -86.23 -92.61
CA SER SA 119 -28.30 -86.58 -91.87
C SER SA 119 -27.69 -87.88 -92.37
N GLN SA 120 -28.51 -88.77 -92.90
CA GLN SA 120 -28.04 -90.06 -93.37
C GLN SA 120 -27.54 -90.04 -94.80
N LYS SA 121 -27.66 -88.93 -95.50
CA LYS SA 121 -27.13 -88.87 -96.86
C LYS SA 121 -25.62 -88.72 -96.84
N PRO SA 122 -24.93 -89.26 -97.85
CA PRO SA 122 -23.47 -89.25 -97.83
C PRO SA 122 -22.91 -87.85 -98.07
N VAL SA 123 -22.12 -87.38 -97.12
CA VAL SA 123 -21.68 -85.99 -97.09
C VAL SA 123 -20.71 -85.74 -98.24
N MET SA 124 -20.81 -84.57 -98.87
CA MET SA 124 -19.90 -84.18 -99.94
C MET SA 124 -19.10 -82.96 -99.50
N VAL SA 125 -17.82 -82.96 -99.83
CA VAL SA 125 -16.89 -81.92 -99.39
C VAL SA 125 -17.04 -80.66 -100.22
N SER UA 1 42.03 46.01 101.39
CA SER UA 1 42.44 46.44 100.06
C SER UA 1 43.72 47.25 100.14
N GLY UA 2 44.81 46.64 99.73
CA GLY UA 2 46.11 47.26 99.81
C GLY UA 2 47.01 46.69 100.87
N ALA UA 3 46.68 45.52 101.42
CA ALA UA 3 47.32 44.89 102.57
C ALA UA 3 47.36 45.78 103.80
N LEU UA 4 46.41 46.70 103.93
CA LEU UA 4 46.31 47.50 105.13
C LEU UA 4 45.42 46.76 106.11
N ASP UA 5 45.92 46.60 107.35
CA ASP UA 5 45.20 45.82 108.34
C ASP UA 5 43.96 46.54 108.86
N VAL UA 6 43.84 47.83 108.58
CA VAL UA 6 42.62 48.58 108.86
C VAL UA 6 41.54 48.31 107.81
N LEU UA 7 41.92 47.94 106.58
CA LEU UA 7 40.96 47.62 105.53
C LEU UA 7 40.71 46.13 105.39
N GLN UA 8 41.10 45.32 106.36
CA GLN UA 8 40.90 43.88 106.27
C GLN UA 8 39.47 43.51 106.66
N MET UA 9 39.23 42.21 106.87
CA MET UA 9 37.86 41.71 106.79
C MET UA 9 37.13 41.79 108.14
N LYS UA 10 37.86 41.61 109.26
CA LYS UA 10 37.32 41.77 110.62
C LYS UA 10 36.17 40.80 110.92
N GLU UA 11 36.51 39.56 111.26
CA GLU UA 11 35.68 38.35 111.26
C GLU UA 11 34.24 38.43 111.73
N GLU UA 12 33.88 39.48 112.48
CA GLU UA 12 32.49 39.89 112.67
C GLU UA 12 31.71 39.86 111.35
N ASP UA 13 32.31 40.38 110.28
CA ASP UA 13 31.71 40.41 108.97
C ASP UA 13 31.63 39.03 108.30
N VAL UA 14 32.45 38.07 108.72
CA VAL UA 14 32.40 36.75 108.12
C VAL UA 14 31.12 36.04 108.55
N LEU UA 15 30.72 36.22 109.80
CA LEU UA 15 29.47 35.63 110.26
C LEU UA 15 28.25 36.25 109.60
N LYS UA 16 28.36 37.47 109.08
CA LYS UA 16 27.28 38.01 108.26
C LYS UA 16 27.21 37.31 106.92
N PHE UA 17 28.36 37.15 106.26
CA PHE UA 17 28.41 36.52 104.95
C PHE UA 17 28.01 35.06 105.00
N LEU UA 18 28.24 34.38 106.11
CA LEU UA 18 27.82 32.99 106.18
C LEU UA 18 26.35 32.86 106.58
N ALA UA 19 25.83 33.84 107.31
CA ALA UA 19 24.43 33.77 107.70
C ALA UA 19 23.51 34.11 106.54
N ALA UA 20 23.93 35.02 105.67
CA ALA UA 20 23.11 35.33 104.51
C ALA UA 20 23.29 34.27 103.43
N GLY UA 21 24.50 33.74 103.29
CA GLY UA 21 24.76 32.73 102.29
C GLY UA 21 25.38 33.31 101.05
N THR UA 22 26.25 34.30 101.22
CA THR UA 22 26.82 34.99 100.08
C THR UA 22 27.87 34.13 99.37
N HIS UA 23 28.49 33.20 100.09
CA HIS UA 23 29.49 32.32 99.51
C HIS UA 23 28.92 31.32 98.52
N LEU UA 24 27.60 31.14 98.49
CA LEU UA 24 26.97 30.14 97.64
C LEU UA 24 26.73 30.75 96.26
N GLY UA 25 27.09 30.00 95.23
CA GLY UA 25 26.83 30.41 93.87
C GLY UA 25 25.85 29.49 93.19
N GLY UA 26 25.88 29.45 91.87
CA GLY UA 26 24.99 28.60 91.10
C GLY UA 26 25.59 27.24 90.84
N THR UA 27 24.92 26.50 89.96
CA THR UA 27 25.44 25.20 89.54
C THR UA 27 26.24 25.28 88.26
N ASN UA 28 26.09 26.36 87.50
CA ASN UA 28 26.90 26.58 86.31
C ASN UA 28 27.72 27.85 86.48
N LEU UA 29 28.77 27.95 85.68
CA LEU UA 29 29.83 28.91 85.92
C LEU UA 29 30.22 29.61 84.63
N ASP UA 30 30.26 30.94 84.69
CA ASP UA 30 30.76 31.73 83.58
C ASP UA 30 32.28 31.69 83.58
N PHE UA 31 32.87 31.68 82.39
CA PHE UA 31 34.31 31.50 82.26
C PHE UA 31 35.08 32.72 82.75
N GLN UA 32 34.48 33.90 82.70
CA GLN UA 32 35.12 35.10 83.21
C GLN UA 32 34.96 35.28 84.70
N MET UA 33 33.99 34.60 85.31
CA MET UA 33 33.86 34.56 86.75
C MET UA 33 34.68 33.45 87.38
N GLU UA 34 35.54 32.80 86.61
CA GLU UA 34 36.24 31.62 87.09
C GLU UA 34 37.25 31.94 88.18
N GLN UA 35 37.84 33.12 88.14
CA GLN UA 35 38.90 33.46 89.08
C GLN UA 35 38.39 33.76 90.47
N TYR UA 36 37.12 34.11 90.62
CA TYR UA 36 36.61 34.45 91.94
C TYR UA 36 36.11 33.23 92.71
N ILE UA 37 36.04 32.08 92.07
CA ILE UA 37 35.43 30.90 92.67
C ILE UA 37 36.50 30.12 93.40
N TYR UA 38 36.15 29.60 94.57
CA TYR UA 38 37.05 28.72 95.29
C TYR UA 38 36.98 27.29 94.78
N LYS UA 39 35.84 26.63 94.96
CA LYS UA 39 35.73 25.22 94.62
C LYS UA 39 34.25 24.84 94.56
N ARG UA 40 33.91 23.94 93.65
CA ARG UA 40 32.57 23.41 93.54
C ARG UA 40 32.33 22.37 94.63
N LYS UA 41 31.11 22.32 95.12
CA LYS UA 41 30.76 21.34 96.15
C LYS UA 41 30.26 20.04 95.50
N SER UA 42 29.63 19.19 96.29
CA SER UA 42 29.08 17.94 95.79
C SER UA 42 27.71 18.12 95.15
N ASP UA 43 26.95 19.12 95.56
CA ASP UA 43 25.64 19.38 94.97
C ASP UA 43 25.71 20.34 93.81
N GLY UA 44 26.89 20.51 93.19
CA GLY UA 44 27.05 21.41 92.08
C GLY UA 44 27.23 22.86 92.44
N ILE UA 45 27.01 23.23 93.70
CA ILE UA 45 27.07 24.62 94.10
C ILE UA 45 28.53 25.05 94.18
N TYR UA 46 28.85 26.15 93.50
CA TYR UA 46 30.18 26.72 93.58
C TYR UA 46 30.29 27.59 94.82
N ILE UA 47 31.47 27.58 95.41
CA ILE UA 47 31.78 28.37 96.60
C ILE UA 47 32.55 29.61 96.18
N ILE UA 48 32.01 30.78 96.47
CA ILE UA 48 32.70 32.02 96.16
C ILE UA 48 33.75 32.26 97.24
N ASN UA 49 34.95 32.64 96.81
CA ASN UA 49 36.02 32.98 97.75
C ASN UA 49 35.72 34.33 98.38
N LEU UA 50 35.62 34.37 99.71
CA LEU UA 50 35.26 35.61 100.38
C LEU UA 50 36.39 36.62 100.39
N LYS UA 51 37.64 36.17 100.27
CA LYS UA 51 38.75 37.11 100.14
C LYS UA 51 38.67 37.85 98.82
N ARG UA 52 38.24 37.17 97.76
CA ARG UA 52 38.13 37.82 96.46
C ARG UA 52 36.99 38.82 96.46
N THR UA 53 35.85 38.47 97.05
CA THR UA 53 34.72 39.39 97.02
C THR UA 53 34.87 40.52 98.02
N TRP UA 54 35.84 40.44 98.93
CA TRP UA 54 36.08 41.56 99.82
C TRP UA 54 36.94 42.60 99.14
N GLU UA 55 37.88 42.16 98.33
CA GLU UA 55 38.76 43.09 97.63
C GLU UA 55 38.02 43.88 96.57
N LYS UA 56 37.15 43.22 95.81
CA LYS UA 56 36.40 43.91 94.77
C LYS UA 56 35.38 44.86 95.37
N LEU UA 57 34.76 44.46 96.48
CA LEU UA 57 33.78 45.31 97.15
C LEU UA 57 34.42 46.56 97.73
N LEU UA 58 35.65 46.43 98.21
CA LEU UA 58 36.42 47.61 98.58
C LEU UA 58 36.96 48.34 97.38
N LEU UA 59 37.25 47.63 96.30
CA LEU UA 59 37.60 48.32 95.06
C LEU UA 59 36.42 49.09 94.52
N ALA UA 60 35.21 48.53 94.66
CA ALA UA 60 34.01 49.21 94.21
C ALA UA 60 33.72 50.44 95.07
N ALA UA 61 34.08 50.38 96.35
CA ALA UA 61 33.83 51.51 97.22
C ALA UA 61 34.74 52.68 96.89
N ARG UA 62 35.98 52.38 96.49
CA ARG UA 62 36.91 53.44 96.08
C ARG UA 62 36.43 54.12 94.81
N ALA UA 63 35.68 53.42 93.97
CA ALA UA 63 35.16 54.04 92.76
C ALA UA 63 34.02 54.99 93.06
N ILE UA 64 33.33 54.81 94.17
CA ILE UA 64 32.22 55.69 94.49
C ILE UA 64 32.71 56.93 95.20
N VAL UA 65 33.71 56.77 96.07
CA VAL UA 65 34.29 57.90 96.78
C VAL UA 65 35.05 58.80 95.83
N ALA UA 66 35.54 58.27 94.71
CA ALA UA 66 36.13 59.09 93.67
C ALA UA 66 35.12 59.92 92.90
N ILE UA 67 33.83 59.76 93.16
CA ILE UA 67 32.78 60.60 92.58
C ILE UA 67 32.51 61.74 93.54
N GLU UA 68 32.60 62.97 93.05
CA GLU UA 68 32.52 64.13 93.93
C GLU UA 68 31.08 64.44 94.31
N ASN UA 69 30.23 64.72 93.33
CA ASN UA 69 28.81 64.93 93.59
C ASN UA 69 28.17 63.59 93.90
N PRO UA 70 27.60 63.39 95.10
CA PRO UA 70 27.12 62.05 95.48
C PRO UA 70 25.92 61.58 94.70
N ALA UA 71 25.18 62.48 94.07
CA ALA UA 71 24.06 62.09 93.25
C ALA UA 71 24.45 61.77 91.81
N ASP UA 72 25.72 61.89 91.45
CA ASP UA 72 26.16 61.41 90.15
C ASP UA 72 26.24 59.90 90.07
N VAL UA 73 26.26 59.20 91.18
CA VAL UA 73 26.19 57.75 91.18
C VAL UA 73 24.71 57.38 91.12
N SER UA 74 24.35 56.61 90.11
CA SER UA 74 22.97 56.14 89.97
C SER UA 74 22.91 54.65 90.23
N VAL UA 75 21.91 54.21 90.97
CA VAL UA 75 21.81 52.82 91.42
C VAL UA 75 20.47 52.24 90.99
N ILE UA 76 20.53 51.08 90.35
CA ILE UA 76 19.39 50.49 89.68
C ILE UA 76 19.21 49.06 90.18
N SER UA 77 17.98 48.70 90.55
CA SER UA 77 17.58 47.30 90.66
C SER UA 77 16.19 47.17 90.08
N SER UA 78 16.05 46.34 89.05
CA SER UA 78 14.74 46.08 88.48
C SER UA 78 14.05 44.92 89.17
N ARG UA 79 14.82 43.88 89.49
CA ARG UA 79 14.32 42.77 90.28
C ARG UA 79 13.95 43.25 91.67
N ASN UA 80 12.81 42.76 92.18
CA ASN UA 80 12.25 43.26 93.43
C ASN UA 80 13.12 42.94 94.64
N THR UA 81 13.83 41.82 94.62
CA THR UA 81 14.74 41.49 95.72
C THR UA 81 15.97 42.37 95.57
N GLY UA 82 15.86 43.60 96.05
CA GLY UA 82 16.94 44.55 95.87
C GLY UA 82 16.44 45.95 95.64
N GLN UA 83 15.16 46.09 95.31
CA GLN UA 83 14.57 47.41 95.13
C GLN UA 83 14.50 48.17 96.44
N ARG UA 84 14.30 47.45 97.55
CA ARG UA 84 14.35 48.09 98.85
C ARG UA 84 15.77 48.48 99.23
N ALA UA 85 16.75 47.65 98.88
CA ALA UA 85 18.12 47.91 99.26
C ALA UA 85 18.71 49.08 98.49
N VAL UA 86 18.24 49.29 97.26
CA VAL UA 86 18.74 50.39 96.45
C VAL UA 86 18.27 51.73 96.99
N LEU UA 87 17.01 51.81 97.38
CA LEU UA 87 16.45 53.06 97.92
C LEU UA 87 17.12 53.45 99.22
N LYS UA 88 17.34 52.49 100.11
CA LYS UA 88 18.03 52.73 101.36
C LYS UA 88 19.53 52.91 101.19
N PHE UA 89 20.10 52.46 100.06
CA PHE UA 89 21.49 52.77 99.77
C PHE UA 89 21.65 54.25 99.48
N ALA UA 90 20.87 54.77 98.54
CA ALA UA 90 20.94 56.16 98.15
C ALA UA 90 20.39 57.09 99.21
N ALA UA 91 19.63 56.58 100.17
CA ALA UA 91 19.23 57.40 101.30
C ALA UA 91 20.43 57.75 102.17
N ALA UA 92 21.38 56.83 102.31
CA ALA UA 92 22.55 57.10 103.12
C ALA UA 92 23.63 57.82 102.31
N THR UA 93 24.09 57.21 101.24
CA THR UA 93 25.22 57.71 100.49
C THR UA 93 24.87 58.91 99.62
N GLY UA 94 23.59 59.21 99.45
CA GLY UA 94 23.18 60.35 98.65
C GLY UA 94 23.14 60.10 97.17
N ALA UA 95 22.92 58.86 96.74
CA ALA UA 95 23.00 58.51 95.33
C ALA UA 95 21.66 58.75 94.66
N THR UA 96 21.50 58.26 93.43
CA THR UA 96 20.30 58.51 92.65
C THR UA 96 19.60 57.18 92.35
N PRO UA 97 18.55 56.83 93.05
CA PRO UA 97 17.99 55.49 92.88
C PRO UA 97 17.04 55.39 91.71
N ILE UA 98 17.09 54.27 90.99
CA ILE UA 98 16.10 53.93 89.98
C ILE UA 98 15.60 52.55 90.33
N ALA UA 99 14.48 52.48 91.03
CA ALA UA 99 13.88 51.20 91.37
C ALA UA 99 12.83 50.85 90.33
N GLY UA 100 12.67 49.56 90.08
CA GLY UA 100 11.62 49.11 89.19
C GLY UA 100 12.03 49.15 87.74
N ARG UA 101 11.06 49.38 86.86
CA ARG UA 101 11.30 49.30 85.43
C ARG UA 101 12.14 50.46 84.95
N PHE UA 102 13.28 50.15 84.35
CA PHE UA 102 14.15 51.13 83.75
C PHE UA 102 13.63 51.46 82.36
N THR UA 103 13.13 52.62 82.19
CA THR UA 103 12.65 53.00 80.88
C THR UA 103 13.82 53.30 79.93
N PRO UA 104 13.77 52.83 78.70
CA PRO UA 104 14.88 53.06 77.78
C PRO UA 104 14.94 54.50 77.31
N GLY UA 105 16.14 54.92 76.91
CA GLY UA 105 16.38 56.29 76.58
C GLY UA 105 16.59 57.18 77.77
N THR UA 106 16.62 56.62 78.98
CA THR UA 106 16.87 57.39 80.19
C THR UA 106 18.25 58.02 80.16
N PHE UA 107 19.20 57.37 79.49
CA PHE UA 107 20.55 57.89 79.39
C PHE UA 107 20.87 58.44 78.01
N THR UA 108 20.02 58.21 77.02
CA THR UA 108 20.34 58.61 75.66
C THR UA 108 19.37 59.61 75.04
N ASN UA 109 18.11 59.61 75.46
CA ASN UA 109 17.09 60.45 74.84
C ASN UA 109 17.06 61.76 75.61
N GLN UA 110 17.76 62.76 75.10
CA GLN UA 110 18.03 63.97 75.86
C GLN UA 110 16.87 64.94 75.89
N ILE UA 111 15.74 64.67 75.24
CA ILE UA 111 14.65 65.62 75.27
C ILE UA 111 13.57 65.24 76.27
N GLN UA 112 13.50 63.99 76.70
CA GLN UA 112 12.40 63.59 77.54
C GLN UA 112 12.64 63.98 78.99
N ALA UA 113 11.63 63.71 79.81
CA ALA UA 113 11.58 64.13 81.20
C ALA UA 113 12.68 63.50 82.06
N ALA UA 114 12.65 62.18 82.22
CA ALA UA 114 13.65 61.50 83.04
C ALA UA 114 14.87 61.27 82.17
N PHE UA 115 15.73 62.27 82.10
CA PHE UA 115 17.01 62.15 81.41
C PHE UA 115 18.08 62.65 82.36
N ARG UA 116 18.68 61.74 83.10
CA ARG UA 116 19.79 62.09 83.98
C ARG UA 116 21.06 61.48 83.42
N GLU UA 117 22.16 62.21 83.59
CA GLU UA 117 23.46 61.80 83.05
C GLU UA 117 24.40 61.51 84.21
N PRO UA 118 24.51 60.26 84.64
CA PRO UA 118 25.33 59.95 85.80
C PRO UA 118 26.81 59.95 85.45
N ARG UA 119 27.61 59.54 86.44
CA ARG UA 119 29.00 59.22 86.21
C ARG UA 119 29.36 57.82 86.66
N LEU UA 120 28.44 57.09 87.28
CA LEU UA 120 28.72 55.74 87.74
C LEU UA 120 27.41 54.99 87.90
N LEU UA 121 27.42 53.73 87.51
CA LEU UA 121 26.25 52.87 87.64
C LEU UA 121 26.58 51.72 88.56
N VAL UA 122 25.69 51.44 89.51
CA VAL UA 122 25.81 50.27 90.35
C VAL UA 122 24.49 49.51 90.28
N VAL UA 123 24.55 48.26 89.83
CA VAL UA 123 23.34 47.46 89.63
C VAL UA 123 23.42 46.19 90.44
N THR UA 124 22.34 45.44 90.42
CA THR UA 124 22.17 44.21 91.17
C THR UA 124 22.50 42.95 90.36
N ASP UA 125 22.04 42.89 89.11
CA ASP UA 125 22.14 41.65 88.36
C ASP UA 125 22.44 41.99 86.90
N PRO UA 126 23.55 41.52 86.34
CA PRO UA 126 23.86 41.85 84.94
C PRO UA 126 22.88 41.26 83.95
N ARG UA 127 22.26 40.14 84.29
CA ARG UA 127 21.28 39.57 83.38
C ARG UA 127 19.93 40.27 83.50
N ALA UA 128 19.54 40.65 84.70
CA ALA UA 128 18.24 41.30 84.88
C ALA UA 128 18.29 42.78 84.56
N ASP UA 129 19.42 43.43 84.83
CA ASP UA 129 19.61 44.85 84.57
C ASP UA 129 20.43 45.08 83.32
N HIS UA 130 20.21 44.27 82.29
CA HIS UA 130 21.05 44.35 81.10
C HIS UA 130 20.76 45.59 80.28
N GLN UA 131 19.53 46.13 80.38
CA GLN UA 131 19.17 47.29 79.57
C GLN UA 131 19.94 48.56 79.95
N PRO UA 132 20.08 48.96 81.21
CA PRO UA 132 20.90 50.16 81.46
C PRO UA 132 22.38 49.92 81.30
N LEU UA 133 22.86 48.69 81.49
CA LEU UA 133 24.24 48.36 81.14
C LEU UA 133 24.47 48.55 79.65
N THR UA 134 23.50 48.18 78.85
CA THR UA 134 23.61 48.34 77.40
C THR UA 134 23.61 49.81 77.02
N GLU UA 135 22.79 50.61 77.68
CA GLU UA 135 22.74 52.03 77.36
C GLU UA 135 23.89 52.81 77.97
N ALA UA 136 24.54 52.28 79.00
CA ALA UA 136 25.71 52.94 79.58
C ALA UA 136 26.93 52.84 78.67
N SER UA 137 26.88 51.99 77.67
CA SER UA 137 27.92 51.86 76.66
C SER UA 137 27.75 52.85 75.53
N TYR UA 138 26.80 53.76 75.64
CA TYR UA 138 26.63 54.83 74.68
C TYR UA 138 27.14 56.15 75.18
N VAL UA 139 27.37 56.28 76.48
CA VAL UA 139 27.57 57.57 77.12
C VAL UA 139 28.79 57.60 78.04
N ASN UA 140 29.76 56.71 77.80
CA ASN UA 140 31.06 56.68 78.48
C ASN UA 140 30.90 56.51 79.99
N LEU UA 141 30.08 55.55 80.40
CA LEU UA 141 29.63 55.49 81.77
C LEU UA 141 30.03 54.15 82.38
N PRO UA 142 31.01 54.12 83.29
CA PRO UA 142 31.45 52.85 83.87
C PRO UA 142 30.46 52.30 84.89
N THR UA 143 30.35 50.97 84.92
CA THR UA 143 29.35 50.30 85.73
C THR UA 143 30.01 49.34 86.72
N ILE UA 144 29.48 49.32 87.93
CA ILE UA 144 29.81 48.31 88.92
C ILE UA 144 28.61 47.38 89.03
N ALA UA 145 28.86 46.09 89.19
CA ALA UA 145 27.75 45.16 89.26
C ALA UA 145 27.98 44.09 90.31
N LEU UA 146 26.93 43.81 91.06
CA LEU UA 146 26.87 42.58 91.85
C LEU UA 146 26.69 41.42 90.88
N CYS UA 147 27.52 40.39 91.01
CA CYS UA 147 27.57 39.33 90.02
C CYS UA 147 27.61 37.97 90.70
N ASN UA 148 26.97 36.99 90.07
CA ASN UA 148 26.95 35.62 90.55
C ASN UA 148 27.92 34.80 89.69
N THR UA 149 27.93 33.48 89.88
CA THR UA 149 28.80 32.60 89.09
C THR UA 149 28.41 32.59 87.62
N ASP UA 150 27.13 32.76 87.32
CA ASP UA 150 26.62 32.67 85.96
C ASP UA 150 26.28 34.04 85.38
N SER UA 151 27.01 35.05 85.73
CA SER UA 151 26.62 36.36 85.19
C SER UA 151 27.47 36.69 83.98
N PRO UA 152 26.87 37.16 82.89
CA PRO UA 152 27.67 37.69 81.78
C PRO UA 152 28.27 39.03 82.15
N LEU UA 153 29.59 39.11 82.09
CA LEU UA 153 30.34 40.27 82.55
C LEU UA 153 30.65 41.23 81.41
N ARG UA 154 29.72 41.42 80.48
CA ARG UA 154 30.04 42.19 79.29
C ARG UA 154 30.37 43.65 79.58
N TYR UA 155 29.41 44.48 79.97
CA TYR UA 155 29.75 45.88 80.22
C TYR UA 155 29.99 46.16 81.68
N VAL UA 156 30.31 45.13 82.44
CA VAL UA 156 30.64 45.28 83.85
C VAL UA 156 32.09 45.69 83.95
N ASP UA 157 32.36 46.75 84.70
CA ASP UA 157 33.72 47.22 84.86
C ASP UA 157 34.31 46.90 86.22
N ILE UA 158 33.50 46.82 87.26
CA ILE UA 158 33.93 46.24 88.54
C ILE UA 158 32.85 45.26 88.96
N ALA UA 159 33.20 43.99 89.01
CA ALA UA 159 32.24 42.95 89.39
C ALA UA 159 32.47 42.56 90.84
N ILE UA 160 31.38 42.51 91.60
CA ILE UA 160 31.42 42.04 92.98
C ILE UA 160 30.88 40.61 92.99
N PRO UA 161 31.71 39.61 93.15
CA PRO UA 161 31.23 38.23 93.14
C PRO UA 161 30.44 37.88 94.38
N CYS UA 162 29.12 37.83 94.27
CA CYS UA 162 28.31 37.60 95.45
C CYS UA 162 27.19 36.64 95.08
N ASN UA 163 26.27 36.46 96.01
CA ASN UA 163 25.02 35.77 95.75
C ASN UA 163 23.98 36.85 95.59
N ASN UA 164 23.65 37.18 94.35
CA ASN UA 164 22.59 38.16 94.12
C ASN UA 164 21.24 37.50 93.86
N LYS UA 165 21.02 36.30 94.39
CA LYS UA 165 19.76 35.60 94.17
C LYS UA 165 18.92 35.53 95.44
N GLY UA 166 19.54 35.22 96.58
CA GLY UA 166 18.80 35.21 97.83
C GLY UA 166 18.50 36.61 98.31
N ALA UA 167 17.39 36.75 99.03
CA ALA UA 167 16.98 38.05 99.53
C ALA UA 167 17.90 38.54 100.64
N HIS UA 168 18.37 37.62 101.49
CA HIS UA 168 19.26 38.01 102.57
C HIS UA 168 20.66 38.35 102.07
N SER UA 169 21.03 37.87 100.89
CA SER UA 169 22.38 38.11 100.40
C SER UA 169 22.46 39.28 99.42
N VAL UA 170 21.35 39.68 98.81
CA VAL UA 170 21.36 40.92 98.05
C VAL UA 170 21.51 42.10 98.99
N GLY UA 171 20.66 42.16 100.02
CA GLY UA 171 20.63 43.32 100.88
C GLY UA 171 21.89 43.49 101.71
N LEU UA 172 22.52 42.37 102.08
CA LEU UA 172 23.77 42.45 102.84
C LEU UA 172 24.88 43.06 102.02
N MET UA 173 24.96 42.70 100.74
CA MET UA 173 26.02 43.23 99.90
C MET UA 173 25.79 44.69 99.57
N TRP UA 174 24.53 45.13 99.55
CA TRP UA 174 24.29 46.56 99.51
C TRP UA 174 24.61 47.22 100.84
N TRP UA 175 24.40 46.52 101.94
CA TRP UA 175 24.69 47.10 103.24
C TRP UA 175 26.18 47.23 103.48
N MET UA 176 26.95 46.20 103.13
CA MET UA 176 28.39 46.25 103.30
C MET UA 176 29.02 47.28 102.39
N LEU UA 177 28.42 47.49 101.22
CA LEU UA 177 28.91 48.52 100.30
C LEU UA 177 28.67 49.92 100.82
N ALA UA 178 27.46 50.18 101.34
CA ALA UA 178 27.14 51.50 101.87
C ALA UA 178 27.95 51.82 103.09
N ARG UA 179 28.30 50.80 103.87
CA ARG UA 179 29.11 51.02 105.05
C ARG UA 179 30.52 51.42 104.68
N GLU UA 180 31.06 50.84 103.61
CA GLU UA 180 32.41 51.17 103.22
C GLU UA 180 32.49 52.43 102.37
N VAL UA 181 31.37 52.98 101.96
CA VAL UA 181 31.43 54.32 101.37
C VAL UA 181 31.58 55.36 102.46
N LEU UA 182 30.77 55.26 103.50
CA LEU UA 182 30.77 56.26 104.56
C LEU UA 182 32.00 56.18 105.45
N ARG UA 183 32.65 55.03 105.51
CA ARG UA 183 33.88 54.96 106.26
C ARG UA 183 35.03 55.59 105.51
N MET UA 184 35.12 55.37 104.20
CA MET UA 184 36.21 55.96 103.43
C MET UA 184 36.04 57.46 103.26
N ARG UA 185 34.80 57.95 103.27
CA ARG UA 185 34.62 59.39 103.30
C ARG UA 185 34.92 59.97 104.66
N GLY UA 186 34.89 59.14 105.69
CA GLY UA 186 35.08 59.61 107.04
C GLY UA 186 33.83 60.08 107.72
N THR UA 187 32.66 59.87 107.10
CA THR UA 187 31.41 60.28 107.70
C THR UA 187 31.11 59.48 108.96
N ILE UA 188 31.11 58.17 108.86
CA ILE UA 188 31.00 57.34 110.04
C ILE UA 188 32.37 56.77 110.35
N SER UA 189 32.55 56.31 111.58
CA SER UA 189 33.82 55.79 112.02
C SER UA 189 33.81 54.27 112.01
N ARG UA 190 35.00 53.69 111.99
CA ARG UA 190 35.17 52.24 111.91
C ARG UA 190 35.72 51.65 113.21
N GLU UA 191 35.68 52.39 114.31
CA GLU UA 191 36.06 51.88 115.61
C GLU UA 191 34.88 51.28 116.35
N HIS UA 192 33.67 51.44 115.82
CA HIS UA 192 32.46 50.96 116.46
C HIS UA 192 31.48 50.59 115.36
N PRO UA 193 30.58 49.63 115.61
CA PRO UA 193 29.62 49.22 114.58
C PRO UA 193 28.63 50.32 114.24
N TRP UA 194 27.97 50.12 113.12
CA TRP UA 194 27.09 51.11 112.53
C TRP UA 194 25.64 50.75 112.84
N GLU UA 195 24.82 51.78 113.02
CA GLU UA 195 23.57 51.69 113.73
C GLU UA 195 22.39 51.31 112.84
N VAL UA 196 22.65 50.63 111.73
CA VAL UA 196 21.64 50.42 110.71
C VAL UA 196 20.95 49.05 110.82
N MET UA 197 21.64 48.02 111.37
CA MET UA 197 21.14 46.65 111.51
C MET UA 197 20.73 46.07 110.16
N PRO UA 198 21.67 45.44 109.43
CA PRO UA 198 21.57 45.20 107.97
C PRO UA 198 20.30 44.55 107.41
N ASP UA 199 19.41 44.04 108.25
CA ASP UA 199 18.14 43.55 107.74
C ASP UA 199 17.13 44.66 107.49
N LEU UA 200 17.54 45.92 107.69
CA LEU UA 200 16.78 47.05 107.16
C LEU UA 200 16.71 47.00 105.65
N TYR UA 201 17.75 46.49 104.99
CA TYR UA 201 17.79 46.53 103.54
C TYR UA 201 17.16 45.32 102.89
N PHE UA 202 16.82 44.29 103.66
CA PHE UA 202 16.38 43.03 103.08
C PHE UA 202 14.99 43.18 102.49
N TYR UA 203 14.79 42.55 101.34
CA TYR UA 203 13.46 42.49 100.76
C TYR UA 203 12.60 41.56 101.59
N ARG UA 204 11.40 42.01 101.94
CA ARG UA 204 10.45 41.20 102.68
C ARG UA 204 9.27 40.88 101.76
N ASP UA 205 8.83 39.63 101.78
CA ASP UA 205 7.76 39.19 100.89
C ASP UA 205 6.42 39.76 101.36
N PRO UA 206 5.49 39.98 100.43
CA PRO UA 206 4.18 40.53 100.83
C PRO UA 206 3.37 39.62 101.73
N GLU UA 207 3.46 38.30 101.54
CA GLU UA 207 2.84 37.40 102.50
C GLU UA 207 3.62 37.33 103.79
N GLU UA 208 4.92 37.63 103.75
CA GLU UA 208 5.71 37.66 104.97
C GLU UA 208 5.40 38.90 105.80
N ILE UA 209 4.92 39.97 105.15
CA ILE UA 209 4.55 41.17 105.87
C ILE UA 209 3.32 40.93 106.73
N GLU UA 210 2.23 40.47 106.11
CA GLU UA 210 0.93 40.43 106.78
C GLU UA 210 0.88 39.31 107.82
N LYS UA 211 1.76 38.31 107.70
CA LYS UA 211 1.73 37.22 108.66
C LYS UA 211 2.33 37.60 110.00
N GLU UA 212 3.13 38.66 110.05
CA GLU UA 212 3.71 39.11 111.31
C GLU UA 212 3.05 40.36 111.86
N GLU UA 213 2.05 40.91 111.16
CA GLU UA 213 1.38 42.10 111.67
C GLU UA 213 0.53 41.77 112.90
N GLN UA 214 0.04 40.54 113.00
CA GLN UA 214 -0.56 40.09 114.23
C GLN UA 214 0.46 39.49 115.20
N ALA UA 215 1.61 39.04 114.70
CA ALA UA 215 2.68 38.65 115.59
C ALA UA 215 3.34 39.86 116.22
N ALA UA 216 3.44 40.94 115.45
CA ALA UA 216 3.92 42.21 115.97
C ALA UA 216 2.77 43.20 116.02
N VAL VA 1 -35.06 -26.00 57.65
CA VAL VA 1 -35.54 -24.76 57.07
C VAL VA 1 -34.89 -23.57 57.75
N ASP VA 2 -34.19 -23.84 58.85
CA ASP VA 2 -33.35 -22.83 59.50
C ASP VA 2 -32.04 -23.44 59.92
N PRO VA 3 -30.90 -22.83 59.61
CA PRO VA 3 -29.60 -23.43 59.93
C PRO VA 3 -29.13 -23.20 61.36
N PHE VA 4 -30.06 -23.29 62.30
CA PHE VA 4 -29.73 -23.31 63.71
C PHE VA 4 -30.56 -24.32 64.48
N SER VA 5 -31.57 -24.90 63.85
CA SER VA 5 -32.19 -26.09 64.42
C SER VA 5 -31.37 -27.33 64.09
N LYS VA 6 -30.43 -27.22 63.15
CA LYS VA 6 -29.57 -28.33 62.81
C LYS VA 6 -28.26 -28.32 63.58
N LYS VA 7 -28.08 -27.36 64.48
CA LYS VA 7 -26.82 -27.22 65.19
C LYS VA 7 -27.02 -27.54 66.66
N ASP VA 8 -26.05 -28.25 67.24
CA ASP VA 8 -26.05 -28.59 68.66
C ASP VA 8 -24.88 -27.91 69.35
N TRP VA 9 -24.97 -27.77 70.67
CA TRP VA 9 -23.97 -27.06 71.45
C TRP VA 9 -23.07 -28.03 72.20
N TYR VA 10 -21.80 -27.66 72.32
CA TYR VA 10 -20.78 -28.50 72.95
C TYR VA 10 -19.96 -27.68 73.93
N ASP VA 11 -19.69 -28.26 75.09
CA ASP VA 11 -18.84 -27.65 76.08
C ASP VA 11 -17.38 -27.87 75.71
N VAL VA 12 -16.52 -26.94 76.09
CA VAL VA 12 -15.11 -26.97 75.74
C VAL VA 12 -14.31 -26.90 77.03
N LYS VA 13 -13.45 -27.89 77.27
CA LYS VA 13 -12.78 -28.01 78.54
C LYS VA 13 -11.26 -27.87 78.40
N ALA VA 14 -10.63 -27.36 79.46
CA ALA VA 14 -9.23 -26.98 79.56
C ALA VA 14 -8.39 -28.12 80.13
N PRO VA 15 -7.08 -28.20 79.82
CA PRO VA 15 -6.32 -29.42 80.12
C PRO VA 15 -5.81 -29.61 81.54
N ALA VA 16 -6.43 -28.95 82.52
CA ALA VA 16 -6.29 -29.21 83.95
C ALA VA 16 -4.92 -28.87 84.53
N MET VA 17 -4.10 -28.10 83.84
CA MET VA 17 -3.09 -27.33 84.55
C MET VA 17 -3.58 -25.92 84.82
N PHE VA 18 -4.80 -25.61 84.43
CA PHE VA 18 -5.44 -24.35 84.76
C PHE VA 18 -6.44 -24.59 85.89
N ASN VA 19 -7.17 -23.55 86.26
CA ASN VA 19 -8.12 -23.69 87.35
C ASN VA 19 -9.55 -23.65 86.87
N ILE VA 20 -9.87 -22.73 85.98
CA ILE VA 20 -11.15 -22.70 85.29
C ILE VA 20 -11.11 -23.72 84.17
N ARG VA 21 -12.05 -24.65 84.17
CA ARG VA 21 -11.98 -25.82 83.31
C ARG VA 21 -13.01 -25.79 82.20
N ASN VA 22 -13.66 -24.67 81.96
CA ASN VA 22 -14.58 -24.53 80.85
C ASN VA 22 -14.28 -23.23 80.10
N ILE VA 23 -13.78 -23.38 78.88
CA ILE VA 23 -13.55 -22.25 78.00
C ILE VA 23 -14.87 -21.60 77.64
N GLY VA 24 -15.84 -22.40 77.26
CA GLY VA 24 -17.14 -21.89 76.95
C GLY VA 24 -17.99 -22.88 76.19
N LYS VA 25 -18.76 -22.40 75.23
CA LYS VA 25 -19.58 -23.27 74.42
C LYS VA 25 -19.28 -23.02 72.95
N THR VA 26 -19.24 -24.10 72.19
CA THR VA 26 -19.13 -24.02 70.75
C THR VA 26 -20.32 -24.75 70.16
N LEU VA 27 -20.45 -24.70 68.84
CA LEU VA 27 -21.59 -25.29 68.19
C LEU VA 27 -21.17 -25.81 66.82
N VAL VA 28 -21.89 -26.83 66.35
CA VAL VA 28 -21.60 -27.45 65.06
C VAL VA 28 -22.88 -28.14 64.61
N THR VA 29 -23.01 -28.34 63.30
CA THR VA 29 -24.17 -29.01 62.76
C THR VA 29 -24.17 -30.48 63.14
N ARG VA 30 -25.36 -31.06 63.20
CA ARG VA 30 -25.47 -32.47 63.55
C ARG VA 30 -24.94 -33.35 62.44
N THR VA 31 -24.52 -34.55 62.81
CA THR VA 31 -24.00 -35.51 61.85
C THR VA 31 -25.12 -35.99 60.94
N GLN VA 32 -25.00 -35.70 59.65
CA GLN VA 32 -25.98 -36.15 58.67
C GLN VA 32 -25.26 -36.53 57.39
N GLY VA 33 -25.01 -37.82 57.22
CA GLY VA 33 -24.37 -38.34 56.03
C GLY VA 33 -22.93 -38.74 56.28
N THR VA 34 -22.03 -38.36 55.36
CA THR VA 34 -20.61 -38.50 55.60
C THR VA 34 -20.09 -37.40 56.50
N LYS VA 35 -20.73 -36.23 56.48
CA LYS VA 35 -20.38 -35.10 57.33
C LYS VA 35 -20.65 -35.45 58.79
N ILE VA 36 -19.58 -35.65 59.56
CA ILE VA 36 -19.65 -36.02 60.96
C ILE VA 36 -19.38 -34.76 61.78
N ALA VA 37 -20.13 -34.59 62.87
CA ALA VA 37 -19.96 -33.42 63.73
C ALA VA 37 -18.59 -33.41 64.39
N SER VA 38 -18.10 -34.57 64.84
CA SER VA 38 -16.83 -34.60 65.54
C SER VA 38 -15.64 -34.40 64.63
N ASP VA 39 -15.80 -34.58 63.33
CA ASP VA 39 -14.75 -34.23 62.39
C ASP VA 39 -14.73 -32.74 62.07
N GLY VA 40 -15.88 -32.09 62.13
CA GLY VA 40 -15.95 -30.66 61.91
C GLY VA 40 -15.78 -29.88 63.20
N LEU VA 41 -15.27 -30.56 64.21
CA LEU VA 41 -15.08 -29.99 65.52
C LEU VA 41 -13.69 -30.20 66.07
N LYS VA 42 -13.00 -31.27 65.67
CA LYS VA 42 -11.60 -31.40 65.97
C LYS VA 42 -10.81 -30.44 65.10
N GLY VA 43 -9.81 -29.81 65.71
CA GLY VA 43 -9.02 -28.84 64.98
C GLY VA 43 -9.55 -27.44 65.03
N ARG VA 44 -10.17 -27.04 66.12
CA ARG VA 44 -10.64 -25.68 66.31
C ARG VA 44 -9.85 -25.04 67.42
N VAL VA 45 -9.28 -23.87 67.15
CA VAL VA 45 -8.31 -23.24 68.02
C VAL VA 45 -9.02 -22.17 68.83
N PHE VA 46 -8.85 -22.22 70.15
CA PHE VA 46 -9.55 -21.31 71.06
C PHE VA 46 -8.55 -20.36 71.67
N GLU VA 47 -8.84 -19.08 71.58
CA GLU VA 47 -7.91 -18.02 71.95
C GLU VA 47 -8.36 -17.44 73.29
N VAL VA 48 -7.75 -17.89 74.38
CA VAL VA 48 -8.25 -17.59 75.71
C VAL VA 48 -7.16 -16.88 76.50
N SER VA 49 -7.54 -15.85 77.26
CA SER VA 49 -6.62 -15.15 78.14
C SER VA 49 -6.45 -15.91 79.46
N LEU VA 50 -5.62 -15.35 80.35
CA LEU VA 50 -5.38 -15.99 81.65
C LEU VA 50 -6.59 -15.88 82.55
N ALA VA 51 -7.19 -14.71 82.63
CA ALA VA 51 -8.27 -14.51 83.61
C ALA VA 51 -9.55 -15.22 83.23
N ASP VA 52 -9.59 -15.88 82.08
CA ASP VA 52 -10.62 -16.85 81.80
C ASP VA 52 -10.16 -18.28 82.03
N LEU VA 53 -8.85 -18.50 82.20
CA LEU VA 53 -8.35 -19.82 82.55
C LEU VA 53 -7.92 -19.93 83.99
N GLN VA 54 -7.38 -18.86 84.56
CA GLN VA 54 -7.15 -18.80 85.99
C GLN VA 54 -7.82 -17.54 86.55
N ASN VA 55 -7.51 -17.24 87.80
CA ASN VA 55 -8.34 -16.35 88.59
C ASN VA 55 -7.60 -15.19 89.23
N ASP VA 56 -6.26 -15.18 89.18
CA ASP VA 56 -5.53 -14.09 89.80
C ASP VA 56 -4.39 -13.58 88.93
N GLU VA 57 -4.40 -13.91 87.64
CA GLU VA 57 -3.25 -13.70 86.79
C GLU VA 57 -3.41 -12.44 85.95
N VAL VA 58 -2.49 -12.25 85.04
CA VAL VA 58 -2.45 -11.04 84.24
C VAL VA 58 -3.15 -11.29 82.91
N ALA VA 59 -3.87 -10.28 82.44
CA ALA VA 59 -4.75 -10.47 81.31
C ALA VA 59 -4.08 -10.20 79.97
N PHE VA 60 -2.83 -9.76 79.95
CA PHE VA 60 -2.18 -9.45 78.69
C PHE VA 60 -1.55 -10.67 78.04
N ARG VA 61 -1.72 -11.85 78.60
CA ARG VA 61 -1.17 -13.07 78.01
C ARG VA 61 -2.33 -13.96 77.60
N LYS VA 62 -2.21 -14.59 76.43
CA LYS VA 62 -3.27 -15.42 75.90
C LYS VA 62 -2.75 -16.82 75.66
N PHE VA 63 -3.67 -17.74 75.34
CA PHE VA 63 -3.33 -19.13 75.06
C PHE VA 63 -4.18 -19.67 73.94
N LYS VA 64 -3.53 -20.35 73.00
CA LYS VA 64 -4.24 -21.10 71.97
C LYS VA 64 -4.47 -22.51 72.45
N LEU VA 65 -5.70 -22.99 72.29
CA LEU VA 65 -6.04 -24.35 72.66
C LEU VA 65 -6.79 -24.98 71.50
N ILE VA 66 -6.23 -26.01 70.92
CA ILE VA 66 -6.88 -26.66 69.78
C ILE VA 66 -7.67 -27.86 70.28
N THR VA 67 -8.87 -28.03 69.76
CA THR VA 67 -9.67 -29.20 70.08
C THR VA 67 -9.13 -30.41 69.33
N GLU VA 68 -8.72 -31.43 70.07
CA GLU VA 68 -8.25 -32.64 69.42
C GLU VA 68 -9.00 -33.89 69.85
N ASP VA 69 -10.15 -33.76 70.52
CA ASP VA 69 -10.95 -34.90 70.87
C ASP VA 69 -12.35 -34.44 71.23
N VAL VA 70 -13.32 -35.32 71.04
CA VAL VA 70 -14.67 -35.14 71.53
C VAL VA 70 -15.08 -36.38 72.29
N GLN VA 71 -15.43 -36.22 73.57
CA GLN VA 71 -15.91 -37.32 74.39
C GLN VA 71 -17.27 -36.96 74.94
N GLY VA 72 -18.31 -37.62 74.43
CA GLY VA 72 -19.66 -37.28 74.79
C GLY VA 72 -20.07 -35.98 74.13
N LYS VA 73 -20.38 -34.97 74.93
CA LYS VA 73 -20.67 -33.64 74.40
C LYS VA 73 -19.71 -32.61 74.96
N ASN VA 74 -18.50 -33.03 75.27
CA ASN VA 74 -17.43 -32.12 75.62
C ASN VA 74 -16.41 -32.06 74.50
N CYS VA 75 -15.64 -30.97 74.48
CA CYS VA 75 -14.50 -30.83 73.59
C CYS VA 75 -13.25 -30.78 74.45
N LEU VA 76 -12.39 -31.77 74.31
CA LEU VA 76 -11.19 -31.85 75.12
C LEU VA 76 -10.02 -31.26 74.35
N THR VA 77 -9.44 -30.21 74.90
CA THR VA 77 -8.42 -29.41 74.23
C THR VA 77 -7.02 -29.73 74.71
N ASN VA 78 -6.04 -29.20 73.98
CA ASN VA 78 -4.63 -29.32 74.29
C ASN VA 78 -3.98 -27.96 74.09
N PHE VA 79 -2.81 -27.77 74.69
CA PHE VA 79 -2.03 -26.57 74.46
C PHE VA 79 -1.57 -26.49 73.00
N HIS VA 80 -1.82 -25.36 72.39
CA HIS VA 80 -1.50 -25.17 71.00
C HIS VA 80 -0.54 -24.01 70.75
N GLY VA 81 -0.60 -22.97 71.57
CA GLY VA 81 0.29 -21.84 71.39
C GLY VA 81 -0.03 -20.78 72.41
N MET VA 82 0.82 -19.77 72.43
CA MET VA 82 0.73 -18.69 73.40
C MET VA 82 1.20 -17.42 72.71
N ASP VA 83 0.64 -16.28 73.11
CA ASP VA 83 1.16 -14.97 72.72
C ASP VA 83 0.66 -13.92 73.69
N LEU VA 84 1.31 -12.77 73.66
CA LEU VA 84 0.84 -11.58 74.37
C LEU VA 84 -0.20 -10.87 73.54
N THR VA 85 -0.86 -9.90 74.15
CA THR VA 85 -1.86 -9.14 73.42
C THR VA 85 -1.20 -8.03 72.62
N ARG VA 86 -2.00 -7.42 71.75
CA ARG VA 86 -1.52 -6.30 70.95
C ARG VA 86 -1.27 -5.08 71.81
N ASP VA 87 -2.09 -4.91 72.86
CA ASP VA 87 -1.98 -3.76 73.74
C ASP VA 87 -0.67 -3.79 74.51
N LYS VA 88 -0.25 -4.96 74.97
CA LYS VA 88 0.92 -5.05 75.83
C LYS VA 88 2.20 -4.80 75.06
N MET VA 89 2.29 -5.37 73.85
CA MET VA 89 3.51 -5.20 73.06
C MET VA 89 3.68 -3.77 72.60
N CYS VA 90 2.59 -3.13 72.21
CA CYS VA 90 2.71 -1.77 71.72
C CYS VA 90 2.87 -0.77 72.86
N SER VA 91 2.67 -1.19 74.10
CA SER VA 91 2.87 -0.31 75.24
C SER VA 91 4.27 -0.38 75.80
N MET VA 92 5.05 -1.39 75.40
CA MET VA 92 6.40 -1.54 75.93
C MET VA 92 7.47 -1.06 74.97
N VAL VA 93 7.19 -1.05 73.67
CA VAL VA 93 8.14 -0.54 72.70
C VAL VA 93 8.06 0.98 72.77
N LYS VA 94 9.06 1.60 73.35
CA LYS VA 94 9.13 3.04 73.42
C LYS VA 94 10.55 3.47 73.09
N LYS VA 95 10.71 4.75 72.77
CA LYS VA 95 11.99 5.21 72.27
C LYS VA 95 13.02 5.29 73.37
N TRP VA 96 14.24 5.58 72.94
CA TRP VA 96 15.42 5.82 73.77
C TRP VA 96 15.81 4.59 74.57
N GLN VA 97 15.63 3.42 73.99
CA GLN VA 97 16.08 2.20 74.63
C GLN VA 97 16.35 1.15 73.56
N THR VA 98 16.89 0.02 73.99
CA THR VA 98 17.23 -1.05 73.07
C THR VA 98 16.33 -2.24 73.37
N MET VA 99 15.74 -2.79 72.33
CA MET VA 99 14.94 -4.00 72.42
C MET VA 99 15.76 -5.19 71.96
N ILE VA 100 15.94 -6.16 72.83
CA ILE VA 100 16.59 -7.41 72.51
C ILE VA 100 15.50 -8.43 72.27
N GLU VA 101 15.49 -9.04 71.09
CA GLU VA 101 14.60 -10.15 70.81
C GLU VA 101 15.41 -11.40 70.49
N ALA VA 102 14.82 -12.56 70.75
CA ALA VA 102 15.49 -13.80 70.38
C ALA VA 102 14.46 -14.85 70.03
N HIS VA 103 14.94 -15.92 69.40
CA HIS VA 103 14.09 -17.06 69.09
C HIS VA 103 14.91 -18.34 69.13
N VAL VA 104 14.27 -19.41 69.60
CA VAL VA 104 14.87 -20.74 69.63
C VAL VA 104 13.86 -21.77 69.15
N ASP VA 105 14.37 -22.82 68.53
CA ASP VA 105 13.58 -23.98 68.10
C ASP VA 105 13.94 -25.12 69.03
N VAL VA 106 13.08 -25.36 70.02
CA VAL VA 106 13.33 -26.35 71.05
C VAL VA 106 12.30 -27.45 70.92
N LYS VA 107 12.72 -28.68 71.16
CA LYS VA 107 11.81 -29.82 71.23
C LYS VA 107 11.78 -30.34 72.65
N THR VA 108 10.57 -30.56 73.16
CA THR VA 108 10.40 -31.14 74.49
C THR VA 108 10.82 -32.60 74.51
N THR VA 109 10.70 -33.21 75.69
CA THR VA 109 10.98 -34.64 75.82
C THR VA 109 9.90 -35.50 75.18
N ASP VA 110 8.74 -34.93 74.90
CA ASP VA 110 7.66 -35.72 74.30
C ASP VA 110 7.82 -35.82 72.79
N GLY VA 111 8.11 -34.70 72.14
CA GLY VA 111 8.19 -34.67 70.70
C GLY VA 111 7.57 -33.40 70.18
N TYR VA 112 7.03 -32.61 71.09
CA TYR VA 112 6.49 -31.29 70.76
C TYR VA 112 7.63 -30.36 70.41
N LEU VA 113 7.72 -30.00 69.14
CA LEU VA 113 8.71 -29.05 68.66
C LEU VA 113 8.15 -27.65 68.78
N LEU VA 114 8.77 -26.82 69.61
CA LEU VA 114 8.27 -25.49 69.88
C LEU VA 114 9.22 -24.44 69.35
N ARG VA 115 8.70 -23.23 69.21
CA ARG VA 115 9.50 -22.07 68.86
C ARG VA 115 9.15 -20.93 69.80
N LEU VA 116 10.12 -20.48 70.58
CA LEU VA 116 9.89 -19.58 71.70
C LEU VA 116 10.51 -18.22 71.40
N PHE VA 117 9.74 -17.16 71.59
CA PHE VA 117 10.20 -15.82 71.26
C PHE VA 117 10.35 -15.04 72.55
N CYS VA 118 11.57 -14.68 72.90
CA CYS VA 118 11.79 -13.83 74.05
C CYS VA 118 11.99 -12.40 73.60
N VAL VA 119 11.52 -11.47 74.41
CA VAL VA 119 11.73 -10.06 74.16
C VAL VA 119 12.30 -9.47 75.45
N GLY VA 120 13.07 -8.40 75.31
CA GLY VA 120 13.68 -7.77 76.47
C GLY VA 120 13.99 -6.33 76.14
N PHE VA 121 13.92 -5.48 77.15
CA PHE VA 121 14.05 -4.04 76.98
C PHE VA 121 14.98 -3.50 78.03
N THR VA 122 15.89 -2.62 77.63
CA THR VA 122 16.86 -2.07 78.57
C THR VA 122 16.21 -1.06 79.51
N LYS VA 123 16.73 -0.97 80.72
CA LYS VA 123 16.10 -0.23 81.80
C LYS VA 123 16.86 1.05 82.12
N LYS VA 124 16.11 2.12 82.32
CA LYS VA 124 16.65 3.38 82.79
C LYS VA 124 16.87 3.29 84.29
N ARG VA 125 18.00 3.81 84.77
CA ARG VA 125 18.27 3.80 86.19
C ARG VA 125 17.47 4.89 86.91
N ASN VA 126 17.37 4.75 88.23
CA ASN VA 126 16.63 5.71 89.04
C ASN VA 126 17.37 7.03 89.19
N ASN VA 127 18.70 7.05 89.13
CA ASN VA 127 19.46 8.27 89.16
C ASN VA 127 19.98 8.68 87.79
N GLN VA 128 19.52 8.03 86.73
CA GLN VA 128 20.08 8.24 85.41
C GLN VA 128 19.68 9.60 84.86
N ILE VA 129 20.67 10.42 84.53
CA ILE VA 129 20.42 11.70 83.91
C ILE VA 129 20.42 11.59 82.39
N ARG VA 130 21.21 10.68 81.83
CA ARG VA 130 21.31 10.54 80.39
C ARG VA 130 19.99 10.02 79.83
N LYS VA 131 19.57 10.61 78.70
CA LYS VA 131 18.23 10.37 78.17
C LYS VA 131 18.13 8.97 77.58
N THR VA 132 19.13 8.56 76.83
CA THR VA 132 19.17 7.25 76.23
C THR VA 132 19.51 6.19 77.26
N SER VA 133 19.09 4.96 76.99
CA SER VA 133 19.69 3.81 77.66
C SER VA 133 19.89 2.74 76.60
N TYR VA 134 21.02 2.79 75.91
CA TYR VA 134 21.26 1.87 74.81
C TYR VA 134 22.37 0.91 75.13
N ALA VA 135 22.09 -0.37 74.94
CA ALA VA 135 23.10 -1.39 75.11
C ALA VA 135 23.93 -1.48 73.85
N GLN VA 136 25.24 -1.62 74.01
CA GLN VA 136 26.10 -1.73 72.85
C GLN VA 136 25.95 -3.11 72.22
N HIS VA 137 26.48 -3.22 71.00
CA HIS VA 137 26.14 -4.35 70.15
C HIS VA 137 26.78 -5.64 70.64
N GLN VA 138 27.95 -5.59 71.23
CA GLN VA 138 28.49 -6.78 71.84
C GLN VA 138 27.88 -7.09 73.19
N GLN VA 139 27.09 -6.18 73.74
CA GLN VA 139 26.31 -6.49 74.93
C GLN VA 139 24.96 -7.07 74.58
N VAL VA 140 24.36 -6.61 73.48
CA VAL VA 140 23.10 -7.16 73.02
C VAL VA 140 23.27 -8.61 72.62
N ARG VA 141 24.41 -8.95 72.01
CA ARG VA 141 24.63 -10.32 71.58
C ARG VA 141 24.84 -11.23 72.78
N GLN VA 142 25.49 -10.74 73.84
CA GLN VA 142 25.66 -11.54 75.05
C GLN VA 142 24.35 -11.76 75.78
N ILE VA 143 23.47 -10.78 75.79
CA ILE VA 143 22.13 -10.98 76.33
C ILE VA 143 21.35 -11.95 75.47
N ARG VA 144 21.47 -11.82 74.15
CA ARG VA 144 20.72 -12.68 73.25
C ARG VA 144 21.25 -14.10 73.28
N LYS VA 145 22.55 -14.27 73.49
CA LYS VA 145 23.10 -15.61 73.68
C LYS VA 145 22.59 -16.23 74.97
N LYS VA 146 22.33 -15.42 75.98
CA LYS VA 146 21.89 -15.97 77.25
C LYS VA 146 20.38 -16.11 77.35
N MET VA 147 19.62 -15.32 76.59
CA MET VA 147 18.19 -15.62 76.44
C MET VA 147 17.99 -16.96 75.77
N MET VA 148 18.81 -17.27 74.77
CA MET VA 148 18.64 -18.50 74.03
C MET VA 148 19.02 -19.71 74.85
N GLU VA 149 20.13 -19.66 75.57
CA GLU VA 149 20.54 -20.84 76.32
C GLU VA 149 19.71 -21.09 77.55
N ILE VA 150 18.97 -20.09 78.03
CA ILE VA 150 18.03 -20.32 79.11
C ILE VA 150 16.73 -20.92 78.60
N MET VA 151 16.24 -20.46 77.45
CA MET VA 151 15.04 -21.06 76.90
C MET VA 151 15.27 -22.46 76.37
N THR VA 152 16.50 -22.85 76.08
CA THR VA 152 16.79 -24.24 75.76
C THR VA 152 17.16 -25.05 76.99
N ARG VA 153 17.29 -24.43 78.14
CA ARG VA 153 17.60 -25.16 79.35
C ARG VA 153 16.34 -25.50 80.11
N GLU VA 154 15.32 -24.66 79.99
CA GLU VA 154 14.09 -24.80 80.73
C GLU VA 154 13.03 -25.59 79.98
N VAL VA 155 13.27 -25.92 78.72
CA VAL VA 155 12.28 -26.60 77.90
C VAL VA 155 12.76 -27.99 77.48
N GLN VA 156 14.06 -28.17 77.23
CA GLN VA 156 14.60 -29.46 76.80
C GLN VA 156 14.48 -30.56 77.84
N THR VA 157 14.28 -30.22 79.10
CA THR VA 157 14.22 -31.21 80.16
C THR VA 157 12.80 -31.48 80.63
N ASN VA 158 11.80 -31.13 79.83
CA ASN VA 158 10.44 -31.16 80.32
C ASN VA 158 9.52 -31.81 79.31
N ASP VA 159 8.35 -32.19 79.78
CA ASP VA 159 7.25 -32.57 78.92
C ASP VA 159 6.46 -31.32 78.57
N LEU VA 160 5.28 -31.49 77.96
CA LEU VA 160 4.50 -30.33 77.57
C LEU VA 160 3.88 -29.63 78.77
N LYS VA 161 3.51 -30.38 79.81
CA LYS VA 161 2.82 -29.72 80.92
C LYS VA 161 3.77 -28.95 81.82
N GLU VA 162 5.02 -29.40 82.00
CA GLU VA 162 5.96 -28.62 82.79
C GLU VA 162 6.42 -27.36 82.08
N VAL VA 163 6.39 -27.35 80.75
CA VAL VA 163 6.62 -26.11 80.01
C VAL VA 163 5.50 -25.13 80.29
N VAL VA 164 4.26 -25.60 80.25
CA VAL VA 164 3.11 -24.72 80.42
C VAL VA 164 3.02 -24.21 81.85
N ASN VA 165 3.35 -25.03 82.83
CA ASN VA 165 3.31 -24.58 84.22
C ASN VA 165 4.40 -23.58 84.55
N LYS VA 166 5.43 -23.44 83.73
CA LYS VA 166 6.40 -22.38 83.94
C LYS VA 166 6.06 -21.10 83.22
N LEU VA 167 5.15 -21.14 82.24
CA LEU VA 167 4.75 -19.94 81.55
C LEU VA 167 3.29 -19.60 81.75
N ILE VA 168 2.64 -20.20 82.74
CA ILE VA 168 1.45 -19.57 83.31
C ILE VA 168 1.90 -18.41 84.20
N PRO VA 169 2.84 -18.53 85.15
CA PRO VA 169 3.29 -17.31 85.84
C PRO VA 169 4.47 -16.61 85.18
N ASP VA 170 4.96 -17.15 84.06
CA ASP VA 170 6.13 -16.66 83.33
C ASP VA 170 7.37 -16.63 84.23
N SER VA 171 7.79 -17.82 84.64
CA SER VA 171 9.01 -17.94 85.41
C SER VA 171 10.25 -17.88 84.54
N ILE VA 172 10.10 -18.07 83.23
CA ILE VA 172 11.26 -18.07 82.33
C ILE VA 172 11.82 -16.67 82.20
N GLY VA 173 10.96 -15.68 81.96
CA GLY VA 173 11.45 -14.32 81.80
C GLY VA 173 11.98 -13.71 83.07
N LYS VA 174 11.44 -14.13 84.22
CA LYS VA 174 12.02 -13.71 85.50
C LYS VA 174 13.41 -14.28 85.69
N ASP VA 175 13.64 -15.51 85.22
CA ASP VA 175 14.97 -16.08 85.27
C ASP VA 175 15.93 -15.39 84.31
N ILE VA 176 15.44 -14.96 83.15
CA ILE VA 176 16.26 -14.21 82.21
C ILE VA 176 16.60 -12.83 82.75
N GLU VA 177 15.60 -12.14 83.30
CA GLU VA 177 15.78 -10.81 83.86
C GLU VA 177 16.72 -10.81 85.06
N LYS VA 178 16.76 -11.91 85.80
CA LYS VA 178 17.75 -12.04 86.88
C LYS VA 178 19.13 -12.28 86.30
N ALA VA 179 19.22 -13.06 85.23
CA ALA VA 179 20.49 -13.51 84.71
C ALA VA 179 21.13 -12.52 83.74
N CYS VA 180 20.59 -11.31 83.64
CA CYS VA 180 21.19 -10.27 82.81
C CYS VA 180 21.45 -8.98 83.57
N GLN VA 181 21.39 -9.00 84.90
CA GLN VA 181 21.72 -7.81 85.67
C GLN VA 181 23.17 -7.42 85.51
N SER VA 182 24.04 -8.41 85.34
CA SER VA 182 25.48 -8.18 85.28
C SER VA 182 25.97 -7.78 83.90
N ILE VA 183 25.08 -7.62 82.93
CA ILE VA 183 25.45 -7.20 81.58
C ILE VA 183 24.85 -5.85 81.24
N TYR VA 184 23.52 -5.76 81.20
CA TYR VA 184 22.81 -4.51 81.08
C TYR VA 184 21.42 -4.76 81.67
N PRO VA 185 20.96 -3.96 82.63
CA PRO VA 185 19.69 -4.28 83.31
C PRO VA 185 18.48 -4.12 82.41
N LEU VA 186 17.64 -5.16 82.40
CA LEU VA 186 16.44 -5.26 81.58
C LEU VA 186 15.22 -5.18 82.47
N HIS VA 187 14.09 -4.75 81.90
CA HIS VA 187 12.92 -4.53 82.74
C HIS VA 187 11.61 -5.07 82.20
N ASP VA 188 11.49 -5.40 80.93
CA ASP VA 188 10.22 -5.94 80.43
C ASP VA 188 10.43 -7.28 79.77
N VAL VA 189 11.08 -8.20 80.47
CA VAL VA 189 11.42 -9.48 79.90
C VAL VA 189 10.17 -10.36 79.90
N PHE VA 190 9.80 -10.86 78.73
CA PHE VA 190 8.71 -11.80 78.57
C PHE VA 190 9.06 -12.80 77.49
N VAL VA 191 8.38 -13.92 77.52
CA VAL VA 191 8.27 -14.75 76.34
C VAL VA 191 7.19 -14.11 75.47
N ARG VA 192 7.58 -13.67 74.28
CA ARG VA 192 6.69 -12.85 73.46
C ARG VA 192 5.55 -13.69 72.91
N LYS VA 193 5.87 -14.88 72.40
CA LYS VA 193 4.84 -15.83 72.02
C LYS VA 193 5.47 -17.22 72.02
N VAL VA 194 4.64 -18.24 72.03
CA VAL VA 194 5.10 -19.61 71.84
C VAL VA 194 4.34 -20.18 70.66
N LYS VA 195 5.08 -20.76 69.72
CA LYS VA 195 4.52 -21.24 68.48
C LYS VA 195 4.89 -22.70 68.32
N MET VA 196 3.90 -23.57 68.18
CA MET VA 196 4.12 -25.00 68.15
C MET VA 196 4.31 -25.46 66.72
N LEU VA 197 5.47 -26.04 66.45
CA LEU VA 197 5.86 -26.36 65.08
C LEU VA 197 5.33 -27.71 64.61
N LYS VA 198 5.70 -28.79 65.28
CA LYS VA 198 5.14 -30.07 64.90
C LYS VA 198 4.77 -30.84 66.15
N LYS VA 199 3.75 -31.67 66.04
CA LYS VA 199 3.20 -32.42 67.14
C LYS VA 199 3.50 -33.89 66.94
N PRO VA 200 3.64 -34.66 68.02
CA PRO VA 200 3.78 -36.10 67.87
C PRO VA 200 2.47 -36.74 67.42
N LYS VA 201 2.57 -38.02 67.09
CA LYS VA 201 1.40 -38.78 66.65
C LYS VA 201 0.44 -38.94 67.82
N PHE VA 202 -0.77 -38.44 67.64
CA PHE VA 202 -1.69 -38.29 68.76
C PHE VA 202 -2.24 -39.63 69.23
N GLU VA 203 -2.23 -39.84 70.53
CA GLU VA 203 -2.89 -40.96 71.16
C GLU VA 203 -3.79 -40.44 72.28
N LEU VA 204 -4.73 -41.29 72.69
CA LEU VA 204 -5.72 -40.89 73.67
C LEU VA 204 -5.18 -40.91 75.10
N GLY VA 205 -4.11 -41.65 75.36
CA GLY VA 205 -3.63 -41.80 76.72
C GLY VA 205 -3.03 -40.54 77.30
N LYS VA 206 -2.22 -39.82 76.52
CA LYS VA 206 -1.58 -38.62 77.03
C LYS VA 206 -2.57 -37.48 77.21
N LEU VA 207 -3.57 -37.41 76.34
CA LEU VA 207 -4.57 -36.36 76.49
C LEU VA 207 -5.46 -36.61 77.70
N MET VA 208 -5.77 -37.87 77.98
CA MET VA 208 -6.51 -38.19 79.19
C MET VA 208 -5.65 -38.05 80.44
N GLU VA 209 -4.33 -38.06 80.30
CA GLU VA 209 -3.49 -37.75 81.45
C GLU VA 209 -3.66 -36.30 81.87
N LEU VA 210 -3.89 -35.41 80.91
CA LEU VA 210 -4.06 -34.00 81.23
C LEU VA 210 -5.43 -33.74 81.83
N HIS VA 211 -6.47 -33.96 81.04
CA HIS VA 211 -7.86 -33.78 81.48
C HIS VA 211 -8.24 -34.74 82.59
N GLN WA 1 -45.47 95.68 53.26
CA GLN WA 1 -45.17 94.62 54.21
C GLN WA 1 -44.67 93.35 53.51
N ILE WA 2 -44.08 92.45 54.28
CA ILE WA 2 -43.50 91.23 53.75
C ILE WA 2 -43.63 90.15 54.81
N SER WA 3 -43.64 88.89 54.36
CA SER WA 3 -43.70 87.78 55.29
C SER WA 3 -42.37 87.62 56.02
N LYS WA 4 -42.46 87.26 57.30
CA LYS WA 4 -41.24 87.16 58.10
C LYS WA 4 -40.45 85.90 57.81
N LYS WA 5 -41.04 84.88 57.19
CA LYS WA 5 -40.21 83.80 56.66
C LYS WA 5 -39.46 84.25 55.43
N ARG WA 6 -39.96 85.26 54.74
CA ARG WA 6 -39.23 85.84 53.62
C ARG WA 6 -38.28 86.93 54.09
N LYS WA 7 -38.61 87.61 55.19
CA LYS WA 7 -37.84 88.78 55.61
C LYS WA 7 -36.47 88.40 56.11
N PHE WA 8 -36.38 87.33 56.91
CA PHE WA 8 -35.07 86.86 57.35
C PHE WA 8 -34.26 86.27 56.23
N VAL WA 9 -34.91 85.73 55.20
CA VAL WA 9 -34.18 85.20 54.05
C VAL WA 9 -33.55 86.32 53.25
N ALA WA 10 -34.33 87.34 52.89
CA ALA WA 10 -33.86 88.42 52.04
C ALA WA 10 -32.82 89.30 52.73
N ASP WA 11 -32.82 89.35 54.06
CA ASP WA 11 -31.74 90.00 54.77
C ASP WA 11 -30.45 89.19 54.69
N GLY WA 12 -30.56 87.87 54.64
CA GLY WA 12 -29.39 87.05 54.40
C GLY WA 12 -28.86 87.18 52.99
N ILE WA 13 -29.75 87.31 52.01
CA ILE WA 13 -29.33 87.53 50.64
C ILE WA 13 -28.73 88.92 50.49
N PHE WA 14 -29.16 89.85 51.36
CA PHE WA 14 -28.60 91.20 51.37
C PHE WA 14 -27.12 91.20 51.72
N LYS WA 15 -26.79 90.76 52.92
CA LYS WA 15 -25.40 90.83 53.37
C LYS WA 15 -24.53 89.75 52.77
N ALA WA 16 -25.09 88.79 52.03
CA ALA WA 16 -24.26 87.87 51.27
C ALA WA 16 -23.78 88.54 49.99
N GLU WA 17 -24.66 89.25 49.29
CA GLU WA 17 -24.25 90.01 48.12
C GLU WA 17 -23.37 91.18 48.51
N LEU WA 18 -23.64 91.78 49.67
CA LEU WA 18 -22.81 92.88 50.16
C LEU WA 18 -21.41 92.38 50.49
N ASN WA 19 -21.30 91.21 51.11
CA ASN WA 19 -20.00 90.67 51.45
C ASN WA 19 -19.25 90.22 50.21
N GLU WA 20 -19.97 89.91 49.13
CA GLU WA 20 -19.30 89.43 47.93
C GLU WA 20 -18.81 90.56 47.06
N PHE WA 21 -19.48 91.72 47.07
CA PHE WA 21 -18.93 92.84 46.33
C PHE WA 21 -17.72 93.44 47.02
N LEU WA 22 -17.80 93.60 48.34
CA LEU WA 22 -16.67 94.17 49.06
C LEU WA 22 -15.48 93.24 49.08
N THR WA 23 -15.69 91.94 48.90
CA THR WA 23 -14.57 91.04 48.70
C THR WA 23 -13.88 91.30 47.38
N ARG WA 24 -14.66 91.51 46.32
CA ARG WA 24 -14.07 91.79 45.01
C ARG WA 24 -13.49 93.20 44.96
N GLU WA 25 -14.15 94.15 45.61
CA GLU WA 25 -13.70 95.53 45.51
C GLU WA 25 -12.49 95.79 46.40
N LEU WA 26 -12.51 95.27 47.62
CA LEU WA 26 -11.46 95.52 48.58
C LEU WA 26 -10.58 94.29 48.76
N ALA WA 27 -10.30 93.59 47.65
CA ALA WA 27 -9.46 92.41 47.71
C ALA WA 27 -8.01 92.73 48.02
N GLU WA 28 -7.58 93.96 47.76
CA GLU WA 28 -6.17 94.32 47.81
C GLU WA 28 -5.76 95.04 49.08
N ASP WA 29 -6.66 95.19 50.06
CA ASP WA 29 -6.30 95.94 51.25
C ASP WA 29 -6.79 95.26 52.52
N GLY WA 30 -6.68 93.94 52.57
CA GLY WA 30 -6.84 93.23 53.82
C GLY WA 30 -8.24 93.20 54.38
N TYR WA 31 -9.24 93.39 53.53
CA TYR WA 31 -10.63 93.29 53.93
C TYR WA 31 -10.96 91.89 54.45
N SER WA 32 -11.76 91.84 55.52
CA SER WA 32 -12.05 90.54 56.10
C SER WA 32 -13.54 90.23 56.17
N GLY WA 33 -14.36 91.22 56.54
CA GLY WA 33 -15.75 90.92 56.80
C GLY WA 33 -16.63 92.15 56.88
N VAL WA 34 -17.92 91.90 57.02
CA VAL WA 34 -18.96 92.92 57.12
C VAL WA 34 -19.86 92.57 58.28
N GLU WA 35 -20.09 93.52 59.18
CA GLU WA 35 -21.10 93.38 60.22
C GLU WA 35 -22.23 94.37 59.93
N VAL WA 36 -23.46 93.89 60.02
CA VAL WA 36 -24.64 94.60 59.55
C VAL WA 36 -25.47 95.03 60.75
N ARG WA 37 -25.87 96.30 60.75
CA ARG WA 37 -26.64 96.90 61.84
C ARG WA 37 -27.87 97.61 61.27
N VAL WA 38 -28.66 96.87 60.51
CA VAL WA 38 -29.99 97.32 60.06
C VAL WA 38 -30.82 97.74 61.25
N THR WA 39 -31.23 99.01 61.26
CA THR WA 39 -31.97 99.66 62.32
C THR WA 39 -33.10 100.45 61.67
N PRO WA 40 -34.15 100.79 62.42
CA PRO WA 40 -35.12 101.77 61.88
C PRO WA 40 -34.55 103.18 61.80
N THR WA 41 -33.51 103.47 62.55
CA THR WA 41 -32.67 104.64 62.33
C THR WA 41 -31.61 104.28 61.27
N ARG WA 42 -30.55 105.09 61.18
CA ARG WA 42 -29.53 104.92 60.15
C ARG WA 42 -28.84 103.56 60.27
N THR WA 43 -28.84 102.82 59.16
CA THR WA 43 -28.22 101.50 59.09
C THR WA 43 -26.72 101.64 58.90
N GLU WA 44 -25.96 101.22 59.90
CA GLU WA 44 -24.51 101.31 59.86
C GLU WA 44 -23.92 99.97 59.44
N ILE WA 45 -22.93 100.01 58.55
CA ILE WA 45 -22.18 98.83 58.12
C ILE WA 45 -20.73 99.07 58.48
N ILE WA 46 -20.12 98.13 59.19
CA ILE WA 46 -18.73 98.26 59.62
C ILE WA 46 -17.87 97.33 58.78
N ILE WA 47 -16.96 97.90 58.00
CA ILE WA 47 -16.06 97.14 57.15
C ILE WA 47 -14.78 96.90 57.93
N LEU WA 48 -14.41 95.63 58.08
CA LEU WA 48 -13.25 95.24 58.86
C LEU WA 48 -12.09 95.00 57.91
N ALA WA 49 -10.96 95.66 58.16
CA ALA WA 49 -9.79 95.52 57.31
C ALA WA 49 -8.54 95.79 58.12
N THR WA 50 -7.40 95.60 57.47
CA THR WA 50 -6.11 95.90 58.07
C THR WA 50 -5.34 97.02 57.38
N ARG WA 51 -5.79 97.47 56.22
CA ARG WA 51 -5.31 98.68 55.57
C ARG WA 51 -6.49 99.65 55.50
N THR WA 52 -6.68 100.40 56.59
CA THR WA 52 -7.78 101.36 56.64
C THR WA 52 -7.56 102.50 55.64
N GLN WA 53 -6.31 102.95 55.50
CA GLN WA 53 -6.01 104.07 54.63
C GLN WA 53 -6.17 103.73 53.15
N ASN WA 54 -6.24 102.46 52.79
CA ASN WA 54 -6.64 102.08 51.43
C ASN WA 54 -8.12 101.79 51.29
N VAL WA 55 -8.80 101.43 52.38
CA VAL WA 55 -10.25 101.47 52.37
C VAL WA 55 -10.72 102.89 52.20
N LEU WA 56 -10.14 103.81 52.97
CA LEU WA 56 -10.33 105.23 52.76
C LEU WA 56 -9.56 105.67 51.52
N GLY WA 57 -9.82 106.91 51.09
CA GLY WA 57 -9.15 107.47 49.95
C GLY WA 57 -8.39 108.74 50.30
N GLU WA 58 -8.08 109.52 49.27
CA GLU WA 58 -7.50 110.84 49.47
C GLU WA 58 -8.53 111.75 50.10
N LYS WA 59 -8.24 112.20 51.32
CA LYS WA 59 -9.19 112.85 52.23
C LYS WA 59 -10.46 112.02 52.41
N GLY WA 60 -10.27 110.71 52.54
CA GLY WA 60 -11.38 109.79 52.70
C GLY WA 60 -12.29 109.68 51.49
N ARG WA 61 -11.72 109.70 50.29
CA ARG WA 61 -12.52 109.72 49.07
C ARG WA 61 -13.19 108.39 48.81
N ARG WA 62 -12.41 107.31 48.89
CA ARG WA 62 -12.87 106.01 48.42
C ARG WA 62 -13.99 105.45 49.28
N ILE WA 63 -14.07 105.89 50.54
CA ILE WA 63 -15.20 105.48 51.36
C ILE WA 63 -16.45 106.28 51.00
N ARG WA 64 -16.30 107.42 50.34
CA ARG WA 64 -17.46 108.18 49.91
C ARG WA 64 -18.00 107.72 48.58
N GLU WA 65 -17.17 107.07 47.76
CA GLU WA 65 -17.67 106.47 46.54
C GLU WA 65 -18.12 105.03 46.75
N LEU WA 66 -17.75 104.43 47.87
CA LEU WA 66 -18.19 103.09 48.22
C LEU WA 66 -19.51 103.09 48.95
N THR WA 67 -19.78 104.11 49.78
CA THR WA 67 -21.08 104.26 50.40
C THR WA 67 -22.15 104.72 49.43
N ALA WA 68 -21.76 105.19 48.25
CA ALA WA 68 -22.72 105.68 47.29
C ALA WA 68 -23.29 104.57 46.43
N VAL WA 69 -22.45 103.62 46.02
CA VAL WA 69 -22.93 102.51 45.20
C VAL WA 69 -23.78 101.56 46.01
N VAL WA 70 -23.64 101.56 47.33
CA VAL WA 70 -24.46 100.72 48.17
C VAL WA 70 -25.91 101.16 48.14
N GLN WA 71 -26.16 102.44 48.33
CA GLN WA 71 -27.53 102.93 48.37
C GLN WA 71 -28.16 103.09 46.98
N LYS WA 72 -27.42 102.81 45.91
CA LYS WA 72 -27.95 102.91 44.55
C LYS WA 72 -28.43 101.60 43.97
N ARG WA 73 -27.83 100.48 44.34
CA ARG WA 73 -28.38 99.18 43.95
C ARG WA 73 -29.37 98.65 44.97
N PHE WA 74 -29.06 98.82 46.25
CA PHE WA 74 -29.94 98.32 47.29
C PHE WA 74 -31.18 99.16 47.48
N GLY WA 75 -31.19 100.39 46.97
CA GLY WA 75 -32.36 101.24 47.04
C GLY WA 75 -32.63 101.79 48.42
N PHE WA 76 -31.58 102.27 49.09
CA PHE WA 76 -31.77 102.95 50.35
C PHE WA 76 -32.28 104.36 50.14
N PRO WA 77 -33.02 104.90 51.10
CA PRO WA 77 -33.23 106.35 51.12
C PRO WA 77 -31.92 107.05 51.43
N GLU WA 78 -31.66 108.11 50.67
CA GLU WA 78 -30.34 108.76 50.61
C GLU WA 78 -30.05 109.45 51.93
N GLY WA 79 -29.12 108.89 52.68
CA GLY WA 79 -28.85 109.38 54.02
C GLY WA 79 -29.39 108.45 55.08
N SER WA 80 -29.32 107.15 54.81
CA SER WA 80 -29.73 106.16 55.79
C SER WA 80 -28.72 105.02 55.89
N VAL WA 81 -27.50 105.22 55.39
CA VAL WA 81 -26.50 104.16 55.34
C VAL WA 81 -25.13 104.83 55.44
N GLU WA 82 -24.20 104.17 56.14
CA GLU WA 82 -22.91 104.74 56.44
C GLU WA 82 -21.92 103.63 56.67
N LEU WA 83 -20.67 103.87 56.28
CA LEU WA 83 -19.62 102.87 56.38
C LEU WA 83 -18.55 103.34 57.35
N TYR WA 84 -18.14 102.44 58.24
CA TYR WA 84 -16.89 102.62 58.95
C TYR WA 84 -15.83 101.74 58.31
N ALA WA 85 -14.59 101.95 58.74
CA ALA WA 85 -13.47 101.09 58.37
C ALA WA 85 -12.67 100.80 59.62
N GLU WA 86 -12.93 99.67 60.25
CA GLU WA 86 -12.37 99.36 61.55
C GLU WA 86 -11.14 98.49 61.35
N LYS WA 87 -10.12 98.73 62.18
CA LYS WA 87 -8.85 98.02 62.10
C LYS WA 87 -8.94 96.70 62.85
N VAL WA 88 -8.76 95.60 62.13
CA VAL WA 88 -8.83 94.27 62.74
C VAL WA 88 -7.64 94.06 63.66
N ALA WA 89 -7.89 93.45 64.81
CA ALA WA 89 -6.95 93.45 65.92
C ALA WA 89 -5.80 92.47 65.74
N THR WA 90 -6.05 91.28 65.20
CA THR WA 90 -5.01 90.30 64.94
C THR WA 90 -4.98 90.02 63.45
N ARG WA 91 -3.88 90.41 62.81
CA ARG WA 91 -3.76 90.23 61.37
C ARG WA 91 -3.63 88.76 61.01
N GLY WA 92 -2.72 88.06 61.67
CA GLY WA 92 -2.45 86.69 61.29
C GLY WA 92 -3.29 85.67 62.02
N LEU WA 93 -4.57 85.97 62.23
CA LEU WA 93 -5.44 85.05 62.92
C LEU WA 93 -6.79 84.86 62.24
N CYS WA 94 -7.17 85.71 61.30
CA CYS WA 94 -8.33 85.45 60.46
C CYS WA 94 -7.87 84.88 59.12
N ALA WA 95 -8.66 83.96 58.59
CA ALA WA 95 -8.26 83.21 57.41
C ALA WA 95 -8.41 83.98 56.11
N ILE WA 96 -9.28 85.00 56.09
CA ILE WA 96 -9.53 85.74 54.86
C ILE WA 96 -8.32 86.60 54.51
N ALA WA 97 -7.80 87.34 55.49
CA ALA WA 97 -6.70 88.25 55.23
C ALA WA 97 -5.42 87.52 54.91
N GLN WA 98 -5.22 86.34 55.47
CA GLN WA 98 -4.06 85.55 55.11
C GLN WA 98 -4.17 84.92 53.74
N ALA WA 99 -5.39 84.59 53.32
CA ALA WA 99 -5.58 84.10 51.95
C ALA WA 99 -5.37 85.19 50.92
N GLU WA 100 -5.79 86.43 51.22
CA GLU WA 100 -5.54 87.53 50.31
C GLU WA 100 -4.10 87.99 50.33
N SER WA 101 -3.43 87.87 51.48
CA SER WA 101 -2.00 88.13 51.52
C SER WA 101 -1.24 87.09 50.74
N LEU WA 102 -1.71 85.85 50.75
CA LEU WA 102 -1.00 84.80 50.06
C LEU WA 102 -1.20 84.87 48.56
N ARG WA 103 -2.41 85.16 48.09
CA ARG WA 103 -2.65 85.20 46.66
C ARG WA 103 -2.09 86.45 45.99
N TYR WA 104 -1.50 87.36 46.73
CA TYR WA 104 -0.78 88.48 46.16
C TYR WA 104 0.72 88.31 46.25
N LYS WA 105 1.22 87.44 47.11
CA LYS WA 105 2.61 87.04 47.03
C LYS WA 105 2.83 86.21 45.76
N LEU WA 106 1.85 85.40 45.39
CA LEU WA 106 1.95 84.53 44.23
C LEU WA 106 1.83 85.30 42.92
N LEU WA 107 1.01 86.35 42.89
CA LEU WA 107 0.99 87.21 41.72
C LEU WA 107 2.24 88.07 41.60
N GLY WA 108 3.00 88.22 42.68
CA GLY WA 108 4.26 88.92 42.63
C GLY WA 108 5.42 88.04 42.24
N GLY WA 109 5.13 86.89 41.64
CA GLY WA 109 6.15 86.02 41.09
C GLY WA 109 6.93 85.21 42.08
N LEU WA 110 6.62 85.30 43.38
CA LEU WA 110 7.32 84.53 44.38
C LEU WA 110 7.01 83.05 44.24
N ALA WA 111 7.96 82.22 44.64
CA ALA WA 111 7.78 80.78 44.58
C ALA WA 111 6.78 80.34 45.65
N VAL WA 112 6.04 79.28 45.34
CA VAL WA 112 5.00 78.81 46.23
C VAL WA 112 5.57 78.19 47.51
N ARG WA 113 6.74 77.56 47.44
CA ARG WA 113 7.31 76.92 48.61
C ARG WA 113 7.82 77.94 49.61
N ARG WA 114 8.26 79.10 49.11
CA ARG WA 114 8.73 80.16 49.99
C ARG WA 114 7.59 81.01 50.51
N ALA WA 115 6.59 81.27 49.68
CA ALA WA 115 5.49 82.14 50.08
C ALA WA 115 4.58 81.46 51.09
N CYS WA 116 4.32 80.17 50.92
CA CYS WA 116 3.42 79.48 51.83
C CYS WA 116 4.06 79.25 53.19
N TYR WA 117 5.38 79.06 53.22
CA TYR WA 117 6.07 78.86 54.49
C TYR WA 117 6.05 80.12 55.34
N GLY WA 118 6.20 81.29 54.71
CA GLY WA 118 6.13 82.54 55.43
C GLY WA 118 4.75 82.87 55.96
N VAL WA 119 3.71 82.46 55.25
CA VAL WA 119 2.35 82.61 55.77
C VAL WA 119 2.12 81.64 56.90
N LEU WA 120 2.66 80.44 56.77
CA LEU WA 120 2.58 79.43 57.81
C LEU WA 120 3.28 79.88 59.09
N ARG WA 121 4.43 80.53 58.95
CA ARG WA 121 5.16 81.05 60.11
C ARG WA 121 4.44 82.24 60.70
N PHE WA 122 3.83 83.07 59.86
CA PHE WA 122 3.18 84.28 60.34
C PHE WA 122 1.91 83.99 61.12
N ILE WA 123 1.27 82.85 60.87
CA ILE WA 123 0.06 82.52 61.62
C ILE WA 123 0.40 81.96 62.99
N MET WA 124 1.41 81.08 63.06
CA MET WA 124 1.76 80.47 64.33
C MET WA 124 2.47 81.45 65.24
N GLU WA 125 3.17 82.42 64.68
CA GLU WA 125 3.77 83.47 65.49
C GLU WA 125 2.71 84.44 66.01
N SER WA 126 1.61 84.60 65.29
CA SER WA 126 0.57 85.55 65.66
C SER WA 126 -0.31 85.06 66.79
N GLY WA 127 -0.05 83.89 67.35
CA GLY WA 127 -0.88 83.40 68.42
C GLY WA 127 -2.01 82.54 67.92
N ALA WA 128 -1.68 81.52 67.15
CA ALA WA 128 -2.66 80.57 66.68
C ALA WA 128 -2.32 79.19 67.23
N LYS WA 129 -3.34 78.37 67.35
CA LYS WA 129 -3.12 77.02 67.86
C LYS WA 129 -2.60 76.08 66.78
N GLY WA 130 -3.03 76.27 65.54
CA GLY WA 130 -2.55 75.44 64.45
C GLY WA 130 -3.19 75.90 63.15
N CYS WA 131 -2.50 75.63 62.05
CA CYS WA 131 -2.97 76.12 60.76
C CYS WA 131 -2.58 75.18 59.64
N GLU WA 132 -3.39 75.18 58.58
CA GLU WA 132 -3.15 74.42 57.36
C GLU WA 132 -3.18 75.36 56.18
N VAL WA 133 -2.19 75.22 55.30
CA VAL WA 133 -2.17 75.91 54.01
C VAL WA 133 -2.10 74.84 52.94
N VAL WA 134 -3.11 74.80 52.09
CA VAL WA 134 -3.20 73.83 51.01
C VAL WA 134 -3.23 74.59 49.70
N VAL WA 135 -2.27 74.32 48.83
CA VAL WA 135 -2.19 74.94 47.52
C VAL WA 135 -2.24 73.82 46.49
N SER WA 136 -3.35 73.74 45.76
CA SER WA 136 -3.56 72.74 44.74
C SER WA 136 -3.66 73.40 43.38
N GLY WA 137 -3.15 72.70 42.36
CA GLY WA 137 -3.27 73.13 40.98
C GLY WA 137 -2.03 72.76 40.21
N LYS WA 138 -1.79 73.49 39.13
CA LYS WA 138 -0.66 73.22 38.24
C LYS WA 138 0.57 73.93 38.78
N LEU WA 139 1.32 73.25 39.64
CA LEU WA 139 2.51 73.84 40.24
C LEU WA 139 3.76 73.63 39.39
N ARG WA 140 4.12 72.38 39.13
CA ARG WA 140 5.31 72.05 38.35
C ARG WA 140 4.88 71.12 37.22
N GLY WA 141 4.96 71.59 35.99
CA GLY WA 141 4.57 70.81 34.84
C GLY WA 141 3.19 71.19 34.33
N GLN WA 142 2.49 70.19 33.82
CA GLN WA 142 1.09 70.33 33.47
C GLN WA 142 0.18 69.45 34.29
N ARG WA 143 0.71 68.59 35.14
CA ARG WA 143 -0.14 67.77 35.99
C ARG WA 143 -0.50 68.55 37.25
N ALA WA 144 -1.75 68.40 37.67
CA ALA WA 144 -2.19 69.03 38.91
C ALA WA 144 -1.58 68.31 40.10
N LYS WA 145 -0.88 69.06 40.94
CA LYS WA 145 -0.28 68.53 42.15
C LYS WA 145 -0.66 69.38 43.34
N SER WA 146 -1.25 68.76 44.35
CA SER WA 146 -1.56 69.47 45.58
C SER WA 146 -0.31 69.63 46.42
N MET WA 147 -0.38 70.54 47.38
CA MET WA 147 0.73 70.80 48.29
C MET WA 147 0.14 71.30 49.59
N LYS WA 148 0.44 70.63 50.70
CA LYS WA 148 -0.20 70.86 51.98
C LYS WA 148 0.85 71.17 53.05
N PHE WA 149 0.66 72.29 53.76
CA PHE WA 149 1.61 72.76 54.77
C PHE WA 149 0.91 72.79 56.13
N VAL WA 150 1.38 71.96 57.05
CA VAL WA 150 0.72 71.78 58.34
C VAL WA 150 1.74 72.01 59.46
N ASP WA 151 1.31 72.71 60.51
CA ASP WA 151 1.93 72.56 61.83
C ASP WA 151 0.89 72.85 62.91
N GLY WA 152 1.00 72.17 64.03
CA GLY WA 152 0.15 72.44 65.18
C GLY WA 152 -1.07 71.53 65.20
N LEU WA 153 -2.00 71.89 66.08
CA LEU WA 153 -3.24 71.15 66.24
C LEU WA 153 -4.20 71.51 65.12
N MET WA 154 -5.03 70.54 64.73
CA MET WA 154 -6.09 70.80 63.76
C MET WA 154 -7.18 69.76 63.94
N ILE WA 155 -8.38 70.20 64.32
CA ILE WA 155 -9.52 69.30 64.42
C ILE WA 155 -10.22 69.21 63.07
N HIS WA 156 -10.96 68.14 62.91
CA HIS WA 156 -11.67 67.93 61.65
C HIS WA 156 -13.13 67.56 61.83
N SER WA 157 -13.49 66.89 62.90
CA SER WA 157 -14.82 66.32 63.06
C SER WA 157 -15.52 66.88 64.28
N GLY WA 158 -16.84 67.04 64.16
CA GLY WA 158 -17.66 67.44 65.27
C GLY WA 158 -18.18 68.86 65.13
N ASP WA 159 -19.03 69.22 66.09
CA ASP WA 159 -19.44 70.62 66.24
C ASP WA 159 -18.32 71.64 66.41
N PRO WA 160 -17.23 71.44 67.19
CA PRO WA 160 -16.23 72.50 67.33
C PRO WA 160 -15.49 72.91 66.05
N VAL WA 161 -15.71 72.22 64.94
CA VAL WA 161 -15.20 72.69 63.66
C VAL WA 161 -15.91 73.97 63.24
N ASN WA 162 -17.14 74.16 63.72
CA ASN WA 162 -17.93 75.31 63.29
C ASN WA 162 -17.43 76.64 63.82
N TYR WA 163 -16.67 76.63 64.92
CA TYR WA 163 -16.25 77.90 65.49
C TYR WA 163 -14.83 77.92 66.03
N TYR WA 164 -14.05 76.84 65.92
CA TYR WA 164 -12.64 76.93 66.22
C TYR WA 164 -11.78 77.18 65.00
N VAL WA 165 -12.20 76.77 63.82
CA VAL WA 165 -11.44 77.00 62.60
C VAL WA 165 -12.25 77.93 61.71
N ASP WA 166 -11.56 78.81 61.01
CA ASP WA 166 -12.14 79.60 59.94
C ASP WA 166 -11.44 79.24 58.64
N THR WA 167 -12.21 79.06 57.59
CA THR WA 167 -11.68 78.65 56.31
C THR WA 167 -11.80 79.79 55.31
N ALA WA 168 -10.97 79.73 54.29
CA ALA WA 168 -11.02 80.71 53.22
C ALA WA 168 -10.54 80.03 51.96
N VAL WA 169 -11.32 80.13 50.91
CA VAL WA 169 -11.04 79.43 49.67
C VAL WA 169 -10.92 80.50 48.60
N ARG WA 170 -9.70 80.84 48.23
CA ARG WA 170 -9.47 81.84 47.21
C ARG WA 170 -8.87 81.21 45.97
N HIS WA 171 -9.11 81.88 44.84
CA HIS WA 171 -8.44 81.54 43.61
C HIS WA 171 -7.24 82.45 43.45
N VAL WA 172 -6.32 82.04 42.60
CA VAL WA 172 -5.37 82.96 42.01
C VAL WA 172 -5.19 82.57 40.55
N LEU WA 173 -5.40 83.52 39.67
CA LEU WA 173 -5.25 83.29 38.25
C LEU WA 173 -3.80 83.56 37.88
N LEU WA 174 -3.06 82.51 37.59
CA LEU WA 174 -1.73 82.66 37.04
C LEU WA 174 -1.84 82.59 35.52
N ARG WA 175 -0.72 82.64 34.81
CA ARG WA 175 -0.78 82.71 33.35
C ARG WA 175 -1.14 81.37 32.74
N GLN WA 176 -0.95 80.28 33.45
CA GLN WA 176 -1.18 78.96 32.88
C GLN WA 176 -2.45 78.32 33.38
N GLY WA 177 -3.02 78.81 34.47
CA GLY WA 177 -4.24 78.22 34.99
C GLY WA 177 -4.56 78.80 36.35
N VAL WA 178 -5.60 78.25 36.96
CA VAL WA 178 -6.08 78.68 38.26
C VAL WA 178 -5.48 77.80 39.34
N LEU WA 179 -4.88 78.44 40.33
CA LEU WA 179 -4.33 77.76 41.48
C LEU WA 179 -5.23 78.07 42.67
N GLY WA 180 -5.56 77.06 43.45
CA GLY WA 180 -6.51 77.22 44.55
C GLY WA 180 -5.79 77.29 45.88
N ILE WA 181 -6.26 78.20 46.74
CA ILE WA 181 -5.60 78.50 48.01
C ILE WA 181 -6.62 78.32 49.12
N LYS WA 182 -6.40 77.30 49.95
CA LYS WA 182 -7.26 77.01 51.08
C LYS WA 182 -6.45 77.18 52.35
N VAL WA 183 -6.90 78.05 53.24
CA VAL WA 183 -6.24 78.29 54.51
C VAL WA 183 -7.24 78.02 55.62
N LYS WA 184 -6.87 77.13 56.53
CA LYS WA 184 -7.67 76.82 57.71
C LYS WA 184 -6.84 77.10 58.94
N ILE WA 185 -7.34 77.92 59.85
CA ILE WA 185 -6.61 78.37 61.02
C ILE WA 185 -7.38 78.02 62.28
N MET WA 186 -6.81 77.20 63.14
CA MET WA 186 -7.47 76.84 64.38
C MET WA 186 -7.12 77.83 65.48
N LEU WA 187 -8.12 78.50 65.98
CA LEU WA 187 -8.08 79.64 66.88
C LEU WA 187 -7.80 79.22 68.31
N PRO WA 188 -7.00 79.99 69.04
CA PRO WA 188 -6.74 79.66 70.44
C PRO WA 188 -7.95 79.95 71.30
N TRP WA 189 -7.95 79.37 72.49
CA TRP WA 189 -9.07 79.56 73.39
C TRP WA 189 -8.91 80.86 74.17
N ASP WA 190 -9.87 81.77 74.00
CA ASP WA 190 -9.80 83.07 74.66
C ASP WA 190 -11.04 83.26 75.53
N PRO WA 191 -10.91 83.14 76.85
CA PRO WA 191 -12.01 83.51 77.75
C PRO WA 191 -12.30 85.01 77.65
N THR WA 192 -13.50 85.32 77.15
CA THR WA 192 -13.99 86.66 76.84
C THR WA 192 -13.01 87.36 75.87
N GLY WA 193 -13.00 86.82 74.66
CA GLY WA 193 -12.15 87.37 73.62
C GLY WA 193 -12.84 87.35 72.27
N LYS WA 194 -12.56 88.38 71.48
CA LYS WA 194 -12.99 88.43 70.10
C LYS WA 194 -12.09 87.65 69.17
N ILE WA 195 -10.87 87.32 69.62
CA ILE WA 195 -9.92 86.64 68.76
C ILE WA 195 -9.98 85.13 68.90
N GLY WA 196 -10.55 84.63 70.00
CA GLY WA 196 -10.73 83.21 70.17
C GLY WA 196 -12.13 82.88 70.66
N PRO WA 197 -12.52 81.62 70.55
CA PRO WA 197 -13.80 81.19 71.10
C PRO WA 197 -13.81 81.28 72.62
N LYS WA 198 -15.02 81.37 73.16
CA LYS WA 198 -15.21 81.43 74.59
C LYS WA 198 -15.13 80.06 75.25
N LYS WA 199 -15.74 79.07 74.65
CA LYS WA 199 -15.82 77.77 75.27
C LYS WA 199 -14.55 76.96 75.03
N PRO WA 200 -14.14 76.13 75.98
CA PRO WA 200 -13.04 75.22 75.73
C PRO WA 200 -13.48 74.04 74.89
N LEU WA 201 -12.49 73.32 74.35
CA LEU WA 201 -12.74 72.07 73.66
C LEU WA 201 -13.38 71.08 74.63
N PRO WA 202 -14.38 70.31 74.19
CA PRO WA 202 -15.13 69.47 75.13
C PRO WA 202 -14.33 68.34 75.72
N ASP WA 203 -13.25 67.93 75.06
CA ASP WA 203 -12.32 66.96 75.63
C ASP WA 203 -11.16 67.64 76.34
N HIS WA 204 -11.46 68.56 77.24
CA HIS WA 204 -10.43 69.22 78.02
C HIS WA 204 -10.96 69.52 79.41
N VAL WA 205 -10.40 68.86 80.42
CA VAL WA 205 -10.86 68.95 81.79
C VAL WA 205 -9.76 69.59 82.61
N SER WA 206 -9.94 70.85 83.00
CA SER WA 206 -8.94 71.57 83.79
C SER WA 206 -9.33 71.47 85.25
N ILE WA 207 -8.42 70.96 86.07
CA ILE WA 207 -8.63 70.76 87.49
C ILE WA 207 -7.91 71.86 88.23
N VAL WA 208 -8.61 72.52 89.15
CA VAL WA 208 -7.96 73.52 89.99
C VAL WA 208 -7.20 72.81 91.10
N GLU WA 209 -5.97 73.26 91.34
CA GLU WA 209 -5.12 72.59 92.32
C GLU WA 209 -5.58 72.93 93.72
N PRO WA 210 -5.40 72.04 94.71
CA PRO WA 210 -5.97 72.32 96.04
C PRO WA 210 -5.20 73.33 96.86
N LYS WA 211 -5.67 73.51 98.10
CA LYS WA 211 -5.06 74.36 99.10
C LYS WA 211 -3.81 73.68 99.65
N ASP WA 212 -2.92 74.48 100.24
CA ASP WA 212 -1.77 73.98 100.99
C ASP WA 212 -1.94 74.39 102.46
N GLU WA 213 -2.67 73.56 103.21
CA GLU WA 213 -3.02 73.87 104.58
C GLU WA 213 -2.75 72.68 105.50
N ILE WA 214 -2.16 72.99 106.66
CA ILE WA 214 -1.95 71.99 107.70
C ILE WA 214 -3.28 71.62 108.31
N LEU WA 215 -3.48 70.33 108.57
CA LEU WA 215 -4.66 69.89 109.31
C LEU WA 215 -4.59 70.39 110.74
N PRO WA 216 -5.71 70.69 111.38
CA PRO WA 216 -5.68 71.07 112.79
C PRO WA 216 -5.46 69.88 113.71
N THR WA 217 -4.40 69.94 114.51
CA THR WA 217 -4.15 68.90 115.51
C THR WA 217 -4.65 69.27 116.90
N THR WA 218 -4.69 70.55 117.22
CA THR WA 218 -5.19 71.00 118.52
C THR WA 218 -6.60 71.55 118.36
N PRO WA 219 -7.56 71.08 119.15
CA PRO WA 219 -8.93 71.61 119.04
C PRO WA 219 -8.98 73.02 119.59
N ILE WA 220 -8.96 74.00 118.69
CA ILE WA 220 -8.80 75.39 119.06
C ILE WA 220 -10.08 76.14 118.75
N SER WA 221 -10.45 77.07 119.62
CA SER WA 221 -11.58 77.95 119.39
C SER WA 221 -11.07 79.31 118.97
N GLU WA 222 -11.99 80.16 118.52
CA GLU WA 222 -11.64 81.51 118.06
C GLU WA 222 -12.85 82.40 118.28
N GLN WA 223 -12.91 83.07 119.43
CA GLN WA 223 -14.07 83.87 119.81
C GLN WA 223 -13.90 85.30 119.33
N LYS WA 224 -14.11 85.52 118.04
CA LYS WA 224 -14.16 86.88 117.51
C LYS WA 224 -15.34 87.04 116.56
N ALA XA 1 74.61 41.55 2.00
CA ALA XA 1 75.25 42.08 0.81
C ALA XA 1 75.91 40.98 0.02
N ARG XA 2 76.18 41.24 -1.25
CA ARG XA 2 76.95 40.31 -2.05
C ARG XA 2 78.44 40.52 -1.97
N GLY XA 3 78.87 41.69 -1.52
CA GLY XA 3 80.27 41.92 -1.26
C GLY XA 3 80.44 43.01 -0.22
N PRO XA 4 81.63 43.59 -0.15
CA PRO XA 4 81.93 44.51 0.95
C PRO XA 4 81.21 45.84 0.79
N LYS XA 5 80.90 46.43 1.94
CA LYS XA 5 80.27 47.73 1.99
C LYS XA 5 81.26 48.82 1.62
N LYS XA 6 80.73 49.93 1.11
CA LYS XA 6 81.57 51.06 0.71
C LYS XA 6 81.10 52.39 1.28
N HIS XA 7 79.85 52.52 1.66
CA HIS XA 7 79.34 53.73 2.26
C HIS XA 7 79.32 53.59 3.77
N LEU XA 8 78.93 54.67 4.43
CA LEU XA 8 78.74 54.68 5.87
C LEU XA 8 77.69 55.74 6.16
N LYS XA 9 76.64 55.36 6.87
CA LYS XA 9 75.61 56.32 7.17
C LYS XA 9 76.09 57.26 8.27
N ARG XA 10 75.39 58.39 8.42
CA ARG XA 10 75.84 59.40 9.37
C ARG XA 10 75.60 58.96 10.80
N VAL XA 11 74.41 58.49 11.11
CA VAL XA 11 74.13 58.10 12.48
C VAL XA 11 74.82 56.79 12.85
N ALA XA 12 75.21 55.98 11.88
CA ALA XA 12 75.91 54.73 12.14
C ALA XA 12 77.41 54.91 12.30
N ALA XA 13 77.91 56.14 12.18
CA ALA XA 13 79.33 56.44 12.31
C ALA XA 13 79.77 56.28 13.76
N PRO XA 14 81.08 56.23 14.02
CA PRO XA 14 81.54 56.22 15.41
C PRO XA 14 81.17 57.50 16.16
N LYS XA 15 80.96 57.33 17.46
CA LYS XA 15 80.48 58.41 18.30
C LYS XA 15 81.55 59.48 18.49
N HIS XA 16 82.79 59.07 18.60
CA HIS XA 16 83.88 59.99 18.91
C HIS XA 16 84.32 60.81 17.72
N TRP XA 17 83.77 60.59 16.52
CA TRP XA 17 84.07 61.51 15.44
C TRP XA 17 83.34 62.83 15.59
N MET XA 18 82.24 62.82 16.35
CA MET XA 18 81.44 64.00 16.68
C MET XA 18 80.90 64.69 15.44
N LEU XA 19 80.34 63.89 14.54
CA LEU XA 19 79.64 64.43 13.39
C LEU XA 19 78.22 64.82 13.80
N ASP XA 20 77.59 65.60 12.95
CA ASP XA 20 76.25 66.12 13.20
C ASP XA 20 75.27 65.48 12.23
N LYS XA 21 73.99 65.53 12.57
CA LYS XA 21 73.00 64.71 11.89
C LYS XA 21 72.12 65.49 10.92
N LEU XA 22 72.49 66.72 10.56
CA LEU XA 22 71.75 67.45 9.56
C LEU XA 22 72.62 67.95 8.42
N THR XA 23 73.92 67.68 8.46
CA THR XA 23 74.77 68.06 7.33
C THR XA 23 74.49 67.17 6.13
N GLY XA 24 74.50 65.87 6.32
CA GLY XA 24 74.20 64.98 5.22
C GLY XA 24 73.70 63.64 5.70
N VAL XA 25 73.51 62.74 4.73
CA VAL XA 25 73.06 61.39 5.04
C VAL XA 25 74.24 60.49 5.36
N PHE XA 26 75.38 60.70 4.73
CA PHE XA 26 76.52 59.83 4.89
C PHE XA 26 77.61 60.48 5.73
N ALA XA 27 78.54 59.67 6.14
CA ALA XA 27 79.78 59.95 6.81
C ALA XA 27 80.94 59.39 5.99
N PRO XA 28 82.15 59.95 6.11
CA PRO XA 28 83.25 59.42 5.30
C PRO XA 28 83.67 58.06 5.79
N ARG XA 29 83.41 57.03 5.01
CA ARG XA 29 83.86 55.71 5.40
C ARG XA 29 85.36 55.68 5.18
N PRO XA 30 86.14 55.43 6.22
CA PRO XA 30 87.59 55.45 6.05
C PRO XA 30 88.05 54.28 5.23
N SER XA 31 89.13 54.48 4.50
CA SER XA 31 89.67 53.43 3.69
C SER XA 31 90.30 52.37 4.56
N THR XA 32 90.56 51.22 3.97
CA THR XA 32 91.28 50.19 4.69
C THR XA 32 92.72 50.64 4.93
N GLY XA 33 93.22 50.37 6.12
CA GLY XA 33 94.55 50.82 6.47
C GLY XA 33 95.10 50.10 7.68
N PRO XA 34 95.94 50.80 8.45
CA PRO XA 34 96.51 50.17 9.64
C PRO XA 34 95.62 50.19 10.86
N HIS XA 35 94.56 50.98 10.88
CA HIS XA 35 93.71 51.08 12.06
C HIS XA 35 92.31 50.55 11.75
N LYS XA 36 91.63 50.08 12.80
CA LYS XA 36 90.27 49.60 12.62
C LYS XA 36 89.31 50.76 12.39
N LEU XA 37 88.14 50.44 11.83
CA LEU XA 37 87.21 51.48 11.42
C LEU XA 37 86.58 52.18 12.62
N ARG XA 38 86.29 51.43 13.68
CA ARG XA 38 85.76 52.01 14.90
C ARG XA 38 86.84 52.66 15.75
N GLU XA 39 88.11 52.51 15.37
CA GLU XA 39 89.23 52.98 16.18
C GLU XA 39 90.12 53.94 15.42
N CYS XA 40 89.61 54.57 14.38
CA CYS XA 40 90.44 55.41 13.54
C CYS XA 40 89.99 56.84 13.64
N LEU XA 41 90.55 57.66 12.80
CA LEU XA 41 90.15 59.05 12.66
C LEU XA 41 90.51 59.41 11.25
N PRO XA 42 89.52 59.53 10.36
CA PRO XA 42 89.83 59.79 8.96
C PRO XA 42 90.38 61.19 8.79
N LEU XA 43 91.17 61.35 7.73
CA LEU XA 43 91.93 62.58 7.56
C LEU XA 43 91.02 63.74 7.22
N ILE XA 44 89.88 63.48 6.59
CA ILE XA 44 89.01 64.56 6.17
C ILE XA 44 88.30 65.18 7.36
N ILE XA 45 87.83 64.36 8.31
CA ILE XA 45 87.12 64.93 9.45
C ILE XA 45 88.08 65.43 10.51
N PHE XA 46 89.37 65.19 10.33
CA PHE XA 46 90.37 65.81 11.19
C PHE XA 46 90.71 67.21 10.73
N LEU XA 47 90.90 67.39 9.43
CA LEU XA 47 91.29 68.69 8.91
C LEU XA 47 90.11 69.65 8.79
N ARG XA 48 88.91 69.12 8.65
CA ARG XA 48 87.73 69.96 8.42
C ARG XA 48 86.88 70.15 9.65
N ASN XA 49 86.70 69.12 10.46
CA ASN XA 49 85.79 69.22 11.59
C ASN XA 49 86.50 69.50 12.89
N ARG XA 50 87.83 69.55 12.89
CA ARG XA 50 88.59 69.96 14.06
C ARG XA 50 89.36 71.25 13.83
N LEU XA 51 90.12 71.31 12.75
CA LEU XA 51 91.08 72.39 12.54
C LEU XA 51 90.50 73.57 11.79
N LYS XA 52 89.35 73.39 11.14
CA LYS XA 52 88.66 74.41 10.34
C LYS XA 52 89.51 74.94 9.19
N TYR XA 53 90.51 74.16 8.74
CA TYR XA 53 91.30 74.59 7.60
C TYR XA 53 90.49 74.59 6.33
N ALA XA 54 89.56 73.66 6.20
CA ALA XA 54 88.68 73.63 5.05
C ALA XA 54 87.25 73.78 5.55
N LEU XA 55 86.37 74.12 4.63
CA LEU XA 55 84.97 74.29 4.96
C LEU XA 55 84.08 73.24 4.32
N THR XA 56 84.51 72.66 3.20
CA THR XA 56 83.77 71.61 2.52
C THR XA 56 84.69 70.42 2.35
N GLY XA 57 84.16 69.39 1.68
CA GLY XA 57 84.98 68.23 1.38
C GLY XA 57 85.94 68.47 0.23
N ASP XA 58 85.52 69.25 -0.77
CA ASP XA 58 86.38 69.51 -1.92
C ASP XA 58 87.55 70.40 -1.55
N GLU XA 59 87.43 71.18 -0.49
CA GLU XA 59 88.56 71.97 -0.07
C GLU XA 59 89.55 71.15 0.74
N VAL XA 60 89.19 69.94 1.15
CA VAL XA 60 90.14 69.09 1.84
C VAL XA 60 91.07 68.43 0.82
N LYS XA 61 90.52 67.98 -0.30
CA LYS XA 61 91.37 67.34 -1.30
C LYS XA 61 92.26 68.35 -2.01
N LYS XA 62 91.90 69.63 -2.03
CA LYS XA 62 92.81 70.63 -2.56
C LYS XA 62 94.00 70.85 -1.65
N ILE XA 63 93.85 70.58 -0.35
CA ILE XA 63 95.01 70.52 0.54
C ILE XA 63 95.81 69.26 0.30
N CYS XA 64 95.14 68.11 0.22
CA CYS XA 64 95.84 66.83 0.22
C CYS XA 64 96.57 66.56 -1.08
N MET XA 65 95.99 66.99 -2.21
CA MET XA 65 96.66 66.79 -3.49
C MET XA 65 97.88 67.68 -3.65
N GLN XA 66 97.97 68.77 -2.90
CA GLN XA 66 99.18 69.57 -2.91
C GLN XA 66 100.24 69.04 -1.96
N ARG XA 67 100.00 67.88 -1.35
CA ARG XA 67 100.98 67.09 -0.61
C ARG XA 67 101.50 67.84 0.61
N PHE XA 68 100.59 68.52 1.29
CA PHE XA 68 100.91 69.25 2.50
C PHE XA 68 100.75 68.41 3.75
N ILE XA 69 100.28 67.18 3.64
CA ILE XA 69 99.95 66.37 4.81
C ILE XA 69 100.89 65.17 4.83
N LYS XA 70 101.60 65.01 5.94
CA LYS XA 70 102.44 63.84 6.13
C LYS XA 70 101.98 63.06 7.34
N ILE XA 71 101.96 61.74 7.19
CA ILE XA 71 101.61 60.82 8.28
C ILE XA 71 102.76 59.84 8.43
N ASP XA 72 103.34 59.81 9.64
CA ASP XA 72 104.45 58.93 10.00
C ASP XA 72 105.64 59.09 9.07
N GLY XA 73 105.96 60.35 8.78
CA GLY XA 73 107.07 60.67 7.91
C GLY XA 73 106.79 60.45 6.44
N LYS XA 74 105.57 60.08 6.07
CA LYS XA 74 105.24 59.74 4.70
C LYS XA 74 104.04 60.55 4.25
N VAL XA 75 104.04 60.91 2.97
CA VAL XA 75 102.96 61.70 2.41
C VAL XA 75 101.79 60.78 2.09
N ARG XA 76 100.61 61.12 2.58
CA ARG XA 76 99.38 60.42 2.27
C ARG XA 76 98.43 61.39 1.61
N THR XA 77 97.84 60.98 0.50
CA THR XA 77 96.98 61.86 -0.28
C THR XA 77 95.50 61.52 -0.18
N ASP XA 78 95.15 60.36 0.37
CA ASP XA 78 93.76 59.97 0.52
C ASP XA 78 93.11 60.77 1.65
N ILE XA 79 91.93 61.31 1.38
CA ILE XA 79 91.25 62.09 2.41
C ILE XA 79 90.61 61.20 3.46
N THR XA 80 90.42 59.92 3.19
CA THR XA 80 89.91 58.96 4.17
C THR XA 80 90.97 57.92 4.53
N TYR XA 81 92.19 58.34 4.69
CA TYR XA 81 93.18 57.46 5.27
C TYR XA 81 92.90 57.32 6.75
N PRO XA 82 92.89 56.12 7.29
CA PRO XA 82 92.64 55.96 8.73
C PRO XA 82 93.88 56.31 9.54
N ALA XA 83 93.83 57.47 10.17
CA ALA XA 83 94.83 57.81 11.17
C ALA XA 83 94.32 57.39 12.53
N GLY XA 84 95.23 56.97 13.38
CA GLY XA 84 94.80 56.43 14.66
C GLY XA 84 95.63 56.82 15.84
N PHE XA 85 95.70 55.92 16.81
CA PHE XA 85 96.36 56.21 18.07
C PHE XA 85 97.87 56.14 17.92
N MET XA 86 98.56 57.04 18.63
CA MET XA 86 100.01 57.28 18.57
C MET XA 86 100.52 57.66 17.19
N ASP XA 87 99.63 58.11 16.31
CA ASP XA 87 100.06 58.51 14.99
C ASP XA 87 100.53 59.96 15.04
N VAL XA 88 101.37 60.32 14.08
CA VAL XA 88 101.90 61.68 13.98
C VAL XA 88 101.49 62.25 12.64
N ILE XA 89 100.64 63.25 12.66
CA ILE XA 89 100.31 64.03 11.47
C ILE XA 89 101.27 65.20 11.42
N SER XA 90 102.05 65.25 10.36
CA SER XA 90 103.00 66.35 10.13
C SER XA 90 102.46 67.17 8.97
N ILE XA 91 102.09 68.42 9.25
CA ILE XA 91 101.68 69.30 8.16
C ILE XA 91 102.88 70.04 7.60
N ASP XA 92 103.78 70.49 8.47
CA ASP XA 92 105.17 70.87 8.16
C ASP XA 92 105.30 72.17 7.35
N LYS XA 93 104.21 72.67 6.79
CA LYS XA 93 104.25 73.96 6.11
C LYS XA 93 103.95 75.06 7.09
N THR XA 94 102.83 74.95 7.81
CA THR XA 94 102.63 75.73 9.01
C THR XA 94 103.47 75.22 10.17
N GLY XA 95 104.01 74.01 10.06
CA GLY XA 95 104.93 73.47 11.05
C GLY XA 95 104.25 73.17 12.36
N GLU XA 96 103.36 72.18 12.37
CA GLU XA 96 102.55 71.93 13.56
C GLU XA 96 102.80 70.58 14.21
N ASN XA 97 102.88 69.50 13.42
CA ASN XA 97 103.28 68.17 13.87
C ASN XA 97 102.38 67.62 14.97
N PHE XA 98 101.14 67.26 14.65
CA PHE XA 98 100.22 66.75 15.66
C PHE XA 98 100.55 65.33 16.07
N ARG XA 99 100.03 64.93 17.23
CA ARG XA 99 100.05 63.54 17.66
C ARG XA 99 98.70 63.17 18.24
N LEU XA 100 98.05 62.15 17.68
CA LEU XA 100 96.70 61.77 18.08
C LEU XA 100 96.77 60.88 19.30
N ILE XA 101 96.28 61.40 20.42
CA ILE XA 101 96.11 60.65 21.65
C ILE XA 101 94.79 61.06 22.27
N TYR XA 102 94.10 60.11 22.88
CA TYR XA 102 92.74 60.33 23.36
C TYR XA 102 92.74 61.25 24.56
N ASP XA 103 91.67 62.03 24.69
CA ASP XA 103 91.53 62.83 25.91
C ASP XA 103 90.88 61.97 26.99
N THR XA 104 90.45 62.58 28.08
CA THR XA 104 89.88 61.77 29.14
C THR XA 104 88.40 61.46 28.93
N LYS XA 105 87.76 62.05 27.92
CA LYS XA 105 86.38 61.70 27.63
C LYS XA 105 86.25 60.63 26.56
N GLY XA 106 87.31 60.36 25.82
CA GLY XA 106 87.28 59.25 24.88
C GLY XA 106 87.13 59.65 23.43
N ARG XA 107 87.79 60.73 23.04
CA ARG XA 107 87.87 61.10 21.64
C ARG XA 107 89.24 61.73 21.41
N PHE XA 108 89.62 61.80 20.14
CA PHE XA 108 90.96 62.26 19.78
C PHE XA 108 91.08 63.76 20.03
N ALA XA 109 92.03 64.13 20.88
CA ALA XA 109 92.28 65.52 21.16
C ALA XA 109 93.19 66.13 20.10
N VAL XA 110 92.91 67.38 19.78
CA VAL XA 110 93.80 68.15 18.92
C VAL XA 110 95.02 68.51 19.76
N HIS XA 111 96.09 67.77 19.58
CA HIS XA 111 97.24 67.82 20.49
C HIS XA 111 98.49 68.13 19.71
N ARG XA 112 99.20 69.17 20.13
CA ARG XA 112 100.42 69.60 19.46
C ARG XA 112 101.62 69.07 20.22
N ILE XA 113 102.59 68.53 19.50
CA ILE XA 113 103.85 68.13 20.10
C ILE XA 113 104.97 68.91 19.42
N THR XA 114 106.11 68.91 20.10
CA THR XA 114 107.30 69.64 19.67
C THR XA 114 107.89 68.97 18.43
N PRO XA 115 108.41 69.74 17.47
CA PRO XA 115 108.90 69.12 16.22
C PRO XA 115 110.13 68.23 16.33
N GLU XA 116 110.71 68.01 17.51
CA GLU XA 116 111.59 66.85 17.62
C GLU XA 116 110.92 65.70 18.34
N GLU XA 117 109.72 65.89 18.91
CA GLU XA 117 108.95 64.77 19.42
C GLU XA 117 108.26 64.02 18.28
N ALA XA 118 108.05 64.69 17.16
CA ALA XA 118 107.40 64.09 15.99
C ALA XA 118 108.33 63.21 15.17
N LYS XA 119 109.55 62.95 15.62
CA LYS XA 119 110.42 62.04 14.91
C LYS XA 119 110.11 60.58 15.19
N TYR XA 120 109.41 60.29 16.28
CA TYR XA 120 109.22 58.92 16.73
C TYR XA 120 107.75 58.70 17.09
N LYS XA 121 107.44 57.46 17.42
CA LYS XA 121 106.12 57.11 17.95
C LYS XA 121 106.25 55.84 18.76
N LEU XA 122 105.13 55.38 19.29
CA LEU XA 122 105.07 54.18 20.12
C LEU XA 122 104.14 53.16 19.48
N CYS XA 123 104.42 51.89 19.72
CA CYS XA 123 103.65 50.82 19.11
C CYS XA 123 103.50 49.66 20.08
N LYS XA 124 102.31 49.07 20.12
CA LYS XA 124 102.04 47.90 20.95
C LYS XA 124 102.33 46.64 20.16
N VAL XA 125 103.15 45.75 20.72
CA VAL XA 125 103.53 44.52 20.03
C VAL XA 125 102.37 43.55 20.07
N ARG XA 126 101.77 43.30 18.91
CA ARG XA 126 100.62 42.40 18.85
C ARG XA 126 101.02 40.95 18.63
N LYS XA 127 102.09 40.69 17.88
CA LYS XA 127 102.36 39.33 17.48
C LYS XA 127 103.86 39.14 17.27
N ILE XA 128 104.35 37.97 17.66
CA ILE XA 128 105.74 37.56 17.46
C ILE XA 128 105.71 36.26 16.67
N PHE XA 129 106.41 36.23 15.55
CA PHE XA 129 106.57 34.97 14.84
C PHE XA 129 107.90 34.97 14.13
N VAL XA 130 108.38 33.77 13.86
CA VAL XA 130 109.62 33.58 13.11
C VAL XA 130 109.25 33.24 11.68
N GLY XA 131 110.17 33.54 10.76
CA GLY XA 131 109.97 33.27 9.36
C GLY XA 131 110.98 32.29 8.80
N THR XA 132 111.08 32.31 7.47
CA THR XA 132 111.99 31.42 6.76
C THR XA 132 113.43 31.74 7.14
N LYS XA 133 114.24 30.67 7.23
CA LYS XA 133 115.59 30.68 7.77
C LYS XA 133 115.64 31.18 9.21
N GLY XA 134 114.56 30.96 9.97
CA GLY XA 134 114.56 31.27 11.39
C GLY XA 134 114.60 32.73 11.74
N ILE XA 135 114.02 33.59 10.91
CA ILE XA 135 114.12 35.04 11.08
C ILE XA 135 112.90 35.52 11.87
N PRO XA 136 113.07 36.05 13.07
CA PRO XA 136 111.92 36.51 13.84
C PRO XA 136 111.32 37.78 13.28
N HIS XA 137 110.05 38.00 13.59
CA HIS XA 137 109.29 39.15 13.14
C HIS XA 137 108.47 39.69 14.29
N LEU XA 138 107.86 40.85 14.06
CA LEU XA 138 107.11 41.55 15.08
C LEU XA 138 106.04 42.37 14.39
N VAL XA 139 104.82 42.32 14.89
CA VAL XA 139 103.70 43.05 14.32
C VAL XA 139 103.14 43.98 15.37
N THR XA 140 102.99 45.24 15.02
CA THR XA 140 102.56 46.27 15.96
C THR XA 140 101.05 46.36 15.99
N HIS XA 141 100.52 47.34 16.72
CA HIS XA 141 99.10 47.65 16.59
C HIS XA 141 98.81 48.33 15.26
N ASP XA 142 99.78 49.02 14.68
CA ASP XA 142 99.71 49.40 13.28
C ASP XA 142 100.08 48.17 12.48
N ALA XA 143 99.87 48.19 11.18
CA ALA XA 143 100.08 46.98 10.40
C ALA XA 143 101.52 46.78 9.97
N ARG XA 144 102.45 47.55 10.54
CA ARG XA 144 103.83 47.45 10.12
C ARG XA 144 104.49 46.23 10.73
N THR XA 145 105.59 45.81 10.12
CA THR XA 145 106.29 44.60 10.51
C THR XA 145 107.77 44.94 10.68
N ILE XA 146 108.37 44.43 11.74
CA ILE XA 146 109.79 44.65 11.99
C ILE XA 146 110.50 43.32 11.91
N ARG XA 147 111.45 43.22 11.00
CA ARG XA 147 112.34 42.08 10.95
C ARG XA 147 113.47 42.27 11.94
N TYR XA 148 113.94 41.14 12.48
CA TYR XA 148 114.97 41.10 13.51
C TYR XA 148 114.74 42.01 14.69
N PRO XA 149 113.71 41.83 15.49
CA PRO XA 149 113.52 42.66 16.67
C PRO XA 149 114.45 42.22 17.77
N ASP XA 150 114.34 42.90 18.90
CA ASP XA 150 115.14 42.54 20.06
C ASP XA 150 114.64 41.23 20.63
N PRO XA 151 115.51 40.38 21.17
CA PRO XA 151 115.05 39.11 21.74
C PRO XA 151 114.18 39.26 22.97
N LEU XA 152 114.29 40.36 23.71
CA LEU XA 152 113.49 40.49 24.93
C LEU XA 152 112.08 40.98 24.67
N ILE XA 153 111.81 41.57 23.51
CA ILE XA 153 110.51 42.15 23.26
C ILE XA 153 109.49 41.05 23.03
N LYS XA 154 108.55 40.92 23.95
CA LYS XA 154 107.51 39.91 23.89
C LYS XA 154 106.17 40.58 23.64
N VAL XA 155 105.11 39.78 23.64
CA VAL XA 155 103.79 40.24 23.22
C VAL XA 155 103.23 41.21 24.27
N ASN XA 156 102.43 42.17 23.78
CA ASN XA 156 101.77 43.27 24.48
C ASN XA 156 102.73 44.32 24.99
N ASP XA 157 104.03 44.19 24.73
CA ASP XA 157 104.99 45.20 25.12
C ASP XA 157 104.89 46.40 24.18
N THR XA 158 105.50 47.50 24.58
CA THR XA 158 105.46 48.72 23.81
C THR XA 158 106.86 49.08 23.34
N ILE XA 159 107.01 49.27 22.04
CA ILE XA 159 108.27 49.66 21.46
C ILE XA 159 108.19 51.12 21.02
N GLN XA 160 109.34 51.72 20.80
CA GLN XA 160 109.47 53.07 20.28
C GLN XA 160 110.26 52.99 18.98
N ILE XA 161 109.63 53.34 17.87
CA ILE XA 161 110.29 53.23 16.58
C ILE XA 161 110.59 54.62 16.07
N ASP XA 162 111.52 54.68 15.13
CA ASP XA 162 111.85 55.93 14.46
C ASP XA 162 111.06 56.01 13.16
N LEU XA 163 110.40 57.14 12.94
CA LEU XA 163 109.82 57.41 11.64
C LEU XA 163 110.94 57.75 10.66
N GLU XA 164 110.70 57.42 9.39
CA GLU XA 164 111.58 57.57 8.22
C GLU XA 164 112.73 56.57 8.26
N THR XA 165 112.90 55.86 9.37
CA THR XA 165 113.84 54.76 9.50
C THR XA 165 113.11 53.44 9.60
N GLY XA 166 112.13 53.34 10.49
CA GLY XA 166 111.38 52.12 10.67
C GLY XA 166 112.09 51.07 11.51
N LYS XA 167 112.98 51.47 12.40
CA LYS XA 167 113.69 50.52 13.23
C LYS XA 167 113.45 50.80 14.70
N ILE XA 168 113.75 49.80 15.51
CA ILE XA 168 113.45 49.87 16.93
C ILE XA 168 114.54 50.65 17.64
N THR XA 169 114.13 51.65 18.42
CA THR XA 169 115.00 52.42 19.28
C THR XA 169 115.03 51.87 20.70
N ASP XA 170 113.86 51.71 21.31
CA ASP XA 170 113.76 51.38 22.73
C ASP XA 170 112.40 50.72 22.94
N PHE XA 171 112.27 49.99 24.04
CA PHE XA 171 111.04 49.28 24.32
C PHE XA 171 110.74 49.29 25.80
N ILE XA 172 109.48 49.02 26.12
CA ILE XA 172 108.99 48.94 27.49
C ILE XA 172 108.32 47.60 27.66
N LYS XA 173 108.70 46.86 28.70
CA LYS XA 173 108.00 45.63 29.03
C LYS XA 173 106.67 45.93 29.70
N PHE XA 174 105.72 45.03 29.50
CA PHE XA 174 104.47 45.05 30.23
C PHE XA 174 104.73 44.46 31.61
N ASP XA 175 104.85 45.32 32.61
CA ASP XA 175 105.10 44.87 33.96
C ASP XA 175 104.17 45.57 34.93
N THR XA 176 104.38 45.30 36.21
CA THR XA 176 103.60 45.93 37.27
C THR XA 176 104.24 47.27 37.62
N GLY XA 177 103.44 48.32 37.65
CA GLY XA 177 103.91 49.64 38.01
C GLY XA 177 104.23 50.53 36.84
N ASN XA 178 104.23 50.01 35.62
CA ASN XA 178 104.46 50.83 34.46
C ASN XA 178 103.23 51.67 34.14
N LEU XA 179 103.40 52.63 33.25
CA LEU XA 179 102.44 53.71 33.07
C LEU XA 179 101.76 53.54 31.73
N CYS XA 180 100.44 53.38 31.74
CA CYS XA 180 99.71 52.94 30.57
C CYS XA 180 98.50 53.82 30.32
N MET XA 181 98.03 53.77 29.07
CA MET XA 181 96.81 54.44 28.64
C MET XA 181 95.82 53.40 28.15
N VAL XA 182 94.55 53.64 28.41
CA VAL XA 182 93.49 52.71 28.02
C VAL XA 182 92.94 53.12 26.66
N THR XA 183 92.93 52.17 25.72
CA THR XA 183 92.61 52.42 24.34
C THR XA 183 91.39 51.61 23.94
N GLY XA 184 90.35 51.67 24.76
CA GLY XA 184 89.13 50.99 24.39
C GLY XA 184 88.23 50.77 25.59
N GLY XA 185 86.94 50.69 25.31
CA GLY XA 185 85.96 50.45 26.35
C GLY XA 185 85.51 51.71 27.03
N ALA XA 186 84.96 51.53 28.22
CA ALA XA 186 84.41 52.64 28.99
C ALA XA 186 85.47 53.47 29.70
N ASN XA 187 86.74 53.06 29.66
CA ASN XA 187 87.81 53.83 30.28
C ASN XA 187 88.73 54.45 29.23
N LEU XA 188 88.20 54.72 28.04
CA LEU XA 188 88.98 55.19 26.90
C LEU XA 188 89.65 56.53 27.14
N GLY XA 189 90.96 56.51 27.28
CA GLY XA 189 91.74 57.72 27.48
C GLY XA 189 92.29 57.90 28.88
N ARG XA 190 91.88 57.10 29.84
CA ARG XA 190 92.37 57.24 31.20
C ARG XA 190 93.78 56.67 31.32
N ILE XA 191 94.55 57.26 32.21
CA ILE XA 191 95.98 56.99 32.35
C ILE XA 191 96.25 56.63 33.80
N GLY XA 192 96.98 55.55 34.03
CA GLY XA 192 97.40 55.24 35.37
C GLY XA 192 98.46 54.17 35.36
N VAL XA 193 98.84 53.74 36.54
CA VAL XA 193 99.86 52.71 36.68
C VAL XA 193 99.20 51.35 36.77
N ILE XA 194 99.91 50.33 36.32
CA ILE XA 194 99.39 48.96 36.31
C ILE XA 194 99.47 48.40 37.72
N THR XA 195 98.32 48.06 38.27
CA THR XA 195 98.30 47.43 39.59
C THR XA 195 98.44 45.92 39.49
N ASN XA 196 97.50 45.25 38.84
CA ASN XA 196 97.51 43.80 38.78
C ASN XA 196 97.03 43.36 37.40
N ARG XA 197 97.78 42.46 36.80
CA ARG XA 197 97.37 41.77 35.58
C ARG XA 197 96.74 40.45 36.01
N GLU XA 198 95.42 40.38 35.92
CA GLU XA 198 94.67 39.21 36.38
C GLU XA 198 94.47 38.27 35.20
N ARG XA 199 94.98 37.04 35.32
CA ARG XA 199 94.97 36.10 34.21
C ARG XA 199 93.74 35.22 34.24
N HIS XA 200 93.17 34.97 33.07
CA HIS XA 200 92.08 34.00 32.92
C HIS XA 200 92.38 33.14 31.69
N PRO XA 201 92.66 31.85 31.86
CA PRO XA 201 93.01 31.01 30.70
C PRO XA 201 91.82 30.79 29.79
N GLY XA 202 92.08 30.88 28.50
CA GLY XA 202 91.01 30.76 27.51
C GLY XA 202 90.34 32.07 27.20
N SER XA 203 89.83 32.74 28.23
CA SER XA 203 89.12 34.00 28.09
C SER XA 203 90.09 35.16 28.19
N PHE XA 204 89.55 36.35 28.37
CA PHE XA 204 90.34 37.57 28.38
C PHE XA 204 91.06 37.76 29.71
N ASP XA 205 92.19 38.46 29.65
CA ASP XA 205 92.87 38.90 30.87
C ASP XA 205 92.43 40.31 31.20
N VAL XA 206 92.37 40.60 32.49
CA VAL XA 206 91.89 41.87 33.00
C VAL XA 206 93.02 42.53 33.78
N VAL XA 207 93.29 43.79 33.48
CA VAL XA 207 94.35 44.53 34.14
C VAL XA 207 93.72 45.62 34.99
N HIS XA 208 94.07 45.63 36.28
CA HIS XA 208 93.66 46.70 37.16
C HIS XA 208 94.65 47.85 37.06
N VAL XA 209 94.13 49.06 36.87
CA VAL XA 209 94.94 50.25 36.68
C VAL XA 209 94.53 51.26 37.74
N LYS XA 210 95.52 51.81 38.43
CA LYS XA 210 95.29 52.78 39.49
C LYS XA 210 95.60 54.18 38.97
N ASP XA 211 94.61 55.06 39.02
CA ASP XA 211 94.77 56.41 38.53
C ASP XA 211 95.67 57.21 39.46
N ALA XA 212 96.12 58.37 38.99
CA ALA XA 212 96.92 59.27 39.83
C ALA XA 212 96.05 60.21 40.66
N ASN XA 213 95.03 59.64 41.30
CA ASN XA 213 94.30 60.30 42.38
C ASN XA 213 93.93 59.34 43.50
N GLY XA 214 94.04 58.04 43.30
CA GLY XA 214 93.45 57.06 44.17
C GLY XA 214 92.37 56.25 43.52
N ASN XA 215 91.88 56.68 42.36
CA ASN XA 215 90.86 55.94 41.64
C ASN XA 215 91.47 54.71 40.99
N SER XA 216 90.70 53.64 40.97
CA SER XA 216 91.13 52.42 40.31
C SER XA 216 90.05 51.98 39.35
N PHE XA 217 90.46 51.20 38.35
CA PHE XA 217 89.54 50.69 37.34
C PHE XA 217 90.22 49.51 36.66
N ALA XA 218 89.42 48.74 35.97
CA ALA XA 218 89.88 47.53 35.31
C ALA XA 218 89.46 47.57 33.86
N THR XA 219 90.28 46.97 33.01
CA THR XA 219 90.04 46.93 31.58
C THR XA 219 90.68 45.65 31.07
N ARG XA 220 90.15 45.11 29.98
CA ARG XA 220 90.76 43.98 29.30
C ARG XA 220 92.17 44.31 28.81
N LEU XA 221 93.01 43.27 28.79
CA LEU XA 221 94.41 43.40 28.39
C LEU XA 221 94.56 43.85 26.94
N SER XA 222 93.57 43.58 26.11
CA SER XA 222 93.60 44.02 24.73
C SER XA 222 93.35 45.50 24.55
N ASN XA 223 92.99 46.24 25.61
CA ASN XA 223 92.83 47.67 25.52
C ASN XA 223 93.92 48.45 26.22
N ILE XA 224 94.87 47.76 26.84
CA ILE XA 224 95.91 48.42 27.61
C ILE XA 224 97.09 48.70 26.70
N PHE XA 225 97.52 49.94 26.68
CA PHE XA 225 98.65 50.38 25.88
C PHE XA 225 99.62 51.06 26.84
N VAL XA 226 100.80 50.46 27.02
CA VAL XA 226 101.81 51.07 27.89
C VAL XA 226 102.37 52.30 27.19
N ILE XA 227 102.39 53.43 27.89
CA ILE XA 227 102.95 54.66 27.34
C ILE XA 227 104.19 55.13 28.08
N GLY XA 228 104.46 54.62 29.27
CA GLY XA 228 105.60 55.12 30.01
C GLY XA 228 106.19 53.99 30.83
N LYS XA 229 107.42 54.23 31.28
CA LYS XA 229 108.13 53.30 32.14
C LYS XA 229 108.11 53.87 33.55
N GLY XA 230 107.54 53.11 34.47
CA GLY XA 230 107.39 53.59 35.84
C GLY XA 230 106.29 54.63 35.92
N ASN XA 231 106.66 55.86 36.22
CA ASN XA 231 105.72 56.96 36.31
C ASN XA 231 105.94 58.01 35.25
N LYS XA 232 106.90 57.82 34.36
CA LYS XA 232 107.27 58.86 33.42
C LYS XA 232 106.73 58.55 32.04
N PRO XA 233 105.75 59.28 31.54
CA PRO XA 233 105.25 59.03 30.19
C PRO XA 233 106.25 59.46 29.13
N TRP XA 234 106.46 58.59 28.16
CA TRP XA 234 107.46 58.86 27.13
C TRP XA 234 106.92 59.76 26.02
N ILE XA 235 105.69 60.23 26.12
CA ILE XA 235 105.19 61.28 25.24
C ILE XA 235 104.73 62.44 26.09
N SER XA 236 104.26 63.49 25.45
CA SER XA 236 103.65 64.62 26.12
C SER XA 236 102.16 64.37 26.23
N LEU XA 237 101.67 64.26 27.46
CA LEU XA 237 100.27 63.99 27.69
C LEU XA 237 99.44 65.23 27.40
N PRO XA 238 98.14 65.08 27.08
CA PRO XA 238 97.33 66.27 26.83
C PRO XA 238 96.87 66.99 28.09
N ARG XA 239 96.07 68.03 27.88
CA ARG XA 239 95.55 68.88 28.94
C ARG XA 239 94.61 68.09 29.83
N GLY XA 240 95.09 67.71 31.01
CA GLY XA 240 94.28 66.97 31.94
C GLY XA 240 94.96 65.72 32.45
N LYS XA 241 95.97 65.26 31.71
CA LYS XA 241 96.83 64.13 32.09
C LYS XA 241 96.05 62.84 32.26
N GLY XA 242 94.96 62.68 31.51
CA GLY XA 242 94.16 61.47 31.56
C GLY XA 242 93.40 61.27 32.85
N ILE XA 243 93.03 62.34 33.54
CA ILE XA 243 92.25 62.26 34.77
C ILE XA 243 90.79 62.41 34.40
N ARG XA 244 89.97 61.43 34.77
CA ARG XA 244 88.54 61.51 34.52
C ARG XA 244 87.88 62.13 35.73
N LEU XA 245 87.53 63.40 35.59
CA LEU XA 245 86.73 64.07 36.60
C LEU XA 245 85.32 63.51 36.60
N THR XA 246 84.65 63.61 37.74
CA THR XA 246 83.24 63.30 37.76
C THR XA 246 82.46 64.45 37.14
N ILE XA 247 81.16 64.24 36.93
CA ILE XA 247 80.34 65.29 36.33
C ILE XA 247 80.10 66.46 37.28
N ALA XA 248 80.29 66.27 38.57
CA ALA XA 248 80.25 67.41 39.49
C ALA XA 248 81.58 68.15 39.47
N GLU XA 249 82.68 67.41 39.47
CA GLU XA 249 84.01 68.00 39.50
C GLU XA 249 84.41 68.66 38.19
N GLU XA 250 83.62 68.50 37.12
CA GLU XA 250 83.84 69.27 35.92
C GLU XA 250 82.81 70.40 35.78
N ARG XA 251 81.74 70.36 36.57
CA ARG XA 251 80.84 71.49 36.64
C ARG XA 251 81.52 72.70 37.28
N ASP XA 252 82.11 72.50 38.47
CA ASP XA 252 82.68 73.61 39.21
C ASP XA 252 83.93 74.16 38.54
N LYS XA 253 84.67 73.31 37.83
CA LYS XA 253 85.77 73.78 37.00
C LYS XA 253 85.29 74.76 35.95
N ARG XA 254 84.11 74.50 35.38
CA ARG XA 254 83.47 75.51 34.55
C ARG XA 254 82.98 76.68 35.42
N LEU XA 255 82.43 76.38 36.60
CA LEU XA 255 81.85 77.43 37.43
C LEU XA 255 82.90 78.30 38.10
N ALA XA 256 84.09 77.77 38.36
CA ALA XA 256 85.20 78.57 38.85
C ALA XA 256 86.06 79.12 37.73
N ALA XA 257 85.51 79.24 36.52
CA ALA XA 257 86.18 79.90 35.41
C ALA XA 257 85.25 80.86 34.69
N LYS XA 258 84.31 81.48 35.39
CA LYS XA 258 83.40 82.43 34.77
C LYS XA 258 83.68 83.85 35.25
N ASP YA 1 -61.44 34.06 85.21
CA ASP YA 1 -62.29 35.23 85.38
C ASP YA 1 -62.16 36.10 84.13
N ILE YA 2 -60.94 36.30 83.66
CA ILE YA 2 -60.69 37.03 82.43
C ILE YA 2 -61.00 36.08 81.27
N LYS YA 3 -62.15 36.26 80.65
CA LYS YA 3 -62.52 35.43 79.52
C LYS YA 3 -62.20 36.13 78.21
N LEU YA 4 -61.61 35.38 77.29
CA LEU YA 4 -61.20 35.93 76.01
C LEU YA 4 -62.42 36.18 75.14
N PHE YA 5 -62.46 37.37 74.52
CA PHE YA 5 -63.61 37.93 73.80
C PHE YA 5 -64.86 38.00 74.67
N GLY YA 6 -64.68 38.07 75.99
CA GLY YA 6 -65.78 37.93 76.92
C GLY YA 6 -66.49 36.60 76.93
N LYS YA 7 -65.93 35.56 76.32
CA LYS YA 7 -66.68 34.32 76.20
C LYS YA 7 -65.92 33.08 76.61
N TRP YA 8 -64.60 33.08 76.50
CA TRP YA 8 -63.85 31.84 76.57
C TRP YA 8 -62.90 31.84 77.76
N SER YA 9 -63.10 30.86 78.64
CA SER YA 9 -62.28 30.76 79.83
C SER YA 9 -60.94 30.09 79.51
N THR YA 10 -59.94 30.44 80.31
CA THR YA 10 -58.62 29.83 80.21
C THR YA 10 -58.36 28.92 81.40
N ASP YA 11 -59.38 28.60 82.18
CA ASP YA 11 -59.19 27.91 83.44
C ASP YA 11 -58.96 26.43 83.23
N ASP YA 12 -59.77 25.80 82.39
CA ASP YA 12 -59.68 24.38 82.12
C ASP YA 12 -58.68 24.04 81.04
N VAL YA 13 -58.02 25.02 80.45
CA VAL YA 13 -57.09 24.77 79.36
C VAL YA 13 -55.83 24.13 79.93
N GLN YA 14 -55.54 22.92 79.49
CA GLN YA 14 -54.39 22.16 79.97
C GLN YA 14 -53.55 21.73 78.78
N ILE YA 15 -52.24 21.74 78.97
CA ILE YA 15 -51.30 21.36 77.92
C ILE YA 15 -50.86 19.93 78.22
N ASN YA 16 -51.25 19.00 77.33
CA ASN YA 16 -50.83 17.61 77.46
C ASN YA 16 -49.54 17.37 76.68
N ASP YA 17 -48.54 18.17 77.03
CA ASP YA 17 -47.18 18.03 76.51
C ASP YA 17 -46.23 18.66 77.51
N ILE YA 18 -45.20 17.91 77.88
CA ILE YA 18 -44.23 18.39 78.86
C ILE YA 18 -43.41 19.54 78.28
N SER YA 19 -43.08 19.46 77.00
CA SER YA 19 -42.12 20.40 76.42
C SER YA 19 -42.76 21.77 76.20
N LEU YA 20 -43.91 21.80 75.55
CA LEU YA 20 -44.50 23.05 75.07
C LEU YA 20 -45.44 23.67 76.09
N GLN YA 21 -45.03 23.75 77.35
CA GLN YA 21 -45.87 24.38 78.35
C GLN YA 21 -45.20 25.58 78.99
N ASP YA 22 -43.89 25.71 78.87
CA ASP YA 22 -43.21 26.97 79.11
C ASP YA 22 -43.42 27.94 77.95
N TYR YA 23 -43.85 27.46 76.80
CA TYR YA 23 -43.84 28.26 75.59
C TYR YA 23 -45.21 28.48 74.96
N ILE YA 24 -46.27 27.95 75.55
CA ILE YA 24 -47.63 28.28 75.15
C ILE YA 24 -48.28 29.00 76.32
N ALA YA 25 -48.62 30.27 76.10
CA ALA YA 25 -49.04 31.16 77.18
C ALA YA 25 -50.53 31.48 77.03
N VAL YA 26 -51.37 30.59 77.53
CA VAL YA 26 -52.77 30.89 77.83
C VAL YA 26 -53.09 30.29 79.20
N LYS YA 27 -52.85 31.07 80.25
CA LYS YA 27 -53.35 30.79 81.59
C LYS YA 27 -53.83 32.12 82.14
N GLU YA 28 -54.11 32.16 83.44
CA GLU YA 28 -54.74 33.33 84.03
C GLU YA 28 -53.78 34.51 84.15
N LYS YA 29 -52.48 34.24 84.30
CA LYS YA 29 -51.52 35.34 84.22
C LYS YA 29 -51.44 35.90 82.81
N TYR YA 30 -51.58 35.04 81.81
CA TYR YA 30 -51.51 35.45 80.42
C TYR YA 30 -52.90 35.65 79.82
N ALA YA 31 -53.94 35.70 80.65
CA ALA YA 31 -55.30 35.89 80.19
C ALA YA 31 -55.52 37.37 79.88
N LYS YA 32 -56.00 37.65 78.67
CA LYS YA 32 -56.32 39.00 78.28
C LYS YA 32 -57.75 39.01 77.74
N TYR YA 33 -58.33 40.20 77.68
CA TYR YA 33 -59.69 40.31 77.17
C TYR YA 33 -59.74 40.40 75.65
N LEU YA 34 -58.70 40.90 75.02
CA LEU YA 34 -58.62 40.93 73.56
C LEU YA 34 -57.25 40.46 73.12
N PRO YA 35 -57.16 39.88 71.93
CA PRO YA 35 -55.85 39.56 71.36
C PRO YA 35 -55.21 40.74 70.64
N HIS YA 36 -55.30 41.94 71.21
CA HIS YA 36 -54.67 43.13 70.66
C HIS YA 36 -53.99 43.80 71.84
N SER YA 37 -52.75 43.41 72.09
CA SER YA 37 -52.07 43.85 73.30
C SER YA 37 -51.13 45.03 73.09
N ALA YA 38 -50.64 45.23 71.85
CA ALA YA 38 -49.71 46.30 71.47
C ALA YA 38 -48.44 46.27 72.32
N GLY YA 39 -48.01 45.07 72.68
CA GLY YA 39 -46.87 44.93 73.54
C GLY YA 39 -45.57 44.91 72.78
N ARG YA 40 -44.51 45.33 73.46
CA ARG YA 40 -43.16 45.26 72.91
C ARG YA 40 -42.60 43.87 73.19
N TYR YA 41 -42.56 43.06 72.15
CA TYR YA 41 -42.09 41.69 72.29
C TYR YA 41 -40.79 41.45 71.55
N ALA YA 42 -40.64 42.02 70.36
CA ALA YA 42 -39.49 41.76 69.51
C ALA YA 42 -38.30 42.66 69.81
N ALA YA 43 -38.13 43.14 71.05
CA ALA YA 43 -36.95 43.92 71.36
C ALA YA 43 -35.94 43.13 72.16
N LYS YA 44 -36.36 42.05 72.82
CA LYS YA 44 -35.46 41.17 73.54
C LYS YA 44 -35.77 39.72 73.15
N ARG YA 45 -34.72 38.92 73.07
CA ARG YA 45 -34.84 37.51 72.75
C ARG YA 45 -35.62 36.79 73.85
N PHE YA 46 -36.40 35.79 73.44
CA PHE YA 46 -37.26 34.96 74.30
C PHE YA 46 -38.36 35.74 75.01
N ARG YA 47 -38.67 36.97 74.58
CA ARG YA 47 -39.78 37.65 75.21
C ARG YA 47 -41.08 37.35 74.49
N LYS YA 48 -41.01 36.80 73.27
CA LYS YA 48 -42.20 36.22 72.65
C LYS YA 48 -42.62 34.92 73.30
N ALA YA 49 -41.78 34.35 74.17
CA ALA YA 49 -42.16 33.15 74.89
C ALA YA 49 -43.24 33.41 75.93
N GLN YA 50 -43.34 34.65 76.42
CA GLN YA 50 -44.40 35.05 77.32
C GLN YA 50 -45.45 35.91 76.63
N CYS YA 51 -45.49 35.86 75.35
CA CYS YA 51 -46.55 36.46 74.57
C CYS YA 51 -47.76 35.53 74.55
N PRO YA 52 -48.96 36.04 74.71
CA PRO YA 52 -50.13 35.16 74.73
C PRO YA 52 -50.39 34.52 73.38
N ILE YA 53 -50.57 33.20 73.40
CA ILE YA 53 -50.51 32.38 72.18
C ILE YA 53 -51.69 32.62 71.26
N VAL YA 54 -52.74 33.27 71.74
CA VAL YA 54 -53.86 33.57 70.86
C VAL YA 54 -53.57 34.82 70.04
N GLU YA 55 -52.63 35.67 70.44
CA GLU YA 55 -52.36 36.84 69.62
C GLU YA 55 -50.99 36.82 68.97
N ARG YA 56 -50.21 35.75 69.18
CA ARG YA 56 -49.23 35.41 68.19
C ARG YA 56 -49.90 34.87 66.94
N LEU YA 57 -51.07 34.27 67.12
CA LEU YA 57 -51.85 33.76 66.01
C LEU YA 57 -52.43 34.91 65.19
N THR YA 58 -52.95 35.94 65.84
CA THR YA 58 -53.51 37.04 65.07
C THR YA 58 -52.43 37.94 64.48
N ASN YA 59 -51.20 37.85 64.96
CA ASN YA 59 -50.12 38.57 64.27
C ASN YA 59 -49.72 37.85 63.00
N SER YA 60 -49.84 36.54 62.96
CA SER YA 60 -49.42 35.78 61.80
C SER YA 60 -50.50 35.72 60.72
N MET YA 61 -51.67 36.28 60.98
CA MET YA 61 -52.72 36.35 59.98
C MET YA 61 -52.56 37.56 59.06
N MET YA 62 -51.65 38.46 59.36
CA MET YA 62 -51.48 39.69 58.58
C MET YA 62 -50.49 39.54 57.44
N MET YA 63 -50.25 38.36 56.89
CA MET YA 63 -49.21 38.24 55.89
C MET YA 63 -49.76 38.52 54.49
N HIS YA 64 -48.85 38.52 53.50
CA HIS YA 64 -49.12 38.87 52.10
C HIS YA 64 -49.62 40.29 51.98
N GLY YA 65 -48.67 41.23 52.03
CA GLY YA 65 -48.80 42.62 52.39
C GLY YA 65 -49.92 43.49 51.85
N ARG YA 66 -50.76 42.94 50.97
CA ARG YA 66 -52.10 43.46 50.71
C ARG YA 66 -52.84 43.84 51.99
N ASN YA 67 -52.76 42.98 53.00
CA ASN YA 67 -53.38 43.22 54.29
C ASN YA 67 -52.33 43.03 55.39
N ASN YA 68 -51.50 44.03 55.60
CA ASN YA 68 -50.28 43.82 56.36
C ASN YA 68 -50.30 44.46 57.73
N GLY YA 69 -51.05 45.55 57.93
CA GLY YA 69 -51.10 46.16 59.23
C GLY YA 69 -52.50 46.08 59.80
N LYS YA 70 -53.37 45.36 59.09
CA LYS YA 70 -54.79 45.32 59.41
C LYS YA 70 -55.03 44.34 60.55
N LYS YA 71 -54.56 44.72 61.74
CA LYS YA 71 -54.65 43.81 62.87
C LYS YA 71 -56.05 43.76 63.45
N LEU YA 72 -56.80 44.86 63.35
CA LEU YA 72 -58.20 44.86 63.77
C LEU YA 72 -59.04 43.94 62.90
N MET YA 73 -58.69 43.80 61.63
CA MET YA 73 -59.36 42.85 60.77
C MET YA 73 -59.05 41.42 61.17
N THR YA 74 -57.84 41.17 61.65
CA THR YA 74 -57.48 39.80 62.01
C THR YA 74 -57.98 39.41 63.39
N VAL YA 75 -58.37 40.38 64.22
CA VAL YA 75 -59.00 40.03 65.49
C VAL YA 75 -60.39 39.46 65.26
N ARG YA 76 -61.18 40.10 64.39
CA ARG YA 76 -62.52 39.60 64.11
C ARG YA 76 -62.51 38.34 63.27
N ILE YA 77 -61.38 38.00 62.66
CA ILE YA 77 -61.25 36.68 62.06
C ILE YA 77 -61.07 35.63 63.15
N VAL YA 78 -60.15 35.89 64.08
CA VAL YA 78 -59.91 34.98 65.20
C VAL YA 78 -61.12 34.92 66.12
N LYS YA 79 -61.89 36.01 66.19
CA LYS YA 79 -63.14 35.99 66.94
C LYS YA 79 -64.15 35.05 66.29
N HIS YA 80 -64.37 35.19 64.98
CA HIS YA 80 -65.39 34.39 64.32
C HIS YA 80 -64.95 32.95 64.13
N ALA YA 81 -63.65 32.72 63.95
CA ALA YA 81 -63.15 31.36 63.89
C ALA YA 81 -63.27 30.63 65.22
N PHE YA 82 -63.37 31.35 66.33
CA PHE YA 82 -63.61 30.66 67.59
C PHE YA 82 -65.06 30.31 67.80
N GLU YA 83 -65.98 31.07 67.20
CA GLU YA 83 -67.39 30.70 67.27
C GLU YA 83 -67.65 29.41 66.51
N ILE YA 84 -66.94 29.20 65.42
CA ILE YA 84 -67.19 28.05 64.56
C ILE YA 84 -66.65 26.77 65.18
N ILE YA 85 -65.49 26.86 65.85
CA ILE YA 85 -64.92 25.71 66.53
C ILE YA 85 -65.83 25.25 67.66
N HIS YA 86 -66.50 26.18 68.31
CA HIS YA 86 -67.45 25.82 69.35
C HIS YA 86 -68.70 25.18 68.76
N LEU YA 87 -69.17 25.67 67.62
CA LEU YA 87 -70.36 25.10 67.03
C LEU YA 87 -70.09 23.74 66.41
N LEU YA 88 -68.86 23.48 65.98
CA LEU YA 88 -68.58 22.21 65.31
C LEU YA 88 -68.22 21.13 66.32
N THR YA 89 -67.43 21.47 67.33
CA THR YA 89 -66.92 20.45 68.25
C THR YA 89 -67.56 20.52 69.62
N GLY YA 90 -67.86 21.70 70.14
CA GLY YA 90 -68.58 21.81 71.37
C GLY YA 90 -67.76 22.19 72.59
N GLU YA 91 -66.50 22.56 72.42
CA GLU YA 91 -65.68 22.91 73.57
C GLU YA 91 -65.00 24.26 73.34
N ASN YA 92 -64.24 24.65 74.35
CA ASN YA 92 -63.49 25.89 74.37
C ASN YA 92 -62.45 25.87 73.26
N PRO YA 93 -62.44 26.87 72.37
CA PRO YA 93 -61.45 26.90 71.28
C PRO YA 93 -60.03 27.07 71.77
N LEU YA 94 -59.84 27.60 72.97
CA LEU YA 94 -58.49 27.72 73.50
C LEU YA 94 -57.89 26.35 73.79
N GLN YA 95 -58.72 25.36 74.11
CA GLN YA 95 -58.21 24.00 74.20
C GLN YA 95 -57.86 23.46 72.82
N VAL YA 96 -58.69 23.78 71.82
CA VAL YA 96 -58.48 23.26 70.47
C VAL YA 96 -57.28 23.92 69.83
N LEU YA 97 -57.03 25.19 70.14
CA LEU YA 97 -55.84 25.87 69.63
C LEU YA 97 -54.57 25.29 70.22
N VAL YA 98 -54.61 24.87 71.49
CA VAL YA 98 -53.43 24.25 72.09
C VAL YA 98 -53.13 22.90 71.44
N ASN YA 99 -54.17 22.10 71.19
CA ASN YA 99 -53.93 20.81 70.54
C ASN YA 99 -53.55 20.97 69.08
N ALA YA 100 -53.89 22.10 68.47
CA ALA YA 100 -53.52 22.32 67.08
C ALA YA 100 -52.09 22.80 66.93
N ILE YA 101 -51.45 23.19 68.01
CA ILE YA 101 -50.04 23.57 67.93
C ILE YA 101 -49.15 22.39 68.29
N ILE YA 102 -49.60 21.55 69.22
CA ILE YA 102 -48.81 20.39 69.63
C ILE YA 102 -48.71 19.37 68.51
N ASN YA 103 -49.85 19.05 67.89
CA ASN YA 103 -49.85 18.01 66.86
C ASN YA 103 -49.23 18.50 65.57
N SER YA 104 -49.14 19.81 65.38
CA SER YA 104 -48.57 20.39 64.18
C SER YA 104 -47.16 20.91 64.36
N GLY YA 105 -46.52 20.60 65.48
CA GLY YA 105 -45.19 21.09 65.74
C GLY YA 105 -44.16 20.13 65.18
N PRO YA 106 -43.36 20.62 64.21
CA PRO YA 106 -42.31 19.76 63.63
C PRO YA 106 -41.19 19.58 64.64
N ARG YA 107 -41.05 18.37 65.15
CA ARG YA 107 -40.10 18.14 66.22
C ARG YA 107 -38.76 17.62 65.71
N GLU YA 108 -38.58 17.53 64.40
CA GLU YA 108 -37.31 17.19 63.78
C GLU YA 108 -37.18 17.97 62.49
N ASP YA 109 -36.07 18.67 62.32
CA ASP YA 109 -35.79 19.34 61.06
C ASP YA 109 -34.45 18.88 60.50
N SER YA 110 -34.00 19.55 59.46
CA SER YA 110 -32.78 19.17 58.76
C SER YA 110 -32.10 20.42 58.24
N THR YA 111 -30.96 20.77 58.83
CA THR YA 111 -30.17 21.87 58.33
C THR YA 111 -29.31 21.43 57.16
N ARG YA 112 -28.61 22.39 56.55
CA ARG YA 112 -27.68 22.09 55.46
C ARG YA 112 -26.25 22.18 56.01
N ILE YA 113 -25.45 21.17 55.69
CA ILE YA 113 -24.02 21.20 55.99
C ILE YA 113 -23.22 20.85 54.74
N THR YA 118 -23.31 20.51 49.35
CA THR YA 118 -24.04 20.91 48.15
C THR YA 118 -25.52 20.58 48.29
N VAL YA 119 -25.82 19.34 48.66
CA VAL YA 119 -27.20 18.89 48.80
C VAL YA 119 -27.47 18.18 50.12
N ARG YA 120 -26.46 17.59 50.78
CA ARG YA 120 -26.73 16.66 51.86
C ARG YA 120 -27.06 17.38 53.15
N ARG YA 121 -28.03 16.86 53.88
CA ARG YA 121 -28.64 17.53 55.02
C ARG YA 121 -28.57 16.62 56.23
N GLN YA 122 -28.40 17.23 57.39
CA GLN YA 122 -28.24 16.52 58.64
C GLN YA 122 -29.48 16.72 59.50
N ALA YA 123 -30.03 15.63 60.03
CA ALA YA 123 -31.19 15.73 60.90
C ALA YA 123 -30.80 16.34 62.23
N VAL YA 124 -31.46 17.43 62.61
CA VAL YA 124 -31.23 18.07 63.88
C VAL YA 124 -32.54 18.15 64.66
N ASP YA 125 -32.42 18.48 65.93
CA ASP YA 125 -33.55 18.63 66.81
C ASP YA 125 -34.09 20.04 66.75
N VAL YA 126 -35.33 20.20 67.18
CA VAL YA 126 -36.03 21.48 67.09
C VAL YA 126 -36.24 22.01 68.50
N SER YA 127 -35.88 23.28 68.72
CA SER YA 127 -36.07 23.91 70.01
C SER YA 127 -37.56 24.06 70.30
N PRO YA 128 -37.96 24.05 71.58
CA PRO YA 128 -39.39 24.14 71.88
C PRO YA 128 -39.98 25.51 71.61
N LEU YA 129 -39.20 26.54 71.33
CA LEU YA 129 -39.79 27.77 70.84
C LEU YA 129 -39.98 27.74 69.34
N ARG YA 130 -39.09 27.06 68.60
CA ARG YA 130 -39.22 27.02 67.15
C ARG YA 130 -40.41 26.17 66.73
N ARG YA 131 -40.59 25.02 67.36
CA ARG YA 131 -41.70 24.18 66.95
C ARG YA 131 -43.06 24.69 67.38
N VAL YA 132 -43.11 25.69 68.26
CA VAL YA 132 -44.37 26.38 68.49
C VAL YA 132 -44.66 27.32 67.34
N ASN YA 133 -43.74 28.24 67.06
CA ASN YA 133 -44.06 29.30 66.13
C ASN YA 133 -43.84 28.91 64.69
N GLN YA 134 -43.23 27.76 64.43
CA GLN YA 134 -43.33 27.23 63.08
C GLN YA 134 -44.68 26.57 62.87
N ALA YA 135 -45.29 26.05 63.92
CA ALA YA 135 -46.65 25.55 63.82
C ALA YA 135 -47.64 26.68 63.59
N ILE YA 136 -47.39 27.83 64.20
CA ILE YA 136 -48.22 29.00 63.93
C ILE YA 136 -48.02 29.45 62.49
N TRP YA 137 -46.81 29.29 61.96
CA TRP YA 137 -46.58 29.57 60.55
C TRP YA 137 -47.34 28.59 59.66
N LEU YA 138 -47.43 27.33 60.05
CA LEU YA 138 -48.11 26.35 59.21
C LEU YA 138 -49.62 26.47 59.31
N LEU YA 139 -50.17 26.77 60.48
CA LEU YA 139 -51.61 26.85 60.63
C LEU YA 139 -52.19 28.01 59.85
N CYS YA 140 -51.49 29.14 59.82
CA CYS YA 140 -52.02 30.31 59.13
C CYS YA 140 -51.92 30.17 57.62
N THR YA 141 -50.79 29.67 57.12
CA THR YA 141 -50.68 29.50 55.68
C THR YA 141 -51.44 28.28 55.19
N GLY YA 142 -51.86 27.39 56.08
CA GLY YA 142 -52.85 26.40 55.71
C GLY YA 142 -54.23 27.00 55.62
N ALA YA 143 -54.53 27.96 56.48
CA ALA YA 143 -55.82 28.64 56.42
C ALA YA 143 -55.90 29.55 55.22
N ARG YA 144 -54.76 30.08 54.79
CA ARG YA 144 -54.80 31.17 53.81
C ARG YA 144 -54.98 30.64 52.40
N GLU YA 145 -54.23 29.64 52.01
CA GLU YA 145 -54.34 29.10 50.66
C GLU YA 145 -55.52 28.16 50.52
N ALA YA 146 -56.10 27.69 51.61
CA ALA YA 146 -57.35 26.96 51.50
C ALA YA 146 -58.55 27.89 51.40
N ALA YA 147 -58.35 29.18 51.55
CA ALA YA 147 -59.41 30.16 51.51
C ALA YA 147 -59.29 31.14 50.38
N PHE YA 148 -58.34 30.94 49.46
CA PHE YA 148 -57.93 32.05 48.60
C PHE YA 148 -58.94 32.27 47.47
N ARG YA 149 -59.05 31.35 46.53
CA ARG YA 149 -59.97 31.54 45.42
C ARG YA 149 -61.27 30.77 45.65
N ASN YA 150 -61.67 30.70 46.91
CA ASN YA 150 -62.83 29.94 47.33
C ASN YA 150 -63.86 30.89 47.90
N ILE YA 151 -65.13 30.52 47.80
CA ILE YA 151 -66.18 31.29 48.46
C ILE YA 151 -66.14 31.07 49.97
N LYS YA 152 -65.52 29.97 50.41
CA LYS YA 152 -65.37 29.66 51.81
C LYS YA 152 -64.47 30.69 52.48
N THR YA 153 -64.95 31.30 53.56
CA THR YA 153 -64.30 32.48 54.08
C THR YA 153 -63.07 32.12 54.90
N ILE YA 154 -62.26 33.15 55.18
CA ILE YA 154 -61.00 32.95 55.89
C ILE YA 154 -61.26 32.57 57.34
N ALA YA 155 -62.29 33.12 57.96
CA ALA YA 155 -62.61 32.71 59.32
C ALA YA 155 -63.24 31.34 59.37
N GLU YA 156 -63.82 30.89 58.25
CA GLU YA 156 -64.29 29.52 58.17
C GLU YA 156 -63.13 28.56 57.94
N CYS YA 157 -62.20 28.92 57.07
CA CYS YA 157 -61.05 28.08 56.81
C CYS YA 157 -60.04 28.07 57.94
N LEU YA 158 -59.91 29.16 58.69
CA LEU YA 158 -59.06 29.15 59.87
C LEU YA 158 -59.63 28.24 60.94
N ALA YA 159 -60.96 28.16 61.03
CA ALA YA 159 -61.59 27.26 61.98
C ALA YA 159 -61.31 25.81 61.64
N ASP YA 160 -61.58 25.42 60.40
CA ASP YA 160 -61.48 24.03 59.99
C ASP YA 160 -60.03 23.56 59.94
N GLU YA 161 -59.10 24.48 59.69
CA GLU YA 161 -57.68 24.14 59.75
C GLU YA 161 -57.28 23.81 61.18
N LEU YA 162 -57.86 24.47 62.16
CA LEU YA 162 -57.58 24.16 63.56
C LEU YA 162 -58.31 22.92 64.03
N ILE YA 163 -59.48 22.62 63.45
CA ILE YA 163 -60.20 21.40 63.79
C ILE YA 163 -59.44 20.18 63.31
N ASN YA 164 -58.96 20.22 62.07
CA ASN YA 164 -58.25 19.08 61.50
C ASN YA 164 -56.88 18.87 62.11
N ALA YA 165 -56.20 19.93 62.53
CA ALA YA 165 -54.92 19.76 63.18
C ALA YA 165 -55.04 19.31 64.62
N ALA YA 166 -56.12 19.67 65.30
CA ALA YA 166 -56.35 19.19 66.65
C ALA YA 166 -56.72 17.73 66.70
N LYS YA 167 -57.28 17.19 65.64
CA LYS YA 167 -57.61 15.77 65.58
C LYS YA 167 -56.43 14.91 65.19
N GLY YA 168 -55.36 15.51 64.69
CA GLY YA 168 -54.28 14.73 64.13
C GLY YA 168 -54.57 14.19 62.75
N SER YA 169 -55.55 14.73 62.05
CA SER YA 169 -55.91 14.20 60.75
C SER YA 169 -54.92 14.67 59.70
N SER YA 170 -54.85 13.92 58.59
CA SER YA 170 -53.99 14.25 57.48
C SER YA 170 -54.72 15.02 56.39
N ASN YA 171 -55.89 15.58 56.71
CA ASN YA 171 -56.57 16.47 55.78
C ASN YA 171 -55.88 17.82 55.69
N SER YA 172 -55.46 18.38 56.82
CA SER YA 172 -55.05 19.76 56.87
C SER YA 172 -53.66 19.96 56.28
N TYR YA 173 -53.39 21.19 55.84
CA TYR YA 173 -52.09 21.53 55.30
C TYR YA 173 -51.01 21.51 56.36
N ALA YA 174 -51.35 21.81 57.60
CA ALA YA 174 -50.33 21.94 58.64
C ALA YA 174 -49.76 20.58 59.03
N ILE YA 175 -50.61 19.56 59.12
CA ILE YA 175 -50.14 18.26 59.59
C ILE YA 175 -49.29 17.57 58.55
N LYS YA 176 -49.69 17.63 57.28
CA LYS YA 176 -48.93 16.93 56.26
C LYS YA 176 -47.62 17.64 55.94
N LYS YA 177 -47.54 18.94 56.15
CA LYS YA 177 -46.24 19.59 56.08
C LYS YA 177 -45.41 19.32 57.32
N LYS YA 178 -46.06 19.15 58.48
CA LYS YA 178 -45.35 18.72 59.67
C LYS YA 178 -44.81 17.31 59.51
N ASP YA 179 -45.52 16.47 58.76
CA ASP YA 179 -45.11 15.09 58.56
C ASP YA 179 -44.08 14.95 57.46
N GLU YA 180 -44.10 15.85 56.47
CA GLU YA 180 -43.11 15.84 55.40
C GLU YA 180 -41.74 16.29 55.89
N LEU YA 181 -41.69 17.33 56.72
CA LEU YA 181 -40.42 17.80 57.26
C LEU YA 181 -39.80 16.82 58.24
N GLU YA 182 -40.56 15.86 58.74
CA GLU YA 182 -39.98 14.81 59.57
C GLU YA 182 -39.60 13.57 58.78
N ARG YA 183 -40.32 13.28 57.70
CA ARG YA 183 -39.96 12.14 56.86
C ARG YA 183 -38.69 12.40 56.09
N VAL YA 184 -38.51 13.63 55.60
CA VAL YA 184 -37.26 14.03 54.96
C VAL YA 184 -36.13 14.01 55.98
N ALA YA 185 -36.43 14.39 57.23
CA ALA YA 185 -35.41 14.40 58.28
C ALA YA 185 -34.99 12.98 58.65
N LYS YA 186 -35.91 12.02 58.58
CA LYS YA 186 -35.58 10.65 58.95
C LYS YA 186 -34.71 9.99 57.90
N SER YA 187 -34.83 10.37 56.64
CA SER YA 187 -34.08 9.75 55.57
C SER YA 187 -32.68 10.31 55.41
N ASN YA 188 -32.26 11.26 56.24
CA ASN YA 188 -30.89 11.76 56.18
C ASN YA 188 -30.34 11.99 57.57
N ARG YA 189 -30.61 11.04 58.46
CA ARG YA 189 -30.03 11.06 59.80
C ARG YA 189 -28.53 10.78 59.78
N ALA ZA 1 95.73 8.63 87.46
CA ALA ZA 1 97.07 8.74 88.01
C ALA ZA 1 97.64 10.14 87.80
N LYS ZA 2 98.33 10.32 86.68
CA LYS ZA 2 99.03 11.56 86.42
C LYS ZA 2 98.24 12.41 85.42
N ILE ZA 3 98.85 13.51 84.98
CA ILE ZA 3 98.27 14.38 83.98
C ILE ZA 3 98.86 14.00 82.63
N VAL ZA 4 98.02 13.99 81.60
CA VAL ZA 4 98.48 13.72 80.24
C VAL ZA 4 97.92 14.83 79.35
N LYS ZA 5 98.79 15.68 78.87
CA LYS ZA 5 98.49 16.71 77.89
C LYS ZA 5 99.04 16.27 76.54
N PRO ZA 6 98.54 16.84 75.43
CA PRO ZA 6 99.20 16.61 74.14
C PRO ZA 6 100.66 17.09 74.09
N ASN ZA 7 101.28 16.78 72.95
CA ASN ZA 7 102.68 16.36 72.81
C ASN ZA 7 103.70 17.08 73.69
N GLY ZA 8 103.83 18.40 73.54
CA GLY ZA 8 104.77 19.12 74.37
C GLY ZA 8 104.13 19.53 75.67
N GLU ZA 9 104.26 20.82 75.99
CA GLU ZA 9 103.34 21.53 76.87
C GLU ZA 9 103.35 20.99 78.30
N LYS ZA 10 104.52 21.11 78.92
CA LYS ZA 10 104.72 20.60 80.27
C LYS ZA 10 103.87 21.40 81.26
N PRO ZA 11 103.32 20.73 82.28
CA PRO ZA 11 102.29 21.37 83.11
C PRO ZA 11 102.83 22.46 84.03
N ASP ZA 12 101.94 23.42 84.28
CA ASP ZA 12 102.22 24.54 85.18
C ASP ZA 12 102.29 24.03 86.62
N GLU ZA 13 102.83 24.87 87.50
CA GLU ZA 13 103.11 24.48 88.88
C GLU ZA 13 101.84 24.25 89.70
N PHE ZA 14 100.70 24.81 89.30
CA PHE ZA 14 99.50 24.53 90.07
C PHE ZA 14 98.79 23.28 89.59
N GLU ZA 15 98.68 23.09 88.29
CA GLU ZA 15 98.10 21.85 87.78
C GLU ZA 15 99.01 20.65 87.99
N SER ZA 16 100.32 20.87 88.22
CA SER ZA 16 101.16 19.81 88.71
C SER ZA 16 100.77 19.41 90.13
N GLY ZA 17 100.40 20.40 90.95
CA GLY ZA 17 99.95 20.11 92.30
C GLY ZA 17 98.62 19.39 92.33
N ILE ZA 18 97.79 19.60 91.31
CA ILE ZA 18 96.57 18.82 91.20
C ILE ZA 18 96.91 17.41 90.74
N SER ZA 19 97.88 17.29 89.83
CA SER ZA 19 98.23 15.99 89.28
C SER ZA 19 98.85 15.08 90.34
N GLN ZA 20 99.67 15.65 91.22
CA GLN ZA 20 100.21 14.83 92.31
C GLN ZA 20 99.14 14.49 93.34
N ALA ZA 21 98.23 15.44 93.63
CA ALA ZA 21 97.24 15.25 94.70
C ALA ZA 21 96.31 14.10 94.37
N LEU ZA 22 95.99 13.94 93.09
CA LEU ZA 22 95.24 12.77 92.67
C LEU ZA 22 96.07 11.51 92.78
N LEU ZA 23 97.37 11.56 92.48
CA LEU ZA 23 98.11 10.30 92.47
C LEU ZA 23 98.53 9.88 93.87
N GLU ZA 24 98.58 10.82 94.83
CA GLU ZA 24 98.77 10.41 96.21
C GLU ZA 24 97.46 10.21 96.96
N LEU ZA 25 96.39 9.83 96.27
CA LEU ZA 25 95.15 9.47 96.98
C LEU ZA 25 94.57 8.13 96.55
N GLU ZA 26 95.26 7.35 95.72
CA GLU ZA 26 94.87 5.96 95.59
C GLU ZA 26 95.69 5.06 96.50
N MET ZA 27 96.94 5.44 96.81
CA MET ZA 27 97.83 4.65 97.65
C MET ZA 27 97.44 4.66 99.11
N ASN ZA 28 96.46 5.47 99.51
CA ASN ZA 28 95.98 5.52 100.88
C ASN ZA 28 94.47 5.58 100.93
N SER ZA 29 93.80 4.91 100.00
CA SER ZA 29 92.34 4.89 99.99
C SER ZA 29 91.86 3.59 99.37
N ASP ZA 30 90.55 3.38 99.48
CA ASP ZA 30 89.94 2.18 98.89
C ASP ZA 30 89.97 2.24 97.37
N LEU ZA 31 89.41 3.31 96.81
CA LEU ZA 31 89.25 3.45 95.36
C LEU ZA 31 90.62 3.67 94.71
N LYS ZA 32 91.34 2.57 94.54
CA LYS ZA 32 92.62 2.54 93.86
C LYS ZA 32 92.63 1.61 92.67
N ALA ZA 33 91.72 0.65 92.59
CA ALA ZA 33 91.53 -0.13 91.38
C ALA ZA 33 90.54 0.53 90.45
N GLN ZA 34 90.24 1.80 90.69
CA GLN ZA 34 89.14 2.48 90.04
C GLN ZA 34 89.50 3.87 89.54
N LEU ZA 35 90.57 4.48 90.06
CA LEU ZA 35 91.07 5.74 89.50
C LEU ZA 35 92.55 5.65 89.15
N ARG ZA 36 93.13 4.46 89.16
CA ARG ZA 36 94.50 4.31 88.70
C ARG ZA 36 94.62 4.39 87.19
N GLU ZA 37 93.54 4.13 86.46
CA GLU ZA 37 93.55 4.09 85.01
C GLU ZA 37 93.32 5.45 84.38
N LEU ZA 38 93.10 6.47 85.19
CA LEU ZA 38 92.45 7.68 84.74
C LEU ZA 38 93.44 8.82 84.69
N ASN ZA 39 93.29 9.67 83.68
CA ASN ZA 39 94.20 10.79 83.49
C ASN ZA 39 93.41 12.07 83.47
N ILE ZA 40 94.13 13.18 83.57
CA ILE ZA 40 93.57 14.50 83.34
C ILE ZA 40 94.45 15.18 82.31
N THR ZA 41 93.96 16.31 81.78
CA THR ZA 41 94.70 17.00 80.74
C THR ZA 41 95.13 18.40 81.15
N ALA ZA 42 94.23 19.22 81.66
CA ALA ZA 42 94.57 20.58 82.03
C ALA ZA 42 93.79 20.96 83.29
N ALA ZA 43 94.05 22.16 83.78
CA ALA ZA 43 93.31 22.72 84.90
C ALA ZA 43 93.32 24.23 84.81
N LYS ZA 44 92.27 24.86 85.32
CA LYS ZA 44 92.14 26.30 85.29
C LYS ZA 44 91.65 26.80 86.64
N GLU ZA 45 91.92 28.08 86.91
CA GLU ZA 45 91.56 28.74 88.16
C GLU ZA 45 90.97 30.10 87.84
N ILE ZA 46 89.70 30.28 88.21
CA ILE ZA 46 88.98 31.51 87.90
C ILE ZA 46 88.33 32.04 89.18
N GLU ZA 47 87.97 33.31 89.14
CA GLU ZA 47 87.22 33.95 90.21
C GLU ZA 47 85.75 33.97 89.80
N VAL ZA 48 84.96 33.07 90.40
CA VAL ZA 48 83.54 33.02 90.05
C VAL ZA 48 82.75 34.15 90.72
N GLY ZA 49 83.26 34.72 91.80
CA GLY ZA 49 82.60 35.85 92.42
C GLY ZA 49 83.19 36.21 93.76
N GLY ZA 50 83.43 37.49 93.98
CA GLY ZA 50 84.02 37.96 95.22
C GLY ZA 50 85.44 37.51 95.45
N GLY ZA 51 86.16 37.14 94.39
CA GLY ZA 51 87.49 36.59 94.55
C GLY ZA 51 87.52 35.18 95.11
N ARG ZA 52 86.54 34.36 94.76
CA ARG ZA 52 86.47 32.98 95.22
C ARG ZA 52 86.78 32.05 94.06
N LYS ZA 53 87.64 31.07 94.29
CA LYS ZA 53 88.25 30.31 93.22
C LYS ZA 53 87.72 28.88 93.15
N ALA ZA 54 87.66 28.35 91.94
CA ALA ZA 54 87.18 27.01 91.67
C ALA ZA 54 88.14 26.29 90.73
N ILE ZA 55 88.06 24.97 90.74
CA ILE ZA 55 89.00 24.11 90.04
C ILE ZA 55 88.26 23.41 88.92
N ILE ZA 56 88.61 23.75 87.68
CA ILE ZA 56 88.05 23.10 86.51
C ILE ZA 56 89.03 22.01 86.09
N ILE ZA 57 88.65 20.75 86.22
CA ILE ZA 57 89.51 19.64 85.90
C ILE ZA 57 89.14 19.16 84.49
N PHE ZA 58 90.00 19.45 83.52
CA PHE ZA 58 89.78 18.97 82.17
C PHE ZA 58 90.11 17.51 82.05
N VAL ZA 59 89.20 16.77 81.45
CA VAL ZA 59 89.15 15.32 81.50
C VAL ZA 59 89.10 14.80 80.07
N PRO ZA 60 89.80 13.70 79.74
CA PRO ZA 60 89.62 13.07 78.44
C PRO ZA 60 88.20 12.57 78.25
N VAL ZA 61 87.74 12.64 77.01
CA VAL ZA 61 86.33 12.33 76.71
C VAL ZA 61 85.95 10.88 76.95
N PRO ZA 62 86.68 9.86 76.47
CA PRO ZA 62 86.17 8.49 76.66
C PRO ZA 62 86.24 7.99 78.08
N GLN ZA 63 86.98 8.67 78.95
CA GLN ZA 63 87.08 8.27 80.35
C GLN ZA 63 86.04 8.94 81.23
N LEU ZA 64 85.18 9.79 80.66
CA LEU ZA 64 84.29 10.63 81.44
C LEU ZA 64 83.24 9.82 82.19
N LYS ZA 65 82.76 8.74 81.57
CA LYS ZA 65 81.78 7.88 82.23
C LYS ZA 65 82.41 7.15 83.42
N SER ZA 66 83.71 6.90 83.38
CA SER ZA 66 84.38 6.32 84.53
C SER ZA 66 84.59 7.35 85.64
N PHE ZA 67 84.84 8.61 85.26
CA PHE ZA 67 84.97 9.67 86.26
C PHE ZA 67 83.68 9.92 87.01
N GLN ZA 68 82.56 9.95 86.31
CA GLN ZA 68 81.30 10.24 86.97
C GLN ZA 68 80.81 9.09 87.82
N LYS ZA 69 81.37 7.89 87.63
CA LYS ZA 69 81.13 6.80 88.54
C LYS ZA 69 81.69 7.08 89.93
N ILE ZA 70 82.78 7.84 90.03
CA ILE ZA 70 83.48 8.04 91.30
C ILE ZA 70 83.46 9.50 91.72
N GLN ZA 71 82.72 10.33 90.99
CA GLN ZA 71 82.74 11.76 91.23
C GLN ZA 71 82.10 12.15 92.56
N VAL ZA 72 81.21 11.32 93.10
CA VAL ZA 72 80.68 11.57 94.43
C VAL ZA 72 81.67 11.21 95.52
N ARG ZA 73 82.75 10.50 95.18
CA ARG ZA 73 83.75 10.04 96.12
C ARG ZA 73 85.10 10.63 95.72
N LEU ZA 74 85.06 11.73 94.99
CA LEU ZA 74 86.29 12.39 94.56
C LEU ZA 74 86.27 13.89 94.70
N VAL ZA 75 85.09 14.53 94.70
CA VAL ZA 75 85.01 15.97 94.90
C VAL ZA 75 85.37 16.31 96.35
N ARG ZA 76 85.00 15.43 97.27
CA ARG ZA 76 85.22 15.66 98.69
C ARG ZA 76 86.71 15.66 99.03
N GLU ZA 77 87.46 14.72 98.50
CA GLU ZA 77 88.88 14.64 98.81
C GLU ZA 77 89.66 15.76 98.15
N LEU ZA 78 89.23 16.21 96.98
CA LEU ZA 78 89.83 17.39 96.38
C LEU ZA 78 89.30 18.67 97.02
N GLU ZA 79 88.23 18.58 97.80
CA GLU ZA 79 87.81 19.71 98.61
C GLU ZA 79 88.58 19.81 99.92
N LYS ZA 80 88.94 18.68 100.52
CA LYS ZA 80 89.67 18.77 101.77
C LYS ZA 80 91.15 19.04 101.57
N LYS ZA 81 91.71 18.67 100.41
CA LYS ZA 81 93.10 19.02 100.15
C LYS ZA 81 93.21 20.48 99.76
N PHE ZA 82 92.27 20.97 98.97
CA PHE ZA 82 92.18 22.37 98.59
C PHE ZA 82 90.95 22.96 99.26
N SER ZA 83 91.17 23.57 100.43
CA SER ZA 83 90.14 23.76 101.46
C SER ZA 83 88.96 24.61 101.02
N GLY ZA 84 89.17 25.89 100.75
CA GLY ZA 84 88.08 26.65 100.19
C GLY ZA 84 88.17 26.74 98.68
N LYS ZA 85 87.55 25.77 98.00
CA LYS ZA 85 87.57 25.67 96.55
C LYS ZA 85 86.33 24.88 96.14
N HIS ZA 86 86.02 24.94 94.86
CA HIS ZA 86 85.06 24.04 94.24
C HIS ZA 86 85.74 23.31 93.09
N VAL ZA 87 85.26 22.10 92.83
CA VAL ZA 87 85.85 21.24 91.81
C VAL ZA 87 84.75 20.79 90.86
N VAL ZA 88 84.94 21.04 89.57
CA VAL ZA 88 84.09 20.49 88.53
C VAL ZA 88 84.94 19.64 87.60
N PHE ZA 89 84.30 18.65 86.99
CA PHE ZA 89 84.93 17.78 86.01
C PHE ZA 89 84.29 18.03 84.66
N ILE ZA 90 85.08 18.53 83.71
CA ILE ZA 90 84.61 18.82 82.36
C ILE ZA 90 85.40 17.96 81.39
N ALA ZA 91 84.71 17.22 80.53
CA ALA ZA 91 85.36 16.51 79.45
C ALA ZA 91 85.83 17.50 78.39
N GLN ZA 92 87.06 17.32 77.93
CA GLN ZA 92 87.64 18.27 76.97
C GLN ZA 92 87.18 17.91 75.57
N ARG ZA 93 86.04 18.47 75.17
CA ARG ZA 93 85.51 18.25 73.83
C ARG ZA 93 86.26 19.11 72.82
N ARG ZA 94 86.58 18.53 71.67
CA ARG ZA 94 87.14 19.29 70.58
C ARG ZA 94 86.02 19.87 69.73
N ILE ZA 95 86.16 21.14 69.34
CA ILE ZA 95 85.18 21.83 68.53
C ILE ZA 95 85.75 22.01 67.14
N LEU ZA 96 85.00 21.60 66.13
CA LEU ZA 96 85.53 21.83 64.80
C LEU ZA 96 84.74 22.92 64.10
N PRO ZA 97 85.39 23.80 63.35
CA PRO ZA 97 84.71 24.98 62.81
C PRO ZA 97 83.74 24.65 61.69
N LYS ZA 98 82.92 25.61 61.37
CA LYS ZA 98 81.94 25.44 60.31
C LYS ZA 98 82.63 25.57 58.97
N PRO ZA 99 82.57 24.54 58.12
CA PRO ZA 99 83.28 24.58 56.84
C PRO ZA 99 82.67 25.55 55.84
N THR ZA 100 83.43 26.53 55.43
CA THR ZA 100 82.93 27.56 54.54
C THR ZA 100 83.31 27.22 53.10
N ARG ZA 101 83.10 28.18 52.21
CA ARG ZA 101 83.49 28.01 50.82
C ARG ZA 101 84.97 28.26 50.60
N LYS ZA 102 85.70 28.66 51.63
CA LYS ZA 102 87.13 28.83 51.53
C LYS ZA 102 87.85 27.93 52.53
N ASN ZA 107 91.78 16.69 51.68
CA ASN ZA 107 90.71 15.75 52.00
C ASN ZA 107 90.08 16.03 53.36
N LYS ZA 108 89.45 17.19 53.50
CA LYS ZA 108 88.65 17.45 54.68
C LYS ZA 108 87.40 16.60 54.59
N GLN ZA 109 87.14 15.79 55.60
CA GLN ZA 109 85.94 14.97 55.60
C GLN ZA 109 84.86 15.59 56.49
N LYS ZA 110 83.76 14.87 56.60
CA LYS ZA 110 82.53 15.43 57.14
C LYS ZA 110 82.64 15.67 58.64
N ARG ZA 111 82.26 16.85 59.07
CA ARG ZA 111 82.29 17.17 60.48
C ARG ZA 111 81.16 16.44 61.19
N PRO ZA 112 81.46 15.70 62.26
CA PRO ZA 112 80.38 15.08 63.04
C PRO ZA 112 79.56 16.14 63.73
N ARG ZA 113 78.33 15.76 64.06
CA ARG ZA 113 77.46 16.71 64.74
C ARG ZA 113 77.90 16.92 66.19
N SER ZA 114 78.56 15.93 66.78
CA SER ZA 114 79.00 16.04 68.17
C SER ZA 114 80.19 16.96 68.35
N ARG ZA 115 80.88 17.30 67.26
CA ARG ZA 115 81.99 18.24 67.31
C ARG ZA 115 81.56 19.66 67.00
N THR ZA 116 80.27 19.96 67.00
CA THR ZA 116 79.83 21.30 66.67
C THR ZA 116 79.80 22.18 67.91
N LEU ZA 117 79.64 23.49 67.68
CA LEU ZA 117 79.66 24.42 68.79
C LEU ZA 117 78.41 24.30 69.65
N THR ZA 118 77.30 23.90 69.07
CA THR ZA 118 76.09 23.77 69.87
C THR ZA 118 76.09 22.48 70.67
N ALA ZA 119 76.57 21.39 70.06
CA ALA ZA 119 76.57 20.11 70.74
C ALA ZA 119 77.60 20.07 71.86
N VAL ZA 120 78.70 20.79 71.72
CA VAL ZA 120 79.71 20.84 72.78
C VAL ZA 120 79.22 21.67 73.95
N HIS ZA 121 78.73 22.88 73.67
CA HIS ZA 121 78.27 23.76 74.73
C HIS ZA 121 77.02 23.26 75.44
N ASP ZA 122 76.30 22.32 74.86
CA ASP ZA 122 75.23 21.66 75.60
C ASP ZA 122 75.74 20.45 76.37
N ALA ZA 123 76.85 19.87 75.96
CA ALA ZA 123 77.43 18.77 76.71
C ALA ZA 123 78.36 19.25 77.80
N ILE ZA 124 78.96 20.44 77.63
CA ILE ZA 124 79.65 21.09 78.74
C ILE ZA 124 78.69 21.41 79.86
N LEU ZA 125 77.49 21.88 79.50
CA LEU ZA 125 76.49 22.23 80.50
C LEU ZA 125 75.97 21.00 81.23
N GLU ZA 126 76.04 19.84 80.60
CA GLU ZA 126 75.52 18.64 81.25
C GLU ZA 126 76.47 18.13 82.32
N ASP ZA 127 77.75 17.95 81.99
CA ASP ZA 127 78.66 17.42 82.99
C ASP ZA 127 79.22 18.49 83.92
N LEU ZA 128 78.80 19.75 83.78
CA LEU ZA 128 79.18 20.76 84.76
C LEU ZA 128 78.42 20.56 86.06
N VAL ZA 129 77.21 20.05 85.97
CA VAL ZA 129 76.29 20.07 87.09
C VAL ZA 129 76.08 18.68 87.68
N PHE ZA 130 77.02 17.77 87.46
CA PHE ZA 130 76.88 16.40 87.95
C PHE ZA 130 76.95 16.39 89.47
N PRO ZA 131 76.11 15.60 90.16
CA PRO ZA 131 75.15 14.57 89.72
C PRO ZA 131 73.82 15.07 89.22
N SER ZA 132 73.52 16.35 89.39
CA SER ZA 132 72.19 16.83 89.06
C SER ZA 132 72.04 16.94 87.54
N GLU ZA 133 70.87 16.58 87.05
CA GLU ZA 133 70.62 16.57 85.62
C GLU ZA 133 69.62 17.65 85.23
N ILE ZA 134 69.68 18.02 83.96
CA ILE ZA 134 68.87 19.09 83.42
C ILE ZA 134 67.52 18.51 83.02
N VAL ZA 135 66.47 18.93 83.70
CA VAL ZA 135 65.12 18.48 83.39
C VAL ZA 135 64.35 19.49 82.60
N GLY ZA 136 64.98 20.61 82.26
CA GLY ZA 136 64.36 21.63 81.44
C GLY ZA 136 65.34 22.76 81.19
N LYS ZA 137 65.30 23.32 79.98
CA LYS ZA 137 66.15 24.44 79.64
C LYS ZA 137 65.26 25.55 79.08
N ARG ZA 138 65.48 26.76 79.57
CA ARG ZA 138 64.80 27.95 79.08
C ARG ZA 138 65.88 28.88 78.56
N ILE ZA 139 65.53 29.74 77.62
CA ILE ZA 139 66.47 30.76 77.16
C ILE ZA 139 65.72 32.03 76.80
N ARG ZA 140 66.06 33.11 77.49
CA ARG ZA 140 65.36 34.38 77.40
C ARG ZA 140 66.18 35.36 76.59
N VAL ZA 141 65.56 36.03 75.65
CA VAL ZA 141 66.17 37.17 74.98
C VAL ZA 141 65.68 38.43 75.71
N LYS ZA 142 66.58 39.38 75.93
CA LYS ZA 142 66.38 40.40 76.96
C LYS ZA 142 66.30 41.82 76.42
N LEU ZA 143 65.60 42.02 75.31
CA LEU ZA 143 65.35 43.33 74.67
C LEU ZA 143 66.65 44.02 74.25
N ASP ZA 144 67.74 43.26 74.16
CA ASP ZA 144 69.08 43.80 73.94
C ASP ZA 144 69.85 43.04 72.89
N GLY ZA 145 69.36 41.87 72.46
CA GLY ZA 145 70.16 40.94 71.72
C GLY ZA 145 70.90 39.94 72.59
N SER ZA 146 71.19 40.30 73.84
CA SER ZA 146 71.82 39.37 74.75
C SER ZA 146 70.80 38.36 75.27
N ARG ZA 147 71.21 37.11 75.30
CA ARG ZA 147 70.34 36.03 75.72
C ARG ZA 147 70.64 35.66 77.16
N LEU ZA 148 69.85 34.74 77.70
CA LEU ZA 148 70.03 34.30 79.07
C LEU ZA 148 69.49 32.88 79.22
N ILE ZA 149 70.40 31.91 79.29
CA ILE ZA 149 70.00 30.53 79.47
C ILE ZA 149 69.57 30.33 80.91
N LYS ZA 150 68.40 29.72 81.12
CA LYS ZA 150 67.94 29.38 82.44
C LYS ZA 150 67.70 27.88 82.48
N VAL ZA 151 68.37 27.19 83.39
CA VAL ZA 151 68.39 25.73 83.42
C VAL ZA 151 67.64 25.25 84.65
N HIS ZA 152 66.81 24.23 84.45
CA HIS ZA 152 66.05 23.63 85.54
C HIS ZA 152 66.78 22.37 86.00
N LEU ZA 153 67.18 22.36 87.25
CA LEU ZA 153 67.78 21.18 87.84
C LEU ZA 153 66.70 20.34 88.52
N ASP ZA 154 67.11 19.41 89.37
CA ASP ZA 154 66.28 18.25 89.68
C ASP ZA 154 65.09 18.59 90.57
N LYS ZA 155 65.33 19.34 91.66
CA LYS ZA 155 64.53 19.30 92.90
C LYS ZA 155 64.45 17.85 93.40
N ALA ZA 156 65.56 17.15 93.26
CA ALA ZA 156 65.84 15.88 93.92
C ALA ZA 156 67.29 15.78 94.36
N GLN ZA 157 68.16 16.66 93.86
CA GLN ZA 157 69.56 16.73 94.26
C GLN ZA 157 69.90 18.16 94.69
N GLN ZA 158 68.92 18.88 95.21
CA GLN ZA 158 69.18 20.18 95.78
C GLN ZA 158 69.95 20.08 97.09
N ASN ZA 159 69.90 18.93 97.76
CA ASN ZA 159 70.71 18.73 98.95
C ASN ZA 159 72.19 18.63 98.64
N ASN ZA 160 72.56 18.05 97.50
CA ASN ZA 160 73.96 18.00 97.12
C ASN ZA 160 74.41 19.26 96.41
N VAL ZA 161 73.59 19.80 95.53
CA VAL ZA 161 73.96 21.01 94.81
C VAL ZA 161 73.00 22.13 95.23
N GLU ZA 162 73.42 22.94 96.19
CA GLU ZA 162 72.69 24.14 96.52
C GLU ZA 162 73.65 25.31 96.62
N HIS ZA 163 74.86 25.01 97.07
CA HIS ZA 163 75.87 26.01 97.38
C HIS ZA 163 76.74 26.35 96.19
N LYS ZA 164 76.70 25.54 95.14
CA LYS ZA 164 77.61 25.73 94.02
C LYS ZA 164 76.85 26.04 92.74
N VAL ZA 165 75.60 26.47 92.87
CA VAL ZA 165 74.87 27.04 91.76
C VAL ZA 165 75.56 28.31 91.25
N GLU ZA 166 75.96 29.18 92.17
CA GLU ZA 166 76.58 30.43 91.79
C GLU ZA 166 77.96 30.21 91.20
N THR ZA 167 78.62 29.12 91.59
CA THR ZA 167 79.91 28.78 91.01
C THR ZA 167 79.78 28.31 89.58
N PHE ZA 168 78.66 27.68 89.24
CA PHE ZA 168 78.48 27.15 87.89
C PHE ZA 168 78.32 28.26 86.85
N SER ZA 169 77.81 29.41 87.27
CA SER ZA 169 77.61 30.50 86.33
C SER ZA 169 78.93 31.11 85.89
N GLY ZA 170 79.87 31.25 86.82
CA GLY ZA 170 81.17 31.77 86.45
C GLY ZA 170 82.00 30.81 85.64
N VAL ZA 171 81.82 29.51 85.88
CA VAL ZA 171 82.60 28.51 85.16
C VAL ZA 171 82.12 28.40 83.72
N TYR ZA 172 80.81 28.28 83.54
CA TYR ZA 172 80.22 28.14 82.21
C TYR ZA 172 80.39 29.39 81.38
N LYS ZA 173 80.48 30.55 82.01
CA LYS ZA 173 80.82 31.74 81.24
C LYS ZA 173 82.30 31.76 80.87
N LYS ZA 174 83.14 31.15 81.67
CA LYS ZA 174 84.55 31.09 81.31
C LYS ZA 174 84.78 30.10 80.17
N LEU ZA 175 84.08 28.98 80.17
CA LEU ZA 175 84.26 28.01 79.11
C LEU ZA 175 83.60 28.47 77.81
N THR ZA 176 82.37 28.95 77.89
CA THR ZA 176 81.57 29.20 76.71
C THR ZA 176 81.37 30.67 76.39
N GLY ZA 177 81.24 31.53 77.40
CA GLY ZA 177 80.95 32.92 77.16
C GLY ZA 177 79.49 33.28 77.19
N LYS ZA 178 78.67 32.45 77.84
CA LYS ZA 178 77.23 32.63 77.86
C LYS ZA 178 76.74 32.59 79.30
N ASP ZA 179 75.71 33.37 79.60
CA ASP ZA 179 75.22 33.48 80.96
C ASP ZA 179 74.20 32.40 81.28
N VAL ZA 180 74.23 31.91 82.52
CA VAL ZA 180 73.27 30.92 82.99
C VAL ZA 180 72.78 31.27 84.38
N ASN ZA 181 71.56 30.83 84.66
CA ASN ZA 181 70.95 30.96 85.97
C ASN ZA 181 70.16 29.70 86.24
N PHE ZA 182 70.36 29.10 87.40
CA PHE ZA 182 69.85 27.76 87.64
C PHE ZA 182 68.71 27.81 88.63
N GLU ZA 183 67.69 27.01 88.35
CA GLU ZA 183 66.51 26.94 89.19
C GLU ZA 183 66.25 25.50 89.59
N PHE ZA 184 65.44 25.34 90.62
CA PHE ZA 184 64.97 24.04 91.07
C PHE ZA 184 63.46 24.13 91.03
N PRO ZA 185 62.83 23.83 89.90
CA PRO ZA 185 61.39 23.96 89.78
C PRO ZA 185 60.69 22.86 90.56
N GLU ZA 186 59.52 23.20 91.07
CA GLU ZA 186 58.76 22.32 91.93
C GLU ZA 186 57.57 21.77 91.18
N PHE ZA 187 57.03 20.66 91.71
CA PHE ZA 187 55.79 20.02 91.23
C PHE ZA 187 55.93 19.56 89.78
N GLN ZA 188 57.13 19.16 89.40
CA GLN ZA 188 57.43 18.86 88.01
C GLN ZA 188 56.76 17.55 87.60
N LEU ZA 189 56.55 17.41 86.29
CA LEU ZA 189 55.91 16.21 85.75
C LEU ZA 189 56.92 15.20 85.24
N GLY AB 1 73.36 24.31 -8.59
CA GLY AB 1 73.68 22.93 -8.93
C GLY AB 1 73.76 22.04 -7.73
N ILE AB 2 74.83 21.24 -7.68
CA ILE AB 2 75.09 20.38 -6.52
C ILE AB 2 75.37 21.26 -5.32
N SER AB 3 74.51 21.18 -4.31
CA SER AB 3 74.62 22.05 -3.15
C SER AB 3 75.03 21.24 -1.95
N ARG AB 4 75.90 21.80 -1.13
CA ARG AB 4 76.34 21.16 0.08
C ARG AB 4 75.98 21.99 1.30
N ASP AB 5 74.82 22.62 1.21
CA ASP AB 5 74.17 23.34 2.30
C ASP AB 5 73.79 22.40 3.44
N ASN AB 6 73.38 22.99 4.54
CA ASN AB 6 72.80 22.23 5.63
C ASN AB 6 71.30 22.31 5.69
N TRP AB 7 70.71 23.34 5.10
CA TRP AB 7 69.29 23.59 5.29
C TRP AB 7 68.39 22.68 4.46
N HIS AB 8 68.93 21.80 3.63
CA HIS AB 8 68.05 20.79 3.06
C HIS AB 8 67.91 19.59 3.97
N LYS AB 9 68.68 19.54 5.05
CA LYS AB 9 68.52 18.47 6.02
C LYS AB 9 67.33 18.74 6.91
N ARG AB 10 66.80 17.67 7.47
CA ARG AB 10 65.80 17.74 8.49
C ARG AB 10 66.47 18.13 9.81
N ARG AB 11 65.69 18.56 10.79
CA ARG AB 11 66.31 18.99 12.03
C ARG AB 11 66.70 17.81 12.90
N LYS AB 12 67.26 18.12 14.08
CA LYS AB 12 67.58 17.07 15.05
C LYS AB 12 66.32 16.39 15.56
N THR AB 13 65.25 17.17 15.73
CA THR AB 13 63.98 16.62 16.17
C THR AB 13 63.27 15.86 15.07
N GLY AB 14 63.69 16.02 13.83
CA GLY AB 14 62.95 15.46 12.73
C GLY AB 14 61.96 16.41 12.11
N GLY AB 15 61.95 17.67 12.52
CA GLY AB 15 61.12 18.64 11.85
C GLY AB 15 61.72 19.05 10.52
N LYS AB 16 60.86 19.08 9.51
CA LYS AB 16 61.27 19.57 8.21
C LYS AB 16 61.42 21.08 8.25
N ARG AB 17 62.58 21.59 7.85
CA ARG AB 17 62.78 23.02 7.88
C ARG AB 17 62.49 23.65 6.52
N LYS AB 18 61.98 24.85 6.56
CA LYS AB 18 61.62 25.50 5.31
C LYS AB 18 62.74 26.41 4.88
N PRO AB 19 63.09 26.42 3.61
CA PRO AB 19 64.21 27.25 3.13
C PRO AB 19 63.90 28.72 3.23
N TYR AB 20 64.93 29.49 3.55
CA TYR AB 20 64.76 30.92 3.68
C TYR AB 20 65.56 31.72 2.66
N HIS AB 21 66.34 31.07 1.80
CA HIS AB 21 66.98 31.77 0.71
C HIS AB 21 67.22 30.81 -0.43
N LYS AB 22 67.48 31.37 -1.60
CA LYS AB 22 67.92 30.60 -2.75
C LYS AB 22 69.29 30.03 -2.48
N LYS AB 23 69.67 29.01 -3.22
CA LYS AB 23 70.94 28.37 -2.95
C LYS AB 23 72.09 29.23 -3.43
N ARG AB 24 73.00 29.56 -2.52
CA ARG AB 24 74.05 30.52 -2.78
C ARG AB 24 75.25 29.83 -3.41
N LYS AB 25 76.17 30.62 -3.95
CA LYS AB 25 77.26 30.05 -4.73
C LYS AB 25 78.35 29.45 -3.85
N TYR AB 26 78.61 30.00 -2.67
CA TYR AB 26 79.61 29.41 -1.79
C TYR AB 26 79.20 28.06 -1.22
N GLU AB 27 77.99 27.59 -1.51
CA GLU AB 27 77.53 26.28 -1.13
C GLU AB 27 77.58 25.29 -2.29
N LEU AB 28 78.37 25.55 -3.32
CA LEU AB 28 78.35 24.67 -4.47
C LEU AB 28 79.11 23.38 -4.19
N GLY AB 29 78.80 22.36 -4.96
CA GLY AB 29 79.64 21.20 -5.05
C GLY AB 29 79.91 20.89 -6.51
N ARG AB 30 80.97 20.13 -6.74
CA ARG AB 30 81.37 19.78 -8.08
C ARG AB 30 81.41 18.27 -8.20
N PRO AB 31 81.35 17.71 -9.40
CA PRO AB 31 81.39 16.25 -9.53
C PRO AB 31 82.72 15.67 -9.11
N ALA AB 32 82.67 14.40 -8.71
CA ALA AB 32 83.85 13.68 -8.26
C ALA AB 32 84.82 13.48 -9.41
N ALA AB 33 86.10 13.38 -9.07
CA ALA AB 33 87.10 13.25 -10.11
C ALA AB 33 87.11 11.85 -10.69
N ASN AB 34 87.00 10.83 -9.84
CA ASN AB 34 87.06 9.41 -10.20
C ASN AB 34 88.35 9.11 -10.95
N THR AB 35 89.46 9.35 -10.26
CA THR AB 35 90.77 9.29 -10.87
C THR AB 35 91.16 7.86 -11.18
N LYS AB 36 91.38 7.57 -12.44
CA LYS AB 36 91.74 6.24 -12.87
C LYS AB 36 93.24 6.16 -13.09
N ILE AB 37 93.68 5.06 -13.68
CA ILE AB 37 95.08 4.80 -13.93
C ILE AB 37 95.30 4.83 -15.43
N GLY AB 38 96.23 5.67 -15.87
CA GLY AB 38 96.54 5.76 -17.27
C GLY AB 38 97.47 6.92 -17.53
N PRO AB 39 97.60 7.32 -18.79
CA PRO AB 39 98.44 8.47 -19.12
C PRO AB 39 97.86 9.73 -18.52
N ARG AB 40 98.74 10.62 -18.09
CA ARG AB 40 98.38 11.69 -17.18
C ARG AB 40 97.43 12.69 -17.83
N ARG AB 41 96.29 12.91 -17.20
CA ARG AB 41 95.29 13.86 -17.67
C ARG AB 41 94.78 14.61 -16.45
N ILE AB 42 95.10 15.89 -16.37
CA ILE AB 42 94.77 16.73 -15.23
C ILE AB 42 94.01 17.95 -15.71
N HIS AB 43 92.90 18.25 -15.04
CA HIS AB 43 92.18 19.48 -15.28
C HIS AB 43 92.29 20.40 -14.07
N THR AB 44 92.29 21.69 -14.32
CA THR AB 44 92.31 22.67 -13.25
C THR AB 44 90.95 23.33 -13.11
N VAL AB 45 90.58 23.61 -11.87
CA VAL AB 45 89.30 24.21 -11.54
C VAL AB 45 89.59 25.57 -10.92
N ARG AB 46 88.94 26.60 -11.40
CA ARG AB 46 89.00 27.89 -10.73
C ARG AB 46 88.09 27.86 -9.52
N VAL AB 47 88.64 28.12 -8.34
CA VAL AB 47 87.86 27.99 -7.11
C VAL AB 47 87.80 29.33 -6.41
N ARG AB 48 87.15 29.34 -5.24
CA ARG AB 48 86.88 30.56 -4.50
C ARG AB 48 88.17 31.23 -4.04
N GLY AB 49 88.23 32.54 -4.18
CA GLY AB 49 89.43 33.29 -3.97
C GLY AB 49 90.29 33.43 -5.21
N GLY AB 50 89.83 32.95 -6.35
CA GLY AB 50 90.64 32.92 -7.54
C GLY AB 50 91.71 31.87 -7.53
N ASN AB 51 91.68 30.95 -6.58
CA ASN AB 51 92.73 29.95 -6.49
C ASN AB 51 92.46 28.84 -7.49
N LYS AB 52 93.37 27.89 -7.54
CA LYS AB 52 93.23 26.80 -8.47
C LYS AB 52 93.53 25.51 -7.73
N LYS AB 53 92.70 24.51 -7.96
CA LYS AB 53 93.00 23.18 -7.50
C LYS AB 53 92.97 22.24 -8.68
N TYR AB 54 93.88 21.29 -8.64
CA TYR AB 54 94.20 20.43 -9.75
C TYR AB 54 93.47 19.13 -9.52
N ARG AB 55 92.59 18.74 -10.42
CA ARG AB 55 91.96 17.44 -10.29
C ARG AB 55 92.44 16.53 -11.39
N ALA AB 56 92.84 15.34 -11.01
CA ALA AB 56 93.46 14.43 -11.93
C ALA AB 56 92.44 13.40 -12.34
N LEU AB 57 92.39 13.11 -13.62
CA LEU AB 57 91.44 12.14 -14.11
C LEU AB 57 92.10 10.81 -14.41
N ARG AB 58 93.38 10.82 -14.77
CA ARG AB 58 94.15 9.60 -14.97
C ARG AB 58 95.54 9.84 -14.43
N LEU AB 59 96.05 8.90 -13.65
CA LEU AB 59 97.41 8.99 -13.12
C LEU AB 59 98.05 7.63 -13.12
N ASP AB 60 99.30 7.55 -13.57
CA ASP AB 60 100.04 6.30 -13.52
C ASP AB 60 101.31 6.37 -12.68
N VAL AB 61 101.78 7.57 -12.36
CA VAL AB 61 103.06 7.77 -11.70
C VAL AB 61 102.80 8.45 -10.37
N GLY AB 62 103.40 7.92 -9.31
CA GLY AB 62 103.24 8.49 -7.98
C GLY AB 62 104.58 8.68 -7.29
N ASN AB 63 104.51 9.17 -6.07
CA ASN AB 63 105.68 9.51 -5.26
C ASN AB 63 105.49 8.88 -3.88
N PHE AB 64 106.01 7.68 -3.70
CA PHE AB 64 105.75 6.96 -2.46
C PHE AB 64 107.01 6.85 -1.62
N SER AB 65 106.80 6.64 -0.32
CA SER AB 65 107.85 6.71 0.69
C SER AB 65 108.08 5.34 1.29
N TRP AB 66 109.34 4.95 1.42
CA TRP AB 66 109.61 3.65 2.04
C TRP AB 66 109.57 3.76 3.55
N GLY AB 67 109.60 4.96 4.09
CA GLY AB 67 109.31 5.09 5.50
C GLY AB 67 110.47 4.75 6.41
N SER AB 68 110.84 3.48 6.49
CA SER AB 68 111.85 3.07 7.45
C SER AB 68 113.27 3.15 6.91
N GLU AB 69 113.49 3.90 5.84
CA GLU AB 69 114.80 4.47 5.53
C GLU AB 69 114.74 5.90 5.05
N CYS AB 70 113.56 6.51 5.05
CA CYS AB 70 113.30 7.83 4.48
C CYS AB 70 113.71 7.84 3.00
N CYS AB 71 113.34 6.77 2.31
CA CYS AB 71 113.62 6.61 0.89
C CYS AB 71 112.32 6.85 0.13
N THR AB 72 112.22 7.99 -0.53
CA THR AB 72 111.05 8.30 -1.33
C THR AB 72 111.49 8.43 -2.77
N ARG AB 73 110.88 7.64 -3.64
CA ARG AB 73 111.18 7.67 -5.05
C ARG AB 73 109.91 7.94 -5.82
N LYS AB 74 110.07 8.25 -7.11
CA LYS AB 74 108.93 8.46 -7.97
C LYS AB 74 108.73 7.21 -8.80
N THR AB 75 107.72 6.43 -8.46
CA THR AB 75 107.50 5.13 -9.06
C THR AB 75 106.20 5.16 -9.84
N ARG AB 76 105.80 3.99 -10.31
CA ARG AB 76 104.66 3.85 -11.19
C ARG AB 76 103.63 2.95 -10.55
N ILE AB 77 102.36 3.31 -10.68
CA ILE AB 77 101.27 2.60 -10.03
C ILE AB 77 100.77 1.51 -10.96
N ILE AB 78 100.63 0.29 -10.45
CA ILE AB 78 100.20 -0.81 -11.29
C ILE AB 78 98.69 -0.91 -11.25
N ASP AB 79 98.11 -1.18 -10.08
CA ASP AB 79 96.66 -1.25 -9.94
C ASP AB 79 96.26 -1.11 -8.47
N VAL AB 80 94.96 -1.11 -8.24
CA VAL AB 80 94.37 -0.96 -6.92
C VAL AB 80 93.98 -2.34 -6.42
N VAL AB 81 94.32 -2.65 -5.18
CA VAL AB 81 94.01 -3.95 -4.63
C VAL AB 81 92.96 -3.89 -3.52
N TYR AB 82 92.86 -2.78 -2.78
CA TYR AB 82 91.93 -2.73 -1.67
C TYR AB 82 91.36 -1.32 -1.52
N ASN AB 83 90.12 -1.25 -1.07
CA ASN AB 83 89.49 0.02 -0.71
C ASN AB 83 88.56 -0.24 0.47
N ALA AB 84 88.83 0.42 1.58
CA ALA AB 84 88.01 0.26 2.78
C ALA AB 84 86.65 0.92 2.66
N SER AB 85 86.49 1.86 1.73
CA SER AB 85 85.27 2.63 1.67
C SER AB 85 84.23 2.01 0.76
N ASN AB 86 84.66 1.34 -0.30
CA ASN AB 86 83.73 0.80 -1.28
C ASN AB 86 84.44 -0.27 -2.08
N ASN AB 87 83.83 -1.44 -2.16
CA ASN AB 87 84.45 -2.57 -2.83
C ASN AB 87 84.49 -2.34 -4.33
N GLU AB 88 83.48 -1.69 -4.89
CA GLU AB 88 83.37 -1.51 -6.32
C GLU AB 88 84.20 -0.35 -6.84
N LEU AB 89 84.99 0.29 -5.98
CA LEU AB 89 85.99 1.21 -6.50
C LEU AB 89 87.27 0.49 -6.86
N VAL AB 90 87.45 -0.73 -6.36
CA VAL AB 90 88.60 -1.52 -6.73
C VAL AB 90 88.46 -2.02 -8.15
N ARG AB 91 87.24 -2.44 -8.54
CA ARG AB 91 87.04 -3.04 -9.84
C ARG AB 91 87.15 -2.02 -10.97
N THR AB 92 86.89 -0.75 -10.70
CA THR AB 92 86.99 0.28 -11.71
C THR AB 92 88.29 1.06 -11.63
N LYS AB 93 89.21 0.64 -10.76
CA LYS AB 93 90.57 1.17 -10.65
C LYS AB 93 90.60 2.66 -10.32
N THR AB 94 89.88 3.03 -9.28
CA THR AB 94 89.80 4.42 -8.87
C THR AB 94 90.79 4.68 -7.75
N LEU AB 95 91.52 5.78 -7.84
CA LEU AB 95 92.51 6.17 -6.83
C LEU AB 95 91.91 7.22 -5.91
N VAL AB 96 91.75 6.88 -4.64
CA VAL AB 96 91.29 7.83 -3.63
C VAL AB 96 92.26 7.80 -2.46
N LYS AB 97 91.99 8.64 -1.46
CA LYS AB 97 92.97 9.05 -0.46
C LYS AB 97 93.46 7.92 0.42
N ASN AB 98 92.75 6.82 0.56
CA ASN AB 98 93.23 5.77 1.43
C ASN AB 98 93.26 4.42 0.74
N CYS AB 99 93.09 4.37 -0.58
CA CYS AB 99 92.99 3.10 -1.26
C CYS AB 99 94.36 2.44 -1.34
N ILE AB 100 94.39 1.13 -1.26
CA ILE AB 100 95.63 0.37 -1.24
C ILE AB 100 96.02 0.03 -2.66
N VAL AB 101 97.21 0.47 -3.06
CA VAL AB 101 97.65 0.32 -4.44
C VAL AB 101 98.81 -0.64 -4.50
N LEU AB 102 99.31 -0.85 -5.71
CA LEU AB 102 100.35 -1.82 -5.97
C LEU AB 102 101.32 -1.15 -6.94
N ILE AB 103 102.60 -1.10 -6.59
CA ILE AB 103 103.54 -0.30 -7.35
C ILE AB 103 104.78 -1.09 -7.74
N ASP AB 104 105.46 -0.58 -8.75
CA ASP AB 104 106.71 -1.16 -9.21
C ASP AB 104 107.80 -0.89 -8.19
N SER AB 105 108.62 -1.90 -7.93
CA SER AB 105 109.57 -1.85 -6.84
C SER AB 105 110.99 -1.54 -7.26
N THR AB 106 111.24 -1.38 -8.54
CA THR AB 106 112.61 -1.21 -9.01
C THR AB 106 113.34 0.07 -8.60
N PRO AB 107 112.70 1.22 -8.30
CA PRO AB 107 113.49 2.28 -7.66
C PRO AB 107 113.84 2.01 -6.22
N TYR AB 108 113.17 1.06 -5.58
CA TYR AB 108 113.51 0.76 -4.20
C TYR AB 108 114.50 -0.37 -4.10
N ARG AB 109 114.52 -1.28 -5.08
CA ARG AB 109 115.58 -2.26 -5.12
C ARG AB 109 116.89 -1.60 -5.49
N GLN AB 110 116.85 -0.63 -6.40
CA GLN AB 110 118.07 -0.02 -6.92
C GLN AB 110 118.76 0.86 -5.88
N TRP AB 111 117.98 1.61 -5.11
CA TRP AB 111 118.55 2.41 -4.03
C TRP AB 111 119.11 1.53 -2.93
N TYR AB 112 118.42 0.42 -2.62
CA TYR AB 112 118.84 -0.45 -1.54
C TYR AB 112 120.14 -1.16 -1.87
N GLU AB 113 120.29 -1.60 -3.12
CA GLU AB 113 121.51 -2.25 -3.56
C GLU AB 113 122.66 -1.27 -3.67
N SER AB 114 122.40 0.02 -3.74
CA SER AB 114 123.46 1.01 -3.74
C SER AB 114 123.82 1.49 -2.34
N HIS AB 115 122.91 1.36 -1.39
CA HIS AB 115 123.14 1.84 -0.04
C HIS AB 115 123.65 0.74 0.87
N TYR AB 116 123.49 -0.52 0.47
CA TYR AB 116 123.93 -1.62 1.30
C TYR AB 116 124.84 -2.61 0.60
N ALA AB 117 124.88 -2.58 -0.74
CA ALA AB 117 125.58 -3.56 -1.57
C ALA AB 117 125.14 -4.98 -1.23
N LEU AB 118 123.85 -5.22 -1.28
CA LEU AB 118 123.26 -6.49 -0.92
C LEU AB 118 122.07 -6.72 -1.84
N PRO AB 119 121.96 -7.92 -2.41
CA PRO AB 119 120.86 -8.16 -3.37
C PRO AB 119 119.52 -8.29 -2.68
N LEU AB 120 118.52 -7.64 -3.26
CA LEU AB 120 117.18 -7.64 -2.70
C LEU AB 120 116.18 -8.16 -3.71
N GLY AB 121 115.53 -9.27 -3.39
CA GLY AB 121 114.57 -9.87 -4.30
C GLY AB 121 115.20 -10.49 -5.52
N ARG AB 122 116.33 -11.18 -5.36
CA ARG AB 122 117.02 -11.79 -6.47
C ARG AB 122 117.20 -13.26 -6.21
N LYS AB 123 117.03 -14.08 -7.24
CA LYS AB 123 117.10 -15.52 -7.10
C LYS AB 123 118.53 -16.02 -7.04
N GLU AB 132 125.54 -3.98 -13.72
CA GLU AB 132 124.92 -5.20 -13.20
C GLU AB 132 125.65 -5.63 -11.94
N GLU AB 133 126.73 -6.40 -12.16
CA GLU AB 133 127.67 -6.81 -11.13
C GLU AB 133 128.40 -5.63 -10.49
N GLU AB 134 128.48 -4.50 -11.18
CA GLU AB 134 129.35 -3.40 -10.79
C GLU AB 134 128.91 -2.72 -9.50
N ILE AB 135 127.61 -2.59 -9.26
CA ILE AB 135 127.20 -1.89 -8.03
C ILE AB 135 127.21 -2.82 -6.81
N LEU AB 136 127.14 -4.12 -7.01
CA LEU AB 136 127.05 -5.07 -5.89
C LEU AB 136 128.41 -5.61 -5.49
N ASN AB 137 129.12 -6.23 -6.43
CA ASN AB 137 130.39 -6.89 -6.19
C ASN AB 137 131.57 -6.00 -6.55
N LYS AB 138 131.44 -4.70 -6.29
CA LYS AB 138 132.46 -3.72 -6.62
C LYS AB 138 133.70 -3.95 -5.76
N LYS AB 139 134.85 -3.70 -6.36
CA LYS AB 139 136.08 -3.62 -5.58
C LYS AB 139 136.11 -2.27 -4.88
N ARG AB 140 135.94 -2.29 -3.56
CA ARG AB 140 136.00 -1.10 -2.74
C ARG AB 140 137.36 -0.96 -2.09
N SER AB 141 137.81 0.28 -1.96
CA SER AB 141 138.94 0.56 -1.09
C SER AB 141 138.53 0.34 0.36
N LYS AB 142 139.52 -0.01 1.19
CA LYS AB 142 139.24 -0.56 2.50
C LYS AB 142 138.68 0.47 3.49
N LYS AB 143 138.86 1.77 3.25
CA LYS AB 143 138.14 2.73 4.05
C LYS AB 143 136.67 2.78 3.65
N ILE AB 144 136.41 2.70 2.35
CA ILE AB 144 135.05 2.68 1.84
C ILE AB 144 134.38 1.35 2.11
N GLN AB 145 135.12 0.26 1.94
CA GLN AB 145 134.62 -1.07 2.28
C GLN AB 145 134.31 -1.20 3.77
N LYS AB 146 134.99 -0.42 4.61
CA LYS AB 146 134.67 -0.39 6.03
C LYS AB 146 133.27 0.17 6.27
N LYS AB 147 132.92 1.24 5.54
CA LYS AB 147 131.65 1.95 5.75
C LYS AB 147 130.45 1.08 5.43
N TYR AB 148 130.57 0.20 4.44
CA TYR AB 148 129.49 -0.70 4.09
C TYR AB 148 129.34 -1.87 5.04
N ASP AB 149 130.20 -1.99 6.05
CA ASP AB 149 130.11 -3.13 6.94
C ASP AB 149 129.33 -2.83 8.21
N GLU AB 150 129.24 -1.58 8.63
CA GLU AB 150 128.29 -1.24 9.67
C GLU AB 150 126.89 -1.00 9.12
N ARG AB 151 126.76 -0.70 7.84
CA ARG AB 151 125.45 -0.76 7.21
C ARG AB 151 124.98 -2.18 7.02
N LYS AB 152 125.91 -3.12 6.94
CA LYS AB 152 125.59 -4.54 6.79
C LYS AB 152 124.91 -5.10 8.03
N LYS AB 153 125.12 -4.46 9.18
CA LYS AB 153 124.51 -4.92 10.43
C LYS AB 153 122.99 -4.77 10.40
N ASN AB 154 122.51 -3.63 9.96
CA ASN AB 154 121.08 -3.32 9.97
C ASN AB 154 120.49 -3.35 8.57
N ALA AB 155 120.84 -4.38 7.80
CA ALA AB 155 120.36 -4.49 6.44
C ALA AB 155 119.25 -5.51 6.26
N LYS AB 156 118.59 -5.92 7.32
CA LYS AB 156 117.62 -7.01 7.22
C LYS AB 156 116.21 -6.45 7.15
N ILE AB 157 115.57 -6.66 6.01
CA ILE AB 157 114.18 -6.29 5.82
C ILE AB 157 113.33 -7.45 6.31
N SER AB 158 112.14 -7.14 6.80
CA SER AB 158 111.23 -8.15 7.33
C SER AB 158 110.75 -9.08 6.22
N SER AB 159 110.27 -10.25 6.64
CA SER AB 159 110.02 -11.33 5.70
C SER AB 159 108.80 -11.06 4.84
N LEU AB 160 107.81 -10.35 5.37
CA LEU AB 160 106.65 -9.98 4.58
C LEU AB 160 107.00 -8.95 3.51
N LEU AB 161 108.06 -8.18 3.70
CA LEU AB 161 108.38 -7.11 2.78
C LEU AB 161 109.43 -7.52 1.77
N GLU AB 162 110.20 -8.57 2.04
CA GLU AB 162 111.08 -9.13 1.02
C GLU AB 162 110.33 -9.98 0.01
N GLU AB 163 109.13 -10.43 0.34
CA GLU AB 163 108.30 -11.13 -0.63
C GLU AB 163 107.92 -10.21 -1.77
N GLN AB 164 107.67 -8.94 -1.46
CA GLN AB 164 107.15 -7.99 -2.42
C GLN AB 164 108.15 -7.69 -3.52
N PHE AB 165 109.44 -7.63 -3.16
CA PHE AB 165 110.48 -7.30 -4.12
C PHE AB 165 110.74 -8.42 -5.11
N GLN AB 166 110.36 -9.65 -4.79
CA GLN AB 166 110.57 -10.72 -5.74
C GLN AB 166 109.58 -10.66 -6.89
N GLN AB 167 108.33 -10.35 -6.61
CA GLN AB 167 107.41 -10.13 -7.71
C GLN AB 167 107.54 -8.74 -8.33
N GLY AB 168 108.45 -7.91 -7.83
CA GLY AB 168 108.61 -6.59 -8.39
C GLY AB 168 107.46 -5.65 -8.11
N LYS AB 169 106.60 -6.00 -7.16
CA LYS AB 169 105.39 -5.26 -6.88
C LYS AB 169 105.30 -5.02 -5.37
N LEU AB 170 105.42 -3.77 -4.95
CA LEU AB 170 105.19 -3.40 -3.57
C LEU AB 170 103.73 -3.09 -3.36
N LEU AB 171 103.23 -3.44 -2.18
CA LEU AB 171 101.89 -3.05 -1.78
C LEU AB 171 101.98 -1.72 -1.04
N ALA AB 172 101.25 -0.72 -1.50
CA ALA AB 172 101.47 0.64 -1.01
C ALA AB 172 100.12 1.23 -0.61
N CYS AB 173 100.15 2.50 -0.21
CA CYS AB 173 98.96 3.20 0.27
C CYS AB 173 99.00 4.65 -0.16
N ILE AB 174 97.89 5.14 -0.69
CA ILE AB 174 97.77 6.55 -1.04
C ILE AB 174 97.67 7.37 0.24
N ALA AB 175 98.26 8.56 0.24
CA ALA AB 175 98.08 9.48 1.34
C ALA AB 175 97.57 10.84 0.93
N SER AB 176 97.87 11.29 -0.29
CA SER AB 176 97.34 12.56 -0.75
C SER AB 176 95.91 12.38 -1.21
N ARG AB 177 95.32 13.50 -1.66
CA ARG AB 177 93.95 13.51 -2.16
C ARG AB 177 93.99 13.77 -3.66
N PRO AB 178 94.03 12.74 -4.50
CA PRO AB 178 94.00 12.97 -5.93
C PRO AB 178 92.65 13.49 -6.34
N GLY AB 179 92.64 14.50 -7.18
CA GLY AB 179 91.41 15.17 -7.47
C GLY AB 179 91.21 16.43 -6.67
N GLN AB 180 92.04 16.64 -5.66
CA GLN AB 180 92.21 17.93 -5.04
C GLN AB 180 93.56 18.52 -5.36
N CYS AB 181 94.62 17.74 -5.17
CA CYS AB 181 95.98 18.16 -5.43
C CYS AB 181 96.48 17.72 -6.78
N GLY AB 182 95.79 16.79 -7.44
CA GLY AB 182 96.24 16.33 -8.73
C GLY AB 182 97.39 15.35 -8.68
N ARG AB 183 97.82 14.92 -7.51
CA ARG AB 183 98.91 13.98 -7.37
C ARG AB 183 98.44 12.74 -6.65
N ALA AB 184 99.31 11.74 -6.62
CA ALA AB 184 99.06 10.50 -5.90
C ALA AB 184 100.33 10.18 -5.14
N ASP AB 185 100.42 10.66 -3.92
CA ASP AB 185 101.57 10.36 -3.09
C ASP AB 185 101.13 9.49 -1.92
N GLY AB 186 102.10 8.95 -1.20
CA GLY AB 186 101.76 8.01 -0.15
C GLY AB 186 102.99 7.32 0.39
N TYR AB 187 102.79 6.09 0.88
CA TYR AB 187 103.84 5.38 1.57
C TYR AB 187 103.69 3.89 1.37
N VAL AB 188 104.78 3.18 1.62
CA VAL AB 188 104.79 1.74 1.48
C VAL AB 188 104.23 1.12 2.76
N LEU AB 189 103.33 0.16 2.60
CA LEU AB 189 102.80 -0.54 3.76
C LEU AB 189 103.85 -1.48 4.31
N GLU AB 190 104.03 -1.46 5.61
CA GLU AB 190 105.01 -2.32 6.26
C GLU AB 190 104.61 -2.54 7.69
N GLY AB 191 105.02 -3.67 8.24
CA GLY AB 191 104.76 -3.94 9.64
C GLY AB 191 103.38 -4.53 9.87
N LYS AB 192 102.75 -4.18 10.99
CA LYS AB 192 101.43 -4.69 11.29
C LYS AB 192 100.36 -4.10 10.40
N GLU AB 193 100.59 -2.91 9.87
CA GLU AB 193 99.67 -2.33 8.91
C GLU AB 193 99.71 -3.07 7.60
N LEU AB 194 100.85 -3.65 7.27
CA LEU AB 194 100.93 -4.49 6.08
C LEU AB 194 100.12 -5.76 6.24
N GLU AB 195 100.35 -6.51 7.31
CA GLU AB 195 99.70 -7.81 7.46
C GLU AB 195 98.22 -7.68 7.79
N PHE AB 196 97.77 -6.52 8.23
CA PHE AB 196 96.35 -6.28 8.35
C PHE AB 196 95.71 -6.23 6.98
N TYR AB 197 96.28 -5.47 6.06
CA TYR AB 197 95.73 -5.41 4.73
C TYR AB 197 96.04 -6.64 3.89
N LEU AB 198 97.07 -7.42 4.25
CA LEU AB 198 97.36 -8.62 3.49
C LEU AB 198 96.27 -9.66 3.66
N ARG AB 199 95.81 -9.87 4.88
CA ARG AB 199 94.81 -10.90 5.09
C ARG AB 199 93.42 -10.45 4.70
N LYS AB 200 93.18 -9.15 4.60
CA LYS AB 200 91.93 -8.67 4.01
C LYS AB 200 91.87 -8.96 2.53
N ILE AB 201 93.02 -8.87 1.85
CA ILE AB 201 93.07 -9.19 0.44
C ILE AB 201 92.95 -10.70 0.24
N LYS AB 202 93.60 -11.48 1.10
CA LYS AB 202 93.48 -12.93 1.04
C LYS AB 202 92.06 -13.40 1.33
N ALA AB 203 91.34 -12.69 2.20
CA ALA AB 203 89.96 -13.07 2.51
C ALA AB 203 89.02 -12.79 1.35
N ARG AB 204 89.30 -11.75 0.56
CA ARG AB 204 88.46 -11.47 -0.61
C ARG AB 204 88.73 -12.45 -1.74
N LYS AB 205 89.87 -13.12 -1.72
CA LYS AB 205 90.23 -14.07 -2.78
C LYS AB 205 89.49 -15.39 -2.60
N MET BB 1 -22.18 102.62 18.70
CA MET BB 1 -23.42 102.52 19.45
C MET BB 1 -24.35 103.68 19.11
N LEU BB 2 -25.47 103.36 18.46
CA LEU BB 2 -26.44 104.37 18.08
C LEU BB 2 -27.15 104.89 19.33
N MET BB 3 -27.07 106.18 19.54
CA MET BB 3 -27.56 106.75 20.79
C MET BB 3 -27.90 108.21 20.57
N PRO BB 4 -29.08 108.66 20.98
CA PRO BB 4 -29.39 110.09 20.90
C PRO BB 4 -28.56 110.87 21.89
N LYS BB 5 -28.18 112.09 21.48
CA LYS BB 5 -27.29 112.92 22.28
C LYS BB 5 -27.94 113.35 23.59
N LYS BB 6 -29.26 113.48 23.61
CA LYS BB 6 -29.95 113.79 24.86
C LYS BB 6 -29.95 112.62 25.83
N ASN BB 7 -29.72 111.40 25.34
CA ASN BB 7 -29.62 110.28 26.26
C ASN BB 7 -28.21 110.11 26.79
N ARG BB 8 -27.21 110.34 25.94
CA ARG BB 8 -25.82 110.19 26.37
C ARG BB 8 -25.45 111.23 27.41
N ILE BB 9 -25.90 112.47 27.21
CA ILE BB 9 -25.64 113.53 28.18
C ILE BB 9 -26.37 113.26 29.49
N ALA BB 10 -27.59 112.73 29.39
CA ALA BB 10 -28.34 112.36 30.60
C ALA BB 10 -27.69 111.21 31.35
N ILE BB 11 -27.11 110.25 30.63
CA ILE BB 11 -26.26 109.24 31.26
C ILE BB 11 -25.05 109.90 31.90
N TYR BB 12 -24.38 110.79 31.16
CA TYR BB 12 -23.23 111.52 31.67
C TYR BB 12 -23.61 112.52 32.75
N GLU BB 13 -24.88 112.87 32.89
CA GLU BB 13 -25.29 113.87 33.87
C GLU BB 13 -25.15 113.34 35.28
N LEU BB 14 -25.91 112.30 35.63
CA LEU BB 14 -25.78 111.76 36.98
C LEU BB 14 -24.51 110.94 37.16
N LEU BB 15 -23.79 110.65 36.10
CA LEU BB 15 -22.48 110.05 36.27
C LEU BB 15 -21.47 111.07 36.76
N PHE BB 16 -21.68 112.36 36.49
CA PHE BB 16 -20.70 113.34 36.96
C PHE BB 16 -21.13 114.03 38.24
N LYS BB 17 -22.42 114.29 38.41
CA LYS BB 17 -22.85 114.93 39.63
C LYS BB 17 -22.88 113.97 40.81
N GLU BB 18 -22.84 112.66 40.56
CA GLU BB 18 -22.73 111.67 41.63
C GLU BB 18 -21.39 110.96 41.66
N GLY BB 19 -20.71 110.83 40.52
CA GLY BB 19 -19.42 110.19 40.48
C GLY BB 19 -19.44 108.69 40.31
N VAL BB 20 -20.54 108.03 40.66
CA VAL BB 20 -20.70 106.59 40.49
C VAL BB 20 -22.08 106.32 39.93
N MET BB 21 -22.24 105.14 39.33
CA MET BB 21 -23.56 104.66 38.96
C MET BB 21 -23.59 103.14 38.85
N VAL BB 22 -24.80 102.60 38.83
CA VAL BB 22 -25.07 101.18 39.01
C VAL BB 22 -26.03 100.74 37.91
N ALA BB 23 -25.68 99.68 37.19
CA ALA BB 23 -26.58 99.09 36.22
C ALA BB 23 -26.59 97.58 36.36
N LYS BB 24 -27.79 97.00 36.28
CA LYS BB 24 -27.91 95.55 36.22
C LYS BB 24 -27.49 95.08 34.84
N LYS BB 25 -26.81 93.94 34.79
CA LYS BB 25 -26.45 93.40 33.49
C LYS BB 25 -27.68 92.82 32.83
N ASP BB 26 -28.34 93.65 32.02
CA ASP BB 26 -29.60 93.28 31.39
C ASP BB 26 -29.75 94.11 30.13
N VAL BB 27 -29.76 93.44 28.98
CA VAL BB 27 -30.05 94.12 27.73
C VAL BB 27 -31.52 94.50 27.68
N HIS BB 28 -32.39 93.58 28.05
CA HIS BB 28 -33.83 93.73 27.82
C HIS BB 28 -34.49 94.31 29.07
N MET BB 29 -34.21 95.60 29.30
CA MET BB 29 -34.87 96.36 30.35
C MET BB 29 -35.24 97.71 29.75
N PRO BB 30 -36.52 98.10 29.77
CA PRO BB 30 -36.96 99.27 29.01
C PRO BB 30 -36.44 100.60 29.53
N LYS BB 31 -36.60 100.85 30.83
CA LYS BB 31 -36.11 102.07 31.46
C LYS BB 31 -34.99 101.72 32.41
N HIS BB 32 -33.89 102.46 32.33
CA HIS BB 32 -32.93 102.44 33.41
C HIS BB 32 -33.60 103.03 34.65
N PRO BB 33 -33.44 102.40 35.82
CA PRO BB 33 -34.26 102.80 36.97
C PRO BB 33 -33.90 104.16 37.52
N GLU BB 34 -32.62 104.52 37.51
CA GLU BB 34 -32.20 105.78 38.10
C GLU BB 34 -32.48 106.94 37.18
N LEU BB 35 -32.37 106.74 35.87
CA LEU BB 35 -32.68 107.82 34.94
C LEU BB 35 -34.18 107.93 34.73
N ALA BB 36 -34.79 106.92 34.10
CA ALA BB 36 -36.23 106.64 34.12
C ALA BB 36 -37.16 107.71 33.56
N ASP BB 37 -36.61 108.83 33.11
CA ASP BB 37 -37.43 110.00 32.83
C ASP BB 37 -37.02 110.59 31.49
N LYS BB 38 -35.77 110.37 31.12
CA LYS BB 38 -35.20 110.91 29.90
C LYS BB 38 -35.33 109.98 28.72
N ASN BB 39 -36.05 108.87 28.88
CA ASN BB 39 -36.26 107.83 27.87
C ASN BB 39 -34.92 107.29 27.36
N VAL BB 40 -34.20 106.63 28.26
CA VAL BB 40 -32.93 106.01 27.95
C VAL BB 40 -32.93 104.56 28.43
N PRO BB 41 -32.72 103.58 27.55
CA PRO BB 41 -32.80 102.19 27.96
C PRO BB 41 -31.60 101.77 28.80
N ASN BB 42 -31.71 100.57 29.34
CA ASN BB 42 -30.61 100.01 30.10
C ASN BB 42 -29.44 99.62 29.20
N LEU BB 43 -29.71 99.36 27.92
CA LEU BB 43 -28.64 98.99 27.00
C LEU BB 43 -27.72 100.16 26.73
N HIS BB 44 -28.29 101.36 26.60
CA HIS BB 44 -27.49 102.55 26.35
C HIS BB 44 -26.58 102.86 27.53
N VAL BB 45 -27.02 102.55 28.75
CA VAL BB 45 -26.19 102.80 29.92
C VAL BB 45 -25.01 101.87 29.95
N MET BB 46 -25.24 100.59 29.65
CA MET BB 46 -24.18 99.59 29.71
C MET BB 46 -23.17 99.77 28.60
N LYS BB 47 -23.59 100.26 27.44
CA LYS BB 47 -22.69 100.34 26.29
C LYS BB 47 -21.97 101.67 26.18
N ALA BB 48 -22.48 102.73 26.83
CA ALA BB 48 -21.77 104.00 26.77
C ALA BB 48 -20.59 104.02 27.71
N MET BB 49 -20.75 103.54 28.95
CA MET BB 49 -19.65 103.46 29.88
C MET BB 49 -18.77 102.26 29.64
N GLN BB 50 -19.15 101.39 28.72
CA GLN BB 50 -18.15 100.52 28.12
C GLN BB 50 -17.06 101.34 27.43
N SER BB 51 -17.46 102.41 26.73
CA SER BB 51 -16.48 103.23 26.03
C SER BB 51 -15.63 104.03 26.99
N LEU BB 52 -16.22 104.45 28.11
CA LEU BB 52 -15.45 105.22 29.08
C LEU BB 52 -14.47 104.33 29.83
N LYS BB 53 -14.79 103.06 29.99
CA LYS BB 53 -13.83 102.13 30.55
C LYS BB 53 -12.69 101.87 29.57
N SER BB 54 -13.01 101.89 28.28
CA SER BB 54 -12.01 101.58 27.26
C SER BB 54 -10.95 102.66 27.14
N ARG BB 55 -11.34 103.92 27.30
CA ARG BB 55 -10.40 105.03 27.29
C ARG BB 55 -9.84 105.32 28.67
N GLY BB 56 -10.10 104.45 29.65
CA GLY BB 56 -9.56 104.63 30.98
C GLY BB 56 -10.23 105.69 31.82
N TYR BB 57 -11.34 106.25 31.34
CA TYR BB 57 -12.01 107.32 32.07
C TYR BB 57 -12.71 106.83 33.32
N VAL BB 58 -13.25 105.62 33.30
CA VAL BB 58 -14.07 105.10 34.39
C VAL BB 58 -13.55 103.74 34.81
N LYS BB 59 -13.25 103.60 36.09
CA LYS BB 59 -12.93 102.30 36.69
C LYS BB 59 -14.21 101.49 36.87
N GLU BB 60 -14.13 100.18 36.66
CA GLU BB 60 -15.30 99.33 36.69
C GLU BB 60 -15.06 98.08 37.53
N GLN BB 61 -16.06 97.71 38.33
CA GLN BB 61 -16.04 96.48 39.11
C GLN BB 61 -17.42 95.83 39.06
N PHE BB 62 -17.45 94.51 38.85
CA PHE BB 62 -18.69 93.80 38.59
C PHE BB 62 -19.01 92.82 39.72
N ALA BB 63 -20.24 92.89 40.21
CA ALA BB 63 -20.80 92.10 41.29
C ALA BB 63 -21.41 90.81 40.74
N TRP BB 64 -22.36 90.24 41.49
CA TRP BB 64 -23.21 89.17 40.98
C TRP BB 64 -23.80 89.49 39.61
N ARG BB 65 -24.70 90.45 39.56
CA ARG BB 65 -25.36 90.81 38.30
C ARG BB 65 -25.49 92.31 38.13
N HIS BB 66 -24.61 93.10 38.73
CA HIS BB 66 -24.64 94.55 38.63
C HIS BB 66 -23.24 95.08 38.37
N PHE BB 67 -23.12 95.94 37.38
CA PHE BB 67 -21.89 96.69 37.18
C PHE BB 67 -21.88 97.87 38.13
N TYR BB 68 -20.75 98.07 38.82
CA TYR BB 68 -20.55 99.24 39.66
C TYR BB 68 -19.37 100.01 39.11
N TRP BB 69 -19.58 101.28 38.78
CA TRP BB 69 -18.55 102.08 38.14
C TRP BB 69 -18.01 103.16 39.07
N TYR BB 70 -16.83 103.67 38.72
CA TYR BB 70 -16.14 104.70 39.49
C TYR BB 70 -15.41 105.63 38.54
N LEU BB 71 -15.62 106.93 38.70
CA LEU BB 71 -14.86 107.90 37.91
C LEU BB 71 -13.40 107.94 38.35
N THR BB 72 -12.52 107.87 37.36
CA THR BB 72 -11.11 108.14 37.59
C THR BB 72 -10.85 109.62 37.38
N ASN BB 73 -9.66 110.06 37.77
CA ASN BB 73 -9.34 111.48 37.61
C ASN BB 73 -9.06 111.84 36.16
N GLU BB 74 -8.71 110.87 35.33
CA GLU BB 74 -8.60 111.12 33.91
C GLU BB 74 -9.94 111.34 33.25
N GLY BB 75 -11.02 110.86 33.87
CA GLY BB 75 -12.35 111.08 33.33
C GLY BB 75 -13.09 112.26 33.89
N ILE BB 76 -12.64 112.80 35.02
CA ILE BB 76 -13.34 113.93 35.65
C ILE BB 76 -13.18 115.19 34.80
N GLN BB 77 -11.94 115.54 34.44
CA GLN BB 77 -11.75 116.71 33.60
C GLN BB 77 -12.18 116.46 32.16
N TYR BB 78 -12.41 115.21 31.78
CA TYR BB 78 -13.05 114.95 30.49
C TYR BB 78 -14.50 115.37 30.53
N LEU BB 79 -15.19 115.09 31.63
CA LEU BB 79 -16.60 115.42 31.72
C LEU BB 79 -16.84 116.89 32.03
N ARG BB 80 -15.84 117.58 32.56
CA ARG BB 80 -15.92 119.03 32.66
C ARG BB 80 -15.96 119.66 31.29
N ASP BB 81 -15.21 119.09 30.36
CA ASP BB 81 -15.06 119.68 29.04
C ASP BB 81 -16.12 119.19 28.06
N TYR BB 82 -16.61 117.97 28.22
CA TYR BB 82 -17.66 117.49 27.34
C TYR BB 82 -19.00 118.12 27.70
N LEU BB 83 -19.34 118.12 28.99
CA LEU BB 83 -20.60 118.70 29.43
C LEU BB 83 -20.57 120.22 29.51
N HIS BB 84 -19.40 120.84 29.34
CA HIS BB 84 -19.19 122.29 29.42
C HIS BB 84 -19.61 122.82 30.79
N LEU BB 85 -18.83 122.44 31.79
CA LEU BB 85 -19.09 122.77 33.17
C LEU BB 85 -18.01 123.71 33.71
N PRO BB 86 -18.34 124.53 34.72
CA PRO BB 86 -17.31 125.35 35.35
C PRO BB 86 -16.34 124.48 36.15
N PRO BB 87 -15.10 124.93 36.32
CA PRO BB 87 -14.11 124.07 36.98
C PRO BB 87 -14.27 123.93 38.49
N GLU BB 88 -15.15 124.71 39.11
CA GLU BB 88 -15.25 124.64 40.57
C GLU BB 88 -16.15 123.51 41.04
N ILE BB 89 -17.14 123.13 40.25
CA ILE BB 89 -18.09 122.11 40.68
C ILE BB 89 -17.45 120.74 40.55
N VAL BB 90 -17.65 119.90 41.57
CA VAL BB 90 -16.97 118.62 41.68
C VAL BB 90 -18.04 117.54 41.84
N PRO BB 91 -17.72 116.29 41.53
CA PRO BB 91 -18.60 115.19 41.91
C PRO BB 91 -18.74 115.07 43.42
N ALA BB 92 -19.88 114.54 43.85
CA ALA BB 92 -20.28 114.51 45.25
C ALA BB 92 -19.52 113.48 46.09
N THR BB 93 -18.56 112.76 45.51
CA THR BB 93 -17.70 111.89 46.31
C THR BB 93 -16.47 112.63 46.82
N LEU BB 94 -16.11 113.74 46.20
CA LEU BB 94 -14.92 114.48 46.61
C LEU BB 94 -15.19 115.20 47.93
N ARG BB 95 -16.17 116.10 47.93
CA ARG BB 95 -16.77 116.57 49.16
C ARG BB 95 -18.21 117.01 48.91
N ALA CB 1 91.55 -4.83 23.82
CA ALA CB 1 92.92 -4.63 23.37
C ALA CB 1 93.09 -4.84 21.85
N ASP CB 2 92.06 -5.36 21.18
CA ASP CB 2 92.08 -5.46 19.72
C ASP CB 2 91.15 -4.40 19.14
N ILE CB 3 91.72 -3.52 18.33
CA ILE CB 3 91.09 -2.26 17.98
C ILE CB 3 90.65 -2.38 16.52
N GLN CB 4 91.31 -3.25 15.78
CA GLN CB 4 91.11 -3.36 14.35
C GLN CB 4 89.78 -4.05 14.04
N THR CB 5 88.72 -3.27 14.19
CA THR CB 5 87.37 -3.73 13.92
C THR CB 5 86.85 -3.28 12.58
N GLU CB 6 87.40 -2.20 12.04
CA GLU CB 6 86.86 -1.61 10.82
C GLU CB 6 87.58 -2.14 9.59
N ARG CB 7 87.18 -1.62 8.44
CA ARG CB 7 87.79 -2.05 7.19
C ARG CB 7 89.13 -1.39 6.97
N ALA CB 8 89.31 -0.18 7.49
CA ALA CB 8 90.59 0.48 7.37
C ALA CB 8 91.41 0.27 8.64
N TYR CB 9 92.72 0.37 8.50
CA TYR CB 9 93.59 0.18 9.64
C TYR CB 9 93.54 1.39 10.55
N GLN CB 10 93.38 1.14 11.85
CA GLN CB 10 93.24 2.20 12.84
C GLN CB 10 94.60 2.46 13.46
N LYS CB 11 95.07 3.70 13.35
CA LYS CB 11 96.32 4.07 13.99
C LYS CB 11 96.27 5.56 14.31
N GLN CB 12 97.02 5.95 15.33
CA GLN CB 12 97.17 7.37 15.60
C GLN CB 12 98.12 7.97 14.57
N PRO CB 13 97.70 9.03 13.86
CA PRO CB 13 98.46 9.46 12.69
C PRO CB 13 99.74 10.24 12.99
N THR CB 14 100.18 10.31 14.24
CA THR CB 14 101.46 10.92 14.52
C THR CB 14 102.51 9.90 14.92
N ILE CB 15 102.09 8.73 15.38
CA ILE CB 15 103.00 7.67 15.79
C ILE CB 15 103.40 6.87 14.57
N PHE CB 16 104.69 6.86 14.25
CA PHE CB 16 105.18 6.01 13.18
C PHE CB 16 105.54 4.66 13.77
N GLN CB 17 104.92 3.60 13.24
CA GLN CB 17 104.90 2.33 13.93
C GLN CB 17 106.03 1.40 13.52
N ASN CB 18 106.64 1.59 12.36
CA ASN CB 18 107.48 0.58 11.76
C ASN CB 18 108.90 1.09 11.70
N LYS CB 19 109.60 1.04 12.82
CA LYS CB 19 110.87 1.71 12.98
C LYS CB 19 111.96 0.67 13.17
N LYS CB 20 112.66 0.38 12.08
CA LYS CB 20 113.79 -0.57 12.02
C LYS CB 20 113.50 -1.96 12.59
N LYS CB 31 106.88 -2.31 22.82
CA LYS CB 31 105.71 -1.44 23.00
C LYS CB 31 105.68 -0.32 21.98
N LEU CB 32 104.56 -0.19 21.29
CA LEU CB 32 104.45 0.94 20.38
C LEU CB 32 104.14 2.21 21.19
N PRO CB 33 104.69 3.35 20.79
CA PRO CB 33 104.44 4.57 21.55
C PRO CB 33 103.03 5.08 21.33
N ARG CB 34 102.61 5.95 22.22
CA ARG CB 34 101.22 6.35 22.36
C ARG CB 34 101.16 7.85 22.36
N TYR CB 35 100.63 8.42 21.29
CA TYR CB 35 100.41 9.86 21.28
C TYR CB 35 99.27 10.22 22.21
N TYR CB 36 99.48 11.23 23.03
CA TYR CB 36 98.43 11.87 23.77
C TYR CB 36 98.89 13.29 24.07
N LYS CB 37 97.95 14.19 24.16
CA LYS CB 37 98.30 15.57 24.48
C LYS CB 37 97.64 15.97 25.78
N ASN CB 38 98.09 17.08 26.31
CA ASN CB 38 97.46 17.69 27.46
C ASN CB 38 96.55 18.81 26.97
N ILE CB 39 95.31 18.80 27.42
CA ILE CB 39 94.40 19.86 27.11
C ILE CB 39 94.51 20.88 28.23
N GLY CB 40 94.05 22.08 27.95
CA GLY CB 40 94.25 23.18 28.87
C GLY CB 40 93.29 23.15 30.03
N LEU CB 41 93.20 24.31 30.68
CA LEU CB 41 92.10 24.66 31.58
C LEU CB 41 92.01 23.77 32.80
N GLY CB 42 93.11 23.10 33.15
CA GLY CB 42 93.15 22.32 34.37
C GLY CB 42 92.44 20.99 34.34
N PHE CB 43 92.20 20.43 33.16
CA PHE CB 43 91.62 19.11 33.06
C PHE CB 43 92.73 18.10 32.91
N LYS CB 44 92.83 17.17 33.85
CA LYS CB 44 93.92 16.23 33.87
C LYS CB 44 93.63 15.08 32.92
N THR CB 45 94.60 14.74 32.11
CA THR CB 45 94.48 13.63 31.17
C THR CB 45 94.40 12.33 31.96
N PRO CB 46 93.36 11.52 31.76
CA PRO CB 46 93.17 10.34 32.60
C PRO CB 46 94.20 9.27 32.31
N LYS CB 47 94.27 8.31 33.23
CA LYS CB 47 95.27 7.26 33.12
C LYS CB 47 94.99 6.35 31.95
N GLU CB 48 93.73 6.04 31.68
CA GLU CB 48 93.42 5.11 30.62
C GLU CB 48 93.65 5.71 29.24
N ALA CB 49 93.60 7.03 29.11
CA ALA CB 49 93.99 7.65 27.85
C ALA CB 49 95.49 7.57 27.61
N ILE CB 50 96.29 7.46 28.66
CA ILE CB 50 97.73 7.50 28.54
C ILE CB 50 98.31 6.12 28.30
N GLU CB 51 97.77 5.11 28.95
CA GLU CB 51 98.28 3.76 28.83
C GLU CB 51 97.38 2.84 28.02
N GLY CB 52 96.19 3.30 27.64
CA GLY CB 52 95.29 2.47 26.87
C GLY CB 52 95.71 2.36 25.43
N THR CB 53 94.95 1.57 24.68
CA THR CB 53 95.31 1.24 23.32
C THR CB 53 94.25 1.59 22.30
N TYR CB 54 93.15 2.20 22.72
CA TYR CB 54 92.07 2.56 21.82
C TYR CB 54 92.50 3.63 20.82
N ILE CB 55 91.89 3.61 19.65
CA ILE CB 55 92.11 4.60 18.62
C ILE CB 55 90.83 5.41 18.45
N ASP CB 56 90.95 6.74 18.51
CA ASP CB 56 89.78 7.61 18.36
C ASP CB 56 90.27 8.96 17.89
N LYS CB 57 89.90 9.36 16.68
CA LYS CB 57 90.27 10.69 16.21
C LYS CB 57 89.41 11.80 16.79
N LYS CB 58 88.46 11.47 17.65
CA LYS CB 58 87.60 12.47 18.27
C LYS CB 58 87.78 12.49 19.78
N CYS CB 59 88.71 11.72 20.32
CA CYS CB 59 89.09 11.87 21.70
C CYS CB 59 89.81 13.20 21.88
N PRO CB 60 89.48 13.97 22.92
CA PRO CB 60 90.19 15.22 23.13
C PRO CB 60 91.59 15.03 23.67
N PHE CB 61 91.90 13.85 24.20
CA PHE CB 61 93.19 13.61 24.79
C PHE CB 61 94.16 12.96 23.82
N THR CB 62 93.67 12.05 22.98
CA THR CB 62 94.53 11.26 22.11
C THR CB 62 94.22 11.49 20.64
N GLY CB 63 93.41 12.48 20.32
CA GLY CB 63 92.93 12.64 18.95
C GLY CB 63 93.21 14.02 18.42
N ASN CB 64 92.32 14.47 17.54
CA ASN CB 64 92.49 15.73 16.84
C ASN CB 64 91.50 16.78 17.30
N VAL CB 65 91.06 16.72 18.55
CA VAL CB 65 90.10 17.68 19.06
C VAL CB 65 90.84 18.71 19.90
N SER CB 66 90.65 19.98 19.59
CA SER CB 66 91.16 21.06 20.42
C SER CB 66 90.00 21.75 21.10
N ILE CB 67 90.12 21.95 22.41
CA ILE CB 67 89.05 22.51 23.22
C ILE CB 67 89.20 24.02 23.22
N ARG CB 68 88.15 24.72 22.82
CA ARG CB 68 88.14 26.18 22.83
C ARG CB 68 86.70 26.63 22.90
N GLY CB 69 86.45 27.73 23.59
CA GLY CB 69 85.10 28.22 23.70
C GLY CB 69 84.46 28.04 25.06
N ARG CB 70 83.29 27.43 25.09
CA ARG CB 70 82.50 27.31 26.30
C ARG CB 70 82.75 25.96 26.95
N ILE CB 71 82.49 25.90 28.25
CA ILE CB 71 82.60 24.67 29.04
C ILE CB 71 81.35 24.53 29.87
N LEU CB 72 80.64 23.42 29.72
CA LEU CB 72 79.33 23.28 30.32
C LEU CB 72 79.24 22.00 31.13
N SER CB 73 78.04 21.65 31.59
CA SER CB 73 77.83 20.46 32.41
C SER CB 73 76.42 19.95 32.22
N GLY CB 74 76.22 18.67 32.51
CA GLY CB 74 74.90 18.08 32.47
C GLY CB 74 74.92 16.64 32.91
N VAL CB 75 73.72 16.09 33.14
CA VAL CB 75 73.58 14.71 33.57
C VAL CB 75 73.38 13.80 32.37
N VAL CB 76 73.97 12.62 32.44
CA VAL CB 76 73.85 11.62 31.38
C VAL CB 76 72.47 11.02 31.41
N THR CB 77 71.82 10.95 30.24
CA THR CB 77 70.52 10.29 30.16
C THR CB 77 70.50 9.06 29.26
N LYS CB 78 71.14 9.10 28.09
CA LYS CB 78 71.13 7.97 27.19
C LYS CB 78 72.56 7.63 26.79
N MET CB 79 72.86 6.34 26.70
CA MET CB 79 74.19 5.88 26.32
C MET CB 79 74.10 4.81 25.26
N LYS CB 80 73.35 5.08 24.20
CA LYS CB 80 72.99 4.04 23.26
C LYS CB 80 73.60 4.20 21.88
N MET CB 81 74.18 5.34 21.56
CA MET CB 81 74.95 5.49 20.35
C MET CB 81 76.39 5.01 20.59
N GLN CB 82 77.09 4.76 19.50
CA GLN CB 82 78.50 4.39 19.58
C GLN CB 82 79.32 5.64 19.85
N ARG CB 83 79.98 5.68 21.01
CA ARG CB 83 80.89 6.74 21.45
C ARG CB 83 80.22 8.09 21.57
N THR CB 84 78.91 8.14 21.72
CA THR CB 84 78.21 9.40 21.79
C THR CB 84 77.07 9.21 22.76
N ILE CB 85 76.97 10.09 23.74
CA ILE CB 85 75.93 10.01 24.74
C ILE CB 85 75.07 11.27 24.64
N VAL CB 86 73.97 11.26 25.37
CA VAL CB 86 73.03 12.38 25.37
C VAL CB 86 72.94 12.91 26.78
N ILE CB 87 73.28 14.17 26.97
CA ILE CB 87 73.18 14.77 28.27
C ILE CB 87 72.10 15.81 28.26
N ARG CB 88 71.47 15.96 29.43
CA ARG CB 88 70.40 16.91 29.63
C ARG CB 88 70.91 17.97 30.59
N ARG CB 89 71.09 19.19 30.10
CA ARG CB 89 71.38 20.31 30.99
C ARG CB 89 70.07 21.02 31.26
N ASP CB 90 69.76 21.21 32.54
CA ASP CB 90 68.42 21.49 33.02
C ASP CB 90 68.45 22.84 33.71
N TYR CB 91 67.80 23.83 33.13
CA TYR CB 91 67.99 25.22 33.56
C TYR CB 91 66.65 25.83 33.95
N LEU CB 92 66.63 27.15 34.11
CA LEU CB 92 65.58 27.77 34.89
C LEU CB 92 65.34 29.18 34.35
N HIS CB 93 64.28 29.35 33.57
CA HIS CB 93 64.07 30.56 32.79
C HIS CB 93 63.16 31.55 33.50
N TYR CB 94 63.48 32.83 33.38
CA TYR CB 94 62.79 33.90 34.10
C TYR CB 94 61.73 34.55 33.24
N ILE CB 95 60.55 34.73 33.81
CA ILE CB 95 59.43 35.39 33.16
C ILE CB 95 59.18 36.70 33.89
N ARG CB 96 59.35 37.83 33.20
CA ARG CB 96 59.38 39.11 33.89
C ARG CB 96 58.02 39.57 34.38
N LYS CB 97 56.95 39.26 33.64
CA LYS CB 97 55.61 39.67 34.05
C LYS CB 97 55.20 39.03 35.36
N TYR CB 98 55.35 37.72 35.46
CA TYR CB 98 54.95 37.00 36.65
C TYR CB 98 56.04 36.95 37.70
N ASN CB 99 57.19 37.58 37.41
CA ASN CB 99 58.45 37.64 38.18
C ASN CB 99 58.74 36.36 38.97
N ARG CB 100 58.65 35.25 38.25
CA ARG CB 100 58.89 33.92 38.76
C ARG CB 100 59.63 33.14 37.69
N PHE CB 101 60.05 31.94 38.04
CA PHE CB 101 60.93 31.18 37.16
C PHE CB 101 60.17 30.03 36.52
N GLU CB 102 60.86 29.34 35.63
CA GLU CB 102 60.25 28.36 34.77
C GLU CB 102 61.33 27.38 34.37
N LYS CB 103 61.11 26.12 34.66
CA LYS CB 103 62.15 25.12 34.48
C LYS CB 103 62.11 24.61 33.04
N ARG CB 104 63.17 24.88 32.30
CA ARG CB 104 63.33 24.36 30.96
C ARG CB 104 64.53 23.42 30.95
N HIS CB 105 64.68 22.66 29.89
CA HIS CB 105 65.84 21.82 29.75
C HIS CB 105 66.28 21.84 28.31
N LYS CB 106 67.37 21.13 28.04
CA LYS CB 106 67.85 21.00 26.68
C LYS CB 106 68.74 19.77 26.60
N ASN CB 107 68.54 18.95 25.57
CA ASN CB 107 69.40 17.81 25.33
C ASN CB 107 70.57 18.20 24.45
N MET CB 108 71.65 17.41 24.55
CA MET CB 108 72.80 17.57 23.67
C MET CB 108 73.43 16.22 23.40
N SER CB 109 73.74 15.95 22.15
CA SER CB 109 74.57 14.81 21.83
C SER CB 109 76.02 15.19 22.00
N VAL CB 110 76.75 14.42 22.81
CA VAL CB 110 78.11 14.74 23.17
C VAL CB 110 78.98 13.51 22.92
N HIS CB 111 80.11 13.71 22.24
CA HIS CB 111 81.04 12.60 22.04
C HIS CB 111 81.71 12.19 23.34
N LEU CB 112 81.69 10.89 23.62
CA LEU CB 112 82.29 10.30 24.80
C LEU CB 112 83.45 9.40 24.40
N SER CB 113 84.61 9.65 24.96
CA SER CB 113 85.80 8.88 24.62
C SER CB 113 85.82 7.55 25.37
N PRO CB 114 86.58 6.57 24.88
CA PRO CB 114 86.80 5.37 25.68
C PRO CB 114 87.69 5.58 26.89
N CYS CB 115 88.30 6.75 27.07
CA CYS CB 115 89.11 6.98 28.26
C CYS CB 115 88.27 7.03 29.52
N PHE CB 116 87.01 7.42 29.42
CA PHE CB 116 86.09 7.37 30.55
C PHE CB 116 85.40 6.01 30.45
N ARG CB 117 85.81 5.10 31.32
CA ARG CB 117 85.43 3.69 31.21
C ARG CB 117 83.99 3.47 31.62
N ASP CB 118 83.67 3.74 32.87
CA ASP CB 118 82.37 3.42 33.43
C ASP CB 118 81.62 4.71 33.70
N VAL CB 119 80.84 5.13 32.73
CA VAL CB 119 79.88 6.21 32.90
C VAL CB 119 78.51 5.56 32.97
N GLN CB 120 77.70 5.99 33.92
CA GLN CB 120 76.38 5.41 34.11
C GLN CB 120 75.34 6.50 33.88
N ILE CB 121 74.10 6.09 33.69
CA ILE CB 121 73.04 7.04 33.42
C ILE CB 121 72.71 7.78 34.71
N GLY CB 122 73.03 9.06 34.74
CA GLY CB 122 72.72 9.88 35.88
C GLY CB 122 73.93 10.43 36.61
N ASP CB 123 75.01 10.75 35.91
CA ASP CB 123 76.15 11.33 36.58
C ASP CB 123 76.60 12.62 35.91
N ILE CB 124 77.32 13.42 36.67
CA ILE CB 124 77.69 14.77 36.23
C ILE CB 124 78.86 14.69 35.26
N VAL CB 125 78.69 15.28 34.09
CA VAL CB 125 79.68 15.25 33.03
C VAL CB 125 80.00 16.68 32.63
N THR CB 126 81.25 17.05 32.71
CA THR CB 126 81.72 18.34 32.25
C THR CB 126 82.15 18.22 30.80
N VAL CB 127 81.59 19.07 29.94
CA VAL CB 127 81.85 19.00 28.51
C VAL CB 127 82.51 20.30 28.08
N GLY CB 128 83.24 20.23 26.98
CA GLY CB 128 83.86 21.40 26.39
C GLY CB 128 83.64 21.39 24.89
N GLU CB 129 83.36 22.55 24.34
CA GLU CB 129 83.00 22.57 22.93
C GLU CB 129 84.23 22.61 22.05
N CYS CB 130 84.04 22.21 20.80
CA CYS CB 130 85.14 22.10 19.89
C CYS CB 130 84.61 22.33 18.48
N ARG CB 131 85.41 21.97 17.49
CA ARG CB 131 84.95 22.02 16.11
C ARG CB 131 83.86 20.96 15.92
N PRO CB 132 82.93 21.18 15.00
CA PRO CB 132 81.80 20.26 14.85
C PRO CB 132 82.24 18.87 14.41
N LEU CB 133 81.71 17.87 15.09
CA LEU CB 133 82.10 16.48 14.85
C LEU CB 133 81.06 15.68 14.12
N SER CB 134 79.82 16.14 14.08
CA SER CB 134 78.75 15.42 13.41
C SER CB 134 77.69 16.42 13.04
N LYS CB 135 76.50 15.94 12.72
CA LYS CB 135 75.42 16.85 12.40
C LYS CB 135 74.91 17.56 13.65
N THR CB 136 74.98 16.90 14.80
CA THR CB 136 74.47 17.46 16.04
C THR CB 136 75.50 17.57 17.16
N VAL CB 137 76.69 17.01 17.00
CA VAL CB 137 77.65 16.91 18.09
C VAL CB 137 78.64 18.04 17.97
N ARG CB 138 78.64 18.94 18.95
CA ARG CB 138 79.60 20.02 19.01
C ARG CB 138 80.43 19.99 20.28
N PHE CB 139 80.14 19.11 21.20
CA PHE CB 139 80.79 19.10 22.50
C PHE CB 139 81.50 17.77 22.70
N ASN CB 140 82.21 17.67 23.80
CA ASN CB 140 83.10 16.54 24.01
C ASN CB 140 83.35 16.41 25.49
N VAL CB 141 83.28 15.18 26.01
CA VAL CB 141 83.36 14.93 27.43
C VAL CB 141 84.78 15.13 27.92
N LEU CB 142 84.95 15.88 28.99
CA LEU CB 142 86.24 16.19 29.56
C LEU CB 142 86.46 15.62 30.95
N LYS CB 143 85.41 15.44 31.74
CA LYS CB 143 85.56 15.00 33.12
C LYS CB 143 84.25 14.39 33.57
N VAL CB 144 84.32 13.18 34.10
CA VAL CB 144 83.12 12.46 34.55
C VAL CB 144 83.11 12.46 36.06
N THR CB 145 82.03 12.96 36.64
CA THR CB 145 81.83 12.99 38.08
C THR CB 145 80.60 12.13 38.39
N LYS CB 146 80.77 11.14 39.25
CA LYS CB 146 79.71 10.17 39.48
C LYS CB 146 78.62 10.74 40.37
N ALA CB 147 77.63 9.91 40.66
CA ALA CB 147 76.49 10.33 41.45
C ALA CB 147 76.68 9.97 42.92
N ALA CB 148 75.71 10.33 43.75
CA ALA CB 148 75.81 10.13 45.18
C ALA CB 148 75.58 8.66 45.56
N GLY CB 149 76.43 8.15 46.44
CA GLY CB 149 76.33 6.76 46.83
C GLY CB 149 76.94 5.79 45.86
N THR CB 150 77.73 6.29 44.91
CA THR CB 150 78.37 5.45 43.91
C THR CB 150 79.88 5.60 43.99
N ARG DB 1 -75.85 62.61 1.27
CA ARG DB 1 -74.58 62.59 0.53
C ARG DB 1 -73.98 63.99 0.49
N LYS DB 2 -74.85 64.99 0.44
CA LYS DB 2 -74.41 66.38 0.53
C LYS DB 2 -73.83 66.65 1.91
N PHE DB 3 -72.72 67.39 1.95
CA PHE DB 3 -71.99 67.58 3.19
C PHE DB 3 -72.73 68.49 4.16
N THR DB 4 -72.81 68.05 5.42
CA THR DB 4 -73.25 68.87 6.54
C THR DB 4 -72.19 68.82 7.61
N TYR DB 5 -72.13 69.86 8.45
CA TYR DB 5 -71.19 69.81 9.56
C TYR DB 5 -71.82 69.18 10.80
N ARG DB 6 -72.85 69.79 11.35
CA ARG DB 6 -73.64 69.17 12.40
C ARG DB 6 -75.11 69.33 12.09
N GLY DB 7 -75.48 68.95 10.86
CA GLY DB 7 -76.79 69.22 10.32
C GLY DB 7 -76.86 70.48 9.49
N VAL DB 8 -75.76 71.22 9.41
CA VAL DB 8 -75.73 72.51 8.72
C VAL DB 8 -74.83 72.35 7.51
N ASP DB 9 -75.38 72.61 6.32
CA ASP DB 9 -74.61 72.56 5.10
C ASP DB 9 -73.62 73.73 5.04
N LEU DB 10 -72.65 73.60 4.13
CA LEU DB 10 -71.58 74.58 3.97
C LEU DB 10 -72.10 75.94 3.54
N ASP DB 11 -73.22 75.98 2.81
CA ASP DB 11 -73.79 77.24 2.34
C ASP DB 11 -74.25 78.11 3.50
N GLN DB 12 -74.91 77.52 4.49
CA GLN DB 12 -75.25 78.25 5.70
C GLN DB 12 -74.03 78.54 6.56
N LEU DB 13 -72.99 77.71 6.49
CA LEU DB 13 -71.78 77.94 7.26
C LEU DB 13 -71.00 79.13 6.75
N LEU DB 14 -71.17 79.50 5.48
CA LEU DB 14 -70.57 80.73 4.98
C LEU DB 14 -71.28 81.95 5.53
N ASP DB 15 -72.60 81.87 5.72
CA ASP DB 15 -73.37 83.01 6.21
C ASP DB 15 -73.20 83.25 7.70
N MET DB 16 -72.88 82.23 8.49
CA MET DB 16 -72.87 82.39 9.93
C MET DB 16 -71.66 83.19 10.39
N SER DB 17 -71.90 84.10 11.35
CA SER DB 17 -70.84 84.82 12.02
C SER DB 17 -70.25 83.92 13.11
N TYR DB 18 -69.26 84.45 13.83
CA TYR DB 18 -68.57 83.66 14.83
C TYR DB 18 -69.45 83.30 16.01
N GLU DB 19 -70.27 84.24 16.48
CA GLU DB 19 -71.03 84.06 17.72
C GLU DB 19 -72.14 83.02 17.60
N GLN DB 20 -72.51 82.64 16.37
CA GLN DB 20 -73.40 81.51 16.17
C GLN DB 20 -72.66 80.26 15.77
N LEU DB 21 -71.45 80.41 15.25
CA LEU DB 21 -70.64 79.28 14.83
C LEU DB 21 -69.86 78.68 15.99
N MET DB 22 -69.63 79.46 17.05
CA MET DB 22 -68.92 78.95 18.22
C MET DB 22 -69.68 77.85 18.94
N GLN DB 23 -71.01 77.84 18.85
CA GLN DB 23 -71.77 76.74 19.41
C GLN DB 23 -71.71 75.49 18.55
N LEU DB 24 -71.31 75.61 17.29
CA LEU DB 24 -71.20 74.45 16.44
C LEU DB 24 -69.88 73.73 16.58
N TYR DB 25 -68.81 74.46 16.91
CA TYR DB 25 -67.55 73.82 17.18
C TYR DB 25 -67.58 73.07 18.50
N SER DB 26 -66.52 72.31 18.75
CA SER DB 26 -66.35 71.59 19.99
C SER DB 26 -65.71 72.50 21.03
N ALA DB 27 -65.26 71.90 22.14
CA ALA DB 27 -64.93 72.67 23.34
C ALA DB 27 -63.65 73.49 23.17
N ARG DB 28 -62.60 72.89 22.62
CA ARG DB 28 -61.33 73.60 22.46
C ARG DB 28 -61.43 74.70 21.41
N GLN DB 29 -62.18 74.45 20.33
CA GLN DB 29 -62.31 75.43 19.27
C GLN DB 29 -63.17 76.61 19.69
N ARG DB 30 -64.22 76.35 20.47
CA ARG DB 30 -65.05 77.42 20.99
C ARG DB 30 -64.29 78.31 21.97
N ARG DB 31 -63.41 77.72 22.78
CA ARG DB 31 -62.60 78.54 23.67
C ARG DB 31 -61.59 79.37 22.88
N ARG DB 32 -61.11 78.84 21.76
CA ARG DB 32 -60.09 79.53 20.97
C ARG DB 32 -60.66 80.78 20.30
N LEU DB 33 -61.89 80.69 19.79
CA LEU DB 33 -62.52 81.86 19.20
C LEU DB 33 -62.92 82.86 20.26
N ASN DB 34 -63.23 82.37 21.46
CA ASN DB 34 -63.53 83.27 22.57
C ASN DB 34 -62.27 84.01 23.02
N ARG DB 35 -61.11 83.36 22.89
CA ARG DB 35 -59.86 84.09 23.09
C ARG DB 35 -59.59 85.03 21.92
N GLY DB 36 -60.09 84.69 20.74
CA GLY DB 36 -60.00 85.62 19.64
C GLY DB 36 -58.82 85.33 18.74
N LEU DB 37 -58.94 85.76 17.49
CA LEU DB 37 -57.90 85.54 16.50
C LEU DB 37 -57.05 86.79 16.37
N ARG DB 38 -55.75 86.65 16.55
CA ARG DB 38 -54.83 87.78 16.62
C ARG DB 38 -54.52 88.33 15.23
N ARG DB 39 -53.69 89.37 15.21
CA ARG DB 39 -53.37 90.07 13.96
C ARG DB 39 -52.58 89.19 13.01
N LYS DB 40 -51.77 88.30 13.56
CA LYS DB 40 -51.02 87.36 12.74
C LYS DB 40 -51.95 86.34 12.07
N GLN DB 41 -53.09 86.06 12.69
CA GLN DB 41 -54.04 85.10 12.14
C GLN DB 41 -54.80 85.69 10.97
N HIS DB 42 -55.23 86.95 11.11
CA HIS DB 42 -56.01 87.58 10.04
C HIS DB 42 -55.16 87.92 8.83
N SER DB 43 -53.85 87.97 8.98
CA SER DB 43 -52.96 88.13 7.83
C SER DB 43 -53.10 86.94 6.89
N LEU DB 44 -53.32 85.75 7.46
CA LEU DB 44 -53.61 84.57 6.65
C LEU DB 44 -55.00 84.65 6.05
N LEU DB 45 -56.00 85.02 6.86
CA LEU DB 45 -57.38 85.04 6.40
C LEU DB 45 -57.62 86.11 5.35
N LYS DB 46 -56.82 87.18 5.36
CA LYS DB 46 -56.90 88.16 4.30
C LYS DB 46 -56.26 87.63 3.03
N ARG DB 47 -55.14 86.93 3.15
CA ARG DB 47 -54.42 86.48 1.97
C ARG DB 47 -55.09 85.29 1.30
N LEU DB 48 -55.87 84.51 2.05
CA LEU DB 48 -56.62 83.41 1.45
C LEU DB 48 -57.87 83.89 0.72
N ARG DB 49 -58.46 85.00 1.15
CA ARG DB 49 -59.56 85.57 0.39
C ARG DB 49 -59.05 86.25 -0.87
N LYS DB 50 -57.83 86.77 -0.84
CA LYS DB 50 -57.25 87.37 -2.03
C LYS DB 50 -56.86 86.29 -3.03
N ALA DB 51 -56.35 85.15 -2.55
CA ALA DB 51 -56.02 84.06 -3.46
C ALA DB 51 -57.28 83.40 -4.01
N LYS DB 52 -58.38 83.46 -3.27
CA LYS DB 52 -59.63 82.91 -3.77
C LYS DB 52 -60.18 83.76 -4.90
N LYS DB 53 -60.02 85.09 -4.78
CA LYS DB 53 -60.59 86.00 -5.75
C LYS DB 53 -59.79 86.03 -7.05
N GLU DB 54 -58.47 85.97 -6.97
CA GLU DB 54 -57.63 86.09 -8.16
C GLU DB 54 -57.64 84.84 -9.04
N ALA DB 55 -58.23 83.75 -8.58
CA ALA DB 55 -58.19 82.54 -9.37
C ALA DB 55 -59.28 82.55 -10.45
N PRO DB 56 -59.00 81.97 -11.62
CA PRO DB 56 -60.05 81.76 -12.61
C PRO DB 56 -61.07 80.76 -12.10
N PRO DB 57 -62.31 80.82 -12.58
CA PRO DB 57 -63.35 79.91 -12.06
C PRO DB 57 -63.13 78.47 -12.50
N MET DB 58 -63.61 77.55 -11.65
CA MET DB 58 -63.41 76.10 -11.76
C MET DB 58 -61.92 75.76 -11.84
N GLU DB 59 -61.13 76.49 -11.07
CA GLU DB 59 -59.68 76.32 -11.00
C GLU DB 59 -59.24 76.62 -9.59
N LYS DB 60 -58.25 75.88 -9.11
CA LYS DB 60 -57.82 76.01 -7.73
C LYS DB 60 -57.04 77.30 -7.55
N PRO DB 61 -57.07 77.89 -6.35
CA PRO DB 61 -56.32 79.14 -6.11
C PRO DB 61 -54.81 78.92 -6.12
N GLU DB 62 -54.10 80.00 -5.83
CA GLU DB 62 -52.66 79.92 -5.61
C GLU DB 62 -52.41 79.32 -4.24
N VAL DB 63 -51.33 78.55 -4.11
CA VAL DB 63 -50.93 78.04 -2.81
C VAL DB 63 -50.39 79.17 -1.96
N VAL DB 64 -50.76 79.17 -0.69
CA VAL DB 64 -50.37 80.22 0.26
C VAL DB 64 -49.64 79.54 1.40
N LYS DB 65 -48.37 79.89 1.60
CA LYS DB 65 -47.57 79.27 2.63
C LYS DB 65 -47.85 79.90 3.98
N THR DB 66 -47.57 79.14 5.04
CA THR DB 66 -47.73 79.63 6.41
C THR DB 66 -46.90 78.77 7.35
N HIS DB 67 -46.41 79.40 8.42
CA HIS DB 67 -45.80 78.66 9.52
C HIS DB 67 -46.77 78.34 10.64
N LEU DB 68 -47.70 79.25 10.90
CA LEU DB 68 -48.62 79.11 12.01
C LEU DB 68 -49.60 77.98 11.71
N ARG DB 69 -49.51 76.94 12.52
CA ARG DB 69 -50.21 75.69 12.27
C ARG DB 69 -51.23 75.37 13.35
N ASP DB 70 -51.53 76.35 14.21
CA ASP DB 70 -52.66 76.26 15.14
C ASP DB 70 -53.89 76.98 14.62
N MET DB 71 -54.08 77.04 13.31
CA MET DB 71 -55.31 77.59 12.76
C MET DB 71 -56.49 76.69 13.05
N ILE DB 72 -57.52 77.25 13.67
CA ILE DB 72 -58.84 76.69 13.54
C ILE DB 72 -59.24 76.78 12.09
N ILE DB 73 -59.76 75.70 11.53
CA ILE DB 73 -60.18 75.77 10.13
C ILE DB 73 -61.62 76.23 10.06
N LEU DB 74 -61.81 77.44 9.63
CA LEU DB 74 -63.02 78.19 9.46
C LEU DB 74 -63.67 77.84 8.14
N PRO DB 75 -65.00 77.96 8.03
CA PRO DB 75 -65.65 77.61 6.75
C PRO DB 75 -65.39 78.61 5.65
N GLU DB 76 -64.84 79.78 5.97
CA GLU DB 76 -64.40 80.71 4.93
C GLU DB 76 -63.27 80.12 4.09
N MET DB 77 -62.42 79.30 4.71
CA MET DB 77 -61.20 78.83 4.08
C MET DB 77 -61.39 77.54 3.30
N VAL DB 78 -62.63 77.13 3.03
CA VAL DB 78 -62.87 75.86 2.36
C VAL DB 78 -62.48 75.98 0.89
N GLY DB 79 -62.00 74.87 0.32
CA GLY DB 79 -61.61 74.86 -1.07
C GLY DB 79 -60.34 75.60 -1.39
N SER DB 80 -59.61 76.05 -0.37
CA SER DB 80 -58.42 76.84 -0.60
C SER DB 80 -57.23 75.96 -0.95
N MET DB 81 -56.07 76.58 -1.13
CA MET DB 81 -54.84 75.87 -1.45
C MET DB 81 -53.77 76.44 -0.55
N VAL DB 82 -53.28 75.63 0.38
CA VAL DB 82 -52.52 76.10 1.54
C VAL DB 82 -51.22 75.31 1.62
N GLY DB 83 -50.12 76.01 1.89
CA GLY DB 83 -48.89 75.35 2.25
C GLY DB 83 -48.60 75.42 3.74
N VAL DB 84 -48.73 74.30 4.44
CA VAL DB 84 -48.48 74.28 5.88
C VAL DB 84 -47.06 73.79 6.10
N TYR DB 85 -46.34 74.51 6.96
CA TYR DB 85 -44.95 74.21 7.23
C TYR DB 85 -44.85 73.11 8.26
N ASN DB 86 -43.83 72.26 8.13
CA ASN DB 86 -43.63 71.16 9.06
C ASN DB 86 -42.38 71.34 9.91
N GLY DB 87 -41.60 72.37 9.65
CA GLY DB 87 -40.27 72.51 10.20
C GLY DB 87 -39.21 72.52 9.13
N LYS DB 88 -39.45 71.83 8.03
CA LYS DB 88 -38.49 71.67 6.96
C LYS DB 88 -39.03 72.18 5.63
N THR DB 89 -40.23 71.76 5.25
CA THR DB 89 -40.81 72.10 3.96
C THR DB 89 -42.20 72.70 4.18
N PHE DB 90 -42.75 73.24 3.10
CA PHE DB 90 -44.12 73.72 3.08
C PHE DB 90 -44.96 72.65 2.41
N ASN DB 91 -45.62 71.83 3.21
CA ASN DB 91 -46.40 70.73 2.69
C ASN DB 91 -47.67 71.23 2.03
N GLN DB 92 -48.00 70.62 0.91
CA GLN DB 92 -49.16 70.99 0.11
C GLN DB 92 -50.41 70.40 0.74
N VAL DB 93 -51.44 71.20 0.93
CA VAL DB 93 -52.73 70.69 1.39
C VAL DB 93 -53.85 71.52 0.78
N GLU DB 94 -54.88 70.82 0.30
CA GLU DB 94 -56.13 71.43 -0.11
C GLU DB 94 -57.16 71.20 0.98
N ILE DB 95 -57.88 72.25 1.35
CA ILE DB 95 -58.82 72.17 2.46
C ILE DB 95 -60.14 71.63 1.92
N LYS DB 96 -60.44 70.38 2.27
CA LYS DB 96 -61.73 69.79 2.00
C LYS DB 96 -62.74 70.31 3.02
N PRO DB 97 -64.05 70.16 2.77
CA PRO DB 97 -65.02 70.62 3.78
C PRO DB 97 -65.07 69.75 5.02
N GLU DB 98 -64.59 68.52 4.96
CA GLU DB 98 -64.62 67.65 6.12
C GLU DB 98 -63.47 67.90 7.08
N MET DB 99 -62.41 68.57 6.63
CA MET DB 99 -61.34 68.96 7.53
C MET DB 99 -61.61 70.34 8.13
N ILE DB 100 -62.73 70.43 8.85
CA ILE DB 100 -63.25 71.71 9.32
C ILE DB 100 -63.22 71.83 10.84
N GLY DB 101 -63.10 70.74 11.57
CA GLY DB 101 -63.06 70.87 13.01
C GLY DB 101 -61.67 70.68 13.57
N HIS DB 102 -60.65 70.99 12.78
CA HIS DB 102 -59.30 70.57 13.09
C HIS DB 102 -58.31 71.70 12.89
N TYR DB 103 -57.04 71.39 13.05
CA TYR DB 103 -55.96 72.35 12.89
C TYR DB 103 -55.24 72.15 11.56
N LEU DB 104 -54.56 73.20 11.11
CA LEU DB 104 -53.70 73.04 9.94
C LEU DB 104 -52.45 72.26 10.27
N GLY DB 105 -52.06 72.23 11.53
CA GLY DB 105 -50.93 71.40 11.91
C GLY DB 105 -51.23 69.94 12.01
N GLU DB 106 -52.49 69.57 11.89
CA GLU DB 106 -52.92 68.19 11.92
C GLU DB 106 -52.89 67.56 10.52
N PHE DB 107 -52.32 68.25 9.54
CA PHE DB 107 -52.26 67.71 8.20
C PHE DB 107 -50.87 67.75 7.58
N SER DB 108 -50.01 68.65 8.01
CA SER DB 108 -48.61 68.61 7.63
C SER DB 108 -47.87 67.88 8.74
N ILE DB 109 -47.41 66.68 8.44
CA ILE DB 109 -46.83 65.83 9.47
C ILE DB 109 -45.38 66.25 9.69
N THR DB 110 -44.94 66.19 10.94
CA THR DB 110 -43.67 66.75 11.36
C THR DB 110 -42.55 65.73 11.39
N TYR DB 111 -42.85 64.45 11.24
CA TYR DB 111 -41.84 63.41 11.29
C TYR DB 111 -42.01 62.47 10.12
N LYS DB 112 -40.89 62.03 9.57
CA LYS DB 112 -40.99 60.96 8.60
C LYS DB 112 -41.28 59.64 9.34
N PRO DB 113 -42.22 58.84 8.84
CA PRO DB 113 -42.54 57.58 9.52
C PRO DB 113 -41.37 56.62 9.50
N VAL DB 114 -41.34 55.72 10.48
CA VAL DB 114 -40.16 54.93 10.81
C VAL DB 114 -40.36 53.50 10.33
N LYS DB 115 -39.32 52.95 9.71
CA LYS DB 115 -39.29 51.61 9.17
C LYS DB 115 -37.98 50.97 9.63
N HIS DB 116 -38.08 49.90 10.42
CA HIS DB 116 -36.90 49.36 11.10
C HIS DB 116 -36.12 48.37 10.27
N GLY DB 117 -36.73 47.25 9.92
CA GLY DB 117 -35.95 46.14 9.42
C GLY DB 117 -35.70 46.13 7.93
N ARG DB 118 -35.67 47.28 7.29
CA ARG DB 118 -35.56 47.30 5.85
C ARG DB 118 -34.13 47.58 5.47
N PRO DB 119 -33.43 46.65 4.82
CA PRO DB 119 -32.01 46.83 4.51
C PRO DB 119 -31.80 47.83 3.38
N GLY DB 120 -30.93 48.80 3.62
CA GLY DB 120 -30.62 49.82 2.64
C GLY DB 120 -30.94 51.24 3.07
N ILE DB 121 -31.72 51.42 4.14
CA ILE DB 121 -32.09 52.76 4.56
C ILE DB 121 -30.94 53.47 5.24
N GLY DB 122 -30.14 52.73 6.02
CA GLY DB 122 -29.05 53.36 6.75
C GLY DB 122 -27.88 53.77 5.89
N ALA DB 123 -27.54 52.97 4.88
CA ALA DB 123 -26.51 53.38 3.94
C ALA DB 123 -27.02 54.41 2.94
N THR DB 124 -28.33 54.55 2.80
CA THR DB 124 -28.88 55.68 2.06
C THR DB 124 -28.77 56.95 2.88
N HIS DB 125 -29.06 56.84 4.18
CA HIS DB 125 -29.10 58.00 5.08
C HIS DB 125 -27.73 58.62 5.26
N SER DB 126 -26.67 57.83 5.14
CA SER DB 126 -25.31 58.29 5.38
C SER DB 126 -24.60 58.70 4.11
N SER DB 127 -25.30 58.73 2.97
CA SER DB 127 -24.62 58.79 1.69
C SER DB 127 -24.20 60.19 1.31
N ARG DB 128 -25.01 61.20 1.63
CA ARG DB 128 -24.69 62.58 1.31
C ARG DB 128 -23.85 63.25 2.39
N PHE DB 129 -23.57 62.55 3.49
CA PHE DB 129 -22.78 63.12 4.56
C PHE DB 129 -21.30 62.79 4.45
N ILE DB 130 -20.93 61.88 3.55
CA ILE DB 130 -19.52 61.66 3.24
C ILE DB 130 -19.14 62.60 2.10
N PRO DB 131 -17.97 63.26 2.17
CA PRO DB 131 -17.59 64.28 1.18
C PRO DB 131 -17.10 63.70 -0.14
N LEU EB 1 -63.92 71.71 96.39
CA LEU EB 1 -64.13 70.58 95.51
C LEU EB 1 -62.88 69.72 95.45
N GLN EB 2 -63.05 68.47 95.03
CA GLN EB 2 -61.95 67.50 94.92
C GLN EB 2 -61.89 67.03 93.48
N SER EB 3 -60.99 67.64 92.70
CA SER EB 3 -60.85 67.27 91.30
C SER EB 3 -59.38 67.13 90.96
N VAL EB 4 -59.12 66.43 89.86
CA VAL EB 4 -57.77 66.18 89.37
C VAL EB 4 -57.90 65.90 87.87
N GLN EB 5 -56.87 66.22 87.11
CA GLN EB 5 -56.89 65.99 85.68
C GLN EB 5 -55.49 65.61 85.19
N VAL EB 6 -55.34 64.36 84.79
CA VAL EB 6 -54.05 63.83 84.36
C VAL EB 6 -54.13 63.53 82.88
N PHE EB 7 -52.97 63.24 82.28
CA PHE EB 7 -52.91 62.81 80.89
C PHE EB 7 -52.31 61.42 80.81
N GLY EB 8 -52.55 60.79 79.66
CA GLY EB 8 -51.91 59.54 79.29
C GLY EB 8 -51.93 59.43 77.79
N ARG EB 9 -50.83 59.04 77.17
CA ARG EB 9 -50.76 59.18 75.72
C ARG EB 9 -50.17 57.94 75.05
N LYS EB 10 -50.68 57.67 73.86
CA LYS EB 10 -50.03 56.86 72.84
C LYS EB 10 -49.24 57.85 71.97
N LYS EB 11 -48.86 57.46 70.75
CA LYS EB 11 -47.92 58.12 69.85
C LYS EB 11 -48.06 59.63 69.74
N THR EB 12 -49.16 60.11 69.17
CA THR EB 12 -49.48 61.52 69.16
C THR EB 12 -50.90 61.76 69.64
N ALA EB 13 -51.51 60.75 70.23
CA ALA EB 13 -52.86 60.85 70.75
C ALA EB 13 -52.76 61.17 72.24
N THR EB 14 -53.06 62.41 72.59
CA THR EB 14 -52.98 62.87 73.97
C THR EB 14 -54.40 62.87 74.53
N ALA EB 15 -54.59 62.23 75.67
CA ALA EB 15 -55.91 62.13 76.29
C ALA EB 15 -55.81 62.61 77.72
N VAL EB 16 -56.64 63.59 78.07
CA VAL EB 16 -56.66 64.17 79.41
C VAL EB 16 -57.99 63.83 80.04
N ALA EB 17 -57.97 63.32 81.27
CA ALA EB 17 -59.18 62.87 81.95
C ALA EB 17 -59.43 63.69 83.21
N HIS EB 18 -60.58 64.36 83.26
CA HIS EB 18 -60.96 65.17 84.41
C HIS EB 18 -61.75 64.31 85.38
N CYS EB 19 -61.30 64.27 86.63
CA CYS EB 19 -61.83 63.35 87.63
C CYS EB 19 -62.35 64.14 88.82
N LYS EB 20 -63.65 64.39 88.84
CA LYS EB 20 -64.29 65.10 89.94
C LYS EB 20 -64.84 64.10 90.95
N ARG EB 21 -65.59 64.62 91.92
CA ARG EB 21 -66.48 63.80 92.73
C ARG EB 21 -67.83 63.75 92.05
N GLY EB 22 -68.40 62.56 91.97
CA GLY EB 22 -69.73 62.40 91.40
C GLY EB 22 -70.26 61.01 91.59
N ASN EB 23 -71.04 60.55 90.60
CA ASN EB 23 -71.72 59.25 90.67
C ASN EB 23 -71.53 58.49 89.37
N GLY EB 24 -70.44 57.74 89.28
CA GLY EB 24 -70.25 56.68 88.29
C GLY EB 24 -70.31 57.10 86.84
N LEU EB 25 -69.75 58.25 86.51
CA LEU EB 25 -69.88 58.81 85.17
C LEU EB 25 -68.54 58.70 84.46
N ILE EB 26 -68.48 57.87 83.42
CA ILE EB 26 -67.29 57.71 82.61
C ILE EB 26 -67.70 57.98 81.17
N LYS EB 27 -67.29 59.11 80.62
CA LYS EB 27 -67.63 59.42 79.24
C LYS EB 27 -66.49 60.16 78.57
N VAL EB 28 -66.40 60.00 77.26
CA VAL EB 28 -65.29 60.48 76.45
C VAL EB 28 -65.85 61.40 75.39
N ASN EB 29 -65.39 62.66 75.39
CA ASN EB 29 -65.83 63.71 74.44
C ASN EB 29 -67.34 63.88 74.44
N GLY EB 30 -67.97 63.68 75.58
CA GLY EB 30 -69.42 63.65 75.65
C GLY EB 30 -70.06 62.31 75.33
N ARG EB 31 -69.36 61.43 74.69
CA ARG EB 31 -69.95 60.16 74.33
C ARG EB 31 -69.73 59.14 75.43
N PRO EB 32 -70.69 58.22 75.63
CA PRO EB 32 -70.50 57.16 76.61
C PRO EB 32 -69.34 56.24 76.25
N LEU EB 33 -68.83 55.56 77.27
CA LEU EB 33 -67.66 54.71 77.07
C LEU EB 33 -68.00 53.48 76.24
N GLU EB 34 -69.22 52.97 76.34
CA GLU EB 34 -69.58 51.78 75.58
C GLU EB 34 -69.82 52.07 74.10
N MET EB 35 -69.93 53.33 73.70
CA MET EB 35 -70.23 53.67 72.31
C MET EB 35 -69.08 54.43 71.65
N ILE EB 36 -67.85 53.99 71.84
CA ILE EB 36 -66.69 54.62 71.22
C ILE EB 36 -66.20 53.74 70.07
N GLU EB 37 -65.99 54.35 68.91
CA GLU EB 37 -65.53 53.54 67.78
C GLU EB 37 -64.01 53.53 67.71
N PRO EB 38 -63.38 52.42 67.31
CA PRO EB 38 -63.90 51.11 66.88
C PRO EB 38 -64.42 50.26 68.01
N ARG EB 39 -65.53 49.57 67.78
CA ARG EB 39 -66.07 48.71 68.82
C ARG EB 39 -65.40 47.35 68.87
N THR EB 40 -64.42 47.10 68.00
CA THR EB 40 -63.59 45.91 68.13
C THR EB 40 -62.72 46.02 69.37
N LEU EB 41 -62.30 47.23 69.70
CA LEU EB 41 -61.43 47.51 70.84
C LEU EB 41 -62.25 47.89 72.06
N GLN EB 42 -63.42 47.24 72.23
CA GLN EB 42 -64.34 47.60 73.29
C GLN EB 42 -63.77 47.23 74.66
N TYR EB 43 -63.16 46.08 74.78
CA TYR EB 43 -62.68 45.64 76.08
C TYR EB 43 -61.39 46.33 76.49
N LYS EB 44 -60.67 46.96 75.56
CA LYS EB 44 -59.47 47.69 75.96
C LYS EB 44 -59.81 48.97 76.68
N LEU EB 45 -60.98 49.54 76.41
CA LEU EB 45 -61.45 50.69 77.17
C LEU EB 45 -62.06 50.27 78.50
N LEU EB 46 -62.48 49.01 78.60
CA LEU EB 46 -63.13 48.52 79.79
C LEU EB 46 -62.18 47.80 80.73
N GLU EB 47 -60.94 47.57 80.29
CA GLU EB 47 -59.90 47.08 81.21
C GLU EB 47 -59.64 47.94 82.44
N PRO EB 48 -59.85 49.26 82.45
CA PRO EB 48 -59.91 49.92 83.77
C PRO EB 48 -61.05 49.46 84.64
N VAL EB 49 -62.22 49.24 84.05
CA VAL EB 49 -63.41 49.01 84.87
C VAL EB 49 -63.55 47.54 85.21
N LEU EB 50 -63.28 46.65 84.25
CA LEU EB 50 -63.49 45.22 84.47
C LEU EB 50 -62.48 44.64 85.45
N LEU EB 51 -61.29 45.24 85.56
CA LEU EB 51 -60.33 44.76 86.53
C LEU EB 51 -60.69 45.18 87.94
N LEU EB 52 -60.98 46.46 88.12
CA LEU EB 52 -61.09 47.01 89.47
C LEU EB 52 -62.51 46.93 90.01
N GLY EB 53 -63.49 46.76 89.15
CA GLY EB 53 -64.87 46.83 89.56
C GLY EB 53 -65.42 48.24 89.44
N LYS EB 54 -66.73 48.32 89.23
CA LYS EB 54 -67.39 49.61 89.08
C LYS EB 54 -67.43 50.39 90.39
N GLU EB 55 -67.38 49.69 91.52
CA GLU EB 55 -67.48 50.33 92.82
C GLU EB 55 -66.27 51.22 93.13
N ARG EB 56 -65.11 50.95 92.54
CA ARG EB 56 -64.01 51.88 92.68
C ARG EB 56 -64.14 53.07 91.76
N PHE EB 57 -65.09 53.03 90.82
CA PHE EB 57 -65.42 54.18 89.99
C PHE EB 57 -66.70 54.86 90.44
N ALA EB 58 -67.24 54.48 91.59
CA ALA EB 58 -68.55 54.97 92.00
C ALA EB 58 -68.53 56.41 92.47
N GLY EB 59 -67.51 56.82 93.21
CA GLY EB 59 -67.51 58.14 93.79
C GLY EB 59 -67.03 59.27 92.89
N VAL EB 60 -66.67 58.96 91.65
CA VAL EB 60 -66.08 59.95 90.78
C VAL EB 60 -66.93 60.11 89.52
N ASP EB 61 -66.65 61.21 88.81
CA ASP EB 61 -67.09 61.40 87.44
C ASP EB 61 -65.84 61.57 86.59
N ILE EB 62 -65.79 60.87 85.46
CA ILE EB 62 -64.63 60.88 84.58
C ILE EB 62 -65.06 61.45 83.24
N ARG EB 63 -64.36 62.48 82.76
CA ARG EB 63 -64.65 63.09 81.48
C ARG EB 63 -63.36 63.23 80.70
N VAL EB 64 -63.15 62.35 79.72
CA VAL EB 64 -61.91 62.30 78.97
C VAL EB 64 -62.05 63.13 77.72
N ARG EB 65 -61.12 64.05 77.51
CA ARG EB 65 -61.01 64.76 76.24
C ARG EB 65 -59.78 64.24 75.52
N VAL EB 66 -59.92 64.01 74.21
CA VAL EB 66 -58.92 63.29 73.42
C VAL EB 66 -58.58 64.14 72.21
N LYS EB 67 -57.31 64.11 71.80
CA LYS EB 67 -56.88 64.86 70.63
C LYS EB 67 -55.71 64.13 69.97
N GLY EB 68 -55.69 64.16 68.64
CA GLY EB 68 -54.53 63.69 67.90
C GLY EB 68 -54.47 62.18 67.76
N GLY EB 69 -53.49 61.72 66.99
CA GLY EB 69 -53.28 60.30 66.80
C GLY EB 69 -54.29 59.70 65.84
N GLY EB 70 -54.46 58.38 65.94
CA GLY EB 70 -55.41 57.68 65.12
C GLY EB 70 -56.43 56.95 65.96
N HIS EB 71 -57.29 56.15 65.33
CA HIS EB 71 -58.33 55.42 66.05
C HIS EB 71 -57.75 54.46 67.07
N VAL EB 72 -56.69 53.75 66.72
CA VAL EB 72 -56.18 52.74 67.61
C VAL EB 72 -55.29 53.38 68.67
N ALA EB 73 -54.61 54.47 68.32
CA ALA EB 73 -53.82 55.19 69.31
C ALA EB 73 -54.71 55.84 70.37
N GLN EB 74 -55.90 56.28 69.99
CA GLN EB 74 -56.74 56.96 70.96
C GLN EB 74 -57.40 55.98 71.92
N ILE EB 75 -57.50 54.69 71.57
CA ILE EB 75 -58.00 53.74 72.53
C ILE EB 75 -56.98 53.50 73.63
N TYR EB 76 -55.71 53.36 73.26
CA TYR EB 76 -54.67 53.19 74.27
C TYR EB 76 -54.37 54.47 75.02
N ALA EB 77 -54.74 55.62 74.47
CA ALA EB 77 -54.58 56.87 75.21
C ALA EB 77 -55.66 57.01 76.27
N ILE EB 78 -56.88 56.57 75.98
CA ILE EB 78 -57.97 56.72 76.94
C ILE EB 78 -57.78 55.80 78.13
N ARG EB 79 -57.49 54.53 77.87
CA ARG EB 79 -57.33 53.55 78.94
C ARG EB 79 -56.14 53.87 79.83
N GLN EB 80 -55.14 54.56 79.31
CA GLN EB 80 -54.05 55.01 80.16
C GLN EB 80 -54.47 56.23 80.95
N SER EB 81 -55.21 57.14 80.33
CA SER EB 81 -55.59 58.38 80.99
C SER EB 81 -56.66 58.14 82.05
N ILE EB 82 -57.44 57.07 81.90
CA ILE EB 82 -58.33 56.66 82.98
C ILE EB 82 -57.54 56.07 84.13
N SER EB 83 -56.62 55.16 83.81
CA SER EB 83 -55.93 54.40 84.84
C SER EB 83 -54.96 55.26 85.63
N LYS EB 84 -54.48 56.35 85.04
CA LYS EB 84 -53.67 57.29 85.79
C LYS EB 84 -54.51 58.29 86.57
N ALA EB 85 -55.79 58.46 86.22
CA ALA EB 85 -56.63 59.41 86.93
C ALA EB 85 -57.12 58.85 88.25
N LEU EB 86 -57.51 57.58 88.26
CA LEU EB 86 -57.93 56.93 89.48
C LEU EB 86 -56.77 56.75 90.46
N VAL EB 87 -55.55 56.66 89.95
CA VAL EB 87 -54.39 56.59 90.84
C VAL EB 87 -54.12 57.97 91.45
N ALA EB 88 -54.26 59.03 90.65
CA ALA EB 88 -54.11 60.36 91.21
C ALA EB 88 -55.27 60.74 92.12
N TYR EB 89 -56.45 60.17 91.89
CA TYR EB 89 -57.55 60.47 92.80
C TYR EB 89 -57.41 59.71 94.11
N TYR EB 90 -56.99 58.45 94.06
CA TYR EB 90 -56.78 57.71 95.30
C TYR EB 90 -55.44 58.03 95.96
N GLN EB 91 -54.71 59.02 95.45
CA GLN EB 91 -53.53 59.47 96.15
C GLN EB 91 -53.68 60.82 96.79
N LYS EB 92 -54.23 61.81 96.07
CA LYS EB 92 -54.35 63.15 96.62
C LYS EB 92 -55.44 63.24 97.69
N TYR EB 93 -56.34 62.27 97.77
CA TYR EB 93 -57.37 62.33 98.80
C TYR EB 93 -57.49 61.05 99.62
N VAL EB 94 -57.39 59.90 98.99
CA VAL EB 94 -57.60 58.63 99.66
C VAL EB 94 -56.21 58.09 100.02
N ASP EB 95 -56.17 57.12 100.94
CA ASP EB 95 -54.95 56.65 101.57
C ASP EB 95 -53.99 56.02 100.55
N GLU EB 96 -52.70 56.07 100.88
CA GLU EB 96 -51.66 55.52 100.00
C GLU EB 96 -51.78 54.02 99.84
N ALA EB 97 -52.33 53.32 100.83
CA ALA EB 97 -52.59 51.89 100.67
C ALA EB 97 -53.69 51.63 99.66
N SER EB 98 -54.71 52.49 99.62
CA SER EB 98 -55.77 52.35 98.62
C SER EB 98 -55.24 52.59 97.22
N LYS EB 99 -54.24 53.45 97.07
CA LYS EB 99 -53.54 53.55 95.80
C LYS EB 99 -52.75 52.29 95.51
N LYS EB 100 -52.06 51.76 96.52
CA LYS EB 100 -51.22 50.58 96.33
C LYS EB 100 -52.03 49.33 96.03
N GLU EB 101 -53.29 49.29 96.50
CA GLU EB 101 -54.16 48.17 96.19
C GLU EB 101 -54.51 48.11 94.71
N ILE EB 102 -54.63 49.25 94.06
CA ILE EB 102 -54.96 49.26 92.64
C ILE EB 102 -53.74 49.51 91.75
N LYS EB 103 -52.66 50.05 92.31
CA LYS EB 103 -51.39 50.07 91.60
C LYS EB 103 -50.88 48.65 91.38
N ASP EB 104 -51.14 47.75 92.33
CA ASP EB 104 -50.70 46.38 92.19
C ASP EB 104 -51.50 45.65 91.11
N ILE EB 105 -52.75 46.01 90.92
CA ILE EB 105 -53.56 45.31 89.93
C ILE EB 105 -53.24 45.81 88.53
N LEU EB 106 -52.93 47.10 88.37
CA LEU EB 106 -52.66 47.67 87.06
C LEU EB 106 -51.20 47.56 86.64
N ILE EB 107 -50.37 46.84 87.39
CA ILE EB 107 -49.00 46.55 86.96
C ILE EB 107 -48.92 45.05 86.70
N GLN EB 108 -49.65 44.29 87.53
CA GLN EB 108 -49.86 42.87 87.24
C GLN EB 108 -50.53 42.67 85.89
N TYR EB 109 -51.45 43.55 85.55
CA TYR EB 109 -52.12 43.54 84.26
C TYR EB 109 -51.64 44.77 83.51
N ASP EB 110 -50.87 44.55 82.43
CA ASP EB 110 -50.63 45.54 81.40
C ASP EB 110 -49.98 46.84 81.88
N ARG EB 111 -48.67 46.80 82.11
CA ARG EB 111 -47.85 47.97 82.46
C ARG EB 111 -48.08 49.19 81.55
N THR EB 112 -48.58 49.01 80.33
CA THR EB 112 -48.90 50.11 79.41
C THR EB 112 -49.94 51.06 79.98
N LEU EB 113 -50.81 50.57 80.88
CA LEU EB 113 -51.87 51.37 81.48
C LEU EB 113 -51.34 52.56 82.28
N LEU EB 114 -50.10 52.50 82.75
CA LEU EB 114 -49.56 53.55 83.59
C LEU EB 114 -48.29 54.18 83.06
N VAL EB 115 -47.43 53.43 82.39
CA VAL EB 115 -46.21 53.96 81.80
C VAL EB 115 -46.39 54.03 80.30
N ALA EB 116 -46.21 55.21 79.73
CA ALA EB 116 -46.42 55.40 78.31
C ALA EB 116 -45.27 54.79 77.51
N ASP EB 117 -45.63 54.16 76.39
CA ASP EB 117 -44.62 53.56 75.52
C ASP EB 117 -43.83 54.65 74.82
N PRO EB 118 -42.51 54.69 74.97
CA PRO EB 118 -41.73 55.80 74.42
C PRO EB 118 -41.47 55.72 72.93
N ARG EB 119 -42.01 54.72 72.23
CA ARG EB 119 -41.73 54.54 70.81
C ARG EB 119 -42.47 55.58 69.99
N ARG EB 120 -41.74 56.26 69.11
CA ARG EB 120 -42.31 57.20 68.16
C ARG EB 120 -41.79 56.86 66.77
N CYS EB 121 -42.31 57.57 65.77
CA CYS EB 121 -41.93 57.27 64.39
C CYS EB 121 -40.52 57.73 64.10
N GLU EB 122 -39.66 56.78 63.73
CA GLU EB 122 -38.31 57.10 63.29
C GLU EB 122 -38.37 57.77 61.92
N SER EB 123 -37.57 58.82 61.74
CA SER EB 123 -37.66 59.69 60.59
C SER EB 123 -37.21 58.98 59.32
N LYS EB 124 -37.65 59.53 58.20
CA LYS EB 124 -37.34 58.99 56.89
C LYS EB 124 -36.05 59.60 56.36
N LYS EB 125 -35.24 58.77 55.73
CA LYS EB 125 -33.93 59.16 55.27
C LYS EB 125 -33.91 59.14 53.76
N PHE EB 126 -32.95 59.85 53.18
CA PHE EB 126 -32.92 60.00 51.73
C PHE EB 126 -32.33 58.82 51.00
N GLY EB 127 -32.09 57.71 51.65
CA GLY EB 127 -31.57 56.59 50.90
C GLY EB 127 -32.68 55.85 50.22
N GLY EB 128 -33.81 55.70 50.91
CA GLY EB 128 -34.89 54.88 50.43
C GLY EB 128 -36.25 55.47 50.75
N PRO EB 129 -37.28 54.66 50.74
CA PRO EB 129 -38.63 55.18 50.94
C PRO EB 129 -39.00 55.35 52.40
N GLY EB 130 -38.39 54.59 53.28
CA GLY EB 130 -38.74 54.68 54.68
C GLY EB 130 -37.57 55.03 55.56
N ALA EB 131 -37.67 54.67 56.84
CA ALA EB 131 -36.56 54.91 57.76
C ALA EB 131 -35.38 53.99 57.44
N ARG EB 132 -35.65 52.70 57.30
CA ARG EB 132 -34.61 51.71 57.12
C ARG EB 132 -34.51 51.17 55.71
N ALA EB 133 -35.64 51.07 55.00
CA ALA EB 133 -35.64 50.50 53.67
C ALA EB 133 -34.91 51.40 52.70
N ARG EB 134 -34.21 50.79 51.76
CA ARG EB 134 -33.46 51.49 50.74
C ARG EB 134 -34.11 51.21 49.39
N TYR EB 135 -33.87 52.10 48.44
CA TYR EB 135 -34.38 51.85 47.10
C TYR EB 135 -33.60 50.72 46.46
N GLN EB 136 -34.29 49.97 45.59
CA GLN EB 136 -33.72 48.77 44.99
C GLN EB 136 -32.56 49.11 44.08
N LYS EB 137 -31.43 48.44 44.33
CA LYS EB 137 -30.18 48.71 43.62
C LYS EB 137 -30.00 47.70 42.49
N SER EB 138 -29.49 48.18 41.37
CA SER EB 138 -29.27 47.33 40.19
C SER EB 138 -27.81 47.41 39.79
N TYR EB 139 -27.25 46.28 39.36
CA TYR EB 139 -25.88 46.24 38.89
C TYR EB 139 -25.80 46.23 37.37
N ARG EB 140 -26.31 45.18 36.74
CA ARG EB 140 -26.29 45.08 35.29
C ARG EB 140 -27.51 44.26 34.89
N GLY FB 1 -19.78 47.87 75.51
CA GLY FB 1 -19.46 49.05 74.75
C GLY FB 1 -19.43 50.28 75.65
N ARG FB 2 -19.27 50.03 76.93
CA ARG FB 2 -19.20 51.09 77.94
C ARG FB 2 -17.76 51.39 78.30
N VAL FB 3 -16.84 51.17 77.36
CA VAL FB 3 -15.43 51.36 77.65
C VAL FB 3 -15.13 52.86 77.69
N ARG FB 4 -14.43 53.29 78.72
CA ARG FB 4 -14.18 54.70 78.95
C ARG FB 4 -12.85 55.09 78.32
N THR FB 5 -12.84 56.22 77.61
CA THR FB 5 -11.69 56.61 76.83
C THR FB 5 -10.59 57.16 77.73
N LYS FB 6 -9.48 57.56 77.11
CA LYS FB 6 -8.35 58.04 77.88
C LYS FB 6 -8.59 59.39 78.51
N THR FB 7 -9.44 60.23 77.91
CA THR FB 7 -9.70 61.54 78.48
C THR FB 7 -10.59 61.47 79.70
N VAL FB 8 -11.28 60.36 79.91
CA VAL FB 8 -12.04 60.16 81.13
C VAL FB 8 -11.19 59.48 82.19
N LYS FB 9 -10.37 58.52 81.78
CA LYS FB 9 -9.54 57.81 82.74
C LYS FB 9 -8.38 58.65 83.21
N LYS FB 10 -7.82 59.50 82.34
CA LYS FB 10 -6.74 60.38 82.81
C LYS FB 10 -7.26 61.48 83.71
N ALA FB 11 -8.45 62.01 83.43
CA ALA FB 11 -8.97 63.10 84.24
C ALA FB 11 -9.44 62.61 85.60
N ALA FB 12 -9.96 61.38 85.67
CA ALA FB 12 -10.43 60.87 86.94
C ALA FB 12 -9.30 60.55 87.90
N ARG FB 13 -8.13 60.18 87.39
CA ARG FB 13 -7.03 59.85 88.28
C ARG FB 13 -6.41 61.09 88.90
N VAL FB 14 -6.38 62.20 88.15
CA VAL FB 14 -5.80 63.42 88.69
C VAL FB 14 -6.73 64.06 89.72
N ILE FB 15 -8.04 63.80 89.61
CA ILE FB 15 -8.98 64.30 90.61
C ILE FB 15 -8.77 63.63 91.95
N ILE FB 16 -8.60 62.31 91.96
CA ILE FB 16 -8.52 61.58 93.22
C ILE FB 16 -7.21 61.89 93.94
N GLU FB 17 -6.14 62.08 93.19
CA GLU FB 17 -4.86 62.43 93.81
C GLU FB 17 -4.90 63.84 94.40
N LYS FB 18 -5.68 64.73 93.80
CA LYS FB 18 -5.75 66.09 94.32
C LYS FB 18 -6.85 66.26 95.35
N TYR FB 19 -7.90 65.45 95.29
CA TYR FB 19 -9.07 65.66 96.13
C TYR FB 19 -9.59 64.35 96.71
N TYR FB 20 -8.70 63.53 97.26
CA TYR FB 20 -9.15 62.28 97.87
C TYR FB 20 -9.96 62.50 99.12
N THR FB 21 -9.74 63.61 99.82
CA THR FB 21 -10.41 63.87 101.08
C THR FB 21 -11.90 64.16 100.91
N ARG FB 22 -12.35 64.52 99.71
CA ARG FB 22 -13.74 64.88 99.51
C ARG FB 22 -14.59 63.76 98.94
N LEU FB 23 -13.99 62.74 98.36
CA LEU FB 23 -14.74 61.77 97.58
C LEU FB 23 -15.25 60.63 98.45
N GLY FB 24 -16.38 60.08 98.06
CA GLY FB 24 -17.01 58.97 98.75
C GLY FB 24 -17.51 57.92 97.78
N ASN FB 25 -18.52 57.17 98.22
CA ASN FB 25 -19.06 56.08 97.44
C ASN FB 25 -20.47 56.39 96.94
N ASP FB 26 -20.89 57.63 97.00
CA ASP FB 26 -22.12 58.08 96.37
C ASP FB 26 -21.78 58.69 95.03
N PHE FB 27 -22.43 58.21 93.98
CA PHE FB 27 -22.29 58.81 92.66
C PHE FB 27 -22.76 60.27 92.66
N HIS FB 28 -23.94 60.51 93.22
CA HIS FB 28 -24.55 61.82 93.08
C HIS FB 28 -23.84 62.87 93.91
N THR FB 29 -23.23 62.45 95.02
CA THR FB 29 -22.38 63.35 95.79
C THR FB 29 -21.15 63.75 95.01
N ASN FB 30 -20.43 62.76 94.47
CA ASN FB 30 -19.21 63.05 93.72
C ASN FB 30 -19.50 63.71 92.38
N LYS FB 31 -20.72 63.54 91.87
CA LYS FB 31 -21.18 64.30 90.73
C LYS FB 31 -21.17 65.79 91.02
N ARG FB 32 -21.54 66.18 92.23
CA ARG FB 32 -21.52 67.59 92.61
C ARG FB 32 -20.12 68.07 92.95
N VAL FB 33 -19.27 67.17 93.42
CA VAL FB 33 -17.88 67.52 93.67
C VAL FB 33 -17.14 67.77 92.36
N CYS FB 34 -17.31 66.87 91.39
CA CYS FB 34 -16.56 66.93 90.14
C CYS FB 34 -16.88 68.16 89.30
N GLU FB 35 -18.03 68.79 89.48
CA GLU FB 35 -18.24 70.07 88.83
C GLU FB 35 -17.72 71.24 89.66
N GLU FB 36 -17.34 71.00 90.91
CA GLU FB 36 -16.92 72.09 91.78
C GLU FB 36 -15.44 72.37 91.63
N ILE FB 37 -14.64 71.33 91.38
CA ILE FB 37 -13.20 71.45 91.33
C ILE FB 37 -12.67 71.37 89.90
N ALA FB 38 -13.55 71.47 88.91
CA ALA FB 38 -13.12 71.18 87.54
C ALA FB 38 -13.97 71.97 86.56
N ILE FB 39 -13.34 72.36 85.44
CA ILE FB 39 -14.05 73.04 84.35
C ILE FB 39 -14.37 71.96 83.32
N ILE FB 40 -15.50 71.28 83.53
CA ILE FB 40 -15.93 70.23 82.62
C ILE FB 40 -16.90 70.82 81.62
N PRO FB 41 -16.63 70.68 80.32
CA PRO FB 41 -17.42 71.42 79.33
C PRO FB 41 -18.83 70.88 79.10
N SER FB 42 -19.11 69.63 79.45
CA SER FB 42 -20.42 69.08 79.17
C SER FB 42 -20.90 68.17 80.29
N LYS FB 43 -22.23 68.12 80.42
CA LYS FB 43 -22.86 67.39 81.52
C LYS FB 43 -22.74 65.89 81.34
N LYS FB 44 -22.79 65.42 80.09
CA LYS FB 44 -22.71 64.00 79.82
C LYS FB 44 -21.31 63.48 80.06
N LEU FB 45 -20.29 64.33 79.87
CA LEU FB 45 -18.94 63.99 80.29
C LEU FB 45 -18.82 63.97 81.81
N ARG FB 46 -19.51 64.90 82.48
CA ARG FB 46 -19.41 65.06 83.92
C ARG FB 46 -19.90 63.81 84.64
N ASN FB 47 -20.95 63.18 84.13
CA ASN FB 47 -21.44 61.94 84.70
C ASN FB 47 -20.51 60.77 84.43
N LYS FB 48 -19.74 60.82 83.35
CA LYS FB 48 -18.80 59.73 83.08
C LYS FB 48 -17.57 59.83 83.95
N ILE FB 49 -17.04 61.05 84.14
CA ILE FB 49 -15.89 61.22 85.00
C ILE FB 49 -16.25 60.91 86.43
N ALA FB 50 -17.40 61.42 86.89
CA ALA FB 50 -17.86 61.09 88.24
C ALA FB 50 -18.20 59.62 88.37
N GLY FB 51 -18.67 59.00 87.30
CA GLY FB 51 -18.98 57.58 87.36
C GLY FB 51 -17.76 56.69 87.41
N TYR FB 52 -16.61 57.17 86.97
CA TYR FB 52 -15.40 56.37 87.04
C TYR FB 52 -14.59 56.65 88.30
N VAL FB 53 -14.74 57.84 88.87
CA VAL FB 53 -14.15 58.10 90.17
C VAL FB 53 -14.77 57.21 91.24
N THR FB 54 -16.10 57.14 91.27
CA THR FB 54 -16.80 56.34 92.27
C THR FB 54 -16.52 54.85 92.09
N HIS FB 55 -16.26 54.42 90.86
CA HIS FB 55 -15.83 53.05 90.64
C HIS FB 55 -14.45 52.81 91.23
N LEU FB 56 -13.55 53.78 91.08
CA LEU FB 56 -12.21 53.67 91.63
C LEU FB 56 -12.17 53.74 93.14
N MET FB 57 -13.16 54.39 93.77
CA MET FB 57 -13.16 54.55 95.22
C MET FB 57 -13.26 53.23 95.95
N LYS FB 58 -13.90 52.22 95.35
CA LYS FB 58 -13.93 50.91 95.95
C LYS FB 58 -12.58 50.20 95.83
N ARG FB 59 -11.91 50.37 94.70
CA ARG FB 59 -10.61 49.73 94.50
C ARG FB 59 -9.54 50.36 95.39
N ILE FB 60 -9.60 51.66 95.58
CA ILE FB 60 -8.68 52.35 96.49
C ILE FB 60 -8.94 51.92 97.92
N GLN FB 61 -10.21 51.72 98.28
CA GLN FB 61 -10.54 51.35 99.65
C GLN FB 61 -10.07 49.95 99.99
N ARG FB 62 -10.07 49.03 99.02
CA ARG FB 62 -9.59 47.69 99.31
C ARG FB 62 -8.06 47.63 99.30
N GLY FB 63 -7.43 48.15 98.25
CA GLY FB 63 -5.99 48.12 98.14
C GLY FB 63 -5.43 49.29 97.36
N PRO FB 64 -4.16 49.21 96.98
CA PRO FB 64 -3.58 50.29 96.18
C PRO FB 64 -3.91 50.15 94.70
N VAL FB 65 -3.86 51.28 94.00
CA VAL FB 65 -4.16 51.34 92.57
C VAL FB 65 -2.90 51.75 91.82
N ARG FB 66 -2.58 51.00 90.78
CA ARG FB 66 -1.44 51.29 89.90
C ARG FB 66 -1.60 52.64 89.21
N GLY FB 67 -0.80 53.61 89.61
CA GLY FB 67 -0.85 54.95 89.05
C GLY FB 67 -1.46 56.00 89.96
N ILE FB 68 -2.08 55.61 91.06
CA ILE FB 68 -2.75 56.54 91.97
C ILE FB 68 -2.04 56.52 93.32
N SER FB 69 -1.56 57.68 93.76
CA SER FB 69 -0.83 57.82 95.01
C SER FB 69 -1.77 58.36 96.09
N ILE FB 70 -2.12 57.50 97.03
CA ILE FB 70 -2.97 57.87 98.14
C ILE FB 70 -2.10 58.11 99.36
N LYS FB 71 -2.19 59.31 99.93
CA LYS FB 71 -1.32 59.70 101.03
C LYS FB 71 -1.63 58.93 102.31
N LEU FB 72 -2.83 58.36 102.43
CA LEU FB 72 -3.09 57.41 103.49
C LEU FB 72 -2.37 56.09 103.25
N GLN FB 73 -2.26 55.69 101.99
CA GLN FB 73 -1.66 54.41 101.64
C GLN FB 73 -0.17 54.51 101.38
N GLU FB 74 0.28 55.61 100.77
CA GLU FB 74 1.69 55.76 100.45
C GLU FB 74 2.53 55.94 101.70
N GLU FB 75 2.08 56.80 102.62
CA GLU FB 75 2.87 57.07 103.81
C GLU FB 75 2.77 55.98 104.86
N GLU FB 76 1.90 54.99 104.68
CA GLU FB 76 1.74 53.94 105.68
C GLU FB 76 2.08 52.56 105.17
N ARG FB 77 2.53 52.45 103.94
CA ARG FB 77 3.41 51.35 103.54
C ARG FB 77 4.86 51.71 103.82
N GLU FB 78 5.10 52.88 104.39
CA GLU FB 78 6.43 53.28 104.82
C GLU FB 78 6.84 52.56 106.10
N ARG FB 79 5.85 52.16 106.91
CA ARG FB 79 6.13 51.26 108.03
C ARG FB 79 6.62 49.91 107.54
N ARG FB 80 6.10 49.45 106.40
CA ARG FB 80 6.67 48.27 105.77
C ARG FB 80 8.09 48.53 105.30
N ASP FB 81 8.37 49.77 104.89
CA ASP FB 81 9.67 50.16 104.37
C ASP FB 81 10.68 50.42 105.47
N ASN FB 82 10.31 51.19 106.48
CA ASN FB 82 11.20 51.50 107.59
C ASN FB 82 10.97 50.56 108.77
N TYR FB 83 11.38 49.32 108.60
CA TYR FB 83 11.18 48.31 109.63
C TYR FB 83 12.51 47.71 110.03
N VAL FB 84 12.78 47.67 111.32
CA VAL FB 84 13.89 46.92 111.87
C VAL FB 84 13.40 46.14 113.08
N PRO FB 85 13.52 44.81 113.09
CA PRO FB 85 13.15 44.05 114.29
C PRO FB 85 14.19 44.23 115.39
N GLU FB 86 13.89 43.65 116.55
CA GLU FB 86 14.75 43.86 117.70
C GLU FB 86 16.04 43.05 117.60
N VAL FB 87 16.00 41.90 116.93
CA VAL FB 87 17.19 41.12 116.64
C VAL FB 87 17.39 41.15 115.13
N SER FB 88 18.64 41.13 114.70
CA SER FB 88 18.88 40.98 113.28
C SER FB 88 18.58 39.55 112.84
N ALA FB 89 18.49 39.35 111.54
CA ALA FB 89 18.33 38.00 111.03
C ALA FB 89 19.66 37.30 110.89
N LEU FB 90 20.77 38.03 110.96
CA LEU FB 90 22.07 37.47 110.68
C LEU FB 90 22.74 36.94 111.94
N ASP FB 91 22.58 37.59 113.08
CA ASP FB 91 23.19 37.09 114.31
C ASP FB 91 22.48 35.82 114.77
N GLN FB 92 23.04 34.69 114.35
CA GLN FB 92 22.48 33.37 114.59
C GLN FB 92 23.30 32.59 115.62
N GLU FB 93 24.61 32.85 115.69
CA GLU FB 93 25.61 32.34 116.62
C GLU FB 93 25.95 30.86 116.44
N ILE FB 94 25.23 30.15 115.57
CA ILE FB 94 25.62 28.82 115.13
C ILE FB 94 25.17 28.64 113.68
N ILE FB 95 26.13 28.51 112.78
CA ILE FB 95 25.87 28.63 111.36
C ILE FB 95 26.27 27.33 110.69
N GLU FB 96 25.31 26.65 110.08
CA GLU FB 96 25.53 25.33 109.51
C GLU FB 96 26.30 25.46 108.21
N VAL FB 97 27.52 24.92 108.17
CA VAL FB 97 28.38 25.03 107.00
C VAL FB 97 28.76 23.63 106.53
N ASP FB 98 29.51 23.60 105.45
CA ASP FB 98 30.05 22.41 104.85
C ASP FB 98 31.53 22.29 105.15
N PRO FB 99 32.11 21.09 105.02
CA PRO FB 99 33.57 20.98 105.17
C PRO FB 99 34.35 21.75 104.12
N ASP FB 100 33.77 21.98 102.95
CA ASP FB 100 34.42 22.82 101.97
C ASP FB 100 34.30 24.29 102.34
N THR FB 101 33.19 24.66 102.99
CA THR FB 101 33.05 26.02 103.48
C THR FB 101 34.06 26.30 104.58
N LYS FB 102 34.26 25.34 105.47
CA LYS FB 102 35.24 25.45 106.53
C LYS FB 102 36.67 25.46 106.02
N GLU FB 103 36.98 24.64 105.02
CA GLU FB 103 38.33 24.55 104.50
C GLU FB 103 38.74 25.80 103.73
N MET FB 104 37.78 26.53 103.18
CA MET FB 104 38.11 27.82 102.57
C MET FB 104 38.44 28.87 103.62
N LEU FB 105 37.75 28.82 104.77
CA LEU FB 105 38.02 29.76 105.85
C LEU FB 105 39.43 29.62 106.40
N LYS FB 106 40.02 28.42 106.32
CA LYS FB 106 41.42 28.24 106.68
C LYS FB 106 42.33 28.96 105.70
N LEU FB 107 42.04 28.88 104.40
CA LEU FB 107 42.76 29.67 103.42
C LEU FB 107 42.38 31.13 103.48
N LEU FB 108 41.21 31.43 104.04
CA LEU FB 108 40.85 32.78 104.39
C LEU FB 108 41.42 33.20 105.73
N ASP FB 109 42.05 32.26 106.44
CA ASP FB 109 42.66 32.45 107.77
C ASP FB 109 41.62 32.89 108.80
N PHE FB 110 40.55 32.11 108.91
CA PHE FB 110 39.60 32.21 110.01
C PHE FB 110 39.21 30.83 110.51
N GLY FB 111 40.17 29.91 110.54
CA GLY FB 111 39.91 28.61 111.13
C GLY FB 111 39.82 28.62 112.63
N SER FB 112 40.41 29.64 113.26
CA SER FB 112 40.31 29.86 114.70
C SER FB 112 39.03 30.58 115.10
N LEU FB 113 38.15 30.87 114.14
CA LEU FB 113 36.88 31.49 114.44
C LEU FB 113 35.99 30.52 115.21
N SER FB 114 34.92 31.04 115.82
CA SER FB 114 33.99 30.26 116.62
C SER FB 114 33.24 29.24 115.77
N ASN FB 115 32.34 28.52 116.43
CA ASN FB 115 31.85 27.19 116.06
C ASN FB 115 31.53 26.92 114.60
N LEU FB 116 30.52 27.58 114.05
CA LEU FB 116 30.00 27.36 112.70
C LEU FB 116 29.88 25.88 112.37
N GLN FB 117 28.97 25.19 113.06
CA GLN FB 117 28.87 23.73 113.08
C GLN FB 117 28.76 23.14 111.69
N VAL FB 118 29.71 22.26 111.35
CA VAL FB 118 29.72 21.66 110.05
C VAL FB 118 28.61 20.63 109.93
N THR FB 119 28.14 20.45 108.70
CA THR FB 119 27.16 19.43 108.37
C THR FB 119 27.82 18.43 107.44
N GLN FB 120 27.29 17.23 107.42
CA GLN FB 120 27.82 16.22 106.52
C GLN FB 120 27.38 16.52 105.09
N PRO FB 121 28.30 16.56 104.13
CA PRO FB 121 27.88 16.75 102.74
C PRO FB 121 27.18 15.53 102.18
N THR FB 122 26.25 15.78 101.26
CA THR FB 122 25.45 14.71 100.68
C THR FB 122 26.32 13.85 99.77
N VAL FB 123 26.05 12.56 99.76
CA VAL FB 123 26.97 11.62 99.14
C VAL FB 123 26.38 11.24 97.77
N GLY FB 124 25.27 11.87 97.42
CA GLY FB 124 24.58 11.48 96.21
C GLY FB 124 25.19 11.89 94.89
N MET FB 125 25.61 13.16 94.78
CA MET FB 125 25.94 13.84 93.52
C MET FB 125 24.77 13.82 92.54
N ASN FB 126 23.56 13.80 93.07
CA ASN FB 126 22.35 13.78 92.26
C ASN FB 126 21.73 15.17 92.23
N PHE FB 127 22.39 16.06 91.51
CA PHE FB 127 22.02 17.46 91.54
C PHE FB 127 21.55 18.01 90.21
N LYS FB 128 21.49 17.19 89.17
CA LYS FB 128 21.12 17.65 87.84
C LYS FB 128 19.76 17.11 87.45
N THR FB 129 19.04 17.88 86.67
CA THR FB 129 17.73 17.43 86.27
C THR FB 129 17.85 16.45 85.11
N PRO FB 130 16.97 15.45 85.05
CA PRO FB 130 17.07 14.46 83.96
C PRO FB 130 16.68 15.08 82.63
N ARG FB 131 17.46 14.74 81.61
CA ARG FB 131 17.24 15.33 80.31
C ARG FB 131 16.65 14.31 79.34
N LEU GB 1 -88.48 33.13 45.58
CA LEU GB 1 -87.09 32.69 45.65
C LEU GB 1 -86.96 31.28 45.11
N VAL GB 2 -88.07 30.75 44.63
CA VAL GB 2 -88.09 29.52 43.86
C VAL GB 2 -88.16 29.91 42.39
N ILE GB 3 -87.64 29.04 41.51
CA ILE GB 3 -87.51 29.39 40.10
C ILE GB 3 -88.89 29.42 39.44
N PRO GB 4 -89.18 30.43 38.64
CA PRO GB 4 -90.46 30.46 37.92
C PRO GB 4 -90.48 29.45 36.78
N GLU GB 5 -91.64 29.36 36.14
CA GLU GB 5 -91.75 28.50 34.97
C GLU GB 5 -91.34 29.25 33.71
N LYS GB 6 -91.55 30.56 33.67
CA LYS GB 6 -91.18 31.39 32.54
C LYS GB 6 -89.77 31.98 32.68
N PHE GB 7 -88.95 31.35 33.53
CA PHE GB 7 -87.58 31.82 33.74
C PHE GB 7 -86.76 31.64 32.48
N GLN GB 8 -86.46 32.75 31.82
CA GLN GB 8 -85.66 32.75 30.62
C GLN GB 8 -84.19 32.72 31.01
N HIS GB 9 -83.49 31.64 30.63
CA HIS GB 9 -82.06 31.60 30.90
C HIS GB 9 -81.29 32.53 29.98
N ILE GB 10 -81.86 32.83 28.81
CA ILE GB 10 -81.23 33.72 27.86
C ILE GB 10 -82.28 34.72 27.43
N LEU GB 11 -81.83 35.88 26.95
CA LEU GB 11 -82.72 36.92 26.48
C LEU GB 11 -82.06 37.57 25.28
N ARG GB 12 -82.77 37.65 24.17
CA ARG GB 12 -82.23 38.33 22.98
C ARG GB 12 -83.00 39.62 22.79
N VAL GB 13 -82.53 40.68 23.44
CA VAL GB 13 -83.22 41.95 23.34
C VAL GB 13 -82.74 42.73 22.13
N LEU GB 14 -81.56 42.41 21.62
CA LEU GB 14 -81.02 42.91 20.36
C LEU GB 14 -80.33 41.71 19.73
N ASN GB 15 -79.40 41.95 18.83
CA ASN GB 15 -78.56 40.86 18.35
C ASN GB 15 -77.64 40.27 19.43
N THR GB 16 -77.54 40.87 20.61
CA THR GB 16 -76.83 40.27 21.73
C THR GB 16 -77.79 39.39 22.50
N ASN GB 17 -77.35 38.18 22.84
CA ASN GB 17 -78.09 37.27 23.71
C ASN GB 17 -77.51 37.35 25.12
N ILE GB 18 -78.31 37.87 26.04
CA ILE GB 18 -77.82 38.23 27.35
C ILE GB 18 -78.27 37.19 28.37
N ASP GB 19 -77.54 37.12 29.48
CA ASP GB 19 -77.80 36.14 30.52
C ASP GB 19 -79.08 36.44 31.25
N GLY GB 20 -79.77 35.41 31.67
CA GLY GB 20 -80.88 35.58 32.58
C GLY GB 20 -80.52 35.35 34.03
N ARG GB 21 -79.30 34.88 34.28
CA ARG GB 21 -78.88 34.62 35.63
C ARG GB 21 -78.24 35.82 36.31
N ARG GB 22 -77.84 36.82 35.53
CA ARG GB 22 -77.28 38.01 36.14
C ARG GB 22 -78.42 38.89 36.64
N LYS GB 23 -78.10 39.73 37.63
CA LYS GB 23 -79.04 40.75 38.01
C LYS GB 23 -79.14 41.80 36.92
N ILE GB 24 -80.31 42.44 36.83
CA ILE GB 24 -80.73 43.10 35.61
C ILE GB 24 -79.89 44.35 35.30
N ALA GB 25 -79.31 44.96 36.32
CA ALA GB 25 -78.43 46.10 36.08
C ALA GB 25 -77.09 45.67 35.50
N PHE GB 26 -76.78 44.38 35.55
CA PHE GB 26 -75.49 43.89 35.09
C PHE GB 26 -75.61 42.89 33.95
N ALA GB 27 -76.81 42.38 33.69
CA ALA GB 27 -77.01 41.55 32.50
C ALA GB 27 -77.01 42.42 31.24
N ILE GB 28 -77.65 43.60 31.30
CA ILE GB 28 -77.79 44.41 30.11
C ILE GB 28 -76.54 45.17 29.75
N THR GB 29 -75.48 45.07 30.54
CA THR GB 29 -74.19 45.59 30.14
C THR GB 29 -73.50 44.69 29.13
N ALA GB 30 -74.03 43.48 28.91
CA ALA GB 30 -73.53 42.64 27.81
C ALA GB 30 -73.84 43.25 26.47
N ILE GB 31 -74.88 44.09 26.39
CA ILE GB 31 -75.11 44.89 25.20
C ILE GB 31 -73.97 45.88 25.07
N LYS GB 32 -73.47 46.04 23.85
CA LYS GB 32 -72.50 47.09 23.62
C LYS GB 32 -73.21 48.44 23.71
N GLY GB 33 -72.46 49.47 24.09
CA GLY GB 33 -73.05 50.77 24.27
C GLY GB 33 -73.81 50.98 25.56
N VAL GB 34 -73.94 49.96 26.39
CA VAL GB 34 -74.56 50.06 27.70
C VAL GB 34 -73.53 49.65 28.74
N GLY GB 35 -73.11 50.61 29.57
CA GLY GB 35 -72.27 50.34 30.71
C GLY GB 35 -73.09 50.47 31.98
N ARG GB 36 -72.41 50.22 33.11
CA ARG GB 36 -73.10 50.07 34.39
C ARG GB 36 -73.73 51.36 34.85
N ARG GB 37 -73.13 52.50 34.49
CA ARG GB 37 -73.71 53.79 34.79
C ARG GB 37 -74.98 54.02 34.00
N TYR GB 38 -74.95 53.72 32.70
CA TYR GB 38 -76.13 53.87 31.86
C TYR GB 38 -77.19 52.82 32.17
N ALA GB 39 -76.76 51.64 32.63
CA ALA GB 39 -77.70 50.56 32.87
C ALA GB 39 -78.56 50.81 34.10
N HIS GB 40 -78.10 51.64 35.03
CA HIS GB 40 -78.92 51.90 36.20
C HIS GB 40 -80.00 52.92 35.92
N VAL GB 41 -79.66 53.98 35.18
CA VAL GB 41 -80.64 55.03 34.98
C VAL GB 41 -81.73 54.61 34.01
N VAL GB 42 -81.48 53.63 33.15
CA VAL GB 42 -82.53 53.06 32.32
C VAL GB 42 -83.47 52.24 33.18
N LEU GB 43 -82.94 51.57 34.19
CA LEU GB 43 -83.79 50.81 35.08
C LEU GB 43 -84.44 51.65 36.15
N ARG GB 44 -83.91 52.84 36.45
CA ARG GB 44 -84.63 53.76 37.30
C ARG GB 44 -85.75 54.47 36.56
N LYS GB 45 -85.55 54.75 35.27
CA LYS GB 45 -86.59 55.37 34.47
C LYS GB 45 -87.64 54.39 34.02
N ALA GB 46 -87.46 53.10 34.26
CA ALA GB 46 -88.46 52.09 33.99
C ALA GB 46 -89.09 51.55 35.25
N ASP GB 47 -88.57 51.91 36.42
CA ASP GB 47 -89.07 51.56 37.75
C ASP GB 47 -89.11 50.05 37.99
N ILE GB 48 -88.22 49.28 37.37
CA ILE GB 48 -87.99 47.91 37.82
C ILE GB 48 -87.24 47.94 39.13
N ASP GB 49 -87.75 47.21 40.12
CA ASP GB 49 -86.98 46.97 41.34
C ASP GB 49 -85.74 46.14 41.01
N LEU GB 50 -84.58 46.71 41.30
CA LEU GB 50 -83.31 46.16 40.82
C LEU GB 50 -82.86 44.91 41.57
N THR GB 51 -83.60 44.45 42.57
CA THR GB 51 -83.26 43.22 43.25
C THR GB 51 -83.64 41.98 42.44
N LYS GB 52 -84.31 42.15 41.32
CA LYS GB 52 -84.77 41.05 40.50
C LYS GB 52 -83.71 40.68 39.48
N ARG GB 53 -83.55 39.38 39.24
CA ARG GB 53 -82.63 38.95 38.20
C ARG GB 53 -83.23 39.18 36.82
N ALA GB 54 -82.42 38.98 35.79
CA ALA GB 54 -82.84 39.27 34.43
C ALA GB 54 -83.76 38.21 33.85
N GLY GB 55 -84.00 37.13 34.57
CA GLY GB 55 -84.88 36.10 34.08
C GLY GB 55 -86.34 36.37 34.41
N GLU GB 56 -86.59 36.97 35.57
CA GLU GB 56 -87.96 37.10 36.04
C GLU GB 56 -88.68 38.30 35.47
N LEU GB 57 -88.04 39.13 34.65
CA LEU GB 57 -88.77 40.20 33.99
C LEU GB 57 -89.69 39.61 32.93
N THR GB 58 -90.93 40.07 32.90
CA THR GB 58 -91.85 39.61 31.87
C THR GB 58 -91.51 40.27 30.54
N GLU GB 59 -92.22 39.84 29.49
CA GLU GB 59 -91.98 40.39 28.17
C GLU GB 59 -92.42 41.84 28.05
N ASP GB 60 -93.45 42.25 28.78
CA ASP GB 60 -93.87 43.64 28.75
C ASP GB 60 -92.87 44.56 29.45
N GLU GB 61 -92.13 44.04 30.44
CA GLU GB 61 -91.16 44.87 31.12
C GLU GB 61 -89.89 45.04 30.30
N VAL GB 62 -89.43 43.96 29.65
CA VAL GB 62 -88.25 44.04 28.81
C VAL GB 62 -88.53 44.90 27.58
N GLU GB 63 -89.76 44.86 27.06
CA GLU GB 63 -90.17 45.75 25.98
C GLU GB 63 -90.08 47.21 26.39
N ARG GB 64 -90.36 47.53 27.65
CA ARG GB 64 -90.25 48.90 28.12
C ARG GB 64 -88.81 49.32 28.31
N VAL GB 65 -87.96 48.42 28.79
CA VAL GB 65 -86.55 48.70 28.99
C VAL GB 65 -85.84 48.97 27.67
N ILE GB 66 -86.15 48.19 26.64
CA ILE GB 66 -85.54 48.40 25.33
C ILE GB 66 -86.11 49.64 24.64
N THR GB 67 -87.28 50.11 25.07
CA THR GB 67 -87.81 51.34 24.51
C THR GB 67 -87.07 52.54 25.08
N ILE GB 68 -86.81 52.52 26.38
CA ILE GB 68 -86.21 53.67 27.06
C ILE GB 68 -84.76 53.84 26.66
N MET GB 69 -83.99 52.75 26.55
CA MET GB 69 -82.59 52.90 26.19
C MET GB 69 -82.41 53.27 24.73
N GLN GB 70 -83.39 52.96 23.88
CA GLN GB 70 -83.31 53.38 22.49
C GLN GB 70 -83.81 54.78 22.27
N ASN GB 71 -84.56 55.33 23.21
CA ASN GB 71 -85.03 56.72 23.15
C ASN GB 71 -84.69 57.39 24.47
N PRO GB 72 -83.48 57.92 24.60
CA PRO GB 72 -83.05 58.46 25.89
C PRO GB 72 -83.46 59.90 26.13
N ARG GB 73 -83.62 60.68 25.06
CA ARG GB 73 -84.03 62.06 25.22
C ARG GB 73 -85.49 62.16 25.66
N GLN GB 74 -86.28 61.16 25.32
CA GLN GB 74 -87.71 61.20 25.62
C GLN GB 74 -87.98 60.94 27.09
N TYR GB 75 -87.13 60.16 27.74
CA TYR GB 75 -87.35 59.75 29.13
C TYR GB 75 -86.45 60.48 30.10
N LYS GB 76 -86.23 61.79 29.89
CA LYS GB 76 -85.68 62.71 30.89
C LYS GB 76 -84.23 62.40 31.24
N ILE GB 77 -83.50 61.73 30.35
CA ILE GB 77 -82.09 61.46 30.53
C ILE GB 77 -81.31 62.60 29.88
N PRO GB 78 -80.34 63.19 30.57
CA PRO GB 78 -79.74 64.45 30.10
C PRO GB 78 -78.78 64.24 28.94
N ASP GB 79 -78.33 65.37 28.39
CA ASP GB 79 -77.47 65.35 27.21
C ASP GB 79 -76.02 65.06 27.53
N TRP GB 80 -75.56 65.40 28.74
CA TRP GB 80 -74.20 65.06 29.12
C TRP GB 80 -74.01 63.59 29.38
N PHE GB 81 -75.10 62.85 29.51
CA PHE GB 81 -75.05 61.45 29.86
C PHE GB 81 -74.91 60.54 28.65
N LEU GB 82 -75.16 61.04 27.44
CA LEU GB 82 -75.27 60.15 26.31
C LEU GB 82 -73.91 59.78 25.73
N ASN GB 83 -73.95 58.94 24.70
CA ASN GB 83 -72.76 58.35 24.10
C ASN GB 83 -72.27 59.18 22.92
N ARG GB 84 -73.09 59.31 21.88
CA ARG GB 84 -72.84 60.23 20.78
C ARG GB 84 -73.52 61.54 21.13
N GLN GB 85 -72.75 62.51 21.55
CA GLN GB 85 -73.27 63.81 21.90
C GLN GB 85 -72.83 64.82 20.85
N LYS GB 86 -73.81 65.53 20.27
CA LYS GB 86 -73.62 66.58 19.27
C LYS GB 86 -72.85 66.01 18.06
N ASP GB 87 -73.53 65.08 17.39
CA ASP GB 87 -72.95 64.22 16.36
C ASP GB 87 -72.33 65.03 15.22
N VAL GB 88 -71.29 64.46 14.60
CA VAL GB 88 -70.50 65.17 13.61
C VAL GB 88 -71.13 65.04 12.22
N LYS GB 89 -72.31 64.45 12.13
CA LYS GB 89 -73.11 64.49 10.91
C LYS GB 89 -74.42 65.22 11.13
N ASP GB 90 -75.15 64.88 12.18
CA ASP GB 90 -76.51 65.38 12.35
C ASP GB 90 -76.64 66.39 13.47
N GLY GB 91 -75.65 66.49 14.35
CA GLY GB 91 -75.83 67.27 15.55
C GLY GB 91 -76.77 66.66 16.56
N LYS GB 92 -77.03 65.36 16.44
CA LYS GB 92 -77.97 64.69 17.32
C LYS GB 92 -77.32 64.36 18.66
N TYR GB 93 -78.17 64.09 19.62
CA TYR GB 93 -77.77 63.56 20.92
C TYR GB 93 -78.44 62.20 21.04
N SER GB 94 -77.70 61.14 20.75
CA SER GB 94 -78.28 59.82 20.72
C SER GB 94 -77.34 58.83 21.39
N GLN GB 95 -77.87 57.66 21.68
CA GLN GB 95 -77.16 56.58 22.34
C GLN GB 95 -77.15 55.39 21.41
N VAL GB 96 -76.07 55.26 20.64
CA VAL GB 96 -75.92 54.12 19.72
C VAL GB 96 -75.67 52.86 20.54
N LEU GB 97 -76.39 51.79 20.22
CA LEU GB 97 -76.21 50.62 21.05
C LEU GB 97 -75.30 49.53 20.47
N ALA GB 98 -75.78 48.79 19.48
CA ALA GB 98 -75.20 47.48 19.22
C ALA GB 98 -74.28 47.47 18.01
N ASN GB 99 -74.82 47.75 16.83
CA ASN GB 99 -73.99 47.87 15.64
C ASN GB 99 -73.85 49.30 15.20
N GLY GB 100 -74.79 50.16 15.58
CA GLY GB 100 -74.61 51.59 15.41
C GLY GB 100 -73.44 52.13 16.17
N LEU GB 101 -73.09 51.53 17.30
CA LEU GB 101 -71.82 51.85 17.91
C LEU GB 101 -70.67 51.30 17.09
N ASP GB 102 -70.83 50.09 16.56
CA ASP GB 102 -69.79 49.50 15.73
C ASP GB 102 -69.69 50.19 14.37
N ASN GB 103 -70.81 50.66 13.82
CA ASN GB 103 -70.76 51.28 12.50
C ASN GB 103 -70.25 52.70 12.56
N LYS GB 104 -70.49 53.41 13.65
CA LYS GB 104 -70.03 54.79 13.74
C LYS GB 104 -68.62 54.93 14.26
N LEU GB 105 -68.03 53.87 14.82
CA LEU GB 105 -66.60 53.88 15.09
C LEU GB 105 -65.81 53.95 13.78
N ARG GB 106 -66.08 53.02 12.86
CA ARG GB 106 -65.43 53.03 11.57
C ARG GB 106 -65.80 54.25 10.76
N GLU GB 107 -67.02 54.78 10.96
CA GLU GB 107 -67.40 56.01 10.29
C GLU GB 107 -66.63 57.20 10.85
N ASP GB 108 -66.25 57.16 12.12
CA ASP GB 108 -65.36 58.17 12.65
C ASP GB 108 -63.90 57.90 12.28
N LEU GB 109 -63.54 56.65 12.05
CA LEU GB 109 -62.16 56.35 11.70
C LEU GB 109 -61.89 56.49 10.20
N GLU GB 110 -62.87 56.19 9.37
CA GLU GB 110 -62.68 56.40 7.95
C GLU GB 110 -62.71 57.88 7.59
N ARG GB 111 -63.49 58.68 8.33
CA ARG GB 111 -63.52 60.12 8.10
C ARG GB 111 -62.17 60.76 8.37
N LEU GB 112 -61.49 60.32 9.42
CA LEU GB 112 -60.16 60.85 9.72
C LEU GB 112 -59.13 60.40 8.70
N LYS GB 113 -59.24 59.17 8.21
CA LYS GB 113 -58.30 58.69 7.21
C LYS GB 113 -58.57 59.30 5.85
N LYS GB 114 -59.84 59.61 5.54
CA LYS GB 114 -60.19 60.14 4.23
C LYS GB 114 -59.62 61.53 4.03
N ILE GB 115 -59.64 62.37 5.08
CA ILE GB 115 -59.03 63.68 4.99
C ILE GB 115 -57.56 63.65 5.34
N ARG GB 116 -57.04 62.48 5.74
CA ARG GB 116 -55.63 62.25 6.09
C ARG GB 116 -55.18 63.13 7.24
N ALA GB 117 -55.97 63.14 8.31
CA ALA GB 117 -55.53 63.79 9.53
C ALA GB 117 -54.49 62.94 10.23
N HIS GB 118 -53.68 63.59 11.07
CA HIS GB 118 -52.62 62.90 11.80
C HIS GB 118 -53.17 61.91 12.81
N ARG GB 119 -54.33 62.19 13.38
CA ARG GB 119 -54.99 61.19 14.21
C ARG GB 119 -55.54 60.05 13.38
N GLY GB 120 -55.79 60.29 12.09
CA GLY GB 120 -56.26 59.23 11.23
C GLY GB 120 -55.16 58.43 10.60
N LEU GB 121 -53.98 59.02 10.44
CA LEU GB 121 -52.85 58.26 9.89
C LEU GB 121 -52.35 57.23 10.88
N ARG GB 122 -52.49 57.49 12.17
CA ARG GB 122 -51.98 56.55 13.15
C ARG GB 122 -52.96 55.44 13.47
N HIS GB 123 -54.24 55.60 13.18
CA HIS GB 123 -55.12 54.44 13.23
C HIS GB 123 -54.83 53.48 12.09
N PHE GB 124 -54.46 54.01 10.93
CA PHE GB 124 -54.14 53.18 9.79
C PHE GB 124 -52.80 52.48 9.94
N TRP GB 125 -51.87 53.08 10.67
CA TRP GB 125 -50.58 52.45 10.87
C TRP GB 125 -50.55 51.53 12.07
N GLY GB 126 -51.68 51.38 12.77
CA GLY GB 126 -51.75 50.49 13.91
C GLY GB 126 -51.03 50.96 15.14
N LEU GB 127 -50.56 52.20 15.15
CA LEU GB 127 -49.76 52.72 16.24
C LEU GB 127 -50.66 53.23 17.36
N ARG GB 128 -50.07 53.90 18.35
CA ARG GB 128 -50.86 54.61 19.33
C ARG GB 128 -51.26 55.97 18.79
N VAL GB 129 -52.31 56.52 19.39
CA VAL GB 129 -52.96 57.71 18.87
C VAL GB 129 -52.81 58.90 19.81
N ARG GB 130 -52.96 58.69 21.12
CA ARG GB 130 -53.12 59.79 22.04
C ARG GB 130 -51.80 60.31 22.60
N GLY GB 131 -50.74 60.23 21.81
CA GLY GB 131 -49.49 60.85 22.20
C GLY GB 131 -48.72 60.15 23.27
N GLN GB 132 -48.91 58.83 23.42
CA GLN GB 132 -48.10 58.09 24.37
C GLN GB 132 -46.68 57.93 23.83
N HIS GB 133 -45.79 57.50 24.71
CA HIS GB 133 -44.49 57.06 24.23
C HIS GB 133 -44.60 55.65 23.69
N THR GB 134 -43.94 55.39 22.57
CA THR GB 134 -44.02 54.11 21.91
C THR GB 134 -42.67 53.39 21.86
N LYS GB 135 -41.66 53.95 22.54
CA LYS GB 135 -40.34 53.35 22.53
C LYS GB 135 -40.29 52.07 23.33
N THR GB 136 -40.94 52.04 24.48
CA THR GB 136 -40.75 50.95 25.43
C THR GB 136 -42.02 50.18 25.75
N THR GB 137 -43.19 50.65 25.37
CA THR GB 137 -44.42 49.94 25.67
C THR GB 137 -45.15 49.58 24.40
N GLY GB 138 -46.17 48.74 24.56
CA GLY GB 138 -47.01 48.34 23.45
C GLY GB 138 -46.34 47.48 22.43
N ARG GB 139 -45.30 46.75 22.83
CA ARG GB 139 -44.58 45.90 21.91
C ARG GB 139 -45.29 44.59 21.61
N ARG GB 140 -46.39 44.32 22.30
CA ARG GB 140 -47.20 43.13 22.01
C ARG GB 140 -47.80 43.25 20.62
N GLY GB 141 -47.78 42.14 19.88
CA GLY GB 141 -48.41 42.11 18.57
C GLY GB 141 -47.72 42.91 17.51
N ARG GB 142 -46.43 43.20 17.69
CA ARG GB 142 -45.71 44.01 16.73
C ARG GB 142 -44.53 43.30 16.07
N THR GB 143 -44.18 42.09 16.52
CA THR GB 143 -43.00 41.41 15.97
C THR GB 143 -43.26 40.90 14.56
N PRO HB 1 -83.88 58.89 81.38
CA PRO HB 1 -84.34 60.28 81.50
C PRO HB 1 -83.89 61.17 80.35
N GLY HB 2 -83.07 62.17 80.63
CA GLY HB 2 -82.59 63.07 79.60
C GLY HB 2 -81.52 62.41 78.77
N VAL HB 3 -81.76 62.34 77.46
CA VAL HB 3 -80.82 61.77 76.51
C VAL HB 3 -80.55 62.78 75.40
N THR HB 4 -79.30 62.90 75.01
CA THR HB 4 -78.92 63.72 73.87
C THR HB 4 -78.54 62.80 72.71
N VAL HB 5 -78.13 63.42 71.60
CA VAL HB 5 -77.80 62.68 70.40
C VAL HB 5 -76.55 61.84 70.62
N LYS HB 6 -75.56 62.43 71.28
CA LYS HB 6 -74.28 61.79 71.53
C LYS HB 6 -74.36 60.64 72.52
N ASP HB 7 -75.46 60.54 73.28
CA ASP HB 7 -75.61 59.47 74.25
C ASP HB 7 -76.04 58.16 73.61
N VAL HB 8 -76.33 58.15 72.32
CA VAL HB 8 -76.93 57.00 71.67
C VAL HB 8 -76.08 56.68 70.43
N ASN HB 9 -76.37 55.53 69.81
CA ASN HB 9 -75.63 55.09 68.63
C ASN HB 9 -75.83 56.07 67.48
N GLN HB 10 -74.78 56.26 66.70
CA GLN HB 10 -74.85 57.18 65.57
C GLN HB 10 -75.28 56.49 64.30
N GLN HB 11 -74.92 55.22 64.14
CA GLN HB 11 -75.22 54.50 62.91
C GLN HB 11 -76.68 54.11 62.84
N GLU HB 12 -77.34 53.99 64.00
CA GLU HB 12 -78.78 53.82 64.05
C GLU HB 12 -79.53 55.14 64.05
N PHE HB 13 -78.85 56.24 64.37
CA PHE HB 13 -79.54 57.51 64.50
C PHE HB 13 -79.87 58.09 63.14
N VAL HB 14 -79.01 57.89 62.14
CA VAL HB 14 -79.34 58.32 60.80
C VAL HB 14 -80.45 57.43 60.24
N ARG HB 15 -80.49 56.16 60.64
CA ARG HB 15 -81.57 55.28 60.23
C ARG HB 15 -82.89 55.62 60.92
N ALA HB 16 -82.86 56.34 62.04
CA ALA HB 16 -84.10 56.80 62.65
C ALA HB 16 -84.50 58.16 62.12
N LEU HB 17 -83.52 59.00 61.79
CA LEU HB 17 -83.83 60.36 61.35
C LEU HB 17 -84.28 60.38 59.90
N ALA HB 18 -83.71 59.53 59.05
CA ALA HB 18 -84.09 59.53 57.64
C ALA HB 18 -85.47 58.93 57.44
N ALA HB 19 -85.89 58.05 58.34
CA ALA HB 19 -87.29 57.62 58.35
C ALA HB 19 -88.20 58.75 58.80
N PHE HB 20 -87.69 59.65 59.63
CA PHE HB 20 -88.49 60.78 60.07
C PHE HB 20 -88.58 61.86 58.99
N LEU HB 21 -87.49 62.09 58.26
CA LEU HB 21 -87.49 63.15 57.27
C LEU HB 21 -88.33 62.78 56.06
N LYS HB 22 -88.48 61.50 55.79
CA LYS HB 22 -89.33 61.05 54.70
C LYS HB 22 -90.78 60.96 55.12
N LYS HB 23 -91.05 60.65 56.39
CA LYS HB 23 -92.40 60.52 56.91
C LYS HB 23 -93.15 61.84 56.84
N SER HB 24 -92.64 62.85 57.54
CA SER HB 24 -93.16 64.21 57.41
C SER HB 24 -92.67 64.73 56.06
N GLY HB 25 -93.42 64.39 55.02
CA GLY HB 25 -92.96 64.61 53.66
C GLY HB 25 -93.01 66.05 53.21
N LYS HB 26 -92.17 66.88 53.83
CA LYS HB 26 -92.04 68.28 53.46
C LYS HB 26 -90.66 68.60 52.92
N LEU HB 27 -89.79 67.60 52.80
CA LEU HB 27 -88.43 67.82 52.33
C LEU HB 27 -88.42 68.00 50.82
N LYS HB 28 -87.68 69.01 50.37
CA LYS HB 28 -87.63 69.37 48.95
C LYS HB 28 -86.60 68.49 48.27
N VAL HB 29 -87.05 67.42 47.64
CA VAL HB 29 -86.21 66.50 46.89
C VAL HB 29 -86.09 67.04 45.48
N PRO HB 30 -84.88 67.27 44.97
CA PRO HB 30 -84.74 67.86 43.63
C PRO HB 30 -85.05 66.88 42.52
N GLU HB 31 -84.91 67.31 41.27
CA GLU HB 31 -85.34 66.47 40.17
C GLU HB 31 -84.32 65.40 39.81
N TRP HB 32 -83.03 65.74 39.91
CA TRP HB 32 -81.97 64.87 39.38
C TRP HB 32 -81.54 63.77 40.35
N VAL HB 33 -82.40 63.38 41.29
CA VAL HB 33 -82.03 62.44 42.35
C VAL HB 33 -81.81 61.02 41.80
N ASP HB 34 -82.24 60.74 40.59
CA ASP HB 34 -82.07 59.40 40.04
C ASP HB 34 -80.77 59.23 39.27
N THR HB 35 -80.20 60.32 38.77
CA THR HB 35 -79.00 60.28 37.94
C THR HB 35 -77.94 61.25 38.46
N VAL HB 36 -77.22 60.82 39.48
CA VAL HB 36 -75.98 61.44 39.92
C VAL HB 36 -75.03 60.36 40.38
N LYS HB 37 -73.74 60.60 40.21
CA LYS HB 37 -72.73 59.72 40.75
C LYS HB 37 -72.52 59.94 42.24
N LEU HB 38 -72.99 61.09 42.74
CA LEU HB 38 -73.01 61.62 44.11
C LEU HB 38 -71.64 62.16 44.53
N ALA HB 39 -70.58 61.93 43.76
CA ALA HB 39 -69.25 62.53 43.89
C ALA HB 39 -68.43 62.07 42.70
N LYS HB 40 -67.48 62.90 42.30
CA LYS HB 40 -66.64 62.50 41.17
C LYS HB 40 -65.53 61.55 41.55
N HIS HB 41 -65.47 61.11 42.81
CA HIS HB 41 -64.58 60.01 43.18
C HIS HB 41 -65.33 58.70 43.31
N LYS HB 42 -66.65 58.72 43.19
CA LYS HB 42 -67.41 57.49 43.12
C LYS HB 42 -67.42 56.99 41.69
N GLU HB 43 -68.08 55.88 41.44
CA GLU HB 43 -68.25 55.43 40.06
C GLU HB 43 -69.63 54.91 39.72
N LEU HB 44 -70.47 54.61 40.70
CA LEU HB 44 -71.85 54.25 40.41
C LEU HB 44 -72.78 55.17 41.16
N ALA HB 45 -74.05 55.09 40.81
CA ALA HB 45 -75.08 55.79 41.54
C ALA HB 45 -75.24 55.15 42.92
N PRO HB 46 -75.71 55.90 43.92
CA PRO HB 46 -75.96 55.29 45.23
C PRO HB 46 -77.09 54.28 45.18
N TYR HB 47 -76.82 53.12 45.79
CA TYR HB 47 -77.68 51.95 45.69
C TYR HB 47 -79.04 52.16 46.34
N ASP HB 48 -79.12 52.99 47.35
CA ASP HB 48 -80.39 53.35 47.94
C ASP HB 48 -81.16 54.23 46.98
N GLU HB 49 -82.43 53.88 46.74
CA GLU HB 49 -83.25 54.64 45.80
C GLU HB 49 -83.60 56.02 46.34
N ASN HB 50 -83.66 56.17 47.66
CA ASN HB 50 -83.88 57.47 48.29
C ASN HB 50 -82.71 57.71 49.24
N TRP HB 51 -81.58 58.07 48.65
CA TRP HB 51 -80.38 58.42 49.37
C TRP HB 51 -80.41 59.84 49.84
N PHE HB 52 -81.31 60.65 49.28
CA PHE HB 52 -81.40 62.04 49.67
C PHE HB 52 -81.86 62.18 51.11
N TYR HB 53 -82.75 61.30 51.55
CA TYR HB 53 -83.23 61.33 52.92
C TYR HB 53 -82.16 60.89 53.90
N THR HB 54 -81.28 59.97 53.53
CA THR HB 54 -80.23 59.59 54.45
C THR HB 54 -79.01 60.48 54.33
N ARG HB 55 -78.85 61.22 53.22
CA ARG HB 55 -77.82 62.24 53.19
C ARG HB 55 -78.26 63.50 53.91
N ALA HB 56 -79.55 63.86 53.82
CA ALA HB 56 -80.03 64.99 54.60
C ALA HB 56 -80.09 64.67 56.09
N ALA HB 57 -80.21 63.40 56.45
CA ALA HB 57 -80.22 63.05 57.86
C ALA HB 57 -78.83 63.17 58.47
N SER HB 58 -77.80 62.71 57.76
CA SER HB 58 -76.46 62.77 58.28
C SER HB 58 -75.93 64.20 58.26
N THR HB 59 -76.32 64.98 57.26
CA THR HB 59 -75.94 66.38 57.21
C THR HB 59 -76.56 67.15 58.37
N ALA HB 60 -77.81 66.82 58.70
CA ALA HB 60 -78.43 67.41 59.88
C ALA HB 60 -77.77 66.93 61.16
N ARG HB 61 -77.25 65.71 61.17
CA ARG HB 61 -76.60 65.22 62.37
C ARG HB 61 -75.26 65.90 62.60
N HIS HB 62 -74.55 66.24 61.52
CA HIS HB 62 -73.24 66.85 61.68
C HIS HB 62 -73.34 68.28 62.19
N LEU HB 63 -74.44 68.97 61.92
CA LEU HB 63 -74.57 70.33 62.41
C LEU HB 63 -74.88 70.38 63.89
N TYR HB 64 -75.37 69.30 64.46
CA TYR HB 64 -75.54 69.22 65.90
C TYR HB 64 -74.20 69.17 66.62
N LEU HB 65 -73.16 68.70 65.96
CA LEU HB 65 -71.84 68.60 66.58
C LEU HB 65 -70.98 69.81 66.26
N ARG HB 66 -70.78 70.09 64.98
CA ARG HB 66 -69.97 71.23 64.54
C ARG HB 66 -70.82 72.13 63.68
N GLY HB 67 -71.31 73.20 64.26
CA GLY HB 67 -72.02 74.20 63.49
C GLY HB 67 -71.08 75.07 62.71
N GLY HB 68 -71.66 75.98 61.94
CA GLY HB 68 -70.87 76.87 61.13
C GLY HB 68 -70.27 76.20 59.92
N ALA HB 69 -70.83 75.08 59.50
CA ALA HB 69 -70.32 74.30 58.38
C ALA HB 69 -71.05 74.73 57.12
N GLY HB 70 -70.33 75.35 56.20
CA GLY HB 70 -70.88 75.68 54.91
C GLY HB 70 -70.84 74.51 53.96
N VAL HB 71 -71.03 74.82 52.68
CA VAL HB 71 -71.04 73.79 51.65
C VAL HB 71 -69.64 73.23 51.45
N GLY HB 72 -68.62 74.10 51.46
CA GLY HB 72 -67.24 73.66 51.38
C GLY HB 72 -66.79 72.86 52.59
N SER HB 73 -67.47 72.99 53.72
CA SER HB 73 -67.20 72.12 54.85
C SER HB 73 -67.91 70.78 54.67
N MET HB 74 -68.92 70.73 53.82
CA MET HB 74 -69.65 69.49 53.60
C MET HB 74 -69.02 68.61 52.53
N THR HB 75 -68.26 69.20 51.61
CA THR HB 75 -67.48 68.37 50.70
C THR HB 75 -66.34 67.66 51.41
N LYS HB 76 -65.85 68.21 52.51
CA LYS HB 76 -64.79 67.55 53.25
C LYS HB 76 -65.31 66.36 54.04
N ILE HB 77 -66.54 66.46 54.54
CA ILE HB 77 -67.09 65.37 55.35
C ILE HB 77 -67.38 64.15 54.48
N TYR HB 78 -67.93 64.39 53.29
CA TYR HB 78 -68.30 63.30 52.40
C TYR HB 78 -67.28 63.06 51.31
N GLY HB 79 -66.06 63.46 51.55
CA GLY HB 79 -64.98 63.12 50.65
C GLY HB 79 -64.46 61.73 50.87
N GLY HB 80 -63.90 61.16 49.82
CA GLY HB 80 -63.38 59.82 49.90
C GLY HB 80 -62.23 59.61 48.93
N ARG HB 81 -61.95 58.34 48.67
CA ARG HB 81 -60.77 57.98 47.90
C ARG HB 81 -61.11 57.82 46.43
N GLN HB 82 -60.41 58.56 45.58
CA GLN HB 82 -60.56 58.46 44.15
C GLN HB 82 -59.52 57.51 43.60
N ARG HB 83 -59.95 56.41 43.03
CA ARG HB 83 -59.04 55.48 42.40
C ARG HB 83 -58.84 55.89 40.95
N ASN HB 84 -57.59 56.06 40.55
CA ASN HB 84 -57.24 56.64 39.26
C ASN HB 84 -56.70 55.61 38.28
N GLY HB 85 -57.20 54.39 38.34
CA GLY HB 85 -56.70 53.36 37.46
C GLY HB 85 -55.29 52.94 37.84
N VAL HB 86 -54.32 53.23 36.97
CA VAL HB 86 -52.94 52.80 37.23
C VAL HB 86 -52.16 53.84 38.00
N MET HB 87 -52.72 54.97 38.27
CA MET HB 87 -52.09 56.01 39.04
C MET HB 87 -52.53 55.92 40.50
N PRO HB 88 -51.76 56.45 41.44
CA PRO HB 88 -52.14 56.34 42.85
C PRO HB 88 -53.38 57.14 43.19
N SER HB 89 -53.94 56.80 44.34
CA SER HB 89 -55.20 57.34 44.79
C SER HB 89 -54.98 58.62 45.58
N HIS HB 90 -56.01 59.44 45.64
CA HIS HB 90 -55.93 60.70 46.35
C HIS HB 90 -57.25 60.97 47.05
N PHE HB 91 -57.21 61.92 47.96
CA PHE HB 91 -58.43 62.50 48.50
C PHE HB 91 -59.17 63.23 47.39
N SER HB 92 -60.49 63.22 47.46
CA SER HB 92 -61.30 64.02 46.55
C SER HB 92 -62.56 64.41 47.29
N ARG HB 93 -63.08 65.57 46.94
CA ARG HB 93 -64.24 66.15 47.62
C ARG HB 93 -65.54 65.57 47.10
N GLY HB 94 -66.60 65.77 47.87
CA GLY HB 94 -67.93 65.39 47.43
C GLY HB 94 -68.50 66.39 46.44
N SER HB 95 -69.77 66.21 46.14
CA SER HB 95 -70.43 67.08 45.17
C SER HB 95 -71.03 68.30 45.86
N LYS HB 96 -70.78 69.48 45.28
CA LYS HB 96 -71.28 70.70 45.88
C LYS HB 96 -72.78 70.87 45.65
N SER HB 97 -73.29 70.44 44.50
CA SER HB 97 -74.71 70.58 44.25
C SER HB 97 -75.53 69.61 45.08
N VAL HB 98 -74.93 68.54 45.58
CA VAL HB 98 -75.67 67.70 46.51
C VAL HB 98 -75.77 68.39 47.85
N ALA HB 99 -74.65 68.86 48.40
CA ALA HB 99 -74.63 69.47 49.71
C ALA HB 99 -75.35 70.81 49.76
N ARG HB 100 -75.40 71.54 48.64
CA ARG HB 100 -76.16 72.78 48.61
C ARG HB 100 -77.65 72.51 48.65
N ARG HB 101 -78.14 71.57 47.84
CA ARG HB 101 -79.57 71.26 47.83
C ARG HB 101 -80.01 70.54 49.10
N VAL HB 102 -79.08 69.90 49.81
CA VAL HB 102 -79.44 69.25 51.07
C VAL HB 102 -79.66 70.31 52.16
N LEU HB 103 -78.70 71.22 52.31
CA LEU HB 103 -78.80 72.28 53.30
C LEU HB 103 -79.93 73.24 52.99
N GLN HB 104 -80.22 73.47 51.71
CA GLN HB 104 -81.37 74.28 51.36
C GLN HB 104 -82.67 73.56 51.59
N ALA HB 105 -82.71 72.25 51.42
CA ALA HB 105 -83.92 71.53 51.76
C ALA HB 105 -84.07 71.34 53.26
N LEU HB 106 -82.96 71.36 54.01
CA LEU HB 106 -83.06 71.46 55.45
C LEU HB 106 -83.37 72.88 55.90
N GLU HB 107 -83.06 73.88 55.08
CA GLU HB 107 -83.48 75.24 55.38
C GLU HB 107 -84.99 75.38 55.25
N GLY HB 108 -85.55 74.78 54.20
CA GLY HB 108 -86.99 74.81 53.98
C GLY HB 108 -87.80 73.92 54.88
N LEU HB 109 -87.15 73.17 55.78
CA LEU HB 109 -87.83 72.40 56.80
C LEU HB 109 -87.69 73.04 58.17
N LYS HB 110 -86.99 74.19 58.22
CA LYS HB 110 -86.74 74.97 59.43
C LYS HB 110 -86.00 74.18 60.49
N MET HB 111 -85.07 73.33 60.07
CA MET HB 111 -84.09 72.79 61.00
C MET HB 111 -82.86 73.66 61.10
N VAL HB 112 -82.46 74.29 60.00
CA VAL HB 112 -81.23 75.07 60.01
C VAL HB 112 -81.55 76.51 59.65
N GLU HB 113 -80.64 77.41 60.06
CA GLU HB 113 -80.61 78.79 59.63
C GLU HB 113 -79.21 79.11 59.12
N LYS HB 114 -79.09 80.25 58.46
CA LYS HB 114 -77.77 80.74 58.12
C LYS HB 114 -77.19 81.46 59.33
N ASP HB 115 -75.87 81.65 59.29
CA ASP HB 115 -75.14 82.11 60.46
C ASP HB 115 -74.66 83.53 60.21
N GLN HB 116 -74.35 84.23 61.31
CA GLN HB 116 -73.72 85.54 61.21
C GLN HB 116 -72.33 85.41 60.56
N ASP HB 117 -71.57 84.42 60.98
CA ASP HB 117 -70.35 84.04 60.29
C ASP HB 117 -70.71 83.04 59.19
N GLY HB 118 -69.71 82.37 58.65
CA GLY HB 118 -69.97 81.44 57.58
C GLY HB 118 -70.68 80.18 58.06
N GLY HB 119 -71.21 79.45 57.10
CA GLY HB 119 -71.87 78.19 57.39
C GLY HB 119 -73.31 78.36 57.79
N ARG HB 120 -73.94 77.22 58.08
CA ARG HB 120 -75.33 77.19 58.48
C ARG HB 120 -75.46 76.43 59.79
N LYS HB 121 -76.09 77.07 60.75
CA LYS HB 121 -76.26 76.54 62.10
C LYS HB 121 -77.68 76.02 62.24
N LEU HB 122 -77.88 75.08 63.17
CA LEU HB 122 -79.20 74.57 63.44
C LEU HB 122 -80.08 75.63 64.09
N THR HB 123 -81.38 75.36 64.08
CA THR HB 123 -82.37 76.11 64.85
C THR HB 123 -82.58 75.46 66.20
N PRO HB 124 -83.17 76.17 67.15
CA PRO HB 124 -83.69 75.49 68.34
C PRO HB 124 -84.83 74.53 68.03
N GLN HB 125 -85.55 74.77 66.92
CA GLN HB 125 -86.44 73.75 66.41
C GLN HB 125 -85.65 72.55 65.90
N GLY HB 126 -84.49 72.80 65.28
CA GLY HB 126 -83.65 71.71 64.82
C GLY HB 126 -82.98 70.97 65.95
N GLN HB 127 -82.68 71.66 67.05
CA GLN HB 127 -82.11 70.97 68.20
C GLN HB 127 -83.19 70.23 68.98
N ARG HB 128 -84.46 70.53 68.71
CA ARG HB 128 -85.55 69.89 69.43
C ARG HB 128 -85.76 68.46 68.97
N ASP HB 129 -86.07 68.26 67.70
CA ASP HB 129 -86.48 66.96 67.22
C ASP HB 129 -85.36 65.94 67.17
N LEU HB 130 -84.10 66.38 67.00
CA LEU HB 130 -82.96 65.47 67.01
C LEU HB 130 -82.81 64.78 68.35
N ASP HB 131 -83.07 65.49 69.44
CA ASP HB 131 -83.02 64.86 70.74
C ASP HB 131 -84.23 63.97 70.97
N ARG HB 132 -85.33 64.21 70.26
CA ARG HB 132 -86.51 63.38 70.38
C ARG HB 132 -86.39 62.11 69.56
N ILE HB 133 -85.79 62.21 68.37
CA ILE HB 133 -85.50 61.02 67.57
C ILE HB 133 -84.44 60.17 68.25
N ALA HB 134 -83.50 60.81 68.96
CA ALA HB 134 -82.56 60.05 69.78
C ALA HB 134 -83.25 59.41 70.98
N GLY HB 135 -84.34 60.01 71.45
CA GLY HB 135 -85.10 59.41 72.53
C GLY HB 135 -85.86 58.17 72.13
N GLN HB 136 -86.05 57.96 70.84
CA GLN HB 136 -86.70 56.75 70.35
C GLN HB 136 -85.71 55.65 70.02
N VAL HB 137 -84.45 55.99 69.77
CA VAL HB 137 -83.42 54.97 69.57
C VAL HB 137 -83.07 54.33 70.90
N ALA HB 138 -82.94 55.13 71.95
CA ALA HB 138 -82.76 54.59 73.29
C ALA HB 138 -84.00 53.86 73.79
N ALA HB 139 -85.16 54.19 73.25
CA ALA HB 139 -86.36 53.43 73.56
C ALA HB 139 -86.35 52.04 72.94
N ALA HB 140 -85.70 51.88 71.79
CA ALA HB 140 -85.75 50.63 71.04
C ALA HB 140 -84.97 49.50 71.70
N ASN HB 141 -83.98 49.82 72.53
CA ASN HB 141 -83.18 48.80 73.17
C ASN HB 141 -83.36 48.78 74.69
N ILE IB 1 -52.21 104.93 78.94
CA ILE IB 1 -52.25 103.54 79.31
C ILE IB 1 -53.15 102.79 78.35
N HIS IB 2 -52.55 102.04 77.43
CA HIS IB 2 -53.29 101.28 76.44
C HIS IB 2 -52.42 100.14 75.95
N ARG IB 3 -52.87 99.48 74.89
CA ARG IB 3 -52.14 98.33 74.36
C ARG IB 3 -50.87 98.81 73.63
N ILE IB 4 -49.74 98.21 74.00
CA ILE IB 4 -48.52 98.40 73.22
C ILE IB 4 -47.74 97.10 73.26
N ARG IB 5 -47.53 96.53 72.08
CA ARG IB 5 -47.00 95.18 71.96
C ARG IB 5 -45.68 95.23 71.22
N ILE IB 6 -44.70 94.49 71.71
CA ILE IB 6 -43.38 94.42 71.09
C ILE IB 6 -43.14 92.98 70.70
N THR IB 7 -42.86 92.75 69.42
CA THR IB 7 -42.49 91.43 68.94
C THR IB 7 -40.98 91.35 68.81
N LEU IB 8 -40.41 90.25 69.28
CA LEU IB 8 -38.98 90.01 69.22
C LEU IB 8 -38.74 88.74 68.42
N THR IB 9 -38.14 88.89 67.24
CA THR IB 9 -37.82 87.77 66.37
C THR IB 9 -36.32 87.71 66.14
N SER IB 10 -35.71 86.56 66.41
CA SER IB 10 -34.31 86.38 66.15
C SER IB 10 -34.04 84.96 65.68
N ARG IB 11 -32.82 84.73 65.22
CA ARG IB 11 -32.40 83.43 64.74
C ARG IB 11 -31.70 82.59 65.80
N ASN IB 12 -31.20 83.20 66.87
CA ASN IB 12 -30.62 82.45 67.96
C ASN IB 12 -31.38 82.72 69.25
N VAL IB 13 -31.34 81.75 70.15
CA VAL IB 13 -32.10 81.88 71.39
C VAL IB 13 -31.35 82.73 72.39
N LYS IB 14 -30.02 82.58 72.44
CA LYS IB 14 -29.23 83.17 73.50
C LYS IB 14 -29.18 84.69 73.40
N SER IB 15 -29.06 85.21 72.17
CA SER IB 15 -29.09 86.65 72.01
C SER IB 15 -30.51 87.17 72.15
N LEU IB 16 -31.51 86.36 71.78
CA LEU IB 16 -32.90 86.79 71.88
C LEU IB 16 -33.35 86.89 73.33
N GLU IB 17 -33.01 85.89 74.14
CA GLU IB 17 -33.43 85.91 75.53
C GLU IB 17 -32.65 86.94 76.35
N LYS IB 18 -31.47 87.35 75.87
CA LYS IB 18 -30.79 88.45 76.55
C LYS IB 18 -31.52 89.77 76.31
N VAL IB 19 -31.95 90.01 75.07
CA VAL IB 19 -32.75 91.19 74.77
C VAL IB 19 -34.11 91.09 75.45
N CYS IB 20 -34.64 89.87 75.53
CA CYS IB 20 -35.95 89.64 76.13
C CYS IB 20 -35.97 90.00 77.61
N ALA IB 21 -35.10 89.36 78.40
CA ALA IB 21 -35.05 89.63 79.83
C ALA IB 21 -34.56 91.04 80.16
N ASP IB 22 -33.92 91.73 79.22
CA ASP IB 22 -33.55 93.12 79.44
C ASP IB 22 -34.78 94.02 79.44
N LEU IB 23 -35.83 93.60 78.73
CA LEU IB 23 -37.01 94.44 78.62
C LEU IB 23 -38.03 94.17 79.71
N ILE IB 24 -38.05 92.95 80.26
CA ILE IB 24 -38.94 92.68 81.41
C ILE IB 24 -38.49 93.50 82.61
N ARG IB 25 -37.20 93.44 82.95
CA ARG IB 25 -36.72 94.16 84.12
C ARG IB 25 -36.74 95.67 83.93
N GLY IB 26 -36.63 96.16 82.69
CA GLY IB 26 -36.69 97.59 82.44
C GLY IB 26 -38.02 98.20 82.80
N ALA IB 27 -39.11 97.46 82.63
CA ALA IB 27 -40.40 97.93 83.10
C ALA IB 27 -40.66 97.59 84.56
N LYS IB 28 -39.74 96.88 85.23
CA LYS IB 28 -39.94 96.61 86.64
C LYS IB 28 -39.50 97.76 87.54
N GLU IB 29 -38.38 98.42 87.23
CA GLU IB 29 -38.06 99.65 87.94
C GLU IB 29 -38.91 100.82 87.46
N LYS IB 30 -39.54 100.69 86.29
CA LYS IB 30 -40.57 101.63 85.87
C LYS IB 30 -41.86 101.44 86.66
N ASN IB 31 -41.96 100.34 87.43
CA ASN IB 31 -43.16 99.89 88.15
C ASN IB 31 -44.32 99.78 87.18
N LEU IB 32 -44.03 99.29 85.99
CA LEU IB 32 -45.00 99.10 84.93
C LEU IB 32 -45.28 97.60 84.84
N LYS IB 33 -46.56 97.24 84.95
CA LYS IB 33 -46.91 95.82 84.91
C LYS IB 33 -46.72 95.30 83.50
N VAL IB 34 -46.21 94.10 83.38
CA VAL IB 34 -45.88 93.50 82.10
C VAL IB 34 -46.19 92.00 82.17
N LYS IB 35 -47.03 91.55 81.25
CA LYS IB 35 -47.26 90.12 81.10
C LYS IB 35 -46.03 89.51 80.47
N GLY IB 36 -45.62 88.34 80.98
CA GLY IB 36 -44.36 87.73 80.63
C GLY IB 36 -44.25 87.34 79.18
N PRO IB 37 -43.03 87.01 78.74
CA PRO IB 37 -42.82 86.77 77.31
C PRO IB 37 -43.46 85.48 76.82
N VAL IB 38 -44.52 85.64 76.05
CA VAL IB 38 -45.16 84.48 75.45
C VAL IB 38 -44.27 83.98 74.32
N ARG IB 39 -44.33 82.69 74.07
CA ARG IB 39 -43.41 82.05 73.16
C ARG IB 39 -44.18 81.46 71.99
N MET IB 40 -44.17 82.18 70.88
CA MET IB 40 -44.66 81.65 69.62
C MET IB 40 -43.81 80.45 69.20
N PRO IB 41 -44.40 79.47 68.52
CA PRO IB 41 -43.62 78.30 68.12
C PRO IB 41 -42.61 78.64 67.05
N THR IB 42 -41.57 77.81 66.99
CA THR IB 42 -40.44 78.08 66.11
C THR IB 42 -40.79 77.75 64.67
N LYS IB 43 -40.55 78.70 63.77
CA LYS IB 43 -40.65 78.43 62.35
C LYS IB 43 -39.30 77.97 61.82
N THR IB 44 -39.30 76.87 61.07
CA THR IB 44 -38.07 76.20 60.65
C THR IB 44 -38.07 76.05 59.13
N LEU IB 45 -37.01 76.54 58.49
CA LEU IB 45 -36.96 76.61 57.03
C LEU IB 45 -35.97 75.58 56.50
N ARG IB 46 -36.44 74.70 55.64
CA ARG IB 46 -35.83 73.38 55.43
C ARG IB 46 -35.55 73.12 53.96
N ILE IB 47 -34.74 73.97 53.33
CA ILE IB 47 -34.23 73.69 51.99
C ILE IB 47 -33.44 72.39 51.98
N THR IB 48 -33.77 71.50 51.03
CA THR IB 48 -33.05 70.25 50.83
C THR IB 48 -32.49 70.20 49.41
N THR IB 49 -31.20 69.92 49.28
CA THR IB 49 -30.49 70.12 48.02
C THR IB 49 -29.69 68.85 47.70
N ARG IB 50 -29.49 68.62 46.41
CA ARG IB 50 -28.94 67.41 45.83
C ARG IB 50 -27.45 67.21 46.15
N LYS IB 51 -26.74 68.28 46.55
CA LYS IB 51 -25.40 68.31 47.14
C LYS IB 51 -24.27 68.06 46.14
N THR IB 52 -24.56 67.57 44.94
CA THR IB 52 -23.49 67.59 43.97
C THR IB 52 -23.84 68.53 42.83
N PRO IB 53 -22.89 69.34 42.36
CA PRO IB 53 -23.19 70.29 41.28
C PRO IB 53 -23.43 69.65 39.94
N CYS IB 54 -23.02 68.40 39.74
CA CYS IB 54 -23.12 67.74 38.46
C CYS IB 54 -24.39 66.91 38.33
N GLY IB 55 -24.55 65.92 39.18
CA GLY IB 55 -25.61 64.95 39.01
C GLY IB 55 -25.10 63.54 39.16
N GLU IB 56 -23.79 63.35 39.03
CA GLU IB 56 -23.15 62.07 39.26
C GLU IB 56 -22.80 61.92 40.72
N GLY IB 57 -23.01 60.74 41.26
CA GLY IB 57 -22.68 60.45 42.63
C GLY IB 57 -23.58 59.37 43.16
N SER IB 58 -23.51 59.17 44.47
CA SER IB 58 -24.32 58.16 45.13
C SER IB 58 -25.53 58.76 45.82
N LYS IB 59 -26.06 59.86 45.27
CA LYS IB 59 -27.39 60.40 45.60
C LYS IB 59 -27.49 60.86 47.06
N THR IB 60 -26.45 61.54 47.51
CA THR IB 60 -26.52 62.17 48.82
C THR IB 60 -27.37 63.43 48.73
N TRP IB 61 -27.78 63.93 49.88
CA TRP IB 61 -28.64 65.09 49.96
C TRP IB 61 -28.16 65.98 51.10
N ASP IB 62 -28.50 67.25 51.01
CA ASP IB 62 -27.92 68.26 51.88
C ASP IB 62 -29.05 69.04 52.51
N ARG IB 63 -29.34 68.77 53.78
CA ARG IB 63 -30.50 69.32 54.48
C ARG IB 63 -30.10 70.58 55.23
N PHE IB 64 -30.18 71.72 54.56
CA PHE IB 64 -29.98 72.99 55.24
C PHE IB 64 -31.21 73.33 56.05
N GLN IB 65 -31.02 74.19 57.04
CA GLN IB 65 -32.06 74.44 58.01
C GLN IB 65 -31.81 75.79 58.64
N MET IB 66 -32.89 76.52 58.93
CA MET IB 66 -32.80 77.76 59.68
C MET IB 66 -34.09 77.93 60.48
N ARG IB 67 -33.97 77.97 61.79
CA ARG IB 67 -35.13 78.12 62.65
C ARG IB 67 -35.22 79.56 63.16
N ILE IB 68 -36.45 80.06 63.23
CA ILE IB 68 -36.75 81.43 63.63
C ILE IB 68 -37.47 81.40 64.95
N HIS IB 69 -36.95 82.10 65.94
CA HIS IB 69 -37.54 82.17 67.27
C HIS IB 69 -38.24 83.50 67.46
N LYS IB 70 -39.43 83.46 68.04
CA LYS IB 70 -40.28 84.63 68.14
C LYS IB 70 -40.75 84.82 69.57
N ARG IB 71 -40.70 86.07 70.05
CA ARG IB 71 -41.12 86.41 71.40
C ARG IB 71 -41.98 87.68 71.35
N LEU IB 72 -42.98 87.73 72.22
CA LEU IB 72 -43.86 88.90 72.33
C LEU IB 72 -43.90 89.38 73.77
N ILE IB 73 -43.64 90.67 73.94
CA ILE IB 73 -43.69 91.32 75.25
C ILE IB 73 -44.54 92.56 75.09
N ASP IB 74 -45.59 92.66 75.89
CA ASP IB 74 -46.49 93.80 75.81
C ASP IB 74 -46.47 94.61 77.10
N LEU IB 75 -46.62 95.92 76.96
CA LEU IB 75 -46.73 96.83 78.07
C LEU IB 75 -48.08 97.51 78.03
N HIS IB 76 -48.38 98.27 79.08
CA HIS IB 76 -49.59 99.08 79.15
C HIS IB 76 -49.16 100.47 79.59
N SER IB 77 -48.79 101.29 78.61
CA SER IB 77 -48.20 102.59 78.89
C SER IB 77 -48.33 103.45 77.64
N PRO IB 78 -48.38 104.77 77.78
CA PRO IB 78 -48.32 105.64 76.61
C PRO IB 78 -46.93 105.65 76.00
N SER IB 79 -46.84 106.29 74.84
CA SER IB 79 -45.60 106.35 74.06
C SER IB 79 -44.55 107.27 74.66
N GLU IB 80 -44.89 108.00 75.72
CA GLU IB 80 -43.92 108.87 76.40
C GLU IB 80 -42.88 108.04 77.15
N ILE IB 81 -43.22 106.80 77.49
CA ILE IB 81 -42.43 105.99 78.42
C ILE IB 81 -41.71 104.85 77.72
N VAL IB 82 -42.32 104.24 76.70
CA VAL IB 82 -41.89 102.92 76.22
C VAL IB 82 -40.60 103.01 75.42
N LYS IB 83 -40.51 103.97 74.50
CA LYS IB 83 -39.43 104.05 73.52
C LYS IB 83 -38.07 104.33 74.16
N GLN IB 84 -38.04 104.89 75.37
CA GLN IB 84 -36.80 105.04 76.10
C GLN IB 84 -36.18 103.71 76.50
N ILE IB 85 -37.00 102.71 76.82
CA ILE IB 85 -36.46 101.38 77.11
C ILE IB 85 -35.99 100.72 75.82
N THR IB 86 -36.68 101.00 74.71
CA THR IB 86 -36.26 100.51 73.40
C THR IB 86 -34.97 101.18 72.93
N SER IB 87 -34.69 102.40 73.41
CA SER IB 87 -33.61 103.21 72.85
C SER IB 87 -32.22 102.69 73.23
N ILE IB 88 -32.15 101.68 74.11
CA ILE IB 88 -30.86 101.13 74.52
C ILE IB 88 -30.24 100.35 73.36
N SER IB 89 -28.96 100.01 73.53
CA SER IB 89 -28.28 99.19 72.53
C SER IB 89 -28.85 97.79 72.55
N ILE IB 90 -29.33 97.35 71.40
CA ILE IB 90 -29.98 96.06 71.23
C ILE IB 90 -29.05 95.18 70.41
N GLU IB 91 -28.92 93.93 70.83
CA GLU IB 91 -28.02 92.97 70.21
C GLU IB 91 -28.36 92.75 68.74
N PRO IB 92 -27.35 92.55 67.87
CA PRO IB 92 -27.57 92.75 66.42
C PRO IB 92 -28.38 91.67 65.74
N GLY IB 93 -28.69 90.55 66.40
CA GLY IB 93 -29.44 89.51 65.72
C GLY IB 93 -30.93 89.64 65.92
N VAL IB 94 -31.34 90.50 66.85
CA VAL IB 94 -32.72 90.51 67.32
C VAL IB 94 -33.47 91.64 66.64
N GLU IB 95 -34.68 91.34 66.16
CA GLU IB 95 -35.52 92.30 65.47
C GLU IB 95 -36.62 92.80 66.39
N VAL IB 96 -36.89 94.10 66.35
CA VAL IB 96 -37.83 94.77 67.24
C VAL IB 96 -38.94 95.39 66.40
N GLU IB 97 -40.19 95.14 66.78
CA GLU IB 97 -41.34 95.79 66.17
C GLU IB 97 -42.33 96.19 67.26
N VAL IB 98 -42.66 97.50 67.31
CA VAL IB 98 -43.51 98.05 68.35
C VAL IB 98 -44.89 98.30 67.77
N THR IB 99 -45.92 97.77 68.44
CA THR IB 99 -47.29 97.86 67.99
C THR IB 99 -48.02 98.95 68.76
N ILE IB 100 -48.77 99.78 68.04
CA ILE IB 100 -49.63 100.78 68.65
C ILE IB 100 -51.07 100.29 68.72
N MET JB 2 53.65 63.34 64.63
CA MET JB 2 53.42 64.09 65.85
C MET JB 2 54.06 65.43 65.75
N GLN JB 3 55.31 65.47 65.33
CA GLN JB 3 55.99 66.73 65.17
C GLN JB 3 56.83 66.79 63.92
N ASN JB 4 56.91 67.99 63.33
CA ASN JB 4 57.82 68.19 62.21
C ASN JB 4 59.25 68.26 62.71
N ASP JB 5 60.21 68.31 61.79
CA ASP JB 5 61.60 68.16 62.17
C ASP JB 5 62.17 69.38 62.88
N ALA JB 6 61.48 70.52 62.82
CA ALA JB 6 61.87 71.66 63.63
C ALA JB 6 61.62 71.39 65.11
N GLY JB 7 60.59 70.63 65.43
CA GLY JB 7 60.22 70.34 66.80
C GLY JB 7 58.85 70.84 67.20
N GLU JB 8 58.12 71.49 66.31
CA GLU JB 8 56.80 72.00 66.61
C GLU JB 8 55.81 70.84 66.67
N PHE JB 9 55.05 70.75 67.75
CA PHE JB 9 54.02 69.73 67.86
C PHE JB 9 52.87 70.08 66.93
N VAL JB 10 52.86 69.52 65.74
CA VAL JB 10 51.80 69.79 64.78
C VAL JB 10 50.80 68.66 64.89
N ASP JB 11 49.77 68.90 65.70
CA ASP JB 11 48.68 67.97 65.94
C ASP JB 11 47.48 68.79 66.37
N LEU JB 12 46.31 68.14 66.40
CA LEU JB 12 45.19 68.78 67.08
C LEU JB 12 45.17 68.39 68.54
N TYR JB 13 45.38 67.12 68.82
CA TYR JB 13 45.41 66.60 70.18
C TYR JB 13 46.06 65.24 70.10
N VAL JB 14 46.64 64.81 71.21
CA VAL JB 14 47.12 63.43 71.33
C VAL JB 14 45.99 62.61 71.95
N PRO JB 15 45.54 61.55 71.31
CA PRO JB 15 44.45 60.76 71.87
C PRO JB 15 44.93 59.86 72.99
N ARG JB 16 43.96 59.43 73.79
CA ARG JB 16 44.26 58.55 74.89
C ARG JB 16 44.48 57.14 74.39
N LYS JB 17 45.22 56.36 75.16
CA LYS JB 17 45.41 54.96 74.89
C LYS JB 17 44.80 54.16 76.02
N CYS JB 18 44.10 53.10 75.66
CA CYS JB 18 43.53 52.17 76.63
C CYS JB 18 44.62 51.55 77.47
N SER JB 19 44.49 51.65 78.77
CA SER JB 19 45.56 51.21 79.66
C SER JB 19 45.59 49.70 79.85
N ALA JB 20 44.77 48.93 79.14
CA ALA JB 20 44.82 47.48 79.20
C ALA JB 20 45.19 46.85 77.87
N SER JB 21 44.95 47.55 76.76
CA SER JB 21 45.24 47.02 75.44
C SER JB 21 46.19 47.88 74.64
N ASN JB 22 46.53 49.08 75.13
CA ASN JB 22 47.47 50.01 74.50
C ASN JB 22 47.02 50.42 73.11
N ARG JB 23 45.71 50.47 72.88
CA ARG JB 23 45.21 50.93 71.60
C ARG JB 23 44.50 52.27 71.79
N ILE JB 24 44.34 52.99 70.69
CA ILE JB 24 43.82 54.34 70.73
C ILE JB 24 42.34 54.33 71.07
N ILE JB 25 41.97 55.10 72.08
CA ILE JB 25 40.57 55.44 72.32
C ILE JB 25 40.20 56.52 71.30
N GLY JB 26 39.33 56.17 70.38
CA GLY JB 26 39.01 57.07 69.28
C GLY JB 26 38.11 58.21 69.70
N ALA JB 27 37.74 59.02 68.71
CA ALA JB 27 36.92 60.19 68.95
C ALA JB 27 35.48 59.83 69.29
N LYS JB 28 34.92 58.82 68.64
CA LYS JB 28 33.53 58.45 68.86
C LYS JB 28 33.40 57.08 69.52
N ASP JB 29 34.44 56.65 70.24
CA ASP JB 29 34.41 55.38 70.96
C ASP JB 29 33.67 55.65 72.27
N HIS JB 30 32.34 55.68 72.19
CA HIS JB 30 31.56 56.11 73.32
C HIS JB 30 31.35 55.03 74.36
N ALA JB 31 31.86 53.83 74.15
CA ALA JB 31 31.85 52.84 75.20
C ALA JB 31 33.11 52.92 76.05
N SER JB 32 34.06 53.76 75.67
CA SER JB 32 35.34 53.80 76.35
C SER JB 32 35.25 54.63 77.63
N ILE JB 33 35.55 54.02 78.75
CA ILE JB 33 35.43 54.68 80.04
C ILE JB 33 36.78 55.23 80.45
N GLN JB 34 36.72 56.05 81.49
CA GLN JB 34 37.89 56.54 82.19
C GLN JB 34 37.48 56.67 83.65
N MET JB 35 37.79 55.66 84.44
CA MET JB 35 37.33 55.62 85.81
C MET JB 35 38.47 56.02 86.74
N ASN JB 36 38.10 56.32 87.98
CA ASN JB 36 39.06 56.72 88.99
C ASN JB 36 38.90 55.83 90.21
N VAL JB 37 40.02 55.32 90.72
CA VAL JB 37 40.05 54.53 91.93
C VAL JB 37 40.64 55.40 93.02
N ALA JB 38 39.89 55.59 94.11
CA ALA JB 38 40.32 56.49 95.17
C ALA JB 38 41.50 55.94 95.95
N GLU JB 39 42.36 56.84 96.37
CA GLU JB 39 43.51 56.52 97.21
C GLU JB 39 43.19 56.81 98.66
N VAL JB 40 43.54 55.87 99.53
CA VAL JB 40 43.36 56.04 100.96
C VAL JB 40 44.74 56.14 101.61
N ASP JB 41 44.79 56.81 102.76
CA ASP JB 41 46.06 56.85 103.46
C ASP JB 41 46.32 55.54 104.17
N LYS JB 42 47.58 55.30 104.50
CA LYS JB 42 48.01 54.02 105.02
C LYS JB 42 47.65 53.81 106.48
N VAL JB 43 46.96 54.75 107.11
CA VAL JB 43 46.71 54.66 108.55
C VAL JB 43 45.23 54.47 108.83
N THR JB 44 44.41 55.45 108.45
CA THR JB 44 43.00 55.40 108.81
C THR JB 44 42.09 54.92 107.69
N GLY JB 45 42.58 54.87 106.46
CA GLY JB 45 41.72 54.44 105.36
C GLY JB 45 40.65 55.42 105.00
N ARG JB 46 40.94 56.71 105.00
CA ARG JB 46 40.03 57.72 104.51
C ARG JB 46 40.55 58.29 103.20
N PHE JB 47 39.64 58.91 102.47
CA PHE JB 47 39.95 59.48 101.16
C PHE JB 47 40.84 60.71 101.33
N ASN JB 48 42.06 60.64 100.82
CA ASN JB 48 43.00 61.71 101.01
C ASN JB 48 42.87 62.83 99.98
N GLY JB 49 42.21 62.55 98.86
CA GLY JB 49 42.16 63.49 97.75
C GLY JB 49 42.83 63.01 96.50
N GLN JB 50 43.56 61.90 96.57
CA GLN JB 50 44.29 61.37 95.42
C GLN JB 50 43.57 60.15 94.85
N PHE JB 51 43.99 59.77 93.65
CA PHE JB 51 43.29 58.76 92.87
C PHE JB 51 44.17 58.28 91.74
N LYS JB 52 43.86 57.08 91.25
CA LYS JB 52 44.48 56.54 90.05
C LYS JB 52 43.47 56.54 88.92
N THR JB 53 43.92 56.91 87.73
CA THR JB 53 43.07 56.99 86.56
C THR JB 53 43.40 55.85 85.61
N TYR JB 54 42.38 55.08 85.25
CA TYR JB 54 42.52 54.05 84.22
C TYR JB 54 41.48 54.29 83.15
N ALA JB 55 41.85 53.99 81.91
CA ALA JB 55 40.95 54.12 80.78
C ALA JB 55 40.89 52.80 80.03
N ILE JB 56 39.67 52.33 79.76
CA ILE JB 56 39.44 51.05 79.09
C ILE JB 56 38.63 51.35 77.84
N CYS JB 57 39.18 50.96 76.68
CA CYS JB 57 38.47 51.22 75.44
C CYS JB 57 37.30 50.26 75.28
N GLY JB 58 36.37 50.63 74.41
CA GLY JB 58 35.09 49.95 74.35
C GLY JB 58 35.16 48.55 73.78
N ALA JB 59 36.14 48.27 72.94
CA ALA JB 59 36.26 46.95 72.35
C ALA JB 59 36.69 45.92 73.39
N ILE JB 60 37.65 46.30 74.26
CA ILE JB 60 37.97 45.49 75.42
C ILE JB 60 36.78 45.44 76.36
N ARG JB 61 36.00 46.50 76.42
CA ARG JB 61 34.82 46.49 77.26
C ARG JB 61 33.72 45.65 76.66
N ARG JB 62 33.53 45.66 75.34
CA ARG JB 62 32.54 44.77 74.73
C ARG JB 62 32.95 43.31 74.80
N MET JB 63 34.24 43.04 74.89
CA MET JB 63 34.77 41.70 75.07
C MET JB 63 34.41 41.11 76.43
N GLY JB 64 34.04 41.95 77.40
CA GLY JB 64 33.77 41.45 78.72
C GLY JB 64 35.01 41.19 79.52
N GLU JB 65 36.13 41.76 79.12
CA GLU JB 65 37.40 41.57 79.80
C GLU JB 65 37.86 42.81 80.54
N SER JB 66 37.01 43.84 80.60
CA SER JB 66 37.36 45.05 81.34
C SER JB 66 37.34 44.83 82.84
N ASP JB 67 36.66 43.78 83.31
CA ASP JB 67 36.68 43.42 84.72
C ASP JB 67 38.07 43.01 85.16
N ASP JB 68 38.63 41.99 84.52
CA ASP JB 68 39.98 41.53 84.87
C ASP JB 68 41.03 42.56 84.50
N SER JB 69 40.74 43.43 83.54
CA SER JB 69 41.69 44.45 83.13
C SER JB 69 41.92 45.47 84.22
N ILE JB 70 40.84 46.02 84.78
CA ILE JB 70 40.98 46.99 85.88
C ILE JB 70 41.52 46.30 87.11
N LEU JB 71 41.15 45.04 87.31
CA LEU JB 71 41.66 44.26 88.42
C LEU JB 71 43.16 44.03 88.33
N ARG JB 72 43.70 43.87 87.13
CA ARG JB 72 45.14 43.72 86.99
C ARG JB 72 45.85 45.06 87.05
N LEU JB 73 45.20 46.13 86.58
CA LEU JB 73 45.84 47.43 86.62
C LEU JB 73 45.90 47.99 88.03
N ALA JB 74 45.05 47.50 88.92
CA ALA JB 74 45.06 47.95 90.30
C ALA JB 74 45.91 47.06 91.20
N LYS JB 75 46.31 45.87 90.74
CA LYS JB 75 47.27 45.09 91.50
C LYS JB 75 48.69 45.54 91.25
N ALA JB 76 48.93 46.31 90.19
CA ALA JB 76 50.26 46.88 90.00
C ALA JB 76 50.50 48.06 90.93
N ASP JB 77 49.47 48.88 91.17
CA ASP JB 77 49.59 49.95 92.14
C ASP JB 77 49.51 49.46 93.58
N GLY JB 78 49.15 48.20 93.79
CA GLY JB 78 48.97 47.69 95.12
C GLY JB 78 47.71 48.17 95.79
N ILE JB 79 46.77 48.70 95.02
CA ILE JB 79 45.47 49.07 95.56
C ILE JB 79 44.69 47.82 95.96
N VAL JB 80 44.60 46.86 95.06
CA VAL JB 80 44.13 45.53 95.40
C VAL JB 80 45.25 44.83 96.15
N SER JB 81 44.90 44.04 97.16
CA SER JB 81 45.90 43.32 97.93
C SER JB 81 46.62 42.29 97.05
N LYS JB 82 47.91 42.10 97.36
CA LYS JB 82 48.75 41.17 96.61
C LYS JB 82 48.26 39.74 96.77
N ASN JB 83 47.68 39.41 97.93
CA ASN JB 83 47.25 38.06 98.26
C ASN JB 83 45.86 37.75 97.76
N PHE JB 84 45.44 38.41 96.67
CA PHE JB 84 44.17 38.20 96.00
C PHE JB 84 44.00 36.75 95.54
N GLY KB 1 43.28 28.14 46.06
CA GLY KB 1 43.38 29.42 45.39
C GLY KB 1 44.28 29.36 44.19
N LYS KB 2 45.19 30.31 44.08
CA LYS KB 2 46.15 30.30 43.00
C LYS KB 2 47.49 29.78 43.49
N CYS KB 3 48.23 29.16 42.59
CA CYS KB 3 49.57 28.74 42.91
C CYS KB 3 50.49 29.95 42.99
N ARG KB 4 51.33 29.98 44.00
CA ARG KB 4 52.19 31.12 44.20
C ARG KB 4 53.66 30.80 44.09
N GLY KB 5 54.03 29.53 43.97
CA GLY KB 5 55.40 29.12 44.12
C GLY KB 5 56.32 29.69 43.06
N LEU KB 6 57.61 29.64 43.36
CA LEU KB 6 58.59 30.41 42.60
C LEU KB 6 58.84 29.85 41.21
N ARG KB 7 58.45 28.61 40.93
CA ARG KB 7 58.68 28.04 39.61
C ARG KB 7 57.39 27.85 38.83
N THR KB 8 56.32 28.51 39.23
CA THR KB 8 55.02 28.29 38.63
C THR KB 8 54.71 29.26 37.52
N ALA KB 9 55.73 29.79 36.84
CA ALA KB 9 55.44 30.78 35.82
C ALA KB 9 54.80 30.16 34.60
N ARG KB 10 55.18 28.93 34.25
CA ARG KB 10 54.57 28.28 33.10
C ARG KB 10 53.12 27.93 33.37
N LYS KB 11 52.83 27.46 34.58
CA LYS KB 11 51.45 27.21 34.97
C LYS KB 11 50.64 28.49 34.98
N LEU KB 12 51.25 29.59 35.40
CA LEU KB 12 50.52 30.85 35.38
C LEU KB 12 50.41 31.46 34.01
N ARG KB 13 51.45 31.32 33.17
CA ARG KB 13 51.38 31.97 31.87
C ARG KB 13 50.46 31.23 30.92
N SER KB 14 50.41 29.91 31.01
CA SER KB 14 49.56 29.12 30.13
C SER KB 14 48.11 29.14 30.54
N HIS KB 15 47.84 29.11 31.85
CA HIS KB 15 46.47 29.27 32.34
C HIS KB 15 45.90 30.62 31.95
N ARG KB 16 46.74 31.65 31.94
CA ARG KB 16 46.28 32.96 31.52
C ARG KB 16 45.95 32.98 30.06
N ARG KB 17 46.79 32.36 29.25
CA ARG KB 17 46.62 32.36 27.82
C ARG KB 17 45.41 31.55 27.40
N ASP KB 18 45.03 30.58 28.22
CA ASP KB 18 43.80 29.85 27.94
C ASP KB 18 42.58 30.64 28.41
N GLN KB 19 42.67 31.29 29.55
CA GLN KB 19 41.53 32.02 30.07
C GLN KB 19 41.35 33.39 29.44
N LYS KB 20 42.25 33.81 28.55
CA LYS KB 20 41.96 35.02 27.80
C LYS KB 20 40.84 34.83 26.79
N TRP KB 21 40.56 33.61 26.38
CA TRP KB 21 39.59 33.37 25.33
C TRP KB 21 38.15 33.48 25.80
N HIS KB 22 37.92 33.66 27.08
CA HIS KB 22 36.58 33.59 27.61
C HIS KB 22 35.91 34.94 27.74
N ASP KB 23 36.46 36.00 27.17
CA ASP KB 23 35.72 37.24 27.09
C ASP KB 23 35.56 37.68 25.65
N LYS KB 24 34.60 38.57 25.43
CA LYS KB 24 34.15 38.86 24.08
C LYS KB 24 35.15 39.70 23.29
N GLN KB 25 35.75 40.71 23.91
CA GLN KB 25 36.63 41.61 23.18
C GLN KB 25 37.93 40.96 22.77
N TYR KB 26 38.40 39.96 23.51
CA TYR KB 26 39.59 39.26 23.06
C TYR KB 26 39.24 38.24 21.99
N LYS KB 27 38.09 37.60 22.15
CA LYS KB 27 37.71 36.47 21.29
C LYS KB 27 37.44 36.95 19.87
N LYS KB 28 36.75 38.08 19.72
CA LYS KB 28 36.44 38.55 18.38
C LYS KB 28 37.61 39.25 17.72
N ALA KB 29 38.60 39.71 18.47
CA ALA KB 29 39.75 40.32 17.87
C ALA KB 29 40.87 39.33 17.63
N HIS KB 30 40.65 38.04 17.88
CA HIS KB 30 41.69 37.05 17.69
C HIS KB 30 41.25 35.76 17.02
N LEU KB 31 39.95 35.48 16.92
CA LEU KB 31 39.55 34.34 16.12
C LEU KB 31 39.70 34.62 14.64
N GLY KB 32 39.26 35.78 14.20
CA GLY KB 32 39.19 36.06 12.79
C GLY KB 32 37.90 35.65 12.15
N THR KB 33 37.00 35.03 12.91
CA THR KB 33 35.69 34.69 12.37
C THR KB 33 34.83 35.94 12.22
N ALA KB 34 34.87 36.83 13.21
CA ALA KB 34 34.12 38.07 13.10
C ALA KB 34 34.77 39.03 12.12
N LEU KB 35 36.09 38.95 11.97
CA LEU KB 35 36.77 39.70 10.93
C LEU KB 35 36.38 39.21 9.55
N LYS KB 36 36.06 37.93 9.42
CA LYS KB 36 35.53 37.36 8.20
C LYS KB 36 34.08 37.74 7.96
N ALA KB 37 33.36 38.17 9.00
CA ALA KB 37 31.92 38.36 8.89
C ALA KB 37 31.48 39.79 8.70
N ASN KB 38 32.29 40.79 9.11
CA ASN KB 38 31.79 42.12 8.75
C ASN KB 38 32.09 42.42 7.29
N PRO KB 39 31.19 43.12 6.60
CA PRO KB 39 31.42 43.37 5.18
C PRO KB 39 32.46 44.44 4.90
N PHE KB 40 32.88 45.21 5.88
CA PHE KB 40 34.00 46.11 5.63
C PHE KB 40 35.31 45.35 5.54
N GLY KB 41 35.42 44.24 6.25
CA GLY KB 41 36.64 43.47 6.22
C GLY KB 41 37.77 44.10 6.99
N GLY KB 42 37.47 44.67 8.15
CA GLY KB 42 38.49 45.31 8.94
C GLY KB 42 38.79 46.74 8.55
N ALA KB 43 37.99 47.33 7.66
CA ALA KB 43 38.17 48.71 7.24
C ALA KB 43 37.13 49.59 7.89
N SER KB 44 37.34 50.89 7.80
CA SER KB 44 36.44 51.85 8.42
C SER KB 44 35.30 52.27 7.51
N HIS KB 45 35.52 52.24 6.21
CA HIS KB 45 34.58 52.74 5.23
C HIS KB 45 34.55 51.80 4.06
N ALA KB 46 33.54 51.96 3.21
CA ALA KB 46 33.47 51.21 1.98
C ALA KB 46 32.56 51.94 1.01
N LYS KB 47 32.89 51.85 -0.26
CA LYS KB 47 32.04 52.39 -1.31
C LYS KB 47 31.15 51.30 -1.85
N GLY KB 48 29.88 51.62 -2.05
CA GLY KB 48 28.96 50.68 -2.65
C GLY KB 48 28.02 51.30 -3.65
N ILE KB 49 27.05 50.51 -4.11
CA ILE KB 49 26.06 50.93 -5.08
C ILE KB 49 24.68 50.75 -4.47
N VAL KB 50 23.86 51.80 -4.49
CA VAL KB 50 22.51 51.71 -3.95
C VAL KB 50 21.65 50.89 -4.89
N LEU KB 51 21.14 49.78 -4.40
CA LEU KB 51 20.27 48.92 -5.19
C LEU KB 51 18.82 49.33 -5.08
N GLU KB 52 18.42 49.92 -3.96
CA GLU KB 52 17.02 49.97 -3.60
C GLU KB 52 16.87 50.89 -2.40
N LYS KB 53 15.80 51.65 -2.36
CA LYS KB 53 15.41 52.40 -1.17
C LYS KB 53 14.47 51.53 -0.37
N VAL KB 54 14.77 51.34 0.90
CA VAL KB 54 14.02 50.42 1.74
C VAL KB 54 13.53 51.16 2.98
N GLY KB 55 12.34 50.80 3.43
CA GLY KB 55 11.79 51.37 4.64
C GLY KB 55 11.88 50.40 5.79
N VAL KB 56 12.50 50.82 6.88
CA VAL KB 56 12.67 49.96 8.05
C VAL KB 56 11.87 50.53 9.21
N GLU KB 57 11.03 49.71 9.79
CA GLU KB 57 10.16 50.13 10.88
C GLU KB 57 10.92 50.13 12.20
N ALA KB 58 10.66 51.11 13.03
CA ALA KB 58 11.41 51.26 14.26
C ALA KB 58 10.91 50.31 15.33
N LYS KB 59 11.82 49.88 16.19
CA LYS KB 59 11.47 49.00 17.29
C LYS KB 59 10.65 49.76 18.31
N GLN KB 60 9.69 49.07 18.91
CA GLN KB 60 8.80 49.71 19.86
C GLN KB 60 9.55 50.10 21.14
N PRO KB 61 9.11 51.15 21.84
CA PRO KB 61 7.96 52.05 21.67
C PRO KB 61 8.04 53.06 20.54
N ASN KB 62 9.15 53.12 19.82
CA ASN KB 62 9.22 54.09 18.75
C ASN KB 62 8.41 53.62 17.56
N SER KB 63 7.79 54.58 16.88
CA SER KB 63 6.80 54.26 15.87
C SER KB 63 7.03 55.07 14.60
N ALA KB 64 8.24 55.06 14.09
CA ALA KB 64 8.50 55.78 12.85
C ALA KB 64 8.96 54.81 11.77
N ILE KB 65 9.24 55.36 10.59
CA ILE KB 65 9.75 54.61 9.47
C ILE KB 65 11.15 55.13 9.15
N ARG KB 66 12.16 54.32 9.44
CA ARG KB 66 13.55 54.73 9.28
C ARG KB 66 13.96 54.51 7.83
N LYS KB 67 14.42 55.57 7.18
CA LYS KB 67 14.69 55.51 5.75
C LYS KB 67 16.11 55.01 5.54
N CYS KB 68 16.22 53.88 4.86
CA CYS KB 68 17.50 53.21 4.68
C CYS KB 68 17.65 52.83 3.22
N VAL KB 69 18.85 52.44 2.83
CA VAL KB 69 19.12 52.01 1.47
C VAL KB 69 19.76 50.64 1.50
N ARG KB 70 19.43 49.83 0.49
CA ARG KB 70 19.96 48.49 0.34
C ARG KB 70 21.15 48.59 -0.62
N VAL KB 71 22.36 48.40 -0.10
CA VAL KB 71 23.58 48.75 -0.80
C VAL KB 71 24.40 47.49 -1.02
N GLN KB 72 24.84 47.29 -2.26
CA GLN KB 72 25.82 46.26 -2.58
C GLN KB 72 27.20 46.89 -2.67
N LEU KB 73 28.17 46.31 -1.97
CA LEU KB 73 29.51 46.86 -1.92
C LEU KB 73 30.28 46.59 -3.21
N ILE KB 74 31.28 47.43 -3.46
CA ILE KB 74 32.13 47.27 -4.62
C ILE KB 74 33.29 46.35 -4.30
N LYS KB 75 33.77 46.39 -3.06
CA LYS KB 75 34.98 45.68 -2.65
C LYS KB 75 34.81 44.17 -2.74
N ASN KB 76 33.69 43.66 -2.25
CA ASN KB 76 33.50 42.22 -2.11
C ASN KB 76 32.13 41.73 -2.52
N GLY KB 77 31.25 42.60 -2.99
CA GLY KB 77 29.94 42.17 -3.43
C GLY KB 77 28.95 41.83 -2.34
N LYS KB 78 29.23 42.18 -1.09
CA LYS KB 78 28.30 41.89 -0.02
C LYS KB 78 27.21 42.95 0.03
N LYS KB 79 25.97 42.51 0.18
CA LYS KB 79 24.82 43.41 0.22
C LYS KB 79 24.52 43.76 1.67
N ILE KB 80 24.47 45.05 1.97
CA ILE KB 80 24.18 45.51 3.33
C ILE KB 80 23.01 46.47 3.30
N THR KB 81 22.66 46.99 4.47
CA THR KB 81 21.70 48.06 4.61
C THR KB 81 22.36 49.21 5.34
N ALA KB 82 22.28 50.41 4.77
CA ALA KB 82 22.85 51.60 5.37
C ALA KB 82 21.74 52.57 5.67
N PHE KB 83 21.86 53.28 6.79
CA PHE KB 83 20.89 54.29 7.15
C PHE KB 83 21.22 55.59 6.45
N VAL KB 84 20.20 56.40 6.21
CA VAL KB 84 20.42 57.71 5.60
C VAL KB 84 20.13 58.79 6.64
N PRO KB 85 21.13 59.29 7.34
CA PRO KB 85 20.87 60.25 8.42
C PRO KB 85 20.67 61.65 7.91
N ASN KB 86 19.42 62.13 7.85
CA ASN KB 86 18.94 63.46 8.26
C ASN KB 86 17.50 63.60 7.79
N ASP KB 87 16.87 64.73 8.13
CA ASP KB 87 15.51 65.02 7.68
C ASP KB 87 15.50 65.15 6.17
N GLY KB 88 15.03 64.10 5.50
CA GLY KB 88 14.81 64.17 4.08
C GLY KB 88 16.03 64.03 3.20
N CYS KB 89 17.03 63.30 3.66
CA CYS KB 89 18.19 63.03 2.81
C CYS KB 89 18.03 61.79 1.97
N LEU KB 90 16.87 61.15 2.01
CA LEU KB 90 16.62 60.09 1.05
C LEU KB 90 16.37 60.68 -0.33
N ASN KB 91 15.92 61.92 -0.40
CA ASN KB 91 15.63 62.55 -1.68
C ASN KB 91 16.87 62.96 -2.44
N PHE KB 92 18.05 62.89 -1.82
CA PHE KB 92 19.28 63.17 -2.55
C PHE KB 92 19.83 61.96 -3.25
N ILE KB 93 19.39 60.77 -2.89
CA ILE KB 93 19.95 59.52 -3.38
C ILE KB 93 19.03 58.98 -4.47
N GLU KB 94 19.61 58.39 -5.49
CA GLU KB 94 18.88 57.62 -6.49
C GLU KB 94 19.38 56.19 -6.47
N GLU KB 95 18.79 55.35 -7.32
CA GLU KB 95 19.32 54.01 -7.46
C GLU KB 95 20.51 54.04 -8.42
N ASN KB 96 21.33 52.98 -8.33
CA ASN KB 96 22.60 52.85 -9.04
C ASN KB 96 23.53 54.02 -8.75
N ASP KB 97 23.44 54.56 -7.55
CA ASP KB 97 24.20 55.72 -7.13
C ASP KB 97 25.29 55.26 -6.19
N GLU KB 98 26.48 55.80 -6.38
CA GLU KB 98 27.67 55.32 -5.70
C GLU KB 98 27.84 56.11 -4.40
N VAL KB 99 27.71 55.42 -3.28
CA VAL KB 99 27.77 56.06 -1.98
C VAL KB 99 29.02 55.62 -1.23
N LEU KB 100 29.30 56.30 -0.13
CA LEU KB 100 30.32 55.92 0.83
C LEU KB 100 29.63 55.68 2.16
N VAL KB 101 29.83 54.51 2.74
CA VAL KB 101 29.21 54.17 4.00
C VAL KB 101 30.29 54.10 5.06
N ALA KB 102 29.89 54.27 6.31
CA ALA KB 102 30.76 54.11 7.45
C ALA KB 102 30.01 53.33 8.52
N GLY KB 103 30.72 53.06 9.61
CA GLY KB 103 30.09 52.46 10.77
C GLY KB 103 29.11 53.41 11.42
N PHE KB 104 28.38 52.90 12.39
CA PHE KB 104 27.25 53.64 12.92
C PHE KB 104 27.33 53.81 14.42
N GLY KB 105 28.48 53.48 15.02
CA GLY KB 105 28.74 53.93 16.36
C GLY KB 105 29.17 52.87 17.35
N ARG KB 106 28.62 51.67 17.25
CA ARG KB 106 28.81 50.66 18.27
C ARG KB 106 29.69 49.51 17.78
N LYS KB 107 30.53 49.79 16.79
CA LYS KB 107 31.68 48.96 16.42
C LYS KB 107 31.23 47.59 15.90
N GLY KB 108 30.13 47.59 15.16
CA GLY KB 108 29.56 46.39 14.58
C GLY KB 108 28.22 46.00 15.15
N HIS KB 109 27.84 46.59 16.28
CA HIS KB 109 26.56 46.30 16.90
C HIS KB 109 25.50 47.19 16.28
N ALA KB 110 24.25 46.75 16.38
CA ALA KB 110 23.13 47.56 15.92
C ALA KB 110 22.85 48.70 16.89
N VAL KB 111 22.44 49.85 16.36
CA VAL KB 111 22.34 51.09 17.11
C VAL KB 111 20.89 51.57 17.12
N GLY KB 112 20.39 51.93 18.30
CA GLY KB 112 19.17 52.68 18.41
C GLY KB 112 17.93 51.84 18.29
N ASP KB 113 16.95 52.31 17.51
CA ASP KB 113 15.70 51.58 17.31
C ASP KB 113 15.59 50.99 15.92
N ILE KB 114 16.65 50.97 15.14
CA ILE KB 114 16.63 50.40 13.81
C ILE KB 114 17.10 48.96 13.92
N PRO KB 115 16.24 47.98 13.67
CA PRO KB 115 16.65 46.58 13.83
C PRO KB 115 17.54 46.12 12.68
N GLY KB 116 18.67 45.52 13.03
CA GLY KB 116 19.53 44.88 12.06
C GLY KB 116 20.27 45.81 11.13
N VAL KB 117 20.43 47.08 11.50
CA VAL KB 117 21.10 48.06 10.67
C VAL KB 117 22.26 48.65 11.46
N ARG KB 118 23.44 48.63 10.88
CA ARG KB 118 24.63 49.02 11.59
C ARG KB 118 25.55 49.88 10.72
N PHE KB 119 25.00 50.53 9.71
CA PHE KB 119 25.78 51.36 8.81
C PHE KB 119 25.01 52.64 8.50
N LYS KB 120 25.73 53.65 8.06
CA LYS KB 120 25.11 54.87 7.59
C LYS KB 120 25.86 55.41 6.39
N VAL KB 121 25.16 56.18 5.58
CA VAL KB 121 25.72 56.75 4.36
C VAL KB 121 26.43 58.05 4.71
N VAL KB 122 27.61 58.25 4.14
CA VAL KB 122 28.42 59.44 4.37
C VAL KB 122 28.45 60.35 3.15
N LYS KB 123 28.97 59.85 2.03
CA LYS KB 123 29.04 60.63 0.81
C LYS KB 123 28.10 60.01 -0.21
N VAL KB 124 27.47 60.84 -1.02
CA VAL KB 124 26.56 60.40 -2.06
C VAL KB 124 27.07 61.00 -3.36
N ALA KB 125 27.58 60.14 -4.25
CA ALA KB 125 28.18 60.52 -5.53
C ALA KB 125 29.29 61.55 -5.36
N ASN KB 126 30.27 61.17 -4.53
CA ASN KB 126 31.49 61.92 -4.22
C ASN KB 126 31.22 63.26 -3.53
N VAL KB 127 30.00 63.48 -3.04
CA VAL KB 127 29.64 64.70 -2.33
C VAL KB 127 29.14 64.28 -0.97
N SER KB 128 29.67 64.93 0.07
CA SER KB 128 29.25 64.59 1.43
C SER KB 128 27.80 64.95 1.64
N LEU KB 129 27.09 64.08 2.33
CA LEU KB 129 25.67 64.22 2.55
C LEU KB 129 25.37 65.34 3.53
N LEU KB 130 26.34 65.70 4.36
CA LEU KB 130 26.19 66.87 5.21
C LEU KB 130 26.23 68.17 4.42
N ALA KB 131 26.88 68.18 3.27
CA ALA KB 131 26.91 69.37 2.42
C ALA KB 131 25.69 69.50 1.56
N LEU KB 132 25.09 68.39 1.14
CA LEU KB 132 23.83 68.46 0.42
C LEU KB 132 22.71 68.90 1.35
N TYR KB 133 22.85 68.61 2.64
CA TYR KB 133 21.82 68.92 3.61
C TYR KB 133 21.84 70.40 3.97
N LYS KB 134 23.03 70.96 4.17
CA LYS KB 134 23.20 72.35 4.52
C LYS KB 134 23.26 73.25 3.31
N GLY KB 135 23.07 72.71 2.10
CA GLY KB 135 23.11 73.52 0.92
C GLY KB 135 24.49 73.98 0.50
N LYS KB 136 25.54 73.32 0.95
CA LYS KB 136 26.89 73.74 0.59
C LYS KB 136 27.22 73.39 -0.85
N LYS KB 137 26.80 72.21 -1.31
CA LYS KB 137 27.09 71.78 -2.67
C LYS KB 137 25.80 71.29 -3.33
N GLU KB 138 25.93 70.90 -4.59
CA GLU KB 138 24.83 70.46 -5.42
C GLU KB 138 25.26 69.21 -6.16
N ARG KB 139 24.28 68.43 -6.63
CA ARG KB 139 24.60 67.25 -7.41
C ARG KB 139 25.07 67.61 -8.80
N THR LB 1 17.14 31.52 48.25
CA THR LB 1 17.95 31.48 49.46
C THR LB 1 17.60 30.32 50.36
N LYS LB 2 18.48 30.03 51.30
CA LYS LB 2 18.24 28.92 52.22
C LYS LB 2 17.27 29.34 53.30
N LYS LB 3 16.28 28.49 53.56
CA LYS LB 3 15.18 28.83 54.43
C LYS LB 3 15.36 28.29 55.84
N ARG LB 4 15.94 27.11 55.99
CA ARG LB 4 16.19 26.49 57.28
C ARG LB 4 17.63 26.01 57.31
N ARG LB 5 18.23 25.93 58.51
CA ARG LB 5 19.65 25.57 58.59
C ARG LB 5 19.87 24.10 58.28
N ASN LB 6 19.15 23.21 58.92
CA ASN LB 6 19.02 21.91 58.30
C ASN LB 6 18.08 22.04 57.13
N ASN LB 7 18.10 21.11 56.21
CA ASN LB 7 17.27 21.38 55.05
C ASN LB 7 15.87 20.82 55.17
N GLY LB 8 15.22 21.10 56.29
CA GLY LB 8 13.90 20.56 56.57
C GLY LB 8 13.91 19.10 56.94
N ARG LB 9 15.04 18.59 57.35
CA ARG LB 9 15.19 17.17 57.63
C ARG LB 9 16.31 17.04 58.66
N ALA LB 10 16.46 15.85 59.20
CA ALA LB 10 17.43 15.63 60.26
C ALA LB 10 18.60 14.76 59.81
N LYS LB 11 19.10 14.98 58.60
CA LYS LB 11 20.18 14.17 58.04
C LYS LB 11 21.49 14.93 58.17
N LYS LB 12 22.34 14.52 59.08
CA LYS LB 12 23.62 15.20 59.27
C LYS LB 12 24.82 14.35 58.92
N GLY LB 13 24.98 13.19 59.54
CA GLY LB 13 26.22 12.48 59.34
C GLY LB 13 26.13 11.33 58.37
N ARG LB 14 25.12 11.34 57.53
CA ARG LB 14 24.92 10.24 56.61
C ARG LB 14 24.49 10.79 55.27
N GLY LB 15 24.47 9.91 54.28
CA GLY LB 15 24.17 10.33 52.93
C GLY LB 15 22.76 10.07 52.52
N HIS LB 16 22.22 8.94 52.95
CA HIS LB 16 20.93 8.48 52.46
C HIS LB 16 20.21 7.74 53.56
N VAL LB 17 19.03 8.23 53.93
CA VAL LB 17 18.16 7.56 54.87
C VAL LB 17 17.05 6.87 54.08
N GLN LB 18 16.54 5.80 54.60
CA GLN LB 18 15.53 5.03 53.90
C GLN LB 18 14.19 5.76 53.92
N PRO LB 19 13.38 5.62 52.88
CA PRO LB 19 12.10 6.32 52.84
C PRO LB 19 10.95 5.54 53.43
N ILE LB 20 9.94 6.28 53.88
CA ILE LB 20 8.68 5.70 54.31
C ILE LB 20 7.57 6.28 53.46
N ARG LB 21 6.35 5.83 53.67
CA ARG LB 21 5.20 6.28 52.90
C ARG LB 21 4.29 7.06 53.80
N CYS LB 22 3.76 8.18 53.29
CA CYS LB 22 2.84 9.00 54.05
C CYS LB 22 1.57 8.22 54.35
N THR LB 23 1.15 8.23 55.59
CA THR LB 23 -0.01 7.42 55.95
C THR LB 23 -1.31 8.01 55.47
N ASN LB 24 -1.28 9.22 54.92
CA ASN LB 24 -2.46 9.86 54.41
C ASN LB 24 -2.59 9.73 52.90
N CYS LB 25 -1.47 9.74 52.17
CA CYS LB 25 -1.54 9.63 50.73
C CYS LB 25 -0.48 8.75 50.07
N ALA LB 26 0.39 8.09 50.84
CA ALA LB 26 1.43 7.17 50.34
C ALA LB 26 2.43 7.87 49.41
N ARG LB 27 2.84 9.06 49.78
CA ARG LB 27 3.99 9.67 49.14
C ARG LB 27 5.27 9.15 49.79
N CYS LB 28 6.27 8.87 48.98
CA CYS LB 28 7.58 8.51 49.52
C CYS LB 28 8.23 9.72 50.17
N VAL LB 29 8.47 9.66 51.47
CA VAL LB 29 9.13 10.71 52.23
C VAL LB 29 10.34 10.07 52.88
N PRO LB 30 11.52 10.71 52.94
CA PRO LB 30 12.58 10.21 53.80
C PRO LB 30 12.13 10.16 55.25
N LYS LB 31 12.73 9.24 56.00
CA LYS LB 31 12.26 8.93 57.35
C LYS LB 31 12.46 10.10 58.30
N ASP LB 32 13.55 10.85 58.14
CA ASP LB 32 13.79 11.98 59.02
C ASP LB 32 13.03 13.24 58.64
N LYS LB 33 12.54 13.32 57.41
CA LYS LB 33 11.82 14.50 56.99
C LYS LB 33 10.37 14.49 57.44
N ALA LB 34 9.80 13.31 57.63
CA ALA LB 34 8.38 13.15 57.80
C ALA LB 34 7.91 13.63 59.16
N ILE LB 35 6.70 14.16 59.20
CA ILE LB 35 6.09 14.64 60.43
C ILE LB 35 5.58 13.42 61.17
N LYS LB 36 6.26 13.05 62.24
CA LYS LB 36 5.87 11.89 63.01
C LYS LB 36 4.89 12.29 64.10
N LYS LB 37 3.86 11.48 64.27
CA LYS LB 37 2.78 11.76 65.23
C LYS LB 37 2.40 10.42 65.84
N PHE LB 38 2.82 10.20 67.06
CA PHE LB 38 2.48 8.98 67.77
C PHE LB 38 1.23 9.23 68.58
N VAL LB 39 0.18 8.45 68.33
CA VAL LB 39 -1.11 8.69 68.96
C VAL LB 39 -1.46 7.49 69.83
N ILE LB 40 -1.92 7.77 71.04
CA ILE LB 40 -2.32 6.77 72.03
C ILE LB 40 -3.78 7.08 72.33
N ARG LB 41 -4.52 7.42 71.27
CA ARG LB 41 -5.96 7.59 71.38
C ARG LB 41 -6.61 6.34 71.95
N ASN LB 42 -7.48 6.54 72.92
CA ASN LB 42 -8.20 5.44 73.53
C ASN LB 42 -9.20 4.86 72.53
N ILE LB 43 -9.55 3.59 72.71
CA ILE LB 43 -10.43 2.92 71.75
C ILE LB 43 -11.90 3.11 72.13
N VAL LB 44 -12.14 3.92 73.16
CA VAL LB 44 -13.44 3.92 73.81
C VAL LB 44 -14.24 5.18 73.53
N GLU LB 45 -13.57 6.32 73.28
CA GLU LB 45 -14.22 7.62 73.06
C GLU LB 45 -15.07 7.99 74.28
N ALA LB 46 -14.43 8.55 75.32
CA ALA LB 46 -14.92 8.74 76.69
C ALA LB 46 -16.33 9.29 76.86
N ALA LB 47 -16.95 9.79 75.78
CA ALA LB 47 -18.40 9.89 75.76
C ALA LB 47 -19.07 8.52 75.85
N ALA LB 48 -18.37 7.46 75.46
CA ALA LB 48 -18.94 6.12 75.48
C ALA LB 48 -18.39 5.25 76.60
N VAL LB 49 -17.49 5.76 77.43
CA VAL LB 49 -16.82 4.91 78.40
C VAL LB 49 -17.76 4.53 79.54
N ARG LB 50 -18.75 5.36 79.83
CA ARG LB 50 -19.68 5.03 80.90
C ARG LB 50 -20.78 4.12 80.42
N ASP LB 51 -20.79 3.75 79.14
CA ASP LB 51 -21.71 2.74 78.64
C ASP LB 51 -21.03 1.40 78.47
N ILE LB 52 -19.76 1.41 78.09
CA ILE LB 52 -19.04 0.16 77.94
C ILE LB 52 -18.70 -0.42 79.31
N SER LB 53 -18.40 0.43 80.28
CA SER LB 53 -18.02 -0.07 81.58
C SER LB 53 -19.20 -0.53 82.41
N GLU LB 54 -20.39 0.03 82.19
CA GLU LB 54 -21.56 -0.47 82.91
C GLU LB 54 -22.06 -1.77 82.31
N ALA LB 55 -21.74 -2.02 81.05
CA ALA LB 55 -22.18 -3.22 80.36
C ALA LB 55 -21.15 -4.33 80.41
N SER LB 56 -20.03 -4.11 81.08
CA SER LB 56 -19.02 -5.15 81.14
C SER LB 56 -19.44 -6.27 82.07
N VAL LB 57 -18.84 -7.44 81.85
CA VAL LB 57 -19.01 -8.56 82.76
C VAL LB 57 -17.99 -8.53 83.88
N PHE LB 58 -17.17 -7.49 83.95
CA PHE LB 58 -16.21 -7.29 85.01
C PHE LB 58 -16.59 -6.05 85.81
N ASP LB 59 -15.76 -5.74 86.80
CA ASP LB 59 -15.92 -4.53 87.60
C ASP LB 59 -14.73 -3.60 87.48
N ALA LB 60 -13.52 -4.12 87.57
CA ALA LB 60 -12.31 -3.34 87.39
C ALA LB 60 -11.64 -3.84 86.12
N TYR LB 61 -12.05 -3.28 84.98
CA TYR LB 61 -11.50 -3.67 83.69
C TYR LB 61 -11.00 -2.42 82.99
N VAL LB 62 -9.69 -2.21 83.02
CA VAL LB 62 -9.10 -1.06 82.34
C VAL LB 62 -9.14 -1.29 80.84
N LEU LB 63 -9.76 -0.39 80.15
CA LEU LB 63 -9.93 -0.44 78.71
C LEU LB 63 -8.61 -0.23 77.99
N PRO LB 64 -8.37 -0.97 76.90
CA PRO LB 64 -7.08 -0.92 76.23
C PRO LB 64 -6.89 0.36 75.44
N LYS LB 65 -5.68 0.54 74.94
CA LYS LB 65 -5.29 1.70 74.17
C LYS LB 65 -5.09 1.31 72.72
N LEU LB 66 -4.69 2.29 71.92
CA LEU LB 66 -4.52 2.11 70.49
C LEU LB 66 -3.27 2.87 70.11
N TYR LB 67 -2.25 2.14 69.69
CA TYR LB 67 -0.91 2.70 69.52
C TYR LB 67 -0.62 2.79 68.03
N VAL LB 68 -0.85 3.95 67.43
CA VAL LB 68 -0.61 4.15 66.01
C VAL LB 68 0.47 5.22 65.87
N LYS LB 69 1.53 4.90 65.17
CA LYS LB 69 2.54 5.90 64.84
C LYS LB 69 2.25 6.40 63.43
N LEU LB 70 1.72 7.61 63.33
CA LEU LB 70 1.42 8.18 62.04
C LEU LB 70 2.63 8.88 61.45
N HIS LB 71 2.71 8.87 60.12
CA HIS LB 71 3.70 9.59 59.37
C HIS LB 71 2.97 10.53 58.44
N TYR LB 72 3.61 11.63 58.07
CA TYR LB 72 2.98 12.58 57.19
C TYR LB 72 4.01 13.18 56.25
N CYS LB 73 3.61 13.44 55.02
CA CYS LB 73 4.41 14.31 54.19
C CYS LB 73 4.11 15.74 54.58
N VAL LB 74 4.93 16.66 54.09
CA VAL LB 74 4.77 18.07 54.39
C VAL LB 74 3.47 18.61 53.79
N SER LB 75 3.05 18.08 52.65
CA SER LB 75 1.80 18.51 52.06
C SER LB 75 0.61 18.10 52.89
N CYS LB 76 0.60 16.87 53.40
CA CYS LB 76 -0.56 16.38 54.12
C CYS LB 76 -0.60 16.91 55.54
N ALA LB 77 0.55 17.15 56.14
CA ALA LB 77 0.58 17.60 57.53
C ALA LB 77 0.13 19.04 57.65
N ILE LB 78 0.39 19.85 56.64
CA ILE LB 78 -0.15 21.21 56.60
C ILE LB 78 -1.64 21.19 56.36
N HIS LB 79 -2.09 20.37 55.41
CA HIS LB 79 -3.50 20.31 55.05
C HIS LB 79 -4.34 19.74 56.17
N SER LB 80 -3.79 18.82 56.93
CA SER LB 80 -4.48 18.30 58.10
C SER LB 80 -4.30 19.20 59.31
N LYS LB 81 -3.52 20.27 59.18
CA LYS LB 81 -3.25 21.25 60.24
C LYS LB 81 -2.62 20.59 61.46
N VAL LB 82 -1.82 19.57 61.20
CA VAL LB 82 -0.90 19.06 62.22
C VAL LB 82 0.17 20.09 62.53
N VAL LB 83 0.75 20.68 61.49
CA VAL LB 83 1.70 21.75 61.64
C VAL LB 83 1.10 23.01 61.05
N ARG LB 84 1.78 24.14 61.27
CA ARG LB 84 1.40 25.42 60.72
C ARG LB 84 2.64 26.14 60.23
N ASN LB 85 2.44 27.22 59.49
CA ASN LB 85 3.56 28.08 59.20
C ASN LB 85 3.83 29.00 60.37
N ARG LB 86 5.10 29.33 60.55
CA ARG LB 86 5.55 30.09 61.70
C ARG LB 86 6.28 31.31 61.19
N SER LB 87 6.53 32.27 62.08
CA SER LB 87 7.28 33.45 61.72
C SER LB 87 8.76 33.09 61.52
N ARG LB 88 9.52 34.04 60.97
CA ARG LB 88 10.91 33.75 60.63
C ARG LB 88 11.75 33.49 61.85
N GLU LB 89 11.55 34.24 62.93
CA GLU LB 89 12.28 33.94 64.14
C GLU LB 89 11.66 32.79 64.92
N ALA LB 90 10.36 32.53 64.72
CA ALA LB 90 9.68 31.48 65.44
C ALA LB 90 9.89 30.10 64.84
N ARG LB 91 10.51 30.01 63.65
CA ARG LB 91 10.91 28.71 63.14
C ARG LB 91 12.04 28.12 63.96
N LYS LB 92 12.93 28.97 64.48
CA LYS LB 92 14.07 28.51 65.25
C LYS LB 92 13.63 28.13 66.65
N ASP LB 93 12.81 27.10 66.76
CA ASP LB 93 12.18 26.72 68.02
C ASP LB 93 11.75 25.27 67.88
N ARG LB 94 12.33 24.40 68.70
CA ARG LB 94 12.15 22.98 68.55
C ARG LB 94 11.42 22.35 69.71
N THR LB 95 11.03 23.13 70.70
CA THR LB 95 10.26 22.62 71.81
C THR LB 95 8.85 22.29 71.34
N PRO LB 96 8.33 21.11 71.65
CA PRO LB 96 7.01 20.73 71.18
C PRO LB 96 5.94 21.51 71.89
N PRO LB 97 4.73 21.59 71.31
CA PRO LB 97 3.66 22.34 71.96
C PRO LB 97 3.22 21.65 73.24
N PRO LB 98 2.78 22.41 74.23
CA PRO LB 98 2.52 21.83 75.56
C PRO LB 98 1.24 21.01 75.59
N ARG LB 99 1.05 20.31 76.70
CA ARG LB 99 -0.04 19.38 76.84
C ARG LB 99 -1.10 19.89 77.80
N PRO MB 1 -40.34 4.34 71.19
CA PRO MB 1 -39.63 4.78 72.38
C PRO MB 1 -39.65 6.30 72.55
N ILE MB 2 -40.36 6.75 73.58
CA ILE MB 2 -40.39 8.17 73.92
C ILE MB 2 -39.07 8.55 74.57
N LYS MB 3 -38.57 9.75 74.25
CA LYS MB 3 -37.42 10.32 74.93
C LYS MB 3 -37.67 11.80 75.15
N LEU MB 4 -37.49 12.25 76.38
CA LEU MB 4 -37.56 13.65 76.74
C LEU MB 4 -36.28 14.05 77.46
N ALA MB 5 -35.67 15.14 77.01
CA ALA MB 5 -34.38 15.57 77.51
C ALA MB 5 -34.45 17.02 77.93
N ARG MB 6 -33.65 17.40 78.93
CA ARG MB 6 -33.67 18.74 79.48
C ARG MB 6 -32.31 19.40 79.30
N VAL MB 7 -32.30 20.58 78.70
CA VAL MB 7 -31.04 21.26 78.37
C VAL MB 7 -30.38 21.77 79.64
N THR MB 8 -29.13 21.38 79.84
CA THR MB 8 -28.37 21.80 81.00
C THR MB 8 -27.20 22.71 80.70
N LYS MB 9 -26.77 22.79 79.44
CA LYS MB 9 -25.68 23.67 79.09
C LYS MB 9 -25.73 23.95 77.60
N VAL MB 10 -25.49 25.20 77.24
CA VAL MB 10 -25.37 25.61 75.85
C VAL MB 10 -23.90 25.58 75.50
N LEU MB 11 -23.56 24.89 74.43
CA LEU MB 11 -22.18 24.65 74.04
C LEU MB 11 -21.83 25.30 72.73
N GLY MB 12 -22.23 26.56 72.54
CA GLY MB 12 -21.87 27.30 71.36
C GLY MB 12 -22.66 26.89 70.13
N ARG MB 13 -22.55 27.71 69.10
CA ARG MB 13 -23.38 27.57 67.91
C ARG MB 13 -22.56 27.03 66.76
N THR MB 14 -23.07 25.98 66.14
CA THR MB 14 -22.34 25.17 65.19
C THR MB 14 -23.02 25.29 63.84
N GLY MB 15 -22.25 25.18 62.77
CA GLY MB 15 -22.83 25.12 61.45
C GLY MB 15 -22.02 25.91 60.45
N SER MB 16 -22.38 25.79 59.18
CA SER MB 16 -21.78 26.63 58.16
C SER MB 16 -22.17 28.08 58.37
N GLN MB 17 -23.46 28.34 58.43
CA GLN MB 17 -23.94 29.68 58.71
C GLN MB 17 -24.15 29.93 60.20
N GLY MB 18 -23.73 28.99 61.05
CA GLY MB 18 -24.04 29.09 62.46
C GLY MB 18 -25.52 29.02 62.75
N GLN MB 19 -26.25 28.22 61.99
CA GLN MB 19 -27.70 28.23 62.03
C GLN MB 19 -28.28 27.43 63.18
N CYS MB 20 -27.47 26.68 63.91
CA CYS MB 20 -27.95 25.87 65.00
C CYS MB 20 -26.94 25.89 66.12
N THR MB 21 -27.29 25.25 67.23
CA THR MB 21 -26.48 25.32 68.43
C THR MB 21 -26.43 23.94 69.08
N GLN MB 22 -25.36 23.69 69.84
CA GLN MB 22 -25.20 22.41 70.49
C GLN MB 22 -25.47 22.51 71.98
N VAL MB 23 -26.22 21.56 72.50
CA VAL MB 23 -26.62 21.55 73.89
C VAL MB 23 -26.16 20.27 74.54
N ARG MB 24 -26.13 20.28 75.87
CA ARG MB 24 -25.82 19.11 76.69
C ARG MB 24 -27.04 18.83 77.54
N VAL MB 25 -27.71 17.72 77.27
CA VAL MB 25 -29.01 17.43 77.85
C VAL MB 25 -28.90 16.29 78.86
N GLU MB 26 -29.85 16.24 79.78
CA GLU MB 26 -30.06 15.11 80.67
C GLU MB 26 -31.40 14.47 80.33
N PHE MB 27 -31.44 13.15 80.30
CA PHE MB 27 -32.73 12.51 80.07
C PHE MB 27 -33.60 12.63 81.31
N MET MB 28 -34.90 12.44 81.10
CA MET MB 28 -35.85 12.43 82.19
C MET MB 28 -36.23 11.02 82.62
N ASP MB 29 -35.61 10.01 82.01
CA ASP MB 29 -35.67 8.67 82.58
C ASP MB 29 -34.76 8.57 83.79
N ASP MB 30 -33.50 8.94 83.63
CA ASP MB 30 -32.58 9.12 84.75
C ASP MB 30 -31.78 10.39 84.53
N THR MB 31 -31.49 11.11 85.61
CA THR MB 31 -30.77 12.37 85.50
C THR MB 31 -29.27 12.20 85.57
N SER MB 32 -28.76 11.02 85.22
CA SER MB 32 -27.33 10.73 85.35
C SER MB 32 -26.60 10.77 84.02
N ARG MB 33 -27.12 10.08 83.00
CA ARG MB 33 -26.44 10.05 81.72
C ARG MB 33 -26.72 11.33 80.95
N SER MB 34 -25.74 11.77 80.17
CA SER MB 34 -25.89 13.02 79.44
C SER MB 34 -25.30 12.86 78.05
N ILE MB 35 -26.06 13.28 77.04
CA ILE MB 35 -25.60 13.26 75.67
C ILE MB 35 -25.58 14.68 75.14
N ILE MB 36 -24.77 14.89 74.12
CA ILE MB 36 -24.69 16.16 73.42
C ILE MB 36 -25.47 16.03 72.12
N ARG MB 37 -26.41 16.94 71.89
CA ARG MB 37 -27.14 17.01 70.64
C ARG MB 37 -27.14 18.43 70.12
N ASN MB 38 -27.39 18.57 68.84
CA ASN MB 38 -27.36 19.88 68.19
C ASN MB 38 -28.74 20.28 67.72
N VAL MB 39 -29.29 21.30 68.36
CA VAL MB 39 -30.68 21.70 68.20
C VAL MB 39 -30.70 23.02 67.43
N LYS MB 40 -31.75 23.22 66.63
CA LYS MB 40 -31.89 24.47 65.90
C LYS MB 40 -33.06 25.28 66.46
N GLY MB 41 -33.05 26.58 66.20
CA GLY MB 41 -33.98 27.48 66.83
C GLY MB 41 -33.44 27.98 68.14
N PRO MB 42 -34.01 29.05 68.67
CA PRO MB 42 -33.51 29.63 69.93
C PRO MB 42 -33.79 28.73 71.12
N VAL MB 43 -32.75 28.44 71.89
CA VAL MB 43 -32.88 27.55 73.03
C VAL MB 43 -32.27 28.22 74.25
N ARG MB 44 -32.89 27.98 75.41
CA ARG MB 44 -32.39 28.41 76.70
C ARG MB 44 -31.87 27.21 77.46
N GLU MB 45 -31.46 27.44 78.69
CA GLU MB 45 -31.07 26.36 79.58
C GLU MB 45 -32.27 25.97 80.42
N GLY MB 46 -32.64 24.69 80.39
CA GLY MB 46 -33.71 24.18 81.22
C GLY MB 46 -34.97 23.80 80.50
N ASP MB 47 -35.08 24.09 79.20
CA ASP MB 47 -36.27 23.74 78.44
C ASP MB 47 -36.14 22.33 77.86
N VAL MB 48 -37.29 21.71 77.61
CA VAL MB 48 -37.37 20.29 77.36
C VAL MB 48 -37.33 20.06 75.86
N LEU MB 49 -36.43 19.18 75.42
CA LEU MB 49 -36.44 18.69 74.06
C LEU MB 49 -37.05 17.30 74.01
N THR MB 50 -37.73 17.00 72.91
CA THR MB 50 -38.20 15.66 72.63
C THR MB 50 -37.29 15.04 71.57
N LEU MB 51 -37.04 13.74 71.70
CA LEU MB 51 -36.06 13.08 70.86
C LEU MB 51 -36.72 11.88 70.19
N LEU MB 52 -36.75 11.90 68.86
CA LEU MB 52 -37.10 10.71 68.10
C LEU MB 52 -36.05 9.64 68.29
N GLU MB 53 -34.84 9.92 67.82
CA GLU MB 53 -33.77 8.93 67.75
C GLU MB 53 -32.72 9.28 68.79
N SER MB 54 -32.76 8.57 69.90
CA SER MB 54 -31.72 8.73 70.92
C SER MB 54 -30.46 7.97 70.50
N GLU MB 55 -29.38 8.24 71.24
CA GLU MB 55 -28.07 7.61 71.06
C GLU MB 55 -27.50 7.89 69.66
N ARG MB 56 -27.26 9.16 69.35
CA ARG MB 56 -26.66 9.56 68.09
C ARG MB 56 -25.42 10.43 68.28
N GLU MB 57 -25.37 11.18 69.39
CA GLU MB 57 -24.21 11.82 70.00
C GLU MB 57 -23.67 13.06 69.30
N ALA MB 58 -24.13 13.35 68.08
CA ALA MB 58 -24.00 14.66 67.42
C ALA MB 58 -22.53 15.10 67.29
N ARG MB 59 -21.82 14.42 66.39
CA ARG MB 59 -20.56 14.91 65.88
C ARG MB 59 -20.72 16.32 65.31
N ARG MB 60 -19.66 17.13 65.46
CA ARG MB 60 -19.65 18.53 65.04
C ARG MB 60 -19.98 18.70 63.56
N LEU MB 61 -20.93 19.59 63.27
CA LEU MB 61 -21.30 19.88 61.89
C LEU MB 61 -20.23 20.71 61.19
N GLY NB 1 -33.06 92.94 15.74
CA GLY NB 1 -34.33 93.22 15.08
C GLY NB 1 -34.83 94.60 15.42
N HIS NB 2 -35.97 94.97 14.89
CA HIS NB 2 -36.54 96.28 15.20
C HIS NB 2 -37.39 96.16 16.46
N GLN NB 3 -38.15 97.21 16.76
CA GLN NB 3 -38.71 97.39 18.09
C GLN NB 3 -39.89 96.46 18.38
N GLN NB 4 -40.44 95.80 17.37
CA GLN NB 4 -41.67 95.05 17.57
C GLN NB 4 -41.47 93.55 17.62
N LEU NB 5 -40.29 93.04 17.28
CA LEU NB 5 -40.07 91.60 17.43
C LEU NB 5 -38.69 91.24 17.94
N TYR NB 6 -37.96 92.15 18.57
CA TYR NB 6 -36.62 91.76 19.02
C TYR NB 6 -36.69 90.98 20.33
N TRP NB 7 -37.69 91.21 21.15
CA TRP NB 7 -37.82 90.53 22.41
C TRP NB 7 -39.28 90.15 22.63
N SER NB 8 -39.98 89.93 21.53
CA SER NB 8 -41.44 89.91 21.55
C SER NB 8 -42.03 88.66 22.17
N HIS NB 9 -41.23 87.64 22.41
CA HIS NB 9 -41.76 86.40 22.95
C HIS NB 9 -42.18 86.62 24.39
N PRO NB 10 -43.40 86.26 24.76
CA PRO NB 10 -43.87 86.51 26.13
C PRO NB 10 -43.17 85.63 27.15
N ARG NB 11 -42.69 86.25 28.21
CA ARG NB 11 -41.87 85.63 29.22
C ARG NB 11 -42.39 85.95 30.61
N LYS NB 12 -43.68 85.73 30.82
CA LYS NB 12 -44.26 85.99 32.13
C LYS NB 12 -44.38 84.74 32.99
N PHE NB 13 -43.95 83.59 32.50
CA PHE NB 13 -43.92 82.36 33.28
C PHE NB 13 -42.84 81.45 32.69
N GLY NB 14 -42.75 80.24 33.22
CA GLY NB 14 -41.86 79.24 32.69
C GLY NB 14 -40.40 79.51 33.03
N GLN NB 15 -39.53 78.64 32.54
CA GLN NB 15 -38.12 78.78 32.86
C GLN NB 15 -37.45 79.89 32.09
N GLY NB 16 -38.07 80.38 31.02
CA GLY NB 16 -37.50 81.51 30.33
C GLY NB 16 -37.66 82.82 31.04
N SER NB 17 -38.48 82.88 32.08
CA SER NB 17 -38.71 84.09 32.84
C SER NB 17 -37.87 84.18 34.08
N ARG NB 18 -37.39 83.06 34.61
CA ARG NB 18 -36.78 83.01 35.93
C ARG NB 18 -35.33 82.62 35.80
N SER NB 19 -34.44 83.45 36.32
CA SER NB 19 -33.01 83.22 36.23
C SER NB 19 -32.40 83.30 37.62
N CYS NB 20 -31.22 82.71 37.76
CA CYS NB 20 -30.48 82.79 39.02
C CYS NB 20 -30.00 84.21 39.24
N ARG NB 21 -30.18 84.71 40.46
CA ARG NB 21 -29.81 86.09 40.71
C ARG NB 21 -28.32 86.30 40.93
N VAL NB 22 -27.53 85.24 40.87
CA VAL NB 22 -26.09 85.33 41.09
C VAL NB 22 -25.32 85.07 39.80
N CYS NB 23 -25.52 83.90 39.20
CA CYS NB 23 -24.72 83.50 38.05
C CYS NB 23 -25.54 83.40 36.79
N SER NB 24 -26.79 83.87 36.81
CA SER NB 24 -27.68 83.99 35.64
C SER NB 24 -28.01 82.63 35.01
N ASN NB 25 -27.97 81.58 35.81
CA ASN NB 25 -28.34 80.24 35.37
C ASN NB 25 -29.86 80.10 35.40
N ARG NB 26 -30.37 79.14 34.63
CA ARG NB 26 -31.80 78.92 34.55
C ARG NB 26 -32.27 77.59 35.11
N HIS NB 27 -31.39 76.75 35.59
CA HIS NB 27 -31.78 75.42 36.01
C HIS NB 27 -31.49 75.19 37.48
N GLY NB 28 -32.35 74.39 38.10
CA GLY NB 28 -32.19 74.06 39.50
C GLY NB 28 -32.36 75.24 40.42
N LEU NB 29 -33.16 76.21 40.01
CA LEU NB 29 -33.46 77.35 40.86
C LEU NB 29 -34.31 76.95 42.05
N ILE NB 30 -33.98 77.52 43.19
CA ILE NB 30 -34.80 77.40 44.38
C ILE NB 30 -35.65 78.66 44.44
N ARG NB 31 -36.90 78.55 44.06
CA ARG NB 31 -37.83 79.66 44.13
C ARG NB 31 -38.42 79.84 45.52
N LYS NB 32 -38.10 78.96 46.45
CA LYS NB 32 -38.74 78.97 47.75
C LYS NB 32 -38.18 80.13 48.56
N TYR NB 33 -39.08 80.90 49.18
CA TYR NB 33 -38.78 82.09 49.98
C TYR NB 33 -38.05 83.16 49.20
N GLY NB 34 -38.31 83.25 47.89
CA GLY NB 34 -37.74 84.30 47.08
C GLY NB 34 -36.23 84.25 46.96
N LEU NB 35 -35.64 83.07 47.10
CA LEU NB 35 -34.19 82.94 47.00
C LEU NB 35 -33.71 83.23 45.59
N ASN NB 36 -34.30 82.55 44.60
CA ASN NB 36 -33.99 82.71 43.17
C ASN NB 36 -32.52 82.48 42.88
N MET NB 37 -31.95 81.49 43.54
CA MET NB 37 -30.57 81.09 43.32
C MET NB 37 -30.58 79.71 42.71
N CYS NB 38 -29.66 79.46 41.78
CA CYS NB 38 -29.47 78.09 41.35
C CYS NB 38 -28.86 77.29 42.49
N ARG NB 39 -29.22 76.01 42.56
CA ARG NB 39 -28.92 75.18 43.72
C ARG NB 39 -27.43 74.95 43.93
N GLN NB 40 -26.61 75.19 42.93
CA GLN NB 40 -25.17 75.18 43.14
C GLN NB 40 -24.71 76.43 43.85
N CYS NB 41 -25.11 77.61 43.35
CA CYS NB 41 -24.75 78.86 43.99
C CYS NB 41 -25.44 79.08 45.32
N PHE NB 42 -26.52 78.35 45.59
CA PHE NB 42 -27.16 78.43 46.88
C PHE NB 42 -26.26 77.90 47.99
N ARG NB 43 -25.81 76.65 47.86
CA ARG NB 43 -25.06 76.03 48.94
C ARG NB 43 -23.64 76.56 49.04
N GLN NB 44 -23.22 77.39 48.10
CA GLN NB 44 -22.03 78.22 48.32
C GLN NB 44 -22.30 79.30 49.34
N TYR NB 45 -23.44 79.96 49.24
CA TYR NB 45 -23.79 81.10 50.09
C TYR NB 45 -24.72 80.72 51.23
N ALA NB 46 -24.90 79.43 51.51
CA ALA NB 46 -25.96 79.02 52.42
C ALA NB 46 -25.63 79.36 53.86
N LYS NB 47 -24.35 79.47 54.19
CA LYS NB 47 -23.98 79.93 55.52
C LYS NB 47 -23.93 81.45 55.60
N ASP NB 48 -23.56 82.12 54.49
CA ASP NB 48 -23.58 83.57 54.46
C ASP NB 48 -25.00 84.10 54.57
N ILE NB 49 -25.95 83.41 53.93
CA ILE NB 49 -27.36 83.65 54.22
C ILE NB 49 -27.66 83.30 55.67
N GLY NB 50 -27.20 82.14 56.10
CA GLY NB 50 -27.42 81.75 57.48
C GLY NB 50 -28.24 80.49 57.64
N PHE NB 51 -28.09 79.54 56.73
CA PHE NB 51 -28.76 78.26 56.87
C PHE NB 51 -27.79 77.29 57.51
N ILE NB 52 -28.04 76.97 58.75
CA ILE NB 52 -27.13 76.15 59.52
C ILE NB 52 -27.45 74.69 59.23
N LYS NB 53 -26.41 73.94 58.87
CA LYS NB 53 -26.58 72.52 58.53
C LYS NB 53 -26.66 71.73 59.82
N LEU NB 54 -27.88 71.38 60.22
CA LEU NB 54 -28.10 70.59 61.42
C LEU NB 54 -28.34 69.12 61.13
N ASP NB 55 -28.99 68.81 60.01
CA ASP NB 55 -29.16 67.44 59.56
C ASP NB 55 -28.66 67.33 58.12
N THR OB 1 -26.21 45.47 130.18
CA THR OB 1 -27.42 44.97 130.82
C THR OB 1 -28.67 45.51 130.13
N GLU OB 2 -28.45 46.37 129.14
CA GLU OB 2 -29.52 46.93 128.32
C GLU OB 2 -29.13 46.80 126.86
N GLN OB 3 -30.03 46.23 126.06
CA GLN OB 3 -29.82 46.20 124.63
C GLN OB 3 -31.13 46.50 123.92
N MET OB 4 -31.04 47.26 122.84
CA MET OB 4 -32.19 47.70 122.09
C MET OB 4 -32.56 46.69 121.03
N THR OB 5 -33.85 46.54 120.80
CA THR OB 5 -34.37 45.56 119.88
C THR OB 5 -35.10 46.22 118.72
N LEU OB 6 -35.13 45.53 117.58
CA LEU OB 6 -35.78 46.02 116.38
C LEU OB 6 -37.24 45.57 116.40
N ARG OB 7 -38.15 46.53 116.50
CA ARG OB 7 -39.59 46.23 116.46
C ARG OB 7 -40.19 46.45 115.07
N GLY OB 8 -39.58 45.88 114.03
CA GLY OB 8 -40.12 46.02 112.69
C GLY OB 8 -39.42 47.06 111.84
N THR OB 9 -39.92 47.20 110.63
CA THR OB 9 -39.35 48.08 109.61
C THR OB 9 -40.45 48.95 108.99
N LEU OB 10 -40.07 49.76 108.00
CA LEU OB 10 -40.99 50.63 107.28
C LEU OB 10 -40.64 50.58 105.79
N LYS OB 11 -41.22 49.63 105.07
CA LYS OB 11 -41.00 49.51 103.63
C LYS OB 11 -41.95 50.44 102.90
N GLY OB 12 -41.46 51.61 102.53
CA GLY OB 12 -42.37 52.61 101.99
C GLY OB 12 -42.04 53.22 100.65
N HIS OB 13 -40.77 53.25 100.26
CA HIS OB 13 -40.38 54.06 99.11
C HIS OB 13 -39.02 53.60 98.61
N ASN OB 14 -38.76 53.88 97.33
CA ASN OB 14 -37.55 53.40 96.67
C ASN OB 14 -36.50 54.52 96.66
N GLY OB 15 -35.91 54.74 97.83
CA GLY OB 15 -34.77 55.62 97.90
C GLY OB 15 -34.06 55.46 99.23
N TRP OB 16 -32.88 56.06 99.29
CA TRP OB 16 -32.22 56.31 100.55
C TRP OB 16 -33.09 57.22 101.41
N VAL OB 17 -33.01 57.03 102.71
CA VAL OB 17 -33.82 57.78 103.66
C VAL OB 17 -32.92 58.83 104.28
N THR OB 18 -33.13 60.09 103.92
CA THR OB 18 -32.18 61.11 104.33
C THR OB 18 -32.46 61.71 105.71
N GLN OB 19 -33.70 62.03 106.05
CA GLN OB 19 -33.96 62.53 107.40
C GLN OB 19 -35.36 62.16 107.90
N ILE OB 20 -35.39 61.55 109.09
CA ILE OB 20 -36.61 61.29 109.84
C ILE OB 20 -36.94 62.53 110.66
N ALA OB 21 -38.22 62.87 110.78
CA ALA OB 21 -38.65 64.01 111.57
C ALA OB 21 -39.88 63.65 112.39
N THR OB 22 -40.00 64.25 113.57
CA THR OB 22 -41.11 64.01 114.46
C THR OB 22 -41.29 65.18 115.42
N THR OB 23 -42.51 65.32 115.93
CA THR OB 23 -42.89 66.25 116.98
C THR OB 23 -43.88 65.56 117.90
N PRO OB 24 -43.94 65.96 119.18
CA PRO OB 24 -44.94 65.37 120.09
C PRO OB 24 -46.37 65.77 119.81
N GLN OB 25 -46.63 66.68 118.88
CA GLN OB 25 -47.98 67.08 118.53
C GLN OB 25 -48.76 65.96 117.85
N PHE OB 26 -48.07 64.98 117.30
CA PHE OB 26 -48.70 63.78 116.77
C PHE OB 26 -47.84 62.58 117.16
N PRO OB 27 -48.27 61.81 118.15
CA PRO OB 27 -47.38 60.78 118.71
C PRO OB 27 -47.18 59.56 117.82
N ASP OB 28 -48.05 59.32 116.85
CA ASP OB 28 -47.87 58.20 115.92
C ASP OB 28 -47.89 58.69 114.47
N MET OB 29 -47.24 59.83 114.22
CA MET OB 29 -47.08 60.37 112.88
C MET OB 29 -45.65 60.87 112.74
N ILE OB 30 -44.89 60.26 111.83
CA ILE OB 30 -43.59 60.78 111.42
C ILE OB 30 -43.59 60.90 109.91
N LEU OB 31 -42.50 61.47 109.40
CA LEU OB 31 -42.31 61.63 107.97
C LEU OB 31 -40.84 61.53 107.65
N SER OB 32 -40.54 61.06 106.44
CA SER OB 32 -39.17 60.76 106.03
C SER OB 32 -38.88 61.45 104.71
N ALA OB 33 -37.85 62.29 104.70
CA ALA OB 33 -37.30 62.77 103.45
C ALA OB 33 -36.52 61.65 102.79
N SER OB 34 -36.62 61.56 101.47
CA SER OB 34 -36.15 60.39 100.78
C SER OB 34 -35.30 60.78 99.59
N ARG OB 35 -34.91 59.76 98.84
CA ARG OB 35 -34.09 59.91 97.66
C ARG OB 35 -34.90 59.73 96.38
N ASP OB 36 -36.12 59.20 96.48
CA ASP OB 36 -37.04 59.22 95.35
C ASP OB 36 -37.95 60.43 95.39
N LYS OB 37 -37.43 61.57 95.88
CA LYS OB 37 -38.02 62.93 95.86
C LYS OB 37 -39.44 62.97 96.41
N THR OB 38 -39.73 62.13 97.38
CA THR OB 38 -41.06 62.03 97.97
C THR OB 38 -40.95 61.96 99.48
N ILE OB 39 -41.66 62.85 100.16
CA ILE OB 39 -41.79 62.81 101.62
C ILE OB 39 -43.04 62.03 101.96
N ILE OB 40 -42.87 60.89 102.62
CA ILE OB 40 -43.99 60.05 103.03
C ILE OB 40 -44.24 60.28 104.50
N MET OB 41 -45.41 60.81 104.84
CA MET OB 41 -45.79 60.80 106.24
C MET OB 41 -46.33 59.43 106.60
N TRP OB 42 -46.26 59.11 107.88
CA TRP OB 42 -46.50 57.75 108.32
C TRP OB 42 -47.68 57.66 109.27
N LYS OB 43 -48.31 56.50 109.29
CA LYS OB 43 -49.36 56.17 110.23
C LYS OB 43 -48.88 54.98 111.05
N LEU OB 44 -48.39 55.25 112.25
CA LEU OB 44 -47.73 54.24 113.05
C LEU OB 44 -48.79 53.36 113.71
N THR OB 45 -48.81 52.09 113.35
CA THR OB 45 -49.66 51.09 113.99
C THR OB 45 -48.75 49.97 114.50
N ARG OB 46 -48.41 50.03 115.78
CA ARG OB 46 -47.45 49.09 116.37
C ARG OB 46 -48.07 47.69 116.37
N ASP OB 47 -47.42 46.79 115.63
CA ASP OB 47 -48.01 45.54 115.19
C ASP OB 47 -46.89 44.73 114.54
N GLU OB 48 -47.09 43.42 114.44
CA GLU OB 48 -46.13 42.62 113.69
C GLU OB 48 -46.35 42.81 112.20
N THR OB 49 -45.23 42.93 111.46
CA THR OB 49 -45.11 42.98 109.99
C THR OB 49 -45.76 44.20 109.34
N ASN OB 50 -46.44 45.04 110.12
CA ASN OB 50 -47.21 46.17 109.61
C ASN OB 50 -47.07 47.35 110.56
N TYR OB 51 -45.83 47.66 110.95
CA TYR OB 51 -45.58 48.60 112.03
C TYR OB 51 -46.00 50.02 111.68
N GLY OB 52 -46.00 50.37 110.40
CA GLY OB 52 -46.41 51.69 109.99
C GLY OB 52 -46.95 51.69 108.58
N ILE OB 53 -47.85 52.62 108.33
CA ILE OB 53 -48.52 52.74 107.04
C ILE OB 53 -47.99 54.00 106.35
N PRO OB 54 -47.66 53.94 105.07
CA PRO OB 54 -47.51 55.18 104.30
C PRO OB 54 -48.84 55.91 104.27
N GLN OB 55 -48.89 57.10 104.86
CA GLN OB 55 -50.18 57.76 105.00
C GLN OB 55 -50.48 58.69 103.84
N ARG OB 56 -49.58 59.62 103.55
CA ARG OB 56 -49.81 60.58 102.49
C ARG OB 56 -48.47 61.03 101.92
N ALA OB 57 -48.32 60.92 100.61
CA ALA OB 57 -47.08 61.29 99.97
C ALA OB 57 -47.07 62.79 99.66
N LEU OB 58 -45.87 63.34 99.59
CA LEU OB 58 -45.66 64.77 99.38
C LEU OB 58 -44.69 64.91 98.21
N ARG OB 59 -45.16 65.45 97.09
CA ARG OB 59 -44.33 65.56 95.90
C ARG OB 59 -44.39 66.97 95.32
N GLY OB 60 -43.37 67.32 94.57
CA GLY OB 60 -43.26 68.65 94.03
C GLY OB 60 -41.82 69.12 93.94
N HIS OB 61 -40.92 68.37 94.56
CA HIS OB 61 -39.50 68.61 94.40
C HIS OB 61 -38.95 67.81 93.21
N SER OB 62 -38.27 68.51 92.31
CA SER OB 62 -37.79 67.90 91.08
C SER OB 62 -36.59 66.99 91.29
N HIS OB 63 -35.94 67.06 92.44
CA HIS OB 63 -34.76 66.25 92.68
C HIS OB 63 -34.74 65.93 94.18
N PHE OB 64 -33.57 65.52 94.69
CA PHE OB 64 -33.47 64.79 95.94
C PHE OB 64 -33.75 65.69 97.13
N VAL OB 65 -34.66 65.24 98.00
CA VAL OB 65 -35.04 65.99 99.19
C VAL OB 65 -34.07 65.65 100.32
N SER OB 66 -33.27 66.62 100.72
CA SER OB 66 -32.20 66.37 101.69
C SER OB 66 -32.73 66.40 103.11
N ASP OB 67 -33.35 67.51 103.51
CA ASP OB 67 -33.75 67.68 104.89
C ASP OB 67 -35.20 68.11 104.98
N VAL OB 68 -35.85 67.67 106.04
CA VAL OB 68 -37.24 68.00 106.32
C VAL OB 68 -37.39 68.16 107.83
N VAL OB 69 -38.29 69.06 108.23
CA VAL OB 69 -38.54 69.39 109.63
C VAL OB 69 -40.04 69.55 109.82
N ILE OB 70 -40.51 69.20 111.02
CA ILE OB 70 -41.91 69.36 111.39
C ILE OB 70 -42.00 70.54 112.34
N SER OB 71 -42.98 71.40 112.12
CA SER OB 71 -43.20 72.57 112.96
C SER OB 71 -43.70 72.16 114.35
N SER OB 72 -43.70 73.13 115.26
CA SER OB 72 -44.02 72.90 116.66
C SER OB 72 -45.49 72.69 116.92
N ASP OB 73 -46.34 72.78 115.90
CA ASP OB 73 -47.75 72.44 116.02
C ASP OB 73 -48.11 71.15 115.31
N GLY OB 74 -47.22 70.58 114.52
CA GLY OB 74 -47.52 69.43 113.71
C GLY OB 74 -48.37 69.70 112.49
N GLN OB 75 -48.64 70.98 112.20
CA GLN OB 75 -49.50 71.34 111.07
C GLN OB 75 -48.70 71.58 109.81
N PHE OB 76 -47.52 72.16 109.96
CA PHE OB 76 -46.69 72.51 108.82
C PHE OB 76 -45.49 71.58 108.72
N ALA OB 77 -44.89 71.57 107.55
CA ALA OB 77 -43.63 70.88 107.33
C ALA OB 77 -42.82 71.70 106.33
N LEU OB 78 -41.54 71.83 106.60
CA LEU OB 78 -40.61 72.54 105.73
C LEU OB 78 -39.58 71.56 105.21
N SER OB 79 -39.20 71.71 103.94
CA SER OB 79 -38.24 70.79 103.35
C SER OB 79 -37.39 71.51 102.33
N GLY OB 80 -36.08 71.31 102.42
CA GLY OB 80 -35.16 71.71 101.38
C GLY OB 80 -34.76 70.51 100.55
N SER OB 81 -34.47 70.75 99.28
CA SER OB 81 -34.16 69.67 98.37
C SER OB 81 -33.00 70.11 97.50
N TRP OB 82 -32.61 69.25 96.56
CA TRP OB 82 -31.52 69.61 95.67
C TRP OB 82 -31.99 70.37 94.43
N ASP OB 83 -33.20 70.92 94.46
CA ASP OB 83 -33.64 71.83 93.42
C ASP OB 83 -33.10 73.23 93.62
N GLY OB 84 -32.68 73.55 94.84
CA GLY OB 84 -32.39 74.93 95.18
C GLY OB 84 -33.56 75.68 95.76
N THR OB 85 -34.64 74.97 96.10
CA THR OB 85 -35.87 75.58 96.59
C THR OB 85 -36.25 74.95 97.92
N LEU OB 86 -37.20 75.58 98.59
CA LEU OB 86 -37.77 75.08 99.83
C LEU OB 86 -39.27 75.17 99.71
N ARG OB 87 -39.97 74.13 100.17
CA ARG OB 87 -41.43 74.10 100.12
C ARG OB 87 -41.99 74.05 101.53
N LEU OB 88 -42.86 74.99 101.84
CA LEU OB 88 -43.61 74.95 103.09
C LEU OB 88 -44.87 74.15 102.80
N TRP OB 89 -45.02 73.04 103.49
CA TRP OB 89 -46.15 72.15 103.26
C TRP OB 89 -47.27 72.46 104.25
N ASP OB 90 -48.45 71.94 103.95
CA ASP OB 90 -49.52 71.85 104.94
C ASP OB 90 -49.92 70.39 105.04
N LEU OB 91 -49.79 69.83 106.24
CA LEU OB 91 -50.15 68.44 106.41
C LEU OB 91 -51.67 68.28 106.42
N THR OB 92 -52.10 67.02 106.25
CA THR OB 92 -53.47 66.51 106.08
C THR OB 92 -54.10 66.92 104.74
N THR OB 93 -53.43 67.78 103.98
CA THR OB 93 -53.87 68.14 102.65
C THR OB 93 -52.73 68.12 101.64
N GLY OB 94 -51.48 68.06 102.09
CA GLY OB 94 -50.34 67.81 101.23
C GLY OB 94 -50.07 68.86 100.19
N THR OB 95 -50.50 70.08 100.40
CA THR OB 95 -50.26 71.13 99.43
C THR OB 95 -48.98 71.88 99.76
N THR OB 96 -48.48 72.61 98.77
CA THR OB 96 -47.39 73.54 99.00
C THR OB 96 -47.96 74.90 99.36
N THR OB 97 -47.67 75.37 100.57
CA THR OB 97 -48.18 76.66 101.00
C THR OB 97 -47.46 77.80 100.29
N ARG OB 98 -46.14 77.89 100.46
CA ARG OB 98 -45.37 78.91 99.79
C ARG OB 98 -43.96 78.38 99.58
N ARG OB 99 -43.34 78.83 98.49
CA ARG OB 99 -42.03 78.39 98.09
C ARG OB 99 -41.00 79.45 98.44
N PHE OB 100 -39.72 79.09 98.28
CA PHE OB 100 -38.60 79.90 98.73
C PHE OB 100 -37.58 79.95 97.60
N VAL OB 101 -37.67 80.99 96.77
CA VAL OB 101 -36.80 81.09 95.60
C VAL OB 101 -35.50 81.82 95.96
N GLY OB 102 -34.56 81.08 96.54
CA GLY OB 102 -33.38 81.67 97.10
C GLY OB 102 -32.08 81.29 96.42
N HIS OB 103 -31.43 80.28 96.99
CA HIS OB 103 -30.05 79.91 96.66
C HIS OB 103 -29.90 79.52 95.21
N THR OB 104 -28.73 79.84 94.64
CA THR OB 104 -28.43 79.41 93.30
C THR OB 104 -28.12 77.92 93.26
N LYS OB 105 -27.00 77.52 93.87
CA LYS OB 105 -26.70 76.11 93.98
C LYS OB 105 -27.48 75.58 95.17
N ASP OB 106 -27.80 74.29 95.12
CA ASP OB 106 -28.95 73.74 95.82
C ASP OB 106 -28.79 73.75 97.34
N VAL OB 107 -29.91 73.60 98.03
CA VAL OB 107 -29.97 73.75 99.48
C VAL OB 107 -29.87 72.38 100.14
N LEU OB 108 -29.17 72.31 101.28
CA LEU OB 108 -28.87 71.05 101.92
C LEU OB 108 -29.49 70.90 103.29
N SER OB 109 -29.92 71.98 103.94
CA SER OB 109 -30.28 71.89 105.33
C SER OB 109 -31.31 72.94 105.70
N VAL OB 110 -32.34 72.52 106.43
CA VAL OB 110 -33.41 73.39 106.87
C VAL OB 110 -33.62 73.18 108.37
N ALA OB 111 -34.22 74.19 109.01
CA ALA OB 111 -34.51 74.14 110.43
C ALA OB 111 -35.58 75.17 110.78
N PHE OB 112 -36.58 74.75 111.55
CA PHE OB 112 -37.53 75.70 112.14
C PHE OB 112 -36.95 76.41 113.34
N SER OB 113 -37.22 77.70 113.41
CA SER OB 113 -37.08 78.43 114.66
C SER OB 113 -38.09 77.93 115.67
N SER OB 114 -37.77 78.08 116.95
CA SER OB 114 -38.62 77.58 118.02
C SER OB 114 -39.96 78.31 118.11
N ASP OB 115 -40.03 79.54 117.63
CA ASP OB 115 -41.28 80.26 117.54
C ASP OB 115 -41.95 80.12 116.17
N ASN OB 116 -41.38 79.28 115.29
CA ASN OB 116 -41.84 79.07 113.92
C ASN OB 116 -41.89 80.38 113.13
N ARG OB 117 -40.94 81.26 113.39
CA ARG OB 117 -40.97 82.60 112.83
C ARG OB 117 -39.86 82.81 111.81
N GLN OB 118 -38.65 82.38 112.15
CA GLN OB 118 -37.52 82.43 111.25
C GLN OB 118 -37.32 81.06 110.61
N ILE OB 119 -36.71 81.09 109.43
CA ILE OB 119 -36.30 79.90 108.72
C ILE OB 119 -34.87 80.08 108.25
N VAL OB 120 -34.01 79.13 108.60
CA VAL OB 120 -32.62 79.16 108.17
C VAL OB 120 -32.45 78.09 107.09
N SER OB 121 -31.49 78.29 106.20
CA SER OB 121 -31.31 77.39 105.07
C SER OB 121 -29.87 77.39 104.63
N GLY OB 122 -29.19 76.28 104.83
CA GLY OB 122 -27.81 76.11 104.42
C GLY OB 122 -27.72 75.35 103.11
N SER OB 123 -26.84 75.81 102.23
CA SER OB 123 -26.87 75.38 100.84
C SER OB 123 -25.46 75.04 100.39
N ARG OB 124 -25.30 74.93 99.08
CA ARG OB 124 -24.08 74.46 98.44
C ARG OB 124 -23.37 75.58 97.69
N ASP OB 125 -24.00 76.75 97.57
CA ASP OB 125 -23.39 77.90 96.91
C ASP OB 125 -22.60 78.76 97.90
N LYS OB 126 -22.02 78.12 98.93
CA LYS OB 126 -21.16 78.72 99.95
C LYS OB 126 -21.87 79.78 100.78
N THR OB 127 -23.19 79.77 100.84
CA THR OB 127 -23.89 80.84 101.55
C THR OB 127 -25.12 80.29 102.24
N ILE OB 128 -25.59 81.06 103.22
CA ILE OB 128 -26.68 80.69 104.10
C ILE OB 128 -27.61 81.89 104.24
N LYS OB 129 -28.92 81.64 104.17
CA LYS OB 129 -29.91 82.70 104.20
C LYS OB 129 -30.90 82.44 105.33
N LEU OB 130 -31.35 83.52 105.95
CA LEU OB 130 -32.45 83.45 106.91
C LEU OB 130 -33.71 83.94 106.22
N TRP OB 131 -34.82 83.27 106.53
CA TRP OB 131 -36.06 83.45 105.79
C TRP OB 131 -37.18 83.83 106.74
N ASN OB 132 -38.08 84.67 106.25
CA ASN OB 132 -39.37 84.84 106.90
C ASN OB 132 -40.24 83.65 106.59
N THR OB 133 -41.33 83.50 107.35
CA THR OB 133 -42.24 82.40 107.06
C THR OB 133 -43.04 82.63 105.79
N LEU OB 134 -43.19 83.88 105.36
CA LEU OB 134 -43.92 84.18 104.12
C LEU OB 134 -42.95 84.40 102.95
N GLY OB 135 -42.07 83.42 102.76
CA GLY OB 135 -41.24 83.36 101.56
C GLY OB 135 -40.11 84.35 101.43
N VAL OB 136 -40.00 85.30 102.34
CA VAL OB 136 -39.08 86.42 102.19
C VAL OB 136 -37.78 86.10 102.92
N CYS OB 137 -36.67 86.27 102.23
CA CYS OB 137 -35.36 86.23 102.87
C CYS OB 137 -35.01 87.62 103.36
N LYS OB 138 -34.32 87.69 104.50
CA LYS OB 138 -33.86 88.98 104.99
C LYS OB 138 -32.58 89.39 104.26
N TYR OB 139 -31.51 88.62 104.46
CA TYR OB 139 -30.27 88.79 103.72
C TYR OB 139 -29.44 87.53 103.87
N THR OB 140 -28.30 87.52 103.19
CA THR OB 140 -27.31 86.47 103.33
C THR OB 140 -25.96 87.09 103.67
N VAL OB 141 -25.03 86.24 104.08
CA VAL OB 141 -23.74 86.69 104.58
C VAL OB 141 -22.68 86.42 103.51
N GLN OB 142 -21.81 87.40 103.30
CA GLN OB 142 -20.73 87.31 102.33
C GLN OB 142 -19.43 87.76 102.97
N ASP OB 143 -18.32 87.17 102.53
CA ASP OB 143 -16.95 87.48 102.93
C ASP OB 143 -16.68 87.25 104.42
N GLU OB 144 -17.60 86.57 105.13
CA GLU OB 144 -17.41 86.17 106.50
C GLU OB 144 -17.84 84.73 106.75
N SER OB 145 -18.72 84.18 105.91
CA SER OB 145 -19.20 82.81 106.03
C SER OB 145 -18.17 81.84 105.45
N HIS OB 146 -18.60 80.61 105.21
CA HIS OB 146 -17.70 79.55 104.79
C HIS OB 146 -17.18 79.78 103.37
N SER OB 147 -16.05 79.13 103.06
CA SER OB 147 -15.51 79.07 101.72
C SER OB 147 -15.80 77.74 101.04
N GLU OB 148 -16.70 76.95 101.63
CA GLU OB 148 -17.02 75.64 101.11
C GLU OB 148 -18.51 75.43 101.40
N TRP OB 149 -19.00 74.21 101.19
CA TRP OB 149 -20.44 73.96 101.19
C TRP OB 149 -20.99 74.07 102.60
N VAL OB 150 -22.13 74.74 102.74
CA VAL OB 150 -22.74 74.96 104.05
C VAL OB 150 -23.58 73.74 104.37
N SER OB 151 -23.11 72.96 105.34
CA SER OB 151 -23.77 71.72 105.75
C SER OB 151 -24.88 72.04 106.75
N CYS OB 152 -25.29 71.02 107.50
CA CYS OB 152 -26.37 71.03 108.48
C CYS OB 152 -26.29 72.22 109.44
N VAL OB 153 -27.34 73.04 109.43
CA VAL OB 153 -27.47 74.19 110.32
C VAL OB 153 -28.72 73.97 111.16
N ARG OB 154 -28.66 74.40 112.42
CA ARG OB 154 -29.78 74.21 113.36
C ARG OB 154 -29.90 75.44 114.23
N PHE OB 155 -31.08 75.59 114.84
CA PHE OB 155 -31.34 76.62 115.84
C PHE OB 155 -30.96 76.13 117.24
N SER OB 156 -31.34 76.91 118.21
CA SER OB 156 -31.14 76.53 119.60
C SER OB 156 -32.48 76.44 120.32
N PRO OB 157 -32.68 75.46 121.17
CA PRO OB 157 -34.00 75.28 121.80
C PRO OB 157 -34.18 76.08 123.09
N ASN OB 158 -33.32 77.05 123.34
CA ASN OB 158 -33.35 77.79 124.59
C ASN OB 158 -34.00 79.16 124.43
N SER OB 159 -34.32 79.78 125.57
CA SER OB 159 -34.97 81.09 125.56
C SER OB 159 -33.96 82.20 125.28
N SER OB 160 -32.96 82.32 126.13
CA SER OB 160 -31.89 83.28 125.89
C SER OB 160 -30.94 82.74 124.83
N ASN OB 161 -29.99 83.59 124.43
CA ASN OB 161 -28.98 83.37 123.39
C ASN OB 161 -29.65 82.94 122.08
N PRO OB 162 -30.30 83.86 121.33
CA PRO OB 162 -30.79 83.48 120.01
C PRO OB 162 -29.64 83.26 119.03
N ILE OB 163 -29.43 82.01 118.64
CA ILE OB 163 -28.15 81.60 118.06
C ILE OB 163 -28.38 80.44 117.09
N ILE OB 164 -27.55 80.39 116.05
CA ILE OB 164 -27.54 79.26 115.13
C ILE OB 164 -26.11 78.76 114.98
N VAL OB 165 -25.97 77.45 114.85
CA VAL OB 165 -24.70 76.80 114.60
C VAL OB 165 -24.70 76.29 113.17
N SER OB 166 -23.50 76.17 112.60
CA SER OB 166 -23.35 75.93 111.17
C SER OB 166 -22.03 75.22 110.93
N CYS OB 167 -22.09 74.01 110.41
CA CYS OB 167 -20.88 73.33 110.00
C CYS OB 167 -20.77 73.36 108.49
N GLY OB 168 -19.80 72.64 107.95
CA GLY OB 168 -19.59 72.62 106.52
C GLY OB 168 -18.42 71.74 106.17
N TRP OB 169 -18.00 71.83 104.92
CA TRP OB 169 -16.82 71.11 104.48
C TRP OB 169 -15.60 72.00 104.45
N ASP OB 170 -15.68 73.18 105.07
CA ASP OB 170 -14.50 73.96 105.45
C ASP OB 170 -13.93 73.47 106.77
N LYS OB 171 -14.53 72.42 107.34
CA LYS OB 171 -14.07 71.68 108.51
C LYS OB 171 -14.03 72.56 109.75
N LEU OB 172 -14.94 73.53 109.84
CA LEU OB 172 -15.04 74.36 111.02
C LEU OB 172 -16.48 74.84 111.19
N VAL OB 173 -16.79 75.18 112.44
CA VAL OB 173 -18.14 75.13 113.01
C VAL OB 173 -18.58 76.55 113.37
N LYS OB 174 -18.38 77.50 112.43
CA LYS OB 174 -18.79 78.91 112.56
C LYS OB 174 -20.16 79.11 113.20
N VAL OB 175 -20.18 79.85 114.31
CA VAL OB 175 -21.37 80.06 115.13
C VAL OB 175 -21.79 81.52 115.04
N TRP OB 176 -23.07 81.74 114.72
CA TRP OB 176 -23.63 83.05 114.45
C TRP OB 176 -24.77 83.29 115.41
N ASN OB 177 -24.93 84.53 115.88
CA ASN OB 177 -26.15 84.82 116.63
C ASN OB 177 -27.33 84.98 115.68
N LEU OB 178 -28.52 85.15 116.25
CA LEU OB 178 -29.69 85.38 115.41
C LEU OB 178 -30.00 86.86 115.23
N ALA OB 179 -29.50 87.72 116.12
CA ALA OB 179 -29.95 89.11 116.15
C ALA OB 179 -29.48 89.90 114.92
N ASN OB 180 -28.17 90.01 114.73
CA ASN OB 180 -27.64 90.62 113.53
C ASN OB 180 -26.93 89.64 112.61
N CYS OB 181 -26.93 88.35 112.98
CA CYS OB 181 -26.20 87.28 112.28
C CYS OB 181 -24.72 87.66 112.12
N LYS OB 182 -24.09 88.03 113.22
CA LYS OB 182 -22.65 88.17 113.24
C LYS OB 182 -22.05 86.93 113.87
N LEU OB 183 -20.84 86.60 113.43
CA LEU OB 183 -20.13 85.48 114.01
C LEU OB 183 -19.59 85.88 115.37
N LYS OB 184 -19.82 85.05 116.38
CA LYS OB 184 -19.27 85.30 117.70
C LYS OB 184 -18.11 84.39 118.06
N THR OB 185 -18.06 83.17 117.50
CA THR OB 185 -16.97 82.26 117.80
C THR OB 185 -16.80 81.28 116.65
N ASN OB 186 -15.60 80.72 116.55
CA ASN OB 186 -15.23 79.78 115.50
C ASN OB 186 -14.64 78.56 116.17
N HIS OB 187 -14.94 77.38 115.64
CA HIS OB 187 -14.52 76.12 116.23
C HIS OB 187 -13.71 75.34 115.21
N ILE OB 188 -12.41 75.24 115.45
CA ILE OB 188 -11.49 74.57 114.54
C ILE OB 188 -11.02 73.29 115.21
N GLY OB 189 -10.73 72.28 114.41
CA GLY OB 189 -10.19 71.03 114.95
C GLY OB 189 -10.63 69.77 114.24
N HIS OB 190 -11.50 69.90 113.25
CA HIS OB 190 -11.91 68.76 112.45
C HIS OB 190 -10.96 68.59 111.27
N THR OB 191 -10.45 67.36 111.11
CA THR OB 191 -9.53 67.06 110.03
C THR OB 191 -10.23 66.62 108.75
N GLY OB 192 -11.47 66.14 108.84
CA GLY OB 192 -12.26 65.84 107.67
C GLY OB 192 -13.53 66.67 107.68
N TYR OB 193 -14.29 66.55 106.59
CA TYR OB 193 -15.48 67.38 106.44
C TYR OB 193 -16.56 66.96 107.44
N LEU OB 194 -17.61 67.77 107.53
CA LEU OB 194 -18.64 67.64 108.56
C LEU OB 194 -19.99 67.45 107.90
N ASN OB 195 -20.57 66.26 108.06
CA ASN OB 195 -21.92 66.01 107.58
C ASN OB 195 -22.95 66.75 108.41
N THR OB 196 -22.91 66.60 109.73
CA THR OB 196 -23.96 67.14 110.56
C THR OB 196 -23.39 67.70 111.85
N VAL OB 197 -24.11 68.67 112.41
CA VAL OB 197 -24.00 69.06 113.81
C VAL OB 197 -25.40 69.07 114.39
N THR OB 198 -25.51 68.69 115.66
CA THR OB 198 -26.79 68.69 116.34
C THR OB 198 -26.65 69.35 117.70
N VAL OB 199 -27.78 69.78 118.26
CA VAL OB 199 -27.82 70.50 119.52
C VAL OB 199 -28.42 69.57 120.57
N SER OB 200 -28.00 69.76 121.81
CA SER OB 200 -28.62 69.05 122.91
C SER OB 200 -30.00 69.63 123.18
N PRO OB 201 -30.90 68.85 123.80
CA PRO OB 201 -32.21 69.43 124.20
C PRO OB 201 -32.09 70.57 125.17
N ASP OB 202 -31.19 70.48 126.14
CA ASP OB 202 -30.77 71.67 126.87
C ASP OB 202 -29.99 72.56 125.93
N GLY OB 203 -30.32 73.84 125.89
CA GLY OB 203 -29.67 74.74 124.95
C GLY OB 203 -28.24 75.11 125.32
N SER OB 204 -27.38 74.11 125.47
CA SER OB 204 -26.07 74.28 126.08
C SER OB 204 -24.93 73.83 125.17
N LEU OB 205 -25.01 72.64 124.60
CA LEU OB 205 -23.89 72.03 123.93
C LEU OB 205 -24.30 71.51 122.56
N CYS OB 206 -23.46 71.76 121.57
CA CYS OB 206 -23.67 71.27 120.22
C CYS OB 206 -22.61 70.22 119.87
N ALA OB 207 -23.06 69.12 119.28
CA ALA OB 207 -22.18 68.03 118.88
C ALA OB 207 -21.73 68.25 117.44
N SER OB 208 -20.95 67.32 116.91
CA SER OB 208 -20.40 67.46 115.56
C SER OB 208 -20.03 66.08 115.03
N GLY OB 209 -19.94 65.97 113.71
CA GLY OB 209 -19.61 64.70 113.11
C GLY OB 209 -19.41 64.82 111.62
N GLY OB 210 -18.65 63.86 111.08
CA GLY OB 210 -18.38 63.83 109.66
C GLY OB 210 -17.47 62.70 109.24
N LYS OB 211 -16.49 63.01 108.39
CA LYS OB 211 -15.64 61.97 107.81
C LYS OB 211 -14.67 61.39 108.84
N ASP OB 212 -14.32 62.16 109.87
CA ASP OB 212 -13.38 61.69 110.86
C ASP OB 212 -13.93 60.56 111.72
N GLY OB 213 -15.26 60.46 111.82
CA GLY OB 213 -15.84 59.58 112.81
C GLY OB 213 -15.60 60.03 114.22
N GLN OB 214 -15.37 61.32 114.43
CA GLN OB 214 -14.99 61.85 115.73
C GLN OB 214 -16.00 62.89 116.16
N ALA OB 215 -16.75 62.57 117.20
CA ALA OB 215 -17.79 63.46 117.71
C ALA OB 215 -17.11 64.48 118.62
N MET OB 216 -16.71 65.61 118.02
CA MET OB 216 -16.11 66.69 118.79
C MET OB 216 -17.22 67.52 119.42
N LEU OB 217 -17.21 67.61 120.74
CA LEU OB 217 -18.24 68.32 121.49
C LEU OB 217 -17.80 69.75 121.74
N TRP OB 218 -18.76 70.64 121.85
CA TRP OB 218 -18.51 72.06 122.08
C TRP OB 218 -19.50 72.59 123.11
N ASP OB 219 -19.33 73.84 123.50
CA ASP OB 219 -20.19 74.48 124.48
C ASP OB 219 -20.64 75.82 123.93
N LEU OB 220 -21.95 76.04 123.87
CA LEU OB 220 -22.46 77.34 123.45
C LEU OB 220 -22.31 78.39 124.54
N ASN OB 221 -22.16 77.96 125.80
CA ASN OB 221 -22.08 78.91 126.90
C ASN OB 221 -20.72 79.60 126.93
N GLU OB 222 -19.64 78.86 126.70
CA GLU OB 222 -18.31 79.42 126.77
C GLU OB 222 -17.59 79.46 125.44
N GLY OB 223 -18.04 78.71 124.44
CA GLY OB 223 -17.40 78.75 123.14
C GLY OB 223 -16.12 77.97 123.08
N LYS OB 224 -15.99 76.92 123.87
CA LYS OB 224 -14.78 76.13 123.89
C LYS OB 224 -15.11 74.65 123.85
N HIS OB 225 -14.05 73.85 123.81
CA HIS OB 225 -14.12 72.45 123.41
C HIS OB 225 -14.16 71.55 124.63
N LEU OB 226 -15.00 70.52 124.58
CA LEU OB 226 -15.12 69.64 125.74
C LEU OB 226 -14.18 68.45 125.62
N TYR OB 227 -14.39 67.62 124.61
CA TYR OB 227 -13.58 66.42 124.36
C TYR OB 227 -13.97 65.90 122.97
N THR OB 228 -13.24 64.89 122.53
CA THR OB 228 -13.46 64.29 121.22
C THR OB 228 -13.82 62.83 121.39
N LEU OB 229 -14.97 62.44 120.86
CA LEU OB 229 -15.54 61.12 121.08
C LEU OB 229 -15.32 60.27 119.84
N ASP OB 230 -14.69 59.12 120.03
CA ASP OB 230 -14.28 58.22 118.96
C ASP OB 230 -15.50 57.51 118.36
N GLY OB 231 -15.33 57.08 117.11
CA GLY OB 231 -16.31 56.26 116.42
C GLY OB 231 -15.67 55.64 115.21
N GLY OB 232 -16.24 54.53 114.77
CA GLY OB 232 -15.61 53.71 113.74
C GLY OB 232 -15.58 54.30 112.35
N ASP OB 233 -16.73 54.39 111.70
CA ASP OB 233 -16.82 54.89 110.35
C ASP OB 233 -17.20 56.35 110.38
N ILE OB 234 -17.46 56.90 109.20
CA ILE OB 234 -17.82 58.32 109.11
C ILE OB 234 -19.20 58.54 109.69
N ILE OB 235 -19.47 59.77 110.11
CA ILE OB 235 -20.70 60.09 110.80
C ILE OB 235 -21.66 60.73 109.80
N ASN OB 236 -22.83 60.12 109.64
CA ASN OB 236 -23.83 60.68 108.75
C ASN OB 236 -24.91 61.45 109.50
N ALA OB 237 -25.48 60.85 110.54
CA ALA OB 237 -26.49 61.49 111.36
C ALA OB 237 -26.04 61.45 112.82
N LEU OB 238 -26.65 62.31 113.62
CA LEU OB 238 -26.19 62.54 114.98
C LEU OB 238 -27.29 63.22 115.75
N CYS OB 239 -27.63 62.68 116.92
CA CYS OB 239 -28.76 63.20 117.67
C CYS OB 239 -28.62 62.85 119.13
N PHE OB 240 -29.37 63.58 119.97
CA PHE OB 240 -29.47 63.35 121.40
C PHE OB 240 -30.87 62.86 121.75
N SER OB 241 -30.93 61.95 122.73
CA SER OB 241 -32.18 61.49 123.31
C SER OB 241 -32.91 62.66 123.98
N PRO OB 242 -34.24 62.74 123.87
CA PRO OB 242 -34.95 63.95 124.31
C PRO OB 242 -35.04 64.09 125.81
N ASN OB 243 -34.80 63.03 126.57
CA ASN OB 243 -34.95 63.10 128.01
C ASN OB 243 -33.64 62.83 128.75
N ARG OB 244 -33.00 61.71 128.48
CA ARG OB 244 -31.68 61.42 129.06
C ARG OB 244 -30.63 61.75 128.02
N TYR OB 245 -29.35 61.68 128.42
CA TYR OB 245 -28.29 62.31 127.64
C TYR OB 245 -28.09 61.61 126.29
N TRP OB 246 -27.50 60.41 126.32
CA TRP OB 246 -27.46 59.39 125.24
C TRP OB 246 -27.19 59.96 123.85
N LEU OB 247 -25.97 60.45 123.66
CA LEU OB 247 -25.53 60.88 122.34
C LEU OB 247 -25.56 59.72 121.36
N CYS OB 248 -26.37 59.85 120.32
CA CYS OB 248 -26.61 58.82 119.33
C CYS OB 248 -25.98 59.19 117.99
N ALA OB 249 -25.20 58.26 117.45
CA ALA OB 249 -24.36 58.56 116.29
C ALA OB 249 -24.58 57.52 115.21
N ALA OB 250 -24.50 57.97 113.96
CA ALA OB 250 -24.60 57.09 112.79
C ALA OB 250 -23.21 56.90 112.19
N THR OB 251 -22.46 55.98 112.77
CA THR OB 251 -21.13 55.64 112.28
C THR OB 251 -21.27 54.45 111.35
N GLY OB 252 -21.37 54.72 110.05
CA GLY OB 252 -21.41 53.70 109.04
C GLY OB 252 -22.68 52.89 109.06
N PRO OB 253 -22.55 51.57 108.96
CA PRO OB 253 -23.73 50.71 109.09
C PRO OB 253 -24.03 50.36 110.53
N SER OB 254 -23.97 51.33 111.43
CA SER OB 254 -24.06 51.07 112.85
C SER OB 254 -24.61 52.30 113.55
N ILE OB 255 -25.13 52.07 114.76
CA ILE OB 255 -25.69 53.12 115.60
C ILE OB 255 -25.00 53.01 116.95
N LYS OB 256 -24.14 53.96 117.27
CA LYS OB 256 -23.39 53.94 118.51
C LYS OB 256 -23.94 54.99 119.45
N ILE OB 257 -24.27 54.56 120.67
CA ILE OB 257 -24.96 55.40 121.64
C ILE OB 257 -24.05 55.60 122.84
N TRP OB 258 -23.87 56.85 123.24
CA TRP OB 258 -22.86 57.23 124.21
C TRP OB 258 -23.52 57.97 125.36
N ASP OB 259 -23.37 57.45 126.57
CA ASP OB 259 -23.76 58.19 127.76
C ASP OB 259 -22.79 59.33 127.97
N LEU OB 260 -23.31 60.52 128.26
CA LEU OB 260 -22.45 61.66 128.47
C LEU OB 260 -21.79 61.67 129.85
N GLU OB 261 -22.46 61.10 130.85
CA GLU OB 261 -21.89 60.96 132.20
C GLU OB 261 -21.26 59.57 132.26
N GLY OB 262 -19.96 59.51 131.99
CA GLY OB 262 -19.29 58.24 131.84
C GLY OB 262 -19.28 57.90 130.37
N LYS OB 263 -18.14 58.08 129.72
CA LYS OB 263 -18.08 58.20 128.27
C LYS OB 263 -17.89 56.85 127.59
N ILE OB 264 -18.35 55.78 128.22
CA ILE OB 264 -18.42 54.49 127.57
C ILE OB 264 -19.56 54.48 126.57
N ILE OB 265 -19.53 53.51 125.66
CA ILE OB 265 -20.61 53.34 124.71
C ILE OB 265 -21.74 52.58 125.39
N VAL OB 266 -22.98 53.01 125.15
CA VAL OB 266 -24.11 52.27 125.68
C VAL OB 266 -24.39 51.05 124.82
N ASP OB 267 -24.76 51.27 123.56
CA ASP OB 267 -25.06 50.17 122.64
C ASP OB 267 -24.48 50.47 121.26
N GLU OB 268 -24.16 49.40 120.55
CA GLU OB 268 -23.76 49.45 119.14
C GLU OB 268 -24.69 48.53 118.36
N LEU OB 269 -25.44 49.11 117.43
CA LEU OB 269 -26.60 48.46 116.86
C LEU OB 269 -26.27 47.88 115.49
N LYS OB 270 -26.01 46.58 115.46
CA LYS OB 270 -25.88 45.81 114.24
C LYS OB 270 -27.25 45.45 113.71
N GLN OB 271 -27.41 45.47 112.39
CA GLN OB 271 -28.56 44.88 111.76
C GLN OB 271 -28.20 43.50 111.24
N GLU OB 272 -29.21 42.65 111.12
CA GLU OB 272 -28.99 41.29 110.63
C GLU OB 272 -28.69 41.33 109.14
N VAL OB 273 -27.62 40.67 108.73
CA VAL OB 273 -27.20 40.62 107.33
C VAL OB 273 -27.25 39.17 106.87
N ILE OB 274 -27.97 38.93 105.77
CA ILE OB 274 -28.06 37.61 105.16
C ILE OB 274 -26.86 37.39 104.25
N SER OB 275 -26.70 36.14 103.77
CA SER OB 275 -25.64 35.73 102.83
C SER OB 275 -24.26 36.01 103.42
N THR OB 276 -23.93 35.26 104.47
CA THR OB 276 -22.80 35.56 105.33
C THR OB 276 -21.46 35.25 104.67
N SER OB 277 -21.09 36.07 103.68
CA SER OB 277 -19.77 36.03 103.09
C SER OB 277 -19.12 37.40 102.99
N SER OB 278 -19.85 38.47 103.34
CA SER OB 278 -19.41 39.87 103.26
C SER OB 278 -18.93 40.21 101.85
N LYS OB 279 -19.87 40.06 100.91
CA LYS OB 279 -19.57 40.27 99.51
C LYS OB 279 -19.33 41.73 99.18
N ALA OB 280 -20.22 42.61 99.64
CA ALA OB 280 -20.09 44.04 99.34
C ALA OB 280 -20.28 44.86 100.60
N GLU OB 281 -20.44 46.17 100.43
CA GLU OB 281 -20.56 47.06 101.57
C GLU OB 281 -21.91 46.86 102.25
N PRO OB 282 -21.97 47.00 103.57
CA PRO OB 282 -23.26 46.97 104.28
C PRO OB 282 -24.05 48.23 104.02
N PRO OB 283 -25.36 48.26 104.31
CA PRO OB 283 -26.13 49.50 104.12
C PRO OB 283 -25.77 50.55 105.15
N GLN OB 284 -25.37 51.73 104.66
CA GLN OB 284 -24.92 52.81 105.52
C GLN OB 284 -26.11 53.52 106.17
N CYS OB 285 -25.99 53.80 107.46
CA CYS OB 285 -27.02 54.53 108.17
C CYS OB 285 -26.94 56.01 107.79
N THR OB 286 -28.08 56.60 107.53
CA THR OB 286 -28.16 57.96 106.99
C THR OB 286 -28.90 58.92 107.92
N SER OB 287 -30.01 58.48 108.50
CA SER OB 287 -30.86 59.36 109.30
C SER OB 287 -30.99 58.81 110.72
N LEU OB 288 -31.18 59.72 111.66
CA LEU OB 288 -31.42 59.38 113.06
C LEU OB 288 -32.37 60.38 113.66
N ALA OB 289 -33.38 59.89 114.38
CA ALA OB 289 -34.33 60.75 115.06
C ALA OB 289 -35.01 59.96 116.17
N TRP OB 290 -34.89 60.45 117.40
CA TRP OB 290 -35.59 59.83 118.52
C TRP OB 290 -37.08 60.09 118.42
N SER OB 291 -37.85 59.34 119.17
CA SER OB 291 -39.30 59.40 119.06
C SER OB 291 -39.91 60.60 119.75
N ALA OB 292 -39.18 61.63 120.17
CA ALA OB 292 -39.65 62.74 121.02
C ALA OB 292 -40.27 62.26 122.32
N ASP OB 293 -39.95 61.04 122.75
CA ASP OB 293 -40.55 60.38 123.90
C ASP OB 293 -39.42 59.64 124.60
N GLY OB 294 -38.34 59.41 123.85
CA GLY OB 294 -37.25 58.61 124.33
C GLY OB 294 -37.54 57.14 124.34
N GLN OB 295 -38.57 56.70 123.63
CA GLN OB 295 -38.95 55.30 123.59
C GLN OB 295 -38.36 54.55 122.41
N THR OB 296 -38.62 55.00 121.19
CA THR OB 296 -38.12 54.32 120.01
C THR OB 296 -37.05 55.18 119.36
N LEU OB 297 -36.24 54.53 118.53
CA LEU OB 297 -35.22 55.21 117.75
C LEU OB 297 -35.46 54.91 116.27
N PHE OB 298 -35.48 55.96 115.47
CA PHE OB 298 -35.80 55.84 114.05
C PHE OB 298 -34.54 56.06 113.23
N ALA OB 299 -34.27 55.16 112.30
CA ALA OB 299 -33.09 55.22 111.46
C ALA OB 299 -33.41 54.64 110.11
N GLY OB 300 -33.17 55.41 109.06
CA GLY OB 300 -33.30 54.95 107.68
C GLY OB 300 -31.94 54.89 107.04
N TYR OB 301 -31.72 53.88 106.20
CA TYR OB 301 -30.38 53.57 105.75
C TYR OB 301 -30.27 53.78 104.24
N THR OB 302 -29.14 53.33 103.67
CA THR OB 302 -28.94 53.39 102.23
C THR OB 302 -29.56 52.21 101.49
N ASP OB 303 -30.33 51.37 102.16
CA ASP OB 303 -31.34 50.64 101.41
C ASP OB 303 -32.63 51.44 101.40
N ASN OB 304 -33.72 50.78 101.07
CA ASN OB 304 -34.98 51.49 100.98
C ASN OB 304 -35.80 51.40 102.26
N LEU OB 305 -35.18 51.15 103.41
CA LEU OB 305 -35.92 50.86 104.62
C LEU OB 305 -35.72 51.94 105.67
N VAL OB 306 -36.63 51.94 106.64
CA VAL OB 306 -36.52 52.73 107.86
C VAL OB 306 -36.67 51.76 109.01
N ARG OB 307 -35.65 51.66 109.85
CA ARG OB 307 -35.64 50.69 110.93
C ARG OB 307 -35.95 51.37 112.25
N VAL OB 308 -36.72 50.67 113.09
CA VAL OB 308 -37.10 51.20 114.39
C VAL OB 308 -36.40 50.38 115.46
N TRP OB 309 -36.13 51.04 116.58
CA TRP OB 309 -35.35 50.43 117.65
C TRP OB 309 -35.87 51.00 118.96
N GLN OB 310 -36.46 50.15 119.79
CA GLN OB 310 -36.92 50.59 121.10
C GLN OB 310 -35.87 50.30 122.15
N VAL OB 311 -35.76 51.19 123.13
CA VAL OB 311 -34.89 50.95 124.28
C VAL OB 311 -35.58 49.92 125.16
N THR OB 312 -34.91 48.80 125.39
CA THR OB 312 -35.47 47.71 126.18
C THR OB 312 -34.59 47.50 127.41
N ILE OB 313 -35.24 47.35 128.56
CA ILE OB 313 -34.63 47.42 129.89
C ILE OB 313 -33.83 48.72 130.06
N GLU PB 1 18.92 82.52 72.22
CA GLU PB 1 17.84 81.94 73.00
C GLU PB 1 18.08 80.46 73.20
N TRP PB 2 19.31 80.04 72.98
CA TRP PB 2 19.67 78.63 73.12
C TRP PB 2 19.89 78.28 74.58
N MET PB 3 18.98 77.50 75.15
CA MET PB 3 19.17 76.91 76.46
C MET PB 3 19.62 75.46 76.27
N PRO PB 4 20.78 75.08 76.79
CA PRO PB 4 21.22 73.69 76.68
C PRO PB 4 20.45 72.78 77.63
N VAL PB 5 20.35 71.52 77.22
CA VAL PB 5 19.64 70.52 77.98
C VAL PB 5 20.55 69.41 78.47
N THR PB 6 21.84 69.47 78.17
CA THR PB 6 22.79 68.46 78.58
C THR PB 6 23.82 69.05 79.53
N LYS PB 7 24.41 68.14 80.31
CA LYS PB 7 25.50 68.50 81.21
C LYS PB 7 26.70 69.06 80.47
N LEU PB 8 26.99 68.50 79.30
CA LEU PB 8 28.09 69.03 78.49
C LEU PB 8 27.68 70.35 77.87
N GLY PB 9 26.40 70.52 77.57
CA GLY PB 9 25.95 71.76 76.94
C GLY PB 9 26.01 72.95 77.88
N ARG PB 10 25.91 72.70 79.19
CA ARG PB 10 25.98 73.79 80.15
C ARG PB 10 27.40 74.33 80.29
N LEU PB 11 28.39 73.43 80.34
CA LEU PB 11 29.78 73.84 80.49
C LEU PB 11 30.33 74.52 79.26
N VAL PB 12 29.79 74.22 78.09
CA VAL PB 12 30.21 74.91 76.87
C VAL PB 12 29.73 76.35 76.88
N LYS PB 13 28.45 76.54 77.20
CA LYS PB 13 27.86 77.87 77.18
C LYS PB 13 28.47 78.79 78.23
N ASP PB 14 28.89 78.22 79.36
CA ASP PB 14 29.45 78.99 80.44
C ASP PB 14 30.95 79.22 80.31
N MET PB 15 31.49 79.13 79.10
CA MET PB 15 32.89 79.43 78.78
C MET PB 15 33.87 78.58 79.58
N LYS PB 16 33.55 77.32 79.81
CA LYS PB 16 34.43 76.47 80.59
C LYS PB 16 35.23 75.48 79.75
N ILE PB 17 34.73 75.14 78.57
CA ILE PB 17 35.45 74.28 77.63
C ILE PB 17 35.92 75.17 76.50
N LYS PB 18 37.21 75.10 76.18
CA LYS PB 18 37.81 76.07 75.29
C LYS PB 18 37.87 75.61 73.83
N SER PB 19 37.89 74.31 73.57
CA SER PB 19 37.85 73.84 72.20
C SER PB 19 37.20 72.47 72.17
N LEU PB 20 36.98 71.98 70.96
CA LEU PB 20 36.52 70.61 70.76
C LEU PB 20 37.55 69.57 71.15
N GLU PB 21 38.80 69.97 71.28
CA GLU PB 21 39.87 69.05 71.64
C GLU PB 21 39.70 68.55 73.07
N GLU PB 22 39.07 69.35 73.93
CA GLU PB 22 38.80 68.88 75.28
C GLU PB 22 37.66 67.88 75.28
N ILE PB 23 36.79 67.93 74.28
CA ILE PB 23 35.75 66.93 74.14
C ILE PB 23 36.28 65.66 73.48
N TYR PB 24 37.02 65.83 72.38
CA TYR PB 24 37.50 64.70 71.59
C TYR PB 24 38.53 63.87 72.34
N LEU PB 25 39.17 64.45 73.35
CA LEU PB 25 40.06 63.68 74.19
C LEU PB 25 39.29 62.66 75.01
N PHE PB 26 38.05 62.95 75.38
CA PHE PB 26 37.30 62.11 76.31
C PHE PB 26 36.16 61.38 75.64
N SER PB 27 36.00 61.54 74.32
CA SER PB 27 34.98 60.85 73.52
C SER PB 27 33.57 61.15 74.01
N LEU PB 28 33.32 62.39 74.31
CA LEU PB 28 32.03 62.73 74.90
C LEU PB 28 30.97 62.82 73.81
N PRO PB 29 29.81 62.18 74.01
CA PRO PB 29 28.76 62.17 72.98
C PRO PB 29 28.07 63.52 72.84
N ILE PB 30 28.37 64.20 71.74
CA ILE PB 30 27.74 65.47 71.40
C ILE PB 30 26.30 65.20 70.98
N LYS PB 31 25.36 65.88 71.64
CA LYS PB 31 23.94 65.67 71.34
C LYS PB 31 23.23 66.99 71.08
N GLU PB 32 23.98 68.06 70.83
CA GLU PB 32 23.41 69.38 70.61
C GLU PB 32 24.18 70.08 69.50
N SER PB 33 23.46 70.73 68.59
CA SER PB 33 24.11 71.35 67.44
C SER PB 33 24.87 72.60 67.79
N GLU PB 34 24.44 73.32 68.81
CA GLU PB 34 24.96 74.65 69.08
C GLU PB 34 26.36 74.57 69.68
N ILE PB 35 26.73 73.41 70.21
CA ILE PB 35 28.08 73.19 70.70
C ILE PB 35 29.07 73.27 69.55
N ILE PB 36 28.67 72.81 68.38
CA ILE PB 36 29.51 72.97 67.20
C ILE PB 36 29.42 74.40 66.67
N ASP PB 37 28.24 75.03 66.78
CA ASP PB 37 28.09 76.42 66.40
C ASP PB 37 28.87 77.36 67.30
N PHE PB 38 29.10 76.96 68.54
CA PHE PB 38 29.81 77.79 69.48
C PHE PB 38 31.30 77.86 69.15
N PHE PB 39 31.91 76.72 68.85
CA PHE PB 39 33.33 76.72 68.57
C PHE PB 39 33.62 77.05 67.12
N LEU PB 40 33.12 76.24 66.20
CA LEU PB 40 33.51 76.32 64.80
C LEU PB 40 32.60 77.20 63.98
N GLY PB 41 31.71 77.97 64.61
CA GLY PB 41 30.81 78.82 63.86
C GLY PB 41 31.54 79.92 63.12
N ALA PB 42 30.95 80.33 61.99
CA ALA PB 42 31.52 81.28 61.03
C ALA PB 42 32.85 80.80 60.44
N SER PB 43 33.10 79.49 60.51
CA SER PB 43 34.19 78.85 59.82
C SER PB 43 33.73 77.64 59.03
N LEU PB 44 32.56 77.09 59.34
CA LEU PB 44 32.02 75.93 58.65
C LEU PB 44 31.41 76.33 57.33
N LYS PB 45 31.66 75.52 56.31
CA LYS PB 45 30.95 75.64 55.05
C LYS PB 45 30.22 74.34 54.79
N ASP PB 46 28.97 74.44 54.39
CA ASP PB 46 28.15 73.28 54.09
C ASP PB 46 28.06 73.04 52.59
N GLU PB 47 27.68 71.82 52.24
CA GLU PB 47 27.41 71.51 50.84
C GLU PB 47 26.47 70.32 50.78
N VAL PB 48 25.43 70.46 49.96
CA VAL PB 48 24.54 69.35 49.68
C VAL PB 48 25.20 68.42 48.66
N LEU PB 49 25.36 67.15 49.02
CA LEU PB 49 26.00 66.23 48.09
C LEU PB 49 25.03 65.68 47.06
N LYS PB 50 23.84 65.27 47.48
CA LYS PB 50 22.82 64.72 46.60
C LYS PB 50 21.48 64.75 47.33
N ILE PB 51 20.43 65.05 46.59
CA ILE PB 51 19.06 64.89 47.07
C ILE PB 51 18.49 63.67 46.36
N MET PB 52 18.50 62.53 47.04
CA MET PB 52 17.89 61.43 46.31
C MET PB 52 16.48 61.17 46.82
N PRO PB 53 15.52 60.93 45.93
CA PRO PB 53 14.18 60.56 46.37
C PRO PB 53 14.05 59.08 46.65
N VAL PB 54 13.42 58.75 47.76
CA VAL PB 54 13.11 57.36 48.07
C VAL PB 54 11.60 57.20 48.09
N GLN PB 55 11.14 56.00 47.77
CA GLN PB 55 9.72 55.77 47.64
C GLN PB 55 9.29 54.55 48.43
N LYS PB 56 8.16 54.68 49.11
CA LYS PB 56 7.50 53.59 49.78
C LYS PB 56 6.17 53.32 49.09
N GLN PB 57 6.00 52.12 48.59
CA GLN PB 57 4.75 51.74 47.96
C GLN PB 57 3.66 51.63 49.00
N THR PB 58 2.51 52.24 48.72
CA THR PB 58 1.34 52.21 49.58
C THR PB 58 0.15 51.73 48.77
N ARG PB 59 -0.98 51.54 49.44
CA ARG PB 59 -2.18 51.08 48.77
C ARG PB 59 -2.87 52.18 47.98
N ALA PB 60 -2.47 53.43 48.16
CA ALA PB 60 -2.92 54.52 47.32
C ALA PB 60 -1.67 55.19 46.77
N GLY PB 61 -1.13 54.60 45.72
CA GLY PB 61 0.03 55.20 45.08
C GLY PB 61 1.30 55.04 45.90
N GLN PB 62 2.22 55.97 45.68
CA GLN PB 62 3.57 55.92 46.20
C GLN PB 62 3.75 57.04 47.21
N ARG PB 63 4.55 56.78 48.24
CA ARG PB 63 4.77 57.75 49.30
C ARG PB 63 6.22 58.22 49.18
N THR PB 64 6.45 59.30 48.44
CA THR PB 64 7.80 59.75 48.14
C THR PB 64 8.30 60.71 49.20
N ARG PB 65 9.37 60.33 49.87
CA ARG PB 65 10.11 61.25 50.71
C ARG PB 65 11.47 61.49 50.09
N PHE PB 66 12.16 62.51 50.61
CA PHE PB 66 13.38 63.04 50.02
C PHE PB 66 14.51 62.91 51.02
N LYS PB 67 15.64 62.40 50.57
CA LYS PB 67 16.77 62.03 51.41
C LYS PB 67 17.93 62.94 51.05
N ALA PB 68 18.63 63.45 52.05
CA ALA PB 68 19.57 64.55 51.86
C ALA PB 68 20.94 64.21 52.38
N PHE PB 69 21.97 64.47 51.57
CA PHE PB 69 23.36 64.19 51.91
C PHE PB 69 24.10 65.51 52.05
N VAL PB 70 24.48 65.86 53.27
CA VAL PB 70 25.04 67.16 53.55
C VAL PB 70 26.43 66.98 54.11
N ALA PB 71 27.41 67.57 53.43
CA ALA PB 71 28.77 67.63 53.92
C ALA PB 71 28.96 68.94 54.67
N ILE PB 72 29.76 68.89 55.73
CA ILE PB 72 30.06 70.05 56.57
C ILE PB 72 31.51 69.93 57.00
N GLY PB 73 32.12 71.06 57.29
CA GLY PB 73 33.41 71.02 57.96
C GLY PB 73 34.29 72.18 57.60
N ASP PB 74 35.03 72.71 58.57
CA ASP PB 74 35.99 73.74 58.24
C ASP PB 74 37.19 73.13 57.55
N TYR PB 75 37.96 73.97 56.89
CA TYR PB 75 39.03 73.49 56.02
C TYR PB 75 40.32 73.23 56.77
N ASN PB 76 40.26 72.86 58.04
CA ASN PB 76 41.46 72.74 58.86
C ASN PB 76 41.36 71.51 59.77
N GLY PB 77 40.69 70.47 59.32
CA GLY PB 77 40.71 69.20 60.03
C GLY PB 77 39.47 68.78 60.79
N HIS PB 78 38.28 69.17 60.34
CA HIS PB 78 37.05 68.68 60.94
C HIS PB 78 36.05 68.44 59.82
N VAL PB 79 35.39 67.28 59.84
CA VAL PB 79 34.43 66.89 58.82
C VAL PB 79 33.27 66.18 59.48
N GLY PB 80 32.05 66.58 59.14
CA GLY PB 80 30.87 65.80 59.42
C GLY PB 80 30.17 65.41 58.14
N LEU PB 81 29.18 64.53 58.29
CA LEU PB 81 28.36 64.09 57.17
C LEU PB 81 27.01 63.67 57.72
N GLY PB 82 25.95 64.26 57.19
CA GLY PB 82 24.64 64.01 57.75
C GLY PB 82 23.63 63.54 56.73
N VAL PB 83 22.87 62.52 57.10
CA VAL PB 83 21.85 61.96 56.23
C VAL PB 83 20.52 62.09 56.94
N LYS PB 84 19.55 62.71 56.28
CA LYS PB 84 18.21 62.76 56.87
C LYS PB 84 17.18 62.73 55.77
N CYS PB 85 16.15 61.91 55.97
CA CYS PB 85 15.05 61.74 55.04
C CYS PB 85 13.83 62.52 55.52
N SER PB 86 13.25 63.33 54.65
CA SER PB 86 12.06 64.08 55.00
C SER PB 86 11.12 64.14 53.81
N LYS PB 87 9.92 64.64 54.06
CA LYS PB 87 8.91 64.73 53.02
C LYS PB 87 9.15 65.92 52.12
N GLU PB 88 9.91 66.90 52.58
CA GLU PB 88 10.16 68.11 51.82
C GLU PB 88 11.66 68.29 51.60
N VAL PB 89 12.00 69.05 50.55
CA VAL PB 89 13.40 69.26 50.24
C VAL PB 89 14.06 70.12 51.30
N ALA PB 90 13.47 71.27 51.59
CA ALA PB 90 14.05 72.20 52.55
C ALA PB 90 14.01 71.63 53.96
N THR PB 91 12.99 70.83 54.27
CA THR PB 91 12.94 70.17 55.57
C THR PB 91 14.08 69.18 55.73
N ALA PB 92 14.44 68.49 54.65
CA ALA PB 92 15.53 67.52 54.72
C ALA PB 92 16.89 68.19 54.78
N ILE PB 93 17.08 69.28 54.04
CA ILE PB 93 18.37 69.94 54.01
C ILE PB 93 18.67 70.62 55.33
N ARG PB 94 17.64 71.16 55.99
CA ARG PB 94 17.84 71.75 57.31
C ARG PB 94 18.27 70.71 58.33
N GLY PB 95 17.53 69.61 58.44
CA GLY PB 95 17.80 68.64 59.47
C GLY PB 95 19.06 67.83 59.26
N ALA PB 96 19.51 67.70 58.03
CA ALA PB 96 20.73 66.96 57.77
C ALA PB 96 21.98 67.80 58.01
N ILE PB 97 21.84 69.09 58.27
CA ILE PB 97 22.98 69.87 58.73
C ILE PB 97 23.25 69.61 60.19
N ILE PB 98 22.17 69.45 60.97
CA ILE PB 98 22.28 69.08 62.38
C ILE PB 98 23.00 67.76 62.55
N LEU PB 99 22.54 66.71 61.84
CA LEU PB 99 23.19 65.40 61.95
C LEU PB 99 24.61 65.42 61.43
N ALA PB 100 24.91 66.32 60.51
CA ALA PB 100 26.29 66.48 60.08
C ALA PB 100 27.11 67.16 61.16
N LYS PB 101 26.51 68.07 61.92
CA LYS PB 101 27.25 68.74 62.99
C LYS PB 101 27.48 67.84 64.19
N LEU PB 102 26.55 66.93 64.46
CA LEU PB 102 26.75 66.00 65.56
C LEU PB 102 27.69 64.85 65.20
N SER PB 103 28.32 64.90 64.04
CA SER PB 103 29.31 63.89 63.66
C SER PB 103 30.61 64.53 63.22
N ILE PB 104 30.95 65.69 63.76
CA ILE PB 104 32.23 66.31 63.47
C ILE PB 104 33.33 65.48 64.12
N VAL PB 105 34.24 64.96 63.31
CA VAL PB 105 35.37 64.19 63.82
C VAL PB 105 36.65 64.94 63.47
N PRO PB 106 37.74 64.75 64.21
CA PRO PB 106 39.00 65.40 63.82
C PRO PB 106 39.75 64.58 62.79
N VAL PB 107 40.43 65.28 61.89
CA VAL PB 107 41.21 64.67 60.83
C VAL PB 107 42.68 64.87 61.14
N ARG PB 108 43.39 63.78 61.40
CA ARG PB 108 44.83 63.88 61.62
C ARG PB 108 45.53 64.02 60.27
N ARG PB 109 46.29 65.08 60.11
CA ARG PB 109 47.08 65.29 58.91
C ARG PB 109 48.51 64.85 59.18
N GLY PB 110 49.17 64.38 58.12
CA GLY PB 110 50.52 63.89 58.23
C GLY PB 110 51.39 64.39 57.08
N TYR PB 111 52.61 63.89 57.06
CA TYR PB 111 53.61 64.29 56.08
C TYR PB 111 53.95 63.12 55.16
N TRP PB 112 54.21 63.42 53.90
CA TRP PB 112 54.62 62.40 52.94
C TRP PB 112 56.05 61.96 53.19
N GLY PB 113 56.93 62.92 53.36
CA GLY PB 113 58.33 62.70 53.71
C GLY PB 113 58.96 64.07 53.81
N ASN PB 114 60.04 64.14 54.60
CA ASN PB 114 60.75 65.39 54.90
C ASN PB 114 59.82 66.41 55.55
N LYS PB 115 59.52 66.22 56.82
CA LYS PB 115 58.44 66.90 57.53
C LYS PB 115 58.78 68.39 57.67
N ILE PB 116 58.54 69.12 56.59
CA ILE PB 116 58.82 70.55 56.50
C ILE PB 116 57.50 71.31 56.38
N GLY PB 117 57.25 72.21 57.33
CA GLY PB 117 56.06 73.02 57.28
C GLY PB 117 54.91 72.39 58.01
N LYS PB 118 53.74 72.55 57.49
CA LYS PB 118 52.50 72.10 58.09
C LYS PB 118 52.07 70.77 57.49
N PRO PB 119 51.44 69.90 58.28
CA PRO PB 119 51.02 68.60 57.76
C PRO PB 119 49.93 68.75 56.72
N HIS PB 120 50.11 68.06 55.60
CA HIS PB 120 49.39 68.37 54.38
C HIS PB 120 48.64 67.21 53.76
N THR PB 121 48.91 65.98 54.17
CA THR PB 121 48.31 64.79 53.60
C THR PB 121 47.90 63.86 54.72
N VAL PB 122 47.31 62.73 54.36
CA VAL PB 122 46.92 61.70 55.33
C VAL PB 122 48.19 61.11 55.92
N PRO PB 123 48.19 60.68 57.19
CA PRO PB 123 49.45 60.24 57.79
C PRO PB 123 49.91 58.90 57.27
N CYS PB 124 49.01 58.02 56.87
CA CYS PB 124 49.36 56.72 56.33
C CYS PB 124 48.18 56.21 55.51
N LYS PB 125 48.36 55.02 54.94
CA LYS PB 125 47.36 54.38 54.09
C LYS PB 125 46.19 53.93 54.95
N VAL PB 126 45.08 54.65 54.88
CA VAL PB 126 43.87 54.26 55.58
C VAL PB 126 42.84 53.83 54.55
N THR PB 127 41.82 53.11 55.04
CA THR PB 127 40.81 52.56 54.15
C THR PB 127 39.47 52.53 54.86
N GLY PB 128 38.48 53.19 54.28
CA GLY PB 128 37.12 53.11 54.76
C GLY PB 128 36.41 51.98 54.06
N ARG PB 129 35.23 51.65 54.55
CA ARG PB 129 34.50 50.46 54.11
C ARG PB 129 33.03 50.62 54.45
N CYS PB 130 32.20 50.79 53.44
CA CYS PB 130 30.76 50.98 53.68
C CYS PB 130 29.98 50.43 52.52
N GLY PB 131 29.06 49.52 52.81
CA GLY PB 131 28.32 48.87 51.73
C GLY PB 131 29.22 47.90 51.01
N SER PB 132 29.27 48.03 49.70
CA SER PB 132 30.28 47.33 48.92
C SER PB 132 31.48 48.20 48.65
N VAL PB 133 31.44 49.45 49.06
CA VAL PB 133 32.44 50.41 48.68
C VAL PB 133 33.55 50.41 49.71
N LEU PB 134 34.79 50.30 49.26
CA LEU PB 134 35.93 50.62 50.11
C LEU PB 134 36.75 51.69 49.42
N VAL PB 135 37.08 52.73 50.18
CA VAL PB 135 37.82 53.87 49.67
C VAL PB 135 39.14 53.92 50.42
N ARG PB 136 40.24 53.84 49.69
CA ARG PB 136 41.56 53.84 50.28
C ARG PB 136 42.18 55.22 50.10
N LEU PB 137 42.96 55.67 51.10
CA LEU PB 137 43.56 56.99 51.06
C LEU PB 137 45.07 56.83 51.17
N ILE PB 138 45.79 57.14 50.10
CA ILE PB 138 47.23 56.95 50.02
C ILE PB 138 47.89 58.33 50.17
N PRO PB 139 48.94 58.46 50.97
CA PRO PB 139 49.61 59.77 51.11
C PRO PB 139 50.34 60.18 49.86
N ALA PB 140 50.00 61.34 49.35
CA ALA PB 140 50.57 61.96 48.17
C ALA PB 140 51.70 62.89 48.54
N PRO PB 141 52.58 63.26 47.59
CA PRO PB 141 53.49 64.39 47.84
C PRO PB 141 52.80 65.74 47.77
N ARG PB 142 53.59 66.81 47.82
CA ARG PB 142 53.08 68.10 48.29
CA ARG PB 142 53.08 68.09 48.30
C ARG PB 142 52.20 68.81 47.28
N GLY PB 143 52.64 68.92 46.04
CA GLY PB 143 51.80 69.70 45.15
C GLY PB 143 50.84 68.86 44.33
N THR PB 144 50.54 67.65 44.82
CA THR PB 144 49.78 66.70 44.03
C THR PB 144 48.33 67.12 43.92
N GLY PB 145 47.74 67.58 45.00
CA GLY PB 145 46.32 67.79 45.03
C GLY PB 145 45.64 66.50 45.41
N ILE PB 146 44.33 66.50 45.31
CA ILE PB 146 43.53 65.34 45.66
C ILE PB 146 43.14 64.66 44.37
N VAL PB 147 43.75 63.51 44.09
CA VAL PB 147 43.51 62.77 42.85
C VAL PB 147 42.45 61.75 43.20
N SER PB 148 41.19 62.08 42.93
CA SER PB 148 40.10 61.26 43.41
C SER PB 148 38.85 61.51 42.56
N ALA PB 149 37.81 60.76 42.89
CA ALA PB 149 36.49 60.97 42.33
C ALA PB 149 35.92 62.28 42.85
N PRO PB 150 34.97 62.89 42.12
CA PRO PB 150 34.46 64.20 42.56
C PRO PB 150 33.66 64.17 43.85
N VAL PB 151 33.11 63.04 44.27
CA VAL PB 151 32.36 62.98 45.52
C VAL PB 151 33.27 62.97 46.76
N PRO PB 152 34.30 62.12 46.90
CA PRO PB 152 35.13 62.25 48.10
C PRO PB 152 36.03 63.45 48.06
N LYS PB 153 36.27 64.03 46.88
CA LYS PB 153 37.07 65.23 46.79
C LYS PB 153 36.41 66.38 47.54
N LYS PB 154 35.08 66.44 47.51
CA LYS PB 154 34.38 67.44 48.30
C LYS PB 154 34.46 67.14 49.79
N LEU PB 155 34.73 65.89 50.16
CA LEU PB 155 34.92 65.59 51.57
C LEU PB 155 36.36 65.81 51.98
N LEU PB 156 37.31 65.46 51.10
CA LEU PB 156 38.72 65.60 51.46
C LEU PB 156 39.17 67.05 51.44
N MET PB 157 38.57 67.89 50.59
CA MET PB 157 38.94 69.30 50.64
C MET PB 157 38.43 69.95 51.92
N MET PB 158 37.23 69.59 52.36
CA MET PB 158 36.69 70.13 53.60
C MET PB 158 37.32 69.56 54.85
N ALA PB 159 38.36 68.76 54.75
CA ALA PB 159 39.18 68.38 55.88
C ALA PB 159 40.50 69.11 55.91
N GLY PB 160 40.79 69.91 54.90
CA GLY PB 160 42.13 70.44 54.80
C GLY PB 160 43.20 69.44 54.42
N ILE PB 161 42.82 68.21 54.09
CA ILE PB 161 43.72 67.32 53.38
C ILE PB 161 44.02 67.95 52.03
N ASP PB 162 45.27 68.32 51.82
CA ASP PB 162 45.60 68.94 50.56
C ASP PB 162 45.99 67.92 49.51
N ASP PB 163 46.44 66.76 49.96
CA ASP PB 163 47.15 65.81 49.12
C ASP PB 163 46.68 64.43 49.48
N CYS PB 164 46.24 63.66 48.48
CA CYS PB 164 45.86 62.29 48.70
C CYS PB 164 45.77 61.58 47.37
N TYR PB 165 46.21 60.33 47.34
CA TYR PB 165 45.87 59.43 46.26
C TYR PB 165 44.76 58.51 46.75
N THR PB 166 43.77 58.28 45.89
CA THR PB 166 42.56 57.58 46.28
C THR PB 166 42.37 56.35 45.41
N SER PB 167 42.18 55.20 46.03
CA SER PB 167 41.73 54.01 45.35
C SER PB 167 40.32 53.66 45.80
N ALA PB 168 39.47 53.29 44.85
CA ALA PB 168 38.10 52.93 45.15
C ALA PB 168 37.81 51.53 44.62
N ARG PB 169 36.71 50.96 45.11
CA ARG PB 169 36.31 49.61 44.79
C ARG PB 169 34.83 49.49 45.10
N GLY PB 170 34.12 48.73 44.28
CA GLY PB 170 32.72 48.52 44.53
C GLY PB 170 31.85 49.52 43.80
N CYS PB 171 30.56 49.42 44.06
CA CYS PB 171 29.59 50.21 43.31
C CYS PB 171 29.60 51.63 43.83
N THR PB 172 30.44 52.45 43.21
CA THR PB 172 30.53 53.86 43.58
C THR PB 172 29.44 54.70 42.96
N ALA PB 173 28.56 54.10 42.16
CA ALA PB 173 27.44 54.83 41.58
C ALA PB 173 26.38 55.20 42.62
N THR PB 174 26.34 54.51 43.75
CA THR PB 174 25.52 54.98 44.87
C THR PB 174 26.35 55.96 45.68
N LEU PB 175 25.83 57.17 45.86
CA LEU PB 175 26.64 58.20 46.49
C LEU PB 175 26.64 58.06 48.00
N GLY PB 176 25.60 57.44 48.56
CA GLY PB 176 25.49 57.37 50.01
C GLY PB 176 26.57 56.53 50.64
N ASN PB 177 26.75 55.30 50.16
CA ASN PB 177 27.80 54.44 50.70
C ASN PB 177 29.17 54.88 50.26
N PHE PB 178 29.27 55.73 49.25
CA PHE PB 178 30.55 56.21 48.75
C PHE PB 178 30.98 57.49 49.45
N ALA PB 179 30.03 58.23 49.99
CA ALA PB 179 30.38 59.34 50.87
C ALA PB 179 30.71 58.85 52.27
N LYS PB 180 29.97 57.86 52.77
CA LYS PB 180 30.24 57.33 54.10
C LYS PB 180 31.55 56.57 54.17
N ALA PB 181 31.88 55.80 53.13
CA ALA PB 181 33.13 55.05 53.14
C ALA PB 181 34.33 55.97 53.10
N THR PB 182 34.18 57.12 52.47
CA THR PB 182 35.16 58.17 52.61
C THR PB 182 35.17 58.71 54.03
N PHE PB 183 34.00 58.95 54.60
CA PHE PB 183 33.91 59.48 55.96
C PHE PB 183 34.39 58.46 56.98
N ASP PB 184 34.23 57.17 56.69
CA ASP PB 184 34.77 56.15 57.57
C ASP PB 184 36.28 56.11 57.51
N ALA PB 185 36.87 56.51 56.39
CA ALA PB 185 38.31 56.46 56.24
C ALA PB 185 38.99 57.56 57.03
N ILE PB 186 38.54 58.80 56.85
CA ILE PB 186 39.20 59.92 57.51
C ILE PB 186 38.88 59.99 58.99
N SER PB 187 37.86 59.26 59.45
CA SER PB 187 37.55 59.21 60.86
C SER PB 187 38.34 58.16 61.61
N LYS PB 188 39.25 57.45 60.94
CA LYS PB 188 40.15 56.55 61.64
C LYS PB 188 41.60 56.91 61.38
N THR PB 189 41.87 58.17 61.04
CA THR PB 189 43.25 58.61 61.01
C THR PB 189 43.80 58.79 62.42
N TYR PB 190 42.96 59.16 63.38
CA TYR PB 190 43.39 59.11 64.78
C TYR PB 190 43.27 57.74 65.39
N SER PB 191 42.44 56.85 64.86
CA SER PB 191 42.29 55.53 65.45
C SER PB 191 43.49 54.64 65.23
N TYR PB 192 44.41 55.03 64.37
CA TYR PB 192 45.53 54.20 63.96
C TYR PB 192 46.74 54.58 64.81
N LEU PB 193 47.46 53.58 65.30
CA LEU PB 193 48.56 53.81 66.24
C LEU PB 193 49.89 53.83 65.50
N THR PB 194 50.45 55.01 65.33
CA THR PB 194 51.77 55.18 64.75
C THR PB 194 52.83 55.01 65.83
N PRO PB 195 54.12 54.93 65.47
CA PRO PB 195 55.16 55.04 66.50
C PRO PB 195 55.25 56.40 67.16
N ASP PB 196 54.63 57.43 66.59
CA ASP PB 196 54.65 58.75 67.21
C ASP PB 196 53.84 58.78 68.49
N LEU PB 197 52.91 57.85 68.64
CA LEU PB 197 51.98 57.88 69.76
C LEU PB 197 52.25 56.78 70.76
N TRP PB 198 53.48 56.29 70.84
CA TRP PB 198 53.79 55.28 71.83
C TRP PB 198 54.09 55.84 73.20
N LYS PB 199 54.36 57.14 73.29
CA LYS PB 199 54.60 57.76 74.58
C LYS PB 199 53.33 57.67 75.42
N GLU PB 200 53.50 57.31 76.69
CA GLU PB 200 52.39 57.01 77.56
C GLU PB 200 51.49 58.22 77.79
N THR PB 201 50.20 57.96 77.90
CA THR PB 201 49.23 59.04 77.99
C THR PB 201 49.16 59.56 79.41
N VAL PB 202 49.52 60.82 79.59
CA VAL PB 202 49.19 61.51 80.83
C VAL PB 202 47.68 61.71 80.88
N PHE PB 203 47.10 61.45 82.04
CA PHE PB 203 45.66 61.53 82.19
C PHE PB 203 45.28 62.88 82.78
N THR PB 204 44.69 63.73 81.96
CA THR PB 204 43.99 64.90 82.46
C THR PB 204 42.66 64.43 83.01
N LYS PB 205 42.14 65.17 83.99
CA LYS PB 205 40.87 64.80 84.57
C LYS PB 205 39.72 65.32 83.71
N SER PB 206 38.58 64.65 83.83
CA SER PB 206 37.47 64.83 82.92
C SER PB 206 36.75 66.15 83.15
N PRO PB 207 36.17 66.76 82.10
CA PRO PB 207 35.42 68.01 82.28
C PRO PB 207 34.15 67.86 83.11
N TYR PB 208 33.60 66.67 83.21
CA TYR PB 208 32.53 66.46 84.19
C TYR PB 208 33.06 66.38 85.60
N GLN PB 209 34.36 66.23 85.77
CA GLN PB 209 35.02 66.11 87.06
C GLN PB 209 35.70 67.39 87.49
N GLU PB 210 36.37 68.09 86.58
CA GLU PB 210 37.05 69.31 86.97
C GLU PB 210 36.11 70.50 86.99
N PHE PB 211 34.85 70.32 86.59
CA PHE PB 211 33.80 71.21 87.01
C PHE PB 211 32.68 70.36 87.58
N THR PB 212 32.84 69.98 88.85
CA THR PB 212 31.70 69.50 89.62
C THR PB 212 31.10 70.61 90.46
N ASP PB 213 31.86 71.67 90.70
CA ASP PB 213 31.37 72.76 91.53
C ASP PB 213 30.61 73.79 90.72
N HIS PB 214 31.18 74.19 89.57
CA HIS PB 214 30.49 75.14 88.69
C HIS PB 214 29.23 74.54 88.10
N LEU PB 215 29.23 73.23 87.93
CA LEU PB 215 28.12 72.53 87.30
C LEU PB 215 26.94 72.32 88.22
N VAL PB 216 27.16 72.15 89.52
CA VAL PB 216 26.09 71.74 90.42
C VAL PB 216 25.21 72.91 90.86
N LYS PB 217 25.71 74.14 90.81
CA LYS PB 217 24.91 75.31 91.17
C LYS PB 217 24.20 75.91 89.99
N THR PB 218 24.42 75.41 88.78
CA THR PB 218 23.88 75.99 87.57
C THR PB 218 23.00 75.01 86.79
N HIS PB 219 23.44 73.77 86.63
CA HIS PB 219 22.73 72.82 85.79
C HIS PB 219 21.62 72.12 86.55
N THR PB 220 21.75 72.01 87.86
CA THR PB 220 20.81 71.27 88.70
C THR PB 220 19.47 72.00 88.82
N MET QB 1 71.84 36.86 -56.58
CA MET QB 1 72.83 36.84 -55.52
C MET QB 1 73.88 37.88 -55.83
N LYS QB 2 74.46 38.47 -54.80
CA LYS QB 2 75.61 39.34 -54.95
C LYS QB 2 76.87 38.55 -54.68
N LEU QB 3 78.00 39.07 -55.14
CA LEU QB 3 79.31 38.57 -54.77
C LEU QB 3 80.13 39.75 -54.31
N ASN QB 4 80.89 39.56 -53.24
CA ASN QB 4 81.75 40.61 -52.71
C ASN QB 4 83.17 40.11 -52.93
N ILE QB 5 83.69 40.41 -54.11
CA ILE QB 5 84.99 39.90 -54.53
C ILE QB 5 86.08 40.75 -53.93
N SER QB 6 87.04 40.11 -53.28
CA SER QB 6 88.11 40.83 -52.61
C SER QB 6 89.46 40.26 -53.01
N PHE QB 7 90.21 41.04 -53.76
CA PHE QB 7 91.57 40.68 -54.15
C PHE QB 7 92.54 41.46 -53.29
N PRO QB 8 93.34 40.80 -52.47
CA PRO QB 8 94.14 41.55 -51.48
C PRO QB 8 95.40 42.19 -52.05
N ALA QB 9 95.96 41.67 -53.15
CA ALA QB 9 97.27 42.16 -53.58
C ALA QB 9 97.20 43.56 -54.17
N THR QB 10 96.04 43.96 -54.69
CA THR QB 10 95.79 45.35 -55.00
C THR QB 10 95.10 46.05 -53.84
N GLY QB 11 94.59 45.30 -52.88
CA GLY QB 11 93.88 45.86 -51.76
C GLY QB 11 92.51 46.39 -52.07
N CYS QB 12 92.03 46.18 -53.29
CA CYS QB 12 90.76 46.72 -53.72
C CYS QB 12 89.74 45.60 -53.80
N GLN QB 13 88.51 45.93 -53.44
CA GLN QB 13 87.41 45.00 -53.53
C GLN QB 13 86.22 45.73 -54.12
N LYS QB 14 85.40 45.00 -54.87
CA LYS QB 14 84.18 45.59 -55.40
C LYS QB 14 83.14 44.50 -55.56
N LEU QB 15 81.89 44.90 -55.36
CA LEU QB 15 80.75 44.00 -55.31
C LEU QB 15 80.13 43.88 -56.68
N ILE QB 16 79.94 42.66 -57.15
CA ILE QB 16 79.36 42.42 -58.46
C ILE QB 16 77.99 41.78 -58.27
N GLU QB 17 77.20 41.81 -59.33
CA GLU QB 17 75.86 41.23 -59.34
C GLU QB 17 75.84 40.08 -60.32
N VAL QB 18 75.28 38.95 -59.91
CA VAL QB 18 75.12 37.80 -60.79
C VAL QB 18 73.63 37.48 -60.85
N ASP QB 19 72.99 37.86 -61.95
CA ASP QB 19 71.55 37.64 -62.14
C ASP QB 19 71.22 36.15 -62.21
N ASP QB 20 71.69 35.47 -63.25
CA ASP QB 20 71.31 34.09 -63.46
C ASP QB 20 72.14 33.17 -62.58
N GLU QB 21 71.54 32.03 -62.22
CA GLU QB 21 72.15 31.13 -61.26
C GLU QB 21 72.88 29.98 -61.93
N ARG QB 22 72.94 29.95 -63.26
CA ARG QB 22 73.78 28.97 -63.94
C ARG QB 22 75.26 29.24 -63.69
N LYS QB 23 75.61 30.49 -63.41
CA LYS QB 23 76.97 30.82 -63.00
C LYS QB 23 77.25 30.27 -61.61
N LEU QB 24 76.23 30.24 -60.75
CA LEU QB 24 76.40 29.98 -59.33
C LEU QB 24 76.27 28.52 -58.97
N ARG QB 25 76.01 27.63 -59.94
CA ARG QB 25 75.89 26.22 -59.65
C ARG QB 25 77.22 25.59 -59.28
N THR QB 26 78.33 26.18 -59.69
CA THR QB 26 79.62 25.71 -59.22
C THR QB 26 79.82 26.05 -57.76
N PHE QB 27 79.26 27.18 -57.32
CA PHE QB 27 79.39 27.59 -55.92
C PHE QB 27 78.41 26.86 -55.01
N TYR QB 28 77.45 26.12 -55.54
CA TYR QB 28 76.48 25.47 -54.70
C TYR QB 28 77.03 24.18 -54.12
N GLU QB 29 76.48 23.81 -52.96
CA GLU QB 29 76.81 22.60 -52.21
C GLU QB 29 78.29 22.53 -51.85
N LYS QB 30 78.89 23.68 -51.53
CA LYS QB 30 80.28 23.74 -51.11
C LYS QB 30 80.38 24.63 -49.88
N ARG QB 31 81.28 24.28 -48.97
CA ARG QB 31 81.38 24.97 -47.70
C ARG QB 31 82.49 26.01 -47.72
N MET QB 32 82.64 26.72 -46.61
CA MET QB 32 83.57 27.84 -46.50
C MET QB 32 85.01 27.34 -46.50
N ALA QB 33 85.92 28.27 -46.77
CA ALA QB 33 87.37 28.07 -46.81
C ALA QB 33 87.77 26.97 -47.80
N THR QB 34 87.03 26.89 -48.90
CA THR QB 34 87.31 25.91 -49.94
C THR QB 34 87.68 26.64 -51.21
N GLU QB 35 88.85 26.35 -51.75
CA GLU QB 35 89.33 27.03 -52.94
C GLU QB 35 88.65 26.44 -54.17
N VAL QB 36 87.80 27.23 -54.80
CA VAL QB 36 87.07 26.79 -55.98
C VAL QB 36 87.54 27.60 -57.17
N ALA QB 37 87.60 26.96 -58.33
CA ALA QB 37 87.96 27.64 -59.56
C ALA QB 37 86.85 28.60 -59.97
N ALA QB 38 87.22 29.81 -60.36
CA ALA QB 38 86.28 30.86 -60.72
C ALA QB 38 85.93 30.84 -62.20
N ASP QB 39 85.92 29.67 -62.83
CA ASP QB 39 85.94 29.57 -64.28
C ASP QB 39 84.61 29.96 -64.90
N ALA QB 40 83.54 29.27 -64.51
CA ALA QB 40 82.29 29.31 -65.25
C ALA QB 40 81.41 30.51 -64.88
N LEU QB 41 81.93 31.47 -64.15
CA LEU QB 41 81.10 32.59 -63.74
C LEU QB 41 81.23 33.76 -64.69
N GLY QB 42 82.08 33.65 -65.69
CA GLY QB 42 82.26 34.72 -66.66
C GLY QB 42 83.35 34.35 -67.63
N GLU QB 43 83.32 35.02 -68.77
CA GLU QB 43 84.28 34.77 -69.83
C GLU QB 43 85.65 35.36 -69.53
N GLU QB 44 85.71 36.43 -68.76
CA GLU QB 44 86.99 37.02 -68.40
C GLU QB 44 87.57 36.38 -67.15
N TRP QB 45 86.74 35.69 -66.37
CA TRP QB 45 87.16 35.07 -65.12
C TRP QB 45 87.91 33.75 -65.31
N LYS QB 46 88.35 33.46 -66.53
CA LYS QB 46 89.07 32.23 -66.79
C LYS QB 46 90.45 32.28 -66.16
N GLY QB 47 90.85 31.16 -65.54
CA GLY QB 47 92.15 31.02 -64.95
C GLY QB 47 92.21 31.28 -63.46
N TYR QB 48 91.21 31.95 -62.89
CA TYR QB 48 91.22 32.29 -61.48
C TYR QB 48 90.70 31.14 -60.65
N VAL QB 49 91.31 30.94 -59.49
CA VAL QB 49 90.69 30.13 -58.43
C VAL QB 49 90.47 31.05 -57.23
N VAL QB 50 89.34 30.89 -56.57
CA VAL QB 50 88.95 31.76 -55.47
C VAL QB 50 88.59 30.92 -54.26
N ARG QB 51 88.63 31.55 -53.09
CA ARG QB 51 88.30 30.89 -51.84
C ARG QB 51 87.04 31.55 -51.28
N ILE QB 52 86.04 30.72 -50.95
CA ILE QB 52 84.85 31.24 -50.29
C ILE QB 52 85.23 31.64 -48.87
N SER QB 53 84.91 32.87 -48.50
CA SER QB 53 85.10 33.32 -47.13
C SER QB 53 83.78 33.70 -46.45
N GLY QB 54 82.65 33.27 -47.01
CA GLY QB 54 81.39 33.29 -46.27
C GLY QB 54 80.67 34.61 -46.26
N GLY QB 55 79.34 34.58 -46.43
CA GLY QB 55 78.57 35.82 -46.52
C GLY QB 55 77.36 35.92 -45.62
N ASN QB 56 76.22 36.30 -46.18
CA ASN QB 56 74.99 36.50 -45.42
C ASN QB 56 73.82 35.92 -46.19
N ASP QB 57 72.74 35.64 -45.49
CA ASP QB 57 71.53 35.16 -46.14
C ASP QB 57 70.52 36.28 -46.23
N LYS QB 58 69.33 35.92 -46.75
CA LYS QB 58 68.29 36.90 -47.07
C LYS QB 58 67.81 37.69 -45.86
N GLN QB 59 67.91 37.13 -44.66
CA GLN QB 59 67.46 37.82 -43.47
C GLN QB 59 68.61 38.55 -42.79
N GLY QB 60 69.80 38.49 -43.35
CA GLY QB 60 70.93 39.22 -42.83
C GLY QB 60 71.82 38.44 -41.90
N PHE QB 61 71.64 37.14 -41.78
CA PHE QB 61 72.46 36.52 -40.75
C PHE QB 61 73.77 36.02 -41.34
N PRO QB 62 74.87 36.18 -40.63
CA PRO QB 62 76.17 35.80 -41.16
C PRO QB 62 76.38 34.30 -41.10
N MET QB 63 77.53 33.88 -41.62
CA MET QB 63 77.91 32.48 -41.69
C MET QB 63 79.01 32.22 -40.68
N LYS QB 64 79.23 30.96 -40.33
CA LYS QB 64 80.26 30.64 -39.36
C LYS QB 64 80.92 29.32 -39.72
N GLN QB 65 82.25 29.34 -39.79
CA GLN QB 65 83.02 28.16 -40.12
C GLN QB 65 82.93 27.11 -39.01
N GLY QB 66 82.24 26.01 -39.31
CA GLY QB 66 82.15 24.90 -38.39
C GLY QB 66 80.75 24.37 -38.14
N VAL QB 67 79.71 25.05 -38.59
CA VAL QB 67 78.34 24.59 -38.34
C VAL QB 67 78.01 23.36 -39.18
N LEU QB 68 78.47 23.34 -40.43
CA LEU QB 68 78.41 22.20 -41.36
C LEU QB 68 77.01 21.78 -41.72
N THR QB 69 76.03 22.66 -41.58
CA THR QB 69 74.68 22.42 -42.12
C THR QB 69 74.25 23.70 -42.80
N HIS QB 70 73.61 23.58 -43.94
CA HIS QB 70 72.88 24.71 -44.49
C HIS QB 70 71.66 24.97 -43.63
N GLY QB 71 71.24 26.22 -43.54
CA GLY QB 71 70.18 26.60 -42.63
C GLY QB 71 70.73 27.31 -41.41
N ARG QB 72 69.82 27.94 -40.68
CA ARG QB 72 70.19 28.71 -39.51
C ARG QB 72 70.06 27.85 -38.26
N VAL QB 73 71.14 27.75 -37.49
CA VAL QB 73 71.08 27.17 -36.17
C VAL QB 73 71.28 28.29 -35.16
N ARG QB 74 71.15 27.97 -33.88
CA ARG QB 74 71.33 28.94 -32.81
C ARG QB 74 72.43 28.44 -31.89
N LEU QB 75 73.43 29.27 -31.68
CA LEU QB 75 74.59 28.91 -30.87
C LEU QB 75 74.71 29.87 -29.70
N LEU QB 76 75.06 29.33 -28.54
CA LEU QB 76 75.44 30.16 -27.41
C LEU QB 76 76.85 30.67 -27.64
N LEU QB 77 76.96 31.88 -28.17
CA LEU QB 77 78.23 32.44 -28.58
C LEU QB 77 78.92 33.07 -27.39
N SER QB 78 80.24 32.94 -27.35
CA SER QB 78 81.06 33.52 -26.30
C SER QB 78 82.15 34.39 -26.93
N LYS QB 79 83.10 34.82 -26.12
CA LYS QB 79 84.20 35.63 -26.61
C LYS QB 79 85.24 34.77 -27.31
N GLY QB 80 85.70 35.22 -28.46
CA GLY QB 80 86.61 34.43 -29.25
C GLY QB 80 85.91 33.88 -30.47
N HIS QB 81 84.63 33.53 -30.29
CA HIS QB 81 83.79 33.15 -31.42
C HIS QB 81 83.52 34.35 -32.31
N SER QB 82 83.35 34.09 -33.60
CA SER QB 82 82.92 35.15 -34.50
C SER QB 82 81.41 35.34 -34.37
N CYS QB 83 80.88 36.27 -35.16
CA CYS QB 83 79.47 36.68 -35.21
C CYS QB 83 78.97 37.23 -33.88
N TYR QB 84 79.87 37.59 -32.96
CA TYR QB 84 79.43 38.07 -31.66
C TYR QB 84 80.50 38.94 -31.03
N ARG QB 85 80.09 40.08 -30.51
CA ARG QB 85 80.95 40.98 -29.75
C ARG QB 85 80.32 41.17 -28.39
N PRO QB 86 80.95 40.72 -27.31
CA PRO QB 86 80.32 40.79 -25.99
C PRO QB 86 80.24 42.21 -25.47
N ARG QB 87 79.09 42.56 -24.89
CA ARG QB 87 78.92 43.91 -24.40
C ARG QB 87 79.56 44.12 -23.05
N ARG QB 88 79.54 43.13 -22.18
CA ARG QB 88 80.33 43.15 -20.97
C ARG QB 88 81.12 41.86 -20.88
N THR QB 89 82.07 41.83 -19.95
CA THR QB 89 82.98 40.70 -19.86
C THR QB 89 82.26 39.49 -19.30
N GLY QB 90 82.67 38.32 -19.75
CA GLY QB 90 82.07 37.08 -19.31
C GLY QB 90 80.67 36.84 -19.79
N GLU QB 91 80.17 37.64 -20.72
CA GLU QB 91 78.79 37.53 -21.17
C GLU QB 91 78.72 36.62 -22.38
N ARG QB 92 77.75 35.74 -22.38
CA ARG QB 92 77.46 34.89 -23.52
C ARG QB 92 76.08 35.23 -24.04
N LYS QB 93 75.82 34.86 -25.28
CA LYS QB 93 74.59 35.27 -25.93
C LYS QB 93 74.23 34.21 -26.95
N ARG QB 94 72.96 33.89 -27.07
CA ARG QB 94 72.52 32.88 -28.00
C ARG QB 94 71.99 33.57 -29.24
N LYS QB 95 72.78 33.58 -30.30
CA LYS QB 95 72.42 34.22 -31.54
C LYS QB 95 72.25 33.18 -32.64
N SER QB 96 71.35 33.46 -33.57
CA SER QB 96 71.04 32.54 -34.64
C SER QB 96 71.96 32.79 -35.84
N VAL QB 97 72.77 31.80 -36.17
CA VAL QB 97 73.86 31.95 -37.14
C VAL QB 97 73.62 30.96 -38.26
N ARG QB 98 73.73 31.43 -39.51
CA ARG QB 98 73.58 30.53 -40.64
C ARG QB 98 74.86 29.72 -40.80
N GLY QB 99 74.73 28.49 -41.30
CA GLY QB 99 75.84 27.60 -41.44
C GLY QB 99 76.81 27.98 -42.55
N CYS QB 100 77.62 27.00 -42.93
CA CYS QB 100 78.70 27.26 -43.87
C CYS QB 100 78.45 26.68 -45.25
N ILE QB 101 77.44 25.84 -45.42
CA ILE QB 101 77.14 25.25 -46.72
C ILE QB 101 76.47 26.31 -47.59
N VAL QB 102 76.94 26.44 -48.82
CA VAL QB 102 76.41 27.45 -49.73
C VAL QB 102 75.30 26.84 -50.56
N ASP QB 103 74.07 27.20 -50.25
CA ASP QB 103 72.93 26.92 -51.09
C ASP QB 103 72.51 28.20 -51.80
N ALA QB 104 71.35 28.15 -52.44
CA ALA QB 104 70.82 29.30 -53.14
C ALA QB 104 70.32 30.40 -52.22
N ASN QB 105 70.14 30.11 -50.92
CA ASN QB 105 69.53 31.07 -50.00
C ASN QB 105 70.61 31.94 -49.33
N LEU QB 106 71.16 32.86 -50.13
CA LEU QB 106 72.10 33.85 -49.65
C LEU QB 106 71.69 35.22 -50.17
N SER QB 107 72.12 36.25 -49.46
CA SER QB 107 71.99 37.62 -49.92
C SER QB 107 73.29 38.16 -50.47
N VAL QB 108 74.42 37.56 -50.10
CA VAL QB 108 75.73 38.00 -50.55
C VAL QB 108 76.68 36.83 -50.30
N LEU QB 109 77.78 36.79 -51.05
CA LEU QB 109 78.76 35.73 -50.87
C LEU QB 109 80.14 36.33 -51.03
N ASN QB 110 81.04 36.00 -50.12
CA ASN QB 110 82.37 36.60 -50.11
C ASN QB 110 83.37 35.64 -50.74
N LEU QB 111 84.20 36.17 -51.64
CA LEU QB 111 85.24 35.40 -52.30
C LEU QB 111 86.56 36.12 -52.18
N VAL QB 112 87.64 35.35 -52.07
CA VAL QB 112 88.99 35.89 -52.01
C VAL QB 112 89.77 35.28 -53.16
N ILE QB 113 90.29 36.13 -54.04
CA ILE QB 113 91.05 35.64 -55.18
C ILE QB 113 92.43 35.24 -54.69
N VAL QB 114 92.76 33.96 -54.84
CA VAL QB 114 94.03 33.45 -54.36
C VAL QB 114 95.01 33.19 -55.50
N LYS QB 115 94.59 33.34 -56.74
CA LYS QB 115 95.46 33.11 -57.88
C LYS QB 115 94.95 33.91 -59.06
N LYS QB 116 95.85 34.64 -59.70
CA LYS QB 116 95.53 35.41 -60.89
C LYS QB 116 96.13 34.73 -62.11
N GLY QB 117 95.33 34.62 -63.17
CA GLY QB 117 95.72 33.89 -64.36
C GLY QB 117 95.88 34.72 -65.61
N GLU QB 118 94.85 34.71 -66.46
CA GLU QB 118 94.98 35.26 -67.80
C GLU QB 118 94.99 36.79 -67.81
N LYS QB 119 93.89 37.39 -67.38
CA LYS QB 119 93.53 38.74 -67.76
C LYS QB 119 93.52 39.66 -66.55
N ASP QB 120 93.02 40.87 -66.77
CA ASP QB 120 92.85 41.87 -65.71
C ASP QB 120 91.43 42.38 -65.70
N ILE QB 121 91.00 42.87 -64.54
CA ILE QB 121 89.61 43.26 -64.31
C ILE QB 121 89.61 44.75 -64.01
N PRO QB 122 88.73 45.53 -64.62
CA PRO QB 122 88.67 46.97 -64.31
C PRO QB 122 88.08 47.26 -62.94
N GLY QB 123 88.91 47.14 -61.91
CA GLY QB 123 88.49 47.41 -60.56
C GLY QB 123 88.99 46.37 -59.59
N LEU QB 124 89.68 45.35 -60.13
CA LEU QB 124 90.18 44.26 -59.31
C LEU QB 124 91.63 43.91 -59.62
N THR QB 125 92.26 44.57 -60.60
CA THR QB 125 93.70 44.46 -60.77
C THR QB 125 94.38 45.81 -60.92
N ASP QB 126 93.71 46.81 -61.47
CA ASP QB 126 94.26 48.16 -61.45
C ASP QB 126 94.02 48.80 -60.08
N THR QB 127 94.59 50.00 -59.90
CA THR QB 127 94.40 50.89 -58.76
C THR QB 127 94.80 50.21 -57.44
N THR QB 128 96.09 49.92 -57.33
CA THR QB 128 96.62 49.34 -56.11
C THR QB 128 96.65 50.40 -55.02
N VAL QB 129 95.73 50.28 -54.07
CA VAL QB 129 95.70 51.13 -52.87
C VAL QB 129 96.89 50.72 -52.01
N PRO QB 130 97.62 51.65 -51.41
CA PRO QB 130 98.69 51.25 -50.49
C PRO QB 130 98.13 50.96 -49.11
N ARG QB 131 98.99 50.34 -48.28
CA ARG QB 131 98.71 50.19 -46.86
C ARG QB 131 98.67 51.57 -46.20
N ARG QB 132 97.82 51.70 -45.19
CA ARG QB 132 97.71 53.00 -44.54
C ARG QB 132 98.76 53.19 -43.46
N LEU QB 133 99.22 52.11 -42.84
CA LEU QB 133 100.09 52.22 -41.68
C LEU QB 133 101.35 51.41 -41.91
N GLY QB 134 102.49 52.00 -41.59
CA GLY QB 134 103.72 51.28 -41.64
C GLY QB 134 104.02 50.68 -40.29
N PRO QB 135 105.12 49.94 -40.19
CA PRO QB 135 105.45 49.29 -38.92
C PRO QB 135 105.84 50.28 -37.84
N LYS QB 136 105.56 49.91 -36.61
CA LYS QB 136 105.72 50.72 -35.42
C LYS QB 136 106.58 50.07 -34.36
N ARG QB 137 106.47 48.74 -34.18
CA ARG QB 137 107.39 48.04 -33.31
C ARG QB 137 108.74 47.96 -33.99
N ALA QB 138 109.80 47.95 -33.18
CA ALA QB 138 111.17 48.10 -33.69
C ALA QB 138 111.56 46.96 -34.62
N SER QB 139 111.26 45.73 -34.25
CA SER QB 139 111.64 44.59 -35.09
C SER QB 139 110.77 44.49 -36.32
N ARG QB 140 109.54 44.98 -36.25
CA ARG QB 140 108.67 44.98 -37.42
C ARG QB 140 109.17 45.94 -38.49
N ILE QB 141 109.92 46.96 -38.09
CA ILE QB 141 110.51 47.86 -39.08
C ILE QB 141 111.70 47.20 -39.76
N ARG QB 142 112.65 46.71 -38.95
CA ARG QB 142 113.87 46.15 -39.50
C ARG QB 142 113.65 44.82 -40.18
N LYS QB 143 112.52 44.16 -39.95
CA LYS QB 143 112.15 43.04 -40.79
C LYS QB 143 111.80 43.49 -42.20
N LEU QB 144 111.17 44.65 -42.33
CA LEU QB 144 110.79 45.17 -43.63
C LEU QB 144 111.94 45.86 -44.35
N PHE QB 145 112.98 46.28 -43.63
CA PHE QB 145 114.13 46.90 -44.27
C PHE QB 145 115.40 46.07 -44.16
N ASN QB 146 115.28 44.82 -43.73
CA ASN QB 146 116.35 43.79 -43.77
C ASN QB 146 117.57 44.22 -42.94
N LEU QB 147 117.30 45.05 -41.94
CA LEU QB 147 118.34 45.67 -41.16
C LEU QB 147 118.90 44.69 -40.16
N SER QB 148 119.97 45.09 -39.48
CA SER QB 148 120.71 44.15 -38.64
C SER QB 148 120.82 44.67 -37.21
N LYS QB 149 121.62 43.98 -36.39
CA LYS QB 149 121.79 44.35 -35.00
C LYS QB 149 122.44 45.71 -34.84
N GLU QB 150 123.27 46.09 -35.79
CA GLU QB 150 124.02 47.33 -35.72
C GLU QB 150 123.21 48.55 -36.17
N ASP QB 151 122.20 48.34 -37.02
CA ASP QB 151 121.53 49.44 -37.72
C ASP QB 151 120.64 50.21 -36.76
N ASP QB 152 120.70 51.54 -36.81
CA ASP QB 152 119.81 52.38 -36.03
C ASP QB 152 118.49 52.56 -36.76
N VAL QB 153 117.41 52.15 -36.11
CA VAL QB 153 116.13 52.01 -36.80
C VAL QB 153 115.38 53.33 -36.90
N ARG QB 154 115.86 54.37 -36.22
CA ARG QB 154 115.15 55.66 -36.20
C ARG QB 154 115.19 56.39 -37.53
N GLN QB 155 116.09 56.01 -38.43
CA GLN QB 155 116.19 56.63 -39.75
C GLN QB 155 115.24 56.04 -40.76
N TYR QB 156 114.48 55.03 -40.39
CA TYR QB 156 113.90 54.13 -41.37
C TYR QB 156 112.38 54.09 -41.38
N VAL QB 157 111.70 54.92 -40.59
CA VAL QB 157 110.25 54.83 -40.53
C VAL QB 157 109.65 55.47 -41.77
N VAL QB 158 108.42 55.09 -42.09
CA VAL QB 158 107.68 55.78 -43.14
C VAL QB 158 107.08 57.06 -42.56
N ARG QB 159 107.43 58.19 -43.13
CA ARG QB 159 106.91 59.47 -42.68
C ARG QB 159 105.67 59.78 -43.51
N LYS QB 160 104.55 59.90 -42.84
CA LYS QB 160 103.27 60.13 -43.52
C LYS QB 160 103.16 61.58 -43.94
N PRO QB 161 103.01 61.87 -45.23
CA PRO QB 161 102.86 63.26 -45.67
C PRO QB 161 101.44 63.76 -45.48
N LEU QB 162 101.33 65.07 -45.29
CA LEU QB 162 100.03 65.71 -45.05
C LEU QB 162 99.95 66.99 -45.86
N ASN QB 163 98.94 67.08 -46.74
CA ASN QB 163 98.88 68.18 -47.69
C ASN QB 163 97.47 68.72 -47.90
N LYS QB 164 96.62 68.72 -46.86
CA LYS QB 164 95.17 68.74 -47.07
C LYS QB 164 94.60 69.99 -47.75
N GLU QB 165 94.50 71.13 -47.05
CA GLU QB 165 94.08 72.31 -47.82
C GLU QB 165 94.92 73.56 -47.58
N GLY QB 166 95.12 73.95 -46.32
CA GLY QB 166 95.63 75.28 -46.07
C GLY QB 166 96.82 75.32 -45.14
N LYS QB 167 96.92 74.33 -44.26
CA LYS QB 167 97.97 74.32 -43.27
C LYS QB 167 99.31 73.96 -43.92
N LYS QB 168 100.39 74.28 -43.21
CA LYS QB 168 101.73 74.00 -43.69
C LYS QB 168 101.94 72.50 -43.86
N PRO QB 169 102.47 72.05 -45.00
CA PRO QB 169 102.71 70.62 -45.20
C PRO QB 169 103.75 70.09 -44.24
N ARG QB 170 103.36 69.08 -43.47
CA ARG QB 170 104.19 68.54 -42.41
C ARG QB 170 103.99 67.04 -42.34
N THR QB 171 105.01 66.34 -41.87
CA THR QB 171 105.01 64.89 -41.85
C THR QB 171 105.02 64.37 -40.41
N LYS QB 172 104.13 63.42 -40.14
CA LYS QB 172 104.01 62.81 -38.84
C LYS QB 172 104.60 61.42 -38.87
N ALA QB 173 105.34 61.07 -37.83
CA ALA QB 173 105.92 59.75 -37.73
C ALA QB 173 105.41 59.06 -36.47
N PRO QB 174 105.12 57.77 -36.54
CA PRO QB 174 104.77 57.03 -35.34
C PRO QB 174 105.94 56.83 -34.40
N LYS QB 175 105.62 56.88 -33.11
CA LYS QB 175 106.59 56.58 -32.06
C LYS QB 175 106.97 55.11 -32.10
N ILE QB 176 108.26 54.82 -32.09
CA ILE QB 176 108.71 53.44 -32.17
C ILE QB 176 108.61 52.80 -30.79
N GLN QB 177 108.01 51.62 -30.72
CA GLN QB 177 108.01 50.81 -29.51
C GLN QB 177 109.14 49.79 -29.56
N ARG QB 178 109.52 49.31 -28.38
CA ARG QB 178 110.66 48.40 -28.16
C ARG QB 178 111.97 48.96 -28.72
N LEU QB 179 112.15 50.27 -28.58
CA LEU QB 179 113.36 50.94 -29.01
C LEU QB 179 114.26 51.20 -27.81
N VAL QB 180 115.48 50.68 -27.86
CA VAL QB 180 116.41 50.86 -26.76
C VAL QB 180 116.92 52.30 -26.78
N THR QB 181 116.47 53.07 -25.88
CA THR QB 181 116.51 54.44 -25.40
C THR QB 181 117.28 54.50 -24.08
N PRO QB 182 118.07 55.56 -23.87
CA PRO QB 182 118.73 55.73 -22.57
C PRO QB 182 117.80 55.87 -21.38
N ARG QB 183 116.53 56.23 -21.57
CA ARG QB 183 115.58 56.13 -20.46
C ARG QB 183 115.32 54.68 -20.10
N VAL QB 184 115.27 53.80 -21.10
CA VAL QB 184 115.08 52.38 -20.84
C VAL QB 184 116.29 51.79 -20.14
N LEU QB 185 117.49 52.11 -20.62
CA LEU QB 185 118.69 51.62 -19.97
C LEU QB 185 118.91 52.23 -18.60
N GLN QB 186 118.37 53.41 -18.34
CA GLN QB 186 118.39 53.90 -16.98
C GLN QB 186 117.46 53.09 -16.08
N HIS QB 187 116.26 52.76 -16.59
CA HIS QB 187 115.34 51.91 -15.87
C HIS QB 187 115.91 50.54 -15.58
N LYS QB 188 116.67 49.97 -16.51
CA LYS QB 188 117.31 48.69 -16.27
C LYS QB 188 118.41 48.78 -15.24
N ARG QB 189 119.17 49.88 -15.22
CA ARG QB 189 120.18 50.05 -14.19
C ARG QB 189 119.54 50.34 -12.83
N ARG QB 190 118.48 51.14 -12.82
CA ARG QB 190 117.73 51.43 -11.59
C ARG QB 190 117.13 50.16 -11.01
N ARG QB 191 116.75 49.20 -11.86
CA ARG QB 191 116.19 47.96 -11.40
C ARG QB 191 117.20 47.11 -10.63
N ILE QB 192 118.45 47.10 -11.07
CA ILE QB 192 119.48 46.36 -10.37
C ILE QB 192 120.01 47.17 -9.18
N ALA QB 193 119.88 48.49 -9.23
CA ALA QB 193 120.35 49.33 -8.12
C ALA QB 193 119.52 49.10 -6.87
N LEU QB 194 118.20 48.99 -7.03
CA LEU QB 194 117.35 48.60 -5.92
C LEU QB 194 117.64 47.17 -5.50
N LYS QB 195 117.92 46.32 -6.48
CA LYS QB 195 118.24 44.93 -6.23
C LYS QB 195 119.54 44.77 -5.46
N LYS QB 196 120.51 45.65 -5.72
CA LYS QB 196 121.78 45.56 -5.05
C LYS QB 196 121.69 46.01 -3.60
N GLN QB 197 121.09 47.17 -3.36
CA GLN QB 197 121.03 47.73 -2.01
C GLN QB 197 120.08 46.99 -1.09
N ARG QB 198 119.18 46.18 -1.65
CA ARG QB 198 118.33 45.35 -0.83
C ARG QB 198 119.10 44.17 -0.24
N THR QB 199 120.06 43.63 -1.00
CA THR QB 199 120.97 42.63 -0.49
C THR QB 199 122.03 43.22 0.41
N LYS QB 200 122.26 44.52 0.31
CA LYS QB 200 123.05 45.21 1.33
C LYS QB 200 122.30 45.26 2.64
N LYS QB 201 120.98 45.44 2.57
CA LYS QB 201 120.16 45.51 3.77
C LYS QB 201 120.10 44.17 4.48
N ASN QB 202 120.09 43.07 3.71
CA ASN QB 202 120.06 41.76 4.33
C ASN QB 202 121.36 41.43 5.04
N LYS QB 203 122.49 41.91 4.52
CA LYS QB 203 123.74 41.62 5.19
C LYS QB 203 123.93 42.50 6.41
N GLU QB 204 123.42 43.73 6.38
CA GLU QB 204 123.56 44.62 7.52
C GLU QB 204 122.76 44.13 8.71
N GLU QB 205 121.45 43.92 8.51
CA GLU QB 205 120.55 43.65 9.64
C GLU QB 205 120.78 42.27 10.24
N ALA QB 206 121.15 41.28 9.42
CA ALA QB 206 121.40 39.96 9.96
C ALA QB 206 122.68 39.93 10.78
N ALA QB 207 123.74 40.58 10.30
CA ALA QB 207 124.97 40.68 11.07
C ALA QB 207 124.81 41.60 12.27
N GLU QB 208 123.90 42.57 12.19
CA GLU QB 208 123.59 43.40 13.33
C GLU QB 208 122.88 42.60 14.41
N TYR QB 209 121.95 41.74 14.02
CA TYR QB 209 121.21 40.91 14.96
C TYR QB 209 122.07 39.82 15.58
N ALA QB 210 123.12 39.38 14.88
CA ALA QB 210 123.98 38.33 15.43
C ALA QB 210 124.75 38.82 16.66
N LYS QB 211 125.19 40.07 16.66
CA LYS QB 211 125.79 40.64 17.84
C LYS QB 211 124.76 40.89 18.93
N LEU QB 212 123.56 41.32 18.53
CA LEU QB 212 122.49 41.61 19.47
C LEU QB 212 121.99 40.35 20.14
N LEU QB 213 122.04 39.21 19.44
CA LEU QB 213 121.60 37.96 20.04
C LEU QB 213 122.61 37.47 21.05
N ALA QB 214 123.88 37.38 20.66
CA ALA QB 214 124.93 36.87 21.54
C ALA QB 214 125.19 37.78 22.73
N LYS QB 215 124.82 39.05 22.62
CA LYS QB 215 124.72 39.90 23.79
C LYS QB 215 123.65 39.39 24.74
N ARG QB 216 122.42 39.27 24.26
CA ARG QB 216 121.32 38.82 25.11
C ARG QB 216 121.40 37.34 25.45
N MET QB 217 122.09 36.54 24.63
CA MET QB 217 122.30 35.15 25.02
C MET QB 217 123.31 35.04 26.15
N LYS QB 218 124.35 35.87 26.14
CA LYS QB 218 125.31 35.83 27.22
C LYS QB 218 124.79 36.52 28.48
N GLU QB 219 123.93 37.54 28.33
CA GLU QB 219 123.28 38.13 29.48
C GLU QB 219 122.33 37.14 30.14
N ALA QB 220 121.64 36.34 29.33
CA ALA QB 220 120.80 35.28 29.86
C ALA QB 220 121.58 34.01 30.16
N LYS QB 221 122.86 33.95 29.79
CA LYS QB 221 123.70 32.85 30.23
C LYS QB 221 124.12 33.03 31.68
N GLU QB 222 124.79 34.15 31.99
CA GLU QB 222 125.46 34.37 33.27
C GLU QB 222 124.52 34.44 34.47
N LYS QB 223 123.20 34.42 34.27
CA LYS QB 223 122.32 34.40 35.43
C LYS QB 223 122.06 32.98 35.91
N ARG QB 224 121.86 32.04 34.99
CA ARG QB 224 121.52 30.68 35.41
C ARG QB 224 122.73 29.87 35.87
N GLN QB 225 123.95 30.30 35.54
CA GLN QB 225 125.13 29.70 36.15
C GLN QB 225 125.60 30.44 37.39
N GLU QB 226 125.03 31.61 37.67
CA GLU QB 226 125.28 32.27 38.95
C GLU QB 226 124.64 31.52 40.11
N GLN QB 227 123.56 30.78 39.85
CA GLN QB 227 122.96 29.94 40.88
C GLN QB 227 123.82 28.72 41.20
N ILE QB 228 124.75 28.35 40.34
CA ILE QB 228 125.62 27.22 40.60
C ILE QB 228 126.70 27.62 41.61
N PRO RB 1 66.39 57.24 2.73
CA PRO RB 1 67.23 57.99 3.67
C PRO RB 1 67.23 59.48 3.36
N VAL RB 2 67.24 60.30 4.40
CA VAL RB 2 67.22 61.75 4.22
C VAL RB 2 67.93 62.36 5.42
N ALA RB 3 68.46 63.56 5.25
CA ALA RB 3 69.16 64.24 6.34
C ALA RB 3 68.21 65.16 7.09
N ARG RB 4 67.13 64.57 7.59
CA ARG RB 4 66.11 65.32 8.30
C ARG RB 4 65.90 64.72 9.67
N SER RB 5 65.67 65.59 10.64
CA SER RB 5 65.37 65.16 12.00
C SER RB 5 63.86 65.12 12.17
N TRP RB 6 63.39 64.16 12.96
CA TRP RB 6 61.96 64.04 13.20
C TRP RB 6 61.60 64.15 14.67
N VAL RB 7 62.49 64.69 15.48
CA VAL RB 7 62.27 64.75 16.92
C VAL RB 7 61.28 65.88 17.21
N CYS RB 8 60.18 65.54 17.84
CA CYS RB 8 59.18 66.52 18.19
C CYS RB 8 58.41 66.00 19.39
N ARG RB 9 57.95 66.91 20.23
CA ARG RB 9 57.09 66.54 21.33
C ARG RB 9 55.96 67.54 21.44
N LYS RB 10 54.87 67.11 22.05
CA LYS RB 10 53.82 68.05 22.38
C LYS RB 10 54.19 68.80 23.64
N THR RB 11 53.51 69.91 23.86
CA THR RB 11 53.79 70.74 25.03
C THR RB 11 52.61 70.86 25.98
N TYR RB 12 51.53 70.13 25.78
CA TYR RB 12 50.38 70.26 26.65
C TYR RB 12 49.66 68.94 26.73
N VAL RB 13 48.97 68.74 27.85
CA VAL RB 13 48.13 67.57 28.06
C VAL RB 13 46.73 68.07 28.34
N THR RB 14 45.79 67.72 27.47
CA THR RB 14 44.41 68.12 27.68
C THR RB 14 43.81 67.36 28.86
N PRO RB 15 42.96 68.00 29.66
CA PRO RB 15 42.52 67.39 30.91
C PRO RB 15 41.59 66.21 30.67
N ARG RB 16 41.53 65.34 31.67
CA ARG RB 16 40.82 64.08 31.54
C ARG RB 16 39.31 64.29 31.52
N ARG RB 17 38.81 65.23 32.28
CA ARG RB 17 37.39 65.53 32.28
C ARG RB 17 37.11 66.67 31.33
N PRO RB 18 36.13 66.56 30.44
CA PRO RB 18 35.85 67.70 29.55
C PRO RB 18 35.15 68.85 30.23
N PHE RB 19 34.23 68.57 31.15
CA PHE RB 19 33.38 69.63 31.70
C PHE RB 19 33.22 69.44 33.20
N GLU RB 20 34.05 70.12 33.98
CA GLU RB 20 33.74 70.35 35.39
C GLU RB 20 33.87 71.84 35.67
N LYS RB 21 32.85 72.41 36.29
CA LYS RB 21 32.76 73.86 36.41
C LYS RB 21 33.78 74.40 37.41
N SER RB 22 34.27 73.55 38.31
CA SER RB 22 35.35 73.94 39.20
C SER RB 22 36.63 74.25 38.43
N ARG RB 23 36.96 73.42 37.45
CA ARG RB 23 38.20 73.60 36.72
C ARG RB 23 38.05 74.63 35.61
N LEU RB 24 36.86 74.76 35.04
CA LEU RB 24 36.64 75.72 33.97
C LEU RB 24 36.78 77.15 34.47
N ASP RB 25 36.25 77.42 35.65
CA ASP RB 25 36.38 78.75 36.23
C ASP RB 25 37.80 78.99 36.74
N GLN RB 26 38.47 77.93 37.18
CA GLN RB 26 39.82 78.08 37.68
C GLN RB 26 40.80 78.39 36.55
N GLU RB 27 40.57 77.81 35.38
CA GLU RB 27 41.38 78.16 34.23
C GLU RB 27 40.93 79.44 33.56
N LEU RB 28 39.78 79.98 33.92
CA LEU RB 28 39.37 81.25 33.36
C LEU RB 28 40.06 82.41 34.07
N LYS RB 29 40.33 82.26 35.36
CA LYS RB 29 40.98 83.32 36.12
C LYS RB 29 42.40 83.57 35.64
N LEU RB 30 43.12 82.51 35.28
CA LEU RB 30 44.47 82.69 34.78
C LEU RB 30 44.49 83.38 33.43
N ILE RB 31 43.45 83.19 32.62
CA ILE RB 31 43.38 83.83 31.33
C ILE RB 31 43.14 85.32 31.48
N GLY RB 32 42.20 85.70 32.34
CA GLY RB 32 41.91 87.10 32.55
C GLY RB 32 42.99 87.85 33.28
N GLU RB 33 43.67 87.21 34.22
CA GLU RB 33 44.76 87.86 34.93
C GLU RB 33 45.98 88.08 34.06
N TYR RB 34 46.25 87.18 33.13
CA TYR RB 34 47.52 87.18 32.42
C TYR RB 34 47.38 87.29 30.91
N GLY RB 35 46.18 87.57 30.41
CA GLY RB 35 45.99 87.92 29.01
C GLY RB 35 46.31 86.83 28.01
N LEU RB 36 45.96 85.59 28.33
CA LEU RB 36 46.30 84.46 27.49
C LEU RB 36 45.22 84.23 26.44
N ARG RB 37 45.61 83.70 25.29
CA ARG RB 37 44.67 83.69 24.19
C ARG RB 37 43.73 82.49 24.21
N ASN RB 38 44.13 81.38 24.80
CA ASN RB 38 43.32 80.17 24.81
C ASN RB 38 43.75 79.31 25.98
N LYS RB 39 43.00 78.24 26.21
CA LYS RB 39 43.30 77.40 27.35
C LYS RB 39 44.46 76.45 27.11
N ARG RB 40 44.94 76.34 25.87
CA ARG RB 40 46.16 75.59 25.63
C ARG RB 40 47.35 76.23 26.32
N GLU RB 41 47.36 77.56 26.41
CA GLU RB 41 48.46 78.25 27.10
C GLU RB 41 48.37 78.08 28.60
N VAL RB 42 47.19 77.82 29.14
CA VAL RB 42 47.13 77.43 30.54
C VAL RB 42 47.66 76.02 30.71
N TRP RB 43 47.40 75.16 29.72
CA TRP RB 43 47.78 73.76 29.85
C TRP RB 43 49.25 73.56 29.59
N ARG RB 44 49.84 74.39 28.73
CA ARG RB 44 51.27 74.33 28.47
C ARG RB 44 52.08 74.68 29.70
N VAL RB 45 51.65 75.68 30.45
CA VAL RB 45 52.34 76.05 31.67
C VAL RB 45 52.10 75.01 32.75
N LYS RB 46 50.89 74.45 32.78
CA LYS RB 46 50.59 73.39 33.71
C LYS RB 46 51.37 72.12 33.39
N PHE RB 47 51.64 71.88 32.12
CA PHE RB 47 52.43 70.73 31.72
C PHE RB 47 53.90 70.94 31.97
N THR RB 48 54.38 72.19 31.91
CA THR RB 48 55.76 72.48 32.21
C THR RB 48 56.07 72.20 33.67
N LEU RB 49 55.13 72.55 34.56
CA LEU RB 49 55.32 72.32 35.99
C LEU RB 49 55.37 70.85 36.32
N ALA RB 50 54.52 70.05 35.66
CA ALA RB 50 54.43 68.63 36.00
C ALA RB 50 55.68 67.86 35.60
N LYS RB 51 56.36 68.29 34.53
CA LYS RB 51 57.64 67.65 34.19
C LYS RB 51 58.70 67.98 35.23
N ILE RB 52 58.64 69.18 35.78
CA ILE RB 52 59.58 69.57 36.83
C ILE RB 52 59.30 68.78 38.09
N ARG RB 53 58.03 68.52 38.37
CA ARG RB 53 57.68 67.77 39.57
C ARG RB 53 58.00 66.29 39.42
N LYS RB 54 57.85 65.74 38.22
CA LYS RB 54 58.25 64.34 38.01
C LYS RB 54 59.76 64.21 38.08
N ALA RB 55 60.49 65.22 37.62
CA ALA RB 55 61.93 65.24 37.83
C ALA RB 55 62.26 65.45 39.30
N ALA RB 56 61.36 66.08 40.05
CA ALA RB 56 61.57 66.30 41.46
C ALA RB 56 61.25 65.07 42.30
N ARG RB 57 60.07 64.47 42.10
CA ARG RB 57 59.64 63.34 42.91
C ARG RB 57 60.51 62.11 42.73
N GLU RB 58 61.12 61.97 41.55
CA GLU RB 58 62.12 60.94 41.35
C GLU RB 58 63.32 61.14 42.26
N LEU RB 59 63.74 62.40 42.44
CA LEU RB 59 64.96 62.65 43.20
C LEU RB 59 64.73 62.70 44.70
N LEU RB 60 63.49 62.84 45.15
CA LEU RB 60 63.22 62.75 46.58
C LEU RB 60 63.29 61.33 47.09
N THR RB 61 63.27 60.34 46.20
CA THR RB 61 63.29 58.95 46.62
C THR RB 61 64.67 58.37 46.75
N LEU RB 62 65.68 59.00 46.15
CA LEU RB 62 67.04 58.54 46.32
C LEU RB 62 67.57 59.06 47.65
N ASP RB 63 68.66 58.47 48.12
CA ASP RB 63 69.23 58.99 49.36
C ASP RB 63 69.99 60.29 49.09
N GLU RB 64 70.27 61.03 50.16
CA GLU RB 64 70.82 62.37 50.05
C GLU RB 64 72.28 62.38 49.63
N LYS RB 65 72.95 61.24 49.56
CA LYS RB 65 74.35 61.21 49.20
C LYS RB 65 74.58 60.51 47.86
N ASP RB 66 73.53 60.30 47.09
CA ASP RB 66 73.67 59.76 45.76
C ASP RB 66 74.21 60.85 44.83
N PRO RB 67 75.09 60.50 43.89
CA PRO RB 67 75.61 61.52 42.96
C PRO RB 67 74.57 62.08 42.01
N ARG RB 68 73.59 61.28 41.61
CA ARG RB 68 72.61 61.75 40.65
C ARG RB 68 71.63 62.73 41.28
N ARG RB 69 71.31 62.54 42.57
CA ARG RB 69 70.46 63.49 43.27
C ARG RB 69 71.19 64.81 43.48
N LEU RB 70 72.49 64.75 43.77
CA LEU RB 70 73.23 65.98 43.95
C LEU RB 70 73.46 66.70 42.63
N PHE RB 71 73.59 65.97 41.54
CA PHE RB 71 73.87 66.64 40.27
C PHE RB 71 72.61 67.20 39.64
N GLU RB 72 71.65 66.35 39.31
CA GLU RB 72 70.45 66.80 38.64
C GLU RB 72 69.52 67.57 39.56
N GLY RB 73 69.64 67.37 40.87
CA GLY RB 73 68.90 68.22 41.79
C GLY RB 73 69.39 69.65 41.76
N ASN RB 74 70.70 69.83 41.72
CA ASN RB 74 71.24 71.18 41.71
C ASN RB 74 71.08 71.84 40.34
N ALA RB 75 71.11 71.05 39.28
CA ALA RB 75 70.87 71.62 37.95
C ALA RB 75 69.40 71.91 37.72
N LEU RB 76 68.52 71.34 38.54
CA LEU RB 76 67.12 71.72 38.47
C LEU RB 76 66.87 72.98 39.28
N LEU RB 77 67.50 73.08 40.46
CA LEU RB 77 67.31 74.24 41.31
C LEU RB 77 67.87 75.50 40.69
N ARG RB 78 69.03 75.41 40.03
CA ARG RB 78 69.63 76.59 39.44
C ARG RB 78 68.83 77.07 38.23
N ARG RB 79 68.22 76.15 37.49
CA ARG RB 79 67.41 76.58 36.36
C ARG RB 79 66.11 77.22 36.82
N LEU RB 80 65.62 76.86 37.99
CA LEU RB 80 64.43 77.54 38.51
C LEU RB 80 64.75 78.92 39.03
N VAL RB 81 65.95 79.12 39.57
CA VAL RB 81 66.26 80.39 40.19
C VAL RB 81 66.65 81.44 39.16
N ARG RB 82 67.38 81.05 38.12
CA ARG RB 82 67.78 82.01 37.11
C ARG RB 82 66.61 82.50 36.25
N ILE RB 83 65.48 81.79 36.26
CA ILE RB 83 64.27 82.32 35.65
C ILE RB 83 63.35 82.96 36.67
N GLY RB 84 63.71 82.90 37.95
CA GLY RB 84 63.04 83.69 38.96
C GLY RB 84 61.82 83.07 39.60
N VAL RB 85 61.50 81.81 39.31
CA VAL RB 85 60.33 81.20 39.93
C VAL RB 85 60.64 80.61 41.29
N LEU RB 86 61.85 80.77 41.78
CA LEU RB 86 62.28 80.19 43.05
C LEU RB 86 63.28 81.12 43.70
N ASP RB 87 63.20 81.25 45.02
CA ASP RB 87 64.09 82.12 45.75
C ASP RB 87 65.38 81.39 46.13
N GLU RB 88 66.46 82.17 46.25
CA GLU RB 88 67.74 81.66 46.69
C GLU RB 88 67.74 81.28 48.17
N GLY RB 89 66.81 81.80 48.96
CA GLY RB 89 66.68 81.30 50.32
C GLY RB 89 66.10 79.90 50.37
N LYS RB 90 65.29 79.56 49.37
CA LYS RB 90 64.63 78.26 49.30
C LYS RB 90 65.35 77.37 48.29
N MET RB 91 66.61 77.05 48.59
CA MET RB 91 67.43 76.23 47.70
C MET RB 91 67.51 74.77 48.13
N LYS RB 92 66.47 74.25 48.76
CA LYS RB 92 66.42 72.83 49.02
C LYS RB 92 65.49 72.18 48.02
N LEU RB 93 65.66 70.87 47.85
CA LEU RB 93 64.97 70.16 46.80
C LEU RB 93 63.48 69.99 47.07
N ASP RB 94 63.06 70.01 48.33
CA ASP RB 94 61.67 69.82 48.68
C ASP RB 94 60.80 71.02 48.32
N TYR RB 95 61.39 72.19 48.19
CA TYR RB 95 60.60 73.39 47.93
C TYR RB 95 60.14 73.50 46.50
N ILE RB 96 60.63 72.64 45.60
CA ILE RB 96 60.08 72.59 44.25
C ILE RB 96 58.64 72.14 44.28
N LEU RB 97 58.30 71.22 45.19
CA LEU RB 97 56.96 70.69 45.29
C LEU RB 97 55.95 71.70 45.80
N GLY RB 98 56.39 72.80 46.37
CA GLY RB 98 55.46 73.81 46.82
C GLY RB 98 55.14 74.88 45.81
N LEU RB 99 55.59 74.75 44.57
CA LEU RB 99 55.43 75.80 43.59
C LEU RB 99 54.10 75.65 42.86
N LYS RB 100 53.60 76.76 42.35
CA LYS RB 100 52.35 76.80 41.60
C LYS RB 100 52.62 77.27 40.18
N ILE RB 101 51.62 77.15 39.32
CA ILE RB 101 51.79 77.61 37.93
C ILE RB 101 51.66 79.11 37.81
N GLU RB 102 51.23 79.80 38.86
CA GLU RB 102 51.18 81.25 38.84
C GLU RB 102 52.57 81.86 38.95
N ASP RB 103 53.56 81.07 39.35
CA ASP RB 103 54.93 81.55 39.39
C ASP RB 103 55.56 81.57 38.01
N PHE RB 104 55.18 80.64 37.15
CA PHE RB 104 55.66 80.63 35.78
C PHE RB 104 54.92 81.58 34.87
N LEU RB 105 53.64 81.83 35.15
CA LEU RB 105 52.92 82.87 34.45
C LEU RB 105 53.35 84.25 34.88
N GLU RB 106 53.93 84.38 36.08
CA GLU RB 106 54.49 85.64 36.52
C GLU RB 106 55.74 86.01 35.71
N ARG RB 107 56.40 85.02 35.11
CA ARG RB 107 57.67 85.24 34.43
C ARG RB 107 57.51 85.27 32.91
N ARG RB 108 56.29 85.45 32.41
CA ARG RB 108 56.15 85.72 30.99
C ARG RB 108 56.68 87.11 30.67
N LEU RB 109 56.98 87.32 29.40
CA LEU RB 109 57.30 88.68 28.98
C LEU RB 109 56.07 89.56 29.04
N GLN RB 110 54.92 89.02 28.67
CA GLN RB 110 53.65 89.75 28.72
C GLN RB 110 53.33 90.21 30.13
N THR RB 111 53.65 89.40 31.12
CA THR RB 111 53.48 89.84 32.50
C THR RB 111 54.48 90.93 32.86
N GLN RB 112 55.77 90.70 32.57
CA GLN RB 112 56.81 91.60 33.05
C GLN RB 112 56.91 92.87 32.24
N VAL RB 113 56.31 92.93 31.06
CA VAL RB 113 56.16 94.22 30.40
C VAL RB 113 55.21 95.12 31.18
N PHE RB 114 54.07 94.57 31.59
CA PHE RB 114 53.08 95.37 32.28
C PHE RB 114 53.50 95.72 33.70
N LYS RB 115 54.20 94.82 34.38
CA LYS RB 115 54.57 95.10 35.77
C LYS RB 115 55.82 95.94 35.90
N LEU RB 116 56.38 96.42 34.80
CA LEU RB 116 57.37 97.48 34.82
C LEU RB 116 56.79 98.81 34.38
N GLY RB 117 55.47 98.88 34.21
CA GLY RB 117 54.82 100.11 33.80
C GLY RB 117 55.07 100.52 32.37
N LEU RB 118 55.55 99.63 31.53
CA LEU RB 118 55.72 99.96 30.12
C LEU RB 118 54.41 99.89 29.35
N ALA RB 119 53.39 99.27 29.92
CA ALA RB 119 52.08 99.20 29.29
C ALA RB 119 51.01 99.74 30.23
N LYS RB 120 49.81 99.89 29.68
CA LYS RB 120 48.68 100.39 30.45
C LYS RB 120 47.75 99.27 30.91
N SER RB 121 47.68 98.18 30.17
CA SER RB 121 46.90 97.03 30.58
C SER RB 121 47.69 95.78 30.20
N ILE RB 122 47.32 94.67 30.81
CA ILE RB 122 47.96 93.42 30.42
C ILE RB 122 47.40 92.92 29.11
N HIS RB 123 46.18 93.31 28.75
CA HIS RB 123 45.74 93.16 27.38
C HIS RB 123 46.48 94.11 26.45
N HIS RB 124 46.88 95.27 26.94
CA HIS RB 124 47.66 96.20 26.13
C HIS RB 124 49.10 95.72 25.98
N ALA RB 125 49.62 95.02 26.98
CA ALA RB 125 51.02 94.61 26.95
C ALA RB 125 51.28 93.55 25.90
N ARG RB 126 50.34 92.63 25.68
CA ARG RB 126 50.49 91.61 24.67
C ARG RB 126 50.47 92.21 23.27
N VAL RB 127 49.76 93.30 23.07
CA VAL RB 127 49.71 93.95 21.77
C VAL RB 127 51.04 94.61 21.45
N LEU RB 128 51.69 95.23 22.44
CA LEU RB 128 52.95 95.91 22.19
C LEU RB 128 54.09 94.94 21.90
N ILE RB 129 53.95 93.69 22.33
CA ILE RB 129 54.98 92.70 22.03
C ILE RB 129 54.88 92.24 20.60
N ARG RB 130 53.67 91.92 20.14
CA ARG RB 130 53.49 91.41 18.78
C ARG RB 130 53.75 92.45 17.72
N GLN RB 131 53.78 93.74 18.08
CA GLN RB 131 53.99 94.80 17.12
C GLN RB 131 55.39 95.37 17.16
N ARG RB 132 56.32 94.66 17.82
CA ARG RB 132 57.76 94.91 17.77
C ARG RB 132 58.12 96.27 18.37
N HIS RB 133 57.51 96.60 19.50
CA HIS RB 133 57.87 97.80 20.24
C HIS RB 133 58.64 97.50 21.51
N ILE RB 134 58.87 96.24 21.82
CA ILE RB 134 59.56 95.85 23.05
C ILE RB 134 60.84 95.15 22.68
N ARG RB 135 61.94 95.52 23.34
CA ARG RB 135 63.19 94.80 23.21
C ARG RB 135 63.62 94.29 24.57
N VAL RB 136 64.32 93.16 24.55
CA VAL RB 136 65.19 92.76 25.65
C VAL RB 136 66.57 93.03 25.10
N ARG RB 137 67.59 92.99 25.97
CA ARG RB 137 68.75 93.89 26.02
C ARG RB 137 69.19 94.51 24.70
N LYS RB 138 69.27 93.72 23.62
CA LYS RB 138 69.43 94.27 22.28
C LYS RB 138 68.53 93.57 21.27
N GLN RB 139 67.70 92.64 21.70
CA GLN RB 139 66.90 91.83 20.79
C GLN RB 139 65.43 92.23 20.86
N VAL RB 140 64.86 92.53 19.69
CA VAL RB 140 63.42 92.75 19.60
C VAL RB 140 62.71 91.41 19.74
N VAL RB 141 61.76 91.34 20.67
CA VAL RB 141 61.07 90.08 20.98
C VAL RB 141 59.59 90.26 20.73
N ASN RB 142 59.04 89.49 19.79
CA ASN RB 142 57.60 89.47 19.57
C ASN RB 142 56.95 88.17 20.06
N ILE RB 143 57.44 87.63 21.16
CA ILE RB 143 56.92 86.40 21.73
C ILE RB 143 56.40 86.72 23.13
N PRO RB 144 55.09 86.68 23.36
CA PRO RB 144 54.57 86.94 24.71
C PRO RB 144 54.91 85.86 25.71
N SER RB 145 55.18 84.64 25.26
CA SER RB 145 55.50 83.54 26.16
C SER RB 145 56.99 83.44 26.45
N PHE RB 146 57.74 84.49 26.18
CA PHE RB 146 59.16 84.58 26.47
C PHE RB 146 59.39 84.57 27.97
N ILE RB 147 59.91 83.47 28.52
CA ILE RB 147 60.23 83.43 29.95
C ILE RB 147 61.48 84.27 30.16
N VAL RB 148 61.31 85.43 30.75
CA VAL RB 148 62.41 86.37 30.96
C VAL RB 148 63.24 85.92 32.16
N ARG RB 149 64.52 85.73 31.94
CA ARG RB 149 65.42 85.29 33.00
C ARG RB 149 65.63 86.42 34.01
N LEU RB 150 66.08 86.03 35.20
CA LEU RB 150 66.29 87.00 36.26
C LEU RB 150 67.50 87.88 35.99
N ASP RB 151 68.45 87.39 35.22
CA ASP RB 151 69.61 88.19 34.82
C ASP RB 151 69.20 89.34 33.90
N SER RB 152 68.24 89.11 33.02
CA SER RB 152 67.81 90.13 32.06
C SER RB 152 66.51 90.78 32.49
N GLN RB 153 66.23 90.80 33.78
CA GLN RB 153 65.07 91.52 34.29
C GLN RB 153 65.22 93.03 34.13
N LYS RB 154 66.44 93.54 34.30
CA LYS RB 154 66.66 94.98 34.23
C LYS RB 154 66.54 95.50 32.80
N HIS RB 155 66.81 94.66 31.80
CA HIS RB 155 67.06 95.12 30.45
C HIS RB 155 65.81 95.18 29.60
N ILE RB 156 64.64 95.15 30.21
CA ILE RB 156 63.40 95.22 29.45
C ILE RB 156 63.11 96.67 29.14
N ASP RB 157 63.01 96.99 27.85
CA ASP RB 157 62.95 98.37 27.43
C ASP RB 157 62.18 98.45 26.12
N PHE RB 158 61.70 99.66 25.81
CA PHE RB 158 61.11 99.91 24.51
C PHE RB 158 62.15 99.80 23.41
N SER RB 159 61.66 99.61 22.19
CA SER RB 159 62.54 99.36 21.07
C SER RB 159 63.18 100.66 20.57
N LEU RB 160 64.04 100.51 19.57
CA LEU RB 160 64.73 101.64 18.96
C LEU RB 160 64.02 102.15 17.71
N ARG RB 161 63.55 101.26 16.85
CA ARG RB 161 62.75 101.65 15.71
C ARG RB 161 61.35 102.04 16.11
N SER RB 162 60.93 101.72 17.33
CA SER RB 162 59.57 101.97 17.77
C SER RB 162 59.33 103.47 17.95
N PRO RB 163 58.12 103.94 17.66
CA PRO RB 163 57.79 105.33 17.97
C PRO RB 163 57.69 105.60 19.45
N TYR RB 164 57.48 104.56 20.25
CA TYR RB 164 57.35 104.77 21.70
C TYR RB 164 58.70 104.98 22.35
N GLY RB 165 59.75 104.34 21.86
CA GLY RB 165 61.06 104.54 22.41
C GLY RB 165 61.93 105.45 21.57
N GLY RB 166 61.98 105.19 20.26
CA GLY RB 166 62.84 105.95 19.39
C GLY RB 166 62.05 106.88 18.49
N GLY RB 167 62.58 107.14 17.30
CA GLY RB 167 61.96 108.05 16.36
C GLY RB 167 61.11 107.35 15.32
N ARG RB 168 60.80 108.09 14.25
CA ARG RB 168 60.04 107.66 13.07
C ARG RB 168 58.66 107.18 13.49
N PRO RB 169 57.72 108.09 13.74
CA PRO RB 169 56.36 107.69 14.14
C PRO RB 169 55.65 106.86 13.08
N GLY RB 170 54.61 106.15 13.52
CA GLY RB 170 53.94 105.14 12.72
C GLY RB 170 53.16 105.73 11.57
N ARG RB 171 52.73 104.84 10.68
CA ARG RB 171 52.19 105.26 9.39
C ARG RB 171 50.82 105.94 9.51
N VAL RB 172 50.14 105.75 10.63
CA VAL RB 172 48.92 106.50 10.88
C VAL RB 172 49.24 107.96 11.19
N LYS RB 173 50.20 108.20 12.06
CA LYS RB 173 50.53 109.56 12.46
C LYS RB 173 51.19 110.34 11.33
N ARG RB 174 51.90 109.65 10.44
CA ARG RB 174 52.55 110.34 9.34
C ARG RB 174 51.54 110.80 8.30
N LYS RB 175 50.67 109.90 7.83
CA LYS RB 175 49.73 110.27 6.77
C LYS RB 175 48.62 111.17 7.26
N ASN RB 176 48.45 111.34 8.57
CA ASN RB 176 47.65 112.46 9.07
C ASN RB 176 48.38 113.77 8.86
N ALA RB 177 49.66 113.82 9.20
CA ALA RB 177 50.47 115.02 8.98
C ALA RB 177 50.78 115.24 7.51
N LYS RB 178 50.75 114.19 6.68
CA LYS RB 178 50.92 114.37 5.25
C LYS RB 178 49.71 115.09 4.64
N LYS RB 179 48.53 114.84 5.18
CA LYS RB 179 47.33 115.53 4.71
C LYS RB 179 47.33 116.99 5.13
N GLY RB 180 47.72 117.25 6.37
CA GLY RB 180 47.86 118.62 6.85
C GLY RB 180 49.15 119.24 6.39
N ASP SB 1 -13.45 143.91 14.19
CA ASP SB 1 -14.61 143.72 15.06
C ASP SB 1 -15.71 142.96 14.32
N VAL SB 2 -15.55 142.83 13.01
CA VAL SB 2 -16.47 142.02 12.22
C VAL SB 2 -16.12 140.54 12.25
N ASN SB 3 -14.86 140.20 12.53
CA ASN SB 3 -14.45 138.83 12.81
C ASN SB 3 -14.01 138.64 14.24
N THR SB 4 -13.79 139.72 14.98
CA THR SB 4 -13.51 139.61 16.40
C THR SB 4 -14.77 139.24 17.18
N ALA SB 5 -15.93 139.68 16.69
CA ALA SB 5 -17.19 139.26 17.27
C ALA SB 5 -17.47 137.79 16.98
N LEU SB 6 -17.06 137.33 15.81
CA LEU SB 6 -17.22 135.94 15.40
C LEU SB 6 -16.35 134.98 16.21
N GLN SB 7 -15.37 135.49 16.96
CA GLN SB 7 -14.54 134.64 17.80
C GLN SB 7 -15.29 134.10 19.00
N GLU SB 8 -16.44 134.68 19.34
CA GLU SB 8 -17.17 134.27 20.53
C GLU SB 8 -18.65 134.01 20.31
N VAL SB 9 -19.29 134.65 19.33
CA VAL SB 9 -20.72 134.43 19.16
C VAL SB 9 -20.99 133.09 18.49
N LEU SB 10 -20.02 132.57 17.75
CA LEU SB 10 -20.10 131.22 17.22
C LEU SB 10 -19.55 130.18 18.18
N LYS SB 11 -18.93 130.61 19.29
CA LYS SB 11 -18.39 129.66 20.25
C LYS SB 11 -19.28 129.54 21.48
N THR SB 12 -19.86 130.66 21.93
CA THR SB 12 -20.74 130.66 23.08
C THR SB 12 -22.18 130.31 22.74
N ALA SB 13 -22.42 129.76 21.54
CA ALA SB 13 -23.75 129.30 21.18
C ALA SB 13 -23.83 127.78 21.03
N LEU SB 14 -22.69 127.09 20.97
CA LEU SB 14 -22.68 125.63 20.90
C LEU SB 14 -22.95 124.97 22.24
N ILE SB 15 -22.40 125.53 23.32
CA ILE SB 15 -22.40 124.83 24.60
C ILE SB 15 -23.77 124.83 25.25
N HIS SB 16 -24.64 125.78 24.89
CA HIS SB 16 -25.95 125.88 25.49
C HIS SB 16 -26.97 124.99 24.81
N ASP SB 17 -27.03 125.04 23.49
CA ASP SB 17 -27.96 124.19 22.75
C ASP SB 17 -27.27 123.81 21.45
N GLY SB 18 -27.76 122.73 20.86
CA GLY SB 18 -27.33 122.36 19.52
C GLY SB 18 -27.69 123.43 18.51
N LEU SB 19 -26.79 123.60 17.55
CA LEU SB 19 -26.85 124.71 16.61
C LEU SB 19 -27.15 124.17 15.22
N ALA SB 20 -27.82 124.98 14.40
CA ALA SB 20 -28.14 124.62 13.03
C ALA SB 20 -26.90 124.83 12.19
N ARG SB 21 -26.33 123.73 11.68
CA ARG SB 21 -25.03 123.75 10.99
C ARG SB 21 -25.19 122.98 9.69
N GLY SB 22 -25.37 123.71 8.60
CA GLY SB 22 -25.73 123.11 7.34
C GLY SB 22 -27.15 123.46 6.93
N ILE SB 23 -27.34 123.58 5.62
CA ILE SB 23 -28.50 124.29 5.11
C ILE SB 23 -29.79 123.48 5.28
N ARG SB 24 -29.69 122.15 5.42
CA ARG SB 24 -30.91 121.36 5.57
C ARG SB 24 -31.53 121.57 6.94
N GLU SB 25 -30.72 121.57 7.99
CA GLU SB 25 -31.24 121.88 9.31
C GLU SB 25 -31.29 123.38 9.56
N ALA SB 26 -30.69 124.19 8.69
CA ALA SB 26 -30.82 125.64 8.81
C ALA SB 26 -32.22 126.10 8.41
N ALA SB 27 -32.74 125.56 7.31
CA ALA SB 27 -34.06 125.94 6.83
C ALA SB 27 -35.19 125.42 7.73
N LYS SB 28 -34.88 124.53 8.66
CA LYS SB 28 -35.87 124.04 9.61
C LYS SB 28 -36.39 125.17 10.48
N ALA SB 29 -35.51 125.80 11.25
CA ALA SB 29 -35.92 126.83 12.19
C ALA SB 29 -36.30 128.14 11.52
N LEU SB 30 -35.96 128.33 10.25
CA LEU SB 30 -36.33 129.55 9.53
C LEU SB 30 -37.84 129.61 9.35
N ASP SB 31 -38.46 128.50 8.98
CA ASP SB 31 -39.91 128.49 8.93
C ASP SB 31 -40.52 128.19 10.29
N LYS SB 32 -39.74 127.65 11.23
CA LYS SB 32 -40.20 127.51 12.60
C LYS SB 32 -40.05 128.79 13.40
N ARG SB 33 -39.52 129.85 12.78
CA ARG SB 33 -39.56 131.26 13.20
C ARG SB 33 -38.61 131.55 14.38
N GLN SB 34 -38.04 130.52 14.98
CA GLN SB 34 -37.22 130.67 16.18
C GLN SB 34 -35.74 130.85 15.84
N ALA SB 35 -35.42 131.34 14.66
CA ALA SB 35 -34.04 131.53 14.26
C ALA SB 35 -33.59 132.97 14.49
N HIS SB 36 -32.37 133.11 14.95
CA HIS SB 36 -31.66 134.38 15.00
C HIS SB 36 -30.84 134.54 13.72
N LEU SB 37 -29.82 135.41 13.78
CA LEU SB 37 -28.90 135.70 12.67
C LEU SB 37 -28.36 134.45 11.99
N CYS SB 38 -28.34 134.48 10.67
CA CYS SB 38 -27.81 133.38 9.87
C CYS SB 38 -26.55 133.86 9.14
N VAL SB 39 -25.58 132.96 9.01
CA VAL SB 39 -24.26 133.30 8.52
C VAL SB 39 -24.06 132.64 7.16
N LEU SB 40 -23.55 133.40 6.20
CA LEU SB 40 -23.32 132.93 4.84
C LEU SB 40 -21.82 132.91 4.60
N ALA SB 41 -21.34 131.87 3.93
CA ALA SB 41 -19.96 131.80 3.50
C ALA SB 41 -19.87 132.00 1.99
N SER SB 42 -18.91 132.80 1.56
CA SER SB 42 -18.89 133.29 0.18
C SER SB 42 -17.68 132.73 -0.55
N ASN SB 43 -17.77 131.46 -0.94
CA ASN SB 43 -16.91 130.86 -1.95
C ASN SB 43 -17.67 129.83 -2.76
N CYS SB 44 -18.99 129.96 -2.82
CA CYS SB 44 -19.84 128.84 -3.21
C CYS SB 44 -19.84 128.61 -4.71
N ASP SB 45 -19.95 127.33 -5.10
CA ASP SB 45 -19.94 126.96 -6.50
C ASP SB 45 -21.34 126.96 -7.10
N GLU SB 46 -22.38 126.85 -6.26
CA GLU SB 46 -23.74 126.80 -6.75
C GLU SB 46 -24.45 128.09 -6.43
N PRO SB 47 -24.85 128.88 -7.44
CA PRO SB 47 -25.63 130.11 -7.15
C PRO SB 47 -27.01 129.81 -6.60
N MET SB 48 -27.59 128.66 -6.92
CA MET SB 48 -28.85 128.24 -6.33
C MET SB 48 -28.72 127.97 -4.84
N TYR SB 49 -27.54 127.54 -4.39
CA TYR SB 49 -27.28 127.43 -2.96
C TYR SB 49 -27.28 128.79 -2.28
N VAL SB 50 -26.77 129.81 -2.96
CA VAL SB 50 -26.58 131.12 -2.35
C VAL SB 50 -27.91 131.83 -2.19
N LYS SB 51 -28.67 131.93 -3.27
CA LYS SB 51 -29.94 132.67 -3.28
C LYS SB 51 -31.10 131.86 -2.71
N LEU SB 52 -30.82 130.74 -2.03
CA LEU SB 52 -31.87 130.00 -1.34
C LEU SB 52 -32.23 130.68 -0.03
N VAL SB 53 -31.28 131.38 0.59
CA VAL SB 53 -31.52 131.93 1.93
C VAL SB 53 -32.37 133.18 1.85
N GLU SB 54 -32.09 134.03 0.86
CA GLU SB 54 -32.80 135.30 0.71
C GLU SB 54 -34.24 135.13 0.28
N ALA SB 55 -34.64 133.95 -0.19
CA ALA SB 55 -36.03 133.69 -0.49
C ALA SB 55 -36.88 133.51 0.77
N LEU SB 56 -36.25 133.35 1.92
CA LEU SB 56 -36.94 133.13 3.18
C LEU SB 56 -36.66 134.20 4.20
N CYS SB 57 -35.40 134.53 4.44
CA CYS SB 57 -34.99 135.39 5.54
C CYS SB 57 -35.18 136.87 5.24
N ALA SB 58 -35.31 137.25 3.97
CA ALA SB 58 -35.41 138.67 3.62
C ALA SB 58 -36.76 139.23 4.01
N GLU SB 59 -37.83 138.46 3.83
CA GLU SB 59 -39.13 138.87 4.35
C GLU SB 59 -39.20 138.77 5.86
N HIS SB 60 -38.32 137.99 6.48
CA HIS SB 60 -38.23 137.95 7.92
C HIS SB 60 -37.31 139.09 8.40
N GLN SB 61 -37.08 139.16 9.71
CA GLN SB 61 -36.35 140.28 10.29
C GLN SB 61 -34.94 139.90 10.72
N ILE SB 62 -34.42 138.76 10.25
CA ILE SB 62 -33.08 138.32 10.57
C ILE SB 62 -32.16 138.72 9.44
N ASN SB 63 -30.87 138.86 9.73
CA ASN SB 63 -29.95 139.45 8.78
C ASN SB 63 -29.08 138.39 8.10
N LEU SB 64 -28.15 138.89 7.28
CA LEU SB 64 -27.21 138.07 6.53
C LEU SB 64 -25.81 138.56 6.82
N ILE SB 65 -25.04 137.75 7.53
CA ILE SB 65 -23.69 138.13 7.94
C ILE SB 65 -22.73 137.27 7.15
N LYS SB 66 -22.16 137.84 6.10
CA LYS SB 66 -21.31 137.10 5.18
C LYS SB 66 -19.94 136.88 5.81
N VAL SB 67 -19.33 135.75 5.46
CA VAL SB 67 -17.94 135.48 5.79
C VAL SB 67 -17.29 134.98 4.49
N ASP SB 68 -15.98 135.16 4.40
CA ASP SB 68 -15.29 134.94 3.14
C ASP SB 68 -15.14 133.45 2.83
N ASP SB 69 -14.81 132.65 3.82
CA ASP SB 69 -14.53 131.24 3.62
C ASP SB 69 -15.53 130.36 4.36
N ASN SB 70 -15.73 129.16 3.82
CA ASN SB 70 -16.46 128.10 4.51
C ASN SB 70 -15.53 127.15 5.25
N LYS SB 71 -14.39 126.80 4.66
CA LYS SB 71 -13.45 125.87 5.28
C LYS SB 71 -12.80 126.50 6.50
N LYS SB 72 -12.42 127.77 6.40
CA LYS SB 72 -11.92 128.50 7.55
C LYS SB 72 -13.00 128.67 8.62
N LEU SB 73 -14.25 128.90 8.21
CA LEU SB 73 -15.39 128.92 9.11
C LEU SB 73 -15.65 127.56 9.76
N GLY SB 74 -15.11 126.47 9.20
CA GLY SB 74 -15.17 125.17 9.84
C GLY SB 74 -14.48 125.10 11.19
N GLU SB 75 -13.55 126.02 11.47
CA GLU SB 75 -12.96 126.10 12.79
C GLU SB 75 -13.96 126.60 13.83
N TRP SB 76 -14.58 127.75 13.56
CA TRP SB 76 -15.42 128.40 14.56
C TRP SB 76 -16.73 127.69 14.79
N VAL SB 77 -17.24 126.96 13.80
CA VAL SB 77 -18.53 126.32 13.93
C VAL SB 77 -18.47 125.08 14.84
N GLY SB 78 -17.28 124.48 15.01
CA GLY SB 78 -17.14 123.36 15.90
C GLY SB 78 -16.93 122.03 15.22
N LEU SB 79 -16.11 122.03 14.17
CA LEU SB 79 -15.81 120.81 13.41
C LEU SB 79 -14.30 120.56 13.52
N CYS SB 80 -13.95 119.46 14.17
CA CYS SB 80 -12.55 119.12 14.42
C CYS SB 80 -11.92 118.45 13.19
N ARG SB 89 -6.26 118.71 13.24
CA ARG SB 89 -6.47 119.25 11.91
C ARG SB 89 -7.46 118.39 11.12
N LYS SB 90 -7.37 118.50 9.79
CA LYS SB 90 -8.25 117.80 8.84
C LYS SB 90 -9.72 118.10 9.11
N VAL SB 91 -10.04 119.37 9.32
CA VAL SB 91 -11.39 119.80 9.62
C VAL SB 91 -12.23 119.75 8.36
N VAL SB 92 -13.53 119.82 8.53
CA VAL SB 92 -14.44 120.05 7.42
C VAL SB 92 -15.11 121.40 7.67
N GLY SB 93 -15.45 122.11 6.60
CA GLY SB 93 -16.03 123.42 6.70
C GLY SB 93 -17.55 123.41 6.50
N CYS SB 94 -18.21 124.35 7.18
CA CYS SB 94 -19.64 124.55 7.07
C CYS SB 94 -19.92 125.82 6.28
N SER SB 95 -21.05 125.82 5.57
CA SER SB 95 -21.38 126.91 4.67
C SER SB 95 -22.70 127.61 4.98
N CYS SB 96 -23.39 127.21 6.03
CA CYS SB 96 -24.65 127.86 6.43
C CYS SB 96 -24.89 127.56 7.89
N VAL SB 97 -24.77 128.59 8.74
CA VAL SB 97 -24.88 128.44 10.19
C VAL SB 97 -25.99 129.35 10.69
N VAL SB 98 -26.90 128.80 11.47
CA VAL SB 98 -28.02 129.54 12.01
C VAL SB 98 -28.00 129.44 13.53
N VAL SB 99 -27.97 130.58 14.20
CA VAL SB 99 -28.10 130.63 15.65
C VAL SB 99 -29.57 130.59 16.00
N LYS SB 100 -29.93 129.71 16.94
CA LYS SB 100 -31.28 129.69 17.47
C LYS SB 100 -31.38 130.28 18.87
N ASP SB 101 -30.27 130.39 19.59
CA ASP SB 101 -30.30 130.91 20.95
C ASP SB 101 -28.90 131.39 21.32
N TYR SB 102 -28.85 132.39 22.21
CA TYR SB 102 -27.59 132.97 22.63
C TYR SB 102 -27.04 132.28 23.87
N GLY SB 103 -27.89 132.01 24.86
CA GLY SB 103 -27.46 131.36 26.08
C GLY SB 103 -26.81 132.32 27.06
N LYS SB 104 -25.65 132.85 26.69
CA LYS SB 104 -25.00 133.92 27.41
C LYS SB 104 -24.91 135.17 26.53
N GLU SB 105 -25.06 136.34 27.16
CA GLU SB 105 -24.88 137.62 26.47
C GLU SB 105 -23.64 138.30 27.06
N SER SB 106 -22.49 138.01 26.46
CA SER SB 106 -21.26 138.69 26.84
C SER SB 106 -20.92 139.82 25.88
N GLN SB 107 -20.63 139.48 24.63
CA GLN SB 107 -20.25 140.44 23.60
C GLN SB 107 -21.08 140.24 22.35
N ALA SB 108 -22.27 139.67 22.50
CA ALA SB 108 -23.21 139.56 21.41
C ALA SB 108 -23.96 140.86 21.18
N LYS SB 109 -23.76 141.87 22.02
CA LYS SB 109 -24.32 143.19 21.82
C LYS SB 109 -23.73 143.90 20.60
N ASP SB 110 -22.57 143.46 20.11
CA ASP SB 110 -21.95 144.06 18.93
C ASP SB 110 -22.78 143.82 17.69
N VAL SB 111 -23.48 142.68 17.63
CA VAL SB 111 -24.19 142.31 16.41
C VAL SB 111 -25.48 143.11 16.27
N ILE SB 112 -26.10 143.51 17.39
CA ILE SB 112 -27.33 144.27 17.34
C ILE SB 112 -27.09 145.66 16.75
N GLU SB 113 -26.07 146.35 17.24
CA GLU SB 113 -25.70 147.65 16.69
C GLU SB 113 -25.10 147.54 15.29
N GLU SB 114 -24.64 146.35 14.89
CA GLU SB 114 -24.13 146.11 13.56
C GLU SB 114 -25.22 146.07 12.50
N TYR SB 115 -26.46 145.76 12.88
CA TYR SB 115 -27.52 145.61 11.89
C TYR SB 115 -27.99 146.96 11.34
N PHE SB 116 -27.94 148.02 12.14
CA PHE SB 116 -28.58 149.28 11.80
C PHE SB 116 -27.84 150.07 10.72
N LYS SB 117 -26.58 149.73 10.42
CA LYS SB 117 -25.81 150.51 9.47
C LYS SB 117 -26.22 150.25 8.03
N CYS SB 118 -26.99 149.19 7.77
CA CYS SB 118 -27.42 148.88 6.41
C CYS SB 118 -28.59 149.74 5.96
N LYS SB 119 -29.46 150.14 6.90
CA LYS SB 119 -30.61 150.97 6.57
C LYS SB 119 -30.26 152.46 6.53
N LYS SB 120 -29.29 152.90 7.34
CA LYS SB 120 -28.88 154.30 7.39
C LYS SB 120 -28.18 154.73 6.10
N GLY TB 1 46.94 14.85 58.30
CA GLY TB 1 46.01 13.76 58.49
C GLY TB 1 46.55 12.46 57.96
N ARG TB 2 45.72 11.42 57.96
CA ARG TB 2 46.15 10.12 57.49
C ARG TB 2 46.37 10.14 55.98
N MET TB 3 47.15 9.17 55.52
CA MET TB 3 47.57 9.14 54.13
C MET TB 3 46.44 8.70 53.22
N HIS TB 4 45.73 7.64 53.58
CA HIS TB 4 44.62 7.16 52.77
C HIS TB 4 43.34 7.00 53.57
N ALA TB 5 43.17 7.79 54.61
CA ALA TB 5 41.94 7.84 55.38
C ALA TB 5 41.66 9.29 55.68
N PRO TB 6 40.42 9.65 55.91
CA PRO TB 6 40.13 11.00 56.39
C PRO TB 6 40.18 11.08 57.90
N GLY TB 7 41.15 10.43 58.53
CA GLY TB 7 41.32 10.46 59.96
C GLY TB 7 42.37 11.50 60.32
N LYS TB 8 42.06 12.26 61.36
CA LYS TB 8 42.97 13.28 61.86
C LYS TB 8 43.43 12.96 63.26
N GLY TB 9 43.43 11.69 63.64
CA GLY TB 9 43.67 11.32 65.02
C GLY TB 9 45.11 11.54 65.43
N LEU TB 10 45.29 12.04 66.66
CA LEU TB 10 46.62 12.42 67.07
C LEU TB 10 47.42 11.23 67.59
N SER TB 11 47.17 10.82 68.85
CA SER TB 11 47.53 9.55 69.48
C SER TB 11 48.87 8.91 69.11
N GLN TB 12 50.00 9.49 69.49
CA GLN TB 12 51.26 8.80 69.32
C GLN TB 12 51.99 8.79 70.64
N SER TB 13 53.22 8.27 70.65
CA SER TB 13 54.01 8.25 71.86
C SER TB 13 54.62 9.63 72.12
N ALA TB 14 55.22 9.77 73.30
CA ALA TB 14 55.80 11.04 73.74
C ALA TB 14 57.01 10.75 74.61
N LEU TB 15 58.20 10.80 74.04
CA LEU TB 15 59.42 10.50 74.78
C LEU TB 15 59.66 11.56 75.84
N PRO TB 16 60.16 11.17 77.00
CA PRO TB 16 60.44 12.15 78.06
C PRO TB 16 61.61 13.01 77.69
N TYR TB 17 61.80 14.08 78.47
CA TYR TB 17 62.81 15.08 78.14
C TYR TB 17 64.21 14.54 78.36
N ARG TB 18 64.51 14.06 79.56
CA ARG TB 18 65.87 13.63 79.84
C ARG TB 18 66.10 12.27 79.20
N ARG TB 19 67.18 12.16 78.44
CA ARG TB 19 67.54 10.93 77.78
C ARG TB 19 68.61 10.17 78.55
N SER TB 20 68.77 10.48 79.83
CA SER TB 20 69.68 9.74 80.68
C SER TB 20 69.04 8.42 81.11
N VAL TB 21 69.85 7.38 81.18
CA VAL TB 21 69.37 6.06 81.59
C VAL TB 21 69.02 6.09 83.08
N PRO TB 22 67.87 5.57 83.48
CA PRO TB 22 67.47 5.64 84.89
C PRO TB 22 68.37 4.81 85.78
N THR TB 23 68.47 5.24 87.04
CA THR TB 23 69.38 4.65 88.00
C THR TB 23 68.98 3.23 88.38
N TRP TB 24 67.69 2.95 88.46
CA TRP TB 24 67.23 1.62 88.84
C TRP TB 24 67.46 0.57 87.76
N LEU TB 25 67.83 0.96 86.55
CA LEU TB 25 68.11 0.01 85.48
C LEU TB 25 69.55 -0.46 85.62
N LYS TB 26 69.74 -1.59 86.30
CA LYS TB 26 71.07 -2.17 86.48
C LYS TB 26 71.31 -3.20 85.38
N LEU TB 27 71.58 -2.68 84.18
CA LEU TB 27 71.68 -3.53 83.00
C LEU TB 27 72.56 -2.83 81.98
N THR TB 28 73.70 -3.43 81.67
CA THR TB 28 74.72 -2.74 80.87
C THR TB 28 74.35 -2.75 79.39
N SER TB 29 75.16 -2.10 78.58
CA SER TB 29 74.87 -1.99 77.15
C SER TB 29 75.13 -3.29 76.43
N ASP TB 30 76.09 -4.08 76.90
CA ASP TB 30 76.33 -5.38 76.30
C ASP TB 30 75.20 -6.36 76.61
N ASP TB 31 74.66 -6.29 77.82
CA ASP TB 31 73.63 -7.23 78.23
C ASP TB 31 72.30 -6.98 77.54
N VAL TB 32 72.11 -5.77 77.04
CA VAL TB 32 70.95 -5.48 76.20
C VAL TB 32 71.19 -5.94 74.77
N LYS TB 33 72.41 -5.73 74.24
CA LYS TB 33 72.71 -6.14 72.88
C LYS TB 33 72.68 -7.66 72.74
N GLU TB 34 73.21 -8.37 73.74
CA GLU TB 34 73.07 -9.82 73.76
C GLU TB 34 71.61 -10.23 73.88
N GLN TB 35 70.81 -9.46 74.60
CA GLN TB 35 69.38 -9.73 74.73
C GLN TB 35 68.68 -9.53 73.39
N ILE TB 36 69.07 -8.50 72.64
CA ILE TB 36 68.49 -8.24 71.34
C ILE TB 36 68.92 -9.31 70.34
N TYR TB 37 70.11 -9.87 70.51
CA TYR TB 37 70.59 -10.92 69.62
C TYR TB 37 69.77 -12.18 69.74
N LYS TB 38 69.29 -12.49 70.94
CA LYS TB 38 68.51 -13.71 71.12
C LYS TB 38 67.06 -13.54 70.72
N LEU TB 39 66.48 -12.37 70.97
CA LEU TB 39 65.09 -12.14 70.60
C LEU TB 39 64.93 -12.07 69.09
N ALA TB 40 65.97 -11.63 68.38
CA ALA TB 40 65.91 -11.61 66.93
C ALA TB 40 66.16 -12.97 66.33
N LYS TB 41 66.82 -13.88 67.06
CA LYS TB 41 66.93 -15.26 66.60
C LYS TB 41 65.59 -15.97 66.63
N LYS TB 42 64.67 -15.54 67.48
CA LYS TB 42 63.34 -16.09 67.52
C LYS TB 42 62.43 -15.53 66.45
N GLY TB 43 62.96 -14.73 65.54
CA GLY TB 43 62.21 -14.26 64.41
C GLY TB 43 61.40 -13.02 64.66
N LEU TB 44 61.83 -12.17 65.58
CA LEU TB 44 61.04 -11.01 65.94
C LEU TB 44 61.54 -9.78 65.21
N THR TB 45 60.60 -9.00 64.69
CA THR TB 45 60.90 -7.77 63.99
C THR TB 45 61.35 -6.72 65.01
N PRO TB 46 62.12 -5.71 64.58
CA PRO TB 46 62.63 -4.73 65.55
C PRO TB 46 61.57 -3.89 66.25
N SER TB 47 60.36 -3.78 65.71
CA SER TB 47 59.29 -3.11 66.44
C SER TB 47 58.90 -3.88 67.68
N GLN TB 48 58.70 -5.20 67.55
CA GLN TB 48 58.27 -6.01 68.66
C GLN TB 48 59.43 -6.53 69.48
N ILE TB 49 60.66 -6.14 69.18
CA ILE TB 49 61.72 -6.35 70.15
C ILE TB 49 61.69 -5.26 71.21
N GLY TB 50 61.54 -4.00 70.79
CA GLY TB 50 61.46 -2.91 71.74
C GLY TB 50 60.24 -2.94 72.62
N VAL TB 51 59.20 -3.67 72.23
CA VAL TB 51 58.03 -3.85 73.09
C VAL TB 51 58.33 -4.82 74.21
N ILE TB 52 59.10 -5.86 73.92
CA ILE TB 52 59.46 -6.85 74.93
C ILE TB 52 60.41 -6.24 75.94
N LEU TB 53 61.39 -5.46 75.46
CA LEU TB 53 62.36 -4.85 76.36
C LEU TB 53 61.73 -3.76 77.21
N ARG TB 54 60.74 -3.06 76.67
CA ARG TB 54 60.05 -2.03 77.44
C ARG TB 54 59.16 -2.66 78.50
N ASP TB 55 58.45 -3.72 78.15
CA ASP TB 55 57.43 -4.24 79.04
C ASP TB 55 57.98 -5.18 80.09
N SER TB 56 59.15 -5.76 79.87
CA SER TB 56 59.63 -6.78 80.77
C SER TB 56 61.01 -6.50 81.35
N HIS TB 57 61.71 -5.49 80.87
CA HIS TB 57 63.08 -5.28 81.30
C HIS TB 57 63.36 -3.87 81.77
N GLY TB 58 62.42 -2.95 81.56
CA GLY TB 58 62.64 -1.58 81.96
C GLY TB 58 63.43 -0.76 80.98
N VAL TB 59 63.77 -1.32 79.83
CA VAL TB 59 64.53 -0.60 78.83
C VAL TB 59 63.52 0.20 78.03
N ALA TB 60 63.39 1.48 78.36
CA ALA TB 60 62.42 2.33 77.67
C ALA TB 60 62.88 2.68 76.27
N GLN TB 61 64.17 2.92 76.09
CA GLN TB 61 64.74 3.17 74.77
C GLN TB 61 66.06 2.46 74.67
N VAL TB 62 66.21 1.65 73.63
CA VAL TB 62 67.47 0.97 73.38
C VAL TB 62 68.57 1.95 73.03
N ARG TB 63 68.25 2.99 72.27
CA ARG TB 63 69.26 3.94 71.83
C ARG TB 63 69.76 4.87 72.92
N PHE TB 64 69.20 4.82 74.12
CA PHE TB 64 69.79 5.55 75.23
C PHE TB 64 70.73 4.69 76.03
N VAL TB 65 70.43 3.40 76.13
CA VAL TB 65 71.30 2.48 76.82
C VAL TB 65 72.54 2.20 75.99
N THR TB 66 72.35 1.90 74.71
CA THR TB 66 73.42 1.42 73.85
C THR TB 66 73.98 2.46 72.91
N GLY TB 67 73.24 3.53 72.65
CA GLY TB 67 73.65 4.53 71.70
C GLY TB 67 73.22 4.27 70.28
N ASN TB 68 72.57 3.15 70.01
CA ASN TB 68 72.23 2.75 68.66
C ASN TB 68 70.77 2.32 68.59
N LYS TB 69 70.18 2.58 67.44
CA LYS TB 69 68.86 2.06 67.15
C LYS TB 69 68.93 0.55 66.96
N ILE TB 70 67.77 -0.10 67.12
CA ILE TB 70 67.73 -1.57 67.13
C ILE TB 70 68.10 -2.13 65.77
N LEU TB 71 67.64 -1.49 64.69
CA LEU TB 71 67.94 -1.98 63.36
C LEU TB 71 69.42 -1.79 63.01
N ARG TB 72 70.08 -0.80 63.59
CA ARG TB 72 71.52 -0.69 63.40
C ARG TB 72 72.27 -1.78 64.13
N ILE TB 73 71.73 -2.27 65.24
CA ILE TB 73 72.39 -3.33 65.98
C ILE TB 73 72.29 -4.65 65.23
N LEU TB 74 71.14 -4.90 64.60
CA LEU TB 74 70.94 -6.15 63.89
C LEU TB 74 71.71 -6.18 62.58
N LYS TB 75 71.77 -5.07 61.86
CA LYS TB 75 72.56 -4.99 60.64
C LYS TB 75 74.05 -5.14 60.89
N SER TB 76 74.51 -4.80 62.09
CA SER TB 76 75.92 -4.94 62.40
C SER TB 76 76.30 -6.39 62.65
N LYS TB 77 75.34 -7.27 62.87
CA LYS TB 77 75.63 -8.66 63.16
C LYS TB 77 75.08 -9.64 62.13
N GLY TB 78 74.32 -9.16 61.16
CA GLY TB 78 73.75 -10.03 60.15
C GLY TB 78 72.40 -10.60 60.50
N LEU TB 79 71.78 -10.15 61.58
CA LEU TB 79 70.45 -10.60 61.95
C LEU TB 79 69.36 -9.74 61.35
N ALA TB 80 69.71 -8.90 60.41
CA ALA TB 80 68.73 -8.03 59.78
C ALA TB 80 67.90 -8.79 58.75
N PRO TB 81 66.62 -8.45 58.63
CA PRO TB 81 65.82 -8.98 57.53
C PRO TB 81 66.26 -8.38 56.21
N ASP TB 82 65.90 -9.07 55.13
CA ASP TB 82 66.17 -8.54 53.80
C ASP TB 82 65.18 -7.45 53.43
N LEU TB 83 63.91 -7.71 53.59
CA LEU TB 83 62.99 -6.62 53.42
C LEU TB 83 62.86 -5.85 54.73
N PRO TB 84 62.61 -4.55 54.65
CA PRO TB 84 62.24 -3.81 55.85
C PRO TB 84 60.91 -4.30 56.39
N GLU TB 85 60.75 -4.16 57.71
CA GLU TB 85 59.59 -4.72 58.39
C GLU TB 85 58.29 -4.05 57.97
N ASP TB 86 58.32 -2.76 57.68
CA ASP TB 86 57.08 -2.08 57.35
C ASP TB 86 56.68 -2.36 55.91
N LEU TB 87 57.66 -2.61 55.05
CA LEU TB 87 57.35 -3.07 53.71
C LEU TB 87 56.89 -4.53 53.73
N TYR TB 88 57.45 -5.33 54.63
CA TYR TB 88 57.03 -6.72 54.79
C TYR TB 88 55.58 -6.83 55.20
N HIS TB 89 55.12 -5.93 56.06
CA HIS TB 89 53.75 -6.02 56.53
C HIS TB 89 52.76 -5.42 55.54
N LEU TB 90 53.21 -4.54 54.65
CA LEU TB 90 52.31 -4.10 53.59
C LEU TB 90 52.17 -5.17 52.52
N ILE TB 91 53.23 -5.92 52.27
CA ILE TB 91 53.14 -6.99 51.29
C ILE TB 91 52.35 -8.17 51.87
N LYS TB 92 52.55 -8.47 53.15
CA LYS TB 92 51.80 -9.55 53.78
C LYS TB 92 50.32 -9.23 53.86
N LYS TB 93 49.98 -7.95 54.03
CA LYS TB 93 48.59 -7.54 54.01
C LYS TB 93 47.99 -7.62 52.62
N ALA TB 94 48.76 -7.27 51.59
CA ALA TB 94 48.28 -7.30 50.23
C ALA TB 94 48.09 -8.72 49.71
N VAL TB 95 48.69 -9.71 50.35
CA VAL TB 95 48.41 -11.08 49.97
C VAL TB 95 47.09 -11.56 50.55
N ALA TB 96 46.79 -11.19 51.78
CA ALA TB 96 45.57 -11.67 52.42
C ALA TB 96 44.32 -11.05 51.80
N VAL TB 97 44.42 -9.82 51.30
CA VAL TB 97 43.28 -9.24 50.61
C VAL TB 97 43.11 -9.86 49.25
N ARG TB 98 44.21 -10.07 48.53
CA ARG TB 98 44.14 -10.65 47.20
C ARG TB 98 43.79 -12.13 47.25
N LYS TB 99 44.07 -12.81 48.35
CA LYS TB 99 43.56 -14.16 48.49
C LYS TB 99 42.08 -14.15 48.83
N HIS TB 100 41.66 -13.19 49.66
CA HIS TB 100 40.24 -12.97 49.91
C HIS TB 100 39.49 -12.61 48.66
N LEU TB 101 40.12 -11.88 47.75
CA LEU TB 101 39.44 -11.38 46.59
C LEU TB 101 39.31 -12.43 45.49
N GLU TB 102 40.03 -13.54 45.62
CA GLU TB 102 39.83 -14.66 44.69
C GLU TB 102 38.47 -15.28 44.87
N ARG TB 103 38.04 -15.47 46.10
CA ARG TB 103 36.78 -16.13 46.39
C ARG TB 103 35.62 -15.17 46.46
N ASN TB 104 35.82 -14.01 47.07
CA ASN TB 104 34.77 -13.00 47.19
C ASN TB 104 35.12 -11.91 46.18
N ARG TB 105 34.65 -12.08 44.96
CA ARG TB 105 34.97 -11.12 43.91
C ARG TB 105 33.82 -10.17 43.61
N LYS TB 106 32.72 -10.27 44.33
CA LYS TB 106 31.73 -9.19 44.38
C LYS TB 106 32.05 -8.17 45.46
N ASP TB 107 33.08 -8.42 46.27
CA ASP TB 107 33.45 -7.55 47.38
C ASP TB 107 34.21 -6.39 46.79
N LYS TB 108 33.46 -5.37 46.36
CA LYS TB 108 34.05 -4.19 45.75
C LYS TB 108 34.76 -3.32 46.77
N ASP TB 109 34.48 -3.50 48.06
CA ASP TB 109 35.18 -2.74 49.07
C ASP TB 109 36.61 -3.25 49.23
N ALA TB 110 36.79 -4.56 49.21
CA ALA TB 110 38.12 -5.13 49.29
C ALA TB 110 38.93 -4.84 48.04
N LYS TB 111 38.28 -4.75 46.89
CA LYS TB 111 38.95 -4.32 45.69
C LYS TB 111 39.44 -2.88 45.82
N PHE TB 112 38.69 -2.06 46.53
CA PHE TB 112 39.09 -0.69 46.76
C PHE TB 112 40.26 -0.60 47.73
N ARG TB 113 40.20 -1.36 48.83
CA ARG TB 113 41.27 -1.32 49.82
C ARG TB 113 42.56 -1.92 49.32
N LEU TB 114 42.47 -2.90 48.42
CA LEU TB 114 43.68 -3.46 47.82
C LEU TB 114 44.41 -2.46 46.95
N ILE TB 115 43.69 -1.54 46.31
CA ILE TB 115 44.34 -0.47 45.56
C ILE TB 115 45.04 0.49 46.49
N LEU TB 116 44.45 0.76 47.65
CA LEU TB 116 45.07 1.68 48.61
C LEU TB 116 46.30 1.06 49.23
N ILE TB 117 46.24 -0.23 49.56
CA ILE TB 117 47.37 -0.90 50.16
C ILE TB 117 48.52 -0.99 49.17
N GLU TB 118 48.22 -1.35 47.92
CA GLU TB 118 49.28 -1.47 46.94
C GLU TB 118 49.83 -0.12 46.51
N SER TB 119 49.03 0.94 46.58
CA SER TB 119 49.57 2.27 46.38
C SER TB 119 50.56 2.63 47.47
N ARG TB 120 50.35 2.16 48.69
CA ARG TB 120 51.34 2.38 49.73
C ARG TB 120 52.60 1.56 49.50
N ILE TB 121 52.49 0.39 48.90
CA ILE TB 121 53.67 -0.43 48.62
C ILE TB 121 54.59 0.29 47.64
N HIS TB 122 54.03 0.87 46.60
CA HIS TB 122 54.84 1.52 45.60
C HIS TB 122 55.36 2.86 46.04
N ARG TB 123 54.68 3.54 46.96
CA ARG TB 123 55.25 4.73 47.55
C ARG TB 123 56.34 4.39 48.53
N LEU TB 124 56.29 3.21 49.11
CA LEU TB 124 57.29 2.86 50.10
C LEU TB 124 58.51 2.22 49.46
N ALA TB 125 58.32 1.43 48.42
CA ALA TB 125 59.47 0.91 47.68
C ALA TB 125 60.20 1.99 46.90
N ARG TB 126 59.51 3.07 46.51
CA ARG TB 126 60.20 4.21 45.91
C ARG TB 126 61.19 4.82 46.89
N TYR TB 127 60.83 4.84 48.16
CA TYR TB 127 61.69 5.41 49.17
C TYR TB 127 62.90 4.53 49.44
N TYR TB 128 62.71 3.24 49.63
CA TYR TB 128 63.84 2.38 49.90
C TYR TB 128 64.73 2.13 48.70
N LYS TB 129 64.28 2.45 47.49
CA LYS TB 129 65.15 2.31 46.34
C LYS TB 129 66.06 3.50 46.16
N THR TB 130 65.62 4.69 46.54
CA THR TB 130 66.49 5.85 46.47
C THR TB 130 67.41 5.95 47.67
N LYS TB 131 67.09 5.29 48.76
CA LYS TB 131 68.01 5.19 49.89
C LYS TB 131 68.94 4.00 49.77
N ARG TB 132 68.86 3.28 48.64
CA ARG TB 132 69.72 2.12 48.33
C ARG TB 132 69.55 1.00 49.35
N VAL TB 133 68.31 0.76 49.78
CA VAL TB 133 68.00 -0.37 50.63
C VAL TB 133 67.59 -1.59 49.82
N LEU TB 134 66.69 -1.43 48.95
CA LEU TB 134 66.33 -2.44 47.98
C LEU TB 134 67.14 -2.25 46.70
N PRO TB 135 67.39 -3.31 45.94
CA PRO TB 135 68.09 -3.17 44.67
C PRO TB 135 67.25 -2.38 43.66
N PRO TB 136 67.88 -1.72 42.69
CA PRO TB 136 67.10 -0.86 41.79
C PRO TB 136 66.22 -1.62 40.81
N ASN TB 137 66.45 -2.91 40.61
CA ASN TB 137 65.58 -3.72 39.78
C ASN TB 137 64.45 -4.36 40.56
N TRP TB 138 64.27 -4.01 41.82
CA TRP TB 138 63.26 -4.65 42.64
C TRP TB 138 61.88 -4.14 42.24
N LYS TB 139 61.06 -5.05 41.73
CA LYS TB 139 59.67 -4.72 41.47
C LYS TB 139 58.78 -5.52 42.40
N TYR TB 140 57.57 -5.04 42.56
CA TYR TB 140 56.52 -5.78 43.26
C TYR TB 140 55.61 -6.38 42.21
N GLU TB 141 55.69 -7.69 42.05
CA GLU TB 141 54.71 -8.42 41.26
C GLU TB 141 53.71 -9.03 42.23
N SER TB 142 52.43 -8.90 41.90
CA SER TB 142 51.41 -9.50 42.75
C SER TB 142 51.43 -11.02 42.67
N SER TB 143 51.77 -11.56 41.51
CA SER TB 143 51.69 -12.99 41.29
C SER TB 143 52.82 -13.78 41.96
N THR TB 144 53.92 -13.12 42.29
CA THR TB 144 55.06 -13.79 42.89
C THR TB 144 55.29 -13.40 44.34
N ALA TB 145 54.47 -12.53 44.90
CA ALA TB 145 54.76 -11.98 46.20
C ALA TB 145 54.40 -12.92 47.34
N SER TB 146 53.53 -13.88 47.09
CA SER TB 146 53.03 -14.74 48.16
C SER TB 146 54.13 -15.62 48.74
N ALA TB 147 55.13 -15.95 47.94
CA ALA TB 147 56.26 -16.73 48.41
C ALA TB 147 57.24 -15.91 49.21
N LEU TB 148 57.21 -14.59 49.11
CA LEU TB 148 58.18 -13.78 49.83
C LEU TB 148 57.80 -13.59 51.28
N VAL TB 149 56.52 -13.57 51.60
CA VAL TB 149 56.05 -13.39 52.96
C VAL TB 149 55.44 -14.70 53.44
N ALA TB 150 55.52 -14.93 54.75
CA ALA TB 150 55.05 -16.15 55.44
C ALA TB 150 55.54 -17.47 54.81
N LEU UB 1 -34.56 -21.69 71.76
CA LEU UB 1 -33.57 -22.73 71.54
C LEU UB 1 -32.19 -22.32 72.01
N GLY UB 2 -31.17 -22.93 71.38
CA GLY UB 2 -29.81 -22.60 71.69
C GLY UB 2 -29.22 -23.44 72.80
N PRO UB 3 -28.19 -22.94 73.44
CA PRO UB 3 -27.55 -23.70 74.52
C PRO UB 3 -28.37 -23.61 75.80
N GLN UB 4 -28.33 -24.69 76.56
CA GLN UB 4 -29.14 -24.80 77.78
C GLN UB 4 -28.29 -24.34 78.95
N VAL UB 5 -28.42 -23.06 79.29
CA VAL UB 5 -27.52 -22.34 80.18
C VAL UB 5 -28.31 -21.95 81.42
N ALA UB 6 -27.62 -21.81 82.55
CA ALA UB 6 -28.27 -21.51 83.82
C ALA UB 6 -28.73 -20.05 83.90
N GLU UB 7 -29.21 -19.65 85.07
CA GLU UB 7 -29.78 -18.32 85.25
C GLU UB 7 -28.71 -17.23 85.27
N GLY UB 8 -27.77 -17.32 86.21
CA GLY UB 8 -26.72 -16.32 86.31
C GLY UB 8 -25.64 -16.44 85.25
N GLU UB 9 -25.58 -17.56 84.53
CA GLU UB 9 -24.50 -17.79 83.59
C GLU UB 9 -24.75 -17.04 82.29
N ASN UB 10 -23.65 -16.64 81.65
CA ASN UB 10 -23.67 -16.01 80.34
C ASN UB 10 -22.79 -16.78 79.38
N VAL UB 11 -23.09 -16.68 78.10
CA VAL UB 11 -22.30 -17.34 77.07
C VAL UB 11 -21.66 -16.27 76.19
N PHE UB 12 -20.46 -16.55 75.72
CA PHE UB 12 -19.67 -15.59 74.98
C PHE UB 12 -19.60 -15.99 73.52
N GLY UB 13 -19.94 -15.05 72.64
CA GLY UB 13 -19.47 -15.08 71.28
C GLY UB 13 -18.32 -14.11 71.13
N VAL UB 14 -17.74 -14.09 69.94
CA VAL UB 14 -16.71 -13.13 69.61
C VAL UB 14 -17.25 -12.26 68.50
N CYS UB 15 -17.24 -10.96 68.71
CA CYS UB 15 -17.69 -10.00 67.71
C CYS UB 15 -16.47 -9.38 67.04
N HIS UB 16 -16.32 -9.63 65.75
CA HIS UB 16 -15.28 -9.03 64.94
C HIS UB 16 -15.84 -7.76 64.34
N ILE UB 17 -15.35 -6.61 64.77
CA ILE UB 17 -15.79 -5.34 64.22
C ILE UB 17 -14.71 -4.88 63.25
N PHE UB 18 -15.01 -4.96 61.96
CA PHE UB 18 -14.13 -4.47 60.92
C PHE UB 18 -14.68 -3.15 60.41
N ALA UB 19 -13.89 -2.09 60.58
CA ALA UB 19 -14.35 -0.73 60.32
C ALA UB 19 -13.34 -0.03 59.43
N SER UB 20 -13.54 -0.12 58.12
CA SER UB 20 -12.74 0.62 57.18
C SER UB 20 -13.43 1.94 56.89
N PHE UB 21 -12.76 2.77 56.09
CA PHE UB 21 -13.30 4.06 55.73
C PHE UB 21 -14.31 3.98 54.60
N ASN UB 22 -14.56 2.80 54.08
CA ASN UB 22 -15.61 2.61 53.09
C ASN UB 22 -16.81 1.88 53.61
N ASP UB 23 -16.69 1.12 54.70
CA ASP UB 23 -17.71 0.16 55.08
C ASP UB 23 -17.39 -0.35 56.49
N THR UB 24 -18.42 -0.88 57.17
CA THR UB 24 -18.29 -1.40 58.52
C THR UB 24 -18.94 -2.77 58.64
N PHE UB 25 -18.20 -3.73 59.18
CA PHE UB 25 -18.68 -5.09 59.42
C PHE UB 25 -18.86 -5.33 60.91
N VAL UB 26 -19.98 -5.95 61.29
CA VAL UB 26 -20.33 -6.20 62.70
C VAL UB 26 -20.48 -7.72 62.84
N HIS UB 27 -19.55 -8.45 62.26
CA HIS UB 27 -19.58 -9.91 62.26
C HIS UB 27 -19.48 -10.50 63.66
N VAL UB 28 -20.39 -11.42 64.00
CA VAL UB 28 -20.39 -12.13 65.28
C VAL UB 28 -20.23 -13.62 65.04
N THR UB 29 -19.23 -14.21 65.66
CA THR UB 29 -18.96 -15.63 65.59
C THR UB 29 -19.09 -16.25 66.97
N ASP UB 30 -18.82 -17.56 67.05
CA ASP UB 30 -18.74 -18.26 68.31
C ASP UB 30 -17.39 -17.99 68.97
N LEU UB 31 -17.04 -18.78 69.98
CA LEU UB 31 -15.77 -18.55 70.64
C LEU UB 31 -14.61 -19.08 69.82
N SER UB 32 -14.82 -20.10 69.00
CA SER UB 32 -13.75 -20.61 68.15
C SER UB 32 -13.47 -19.70 66.98
N GLY UB 33 -14.37 -18.77 66.66
CA GLY UB 33 -14.23 -17.96 65.47
C GLY UB 33 -14.55 -18.67 64.18
N LYS UB 34 -14.96 -19.93 64.22
CA LYS UB 34 -15.21 -20.64 62.98
C LYS UB 34 -16.67 -20.56 62.58
N GLU UB 35 -17.59 -20.61 63.52
CA GLU UB 35 -19.02 -20.64 63.22
C GLU UB 35 -19.61 -19.25 63.28
N THR UB 36 -20.13 -18.78 62.17
CA THR UB 36 -20.79 -17.47 62.12
C THR UB 36 -22.16 -17.55 62.78
N ILE UB 37 -22.39 -16.68 63.75
CA ILE UB 37 -23.71 -16.55 64.33
C ILE UB 37 -24.57 -15.59 63.52
N CYS UB 38 -24.07 -14.38 63.32
CA CYS UB 38 -24.73 -13.39 62.48
C CYS UB 38 -23.69 -12.43 61.96
N ARG UB 39 -23.81 -12.07 60.68
CA ARG UB 39 -23.04 -11.00 60.09
C ARG UB 39 -23.99 -10.00 59.48
N VAL UB 40 -23.95 -8.77 59.96
CA VAL UB 40 -24.66 -7.67 59.35
C VAL UB 40 -23.64 -6.61 59.01
N THR UB 41 -23.68 -6.15 57.79
CA THR UB 41 -22.73 -5.20 57.25
C THR UB 41 -23.37 -3.82 57.27
N GLY UB 42 -22.53 -2.79 57.45
CA GLY UB 42 -23.03 -1.43 57.48
C GLY UB 42 -23.65 -0.96 56.19
N GLY UB 43 -23.20 -1.49 55.06
CA GLY UB 43 -23.80 -1.15 53.79
C GLY UB 43 -24.99 -1.99 53.44
N MET UB 44 -25.51 -2.78 54.37
CA MET UB 44 -26.78 -3.44 54.18
C MET UB 44 -27.96 -2.59 54.59
N LYS UB 45 -27.72 -1.46 55.24
CA LYS UB 45 -28.79 -0.69 55.86
C LYS UB 45 -29.03 0.67 55.22
N VAL UB 46 -28.33 1.00 54.14
CA VAL UB 46 -28.47 2.31 53.51
C VAL UB 46 -28.69 2.13 52.02
N LYS UB 47 -28.78 3.26 51.33
CA LYS UB 47 -28.96 3.28 49.89
C LYS UB 47 -27.79 3.92 49.17
N ALA UB 48 -27.33 5.07 49.62
CA ALA UB 48 -26.16 5.69 49.02
C ALA UB 48 -24.90 4.96 49.43
N ASP UB 49 -23.91 4.98 48.54
CA ASP UB 49 -22.63 4.39 48.85
C ASP UB 49 -21.81 5.27 49.78
N ARG UB 50 -22.15 6.55 49.87
CA ARG UB 50 -21.44 7.43 50.76
C ARG UB 50 -21.82 7.22 52.22
N ASP UB 51 -22.94 6.56 52.48
CA ASP UB 51 -23.39 6.32 53.83
C ASP UB 51 -23.13 4.92 54.30
N GLU UB 52 -22.32 4.15 53.57
CA GLU UB 52 -21.94 2.82 54.00
C GLU UB 52 -21.12 2.89 55.29
N SER UB 53 -20.24 3.87 55.41
CA SER UB 53 -19.31 3.96 56.52
C SER UB 53 -19.71 5.02 57.53
N SER UB 54 -20.92 5.51 57.47
CA SER UB 54 -21.33 6.51 58.43
C SER UB 54 -21.61 5.85 59.76
N PRO UB 55 -21.42 6.58 60.87
CA PRO UB 55 -21.73 6.00 62.18
C PRO UB 55 -23.20 5.71 62.41
N TYR UB 56 -24.10 6.38 61.69
CA TYR UB 56 -25.50 6.02 61.80
C TYR UB 56 -25.78 4.68 61.16
N ALA UB 57 -25.03 4.32 60.13
CA ALA UB 57 -25.22 3.04 59.49
C ALA UB 57 -24.61 1.91 60.28
N ALA UB 58 -23.53 2.16 60.99
CA ALA UB 58 -22.96 1.12 61.83
C ALA UB 58 -23.81 0.88 63.06
N MET UB 59 -24.56 1.90 63.49
CA MET UB 59 -25.44 1.73 64.63
C MET UB 59 -26.60 0.81 64.28
N LEU UB 60 -27.21 1.02 63.11
CA LEU UB 60 -28.33 0.17 62.68
C LEU UB 60 -27.89 -1.25 62.42
N ALA UB 61 -26.66 -1.43 61.95
CA ALA UB 61 -26.13 -2.77 61.81
C ALA UB 61 -25.88 -3.41 63.15
N ALA UB 62 -25.43 -2.63 64.12
CA ALA UB 62 -25.15 -3.15 65.45
C ALA UB 62 -26.39 -3.53 66.22
N GLN UB 63 -27.53 -2.89 65.94
CA GLN UB 63 -28.75 -3.24 66.63
C GLN UB 63 -29.33 -4.54 66.11
N ASP UB 64 -29.29 -4.75 64.81
CA ASP UB 64 -29.84 -5.97 64.24
C ASP UB 64 -28.93 -7.17 64.39
N VAL UB 65 -27.71 -6.98 64.89
CA VAL UB 65 -26.86 -8.11 65.24
C VAL UB 65 -27.22 -8.65 66.61
N ALA UB 66 -27.35 -7.75 67.58
CA ALA UB 66 -27.63 -8.16 68.95
C ALA UB 66 -29.01 -8.77 69.08
N GLN UB 67 -29.98 -8.27 68.31
CA GLN UB 67 -31.30 -8.86 68.28
C GLN UB 67 -31.26 -10.28 67.74
N ARG UB 68 -30.38 -10.54 66.79
CA ARG UB 68 -30.20 -11.89 66.27
C ARG UB 68 -29.45 -12.78 67.24
N CYS UB 69 -28.52 -12.23 68.02
CA CYS UB 69 -27.75 -13.05 68.95
C CYS UB 69 -28.56 -13.45 70.16
N LYS UB 70 -29.40 -12.56 70.68
CA LYS UB 70 -30.13 -12.86 71.90
C LYS UB 70 -31.24 -13.88 71.68
N GLU UB 71 -31.69 -14.05 70.45
CA GLU UB 71 -32.59 -15.14 70.12
C GLU UB 71 -31.83 -16.37 69.69
N LEU UB 72 -30.51 -16.38 69.84
CA LEU UB 72 -29.74 -17.60 69.90
C LEU UB 72 -29.07 -17.78 71.25
N GLY UB 73 -29.45 -16.97 72.24
CA GLY UB 73 -29.02 -17.16 73.59
C GLY UB 73 -27.73 -16.48 73.96
N ILE UB 74 -27.01 -15.88 73.01
CA ILE UB 74 -25.71 -15.28 73.30
C ILE UB 74 -25.90 -14.03 74.14
N THR UB 75 -25.22 -13.97 75.27
CA THR UB 75 -25.44 -12.95 76.26
C THR UB 75 -24.35 -11.90 76.28
N ALA UB 76 -23.10 -12.30 76.05
CA ALA UB 76 -22.00 -11.38 76.16
C ALA UB 76 -21.04 -11.62 75.00
N LEU UB 77 -20.23 -10.61 74.70
CA LEU UB 77 -19.35 -10.67 73.53
C LEU UB 77 -17.95 -10.20 73.91
N HIS UB 78 -16.96 -10.89 73.38
CA HIS UB 78 -15.60 -10.36 73.33
C HIS UB 78 -15.46 -9.56 72.05
N ILE UB 79 -14.79 -8.42 72.14
CA ILE UB 79 -14.73 -7.48 71.04
C ILE UB 79 -13.36 -7.57 70.37
N LYS UB 80 -13.36 -7.58 69.04
CA LYS UB 80 -12.12 -7.52 68.26
C LYS UB 80 -12.25 -6.40 67.24
N LEU UB 81 -11.69 -5.24 67.54
CA LEU UB 81 -11.63 -4.16 66.57
C LEU UB 81 -10.61 -4.46 65.48
N ARG UB 82 -10.85 -3.89 64.31
CA ARG UB 82 -9.99 -4.17 63.17
C ARG UB 82 -10.09 -3.02 62.18
N ALA UB 83 -8.97 -2.40 61.88
CA ALA UB 83 -8.89 -1.44 60.80
C ALA UB 83 -8.53 -2.19 59.52
N THR UB 84 -8.23 -1.47 58.44
CA THR UB 84 -7.88 -2.15 57.19
C THR UB 84 -6.54 -2.86 57.32
N GLY UB 85 -5.51 -2.16 57.77
CA GLY UB 85 -4.26 -2.79 58.08
C GLY UB 85 -3.46 -3.15 56.85
N GLY UB 86 -2.35 -3.82 57.10
CA GLY UB 86 -1.46 -4.18 56.01
C GLY UB 86 -0.72 -2.97 55.51
N ASN UB 87 -0.81 -2.73 54.21
CA ASN UB 87 -0.18 -1.54 53.66
C ASN UB 87 -1.04 -0.31 53.90
N ARG UB 88 -2.30 -0.52 54.16
CA ARG UB 88 -3.27 0.56 54.22
C ARG UB 88 -3.32 1.09 55.65
N THR UB 89 -4.33 1.88 55.95
CA THR UB 89 -4.40 2.61 57.21
C THR UB 89 -4.58 1.66 58.39
N LYS UB 90 -4.24 2.17 59.57
CA LYS UB 90 -4.30 1.40 60.79
C LYS UB 90 -5.28 1.98 61.79
N THR UB 91 -5.79 3.16 61.54
CA THR UB 91 -6.83 3.70 62.39
C THR UB 91 -8.19 3.15 61.95
N PRO UB 92 -8.99 2.66 62.88
CA PRO UB 92 -10.30 2.14 62.51
C PRO UB 92 -11.25 3.24 62.09
N GLY UB 93 -12.29 2.82 61.37
CA GLY UB 93 -13.15 3.73 60.66
C GLY UB 93 -14.10 4.52 61.53
N PRO UB 94 -14.97 5.30 60.90
CA PRO UB 94 -15.92 6.11 61.68
C PRO UB 94 -16.96 5.29 62.41
N GLY UB 95 -17.32 4.12 61.91
CA GLY UB 95 -18.36 3.35 62.55
C GLY UB 95 -17.83 2.39 63.58
N ALA UB 96 -16.58 2.54 63.97
CA ALA UB 96 -16.02 1.64 64.97
C ALA UB 96 -16.54 1.98 66.36
N GLN UB 97 -16.64 3.26 66.68
CA GLN UB 97 -17.10 3.66 68.00
C GLN UB 97 -18.60 3.54 68.16
N SER UB 98 -19.36 3.87 67.14
CA SER UB 98 -20.81 3.86 67.24
C SER UB 98 -21.38 2.46 67.16
N ALA UB 99 -20.66 1.50 66.59
CA ALA UB 99 -21.14 0.14 66.64
C ALA UB 99 -20.91 -0.46 68.00
N LEU UB 100 -19.77 -0.15 68.61
CA LEU UB 100 -19.47 -0.68 69.93
C LEU UB 100 -20.35 -0.07 71.01
N ARG UB 101 -20.75 1.19 70.86
CA ARG UB 101 -21.68 1.76 71.81
C ARG UB 101 -23.06 1.15 71.66
N ALA UB 102 -23.55 1.07 70.42
CA ALA UB 102 -24.88 0.55 70.17
C ALA UB 102 -24.98 -0.93 70.49
N LEU UB 103 -23.88 -1.67 70.37
CA LEU UB 103 -23.86 -3.04 70.82
C LEU UB 103 -24.01 -3.12 72.33
N ALA UB 104 -23.43 -2.16 73.04
CA ALA UB 104 -23.55 -2.15 74.49
C ALA UB 104 -24.93 -1.70 74.94
N ARG UB 105 -25.51 -0.73 74.24
CA ARG UB 105 -26.78 -0.17 74.68
C ARG UB 105 -27.95 -1.12 74.49
N SER UB 106 -27.84 -2.09 73.59
CA SER UB 106 -28.94 -3.00 73.31
C SER UB 106 -28.87 -4.27 74.15
N GLY UB 107 -28.65 -4.14 75.47
CA GLY UB 107 -28.76 -5.26 76.38
C GLY UB 107 -27.74 -6.36 76.18
N MET UB 108 -26.63 -6.07 75.55
CA MET UB 108 -25.59 -7.05 75.30
C MET UB 108 -24.39 -6.72 76.18
N LYS UB 109 -23.78 -7.73 76.77
CA LYS UB 109 -22.69 -7.49 77.69
C LYS UB 109 -21.35 -7.69 77.00
N ILE UB 110 -20.30 -7.17 77.62
CA ILE UB 110 -19.01 -7.01 76.95
C ILE UB 110 -17.96 -7.76 77.73
N GLY UB 111 -17.25 -8.66 77.06
CA GLY UB 111 -16.07 -9.29 77.63
C GLY UB 111 -14.83 -8.46 77.38
N ARG UB 112 -13.80 -9.08 76.80
CA ARG UB 112 -12.57 -8.34 76.52
C ARG UB 112 -12.73 -7.51 75.25
N ILE UB 113 -11.85 -6.54 75.09
CA ILE UB 113 -11.82 -5.69 73.91
C ILE UB 113 -10.39 -5.74 73.40
N GLU UB 114 -10.19 -6.19 72.17
CA GLU UB 114 -8.84 -6.29 71.61
C GLU UB 114 -8.69 -5.72 70.21
N ASP UB 115 -7.43 -5.63 69.77
CA ASP UB 115 -7.11 -5.13 68.44
C ASP UB 115 -6.41 -6.20 67.63
N VAL UB 116 -7.03 -6.62 66.53
CA VAL UB 116 -6.45 -7.67 65.70
C VAL UB 116 -6.19 -7.20 64.27
N THR UB 117 -5.80 -5.93 64.14
CA THR UB 117 -5.51 -5.34 62.85
C THR UB 117 -4.21 -5.88 62.26
N PRO UB 118 -4.24 -6.35 61.00
CA PRO UB 118 -3.03 -6.85 60.38
C PRO UB 118 -1.92 -5.81 60.39
N ILE UB 119 -0.77 -6.19 60.92
CA ILE UB 119 0.36 -5.28 61.03
C ILE UB 119 1.58 -5.92 60.38
N PRO UB 120 2.02 -5.43 59.23
CA PRO UB 120 3.15 -6.07 58.56
C PRO UB 120 4.44 -5.86 59.33
N SER UB 121 5.22 -6.92 59.43
CA SER UB 121 6.49 -6.85 60.13
C SER UB 121 7.57 -6.38 59.19
N SER UB 123 5.89 -5.56 54.80
CA SER UB 123 5.09 -4.90 53.79
C SER UB 123 5.57 -4.94 52.34
N THR UB 124 4.67 -5.35 51.46
CA THR UB 124 4.78 -5.04 50.05
C THR UB 124 4.43 -3.56 49.84
N ARG UB 125 4.78 -3.11 48.76
CA ARG UB 125 4.64 -1.72 48.38
C ARG UB 125 3.18 -1.31 48.30
N ARG UB 126 2.88 -0.10 48.75
CA ARG UB 126 1.52 0.41 48.75
C ARG UB 126 1.06 0.79 47.36
N LYS UB 127 -0.25 0.96 47.24
CA LYS UB 127 -0.86 1.35 45.97
C LYS UB 127 -1.07 2.84 45.99
N GLY UB 128 0.02 3.57 45.81
CA GLY UB 128 -0.15 4.97 45.49
C GLY UB 128 0.65 5.49 44.32
N GLY UB 129 1.80 4.91 44.07
CA GLY UB 129 2.83 5.60 43.33
C GLY UB 129 3.78 6.32 44.25
N ARG UB 130 4.82 6.88 43.66
CA ARG UB 130 5.85 7.55 44.46
C ARG UB 130 5.37 8.90 44.93
N ARG UB 131 4.88 9.73 44.02
CA ARG UB 131 4.31 10.99 44.42
C ARG UB 131 2.98 10.83 45.12
N GLY UB 132 2.28 9.73 44.86
CA GLY UB 132 1.32 9.25 45.82
C GLY UB 132 0.02 10.00 46.01
N ARG UB 133 -0.94 9.85 45.10
CA ARG UB 133 -2.36 10.15 45.36
C ARG UB 133 -2.56 11.64 45.68
N ARG UB 134 -2.38 12.43 44.66
CA ARG UB 134 -2.45 13.87 44.78
C ARG UB 134 -3.74 14.35 44.14
N LEU UB 135 -4.45 15.20 44.86
CA LEU UB 135 -5.83 15.53 44.58
C LEU UB 135 -6.25 16.74 45.40
N VAL VB 1 49.92 20.20 54.20
CA VAL VB 1 50.63 20.23 55.47
C VAL VB 1 51.30 21.58 55.67
N ARG VB 2 52.06 21.68 56.75
CA ARG VB 2 52.83 22.87 57.07
C ARG VB 2 54.05 22.97 56.16
N MET VB 3 53.99 23.88 55.20
CA MET VB 3 55.11 24.10 54.32
C MET VB 3 56.03 25.21 54.81
N ASN VB 4 55.52 26.12 55.63
CA ASN VB 4 56.24 27.35 55.96
C ASN VB 4 56.05 27.65 57.43
N VAL VB 5 57.14 27.60 58.18
CA VAL VB 5 57.06 27.79 59.62
C VAL VB 5 56.93 29.27 59.98
N LEU VB 6 57.58 30.15 59.22
CA LEU VB 6 57.52 31.58 59.49
C LEU VB 6 56.13 32.14 59.28
N ALA VB 7 55.37 31.57 58.34
CA ALA VB 7 54.03 32.07 58.09
C ALA VB 7 53.09 31.72 59.23
N ASP VB 8 53.18 30.51 59.77
CA ASP VB 8 52.35 30.13 60.90
C ASP VB 8 52.76 30.85 62.18
N ALA VB 9 54.01 31.30 62.27
CA ALA VB 9 54.43 32.09 63.42
C ALA VB 9 53.84 33.48 63.36
N LEU VB 10 53.93 34.14 62.21
CA LEU VB 10 53.48 35.52 62.12
C LEU VB 10 51.96 35.61 62.05
N LYS VB 11 51.29 34.59 61.57
CA LYS VB 11 49.84 34.63 61.59
C LYS VB 11 49.31 34.46 63.01
N SER VB 12 50.03 33.72 63.84
CA SER VB 12 49.59 33.53 65.20
C SER VB 12 49.91 34.73 66.08
N ILE VB 13 50.99 35.45 65.77
CA ILE VB 13 51.26 36.69 66.48
C ILE VB 13 50.26 37.75 66.07
N ASN VB 14 49.88 37.76 64.80
CA ASN VB 14 48.93 38.74 64.32
C ASN VB 14 47.53 38.50 64.86
N ASN VB 15 47.13 37.24 65.00
CA ASN VB 15 45.81 36.99 65.54
C ASN VB 15 45.71 37.31 67.02
N ALA VB 16 46.76 37.06 67.79
CA ALA VB 16 46.72 37.35 69.21
C ALA VB 16 46.85 38.84 69.49
N GLU VB 17 47.39 39.59 68.53
CA GLU VB 17 47.51 41.04 68.70
C GLU VB 17 46.15 41.70 68.69
N LYS VB 18 45.31 41.36 67.71
CA LYS VB 18 44.00 41.97 67.63
C LYS VB 18 43.01 41.40 68.63
N ARG VB 19 43.29 40.23 69.20
CA ARG VB 19 42.50 39.77 70.33
C ARG VB 19 42.89 40.44 71.64
N GLY VB 20 43.93 41.25 71.63
CA GLY VB 20 44.36 41.94 72.82
C GLY VB 20 45.01 41.06 73.86
N LYS VB 21 45.65 39.98 73.46
CA LYS VB 21 46.29 39.12 74.45
C LYS VB 21 47.71 39.61 74.73
N ARG VB 22 48.22 39.22 75.89
CA ARG VB 22 49.56 39.62 76.30
C ARG VB 22 50.64 38.65 75.84
N GLN VB 23 50.34 37.35 75.81
CA GLN VB 23 51.33 36.35 75.46
C GLN VB 23 50.76 35.41 74.42
N VAL VB 24 51.66 34.73 73.71
CA VAL VB 24 51.29 33.90 72.58
C VAL VB 24 52.33 32.79 72.42
N LEU VB 25 51.86 31.58 72.15
CA LEU VB 25 52.75 30.47 71.84
C LEU VB 25 53.08 30.48 70.36
N ILE VB 26 54.35 30.28 70.05
CA ILE VB 26 54.79 30.07 68.68
C ILE VB 26 55.37 28.68 68.59
N ARG VB 27 54.74 27.86 67.82
CA ARG VB 27 55.19 26.49 67.71
C ARG VB 27 56.10 26.48 66.48
N PRO VB 28 56.63 25.35 66.04
CA PRO VB 28 58.08 25.12 66.08
C PRO VB 28 59.00 26.32 65.92
N CYS VB 29 59.90 26.43 66.88
CA CYS VB 29 60.95 27.43 66.84
C CYS VB 29 62.02 27.05 65.81
N SER VB 30 62.14 27.85 64.76
CA SER VB 30 63.32 27.80 63.91
C SER VB 30 64.22 28.97 64.27
N LYS VB 31 65.44 28.96 63.74
CA LYS VB 31 66.32 30.08 63.99
C LYS VB 31 65.99 31.28 63.12
N VAL VB 32 65.21 31.09 62.06
CA VAL VB 32 64.78 32.21 61.23
C VAL VB 32 63.75 33.04 61.96
N ILE VB 33 62.87 32.40 62.74
CA ILE VB 33 61.87 33.12 63.52
C ILE VB 33 62.54 33.95 64.59
N VAL VB 34 63.50 33.36 65.30
CA VAL VB 34 64.22 34.04 66.36
C VAL VB 34 64.94 35.26 65.82
N ARG VB 35 65.57 35.13 64.65
CA ARG VB 35 66.18 36.29 64.03
C ARG VB 35 65.15 37.26 63.48
N PHE VB 36 63.93 36.81 63.22
CA PHE VB 36 62.89 37.72 62.78
C PHE VB 36 62.33 38.50 63.96
N LEU VB 37 62.16 37.85 65.11
CA LEU VB 37 61.56 38.52 66.25
C LEU VB 37 62.49 39.57 66.84
N THR VB 38 63.81 39.33 66.80
CA THR VB 38 64.75 40.30 67.33
C THR VB 38 64.70 41.60 66.54
N VAL VB 39 64.51 41.53 65.23
CA VAL VB 39 64.36 42.72 64.43
C VAL VB 39 63.06 43.44 64.80
N MET VB 40 62.01 42.70 65.11
CA MET VB 40 60.81 43.31 65.64
C MET VB 40 61.01 43.85 67.05
N MET VB 41 61.93 43.26 67.79
CA MET VB 41 62.11 43.65 69.18
C MET VB 41 63.08 44.82 69.32
N LYS VB 42 64.09 44.89 68.45
CA LYS VB 42 64.99 46.04 68.49
C LYS VB 42 64.27 47.31 68.09
N HIS VB 43 63.33 47.21 67.17
CA HIS VB 43 62.52 48.38 66.86
C HIS VB 43 61.33 48.50 67.80
N GLY VB 44 61.17 47.54 68.69
CA GLY VB 44 60.40 47.75 69.90
C GLY VB 44 58.94 47.42 69.82
N TYR VB 45 58.54 46.55 68.90
CA TYR VB 45 57.12 46.28 68.80
C TYR VB 45 56.70 45.17 69.73
N ILE VB 46 57.61 44.31 70.13
CA ILE VB 46 57.29 43.22 71.02
C ILE VB 46 58.22 43.29 72.23
N GLY VB 47 57.79 42.66 73.32
CA GLY VB 47 58.59 42.60 74.51
C GLY VB 47 59.64 41.52 74.42
N GLU VB 48 60.19 41.18 75.57
CA GLU VB 48 61.13 40.07 75.64
C GLU VB 48 60.40 38.76 75.36
N PHE VB 49 61.05 37.87 74.63
CA PHE VB 49 60.46 36.58 74.34
C PHE VB 49 61.33 35.46 74.89
N GLU VB 50 60.65 34.48 75.47
CA GLU VB 50 61.29 33.32 76.10
C GLU VB 50 61.26 32.16 75.12
N ILE VB 51 62.39 31.53 74.91
CA ILE VB 51 62.49 30.36 74.03
C ILE VB 51 62.58 29.11 74.89
N ILE VB 52 61.75 28.12 74.59
CA ILE VB 52 61.64 26.89 75.36
C ILE VB 52 62.26 25.77 74.56
N ASP VB 53 63.20 25.06 75.17
CA ASP VB 53 63.90 23.97 74.51
C ASP VB 53 63.33 22.65 75.00
N ASP VB 54 62.83 21.84 74.07
CA ASP VB 54 62.23 20.55 74.42
C ASP VB 54 62.84 19.38 73.66
N HIS VB 55 64.11 19.50 73.26
CA HIS VB 55 64.86 18.47 72.54
C HIS VB 55 64.28 18.13 71.17
N ARG VB 56 63.44 19.01 70.63
CA ARG VB 56 63.08 19.06 69.23
C ARG VB 56 62.85 20.53 68.92
N ALA VB 57 62.18 20.82 67.81
CA ALA VB 57 61.88 22.20 67.44
C ALA VB 57 61.00 22.84 68.50
N GLY VB 58 61.56 23.80 69.22
CA GLY VB 58 60.97 24.25 70.47
C GLY VB 58 59.81 25.19 70.30
N LYS VB 59 59.46 25.85 71.40
CA LYS VB 59 58.35 26.78 71.46
C LYS VB 59 58.87 28.13 71.93
N ILE VB 60 58.20 29.20 71.53
CA ILE VB 60 58.56 30.55 71.92
C ILE VB 60 57.32 31.22 72.50
N VAL VB 61 57.45 31.73 73.72
CA VAL VB 61 56.44 32.59 74.32
C VAL VB 61 56.85 34.02 74.11
N VAL VB 62 55.96 34.84 73.56
CA VAL VB 62 56.27 36.21 73.18
C VAL VB 62 55.39 37.17 73.96
N ASN VB 63 56.00 38.15 74.61
CA ASN VB 63 55.24 39.22 75.23
C ASN VB 63 54.87 40.26 74.18
N LEU VB 64 53.60 40.62 74.15
CA LEU VB 64 53.09 41.60 73.20
C LEU VB 64 52.84 42.92 73.92
N THR VB 65 53.40 43.99 73.38
CA THR VB 65 53.22 45.30 73.97
C THR VB 65 51.88 45.92 73.64
N GLY VB 66 51.26 45.50 72.55
CA GLY VB 66 50.10 46.16 72.05
C GLY VB 66 50.38 47.21 71.00
N ARG VB 67 51.57 47.18 70.39
CA ARG VB 67 51.96 48.18 69.42
C ARG VB 67 51.82 47.71 67.99
N LEU VB 68 51.71 46.42 67.76
CA LEU VB 68 51.80 45.86 66.42
C LEU VB 68 50.49 46.05 65.68
N ASN VB 69 50.57 46.45 64.41
CA ASN VB 69 49.37 46.50 63.60
C ASN VB 69 49.22 45.24 62.78
N LYS VB 70 50.29 44.79 62.14
CA LYS VB 70 50.23 43.72 61.18
C LYS VB 70 51.62 43.18 60.91
N CYS VB 71 51.89 41.94 61.31
CA CYS VB 71 53.12 41.27 60.93
C CYS VB 71 52.78 40.24 59.85
N GLY VB 72 53.31 40.45 58.65
CA GLY VB 72 52.98 39.59 57.54
C GLY VB 72 54.23 38.96 56.96
N VAL VB 73 54.02 37.86 56.26
CA VAL VB 73 55.08 37.18 55.56
C VAL VB 73 54.82 37.33 54.08
N ILE VB 74 55.87 37.17 53.28
CA ILE VB 74 55.77 37.23 51.82
C ILE VB 74 56.22 35.89 51.27
N SER VB 75 55.35 35.25 50.51
CA SER VB 75 55.68 33.98 49.92
C SER VB 75 55.54 34.06 48.41
N PRO VB 76 56.54 33.64 47.65
CA PRO VB 76 57.81 33.06 48.04
C PRO VB 76 58.80 34.11 48.44
N ARG VB 77 59.98 33.70 48.84
CA ARG VB 77 61.00 34.65 49.23
C ARG VB 77 61.63 35.17 47.97
N PHE VB 78 61.00 36.18 47.38
CA PHE VB 78 61.48 36.79 46.15
C PHE VB 78 62.82 37.44 46.37
N ASP VB 79 63.75 37.21 45.45
CA ASP VB 79 65.00 37.93 45.48
C ASP VB 79 64.77 39.39 45.14
N VAL VB 80 65.37 40.29 45.93
CA VAL VB 80 65.14 41.72 45.79
C VAL VB 80 66.48 42.41 45.65
N GLN VB 81 66.66 43.11 44.54
CA GLN VB 81 67.82 43.96 44.36
C GLN VB 81 67.53 45.32 44.96
N LEU VB 82 68.60 46.09 45.18
CA LEU VB 82 68.46 47.44 45.71
C LEU VB 82 67.77 48.39 44.74
N LYS VB 83 67.71 48.05 43.46
CA LYS VB 83 67.00 48.87 42.50
C LYS VB 83 65.50 48.81 42.74
N ASP VB 84 65.01 47.65 43.13
CA ASP VB 84 63.58 47.38 43.21
C ASP VB 84 63.01 47.55 44.60
N LEU VB 85 63.86 47.93 45.57
CA LEU VB 85 63.45 47.90 46.96
C LEU VB 85 62.43 48.98 47.28
N GLU VB 86 62.55 50.14 46.65
CA GLU VB 86 61.61 51.22 46.90
C GLU VB 86 60.24 50.95 46.29
N LYS VB 87 60.14 50.03 45.33
CA LYS VB 87 58.83 49.62 44.84
C LYS VB 87 58.16 48.63 45.77
N TRP VB 88 58.91 47.87 46.54
CA TRP VB 88 58.31 47.10 47.62
C TRP VB 88 57.91 47.97 48.79
N GLN VB 89 58.51 49.16 48.92
CA GLN VB 89 58.20 49.99 50.08
C GLN VB 89 56.81 50.58 49.98
N ASN VB 90 56.42 51.06 48.80
CA ASN VB 90 55.09 51.61 48.67
C ASN VB 90 54.07 50.60 48.22
N ASN VB 91 54.34 49.31 48.36
CA ASN VB 91 53.31 48.29 48.23
C ASN VB 91 53.04 47.56 49.53
N LEU VB 92 53.97 47.61 50.47
CA LEU VB 92 53.83 46.90 51.73
C LEU VB 92 53.70 47.84 52.91
N LEU VB 93 54.31 48.95 52.86
CA LEU VB 93 54.31 49.76 54.05
C LEU VB 93 53.22 50.82 53.98
N PRO VB 94 52.59 51.15 55.11
CA PRO VB 94 51.52 52.15 55.08
C PRO VB 94 52.03 53.55 54.92
N SER VB 95 53.30 53.80 55.17
CA SER VB 95 53.83 55.15 55.07
C SER VB 95 55.34 55.08 54.85
N ARG VB 96 55.89 56.19 54.43
CA ARG VB 96 57.33 56.35 54.34
C ARG VB 96 57.94 56.75 55.68
N GLN VB 97 57.11 56.88 56.72
CA GLN VB 97 57.54 57.33 58.03
C GLN VB 97 57.85 56.18 58.97
N PHE VB 98 57.16 55.06 58.83
CA PHE VB 98 57.41 53.92 59.69
C PHE VB 98 57.13 52.63 58.94
N GLY VB 99 57.40 51.52 59.59
CA GLY VB 99 57.24 50.21 59.01
C GLY VB 99 58.54 49.73 58.41
N PHE VB 100 58.69 48.41 58.34
CA PHE VB 100 59.94 47.80 57.90
C PHE VB 100 59.65 46.61 57.03
N ILE VB 101 60.46 46.45 55.99
CA ILE VB 101 60.49 45.24 55.19
C ILE VB 101 61.71 44.45 55.63
N VAL VB 102 61.51 43.21 56.05
CA VAL VB 102 62.60 42.39 56.55
C VAL VB 102 63.21 41.62 55.41
N LEU VB 103 64.51 41.78 55.21
CA LEU VB 103 65.25 41.06 54.19
C LEU VB 103 66.15 40.04 54.87
N THR VB 104 66.49 39.01 54.14
CA THR VB 104 67.60 38.16 54.53
C THR VB 104 68.72 38.36 53.51
N THR VB 105 69.74 39.10 53.91
CA THR VB 105 70.88 39.35 53.06
C THR VB 105 72.00 38.44 53.50
N SER VB 106 73.14 38.54 52.81
CA SER VB 106 74.29 37.73 53.17
C SER VB 106 74.89 38.14 54.50
N ALA VB 107 74.67 39.38 54.91
CA ALA VB 107 75.14 39.81 56.22
C ALA VB 107 74.14 39.56 57.33
N GLY VB 108 73.07 38.83 57.04
CA GLY VB 108 72.14 38.43 58.07
C GLY VB 108 70.76 38.96 57.79
N ILE VB 109 69.83 38.62 58.67
CA ILE VB 109 68.45 39.06 58.53
C ILE VB 109 68.33 40.50 59.00
N MET VB 110 67.91 41.36 58.09
CA MET VB 110 67.97 42.81 58.23
C MET VB 110 66.61 43.40 57.94
N ASP VB 111 66.35 44.57 58.49
CA ASP VB 111 65.25 45.38 58.00
C ASP VB 111 65.76 46.24 56.84
N HIS VB 112 64.82 46.87 56.14
CA HIS VB 112 65.16 47.46 54.85
C HIS VB 112 65.96 48.74 55.00
N GLU VB 113 65.82 49.45 56.12
CA GLU VB 113 66.62 50.64 56.33
C GLU VB 113 68.08 50.30 56.58
N GLU VB 114 68.34 49.13 57.17
CA GLU VB 114 69.72 48.74 57.40
C GLU VB 114 70.37 48.26 56.11
N ALA VB 115 69.59 47.70 55.19
CA ALA VB 115 70.17 47.16 53.97
C ALA VB 115 70.58 48.26 53.01
N ARG VB 116 69.88 49.40 53.02
CA ARG VB 116 70.36 50.55 52.27
C ARG VB 116 71.68 51.06 52.82
N ARG VB 117 71.85 51.04 54.14
CA ARG VB 117 73.10 51.51 54.74
C ARG VB 117 74.24 50.58 54.40
N LYS VB 118 73.97 49.29 54.35
CA LYS VB 118 75.01 48.31 54.11
C LYS VB 118 75.20 48.06 52.61
N HIS VB 119 74.30 48.58 51.78
CA HIS VB 119 74.33 48.49 50.32
C HIS VB 119 74.37 47.04 49.86
N THR VB 120 73.28 46.33 50.16
CA THR VB 120 73.15 44.95 49.73
C THR VB 120 71.68 44.59 49.59
N GLY VB 121 71.40 43.69 48.65
CA GLY VB 121 70.07 43.15 48.49
C GLY VB 121 69.96 41.81 49.16
N GLY VB 122 68.78 41.23 49.04
CA GLY VB 122 68.57 39.91 49.58
C GLY VB 122 67.18 39.43 49.24
N LYS VB 123 66.85 38.28 49.78
CA LYS VB 123 65.50 37.75 49.64
C LYS VB 123 64.63 38.37 50.71
N ILE VB 124 63.36 38.56 50.39
CA ILE VB 124 62.43 39.17 51.31
C ILE VB 124 61.80 38.09 52.17
N LEU VB 125 61.75 38.32 53.48
CA LEU VB 125 61.07 37.38 54.35
C LEU VB 125 59.64 37.81 54.60
N GLY VB 126 59.47 38.98 55.18
CA GLY VB 126 58.14 39.49 55.39
C GLY VB 126 58.18 40.97 55.62
N PHE VB 127 57.33 41.45 56.51
CA PHE VB 127 57.30 42.84 56.90
C PHE VB 127 56.53 42.94 58.20
N PHE VB 128 56.68 44.07 58.87
CA PHE VB 128 55.84 44.37 60.02
C PHE VB 128 55.73 45.87 60.13
N PHE VB 129 54.60 46.32 60.66
CA PHE VB 129 54.39 47.72 60.94
C PHE VB 129 53.37 47.86 62.04
N THR WB 1 75.83 104.58 10.89
CA THR WB 1 76.53 104.14 9.70
C THR WB 1 76.67 102.63 9.69
N VAL WB 2 77.53 102.12 8.81
CA VAL WB 2 77.77 100.68 8.69
C VAL WB 2 79.20 100.41 9.14
N THR WB 3 79.35 99.72 10.26
CA THR WB 3 80.66 99.31 10.74
C THR WB 3 80.81 97.80 10.57
N ILE WB 4 82.05 97.38 10.31
CA ILE WB 4 82.37 95.99 10.05
C ILE WB 4 83.46 95.57 11.02
N ARG WB 5 83.12 94.69 11.95
CA ARG WB 5 84.13 94.05 12.76
C ARG WB 5 84.15 92.56 12.43
N THR WB 6 85.32 91.95 12.58
CA THR WB 6 85.50 90.56 12.25
C THR WB 6 86.00 89.81 13.47
N ARG WB 7 85.41 88.64 13.72
CA ARG WB 7 85.86 87.77 14.78
C ARG WB 7 86.24 86.42 14.19
N LYS WB 8 86.84 85.59 15.04
CA LYS WB 8 87.25 84.22 14.73
C LYS WB 8 88.20 84.20 13.53
N PHE WB 9 89.16 85.11 13.56
CA PHE WB 9 90.13 85.23 12.49
C PHE WB 9 91.13 84.08 12.55
N MET WB 10 91.47 83.56 11.38
CA MET WB 10 92.62 82.69 11.26
C MET WB 10 93.13 82.78 9.83
N THR WB 11 94.42 82.50 9.68
CA THR WB 11 95.04 82.46 8.36
C THR WB 11 95.35 81.01 8.01
N ASN WB 12 95.10 80.66 6.75
CA ASN WB 12 95.26 79.29 6.28
C ASN WB 12 96.34 79.32 5.22
N ARG WB 13 97.57 79.05 5.64
CA ARG WB 13 98.68 78.93 4.71
C ARG WB 13 98.49 77.76 3.74
N LEU WB 14 97.76 76.73 4.16
CA LEU WB 14 97.58 75.56 3.31
C LEU WB 14 96.73 75.88 2.10
N LEU WB 15 95.74 76.75 2.24
CA LEU WB 15 94.97 77.23 1.11
C LEU WB 15 95.32 78.66 0.73
N GLN WB 16 96.39 79.21 1.31
CA GLN WB 16 96.94 80.52 0.98
C GLN WB 16 95.90 81.63 1.17
N ARG WB 17 95.35 81.70 2.38
CA ARG WB 17 94.23 82.61 2.59
C ARG WB 17 94.14 83.01 4.05
N LYS WB 18 93.29 84.02 4.27
CA LYS WB 18 92.91 84.47 5.61
C LYS WB 18 91.39 84.44 5.65
N GLN WB 19 90.83 83.64 6.54
CA GLN WB 19 89.39 83.45 6.58
C GLN WB 19 88.82 83.91 7.92
N MET WB 20 87.65 84.55 7.86
CA MET WB 20 87.11 85.31 8.96
C MET WB 20 85.64 85.00 9.12
N VAL WB 21 85.08 85.43 10.25
CA VAL WB 21 83.65 85.57 10.44
C VAL WB 21 83.34 87.05 10.56
N ILE WB 22 82.50 87.54 9.68
CA ILE WB 22 82.25 88.97 9.55
C ILE WB 22 80.99 89.35 10.30
N ASP WB 23 81.11 90.29 11.23
CA ASP WB 23 79.97 90.87 11.91
C ASP WB 23 79.69 92.24 11.30
N VAL WB 24 78.43 92.48 10.95
CA VAL WB 24 78.02 93.71 10.28
C VAL WB 24 76.98 94.39 11.16
N LEU WB 25 77.07 95.71 11.28
CA LEU WB 25 76.10 96.49 12.04
C LEU WB 25 75.49 97.54 11.13
N HIS WB 26 74.17 97.63 11.14
CA HIS WB 26 73.45 98.62 10.35
C HIS WB 26 72.08 98.90 10.96
N PRO WB 27 72.01 99.69 12.03
CA PRO WB 27 70.77 99.74 12.84
C PRO WB 27 69.59 100.42 12.16
N GLY WB 28 69.77 101.00 10.98
CA GLY WB 28 68.62 101.52 10.26
C GLY WB 28 68.54 101.04 8.83
N LYS WB 29 69.66 100.55 8.30
CA LYS WB 29 69.76 100.22 6.90
C LYS WB 29 69.12 98.87 6.61
N ALA WB 30 69.08 98.52 5.34
CA ALA WB 30 68.66 97.20 4.90
C ALA WB 30 69.84 96.24 5.02
N THR WB 31 69.73 95.08 4.41
CA THR WB 31 70.86 94.17 4.34
C THR WB 31 71.90 94.78 3.42
N VAL WB 32 73.10 95.02 3.95
CA VAL WB 32 74.17 95.67 3.20
C VAL WB 32 74.62 94.75 2.07
N PRO WB 33 74.72 95.25 0.83
CA PRO WB 33 75.10 94.39 -0.29
C PRO WB 33 76.52 93.88 -0.19
N LYS WB 34 76.80 92.81 -0.92
CA LYS WB 34 78.10 92.17 -0.83
C LYS WB 34 79.19 92.97 -1.52
N THR WB 35 78.83 93.88 -2.41
CA THR WB 35 79.84 94.71 -3.04
C THR WB 35 80.35 95.80 -2.10
N GLU WB 36 79.48 96.29 -1.22
CA GLU WB 36 79.89 97.36 -0.34
C GLU WB 36 80.80 96.87 0.77
N ILE WB 37 80.54 95.67 1.28
CA ILE WB 37 81.28 95.16 2.43
C ILE WB 37 82.71 94.77 2.06
N ARG WB 38 82.93 94.25 0.86
CA ARG WB 38 84.27 93.85 0.45
C ARG WB 38 85.19 95.04 0.19
N GLU WB 39 84.63 96.24 0.04
CA GLU WB 39 85.45 97.44 -0.03
C GLU WB 39 86.04 97.79 1.32
N LYS WB 40 85.24 97.71 2.39
CA LYS WB 40 85.74 98.03 3.71
C LYS WB 40 86.75 97.01 4.20
N LEU WB 41 86.58 95.76 3.78
CA LEU WB 41 87.59 94.75 4.04
C LEU WB 41 88.89 95.04 3.28
N ALA WB 42 88.77 95.63 2.09
CA ALA WB 42 89.97 96.02 1.35
C ALA WB 42 90.71 97.16 2.01
N LYS WB 43 90.04 97.94 2.84
CA LYS WB 43 90.73 98.99 3.58
C LYS WB 43 91.08 98.57 4.99
N MET WB 44 90.42 97.55 5.54
CA MET WB 44 90.85 97.03 6.82
C MET WB 44 92.02 96.07 6.70
N TYR WB 45 92.29 95.57 5.51
CA TYR WB 45 93.40 94.64 5.31
C TYR WB 45 94.27 95.01 4.13
N LYS WB 46 94.07 96.20 3.55
CA LYS WB 46 95.04 96.88 2.70
C LYS WB 46 95.33 96.12 1.39
N THR WB 47 94.28 95.56 0.81
CA THR WB 47 94.40 94.94 -0.50
C THR WB 47 93.39 95.54 -1.47
N THR WB 48 93.27 94.96 -2.60
CA THR WB 48 92.29 95.27 -3.62
C THR WB 48 90.98 94.57 -3.31
N PRO WB 49 89.84 95.06 -3.81
CA PRO WB 49 88.60 94.28 -3.66
C PRO WB 49 88.45 93.22 -4.73
N ASP WB 50 89.47 92.38 -4.90
CA ASP WB 50 89.46 91.33 -5.91
C ASP WB 50 89.94 90.00 -5.38
N VAL WB 51 90.53 89.95 -4.19
CA VAL WB 51 90.93 88.71 -3.54
C VAL WB 51 90.15 88.50 -2.25
N ILE WB 52 89.05 89.21 -2.06
CA ILE WB 52 88.25 89.14 -0.85
C ILE WB 52 86.89 88.59 -1.23
N PHE WB 53 86.56 87.42 -0.70
CA PHE WB 53 85.37 86.67 -1.08
C PHE WB 53 84.42 86.61 0.10
N VAL WB 54 83.14 86.88 -0.15
CA VAL WB 54 82.14 86.86 0.89
C VAL WB 54 80.95 86.01 0.45
N PHE WB 55 80.27 85.42 1.44
CA PHE WB 55 79.13 84.55 1.23
C PHE WB 55 78.42 84.33 2.55
N GLY WB 56 77.11 84.11 2.48
CA GLY WB 56 76.36 83.60 3.59
C GLY WB 56 75.95 84.62 4.64
N PHE WB 57 75.29 85.69 4.24
CA PHE WB 57 74.88 86.73 5.17
C PHE WB 57 73.47 86.48 5.67
N ARG WB 58 73.31 86.37 6.98
CA ARG WB 58 72.02 86.08 7.60
C ARG WB 58 71.67 87.22 8.55
N THR WB 59 70.67 88.01 8.18
CA THR WB 59 70.27 89.13 9.00
C THR WB 59 69.37 88.64 10.13
N HIS WB 60 69.71 88.98 11.35
CA HIS WB 60 69.02 88.46 12.51
C HIS WB 60 67.63 89.09 12.65
N PHE WB 61 66.86 88.56 13.59
CA PHE WB 61 65.52 89.08 13.81
C PHE WB 61 65.61 90.40 14.57
N GLY WB 62 64.83 91.37 14.12
CA GLY WB 62 64.87 92.70 14.69
C GLY WB 62 65.74 93.69 13.95
N GLY WB 63 66.49 93.24 12.95
CA GLY WB 63 67.28 94.14 12.14
C GLY WB 63 68.61 94.52 12.78
N GLY WB 64 69.39 95.27 12.02
CA GLY WB 64 70.63 95.84 12.48
C GLY WB 64 71.87 95.03 12.22
N LYS WB 65 71.79 93.71 12.38
CA LYS WB 65 72.99 92.87 12.36
C LYS WB 65 72.83 91.71 11.40
N THR WB 66 73.75 91.61 10.46
CA THR WB 66 73.88 90.42 9.63
C THR WB 66 75.29 89.88 9.78
N THR WB 67 75.46 88.61 9.48
CA THR WB 67 76.71 87.92 9.77
C THR WB 67 77.03 86.98 8.64
N GLY WB 68 78.26 87.04 8.15
CA GLY WB 68 78.67 86.19 7.05
C GLY WB 68 80.08 85.66 7.16
N PHE WB 69 80.64 85.22 6.05
CA PHE WB 69 82.01 84.72 6.01
C PHE WB 69 82.85 85.55 5.07
N GLY WB 70 84.13 85.60 5.35
CA GLY WB 70 85.06 86.33 4.50
C GLY WB 70 86.30 85.50 4.24
N MET WB 71 86.85 85.66 3.04
CA MET WB 71 87.97 84.82 2.65
C MET WB 71 88.92 85.64 1.80
N ILE WB 72 90.04 86.05 2.39
CA ILE WB 72 90.99 86.97 1.79
C ILE WB 72 92.17 86.17 1.25
N TYR WB 73 92.36 86.19 -0.06
CA TYR WB 73 93.43 85.44 -0.67
C TYR WB 73 94.65 86.31 -0.90
N ASP WB 74 95.79 85.64 -1.06
CA ASP WB 74 97.07 86.33 -1.15
C ASP WB 74 97.23 86.98 -2.52
N SER WB 75 97.13 86.19 -3.58
CA SER WB 75 97.13 86.70 -4.92
C SER WB 75 95.99 86.05 -5.70
N LEU WB 76 95.51 86.76 -6.73
CA LEU WB 76 94.26 86.40 -7.37
C LEU WB 76 94.36 85.10 -8.15
N ASP WB 77 95.55 84.73 -8.61
CA ASP WB 77 95.73 83.44 -9.25
C ASP WB 77 95.50 82.27 -8.30
N TYR WB 78 95.80 82.45 -7.01
CA TYR WB 78 95.41 81.44 -6.03
C TYR WB 78 93.90 81.39 -5.87
N ALA WB 79 93.25 82.55 -5.86
CA ALA WB 79 91.80 82.59 -5.75
C ALA WB 79 91.12 82.05 -7.00
N LYS WB 80 91.78 82.09 -8.16
CA LYS WB 80 91.26 81.34 -9.28
C LYS WB 80 91.53 79.85 -9.14
N LYS WB 81 92.51 79.47 -8.31
CA LYS WB 81 92.95 78.09 -8.27
C LYS WB 81 92.14 77.25 -7.29
N ASN WB 82 92.04 77.68 -6.04
CA ASN WB 82 91.37 76.87 -5.03
C ASN WB 82 90.02 77.45 -4.59
N GLU WB 83 89.18 77.87 -5.53
CA GLU WB 83 87.86 78.32 -5.12
C GLU WB 83 86.75 77.53 -5.80
N PRO WB 84 85.57 77.47 -5.17
CA PRO WB 84 84.39 76.98 -5.86
C PRO WB 84 84.09 77.82 -7.08
N LYS WB 85 83.65 77.15 -8.13
CA LYS WB 85 83.53 77.82 -9.40
C LYS WB 85 82.25 78.63 -9.48
N HIS WB 86 81.33 78.43 -8.55
CA HIS WB 86 80.18 79.32 -8.48
C HIS WB 86 80.54 80.58 -7.72
N ARG WB 87 81.49 80.50 -6.79
CA ARG WB 87 81.91 81.67 -6.08
C ARG WB 87 82.77 82.57 -6.95
N LEU WB 88 83.55 81.98 -7.85
CA LEU WB 88 84.27 82.79 -8.83
C LEU WB 88 83.34 83.34 -9.90
N ALA WB 89 82.27 82.60 -10.22
CA ALA WB 89 81.31 83.08 -11.20
C ALA WB 89 80.47 84.24 -10.70
N ARG WB 90 80.39 84.43 -9.38
CA ARG WB 90 79.69 85.61 -8.86
C ARG WB 90 80.47 86.88 -9.08
N HIS WB 91 81.75 86.79 -9.39
CA HIS WB 91 82.55 87.96 -9.71
C HIS WB 91 82.83 88.07 -11.19
N GLY WB 92 82.15 87.28 -12.01
CA GLY WB 92 82.26 87.36 -13.44
C GLY WB 92 83.48 86.69 -14.04
N LEU WB 93 84.20 85.88 -13.25
CA LEU WB 93 85.43 85.28 -13.75
C LEU WB 93 85.18 83.92 -14.38
N TYR WB 94 84.30 83.12 -13.81
CA TYR WB 94 84.05 81.78 -14.33
C TYR WB 94 82.92 81.78 -15.34
N GLU WB 95 83.10 80.99 -16.39
CA GLU WB 95 82.11 80.89 -17.47
C GLU WB 95 81.78 79.41 -17.66
N LYS WB 96 80.74 78.94 -16.98
CA LYS WB 96 80.24 77.61 -17.28
C LYS WB 96 79.46 77.64 -18.58
N LYS WB 97 79.37 76.48 -19.22
CA LYS WB 97 78.57 76.35 -20.42
C LYS WB 97 77.11 76.14 -20.04
N LYS WB 98 76.23 76.51 -20.96
CA LYS WB 98 74.79 76.46 -20.72
C LYS WB 98 74.27 75.17 -21.34
N THR WB 99 74.05 74.16 -20.50
CA THR WB 99 73.45 72.91 -20.95
C THR WB 99 72.78 72.25 -19.76
N SER WB 100 71.46 72.06 -19.84
CA SER WB 100 70.75 71.32 -18.81
C SER WB 100 71.20 69.87 -18.80
N ARG WB 101 71.21 69.28 -17.60
CA ARG WB 101 71.62 67.89 -17.47
C ARG WB 101 70.64 66.94 -18.12
N LYS WB 102 69.37 67.34 -18.25
CA LYS WB 102 68.44 66.57 -19.07
C LYS WB 102 68.83 66.61 -20.52
N GLN WB 103 69.28 67.76 -21.00
CA GLN WB 103 69.81 67.82 -22.37
C GLN WB 103 71.14 67.10 -22.49
N ARG WB 104 71.90 67.01 -21.41
CA ARG WB 104 73.22 66.41 -21.46
C ARG WB 104 73.18 64.90 -21.27
N LYS WB 105 72.10 64.39 -20.67
CA LYS WB 105 71.94 62.95 -20.50
C LYS WB 105 71.26 62.30 -21.68
N GLU WB 106 70.36 63.01 -22.37
CA GLU WB 106 69.79 62.48 -23.61
C GLU WB 106 70.87 62.28 -24.66
N ARG WB 107 71.87 63.16 -24.67
CA ARG WB 107 72.94 63.07 -25.65
C ARG WB 107 73.85 61.90 -25.34
N LYS WB 108 74.05 61.57 -24.07
CA LYS WB 108 74.94 60.48 -23.71
C LYS WB 108 74.37 59.13 -24.12
N ASN WB 109 73.09 58.91 -23.85
CA ASN WB 109 72.46 57.64 -24.19
C ASN WB 109 72.35 57.43 -25.68
N ARG WB 110 72.27 58.50 -26.47
CA ARG WB 110 72.35 58.33 -27.92
C ARG WB 110 73.74 57.93 -28.35
N MET WB 111 74.78 58.39 -27.64
CA MET WB 111 76.13 58.03 -28.01
C MET WB 111 76.49 56.60 -27.69
N LYS WB 112 75.77 55.96 -26.78
CA LYS WB 112 76.08 54.57 -26.48
C LYS WB 112 75.49 53.62 -27.50
N LYS WB 113 74.53 54.07 -28.32
CA LYS WB 113 73.99 53.20 -29.34
C LYS WB 113 74.85 53.16 -30.58
N VAL WB 114 75.79 54.09 -30.71
CA VAL WB 114 76.65 54.18 -31.88
C VAL WB 114 78.06 53.85 -31.44
N ARG WB 115 78.74 52.99 -32.19
CA ARG WB 115 80.08 52.58 -31.85
C ARG WB 115 81.09 53.17 -32.83
N GLY WB 116 82.21 53.64 -32.29
CA GLY WB 116 83.29 54.09 -33.14
C GLY WB 116 83.40 55.60 -33.22
N THR WB 117 83.90 56.11 -34.33
CA THR WB 117 84.07 57.54 -34.51
C THR WB 117 82.76 58.21 -34.92
N ALA WB 118 81.74 57.43 -35.25
CA ALA WB 118 80.44 58.00 -35.57
C ALA WB 118 79.65 58.47 -34.35
N LYS WB 119 80.27 58.49 -33.16
CA LYS WB 119 79.65 59.13 -32.00
C LYS WB 119 79.74 60.65 -32.08
N ALA WB 120 80.70 61.17 -32.85
CA ALA WB 120 81.00 62.59 -32.79
C ALA WB 120 79.92 63.44 -33.43
N ASN WB 121 79.31 62.96 -34.50
CA ASN WB 121 78.24 63.70 -35.15
C ASN WB 121 76.87 63.43 -34.55
N VAL WB 122 76.78 62.54 -33.58
CA VAL WB 122 75.52 62.24 -32.92
C VAL WB 122 75.38 63.06 -31.66
N LYS XB 1 -65.25 26.44 36.79
CA LYS XB 1 -66.17 26.16 35.70
C LYS XB 1 -67.48 25.59 36.25
N LEU XB 2 -67.55 25.49 37.58
CA LEU XB 2 -68.74 24.97 38.22
C LEU XB 2 -69.90 25.96 38.10
N ASN XB 3 -71.06 25.47 37.71
CA ASN XB 3 -72.26 26.29 37.53
C ASN XB 3 -73.22 26.03 38.69
N ASN XB 4 -73.72 27.10 39.27
CA ASN XB 4 -74.57 27.02 40.44
C ASN XB 4 -75.98 27.49 40.10
N LEU XB 5 -76.92 27.12 40.96
CA LEU XB 5 -78.30 27.59 40.83
C LEU XB 5 -78.41 29.02 41.33
N VAL XB 6 -78.98 29.89 40.50
CA VAL XB 6 -79.38 31.21 40.96
C VAL XB 6 -80.73 31.20 41.66
N LEU XB 7 -81.49 30.11 41.54
CA LEU XB 7 -82.80 29.95 42.14
C LEU XB 7 -83.02 28.48 42.44
N PHE XB 8 -83.78 28.24 43.50
CA PHE XB 8 -84.06 26.88 43.93
C PHE XB 8 -85.02 26.21 42.96
N ASP XB 9 -84.70 25.00 42.56
CA ASP XB 9 -85.70 24.14 41.97
C ASP XB 9 -86.43 23.40 43.10
N LYS XB 10 -87.25 22.41 42.74
CA LYS XB 10 -88.05 21.75 43.76
C LYS XB 10 -87.22 20.77 44.58
N ALA XB 11 -86.25 20.10 43.95
CA ALA XB 11 -85.54 19.03 44.64
C ALA XB 11 -84.40 19.53 45.52
N THR XB 12 -84.01 20.80 45.39
CA THR XB 12 -83.02 21.36 46.30
C THR XB 12 -83.63 22.28 47.34
N TYR XB 13 -84.84 22.78 47.09
CA TYR XB 13 -85.57 23.46 48.16
C TYR XB 13 -86.04 22.47 49.21
N ASP XB 14 -86.20 21.20 48.85
CA ASP XB 14 -86.55 20.18 49.83
C ASP XB 14 -85.39 19.93 50.78
N LYS XB 15 -84.18 19.80 50.24
CA LYS XB 15 -82.98 19.64 51.06
C LYS XB 15 -82.72 20.87 51.92
N LEU XB 16 -83.17 22.04 51.48
CA LEU XB 16 -83.01 23.25 52.27
C LEU XB 16 -83.86 23.20 53.52
N CYS XB 17 -85.12 22.78 53.39
CA CYS XB 17 -86.00 22.73 54.54
C CYS XB 17 -85.86 21.44 55.34
N LYS XB 18 -85.01 20.51 54.92
CA LYS XB 18 -84.83 19.26 55.63
C LYS XB 18 -83.41 19.06 56.14
N GLU XB 19 -82.41 19.15 55.26
CA GLU XB 19 -81.06 18.82 55.66
C GLU XB 19 -80.40 19.97 56.41
N VAL XB 20 -80.58 21.19 55.93
CA VAL XB 20 -79.93 22.39 56.44
C VAL XB 20 -80.22 22.68 57.91
N PRO XB 21 -81.46 22.59 58.45
CA PRO XB 21 -81.62 22.90 59.88
C PRO XB 21 -81.06 21.85 60.84
N ASN XB 22 -80.48 20.76 60.34
CA ASN XB 22 -79.91 19.74 61.21
C ASN XB 22 -78.40 19.88 61.38
N TYR XB 23 -77.82 20.97 60.89
CA TYR XB 23 -76.38 21.11 60.89
C TYR XB 23 -75.89 21.78 62.16
N LYS XB 24 -74.70 21.38 62.60
CA LYS XB 24 -74.07 22.09 63.71
C LYS XB 24 -73.60 23.47 63.30
N LEU XB 25 -73.25 23.64 62.03
CA LEU XB 25 -72.80 24.92 61.48
C LEU XB 25 -73.61 25.23 60.23
N ILE XB 26 -74.15 26.44 60.17
CA ILE XB 26 -74.92 26.91 59.02
C ILE XB 26 -74.39 28.28 58.65
N THR XB 27 -73.67 28.37 57.53
CA THR XB 27 -73.16 29.64 57.05
C THR XB 27 -73.29 29.62 55.53
N PRO XB 28 -73.44 30.77 54.88
CA PRO XB 28 -73.60 30.78 53.42
C PRO XB 28 -72.40 30.25 52.65
N ALA XB 29 -71.23 30.14 53.26
CA ALA XB 29 -70.12 29.50 52.57
C ALA XB 29 -70.27 27.98 52.57
N VAL XB 30 -70.83 27.41 53.62
CA VAL XB 30 -71.00 25.97 53.67
C VAL XB 30 -72.27 25.54 52.93
N VAL XB 31 -73.36 26.30 53.11
CA VAL XB 31 -74.64 25.94 52.52
C VAL XB 31 -74.59 26.03 50.99
N SER XB 32 -73.91 27.06 50.47
CA SER XB 32 -73.76 27.18 49.03
C SER XB 32 -72.86 26.12 48.43
N GLU XB 33 -72.07 25.43 49.24
CA GLU XB 33 -71.27 24.35 48.72
C GLU XB 33 -72.06 23.04 48.68
N ARG XB 34 -72.91 22.80 49.68
CA ARG XB 34 -73.59 21.52 49.74
C ARG XB 34 -74.82 21.47 48.85
N LEU XB 35 -75.43 22.62 48.57
CA LEU XB 35 -76.61 22.68 47.72
C LEU XB 35 -76.27 23.06 46.29
N LYS XB 36 -75.00 23.36 46.01
CA LYS XB 36 -74.51 23.79 44.69
C LYS XB 36 -75.26 25.03 44.19
N ILE XB 37 -75.57 25.94 45.10
CA ILE XB 37 -76.30 27.14 44.77
C ILE XB 37 -75.38 28.34 44.83
N ARG XB 38 -75.72 29.36 44.06
CA ARG XB 38 -74.97 30.61 44.03
C ARG XB 38 -75.08 31.30 45.39
N GLY XB 39 -74.00 31.98 45.78
CA GLY XB 39 -73.84 32.51 47.12
C GLY XB 39 -74.79 33.62 47.51
N SER XB 40 -75.57 34.15 46.58
CA SER XB 40 -76.57 35.13 46.95
C SER XB 40 -77.92 34.50 47.26
N LEU XB 41 -78.15 33.25 46.87
CA LEU XB 41 -79.28 32.52 47.42
C LEU XB 41 -79.06 32.23 48.89
N ALA XB 42 -77.85 31.78 49.24
CA ALA XB 42 -77.56 31.30 50.57
C ALA XB 42 -77.64 32.39 51.62
N ARG XB 43 -77.56 33.65 51.22
CA ARG XB 43 -77.95 34.71 52.14
C ARG XB 43 -79.45 34.88 52.20
N ALA XB 44 -80.12 34.85 51.04
CA ALA XB 44 -81.56 35.02 51.01
C ALA XB 44 -82.29 33.81 51.57
N ALA XB 45 -81.72 32.62 51.40
CA ALA XB 45 -82.35 31.42 51.93
C ALA XB 45 -82.24 31.36 53.45
N LEU XB 46 -81.12 31.80 54.00
CA LEU XB 46 -80.96 31.73 55.44
C LEU XB 46 -81.57 32.93 56.16
N GLN XB 47 -81.91 33.99 55.44
CA GLN XB 47 -82.77 35.00 56.01
C GLN XB 47 -84.24 34.62 55.92
N GLU XB 48 -84.54 33.53 55.21
CA GLU XB 48 -85.89 33.02 55.11
C GLU XB 48 -86.17 31.96 56.17
N LEU XB 49 -85.22 31.06 56.41
CA LEU XB 49 -85.38 30.09 57.49
C LEU XB 49 -85.21 30.72 58.85
N LEU XB 50 -84.54 31.87 58.94
CA LEU XB 50 -84.47 32.56 60.21
C LEU XB 50 -85.80 33.20 60.57
N SER XB 51 -86.53 33.68 59.56
CA SER XB 51 -87.83 34.28 59.80
C SER XB 51 -88.85 33.24 60.26
N LYS XB 52 -88.73 32.01 59.77
CA LYS XB 52 -89.54 30.92 60.31
C LYS XB 52 -89.12 30.57 61.73
N GLY XB 53 -87.86 30.82 62.07
CA GLY XB 53 -87.36 30.40 63.36
C GLY XB 53 -86.88 28.98 63.39
N LEU XB 54 -86.51 28.41 62.24
CA LEU XB 54 -86.01 27.05 62.18
C LEU XB 54 -84.52 26.96 62.46
N ILE XB 55 -83.83 28.09 62.52
CA ILE XB 55 -82.40 28.15 62.79
C ILE XB 55 -82.16 29.22 63.85
N LYS XB 56 -80.91 29.34 64.28
CA LYS XB 56 -80.54 30.23 65.37
C LYS XB 56 -79.36 31.09 64.96
N LEU XB 57 -79.57 32.39 64.92
CA LEU XB 57 -78.49 33.36 64.67
C LEU XB 57 -77.56 33.38 65.87
N VAL XB 58 -76.26 33.17 65.64
CA VAL XB 58 -75.30 33.22 66.74
C VAL XB 58 -74.35 34.39 66.58
N SER XB 59 -74.16 34.87 65.36
CA SER XB 59 -73.39 36.08 65.12
C SER XB 59 -73.76 36.62 63.75
N LYS XB 60 -73.48 37.90 63.54
CA LYS XB 60 -73.81 38.57 62.28
C LYS XB 60 -72.78 39.66 62.06
N HIS XB 61 -72.19 39.67 60.88
CA HIS XB 61 -71.18 40.66 60.53
C HIS XB 61 -71.26 40.90 59.03
N ARG XB 62 -70.65 41.99 58.58
CA ARG XB 62 -70.63 42.25 57.15
C ARG XB 62 -69.72 41.29 56.39
N ALA XB 63 -68.78 40.63 57.08
CA ALA XB 63 -67.96 39.66 56.39
C ALA XB 63 -68.70 38.33 56.25
N GLN XB 64 -69.31 37.85 57.32
CA GLN XB 64 -70.07 36.62 57.25
C GLN XB 64 -71.07 36.59 58.38
N VAL XB 65 -72.01 35.68 58.27
CA VAL XB 65 -73.08 35.49 59.23
C VAL XB 65 -73.15 34.01 59.56
N ILE XB 66 -73.31 33.70 60.85
CA ILE XB 66 -73.20 32.32 61.32
C ILE XB 66 -74.51 31.94 61.97
N TYR XB 67 -75.02 30.76 61.61
CA TYR XB 67 -76.23 30.19 62.16
C TYR XB 67 -75.91 28.81 62.72
N THR XB 68 -76.92 28.19 63.32
CA THR XB 68 -76.79 26.83 63.83
C THR XB 68 -78.16 26.19 63.88
N ARG XB 69 -78.18 24.92 64.32
CA ARG XB 69 -79.41 24.19 64.51
C ARG XB 69 -80.24 24.79 65.65
N ASN XB 70 -81.48 24.35 65.75
CA ASN XB 70 -82.39 24.96 66.68
C ASN XB 70 -83.05 23.89 67.56
N PRO YB 1 40.64 35.38 78.95
CA PRO YB 1 41.61 36.17 79.72
C PRO YB 1 42.79 36.63 78.88
N LEU YB 2 43.03 37.95 78.90
CA LEU YB 2 44.01 38.54 78.00
C LEU YB 2 45.42 38.34 78.51
N ALA YB 3 45.60 38.28 79.81
CA ALA YB 3 46.90 38.07 80.42
C ALA YB 3 46.86 36.73 81.15
N LYS YB 4 47.12 35.67 80.41
CA LYS YB 4 47.36 34.37 80.99
C LYS YB 4 48.87 34.15 81.02
N ASP YB 5 49.35 33.49 82.07
CA ASP YB 5 50.77 33.19 82.17
C ASP YB 5 51.03 31.93 81.37
N LEU YB 6 51.33 32.11 80.09
CA LEU YB 6 51.58 30.98 79.20
C LEU YB 6 52.90 30.28 79.49
N LEU YB 7 53.79 30.91 80.25
CA LEU YB 7 55.12 30.40 80.48
C LEU YB 7 55.26 29.68 81.80
N HIS YB 8 54.46 30.02 82.81
CA HIS YB 8 54.43 29.31 84.08
C HIS YB 8 53.01 28.82 84.35
N PRO YB 9 52.61 27.71 83.76
CA PRO YB 9 51.27 27.20 84.02
C PRO YB 9 51.23 26.40 85.31
N SER YB 10 50.03 26.33 85.88
CA SER YB 10 49.81 25.67 87.15
C SER YB 10 50.05 24.17 87.03
N PRO YB 11 50.57 23.53 88.08
CA PRO YB 11 50.93 22.11 87.97
C PRO YB 11 49.72 21.18 87.87
N GLU YB 12 48.54 21.62 88.29
CA GLU YB 12 47.34 20.89 87.97
C GLU YB 12 46.87 21.17 86.55
N GLU YB 13 47.26 22.31 85.99
CA GLU YB 13 46.86 22.62 84.63
C GLU YB 13 47.77 21.93 83.63
N GLU YB 14 49.05 21.76 83.98
CA GLU YB 14 49.95 20.96 83.17
C GLU YB 14 49.56 19.50 83.18
N LYS YB 15 48.91 19.05 84.25
CA LYS YB 15 48.62 17.64 84.39
C LYS YB 15 47.45 17.21 83.53
N ARG YB 16 46.42 18.05 83.40
CA ARG YB 16 45.24 17.62 82.67
C ARG YB 16 45.41 17.71 81.16
N LYS YB 17 46.37 18.49 80.67
CA LYS YB 17 46.60 18.67 79.24
C LYS YB 17 46.91 17.35 78.54
N HIS YB 18 46.71 17.36 77.23
CA HIS YB 18 47.17 16.23 76.42
C HIS YB 18 48.69 16.20 76.47
N LYS YB 19 49.24 14.98 76.49
CA LYS YB 19 50.66 14.80 76.76
C LYS YB 19 51.53 15.40 75.66
N LYS YB 20 50.99 15.60 74.46
CA LYS YB 20 51.73 16.28 73.41
C LYS YB 20 51.49 17.78 73.46
N LYS YB 21 50.38 18.19 74.04
CA LYS YB 21 50.02 19.60 74.11
C LYS YB 21 50.51 20.24 75.39
N ARG YB 22 51.34 19.57 76.16
CA ARG YB 22 51.92 20.22 77.32
C ARG YB 22 52.97 21.24 76.87
N LEU YB 23 53.46 22.02 77.83
CA LEU YB 23 54.43 23.04 77.48
C LEU YB 23 55.78 22.42 77.14
N VAL YB 24 56.18 21.42 77.90
CA VAL YB 24 57.24 20.50 77.50
C VAL YB 24 56.67 19.11 77.69
N GLN YB 25 56.70 18.31 76.62
CA GLN YB 25 55.88 17.11 76.60
C GLN YB 25 56.50 16.00 77.44
N SER YB 26 55.64 15.14 77.96
CA SER YB 26 56.04 14.12 78.91
C SER YB 26 55.03 13.00 78.85
N PRO YB 27 55.41 11.76 79.12
CA PRO YB 27 54.44 10.66 79.09
C PRO YB 27 53.51 10.71 80.29
N ASN YB 28 52.50 9.84 80.24
CA ASN YB 28 51.66 9.56 81.39
C ASN YB 28 51.86 8.15 81.91
N SER YB 29 52.85 7.46 81.37
CA SER YB 29 53.19 6.11 81.79
C SER YB 29 54.27 6.16 82.84
N TYR YB 30 54.66 4.99 83.31
CA TYR YB 30 55.71 4.80 84.30
C TYR YB 30 56.09 3.34 84.30
N PHE YB 31 57.19 3.04 84.97
CA PHE YB 31 57.56 1.67 85.26
C PHE YB 31 57.21 1.38 86.71
N MET YB 32 56.91 0.14 86.99
CA MET YB 32 56.40 -0.22 88.31
C MET YB 32 57.00 -1.54 88.73
N ASP YB 33 57.25 -1.67 90.03
CA ASP YB 33 57.70 -2.94 90.59
C ASP YB 33 56.50 -3.79 90.96
N VAL YB 34 56.58 -5.06 90.60
CA VAL YB 34 55.49 -5.99 90.86
C VAL YB 34 56.06 -7.11 91.70
N LYS YB 35 55.44 -7.36 92.84
CA LYS YB 35 55.78 -8.50 93.69
C LYS YB 35 54.78 -9.62 93.47
N CYS YB 36 55.29 -10.78 93.23
CA CYS YB 36 54.46 -11.97 93.13
C CYS YB 36 54.10 -12.48 94.51
N PRO YB 37 52.96 -13.16 94.67
CA PRO YB 37 52.62 -13.75 95.97
C PRO YB 37 53.54 -14.92 96.29
N GLY YB 38 54.40 -14.73 97.29
CA GLY YB 38 55.28 -15.79 97.70
C GLY YB 38 56.49 -16.00 96.83
N CYS YB 39 56.96 -14.96 96.15
CA CYS YB 39 58.19 -15.04 95.39
C CYS YB 39 59.11 -13.92 95.82
N TYR YB 40 60.38 -14.07 95.46
CA TYR YB 40 61.44 -13.17 95.87
C TYR YB 40 61.81 -12.19 94.77
N LYS YB 41 61.18 -12.30 93.60
CA LYS YB 41 61.62 -11.58 92.42
C LYS YB 41 60.94 -10.21 92.31
N ILE YB 42 61.75 -9.17 92.11
CA ILE YB 42 61.26 -7.82 91.87
C ILE YB 42 61.36 -7.56 90.38
N THR YB 43 60.21 -7.54 89.72
CA THR YB 43 60.17 -7.38 88.27
C THR YB 43 59.68 -5.99 87.91
N THR YB 44 60.23 -5.45 86.83
CA THR YB 44 59.88 -4.13 86.35
C THR YB 44 58.90 -4.28 85.20
N VAL YB 45 57.72 -3.71 85.34
CA VAL YB 45 56.67 -3.81 84.34
C VAL YB 45 56.29 -2.41 83.89
N PHE YB 46 56.29 -2.18 82.58
CA PHE YB 46 55.77 -0.95 82.02
C PHE YB 46 54.28 -0.88 82.29
N SER YB 47 53.80 0.31 82.67
CA SER YB 47 52.43 0.42 83.17
C SER YB 47 51.40 0.18 82.08
N HIS YB 48 51.68 0.64 80.87
CA HIS YB 48 50.83 0.37 79.72
C HIS YB 48 51.40 -0.79 78.90
N ALA YB 49 51.62 -1.93 79.54
CA ALA YB 49 52.27 -3.04 78.88
C ALA YB 49 51.33 -3.72 77.89
N GLN YB 50 51.84 -4.00 76.70
CA GLN YB 50 51.04 -4.60 75.66
C GLN YB 50 51.12 -6.12 75.67
N THR YB 51 52.10 -6.68 76.34
CA THR YB 51 52.29 -8.11 76.35
C THR YB 51 51.85 -8.69 77.68
N VAL YB 52 51.86 -10.02 77.74
CA VAL YB 52 51.60 -10.74 78.98
C VAL YB 52 52.93 -10.94 79.67
N VAL YB 53 53.14 -10.23 80.78
CA VAL YB 53 54.39 -10.30 81.51
C VAL YB 53 54.29 -11.42 82.54
N LEU YB 54 55.19 -12.38 82.47
CA LEU YB 54 55.18 -13.51 83.37
C LEU YB 54 56.24 -13.30 84.43
N CYS YB 55 56.10 -14.04 85.53
CA CYS YB 55 57.19 -14.11 86.49
C CYS YB 55 58.33 -14.90 85.85
N VAL YB 56 59.55 -14.60 86.28
CA VAL YB 56 60.74 -15.02 85.54
C VAL YB 56 60.93 -16.53 85.64
N GLY YB 57 60.83 -17.09 86.84
CA GLY YB 57 60.93 -18.53 86.97
C GLY YB 57 59.59 -19.21 86.76
N CYS YB 58 58.63 -18.94 87.63
CA CYS YB 58 57.34 -19.61 87.58
C CYS YB 58 56.46 -18.94 86.54
N SER YB 59 55.74 -19.75 85.76
CA SER YB 59 54.99 -19.23 84.63
C SER YB 59 53.55 -18.90 85.07
N THR YB 60 53.46 -17.89 85.92
CA THR YB 60 52.21 -17.23 86.24
C THR YB 60 52.21 -15.85 85.59
N VAL YB 61 51.02 -15.34 85.31
CA VAL YB 61 50.90 -14.07 84.63
C VAL YB 61 50.88 -12.97 85.67
N LEU YB 62 51.32 -11.77 85.28
CA LEU YB 62 51.35 -10.62 86.17
C LEU YB 62 50.47 -9.49 85.70
N CYS YB 63 50.48 -9.19 84.42
CA CYS YB 63 49.60 -8.16 83.90
C CYS YB 63 48.89 -8.69 82.67
N GLN YB 64 47.66 -8.29 82.54
CA GLN YB 64 46.88 -8.53 81.34
C GLN YB 64 46.88 -7.29 80.49
N PRO YB 65 47.14 -7.39 79.19
CA PRO YB 65 47.07 -6.22 78.34
C PRO YB 65 45.63 -5.78 78.14
N THR YB 66 45.39 -4.49 78.30
CA THR YB 66 44.06 -3.94 78.10
C THR YB 66 44.13 -2.78 77.13
N GLY YB 67 43.06 -2.00 77.06
CA GLY YB 67 42.98 -0.84 76.20
C GLY YB 67 44.04 0.19 76.48
N GLY YB 68 43.99 0.81 77.65
CA GLY YB 68 44.98 1.82 77.94
C GLY YB 68 46.07 1.39 78.89
N LYS YB 69 45.71 0.86 80.05
CA LYS YB 69 46.66 0.61 81.11
C LYS YB 69 46.55 -0.84 81.51
N ALA YB 70 47.69 -1.49 81.71
CA ALA YB 70 47.70 -2.92 81.97
C ALA YB 70 47.11 -3.25 83.33
N ARG YB 71 46.28 -4.29 83.35
CA ARG YB 71 45.57 -4.71 84.54
C ARG YB 71 46.39 -5.78 85.24
N LEU YB 72 46.83 -5.49 86.46
CA LEU YB 72 47.60 -6.45 87.22
C LEU YB 72 46.68 -7.57 87.70
N THR YB 73 47.30 -8.69 88.06
CA THR YB 73 46.53 -9.82 88.56
C THR YB 73 46.08 -9.57 89.98
N GLU YB 74 45.32 -10.51 90.51
CA GLU YB 74 44.80 -10.37 91.86
C GLU YB 74 45.87 -10.68 92.88
N GLY YB 75 46.03 -9.80 93.87
CA GLY YB 75 46.90 -10.08 94.97
C GLY YB 75 48.38 -9.94 94.69
N CYS YB 76 48.74 -9.28 93.61
CA CYS YB 76 50.13 -8.93 93.36
C CYS YB 76 50.28 -7.43 93.58
N SER YB 77 51.30 -7.04 94.35
CA SER YB 77 51.39 -5.68 94.86
C SER YB 77 51.98 -4.76 93.80
N PHE YB 78 52.36 -3.57 94.21
CA PHE YB 78 52.50 -2.46 93.28
C PHE YB 78 53.36 -1.38 93.90
N ARG YB 79 54.51 -1.09 93.29
CA ARG YB 79 55.34 0.03 93.68
C ARG YB 79 55.83 0.72 92.43
N ARG YB 80 55.64 2.04 92.37
CA ARG YB 80 56.04 2.83 91.23
C ARG YB 80 57.48 3.31 91.40
N LYS YB 81 58.22 3.34 90.30
CA LYS YB 81 59.55 3.90 90.22
C LYS YB 81 59.52 5.41 90.40
N GLN YB 82 60.71 6.02 90.37
CA GLN YB 82 60.88 7.45 90.58
C GLN YB 82 60.26 8.26 89.43
N SER ZB 1 6.35 52.57 3.16
CA SER ZB 1 5.87 53.78 2.51
C SER ZB 1 6.88 54.91 2.61
N LEU ZB 2 7.74 55.01 1.60
CA LEU ZB 2 8.81 56.01 1.57
C LEU ZB 2 8.37 57.29 0.90
N ALA ZB 3 7.08 57.63 0.97
CA ALA ZB 3 6.59 58.82 0.29
C ALA ZB 3 6.94 60.07 1.06
N ARG ZB 4 6.48 60.17 2.30
CA ARG ZB 4 6.67 61.38 3.09
C ARG ZB 4 8.11 61.39 3.61
N ALA ZB 5 8.89 62.33 3.11
CA ALA ZB 5 10.32 62.40 3.41
C ALA ZB 5 10.75 63.83 3.15
N GLY ZB 6 11.45 64.42 4.11
CA GLY ZB 6 11.63 65.86 4.08
C GLY ZB 6 10.35 66.61 4.29
N LYS ZB 7 9.43 66.05 5.05
CA LYS ZB 7 8.13 66.68 5.19
C LYS ZB 7 8.19 67.87 6.13
N VAL ZB 8 8.79 67.70 7.31
CA VAL ZB 8 8.79 68.78 8.27
C VAL ZB 8 9.80 69.85 7.89
N ARG ZB 9 10.91 69.46 7.25
CA ARG ZB 9 11.88 70.47 6.83
C ARG ZB 9 11.33 71.30 5.68
N GLY ZB 10 10.46 70.73 4.86
CA GLY ZB 10 9.81 71.52 3.84
C GLY ZB 10 8.67 72.36 4.37
N GLN ZB 11 7.95 71.86 5.37
CA GLN ZB 11 6.83 72.60 5.93
C GLN ZB 11 7.25 73.61 6.99
N THR ZB 12 8.53 73.68 7.29
CA THR ZB 12 9.01 74.72 8.19
C THR ZB 12 8.95 76.05 7.46
N PRO ZB 13 8.36 77.09 8.06
CA PRO ZB 13 8.40 78.42 7.43
C PRO ZB 13 9.81 78.98 7.46
N LYS ZB 14 10.20 79.56 6.34
CA LYS ZB 14 11.58 80.02 6.16
C LYS ZB 14 11.78 81.38 6.81
N VAL ZB 15 12.69 81.44 7.77
CA VAL ZB 15 13.01 82.67 8.47
C VAL ZB 15 14.47 83.00 8.20
N ALA ZB 16 14.73 84.14 7.56
CA ALA ZB 16 16.09 84.53 7.27
C ALA ZB 16 16.78 85.04 8.53
N LYS ZB 17 18.11 85.03 8.49
CA LYS ZB 17 18.90 85.38 9.66
C LYS ZB 17 19.09 86.88 9.75
N GLN ZB 18 19.38 87.35 10.96
CA GLN ZB 18 19.62 88.77 11.17
C GLN ZB 18 21.11 89.04 11.11
N GLU ZB 19 21.53 89.86 10.14
CA GLU ZB 19 22.92 90.27 10.07
C GLU ZB 19 23.24 91.20 11.23
N LYS ZB 20 24.24 90.84 12.01
CA LYS ZB 20 24.42 91.45 13.32
C LYS ZB 20 25.89 91.80 13.51
N LYS ZB 21 26.25 92.15 14.73
CA LYS ZB 21 27.62 92.54 15.05
C LYS ZB 21 28.54 91.33 15.00
N LYS ZB 22 29.74 91.55 14.47
CA LYS ZB 22 30.80 90.55 14.48
C LYS ZB 22 31.19 90.18 15.91
N LYS ZB 23 31.29 88.88 16.17
CA LYS ZB 23 31.81 88.41 17.45
C LYS ZB 23 33.31 88.64 17.49
N LYS ZB 24 33.80 89.11 18.64
CA LYS ZB 24 35.24 89.21 18.82
C LYS ZB 24 35.83 87.82 18.98
N THR ZB 25 37.02 87.63 18.43
CA THR ZB 25 37.59 86.31 18.27
C THR ZB 25 39.03 86.30 18.76
N GLY ZB 26 39.34 85.37 19.67
CA GLY ZB 26 40.70 85.19 20.09
C GLY ZB 26 40.89 85.46 21.56
N ARG ZB 27 41.94 86.22 21.88
CA ARG ZB 27 42.19 86.63 23.25
C ARG ZB 27 41.11 87.57 23.77
N ALA ZB 28 40.53 88.38 22.88
CA ALA ZB 28 39.55 89.36 23.30
C ALA ZB 28 38.20 88.73 23.63
N LYS ZB 29 37.88 87.60 23.02
CA LYS ZB 29 36.66 86.89 23.38
C LYS ZB 29 36.76 86.34 24.79
N ARG ZB 30 37.94 85.85 25.16
CA ARG ZB 30 38.18 85.42 26.52
C ARG ZB 30 38.22 86.58 27.49
N ARG ZB 31 38.47 87.79 27.00
CA ARG ZB 31 38.39 88.97 27.87
C ARG ZB 31 36.96 89.23 28.29
N MET ZB 32 36.01 89.04 27.37
CA MET ZB 32 34.61 89.21 27.70
C MET ZB 32 34.13 88.14 28.67
N GLN ZB 33 34.57 86.90 28.48
CA GLN ZB 33 34.13 85.82 29.37
C GLN ZB 33 34.72 85.98 30.76
N TYR ZB 34 35.89 86.58 30.87
CA TYR ZB 34 36.43 86.86 32.19
C TYR ZB 34 35.74 88.05 32.83
N ASN ZB 35 35.33 89.04 32.04
CA ASN ZB 35 34.69 90.21 32.62
C ASN ZB 35 33.25 89.93 33.01
N ARG ZB 36 32.49 89.25 32.14
CA ARG ZB 36 31.08 89.04 32.40
C ARG ZB 36 30.82 88.06 33.53
N ARG ZB 37 31.83 87.31 33.97
CA ARG ZB 37 31.62 86.33 35.01
C ARG ZB 37 32.27 86.69 36.33
N PHE ZB 38 33.40 87.40 36.31
CA PHE ZB 38 34.19 87.61 37.51
C PHE ZB 38 34.36 89.07 37.88
N VAL ZB 39 33.72 90.00 37.18
CA VAL ZB 39 33.82 91.41 37.53
C VAL ZB 39 32.44 91.89 37.94
N ASN ZB 40 31.41 91.30 37.35
CA ASN ZB 40 30.02 91.60 37.72
C ASN ZB 40 29.65 90.75 38.92
N VAL ZB 41 29.76 91.35 40.10
CA VAL ZB 41 29.62 90.63 41.37
C VAL ZB 41 28.38 91.21 42.04
N VAL ZB 42 27.36 91.48 41.22
CA VAL ZB 42 26.07 91.97 41.70
C VAL ZB 42 25.41 90.94 42.63
N PRO ZB 43 24.65 91.38 43.63
CA PRO ZB 43 23.97 90.42 44.51
C PRO ZB 43 22.85 89.68 43.80
N THR ZB 44 22.46 88.56 44.40
CA THR ZB 44 21.56 87.61 43.77
C THR ZB 44 20.49 87.09 44.71
N LYS ZB 48 21.68 79.84 41.86
CA LYS ZB 48 22.16 80.96 41.07
C LYS ZB 48 21.61 80.84 39.64
N LYS ZB 49 21.37 81.98 39.00
CA LYS ZB 49 20.79 81.99 37.67
C LYS ZB 49 21.81 81.55 36.62
N GLY ZB 50 21.35 80.75 35.66
CA GLY ZB 50 22.16 80.36 34.54
C GLY ZB 50 22.25 81.47 33.51
N PRO ZB 51 23.28 81.43 32.66
CA PRO ZB 51 23.52 82.56 31.74
C PRO ZB 51 22.57 82.64 30.56
N ASN ZB 52 21.80 81.61 30.27
CA ASN ZB 52 20.88 81.65 29.13
C ASN ZB 52 19.45 81.60 29.65
N ALA ZB 53 19.24 82.00 30.90
CA ALA ZB 53 17.92 81.95 31.48
C ALA ZB 53 17.01 83.02 30.89
N ASN ZB 54 15.73 82.69 30.81
CA ASN ZB 54 14.76 83.55 30.14
C ASN ZB 54 13.80 84.17 31.12
N LYS AC 1 -25.19 79.28 -2.71
CA LYS AC 1 -26.33 80.14 -2.46
C LYS AC 1 -25.89 81.58 -2.22
N LYS AC 2 -26.38 82.48 -3.06
CA LYS AC 2 -25.96 83.86 -3.04
C LYS AC 2 -26.52 84.59 -1.83
N ASN AC 3 -25.68 85.41 -1.20
CA ASN AC 3 -26.12 86.21 -0.07
C ASN AC 3 -27.05 87.33 -0.55
N LYS AC 4 -27.72 87.97 0.41
CA LYS AC 4 -28.48 89.16 0.13
C LYS AC 4 -27.62 90.37 0.39
N HIS AC 5 -27.49 91.23 -0.62
CA HIS AC 5 -26.89 92.53 -0.43
C HIS AC 5 -27.74 93.38 0.51
N LYS AC 6 -27.09 94.31 1.19
CA LYS AC 6 -27.78 95.18 2.13
C LYS AC 6 -28.46 96.32 1.39
N ARG AC 7 -29.11 97.20 2.15
CA ARG AC 7 -29.77 98.34 1.53
C ARG AC 7 -28.74 99.41 1.23
N LYS AC 8 -28.22 99.38 0.01
CA LYS AC 8 -27.35 100.44 -0.47
C LYS AC 8 -28.15 101.72 -0.60
N LYS AC 9 -27.73 102.75 0.12
CA LYS AC 9 -28.48 104.00 0.08
C LYS AC 9 -28.20 104.75 -1.23
N VAL AC 10 -29.04 105.74 -1.50
CA VAL AC 10 -29.12 106.33 -2.83
C VAL AC 10 -28.18 107.53 -3.01
N LYS AC 11 -27.79 108.20 -1.91
CA LYS AC 11 -26.75 109.24 -1.89
C LYS AC 11 -27.08 110.42 -2.83
N LEU AC 12 -28.12 111.15 -2.47
CA LEU AC 12 -28.50 112.33 -3.24
C LEU AC 12 -27.81 113.59 -2.75
N ALA AC 13 -27.91 114.64 -3.56
CA ALA AC 13 -27.37 115.96 -3.29
C ALA AC 13 -28.32 116.77 -2.41
N VAL AC 14 -28.17 118.10 -2.46
CA VAL AC 14 -28.98 119.08 -1.74
C VAL AC 14 -30.48 118.93 -1.98
N LEU AC 15 -31.27 119.50 -1.06
CA LEU AC 15 -32.71 119.25 -1.02
C LEU AC 15 -33.44 119.85 -2.22
N LYS AC 16 -33.25 121.14 -2.48
CA LYS AC 16 -33.86 121.90 -3.59
C LYS AC 16 -35.38 121.77 -3.64
N TYR AC 17 -36.02 121.75 -2.48
CA TYR AC 17 -37.48 121.72 -2.43
C TYR AC 17 -38.09 123.11 -2.48
N TYR AC 18 -37.29 124.14 -2.74
CA TYR AC 18 -37.73 125.52 -2.65
C TYR AC 18 -37.72 126.20 -4.01
N LYS AC 19 -38.85 126.80 -4.36
CA LYS AC 19 -38.90 127.71 -5.48
C LYS AC 19 -38.57 129.13 -5.02
N VAL AC 20 -38.03 129.90 -5.96
CA VAL AC 20 -37.70 131.30 -5.74
C VAL AC 20 -37.80 132.03 -7.07
N ASP AC 21 -38.46 133.17 -7.08
CA ASP AC 21 -38.74 133.89 -8.31
C ASP AC 21 -38.93 135.37 -7.93
N GLU AC 22 -38.80 136.24 -8.94
CA GLU AC 22 -39.00 137.71 -8.87
C GLU AC 22 -38.35 138.36 -7.65
N ASN AC 23 -37.17 137.84 -7.28
CA ASN AC 23 -36.31 138.34 -6.19
C ASN AC 23 -37.04 138.37 -4.85
N GLY AC 24 -37.34 137.17 -4.36
CA GLY AC 24 -37.95 136.99 -3.06
C GLY AC 24 -39.36 136.44 -3.15
N LYS AC 25 -39.49 135.12 -3.01
CA LYS AC 25 -40.75 134.45 -3.24
C LYS AC 25 -40.92 133.39 -2.16
N ILE AC 26 -42.14 133.27 -1.65
CA ILE AC 26 -42.47 132.22 -0.70
C ILE AC 26 -43.41 131.24 -1.39
N SER AC 27 -43.01 129.97 -1.44
CA SER AC 27 -43.89 128.92 -1.95
C SER AC 27 -43.51 127.62 -1.26
N ARG AC 28 -44.47 127.00 -0.59
CA ARG AC 28 -44.28 125.69 0.02
C ARG AC 28 -44.72 124.62 -0.98
N LEU AC 29 -43.74 123.93 -1.56
CA LEU AC 29 -44.01 123.03 -2.69
C LEU AC 29 -44.63 121.73 -2.22
N ARG AC 30 -43.92 120.98 -1.39
CA ARG AC 30 -44.49 119.79 -0.81
C ARG AC 30 -45.49 120.18 0.27
N ARG AC 31 -46.34 119.24 0.62
CA ARG AC 31 -47.51 119.57 1.43
C ARG AC 31 -47.13 119.81 2.88
N GLU AC 32 -48.12 120.26 3.64
CA GLU AC 32 -47.96 120.64 5.04
C GLU AC 32 -48.04 119.43 5.94
N CYS AC 33 -47.68 119.61 7.20
CA CYS AC 33 -47.90 118.60 8.21
C CYS AC 33 -48.95 119.07 9.20
N PRO AC 34 -50.12 118.42 9.26
CA PRO AC 34 -51.13 118.81 10.24
C PRO AC 34 -50.78 118.40 11.66
N SER AC 35 -49.80 117.52 11.85
CA SER AC 35 -49.36 117.21 13.19
C SER AC 35 -48.58 118.38 13.77
N ASP AC 36 -48.85 118.67 15.05
CA ASP AC 36 -48.12 119.69 15.77
C ASP AC 36 -46.72 119.25 16.18
N GLU AC 37 -46.37 117.99 15.94
CA GLU AC 37 -45.03 117.52 16.29
C GLU AC 37 -44.01 117.92 15.25
N CYS AC 38 -44.36 117.82 13.97
CA CYS AC 38 -43.44 118.07 12.87
C CYS AC 38 -43.91 119.24 12.01
N GLY AC 39 -44.77 120.09 12.57
CA GLY AC 39 -45.29 121.21 11.82
C GLY AC 39 -44.22 122.27 11.57
N ALA AC 40 -44.41 122.99 10.45
CA ALA AC 40 -43.58 124.09 9.95
C ALA AC 40 -42.16 123.70 9.54
N GLY AC 41 -41.77 122.44 9.73
CA GLY AC 41 -40.47 121.93 9.35
C GLY AC 41 -40.57 120.91 8.24
N VAL AC 42 -40.62 119.63 8.65
CA VAL AC 42 -40.89 118.44 7.84
C VAL AC 42 -42.01 118.67 6.85
N PHE AC 43 -41.80 118.26 5.61
CA PHE AC 43 -42.78 118.35 4.55
C PHE AC 43 -43.62 117.06 4.55
N MET AC 44 -44.37 116.83 3.49
CA MET AC 44 -44.80 115.47 3.22
C MET AC 44 -44.18 115.00 1.92
N ALA AC 45 -44.36 113.73 1.62
CA ALA AC 45 -43.73 113.17 0.44
C ALA AC 45 -44.52 113.52 -0.81
N SER AC 46 -44.07 112.98 -1.93
CA SER AC 46 -44.81 113.07 -3.18
C SER AC 46 -44.54 111.77 -3.93
N HIS AC 47 -45.41 110.80 -3.72
CA HIS AC 47 -45.37 109.56 -4.48
C HIS AC 47 -46.25 109.74 -5.71
N PHE AC 48 -46.53 108.65 -6.42
CA PHE AC 48 -47.33 108.75 -7.63
C PHE AC 48 -48.80 109.02 -7.32
N ASP AC 49 -49.22 108.75 -6.12
CA ASP AC 49 -50.61 108.96 -5.71
C ASP AC 49 -50.76 109.58 -4.34
N ARG AC 50 -49.74 109.52 -3.50
CA ARG AC 50 -49.91 109.91 -2.11
C ARG AC 50 -48.83 110.89 -1.67
N HIS AC 51 -49.13 111.58 -0.59
CA HIS AC 51 -48.19 112.39 0.17
C HIS AC 51 -47.96 111.68 1.50
N TYR AC 52 -46.72 111.75 2.00
CA TYR AC 52 -46.36 110.96 3.17
C TYR AC 52 -45.39 111.71 4.08
N CYS AC 53 -45.67 111.71 5.37
CA CYS AC 53 -44.79 112.35 6.33
C CYS AC 53 -43.74 111.37 6.83
N GLY AC 54 -42.47 111.69 6.62
CA GLY AC 54 -41.39 110.82 7.01
C GLY AC 54 -41.19 110.64 8.50
N LYS AC 55 -41.69 111.57 9.32
CA LYS AC 55 -41.59 111.40 10.77
C LYS AC 55 -42.82 110.75 11.39
N CYS AC 56 -43.98 111.39 11.26
CA CYS AC 56 -45.16 110.95 11.99
C CYS AC 56 -45.88 109.79 11.32
N CYS AC 57 -45.31 109.26 10.22
CA CYS AC 57 -45.78 108.05 9.54
C CYS AC 57 -47.20 108.19 9.02
N LEU AC 58 -47.54 109.38 8.55
CA LEU AC 58 -48.90 109.65 8.12
C LEU AC 58 -48.93 109.88 6.62
N THR AC 59 -49.90 109.24 5.95
CA THR AC 59 -50.06 109.35 4.52
C THR AC 59 -51.50 109.70 4.18
N TYR AC 60 -51.66 110.30 3.00
CA TYR AC 60 -52.99 110.61 2.46
C TYR AC 60 -53.12 109.95 1.10
N CYS AC 61 -54.02 108.98 0.99
CA CYS AC 61 -54.28 108.39 -0.30
C CYS AC 61 -55.09 109.35 -1.15
N PHE AC 62 -54.41 110.26 -1.84
CA PHE AC 62 -55.07 111.12 -2.81
C PHE AC 62 -55.44 110.27 -4.01
N ASN AC 63 -56.70 109.85 -4.09
CA ASN AC 63 -57.18 109.09 -5.23
C ASN AC 63 -58.03 109.94 -6.18
N ASN CC 1 -25.90 48.78 -15.16
CA ASN CC 1 -24.47 49.01 -15.13
C ASN CC 1 -24.26 50.32 -14.40
N VAL CC 2 -25.37 51.02 -14.19
CA VAL CC 2 -25.40 52.29 -13.46
C VAL CC 2 -25.05 52.09 -11.98
N GLU CC 3 -25.16 50.86 -11.46
CA GLU CC 3 -24.70 50.53 -10.12
C GLU CC 3 -23.20 50.72 -9.99
N ILE CC 4 -22.47 50.41 -11.05
CA ILE CC 4 -21.02 50.24 -10.95
C ILE CC 4 -20.33 51.60 -10.96
N TRP CC 5 -20.79 52.53 -11.80
CA TRP CC 5 -20.33 53.90 -11.67
C TRP CC 5 -20.76 54.53 -10.35
N LYS CC 6 -21.88 54.05 -9.82
CA LYS CC 6 -22.40 54.53 -8.55
C LYS CC 6 -21.54 54.01 -7.39
N ILE CC 7 -21.15 52.74 -7.45
CA ILE CC 7 -20.33 52.15 -6.39
C ILE CC 7 -18.91 52.67 -6.47
N LYS CC 8 -18.41 52.94 -7.67
CA LYS CC 8 -17.06 53.51 -7.78
C LYS CC 8 -16.99 54.95 -7.30
N LYS CC 9 -18.11 55.68 -7.30
CA LYS CC 9 -18.12 57.02 -6.73
C LYS CC 9 -18.51 57.01 -5.25
N LEU CC 10 -19.16 55.97 -4.77
CA LEU CC 10 -19.40 55.86 -3.34
C LEU CC 10 -18.16 55.40 -2.60
N ILE CC 11 -17.30 54.62 -3.25
CA ILE CC 11 -15.97 54.33 -2.73
C ILE CC 11 -15.01 55.50 -2.97
N LYS CC 12 -15.35 56.41 -3.87
CA LYS CC 12 -14.58 57.65 -4.01
C LYS CC 12 -14.72 58.56 -2.82
N SER CC 13 -15.87 58.58 -2.15
CA SER CC 13 -16.07 59.44 -1.00
C SER CC 13 -15.62 58.77 0.30
N LEU CC 14 -15.66 57.44 0.37
CA LEU CC 14 -15.19 56.74 1.55
C LEU CC 14 -13.69 56.76 1.64
N GLU CC 15 -13.02 56.94 0.52
CA GLU CC 15 -11.58 57.13 0.47
C GLU CC 15 -11.17 58.54 0.96
N ALA CC 16 -12.14 59.44 1.19
CA ALA CC 16 -11.81 60.75 1.73
C ALA CC 16 -12.64 61.17 2.95
N ALA CC 17 -12.94 60.27 3.89
CA ALA CC 17 -13.85 60.62 4.98
C ALA CC 17 -13.13 61.37 6.11
N ARG CC 18 -11.97 60.86 6.52
CA ARG CC 18 -11.09 61.49 7.52
C ARG CC 18 -11.75 61.70 8.88
N GLY CC 19 -11.96 60.61 9.60
CA GLY CC 19 -12.28 60.68 11.01
C GLY CC 19 -11.04 60.98 11.85
N ASN CC 20 -11.25 60.99 13.17
CA ASN CC 20 -10.16 61.21 14.12
C ASN CC 20 -9.91 59.95 14.94
N GLY CC 21 -8.71 59.87 15.50
CA GLY CC 21 -8.36 58.75 16.36
C GLY CC 21 -8.18 57.46 15.59
N THR CC 22 -8.81 56.41 16.10
CA THR CC 22 -8.76 55.08 15.49
C THR CC 22 -10.13 54.43 15.55
N SER CC 23 -11.15 55.21 15.16
CA SER CC 23 -12.54 54.84 15.34
C SER CC 23 -13.27 54.54 14.04
N MET CC 24 -12.53 54.49 12.94
CA MET CC 24 -13.13 54.18 11.65
C MET CC 24 -12.95 52.69 11.42
N ILE CC 25 -14.04 51.95 11.46
CA ILE CC 25 -13.99 50.50 11.30
C ILE CC 25 -14.19 50.16 9.83
N SER CC 26 -13.17 49.52 9.25
CA SER CC 26 -13.23 48.99 7.89
C SER CC 26 -13.34 47.48 8.05
N LEU CC 27 -14.32 46.87 7.42
CA LEU CC 27 -14.62 45.46 7.64
C LEU CC 27 -15.07 44.81 6.35
N ILE CC 28 -14.37 43.77 5.91
CA ILE CC 28 -14.73 43.08 4.68
C ILE CC 28 -14.93 41.61 5.01
N ILE CC 29 -16.09 41.07 4.67
CA ILE CC 29 -16.44 39.67 4.88
C ILE CC 29 -16.51 38.99 3.51
N PRO CC 30 -15.71 37.95 3.27
CA PRO CC 30 -15.81 37.16 2.04
C PRO CC 30 -17.11 36.40 1.98
N PRO CC 31 -17.57 35.99 0.78
CA PRO CC 31 -18.85 35.30 0.67
C PRO CC 31 -18.88 33.88 1.19
N LYS CC 32 -17.79 33.38 1.77
CA LYS CC 32 -17.76 32.05 2.34
C LYS CC 32 -18.09 32.02 3.83
N ASP CC 33 -17.83 33.13 4.52
CA ASP CC 33 -17.95 33.18 5.98
C ASP CC 33 -19.32 33.16 6.66
N GLN CC 34 -19.37 32.47 7.80
CA GLN CC 34 -20.58 32.46 8.61
C GLN CC 34 -20.70 33.81 9.30
N ILE CC 35 -21.91 34.37 9.32
CA ILE CC 35 -22.11 35.68 9.92
C ILE CC 35 -21.99 35.66 11.44
N SER CC 36 -22.25 34.51 12.06
CA SER CC 36 -22.13 34.38 13.51
C SER CC 36 -20.70 34.51 13.99
N ARG CC 37 -19.72 34.10 13.17
CA ARG CC 37 -18.33 34.30 13.57
C ARG CC 37 -17.95 35.76 13.57
N VAL CC 38 -18.49 36.56 12.64
CA VAL CC 38 -18.20 37.97 12.63
C VAL CC 38 -18.91 38.67 13.80
N ALA CC 39 -20.10 38.19 14.16
CA ALA CC 39 -20.78 38.71 15.36
C ALA CC 39 -19.98 38.42 16.62
N LYS CC 40 -19.44 37.21 16.73
CA LYS CC 40 -18.65 36.81 17.87
C LYS CC 40 -17.33 37.57 17.92
N MET CC 41 -16.76 37.83 16.75
CA MET CC 41 -15.50 38.56 16.65
C MET CC 41 -15.69 40.03 16.98
N LEU CC 42 -16.90 40.55 16.69
CA LEU CC 42 -17.23 41.93 16.96
C LEU CC 42 -17.46 42.07 18.46
N ALA CC 43 -18.07 41.05 19.04
CA ALA CC 43 -18.30 41.00 20.48
C ALA CC 43 -16.98 40.91 21.25
N ASP CC 44 -15.99 40.24 20.70
CA ASP CC 44 -14.66 40.18 21.32
C ASP CC 44 -13.85 41.45 21.13
N GLU CC 45 -14.01 42.13 20.01
CA GLU CC 45 -13.39 43.43 19.82
C GLU CC 45 -14.12 44.54 20.53
N PHE CC 46 -15.37 44.32 20.93
CA PHE CC 46 -16.07 45.23 21.81
C PHE CC 46 -15.52 45.19 23.22
N GLY CC 47 -15.03 44.03 23.66
CA GLY CC 47 -14.56 43.86 25.02
C GLY CC 47 -13.12 44.26 25.21
N THR CC 48 -12.36 44.36 24.12
CA THR CC 48 -11.02 44.94 24.21
C THR CC 48 -11.03 46.44 24.04
N ALA CC 49 -12.10 46.98 23.48
CA ALA CC 49 -12.21 48.41 23.29
C ALA CC 49 -12.66 49.10 24.57
N SER CC 50 -12.92 48.31 25.60
CA SER CC 50 -13.36 48.86 26.87
C SER CC 50 -12.16 49.25 27.74
N ASN CC 51 -10.97 48.82 27.33
CA ASN CC 51 -9.76 49.14 28.08
C ASN CC 51 -9.00 50.32 27.52
N ILE CC 52 -9.51 50.93 26.45
CA ILE CC 52 -8.86 52.11 25.87
C ILE CC 52 -8.77 53.21 26.93
N SER CC 54 -8.05 56.61 26.48
CA SER CC 54 -8.66 57.85 26.03
C SER CC 54 -10.17 57.72 26.13
N ARG CC 55 -10.82 58.74 26.70
CA ARG CC 55 -12.27 58.72 26.87
C ARG CC 55 -12.98 59.02 25.57
N VAL CC 56 -12.40 59.89 24.76
CA VAL CC 56 -12.99 60.26 23.49
C VAL CC 56 -12.83 59.18 22.43
N ASN CC 57 -11.66 58.55 22.39
CA ASN CC 57 -11.40 57.49 21.42
C ASN CC 57 -12.11 56.20 21.81
N ARG CC 58 -12.32 56.00 23.10
CA ARG CC 58 -12.98 54.80 23.59
C ARG CC 58 -14.48 54.83 23.35
N LEU CC 59 -15.10 55.99 23.56
CA LEU CC 59 -16.53 56.11 23.37
C LEU CC 59 -16.90 56.00 21.91
N SER CC 60 -16.04 56.52 21.04
CA SER CC 60 -16.25 56.47 19.61
C SER CC 60 -16.11 55.06 19.07
N VAL CC 61 -15.07 54.36 19.49
CA VAL CC 61 -14.84 52.99 19.04
C VAL CC 61 -15.97 52.07 19.47
N LEU CC 62 -16.46 52.26 20.68
CA LEU CC 62 -17.55 51.45 21.19
C LEU CC 62 -18.85 51.75 20.45
N GLY CC 63 -19.03 53.00 20.05
CA GLY CC 63 -20.21 53.41 19.31
C GLY CC 63 -20.20 52.84 17.91
N ALA CC 64 -19.00 52.73 17.33
CA ALA CC 64 -18.81 52.17 16.01
C ALA CC 64 -18.96 50.65 16.00
N ILE CC 65 -18.50 49.99 17.06
CA ILE CC 65 -18.61 48.54 17.14
C ILE CC 65 -20.03 48.11 17.51
N THR CC 66 -20.82 49.03 18.05
CA THR CC 66 -22.18 48.71 18.43
C THR CC 66 -23.14 48.86 17.26
N SER CC 67 -22.91 49.87 16.43
CA SER CC 67 -23.75 50.09 15.26
C SER CC 67 -23.37 49.16 14.11
N VAL CC 68 -22.17 48.61 14.17
CA VAL CC 68 -21.69 47.69 13.14
C VAL CC 68 -22.12 46.26 13.47
N GLN CC 69 -22.61 46.06 14.69
CA GLN CC 69 -23.09 44.77 15.14
C GLN CC 69 -24.57 44.64 14.85
N GLN CC 70 -25.23 45.78 14.68
CA GLN CC 70 -26.65 45.81 14.36
C GLN CC 70 -26.78 45.65 12.86
N ARG CC 71 -25.70 45.93 12.16
CA ARG CC 71 -25.69 45.77 10.71
C ARG CC 71 -25.83 44.31 10.31
N LEU CC 72 -25.24 43.42 11.11
CA LEU CC 72 -25.28 42.00 10.85
C LEU CC 72 -26.65 41.38 11.15
N LYS CC 73 -27.43 42.04 12.00
CA LYS CC 73 -28.74 41.54 12.37
C LYS CC 73 -29.73 41.55 11.20
N LEU CC 74 -29.46 42.41 10.23
CA LEU CC 74 -30.31 42.58 9.06
C LEU CC 74 -29.97 41.60 7.97
N TYR CC 75 -28.88 40.87 8.16
CA TYR CC 75 -28.44 39.89 7.19
C TYR CC 75 -28.57 38.51 7.81
N ASN CC 76 -29.22 37.60 7.09
CA ASN CC 76 -29.39 36.25 7.58
C ASN CC 76 -28.11 35.46 7.29
N LYS CC 77 -27.53 35.71 6.11
CA LYS CC 77 -26.32 35.03 5.67
C LYS CC 77 -25.46 35.91 4.76
N VAL CC 78 -24.14 35.85 4.92
CA VAL CC 78 -23.23 36.57 4.05
C VAL CC 78 -23.65 36.25 2.62
N PRO CC 79 -23.96 37.27 1.81
CA PRO CC 79 -24.51 36.98 0.48
C PRO CC 79 -23.47 36.39 -0.44
N PRO CC 80 -23.88 35.88 -1.59
CA PRO CC 80 -22.76 35.44 -2.44
C PRO CC 80 -21.85 36.66 -2.62
N ASN CC 81 -20.58 36.46 -2.94
CA ASN CC 81 -19.71 37.61 -3.16
C ASN CC 81 -19.19 38.22 -1.85
N GLY CC 82 -20.03 38.28 -0.84
CA GLY CC 82 -19.62 38.82 0.45
C GLY CC 82 -20.28 40.13 0.86
N LEU CC 83 -19.63 40.81 1.81
CA LEU CC 83 -20.16 42.06 2.33
C LEU CC 83 -19.04 42.98 2.83
N VAL CC 84 -19.19 44.27 2.59
CA VAL CC 84 -18.24 45.27 3.04
C VAL CC 84 -18.97 46.23 3.96
N VAL CC 85 -18.45 46.38 5.17
CA VAL CC 85 -19.10 47.24 6.15
C VAL CC 85 -18.18 48.32 6.70
N TYR CC 86 -18.54 49.57 6.45
CA TYR CC 86 -17.77 50.70 6.96
C TYR CC 86 -18.61 51.35 8.03
N CYS CC 87 -17.98 51.74 9.12
CA CYS CC 87 -18.68 52.40 10.20
C CYS CC 87 -17.79 53.44 10.85
N GLY CC 88 -18.30 54.09 11.89
CA GLY CC 88 -17.53 55.09 12.59
C GLY CC 88 -18.09 56.49 12.38
N THR CC 89 -17.48 57.46 13.05
CA THR CC 89 -17.92 58.85 12.94
C THR CC 89 -16.90 59.66 12.15
N ILE CC 90 -17.39 60.44 11.20
CA ILE CC 90 -16.52 61.27 10.38
C ILE CC 90 -16.84 62.73 10.58
N VAL CC 91 -15.81 63.58 10.46
CA VAL CC 91 -15.99 65.02 10.62
C VAL CC 91 -16.05 65.67 9.25
N THR CC 92 -17.16 66.32 8.96
CA THR CC 92 -17.49 66.76 7.61
C THR CC 92 -17.22 68.24 7.43
N GLU CC 93 -17.66 68.77 6.29
CA GLU CC 93 -17.49 70.16 5.92
C GLU CC 93 -18.24 71.07 6.88
N GLU CC 94 -17.64 72.25 7.14
CA GLU CC 94 -18.03 73.18 8.21
C GLU CC 94 -18.00 72.51 9.59
N GLY CC 95 -17.12 71.51 9.73
CA GLY CC 95 -17.00 70.79 10.99
C GLY CC 95 -18.33 70.30 11.54
N LYS CC 96 -18.54 68.99 11.48
CA LYS CC 96 -19.75 68.34 11.97
C LYS CC 96 -19.51 66.85 12.08
N GLU CC 97 -19.24 66.36 13.29
CA GLU CC 97 -18.97 64.94 13.48
C GLU CC 97 -20.25 64.10 13.55
N LYS CC 98 -20.56 63.42 12.44
CA LYS CC 98 -21.75 62.59 12.35
C LYS CC 98 -21.39 61.12 12.15
N LYS CC 99 -22.16 60.23 12.78
CA LYS CC 99 -21.95 58.80 12.65
C LYS CC 99 -22.51 58.27 11.34
N VAL CC 100 -21.64 57.63 10.57
CA VAL CC 100 -21.98 57.03 9.28
C VAL CC 100 -21.76 55.51 9.35
N ASN CC 101 -22.84 54.74 9.13
CA ASN CC 101 -22.77 53.29 9.16
C ASN CC 101 -23.18 52.74 7.80
N ILE CC 102 -22.20 52.50 6.94
CA ILE CC 102 -22.44 52.01 5.59
C ILE CC 102 -22.09 50.55 5.36
N ASP CC 103 -23.05 49.78 4.87
CA ASP CC 103 -22.84 48.37 4.57
C ASP CC 103 -23.46 48.05 3.22
N PHE CC 104 -22.64 47.71 2.23
CA PHE CC 104 -23.13 47.41 0.91
C PHE CC 104 -22.55 46.09 0.43
N GLU CC 105 -23.32 45.40 -0.40
CA GLU CC 105 -22.91 44.15 -1.00
C GLU CC 105 -22.16 44.51 -2.27
N PRO CC 106 -20.87 44.16 -2.33
CA PRO CC 106 -20.05 44.50 -3.51
C PRO CC 106 -20.39 43.68 -4.74
N PHE CC 107 -20.48 44.34 -5.89
CA PHE CC 107 -20.77 43.66 -7.14
C PHE CC 107 -19.53 42.84 -7.45
N LYS CC 108 -19.73 41.56 -7.78
CA LYS CC 108 -18.68 40.57 -8.08
C LYS CC 108 -17.85 40.16 -6.86
N PRO CC 109 -18.15 38.97 -6.30
CA PRO CC 109 -17.58 38.29 -5.14
C PRO CC 109 -16.13 38.61 -4.82
N ILE CC 110 -15.88 38.99 -3.57
CA ILE CC 110 -14.54 39.29 -3.11
C ILE CC 110 -13.95 38.05 -2.47
N ASN CC 111 -12.63 38.04 -2.27
CA ASN CC 111 -11.96 36.90 -1.67
C ASN CC 111 -10.92 37.39 -0.67
N THR CC 112 -11.35 38.33 0.18
CA THR CC 112 -10.49 38.89 1.20
C THR CC 112 -11.31 39.13 2.47
N SER CC 113 -10.70 38.88 3.61
CA SER CC 113 -11.36 39.09 4.89
C SER CC 113 -10.50 40.03 5.72
N LEU CC 114 -10.88 41.30 5.76
CA LEU CC 114 -10.10 42.29 6.51
C LEU CC 114 -10.84 42.96 7.67
N TYR CC 115 -10.07 43.39 8.67
CA TYR CC 115 -10.62 44.08 9.83
C TYR CC 115 -9.63 45.12 10.35
N LEU CC 116 -10.03 46.39 10.31
CA LEU CC 116 -9.15 47.47 10.78
C LEU CC 116 -9.87 48.63 11.47
N CYS CC 117 -9.14 49.34 12.31
CA CYS CC 117 -9.63 50.51 13.02
C CYS CC 117 -8.61 51.60 12.74
N ASP CC 118 -9.04 52.73 12.16
CA ASP CC 118 -8.07 53.78 11.85
C ASP CC 118 -8.80 55.13 11.87
N ASN CC 119 -8.14 56.16 11.37
CA ASN CC 119 -8.76 57.48 11.16
C ASN CC 119 -9.27 57.65 9.74
N LYS CC 120 -9.26 56.60 8.94
CA LYS CC 120 -9.70 56.67 7.56
C LYS CC 120 -10.22 55.30 7.15
N PHE CC 121 -11.12 55.28 6.18
CA PHE CC 121 -11.64 54.00 5.71
C PHE CC 121 -10.70 53.40 4.69
N HIS CC 122 -10.21 52.21 4.98
CA HIS CC 122 -9.29 51.50 4.11
C HIS CC 122 -10.08 50.94 2.93
N THR CC 123 -9.85 51.45 1.72
CA THR CC 123 -10.62 50.93 0.58
C THR CC 123 -9.76 50.42 -0.58
N GLU CC 124 -8.51 50.07 -0.27
CA GLU CC 124 -7.59 49.55 -1.29
C GLU CC 124 -8.12 48.28 -1.95
N ALA CC 125 -8.71 47.40 -1.15
CA ALA CC 125 -9.28 46.16 -1.66
C ALA CC 125 -10.26 46.42 -2.81
N LEU CC 126 -11.15 47.39 -2.63
CA LEU CC 126 -12.11 47.76 -3.65
C LEU CC 126 -11.43 48.48 -4.82
N THR CC 127 -10.57 49.46 -4.51
CA THR CC 127 -9.88 50.21 -5.57
C THR CC 127 -8.89 49.33 -6.32
N ALA CC 128 -8.86 48.05 -5.95
CA ALA CC 128 -7.99 47.06 -6.55
C ALA CC 128 -8.74 45.90 -7.19
N LEU CC 129 -9.76 45.35 -6.53
CA LEU CC 129 -10.49 44.21 -7.06
C LEU CC 129 -11.66 44.63 -7.95
N LEU CC 130 -12.21 45.82 -7.74
CA LEU CC 130 -13.22 46.31 -8.65
C LEU CC 130 -12.63 46.88 -9.93
N SER CC 131 -11.30 47.04 -9.98
CA SER CC 131 -10.59 47.44 -11.20
C SER CC 131 -9.69 46.35 -11.76
N ASP CC 132 -9.57 45.21 -11.07
CA ASP CC 132 -8.92 44.03 -11.62
C ASP CC 132 -9.98 43.27 -12.40
N ASP CC 133 -10.16 43.64 -13.66
CA ASP CC 133 -11.38 43.32 -14.37
C ASP CC 133 -11.33 41.97 -15.07
N SER CC 134 -10.15 41.51 -15.44
CA SER CC 134 -10.01 40.33 -16.30
C SER CC 134 -10.36 39.04 -15.57
N LYS CC 135 -11.01 38.14 -16.31
CA LYS CC 135 -11.40 36.84 -15.80
C LYS CC 135 -10.67 35.81 -16.66
N PHE CC 136 -10.25 34.72 -16.03
CA PHE CC 136 -9.52 33.67 -16.74
C PHE CC 136 -10.29 32.37 -16.68
N GLY CC 137 -9.68 31.28 -17.12
CA GLY CC 137 -10.28 29.98 -17.00
C GLY CC 137 -9.20 28.92 -16.91
N PHE CC 138 -9.36 27.93 -16.03
CA PHE CC 138 -8.36 26.89 -15.91
C PHE CC 138 -8.98 25.55 -16.24
N ILE CC 139 -8.23 24.71 -16.94
CA ILE CC 139 -8.63 23.32 -17.11
C ILE CC 139 -7.58 22.45 -16.46
N VAL CC 140 -7.91 21.89 -15.31
CA VAL CC 140 -7.10 20.83 -14.72
C VAL CC 140 -7.54 19.52 -15.35
N ILE CC 141 -6.70 18.90 -16.17
CA ILE CC 141 -7.04 17.63 -16.82
C ILE CC 141 -5.97 16.59 -16.55
N ASP CC 142 -6.41 15.42 -16.09
CA ASP CC 142 -5.53 14.28 -15.85
C ASP CC 142 -6.37 13.03 -16.08
N GLY CC 143 -5.73 11.87 -15.93
CA GLY CC 143 -6.37 10.63 -16.34
C GLY CC 143 -7.57 10.25 -15.51
N SER CC 144 -7.60 10.67 -14.25
CA SER CC 144 -8.73 10.39 -13.37
C SER CC 144 -9.60 11.65 -13.23
N GLY CC 145 -10.13 12.11 -14.33
CA GLY CC 145 -11.09 13.20 -14.30
C GLY CC 145 -10.50 14.56 -14.58
N ALA CC 146 -11.40 15.51 -14.81
CA ALA CC 146 -11.03 16.85 -15.20
C ALA CC 146 -11.91 17.86 -14.48
N LEU CC 147 -11.33 19.02 -14.18
CA LEU CC 147 -12.05 20.11 -13.54
C LEU CC 147 -12.02 21.31 -14.47
N PHE CC 148 -13.05 22.13 -14.37
CA PHE CC 148 -13.23 23.35 -15.16
C PHE CC 148 -13.54 24.47 -14.20
N GLY CC 149 -12.57 25.37 -13.98
CA GLY CC 149 -12.77 26.48 -13.08
C GLY CC 149 -12.33 27.80 -13.66
N THR CC 150 -12.76 28.89 -13.03
CA THR CC 150 -12.40 30.22 -13.48
C THR CC 150 -11.87 31.07 -12.34
N LEU CC 151 -10.84 31.85 -12.63
CA LEU CC 151 -10.24 32.73 -11.63
C LEU CC 151 -10.34 34.17 -12.11
N GLN CC 152 -10.62 35.10 -11.21
CA GLN CC 152 -10.71 36.49 -11.62
C GLN CC 152 -9.63 37.38 -11.02
N GLY CC 153 -9.63 37.53 -9.70
CA GLY CC 153 -8.62 38.32 -9.03
C GLY CC 153 -8.08 37.53 -7.86
N ASN CC 154 -8.98 36.80 -7.21
CA ASN CC 154 -8.64 35.95 -6.08
C ASN CC 154 -9.74 34.92 -5.89
N THR CC 155 -10.93 35.26 -6.35
CA THR CC 155 -12.07 34.35 -6.24
C THR CC 155 -11.96 33.19 -7.22
N ARG CC 156 -12.04 31.97 -6.70
CA ARG CC 156 -11.96 30.78 -7.53
C ARG CC 156 -13.29 30.06 -7.52
N GLU CC 157 -13.77 29.66 -8.69
CA GLU CC 157 -15.04 28.96 -8.81
C GLU CC 157 -14.93 27.77 -9.75
N VAL CC 158 -15.28 26.60 -9.26
CA VAL CC 158 -15.25 25.38 -10.07
C VAL CC 158 -16.57 25.27 -10.82
N LEU CC 159 -16.51 25.42 -12.14
CA LEU CC 159 -17.73 25.37 -12.94
C LEU CC 159 -18.24 23.94 -13.09
N HIS CC 160 -17.36 23.07 -13.57
CA HIS CC 160 -17.71 21.67 -13.77
C HIS CC 160 -16.54 20.80 -13.38
N LYS CC 161 -16.84 19.61 -12.88
CA LYS CC 161 -15.79 18.67 -12.49
C LYS CC 161 -16.35 17.25 -12.43
N PHE CC 162 -15.89 16.41 -13.33
CA PHE CC 162 -16.36 15.03 -13.35
C PHE CC 162 -15.20 14.08 -13.14
N THR CC 163 -15.45 12.79 -13.34
CA THR CC 163 -14.41 11.81 -13.13
C THR CC 163 -14.66 10.52 -13.89
N VAL CC 164 -13.59 9.97 -14.45
CA VAL CC 164 -13.69 8.72 -15.17
C VAL CC 164 -12.61 7.77 -14.70
N ASP CC 165 -12.55 6.61 -15.33
CA ASP CC 165 -11.55 5.60 -15.02
C ASP CC 165 -11.26 4.91 -16.35
N LEU CC 166 -10.21 5.37 -17.01
CA LEU CC 166 -9.79 4.80 -18.27
C LEU CC 166 -9.10 3.46 -18.00
N PRO CC 167 -9.06 2.59 -19.02
CA PRO CC 167 -8.43 1.26 -18.89
C PRO CC 167 -6.93 1.38 -18.60
N LYS CC 168 -6.40 0.43 -17.85
CA LYS CC 168 -4.98 0.39 -17.51
C LYS CC 168 -4.12 0.09 -18.71
N LYS CC 169 -2.88 0.53 -18.69
CA LYS CC 169 -1.96 0.25 -19.78
C LYS CC 169 -1.13 -0.96 -19.44
N HIS CC 170 -1.19 -1.96 -20.31
CA HIS CC 170 -0.45 -3.21 -20.15
C HIS CC 170 -0.27 -3.86 -21.52
N GLY CC 171 0.66 -4.81 -21.60
CA GLY CC 171 0.97 -5.53 -22.82
C GLY CC 171 0.28 -6.88 -22.88
N ARG CC 172 -0.62 -7.10 -21.94
CA ARG CC 172 -1.36 -8.34 -21.80
C ARG CC 172 -2.31 -8.61 -22.97
N GLY CC 173 -2.66 -9.88 -23.13
CA GLY CC 173 -3.54 -10.31 -24.20
C GLY CC 173 -2.92 -11.06 -25.37
N GLY CC 174 -1.61 -11.17 -25.44
CA GLY CC 174 -1.04 -11.98 -26.51
C GLY CC 174 -1.39 -11.54 -27.92
N SER CC 176 -4.33 -10.79 -29.05
CA SER CC 176 -5.28 -9.69 -29.02
C SER CC 176 -4.72 -8.42 -28.37
N ALA CC 177 -3.42 -8.41 -28.06
CA ALA CC 177 -2.79 -7.26 -27.41
C ALA CC 177 -2.86 -5.96 -28.21
N LEU CC 178 -2.69 -6.04 -29.52
CA LEU CC 178 -2.77 -4.84 -30.35
C LEU CC 178 -4.17 -4.22 -30.27
N ARG CC 179 -5.18 -5.07 -30.28
CA ARG CC 179 -6.57 -4.65 -30.21
C ARG CC 179 -6.86 -3.91 -28.90
N PHE CC 180 -6.39 -4.46 -27.79
CA PHE CC 180 -6.60 -3.87 -26.48
C PHE CC 180 -5.96 -2.50 -26.34
N ALA CC 181 -4.74 -2.36 -26.85
CA ALA CC 181 -4.02 -1.08 -26.79
C ALA CC 181 -4.77 -0.02 -27.58
N ARG CC 182 -5.28 -0.41 -28.75
CA ARG CC 182 -6.04 0.48 -29.60
C ARG CC 182 -7.35 0.89 -28.94
N LEU CC 183 -7.99 -0.04 -28.24
CA LEU CC 183 -9.23 0.26 -27.53
C LEU CC 183 -8.99 1.29 -26.42
N ARG CC 184 -7.88 1.15 -25.70
CA ARG CC 184 -7.55 2.10 -24.65
C ARG CC 184 -7.27 3.50 -25.22
N MET CC 185 -6.61 3.56 -26.38
CA MET CC 185 -6.32 4.81 -27.06
C MET CC 185 -7.61 5.49 -27.48
N GLU CC 186 -8.56 4.67 -27.88
CA GLU CC 186 -9.89 5.11 -28.32
C GLU CC 186 -10.61 5.69 -27.11
N LYS CC 187 -10.54 5.04 -25.96
CA LYS CC 187 -11.13 5.60 -24.75
C LYS CC 187 -10.53 6.95 -24.37
N ARG CC 188 -9.23 7.13 -24.59
CA ARG CC 188 -8.59 8.40 -24.26
C ARG CC 188 -8.90 9.48 -25.29
N HIS CC 189 -9.09 9.11 -26.55
CA HIS CC 189 -9.56 10.08 -27.52
C HIS CC 189 -10.98 10.55 -27.23
N ASN CC 190 -11.85 9.63 -26.83
CA ASN CC 190 -13.20 10.02 -26.43
C ASN CC 190 -13.22 10.89 -25.19
N TYR CC 191 -12.32 10.64 -24.24
CA TYR CC 191 -12.23 11.51 -23.07
C TYR CC 191 -11.71 12.90 -23.44
N VAL CC 192 -10.77 12.98 -24.40
CA VAL CC 192 -10.26 14.30 -24.73
C VAL CC 192 -11.27 15.07 -25.56
N ARG CC 193 -12.13 14.39 -26.32
CA ARG CC 193 -13.18 15.14 -26.99
C ARG CC 193 -14.29 15.54 -26.03
N LYS CC 194 -14.50 14.77 -24.96
CA LYS CC 194 -15.49 15.15 -23.96
C LYS CC 194 -15.04 16.40 -23.20
N VAL CC 195 -13.77 16.42 -22.82
CA VAL CC 195 -13.21 17.55 -22.09
C VAL CC 195 -13.10 18.75 -23.03
N ALA CC 196 -12.91 18.49 -24.31
CA ALA CC 196 -12.79 19.55 -25.30
C ALA CC 196 -14.17 20.11 -25.63
N GLU CC 197 -15.18 19.26 -25.53
CA GLU CC 197 -16.55 19.66 -25.82
C GLU CC 197 -17.22 20.27 -24.58
N THR CC 198 -16.56 20.18 -23.44
CA THR CC 198 -17.08 20.75 -22.21
C THR CC 198 -16.55 22.16 -22.12
N ALA CC 199 -15.41 22.39 -22.75
CA ALA CC 199 -14.77 23.70 -22.81
C ALA CC 199 -15.54 24.68 -23.70
N VAL CC 200 -16.21 24.20 -24.75
CA VAL CC 200 -17.03 25.08 -25.58
C VAL CC 200 -18.31 25.47 -24.84
N GLN CC 201 -18.87 24.50 -24.12
CA GLN CC 201 -20.11 24.72 -23.38
C GLN CC 201 -19.86 25.41 -22.05
N LEU CC 202 -18.72 26.09 -21.93
CA LEU CC 202 -18.41 26.76 -20.67
C LEU CC 202 -17.60 28.05 -20.85
N PHE CC 203 -16.60 28.01 -21.72
CA PHE CC 203 -15.74 29.16 -21.95
C PHE CC 203 -16.09 29.99 -23.19
N ILE CC 204 -17.20 29.65 -23.84
CA ILE CC 204 -17.61 30.37 -25.04
C ILE CC 204 -19.06 30.80 -24.88
N SER CC 205 -19.33 32.08 -25.18
CA SER CC 205 -20.68 32.62 -25.07
C SER CC 205 -20.96 33.54 -26.26
N GLY CC 206 -21.58 32.99 -27.29
CA GLY CC 206 -21.90 33.76 -28.48
C GLY CC 206 -20.67 33.99 -29.34
N ASP CC 207 -20.00 32.90 -29.70
CA ASP CC 207 -18.80 32.94 -30.53
C ASP CC 207 -17.77 33.96 -30.02
N LYS CC 208 -17.49 33.91 -28.73
CA LYS CC 208 -16.53 34.82 -28.10
C LYS CC 208 -16.09 34.29 -26.75
N VAL CC 209 -14.82 33.87 -26.66
CA VAL CC 209 -14.30 33.36 -25.41
C VAL CC 209 -14.42 34.40 -24.31
N ASN CC 210 -15.39 34.22 -23.43
CA ASN CC 210 -15.62 35.16 -22.34
C ASN CC 210 -14.56 35.06 -21.25
N VAL CC 211 -13.30 34.96 -21.65
CA VAL CC 211 -12.16 34.82 -20.75
C VAL CC 211 -10.99 35.59 -21.34
N ALA CC 212 -10.17 36.14 -20.46
CA ALA CC 212 -8.97 36.85 -20.89
C ALA CC 212 -7.88 35.89 -21.34
N GLY CC 213 -7.96 34.65 -20.90
CA GLY CC 213 -6.91 33.68 -21.17
C GLY CC 213 -7.26 32.37 -20.53
N LEU CC 214 -6.41 31.38 -20.77
CA LEU CC 214 -6.78 30.00 -20.53
C LEU CC 214 -5.54 29.26 -20.05
N VAL CC 215 -5.68 28.44 -19.00
CA VAL CC 215 -4.58 27.68 -18.44
C VAL CC 215 -4.93 26.19 -18.51
N LEU CC 216 -4.05 25.42 -19.14
CA LEU CC 216 -4.15 23.96 -19.13
C LEU CC 216 -3.18 23.42 -18.09
N ALA CC 217 -3.71 22.67 -17.13
CA ALA CC 217 -2.87 22.10 -16.09
C ALA CC 217 -3.18 20.62 -15.91
N GLY CC 218 -2.24 19.91 -15.33
CA GLY CC 218 -2.34 18.49 -15.12
C GLY CC 218 -0.99 17.84 -15.10
N SER CC 219 -0.99 16.52 -15.02
CA SER CC 219 0.24 15.77 -14.94
C SER CC 219 0.26 14.70 -16.03
N ALA CC 220 1.46 14.19 -16.29
CA ALA CC 220 1.74 13.00 -17.12
C ALA CC 220 1.32 13.19 -18.57
N ASP CC 221 1.62 14.36 -19.14
CA ASP CC 221 1.60 14.59 -20.60
C ASP CC 221 0.24 14.34 -21.22
N PHE CC 222 -0.76 15.05 -20.72
CA PHE CC 222 -2.15 14.77 -21.07
C PHE CC 222 -2.94 16.04 -21.35
N LYS CC 223 -2.52 17.18 -20.81
CA LYS CC 223 -3.03 18.47 -21.23
C LYS CC 223 -2.42 18.91 -22.54
N THR CC 224 -1.31 18.27 -22.95
CA THR CC 224 -0.68 18.55 -24.22
C THR CC 224 -1.44 17.90 -25.35
N GLU CC 225 -1.99 16.71 -25.11
CA GLU CC 225 -2.87 16.07 -26.07
C GLU CC 225 -4.18 16.85 -26.22
N LEU CC 226 -4.61 17.55 -25.18
CA LEU CC 226 -5.75 18.44 -25.33
C LEU CC 226 -5.38 19.69 -26.10
N SER CC 227 -4.21 20.26 -25.86
CA SER CC 227 -3.82 21.49 -26.54
C SER CC 227 -3.53 21.25 -28.01
N GLN CC 228 -2.86 20.15 -28.33
CA GLN CC 228 -2.40 19.87 -29.68
C GLN CC 228 -3.36 18.91 -30.38
N SER CC 229 -4.61 19.33 -30.53
CA SER CC 229 -5.55 18.45 -31.20
C SER CC 229 -6.52 19.27 -32.04
N ASP CC 230 -6.90 18.68 -33.17
CA ASP CC 230 -7.90 19.29 -34.04
C ASP CC 230 -9.26 19.31 -33.37
N MET CC 231 -9.54 18.28 -32.57
CA MET CC 231 -10.87 18.09 -32.00
C MET CC 231 -11.21 19.16 -30.97
N PHE CC 232 -10.20 19.66 -30.26
CA PHE CC 232 -10.32 20.83 -29.42
C PHE CC 232 -10.50 22.06 -30.30
N ASP CC 233 -11.25 23.04 -29.78
CA ASP CC 233 -11.66 24.17 -30.60
C ASP CC 233 -10.47 25.05 -30.96
N GLN CC 234 -10.58 25.79 -32.05
CA GLN CC 234 -9.52 26.69 -32.42
C GLN CC 234 -9.71 28.01 -31.68
N ARG CC 235 -10.96 28.33 -31.38
CA ARG CC 235 -11.31 29.55 -30.67
C ARG CC 235 -10.77 29.61 -29.26
N LEU CC 236 -10.67 28.46 -28.61
CA LEU CC 236 -10.18 28.40 -27.24
C LEU CC 236 -8.67 28.18 -27.22
N GLN CC 237 -8.19 27.39 -28.18
CA GLN CC 237 -6.77 27.09 -28.26
C GLN CC 237 -5.96 28.35 -28.54
N SER CC 238 -6.57 29.33 -29.19
CA SER CC 238 -5.87 30.58 -29.45
C SER CC 238 -5.67 31.35 -28.14
N LYS CC 239 -6.22 30.83 -27.06
CA LYS CC 239 -6.12 31.46 -25.75
C LYS CC 239 -5.31 30.64 -24.74
N VAL CC 240 -4.97 29.42 -25.09
CA VAL CC 240 -4.18 28.59 -24.18
C VAL CC 240 -2.87 29.30 -23.91
N LEU CC 241 -2.81 29.98 -22.78
CA LEU CC 241 -1.64 30.76 -22.40
C LEU CC 241 -0.45 29.95 -21.90
N LYS CC 242 -0.62 29.32 -20.75
CA LYS CC 242 0.44 28.51 -20.17
C LYS CC 242 -0.01 27.08 -19.84
N LEU CC 243 0.92 26.13 -19.92
CA LEU CC 243 0.67 24.74 -19.62
C LEU CC 243 1.41 24.38 -18.34
N VAL CC 244 0.71 24.43 -17.20
CA VAL CC 244 1.29 24.16 -15.89
C VAL CC 244 1.31 22.70 -15.44
N ASP CC 245 2.47 22.22 -15.01
CA ASP CC 245 2.62 20.85 -14.53
C ASP CC 245 2.33 20.82 -13.03
N ILE CC 246 1.27 20.14 -12.65
CA ILE CC 246 0.88 20.06 -11.25
C ILE CC 246 1.00 18.63 -10.70
N SER CC 247 1.11 18.53 -9.38
CA SER CC 247 1.27 17.24 -8.73
C SER CC 247 -0.02 16.69 -8.12
N TYR CC 248 -1.11 17.41 -8.29
CA TYR CC 248 -2.38 16.99 -7.73
C TYR CC 248 -3.38 16.81 -8.85
N GLY CC 249 -4.62 16.52 -8.47
CA GLY CC 249 -5.67 16.32 -9.44
C GLY CC 249 -7.04 16.32 -8.79
N GLY CC 250 -7.73 17.44 -8.89
CA GLY CC 250 -9.06 17.56 -8.32
C GLY CC 250 -9.37 18.97 -7.89
N GLU CC 251 -9.66 19.15 -6.62
CA GLU CC 251 -9.98 20.47 -6.08
C GLU CC 251 -8.74 21.19 -5.59
N ASN CC 252 -7.81 20.45 -4.98
CA ASN CC 252 -6.59 21.04 -4.46
C ASN CC 252 -5.50 21.16 -5.52
N GLY CC 253 -5.75 20.60 -6.69
CA GLY CC 253 -4.82 20.69 -7.81
C GLY CC 253 -5.09 21.98 -8.60
N PHE CC 254 -6.26 22.56 -8.36
CA PHE CC 254 -6.69 23.80 -9.00
C PHE CC 254 -6.04 25.00 -8.32
N ASN CC 255 -5.83 24.89 -7.02
CA ASN CC 255 -5.20 25.95 -6.24
C ASN CC 255 -3.69 25.97 -6.46
N GLN CC 256 -3.19 24.87 -6.99
CA GLN CC 256 -1.78 24.67 -7.27
C GLN CC 256 -1.40 25.23 -8.63
N ALA CC 257 -2.29 25.09 -9.61
CA ALA CC 257 -2.08 25.75 -10.89
C ALA CC 257 -2.18 27.26 -10.76
N ILE CC 258 -3.07 27.72 -9.88
CA ILE CC 258 -3.25 29.14 -9.63
C ILE CC 258 -1.98 29.65 -8.99
N GLU CC 259 -1.39 28.82 -8.13
CA GLU CC 259 -0.18 29.16 -7.42
C GLU CC 259 1.03 29.03 -8.34
N LEU CC 260 0.89 28.22 -9.39
CA LEU CC 260 1.96 28.00 -10.35
C LEU CC 260 1.83 28.97 -11.53
N SER CC 261 0.60 29.23 -11.93
CA SER CC 261 0.33 30.14 -13.04
C SER CC 261 -0.08 31.50 -12.51
N THR CC 262 0.85 32.20 -11.89
CA THR CC 262 0.56 33.53 -11.36
C THR CC 262 1.27 34.57 -12.22
N GLU CC 263 2.52 34.24 -12.55
CA GLU CC 263 3.35 35.12 -13.35
C GLU CC 263 2.75 35.53 -14.70
N VAL CC 264 2.48 34.58 -15.57
CA VAL CC 264 1.92 34.89 -16.90
C VAL CC 264 0.59 35.66 -16.81
N LEU CC 265 -0.26 35.23 -15.88
CA LEU CC 265 -1.55 35.88 -15.67
C LEU CC 265 -1.29 37.35 -15.40
N SER CC 266 -0.48 37.64 -14.39
CA SER CC 266 -0.15 39.03 -14.06
C SER CC 266 0.43 39.77 -15.28
N ASN CC 267 1.37 39.11 -15.97
CA ASN CC 267 2.07 39.58 -17.15
C ASN CC 267 1.23 39.96 -18.37
N VAL CC 268 0.04 39.37 -18.46
CA VAL CC 268 -0.88 39.58 -19.58
C VAL CC 268 -1.15 41.04 -19.91
N LYS CC 269 -1.09 41.89 -18.90
CA LYS CC 269 -1.34 43.32 -19.08
C LYS CC 269 -0.17 44.01 -19.77
N PHE CC 270 1.04 43.50 -19.54
CA PHE CC 270 2.23 44.07 -20.13
C PHE CC 270 2.54 43.50 -21.50
N ILE CC 271 1.67 42.60 -21.98
CA ILE CC 271 1.86 42.00 -23.29
C ILE CC 271 0.91 42.61 -24.30
N GLN CC 272 -0.28 42.97 -23.84
CA GLN CC 272 -1.28 43.58 -24.71
C GLN CC 272 -1.10 45.09 -24.77
N GLU CC 273 -0.26 45.60 -23.88
CA GLU CC 273 0.01 47.04 -23.84
C GLU CC 273 1.22 47.36 -24.71
N LYS CC 274 2.07 46.36 -24.92
CA LYS CC 274 3.26 46.53 -25.76
C LYS CC 274 2.89 46.35 -27.22
N LYS CC 275 1.76 45.69 -27.45
CA LYS CC 275 1.27 45.47 -28.81
C LYS CC 275 0.44 46.66 -29.25
N LEU CC 276 -0.09 47.39 -28.27
CA LEU CC 276 -0.89 48.58 -28.54
C LEU CC 276 0.04 49.74 -28.85
N ILE CC 277 1.20 49.75 -28.20
CA ILE CC 277 2.19 50.79 -28.42
C ILE CC 277 2.90 50.55 -29.75
N GLY CC 278 2.98 49.28 -30.14
CA GLY CC 278 3.62 48.91 -31.39
C GLY CC 278 2.78 49.33 -32.58
N ARG CC 279 1.46 49.34 -32.39
CA ARG CC 279 0.53 49.76 -33.43
C ARG CC 279 0.56 51.28 -33.56
N TYR CC 280 0.85 51.95 -32.44
CA TYR CC 280 0.94 53.40 -32.42
C TYR CC 280 2.24 53.85 -33.06
N PHE CC 281 3.26 53.02 -32.95
CA PHE CC 281 4.57 53.32 -33.54
C PHE CC 281 4.68 52.75 -34.95
N ASP CC 282 3.63 52.05 -35.38
CA ASP CC 282 3.61 51.46 -36.71
C ASP CC 282 3.15 52.51 -37.73
N GLU CC 283 2.52 53.57 -37.23
CA GLU CC 283 2.04 54.65 -38.07
C GLU CC 283 3.18 55.59 -38.43
N ILE CC 284 4.13 55.75 -37.49
CA ILE CC 284 5.27 56.64 -37.70
C ILE CC 284 6.40 55.91 -38.43
N SER CC 285 6.33 54.58 -38.46
CA SER CC 285 7.35 53.78 -39.12
C SER CC 285 7.11 53.67 -40.62
N GLN CC 286 5.86 53.42 -41.00
CA GLN CC 286 5.50 53.28 -42.41
C GLN CC 286 5.01 54.59 -43.02
N ASP CC 287 5.16 55.69 -42.28
CA ASP CC 287 4.75 57.01 -42.73
C ASP CC 287 3.31 57.02 -43.25
N THR CC 288 2.40 56.45 -42.46
CA THR CC 288 0.99 56.38 -42.84
C THR CC 288 0.33 57.74 -42.79
N GLY CC 289 -0.02 58.18 -41.58
CA GLY CC 289 -0.67 59.46 -41.40
C GLY CC 289 -1.80 59.41 -40.39
N LYS CC 290 -2.12 58.21 -39.92
CA LYS CC 290 -3.18 58.03 -38.95
C LYS CC 290 -2.66 58.10 -37.51
N TYR CC 291 -1.82 59.09 -37.22
CA TYR CC 291 -1.26 59.24 -35.89
C TYR CC 291 -1.10 60.70 -35.51
N CYS CC 292 -1.17 60.98 -34.21
CA CYS CC 292 -1.03 62.34 -33.69
C CYS CC 292 -0.72 62.31 -32.20
N PHE CC 293 0.21 63.16 -31.77
CA PHE CC 293 0.60 63.23 -30.37
C PHE CC 293 0.61 63.96 -29.03
N GLY CC 294 0.50 65.28 -29.09
CA GLY CC 294 0.51 66.10 -27.88
C GLY CC 294 -0.33 66.62 -26.74
N VAL CC 295 -1.61 66.87 -27.00
CA VAL CC 295 -2.53 67.38 -25.98
C VAL CC 295 -3.10 68.48 -26.90
N GLU CC 296 -2.27 69.47 -27.23
CA GLU CC 296 -2.70 70.57 -28.08
C GLU CC 296 -3.09 70.07 -29.47
N ASP CC 297 -2.24 69.25 -30.07
CA ASP CC 297 -2.49 68.71 -31.41
C ASP CC 297 -3.55 67.61 -31.42
N THR CC 298 -3.79 67.00 -30.26
CA THR CC 298 -4.77 65.92 -30.16
C THR CC 298 -6.19 66.49 -30.30
N LEU CC 299 -6.38 67.72 -29.83
CA LEU CC 299 -7.68 68.36 -29.90
C LEU CC 299 -8.01 68.72 -31.35
N LYS CC 300 -7.01 69.22 -32.07
CA LYS CC 300 -7.20 69.59 -33.47
C LYS CC 300 -7.73 68.40 -34.28
N ALA CC 301 -7.38 67.18 -33.89
CA ALA CC 301 -7.81 65.98 -34.61
C ALA CC 301 -8.98 65.27 -33.94
N LEU CC 302 -9.70 65.94 -33.05
CA LEU CC 302 -10.68 65.24 -32.22
C LEU CC 302 -12.12 65.60 -32.53
N GLU CC 303 -12.43 66.89 -32.69
CA GLU CC 303 -13.79 67.28 -33.06
C GLU CC 303 -14.10 66.88 -34.49
N MET CC 304 -13.06 66.68 -35.31
CA MET CC 304 -13.18 66.21 -36.68
C MET CC 304 -13.37 64.69 -36.69
N GLY CC 305 -13.12 64.06 -37.84
CA GLY CC 305 -13.02 62.61 -37.89
C GLY CC 305 -11.92 62.12 -36.95
N ALA CC 306 -12.35 61.56 -35.83
CA ALA CC 306 -11.50 61.50 -34.66
C ALA CC 306 -10.58 60.30 -34.65
N VAL CC 307 -9.97 60.03 -33.49
CA VAL CC 307 -9.15 58.85 -33.30
C VAL CC 307 -9.96 57.58 -33.49
N GLU CC 308 -9.27 56.50 -33.83
CA GLU CC 308 -9.78 55.16 -33.57
C GLU CC 308 -9.46 54.73 -32.15
N ILE CC 309 -8.20 54.92 -31.73
CA ILE CC 309 -7.72 54.57 -30.41
C ILE CC 309 -7.04 55.79 -29.82
N LEU CC 310 -7.58 56.30 -28.72
CA LEU CC 310 -6.99 57.44 -28.01
C LEU CC 310 -6.20 56.88 -26.83
N ILE CC 311 -4.88 56.82 -26.98
CA ILE CC 311 -3.99 56.19 -26.00
C ILE CC 311 -3.63 57.22 -24.95
N VAL CC 312 -3.91 56.91 -23.69
CA VAL CC 312 -3.70 57.84 -22.59
C VAL CC 312 -2.94 57.15 -21.48
N TYR CC 313 -1.67 57.53 -21.31
CA TYR CC 313 -0.92 57.19 -20.12
C TYR CC 313 -1.51 57.92 -18.93
N GLU CC 314 -1.57 57.23 -17.77
CA GLU CC 314 -2.35 57.81 -16.69
C GLU CC 314 -1.59 58.89 -15.91
N ASN CC 315 -0.26 58.78 -15.81
CA ASN CC 315 0.50 59.71 -14.97
C ASN CC 315 0.97 60.91 -15.78
N LEU CC 316 0.00 61.67 -16.28
CA LEU CC 316 0.27 63.01 -16.79
C LEU CC 316 -0.19 64.04 -15.76
N ASP CC 317 0.52 65.16 -15.69
CA ASP CC 317 0.13 66.28 -14.86
C ASP CC 317 -0.64 67.35 -15.64
N ILE CC 318 -1.50 66.93 -16.56
CA ILE CC 318 -2.28 67.83 -17.38
C ILE CC 318 -3.71 67.90 -16.83
N MET CC 319 -4.23 69.12 -16.69
CA MET CC 319 -5.60 69.35 -16.26
C MET CC 319 -6.27 70.40 -17.15
N ARG CC 320 -7.54 70.16 -17.47
CA ARG CC 320 -8.31 71.05 -18.31
C ARG CC 320 -8.89 72.19 -17.49
N TYR CC 321 -5.59 73.86 -20.30
CA TYR CC 321 -4.88 72.73 -19.73
C TYR CC 321 -3.50 73.17 -19.22
N LEU CC 336 -3.41 73.39 -17.92
CA LEU CC 336 -2.15 73.80 -17.31
C LEU CC 336 -1.27 72.62 -16.92
N THR CC 337 0.02 72.90 -16.70
CA THR CC 337 0.97 71.86 -16.33
C THR CC 337 1.41 72.05 -14.89
N PRO CC 338 1.10 71.09 -14.02
CA PRO CC 338 1.45 71.12 -12.59
C PRO CC 338 2.91 71.48 -12.38
N PRO CC 363 -9.43 67.05 -12.95
CA PRO CC 363 -8.41 66.12 -13.46
C PRO CC 363 -8.78 65.64 -14.85
N LEU CC 364 -7.83 65.77 -15.79
CA LEU CC 364 -8.14 65.53 -17.20
C LEU CC 364 -8.32 64.05 -17.48
N LEU CC 365 -7.62 63.20 -16.73
CA LEU CC 365 -7.70 61.75 -16.90
C LEU CC 365 -9.12 61.24 -16.68
N GLU CC 366 -9.81 61.77 -15.67
CA GLU CC 366 -11.18 61.36 -15.43
C GLU CC 366 -12.12 61.94 -16.48
N TRP CC 367 -11.75 63.09 -17.05
CA TRP CC 367 -12.59 63.71 -18.08
C TRP CC 367 -12.58 62.92 -19.38
N PHE CC 368 -11.43 62.35 -19.77
CA PHE CC 368 -11.41 61.40 -20.87
C PHE CC 368 -12.33 60.20 -20.66
N ALA CC 369 -12.45 59.72 -19.42
CA ALA CC 369 -13.41 58.68 -19.06
C ALA CC 369 -14.84 59.20 -18.96
N ASN CC 370 -15.04 60.51 -18.88
CA ASN CC 370 -16.40 61.04 -18.87
C ASN CC 370 -17.00 61.11 -20.27
N ASN CC 371 -16.21 61.51 -21.26
CA ASN CC 371 -16.67 61.48 -22.65
C ASN CC 371 -15.57 60.92 -23.56
N TYR CC 372 -15.53 59.59 -23.65
CA TYR CC 372 -14.83 58.91 -24.73
C TYR CC 372 -15.80 58.36 -25.77
N LYS CC 373 -16.99 57.95 -25.35
CA LYS CC 373 -18.03 57.41 -26.24
C LYS CC 373 -18.49 58.43 -27.29
N LYS CC 374 -18.50 59.72 -26.97
CA LYS CC 374 -18.97 60.72 -27.91
C LYS CC 374 -18.02 60.87 -29.09
N PHE CC 375 -16.73 60.67 -28.87
CA PHE CC 375 -15.75 60.66 -29.95
C PHE CC 375 -15.21 59.24 -30.21
N GLY CC 376 -15.81 58.60 -31.21
CA GLY CC 376 -15.37 57.29 -31.64
C GLY CC 376 -15.64 56.23 -30.61
N ALA CC 377 -14.58 55.63 -30.07
CA ALA CC 377 -14.61 54.74 -28.91
C ALA CC 377 -13.19 54.63 -28.34
N THR CC 378 -12.97 53.57 -27.55
CA THR CC 378 -11.67 52.94 -27.24
C THR CC 378 -10.70 53.90 -26.53
N LEU CC 379 -11.07 54.21 -25.30
CA LEU CC 379 -10.10 54.79 -24.37
C LEU CC 379 -9.19 53.70 -23.82
N GLU CC 380 -7.93 53.72 -24.20
CA GLU CC 380 -6.95 52.75 -23.73
C GLU CC 380 -5.97 53.42 -22.79
N ILE CC 381 -5.85 52.84 -21.60
CA ILE CC 381 -4.89 53.28 -20.59
C ILE CC 381 -3.66 52.39 -20.69
N VAL CC 382 -2.49 53.01 -20.86
CA VAL CC 382 -1.23 52.30 -20.92
C VAL CC 382 -0.37 52.78 -19.78
N THR CC 383 0.78 52.12 -19.59
CA THR CC 383 1.73 52.49 -18.54
C THR CC 383 3.13 52.61 -19.11
N ASP CC 384 4.11 52.80 -18.23
CA ASP CC 384 5.51 52.88 -18.64
C ASP CC 384 6.35 51.77 -18.02
N LYS CC 385 5.75 50.59 -17.87
CA LYS CC 385 6.44 49.47 -17.23
C LYS CC 385 7.30 48.69 -18.21
N SER CC 386 7.18 48.93 -19.51
CA SER CC 386 7.87 48.12 -20.50
C SER CC 386 9.23 48.74 -20.82
N GLN CC 387 9.87 48.26 -21.89
CA GLN CC 387 11.02 48.94 -22.45
C GLN CC 387 10.61 50.11 -23.32
N GLU CC 388 9.72 49.90 -24.28
CA GLU CC 388 9.28 50.96 -25.18
C GLU CC 388 8.13 51.79 -24.62
N GLY CC 389 7.64 51.47 -23.43
CA GLY CC 389 6.82 52.44 -22.73
C GLY CC 389 7.63 53.58 -22.16
N SER CC 390 8.92 53.34 -21.92
CA SER CC 390 9.82 54.40 -21.48
C SER CC 390 10.00 55.47 -22.54
N GLN CC 391 9.92 55.08 -23.82
CA GLN CC 391 10.05 56.06 -24.89
C GLN CC 391 8.74 56.81 -25.12
N PHE CC 392 7.61 56.14 -24.98
CA PHE CC 392 6.30 56.75 -25.24
C PHE CC 392 5.97 57.84 -24.24
N VAL CC 393 6.39 57.65 -22.99
CA VAL CC 393 6.08 58.64 -21.96
C VAL CC 393 7.02 59.83 -22.06
N LYS CC 394 8.32 59.58 -22.13
CA LYS CC 394 9.29 60.67 -22.10
C LYS CC 394 9.34 61.44 -23.41
N GLY CC 395 9.25 60.75 -24.55
CA GLY CC 395 9.56 61.40 -25.82
C GLY CC 395 8.37 61.89 -26.62
N PHE CC 396 7.28 61.12 -26.65
CA PHE CC 396 6.13 61.46 -27.49
C PHE CC 396 4.99 62.05 -26.68
N GLY CC 397 5.30 62.76 -25.60
CA GLY CC 397 4.33 63.60 -24.93
C GLY CC 397 3.48 62.93 -23.89
N GLY CC 398 3.32 61.61 -23.92
CA GLY CC 398 2.52 60.94 -22.92
C GLY CC 398 1.07 60.73 -23.30
N ILE CC 399 0.55 61.48 -24.26
CA ILE CC 399 -0.78 61.19 -24.80
C ILE CC 399 -0.57 60.67 -26.22
N GLY CC 400 -1.51 59.87 -26.69
CA GLY CC 400 -1.36 59.23 -27.99
C GLY CC 400 -2.44 59.60 -28.97
N GLY CC 401 -3.04 58.59 -29.60
CA GLY CC 401 -4.03 58.83 -30.63
C GLY CC 401 -3.70 58.19 -31.95
N ILE CC 402 -4.56 57.29 -32.41
CA ILE CC 402 -4.41 56.61 -33.68
C ILE CC 402 -5.61 56.94 -34.53
N LEU CC 403 -5.38 57.65 -35.63
CA LEU CC 403 -6.47 58.29 -36.34
C LEU CC 403 -7.13 57.34 -37.33
N ARG CC 404 -8.40 57.61 -37.63
CA ARG CC 404 -9.13 56.74 -38.54
C ARG CC 404 -8.65 56.90 -39.99
N TYR CC 405 -8.73 58.10 -40.54
CA TYR CC 405 -8.38 58.29 -41.94
C TYR CC 405 -7.31 59.36 -42.08
N ARG CC 406 -6.80 59.47 -43.32
CA ARG CC 406 -5.71 60.35 -43.71
C ARG CC 406 -6.15 61.81 -43.71
N VAL CC 407 -5.51 62.63 -42.90
CA VAL CC 407 -5.74 64.07 -42.94
C VAL CC 407 -4.64 64.70 -43.80
N ASP CC 408 -5.02 65.67 -44.63
CA ASP CC 408 -4.08 66.53 -45.34
C ASP CC 408 -3.46 67.49 -44.33
N PHE CC 409 -2.52 66.97 -43.53
CA PHE CC 409 -1.97 67.69 -42.39
C PHE CC 409 -1.11 68.87 -42.82
N GLN CC 410 -0.95 69.81 -41.90
CA GLN CC 410 -0.12 70.99 -42.12
C GLN CC 410 0.88 71.13 -40.99
N GLY CC 411 2.04 71.69 -41.31
CA GLY CC 411 3.08 71.93 -40.34
C GLY CC 411 4.35 72.42 -41.01
N GLY EC 1 15.28 -54.46 -38.93
CA GLY EC 1 15.17 -53.27 -38.12
C GLY EC 1 14.04 -53.33 -37.13
N LEU EC 2 14.27 -52.78 -35.94
CA LEU EC 2 13.26 -52.77 -34.88
C LEU EC 2 12.80 -51.35 -34.59
N GLN EC 3 11.48 -51.17 -34.50
CA GLN EC 3 10.92 -49.85 -34.22
C GLN EC 3 10.46 -49.82 -32.78
N ILE EC 4 10.93 -48.82 -32.03
CA ILE EC 4 10.57 -48.67 -30.63
C ILE EC 4 9.40 -47.71 -30.43
N PRO EC 5 8.32 -48.19 -29.80
CA PRO EC 5 7.14 -47.37 -29.52
C PRO EC 5 7.46 -46.13 -28.67
N ALA EC 6 8.32 -46.30 -27.68
CA ALA EC 6 8.68 -45.22 -26.77
C ALA EC 6 9.35 -44.02 -27.44
N ILE EC 7 10.23 -44.29 -28.39
CA ILE EC 7 10.93 -43.22 -29.09
C ILE EC 7 9.95 -42.24 -29.72
N LEU EC 8 8.78 -42.75 -30.13
CA LEU EC 8 7.74 -41.91 -30.71
C LEU EC 8 7.04 -41.09 -29.64
N GLY EC 9 6.78 -41.72 -28.49
CA GLY EC 9 6.13 -41.05 -27.38
C GLY EC 9 6.98 -39.91 -26.85
N ILE EC 10 8.28 -40.14 -26.76
CA ILE EC 10 9.21 -39.14 -26.26
C ILE EC 10 9.28 -37.95 -27.21
N LEU EC 11 9.39 -38.25 -28.50
CA LEU EC 11 9.45 -37.22 -29.53
C LEU EC 11 8.17 -36.39 -29.56
N GLY EC 12 7.03 -37.06 -29.39
CA GLY EC 12 5.74 -36.39 -29.37
C GLY EC 12 5.65 -35.40 -28.24
N GLY EC 13 6.16 -35.76 -27.08
CA GLY EC 13 6.15 -34.89 -25.92
C GLY EC 13 6.95 -33.64 -26.20
N ILE EC 14 8.10 -33.79 -26.85
CA ILE EC 14 8.93 -32.65 -27.17
C ILE EC 14 8.21 -31.71 -28.13
N LEU EC 15 7.54 -32.29 -29.11
CA LEU EC 15 6.80 -31.50 -30.08
C LEU EC 15 5.66 -30.74 -29.41
N ALA EC 16 4.99 -31.39 -28.47
CA ALA EC 16 3.88 -30.76 -27.75
C ALA EC 16 4.43 -29.67 -26.85
N LEU EC 17 5.54 -29.97 -26.17
CA LEU EC 17 6.18 -29.02 -25.27
C LEU EC 17 6.68 -27.80 -26.04
N LEU EC 18 7.25 -28.04 -27.21
CA LEU EC 18 7.78 -26.97 -28.04
C LEU EC 18 6.67 -26.02 -28.46
N ILE EC 19 5.50 -26.58 -28.77
CA ILE EC 19 4.35 -25.78 -29.17
C ILE EC 19 3.89 -24.86 -28.03
N LEU EC 20 3.87 -25.37 -26.80
CA LEU EC 20 3.46 -24.54 -25.66
C LEU EC 20 4.38 -23.36 -25.40
N ILE EC 21 5.69 -23.62 -25.43
CA ILE EC 21 6.66 -22.55 -25.21
C ILE EC 21 6.62 -21.51 -26.32
N LEU EC 22 6.53 -21.99 -27.56
CA LEU EC 22 6.51 -21.10 -28.71
C LEU EC 22 5.15 -20.42 -28.95
N ASN EC 23 4.10 -20.95 -28.34
CA ASN EC 23 2.77 -20.38 -28.55
C ASN EC 23 2.20 -19.71 -27.30
N PRO EC 24 1.82 -18.43 -27.43
CA PRO EC 24 1.21 -17.65 -26.34
C PRO EC 24 -0.25 -17.43 -26.67
N ASN EC 25 -1.14 -17.77 -25.74
CA ASN EC 25 -2.57 -17.62 -25.98
C ASN EC 25 -3.17 -16.40 -25.31
#